data_6E34
#
_entry.id   6E34
#
_cell.length_a   1
_cell.length_b   1
_cell.length_c   1
_cell.angle_alpha   90
_cell.angle_beta   90
_cell.angle_gamma   90
#
_symmetry.space_group_name_H-M   'P 1'
#
loop_
_entity.id
_entity.type
_entity.pdbx_description
1 polymer 'Capsid protein of PCV2'
2 branched '2-deoxy-6-O-sulfo-2-(sulfoamino)-alpha-D-glucopyranose-(1-4)-2-O-sulfo-alpha-L-idopyranuronic acid-(1-4)-2-deoxy-6-O-sulfo-2-(sulfoamino)-alpha-D-glucopyranose'
#
_entity_poly.entity_id   1
_entity_poly.type   'polypeptide(L)'
_entity_poly.pdbx_seq_one_letter_code
;MTYPRRRYRRRRHRPRSHLGQILRRRPWLVHPRHRYRWRRKNGIFNTRLSRTFGYTIKRTTVKTPSWAVDMMRFNINDFL
PPGGGSNPRSVPFEYYRIRKVKVEFWPCSPITQGDRGVGSSAVILDDNFVTKATALTYDPYVNYSSRHTITQPFSYHSRY
FTPKPVLDSTIDYFQPNNKRNQLWLRLQTAGNVDHVGLGTAFENSIYDQEYNIRVTMYVQFREFNLKDPPLNP
;
_entity_poly.pdbx_strand_id   A1,A2,A3,A4,A5,A6,A7,A8,A9,AA,AB,AC,AD,AE,AF,AG,AH,AI,AJ,AK,AL,AM,AN,AO,AP,AQ,AR,AS,AT,AU,AV,AW,AX,AY,AZ,Aa,Ab,Ac,Ad,Ae,Af,Ag,Ah,Ai,Aj,Ak,Al,Am,An,Ao,Ap,Aq,Ar,As,At,Au,Av,Aw,Ax,Ay
#
loop_
_chem_comp.id
_chem_comp.type
_chem_comp.name
_chem_comp.formula
IDS L-saccharide, alpha linking '2-O-sulfo-alpha-L-idopyranuronic acid' 'C6 H10 O10 S'
SGN D-saccharide, alpha linking 2-deoxy-6-O-sulfo-2-(sulfoamino)-alpha-D-glucopyranose 'C6 H13 N O11 S2'
#
# COMPACT_ATOMS: atom_id res chain seq x y z
N GLY A 43 47.73 -45.62 27.94
CA GLY A 43 46.90 -46.69 28.43
C GLY A 43 46.35 -46.42 29.83
N ILE A 44 45.42 -45.49 29.91
CA ILE A 44 44.90 -45.02 31.18
C ILE A 44 44.00 -46.09 31.79
N PHE A 45 43.96 -46.13 33.13
CA PHE A 45 43.04 -47.01 33.84
C PHE A 45 42.77 -46.42 35.21
N ASN A 46 41.62 -45.78 35.37
CA ASN A 46 41.17 -45.33 36.67
C ASN A 46 40.54 -46.49 37.41
N THR A 47 40.72 -46.53 38.72
CA THR A 47 40.16 -47.59 39.54
C THR A 47 40.11 -47.15 40.99
N ARG A 48 39.90 -48.11 41.87
CA ARG A 48 39.69 -47.87 43.28
C ARG A 48 40.31 -49.00 44.09
N LEU A 49 41.04 -48.64 45.13
CA LEU A 49 41.66 -49.59 46.04
C LEU A 49 41.33 -49.20 47.47
N SER A 50 41.36 -50.18 48.36
CA SER A 50 40.92 -49.97 49.73
C SER A 50 41.73 -50.83 50.68
N ARG A 51 41.49 -50.60 51.98
CA ARG A 51 42.23 -51.24 53.05
C ARG A 51 41.53 -50.92 54.35
N THR A 52 41.70 -51.78 55.35
CA THR A 52 41.04 -51.63 56.64
C THR A 52 42.03 -51.90 57.76
N PHE A 53 41.92 -51.13 58.84
CA PHE A 53 42.71 -51.36 60.03
C PHE A 53 42.03 -50.66 61.20
N GLY A 54 42.56 -50.93 62.39
CA GLY A 54 41.97 -50.46 63.61
C GLY A 54 42.77 -49.35 64.25
N TYR A 55 42.08 -48.57 65.07
CA TYR A 55 42.70 -47.48 65.82
C TYR A 55 41.89 -47.30 67.09
N THR A 56 42.59 -47.21 68.22
CA THR A 56 41.95 -47.12 69.52
C THR A 56 42.52 -45.93 70.28
N ILE A 57 41.74 -45.46 71.25
CA ILE A 57 42.09 -44.31 72.08
C ILE A 57 41.88 -44.77 73.52
N LYS A 58 42.97 -45.11 74.19
CA LYS A 58 42.87 -45.66 75.53
C LYS A 58 42.33 -44.62 76.49
N ARG A 59 41.64 -45.10 77.52
CA ARG A 59 41.02 -44.22 78.48
C ARG A 59 42.07 -43.44 79.25
N THR A 60 41.60 -42.41 79.94
CA THR A 60 42.44 -41.55 80.76
C THR A 60 41.70 -41.18 82.02
N THR A 61 42.38 -41.29 83.16
CA THR A 61 41.83 -40.83 84.42
C THR A 61 41.89 -39.32 84.59
N VAL A 62 42.49 -38.60 83.62
CA VAL A 62 42.57 -37.16 83.70
C VAL A 62 41.17 -36.57 83.68
N LYS A 63 40.98 -35.50 84.45
CA LYS A 63 39.68 -34.86 84.53
C LYS A 63 39.53 -33.76 83.50
N THR A 64 40.62 -33.09 83.17
CA THR A 64 40.55 -31.98 82.23
C THR A 64 40.24 -32.50 80.84
N PRO A 65 39.71 -31.64 79.96
CA PRO A 65 39.60 -32.01 78.55
C PRO A 65 40.99 -32.06 77.91
N SER A 66 41.46 -33.28 77.64
CA SER A 66 42.70 -33.50 76.94
C SER A 66 42.42 -34.24 75.64
N TRP A 67 43.31 -34.04 74.67
CA TRP A 67 43.20 -34.64 73.37
C TRP A 67 44.38 -35.54 73.07
N ALA A 68 44.16 -36.48 72.17
CA ALA A 68 45.17 -37.43 71.74
C ALA A 68 45.45 -37.21 70.27
N VAL A 69 46.71 -37.05 69.93
CA VAL A 69 47.14 -36.67 68.59
C VAL A 69 47.77 -37.87 67.90
N ASP A 70 47.57 -37.96 66.59
CA ASP A 70 48.21 -38.98 65.78
C ASP A 70 48.09 -38.55 64.33
N MET A 71 49.06 -38.98 63.53
CA MET A 71 49.13 -38.65 62.12
C MET A 71 48.61 -39.83 61.31
N MET A 72 48.71 -39.70 59.99
CA MET A 72 48.32 -40.77 59.09
C MET A 72 49.01 -40.54 57.76
N ARG A 73 49.77 -41.54 57.31
CA ARG A 73 50.44 -41.53 56.03
C ARG A 73 49.69 -42.44 55.07
N PHE A 74 50.12 -42.44 53.82
CA PHE A 74 49.49 -43.25 52.79
C PHE A 74 50.58 -43.75 51.84
N ASN A 75 50.73 -45.07 51.78
CA ASN A 75 51.63 -45.71 50.84
C ASN A 75 50.87 -46.76 50.05
N ILE A 76 51.27 -46.92 48.80
CA ILE A 76 50.59 -47.83 47.88
C ILE A 76 50.96 -49.29 48.11
N ASN A 77 52.13 -49.56 48.69
CA ASN A 77 52.54 -50.94 48.92
C ASN A 77 51.57 -51.66 49.87
N ASP A 78 50.96 -50.92 50.78
CA ASP A 78 49.97 -51.49 51.68
C ASP A 78 48.69 -51.92 50.97
N PHE A 79 48.35 -51.26 49.86
CA PHE A 79 47.14 -51.54 49.11
C PHE A 79 47.36 -52.52 47.98
N LEU A 80 48.54 -52.52 47.38
CA LEU A 80 48.83 -53.26 46.16
C LEU A 80 49.84 -54.35 46.44
N PRO A 81 49.45 -55.62 46.54
CA PRO A 81 50.42 -56.66 46.86
C PRO A 81 51.39 -56.85 45.72
N PRO A 82 52.46 -57.62 45.93
CA PRO A 82 53.36 -57.95 44.83
C PRO A 82 52.73 -58.98 43.92
N GLY A 83 53.18 -58.96 42.67
CA GLY A 83 52.68 -59.88 41.67
C GLY A 83 53.33 -61.24 41.76
N GLY A 84 53.63 -61.82 40.61
CA GLY A 84 54.28 -63.12 40.55
C GLY A 84 54.91 -63.37 39.20
N GLY A 85 56.15 -63.84 39.20
CA GLY A 85 56.85 -64.13 37.97
C GLY A 85 57.57 -62.91 37.42
N SER A 86 57.55 -62.76 36.09
CA SER A 86 58.16 -61.61 35.46
C SER A 86 57.50 -60.31 35.89
N ASN A 87 56.22 -60.36 36.25
CA ASN A 87 55.49 -59.17 36.61
C ASN A 87 55.68 -58.90 38.10
N PRO A 88 56.45 -57.89 38.51
CA PRO A 88 56.70 -57.71 39.95
C PRO A 88 55.47 -57.35 40.73
N ARG A 89 54.50 -56.69 40.11
CA ARG A 89 53.29 -56.25 40.77
C ARG A 89 52.07 -56.94 40.16
N SER A 90 51.03 -57.05 40.98
CA SER A 90 49.80 -57.70 40.55
C SER A 90 49.07 -56.93 39.47
N VAL A 91 49.14 -55.61 39.50
CA VAL A 91 48.45 -54.75 38.53
C VAL A 91 49.48 -54.35 37.47
N PRO A 92 49.39 -54.85 36.24
CA PRO A 92 50.45 -54.55 35.27
C PRO A 92 50.37 -53.18 34.62
N PHE A 93 50.97 -52.20 35.30
CA PHE A 93 51.27 -50.92 34.70
C PHE A 93 52.60 -50.44 35.24
N GLU A 94 53.15 -49.42 34.58
CA GLU A 94 54.37 -48.79 35.05
C GLU A 94 54.08 -47.65 36.02
N TYR A 95 53.10 -46.82 35.70
CA TYR A 95 52.93 -45.54 36.32
C TYR A 95 51.68 -45.45 37.16
N TYR A 96 51.63 -44.42 38.00
CA TYR A 96 50.44 -44.11 38.76
C TYR A 96 50.51 -42.65 39.21
N ARG A 97 49.35 -42.13 39.59
CA ARG A 97 49.30 -40.85 40.27
C ARG A 97 47.96 -40.76 40.99
N ILE A 98 48.03 -40.56 42.30
CA ILE A 98 46.84 -40.62 43.14
C ILE A 98 46.00 -39.39 42.86
N ARG A 99 44.70 -39.60 42.70
CA ARG A 99 43.78 -38.49 42.53
C ARG A 99 43.19 -38.06 43.87
N LYS A 100 42.56 -38.99 44.58
CA LYS A 100 41.85 -38.66 45.80
C LYS A 100 42.01 -39.79 46.80
N VAL A 101 41.72 -39.46 48.06
CA VAL A 101 41.70 -40.41 49.15
C VAL A 101 40.44 -40.17 49.94
N LYS A 102 39.84 -41.24 50.44
CA LYS A 102 38.64 -41.17 51.25
C LYS A 102 38.88 -41.96 52.53
N VAL A 103 39.09 -41.26 53.62
CA VAL A 103 39.28 -41.85 54.93
C VAL A 103 37.92 -41.98 55.56
N GLU A 104 37.65 -43.12 56.18
CA GLU A 104 36.38 -43.41 56.82
C GLU A 104 36.63 -43.88 58.23
N PHE A 105 36.15 -43.12 59.20
CA PHE A 105 36.20 -43.51 60.61
C PHE A 105 34.90 -44.21 60.96
N TRP A 106 34.90 -45.54 60.87
CA TRP A 106 33.73 -46.31 61.24
C TRP A 106 33.80 -46.64 62.73
N PRO A 107 32.86 -46.17 63.55
CA PRO A 107 32.92 -46.52 64.97
C PRO A 107 32.71 -47.99 65.22
N CYS A 108 33.26 -48.44 66.34
CA CYS A 108 32.98 -49.75 66.89
C CYS A 108 32.13 -49.68 68.15
N SER A 109 31.84 -48.49 68.63
CA SER A 109 31.23 -48.30 69.93
C SER A 109 29.71 -48.21 69.82
N PRO A 110 28.99 -48.42 70.91
CA PRO A 110 27.54 -48.24 70.87
C PRO A 110 27.16 -46.77 70.94
N ILE A 111 25.88 -46.52 70.70
CA ILE A 111 25.36 -45.16 70.75
C ILE A 111 25.01 -44.72 72.16
N THR A 112 24.96 -45.65 73.12
CA THR A 112 24.61 -45.35 74.48
C THR A 112 25.80 -44.87 75.31
N GLN A 113 27.00 -44.93 74.76
CA GLN A 113 28.20 -44.59 75.50
C GLN A 113 28.17 -43.12 75.89
N GLY A 114 28.59 -42.83 77.11
CA GLY A 114 28.64 -41.49 77.64
C GLY A 114 30.03 -40.90 77.60
N ASP A 115 30.20 -39.80 78.33
CA ASP A 115 31.46 -39.07 78.35
C ASP A 115 31.84 -38.62 76.95
N ARG A 116 30.86 -38.15 76.20
CA ARG A 116 31.08 -37.72 74.84
C ARG A 116 32.08 -36.57 74.81
N GLY A 117 32.63 -36.35 73.62
CA GLY A 117 33.63 -35.33 73.43
C GLY A 117 33.59 -34.77 72.02
N VAL A 118 34.66 -34.14 71.60
CA VAL A 118 34.71 -33.52 70.27
C VAL A 118 36.17 -33.33 69.88
N GLY A 119 36.45 -33.50 68.60
CA GLY A 119 37.81 -33.43 68.09
C GLY A 119 37.90 -32.79 66.72
N SER A 120 39.03 -32.99 66.06
CA SER A 120 39.30 -32.30 64.80
C SER A 120 40.28 -33.10 63.95
N SER A 121 40.17 -32.95 62.64
CA SER A 121 41.10 -33.49 61.67
C SER A 121 41.48 -32.40 60.69
N ALA A 122 42.67 -32.52 60.10
CA ALA A 122 43.13 -31.53 59.14
C ALA A 122 44.09 -32.16 58.16
N VAL A 123 44.23 -31.50 57.01
CA VAL A 123 45.07 -31.97 55.92
C VAL A 123 46.44 -31.35 56.08
N ILE A 124 47.48 -32.18 55.98
CA ILE A 124 48.86 -31.80 56.24
C ILE A 124 49.68 -32.48 55.15
N LEU A 125 50.27 -31.69 54.25
CA LEU A 125 50.85 -32.20 53.02
C LEU A 125 52.37 -32.11 52.99
N ASP A 126 53.03 -32.31 54.13
CA ASP A 126 54.47 -32.09 54.23
C ASP A 126 55.23 -33.14 55.02
N ASP A 127 54.56 -34.01 55.77
CA ASP A 127 55.20 -34.95 56.66
C ASP A 127 55.99 -34.25 57.77
N ASN A 128 55.50 -33.10 58.23
CA ASN A 128 55.89 -32.55 59.52
C ASN A 128 54.59 -32.25 60.24
N PHE A 129 54.07 -33.27 60.91
CA PHE A 129 52.84 -33.16 61.68
C PHE A 129 53.11 -32.54 63.04
N VAL A 130 52.02 -32.25 63.75
CA VAL A 130 52.13 -32.03 65.18
C VAL A 130 52.71 -33.29 65.80
N THR A 131 53.48 -33.10 66.87
CA THR A 131 54.05 -34.24 67.56
C THR A 131 52.94 -35.13 68.10
N LYS A 132 53.17 -36.43 68.05
CA LYS A 132 52.24 -37.38 68.63
C LYS A 132 52.15 -37.16 70.14
N ALA A 133 50.93 -37.18 70.65
CA ALA A 133 50.69 -36.94 72.07
C ALA A 133 49.55 -37.81 72.57
N THR A 134 49.60 -38.10 73.85
CA THR A 134 48.57 -38.88 74.53
C THR A 134 47.45 -37.98 75.04
N ALA A 135 47.81 -36.97 75.83
CA ALA A 135 46.84 -36.09 76.48
C ALA A 135 47.40 -34.68 76.44
N LEU A 136 46.95 -33.90 75.45
CA LEU A 136 47.38 -32.52 75.28
C LEU A 136 46.27 -31.59 75.71
N THR A 137 46.65 -30.47 76.31
CA THR A 137 45.71 -29.57 76.96
C THR A 137 44.91 -28.73 75.99
N TYR A 138 45.21 -28.79 74.69
CA TYR A 138 44.47 -28.03 73.69
C TYR A 138 44.35 -28.88 72.44
N ASP A 139 43.55 -28.39 71.50
CA ASP A 139 43.40 -29.03 70.20
C ASP A 139 44.27 -28.30 69.19
N PRO A 140 45.39 -28.87 68.75
CA PRO A 140 46.20 -28.17 67.75
C PRO A 140 45.50 -27.95 66.44
N TYR A 141 44.75 -28.95 65.98
CA TYR A 141 44.18 -28.95 64.64
C TYR A 141 42.85 -28.20 64.55
N VAL A 142 42.53 -27.40 65.56
CA VAL A 142 41.21 -26.77 65.59
C VAL A 142 41.16 -25.56 64.65
N ASN A 143 42.20 -24.74 64.63
CA ASN A 143 42.18 -23.48 63.90
C ASN A 143 42.67 -23.62 62.47
N TYR A 144 43.03 -24.89 62.09
CA TYR A 144 43.50 -25.10 60.72
C TYR A 144 42.38 -24.81 59.74
N SER A 145 42.66 -24.15 58.61
CA SER A 145 41.62 -23.87 57.63
C SER A 145 40.97 -25.13 57.10
N SER A 146 41.69 -26.25 57.08
CA SER A 146 41.16 -27.52 56.61
C SER A 146 40.55 -28.34 57.75
N ARG A 147 40.07 -27.68 58.80
CA ARG A 147 39.49 -28.39 59.92
C ARG A 147 38.06 -28.80 59.61
N HIS A 148 37.77 -30.07 59.84
CA HIS A 148 36.41 -30.58 59.93
C HIS A 148 36.20 -31.14 61.33
N THR A 149 35.08 -30.75 61.93
CA THR A 149 34.78 -31.17 63.29
C THR A 149 34.61 -32.68 63.36
N ILE A 150 34.93 -33.24 64.52
CA ILE A 150 34.71 -34.66 64.79
C ILE A 150 33.84 -34.77 66.04
N THR A 151 32.65 -35.32 65.86
CA THR A 151 31.84 -35.77 66.97
C THR A 151 32.36 -37.12 67.44
N GLN A 152 32.26 -37.38 68.74
CA GLN A 152 32.69 -38.63 69.33
C GLN A 152 31.59 -39.20 70.21
N PRO A 153 31.65 -40.50 70.54
CA PRO A 153 32.51 -41.57 70.04
C PRO A 153 31.87 -42.44 68.97
N PHE A 154 30.55 -42.33 68.82
CA PHE A 154 29.77 -43.28 68.05
C PHE A 154 29.34 -42.74 66.70
N SER A 155 30.05 -41.74 66.19
CA SER A 155 29.64 -41.00 65.01
C SER A 155 30.59 -41.27 63.85
N TYR A 156 30.04 -41.17 62.64
CA TYR A 156 30.80 -41.36 61.42
C TYR A 156 31.50 -40.07 61.03
N HIS A 157 32.70 -40.20 60.45
CA HIS A 157 33.48 -39.06 60.03
C HIS A 157 34.26 -39.45 58.79
N SER A 158 34.30 -38.54 57.82
CA SER A 158 34.93 -38.80 56.53
C SER A 158 35.65 -37.55 56.05
N ARG A 159 36.70 -37.78 55.25
CA ARG A 159 37.43 -36.71 54.58
C ARG A 159 37.79 -37.16 53.19
N TYR A 160 37.64 -36.26 52.23
CA TYR A 160 37.84 -36.56 50.81
C TYR A 160 38.70 -35.46 50.22
N PHE A 161 39.94 -35.79 49.89
CA PHE A 161 40.91 -34.79 49.49
C PHE A 161 41.94 -35.38 48.55
N THR A 162 42.83 -34.52 48.09
CA THR A 162 43.96 -34.89 47.24
C THR A 162 45.20 -34.95 48.13
N PRO A 163 45.82 -36.10 48.34
CA PRO A 163 47.08 -36.12 49.09
C PRO A 163 48.19 -35.60 48.19
N LYS A 164 49.40 -35.62 48.74
CA LYS A 164 50.58 -35.28 47.98
C LYS A 164 51.71 -36.22 48.36
N PRO A 165 52.69 -36.41 47.49
CA PRO A 165 53.84 -37.24 47.83
C PRO A 165 54.90 -36.51 48.63
N VAL A 166 55.92 -37.27 49.01
CA VAL A 166 57.06 -36.74 49.75
C VAL A 166 58.27 -36.90 48.83
N LEU A 167 58.58 -35.84 48.08
CA LEU A 167 59.72 -35.86 47.20
C LEU A 167 61.01 -35.54 47.93
N ASP A 168 60.97 -34.51 48.78
CA ASP A 168 62.14 -34.04 49.52
C ASP A 168 61.67 -33.63 50.91
N SER A 169 61.90 -34.51 51.90
CA SER A 169 61.47 -34.22 53.25
C SER A 169 62.13 -32.99 53.84
N THR A 170 63.30 -32.60 53.31
CA THR A 170 63.98 -31.41 53.80
C THR A 170 63.21 -30.14 53.44
N ILE A 171 62.78 -30.03 52.19
CA ILE A 171 62.21 -28.80 51.66
C ILE A 171 60.69 -28.84 51.77
N ASP A 172 60.12 -30.03 51.57
CA ASP A 172 58.69 -30.27 51.76
C ASP A 172 57.85 -29.38 50.82
N TYR A 173 58.02 -29.64 49.52
CA TYR A 173 57.32 -28.91 48.47
C TYR A 173 56.36 -29.82 47.72
N PHE A 174 55.42 -29.19 47.01
CA PHE A 174 54.47 -29.90 46.19
C PHE A 174 53.78 -28.94 45.24
N GLN A 175 52.78 -29.47 44.49
CA GLN A 175 52.04 -28.78 43.46
C GLN A 175 50.62 -28.44 43.93
N PRO A 176 50.05 -27.31 43.50
CA PRO A 176 48.62 -27.11 43.74
C PRO A 176 47.79 -28.13 42.98
N ASN A 177 46.52 -28.23 43.37
CA ASN A 177 45.62 -29.21 42.78
C ASN A 177 45.41 -28.90 41.30
N ASN A 178 45.81 -29.82 40.43
CA ASN A 178 45.58 -29.68 38.99
C ASN A 178 45.61 -31.07 38.38
N LYS A 179 44.50 -31.46 37.76
CA LYS A 179 44.42 -32.82 37.23
C LYS A 179 45.32 -33.01 36.01
N ARG A 180 45.58 -31.94 35.26
CA ARG A 180 46.34 -32.06 34.01
C ARG A 180 47.85 -32.03 34.27
N ASN A 181 48.30 -31.24 35.24
CA ASN A 181 49.73 -31.05 35.49
C ASN A 181 50.26 -31.93 36.61
N GLN A 182 49.45 -32.83 37.16
CA GLN A 182 49.94 -33.73 38.19
C GLN A 182 51.02 -34.63 37.62
N LEU A 183 51.95 -35.03 38.47
CA LEU A 183 53.09 -35.82 38.03
C LEU A 183 52.72 -37.29 37.91
N TRP A 184 53.54 -38.02 37.16
CA TRP A 184 53.45 -39.47 37.07
C TRP A 184 54.61 -40.08 37.82
N LEU A 185 54.30 -40.90 38.81
CA LEU A 185 55.30 -41.63 39.57
C LEU A 185 55.49 -43.01 38.97
N ARG A 186 56.63 -43.63 39.30
CA ARG A 186 56.91 -44.98 38.89
C ARG A 186 56.43 -45.97 39.95
N LEU A 187 55.94 -47.10 39.48
CA LEU A 187 55.49 -48.19 40.33
C LEU A 187 56.67 -49.11 40.60
N GLN A 188 57.34 -48.86 41.72
CA GLN A 188 58.56 -49.57 42.04
C GLN A 188 58.24 -51.00 42.44
N THR A 189 59.31 -51.75 42.72
CA THR A 189 59.15 -53.15 43.09
C THR A 189 58.88 -53.29 44.58
N ALA A 190 59.69 -52.65 45.43
CA ALA A 190 59.51 -52.66 46.87
C ALA A 190 59.94 -51.35 47.53
N GLY A 191 59.85 -50.23 46.82
CA GLY A 191 60.38 -48.97 47.30
C GLY A 191 59.52 -47.75 47.02
N ASN A 192 58.21 -47.92 46.94
CA ASN A 192 57.36 -46.78 46.62
C ASN A 192 57.36 -45.77 47.75
N VAL A 193 56.99 -44.55 47.40
CA VAL A 193 57.11 -43.40 48.28
C VAL A 193 55.86 -43.29 49.13
N ASP A 194 56.02 -42.69 50.31
CA ASP A 194 54.91 -42.42 51.20
C ASP A 194 54.22 -41.13 50.80
N HIS A 195 52.91 -41.19 50.62
CA HIS A 195 52.08 -40.00 50.51
C HIS A 195 51.54 -39.64 51.89
N VAL A 196 50.97 -38.45 51.97
CA VAL A 196 50.66 -37.80 53.23
C VAL A 196 49.40 -36.99 53.02
N GLY A 197 48.87 -36.42 54.11
CA GLY A 197 47.66 -35.65 54.01
C GLY A 197 46.64 -35.69 55.13
N LEU A 198 46.92 -36.31 56.27
CA LEU A 198 45.94 -36.25 57.35
C LEU A 198 46.60 -36.32 58.72
N GLY A 199 46.08 -35.49 59.62
CA GLY A 199 46.42 -35.58 61.02
C GLY A 199 45.18 -35.31 61.85
N THR A 200 45.18 -35.81 63.08
CA THR A 200 43.98 -35.90 63.89
C THR A 200 44.22 -35.41 65.31
N ALA A 201 43.11 -35.29 66.04
CA ALA A 201 43.13 -34.93 67.45
C ALA A 201 41.82 -35.41 68.06
N PHE A 202 41.90 -36.36 68.98
CA PHE A 202 40.73 -36.95 69.60
C PHE A 202 40.71 -36.65 71.10
N GLU A 203 39.58 -36.17 71.57
CA GLU A 203 39.38 -35.88 72.99
C GLU A 203 39.33 -37.18 73.76
N ASN A 204 40.10 -37.24 74.85
CA ASN A 204 40.17 -38.44 75.66
C ASN A 204 38.88 -38.63 76.46
N SER A 205 38.78 -39.78 77.11
CA SER A 205 37.57 -40.14 77.84
C SER A 205 37.90 -41.18 78.89
N ILE A 206 36.88 -41.53 79.67
CA ILE A 206 37.02 -42.55 80.70
C ILE A 206 36.95 -43.94 80.07
N TYR A 207 36.34 -44.05 78.91
CA TYR A 207 36.16 -45.31 78.22
C TYR A 207 37.09 -45.40 77.01
N ASP A 208 37.30 -46.61 76.54
CA ASP A 208 38.14 -46.83 75.38
C ASP A 208 37.31 -46.65 74.10
N GLN A 209 37.81 -45.79 73.22
CA GLN A 209 37.15 -45.48 71.96
C GLN A 209 37.88 -46.23 70.85
N GLU A 210 37.19 -47.18 70.23
CA GLU A 210 37.75 -47.99 69.16
C GLU A 210 37.03 -47.72 67.85
N TYR A 211 37.83 -47.53 66.80
CA TYR A 211 37.31 -47.28 65.46
C TYR A 211 37.91 -48.30 64.50
N ASN A 212 37.15 -48.60 63.45
CA ASN A 212 37.65 -49.34 62.30
C ASN A 212 37.83 -48.32 61.18
N ILE A 213 39.07 -48.15 60.74
CA ILE A 213 39.40 -47.17 59.72
C ILE A 213 39.46 -47.88 58.38
N ARG A 214 38.72 -47.36 57.42
CA ARG A 214 38.77 -47.81 56.04
C ARG A 214 39.33 -46.66 55.21
N VAL A 215 40.35 -46.97 54.42
CA VAL A 215 40.92 -46.04 53.46
C VAL A 215 40.46 -46.47 52.08
N THR A 216 40.31 -45.51 51.18
CA THR A 216 40.00 -45.77 49.79
C THR A 216 40.78 -44.80 48.94
N MET A 217 41.49 -45.34 47.95
CA MET A 217 42.30 -44.55 47.03
C MET A 217 41.66 -44.57 45.67
N TYR A 218 41.73 -43.44 44.97
CA TYR A 218 41.33 -43.34 43.57
C TYR A 218 42.57 -42.96 42.78
N VAL A 219 43.09 -43.93 42.03
CA VAL A 219 44.35 -43.79 41.33
C VAL A 219 44.11 -43.81 39.84
N GLN A 220 45.19 -43.69 39.08
CA GLN A 220 45.12 -43.62 37.63
C GLN A 220 46.45 -44.12 37.08
N PHE A 221 46.41 -45.30 36.47
CA PHE A 221 47.60 -45.96 35.95
C PHE A 221 47.83 -45.59 34.49
N ARG A 222 48.92 -46.10 33.94
CA ARG A 222 49.32 -45.78 32.58
C ARG A 222 50.37 -46.79 32.13
N GLU A 223 50.46 -46.97 30.81
CA GLU A 223 51.51 -47.78 30.20
C GLU A 223 51.43 -49.23 30.66
N PHE A 224 50.36 -49.87 30.23
CA PHE A 224 50.17 -51.31 30.35
C PHE A 224 51.42 -52.07 29.95
N ASN A 225 51.97 -52.83 30.90
CA ASN A 225 53.31 -53.41 30.76
C ASN A 225 53.31 -54.89 31.05
N LEU A 226 52.37 -55.62 30.48
CA LEU A 226 52.31 -57.05 30.73
C LEU A 226 53.41 -57.77 29.97
N LYS A 227 53.83 -58.90 30.52
CA LYS A 227 54.91 -59.71 29.96
C LYS A 227 54.47 -61.15 29.92
N ASP A 228 54.56 -61.76 28.74
CA ASP A 228 54.06 -63.10 28.47
C ASP A 228 55.21 -64.00 28.03
N PRO A 229 55.95 -64.58 28.98
CA PRO A 229 56.91 -65.60 28.61
C PRO A 229 56.21 -66.90 28.26
N PRO A 230 56.86 -67.81 27.56
CA PRO A 230 56.25 -69.13 27.34
C PRO A 230 56.17 -69.94 28.62
N LEU A 231 55.69 -71.18 28.50
CA LEU A 231 55.60 -72.09 29.64
C LEU A 231 56.17 -73.46 29.28
N GLY B 43 45.07 -2.49 55.76
CA GLY B 43 45.44 -3.88 55.53
C GLY B 43 44.56 -4.85 56.27
N ILE B 44 43.41 -5.14 55.68
CA ILE B 44 42.38 -5.92 56.34
C ILE B 44 42.73 -7.40 56.24
N PHE B 45 42.39 -8.13 57.30
CA PHE B 45 42.55 -9.58 57.34
C PHE B 45 41.45 -10.13 58.23
N ASN B 46 40.42 -10.68 57.62
CA ASN B 46 39.37 -11.37 58.34
C ASN B 46 39.79 -12.81 58.57
N THR B 47 39.73 -13.24 59.83
CA THR B 47 40.05 -14.60 60.19
C THR B 47 39.09 -15.08 61.26
N ARG B 48 39.45 -16.22 61.87
CA ARG B 48 38.60 -16.94 62.80
C ARG B 48 39.46 -17.54 63.89
N LEU B 49 39.11 -17.23 65.14
CA LEU B 49 39.85 -17.69 66.31
C LEU B 49 38.89 -18.42 67.22
N SER B 50 39.35 -19.53 67.77
CA SER B 50 38.54 -20.43 68.59
C SER B 50 39.21 -20.70 69.93
N ARG B 51 38.43 -21.32 70.80
CA ARG B 51 38.80 -21.57 72.19
C ARG B 51 37.73 -22.50 72.76
N THR B 52 38.16 -23.43 73.58
CA THR B 52 37.29 -24.48 74.12
C THR B 52 37.50 -24.58 75.63
N PHE B 53 36.39 -24.73 76.35
CA PHE B 53 36.43 -24.84 77.80
C PHE B 53 35.16 -25.52 78.27
N GLY B 54 35.14 -25.88 79.54
CA GLY B 54 34.06 -26.62 80.13
C GLY B 54 33.12 -25.83 81.01
N TYR B 55 31.89 -26.35 81.16
CA TYR B 55 30.89 -25.77 82.03
C TYR B 55 30.01 -26.92 82.52
N THR B 56 29.80 -26.96 83.84
CA THR B 56 29.01 -28.01 84.46
C THR B 56 27.92 -27.39 85.33
N ILE B 57 26.74 -27.98 85.25
CA ILE B 57 25.62 -27.65 86.12
C ILE B 57 25.50 -28.81 87.09
N LYS B 58 25.91 -28.57 88.33
CA LYS B 58 25.92 -29.62 89.35
C LYS B 58 24.49 -30.03 89.70
N ARG B 59 24.39 -31.23 90.24
CA ARG B 59 23.11 -31.81 90.63
C ARG B 59 22.55 -31.11 91.86
N THR B 60 21.23 -31.27 92.03
CA THR B 60 20.52 -30.71 93.18
C THR B 60 19.43 -31.69 93.62
N THR B 61 19.29 -31.84 94.93
CA THR B 61 18.21 -32.62 95.51
C THR B 61 16.88 -31.87 95.52
N VAL B 62 16.88 -30.59 95.12
CA VAL B 62 15.65 -29.81 95.09
C VAL B 62 14.65 -30.46 94.15
N LYS B 63 13.39 -30.52 94.59
CA LYS B 63 12.35 -31.17 93.81
C LYS B 63 11.76 -30.25 92.76
N THR B 64 11.63 -28.96 93.08
CA THR B 64 11.01 -28.02 92.18
C THR B 64 11.81 -27.84 90.91
N PRO B 65 11.22 -27.24 89.87
CA PRO B 65 12.01 -26.81 88.73
C PRO B 65 12.72 -25.50 89.05
N SER B 66 14.03 -25.58 89.26
CA SER B 66 14.87 -24.43 89.47
C SER B 66 15.88 -24.32 88.35
N TRP B 67 16.38 -23.12 88.13
CA TRP B 67 17.32 -22.83 87.07
C TRP B 67 18.63 -22.30 87.64
N ALA B 68 19.70 -22.62 86.92
CA ALA B 68 21.05 -22.18 87.25
C ALA B 68 21.46 -21.10 86.27
N VAL B 69 21.78 -19.93 86.78
CA VAL B 69 22.08 -18.77 85.97
C VAL B 69 23.58 -18.53 85.99
N ASP B 70 24.11 -18.13 84.84
CA ASP B 70 25.51 -17.81 84.71
C ASP B 70 25.68 -16.87 83.54
N MET B 71 26.88 -16.29 83.46
CA MET B 71 27.22 -15.28 82.48
C MET B 71 28.38 -15.76 81.61
N MET B 72 28.61 -15.02 80.53
CA MET B 72 29.66 -15.38 79.58
C MET B 72 30.14 -14.11 78.89
N ARG B 73 31.39 -13.75 79.14
CA ARG B 73 32.08 -12.66 78.48
C ARG B 73 33.10 -13.22 77.49
N PHE B 74 33.60 -12.34 76.63
CA PHE B 74 34.55 -12.70 75.59
C PHE B 74 35.68 -11.67 75.57
N ASN B 75 36.91 -12.14 75.70
CA ASN B 75 38.09 -11.31 75.57
C ASN B 75 39.05 -11.94 74.59
N ILE B 76 39.79 -11.08 73.89
CA ILE B 76 40.69 -11.55 72.83
C ILE B 76 42.01 -12.09 73.37
N ASN B 77 42.33 -11.84 74.64
CA ASN B 77 43.53 -12.43 75.22
C ASN B 77 43.41 -13.94 75.31
N ASP B 78 42.20 -14.44 75.50
CA ASP B 78 41.97 -15.87 75.61
C ASP B 78 42.01 -16.58 74.27
N PHE B 79 41.97 -15.85 73.16
CA PHE B 79 42.04 -16.41 71.83
C PHE B 79 43.35 -16.14 71.13
N LEU B 80 43.98 -15.01 71.43
CA LEU B 80 45.21 -14.57 70.79
C LEU B 80 46.35 -14.56 71.81
N PRO B 81 47.34 -15.45 71.73
CA PRO B 81 48.37 -15.45 72.75
C PRO B 81 49.34 -14.32 72.55
N PRO B 82 50.24 -14.11 73.50
CA PRO B 82 51.31 -13.13 73.29
C PRO B 82 52.33 -13.65 72.30
N GLY B 83 52.92 -12.72 71.56
CA GLY B 83 53.89 -13.08 70.56
C GLY B 83 55.27 -13.26 71.12
N GLY B 84 56.27 -12.80 70.38
CA GLY B 84 57.64 -12.90 70.80
C GLY B 84 58.53 -11.89 70.14
N GLY B 85 59.36 -11.22 70.93
CA GLY B 85 60.26 -10.22 70.41
C GLY B 85 59.64 -8.86 70.25
N SER B 86 59.98 -8.19 69.16
CA SER B 86 59.46 -6.86 68.90
C SER B 86 57.97 -6.86 68.56
N ASN B 87 57.43 -8.02 68.21
CA ASN B 87 56.00 -8.15 67.95
C ASN B 87 55.32 -8.61 69.23
N PRO B 88 54.52 -7.77 69.90
CA PRO B 88 53.98 -8.18 71.19
C PRO B 88 52.91 -9.24 71.11
N ARG B 89 52.26 -9.39 69.96
CA ARG B 89 51.20 -10.36 69.76
C ARG B 89 51.56 -11.29 68.61
N SER B 90 50.86 -12.42 68.56
CA SER B 90 51.18 -13.47 67.60
C SER B 90 50.60 -13.19 66.23
N VAL B 91 49.54 -12.39 66.15
CA VAL B 91 48.97 -11.92 64.89
C VAL B 91 49.46 -10.49 64.68
N PRO B 92 50.34 -10.22 63.71
CA PRO B 92 50.96 -8.90 63.65
C PRO B 92 50.08 -7.82 63.03
N PHE B 93 49.15 -7.32 63.83
CA PHE B 93 48.27 -6.24 63.44
C PHE B 93 48.10 -5.30 64.61
N GLU B 94 47.66 -4.09 64.30
CA GLU B 94 47.49 -3.03 65.29
C GLU B 94 46.08 -2.95 65.84
N TYR B 95 45.09 -2.92 64.96
CA TYR B 95 43.70 -2.70 65.33
C TYR B 95 42.90 -3.96 65.10
N TYR B 96 41.73 -4.01 65.74
CA TYR B 96 40.82 -5.12 65.58
C TYR B 96 39.41 -4.67 65.89
N ARG B 97 38.46 -5.47 65.44
CA ARG B 97 37.07 -5.30 65.83
C ARG B 97 36.37 -6.63 65.62
N ILE B 98 35.67 -7.09 66.65
CA ILE B 98 35.02 -8.39 66.61
C ILE B 98 33.70 -8.25 65.87
N ARG B 99 33.56 -9.04 64.81
CA ARG B 99 32.38 -8.99 63.95
C ARG B 99 31.26 -9.89 64.47
N LYS B 100 31.60 -11.13 64.81
CA LYS B 100 30.62 -12.11 65.25
C LYS B 100 31.28 -13.04 66.24
N VAL B 101 30.43 -13.71 67.02
CA VAL B 101 30.86 -14.80 67.90
C VAL B 101 29.86 -15.93 67.75
N LYS B 102 30.38 -17.16 67.79
CA LYS B 102 29.60 -18.37 67.75
C LYS B 102 29.91 -19.15 69.01
N VAL B 103 28.96 -19.20 69.92
CA VAL B 103 29.05 -20.01 71.12
C VAL B 103 28.33 -21.31 70.86
N GLU B 104 29.03 -22.42 71.05
CA GLU B 104 28.51 -23.76 70.81
C GLU B 104 28.59 -24.53 72.11
N PHE B 105 27.43 -24.95 72.61
CA PHE B 105 27.34 -25.84 73.76
C PHE B 105 27.31 -27.26 73.23
N TRP B 106 28.47 -27.90 73.25
CA TRP B 106 28.58 -29.28 72.84
C TRP B 106 28.32 -30.17 74.06
N PRO B 107 27.30 -31.01 74.06
CA PRO B 107 27.01 -31.79 75.26
C PRO B 107 28.06 -32.85 75.53
N CYS B 108 28.12 -33.22 76.81
CA CYS B 108 28.97 -34.28 77.29
C CYS B 108 28.18 -35.46 77.83
N SER B 109 26.87 -35.42 77.76
CA SER B 109 25.99 -36.35 78.42
C SER B 109 25.37 -37.29 77.40
N PRO B 110 25.06 -38.52 77.80
CA PRO B 110 24.51 -39.47 76.85
C PRO B 110 23.07 -39.15 76.51
N ILE B 111 22.62 -39.71 75.37
CA ILE B 111 21.25 -39.51 74.96
C ILE B 111 20.25 -40.31 75.76
N THR B 112 20.72 -41.18 76.66
CA THR B 112 19.86 -41.94 77.55
C THR B 112 19.63 -41.25 78.88
N GLN B 113 20.19 -40.07 79.10
CA GLN B 113 20.07 -39.40 80.38
C GLN B 113 18.68 -38.81 80.53
N GLY B 114 18.08 -39.04 81.69
CA GLY B 114 16.76 -38.56 81.99
C GLY B 114 16.77 -37.28 82.78
N ASP B 115 15.61 -36.98 83.36
CA ASP B 115 15.39 -35.73 84.10
C ASP B 115 15.71 -34.54 83.21
N ARG B 116 15.25 -34.62 81.96
CA ARG B 116 15.51 -33.57 81.01
C ARG B 116 14.84 -32.27 81.43
N GLY B 117 15.26 -31.20 80.77
CA GLY B 117 14.83 -29.88 81.14
C GLY B 117 14.79 -28.92 79.97
N VAL B 118 14.52 -27.66 80.27
CA VAL B 118 14.40 -26.64 79.23
C VAL B 118 14.87 -25.31 79.80
N GLY B 119 15.78 -24.67 79.08
CA GLY B 119 16.39 -23.43 79.51
C GLY B 119 16.33 -22.36 78.45
N SER B 120 17.18 -21.34 78.62
CA SER B 120 17.13 -20.18 77.76
C SER B 120 18.49 -19.52 77.72
N SER B 121 18.87 -19.06 76.52
CA SER B 121 20.08 -18.28 76.31
C SER B 121 19.70 -16.96 75.67
N ALA B 122 20.18 -15.86 76.24
CA ALA B 122 19.87 -14.53 75.77
C ALA B 122 21.15 -13.74 75.56
N VAL B 123 21.02 -12.67 74.78
CA VAL B 123 22.14 -11.83 74.38
C VAL B 123 22.10 -10.55 75.19
N ILE B 124 23.16 -10.30 75.94
CA ILE B 124 23.23 -9.22 76.92
C ILE B 124 24.45 -8.38 76.61
N LEU B 125 24.24 -7.26 75.94
CA LEU B 125 25.32 -6.46 75.36
C LEU B 125 25.78 -5.32 76.26
N ASP B 126 25.66 -5.44 77.59
CA ASP B 126 25.89 -4.28 78.45
C ASP B 126 26.55 -4.57 79.79
N ASP B 127 26.95 -5.81 80.07
CA ASP B 127 27.72 -6.13 81.28
C ASP B 127 26.90 -5.97 82.54
N ASN B 128 25.59 -6.12 82.44
CA ASN B 128 24.71 -6.21 83.61
C ASN B 128 23.83 -7.42 83.38
N PHE B 129 24.31 -8.55 83.87
CA PHE B 129 23.64 -9.83 83.77
C PHE B 129 22.74 -10.02 84.98
N VAL B 130 21.80 -10.96 84.83
CA VAL B 130 21.10 -11.47 85.99
C VAL B 130 22.11 -12.10 86.92
N THR B 131 21.92 -11.90 88.22
CA THR B 131 22.88 -12.38 89.19
C THR B 131 23.04 -13.88 89.11
N LYS B 132 24.28 -14.33 89.26
CA LYS B 132 24.57 -15.76 89.23
C LYS B 132 23.86 -16.46 90.37
N ALA B 133 23.13 -17.52 90.01
CA ALA B 133 22.31 -18.26 90.95
C ALA B 133 22.50 -19.75 90.71
N THR B 134 22.37 -20.51 91.79
CA THR B 134 22.48 -21.96 91.74
C THR B 134 21.14 -22.61 91.47
N ALA B 135 20.10 -22.23 92.22
CA ALA B 135 18.75 -22.77 92.05
C ALA B 135 17.77 -21.62 92.20
N LEU B 136 17.48 -20.95 91.11
CA LEU B 136 16.48 -19.89 91.05
C LEU B 136 15.14 -20.45 90.62
N THR B 137 14.07 -19.94 91.21
CA THR B 137 12.74 -20.50 91.05
C THR B 137 12.10 -20.16 89.71
N TYR B 138 12.83 -19.56 88.78
CA TYR B 138 12.24 -19.21 87.48
C TYR B 138 13.39 -19.01 86.50
N ASP B 139 13.02 -18.96 85.23
CA ASP B 139 13.96 -18.70 84.14
C ASP B 139 13.94 -17.21 83.83
N PRO B 140 14.96 -16.45 84.21
CA PRO B 140 14.89 -15.00 83.98
C PRO B 140 14.98 -14.63 82.52
N TYR B 141 15.71 -15.40 81.72
CA TYR B 141 15.96 -15.07 80.34
C TYR B 141 14.88 -15.60 79.41
N VAL B 142 13.72 -15.96 79.93
CA VAL B 142 12.70 -16.63 79.12
C VAL B 142 11.93 -15.62 78.29
N ASN B 143 11.60 -14.47 78.86
CA ASN B 143 10.82 -13.46 78.17
C ASN B 143 11.68 -12.48 77.39
N TYR B 144 12.98 -12.69 77.34
CA TYR B 144 13.85 -11.83 76.56
C TYR B 144 13.60 -12.01 75.07
N SER B 145 13.69 -10.90 74.35
CA SER B 145 13.49 -10.92 72.91
C SER B 145 14.53 -11.73 72.18
N SER B 146 15.71 -11.93 72.79
CA SER B 146 16.79 -12.71 72.20
C SER B 146 16.88 -14.10 72.81
N ARG B 147 15.80 -14.61 73.37
CA ARG B 147 15.83 -15.92 73.99
C ARG B 147 15.74 -17.00 72.93
N HIS B 148 16.63 -17.97 73.04
CA HIS B 148 16.54 -19.23 72.33
C HIS B 148 16.43 -20.33 73.37
N THR B 149 15.58 -21.29 73.10
CA THR B 149 15.37 -22.40 74.01
C THR B 149 16.57 -23.33 74.00
N ILE B 150 16.98 -23.73 75.20
CA ILE B 150 18.01 -24.74 75.39
C ILE B 150 17.30 -26.01 75.81
N THR B 151 17.29 -26.98 74.92
CA THR B 151 16.94 -28.34 75.29
C THR B 151 18.13 -28.97 76.00
N GLN B 152 17.87 -29.66 77.10
CA GLN B 152 18.87 -30.25 77.95
C GLN B 152 18.61 -31.74 78.09
N PRO B 153 19.63 -32.53 78.44
CA PRO B 153 21.06 -32.27 78.61
C PRO B 153 21.91 -32.64 77.41
N PHE B 154 21.37 -33.41 76.48
CA PHE B 154 22.13 -34.05 75.43
C PHE B 154 21.93 -33.40 74.07
N SER B 155 21.63 -32.12 74.05
CA SER B 155 21.29 -31.41 72.83
C SER B 155 22.23 -30.24 72.60
N TYR B 156 22.53 -30.01 71.35
CA TYR B 156 23.44 -28.96 70.93
C TYR B 156 22.72 -27.63 70.83
N HIS B 157 23.40 -26.58 71.27
CA HIS B 157 22.86 -25.22 71.28
C HIS B 157 23.91 -24.29 70.74
N SER B 158 23.57 -23.56 69.69
CA SER B 158 24.45 -22.56 69.10
C SER B 158 23.79 -21.19 69.20
N ARG B 159 24.62 -20.17 69.32
CA ARG B 159 24.20 -18.77 69.29
C ARG B 159 25.22 -18.01 68.48
N TYR B 160 24.75 -17.28 67.48
CA TYR B 160 25.59 -16.52 66.55
C TYR B 160 25.12 -15.08 66.55
N PHE B 161 25.98 -14.19 67.01
CA PHE B 161 25.59 -12.81 67.25
C PHE B 161 26.81 -11.93 67.18
N THR B 162 26.57 -10.63 67.26
CA THR B 162 27.61 -9.60 67.21
C THR B 162 27.79 -9.00 68.59
N PRO B 163 28.92 -9.23 69.27
CA PRO B 163 29.08 -8.66 70.60
C PRO B 163 29.39 -7.19 70.57
N LYS B 164 29.52 -6.59 71.75
CA LYS B 164 29.80 -5.18 71.90
C LYS B 164 30.86 -5.02 72.98
N PRO B 165 31.77 -4.06 72.85
CA PRO B 165 32.78 -3.87 73.88
C PRO B 165 32.29 -3.03 75.04
N VAL B 166 32.96 -3.21 76.17
CA VAL B 166 32.64 -2.49 77.40
C VAL B 166 33.53 -1.26 77.41
N LEU B 167 33.02 -0.18 76.82
CA LEU B 167 33.74 1.08 76.77
C LEU B 167 33.59 1.86 78.07
N ASP B 168 32.37 1.93 78.60
CA ASP B 168 32.11 2.57 79.88
C ASP B 168 31.09 1.72 80.61
N SER B 169 31.54 1.04 81.66
CA SER B 169 30.65 0.20 82.45
C SER B 169 29.69 1.01 83.30
N THR B 170 29.97 2.29 83.52
CA THR B 170 29.07 3.14 84.30
C THR B 170 27.82 3.52 83.52
N ILE B 171 27.99 3.82 82.23
CA ILE B 171 26.90 4.27 81.38
C ILE B 171 26.39 3.12 80.53
N ASP B 172 27.30 2.23 80.13
CA ASP B 172 26.98 1.03 79.38
C ASP B 172 26.28 1.38 78.07
N TYR B 173 27.04 2.05 77.20
CA TYR B 173 26.57 2.43 75.88
C TYR B 173 27.23 1.55 74.83
N PHE B 174 26.48 1.27 73.76
CA PHE B 174 26.98 0.45 72.67
C PHE B 174 26.35 0.90 71.36
N GLN B 175 26.93 0.48 70.33
CA GLN B 175 26.54 0.81 68.97
C GLN B 175 25.57 -0.21 68.40
N PRO B 176 24.67 0.19 67.52
CA PRO B 176 23.92 -0.81 66.78
C PRO B 176 24.75 -1.49 65.72
N ASN B 177 24.19 -2.50 65.09
CA ASN B 177 24.93 -3.31 64.14
C ASN B 177 25.10 -2.54 62.85
N ASN B 178 26.36 -2.25 62.51
CA ASN B 178 26.69 -1.58 61.26
C ASN B 178 28.11 -1.99 60.93
N LYS B 179 28.29 -2.74 59.85
CA LYS B 179 29.62 -3.21 59.52
C LYS B 179 30.54 -2.06 59.13
N ARG B 180 29.99 -0.99 58.57
CA ARG B 180 30.80 0.11 58.06
C ARG B 180 31.20 1.09 59.14
N ASN B 181 30.41 1.19 60.22
CA ASN B 181 30.63 2.15 61.27
C ASN B 181 31.13 1.55 62.57
N GLN B 182 31.40 0.25 62.60
CA GLN B 182 31.86 -0.39 63.81
C GLN B 182 33.23 0.13 64.19
N LEU B 183 33.38 0.43 65.48
CA LEU B 183 34.62 0.98 65.99
C LEU B 183 35.76 -0.01 65.87
N TRP B 184 36.94 0.53 65.59
CA TRP B 184 38.18 -0.21 65.66
C TRP B 184 38.79 0.00 67.03
N LEU B 185 39.08 -1.08 67.72
CA LEU B 185 39.83 -1.06 68.96
C LEU B 185 41.28 -1.37 68.67
N ARG B 186 42.13 -1.08 69.64
CA ARG B 186 43.54 -1.42 69.57
C ARG B 186 43.77 -2.79 70.18
N LEU B 187 44.61 -3.56 69.52
CA LEU B 187 45.07 -4.84 70.01
C LEU B 187 46.19 -4.57 71.02
N GLN B 188 45.80 -4.46 72.27
CA GLN B 188 46.74 -4.19 73.34
C GLN B 188 47.65 -5.38 73.56
N THR B 189 48.64 -5.18 74.42
CA THR B 189 49.60 -6.23 74.71
C THR B 189 49.07 -7.23 75.72
N ALA B 190 48.60 -6.74 76.89
CA ALA B 190 48.03 -7.60 77.91
C ALA B 190 46.83 -7.02 78.63
N GLY B 191 46.10 -6.11 77.99
CA GLY B 191 45.03 -5.38 78.66
C GLY B 191 43.80 -5.11 77.83
N ASN B 192 43.49 -6.02 76.92
CA ASN B 192 42.36 -5.82 76.03
C ASN B 192 41.04 -5.80 76.80
N VAL B 193 40.05 -5.17 76.18
CA VAL B 193 38.77 -4.89 76.80
C VAL B 193 37.83 -6.07 76.60
N ASP B 194 36.98 -6.32 77.58
CA ASP B 194 36.09 -7.45 77.55
C ASP B 194 34.89 -7.15 76.67
N HIS B 195 34.61 -8.06 75.74
CA HIS B 195 33.36 -8.05 75.01
C HIS B 195 32.35 -8.93 75.71
N VAL B 196 31.08 -8.63 75.45
CA VAL B 196 29.98 -9.15 76.24
C VAL B 196 28.83 -9.47 75.30
N GLY B 197 27.87 -10.25 75.79
CA GLY B 197 26.81 -10.69 74.93
C GLY B 197 26.15 -12.05 75.09
N LEU B 198 26.40 -12.78 76.17
CA LEU B 198 25.59 -13.98 76.39
C LEU B 198 25.37 -14.29 77.85
N GLY B 199 24.11 -14.58 78.17
CA GLY B 199 23.75 -15.09 79.46
C GLY B 199 22.81 -16.26 79.31
N THR B 200 22.92 -17.21 80.24
CA THR B 200 22.27 -18.50 80.15
C THR B 200 21.47 -18.80 81.40
N ALA B 201 20.54 -19.74 81.25
CA ALA B 201 19.77 -20.28 82.37
C ALA B 201 19.51 -21.74 82.07
N PHE B 202 20.13 -22.62 82.85
CA PHE B 202 19.99 -24.05 82.70
C PHE B 202 19.15 -24.62 83.84
N GLU B 203 18.23 -25.50 83.48
CA GLU B 203 17.38 -26.16 84.46
C GLU B 203 18.16 -27.26 85.14
N ASN B 204 18.14 -27.24 86.47
CA ASN B 204 18.91 -28.20 87.23
C ASN B 204 18.29 -29.59 87.13
N SER B 205 19.05 -30.58 87.59
CA SER B 205 18.68 -31.97 87.44
C SER B 205 19.30 -32.78 88.56
N ILE B 206 18.84 -34.03 88.68
CA ILE B 206 19.40 -34.95 89.65
C ILE B 206 20.80 -35.36 89.25
N TYR B 207 21.08 -35.39 87.95
CA TYR B 207 22.38 -35.75 87.42
C TYR B 207 23.16 -34.51 87.02
N ASP B 208 24.47 -34.66 86.99
CA ASP B 208 25.33 -33.57 86.57
C ASP B 208 25.27 -33.41 85.06
N GLN B 209 25.14 -32.17 84.61
CA GLN B 209 25.07 -31.81 83.20
C GLN B 209 26.34 -31.08 82.82
N GLU B 210 27.20 -31.74 82.06
CA GLU B 210 28.46 -31.18 81.61
C GLU B 210 28.38 -30.77 80.15
N TYR B 211 29.15 -29.74 79.82
CA TYR B 211 29.21 -29.21 78.47
C TYR B 211 30.64 -28.81 78.15
N ASN B 212 31.01 -28.96 76.88
CA ASN B 212 32.25 -28.44 76.34
C ASN B 212 31.89 -27.26 75.44
N ILE B 213 32.23 -26.06 75.88
CA ILE B 213 31.80 -24.85 75.20
C ILE B 213 32.93 -24.38 74.29
N ARG B 214 32.63 -24.23 73.01
CA ARG B 214 33.58 -23.79 72.01
C ARG B 214 33.12 -22.43 71.50
N VAL B 215 33.88 -21.39 71.83
CA VAL B 215 33.63 -20.04 71.36
C VAL B 215 34.53 -19.78 70.17
N THR B 216 33.94 -19.26 69.10
CA THR B 216 34.64 -18.90 67.89
C THR B 216 34.35 -17.44 67.61
N MET B 217 35.41 -16.63 67.58
CA MET B 217 35.30 -15.21 67.28
C MET B 217 35.77 -14.94 65.86
N TYR B 218 34.94 -14.26 65.10
CA TYR B 218 35.25 -13.83 63.75
C TYR B 218 35.69 -12.39 63.80
N VAL B 219 36.98 -12.16 63.63
CA VAL B 219 37.60 -10.86 63.88
C VAL B 219 38.07 -10.27 62.56
N GLN B 220 38.41 -9.00 62.61
CA GLN B 220 38.86 -8.24 61.45
C GLN B 220 39.95 -7.32 61.94
N PHE B 221 41.17 -7.53 61.46
CA PHE B 221 42.32 -6.75 61.85
C PHE B 221 42.64 -5.70 60.80
N ARG B 222 43.60 -4.83 61.15
CA ARG B 222 43.97 -3.72 60.29
C ARG B 222 45.39 -3.30 60.61
N GLU B 223 46.09 -2.79 59.60
CA GLU B 223 47.41 -2.20 59.72
C GLU B 223 48.44 -3.22 60.23
N PHE B 224 48.74 -4.15 59.33
CA PHE B 224 49.89 -5.04 59.44
C PHE B 224 51.12 -4.28 59.89
N ASN B 225 51.70 -4.69 61.01
CA ASN B 225 52.75 -3.93 61.68
C ASN B 225 53.90 -4.82 62.10
N LEU B 226 54.31 -5.72 61.23
CA LEU B 226 55.41 -6.60 61.55
C LEU B 226 56.70 -5.81 61.67
N LYS B 227 57.54 -6.22 62.61
CA LYS B 227 58.83 -5.60 62.86
C LYS B 227 59.92 -6.64 62.66
N ASP B 228 60.90 -6.30 61.83
CA ASP B 228 61.94 -7.23 61.39
C ASP B 228 63.30 -6.65 61.74
N PRO B 229 63.77 -6.84 62.96
CA PRO B 229 65.12 -6.45 63.30
C PRO B 229 66.13 -7.40 62.70
N PRO B 230 67.42 -7.04 62.67
CA PRO B 230 68.43 -8.00 62.23
C PRO B 230 68.63 -9.14 63.20
N LEU B 231 69.56 -10.04 62.89
CA LEU B 231 69.83 -11.21 63.71
C LEU B 231 71.33 -11.51 63.76
N GLY C 43 -2.91 2.55 72.04
CA GLY C 43 -1.51 2.23 72.23
C GLY C 43 -1.25 0.75 72.33
N ILE C 44 -1.16 0.11 71.18
CA ILE C 44 -1.08 -1.34 71.12
C ILE C 44 0.34 -1.79 71.41
N PHE C 45 0.45 -2.92 72.08
CA PHE C 45 1.73 -3.56 72.35
C PHE C 45 1.50 -5.07 72.40
N ASN C 46 1.86 -5.75 71.32
CA ASN C 46 1.83 -7.18 71.28
C ASN C 46 3.11 -7.74 71.88
N THR C 47 2.98 -8.64 72.84
CA THR C 47 4.13 -9.28 73.45
C THR C 47 3.82 -10.74 73.72
N ARG C 48 4.66 -11.37 74.52
CA ARG C 48 4.64 -12.80 74.77
C ARG C 48 5.02 -13.06 76.22
N LEU C 49 4.17 -13.79 76.92
CA LEU C 49 4.36 -14.10 78.33
C LEU C 49 4.31 -15.60 78.51
N SER C 50 5.21 -16.11 79.32
CA SER C 50 5.39 -17.54 79.52
C SER C 50 5.35 -17.89 81.01
N ARG C 51 5.28 -19.20 81.24
CA ARG C 51 5.08 -19.78 82.57
C ARG C 51 5.31 -21.27 82.42
N THR C 52 5.94 -21.87 83.42
CA THR C 52 6.33 -23.27 83.39
C THR C 52 5.91 -23.95 84.69
N PHE C 53 5.39 -25.16 84.56
CA PHE C 53 4.94 -25.93 85.70
C PHE C 53 4.92 -27.40 85.32
N GLY C 54 4.74 -28.24 86.34
CA GLY C 54 4.79 -29.68 86.18
C GLY C 54 3.44 -30.38 86.17
N TYR C 55 3.43 -31.57 85.57
CA TYR C 55 2.26 -32.44 85.54
C TYR C 55 2.76 -33.87 85.48
N THR C 56 2.22 -34.71 86.36
CA THR C 56 2.61 -36.11 86.44
C THR C 56 1.39 -37.00 86.36
N ILE C 57 1.53 -38.08 85.62
CA ILE C 57 0.54 -39.15 85.54
C ILE C 57 1.12 -40.31 86.33
N LYS C 58 0.58 -40.54 87.52
CA LYS C 58 1.10 -41.57 88.40
C LYS C 58 0.84 -42.95 87.82
N ARG C 59 1.62 -43.90 88.29
CA ARG C 59 1.54 -45.28 87.83
C ARG C 59 0.28 -45.95 88.35
N THR C 60 -0.10 -47.05 87.67
CA THR C 60 -1.25 -47.85 88.04
C THR C 60 -0.94 -49.32 87.79
N THR C 61 -1.36 -50.17 88.73
CA THR C 61 -1.28 -51.62 88.56
C THR C 61 -2.37 -52.17 87.65
N VAL C 62 -3.32 -51.33 87.22
CA VAL C 62 -4.39 -51.78 86.35
C VAL C 62 -3.80 -52.32 85.05
N LYS C 63 -4.34 -53.45 84.61
CA LYS C 63 -3.84 -54.11 83.41
C LYS C 63 -4.43 -53.52 82.13
N THR C 64 -5.69 -53.13 82.17
CA THR C 64 -6.37 -52.64 81.01
C THR C 64 -5.77 -51.33 80.51
N PRO C 65 -6.08 -50.92 79.28
CA PRO C 65 -5.74 -49.57 78.87
C PRO C 65 -6.75 -48.59 79.43
N SER C 66 -6.32 -47.82 80.42
CA SER C 66 -7.12 -46.76 81.00
C SER C 66 -6.44 -45.43 80.78
N TRP C 67 -7.23 -44.36 80.81
CA TRP C 67 -6.75 -43.02 80.56
C TRP C 67 -6.99 -42.12 81.77
N ALA C 68 -6.08 -41.17 81.93
CA ALA C 68 -6.13 -40.18 83.00
C ALA C 68 -6.54 -38.85 82.38
N VAL C 69 -7.64 -38.31 82.86
CA VAL C 69 -8.23 -37.10 82.31
C VAL C 69 -7.94 -35.94 83.25
N ASP C 70 -7.66 -34.78 82.67
CA ASP C 70 -7.41 -33.58 83.43
C ASP C 70 -7.71 -32.38 82.54
N MET C 71 -7.79 -31.22 83.18
CA MET C 71 -8.16 -29.98 82.54
C MET C 71 -7.03 -28.97 82.65
N MET C 72 -7.17 -27.88 81.90
CA MET C 72 -6.15 -26.84 81.87
C MET C 72 -6.81 -25.51 81.52
N ARG C 73 -6.79 -24.58 82.47
CA ARG C 73 -7.25 -23.21 82.28
C ARG C 73 -6.06 -22.29 82.22
N PHE C 74 -6.31 -21.05 81.79
CA PHE C 74 -5.27 -20.03 81.63
C PHE C 74 -5.77 -18.72 82.22
N ASN C 75 -5.01 -18.17 83.15
CA ASN C 75 -5.29 -16.86 83.72
C ASN C 75 -4.04 -16.01 83.63
N ILE C 76 -4.25 -14.70 83.48
CA ILE C 76 -3.15 -13.76 83.29
C ILE C 76 -2.45 -13.39 84.58
N ASN C 77 -3.06 -13.69 85.73
CA ASN C 77 -2.36 -13.44 86.99
C ASN C 77 -1.14 -14.32 87.14
N ASP C 78 -1.19 -15.52 86.57
CA ASP C 78 -0.08 -16.45 86.65
C ASP C 78 1.07 -16.10 85.72
N PHE C 79 0.85 -15.19 84.76
CA PHE C 79 1.87 -14.75 83.84
C PHE C 79 2.34 -13.33 84.10
N LEU C 80 1.46 -12.48 84.61
CA LEU C 80 1.75 -11.08 84.87
C LEU C 80 1.72 -10.80 86.36
N PRO C 81 2.85 -10.50 87.01
CA PRO C 81 2.81 -10.30 88.45
C PRO C 81 2.23 -8.95 88.80
N PRO C 82 1.98 -8.71 90.08
CA PRO C 82 1.59 -7.37 90.49
C PRO C 82 2.75 -6.41 90.44
N GLY C 83 2.44 -5.16 90.14
CA GLY C 83 3.45 -4.15 90.02
C GLY C 83 3.86 -3.56 91.35
N GLY C 84 4.09 -2.25 91.36
CA GLY C 84 4.47 -1.56 92.56
C GLY C 84 4.16 -0.09 92.51
N GLY C 85 3.54 0.42 93.57
CA GLY C 85 3.19 1.82 93.66
C GLY C 85 1.87 2.14 93.01
N SER C 86 1.83 3.28 92.31
CA SER C 86 0.61 3.71 91.67
C SER C 86 0.26 2.85 90.46
N ASN C 87 1.20 2.06 89.96
CA ASN C 87 0.94 1.14 88.87
C ASN C 87 0.60 -0.23 89.46
N PRO C 88 -0.65 -0.70 89.40
CA PRO C 88 -0.97 -1.95 90.09
C PRO C 88 -0.38 -3.18 89.45
N ARG C 89 -0.03 -3.13 88.18
CA ARG C 89 0.53 -4.25 87.45
C ARG C 89 1.89 -3.88 86.87
N SER C 90 2.64 -4.91 86.51
CA SER C 90 4.02 -4.73 86.07
C SER C 90 4.12 -4.28 84.62
N VAL C 91 3.10 -4.59 83.82
CA VAL C 91 3.00 -4.10 82.45
C VAL C 91 2.01 -2.94 82.46
N PRO C 92 2.44 -1.69 82.23
CA PRO C 92 1.53 -0.56 82.45
C PRO C 92 0.56 -0.32 81.31
N PHE C 93 -0.49 -1.13 81.29
CA PHE C 93 -1.56 -1.00 80.33
C PHE C 93 -2.89 -1.27 81.03
N GLU C 94 -3.96 -0.80 80.40
CA GLU C 94 -5.31 -0.89 80.94
C GLU C 94 -6.05 -2.12 80.47
N TYR C 95 -6.08 -2.35 79.16
CA TYR C 95 -6.86 -3.39 78.54
C TYR C 95 -5.97 -4.47 77.98
N TYR C 96 -6.57 -5.64 77.75
CA TYR C 96 -5.84 -6.75 77.15
C TYR C 96 -6.83 -7.66 76.45
N ARG C 97 -6.29 -8.51 75.59
CA ARG C 97 -7.04 -9.59 75.00
C ARG C 97 -6.06 -10.64 74.52
N ILE C 98 -6.29 -11.88 74.91
CA ILE C 98 -5.38 -12.96 74.60
C ILE C 98 -5.64 -13.44 73.19
N ARG C 99 -4.61 -13.39 72.35
CA ARG C 99 -4.71 -13.76 70.95
C ARG C 99 -4.52 -15.25 70.73
N LYS C 100 -3.48 -15.81 71.32
CA LYS C 100 -3.12 -17.21 71.13
C LYS C 100 -2.49 -17.73 72.40
N VAL C 101 -2.49 -19.05 72.54
CA VAL C 101 -1.75 -19.74 73.58
C VAL C 101 -1.06 -20.93 72.95
N LYS C 102 0.16 -21.19 73.43
CA LYS C 102 0.96 -22.34 73.02
C LYS C 102 1.25 -23.14 74.27
N VAL C 103 0.62 -24.30 74.37
CA VAL C 103 0.90 -25.26 75.44
C VAL C 103 1.87 -26.29 74.91
N GLU C 104 2.98 -26.44 75.61
CA GLU C 104 4.05 -27.35 75.23
C GLU C 104 4.23 -28.35 76.34
N PHE C 105 4.01 -29.62 76.03
CA PHE C 105 4.31 -30.72 76.95
C PHE C 105 5.74 -31.18 76.66
N TRP C 106 6.66 -30.70 77.48
CA TRP C 106 8.04 -31.11 77.37
C TRP C 106 8.25 -32.35 78.22
N PRO C 107 8.64 -33.49 77.66
CA PRO C 107 8.74 -34.70 78.48
C PRO C 107 9.90 -34.63 79.46
N CYS C 108 9.75 -35.42 80.52
CA CYS C 108 10.76 -35.61 81.53
C CYS C 108 11.31 -37.03 81.55
N SER C 109 10.85 -37.89 80.67
CA SER C 109 11.10 -39.30 80.71
C SER C 109 12.11 -39.69 79.63
N PRO C 110 12.91 -40.73 79.87
CA PRO C 110 13.90 -41.11 78.87
C PRO C 110 13.28 -41.77 77.66
N ILE C 111 14.04 -41.78 76.57
CA ILE C 111 13.57 -42.43 75.35
C ILE C 111 13.62 -43.95 75.43
N THR C 112 14.18 -44.50 76.50
CA THR C 112 14.20 -45.95 76.72
C THR C 112 13.01 -46.44 77.53
N GLN C 113 12.10 -45.56 77.93
CA GLN C 113 11.00 -45.97 78.78
C GLN C 113 9.98 -46.73 77.95
N GLY C 114 9.52 -47.85 78.49
CA GLY C 114 8.55 -48.69 77.83
C GLY C 114 7.15 -48.45 78.33
N ASP C 115 6.27 -49.40 78.01
CA ASP C 115 4.85 -49.31 78.32
C ASP C 115 4.27 -48.03 77.71
N ARG C 116 4.66 -47.76 76.48
CA ARG C 116 4.21 -46.56 75.80
C ARG C 116 2.72 -46.59 75.58
N GLY C 117 2.18 -45.43 75.22
CA GLY C 117 0.76 -45.25 75.11
C GLY C 117 0.38 -44.21 74.09
N VAL C 118 -0.91 -43.91 74.03
CA VAL C 118 -1.43 -42.96 73.05
C VAL C 118 -2.64 -42.26 73.66
N GLY C 119 -2.61 -40.94 73.62
CA GLY C 119 -3.63 -40.10 74.22
C GLY C 119 -4.17 -39.07 73.26
N SER C 120 -4.82 -38.06 73.82
CA SER C 120 -5.52 -37.07 73.01
C SER C 120 -5.60 -35.77 73.78
N SER C 121 -5.42 -34.66 73.06
CA SER C 121 -5.60 -33.32 73.58
C SER C 121 -6.61 -32.60 72.71
N ALA C 122 -7.61 -32.00 73.36
CA ALA C 122 -8.69 -31.30 72.67
C ALA C 122 -8.86 -29.91 73.24
N VAL C 123 -9.52 -29.06 72.45
CA VAL C 123 -9.71 -27.65 72.77
C VAL C 123 -11.14 -27.47 73.24
N ILE C 124 -11.29 -26.96 74.46
CA ILE C 124 -12.57 -26.89 75.16
C ILE C 124 -12.76 -25.45 75.60
N LEU C 125 -13.55 -24.70 74.84
CA LEU C 125 -13.64 -23.25 75.01
C LEU C 125 -14.82 -22.81 75.87
N ASP C 126 -15.28 -23.64 76.83
CA ASP C 126 -16.52 -23.35 77.53
C ASP C 126 -16.56 -23.71 79.01
N ASP C 127 -15.47 -24.20 79.59
CA ASP C 127 -15.40 -24.43 81.04
C ASP C 127 -16.31 -25.57 81.48
N ASN C 128 -16.57 -26.52 80.58
CA ASN C 128 -17.25 -27.77 80.93
C ASN C 128 -16.41 -28.87 80.32
N PHE C 129 -15.47 -29.35 81.11
CA PHE C 129 -14.55 -30.41 80.74
C PHE C 129 -15.14 -31.76 81.12
N VAL C 130 -14.59 -32.81 80.51
CA VAL C 130 -14.84 -34.15 81.00
C VAL C 130 -14.31 -34.22 82.42
N THR C 131 -15.05 -34.93 83.27
CA THR C 131 -14.71 -34.99 84.68
C THR C 131 -13.32 -35.57 84.87
N LYS C 132 -12.58 -35.01 85.81
CA LYS C 132 -11.24 -35.51 86.10
C LYS C 132 -11.31 -36.95 86.59
N ALA C 133 -10.51 -37.80 85.97
CA ALA C 133 -10.50 -39.23 86.24
C ALA C 133 -9.07 -39.71 86.33
N THR C 134 -8.87 -40.74 87.15
CA THR C 134 -7.57 -41.37 87.32
C THR C 134 -7.35 -42.50 86.33
N ALA C 135 -8.32 -43.40 86.22
CA ALA C 135 -8.24 -44.53 85.28
C ALA C 135 -9.62 -44.72 84.67
N LEU C 136 -9.87 -44.03 83.57
CA LEU C 136 -11.09 -44.16 82.80
C LEU C 136 -10.89 -45.17 81.68
N THR C 137 -11.92 -45.95 81.40
CA THR C 137 -11.83 -47.08 80.49
C THR C 137 -11.81 -46.69 79.02
N TYR C 138 -11.72 -45.40 78.70
CA TYR C 138 -11.72 -44.97 77.31
C TYR C 138 -11.13 -43.57 77.26
N ASP C 139 -10.81 -43.14 76.05
CA ASP C 139 -10.30 -41.81 75.78
C ASP C 139 -11.46 -40.92 75.39
N PRO C 140 -11.92 -40.01 76.24
CA PRO C 140 -13.10 -39.22 75.87
C PRO C 140 -12.84 -38.23 74.77
N TYR C 141 -11.63 -37.69 74.70
CA TYR C 141 -11.29 -36.65 73.76
C TYR C 141 -10.84 -37.19 72.41
N VAL C 142 -11.11 -38.45 72.11
CA VAL C 142 -10.56 -39.07 70.92
C VAL C 142 -11.38 -38.69 69.69
N ASN C 143 -12.70 -38.63 69.80
CA ASN C 143 -13.55 -38.32 68.68
C ASN C 143 -13.81 -36.84 68.53
N TYR C 144 -13.18 -36.00 69.34
CA TYR C 144 -13.33 -34.57 69.21
C TYR C 144 -12.69 -34.07 67.93
N SER C 145 -13.33 -33.09 67.31
CA SER C 145 -12.83 -32.51 66.09
C SER C 145 -11.50 -31.81 66.26
N SER C 146 -11.16 -31.39 67.48
CA SER C 146 -9.92 -30.74 67.79
C SER C 146 -8.91 -31.66 68.46
N ARG C 147 -9.06 -32.96 68.26
CA ARG C 147 -8.16 -33.92 68.88
C ARG C 147 -6.85 -33.98 68.12
N HIS C 148 -5.76 -33.90 68.86
CA HIS C 148 -4.43 -34.22 68.38
C HIS C 148 -3.93 -35.39 69.22
N THR C 149 -3.28 -36.33 68.56
CA THR C 149 -2.75 -37.49 69.24
C THR C 149 -1.55 -37.12 70.09
N ILE C 150 -1.52 -37.64 71.30
CA ILE C 150 -0.38 -37.52 72.21
C ILE C 150 0.31 -38.87 72.19
N THR C 151 1.48 -38.91 71.60
CA THR C 151 2.39 -40.02 71.81
C THR C 151 3.07 -39.87 73.16
N GLN C 152 3.15 -40.96 73.90
CA GLN C 152 3.66 -40.99 75.25
C GLN C 152 4.79 -41.99 75.34
N PRO C 153 5.69 -41.85 76.33
CA PRO C 153 5.87 -40.81 77.33
C PRO C 153 6.93 -39.78 77.00
N PHE C 154 7.78 -40.07 76.01
CA PHE C 154 9.00 -39.32 75.74
C PHE C 154 8.89 -38.45 74.51
N SER C 155 7.69 -38.00 74.18
CA SER C 155 7.44 -37.27 72.96
C SER C 155 6.83 -35.91 73.27
N TYR C 156 7.22 -34.93 72.47
CA TYR C 156 6.79 -33.56 72.61
C TYR C 156 5.44 -33.35 71.95
N HIS C 157 4.58 -32.58 72.61
CA HIS C 157 3.24 -32.28 72.15
C HIS C 157 2.99 -30.79 72.31
N SER C 158 2.66 -30.12 71.22
CA SER C 158 2.31 -28.72 71.22
C SER C 158 0.88 -28.54 70.74
N ARG C 159 0.24 -27.50 71.27
CA ARG C 159 -1.10 -27.09 70.84
C ARG C 159 -1.10 -25.58 70.78
N TYR C 160 -1.49 -25.03 69.65
CA TYR C 160 -1.51 -23.60 69.39
C TYR C 160 -2.91 -23.21 68.95
N PHE C 161 -3.57 -22.40 69.76
CA PHE C 161 -4.96 -22.10 69.56
C PHE C 161 -5.29 -20.76 70.20
N THR C 162 -6.53 -20.32 69.99
CA THR C 162 -7.04 -19.07 70.49
C THR C 162 -8.03 -19.34 71.62
N PRO C 163 -7.72 -19.00 72.87
CA PRO C 163 -8.66 -19.30 73.94
C PRO C 163 -9.82 -18.32 73.97
N LYS C 164 -10.74 -18.54 74.89
CA LYS C 164 -11.91 -17.71 75.05
C LYS C 164 -12.12 -17.44 76.53
N PRO C 165 -12.58 -16.26 76.91
CA PRO C 165 -12.81 -15.99 78.33
C PRO C 165 -14.15 -16.49 78.83
N VAL C 166 -14.19 -16.69 80.14
CA VAL C 166 -15.39 -17.18 80.81
C VAL C 166 -16.17 -15.95 81.26
N LEU C 167 -17.03 -15.47 80.38
CA LEU C 167 -17.86 -14.31 80.67
C LEU C 167 -19.08 -14.69 81.49
N ASP C 168 -19.75 -15.77 81.12
CA ASP C 168 -20.88 -16.29 81.89
C ASP C 168 -20.77 -17.81 81.89
N SER C 169 -20.44 -18.37 83.04
CA SER C 169 -20.32 -19.82 83.17
C SER C 169 -21.67 -20.51 83.14
N THR C 170 -22.76 -19.80 83.35
CA THR C 170 -24.09 -20.39 83.32
C THR C 170 -24.54 -20.67 81.88
N ILE C 171 -24.23 -19.76 80.97
CA ILE C 171 -24.66 -19.84 79.58
C ILE C 171 -23.51 -20.35 78.73
N ASP C 172 -22.30 -19.95 79.08
CA ASP C 172 -21.08 -20.40 78.42
C ASP C 172 -21.12 -20.03 76.93
N TYR C 173 -21.10 -18.73 76.67
CA TYR C 173 -21.07 -18.18 75.33
C TYR C 173 -19.69 -17.65 75.01
N PHE C 174 -19.29 -17.75 73.75
CA PHE C 174 -18.01 -17.25 73.31
C PHE C 174 -18.09 -16.81 71.87
N GLN C 175 -17.13 -16.08 71.48
CA GLN C 175 -17.03 -15.49 70.16
C GLN C 175 -16.26 -16.39 69.21
N PRO C 176 -16.57 -16.38 67.92
CA PRO C 176 -15.67 -17.03 66.97
C PRO C 176 -14.40 -16.24 66.75
N ASN C 177 -13.48 -16.82 66.00
CA ASN C 177 -12.18 -16.22 65.82
C ASN C 177 -12.27 -15.04 64.87
N ASN C 178 -11.96 -13.86 65.37
CA ASN C 178 -11.95 -12.65 64.56
C ASN C 178 -11.01 -11.69 65.24
N LYS C 179 -9.88 -11.39 64.59
CA LYS C 179 -8.91 -10.52 65.23
C LYS C 179 -9.43 -9.11 65.40
N ARG C 180 -10.33 -8.67 64.51
CA ARG C 180 -10.79 -7.30 64.53
C ARG C 180 -11.92 -7.08 65.53
N ASN C 181 -12.68 -8.13 65.83
CA ASN C 181 -13.86 -8.03 66.69
C ASN C 181 -13.66 -8.64 68.06
N GLN C 182 -12.47 -9.12 68.38
CA GLN C 182 -12.24 -9.75 69.67
C GLN C 182 -12.37 -8.73 70.79
N LEU C 183 -13.06 -9.12 71.84
CA LEU C 183 -13.33 -8.24 72.95
C LEU C 183 -12.05 -7.88 73.68
N TRP C 184 -12.01 -6.64 74.16
CA TRP C 184 -10.97 -6.18 75.07
C TRP C 184 -11.49 -6.34 76.49
N LEU C 185 -10.73 -7.04 77.30
CA LEU C 185 -10.98 -7.13 78.73
C LEU C 185 -10.11 -6.12 79.45
N ARG C 186 -10.45 -5.90 80.71
CA ARG C 186 -9.66 -5.04 81.58
C ARG C 186 -8.64 -5.88 82.33
N LEU C 187 -7.44 -5.34 82.42
CA LEU C 187 -6.37 -5.91 83.22
C LEU C 187 -6.62 -5.51 84.67
N GLN C 188 -7.33 -6.36 85.39
CA GLN C 188 -7.66 -6.11 86.77
C GLN C 188 -6.40 -6.18 87.63
N THR C 189 -6.58 -5.83 88.90
CA THR C 189 -5.46 -5.83 89.83
C THR C 189 -5.18 -7.23 90.36
N ALA C 190 -6.21 -7.90 90.91
CA ALA C 190 -6.04 -9.25 91.44
C ALA C 190 -7.23 -10.17 91.16
N GLY C 191 -8.01 -9.90 90.13
CA GLY C 191 -9.25 -10.62 89.90
C GLY C 191 -9.56 -10.92 88.46
N ASN C 192 -8.55 -11.14 87.65
CA ASN C 192 -8.75 -11.37 86.24
C ASN C 192 -9.51 -12.67 85.98
N VAL C 193 -10.14 -12.73 84.82
CA VAL C 193 -11.04 -13.81 84.47
C VAL C 193 -10.26 -14.94 83.83
N ASP C 194 -10.72 -16.16 84.07
CA ASP C 194 -10.03 -17.35 83.59
C ASP C 194 -10.35 -17.58 82.13
N HIS C 195 -9.31 -17.76 81.33
CA HIS C 195 -9.45 -18.24 79.97
C HIS C 195 -9.30 -19.75 79.96
N VAL C 196 -9.88 -20.35 78.93
CA VAL C 196 -10.11 -21.78 78.89
C VAL C 196 -9.86 -22.27 77.47
N GLY C 197 -9.69 -23.59 77.32
CA GLY C 197 -9.34 -24.11 76.03
C GLY C 197 -8.46 -25.33 75.88
N LEU C 198 -8.16 -26.08 76.93
CA LEU C 198 -7.48 -27.34 76.70
C LEU C 198 -7.86 -28.41 77.72
N GLY C 199 -8.14 -29.59 77.20
CA GLY C 199 -8.32 -30.78 78.02
C GLY C 199 -7.57 -31.93 77.42
N THR C 200 -7.09 -32.81 78.30
CA THR C 200 -6.16 -33.86 77.94
C THR C 200 -6.65 -35.21 78.42
N ALA C 201 -6.09 -36.25 77.81
CA ALA C 201 -6.32 -37.62 78.25
C ALA C 201 -5.03 -38.39 78.00
N PHE C 202 -4.37 -38.79 79.07
CA PHE C 202 -3.12 -39.53 79.01
C PHE C 202 -3.35 -40.98 79.40
N GLU C 203 -2.76 -41.88 78.63
CA GLU C 203 -2.86 -43.31 78.90
C GLU C 203 -1.91 -43.66 80.03
N ASN C 204 -2.44 -44.34 81.04
CA ASN C 204 -1.67 -44.68 82.21
C ASN C 204 -0.64 -45.75 81.88
N SER C 205 0.29 -45.96 82.81
CA SER C 205 1.43 -46.83 82.59
C SER C 205 1.91 -47.37 83.92
N ILE C 206 2.77 -48.38 83.85
CA ILE C 206 3.38 -48.95 85.04
C ILE C 206 4.36 -47.97 85.66
N TYR C 207 4.96 -47.12 84.85
CA TYR C 207 5.93 -46.13 85.29
C TYR C 207 5.28 -44.75 85.35
N ASP C 208 5.85 -43.89 86.18
CA ASP C 208 5.37 -42.54 86.28
C ASP C 208 5.78 -41.72 85.07
N GLN C 209 4.84 -40.97 84.52
CA GLN C 209 5.07 -40.12 83.35
C GLN C 209 5.00 -38.68 83.80
N GLU C 210 6.15 -38.01 83.82
CA GLU C 210 6.26 -36.62 84.22
C GLU C 210 6.43 -35.73 83.01
N TYR C 211 5.95 -34.50 83.13
CA TYR C 211 6.02 -33.50 82.08
C TYR C 211 6.28 -32.14 82.70
N ASN C 212 7.02 -31.31 81.97
CA ASN C 212 7.20 -29.90 82.30
C ASN C 212 6.41 -29.12 81.26
N ILE C 213 5.32 -28.50 81.69
CA ILE C 213 4.41 -27.84 80.78
C ILE C 213 4.72 -26.36 80.76
N ARG C 214 4.99 -25.84 79.57
CA ARG C 214 5.31 -24.43 79.35
C ARG C 214 4.19 -23.81 78.53
N VAL C 215 3.43 -22.93 79.16
CA VAL C 215 2.36 -22.20 78.52
C VAL C 215 2.89 -20.82 78.14
N THR C 216 2.66 -20.44 76.90
CA THR C 216 3.05 -19.14 76.38
C THR C 216 1.80 -18.47 75.84
N MET C 217 1.46 -17.32 76.40
CA MET C 217 0.33 -16.53 75.96
C MET C 217 0.81 -15.34 75.14
N TYR C 218 0.22 -15.19 73.96
CA TYR C 218 0.49 -14.07 73.08
C TYR C 218 -0.64 -13.06 73.25
N VAL C 219 -0.33 -11.96 73.93
CA VAL C 219 -1.33 -11.01 74.38
C VAL C 219 -1.16 -9.71 73.60
N GLN C 220 -2.18 -8.85 73.73
CA GLN C 220 -2.23 -7.57 73.05
C GLN C 220 -2.85 -6.60 74.02
N PHE C 221 -2.08 -5.61 74.44
CA PHE C 221 -2.50 -4.62 75.40
C PHE C 221 -2.90 -3.32 74.70
N ARG C 222 -3.46 -2.40 75.47
CA ARG C 222 -3.96 -1.15 74.94
C ARG C 222 -3.97 -0.11 76.05
N GLU C 223 -3.78 1.14 75.66
CA GLU C 223 -3.90 2.30 76.54
C GLU C 223 -2.87 2.27 77.67
N PHE C 224 -1.63 2.46 77.26
CA PHE C 224 -0.52 2.77 78.15
C PHE C 224 -0.94 3.78 79.21
N ASN C 225 -0.81 3.41 80.48
CA ASN C 225 -1.38 4.17 81.58
C ASN C 225 -0.40 4.33 82.72
N LEU C 226 0.86 4.59 82.38
CA LEU C 226 1.86 4.76 83.42
C LEU C 226 1.56 6.00 84.25
N LYS C 227 1.83 5.90 85.54
CA LYS C 227 1.64 6.98 86.50
C LYS C 227 2.98 7.33 87.13
N ASP C 228 3.33 8.61 87.08
CA ASP C 228 4.64 9.09 87.49
C ASP C 228 4.47 10.17 88.57
N PRO C 229 4.32 9.76 89.82
CA PRO C 229 4.30 10.74 90.90
C PRO C 229 5.70 11.26 91.17
N PRO C 230 5.83 12.35 91.92
CA PRO C 230 7.17 12.81 92.31
C PRO C 230 7.83 11.89 93.30
N LEU C 231 9.04 12.25 93.73
CA LEU C 231 9.82 11.44 94.65
C LEU C 231 10.55 12.30 95.66
N GLY D 43 -30.19 -36.75 53.91
CA GLY D 43 -29.50 -36.02 54.95
C GLY D 43 -28.18 -36.62 55.34
N ILE D 44 -27.16 -36.32 54.55
CA ILE D 44 -25.87 -36.95 54.69
C ILE D 44 -25.10 -36.31 55.83
N PHE D 45 -24.34 -37.13 56.54
CA PHE D 45 -23.46 -36.66 57.60
C PHE D 45 -22.27 -37.60 57.65
N ASN D 46 -21.15 -37.16 57.09
CA ASN D 46 -19.89 -37.90 57.18
C ASN D 46 -19.21 -37.54 58.48
N THR D 47 -18.84 -38.56 59.26
CA THR D 47 -18.12 -38.36 60.50
C THR D 47 -17.08 -39.45 60.67
N ARG D 48 -16.55 -39.55 61.88
CA ARG D 48 -15.43 -40.40 62.21
C ARG D 48 -15.62 -40.96 63.60
N LEU D 49 -15.55 -42.28 63.71
CA LEU D 49 -15.75 -43.00 64.96
C LEU D 49 -14.53 -43.86 65.22
N SER D 50 -14.10 -43.88 66.47
CA SER D 50 -12.89 -44.57 66.88
C SER D 50 -13.16 -45.49 68.05
N ARG D 51 -12.15 -46.32 68.33
CA ARG D 51 -12.22 -47.40 69.30
C ARG D 51 -10.80 -47.92 69.47
N THR D 52 -10.44 -48.25 70.72
CA THR D 52 -9.10 -48.66 71.07
C THR D 52 -9.15 -49.93 71.90
N PHE D 53 -8.24 -50.85 71.61
CA PHE D 53 -8.16 -52.12 72.31
C PHE D 53 -6.76 -52.68 72.14
N GLY D 54 -6.48 -53.73 72.91
CA GLY D 54 -5.17 -54.33 72.96
C GLY D 54 -5.03 -55.65 72.21
N TYR D 55 -3.79 -55.95 71.84
CA TYR D 55 -3.43 -57.21 71.20
C TYR D 55 -2.01 -57.55 71.60
N THR D 56 -1.79 -58.78 72.05
CA THR D 56 -0.49 -59.24 72.50
C THR D 56 -0.12 -60.51 71.77
N ILE D 57 1.15 -60.60 71.38
CA ILE D 57 1.76 -61.80 70.82
C ILE D 57 2.65 -62.35 71.92
N LYS D 58 2.21 -63.44 72.54
CA LYS D 58 2.94 -64.02 73.65
C LYS D 58 4.26 -64.60 73.17
N ARG D 59 5.17 -64.76 74.12
CA ARG D 59 6.49 -65.28 73.85
C ARG D 59 6.45 -66.78 73.56
N THR D 60 7.51 -67.26 72.90
CA THR D 60 7.67 -68.66 72.58
C THR D 60 9.12 -69.06 72.71
N THR D 61 9.35 -70.24 73.28
CA THR D 61 10.69 -70.82 73.34
C THR D 61 11.14 -71.43 72.02
N VAL D 62 10.25 -71.48 71.03
CA VAL D 62 10.60 -72.05 69.73
C VAL D 62 11.75 -71.26 69.12
N LYS D 63 12.72 -71.99 68.55
CA LYS D 63 13.91 -71.37 67.98
C LYS D 63 13.67 -70.88 66.57
N THR D 64 12.88 -71.61 65.80
CA THR D 64 12.67 -71.27 64.41
C THR D 64 11.94 -69.95 64.26
N PRO D 65 11.95 -69.37 63.06
CA PRO D 65 11.05 -68.24 62.79
C PRO D 65 9.65 -68.74 62.53
N SER D 66 8.77 -68.53 63.48
CA SER D 66 7.36 -68.86 63.36
C SER D 66 6.54 -67.59 63.46
N TRP D 67 5.34 -67.65 62.89
CA TRP D 67 4.44 -66.50 62.85
C TRP D 67 3.14 -66.82 63.56
N ALA D 68 2.57 -65.77 64.16
CA ALA D 68 1.29 -65.83 64.86
C ALA D 68 0.24 -65.16 64.00
N VAL D 69 -0.79 -65.90 63.66
CA VAL D 69 -1.82 -65.46 62.74
C VAL D 69 -3.07 -65.13 63.54
N ASP D 70 -3.75 -64.06 63.12
CA ASP D 70 -4.99 -63.65 63.75
C ASP D 70 -5.78 -62.83 62.75
N MET D 71 -7.04 -62.62 63.09
CA MET D 71 -8.01 -61.95 62.24
C MET D 71 -8.53 -60.69 62.91
N MET D 72 -9.22 -59.87 62.13
CA MET D 72 -9.75 -58.61 62.62
C MET D 72 -10.99 -58.25 61.81
N ARG D 73 -12.14 -58.23 62.47
CA ARG D 73 -13.41 -57.79 61.91
C ARG D 73 -13.77 -56.43 62.50
N PHE D 74 -14.75 -55.79 61.87
CA PHE D 74 -15.22 -54.47 62.27
C PHE D 74 -16.73 -54.45 62.31
N ASN D 75 -17.30 -54.08 63.45
CA ASN D 75 -18.73 -53.91 63.60
C ASN D 75 -19.00 -52.54 64.19
N ILE D 76 -20.15 -51.96 63.82
CA ILE D 76 -20.50 -50.61 64.24
C ILE D 76 -21.07 -50.56 65.65
N ASN D 77 -21.45 -51.70 66.22
CA ASN D 77 -21.90 -51.70 67.60
C ASN D 77 -20.78 -51.34 68.55
N ASP D 78 -19.55 -51.69 68.19
CA ASP D 78 -18.39 -51.41 69.03
C ASP D 78 -17.95 -49.96 68.95
N PHE D 79 -18.45 -49.20 67.99
CA PHE D 79 -18.13 -47.80 67.84
C PHE D 79 -19.28 -46.88 68.19
N LEU D 80 -20.51 -47.33 67.98
CA LEU D 80 -21.71 -46.54 68.20
C LEU D 80 -22.52 -47.15 69.34
N PRO D 81 -22.64 -46.52 70.50
CA PRO D 81 -23.36 -47.15 71.59
C PRO D 81 -24.85 -47.06 71.38
N PRO D 82 -25.63 -47.74 72.21
CA PRO D 82 -27.08 -47.56 72.16
C PRO D 82 -27.48 -46.21 72.73
N GLY D 83 -28.55 -45.67 72.17
CA GLY D 83 -29.03 -44.37 72.60
C GLY D 83 -29.90 -44.44 73.83
N GLY D 84 -30.94 -43.63 73.84
CA GLY D 84 -31.86 -43.61 74.96
C GLY D 84 -33.22 -43.06 74.58
N GLY D 85 -34.27 -43.77 74.99
CA GLY D 85 -35.62 -43.35 74.70
C GLY D 85 -36.10 -43.82 73.35
N SER D 86 -36.84 -42.95 72.66
CA SER D 86 -37.38 -43.27 71.36
C SER D 86 -36.31 -43.38 70.29
N ASN D 87 -35.12 -42.85 70.55
CA ASN D 87 -34.00 -42.97 69.63
C ASN D 87 -33.16 -44.17 70.03
N PRO D 88 -33.16 -45.27 69.26
CA PRO D 88 -32.47 -46.47 69.73
C PRO D 88 -30.96 -46.35 69.72
N ARG D 89 -30.41 -45.45 68.92
CA ARG D 89 -28.98 -45.26 68.80
C ARG D 89 -28.61 -43.82 69.14
N SER D 90 -27.32 -43.62 69.43
CA SER D 90 -26.85 -42.33 69.90
C SER D 90 -26.64 -41.33 68.77
N VAL D 91 -26.43 -41.81 67.56
CA VAL D 91 -26.37 -40.98 66.37
C VAL D 91 -27.70 -41.11 65.64
N PRO D 92 -28.55 -40.05 65.61
CA PRO D 92 -29.91 -40.25 65.12
C PRO D 92 -30.03 -40.28 63.60
N PHE D 93 -29.68 -41.41 63.03
CA PHE D 93 -29.80 -41.64 61.60
C PHE D 93 -30.30 -43.06 61.38
N GLU D 94 -30.83 -43.28 60.17
CA GLU D 94 -31.42 -44.55 59.79
C GLU D 94 -30.43 -45.47 59.09
N TYR D 95 -29.76 -44.97 58.07
CA TYR D 95 -28.90 -45.75 57.20
C TYR D 95 -27.44 -45.37 57.42
N TYR D 96 -26.56 -46.27 56.99
CA TYR D 96 -25.14 -46.02 57.08
C TYR D 96 -24.43 -46.84 56.02
N ARG D 97 -23.18 -46.45 55.76
CA ARG D 97 -22.29 -47.25 54.93
C ARG D 97 -20.88 -46.83 55.27
N ILE D 98 -20.03 -47.81 55.55
CA ILE D 98 -18.67 -47.55 55.99
C ILE D 98 -17.82 -47.29 54.75
N ARG D 99 -17.19 -46.12 54.72
CA ARG D 99 -16.38 -45.69 53.60
C ARG D 99 -14.95 -46.18 53.68
N LYS D 100 -14.32 -46.02 54.85
CA LYS D 100 -12.94 -46.37 55.06
C LYS D 100 -12.75 -46.80 56.50
N VAL D 101 -11.67 -47.53 56.74
CA VAL D 101 -11.21 -47.87 58.07
C VAL D 101 -9.71 -47.65 58.13
N LYS D 102 -9.25 -47.15 59.26
CA LYS D 102 -7.84 -46.95 59.55
C LYS D 102 -7.51 -47.76 60.79
N VAL D 103 -6.77 -48.83 60.60
CA VAL D 103 -6.25 -49.64 61.69
C VAL D 103 -4.84 -49.20 61.98
N GLU D 104 -4.58 -48.82 63.23
CA GLU D 104 -3.29 -48.33 63.67
C GLU D 104 -2.78 -49.26 64.76
N PHE D 105 -1.66 -49.89 64.51
CA PHE D 105 -0.96 -50.68 65.52
C PHE D 105 0.04 -49.76 66.21
N TRP D 106 -0.36 -49.26 67.36
CA TRP D 106 0.51 -48.42 68.16
C TRP D 106 1.32 -49.31 69.10
N PRO D 107 2.65 -49.33 69.01
CA PRO D 107 3.40 -50.26 69.83
C PRO D 107 3.39 -49.88 71.30
N CYS D 108 3.61 -50.91 72.12
CA CYS D 108 3.74 -50.77 73.55
C CYS D 108 5.14 -51.10 74.05
N SER D 109 6.06 -51.43 73.15
CA SER D 109 7.34 -51.98 73.48
C SER D 109 8.43 -50.93 73.28
N PRO D 110 9.51 -50.98 74.06
CA PRO D 110 10.55 -49.98 73.93
C PRO D 110 11.37 -50.17 72.66
N ILE D 111 12.05 -49.10 72.27
CA ILE D 111 12.90 -49.16 71.09
C ILE D 111 14.19 -49.92 71.33
N THR D 112 14.47 -50.32 72.57
CA THR D 112 15.62 -51.13 72.91
C THR D 112 15.34 -52.62 72.87
N GLN D 113 14.11 -53.04 72.54
CA GLN D 113 13.77 -54.44 72.58
C GLN D 113 14.38 -55.15 71.38
N GLY D 114 14.98 -56.30 71.63
CA GLY D 114 15.62 -57.09 70.61
C GLY D 114 14.74 -58.21 70.11
N ASP D 115 15.38 -59.16 69.43
CA ASP D 115 14.69 -60.28 68.80
C ASP D 115 13.62 -59.76 67.84
N ARG D 116 13.98 -58.74 67.08
CA ARG D 116 13.06 -58.12 66.15
C ARG D 116 12.65 -59.10 65.07
N GLY D 117 11.60 -58.72 64.35
CA GLY D 117 11.00 -59.59 63.37
C GLY D 117 10.36 -58.85 62.23
N VAL D 118 9.68 -59.59 61.37
CA VAL D 118 9.06 -59.01 60.19
C VAL D 118 7.81 -59.82 59.87
N GLY D 119 6.70 -59.11 59.72
CA GLY D 119 5.41 -59.71 59.48
C GLY D 119 4.69 -59.12 58.29
N SER D 120 3.39 -59.35 58.23
CA SER D 120 2.60 -58.94 57.08
C SER D 120 1.16 -58.73 57.49
N SER D 121 0.55 -57.70 56.93
CA SER D 121 -0.86 -57.41 57.09
C SER D 121 -1.51 -57.34 55.72
N ALA D 122 -2.61 -58.08 55.55
CA ALA D 122 -3.31 -58.16 54.29
C ALA D 122 -4.79 -57.87 54.49
N VAL D 123 -5.45 -57.52 53.39
CA VAL D 123 -6.84 -57.11 53.38
C VAL D 123 -7.68 -58.26 52.85
N ILE D 124 -8.62 -58.72 53.67
CA ILE D 124 -9.39 -59.94 53.43
C ILE D 124 -10.86 -59.58 53.52
N LEU D 125 -11.49 -59.38 52.37
CA LEU D 125 -12.83 -58.81 52.29
C LEU D 125 -13.94 -59.85 52.21
N ASP D 126 -13.74 -61.06 52.77
CA ASP D 126 -14.69 -62.14 52.53
C ASP D 126 -14.96 -63.07 53.71
N ASP D 127 -14.39 -62.83 54.88
CA ASP D 127 -14.71 -63.60 56.08
C ASP D 127 -14.20 -65.04 55.99
N ASN D 128 -13.14 -65.26 55.22
CA ASN D 128 -12.43 -66.54 55.21
C ASN D 128 -10.96 -66.19 55.36
N PHE D 129 -10.52 -66.14 56.60
CA PHE D 129 -9.16 -65.85 56.96
C PHE D 129 -8.34 -67.13 57.04
N VAL D 130 -7.02 -66.96 57.00
CA VAL D 130 -6.15 -68.05 57.37
C VAL D 130 -6.43 -68.40 58.82
N THR D 131 -6.40 -69.70 59.10
CA THR D 131 -6.76 -70.18 60.43
C THR D 131 -5.85 -69.57 61.48
N LYS D 132 -6.43 -69.22 62.63
CA LYS D 132 -5.65 -68.67 63.71
C LYS D 132 -4.63 -69.67 64.20
N ALA D 133 -3.38 -69.22 64.30
CA ALA D 133 -2.26 -70.07 64.65
C ALA D 133 -1.37 -69.33 65.64
N THR D 134 -0.74 -70.11 66.52
CA THR D 134 0.18 -69.57 67.50
C THR D 134 1.61 -69.49 66.97
N ALA D 135 2.10 -70.59 66.38
CA ALA D 135 3.44 -70.64 65.81
C ALA D 135 3.36 -71.42 64.51
N LEU D 136 3.10 -70.71 63.42
CA LEU D 136 3.08 -71.28 62.09
C LEU D 136 4.43 -71.08 61.43
N THR D 137 4.86 -72.08 60.66
CA THR D 137 6.21 -72.13 60.11
C THR D 137 6.43 -71.20 58.93
N TYR D 138 5.48 -70.34 58.60
CA TYR D 138 5.62 -69.44 57.47
C TYR D 138 4.65 -68.29 57.64
N ASP D 139 4.86 -67.25 56.84
CA ASP D 139 3.98 -66.09 56.81
C ASP D 139 2.96 -66.29 55.70
N PRO D 140 1.70 -66.58 56.00
CA PRO D 140 0.76 -66.85 54.91
C PRO D 140 0.40 -65.62 54.11
N TYR D 141 0.39 -64.45 54.74
CA TYR D 141 -0.03 -63.22 54.09
C TYR D 141 1.09 -62.51 53.36
N VAL D 142 2.20 -63.20 53.09
CA VAL D 142 3.38 -62.54 52.54
C VAL D 142 3.23 -62.32 51.05
N ASN D 143 2.68 -63.28 50.34
CA ASN D 143 2.54 -63.19 48.90
C ASN D 143 1.23 -62.57 48.46
N TYR D 144 0.43 -62.08 49.40
CA TYR D 144 -0.81 -61.41 49.06
C TYR D 144 -0.53 -60.08 48.41
N SER D 145 -1.36 -59.74 47.43
CA SER D 145 -1.23 -58.49 46.70
C SER D 145 -1.44 -57.28 47.59
N SER D 146 -2.14 -57.44 48.71
CA SER D 146 -2.39 -56.36 49.65
C SER D 146 -1.50 -56.44 50.88
N ARG D 147 -0.35 -57.09 50.76
CA ARG D 147 0.54 -57.23 51.89
C ARG D 147 1.33 -55.96 52.10
N HIS D 148 1.36 -55.50 53.34
CA HIS D 148 2.27 -54.49 53.81
C HIS D 148 3.13 -55.12 54.89
N THR D 149 4.42 -54.80 54.86
CA THR D 149 5.34 -55.34 55.83
C THR D 149 5.12 -54.70 57.19
N ILE D 150 5.12 -55.55 58.22
CA ILE D 150 5.06 -55.12 59.62
C ILE D 150 6.46 -55.30 60.17
N THR D 151 7.13 -54.18 60.42
CA THR D 151 8.32 -54.19 61.25
C THR D 151 7.91 -54.30 62.71
N GLN D 152 8.60 -55.16 63.44
CA GLN D 152 8.28 -55.46 64.82
C GLN D 152 9.50 -55.20 65.68
N PRO D 153 9.32 -54.98 67.00
CA PRO D 153 8.11 -54.80 67.80
C PRO D 153 7.72 -53.37 68.07
N PHE D 154 8.64 -52.43 67.83
CA PHE D 154 8.51 -51.06 68.30
C PHE D 154 8.19 -50.10 67.17
N SER D 155 7.51 -50.56 66.14
CA SER D 155 7.25 -49.78 64.95
C SER D 155 5.76 -49.68 64.69
N TYR D 156 5.36 -48.53 64.19
CA TYR D 156 3.98 -48.21 63.90
C TYR D 156 3.59 -48.75 62.54
N HIS D 157 2.37 -49.29 62.47
CA HIS D 157 1.82 -49.88 61.25
C HIS D 157 0.40 -49.39 61.08
N SER D 158 0.13 -48.76 59.95
CA SER D 158 -1.21 -48.30 59.60
C SER D 158 -1.67 -49.00 58.33
N ARG D 159 -2.98 -49.20 58.25
CA ARG D 159 -3.63 -49.73 57.06
C ARG D 159 -4.91 -48.95 56.86
N TYR D 160 -5.09 -48.41 55.67
CA TYR D 160 -6.23 -47.56 55.31
C TYR D 160 -6.89 -48.15 54.08
N PHE D 161 -8.12 -48.61 54.23
CA PHE D 161 -8.78 -49.37 53.19
C PHE D 161 -10.28 -49.24 53.35
N THR D 162 -10.99 -49.80 52.40
CA THR D 162 -12.45 -49.79 52.34
C THR D 162 -12.99 -51.17 52.66
N PRO D 163 -13.63 -51.40 53.80
CA PRO D 163 -14.11 -52.74 54.09
C PRO D 163 -15.36 -53.09 53.31
N LYS D 164 -15.84 -54.32 53.50
CA LYS D 164 -17.02 -54.81 52.83
C LYS D 164 -17.87 -55.56 53.84
N PRO D 165 -19.20 -55.48 53.74
CA PRO D 165 -20.04 -56.19 54.68
C PRO D 165 -20.25 -57.65 54.31
N VAL D 166 -20.60 -58.43 55.32
CA VAL D 166 -20.84 -59.85 55.18
C VAL D 166 -22.33 -60.00 54.94
N LEU D 167 -22.71 -59.96 53.67
CA LEU D 167 -24.10 -60.10 53.28
C LEU D 167 -24.51 -61.57 53.22
N ASP D 168 -23.67 -62.41 52.63
CA ASP D 168 -23.90 -63.85 52.59
C ASP D 168 -22.57 -64.54 52.82
N SER D 169 -22.40 -65.15 53.98
CA SER D 169 -21.16 -65.85 54.29
C SER D 169 -21.01 -67.14 53.52
N THR D 170 -22.09 -67.67 52.94
CA THR D 170 -22.02 -68.89 52.16
C THR D 170 -21.39 -68.65 50.80
N ILE D 171 -21.73 -67.53 50.17
CA ILE D 171 -21.29 -67.21 48.83
C ILE D 171 -20.13 -66.22 48.90
N ASP D 172 -20.18 -65.32 49.89
CA ASP D 172 -19.13 -64.35 50.15
C ASP D 172 -18.90 -63.46 48.93
N TYR D 173 -19.92 -62.68 48.59
CA TYR D 173 -19.86 -61.72 47.51
C TYR D 173 -19.74 -60.31 48.05
N PHE D 174 -19.03 -59.46 47.31
CA PHE D 174 -18.85 -58.08 47.70
C PHE D 174 -18.72 -57.21 46.46
N GLN D 175 -18.86 -55.98 46.67
CA GLN D 175 -18.84 -54.97 45.63
C GLN D 175 -17.44 -54.40 45.45
N PRO D 176 -17.07 -53.98 44.25
CA PRO D 176 -15.85 -53.20 44.11
C PRO D 176 -16.00 -51.79 44.64
N ASN D 177 -14.90 -51.06 44.67
CA ASN D 177 -14.91 -49.73 45.26
C ASN D 177 -15.59 -48.75 44.33
N ASN D 178 -16.69 -48.19 44.80
CA ASN D 178 -17.42 -47.17 44.04
C ASN D 178 -18.17 -46.34 45.06
N LYS D 179 -17.81 -45.08 45.21
CA LYS D 179 -18.45 -44.26 46.21
C LYS D 179 -19.92 -44.01 45.87
N ARG D 180 -20.26 -43.99 44.59
CA ARG D 180 -21.61 -43.65 44.19
C ARG D 180 -22.56 -44.83 44.26
N ASN D 181 -22.04 -46.05 44.15
CA ASN D 181 -22.84 -47.26 44.08
C ASN D 181 -22.77 -48.09 45.35
N GLN D 182 -22.07 -47.65 46.37
CA GLN D 182 -21.94 -48.42 47.60
C GLN D 182 -23.29 -48.55 48.28
N LEU D 183 -23.58 -49.75 48.73
CA LEU D 183 -24.85 -50.06 49.36
C LEU D 183 -25.00 -49.31 50.67
N TRP D 184 -26.23 -48.91 50.95
CA TRP D 184 -26.61 -48.38 52.25
C TRP D 184 -27.18 -49.52 53.07
N LEU D 185 -26.63 -49.73 54.24
CA LEU D 185 -27.16 -50.65 55.22
C LEU D 185 -28.01 -49.88 56.22
N ARG D 186 -28.80 -50.62 56.98
CA ARG D 186 -29.59 -50.06 58.06
C ARG D 186 -28.80 -50.10 59.35
N LEU D 187 -28.89 -49.02 60.10
CA LEU D 187 -28.33 -48.94 61.44
C LEU D 187 -29.31 -49.62 62.39
N GLN D 188 -29.08 -50.91 62.60
CA GLN D 188 -29.95 -51.70 63.46
C GLN D 188 -29.77 -51.26 64.91
N THR D 189 -30.62 -51.83 65.77
CA THR D 189 -30.59 -51.49 67.19
C THR D 189 -29.49 -52.26 67.91
N ALA D 190 -29.47 -53.59 67.79
CA ALA D 190 -28.44 -54.40 68.44
C ALA D 190 -27.97 -55.58 67.59
N GLY D 191 -28.08 -55.49 66.27
CA GLY D 191 -27.79 -56.63 65.41
C GLY D 191 -27.09 -56.30 64.11
N ASN D 192 -26.25 -55.28 64.12
CA ASN D 192 -25.60 -54.85 62.90
C ASN D 192 -24.65 -55.92 62.38
N VAL D 193 -24.37 -55.83 61.09
CA VAL D 193 -23.62 -56.85 60.36
C VAL D 193 -22.14 -56.54 60.46
N ASP D 194 -21.33 -57.61 60.48
CA ASP D 194 -19.90 -57.47 60.65
C ASP D 194 -19.26 -57.10 59.33
N HIS D 195 -18.45 -56.06 59.36
CA HIS D 195 -17.57 -55.73 58.26
C HIS D 195 -16.21 -56.39 58.48
N VAL D 196 -15.50 -56.58 57.38
CA VAL D 196 -14.34 -57.45 57.35
C VAL D 196 -13.30 -56.82 56.44
N GLY D 197 -12.05 -57.28 56.56
CA GLY D 197 -10.99 -56.65 55.80
C GLY D 197 -9.59 -56.57 56.35
N LEU D 198 -9.24 -57.25 57.43
CA LEU D 198 -7.83 -57.29 57.80
C LEU D 198 -7.43 -58.59 58.47
N GLY D 199 -6.31 -59.13 58.01
CA GLY D 199 -5.67 -60.25 58.66
C GLY D 199 -4.19 -60.00 58.77
N THR D 200 -3.60 -60.53 59.84
CA THR D 200 -2.24 -60.20 60.23
C THR D 200 -1.44 -61.47 60.44
N ALA D 201 -0.12 -61.31 60.41
CA ALA D 201 0.83 -62.35 60.76
C ALA D 201 2.03 -61.70 61.41
N PHE D 202 2.19 -61.96 62.70
CA PHE D 202 3.27 -61.41 63.49
C PHE D 202 4.30 -62.50 63.80
N GLU D 203 5.57 -62.15 63.65
CA GLU D 203 6.65 -63.06 63.96
C GLU D 203 6.86 -63.12 65.45
N ASN D 204 6.88 -64.33 65.99
CA ASN D 204 7.00 -64.52 67.42
C ASN D 204 8.41 -64.16 67.89
N SER D 205 8.54 -64.06 69.21
CA SER D 205 9.76 -63.57 69.83
C SER D 205 9.89 -64.16 71.22
N ILE D 206 11.09 -64.01 71.78
CA ILE D 206 11.33 -64.45 73.16
C ILE D 206 10.60 -63.56 74.13
N TYR D 207 10.39 -62.29 73.78
CA TYR D 207 9.70 -61.33 74.62
C TYR D 207 8.28 -61.13 74.13
N ASP D 208 7.41 -60.70 75.04
CA ASP D 208 6.04 -60.41 74.70
C ASP D 208 5.95 -59.12 73.91
N GLN D 209 5.18 -59.14 72.83
CA GLN D 209 4.96 -57.99 71.96
C GLN D 209 3.53 -57.52 72.13
N GLU D 210 3.36 -56.38 72.78
CA GLU D 210 2.05 -55.81 73.03
C GLU D 210 1.80 -54.64 72.08
N TYR D 211 0.52 -54.43 71.76
CA TYR D 211 0.09 -53.36 70.88
C TYR D 211 -1.23 -52.80 71.39
N ASN D 212 -1.41 -51.51 71.18
CA ASN D 212 -2.68 -50.82 71.40
C ASN D 212 -3.24 -50.49 70.03
N ILE D 213 -4.30 -51.17 69.64
CA ILE D 213 -4.85 -51.05 68.30
C ILE D 213 -6.00 -50.07 68.33
N ARG D 214 -5.91 -49.02 67.50
CA ARG D 214 -6.91 -47.99 67.38
C ARG D 214 -7.53 -48.09 65.99
N VAL D 215 -8.79 -48.49 65.95
CA VAL D 215 -9.55 -48.57 64.70
C VAL D 215 -10.40 -47.33 64.60
N THR D 216 -10.34 -46.68 63.45
CA THR D 216 -11.12 -45.50 63.13
C THR D 216 -11.93 -45.79 61.89
N MET D 217 -13.25 -45.73 62.01
CA MET D 217 -14.15 -45.93 60.88
C MET D 217 -14.71 -44.59 60.41
N TYR D 218 -14.58 -44.35 59.12
CA TYR D 218 -15.12 -43.18 58.47
C TYR D 218 -16.45 -43.56 57.82
N VAL D 219 -17.54 -43.11 58.42
CA VAL D 219 -18.87 -43.57 58.07
C VAL D 219 -19.64 -42.43 57.43
N GLN D 220 -20.77 -42.78 56.84
CA GLN D 220 -21.63 -41.85 56.13
C GLN D 220 -23.05 -42.27 56.43
N PHE D 221 -23.79 -41.43 57.12
CA PHE D 221 -25.16 -41.70 57.52
C PHE D 221 -26.14 -41.00 56.59
N ARG D 222 -27.42 -41.32 56.77
CA ARG D 222 -28.47 -40.79 55.92
C ARG D 222 -29.79 -40.82 56.68
N GLU D 223 -30.64 -39.86 56.35
CA GLU D 223 -32.02 -39.80 56.86
C GLU D 223 -32.06 -39.63 58.39
N PHE D 224 -31.65 -38.45 58.80
CA PHE D 224 -31.86 -37.93 60.15
C PHE D 224 -33.27 -38.25 60.62
N ASN D 225 -33.38 -38.97 61.73
CA ASN D 225 -34.65 -39.53 62.18
C ASN D 225 -34.88 -39.30 63.65
N LEU D 226 -34.56 -38.11 64.13
CA LEU D 226 -34.75 -37.81 65.54
C LEU D 226 -36.23 -37.81 65.89
N LYS D 227 -36.54 -38.31 67.08
CA LYS D 227 -37.89 -38.37 67.60
C LYS D 227 -37.96 -37.55 68.88
N ASP D 228 -38.93 -36.64 68.93
CA ASP D 228 -39.04 -35.65 70.01
C ASP D 228 -40.43 -35.77 70.63
N PRO D 229 -40.61 -36.69 71.57
CA PRO D 229 -41.86 -36.74 72.30
C PRO D 229 -41.94 -35.61 73.31
N PRO D 230 -43.12 -35.34 73.88
CA PRO D 230 -43.19 -34.36 74.95
C PRO D 230 -42.53 -34.83 76.23
N LEU D 231 -42.60 -34.00 77.27
CA LEU D 231 -41.96 -34.29 78.55
C LEU D 231 -42.85 -33.83 79.71
N GLY E 43 1.33 -66.60 26.93
CA GLY E 43 0.53 -66.26 28.10
C GLY E 43 1.36 -65.82 29.27
N ILE E 44 1.75 -64.56 29.26
CA ILE E 44 2.70 -64.03 30.22
C ILE E 44 1.98 -63.74 31.53
N PHE E 45 2.68 -63.96 32.63
CA PHE E 45 2.19 -63.62 33.96
C PHE E 45 3.40 -63.28 34.82
N ASN E 46 3.62 -61.99 35.03
CA ASN E 46 4.64 -61.53 35.94
C ASN E 46 4.09 -61.51 37.35
N THR E 47 4.80 -62.15 38.27
CA THR E 47 4.40 -62.15 39.67
C THR E 47 5.64 -62.06 40.55
N ARG E 48 5.44 -62.33 41.84
CA ARG E 48 6.45 -62.13 42.86
C ARG E 48 6.33 -63.23 43.88
N LEU E 49 7.44 -63.91 44.15
CA LEU E 49 7.51 -65.03 45.06
C LEU E 49 8.58 -64.75 46.10
N SER E 50 8.28 -65.06 47.35
CA SER E 50 9.12 -64.75 48.48
C SER E 50 9.38 -66.00 49.31
N ARG E 51 10.33 -65.84 50.23
CA ARG E 51 10.86 -66.91 51.05
C ARG E 51 11.74 -66.27 52.11
N THR E 52 11.67 -66.81 53.33
CA THR E 52 12.37 -66.23 54.48
C THR E 52 13.12 -67.32 55.22
N PHE E 53 14.34 -66.99 55.64
CA PHE E 53 15.18 -67.93 56.36
C PHE E 53 16.22 -67.15 57.15
N GLY E 54 16.92 -67.87 58.02
CA GLY E 54 17.87 -67.27 58.92
C GLY E 54 19.33 -67.46 58.55
N TYR E 55 20.17 -66.56 59.06
CA TYR E 55 21.62 -66.63 58.89
C TYR E 55 22.25 -65.99 60.12
N THR E 56 23.21 -66.69 60.71
CA THR E 56 23.89 -66.23 61.91
C THR E 56 25.39 -66.25 61.69
N ILE E 57 26.05 -65.21 62.18
CA ILE E 57 27.49 -65.11 62.23
C ILE E 57 27.88 -65.31 63.69
N LYS E 58 28.40 -66.48 64.01
CA LYS E 58 28.74 -66.81 65.38
C LYS E 58 29.88 -65.94 65.88
N ARG E 59 29.98 -65.84 67.20
CA ARG E 59 30.99 -65.03 67.85
C ARG E 59 32.36 -65.68 67.74
N THR E 60 33.39 -64.85 67.92
CA THR E 60 34.78 -65.30 67.90
C THR E 60 35.57 -64.53 68.95
N THR E 61 36.45 -65.25 69.64
CA THR E 61 37.39 -64.63 70.57
C THR E 61 38.57 -63.98 69.86
N VAL E 62 38.69 -64.14 68.54
CA VAL E 62 39.79 -63.53 67.81
C VAL E 62 39.75 -62.02 67.96
N LYS E 63 40.92 -61.44 68.18
CA LYS E 63 41.03 -60.01 68.41
C LYS E 63 41.06 -59.21 67.12
N THR E 64 41.70 -59.76 66.09
CA THR E 64 41.88 -59.06 64.84
C THR E 64 40.54 -58.82 64.15
N PRO E 65 40.50 -57.93 63.16
CA PRO E 65 39.32 -57.86 62.30
C PRO E 65 39.36 -58.97 61.27
N SER E 66 38.51 -59.97 61.45
CA SER E 66 38.35 -61.06 60.51
C SER E 66 36.93 -61.04 59.97
N TRP E 67 36.77 -61.64 58.80
CA TRP E 67 35.50 -61.68 58.10
C TRP E 67 35.04 -63.11 57.89
N ALA E 68 33.72 -63.27 57.90
CA ALA E 68 33.06 -64.54 57.66
C ALA E 68 32.45 -64.52 56.28
N VAL E 69 32.86 -65.46 55.46
CA VAL E 69 32.46 -65.51 54.06
C VAL E 69 31.43 -66.61 53.87
N ASP E 70 30.45 -66.35 53.04
CA ASP E 70 29.42 -67.33 52.73
C ASP E 70 28.82 -66.98 51.37
N MET E 71 28.06 -67.93 50.84
CA MET E 71 27.48 -67.85 49.52
C MET E 71 25.96 -67.90 49.60
N MET E 72 25.32 -67.61 48.49
CA MET E 72 23.86 -67.57 48.42
C MET E 72 23.44 -67.86 46.99
N ARG E 73 22.76 -68.99 46.80
CA ARG E 73 22.15 -69.38 45.54
C ARG E 73 20.64 -69.24 45.64
N PHE E 74 19.98 -69.30 44.49
CA PHE E 74 18.53 -69.16 44.40
C PHE E 74 17.98 -70.23 43.48
N ASN E 75 17.03 -71.01 43.99
CA ASN E 75 16.32 -72.00 43.21
C ASN E 75 14.83 -71.79 43.38
N ILE E 76 14.08 -72.13 42.33
CA ILE E 76 12.65 -71.90 42.31
C ILE E 76 11.87 -72.97 43.05
N ASN E 77 12.49 -74.10 43.38
CA ASN E 77 11.80 -75.10 44.17
C ASN E 77 11.54 -74.60 45.58
N ASP E 78 12.39 -73.73 46.09
CA ASP E 78 12.24 -73.19 47.43
C ASP E 78 11.18 -72.10 47.51
N PHE E 79 10.72 -71.58 46.36
CA PHE E 79 9.69 -70.57 46.31
C PHE E 79 8.36 -71.09 45.79
N LEU E 80 8.40 -72.08 44.91
CA LEU E 80 7.23 -72.65 44.27
C LEU E 80 7.03 -74.09 44.72
N PRO E 81 6.01 -74.42 45.50
CA PRO E 81 5.88 -75.78 45.96
C PRO E 81 5.36 -76.70 44.87
N PRO E 82 5.36 -78.00 45.10
CA PRO E 82 4.71 -78.90 44.16
C PRO E 82 3.21 -78.78 44.22
N GLY E 83 2.56 -79.00 43.09
CA GLY E 83 1.13 -78.88 43.00
C GLY E 83 0.42 -80.14 43.43
N GLY E 84 -0.64 -80.46 42.72
CA GLY E 84 -1.41 -81.65 43.03
C GLY E 84 -2.20 -82.14 41.83
N GLY E 85 -2.12 -83.45 41.58
CA GLY E 85 -2.84 -84.05 40.48
C GLY E 85 -2.10 -83.95 39.17
N SER E 86 -2.84 -83.69 38.10
CA SER E 86 -2.26 -83.61 36.78
C SER E 86 -1.39 -82.37 36.61
N ASN E 87 -1.52 -81.39 37.50
CA ASN E 87 -0.67 -80.21 37.47
C ASN E 87 0.50 -80.43 38.42
N PRO E 88 1.73 -80.61 37.93
CA PRO E 88 2.82 -80.96 38.83
C PRO E 88 3.25 -79.82 39.74
N ARG E 89 2.98 -78.58 39.37
CA ARG E 89 3.36 -77.41 40.14
C ARG E 89 2.13 -76.59 40.49
N SER E 90 2.30 -75.72 41.48
CA SER E 90 1.18 -74.97 42.03
C SER E 90 0.82 -73.75 41.18
N VAL E 91 1.77 -73.26 40.41
CA VAL E 91 1.53 -72.20 39.43
C VAL E 91 1.44 -72.85 38.06
N PRO E 92 0.26 -72.89 37.41
CA PRO E 92 0.15 -73.71 36.21
C PRO E 92 0.69 -73.06 34.95
N PHE E 93 2.02 -73.11 34.83
CA PHE E 93 2.71 -72.60 33.66
C PHE E 93 3.84 -73.56 33.31
N GLU E 94 4.31 -73.46 32.07
CA GLU E 94 5.33 -74.33 31.52
C GLU E 94 6.72 -73.76 31.67
N TYR E 95 6.91 -72.52 31.24
CA TYR E 95 8.22 -71.89 31.17
C TYR E 95 8.32 -70.77 32.20
N TYR E 96 9.55 -70.39 32.49
CA TYR E 96 9.81 -69.31 33.41
C TYR E 96 11.17 -68.69 33.09
N ARG E 97 11.37 -67.50 33.62
CA ARG E 97 12.67 -66.86 33.60
C ARG E 97 12.69 -65.81 34.69
N ILE E 98 13.71 -65.86 35.54
CA ILE E 98 13.80 -64.98 36.68
C ILE E 98 14.34 -63.64 36.21
N ARG E 99 13.57 -62.58 36.47
CA ARG E 99 13.91 -61.23 36.05
C ARG E 99 14.80 -60.52 37.05
N LYS E 100 14.44 -60.57 38.32
CA LYS E 100 15.15 -59.87 39.37
C LYS E 100 15.03 -60.67 40.65
N VAL E 101 15.94 -60.40 41.58
CA VAL E 101 15.88 -60.90 42.94
C VAL E 101 16.20 -59.76 43.88
N LYS E 102 15.50 -59.74 45.01
CA LYS E 102 15.72 -58.79 46.09
C LYS E 102 16.06 -59.57 47.33
N VAL E 103 17.30 -59.50 47.74
CA VAL E 103 17.76 -60.09 48.99
C VAL E 103 17.78 -59.01 50.04
N GLU E 104 17.07 -59.25 51.14
CA GLU E 104 16.93 -58.31 52.24
C GLU E 104 17.48 -58.96 53.49
N PHE E 105 18.52 -58.37 54.06
CA PHE E 105 19.05 -58.77 55.36
C PHE E 105 18.34 -57.94 56.41
N TRP E 106 17.33 -58.53 57.02
CA TRP E 106 16.62 -57.88 58.10
C TRP E 106 17.31 -58.23 59.41
N PRO E 107 17.84 -57.26 60.16
CA PRO E 107 18.57 -57.60 61.37
C PRO E 107 17.69 -58.15 62.47
N CYS E 108 18.33 -58.90 63.34
CA CYS E 108 17.72 -59.46 64.53
C CYS E 108 18.31 -58.89 65.81
N SER E 109 19.24 -57.97 65.70
CA SER E 109 20.04 -57.50 66.81
C SER E 109 19.59 -56.10 67.22
N PRO E 110 19.72 -55.75 68.50
CA PRO E 110 19.28 -54.44 68.94
C PRO E 110 20.20 -53.34 68.47
N ILE E 111 19.67 -52.11 68.48
CA ILE E 111 20.47 -50.97 68.10
C ILE E 111 21.48 -50.56 69.16
N THR E 112 21.46 -51.18 70.33
CA THR E 112 22.44 -50.94 71.37
C THR E 112 23.63 -51.88 71.32
N GLN E 113 23.67 -52.79 70.34
CA GLN E 113 24.74 -53.76 70.29
C GLN E 113 26.01 -53.11 69.80
N GLY E 114 27.12 -53.38 70.48
CA GLY E 114 28.40 -52.84 70.15
C GLY E 114 29.25 -53.79 69.33
N ASP E 115 30.53 -53.48 69.28
CA ASP E 115 31.49 -54.21 68.46
C ASP E 115 31.04 -54.24 67.02
N ARG E 116 30.58 -53.09 66.54
CA ARG E 116 30.08 -52.97 65.19
C ARG E 116 31.19 -53.21 64.18
N GLY E 117 30.78 -53.41 62.94
CA GLY E 117 31.68 -53.79 61.89
C GLY E 117 31.26 -53.31 60.53
N VAL E 118 31.98 -53.72 59.50
CA VAL E 118 31.72 -53.30 58.14
C VAL E 118 32.09 -54.42 57.20
N GLY E 119 31.15 -54.77 56.33
CA GLY E 119 31.30 -55.87 55.41
C GLY E 119 31.00 -55.50 53.98
N SER E 120 30.76 -56.50 53.15
CA SER E 120 30.58 -56.29 51.73
C SER E 120 29.73 -57.40 51.15
N SER E 121 28.85 -57.02 50.23
CA SER E 121 28.04 -57.96 49.45
C SER E 121 28.29 -57.70 47.98
N ALA E 122 28.59 -58.77 47.25
CA ALA E 122 28.90 -58.69 45.83
C ALA E 122 28.06 -59.67 45.05
N VAL E 123 27.95 -59.42 43.76
CA VAL E 123 27.11 -60.19 42.84
C VAL E 123 28.01 -61.11 42.02
N ILE E 124 27.76 -62.41 42.13
CA ILE E 124 28.62 -63.45 41.59
C ILE E 124 27.76 -64.35 40.72
N LEU E 125 27.81 -64.13 39.41
CA LEU E 125 26.89 -64.74 38.47
C LEU E 125 27.42 -66.03 37.83
N ASP E 126 28.31 -66.77 38.49
CA ASP E 126 29.00 -67.87 37.84
C ASP E 126 29.26 -69.11 38.68
N ASP E 127 28.80 -69.16 39.92
CA ASP E 127 28.90 -70.38 40.73
C ASP E 127 30.33 -70.70 41.12
N ASN E 128 31.19 -69.69 41.19
CA ASN E 128 32.54 -69.83 41.74
C ASN E 128 32.70 -68.68 42.72
N PHE E 129 32.34 -68.97 43.96
CA PHE E 129 32.42 -68.04 45.06
C PHE E 129 33.78 -68.14 45.74
N VAL E 130 34.10 -67.11 46.51
CA VAL E 130 35.21 -67.22 47.45
C VAL E 130 34.86 -68.32 48.44
N THR E 131 35.86 -69.10 48.81
CA THR E 131 35.65 -70.25 49.66
C THR E 131 35.05 -69.82 50.99
N LYS E 132 34.12 -70.62 51.49
CA LYS E 132 33.49 -70.32 52.77
C LYS E 132 34.53 -70.36 53.88
N ALA E 133 34.54 -69.29 54.67
CA ALA E 133 35.52 -69.10 55.72
C ALA E 133 34.83 -68.60 56.97
N THR E 134 35.38 -68.96 58.13
CA THR E 134 34.86 -68.53 59.41
C THR E 134 35.51 -67.23 59.86
N ALA E 135 36.83 -67.15 59.81
CA ALA E 135 37.57 -65.94 60.20
C ALA E 135 38.70 -65.75 59.20
N LEU E 136 38.41 -65.04 58.12
CA LEU E 136 39.40 -64.68 57.12
C LEU E 136 39.96 -63.30 57.42
N THR E 137 41.25 -63.12 57.18
CA THR E 137 41.98 -61.92 57.59
C THR E 137 41.71 -60.72 56.70
N TYR E 138 40.76 -60.79 55.78
CA TYR E 138 40.48 -59.67 54.90
C TYR E 138 39.08 -59.86 54.33
N ASP E 139 38.57 -58.79 53.73
CA ASP E 139 37.29 -58.80 53.05
C ASP E 139 37.51 -59.07 51.57
N PRO E 140 37.21 -60.27 51.06
CA PRO E 140 37.52 -60.53 49.66
C PRO E 140 36.65 -59.75 48.69
N TYR E 141 35.41 -59.48 49.06
CA TYR E 141 34.45 -58.84 48.19
C TYR E 141 34.52 -57.33 48.23
N VAL E 142 35.60 -56.76 48.77
CA VAL E 142 35.65 -55.32 49.01
C VAL E 142 35.98 -54.58 47.73
N ASN E 143 36.89 -55.11 46.92
CA ASN E 143 37.31 -54.45 45.70
C ASN E 143 36.47 -54.84 44.50
N TYR E 144 35.43 -55.62 44.70
CA TYR E 144 34.54 -55.99 43.61
C TYR E 144 33.75 -54.79 43.13
N SER E 145 33.54 -54.72 41.82
CA SER E 145 32.80 -53.64 41.22
C SER E 145 31.35 -53.61 41.66
N SER E 146 30.81 -54.74 42.12
CA SER E 146 29.44 -54.83 42.60
C SER E 146 29.36 -54.85 44.11
N ARG E 147 30.36 -54.31 44.80
CA ARG E 147 30.37 -54.31 46.25
C ARG E 147 29.47 -53.20 46.76
N HIS E 148 28.63 -53.57 47.71
CA HIS E 148 27.89 -52.63 48.54
C HIS E 148 28.33 -52.88 49.98
N THR E 149 28.52 -51.81 50.72
CA THR E 149 28.93 -51.91 52.10
C THR E 149 27.79 -52.41 52.97
N ILE E 150 28.12 -53.35 53.85
CA ILE E 150 27.20 -53.85 54.86
C ILE E 150 27.63 -53.22 56.17
N THR E 151 26.81 -52.31 56.68
CA THR E 151 26.93 -51.89 58.06
C THR E 151 26.32 -52.96 58.96
N GLN E 152 27.01 -53.27 60.03
CA GLN E 152 26.64 -54.32 60.96
C GLN E 152 26.51 -53.76 62.36
N PRO E 153 25.76 -54.42 63.25
CA PRO E 153 24.89 -55.58 63.11
C PRO E 153 23.41 -55.27 62.94
N PHE E 154 23.03 -54.03 63.24
CA PHE E 154 21.64 -53.65 63.38
C PHE E 154 21.12 -52.83 62.22
N SER E 155 21.67 -53.04 61.03
CA SER E 155 21.37 -52.23 59.88
C SER E 155 20.86 -53.11 58.74
N TYR E 156 19.92 -52.56 57.99
CA TYR E 156 19.28 -53.24 56.89
C TYR E 156 20.12 -53.12 55.63
N HIS E 157 20.19 -54.21 54.87
CA HIS E 157 20.96 -54.29 53.65
C HIS E 157 20.11 -54.97 52.59
N SER E 158 19.90 -54.28 51.48
CA SER E 158 19.18 -54.81 50.34
C SER E 158 20.10 -54.87 49.12
N ARG E 159 19.84 -55.85 48.27
CA ARG E 159 20.52 -55.99 46.99
C ARG E 159 19.48 -56.41 45.98
N TYR E 160 19.40 -55.67 44.88
CA TYR E 160 18.42 -55.88 43.82
C TYR E 160 19.16 -56.02 42.52
N PHE E 161 19.07 -57.20 41.91
CA PHE E 161 19.89 -57.53 40.76
C PHE E 161 19.18 -58.61 39.96
N THR E 162 19.77 -58.93 38.81
CA THR E 162 19.27 -59.92 37.89
C THR E 162 20.15 -61.16 37.93
N PRO E 163 19.69 -62.29 38.45
CA PRO E 163 20.56 -63.46 38.50
C PRO E 163 20.72 -64.13 37.16
N LYS E 164 21.52 -65.19 37.13
CA LYS E 164 21.80 -65.94 35.93
C LYS E 164 21.74 -67.42 36.27
N PRO E 165 21.26 -68.27 35.36
CA PRO E 165 21.21 -69.69 35.65
C PRO E 165 22.52 -70.39 35.36
N VAL E 166 22.68 -71.53 36.03
CA VAL E 166 23.88 -72.36 35.90
C VAL E 166 23.58 -73.37 34.81
N LEU E 167 23.89 -72.99 33.57
CA LEU E 167 23.68 -73.85 32.42
C LEU E 167 24.81 -74.85 32.26
N ASP E 168 26.05 -74.40 32.40
CA ASP E 168 27.21 -75.27 32.37
C ASP E 168 28.18 -74.78 33.43
N SER E 169 28.33 -75.55 34.50
CA SER E 169 29.23 -75.20 35.58
C SER E 169 30.70 -75.36 35.19
N THR E 170 30.98 -76.11 34.13
CA THR E 170 32.35 -76.29 33.67
C THR E 170 32.88 -75.06 32.97
N ILE E 171 32.05 -74.41 32.16
CA ILE E 171 32.43 -73.26 31.36
C ILE E 171 31.96 -71.98 32.03
N ASP E 172 30.81 -72.06 32.68
CA ASP E 172 30.25 -70.95 33.45
C ASP E 172 30.03 -69.73 32.55
N TYR E 173 29.12 -69.89 31.59
CA TYR E 173 28.74 -68.82 30.68
C TYR E 173 27.37 -68.29 31.05
N PHE E 174 27.18 -67.00 30.82
CA PHE E 174 25.90 -66.35 31.11
C PHE E 174 25.68 -65.21 30.14
N GLN E 175 24.49 -64.79 30.08
CA GLN E 175 24.03 -63.75 29.20
C GLN E 175 24.10 -62.38 29.86
N PRO E 176 24.32 -61.32 29.10
CA PRO E 176 24.14 -59.98 29.67
C PRO E 176 22.68 -59.64 29.86
N ASN E 177 22.42 -58.51 30.49
CA ASN E 177 21.06 -58.13 30.83
C ASN E 177 20.33 -57.65 29.58
N ASN E 178 19.29 -58.37 29.21
CA ASN E 178 18.45 -58.00 28.07
C ASN E 178 17.09 -58.62 28.33
N LYS E 179 16.08 -57.79 28.55
CA LYS E 179 14.78 -58.33 28.86
C LYS E 179 14.18 -59.07 27.67
N ARG E 180 14.53 -58.66 26.46
CA ARG E 180 13.92 -59.25 25.28
C ARG E 180 14.58 -60.55 24.86
N ASN E 181 15.84 -60.75 25.21
CA ASN E 181 16.62 -61.90 24.78
C ASN E 181 16.88 -62.90 25.89
N GLN E 182 16.35 -62.68 27.09
CA GLN E 182 16.59 -63.59 28.19
C GLN E 182 15.96 -64.94 27.92
N LEU E 183 16.74 -65.98 28.20
CA LEU E 183 16.31 -67.34 27.94
C LEU E 183 15.11 -67.72 28.80
N TRP E 184 14.22 -68.51 28.22
CA TRP E 184 13.15 -69.16 28.95
C TRP E 184 13.61 -70.55 29.35
N LEU E 185 13.54 -70.84 30.63
CA LEU E 185 13.77 -72.18 31.15
C LEU E 185 12.44 -72.87 31.34
N ARG E 186 12.51 -74.19 31.51
CA ARG E 186 11.34 -74.98 31.83
C ARG E 186 11.16 -75.09 33.32
N LEU E 187 9.92 -74.97 33.75
CA LEU E 187 9.55 -75.20 35.13
C LEU E 187 9.42 -76.70 35.33
N GLN E 188 10.51 -77.31 35.76
CA GLN E 188 10.57 -78.73 35.99
C GLN E 188 9.70 -79.10 37.19
N THR E 189 9.56 -80.41 37.39
CA THR E 189 8.75 -80.92 38.49
C THR E 189 9.50 -80.90 39.81
N ALA E 190 10.70 -81.50 39.84
CA ALA E 190 11.51 -81.50 41.06
C ALA E 190 13.01 -81.35 40.80
N GLY E 191 13.40 -80.73 39.70
CA GLY E 191 14.80 -80.68 39.30
C GLY E 191 15.25 -79.38 38.68
N ASN E 192 14.67 -78.27 39.12
CA ASN E 192 15.00 -76.99 38.53
C ASN E 192 16.45 -76.60 38.80
N VAL E 193 16.96 -75.73 37.95
CA VAL E 193 18.36 -75.35 37.95
C VAL E 193 18.58 -74.20 38.91
N ASP E 194 19.77 -74.19 39.53
CA ASP E 194 20.09 -73.18 40.53
C ASP E 194 20.49 -71.89 39.85
N HIS E 195 19.88 -70.80 40.27
CA HIS E 195 20.33 -69.47 39.93
C HIS E 195 21.27 -68.96 40.99
N VAL E 196 22.12 -68.02 40.59
CA VAL E 196 23.27 -67.62 41.37
C VAL E 196 23.43 -66.12 41.24
N GLY E 197 24.23 -65.53 42.14
CA GLY E 197 24.35 -64.09 42.14
C GLY E 197 24.56 -63.33 43.42
N LEU E 198 24.86 -63.96 44.55
CA LEU E 198 25.24 -63.16 45.71
C LEU E 198 26.23 -63.87 46.61
N GLY E 199 27.26 -63.13 46.99
CA GLY E 199 28.20 -63.57 48.00
C GLY E 199 28.47 -62.45 48.97
N THR E 200 28.71 -62.83 50.22
CA THR E 200 28.77 -61.90 51.34
C THR E 200 30.05 -62.08 52.12
N ALA E 201 30.38 -61.04 52.89
CA ALA E 201 31.48 -61.09 53.84
C ALA E 201 31.10 -60.24 55.03
N PHE E 202 30.88 -60.88 56.17
CA PHE E 202 30.49 -60.23 57.41
C PHE E 202 31.65 -60.20 58.37
N GLU E 203 31.86 -59.06 59.00
CA GLU E 203 32.90 -58.91 59.99
C GLU E 203 32.46 -59.54 61.30
N ASN E 204 33.29 -60.40 61.85
CA ASN E 204 32.96 -61.11 63.07
C ASN E 204 32.96 -60.18 64.25
N SER E 205 32.41 -60.68 65.36
CA SER E 205 32.21 -59.87 66.55
C SER E 205 32.22 -60.76 67.77
N ILE E 206 32.29 -60.12 68.95
CA ILE E 206 32.23 -60.85 70.21
C ILE E 206 30.84 -61.40 70.43
N TYR E 207 29.82 -60.74 69.91
CA TYR E 207 28.44 -61.14 70.05
C TYR E 207 27.96 -61.81 68.77
N ASP E 208 26.94 -62.65 68.92
CA ASP E 208 26.34 -63.30 67.76
C ASP E 208 25.50 -62.32 66.97
N GLN E 209 25.66 -62.34 65.66
CA GLN E 209 24.93 -61.48 64.74
C GLN E 209 23.96 -62.33 63.94
N GLU E 210 22.67 -62.20 64.23
CA GLU E 210 21.64 -62.95 63.55
C GLU E 210 20.90 -62.07 62.56
N TYR E 211 20.41 -62.71 61.50
CA TYR E 211 19.67 -62.04 60.44
C TYR E 211 18.54 -62.93 59.97
N ASN E 212 17.45 -62.30 59.58
CA ASN E 212 16.33 -62.96 58.89
C ASN E 212 16.37 -62.51 57.45
N ILE E 213 16.73 -63.41 56.55
CA ILE E 213 16.94 -63.07 55.16
C ILE E 213 15.70 -63.40 54.38
N ARG E 214 15.15 -62.40 53.70
CA ARG E 214 13.95 -62.53 52.88
C ARG E 214 14.35 -62.32 51.42
N VAL E 215 14.28 -63.39 50.65
CA VAL E 215 14.55 -63.36 49.22
C VAL E 215 13.22 -63.27 48.49
N THR E 216 13.14 -62.34 47.56
CA THR E 216 11.96 -62.14 46.73
C THR E 216 12.41 -62.24 45.28
N MET E 217 11.85 -63.20 44.56
CA MET E 217 12.13 -63.38 43.15
C MET E 217 10.98 -62.86 42.31
N TYR E 218 11.30 -62.02 41.34
CA TYR E 218 10.34 -61.48 40.39
C TYR E 218 10.46 -62.29 39.11
N VAL E 219 9.47 -63.13 38.86
CA VAL E 219 9.53 -64.13 37.81
C VAL E 219 8.53 -63.77 36.72
N GLN E 220 8.66 -64.45 35.60
CA GLN E 220 7.82 -64.24 34.43
C GLN E 220 7.58 -65.61 33.82
N PHE E 221 6.33 -66.04 33.84
CA PHE E 221 5.94 -67.34 33.33
C PHE E 221 5.34 -67.22 31.93
N ARG E 222 5.10 -68.38 31.31
CA ARG E 222 4.61 -68.43 29.94
C ARG E 222 3.88 -69.75 29.74
N GLU E 223 2.88 -69.71 28.86
CA GLU E 223 2.16 -70.89 28.40
C GLU E 223 1.43 -71.59 29.56
N PHE E 224 0.39 -70.91 30.03
CA PHE E 224 -0.63 -71.47 30.90
C PHE E 224 -1.04 -72.85 30.43
N ASN E 225 -0.88 -73.84 31.30
CA ASN E 225 -1.02 -75.24 30.91
C ASN E 225 -1.85 -76.01 31.92
N LEU E 226 -2.94 -75.42 32.38
CA LEU E 226 -3.80 -76.10 33.33
C LEU E 226 -4.44 -77.32 32.68
N LYS E 227 -4.58 -78.37 33.48
CA LYS E 227 -5.20 -79.61 33.06
C LYS E 227 -6.41 -79.88 33.93
N ASP E 228 -7.55 -80.13 33.29
CA ASP E 228 -8.84 -80.24 33.97
C ASP E 228 -9.46 -81.58 33.61
N PRO E 229 -9.10 -82.65 34.32
CA PRO E 229 -9.77 -83.92 34.13
C PRO E 229 -11.15 -83.89 34.76
N PRO E 230 -12.01 -84.86 34.45
CA PRO E 230 -13.29 -84.95 35.16
C PRO E 230 -13.14 -85.36 36.60
N LEU E 231 -14.27 -85.49 37.30
CA LEU E 231 -14.29 -85.84 38.71
C LEU E 231 -15.43 -86.79 39.04
N GLY F 43 32.96 -53.01 35.57
CA GLY F 43 34.28 -52.42 35.46
C GLY F 43 35.00 -52.86 34.20
N ILE F 44 34.69 -52.22 33.09
CA ILE F 44 35.17 -52.63 31.80
C ILE F 44 36.60 -52.17 31.60
N PHE F 45 37.39 -52.98 30.91
CA PHE F 45 38.74 -52.63 30.54
C PHE F 45 39.05 -53.34 29.23
N ASN F 46 39.00 -52.60 28.14
CA ASN F 46 39.41 -53.11 26.84
C ASN F 46 40.92 -52.96 26.70
N THR F 47 41.58 -54.05 26.35
CA THR F 47 43.01 -54.04 26.12
C THR F 47 43.35 -54.94 24.95
N ARG F 48 44.64 -55.23 24.81
CA ARG F 48 45.20 -55.94 23.66
C ARG F 48 46.32 -56.83 24.14
N LEU F 49 46.23 -58.11 23.79
CA LEU F 49 47.19 -59.13 24.19
C LEU F 49 47.71 -59.80 22.95
N SER F 50 49.01 -60.05 22.92
CA SER F 50 49.70 -60.59 21.76
C SER F 50 50.53 -61.81 22.14
N ARG F 51 51.01 -62.48 21.11
CA ARG F 51 51.70 -63.75 21.21
C ARG F 51 52.27 -64.06 19.84
N THR F 52 53.48 -64.60 19.81
CA THR F 52 54.21 -64.85 18.58
C THR F 52 54.75 -66.27 18.57
N PHE F 53 54.65 -66.92 17.42
CA PHE F 53 55.12 -68.29 17.26
C PHE F 53 55.36 -68.55 15.79
N GLY F 54 55.99 -69.69 15.52
CA GLY F 54 56.40 -70.05 14.18
C GLY F 54 55.54 -71.10 13.50
N TYR F 55 55.59 -71.10 12.17
CA TYR F 55 54.92 -72.09 11.35
C TYR F 55 55.73 -72.26 10.07
N THR F 56 56.01 -73.50 9.72
CA THR F 56 56.80 -73.84 8.56
C THR F 56 56.06 -74.82 7.67
N ILE F 57 56.13 -74.59 6.37
CA ILE F 57 55.63 -75.49 5.35
C ILE F 57 56.85 -76.14 4.73
N LYS F 58 57.11 -77.39 5.07
CA LYS F 58 58.28 -78.09 4.60
C LYS F 58 58.22 -78.32 3.09
N ARG F 59 59.38 -78.53 2.51
CA ARG F 59 59.51 -78.74 1.09
C ARG F 59 58.97 -80.10 0.68
N THR F 60 58.67 -80.23 -0.62
CA THR F 60 58.18 -81.47 -1.20
C THR F 60 58.76 -81.63 -2.60
N THR F 61 59.17 -82.85 -2.92
CA THR F 61 59.60 -83.21 -4.27
C THR F 61 58.43 -83.39 -5.23
N VAL F 62 57.19 -83.36 -4.74
CA VAL F 62 56.03 -83.52 -5.60
C VAL F 62 56.01 -82.44 -6.66
N LYS F 63 55.70 -82.84 -7.89
CA LYS F 63 55.70 -81.91 -9.01
C LYS F 63 54.40 -81.13 -9.12
N THR F 64 53.28 -81.79 -8.80
CA THR F 64 51.98 -81.17 -8.95
C THR F 64 51.81 -79.99 -8.01
N PRO F 65 50.81 -79.15 -8.24
CA PRO F 65 50.44 -78.17 -7.23
C PRO F 65 49.61 -78.82 -6.14
N SER F 66 50.22 -79.01 -4.97
CA SER F 66 49.54 -79.53 -3.81
C SER F 66 49.57 -78.47 -2.71
N TRP F 67 48.61 -78.60 -1.79
CA TRP F 67 48.45 -77.65 -0.70
C TRP F 67 48.60 -78.35 0.63
N ALA F 68 49.11 -77.57 1.60
CA ALA F 68 49.30 -78.02 2.97
C ALA F 68 48.25 -77.35 3.84
N VAL F 69 47.45 -78.16 4.49
CA VAL F 69 46.32 -77.69 5.28
C VAL F 69 46.66 -77.78 6.75
N ASP F 70 46.23 -76.78 7.50
CA ASP F 70 46.44 -76.75 8.93
C ASP F 70 45.37 -75.86 9.56
N MET F 71 45.28 -75.96 10.87
CA MET F 71 44.26 -75.27 11.66
C MET F 71 44.92 -74.32 12.65
N MET F 72 44.08 -73.47 13.24
CA MET F 72 44.54 -72.47 14.19
C MET F 72 43.43 -72.15 15.17
N ARG F 73 43.64 -72.49 16.43
CA ARG F 73 42.75 -72.14 17.53
C ARG F 73 43.39 -71.05 18.37
N PHE F 74 42.57 -70.45 19.24
CA PHE F 74 43.01 -69.36 20.11
C PHE F 74 42.50 -69.62 21.52
N ASN F 75 43.41 -69.63 22.48
CA ASN F 75 43.07 -69.74 23.89
C ASN F 75 43.76 -68.62 24.65
N ILE F 76 43.10 -68.18 25.73
CA ILE F 76 43.60 -67.05 26.50
C ILE F 76 44.70 -67.43 27.46
N ASN F 77 44.91 -68.72 27.73
CA ASN F 77 46.02 -69.12 28.57
C ASN F 77 47.35 -68.82 27.91
N ASP F 78 47.39 -68.86 26.58
CA ASP F 78 48.62 -68.59 25.85
C ASP F 78 48.95 -67.10 25.76
N PHE F 79 48.01 -66.24 26.11
CA PHE F 79 48.21 -64.79 26.11
C PHE F 79 48.28 -64.20 27.50
N LEU F 80 47.59 -64.79 28.45
CA LEU F 80 47.49 -64.30 29.83
C LEU F 80 48.16 -65.29 30.77
N PRO F 81 49.30 -64.99 31.38
CA PRO F 81 49.94 -65.97 32.24
C PRO F 81 49.23 -66.09 33.57
N PRO F 82 49.61 -67.07 34.37
CA PRO F 82 49.08 -67.13 35.74
C PRO F 82 49.69 -66.05 36.60
N GLY F 83 48.90 -65.58 37.56
CA GLY F 83 49.34 -64.51 38.43
C GLY F 83 50.15 -65.02 39.59
N GLY F 84 49.93 -64.42 40.76
CA GLY F 84 50.64 -64.83 41.95
C GLY F 84 49.90 -64.45 43.21
N GLY F 85 49.79 -65.40 44.13
CA GLY F 85 49.13 -65.17 45.39
C GLY F 85 47.63 -65.38 45.31
N SER F 86 46.89 -64.50 45.98
CA SER F 86 45.44 -64.61 46.00
C SER F 86 44.81 -64.26 44.66
N ASN F 87 45.56 -63.62 43.76
CA ASN F 87 45.08 -63.32 42.43
C ASN F 87 45.55 -64.43 41.50
N PRO F 88 44.65 -65.29 41.00
CA PRO F 88 45.13 -66.43 40.21
C PRO F 88 45.67 -66.06 38.85
N ARG F 89 45.28 -64.91 38.30
CA ARG F 89 45.71 -64.45 37.00
C ARG F 89 46.38 -63.10 37.12
N SER F 90 47.13 -62.75 36.06
CA SER F 90 47.95 -61.55 36.08
C SER F 90 47.15 -60.30 35.79
N VAL F 91 46.02 -60.43 35.11
CA VAL F 91 45.08 -59.34 34.88
C VAL F 91 43.93 -59.52 35.87
N PRO F 92 43.78 -58.65 36.88
CA PRO F 92 42.82 -58.96 37.93
C PRO F 92 41.37 -58.63 37.57
N PHE F 93 40.78 -59.53 36.80
CA PHE F 93 39.39 -59.43 36.41
C PHE F 93 38.77 -60.81 36.46
N GLU F 94 37.44 -60.84 36.52
CA GLU F 94 36.66 -62.07 36.64
C GLU F 94 36.21 -62.60 35.30
N TYR F 95 35.60 -61.77 34.49
CA TYR F 95 34.97 -62.17 33.25
C TYR F 95 35.73 -61.61 32.07
N TYR F 96 35.50 -62.21 30.91
CA TYR F 96 36.12 -61.75 29.68
C TYR F 96 35.26 -62.16 28.50
N ARG F 97 35.52 -61.51 27.36
CA ARG F 97 34.95 -61.92 26.11
C ARG F 97 35.83 -61.37 25.00
N ILE F 98 36.22 -62.23 24.07
CA ILE F 98 37.14 -61.85 23.01
C ILE F 98 36.34 -61.16 21.92
N ARG F 99 36.73 -59.93 21.61
CA ARG F 99 36.05 -59.10 20.62
C ARG F 99 36.56 -59.36 19.22
N LYS F 100 37.87 -59.37 19.04
CA LYS F 100 38.49 -59.52 17.74
C LYS F 100 39.82 -60.24 17.90
N VAL F 101 40.30 -60.81 16.81
CA VAL F 101 41.63 -61.38 16.72
C VAL F 101 42.24 -60.92 15.40
N LYS F 102 43.54 -60.63 15.45
CA LYS F 102 44.33 -60.26 14.29
C LYS F 102 45.45 -61.28 14.17
N VAL F 103 45.36 -62.14 13.18
CA VAL F 103 46.41 -63.08 12.85
C VAL F 103 47.25 -62.48 11.73
N GLU F 104 48.55 -62.38 11.98
CA GLU F 104 49.50 -61.79 11.04
C GLU F 104 50.52 -62.84 10.69
N PHE F 105 50.59 -63.20 9.41
CA PHE F 105 51.63 -64.08 8.89
C PHE F 105 52.77 -63.19 8.41
N TRP F 106 53.77 -63.04 9.26
CA TRP F 106 54.95 -62.29 8.90
C TRP F 106 55.95 -63.22 8.23
N PRO F 107 56.33 -62.99 6.97
CA PRO F 107 57.21 -63.95 6.31
C PRO F 107 58.61 -63.94 6.86
N CYS F 108 59.27 -65.07 6.66
CA CYS F 108 60.67 -65.26 7.02
C CYS F 108 61.56 -65.45 5.80
N SER F 109 61.01 -65.40 4.61
CA SER F 109 61.67 -65.78 3.39
C SER F 109 62.04 -64.54 2.58
N PRO F 110 63.12 -64.60 1.82
CA PRO F 110 63.54 -63.42 1.06
C PRO F 110 62.63 -63.17 -0.12
N ILE F 111 62.69 -61.93 -0.62
CA ILE F 111 61.89 -61.57 -1.78
C ILE F 111 62.45 -62.14 -3.08
N THR F 112 63.61 -62.76 -3.04
CA THR F 112 64.19 -63.43 -4.20
C THR F 112 63.80 -64.89 -4.32
N GLN F 113 63.01 -65.41 -3.39
CA GLN F 113 62.68 -66.83 -3.40
C GLN F 113 61.68 -67.11 -4.49
N GLY F 114 61.94 -68.17 -5.25
CA GLY F 114 61.09 -68.57 -6.33
C GLY F 114 60.14 -69.69 -5.96
N ASP F 115 59.57 -70.31 -6.98
CA ASP F 115 58.56 -71.35 -6.80
C ASP F 115 57.39 -70.81 -6.00
N ARG F 116 56.98 -69.59 -6.32
CA ARG F 116 55.91 -68.94 -5.61
C ARG F 116 54.60 -69.69 -5.80
N GLY F 117 53.63 -69.34 -4.96
CA GLY F 117 52.38 -70.05 -4.92
C GLY F 117 51.23 -69.17 -4.50
N VAL F 118 50.06 -69.79 -4.33
CA VAL F 118 48.86 -69.07 -3.97
C VAL F 118 47.99 -69.96 -3.11
N GLY F 119 47.58 -69.45 -1.97
CA GLY F 119 46.81 -70.19 -1.00
C GLY F 119 45.55 -69.46 -0.56
N SER F 120 45.00 -69.89 0.57
CA SER F 120 43.73 -69.37 1.03
C SER F 120 43.65 -69.50 2.54
N SER F 121 43.08 -68.49 3.18
CA SER F 121 42.78 -68.49 4.59
C SER F 121 41.30 -68.22 4.78
N ALA F 122 40.64 -69.07 5.56
CA ALA F 122 39.22 -68.96 5.81
C ALA F 122 38.93 -68.99 7.30
N VAL F 123 37.74 -68.51 7.64
CA VAL F 123 37.30 -68.35 9.02
C VAL F 123 36.33 -69.47 9.36
N ILE F 124 36.69 -70.26 10.36
CA ILE F 124 36.00 -71.50 10.71
C ILE F 124 35.63 -71.42 12.18
N LEU F 125 34.37 -71.08 12.45
CA LEU F 125 33.92 -70.74 13.79
C LEU F 125 33.29 -71.90 14.54
N ASP F 126 33.67 -73.16 14.25
CA ASP F 126 32.94 -74.30 14.78
C ASP F 126 33.78 -75.52 15.15
N ASP F 127 35.09 -75.46 15.05
CA ASP F 127 35.96 -76.54 15.53
C ASP F 127 35.82 -77.81 14.69
N ASN F 128 35.45 -77.66 13.42
CA ASN F 128 35.48 -78.75 12.47
C ASN F 128 36.18 -78.20 11.24
N PHE F 129 37.49 -78.38 11.23
CA PHE F 129 38.36 -77.95 10.16
C PHE F 129 38.50 -79.05 9.12
N VAL F 130 38.95 -78.66 7.94
CA VAL F 130 39.42 -79.64 6.97
C VAL F 130 40.60 -80.37 7.60
N THR F 131 40.66 -81.67 7.35
CA THR F 131 41.67 -82.50 7.98
C THR F 131 43.06 -82.01 7.60
N LYS F 132 43.97 -82.05 8.57
CA LYS F 132 45.34 -81.65 8.33
C LYS F 132 45.99 -82.55 7.29
N ALA F 133 46.58 -81.93 6.28
CA ALA F 133 47.17 -82.62 5.15
C ALA F 133 48.51 -82.01 4.83
N THR F 134 49.41 -82.85 4.32
CA THR F 134 50.73 -82.41 3.91
C THR F 134 50.74 -81.97 2.45
N ALA F 135 50.20 -82.79 1.55
CA ALA F 135 50.14 -82.47 0.13
C ALA F 135 48.78 -82.93 -0.39
N LEU F 136 47.80 -82.04 -0.31
CA LEU F 136 46.47 -82.27 -0.84
C LEU F 136 46.37 -81.69 -2.25
N THR F 137 45.66 -82.39 -3.11
CA THR F 137 45.61 -82.08 -4.54
C THR F 137 44.75 -80.87 -4.88
N TYR F 138 44.26 -80.13 -3.89
CA TYR F 138 43.42 -78.98 -4.16
C TYR F 138 43.42 -78.09 -2.93
N ASP F 139 42.93 -76.87 -3.12
CA ASP F 139 42.79 -75.90 -2.05
C ASP F 139 41.37 -75.99 -1.49
N PRO F 140 41.16 -76.56 -0.31
CA PRO F 140 39.78 -76.72 0.16
C PRO F 140 39.13 -75.42 0.53
N TYR F 141 39.89 -74.46 1.02
CA TYR F 141 39.35 -73.20 1.50
C TYR F 141 39.19 -72.15 0.41
N VAL F 142 39.21 -72.56 -0.85
CA VAL F 142 39.24 -71.59 -1.94
C VAL F 142 37.84 -71.05 -2.22
N ASN F 143 36.83 -71.91 -2.16
CA ASN F 143 35.46 -71.50 -2.46
C ASN F 143 34.72 -71.02 -1.23
N TYR F 144 35.38 -70.92 -0.09
CA TYR F 144 34.75 -70.41 1.10
C TYR F 144 34.45 -68.93 0.97
N SER F 145 33.31 -68.52 1.52
CA SER F 145 32.90 -67.14 1.48
C SER F 145 33.85 -66.21 2.23
N SER F 146 34.61 -66.75 3.18
CA SER F 146 35.57 -65.99 3.97
C SER F 146 36.99 -66.20 3.50
N ARG F 147 37.18 -66.60 2.26
CA ARG F 147 38.52 -66.85 1.74
C ARG F 147 39.20 -65.54 1.39
N HIS F 148 40.43 -65.40 1.85
CA HIS F 148 41.35 -64.38 1.39
C HIS F 148 42.53 -65.10 0.79
N THR F 149 43.01 -64.57 -0.33
CA THR F 149 44.15 -65.16 -1.01
C THR F 149 45.43 -64.91 -0.23
N ILE F 150 46.23 -65.96 -0.12
CA ILE F 150 47.57 -65.89 0.47
C ILE F 150 48.54 -65.95 -0.70
N THR F 151 49.19 -64.83 -0.96
CA THR F 151 50.37 -64.84 -1.81
C THR F 151 51.56 -65.35 -1.01
N GLN F 152 52.34 -66.22 -1.62
CA GLN F 152 53.45 -66.89 -0.98
C GLN F 152 54.72 -66.64 -1.77
N PRO F 153 55.88 -66.77 -1.15
CA PRO F 153 56.23 -67.00 0.26
C PRO F 153 56.59 -65.77 1.05
N PHE F 154 56.85 -64.66 0.36
CA PHE F 154 57.45 -63.48 0.95
C PHE F 154 56.47 -62.34 1.13
N SER F 155 55.20 -62.66 1.32
CA SER F 155 54.13 -61.67 1.38
C SER F 155 53.40 -61.77 2.69
N TYR F 156 52.99 -60.62 3.19
CA TYR F 156 52.29 -60.49 4.46
C TYR F 156 50.80 -60.75 4.26
N HIS F 157 50.22 -61.45 5.23
CA HIS F 157 48.81 -61.82 5.22
C HIS F 157 48.23 -61.55 6.59
N SER F 158 47.20 -60.73 6.65
CA SER F 158 46.48 -60.43 7.87
C SER F 158 45.04 -60.88 7.74
N ARG F 159 44.46 -61.28 8.88
CA ARG F 159 43.05 -61.61 8.98
C ARG F 159 42.54 -61.04 10.29
N TYR F 160 41.47 -60.26 10.21
CA TYR F 160 40.89 -59.57 11.36
C TYR F 160 39.43 -59.95 11.43
N PHE F 161 39.06 -60.65 12.50
CA PHE F 161 37.73 -61.23 12.61
C PHE F 161 37.39 -61.40 14.08
N THR F 162 36.15 -61.83 14.31
CA THR F 162 35.61 -62.06 15.64
C THR F 162 35.47 -63.55 15.89
N PRO F 163 36.26 -64.15 16.78
CA PRO F 163 36.14 -65.58 17.00
C PRO F 163 34.93 -65.95 17.81
N LYS F 164 34.73 -67.24 18.02
CA LYS F 164 33.61 -67.76 18.77
C LYS F 164 34.12 -68.86 19.69
N PRO F 165 33.57 -68.98 20.90
CA PRO F 165 34.03 -70.05 21.80
C PRO F 165 33.36 -71.37 21.53
N VAL F 166 34.05 -72.42 21.97
CA VAL F 166 33.60 -73.79 21.80
C VAL F 166 32.82 -74.14 23.07
N LEU F 167 31.53 -73.85 23.04
CA LEU F 167 30.65 -74.14 24.16
C LEU F 167 30.21 -75.59 24.16
N ASP F 168 29.82 -76.12 23.01
CA ASP F 168 29.47 -77.52 22.86
C ASP F 168 30.03 -78.00 21.54
N SER F 169 31.07 -78.83 21.59
CA SER F 169 31.67 -79.37 20.39
C SER F 169 30.80 -80.40 19.69
N THR F 170 29.80 -80.95 20.39
CA THR F 170 28.91 -81.93 19.78
C THR F 170 27.91 -81.26 18.84
N ILE F 171 27.39 -80.10 19.24
CA ILE F 171 26.37 -79.39 18.48
C ILE F 171 27.01 -78.27 17.68
N ASP F 172 28.04 -77.65 18.25
CA ASP F 172 28.81 -76.61 17.60
C ASP F 172 27.92 -75.43 17.21
N TYR F 173 27.39 -74.78 18.24
CA TYR F 173 26.56 -73.59 18.09
C TYR F 173 27.34 -72.35 18.49
N PHE F 174 27.04 -71.24 17.81
CA PHE F 174 27.70 -69.99 18.10
C PHE F 174 26.75 -68.84 17.80
N GLN F 175 27.09 -67.73 18.30
CA GLN F 175 26.31 -66.52 18.20
C GLN F 175 26.73 -65.68 16.99
N PRO F 176 25.82 -64.94 16.39
CA PRO F 176 26.25 -63.95 15.40
C PRO F 176 26.91 -62.75 16.04
N ASN F 177 27.46 -61.87 15.22
CA ASN F 177 28.22 -60.75 15.72
C ASN F 177 27.28 -59.71 16.30
N ASN F 178 27.41 -59.45 17.60
CA ASN F 178 26.64 -58.45 18.28
C ASN F 178 27.45 -58.02 19.49
N LYS F 179 27.92 -56.78 19.50
CA LYS F 179 28.76 -56.35 20.61
C LYS F 179 27.98 -56.28 21.90
N ARG F 180 26.67 -56.02 21.84
CA ARG F 180 25.88 -55.83 23.04
C ARG F 180 25.41 -57.13 23.64
N ASN F 181 25.30 -58.19 22.83
CA ASN F 181 24.75 -59.46 23.27
C ASN F 181 25.80 -60.55 23.39
N GLN F 182 27.07 -60.24 23.17
CA GLN F 182 28.11 -61.25 23.24
C GLN F 182 28.26 -61.76 24.66
N LEU F 183 28.36 -63.08 24.77
CA LEU F 183 28.44 -63.72 26.07
C LEU F 183 29.73 -63.36 26.78
N TRP F 184 29.62 -63.24 28.10
CA TRP F 184 30.77 -63.12 28.98
C TRP F 184 31.13 -64.49 29.48
N LEU F 185 32.38 -64.88 29.28
CA LEU F 185 32.94 -66.08 29.86
C LEU F 185 33.68 -65.73 31.13
N ARG F 186 33.98 -66.75 31.92
CA ARG F 186 34.80 -66.60 33.10
C ARG F 186 36.25 -66.82 32.76
N LEU F 187 37.09 -65.98 33.34
CA LEU F 187 38.54 -66.12 33.26
C LEU F 187 38.95 -67.16 34.28
N GLN F 188 39.02 -68.42 33.84
CA GLN F 188 39.38 -69.51 34.69
C GLN F 188 40.85 -69.42 35.09
N THR F 189 41.24 -70.31 35.99
CA THR F 189 42.62 -70.31 36.49
C THR F 189 43.55 -71.02 35.51
N ALA F 190 43.22 -72.27 35.13
CA ALA F 190 44.05 -73.03 34.19
C ALA F 190 43.24 -73.86 33.21
N GLY F 191 41.99 -73.49 32.93
CA GLY F 191 41.12 -74.32 32.13
C GLY F 191 40.22 -73.58 31.17
N ASN F 192 40.69 -72.47 30.65
CA ASN F 192 39.87 -71.65 29.76
C ASN F 192 39.54 -72.39 28.47
N VAL F 193 38.47 -71.95 27.85
CA VAL F 193 37.90 -72.62 26.68
C VAL F 193 38.55 -72.10 25.42
N ASP F 194 38.68 -72.99 24.43
CA ASP F 194 39.36 -72.65 23.20
C ASP F 194 38.43 -71.88 22.29
N HIS F 195 38.92 -70.74 21.80
CA HIS F 195 38.26 -70.02 20.73
C HIS F 195 38.83 -70.46 19.40
N VAL F 196 38.04 -70.28 18.36
CA VAL F 196 38.28 -70.90 17.06
C VAL F 196 37.92 -69.90 15.98
N GLY F 197 38.38 -70.16 14.76
CA GLY F 197 38.16 -69.20 13.70
C GLY F 197 39.16 -69.01 12.59
N LEU F 198 40.19 -69.85 12.44
CA LEU F 198 41.01 -69.73 11.25
C LEU F 198 41.56 -71.07 10.78
N GLY F 199 41.43 -71.29 9.48
CA GLY F 199 42.07 -72.40 8.82
C GLY F 199 42.73 -71.93 7.54
N THR F 200 43.84 -72.59 7.21
CA THR F 200 44.72 -72.15 6.15
C THR F 200 45.00 -73.27 5.17
N ALA F 201 45.46 -72.88 3.99
CA ALA F 201 45.93 -73.80 2.98
C ALA F 201 47.07 -73.14 2.23
N PHE F 202 48.28 -73.66 2.41
CA PHE F 202 49.48 -73.13 1.79
C PHE F 202 49.94 -74.06 0.68
N GLU F 203 50.31 -73.48 -0.45
CA GLU F 203 50.81 -74.24 -1.57
C GLU F 203 52.26 -74.62 -1.31
N ASN F 204 52.56 -75.90 -1.46
CA ASN F 204 53.88 -76.39 -1.18
C ASN F 204 54.87 -75.93 -2.24
N SER F 205 56.16 -76.11 -1.94
CA SER F 205 57.22 -75.59 -2.75
C SER F 205 58.46 -76.46 -2.59
N ILE F 206 59.43 -76.25 -3.48
CA ILE F 206 60.71 -76.94 -3.39
C ILE F 206 61.50 -76.45 -2.19
N TYR F 207 61.30 -75.19 -1.80
CA TYR F 207 61.99 -74.59 -0.68
C TYR F 207 61.07 -74.54 0.52
N ASP F 208 61.69 -74.48 1.71
CA ASP F 208 60.92 -74.36 2.94
C ASP F 208 60.39 -72.95 3.08
N GLN F 209 59.12 -72.85 3.45
CA GLN F 209 58.44 -71.58 3.66
C GLN F 209 58.16 -71.41 5.15
N GLU F 210 58.89 -70.50 5.79
CA GLU F 210 58.75 -70.24 7.20
C GLU F 210 57.99 -68.94 7.43
N TYR F 211 57.28 -68.89 8.55
CA TYR F 211 56.49 -67.73 8.94
C TYR F 211 56.60 -67.54 10.44
N ASN F 212 56.56 -66.28 10.86
CA ASN F 212 56.42 -65.90 12.26
C ASN F 212 55.02 -65.34 12.43
N ILE F 213 54.17 -66.08 13.12
CA ILE F 213 52.76 -65.74 13.24
C ILE F 213 52.54 -65.01 14.55
N ARG F 214 51.99 -63.80 14.46
CA ARG F 214 51.70 -62.96 15.60
C ARG F 214 50.19 -62.83 15.71
N VAL F 215 49.63 -63.41 16.76
CA VAL F 215 48.21 -63.33 17.06
C VAL F 215 48.03 -62.26 18.11
N THR F 216 47.08 -61.36 17.86
CA THR F 216 46.72 -60.29 18.76
C THR F 216 45.24 -60.41 19.05
N MET F 217 44.89 -60.60 20.32
CA MET F 217 43.51 -60.69 20.75
C MET F 217 43.10 -59.39 21.44
N TYR F 218 41.99 -58.84 20.99
CA TYR F 218 41.40 -57.64 21.58
C TYR F 218 40.28 -58.08 22.50
N VAL F 219 40.52 -57.99 23.80
CA VAL F 219 39.65 -58.57 24.81
C VAL F 219 38.97 -57.46 25.58
N GLN F 220 37.97 -57.84 26.35
CA GLN F 220 37.17 -56.93 27.16
C GLN F 220 36.88 -57.66 28.46
N PHE F 221 37.40 -57.14 29.56
CA PHE F 221 37.24 -57.73 30.88
C PHE F 221 36.16 -57.00 31.66
N ARG F 222 35.82 -57.57 32.82
CA ARG F 222 34.75 -57.04 33.65
C ARG F 222 34.99 -57.47 35.08
N GLU F 223 34.55 -56.63 36.01
CA GLU F 223 34.54 -56.91 37.45
C GLU F 223 35.95 -57.13 37.98
N PHE F 224 36.69 -56.03 38.02
CA PHE F 224 37.93 -55.90 38.76
C PHE F 224 37.83 -56.55 40.13
N ASN F 225 38.69 -57.52 40.40
CA ASN F 225 38.56 -58.37 41.57
C ASN F 225 39.88 -58.55 42.28
N LEU F 226 40.63 -57.47 42.43
CA LEU F 226 41.91 -57.55 43.10
C LEU F 226 41.70 -57.89 44.57
N LYS F 227 42.62 -58.69 45.10
CA LYS F 227 42.60 -59.10 46.49
C LYS F 227 43.89 -58.64 47.15
N ASP F 228 43.76 -57.94 48.28
CA ASP F 228 44.87 -57.28 48.95
C ASP F 228 44.94 -57.77 50.38
N PRO F 229 45.58 -58.91 50.63
CA PRO F 229 45.82 -59.35 51.98
C PRO F 229 46.91 -58.52 52.64
N PRO F 230 47.05 -58.59 53.96
CA PRO F 230 48.18 -57.91 54.60
C PRO F 230 49.52 -58.56 54.28
N LEU F 231 50.59 -58.02 54.86
CA LEU F 231 51.93 -58.50 54.60
C LEU F 231 52.77 -58.48 55.87
N GLY G 43 14.02 -69.73 -9.33
CA GLY G 43 14.86 -69.82 -8.16
C GLY G 43 16.31 -69.53 -8.46
N ILE G 44 16.64 -68.26 -8.51
CA ILE G 44 17.96 -67.82 -8.94
C ILE G 44 18.95 -67.97 -7.81
N PHE G 45 20.18 -68.33 -8.17
CA PHE G 45 21.28 -68.41 -7.23
C PHE G 45 22.56 -68.08 -7.98
N ASN G 46 23.04 -66.85 -7.80
CA ASN G 46 24.32 -66.45 -8.35
C ASN G 46 25.43 -66.86 -7.40
N THR G 47 26.42 -67.57 -7.92
CA THR G 47 27.56 -67.98 -7.12
C THR G 47 28.83 -67.88 -7.96
N ARG G 48 29.90 -68.48 -7.46
CA ARG G 48 31.24 -68.35 -8.01
C ARG G 48 31.95 -69.68 -7.87
N LEU G 49 32.47 -70.20 -8.97
CA LEU G 49 33.16 -71.47 -9.02
C LEU G 49 34.54 -71.26 -9.62
N SER G 50 35.53 -71.90 -9.03
CA SER G 50 36.92 -71.73 -9.39
C SER G 50 37.58 -73.07 -9.67
N ARG G 51 38.78 -72.98 -10.22
CA ARG G 51 39.55 -74.10 -10.72
C ARG G 51 40.94 -73.58 -11.03
N THR G 52 41.95 -74.39 -10.74
CA THR G 52 43.34 -74.00 -10.87
C THR G 52 44.12 -75.08 -11.60
N PHE G 53 44.99 -74.66 -12.51
CA PHE G 53 45.80 -75.58 -13.29
C PHE G 53 47.02 -74.84 -13.82
N GLY G 54 47.95 -75.60 -14.37
CA GLY G 54 49.21 -75.07 -14.82
C GLY G 54 49.36 -74.92 -16.32
N TYR G 55 50.26 -74.03 -16.71
CA TYR G 55 50.62 -73.81 -18.10
C TYR G 55 52.07 -73.38 -18.15
N THR G 56 52.85 -74.01 -19.02
CA THR G 56 54.27 -73.73 -19.16
C THR G 56 54.60 -73.44 -20.61
N ILE G 57 55.44 -72.44 -20.81
CA ILE G 57 56.02 -72.11 -22.10
C ILE G 57 57.47 -72.58 -22.04
N LYS G 58 57.76 -73.67 -22.72
CA LYS G 58 59.08 -74.25 -22.69
C LYS G 58 60.10 -73.34 -23.37
N ARG G 59 61.36 -73.55 -23.02
CA ARG G 59 62.46 -72.76 -23.55
C ARG G 59 62.72 -73.10 -25.01
N THR G 60 63.39 -72.18 -25.69
CA THR G 60 63.79 -72.34 -27.07
C THR G 60 65.16 -71.72 -27.30
N THR G 61 65.99 -72.43 -28.07
CA THR G 61 67.28 -71.90 -28.49
C THR G 61 67.16 -70.90 -29.63
N VAL G 62 65.95 -70.70 -30.19
CA VAL G 62 65.76 -69.76 -31.27
C VAL G 62 66.15 -68.36 -30.82
N LYS G 63 66.86 -67.65 -31.69
CA LYS G 63 67.35 -66.31 -31.35
C LYS G 63 66.29 -65.25 -31.59
N THR G 64 65.49 -65.40 -32.62
CA THR G 64 64.51 -64.40 -33.00
C THR G 64 63.45 -64.25 -31.92
N PRO G 65 62.66 -63.17 -31.98
CA PRO G 65 61.46 -63.11 -31.14
C PRO G 65 60.35 -63.92 -31.77
N SER G 66 60.06 -65.06 -31.18
CA SER G 66 58.96 -65.91 -31.60
C SER G 66 57.95 -66.01 -30.46
N TRP G 67 56.72 -66.33 -30.82
CA TRP G 67 55.62 -66.42 -29.87
C TRP G 67 55.02 -67.82 -29.87
N ALA G 68 54.54 -68.21 -28.70
CA ALA G 68 53.88 -69.49 -28.48
C ALA G 68 52.40 -69.25 -28.33
N VAL G 69 51.62 -69.88 -29.20
CA VAL G 69 50.18 -69.66 -29.28
C VAL G 69 49.48 -70.85 -28.67
N ASP G 70 48.40 -70.58 -27.95
CA ASP G 70 47.59 -71.61 -27.34
C ASP G 70 46.19 -71.06 -27.13
N MET G 71 45.27 -71.98 -26.83
CA MET G 71 43.86 -71.69 -26.69
C MET G 71 43.40 -72.04 -25.28
N MET G 72 42.19 -71.58 -24.96
CA MET G 72 41.62 -71.80 -23.63
C MET G 72 40.10 -71.82 -23.75
N ARG G 73 39.50 -72.96 -23.47
CA ARG G 73 38.07 -73.14 -23.40
C ARG G 73 37.65 -73.30 -21.95
N PHE G 74 36.35 -73.20 -21.71
CA PHE G 74 35.76 -73.30 -20.38
C PHE G 74 34.54 -74.20 -20.42
N ASN G 75 34.55 -75.23 -19.58
CA ASN G 75 33.42 -76.12 -19.42
C ASN G 75 33.08 -76.23 -17.94
N ILE G 76 31.79 -76.43 -17.66
CA ILE G 76 31.31 -76.46 -16.29
C ILE G 76 31.54 -77.79 -15.61
N ASN G 77 31.88 -78.85 -16.36
CA ASN G 77 32.20 -80.11 -15.73
C ASN G 77 33.49 -80.01 -14.92
N ASP G 78 34.40 -79.15 -15.35
CA ASP G 78 35.67 -78.97 -14.66
C ASP G 78 35.54 -78.15 -13.39
N PHE G 79 34.42 -77.47 -13.20
CA PHE G 79 34.17 -76.66 -12.00
C PHE G 79 33.13 -77.28 -11.08
N LEU G 80 32.17 -78.00 -11.64
CA LEU G 80 31.07 -78.59 -10.89
C LEU G 80 31.18 -80.11 -10.93
N PRO G 81 31.48 -80.80 -9.83
CA PRO G 81 31.64 -82.24 -9.91
C PRO G 81 30.29 -82.93 -10.00
N PRO G 82 30.30 -84.24 -10.24
CA PRO G 82 29.05 -84.99 -10.17
C PRO G 82 28.60 -85.16 -8.73
N GLY G 83 27.29 -85.19 -8.55
CA GLY G 83 26.72 -85.32 -7.24
C GLY G 83 26.66 -86.75 -6.76
N GLY G 84 25.57 -87.09 -6.08
CA GLY G 84 25.38 -88.43 -5.58
C GLY G 84 23.93 -88.75 -5.34
N GLY G 85 23.51 -89.92 -5.81
CA GLY G 85 22.15 -90.36 -5.64
C GLY G 85 21.22 -89.84 -6.70
N SER G 86 20.01 -89.45 -6.28
CA SER G 86 19.02 -88.95 -7.21
C SER G 86 19.37 -87.58 -7.75
N ASN G 87 20.31 -86.87 -7.12
CA ASN G 87 20.77 -85.59 -7.61
C ASN G 87 22.02 -85.82 -8.45
N PRO G 88 21.98 -85.65 -9.77
CA PRO G 88 23.14 -86.02 -10.58
C PRO G 88 24.31 -85.07 -10.41
N ARG G 89 24.08 -83.85 -9.97
CA ARG G 89 25.12 -82.84 -9.79
C ARG G 89 25.14 -82.36 -8.35
N SER G 90 26.26 -81.74 -7.98
CA SER G 90 26.49 -81.35 -6.60
C SER G 90 25.78 -80.06 -6.24
N VAL G 91 25.48 -79.22 -7.23
CA VAL G 91 24.67 -78.02 -7.05
C VAL G 91 23.27 -78.33 -7.55
N PRO G 92 22.26 -78.43 -6.68
CA PRO G 92 20.97 -78.94 -7.14
C PRO G 92 20.12 -77.91 -7.88
N PHE G 93 20.46 -77.71 -9.14
CA PHE G 93 19.72 -76.83 -10.01
C PHE G 93 19.63 -77.45 -11.39
N GLU G 94 18.67 -76.98 -12.18
CA GLU G 94 18.38 -77.50 -13.50
C GLU G 94 19.10 -76.74 -14.60
N TYR G 95 18.99 -75.42 -14.60
CA TYR G 95 19.48 -74.58 -15.66
C TYR G 95 20.65 -73.74 -15.16
N TYR G 96 21.43 -73.22 -16.12
CA TYR G 96 22.54 -72.36 -15.80
C TYR G 96 22.83 -71.46 -16.98
N ARG G 97 23.59 -70.40 -16.71
CA ARG G 97 24.13 -69.56 -17.76
C ARG G 97 25.32 -68.82 -17.17
N ILE G 98 26.45 -68.89 -17.87
CA ILE G 98 27.67 -68.30 -17.38
C ILE G 98 27.66 -66.81 -17.68
N ARG G 99 27.79 -66.00 -16.64
CA ARG G 99 27.74 -64.56 -16.75
C ARG G 99 29.10 -63.96 -17.09
N LYS G 100 30.14 -64.38 -16.37
CA LYS G 100 31.48 -63.83 -16.52
C LYS G 100 32.48 -64.91 -16.21
N VAL G 101 33.69 -64.71 -16.70
CA VAL G 101 34.85 -65.54 -16.35
C VAL G 101 36.01 -64.61 -16.07
N LYS G 102 36.81 -64.99 -15.07
CA LYS G 102 38.03 -64.29 -14.71
C LYS G 102 39.18 -65.29 -14.82
N VAL G 103 39.99 -65.10 -15.83
CA VAL G 103 41.21 -65.88 -16.01
C VAL G 103 42.37 -65.09 -15.42
N GLU G 104 43.08 -65.71 -14.50
CA GLU G 104 44.20 -65.09 -13.80
C GLU G 104 45.44 -65.92 -14.08
N PHE G 105 46.42 -65.30 -14.71
CA PHE G 105 47.75 -65.90 -14.89
C PHE G 105 48.61 -65.49 -13.72
N TRP G 106 48.71 -66.37 -12.75
CA TRP G 106 49.56 -66.14 -11.60
C TRP G 106 50.96 -66.66 -11.91
N PRO G 107 51.99 -65.82 -11.92
CA PRO G 107 53.31 -66.30 -12.31
C PRO G 107 53.92 -67.25 -11.30
N CYS G 108 54.83 -68.07 -11.80
CA CYS G 108 55.61 -68.98 -11.01
C CYS G 108 57.09 -68.64 -11.01
N SER G 109 57.48 -67.58 -11.67
CA SER G 109 58.86 -67.25 -11.94
C SER G 109 59.31 -66.09 -11.07
N PRO G 110 60.58 -66.04 -10.70
CA PRO G 110 61.05 -64.97 -9.83
C PRO G 110 61.13 -63.64 -10.56
N ILE G 111 61.15 -62.57 -9.76
CA ILE G 111 61.27 -61.24 -10.34
C ILE G 111 62.67 -60.93 -10.85
N THR G 112 63.63 -61.80 -10.61
CA THR G 112 64.98 -61.65 -11.12
C THR G 112 65.19 -62.32 -12.46
N GLN G 113 64.17 -62.95 -13.03
CA GLN G 113 64.33 -63.68 -14.27
C GLN G 113 64.44 -62.70 -15.42
N GLY G 114 65.42 -62.94 -16.30
CA GLY G 114 65.65 -62.12 -17.45
C GLY G 114 65.05 -62.67 -18.71
N ASP G 115 65.51 -62.14 -19.83
CA ASP G 115 64.97 -62.49 -21.15
C ASP G 115 63.47 -62.23 -21.18
N ARG G 116 63.06 -61.11 -20.62
CA ARG G 116 61.66 -60.75 -20.55
C ARG G 116 61.08 -60.56 -21.95
N GLY G 117 59.76 -60.52 -22.00
CA GLY G 117 59.05 -60.48 -23.25
C GLY G 117 57.73 -59.76 -23.15
N VAL G 118 56.98 -59.79 -24.25
CA VAL G 118 55.70 -59.11 -24.31
C VAL G 118 54.77 -59.89 -25.23
N GLY G 119 53.58 -60.18 -24.73
CA GLY G 119 52.61 -60.99 -25.43
C GLY G 119 51.25 -60.33 -25.48
N SER G 120 50.24 -61.14 -25.78
CA SER G 120 48.91 -60.63 -26.00
C SER G 120 47.88 -61.70 -25.67
N SER G 121 46.78 -61.28 -25.05
CA SER G 121 45.63 -62.13 -24.78
C SER G 121 44.41 -61.49 -25.40
N ALA G 122 43.65 -62.28 -26.16
CA ALA G 122 42.48 -61.80 -26.86
C ALA G 122 41.30 -62.72 -26.57
N VAL G 123 40.11 -62.18 -26.82
CA VAL G 123 38.85 -62.84 -26.52
C VAL G 123 38.26 -63.37 -27.82
N ILE G 124 38.06 -64.69 -27.88
CA ILE G 124 37.69 -65.40 -29.10
C ILE G 124 36.44 -66.20 -28.80
N LEU G 125 35.28 -65.67 -29.20
CA LEU G 125 34.00 -66.19 -28.78
C LEU G 125 33.37 -67.16 -29.79
N ASP G 126 34.19 -67.88 -30.59
CA ASP G 126 33.64 -68.65 -31.69
C ASP G 126 34.31 -69.99 -31.98
N ASP G 127 35.28 -70.42 -31.19
CA ASP G 127 35.87 -71.75 -31.32
C ASP G 127 36.67 -71.90 -32.60
N ASN G 128 37.21 -70.80 -33.12
CA ASN G 128 38.17 -70.83 -34.22
C ASN G 128 39.31 -69.95 -33.78
N PHE G 129 40.29 -70.57 -33.14
CA PHE G 129 41.47 -69.93 -32.64
C PHE G 129 42.57 -69.96 -33.70
N VAL G 130 43.56 -69.09 -33.52
CA VAL G 130 44.79 -69.23 -34.27
C VAL G 130 45.40 -70.57 -33.92
N THR G 131 45.97 -71.24 -34.91
CA THR G 131 46.49 -72.58 -34.73
C THR G 131 47.58 -72.58 -33.66
N LYS G 132 47.58 -73.63 -32.85
CA LYS G 132 48.58 -73.76 -31.81
C LYS G 132 49.96 -73.87 -32.42
N ALA G 133 50.87 -73.05 -31.93
CA ALA G 133 52.22 -72.95 -32.46
C ALA G 133 53.20 -72.88 -31.31
N THR G 134 54.40 -73.41 -31.56
CA THR G 134 55.48 -73.40 -30.59
C THR G 134 56.32 -72.14 -30.71
N ALA G 135 56.77 -71.82 -31.92
CA ALA G 135 57.58 -70.63 -32.17
C ALA G 135 57.10 -70.01 -33.48
N LEU G 136 56.12 -69.13 -33.38
CA LEU G 136 55.61 -68.37 -34.51
C LEU G 136 56.30 -67.03 -34.58
N THR G 137 56.58 -66.57 -35.80
CA THR G 137 57.39 -65.40 -36.04
C THR G 137 56.69 -64.08 -35.77
N TYR G 138 55.50 -64.10 -35.20
CA TYR G 138 54.76 -62.87 -34.94
C TYR G 138 53.72 -63.16 -33.88
N ASP G 139 53.15 -62.08 -33.33
CA ASP G 139 52.08 -62.17 -32.36
C ASP G 139 50.75 -62.03 -33.09
N PRO G 140 49.97 -63.10 -33.27
CA PRO G 140 48.75 -62.96 -34.06
C PRO G 140 47.68 -62.14 -33.36
N TYR G 141 47.63 -62.19 -32.05
CA TYR G 141 46.59 -61.54 -31.28
C TYR G 141 46.91 -60.09 -30.94
N VAL G 142 47.88 -59.49 -31.63
CA VAL G 142 48.34 -58.16 -31.25
C VAL G 142 47.41 -57.09 -31.76
N ASN G 143 46.90 -57.24 -32.98
CA ASN G 143 46.03 -56.24 -33.58
C ASN G 143 44.57 -56.47 -33.28
N TYR G 144 44.25 -57.46 -32.45
CA TYR G 144 42.87 -57.70 -32.07
C TYR G 144 42.35 -56.58 -31.19
N SER G 145 41.08 -56.25 -31.39
CA SER G 145 40.44 -55.20 -30.63
C SER G 145 40.34 -55.53 -29.14
N SER G 146 40.39 -56.82 -28.79
CA SER G 146 40.33 -57.26 -27.40
C SER G 146 41.69 -57.65 -26.87
N ARG G 147 42.76 -57.13 -27.45
CA ARG G 147 44.10 -57.47 -27.00
C ARG G 147 44.44 -56.70 -25.74
N HIS G 148 44.96 -57.42 -24.76
CA HIS G 148 45.61 -56.85 -23.61
C HIS G 148 47.04 -57.35 -23.62
N THR G 149 47.98 -56.47 -23.30
CA THR G 149 49.38 -56.83 -23.28
C THR G 149 49.69 -57.73 -22.09
N ILE G 150 50.46 -58.76 -22.35
CA ILE G 150 50.99 -59.65 -21.32
C ILE G 150 52.45 -59.29 -21.16
N THR G 151 52.78 -58.68 -20.02
CA THR G 151 54.15 -58.59 -19.60
C THR G 151 54.59 -59.92 -19.03
N GLN G 152 55.78 -60.36 -19.40
CA GLN G 152 56.33 -61.66 -19.04
C GLN G 152 57.66 -61.47 -18.35
N PRO G 153 58.10 -62.45 -17.55
CA PRO G 153 57.48 -63.68 -17.08
C PRO G 153 56.85 -63.60 -15.69
N PHE G 154 57.19 -62.56 -14.95
CA PHE G 154 56.90 -62.47 -13.51
C PHE G 154 55.77 -61.50 -13.21
N SER G 155 54.85 -61.32 -14.13
CA SER G 155 53.80 -60.33 -14.00
C SER G 155 52.44 -60.99 -14.11
N TYR G 156 51.51 -60.45 -13.34
CA TYR G 156 50.15 -60.95 -13.27
C TYR G 156 49.31 -60.38 -14.40
N HIS G 157 48.46 -61.23 -14.95
CA HIS G 157 47.59 -60.88 -16.07
C HIS G 157 46.20 -61.43 -15.78
N SER G 158 45.21 -60.54 -15.77
CA SER G 158 43.82 -60.89 -15.58
C SER G 158 43.02 -60.51 -16.82
N ARG G 159 41.98 -61.28 -17.09
CA ARG G 159 41.03 -61.00 -18.14
C ARG G 159 39.65 -61.33 -17.61
N TYR G 160 38.74 -60.38 -17.69
CA TYR G 160 37.39 -60.50 -17.16
C TYR G 160 36.42 -60.19 -18.29
N PHE G 161 35.64 -61.19 -18.68
CA PHE G 161 34.81 -61.09 -19.87
C PHE G 161 33.65 -62.06 -19.73
N THR G 162 32.75 -61.98 -20.72
CA THR G 162 31.55 -62.79 -20.78
C THR G 162 31.71 -63.84 -21.88
N PRO G 163 31.83 -65.11 -21.58
CA PRO G 163 32.00 -66.09 -22.65
C PRO G 163 30.71 -66.39 -23.38
N LYS G 164 30.79 -67.24 -24.39
CA LYS G 164 29.66 -67.63 -25.19
C LYS G 164 29.71 -69.13 -25.41
N PRO G 165 28.57 -69.81 -25.44
CA PRO G 165 28.58 -71.25 -25.67
C PRO G 165 28.65 -71.61 -27.14
N VAL G 166 29.14 -72.83 -27.36
CA VAL G 166 29.31 -73.38 -28.70
C VAL G 166 28.03 -74.14 -29.01
N LEU G 167 27.07 -73.43 -29.59
CA LEU G 167 25.80 -74.01 -29.96
C LEU G 167 25.88 -74.73 -31.29
N ASP G 168 26.53 -74.11 -32.28
CA ASP G 168 26.76 -74.73 -33.57
C ASP G 168 28.16 -74.35 -34.02
N SER G 169 29.07 -75.32 -34.00
CA SER G 169 30.44 -75.07 -34.42
C SER G 169 30.57 -74.87 -35.92
N THR G 170 29.57 -75.28 -36.70
CA THR G 170 29.61 -75.11 -38.14
C THR G 170 29.36 -73.66 -38.54
N ILE G 171 28.42 -73.01 -37.86
CA ILE G 171 28.01 -71.65 -38.19
C ILE G 171 28.68 -70.67 -37.23
N ASP G 172 28.85 -71.10 -35.98
CA ASP G 172 29.53 -70.32 -34.96
C ASP G 172 28.84 -68.98 -34.73
N TYR G 173 27.61 -69.07 -34.24
CA TYR G 173 26.80 -67.90 -33.91
C TYR G 173 26.73 -67.72 -32.40
N PHE G 174 26.68 -66.47 -31.97
CA PHE G 174 26.60 -66.15 -30.56
C PHE G 174 25.81 -64.87 -30.37
N GLN G 175 25.42 -64.66 -29.18
CA GLN G 175 24.60 -63.53 -28.78
C GLN G 175 25.46 -62.37 -28.31
N PRO G 176 25.02 -61.14 -28.48
CA PRO G 176 25.71 -60.04 -27.81
C PRO G 176 25.42 -60.01 -26.32
N ASN G 177 26.09 -59.13 -25.61
CA ASN G 177 25.99 -59.09 -24.17
C ASN G 177 24.65 -58.46 -23.77
N ASN G 178 23.83 -59.24 -23.10
CA ASN G 178 22.54 -58.76 -22.59
C ASN G 178 22.20 -59.66 -21.41
N LYS G 179 22.18 -59.09 -20.21
CA LYS G 179 21.92 -59.92 -19.05
C LYS G 179 20.50 -60.44 -19.04
N ARG G 180 19.56 -59.72 -19.64
CA ARG G 180 18.15 -60.08 -19.60
C ARG G 180 17.79 -61.12 -20.64
N ASN G 181 18.52 -61.16 -21.75
CA ASN G 181 18.22 -62.02 -22.88
C ASN G 181 19.17 -63.20 -23.03
N GLN G 182 20.12 -63.37 -22.12
CA GLN G 182 21.07 -64.45 -22.22
C GLN G 182 20.38 -65.79 -22.06
N LEU G 183 20.74 -66.72 -22.94
CA LEU G 183 20.12 -68.02 -22.96
C LEU G 183 20.44 -68.81 -21.70
N TRP G 184 19.46 -69.58 -21.26
CA TRP G 184 19.64 -70.56 -20.21
C TRP G 184 19.94 -71.90 -20.85
N LEU G 185 21.05 -72.50 -20.46
CA LEU G 185 21.39 -73.86 -20.83
C LEU G 185 20.97 -74.80 -19.72
N ARG G 186 20.94 -76.09 -20.06
CA ARG G 186 20.68 -77.12 -19.09
C ARG G 186 21.99 -77.62 -18.50
N LEU G 187 21.96 -77.83 -17.19
CA LEU G 187 23.06 -78.45 -16.47
C LEU G 187 22.95 -79.95 -16.67
N GLN G 188 23.64 -80.44 -17.69
CA GLN G 188 23.63 -81.85 -18.03
C GLN G 188 24.36 -82.63 -16.95
N THR G 189 24.29 -83.96 -17.08
CA THR G 189 24.92 -84.85 -16.12
C THR G 189 26.42 -85.00 -16.40
N ALA G 190 26.78 -85.37 -17.65
CA ALA G 190 28.17 -85.53 -18.01
C ALA G 190 28.50 -85.06 -19.43
N GLY G 191 27.72 -84.13 -19.97
CA GLY G 191 27.86 -83.75 -21.36
C GLY G 191 27.66 -82.28 -21.65
N ASN G 192 28.04 -81.43 -20.71
CA ASN G 192 27.82 -80.00 -20.87
C ASN G 192 28.65 -79.44 -22.02
N VAL G 193 28.20 -78.31 -22.54
CA VAL G 193 28.75 -77.70 -23.74
C VAL G 193 29.91 -76.79 -23.37
N ASP G 194 30.88 -76.72 -24.25
CA ASP G 194 32.09 -75.94 -23.99
C ASP G 194 31.83 -74.47 -24.26
N HIS G 195 32.18 -73.65 -23.29
CA HIS G 195 32.23 -72.21 -23.48
C HIS G 195 33.63 -71.81 -23.89
N VAL G 196 33.71 -70.67 -24.55
CA VAL G 196 34.91 -70.28 -25.28
C VAL G 196 35.10 -68.77 -25.10
N GLY G 197 36.29 -68.29 -25.40
CA GLY G 197 36.58 -66.89 -25.16
C GLY G 197 37.96 -66.42 -24.77
N LEU G 198 39.00 -67.25 -24.84
CA LEU G 198 40.34 -66.70 -24.65
C LEU G 198 41.40 -67.42 -25.45
N GLY G 199 42.24 -66.61 -26.11
CA GLY G 199 43.43 -67.10 -26.76
C GLY G 199 44.60 -66.22 -26.42
N THR G 200 45.77 -66.84 -26.35
CA THR G 200 46.97 -66.21 -25.83
C THR G 200 48.12 -66.35 -26.82
N ALA G 201 49.12 -65.48 -26.62
CA ALA G 201 50.37 -65.55 -27.35
C ALA G 201 51.47 -65.09 -26.42
N PHE G 202 52.34 -66.02 -26.03
CA PHE G 202 53.44 -65.77 -25.13
C PHE G 202 54.75 -65.77 -25.90
N GLU G 203 55.59 -64.79 -25.61
CA GLU G 203 56.90 -64.70 -26.23
C GLU G 203 57.84 -65.68 -25.56
N ASN G 204 58.51 -66.49 -26.38
CA ASN G 204 59.38 -67.52 -25.87
C ASN G 204 60.63 -66.91 -25.27
N SER G 205 61.37 -67.75 -24.55
CA SER G 205 62.53 -67.30 -23.78
C SER G 205 63.52 -68.44 -23.64
N ILE G 206 64.72 -68.09 -23.20
CA ILE G 206 65.74 -69.11 -22.93
C ILE G 206 65.37 -69.93 -21.72
N TYR G 207 64.63 -69.35 -20.78
CA TYR G 207 64.21 -70.02 -19.57
C TYR G 207 62.75 -70.43 -19.68
N ASP G 208 62.39 -71.44 -18.91
CA ASP G 208 61.01 -71.90 -18.88
C ASP G 208 60.14 -70.92 -18.10
N GLN G 209 58.99 -70.60 -18.67
CA GLN G 209 58.02 -69.69 -18.07
C GLN G 209 56.80 -70.49 -17.64
N GLU G 210 56.63 -70.66 -16.33
CA GLU G 210 55.52 -71.40 -15.77
C GLU G 210 54.49 -70.45 -15.19
N TYR G 211 53.24 -70.89 -15.22
CA TYR G 211 52.12 -70.12 -14.71
C TYR G 211 51.14 -71.07 -14.02
N ASN G 212 50.48 -70.57 -12.99
CA ASN G 212 49.36 -71.23 -12.34
C ASN G 212 48.12 -70.45 -12.71
N ILE G 213 47.26 -71.03 -13.54
CA ILE G 213 46.12 -70.33 -14.09
C ILE G 213 44.90 -70.69 -13.26
N ARG G 214 44.24 -69.66 -12.72
CA ARG G 214 43.05 -69.80 -11.91
C ARG G 214 41.88 -69.19 -12.68
N VAL G 215 40.96 -70.04 -13.11
CA VAL G 215 39.76 -69.62 -13.79
C VAL G 215 38.63 -69.60 -12.78
N THR G 216 37.89 -68.50 -12.75
CA THR G 216 36.74 -68.31 -11.88
C THR G 216 35.55 -67.98 -12.76
N MET G 217 34.53 -68.82 -12.71
CA MET G 217 33.30 -68.62 -13.45
C MET G 217 32.20 -68.12 -12.53
N TYR G 218 31.57 -67.03 -12.91
CA TYR G 218 30.45 -66.46 -12.20
C TYR G 218 29.17 -66.90 -12.90
N VAL G 219 28.45 -67.83 -12.27
CA VAL G 219 27.35 -68.52 -12.90
C VAL G 219 26.05 -68.09 -12.22
N GLN G 220 24.95 -68.45 -12.86
CA GLN G 220 23.61 -68.12 -12.40
C GLN G 220 22.74 -69.32 -12.71
N PHE G 221 22.23 -69.97 -11.66
CA PHE G 221 21.42 -71.15 -11.78
C PHE G 221 19.93 -70.81 -11.64
N ARG G 222 19.10 -71.81 -11.89
CA ARG G 222 17.66 -71.61 -11.87
C ARG G 222 16.99 -72.95 -11.59
N GLU G 223 15.83 -72.88 -10.94
CA GLU G 223 14.96 -74.03 -10.70
C GLU G 223 15.65 -75.11 -9.85
N PHE G 224 15.83 -74.75 -8.59
CA PHE G 224 16.17 -75.67 -7.51
C PHE G 224 15.37 -76.95 -7.63
N ASN G 225 16.06 -78.08 -7.76
CA ASN G 225 15.43 -79.35 -8.09
C ASN G 225 15.93 -80.47 -7.21
N LEU G 226 16.06 -80.20 -5.92
CA LEU G 226 16.53 -81.23 -5.01
C LEU G 226 15.50 -82.35 -4.91
N LYS G 227 16.02 -83.58 -4.80
CA LYS G 227 15.20 -84.77 -4.67
C LYS G 227 15.53 -85.45 -3.35
N ASP G 228 14.50 -85.73 -2.56
CA ASP G 228 14.65 -86.23 -1.20
C ASP G 228 13.88 -87.54 -1.06
N PRO G 229 14.49 -88.66 -1.44
CA PRO G 229 13.86 -89.95 -1.20
C PRO G 229 13.97 -90.31 0.27
N PRO G 230 13.21 -91.32 0.71
CA PRO G 230 13.39 -91.79 2.09
C PRO G 230 14.72 -92.51 2.30
N LEU G 231 14.93 -92.99 3.53
CA LEU G 231 16.17 -93.66 3.89
C LEU G 231 15.91 -94.86 4.81
N GLY H 43 35.22 -42.05 -46.27
CA GLY H 43 35.05 -43.25 -45.47
C GLY H 43 36.17 -43.47 -44.48
N ILE H 44 36.10 -42.79 -43.36
CA ILE H 44 37.17 -42.76 -42.39
C ILE H 44 37.15 -44.03 -41.55
N PHE H 45 38.34 -44.50 -41.20
CA PHE H 45 38.49 -45.63 -40.31
C PHE H 45 39.79 -45.43 -39.54
N ASN H 46 39.67 -45.01 -38.30
CA ASN H 46 40.81 -44.91 -37.41
C ASN H 46 41.07 -46.26 -36.76
N THR H 47 42.29 -46.73 -36.86
CA THR H 47 42.68 -48.00 -36.24
C THR H 47 44.08 -47.87 -35.67
N ARG H 48 44.66 -49.02 -35.32
CA ARG H 48 45.92 -49.11 -34.61
C ARG H 48 46.68 -50.31 -35.12
N LEU H 49 47.93 -50.08 -35.54
CA LEU H 49 48.79 -51.10 -36.10
C LEU H 49 50.08 -51.13 -35.30
N SER H 50 50.56 -52.33 -35.00
CA SER H 50 51.71 -52.55 -34.16
C SER H 50 52.73 -53.43 -34.86
N ARG H 51 53.91 -53.49 -34.24
CA ARG H 51 55.08 -54.16 -34.78
C ARG H 51 56.11 -54.19 -33.66
N THR H 52 56.84 -55.30 -33.57
CA THR H 52 57.79 -55.53 -32.50
C THR H 52 59.11 -56.02 -33.07
N PHE H 53 60.20 -55.50 -32.52
CA PHE H 53 61.54 -55.85 -32.96
C PHE H 53 62.52 -55.54 -31.86
N GLY H 54 63.75 -56.01 -32.04
CA GLY H 54 64.79 -55.90 -31.05
C GLY H 54 65.83 -54.85 -31.31
N TYR H 55 66.49 -54.40 -30.23
CA TYR H 55 67.60 -53.46 -30.28
C TYR H 55 68.51 -53.76 -29.12
N THR H 56 69.81 -53.87 -29.40
CA THR H 56 70.81 -54.18 -28.39
C THR H 56 71.92 -53.16 -28.44
N ILE H 57 72.37 -52.76 -27.25
CA ILE H 57 73.53 -51.91 -27.07
C ILE H 57 74.62 -52.82 -26.53
N LYS H 58 75.58 -53.15 -27.39
CA LYS H 58 76.64 -54.07 -27.03
C LYS H 58 77.54 -53.45 -25.96
N ARG H 59 78.24 -54.33 -25.25
CA ARG H 59 79.13 -53.93 -24.18
C ARG H 59 80.38 -53.26 -24.73
N THR H 60 81.05 -52.51 -23.86
CA THR H 60 82.29 -51.83 -24.18
C THR H 60 83.22 -51.85 -22.98
N THR H 61 84.50 -52.10 -23.24
CA THR H 61 85.54 -52.01 -22.22
C THR H 61 85.93 -50.58 -21.90
N VAL H 62 85.41 -49.60 -22.65
CA VAL H 62 85.74 -48.20 -22.40
C VAL H 62 85.32 -47.80 -20.99
N LYS H 63 86.19 -47.07 -20.31
CA LYS H 63 85.93 -46.68 -18.92
C LYS H 63 85.07 -45.44 -18.83
N THR H 64 85.24 -44.50 -19.76
CA THR H 64 84.53 -43.24 -19.71
C THR H 64 83.03 -43.44 -19.90
N PRO H 65 82.23 -42.43 -19.58
CA PRO H 65 80.82 -42.48 -19.98
C PRO H 65 80.69 -42.09 -21.44
N SER H 66 80.42 -43.07 -22.28
CA SER H 66 80.15 -42.86 -23.69
C SER H 66 78.74 -43.29 -24.01
N TRP H 67 78.20 -42.73 -25.09
CA TRP H 67 76.84 -42.99 -25.52
C TRP H 67 76.81 -43.60 -26.91
N ALA H 68 75.80 -44.43 -27.12
CA ALA H 68 75.56 -45.10 -28.38
C ALA H 68 74.36 -44.45 -29.05
N VAL H 69 74.57 -43.93 -30.23
CA VAL H 69 73.57 -43.16 -30.95
C VAL H 69 73.00 -44.02 -32.07
N ASP H 70 71.70 -43.90 -32.28
CA ASP H 70 71.02 -44.62 -33.35
C ASP H 70 69.76 -43.86 -33.71
N MET H 71 69.18 -44.25 -34.83
CA MET H 71 68.02 -43.60 -35.41
C MET H 71 66.85 -44.57 -35.50
N MET H 72 65.68 -44.03 -35.79
CA MET H 72 64.46 -44.82 -35.88
C MET H 72 63.49 -44.13 -36.83
N ARG H 73 63.22 -44.78 -37.95
CA ARG H 73 62.21 -44.36 -38.91
C ARG H 73 61.00 -45.28 -38.81
N PHE H 74 59.91 -44.84 -39.45
CA PHE H 74 58.64 -45.57 -39.44
C PHE H 74 58.08 -45.60 -40.84
N ASN H 75 57.82 -46.80 -41.35
CA ASN H 75 57.17 -47.00 -42.62
C ASN H 75 55.97 -47.93 -42.44
N ILE H 76 54.95 -47.71 -43.28
CA ILE H 76 53.71 -48.47 -43.15
C ILE H 76 53.79 -49.84 -43.79
N ASN H 77 54.81 -50.10 -44.61
CA ASN H 77 54.97 -51.45 -45.15
C ASN H 77 55.30 -52.45 -44.08
N ASP H 78 55.98 -52.01 -43.02
CA ASP H 78 56.35 -52.89 -41.92
C ASP H 78 55.19 -53.19 -41.00
N PHE H 79 54.09 -52.44 -41.09
CA PHE H 79 52.90 -52.66 -40.27
C PHE H 79 51.74 -53.25 -41.06
N LEU H 80 51.65 -52.92 -42.34
CA LEU H 80 50.55 -53.34 -43.20
C LEU H 80 51.07 -54.29 -44.28
N PRO H 81 50.74 -55.58 -44.26
CA PRO H 81 51.31 -56.47 -45.26
C PRO H 81 50.62 -56.29 -46.60
N PRO H 82 51.14 -56.92 -47.64
CA PRO H 82 50.43 -56.93 -48.91
C PRO H 82 49.21 -57.82 -48.86
N GLY H 83 48.19 -57.43 -49.61
CA GLY H 83 46.96 -58.17 -49.63
C GLY H 83 46.99 -59.34 -50.57
N GLY H 84 45.88 -59.57 -51.26
CA GLY H 84 45.78 -60.65 -52.20
C GLY H 84 44.71 -60.43 -53.24
N GLY H 85 45.06 -60.64 -54.50
CA GLY H 85 44.11 -60.48 -55.58
C GLY H 85 44.03 -59.05 -56.07
N SER H 86 42.81 -58.62 -56.37
CA SER H 86 42.60 -57.28 -56.89
C SER H 86 42.82 -56.21 -55.83
N ASN H 87 42.86 -56.59 -54.55
CA ASN H 87 43.16 -55.67 -53.48
C ASN H 87 44.64 -55.75 -53.16
N PRO H 88 45.44 -54.72 -53.48
CA PRO H 88 46.89 -54.87 -53.31
C PRO H 88 47.33 -54.88 -51.87
N ARG H 89 46.53 -54.34 -50.95
CA ARG H 89 46.86 -54.28 -49.54
C ARG H 89 45.80 -54.97 -48.72
N SER H 90 46.15 -55.29 -47.49
CA SER H 90 45.28 -56.08 -46.63
C SER H 90 44.19 -55.24 -45.97
N VAL H 91 44.41 -53.94 -45.84
CA VAL H 91 43.40 -53.00 -45.37
C VAL H 91 42.84 -52.28 -46.59
N PRO H 92 41.59 -52.52 -46.99
CA PRO H 92 41.15 -52.00 -48.29
C PRO H 92 40.76 -50.53 -48.27
N PHE H 93 41.77 -49.68 -48.29
CA PHE H 93 41.59 -48.25 -48.36
C PHE H 93 42.62 -47.66 -49.30
N GLU H 94 42.34 -46.45 -49.76
CA GLU H 94 43.17 -45.74 -50.73
C GLU H 94 44.20 -44.83 -50.09
N TYR H 95 43.75 -43.98 -49.19
CA TYR H 95 44.56 -42.94 -48.59
C TYR H 95 44.81 -43.23 -47.12
N TYR H 96 45.84 -42.60 -46.58
CA TYR H 96 46.16 -42.73 -45.17
C TYR H 96 46.91 -41.50 -44.71
N ARG H 97 46.95 -41.35 -43.39
CA ARG H 97 47.80 -40.34 -42.76
C ARG H 97 48.03 -40.77 -41.33
N ILE H 98 49.29 -40.79 -40.93
CA ILE H 98 49.66 -41.27 -39.60
C ILE H 98 49.44 -40.14 -38.61
N ARG H 99 48.62 -40.41 -37.60
CA ARG H 99 48.25 -39.43 -36.60
C ARG H 99 49.25 -39.39 -35.45
N LYS H 100 49.60 -40.56 -34.91
CA LYS H 100 50.49 -40.66 -33.77
C LYS H 100 51.28 -41.94 -33.88
N VAL H 101 52.40 -41.98 -33.16
CA VAL H 101 53.19 -43.19 -32.98
C VAL H 101 53.56 -43.29 -31.51
N LYS H 102 53.56 -44.51 -31.01
CA LYS H 102 53.96 -44.84 -29.65
C LYS H 102 55.11 -45.83 -29.75
N VAL H 103 56.31 -45.37 -29.43
CA VAL H 103 57.47 -46.22 -29.34
C VAL H 103 57.67 -46.60 -27.88
N GLU H 104 57.73 -47.90 -27.64
CA GLU H 104 57.86 -48.46 -26.30
C GLU H 104 59.14 -49.27 -26.26
N PHE H 105 60.07 -48.86 -25.41
CA PHE H 105 61.28 -49.64 -25.13
C PHE H 105 60.98 -50.54 -23.95
N TRP H 106 60.65 -51.78 -24.24
CA TRP H 106 60.42 -52.76 -23.21
C TRP H 106 61.74 -53.43 -22.85
N PRO H 107 62.23 -53.34 -21.62
CA PRO H 107 63.54 -53.91 -21.32
C PRO H 107 63.54 -55.41 -21.34
N CYS H 108 64.74 -55.94 -21.57
CA CYS H 108 65.01 -57.35 -21.53
C CYS H 108 65.94 -57.75 -20.40
N SER H 109 66.36 -56.81 -19.58
CA SER H 109 67.41 -56.98 -18.61
C SER H 109 66.82 -57.05 -17.21
N PRO H 110 67.45 -57.79 -16.30
CA PRO H 110 66.89 -57.91 -14.96
C PRO H 110 67.06 -56.64 -14.15
N ILE H 111 66.26 -56.53 -13.10
CA ILE H 111 66.35 -55.38 -12.22
C ILE H 111 67.57 -55.41 -11.32
N THR H 112 68.33 -56.50 -11.32
CA THR H 112 69.56 -56.61 -10.57
C THR H 112 70.79 -56.20 -11.35
N GLN H 113 70.63 -55.78 -12.61
CA GLN H 113 71.77 -55.45 -13.44
C GLN H 113 72.34 -54.11 -13.01
N GLY H 114 73.66 -54.06 -12.89
CA GLY H 114 74.36 -52.87 -12.48
C GLY H 114 74.93 -52.12 -13.65
N ASP H 115 75.85 -51.20 -13.33
CA ASP H 115 76.45 -50.31 -14.31
C ASP H 115 75.36 -49.52 -15.03
N ARG H 116 74.40 -49.04 -14.26
CA ARG H 116 73.28 -48.31 -14.82
C ARG H 116 73.74 -47.00 -15.45
N GLY H 117 72.86 -46.41 -16.22
CA GLY H 117 73.18 -45.24 -16.99
C GLY H 117 72.00 -44.33 -17.23
N VAL H 118 72.20 -43.31 -18.04
CA VAL H 118 71.18 -42.32 -18.31
C VAL H 118 71.36 -41.80 -19.72
N GLY H 119 70.28 -41.84 -20.50
CA GLY H 119 70.29 -41.46 -21.89
C GLY H 119 69.20 -40.47 -22.23
N SER H 120 68.92 -40.35 -23.52
CA SER H 120 68.00 -39.35 -24.00
C SER H 120 67.37 -39.81 -25.30
N SER H 121 66.08 -39.53 -25.45
CA SER H 121 65.33 -39.76 -26.67
C SER H 121 64.71 -38.45 -27.12
N ALA H 122 64.93 -38.11 -28.39
CA ALA H 122 64.44 -36.87 -28.96
C ALA H 122 63.68 -37.15 -30.25
N VAL H 123 62.87 -36.17 -30.63
CA VAL H 123 61.98 -36.27 -31.78
C VAL H 123 62.58 -35.47 -32.92
N ILE H 124 62.84 -36.15 -34.04
CA ILE H 124 63.60 -35.60 -35.17
C ILE H 124 62.74 -35.78 -36.41
N LEU H 125 62.06 -34.73 -36.82
CA LEU H 125 61.04 -34.80 -37.85
C LEU H 125 61.55 -34.46 -39.25
N ASP H 126 62.83 -34.69 -39.56
CA ASP H 126 63.40 -34.18 -40.80
C ASP H 126 64.43 -35.08 -41.48
N ASP H 127 64.70 -36.28 -40.97
CA ASP H 127 65.56 -37.23 -41.65
C ASP H 127 67.02 -36.79 -41.68
N ASN H 128 67.43 -35.98 -40.71
CA ASN H 128 68.83 -35.64 -40.51
C ASN H 128 69.09 -35.86 -39.03
N PHE H 129 69.51 -37.08 -38.72
CA PHE H 129 69.83 -37.51 -37.38
C PHE H 129 71.30 -37.24 -37.08
N VAL H 130 71.63 -37.25 -35.79
CA VAL H 130 73.02 -37.33 -35.40
C VAL H 130 73.58 -38.63 -35.92
N THR H 131 74.82 -38.59 -36.39
CA THR H 131 75.44 -39.74 -37.02
C THR H 131 75.48 -40.91 -36.04
N LYS H 132 75.23 -42.10 -36.56
CA LYS H 132 75.27 -43.30 -35.75
C LYS H 132 76.67 -43.51 -35.20
N ALA H 133 76.75 -43.71 -33.89
CA ALA H 133 78.00 -43.84 -33.18
C ALA H 133 77.90 -44.98 -32.19
N THR H 134 79.04 -45.62 -31.95
CA THR H 134 79.14 -46.71 -31.00
C THR H 134 79.47 -46.21 -29.60
N ALA H 135 80.49 -45.36 -29.48
CA ALA H 135 80.89 -44.79 -28.20
C ALA H 135 81.26 -43.33 -28.42
N LEU H 136 80.26 -42.46 -28.32
CA LEU H 136 80.45 -41.02 -28.41
C LEU H 136 80.61 -40.44 -27.03
N THR H 137 81.48 -39.44 -26.91
CA THR H 137 81.90 -38.89 -25.62
C THR H 137 80.86 -37.99 -24.98
N TYR H 138 79.65 -37.90 -25.53
CA TYR H 138 78.63 -37.03 -24.97
C TYR H 138 77.28 -37.49 -25.48
N ASP H 139 76.23 -36.98 -24.84
CA ASP H 139 74.86 -37.25 -25.24
C ASP H 139 74.39 -36.14 -26.16
N PRO H 140 74.26 -36.36 -27.46
CA PRO H 140 73.89 -35.24 -28.33
C PRO H 140 72.47 -34.77 -28.15
N TYR H 141 71.56 -35.68 -27.80
CA TYR H 141 70.15 -35.38 -27.70
C TYR H 141 69.75 -34.85 -26.33
N VAL H 142 70.71 -34.41 -25.53
CA VAL H 142 70.42 -34.05 -24.14
C VAL H 142 69.81 -32.66 -24.06
N ASN H 143 70.31 -31.72 -24.85
CA ASN H 143 69.84 -30.34 -24.82
C ASN H 143 68.68 -30.10 -25.77
N TYR H 144 68.18 -31.14 -26.43
CA TYR H 144 67.04 -30.98 -27.30
C TYR H 144 65.78 -30.68 -26.52
N SER H 145 64.94 -29.83 -27.09
CA SER H 145 63.70 -29.45 -26.45
C SER H 145 62.74 -30.62 -26.29
N SER H 146 62.89 -31.66 -27.10
CA SER H 146 62.05 -32.85 -27.03
C SER H 146 62.75 -34.01 -26.35
N ARG H 147 63.73 -33.73 -25.50
CA ARG H 147 64.46 -34.78 -24.83
C ARG H 147 63.65 -35.31 -23.66
N HIS H 148 63.56 -36.62 -23.58
CA HIS H 148 63.08 -37.33 -22.41
C HIS H 148 64.22 -38.21 -21.94
N THR H 149 64.41 -38.27 -20.63
CA THR H 149 65.47 -39.07 -20.05
C THR H 149 65.15 -40.55 -20.16
N ILE H 150 66.14 -41.32 -20.55
CA ILE H 150 66.07 -42.78 -20.58
C ILE H 150 66.87 -43.26 -19.39
N THR H 151 66.19 -43.79 -18.40
CA THR H 151 66.83 -44.58 -17.37
C THR H 151 67.12 -45.96 -17.92
N GLN H 152 68.32 -46.46 -17.65
CA GLN H 152 68.81 -47.71 -18.19
C GLN H 152 69.23 -48.61 -17.04
N PRO H 153 69.27 -49.93 -17.25
CA PRO H 153 68.87 -50.75 -18.39
C PRO H 153 67.49 -51.39 -18.27
N PHE H 154 66.95 -51.40 -17.05
CA PHE H 154 65.77 -52.19 -16.73
C PHE H 154 64.52 -51.36 -16.58
N SER H 155 64.43 -50.24 -17.28
CA SER H 155 63.35 -49.30 -17.12
C SER H 155 62.65 -49.08 -18.46
N TYR H 156 61.35 -48.89 -18.37
CA TYR H 156 60.50 -48.69 -19.52
C TYR H 156 60.51 -47.24 -19.95
N HIS H 157 60.52 -47.04 -21.26
CA HIS H 157 60.56 -45.71 -21.87
C HIS H 157 59.56 -45.68 -23.00
N SER H 158 58.62 -44.74 -22.93
CA SER H 158 57.63 -44.52 -23.97
C SER H 158 57.78 -43.12 -24.54
N ARG H 159 57.46 -42.98 -25.82
CA ARG H 159 57.41 -41.71 -26.50
C ARG H 159 56.19 -41.72 -27.40
N TYR H 160 55.35 -40.71 -27.26
CA TYR H 160 54.09 -40.58 -27.98
C TYR H 160 54.09 -39.24 -28.68
N PHE H 161 54.08 -39.28 -30.01
CA PHE H 161 54.27 -38.08 -30.80
C PHE H 161 53.64 -38.27 -32.17
N THR H 162 53.65 -37.20 -32.95
CA THR H 162 53.09 -37.17 -34.29
C THR H 162 54.21 -37.11 -35.31
N PRO H 163 54.45 -38.15 -36.10
CA PRO H 163 55.55 -38.10 -37.05
C PRO H 163 55.21 -37.26 -38.26
N LYS H 164 56.17 -37.13 -39.16
CA LYS H 164 56.04 -36.36 -40.37
C LYS H 164 56.63 -37.15 -41.53
N PRO H 165 56.05 -37.07 -42.71
CA PRO H 165 56.61 -37.80 -43.84
C PRO H 165 57.74 -37.07 -44.53
N VAL H 166 58.56 -37.86 -45.22
CA VAL H 166 59.72 -37.35 -45.94
C VAL H 166 59.24 -37.07 -47.36
N LEU H 167 58.76 -35.86 -47.57
CA LEU H 167 58.28 -35.45 -48.89
C LEU H 167 59.43 -35.01 -49.78
N ASP H 168 60.36 -34.23 -49.25
CA ASP H 168 61.56 -33.82 -49.98
C ASP H 168 62.72 -33.86 -49.00
N SER H 169 63.61 -34.83 -49.17
CA SER H 169 64.76 -34.96 -48.30
C SER H 169 65.80 -33.87 -48.55
N THR H 170 65.74 -33.19 -49.68
CA THR H 170 66.68 -32.12 -49.98
C THR H 170 66.36 -30.86 -49.18
N ILE H 171 65.09 -30.53 -49.05
CA ILE H 171 64.63 -29.31 -48.39
C ILE H 171 64.19 -29.64 -46.97
N ASP H 172 63.61 -30.83 -46.80
CA ASP H 172 63.18 -31.32 -45.49
C ASP H 172 62.18 -30.36 -44.84
N TYR H 173 61.02 -30.25 -45.48
CA TYR H 173 59.92 -29.44 -44.98
C TYR H 173 58.83 -30.33 -44.42
N PHE H 174 58.15 -29.83 -43.40
CA PHE H 174 57.07 -30.56 -42.76
C PHE H 174 56.04 -29.59 -42.22
N GLN H 175 54.93 -30.11 -41.93
CA GLN H 175 53.78 -29.36 -41.46
C GLN H 175 53.75 -29.33 -39.93
N PRO H 176 53.21 -28.27 -39.33
CA PRO H 176 52.93 -28.33 -37.90
C PRO H 176 51.73 -29.20 -37.60
N ASN H 177 51.49 -29.43 -36.32
CA ASN H 177 50.45 -30.34 -35.90
C ASN H 177 49.09 -29.69 -36.10
N ASN H 178 48.28 -30.29 -36.96
CA ASN H 178 46.92 -29.82 -37.21
C ASN H 178 46.14 -31.02 -37.71
N LYS H 179 45.18 -31.48 -36.93
CA LYS H 179 44.45 -32.67 -37.33
C LYS H 179 43.60 -32.41 -38.57
N ARG H 180 43.15 -31.18 -38.77
CA ARG H 180 42.25 -30.87 -39.86
C ARG H 180 42.98 -30.63 -41.17
N ASN H 181 44.24 -30.22 -41.11
CA ASN H 181 45.01 -29.85 -42.29
C ASN H 181 46.10 -30.86 -42.64
N GLN H 182 46.19 -31.96 -41.92
CA GLN H 182 47.23 -32.95 -42.18
C GLN H 182 47.01 -33.58 -43.55
N LEU H 183 48.10 -33.70 -44.29
CA LEU H 183 48.05 -34.23 -45.64
C LEU H 183 47.64 -35.70 -45.62
N TRP H 184 46.89 -36.08 -46.65
CA TRP H 184 46.58 -37.46 -46.94
C TRP H 184 47.59 -37.97 -47.95
N LEU H 185 48.26 -39.05 -47.62
CA LEU H 185 49.12 -39.76 -48.54
C LEU H 185 48.36 -40.93 -49.14
N ARG H 186 48.92 -41.46 -50.21
CA ARG H 186 48.38 -42.66 -50.84
C ARG H 186 49.02 -43.89 -50.25
N LEU H 187 48.20 -44.90 -50.01
CA LEU H 187 48.66 -46.21 -49.59
C LEU H 187 49.13 -46.95 -50.82
N GLN H 188 50.42 -46.83 -51.10
CA GLN H 188 51.02 -47.46 -52.25
C GLN H 188 51.04 -48.98 -52.07
N THR H 189 51.44 -49.67 -53.14
CA THR H 189 51.48 -51.12 -53.12
C THR H 189 52.75 -51.63 -52.43
N ALA H 190 53.93 -51.16 -52.88
CA ALA H 190 55.19 -51.58 -52.28
C ALA H 190 56.22 -50.45 -52.18
N GLY H 191 55.79 -49.20 -52.13
CA GLY H 191 56.70 -48.08 -52.19
C GLY H 191 56.35 -46.91 -51.31
N ASN H 192 55.75 -47.17 -50.16
CA ASN H 192 55.32 -46.10 -49.29
C ASN H 192 56.50 -45.32 -48.73
N VAL H 193 56.22 -44.10 -48.34
CA VAL H 193 57.23 -43.13 -47.94
C VAL H 193 57.53 -43.30 -46.45
N ASP H 194 58.78 -43.06 -46.09
CA ASP H 194 59.23 -43.24 -44.72
C ASP H 194 58.82 -42.06 -43.87
N HIS H 195 58.19 -42.35 -42.74
CA HIS H 195 57.96 -41.37 -41.70
C HIS H 195 59.09 -41.40 -40.71
N VAL H 196 59.28 -40.29 -40.02
CA VAL H 196 60.47 -40.04 -39.24
C VAL H 196 60.07 -39.32 -37.96
N GLY H 197 60.98 -39.31 -36.98
CA GLY H 197 60.62 -38.74 -35.71
C GLY H 197 61.19 -39.28 -34.41
N LEU H 198 62.19 -40.16 -34.43
CA LEU H 198 62.83 -40.50 -33.16
C LEU H 198 64.31 -40.81 -33.32
N GLY H 199 65.09 -40.23 -32.44
CA GLY H 199 66.50 -40.56 -32.30
C GLY H 199 66.84 -40.73 -30.84
N THR H 200 67.79 -41.63 -30.58
CA THR H 200 68.10 -42.08 -29.24
C THR H 200 69.58 -41.97 -28.96
N ALA H 201 69.91 -41.97 -27.67
CA ALA H 201 71.29 -42.03 -27.20
C ALA H 201 71.30 -42.83 -25.92
N PHE H 202 71.89 -44.02 -25.97
CA PHE H 202 71.99 -44.92 -24.85
C PHE H 202 73.41 -44.94 -24.31
N GLU H 203 73.53 -44.88 -22.99
CA GLU H 203 74.83 -44.93 -22.33
C GLU H 203 75.32 -46.36 -22.30
N ASN H 204 76.54 -46.57 -22.76
CA ASN H 204 77.09 -47.91 -22.85
C ASN H 204 77.41 -48.45 -21.46
N SER H 205 77.67 -49.76 -21.41
CA SER H 205 77.83 -50.47 -20.16
C SER H 205 78.75 -51.66 -20.38
N ILE H 206 79.19 -52.24 -19.27
CA ILE H 206 79.99 -53.45 -19.33
C ILE H 206 79.16 -54.63 -19.78
N TYR H 207 77.87 -54.62 -19.49
CA TYR H 207 76.95 -55.67 -19.86
C TYR H 207 76.13 -55.25 -21.08
N ASP H 208 75.64 -56.25 -21.81
CA ASP H 208 74.79 -55.99 -22.95
C ASP H 208 73.41 -55.57 -22.49
N GLN H 209 72.89 -54.52 -23.12
CA GLN H 209 71.57 -53.97 -22.83
C GLN H 209 70.66 -54.26 -24.01
N GLU H 210 69.72 -55.18 -23.82
CA GLU H 210 68.78 -55.56 -24.87
C GLU H 210 67.42 -54.96 -24.59
N TYR H 211 66.69 -54.70 -25.67
CA TYR H 211 65.36 -54.12 -25.61
C TYR H 211 64.49 -54.77 -26.68
N ASN H 212 63.20 -54.90 -26.37
CA ASN H 212 62.17 -55.29 -27.33
C ASN H 212 61.34 -54.05 -27.60
N ILE H 213 61.47 -53.50 -28.79
CA ILE H 213 60.84 -52.24 -29.14
C ILE H 213 59.53 -52.52 -29.86
N ARG H 214 58.44 -51.99 -29.33
CA ARG H 214 57.10 -52.14 -29.89
C ARG H 214 56.64 -50.78 -30.36
N VAL H 215 56.53 -50.63 -31.67
CA VAL H 215 56.02 -49.42 -32.29
C VAL H 215 54.56 -49.63 -32.63
N THR H 216 53.73 -48.68 -32.24
CA THR H 216 52.30 -48.69 -32.51
C THR H 216 51.98 -47.40 -33.26
N MET H 217 51.46 -47.54 -34.47
CA MET H 217 51.04 -46.41 -35.28
C MET H 217 49.52 -46.29 -35.28
N TYR H 218 49.04 -45.11 -34.95
CA TYR H 218 47.63 -44.79 -34.98
C TYR H 218 47.33 -44.06 -36.28
N VAL H 219 46.67 -44.76 -37.19
CA VAL H 219 46.50 -44.30 -38.56
C VAL H 219 45.04 -43.99 -38.82
N GLN H 220 44.80 -43.32 -39.93
CA GLN H 220 43.47 -42.88 -40.34
C GLN H 220 43.41 -43.05 -41.84
N PHE H 221 42.55 -43.96 -42.29
CA PHE H 221 42.38 -44.27 -43.69
C PHE H 221 41.17 -43.56 -44.27
N ARG H 222 41.02 -43.65 -45.58
CA ARG H 222 39.96 -42.96 -46.30
C ARG H 222 39.68 -43.70 -47.60
N GLU H 223 38.42 -43.63 -48.04
CA GLU H 223 37.98 -44.14 -49.33
C GLU H 223 38.19 -45.65 -49.44
N PHE H 224 37.37 -46.36 -48.67
CA PHE H 224 37.15 -47.79 -48.82
C PHE H 224 37.03 -48.17 -50.29
N ASN H 225 37.90 -49.06 -50.74
CA ASN H 225 38.04 -49.36 -52.17
C ASN H 225 38.10 -50.84 -52.43
N LEU H 226 37.27 -51.60 -51.76
CA LEU H 226 37.27 -53.05 -51.96
C LEU H 226 36.81 -53.38 -53.36
N LYS H 227 37.43 -54.41 -53.93
CA LYS H 227 37.10 -54.90 -55.26
C LYS H 227 36.65 -56.34 -55.16
N ASP H 228 35.49 -56.63 -55.73
CA ASP H 228 34.82 -57.92 -55.59
C ASP H 228 34.56 -58.51 -56.98
N PRO H 229 35.55 -59.17 -57.57
CA PRO H 229 35.30 -59.88 -58.80
C PRO H 229 34.51 -61.14 -58.57
N PRO H 230 33.96 -61.75 -59.62
CA PRO H 230 33.30 -63.04 -59.44
C PRO H 230 34.28 -64.16 -59.12
N LEU H 231 33.75 -65.38 -58.96
CA LEU H 231 34.55 -66.54 -58.61
C LEU H 231 34.09 -67.78 -59.36
N GLY I 43 66.97 -8.28 -24.95
CA GLY I 43 66.66 -9.50 -25.69
C GLY I 43 66.86 -10.75 -24.88
N ILE I 44 65.86 -11.08 -24.08
CA ILE I 44 65.97 -12.16 -23.12
C ILE I 44 65.75 -13.49 -23.82
N PHE I 45 66.49 -14.50 -23.36
CA PHE I 45 66.34 -15.87 -23.84
C PHE I 45 66.68 -16.79 -22.68
N ASN I 46 65.64 -17.34 -22.06
CA ASN I 46 65.82 -18.36 -21.03
C ASN I 46 65.95 -19.72 -21.68
N THR I 47 67.01 -20.44 -21.34
CA THR I 47 67.22 -21.77 -21.86
C THR I 47 67.80 -22.66 -20.75
N ARG I 48 68.29 -23.83 -21.16
CA ARG I 48 68.72 -24.87 -20.26
C ARG I 48 69.93 -25.56 -20.85
N LEU I 49 71.00 -25.63 -20.08
CA LEU I 49 72.26 -26.23 -20.50
C LEU I 49 72.65 -27.30 -19.52
N SER I 50 73.13 -28.43 -20.03
CA SER I 50 73.43 -29.60 -19.25
C SER I 50 74.85 -30.08 -19.51
N ARG I 51 75.29 -31.01 -18.67
CA ARG I 51 76.64 -31.52 -18.63
C ARG I 51 76.63 -32.72 -17.70
N THR I 52 77.39 -33.75 -18.07
CA THR I 52 77.41 -35.01 -17.35
C THR I 52 78.84 -35.44 -17.09
N PHE I 53 79.09 -35.95 -15.89
CA PHE I 53 80.41 -36.39 -15.50
C PHE I 53 80.28 -37.37 -14.34
N GLY I 54 81.39 -38.02 -14.02
CA GLY I 54 81.41 -39.05 -13.01
C GLY I 54 82.02 -38.66 -11.68
N TYR I 55 81.64 -39.40 -10.65
CA TYR I 55 82.18 -39.23 -9.30
C TYR I 55 82.13 -40.58 -8.62
N THR I 56 83.25 -40.98 -8.02
CA THR I 56 83.38 -42.26 -7.35
C THR I 56 83.88 -42.05 -5.94
N ILE I 57 83.31 -42.81 -5.01
CA ILE I 57 83.75 -42.90 -3.63
C ILE I 57 84.41 -44.25 -3.50
N LYS I 58 85.73 -44.26 -3.43
CA LYS I 58 86.50 -45.49 -3.38
C LYS I 58 86.25 -46.22 -2.06
N ARG I 59 86.51 -47.51 -2.08
CA ARG I 59 86.32 -48.37 -0.93
C ARG I 59 87.36 -48.09 0.14
N THR I 60 87.03 -48.49 1.37
CA THR I 60 87.91 -48.36 2.52
C THR I 60 87.78 -49.59 3.41
N THR I 61 88.91 -50.07 3.92
CA THR I 61 88.93 -51.13 4.91
C THR I 61 88.59 -50.64 6.30
N VAL I 62 88.44 -49.33 6.50
CA VAL I 62 88.11 -48.79 7.80
C VAL I 62 86.77 -49.35 8.27
N LYS I 63 86.72 -49.72 9.54
CA LYS I 63 85.52 -50.32 10.12
C LYS I 63 84.50 -49.29 10.55
N THR I 64 84.97 -48.16 11.07
CA THR I 64 84.08 -47.15 11.60
C THR I 64 83.22 -46.53 10.50
N PRO I 65 82.17 -45.82 10.88
CA PRO I 65 81.46 -44.99 9.89
C PRO I 65 82.22 -43.70 9.65
N SER I 66 82.87 -43.61 8.50
CA SER I 66 83.56 -42.42 8.07
C SER I 66 82.90 -41.88 6.80
N TRP I 67 83.09 -40.59 6.57
CA TRP I 67 82.50 -39.91 5.44
C TRP I 67 83.57 -39.31 4.54
N ALA I 68 83.24 -39.26 3.26
CA ALA I 68 84.10 -38.69 2.23
C ALA I 68 83.52 -37.37 1.80
N VAL I 69 84.30 -36.31 1.95
CA VAL I 69 83.86 -34.96 1.70
C VAL I 69 84.44 -34.48 0.39
N ASP I 70 83.64 -33.73 -0.36
CA ASP I 70 84.08 -33.17 -1.62
C ASP I 70 83.21 -31.95 -1.93
N MET I 71 83.67 -31.17 -2.90
CA MET I 71 83.06 -29.91 -3.28
C MET I 71 82.59 -29.97 -4.73
N MET I 72 81.80 -28.97 -5.11
CA MET I 72 81.24 -28.90 -6.44
C MET I 72 80.99 -27.45 -6.80
N ARG I 73 81.72 -26.96 -7.79
CA ARG I 73 81.54 -25.64 -8.37
C ARG I 73 80.90 -25.76 -9.75
N PHE I 74 80.43 -24.62 -10.26
CA PHE I 74 79.76 -24.57 -11.55
C PHE I 74 80.30 -23.39 -12.35
N ASN I 75 80.79 -23.66 -13.54
CA ASN I 75 81.24 -22.64 -14.48
C ASN I 75 80.55 -22.84 -15.81
N ILE I 76 80.32 -21.74 -16.51
CA ILE I 76 79.60 -21.77 -17.78
C ILE I 76 80.47 -22.20 -18.94
N ASN I 77 81.79 -22.22 -18.79
CA ASN I 77 82.65 -22.71 -19.85
C ASN I 77 82.44 -24.19 -20.08
N ASP I 78 82.09 -24.93 -19.02
CA ASP I 78 81.88 -26.35 -19.12
C ASP I 78 80.55 -26.71 -19.75
N PHE I 79 79.63 -25.76 -19.88
CA PHE I 79 78.33 -25.96 -20.50
C PHE I 79 78.20 -25.31 -21.85
N LEU I 80 78.89 -24.19 -22.07
CA LEU I 80 78.82 -23.41 -23.30
C LEU I 80 80.15 -23.46 -24.02
N PRO I 81 80.28 -24.13 -25.17
CA PRO I 81 81.58 -24.20 -25.80
C PRO I 81 81.94 -22.90 -26.49
N PRO I 82 83.17 -22.77 -26.96
CA PRO I 82 83.52 -21.61 -27.77
C PRO I 82 82.89 -21.70 -29.15
N GLY I 83 82.56 -20.54 -29.70
CA GLY I 83 81.93 -20.48 -30.99
C GLY I 83 82.91 -20.55 -32.13
N GLY I 84 82.65 -19.77 -33.17
CA GLY I 84 83.52 -19.74 -34.31
C GLY I 84 83.38 -18.45 -35.11
N GLY I 85 84.52 -17.86 -35.46
CA GLY I 85 84.54 -16.64 -36.22
C GLY I 85 84.40 -15.40 -35.36
N SER I 86 83.63 -14.44 -35.86
CA SER I 86 83.43 -13.19 -35.14
C SER I 86 82.59 -13.37 -33.89
N ASN I 87 81.87 -14.49 -33.76
CA ASN I 87 81.11 -14.79 -32.57
C ASN I 87 81.97 -15.65 -31.65
N PRO I 88 82.44 -15.14 -30.51
CA PRO I 88 83.37 -15.92 -29.70
C PRO I 88 82.73 -17.10 -29.00
N ARG I 89 81.42 -17.07 -28.79
CA ARG I 89 80.70 -18.14 -28.12
C ARG I 89 79.60 -18.69 -29.03
N SER I 90 79.13 -19.88 -28.67
CA SER I 90 78.18 -20.59 -29.51
C SER I 90 76.75 -20.10 -29.34
N VAL I 91 76.45 -19.49 -28.19
CA VAL I 91 75.17 -18.83 -27.96
C VAL I 91 75.38 -17.33 -28.13
N PRO I 92 74.85 -16.70 -29.17
CA PRO I 92 75.24 -15.31 -29.45
C PRO I 92 74.53 -14.28 -28.57
N PHE I 93 75.03 -14.16 -27.34
CA PHE I 93 74.53 -13.17 -26.40
C PHE I 93 75.71 -12.59 -25.64
N GLU I 94 75.47 -11.42 -25.05
CA GLU I 94 76.50 -10.68 -24.33
C GLU I 94 76.52 -10.98 -22.85
N TYR I 95 75.37 -10.90 -22.20
CA TYR I 95 75.25 -11.01 -20.76
C TYR I 95 74.54 -12.30 -20.38
N TYR I 96 74.71 -12.70 -19.14
CA TYR I 96 74.04 -13.87 -18.62
C TYR I 96 73.91 -13.74 -17.11
N ARG I 97 73.02 -14.57 -16.57
CA ARG I 97 72.92 -14.73 -15.13
C ARG I 97 72.25 -16.07 -14.86
N ILE I 98 72.87 -16.87 -14.01
CA ILE I 98 72.39 -18.22 -13.74
C ILE I 98 71.26 -18.13 -12.73
N ARG I 99 70.10 -18.65 -13.10
CA ARG I 99 68.91 -18.60 -12.29
C ARG I 99 68.84 -19.77 -11.32
N LYS I 100 69.06 -20.98 -11.81
CA LYS I 100 68.95 -22.19 -11.01
C LYS I 100 69.94 -23.21 -11.52
N VAL I 101 70.25 -24.18 -10.67
CA VAL I 101 71.03 -25.35 -11.05
C VAL I 101 70.34 -26.57 -10.45
N LYS I 102 70.35 -27.66 -11.21
CA LYS I 102 69.83 -28.95 -10.79
C LYS I 102 70.97 -29.94 -10.87
N VAL I 103 71.46 -30.37 -9.73
CA VAL I 103 72.46 -31.41 -9.64
C VAL I 103 71.75 -32.72 -9.36
N GLU I 104 71.99 -33.71 -10.22
CA GLU I 104 71.36 -35.01 -10.13
C GLU I 104 72.45 -36.04 -9.98
N PHE I 105 72.43 -36.76 -8.86
CA PHE I 105 73.30 -37.90 -8.63
C PHE I 105 72.57 -39.14 -9.12
N TRP I 106 72.88 -39.56 -10.32
CA TRP I 106 72.32 -40.77 -10.88
C TRP I 106 73.21 -41.95 -10.48
N PRO I 107 72.69 -42.93 -9.75
CA PRO I 107 73.57 -44.01 -9.30
C PRO I 107 74.01 -44.92 -10.42
N CYS I 108 75.15 -45.56 -10.17
CA CYS I 108 75.72 -46.55 -11.05
C CYS I 108 75.73 -47.94 -10.45
N SER I 109 75.21 -48.10 -9.25
CA SER I 109 75.35 -49.30 -8.46
C SER I 109 74.04 -50.06 -8.43
N PRO I 110 74.08 -51.38 -8.33
CA PRO I 110 72.85 -52.16 -8.33
C PRO I 110 72.08 -52.01 -7.04
N ILE I 111 70.79 -52.34 -7.12
CA ILE I 111 69.94 -52.29 -5.94
C ILE I 111 70.20 -53.42 -4.95
N THR I 112 71.04 -54.39 -5.32
CA THR I 112 71.43 -55.47 -4.44
C THR I 112 72.69 -55.16 -3.64
N GLN I 113 73.29 -53.99 -3.81
CA GLN I 113 74.53 -53.68 -3.14
C GLN I 113 74.28 -53.40 -1.67
N GLY I 114 75.09 -53.99 -0.82
CA GLY I 114 74.98 -53.83 0.61
C GLY I 114 75.93 -52.79 1.16
N ASP I 115 76.10 -52.82 2.48
CA ASP I 115 76.91 -51.86 3.20
C ASP I 115 76.41 -50.45 2.91
N ARG I 116 75.10 -50.29 2.94
CA ARG I 116 74.46 -49.02 2.65
C ARG I 116 74.84 -47.99 3.70
N GLY I 117 74.55 -46.74 3.37
CA GLY I 117 74.96 -45.63 4.19
C GLY I 117 74.05 -44.45 4.10
N VAL I 118 74.43 -43.35 4.74
CA VAL I 118 73.61 -42.15 4.78
C VAL I 118 74.52 -40.95 4.84
N GLY I 119 74.29 -40.00 3.93
CA GLY I 119 75.11 -38.83 3.80
C GLY I 119 74.30 -37.55 3.79
N SER I 120 74.92 -36.48 3.30
CA SER I 120 74.30 -35.17 3.36
C SER I 120 74.86 -34.30 2.24
N SER I 121 73.98 -33.51 1.64
CA SER I 121 74.34 -32.50 0.65
C SER I 121 73.84 -31.16 1.12
N ALA I 122 74.72 -30.17 1.11
CA ALA I 122 74.40 -28.83 1.57
C ALA I 122 74.80 -27.80 0.52
N VAL I 123 74.21 -26.63 0.65
CA VAL I 123 74.38 -25.53 -0.30
C VAL I 123 75.32 -24.51 0.30
N ILE I 124 76.43 -24.26 -0.40
CA ILE I 124 77.55 -23.46 0.11
C ILE I 124 77.83 -22.37 -0.91
N LEU I 125 77.32 -21.18 -0.65
CA LEU I 125 77.31 -20.10 -1.64
C LEU I 125 78.49 -19.14 -1.51
N ASP I 126 79.66 -19.59 -1.00
CA ASP I 126 80.73 -18.67 -0.67
C ASP I 126 82.15 -19.15 -0.94
N ASP I 127 82.34 -20.33 -1.51
CA ASP I 127 83.66 -20.79 -1.93
C ASP I 127 84.56 -21.09 -0.74
N ASN I 128 83.97 -21.43 0.41
CA ASN I 128 84.72 -21.93 1.55
C ASN I 128 83.99 -23.19 2.00
N PHE I 129 84.43 -24.30 1.44
CA PHE I 129 83.89 -25.61 1.72
C PHE I 129 84.64 -26.25 2.88
N VAL I 130 84.02 -27.27 3.47
CA VAL I 130 84.75 -28.15 4.36
C VAL I 130 85.86 -28.80 3.56
N THR I 131 87.02 -28.95 4.19
CA THR I 131 88.18 -29.47 3.50
C THR I 131 87.90 -30.87 2.95
N LYS I 132 88.41 -31.13 1.76
CA LYS I 132 88.24 -32.43 1.15
C LYS I 132 88.92 -33.50 1.99
N ALA I 133 88.15 -34.55 2.29
CA ALA I 133 88.60 -35.62 3.15
C ALA I 133 88.20 -36.95 2.55
N THR I 134 89.02 -37.97 2.82
CA THR I 134 88.77 -39.32 2.36
C THR I 134 87.93 -40.11 3.37
N ALA I 135 88.32 -40.09 4.63
CA ALA I 135 87.60 -40.79 5.69
C ALA I 135 87.58 -39.90 6.92
N LEU I 136 86.57 -39.04 7.01
CA LEU I 136 86.36 -38.18 8.16
C LEU I 136 85.39 -38.84 9.11
N THR I 137 85.64 -38.67 10.41
CA THR I 137 84.92 -39.38 11.46
C THR I 137 83.51 -38.87 11.71
N TYR I 138 83.01 -37.94 10.90
CA TYR I 138 81.68 -37.39 11.11
C TYR I 138 81.21 -36.78 9.80
N ASP I 139 79.92 -36.48 9.75
CA ASP I 139 79.30 -35.82 8.61
C ASP I 139 79.27 -34.33 8.89
N PRO I 140 80.10 -33.51 8.25
CA PRO I 140 80.10 -32.09 8.60
C PRO I 140 78.86 -31.36 8.14
N TYR I 141 78.25 -31.78 7.04
CA TYR I 141 77.12 -31.09 6.46
C TYR I 141 75.78 -31.55 7.03
N VAL I 142 75.80 -32.23 8.18
CA VAL I 142 74.58 -32.84 8.70
C VAL I 142 73.71 -31.81 9.39
N ASN I 143 74.31 -30.90 10.15
CA ASN I 143 73.57 -29.90 10.90
C ASN I 143 73.32 -28.64 10.10
N TYR I 144 73.70 -28.61 8.83
CA TYR I 144 73.45 -27.45 8.00
C TYR I 144 71.96 -27.30 7.72
N SER I 145 71.51 -26.05 7.68
CA SER I 145 70.11 -25.76 7.42
C SER I 145 69.68 -26.20 6.03
N SER I 146 70.61 -26.32 5.09
CA SER I 146 70.33 -26.75 3.74
C SER I 146 70.69 -28.21 3.50
N ARG I 147 70.73 -29.01 4.55
CA ARG I 147 71.09 -30.41 4.40
C ARG I 147 69.91 -31.20 3.89
N HIS I 148 70.16 -32.01 2.87
CA HIS I 148 69.26 -33.06 2.43
C HIS I 148 70.00 -34.38 2.61
N THR I 149 69.28 -35.38 3.07
CA THR I 149 69.87 -36.68 3.28
C THR I 149 70.13 -37.38 1.96
N ILE I 150 71.30 -37.98 1.84
CA ILE I 150 71.68 -38.81 0.72
C ILE I 150 71.59 -40.25 1.20
N THR I 151 70.61 -40.97 0.70
CA THR I 151 70.61 -42.41 0.81
C THR I 151 71.57 -42.99 -0.22
N GLN I 152 72.37 -43.95 0.21
CA GLN I 152 73.42 -44.55 -0.60
C GLN I 152 73.20 -46.05 -0.67
N PRO I 153 73.75 -46.72 -1.69
CA PRO I 153 74.44 -46.28 -2.89
C PRO I 153 73.59 -46.19 -4.14
N PHE I 154 72.41 -46.80 -4.11
CA PHE I 154 71.61 -47.03 -5.30
C PHE I 154 70.40 -46.12 -5.37
N SER I 155 70.49 -44.94 -4.80
CA SER I 155 69.36 -44.03 -4.69
C SER I 155 69.69 -42.71 -5.35
N TYR I 156 68.68 -42.12 -5.96
CA TYR I 156 68.78 -40.87 -6.68
C TYR I 156 68.66 -39.70 -5.72
N HIS I 157 69.48 -38.67 -5.96
CA HIS I 157 69.54 -37.48 -5.13
C HIS I 157 69.57 -36.27 -6.06
N SER I 158 68.60 -35.38 -5.89
CA SER I 158 68.55 -34.13 -6.64
C SER I 158 68.63 -32.96 -5.68
N ARG I 159 69.20 -31.87 -6.16
CA ARG I 159 69.27 -30.61 -5.45
C ARG I 159 69.01 -29.51 -6.46
N TYR I 160 68.04 -28.65 -6.16
CA TYR I 160 67.62 -27.57 -7.04
C TYR I 160 67.69 -26.27 -6.26
N PHE I 161 68.58 -25.38 -6.69
CA PHE I 161 68.88 -24.19 -5.93
C PHE I 161 69.40 -23.11 -6.87
N THR I 162 69.62 -21.94 -6.31
CA THR I 162 70.10 -20.77 -7.02
C THR I 162 71.54 -20.49 -6.62
N PRO I 163 72.52 -20.68 -7.50
CA PRO I 163 73.90 -20.44 -7.10
C PRO I 163 74.23 -18.97 -7.04
N LYS I 164 75.46 -18.65 -6.65
CA LYS I 164 75.93 -17.29 -6.54
C LYS I 164 77.33 -17.22 -7.13
N PRO I 165 77.69 -16.12 -7.78
CA PRO I 165 79.04 -16.02 -8.34
C PRO I 165 80.06 -15.55 -7.32
N VAL I 166 81.32 -15.90 -7.63
CA VAL I 166 82.46 -15.56 -6.79
C VAL I 166 82.99 -14.23 -7.30
N LEU I 167 82.44 -13.15 -6.76
CA LEU I 167 82.86 -11.81 -7.13
C LEU I 167 84.13 -11.39 -6.40
N ASP I 168 84.20 -11.66 -5.10
CA ASP I 168 85.40 -11.40 -4.31
C ASP I 168 85.57 -12.56 -3.35
N SER I 169 86.58 -13.40 -3.59
CA SER I 169 86.84 -14.53 -2.73
C SER I 169 87.42 -14.13 -1.39
N THR I 170 87.94 -12.90 -1.27
CA THR I 170 88.48 -12.43 0.00
C THR I 170 87.38 -12.09 0.99
N ILE I 171 86.31 -11.47 0.51
CA ILE I 171 85.21 -11.00 1.35
C ILE I 171 84.06 -11.99 1.28
N ASP I 172 83.87 -12.60 0.11
CA ASP I 172 82.86 -13.62 -0.11
C ASP I 172 81.46 -13.09 0.20
N TYR I 173 81.05 -12.11 -0.60
CA TYR I 173 79.72 -11.51 -0.50
C TYR I 173 78.84 -12.00 -1.64
N PHE I 174 77.55 -12.13 -1.35
CA PHE I 174 76.60 -12.56 -2.34
C PHE I 174 75.24 -11.94 -2.06
N GLN I 175 74.42 -11.99 -3.02
CA GLN I 175 73.09 -11.41 -3.01
C GLN I 175 72.06 -12.41 -2.53
N PRO I 176 71.00 -11.97 -1.89
CA PRO I 176 69.87 -12.88 -1.66
C PRO I 176 69.07 -13.13 -2.92
N ASN I 177 68.13 -14.05 -2.84
CA ASN I 177 67.39 -14.46 -4.01
C ASN I 177 66.39 -13.39 -4.39
N ASN I 178 66.56 -12.83 -5.59
CA ASN I 178 65.65 -11.83 -6.12
C ASN I 178 65.79 -11.90 -7.63
N LYS I 179 64.73 -12.32 -8.30
CA LYS I 179 64.82 -12.47 -9.75
C LYS I 179 64.97 -11.12 -10.43
N ARG I 180 64.44 -10.05 -9.84
CA ARG I 180 64.45 -8.76 -10.49
C ARG I 180 65.76 -8.01 -10.29
N ASN I 181 66.48 -8.31 -9.21
CA ASN I 181 67.69 -7.60 -8.84
C ASN I 181 68.96 -8.40 -9.05
N GLN I 182 68.86 -9.60 -9.59
CA GLN I 182 70.03 -10.43 -9.79
C GLN I 182 70.97 -9.80 -10.80
N LEU I 183 72.25 -9.80 -10.48
CA LEU I 183 73.25 -9.18 -11.32
C LEU I 183 73.38 -9.90 -12.65
N TRP I 184 73.63 -9.12 -13.69
CA TRP I 184 74.01 -9.64 -14.99
C TRP I 184 75.52 -9.66 -15.07
N LEU I 185 76.08 -10.81 -15.37
CA LEU I 185 77.49 -10.96 -15.68
C LEU I 185 77.68 -10.94 -17.17
N ARG I 186 78.93 -10.76 -17.58
CA ARG I 186 79.31 -10.83 -18.98
C ARG I 186 79.72 -12.25 -19.33
N LEU I 187 79.27 -12.69 -20.50
CA LEU I 187 79.68 -13.95 -21.07
C LEU I 187 81.04 -13.75 -21.72
N GLN I 188 82.09 -14.01 -20.95
CA GLN I 188 83.44 -13.84 -21.42
C GLN I 188 83.77 -14.88 -22.48
N THR I 189 84.94 -14.73 -23.08
CA THR I 189 85.38 -15.65 -24.12
C THR I 189 85.95 -16.93 -23.54
N ALA I 190 86.93 -16.81 -22.63
CA ALA I 190 87.53 -17.99 -22.01
C ALA I 190 87.86 -17.79 -20.53
N GLY I 191 87.17 -16.90 -19.83
CA GLY I 191 87.53 -16.54 -18.47
C GLY I 191 86.37 -16.30 -17.55
N ASN I 192 85.27 -17.01 -17.75
CA ASN I 192 84.08 -16.79 -16.94
C ASN I 192 84.33 -17.16 -15.49
N VAL I 193 83.52 -16.58 -14.62
CA VAL I 193 83.68 -16.69 -13.18
C VAL I 193 82.96 -17.93 -12.67
N ASP I 194 83.53 -18.53 -11.64
CA ASP I 194 82.98 -19.76 -11.09
C ASP I 194 81.79 -19.47 -10.19
N HIS I 195 80.70 -20.16 -10.44
CA HIS I 195 79.58 -20.19 -9.53
C HIS I 195 79.71 -21.35 -8.58
N VAL I 196 79.07 -21.23 -7.43
CA VAL I 196 79.32 -22.10 -6.30
C VAL I 196 78.00 -22.38 -5.60
N GLY I 197 77.98 -23.40 -4.75
CA GLY I 197 76.73 -23.79 -4.15
C GLY I 197 76.43 -25.23 -3.82
N LEU I 198 77.38 -26.16 -3.88
CA LEU I 198 77.09 -27.49 -3.37
C LEU I 198 78.30 -28.17 -2.78
N GLY I 199 78.10 -28.74 -1.60
CA GLY I 199 79.08 -29.60 -0.97
C GLY I 199 78.41 -30.85 -0.45
N THR I 200 79.15 -31.95 -0.48
CA THR I 200 78.61 -33.27 -0.22
C THR I 200 79.43 -33.98 0.83
N ALA I 201 78.80 -35.01 1.42
CA ALA I 201 79.48 -35.92 2.33
C ALA I 201 78.86 -37.30 2.14
N PHE I 202 79.65 -38.22 1.59
CA PHE I 202 79.23 -39.58 1.34
C PHE I 202 79.86 -40.52 2.33
N GLU I 203 79.06 -41.44 2.85
CA GLU I 203 79.55 -42.45 3.78
C GLU I 203 80.27 -43.53 3.01
N ASN I 204 81.48 -43.84 3.44
CA ASN I 204 82.31 -44.80 2.75
C ASN I 204 81.76 -46.21 2.96
N SER I 205 82.29 -47.15 2.16
CA SER I 205 81.78 -48.50 2.12
C SER I 205 82.90 -49.44 1.70
N ILE I 206 82.64 -50.74 1.87
CA ILE I 206 83.57 -51.76 1.43
C ILE I 206 83.63 -51.82 -0.08
N TYR I 207 82.53 -51.49 -0.75
CA TYR I 207 82.45 -51.50 -2.20
C TYR I 207 82.55 -50.08 -2.74
N ASP I 208 82.98 -49.99 -4.00
CA ASP I 208 83.07 -48.70 -4.66
C ASP I 208 81.68 -48.20 -5.03
N GLN I 209 81.44 -46.92 -4.75
CA GLN I 209 80.18 -46.26 -5.04
C GLN I 209 80.39 -45.26 -6.15
N GLU I 210 79.89 -45.57 -7.34
CA GLU I 210 80.03 -44.71 -8.50
C GLU I 210 78.73 -43.97 -8.77
N TYR I 211 78.86 -42.78 -9.35
CA TYR I 211 77.73 -41.94 -9.70
C TYR I 211 78.01 -41.24 -11.01
N ASN I 212 76.95 -41.01 -11.78
CA ASN I 212 76.98 -40.18 -12.97
C ASN I 212 76.23 -38.91 -12.64
N ILE I 213 76.94 -37.80 -12.52
CA ILE I 213 76.38 -36.55 -12.05
C ILE I 213 76.03 -35.70 -13.26
N ARG I 214 74.76 -35.30 -13.35
CA ARG I 214 74.25 -34.47 -14.43
C ARG I 214 73.85 -33.13 -13.84
N VAL I 215 74.59 -32.09 -14.20
CA VAL I 215 74.31 -30.74 -13.79
C VAL I 215 73.58 -30.05 -14.92
N THR I 216 72.47 -29.40 -14.58
CA THR I 216 71.66 -28.64 -15.52
C THR I 216 71.55 -27.22 -14.99
N MET I 217 72.03 -26.26 -15.76
CA MET I 217 71.95 -24.86 -15.42
C MET I 217 70.86 -24.18 -16.24
N TYR I 218 69.99 -23.48 -15.54
CA TYR I 218 68.93 -22.70 -16.14
C TYR I 218 69.38 -21.25 -16.19
N VAL I 219 69.72 -20.77 -17.38
CA VAL I 219 70.38 -19.50 -17.56
C VAL I 219 69.43 -18.53 -18.26
N GLN I 220 69.80 -17.27 -18.25
CA GLN I 220 69.03 -16.19 -18.85
C GLN I 220 70.03 -15.24 -19.48
N PHE I 221 69.97 -15.12 -20.78
CA PHE I 221 70.87 -14.29 -21.55
C PHE I 221 70.20 -12.97 -21.92
N ARG I 222 71.01 -12.07 -22.48
CA ARG I 222 70.54 -10.73 -22.82
C ARG I 222 71.42 -10.17 -23.93
N GLU I 223 70.80 -9.33 -24.76
CA GLU I 223 71.49 -8.57 -25.80
C GLU I 223 72.15 -9.48 -26.83
N PHE I 224 71.27 -10.11 -27.61
CA PHE I 224 71.63 -10.79 -28.85
C PHE I 224 72.62 -9.96 -29.65
N ASN I 225 73.77 -10.54 -29.94
CA ASN I 225 74.89 -9.80 -30.51
C ASN I 225 75.54 -10.55 -31.65
N LEU I 226 74.72 -11.14 -32.51
CA LEU I 226 75.27 -11.87 -33.64
C LEU I 226 75.97 -10.92 -34.60
N LYS I 227 77.07 -11.40 -35.17
CA LYS I 227 77.86 -10.65 -36.14
C LYS I 227 77.88 -11.41 -37.44
N ASP I 228 77.54 -10.72 -38.53
CA ASP I 228 77.35 -11.33 -39.85
C ASP I 228 78.24 -10.63 -40.85
N PRO I 229 79.51 -11.03 -40.94
CA PRO I 229 80.36 -10.51 -41.99
C PRO I 229 80.00 -11.11 -43.33
N PRO I 230 80.50 -10.54 -44.44
CA PRO I 230 80.28 -11.18 -45.73
C PRO I 230 81.06 -12.47 -45.89
N LEU I 231 80.94 -13.10 -47.05
CA LEU I 231 81.60 -14.37 -47.33
C LEU I 231 82.13 -14.41 -48.76
N GLY J 43 65.51 -15.18 25.61
CA GLY J 43 66.13 -15.28 24.31
C GLY J 43 66.08 -16.68 23.74
N ILE J 44 64.95 -17.02 23.15
CA ILE J 44 64.69 -18.37 22.69
C ILE J 44 65.38 -18.61 21.37
N PHE J 45 65.86 -19.84 21.20
CA PHE J 45 66.46 -20.28 19.95
C PHE J 45 66.18 -21.77 19.81
N ASN J 46 65.20 -22.11 18.98
CA ASN J 46 64.94 -23.49 18.65
C ASN J 46 65.84 -23.93 17.51
N THR J 47 66.53 -25.04 17.71
CA THR J 47 67.41 -25.58 16.68
C THR J 47 67.31 -27.11 16.70
N ARG J 48 68.25 -27.74 16.02
CA ARG J 48 68.24 -29.17 15.76
C ARG J 48 69.67 -29.67 15.79
N LEU J 49 69.91 -30.70 16.61
CA LEU J 49 71.23 -31.28 16.80
C LEU J 49 71.13 -32.77 16.53
N SER J 50 72.13 -33.30 15.82
CA SER J 50 72.14 -34.67 15.37
C SER J 50 73.43 -35.36 15.78
N ARG J 51 73.43 -36.67 15.60
CA ARG J 51 74.48 -37.57 16.05
C ARG J 51 74.19 -38.93 15.43
N THR J 52 75.25 -39.62 15.01
CA THR J 52 75.13 -40.88 14.31
C THR J 52 76.07 -41.91 14.92
N PHE J 53 75.59 -43.13 15.05
CA PHE J 53 76.36 -44.21 15.63
C PHE J 53 75.76 -45.53 15.18
N GLY J 54 76.49 -46.60 15.45
CA GLY J 54 76.14 -47.93 15.01
C GLY J 54 75.56 -48.84 16.07
N TYR J 55 74.80 -49.84 15.61
CA TYR J 55 74.23 -50.87 16.46
C TYR J 55 74.12 -52.13 15.64
N THR J 56 74.61 -53.24 16.19
CA THR J 56 74.61 -54.53 15.52
C THR J 56 73.96 -55.57 16.40
N ILE J 57 73.15 -56.42 15.77
CA ILE J 57 72.56 -57.60 16.40
C ILE J 57 73.31 -58.79 15.83
N LYS J 58 74.18 -59.37 16.63
CA LYS J 58 75.01 -60.47 16.19
C LYS J 58 74.16 -61.70 15.91
N ARG J 59 74.73 -62.59 15.09
CA ARG J 59 74.05 -63.81 14.69
C ARG J 59 73.98 -64.80 15.84
N THR J 60 73.05 -65.75 15.71
CA THR J 60 72.86 -66.81 16.69
C THR J 60 72.50 -68.10 15.97
N THR J 61 73.09 -69.21 16.44
CA THR J 61 72.74 -70.54 15.96
C THR J 61 71.43 -71.05 16.55
N VAL J 62 70.84 -70.32 17.49
CA VAL J 62 69.58 -70.74 18.10
C VAL J 62 68.50 -70.85 17.03
N LYS J 63 67.72 -71.92 17.11
CA LYS J 63 66.68 -72.18 16.11
C LYS J 63 65.40 -71.43 16.41
N THR J 64 65.06 -71.29 17.68
CA THR J 64 63.82 -70.67 18.08
C THR J 64 63.78 -69.19 17.68
N PRO J 65 62.60 -68.58 17.70
CA PRO J 65 62.55 -67.13 17.59
C PRO J 65 62.86 -66.49 18.93
N SER J 66 64.06 -65.91 19.03
CA SER J 66 64.49 -65.17 20.19
C SER J 66 64.72 -63.73 19.82
N TRP J 67 64.65 -62.86 20.82
CA TRP J 67 64.80 -61.43 20.63
C TRP J 67 65.97 -60.89 21.44
N ALA J 68 66.59 -59.86 20.89
CA ALA J 68 67.71 -59.17 21.51
C ALA J 68 67.22 -57.83 22.02
N VAL J 69 67.37 -57.62 23.31
CA VAL J 69 66.84 -56.44 23.98
C VAL J 69 67.99 -55.50 24.29
N ASP J 70 67.73 -54.20 24.13
CA ASP J 70 68.71 -53.18 24.43
C ASP J 70 67.98 -51.88 24.73
N MET J 71 68.72 -50.94 25.28
CA MET J 71 68.21 -49.66 25.73
C MET J 71 68.87 -48.52 24.97
N MET J 72 68.29 -47.33 25.13
CA MET J 72 68.78 -46.14 24.43
C MET J 72 68.44 -44.91 25.26
N ARG J 73 69.46 -44.24 25.76
CA ARG J 73 69.36 -42.97 26.46
C ARG J 73 69.87 -41.86 25.57
N PHE J 74 69.57 -40.63 25.97
CA PHE J 74 69.95 -39.44 25.22
C PHE J 74 70.52 -38.40 26.18
N ASN J 75 71.74 -37.96 25.90
CA ASN J 75 72.38 -36.89 26.65
C ASN J 75 72.86 -35.81 25.68
N ILE J 76 72.86 -34.58 26.15
CA ILE J 76 73.22 -33.44 25.31
C ILE J 76 74.71 -33.26 25.16
N ASN J 77 75.53 -33.92 25.98
CA ASN J 77 76.97 -33.84 25.80
C ASN J 77 77.39 -34.51 24.51
N ASP J 78 76.66 -35.53 24.08
CA ASP J 78 76.97 -36.25 22.85
C ASP J 78 76.57 -35.49 21.60
N PHE J 79 75.76 -34.44 21.73
CA PHE J 79 75.33 -33.62 20.62
C PHE J 79 75.97 -32.24 20.61
N LEU J 80 76.27 -31.70 21.79
CA LEU J 80 76.82 -30.36 21.95
C LEU J 80 78.24 -30.45 22.49
N PRO J 81 79.28 -30.13 21.73
CA PRO J 81 80.62 -30.27 22.25
C PRO J 81 80.96 -29.16 23.23
N PRO J 82 82.10 -29.27 23.91
CA PRO J 82 82.55 -28.16 24.73
C PRO J 82 83.06 -27.02 23.86
N GLY J 83 82.88 -25.80 24.37
CA GLY J 83 83.28 -24.63 23.64
C GLY J 83 84.74 -24.30 23.83
N GLY J 84 85.04 -23.02 23.94
CA GLY J 84 86.40 -22.57 24.13
C GLY J 84 86.47 -21.20 24.77
N GLY J 85 87.32 -21.08 25.78
CA GLY J 85 87.50 -19.82 26.46
C GLY J 85 86.48 -19.59 27.56
N SER J 86 86.01 -18.35 27.66
CA SER J 86 85.05 -18.01 28.69
C SER J 86 83.68 -18.61 28.44
N ASN J 87 83.42 -19.08 27.22
CA ASN J 87 82.18 -19.76 26.91
C ASN J 87 82.38 -21.26 27.06
N PRO J 88 81.81 -21.92 28.08
CA PRO J 88 82.13 -23.33 28.28
C PRO J 88 81.57 -24.26 27.24
N ARG J 89 80.51 -23.84 26.53
CA ARG J 89 79.85 -24.65 25.52
C ARG J 89 79.86 -23.92 24.19
N SER J 90 79.64 -24.69 23.13
CA SER J 90 79.75 -24.17 21.77
C SER J 90 78.50 -23.40 21.35
N VAL J 91 77.36 -23.68 21.96
CA VAL J 91 76.14 -22.91 21.76
C VAL J 91 75.98 -21.98 22.95
N PRO J 92 76.13 -20.66 22.78
CA PRO J 92 76.19 -19.80 23.97
C PRO J 92 74.83 -19.47 24.58
N PHE J 93 74.31 -20.43 25.33
CA PHE J 93 73.07 -20.27 26.06
C PHE J 93 73.21 -20.91 27.42
N GLU J 94 72.33 -20.52 28.33
CA GLU J 94 72.35 -20.96 29.71
C GLU J 94 71.45 -22.17 29.96
N TYR J 95 70.20 -22.08 29.51
CA TYR J 95 69.19 -23.08 29.81
C TYR J 95 68.80 -23.82 28.54
N TYR J 96 68.20 -24.98 28.73
CA TYR J 96 67.73 -25.78 27.61
C TYR J 96 66.59 -26.67 28.08
N ARG J 97 65.85 -27.19 27.11
CA ARG J 97 64.87 -28.22 27.36
C ARG J 97 64.61 -28.94 26.05
N ILE J 98 64.69 -30.26 26.09
CA ILE J 98 64.55 -31.06 24.88
C ILE J 98 63.08 -31.23 24.58
N ARG J 99 62.68 -30.81 23.38
CA ARG J 99 61.29 -30.85 22.96
C ARG J 99 60.92 -32.19 22.35
N LYS J 100 61.74 -32.68 21.43
CA LYS J 100 61.47 -33.92 20.71
C LYS J 100 62.78 -34.59 20.39
N VAL J 101 62.69 -35.88 20.11
CA VAL J 101 63.81 -36.67 19.59
C VAL J 101 63.28 -37.53 18.45
N LYS J 102 64.10 -37.68 17.43
CA LYS J 102 63.83 -38.54 16.27
C LYS J 102 64.95 -39.55 16.20
N VAL J 103 64.64 -40.79 16.53
CA VAL J 103 65.57 -41.90 16.37
C VAL J 103 65.26 -42.59 15.06
N GLU J 104 66.27 -42.70 14.21
CA GLU J 104 66.14 -43.29 12.88
C GLU J 104 67.09 -44.48 12.82
N PHE J 105 66.52 -45.66 12.61
CA PHE J 105 67.29 -46.87 12.35
C PHE J 105 67.45 -47.00 10.85
N TRP J 106 68.60 -46.56 10.36
CA TRP J 106 68.92 -46.69 8.95
C TRP J 106 69.59 -48.03 8.72
N PRO J 107 69.03 -48.92 7.91
CA PRO J 107 69.63 -50.25 7.78
C PRO J 107 70.95 -50.21 7.03
N CYS J 108 71.74 -51.24 7.30
CA CYS J 108 73.00 -51.48 6.63
C CYS J 108 72.99 -52.74 5.80
N SER J 109 71.88 -53.44 5.73
CA SER J 109 71.77 -54.76 5.16
C SER J 109 71.08 -54.71 3.82
N PRO J 110 71.41 -55.60 2.90
CA PRO J 110 70.78 -55.56 1.59
C PRO J 110 69.34 -56.03 1.63
N ILE J 111 68.60 -55.65 0.58
CA ILE J 111 67.21 -56.07 0.48
C ILE J 111 67.05 -57.53 0.10
N THR J 112 68.14 -58.21 -0.23
CA THR J 112 68.13 -59.63 -0.54
C THR J 112 68.37 -60.51 0.68
N GLN J 113 68.57 -59.92 1.86
CA GLN J 113 68.90 -60.71 3.04
C GLN J 113 67.66 -61.42 3.54
N GLY J 114 67.81 -62.70 3.84
CA GLY J 114 66.74 -63.52 4.34
C GLY J 114 66.74 -63.65 5.84
N ASP J 115 66.00 -64.64 6.32
CA ASP J 115 65.79 -64.88 7.74
C ASP J 115 65.24 -63.62 8.40
N ARG J 116 64.28 -63.00 7.73
CA ARG J 116 63.69 -61.78 8.22
C ARG J 116 62.94 -62.02 9.52
N GLY J 117 62.61 -60.93 10.19
CA GLY J 117 62.04 -60.97 11.50
C GLY J 117 61.13 -59.82 11.81
N VAL J 118 60.67 -59.74 13.04
CA VAL J 118 59.74 -58.70 13.46
C VAL J 118 59.99 -58.38 14.91
N GLY J 119 60.17 -57.10 15.20
CA GLY J 119 60.50 -56.62 16.52
C GLY J 119 59.59 -55.51 16.98
N SER J 120 60.04 -54.79 18.00
CA SER J 120 59.21 -53.77 18.63
C SER J 120 60.09 -52.71 19.26
N SER J 121 59.67 -51.46 19.15
CA SER J 121 60.30 -50.33 19.80
C SER J 121 59.25 -49.61 20.65
N ALA J 122 59.59 -49.38 21.91
CA ALA J 122 58.69 -48.74 22.85
C ALA J 122 59.38 -47.56 23.53
N VAL J 123 58.57 -46.69 24.10
CA VAL J 123 59.00 -45.46 24.71
C VAL J 123 58.97 -45.63 26.22
N ILE J 124 60.13 -45.47 26.86
CA ILE J 124 60.33 -45.78 28.27
C ILE J 124 60.91 -44.54 28.93
N LEU J 125 60.05 -43.78 29.61
CA LEU J 125 60.40 -42.46 30.10
C LEU J 125 60.85 -42.44 31.55
N ASP J 126 61.44 -43.53 32.07
CA ASP J 126 61.70 -43.64 33.50
C ASP J 126 63.00 -44.33 33.90
N ASP J 127 63.85 -44.74 32.96
CA ASP J 127 65.15 -45.29 33.29
C ASP J 127 65.06 -46.65 33.97
N ASN J 128 63.99 -47.39 33.71
CA ASN J 128 63.88 -48.78 34.13
C ASN J 128 63.44 -49.55 32.89
N PHE J 129 64.42 -50.02 32.16
CA PHE J 129 64.23 -50.79 30.95
C PHE J 129 64.16 -52.27 31.27
N VAL J 130 63.62 -53.03 30.32
CA VAL J 130 63.77 -54.47 30.38
C VAL J 130 65.27 -54.78 30.31
N THR J 131 65.68 -55.77 31.07
CA THR J 131 67.09 -56.11 31.18
C THR J 131 67.65 -56.47 29.81
N LYS J 132 68.88 -56.02 29.56
CA LYS J 132 69.53 -56.32 28.30
C LYS J 132 69.73 -57.82 28.17
N ALA J 133 69.31 -58.36 27.02
CA ALA J 133 69.33 -59.78 26.76
C ALA J 133 69.84 -60.02 25.34
N THR J 134 70.51 -61.15 25.17
CA THR J 134 71.01 -61.56 23.87
C THR J 134 69.99 -62.37 23.09
N ALA J 135 69.41 -63.39 23.72
CA ALA J 135 68.40 -64.23 23.09
C ALA J 135 67.31 -64.52 24.12
N LEU J 136 66.32 -63.64 24.18
CA LEU J 136 65.17 -63.82 25.04
C LEU J 136 64.04 -64.47 24.26
N THR J 137 63.29 -65.35 24.93
CA THR J 137 62.30 -66.19 24.28
C THR J 137 61.02 -65.47 23.92
N TYR J 138 60.97 -64.16 24.05
CA TYR J 138 59.75 -63.41 23.73
C TYR J 138 60.12 -61.96 23.52
N ASP J 139 59.19 -61.22 22.95
CA ASP J 139 59.33 -59.79 22.73
C ASP J 139 58.70 -59.05 23.89
N PRO J 140 59.48 -58.47 24.80
CA PRO J 140 58.85 -57.84 25.96
C PRO J 140 58.08 -56.58 25.63
N TYR J 141 58.52 -55.84 24.62
CA TYR J 141 57.94 -54.56 24.27
C TYR J 141 56.76 -54.69 23.32
N VAL J 142 56.20 -55.88 23.17
CA VAL J 142 55.18 -56.10 22.15
C VAL J 142 53.83 -55.59 22.61
N ASN J 143 53.49 -55.79 23.87
CA ASN J 143 52.19 -55.39 24.39
C ASN J 143 52.20 -53.98 24.95
N TYR J 144 53.30 -53.26 24.81
CA TYR J 144 53.36 -51.88 25.27
C TYR J 144 52.48 -50.99 24.40
N SER J 145 51.84 -50.02 25.04
CA SER J 145 50.97 -49.09 24.35
C SER J 145 51.72 -48.24 23.34
N SER J 146 53.02 -48.06 23.52
CA SER J 146 53.86 -47.28 22.62
C SER J 146 54.67 -48.15 21.68
N ARG J 147 54.23 -49.36 21.43
CA ARG J 147 54.96 -50.27 20.56
C ARG J 147 54.71 -49.92 19.11
N HIS J 148 55.80 -49.82 18.36
CA HIS J 148 55.76 -49.78 16.91
C HIS J 148 56.52 -51.00 16.43
N THR J 149 56.00 -51.64 15.40
CA THR J 149 56.63 -52.82 14.83
C THR J 149 57.89 -52.44 14.06
N ILE J 150 58.95 -53.22 14.29
CA ILE J 150 60.19 -53.11 13.56
C ILE J 150 60.21 -54.28 12.58
N THR J 151 60.07 -53.97 11.31
CA THR J 151 60.40 -54.92 10.27
C THR J 151 61.91 -54.96 10.10
N GLN J 152 62.44 -56.17 9.99
CA GLN J 152 63.86 -56.42 9.93
C GLN J 152 64.18 -57.20 8.66
N PRO J 153 65.44 -57.13 8.18
CA PRO J 153 66.60 -56.34 8.57
C PRO J 153 66.81 -55.08 7.74
N PHE J 154 66.15 -55.00 6.59
CA PHE J 154 66.46 -54.00 5.58
C PHE J 154 65.42 -52.89 5.51
N SER J 155 64.77 -52.60 6.62
CA SER J 155 63.67 -51.66 6.65
C SER J 155 63.96 -50.54 7.63
N TYR J 156 63.51 -49.35 7.28
CA TYR J 156 63.71 -48.15 8.06
C TYR J 156 62.65 -48.04 9.14
N HIS J 157 63.09 -47.59 10.32
CA HIS J 157 62.24 -47.45 11.48
C HIS J 157 62.55 -46.10 12.13
N SER J 158 61.52 -45.27 12.26
CA SER J 158 61.62 -43.99 12.92
C SER J 158 60.71 -43.96 14.13
N ARG J 159 61.13 -43.21 15.15
CA ARG J 159 60.34 -42.95 16.33
C ARG J 159 60.52 -41.49 16.69
N TYR J 160 59.42 -40.76 16.84
CA TYR J 160 59.41 -39.34 17.12
C TYR J 160 58.58 -39.11 18.36
N PHE J 161 59.22 -38.64 19.43
CA PHE J 161 58.59 -38.56 20.73
C PHE J 161 59.28 -37.48 21.55
N THR J 162 58.72 -37.24 22.72
CA THR J 162 59.20 -36.23 23.66
C THR J 162 59.86 -36.93 24.84
N PRO J 163 61.17 -36.85 25.03
CA PRO J 163 61.79 -37.54 26.15
C PRO J 163 61.56 -36.82 27.46
N LYS J 164 62.06 -37.40 28.54
CA LYS J 164 61.93 -36.85 29.87
C LYS J 164 63.26 -36.98 30.59
N PRO J 165 63.64 -36.02 31.42
CA PRO J 165 64.91 -36.12 32.12
C PRO J 165 64.82 -36.96 33.38
N VAL J 166 65.98 -37.47 33.78
CA VAL J 166 66.11 -38.30 34.97
C VAL J 166 66.44 -37.37 36.12
N LEU J 167 65.40 -36.85 36.76
CA LEU J 167 65.56 -35.95 37.90
C LEU J 167 65.84 -36.73 39.18
N ASP J 168 65.09 -37.80 39.42
CA ASP J 168 65.32 -38.66 40.57
C ASP J 168 65.12 -40.10 40.09
N SER J 169 66.21 -40.85 40.00
CA SER J 169 66.14 -42.24 39.59
C SER J 169 65.52 -43.14 40.64
N THR J 170 65.45 -42.69 41.90
CA THR J 170 64.85 -43.49 42.96
C THR J 170 63.34 -43.50 42.85
N ILE J 171 62.74 -42.36 42.53
CA ILE J 171 61.29 -42.20 42.47
C ILE J 171 60.83 -42.28 41.03
N ASP J 172 61.65 -41.78 40.12
CA ASP J 172 61.38 -41.83 38.68
C ASP J 172 60.06 -41.14 38.34
N TYR J 173 60.03 -39.83 38.57
CA TYR J 173 58.88 -39.00 38.26
C TYR J 173 59.18 -38.15 37.02
N PHE J 174 58.13 -37.90 36.25
CA PHE J 174 58.26 -37.10 35.05
C PHE J 174 56.96 -36.34 34.80
N GLN J 175 57.05 -35.40 33.98
CA GLN J 175 55.96 -34.51 33.63
C GLN J 175 55.21 -35.01 32.40
N PRO J 176 53.92 -34.75 32.30
CA PRO J 176 53.25 -34.99 31.02
C PRO J 176 53.62 -33.96 29.97
N ASN J 177 53.17 -34.18 28.75
CA ASN J 177 53.55 -33.33 27.64
C ASN J 177 52.82 -32.00 27.73
N ASN J 178 53.58 -30.93 27.89
CA ASN J 178 53.02 -29.59 27.93
C ASN J 178 54.15 -28.66 27.50
N LYS J 179 53.99 -28.02 26.34
CA LYS J 179 55.05 -27.17 25.85
C LYS J 179 55.25 -25.95 26.73
N ARG J 180 54.18 -25.49 27.39
CA ARG J 180 54.26 -24.26 28.16
C ARG J 180 54.81 -24.48 29.55
N ASN J 181 54.67 -25.69 30.10
CA ASN J 181 55.05 -26.01 31.46
C ASN J 181 56.30 -26.87 31.55
N GLN J 182 56.93 -27.20 30.44
CA GLN J 182 58.11 -28.04 30.46
C GLN J 182 59.25 -27.35 31.18
N LEU J 183 59.91 -28.10 32.05
CA LEU J 183 60.99 -27.56 32.85
C LEU J 183 62.17 -27.15 31.98
N TRP J 184 62.83 -26.08 32.39
CA TRP J 184 64.09 -25.66 31.84
C TRP J 184 65.20 -26.24 32.70
N LEU J 185 66.11 -26.96 32.08
CA LEU J 185 67.32 -27.42 32.72
C LEU J 185 68.46 -26.47 32.39
N ARG J 186 69.54 -26.60 33.15
CA ARG J 186 70.75 -25.85 32.90
C ARG J 186 71.66 -26.64 31.99
N LEU J 187 72.26 -25.93 31.04
CA LEU J 187 73.28 -26.48 30.17
C LEU J 187 74.59 -26.47 30.94
N GLN J 188 74.87 -27.59 31.60
CA GLN J 188 76.06 -27.72 32.39
C GLN J 188 77.29 -27.77 31.49
N THR J 189 78.46 -27.76 32.12
CA THR J 189 79.72 -27.78 31.38
C THR J 189 80.08 -29.19 30.95
N ALA J 190 80.12 -30.14 31.90
CA ALA J 190 80.46 -31.52 31.57
C ALA J 190 79.64 -32.55 32.36
N GLY J 191 78.44 -32.18 32.83
CA GLY J 191 77.68 -33.04 33.71
C GLY J 191 76.20 -33.05 33.50
N ASN J 192 75.77 -32.89 32.25
CA ASN J 192 74.36 -32.81 31.94
C ASN J 192 73.65 -34.14 32.25
N VAL J 193 72.36 -34.04 32.46
CA VAL J 193 71.53 -35.15 32.92
C VAL J 193 71.05 -35.96 31.73
N ASP J 194 70.91 -37.25 31.93
CA ASP J 194 70.53 -38.15 30.85
C ASP J 194 69.03 -38.10 30.65
N HIS J 195 68.62 -37.90 29.40
CA HIS J 195 67.25 -38.07 28.99
C HIS J 195 67.04 -39.49 28.49
N VAL J 196 65.79 -39.92 28.55
CA VAL J 196 65.46 -41.33 28.40
C VAL J 196 64.16 -41.42 27.61
N GLY J 197 63.87 -42.61 27.09
CA GLY J 197 62.71 -42.75 26.25
C GLY J 197 62.68 -43.72 25.09
N LEU J 198 63.64 -44.64 24.96
CA LEU J 198 63.47 -45.67 23.95
C LEU J 198 64.11 -46.99 24.35
N GLY J 199 63.33 -48.05 24.16
CA GLY J 199 63.84 -49.41 24.30
C GLY J 199 63.37 -50.25 23.13
N THR J 200 64.21 -51.19 22.75
CA THR J 200 64.03 -51.96 21.52
C THR J 200 64.09 -53.45 21.79
N ALA J 201 63.57 -54.20 20.84
CA ALA J 201 63.67 -55.66 20.84
C ALA J 201 63.76 -56.11 19.39
N PHE J 202 64.93 -56.62 19.02
CA PHE J 202 65.19 -57.10 17.67
C PHE J 202 65.24 -58.61 17.66
N GLU J 203 64.59 -59.19 16.65
CA GLU J 203 64.59 -60.63 16.48
C GLU J 203 65.90 -61.07 15.87
N ASN J 204 66.54 -62.05 16.50
CA ASN J 204 67.84 -62.50 16.06
C ASN J 204 67.72 -63.28 14.75
N SER J 205 68.88 -63.51 14.13
CA SER J 205 68.93 -64.10 12.81
C SER J 205 70.24 -64.85 12.65
N ILE J 206 70.32 -65.64 11.58
CA ILE J 206 71.55 -66.35 11.25
C ILE J 206 72.61 -65.38 10.77
N TYR J 207 72.20 -64.28 10.17
CA TYR J 207 73.11 -63.26 9.67
C TYR J 207 73.16 -62.08 10.62
N ASP J 208 74.26 -61.35 10.56
CA ASP J 208 74.41 -60.15 11.37
C ASP J 208 73.56 -59.02 10.81
N GLN J 209 72.84 -58.34 11.68
CA GLN J 209 71.98 -57.22 11.34
C GLN J 209 72.59 -55.95 11.88
N GLU J 210 73.12 -55.12 10.99
CA GLU J 210 73.75 -53.86 11.35
C GLU J 210 72.83 -52.70 11.04
N TYR J 211 72.97 -51.63 11.82
CA TYR J 211 72.19 -50.42 11.68
C TYR J 211 73.07 -49.22 11.96
N ASN J 212 72.79 -48.12 11.26
CA ASN J 212 73.37 -46.82 11.54
C ASN J 212 72.26 -45.97 12.14
N ILE J 213 72.37 -45.67 13.43
CA ILE J 213 71.31 -44.99 14.15
C ILE J 213 71.64 -43.51 14.21
N ARG J 214 70.72 -42.69 13.73
CA ARG J 214 70.86 -41.24 13.70
C ARG J 214 69.81 -40.66 14.64
N VAL J 215 70.27 -40.09 15.75
CA VAL J 215 69.41 -39.43 16.71
C VAL J 215 69.47 -37.94 16.44
N THR J 216 68.30 -37.32 16.37
CA THR J 216 68.16 -35.89 16.16
C THR J 216 67.33 -35.35 17.31
N MET J 217 67.91 -34.43 18.07
CA MET J 217 67.24 -33.78 19.18
C MET J 217 66.84 -32.36 18.79
N TYR J 218 65.57 -32.05 18.99
CA TYR J 218 65.03 -30.72 18.76
C TYR J 218 64.96 -30.00 20.09
N VAL J 219 65.85 -29.04 20.28
CA VAL J 219 66.07 -28.41 21.57
C VAL J 219 65.62 -26.97 21.50
N GLN J 220 65.52 -26.35 22.68
CA GLN J 220 65.08 -24.99 22.83
C GLN J 220 65.92 -24.38 23.93
N PHE J 221 66.72 -23.40 23.59
CA PHE J 221 67.63 -22.75 24.52
C PHE J 221 67.04 -21.42 24.99
N ARG J 222 67.71 -20.81 25.97
CA ARG J 222 67.23 -19.59 26.58
C ARG J 222 68.42 -18.85 27.18
N GLU J 223 68.33 -17.52 27.19
CA GLU J 223 69.27 -16.63 27.85
C GLU J 223 70.68 -16.76 27.24
N PHE J 224 70.77 -16.25 26.02
CA PHE J 224 72.03 -15.97 25.35
C PHE J 224 73.01 -15.32 26.30
N ASN J 225 74.17 -15.96 26.48
CA ASN J 225 75.11 -15.58 27.53
C ASN J 225 76.53 -15.51 27.01
N LEU J 226 76.71 -14.96 25.83
CA LEU J 226 78.05 -14.86 25.26
C LEU J 226 78.90 -13.92 26.10
N LYS J 227 80.17 -14.27 26.22
CA LYS J 227 81.16 -13.49 26.95
C LYS J 227 82.26 -13.07 26.00
N ASP J 228 82.55 -11.77 25.98
CA ASP J 228 83.47 -11.17 25.01
C ASP J 228 84.56 -10.43 25.76
N PRO J 229 85.61 -11.12 26.19
CA PRO J 229 86.75 -10.44 26.77
C PRO J 229 87.57 -9.75 25.70
N PRO J 230 88.48 -8.86 26.08
CA PRO J 230 89.39 -8.28 25.08
C PRO J 230 90.39 -9.28 24.55
N LEU J 231 91.26 -8.82 23.66
CA LEU J 231 92.26 -9.68 23.02
C LEU J 231 93.59 -8.95 22.86
N GLY K 43 -41.39 44.05 -39.00
CA GLY K 43 -41.11 45.22 -38.19
C GLY K 43 -42.10 45.39 -37.06
N ILE K 44 -41.85 44.67 -35.98
CA ILE K 44 -42.78 44.60 -34.87
C ILE K 44 -42.65 45.84 -34.00
N PHE K 45 -43.78 46.28 -33.46
CA PHE K 45 -43.82 47.39 -32.52
C PHE K 45 -44.99 47.15 -31.58
N ASN K 46 -44.68 46.68 -30.39
CA ASN K 46 -45.69 46.54 -29.35
C ASN K 46 -45.86 47.86 -28.62
N THR K 47 -47.09 48.33 -28.53
CA THR K 47 -47.39 49.55 -27.81
C THR K 47 -48.70 49.40 -27.06
N ARG K 48 -49.23 50.52 -26.59
CA ARG K 48 -50.38 50.57 -25.70
C ARG K 48 -51.22 51.79 -26.06
N LEU K 49 -52.50 51.55 -26.30
CA LEU K 49 -53.44 52.60 -26.70
C LEU K 49 -54.60 52.57 -25.73
N SER K 50 -55.05 53.76 -25.33
CA SER K 50 -56.08 53.93 -24.33
C SER K 50 -57.18 54.83 -24.83
N ARG K 51 -58.26 54.86 -24.06
CA ARG K 51 -59.51 55.52 -24.39
C ARG K 51 -60.37 55.51 -23.14
N THR K 52 -61.08 56.60 -22.91
CA THR K 52 -61.88 56.78 -21.70
C THR K 52 -63.27 57.26 -22.07
N PHE K 53 -64.26 56.72 -21.38
CA PHE K 53 -65.65 57.07 -21.63
C PHE K 53 -66.47 56.70 -20.40
N GLY K 54 -67.71 57.18 -20.39
CA GLY K 54 -68.59 57.01 -19.26
C GLY K 54 -69.67 55.95 -19.41
N TYR K 55 -70.14 55.47 -18.27
CA TYR K 55 -71.25 54.52 -18.20
C TYR K 55 -71.99 54.76 -16.91
N THR K 56 -73.31 54.87 -17.00
CA THR K 56 -74.16 55.14 -15.86
C THR K 56 -75.26 54.09 -15.77
N ILE K 57 -75.53 53.65 -14.55
CA ILE K 57 -76.65 52.78 -14.24
C ILE K 57 -77.67 53.66 -13.51
N LYS K 58 -78.74 54.00 -14.22
CA LYS K 58 -79.74 54.90 -13.67
C LYS K 58 -80.48 54.24 -12.51
N ARG K 59 -81.07 55.09 -11.68
CA ARG K 59 -81.81 54.63 -10.51
C ARG K 59 -83.12 53.97 -10.90
N THR K 60 -83.64 53.17 -9.96
CA THR K 60 -84.91 52.49 -10.13
C THR K 60 -85.66 52.48 -8.81
N THR K 61 -86.97 52.71 -8.88
CA THR K 61 -87.85 52.57 -7.73
C THR K 61 -88.18 51.13 -7.40
N VAL K 62 -87.76 50.18 -8.25
CA VAL K 62 -88.04 48.77 -8.00
C VAL K 62 -87.42 48.34 -6.69
N LYS K 63 -88.18 47.56 -5.92
CA LYS K 63 -87.74 47.13 -4.60
C LYS K 63 -86.85 45.89 -4.68
N THR K 64 -87.15 44.99 -5.59
CA THR K 64 -86.43 43.74 -5.69
C THR K 64 -84.98 43.96 -6.08
N PRO K 65 -84.12 42.96 -5.91
CA PRO K 65 -82.79 43.02 -6.51
C PRO K 65 -82.87 42.69 -7.99
N SER K 66 -82.72 43.70 -8.83
CA SER K 66 -82.66 43.55 -10.26
C SER K 66 -81.31 44.00 -10.77
N TRP K 67 -80.92 43.49 -11.93
CA TRP K 67 -79.64 43.77 -12.53
C TRP K 67 -79.81 44.44 -13.89
N ALA K 68 -78.85 45.29 -14.21
CA ALA K 68 -78.79 46.00 -15.48
C ALA K 68 -77.70 45.39 -16.33
N VAL K 69 -78.08 44.90 -17.49
CA VAL K 69 -77.18 44.17 -18.37
C VAL K 69 -76.78 45.07 -19.53
N ASP K 70 -75.52 44.98 -19.92
CA ASP K 70 -75.01 45.73 -21.05
C ASP K 70 -73.80 45.00 -21.61
N MET K 71 -73.39 45.44 -22.80
CA MET K 71 -72.32 44.82 -23.55
C MET K 71 -71.19 45.81 -23.78
N MET K 72 -70.06 45.29 -24.25
CA MET K 72 -68.87 46.10 -24.47
C MET K 72 -68.05 45.46 -25.57
N ARG K 73 -67.93 46.15 -26.70
CA ARG K 73 -67.08 45.77 -27.81
C ARG K 73 -65.87 46.70 -27.86
N PHE K 74 -64.88 46.31 -28.65
CA PHE K 74 -63.63 47.05 -28.79
C PHE K 74 -63.27 47.13 -30.27
N ASN K 75 -63.09 48.35 -30.77
CA ASN K 75 -62.62 48.60 -32.12
C ASN K 75 -61.43 49.53 -32.08
N ILE K 76 -60.54 49.36 -33.04
CA ILE K 76 -59.30 50.13 -33.07
C ILE K 76 -59.48 51.53 -33.65
N ASN K 77 -60.61 51.80 -34.30
CA ASN K 77 -60.85 53.16 -34.77
C ASN K 77 -61.03 54.12 -33.62
N ASP K 78 -61.55 53.64 -32.50
CA ASP K 78 -61.77 54.47 -31.34
C ASP K 78 -60.49 54.76 -30.57
N PHE K 79 -59.41 54.03 -30.84
CA PHE K 79 -58.12 54.23 -30.20
C PHE K 79 -57.09 54.86 -31.12
N LEU K 80 -57.17 54.58 -32.41
CA LEU K 80 -56.21 55.05 -33.40
C LEU K 80 -56.89 56.01 -34.35
N PRO K 81 -56.58 57.31 -34.35
CA PRO K 81 -57.28 58.22 -35.22
C PRO K 81 -56.78 58.10 -36.65
N PRO K 82 -57.46 58.75 -37.59
CA PRO K 82 -56.94 58.81 -38.94
C PRO K 82 -55.74 59.72 -39.03
N GLY K 83 -54.82 59.37 -39.93
CA GLY K 83 -53.61 60.12 -40.10
C GLY K 83 -53.79 61.33 -40.99
N GLY K 84 -52.79 61.59 -41.82
CA GLY K 84 -52.84 62.70 -42.73
C GLY K 84 -51.92 62.53 -43.92
N GLY K 85 -52.44 62.79 -45.11
CA GLY K 85 -51.66 62.67 -46.32
C GLY K 85 -51.64 61.27 -46.86
N SER K 86 -50.47 60.85 -47.36
CA SER K 86 -50.32 59.52 -47.94
C SER K 86 -50.39 58.42 -46.89
N ASN K 87 -50.23 58.76 -45.62
CA ASN K 87 -50.37 57.80 -44.53
C ASN K 87 -51.80 57.84 -44.02
N PRO K 88 -52.64 56.82 -44.26
CA PRO K 88 -54.04 56.94 -43.87
C PRO K 88 -54.28 56.90 -42.38
N ARG K 89 -53.35 56.34 -41.60
CA ARG K 89 -53.48 56.22 -40.17
C ARG K 89 -52.30 56.91 -39.48
N SER K 90 -52.48 57.18 -38.20
CA SER K 90 -51.50 57.96 -37.44
C SER K 90 -50.33 57.11 -36.98
N VAL K 91 -50.51 55.81 -36.86
CA VAL K 91 -49.44 54.86 -36.57
C VAL K 91 -49.05 54.19 -37.89
N PRO K 92 -47.88 54.47 -38.46
CA PRO K 92 -47.62 53.98 -39.82
C PRO K 92 -47.22 52.51 -39.89
N PHE K 93 -48.22 51.66 -39.81
CA PHE K 93 -48.04 50.24 -39.95
C PHE K 93 -49.19 49.67 -40.76
N GLU K 94 -48.98 48.46 -41.30
CA GLU K 94 -49.92 47.80 -42.16
C GLU K 94 -50.84 46.84 -41.41
N TYR K 95 -50.26 45.97 -40.61
CA TYR K 95 -50.97 44.90 -39.94
C TYR K 95 -51.01 45.14 -38.45
N TYR K 96 -51.95 44.47 -37.79
CA TYR K 96 -52.06 44.55 -36.34
C TYR K 96 -52.72 43.30 -35.82
N ARG K 97 -52.58 43.09 -34.52
CA ARG K 97 -53.32 42.06 -33.81
C ARG K 97 -53.36 42.44 -32.34
N ILE K 98 -54.55 42.44 -31.76
CA ILE K 98 -54.73 42.87 -30.38
C ILE K 98 -54.35 41.71 -29.48
N ARG K 99 -53.41 41.95 -28.58
CA ARG K 99 -52.89 40.95 -27.67
C ARG K 99 -53.72 40.86 -26.40
N LYS K 100 -54.00 42.00 -25.78
CA LYS K 100 -54.71 42.05 -24.52
C LYS K 100 -55.52 43.33 -24.48
N VAL K 101 -56.53 43.33 -23.60
CA VAL K 101 -57.29 44.52 -23.27
C VAL K 101 -57.45 44.57 -21.76
N LYS K 102 -57.39 45.77 -21.21
CA LYS K 102 -57.59 46.05 -19.80
C LYS K 102 -58.75 47.03 -19.70
N VAL K 103 -59.88 46.54 -19.24
CA VAL K 103 -61.04 47.37 -18.95
C VAL K 103 -61.03 47.71 -17.47
N GLU K 104 -61.06 49.00 -17.17
CA GLU K 104 -61.01 49.50 -15.80
C GLU K 104 -62.27 50.30 -15.56
N PHE K 105 -63.08 49.86 -14.60
CA PHE K 105 -64.23 50.60 -14.13
C PHE K 105 -63.78 51.47 -12.97
N TRP K 106 -63.51 52.73 -13.26
CA TRP K 106 -63.14 53.67 -12.23
C TRP K 106 -64.39 54.32 -11.68
N PRO K 107 -64.70 54.17 -10.39
CA PRO K 107 -65.96 54.71 -9.90
C PRO K 107 -65.98 56.22 -9.86
N CYS K 108 -67.19 56.74 -9.89
CA CYS K 108 -67.47 58.16 -9.78
C CYS K 108 -68.24 58.50 -8.51
N SER K 109 -68.53 57.52 -7.67
CA SER K 109 -69.43 57.64 -6.56
C SER K 109 -68.64 57.68 -5.25
N PRO K 110 -69.15 58.38 -4.24
CA PRO K 110 -68.42 58.47 -2.98
C PRO K 110 -68.45 57.16 -2.21
N ILE K 111 -67.50 57.03 -1.29
CA ILE K 111 -67.46 55.85 -0.44
C ILE K 111 -68.54 55.85 0.63
N THR K 112 -69.29 56.92 0.77
CA THR K 112 -70.42 56.99 1.70
C THR K 112 -71.73 56.58 1.08
N GLN K 113 -71.75 56.21 -0.20
CA GLN K 113 -73.00 55.89 -0.87
C GLN K 113 -73.49 54.53 -0.42
N GLY K 114 -74.78 54.46 -0.10
CA GLY K 114 -75.40 53.25 0.36
C GLY K 114 -76.14 52.52 -0.76
N ASP K 115 -76.99 51.59 -0.34
CA ASP K 115 -77.72 50.72 -1.26
C ASP K 115 -76.74 49.98 -2.15
N ARG K 116 -75.67 49.48 -1.54
CA ARG K 116 -74.63 48.78 -2.27
C ARG K 116 -75.17 47.49 -2.87
N GLY K 117 -74.40 46.93 -3.78
CA GLY K 117 -74.82 45.79 -4.55
C GLY K 117 -73.68 44.91 -4.98
N VAL K 118 -73.99 43.91 -5.78
CA VAL K 118 -73.00 42.94 -6.23
C VAL K 118 -73.38 42.47 -7.62
N GLY K 119 -72.42 42.55 -8.54
CA GLY K 119 -72.63 42.21 -9.92
C GLY K 119 -71.60 41.25 -10.45
N SER K 120 -71.49 41.18 -11.77
CA SER K 120 -70.64 40.20 -12.42
C SER K 120 -70.20 40.71 -13.77
N SER K 121 -68.95 40.45 -14.11
CA SER K 121 -68.39 40.74 -15.43
C SER K 121 -67.84 39.45 -16.00
N ALA K 122 -68.22 39.14 -17.23
CA ALA K 122 -67.81 37.93 -17.92
C ALA K 122 -67.23 38.26 -19.28
N VAL K 123 -66.48 37.30 -19.82
CA VAL K 123 -65.77 37.44 -21.07
C VAL K 123 -66.53 36.68 -22.15
N ILE K 124 -66.94 37.39 -23.19
CA ILE K 124 -67.84 36.88 -24.21
C ILE K 124 -67.19 37.11 -25.56
N LEU K 125 -66.56 36.08 -26.11
CA LEU K 125 -65.69 36.20 -27.26
C LEU K 125 -66.38 35.90 -28.58
N ASP K 126 -67.71 36.12 -28.69
CA ASP K 126 -68.44 35.65 -29.86
C ASP K 126 -69.56 36.55 -30.35
N ASP K 127 -69.77 37.73 -29.78
CA ASP K 127 -70.73 38.70 -30.30
C ASP K 127 -72.17 38.23 -30.14
N ASN K 128 -72.43 37.39 -29.15
CA ASN K 128 -73.78 37.03 -28.76
C ASN K 128 -73.83 37.20 -27.25
N PHE K 129 -74.22 38.39 -26.84
CA PHE K 129 -74.35 38.78 -25.46
C PHE K 129 -75.75 38.49 -24.96
N VAL K 130 -75.89 38.44 -23.64
CA VAL K 130 -77.22 38.49 -23.05
C VAL K 130 -77.86 39.81 -23.44
N THR K 131 -79.16 39.76 -23.73
CA THR K 131 -79.86 40.93 -24.22
C THR K 131 -79.77 42.06 -23.21
N LYS K 132 -79.61 43.27 -23.72
CA LYS K 132 -79.55 44.45 -22.87
C LYS K 132 -80.85 44.62 -22.12
N ALA K 133 -80.74 44.76 -20.81
CA ALA K 133 -81.88 44.86 -19.92
C ALA K 133 -81.66 45.97 -18.91
N THR K 134 -82.76 46.59 -18.50
CA THR K 134 -82.73 47.64 -17.50
C THR K 134 -82.84 47.09 -16.08
N ALA K 135 -83.83 46.23 -15.85
CA ALA K 135 -84.05 45.61 -14.54
C ALA K 135 -84.43 44.15 -14.77
N LEU K 136 -83.42 43.30 -14.83
CA LEU K 136 -83.61 41.87 -14.95
C LEU K 136 -83.56 41.22 -13.58
N THR K 137 -84.40 40.22 -13.38
CA THR K 137 -84.63 39.62 -12.07
C THR K 137 -83.50 38.70 -11.61
N TYR K 138 -82.39 38.64 -12.33
CA TYR K 138 -81.28 37.78 -11.94
C TYR K 138 -80.02 38.27 -12.63
N ASP K 139 -78.89 37.76 -12.17
CA ASP K 139 -77.59 38.06 -12.74
C ASP K 139 -77.26 36.97 -13.75
N PRO K 140 -77.31 37.24 -15.06
CA PRO K 140 -77.06 36.16 -16.00
C PRO K 140 -75.62 35.71 -16.05
N TYR K 141 -74.68 36.61 -15.79
CA TYR K 141 -73.27 36.33 -15.90
C TYR K 141 -72.67 35.76 -14.63
N VAL K 142 -73.51 35.28 -13.70
CA VAL K 142 -73.02 34.88 -12.39
C VAL K 142 -72.39 33.49 -12.45
N ASN K 143 -73.00 32.58 -13.19
CA ASN K 143 -72.51 31.21 -13.27
C ASN K 143 -71.50 31.00 -14.39
N TYR K 144 -71.10 32.07 -15.07
CA TYR K 144 -70.10 31.96 -16.11
C TYR K 144 -68.74 31.65 -15.51
N SER K 145 -67.98 30.83 -16.23
CA SER K 145 -66.65 30.44 -15.79
C SER K 145 -65.69 31.61 -15.72
N SER K 146 -65.96 32.68 -16.47
CA SER K 146 -65.14 33.88 -16.48
C SER K 146 -65.74 35.01 -15.67
N ARG K 147 -66.59 34.69 -14.71
CA ARG K 147 -67.22 35.70 -13.89
C ARG K 147 -66.26 36.20 -12.84
N HIS K 148 -66.16 37.52 -12.73
CA HIS K 148 -65.54 38.20 -11.60
C HIS K 148 -66.61 39.03 -10.95
N THR K 149 -66.61 39.05 -9.62
CA THR K 149 -67.58 39.82 -8.88
C THR K 149 -67.28 41.30 -8.98
N ILE K 150 -68.33 42.07 -9.20
CA ILE K 150 -68.27 43.53 -9.18
C ILE K 150 -68.90 43.97 -7.88
N THR K 151 -68.08 44.47 -6.97
CA THR K 151 -68.58 45.23 -5.84
C THR K 151 -68.96 46.62 -6.29
N GLN K 152 -70.11 47.09 -5.85
CA GLN K 152 -70.68 48.35 -6.26
C GLN K 152 -70.94 49.20 -5.03
N PRO K 153 -71.03 50.54 -5.19
CA PRO K 153 -70.79 51.39 -6.34
C PRO K 153 -69.42 52.04 -6.40
N PHE K 154 -68.70 52.03 -5.28
CA PHE K 154 -67.51 52.83 -5.10
C PHE K 154 -66.24 52.00 -5.15
N SER K 155 -66.25 50.90 -5.90
CA SER K 155 -65.14 49.97 -5.92
C SER K 155 -64.63 49.81 -7.35
N TYR K 156 -63.33 49.63 -7.46
CA TYR K 156 -62.65 49.49 -8.73
C TYR K 156 -62.72 48.05 -9.20
N HIS K 157 -62.91 47.88 -10.50
CA HIS K 157 -63.03 46.58 -11.14
C HIS K 157 -62.19 46.60 -12.40
N SER K 158 -61.25 45.67 -12.49
CA SER K 158 -60.41 45.50 -13.67
C SER K 158 -60.64 44.12 -14.27
N ARG K 159 -60.50 44.03 -15.58
CA ARG K 159 -60.54 42.78 -16.31
C ARG K 159 -59.46 42.83 -17.37
N TYR K 160 -58.60 41.82 -17.39
CA TYR K 160 -57.46 41.74 -18.29
C TYR K 160 -57.53 40.43 -19.03
N PHE K 161 -57.73 40.50 -20.33
CA PHE K 161 -58.01 39.32 -21.13
C PHE K 161 -57.59 39.57 -22.56
N THR K 162 -57.70 38.53 -23.38
CA THR K 162 -57.33 38.55 -24.78
C THR K 162 -58.59 38.52 -25.64
N PRO K 163 -58.95 39.58 -26.35
CA PRO K 163 -60.17 39.54 -27.13
C PRO K 163 -60.01 38.74 -28.40
N LYS K 164 -61.09 38.63 -29.16
CA LYS K 164 -61.10 37.89 -30.41
C LYS K 164 -61.86 38.73 -31.43
N PRO K 165 -61.46 38.69 -32.70
CA PRO K 165 -62.18 39.45 -33.72
C PRO K 165 -63.39 38.72 -34.26
N VAL K 166 -64.31 39.52 -34.79
CA VAL K 166 -65.55 39.02 -35.36
C VAL K 166 -65.29 38.80 -36.84
N LEU K 167 -64.83 37.61 -37.17
CA LEU K 167 -64.54 37.24 -38.55
C LEU K 167 -65.80 36.83 -39.29
N ASP K 168 -66.64 36.01 -38.65
CA ASP K 168 -67.93 35.62 -39.21
C ASP K 168 -68.93 35.60 -38.08
N SER K 169 -69.85 36.58 -38.09
CA SER K 169 -70.86 36.65 -37.06
C SER K 169 -71.92 35.56 -37.20
N THR K 170 -72.02 34.92 -38.36
CA THR K 170 -72.98 33.85 -38.55
C THR K 170 -72.54 32.57 -37.86
N ILE K 171 -71.25 32.26 -37.91
CA ILE K 171 -70.71 31.02 -37.36
C ILE K 171 -70.07 31.31 -36.02
N ASP K 172 -69.47 32.49 -35.88
CA ASP K 172 -68.88 32.95 -34.64
C ASP K 172 -67.78 31.99 -34.16
N TYR K 173 -66.73 31.91 -34.97
CA TYR K 173 -65.56 31.10 -34.66
C TYR K 173 -64.40 31.98 -34.23
N PHE K 174 -63.58 31.46 -33.33
CA PHE K 174 -62.43 32.18 -32.83
C PHE K 174 -61.32 31.20 -32.48
N GLN K 175 -60.19 31.72 -32.33
CA GLN K 175 -58.97 30.98 -32.05
C GLN K 175 -58.73 30.89 -30.54
N PRO K 176 -58.11 29.82 -30.07
CA PRO K 176 -57.62 29.84 -28.69
C PRO K 176 -56.40 30.71 -28.52
N ASN K 177 -55.98 30.90 -27.29
CA ASN K 177 -54.88 31.81 -26.98
C ASN K 177 -53.57 31.18 -27.39
N ASN K 178 -52.90 31.82 -28.35
CA ASN K 178 -51.58 31.37 -28.81
C ASN K 178 -50.89 32.60 -29.37
N LYS K 179 -49.83 33.04 -28.72
CA LYS K 179 -49.17 34.26 -29.18
C LYS K 179 -48.52 34.05 -30.53
N ARG K 180 -48.09 32.84 -30.83
CA ARG K 180 -47.34 32.58 -32.05
C ARG K 180 -48.25 32.38 -33.25
N ASN K 181 -49.49 31.94 -33.03
CA ASN K 181 -50.42 31.60 -34.09
C ASN K 181 -51.55 32.61 -34.25
N GLN K 182 -51.55 33.69 -33.49
CA GLN K 182 -52.62 34.66 -33.57
C GLN K 182 -52.60 35.35 -34.93
N LEU K 183 -53.79 35.48 -35.50
CA LEU K 183 -53.93 36.06 -36.83
C LEU K 183 -53.54 37.52 -36.83
N TRP K 184 -52.94 37.95 -37.93
CA TRP K 184 -52.70 39.35 -38.21
C TRP K 184 -53.84 39.87 -39.05
N LEU K 185 -54.47 40.94 -38.59
CA LEU K 185 -55.45 41.66 -39.36
C LEU K 185 -54.80 42.85 -40.02
N ARG K 186 -55.50 43.42 -40.98
CA ARG K 186 -55.07 44.64 -41.64
C ARG K 186 -55.63 45.84 -40.91
N LEU K 187 -54.79 46.85 -40.76
CA LEU K 187 -55.19 48.15 -40.24
C LEU K 187 -55.84 48.93 -41.37
N GLN K 188 -57.16 48.80 -41.46
CA GLN K 188 -57.92 49.46 -42.49
C GLN K 188 -57.93 50.96 -42.26
N THR K 189 -58.48 51.68 -43.24
CA THR K 189 -58.54 53.13 -43.15
C THR K 189 -59.69 53.60 -42.28
N ALA K 190 -60.92 53.13 -42.57
CA ALA K 190 -62.09 53.52 -41.79
C ALA K 190 -63.08 52.38 -41.58
N GLY K 191 -62.64 51.14 -41.64
CA GLY K 191 -63.54 50.00 -41.61
C GLY K 191 -63.06 48.80 -40.82
N ASN K 192 -62.30 49.03 -39.77
CA ASN K 192 -61.75 47.95 -39.00
C ASN K 192 -62.83 47.13 -38.31
N VAL K 193 -62.48 45.89 -37.99
CA VAL K 193 -63.42 44.90 -37.48
C VAL K 193 -63.51 45.02 -35.97
N ASP K 194 -64.69 44.75 -35.44
CA ASP K 194 -64.94 44.89 -34.01
C ASP K 194 -64.41 43.68 -33.27
N HIS K 195 -63.62 43.94 -32.24
CA HIS K 195 -63.24 42.93 -31.28
C HIS K 195 -64.22 42.92 -30.13
N VAL K 196 -64.29 41.79 -29.46
CA VAL K 196 -65.37 41.49 -28.53
C VAL K 196 -64.78 40.74 -27.35
N GLY K 197 -65.54 40.68 -26.25
CA GLY K 197 -65.00 40.08 -25.06
C GLY K 197 -65.39 40.56 -23.69
N LEU K 198 -66.39 41.43 -23.53
CA LEU K 198 -66.84 41.71 -22.17
C LEU K 198 -68.33 42.02 -22.11
N GLY K 199 -68.98 41.40 -21.14
CA GLY K 199 -70.35 41.71 -20.79
C GLY K 199 -70.48 41.82 -19.29
N THR K 200 -71.39 42.70 -18.87
CA THR K 200 -71.50 43.10 -17.49
C THR K 200 -72.94 42.96 -17.01
N ALA K 201 -73.07 42.92 -15.68
CA ALA K 201 -74.37 42.95 -15.02
C ALA K 201 -74.21 43.71 -13.72
N PHE K 202 -74.81 44.88 -13.65
CA PHE K 202 -74.76 45.74 -12.48
C PHE K 202 -76.09 45.73 -11.76
N GLU K 203 -76.03 45.62 -10.44
CA GLU K 203 -77.21 45.64 -9.61
C GLU K 203 -77.70 47.06 -9.45
N ASN K 204 -78.98 47.27 -9.73
CA ASN K 204 -79.55 48.59 -9.68
C ASN K 204 -79.66 49.10 -8.25
N SER K 205 -79.93 50.39 -8.13
CA SER K 205 -79.92 51.05 -6.83
C SER K 205 -80.86 52.25 -6.88
N ILE K 206 -81.15 52.79 -5.70
CA ILE K 206 -81.96 53.99 -5.59
C ILE K 206 -81.21 55.19 -6.13
N TYR K 207 -79.89 55.18 -6.02
CA TYR K 207 -79.04 56.26 -6.49
C TYR K 207 -78.41 55.89 -7.82
N ASP K 208 -78.03 56.92 -8.57
CA ASP K 208 -77.35 56.71 -9.84
C ASP K 208 -75.90 56.29 -9.60
N GLN K 209 -75.47 55.26 -10.33
CA GLN K 209 -74.12 54.73 -10.23
C GLN K 209 -73.39 55.07 -11.53
N GLU K 210 -72.45 55.99 -11.45
CA GLU K 210 -71.67 56.42 -12.59
C GLU K 210 -70.28 55.82 -12.54
N TYR K 211 -69.70 55.61 -13.72
CA TYR K 211 -68.37 55.05 -13.88
C TYR K 211 -67.67 55.75 -15.03
N ASN K 212 -66.36 55.88 -14.90
CA ASN K 212 -65.48 56.31 -15.98
C ASN K 212 -64.68 55.10 -16.41
N ILE K 213 -64.97 54.58 -17.60
CA ILE K 213 -64.38 53.34 -18.07
C ILE K 213 -63.21 53.66 -18.95
N ARG K 214 -62.04 53.13 -18.60
CA ARG K 214 -60.80 53.32 -19.34
C ARG K 214 -60.39 51.98 -19.92
N VAL K 215 -60.47 51.86 -21.24
CA VAL K 215 -60.05 50.68 -21.97
C VAL K 215 -58.66 50.93 -22.50
N THR K 216 -57.77 49.97 -22.27
CA THR K 216 -56.39 50.00 -22.74
C THR K 216 -56.16 48.76 -23.56
N MET K 217 -55.82 48.94 -24.84
CA MET K 217 -55.52 47.85 -25.73
C MET K 217 -54.02 47.75 -25.95
N TYR K 218 -53.49 46.56 -25.74
CA TYR K 218 -52.08 46.26 -25.97
C TYR K 218 -51.97 45.58 -27.33
N VAL K 219 -51.45 46.32 -28.31
CA VAL K 219 -51.48 45.91 -29.70
C VAL K 219 -50.06 45.60 -30.17
N GLN K 220 -49.98 44.98 -31.33
CA GLN K 220 -48.72 44.58 -31.94
C GLN K 220 -48.87 44.81 -33.42
N PHE K 221 -48.08 45.73 -33.96
CA PHE K 221 -48.12 46.09 -35.36
C PHE K 221 -46.99 45.41 -36.13
N ARG K 222 -47.04 45.55 -37.45
CA ARG K 222 -46.09 44.91 -38.33
C ARG K 222 -46.01 45.68 -39.63
N GLU K 223 -44.82 45.64 -40.23
CA GLU K 223 -44.57 46.21 -41.57
C GLU K 223 -44.81 47.72 -41.60
N PHE K 224 -43.89 48.41 -40.93
CA PHE K 224 -43.71 49.85 -41.06
C PHE K 224 -43.80 50.28 -42.51
N ASN K 225 -44.73 51.17 -42.81
CA ASN K 225 -45.08 51.51 -44.18
C ASN K 225 -45.20 53.01 -44.39
N LEU K 226 -44.27 53.76 -43.81
CA LEU K 226 -44.32 55.20 -43.96
C LEU K 226 -44.06 55.59 -45.40
N LYS K 227 -44.76 56.63 -45.84
CA LYS K 227 -44.63 57.17 -47.19
C LYS K 227 -44.18 58.61 -47.10
N ASP K 228 -43.11 58.93 -47.83
CA ASP K 228 -42.44 60.23 -47.73
C ASP K 228 -42.39 60.85 -49.12
N PRO K 229 -43.46 61.53 -49.54
CA PRO K 229 -43.40 62.28 -50.78
C PRO K 229 -42.58 63.54 -50.61
N PRO K 230 -42.20 64.21 -51.71
CA PRO K 230 -41.52 65.50 -51.57
C PRO K 230 -42.45 66.59 -51.08
N LEU K 231 -41.92 67.80 -50.97
CA LEU K 231 -42.67 68.94 -50.45
C LEU K 231 -42.34 70.21 -51.22
N GLY L 43 -69.86 8.86 -14.95
CA GLY L 43 -69.64 10.11 -15.67
C GLY L 43 -69.72 11.32 -14.77
N ILE L 44 -68.63 11.61 -14.10
CA ILE L 44 -68.59 12.64 -13.08
C ILE L 44 -68.47 14.00 -13.73
N PHE L 45 -69.13 14.98 -13.13
CA PHE L 45 -69.04 16.37 -13.55
C PHE L 45 -69.20 17.24 -12.31
N ASN L 46 -68.10 17.75 -11.80
CA ASN L 46 -68.13 18.71 -10.72
C ASN L 46 -68.33 20.10 -11.28
N THR L 47 -69.33 20.81 -10.75
CA THR L 47 -69.61 22.17 -11.17
C THR L 47 -70.02 22.99 -9.95
N ARG L 48 -70.55 24.18 -10.23
CA ARG L 48 -70.86 25.18 -9.22
C ARG L 48 -72.13 25.89 -9.61
N LEU L 49 -73.08 25.93 -8.68
CA LEU L 49 -74.39 26.54 -8.90
C LEU L 49 -74.62 27.57 -7.81
N SER L 50 -75.16 28.71 -8.20
CA SER L 50 -75.35 29.84 -7.32
C SER L 50 -76.80 30.33 -7.37
N ARG L 51 -77.10 31.22 -6.43
CA ARG L 51 -78.44 31.73 -6.18
C ARG L 51 -78.30 32.87 -5.20
N THR L 52 -79.09 33.92 -5.40
CA THR L 52 -79.00 35.14 -4.61
C THR L 52 -80.39 35.56 -4.16
N PHE L 53 -80.46 36.00 -2.90
CA PHE L 53 -81.71 36.42 -2.31
C PHE L 53 -81.42 37.33 -1.13
N GLY L 54 -82.46 37.97 -0.63
CA GLY L 54 -82.36 38.95 0.42
C GLY L 54 -82.77 38.48 1.80
N TYR L 55 -82.25 39.16 2.81
CA TYR L 55 -82.60 38.93 4.21
C TYR L 55 -82.45 40.25 4.95
N THR L 56 -83.48 40.60 5.71
CA THR L 56 -83.50 41.85 6.46
C THR L 56 -83.81 41.58 7.91
N ILE L 57 -83.10 42.28 8.78
CA ILE L 57 -83.35 42.29 10.22
C ILE L 57 -83.99 43.64 10.52
N LYS L 58 -85.29 43.63 10.76
CA LYS L 58 -86.02 44.86 10.98
C LYS L 58 -85.59 45.52 12.29
N ARG L 59 -85.85 46.81 12.37
CA ARG L 59 -85.49 47.61 13.54
C ARG L 59 -86.37 47.28 14.73
N THR L 60 -85.88 47.62 15.91
CA THR L 60 -86.60 47.43 17.16
C THR L 60 -86.34 48.60 18.09
N THR L 61 -87.38 49.06 18.77
CA THR L 61 -87.26 50.07 19.81
C THR L 61 -86.74 49.51 21.12
N VAL L 62 -86.57 48.19 21.22
CA VAL L 62 -86.07 47.57 22.44
C VAL L 62 -84.68 48.11 22.74
N LYS L 63 -84.45 48.41 24.02
CA LYS L 63 -83.18 48.99 24.46
C LYS L 63 -82.12 47.94 24.69
N THR L 64 -82.51 46.78 25.21
CA THR L 64 -81.57 45.74 25.55
C THR L 64 -80.88 45.19 24.32
N PRO L 65 -79.78 44.45 24.50
CA PRO L 65 -79.23 43.68 23.39
C PRO L 65 -80.03 42.41 23.20
N SER L 66 -80.81 42.38 22.13
CA SER L 66 -81.57 41.20 21.74
C SER L 66 -81.10 40.74 20.38
N TRP L 67 -81.32 39.46 20.11
CA TRP L 67 -80.89 38.83 18.88
C TRP L 67 -82.08 38.29 18.10
N ALA L 68 -81.93 38.30 16.78
CA ALA L 68 -82.91 37.79 15.85
C ALA L 68 -82.41 36.49 15.28
N VAL L 69 -83.17 35.43 15.48
CA VAL L 69 -82.78 34.08 15.11
C VAL L 69 -83.54 33.68 13.86
N ASP L 70 -82.85 32.97 12.97
CA ASP L 70 -83.46 32.47 11.75
C ASP L 70 -82.66 31.27 11.27
N MET L 71 -83.24 30.56 10.33
CA MET L 71 -82.69 29.31 9.80
C MET L 71 -82.43 29.44 8.31
N MET L 72 -81.71 28.47 7.78
CA MET L 72 -81.34 28.47 6.37
C MET L 72 -81.15 27.03 5.90
N ARG L 73 -82.01 26.59 5.00
CA ARG L 73 -81.92 25.30 4.34
C ARG L 73 -81.47 25.50 2.90
N PHE L 74 -81.08 24.39 2.26
CA PHE L 74 -80.60 24.40 0.90
C PHE L 74 -81.25 23.27 0.12
N ASN L 75 -81.89 23.61 -0.98
CA ASN L 75 -82.46 22.63 -1.89
C ASN L 75 -81.97 22.91 -3.30
N ILE L 76 -81.85 21.84 -4.09
CA ILE L 76 -81.31 21.94 -5.43
C ILE L 76 -82.32 22.42 -6.45
N ASN L 77 -83.61 22.43 -6.12
CA ASN L 77 -84.59 22.98 -7.02
C ASN L 77 -84.43 24.47 -7.20
N ASP L 78 -83.93 25.15 -6.16
CA ASP L 78 -83.72 26.59 -6.21
C ASP L 78 -82.48 26.97 -7.00
N PHE L 79 -81.60 26.02 -7.30
CA PHE L 79 -80.40 26.26 -8.07
C PHE L 79 -80.46 25.69 -9.47
N LEU L 80 -81.18 24.58 -9.65
CA LEU L 80 -81.27 23.87 -10.92
C LEU L 80 -82.70 23.95 -11.44
N PRO L 81 -82.98 24.67 -12.52
CA PRO L 81 -84.35 24.78 -12.97
C PRO L 81 -84.81 23.51 -13.67
N PRO L 82 -86.10 23.41 -13.98
CA PRO L 82 -86.56 22.30 -14.80
C PRO L 82 -86.12 22.46 -16.23
N GLY L 83 -85.88 21.33 -16.88
CA GLY L 83 -85.43 21.33 -18.24
C GLY L 83 -86.56 21.47 -19.24
N GLY L 84 -86.45 20.73 -20.34
CA GLY L 84 -87.46 20.77 -21.36
C GLY L 84 -87.45 19.53 -22.23
N GLY L 85 -88.63 18.95 -22.44
CA GLY L 85 -88.75 17.77 -23.26
C GLY L 85 -88.51 16.49 -22.50
N SER L 86 -87.82 15.56 -23.15
CA SER L 86 -87.54 14.27 -22.52
C SER L 86 -86.52 14.38 -21.39
N ASN L 87 -85.79 15.49 -21.31
CA ASN L 87 -84.87 15.74 -20.22
C ASN L 87 -85.58 16.54 -19.15
N PRO L 88 -85.90 15.96 -17.98
CA PRO L 88 -86.71 16.72 -17.02
C PRO L 88 -85.98 17.86 -16.35
N ARG L 89 -84.65 17.82 -16.32
CA ARG L 89 -83.83 18.84 -15.70
C ARG L 89 -82.88 19.45 -16.72
N SER L 90 -82.34 20.61 -16.37
CA SER L 90 -81.51 21.37 -17.29
C SER L 90 -80.09 20.87 -17.35
N VAL L 91 -79.63 20.21 -16.29
CA VAL L 91 -78.33 19.54 -16.26
C VAL L 91 -78.58 18.05 -16.47
N PRO L 92 -78.20 17.47 -17.61
CA PRO L 92 -78.63 16.10 -17.90
C PRO L 92 -77.82 15.02 -17.19
N PHE L 93 -78.14 14.84 -15.92
CA PHE L 93 -77.52 13.81 -15.10
C PHE L 93 -78.59 13.18 -14.22
N GLU L 94 -78.28 11.98 -13.72
CA GLU L 94 -79.20 11.20 -12.92
C GLU L 94 -79.02 11.43 -11.43
N TYR L 95 -77.79 11.31 -10.95
CA TYR L 95 -77.48 11.35 -9.53
C TYR L 95 -76.71 12.62 -9.19
N TYR L 96 -76.71 12.94 -7.92
CA TYR L 96 -75.97 14.10 -7.43
C TYR L 96 -75.63 13.89 -5.97
N ARG L 97 -74.68 14.69 -5.51
CA ARG L 97 -74.37 14.78 -4.09
C ARG L 97 -73.67 16.10 -3.86
N ILE L 98 -74.16 16.86 -2.88
CA ILE L 98 -73.64 18.19 -2.62
C ILE L 98 -72.38 18.05 -1.77
N ARG L 99 -71.28 18.60 -2.28
CA ARG L 99 -69.99 18.50 -1.63
C ARG L 99 -69.76 19.61 -0.62
N LYS L 100 -70.05 20.85 -1.02
CA LYS L 100 -69.83 22.01 -0.17
C LYS L 100 -70.87 23.06 -0.50
N VAL L 101 -71.05 23.99 0.44
CA VAL L 101 -71.87 25.17 0.24
C VAL L 101 -71.10 26.36 0.80
N LYS L 102 -71.21 27.49 0.10
CA LYS L 102 -70.63 28.76 0.52
C LYS L 102 -71.77 29.75 0.63
N VAL L 103 -72.09 30.11 1.86
CA VAL L 103 -73.06 31.16 2.14
C VAL L 103 -72.31 32.45 2.38
N GLU L 104 -72.67 33.47 1.62
CA GLU L 104 -72.02 34.77 1.68
C GLU L 104 -73.07 35.80 2.05
N PHE L 105 -72.89 36.45 3.19
CA PHE L 105 -73.72 37.58 3.59
C PHE L 105 -73.05 38.85 3.08
N TRP L 106 -73.53 39.33 1.94
CA TRP L 106 -73.04 40.56 1.38
C TRP L 106 -73.85 41.72 1.95
N PRO L 107 -73.24 42.66 2.67
CA PRO L 107 -74.04 43.71 3.29
C PRO L 107 -74.63 44.67 2.28
N CYS L 108 -75.71 45.30 2.71
CA CYS L 108 -76.39 46.34 1.96
C CYS L 108 -76.32 47.69 2.65
N SER L 109 -75.63 47.79 3.77
CA SER L 109 -75.65 48.94 4.63
C SER L 109 -74.35 49.71 4.52
N PRO L 110 -74.37 51.03 4.69
CA PRO L 110 -73.15 51.80 4.55
C PRO L 110 -72.20 51.59 5.72
N ILE L 111 -70.94 51.93 5.48
CA ILE L 111 -69.93 51.81 6.54
C ILE L 111 -70.05 52.89 7.60
N THR L 112 -70.93 53.87 7.40
CA THR L 112 -71.18 54.90 8.39
C THR L 112 -72.33 54.56 9.33
N GLN L 113 -72.94 53.39 9.19
CA GLN L 113 -74.10 53.05 10.00
C GLN L 113 -73.64 52.69 11.40
N GLY L 114 -74.33 53.24 12.40
CA GLY L 114 -74.01 52.99 13.78
C GLY L 114 -74.89 51.93 14.40
N ASP L 115 -74.88 51.90 15.73
CA ASP L 115 -75.58 50.89 16.51
C ASP L 115 -75.14 49.50 16.08
N ARG L 116 -73.83 49.35 15.91
CA ARG L 116 -73.26 48.09 15.48
C ARG L 116 -73.49 47.01 16.52
N GLY L 117 -73.26 45.78 16.09
CA GLY L 117 -73.57 44.63 16.91
C GLY L 117 -72.67 43.45 16.62
N VAL L 118 -72.97 42.32 17.25
CA VAL L 118 -72.16 41.13 17.12
C VAL L 118 -73.07 39.92 17.24
N GLY L 119 -72.97 39.02 16.26
CA GLY L 119 -73.80 37.84 16.18
C GLY L 119 -73.01 36.58 15.98
N SER L 120 -73.70 35.53 15.54
CA SER L 120 -73.09 34.22 15.45
C SER L 120 -73.80 33.42 14.37
N SER L 121 -73.01 32.66 13.62
CA SER L 121 -73.50 31.71 12.63
C SER L 121 -72.96 30.33 12.96
N ALA L 122 -73.83 29.35 13.02
CA ALA L 122 -73.47 27.98 13.36
C ALA L 122 -74.00 27.02 12.33
N VAL L 123 -73.42 25.83 12.31
CA VAL L 123 -73.71 24.79 11.33
C VAL L 123 -74.58 23.74 12.00
N ILE L 124 -75.77 23.52 11.46
CA ILE L 124 -76.81 22.70 12.06
C ILE L 124 -77.24 21.67 11.04
N LEU L 125 -76.72 20.46 11.17
CA LEU L 125 -76.85 19.44 10.14
C LEU L 125 -77.99 18.47 10.38
N ASP L 126 -79.07 18.89 11.06
CA ASP L 126 -80.11 17.94 11.48
C ASP L 126 -81.55 18.44 11.44
N ASP L 127 -81.81 19.65 10.96
CA ASP L 127 -83.16 20.13 10.76
C ASP L 127 -83.90 20.36 12.07
N ASN L 128 -83.16 20.64 13.14
CA ASN L 128 -83.74 21.09 14.40
C ASN L 128 -82.95 22.31 14.81
N PHE L 129 -83.44 23.46 14.37
CA PHE L 129 -82.86 24.76 14.65
C PHE L 129 -83.45 25.32 15.92
N VAL L 130 -82.74 26.31 16.47
CA VAL L 130 -83.34 27.15 17.51
C VAL L 130 -84.54 27.84 16.89
N THR L 131 -85.60 27.96 17.69
CA THR L 131 -86.84 28.52 17.20
C THR L 131 -86.64 29.93 16.69
N LYS L 132 -87.30 30.25 15.59
CA LYS L 132 -87.21 31.59 15.02
C LYS L 132 -87.75 32.62 16.00
N ALA L 133 -86.96 33.64 16.25
CA ALA L 133 -87.27 34.67 17.22
C ALA L 133 -86.95 36.03 16.65
N THR L 134 -87.72 37.03 17.08
CA THR L 134 -87.53 38.41 16.66
C THR L 134 -86.55 39.14 17.57
N ALA L 135 -86.77 39.06 18.88
CA ALA L 135 -85.90 39.70 19.86
C ALA L 135 -85.72 38.74 21.04
N LEU L 136 -84.72 37.88 20.94
CA LEU L 136 -84.35 36.97 22.00
C LEU L 136 -83.25 37.58 22.85
N THR L 137 -83.32 37.34 24.16
CA THR L 137 -82.46 38.00 25.13
C THR L 137 -81.04 37.47 25.16
N TYR L 138 -80.66 36.59 24.24
CA TYR L 138 -79.32 36.03 24.23
C TYR L 138 -79.04 35.49 22.85
N ASP L 139 -77.77 35.19 22.60
CA ASP L 139 -77.32 34.59 21.36
C ASP L 139 -77.25 33.08 21.55
N PRO L 140 -78.16 32.31 20.99
CA PRO L 140 -78.12 30.87 21.25
C PRO L 140 -76.97 30.16 20.61
N TYR L 141 -76.51 30.64 19.45
CA TYR L 141 -75.47 29.99 18.69
C TYR L 141 -74.08 30.42 19.10
N VAL L 142 -73.93 31.04 20.26
CA VAL L 142 -72.64 31.62 20.64
C VAL L 142 -71.69 30.55 21.16
N ASN L 143 -72.20 29.61 21.94
CA ASN L 143 -71.35 28.58 22.52
C ASN L 143 -71.23 27.35 21.64
N TYR L 144 -71.79 27.39 20.43
CA TYR L 144 -71.65 26.28 19.52
C TYR L 144 -70.22 26.15 19.03
N SER L 145 -69.78 24.90 18.86
CA SER L 145 -68.44 24.62 18.40
C SER L 145 -68.19 25.13 16.99
N SER L 146 -69.24 25.30 16.19
CA SER L 146 -69.15 25.81 14.84
C SER L 146 -69.53 27.27 14.73
N ARG L 147 -69.42 28.02 15.80
CA ARG L 147 -69.79 29.42 15.79
C ARG L 147 -68.68 30.24 15.16
N HIS L 148 -69.07 31.10 14.23
CA HIS L 148 -68.23 32.17 13.72
C HIS L 148 -68.92 33.48 14.06
N THR L 149 -68.15 34.45 14.48
CA THR L 149 -68.69 35.74 14.83
C THR L 149 -69.13 36.51 13.59
N ILE L 150 -70.30 37.11 13.68
CA ILE L 150 -70.82 38.00 12.66
C ILE L 150 -70.67 39.41 13.19
N THR L 151 -69.75 40.16 12.60
CA THR L 151 -69.73 41.60 12.79
C THR L 151 -70.82 42.22 11.93
N GLN L 152 -71.54 43.16 12.51
CA GLN L 152 -72.69 43.79 11.89
C GLN L 152 -72.48 45.30 11.87
N PRO L 153 -73.16 46.03 10.98
CA PRO L 153 -74.02 45.63 9.86
C PRO L 153 -73.34 45.62 8.50
N PHE L 154 -72.16 46.23 8.40
CA PHE L 154 -71.53 46.53 7.12
C PHE L 154 -70.35 45.63 6.84
N SER L 155 -70.36 44.40 7.36
CA SER L 155 -69.24 43.50 7.27
C SER L 155 -69.67 42.21 6.58
N TYR L 156 -68.75 41.65 5.81
CA TYR L 156 -68.97 40.44 5.05
C TYR L 156 -68.72 39.22 5.93
N HIS L 157 -69.56 38.21 5.75
CA HIS L 157 -69.52 36.98 6.51
C HIS L 157 -69.68 35.82 5.54
N SER L 158 -68.70 34.92 5.52
CA SER L 158 -68.75 33.72 4.71
C SER L 158 -68.71 32.49 5.61
N ARG L 159 -69.37 31.44 5.16
CA ARG L 159 -69.33 30.13 5.80
C ARG L 159 -69.23 29.08 4.72
N TYR L 160 -68.23 28.22 4.82
CA TYR L 160 -67.93 27.18 3.84
C TYR L 160 -67.91 25.85 4.56
N PHE L 161 -68.84 24.98 4.21
CA PHE L 161 -69.05 23.75 4.94
C PHE L 161 -69.70 22.73 4.02
N THR L 162 -69.85 21.52 4.56
CA THR L 162 -70.43 20.39 3.85
C THR L 162 -71.80 20.09 4.42
N PRO L 163 -72.90 20.32 3.71
CA PRO L 163 -74.21 20.05 4.28
C PRO L 163 -74.53 18.58 4.31
N LYS L 164 -75.70 18.25 4.85
CA LYS L 164 -76.17 16.88 4.95
C LYS L 164 -77.64 16.84 4.56
N PRO L 165 -78.08 15.77 3.90
CA PRO L 165 -79.49 15.70 3.53
C PRO L 165 -80.37 15.19 4.65
N VAL L 166 -81.65 15.54 4.54
CA VAL L 166 -82.66 15.17 5.51
C VAL L 166 -83.27 13.86 5.01
N LEU L 167 -82.67 12.75 5.41
CA LEU L 167 -83.14 11.43 5.03
C LEU L 167 -84.30 10.99 5.90
N ASP L 168 -84.19 11.18 7.22
CA ASP L 168 -85.27 10.87 8.15
C ASP L 168 -85.30 11.98 9.18
N SER L 169 -86.33 12.82 9.12
CA SER L 169 -86.47 13.91 10.07
C SER L 169 -86.86 13.43 11.46
N THR L 170 -87.36 12.21 11.58
CA THR L 170 -87.73 11.68 12.89
C THR L 170 -86.50 11.28 13.70
N ILE L 171 -85.51 10.70 13.05
CA ILE L 171 -84.31 10.19 13.71
C ILE L 171 -83.18 11.18 13.53
N ASP L 172 -83.15 11.84 12.38
CA ASP L 172 -82.17 12.87 12.07
C ASP L 172 -80.74 12.32 12.16
N TYR L 173 -80.44 11.40 11.26
CA TYR L 173 -79.13 10.80 11.15
C TYR L 173 -78.40 11.34 9.92
N PHE L 174 -77.09 11.45 10.04
CA PHE L 174 -76.27 11.94 8.95
C PHE L 174 -74.89 11.30 9.00
N GLN L 175 -74.21 11.41 7.95
CA GLN L 175 -72.91 10.83 7.76
C GLN L 175 -71.81 11.81 8.13
N PRO L 176 -70.66 11.34 8.60
CA PRO L 176 -69.52 12.22 8.72
C PRO L 176 -68.91 12.55 7.37
N ASN L 177 -67.94 13.46 7.37
CA ASN L 177 -67.37 13.94 6.14
C ASN L 177 -66.44 12.89 5.56
N ASN L 178 -66.78 12.38 4.38
CA ASN L 178 -65.96 11.42 3.67
C ASN L 178 -66.30 11.56 2.20
N LYS L 179 -65.34 12.02 1.42
CA LYS L 179 -65.62 12.24 0.01
C LYS L 179 -65.88 10.94 -0.72
N ARG L 180 -65.28 9.85 -0.27
CA ARG L 180 -65.39 8.58 -0.97
C ARG L 180 -66.65 7.82 -0.63
N ASN L 181 -67.22 8.06 0.55
CA ASN L 181 -68.36 7.33 1.04
C ASN L 181 -69.65 8.14 1.06
N GLN L 182 -69.62 9.38 0.56
CA GLN L 182 -70.82 10.21 0.57
C GLN L 182 -71.88 9.62 -0.34
N LEU L 183 -73.10 9.61 0.16
CA LEU L 183 -74.21 9.03 -0.57
C LEU L 183 -74.51 9.82 -1.82
N TRP L 184 -74.91 9.10 -2.86
CA TRP L 184 -75.46 9.69 -4.06
C TRP L 184 -76.97 9.70 -3.94
N LEU L 185 -77.56 10.87 -4.10
CA LEU L 185 -78.99 11.03 -4.20
C LEU L 185 -79.40 11.10 -5.66
N ARG L 186 -80.69 10.93 -5.90
CA ARG L 186 -81.25 11.08 -7.23
C ARG L 186 -81.70 12.51 -7.44
N LEU L 187 -81.41 13.00 -8.64
CA LEU L 187 -81.88 14.30 -9.09
C LEU L 187 -83.33 14.12 -9.55
N GLN L 188 -84.25 14.35 -8.63
CA GLN L 188 -85.66 14.20 -8.91
C GLN L 188 -86.13 15.30 -9.86
N THR L 189 -87.37 15.18 -10.30
CA THR L 189 -87.94 16.14 -11.23
C THR L 189 -88.42 17.39 -10.51
N ALA L 190 -89.27 17.23 -9.48
CA ALA L 190 -89.77 18.37 -8.72
C ALA L 190 -89.89 18.11 -7.22
N GLY L 191 -89.12 17.17 -6.69
CA GLY L 191 -89.30 16.74 -5.31
C GLY L 191 -88.02 16.45 -4.55
N ASN L 192 -86.96 17.17 -4.87
CA ASN L 192 -85.67 16.91 -4.25
C ASN L 192 -85.71 17.21 -2.76
N VAL L 193 -84.79 16.59 -2.04
CA VAL L 193 -84.75 16.62 -0.59
C VAL L 193 -83.96 17.83 -0.12
N ASP L 194 -84.37 18.38 1.02
CA ASP L 194 -83.76 19.58 1.54
C ASP L 194 -82.46 19.24 2.26
N HIS L 195 -81.41 19.95 1.90
CA HIS L 195 -80.16 19.93 2.65
C HIS L 195 -80.17 21.04 3.66
N VAL L 196 -79.37 20.86 4.71
CA VAL L 196 -79.46 21.67 5.91
C VAL L 196 -78.05 21.91 6.41
N GLY L 197 -77.91 22.89 7.31
CA GLY L 197 -76.58 23.25 7.76
C GLY L 197 -76.23 24.67 8.12
N LEU L 198 -77.18 25.60 8.24
CA LEU L 198 -76.82 26.90 8.78
C LEU L 198 -77.94 27.55 9.56
N GLY L 199 -77.57 28.06 10.73
CA GLY L 199 -78.45 28.89 11.52
C GLY L 199 -77.70 30.10 12.02
N THR L 200 -78.43 31.20 12.14
CA THR L 200 -77.85 32.50 12.40
C THR L 200 -78.52 33.17 13.59
N ALA L 201 -77.81 34.16 14.13
CA ALA L 201 -78.34 35.02 15.18
C ALA L 201 -77.76 36.41 14.97
N PHE L 202 -78.60 37.35 14.59
CA PHE L 202 -78.21 38.72 14.34
C PHE L 202 -78.70 39.62 15.46
N GLU L 203 -77.83 40.51 15.91
CA GLU L 203 -78.18 41.46 16.95
C GLU L 203 -78.99 42.60 16.35
N ASN L 204 -80.14 42.87 16.96
CA ASN L 204 -81.04 43.87 16.44
C ASN L 204 -80.46 45.27 16.64
N SER L 205 -81.08 46.24 15.97
CA SER L 205 -80.58 47.59 15.92
C SER L 205 -81.73 48.56 15.72
N ILE L 206 -81.45 49.84 15.92
CA ILE L 206 -82.43 50.88 15.66
C ILE L 206 -82.69 51.02 14.18
N TYR L 207 -81.70 50.72 13.35
CA TYR L 207 -81.81 50.81 11.91
C TYR L 207 -82.01 49.42 11.30
N ASP L 208 -82.59 49.40 10.12
CA ASP L 208 -82.79 48.15 9.41
C ASP L 208 -81.47 47.66 8.84
N GLN L 209 -81.19 46.38 9.01
CA GLN L 209 -79.98 45.73 8.52
C GLN L 209 -80.37 44.79 7.39
N GLU L 210 -80.02 45.16 6.17
CA GLU L 210 -80.32 44.36 4.99
C GLU L 210 -79.07 43.64 4.50
N TYR L 211 -79.29 42.48 3.89
CA TYR L 211 -78.23 41.65 3.35
C TYR L 211 -78.69 41.04 2.05
N ASN L 212 -77.75 40.85 1.14
CA ASN L 212 -77.94 40.07 -0.09
C ASN L 212 -77.16 38.78 0.07
N ILE L 213 -77.86 37.68 0.23
CA ILE L 213 -77.24 36.40 0.55
C ILE L 213 -77.07 35.62 -0.73
N ARG L 214 -75.83 35.23 -1.01
CA ARG L 214 -75.47 34.45 -2.20
C ARG L 214 -75.00 33.09 -1.73
N VAL L 215 -75.79 32.07 -2.04
CA VAL L 215 -75.47 30.68 -1.75
C VAL L 215 -74.89 30.06 -3.00
N THR L 216 -73.76 29.39 -2.85
CA THR L 216 -73.09 28.68 -3.92
C THR L 216 -72.92 27.24 -3.50
N MET L 217 -73.51 26.33 -4.25
CA MET L 217 -73.40 24.91 -3.99
C MET L 217 -72.43 24.27 -4.97
N TYR L 218 -71.47 23.54 -4.45
CA TYR L 218 -70.50 22.80 -5.24
C TYR L 218 -70.96 21.35 -5.29
N VAL L 219 -71.47 20.93 -6.44
CA VAL L 219 -72.15 19.67 -6.60
C VAL L 219 -71.32 18.75 -7.47
N GLN L 220 -71.70 17.48 -7.47
CA GLN L 220 -71.02 16.44 -8.23
C GLN L 220 -72.10 15.52 -8.76
N PHE L 221 -72.23 15.48 -10.07
CA PHE L 221 -73.23 14.67 -10.75
C PHE L 221 -72.62 13.38 -11.27
N ARG L 222 -73.50 12.49 -11.77
CA ARG L 222 -73.09 11.19 -12.23
C ARG L 222 -74.11 10.69 -13.24
N GLU L 223 -73.63 9.88 -14.18
CA GLU L 223 -74.46 9.18 -15.15
C GLU L 223 -75.24 10.15 -16.04
N PHE L 224 -74.48 10.81 -16.90
CA PHE L 224 -75.00 11.56 -18.04
C PHE L 224 -76.08 10.77 -18.75
N ASN L 225 -77.27 11.36 -18.84
CA ASN L 225 -78.47 10.64 -19.29
C ASN L 225 -79.26 11.46 -20.30
N LEU L 226 -78.56 12.09 -21.23
CA LEU L 226 -79.25 12.88 -22.23
C LEU L 226 -80.09 11.98 -23.13
N LYS L 227 -81.25 12.49 -23.52
CA LYS L 227 -82.17 11.79 -24.41
C LYS L 227 -82.36 12.62 -25.66
N ASP L 228 -82.17 11.99 -26.82
CA ASP L 228 -82.16 12.67 -28.11
C ASP L 228 -83.20 12.02 -29.02
N PRO L 229 -84.45 12.42 -28.92
CA PRO L 229 -85.44 11.95 -29.86
C PRO L 229 -85.28 12.62 -31.21
N PRO L 230 -85.91 12.12 -32.26
CA PRO L 230 -85.88 12.82 -33.54
C PRO L 230 -86.66 14.11 -33.52
N LEU L 231 -86.70 14.80 -34.66
CA LEU L 231 -87.39 16.09 -34.78
C LEU L 231 -88.10 16.21 -36.11
N GLY M 43 -61.10 13.90 35.10
CA GLY M 43 -61.89 14.06 33.90
C GLY M 43 -61.92 15.48 33.38
N ILE M 44 -60.86 15.86 32.67
CA ILE M 44 -60.67 17.23 32.25
C ILE M 44 -61.53 17.54 31.04
N PHE M 45 -62.03 18.76 30.99
CA PHE M 45 -62.79 19.25 29.85
C PHE M 45 -62.53 20.75 29.75
N ASN M 46 -61.67 21.14 28.82
CA ASN M 46 -61.45 22.53 28.52
C ASN M 46 -62.49 23.02 27.54
N THR M 47 -63.17 24.11 27.87
CA THR M 47 -64.16 24.70 27.00
C THR M 47 -64.06 26.22 27.08
N ARG M 48 -65.09 26.88 26.54
CA ARG M 48 -65.12 28.31 26.36
C ARG M 48 -66.53 28.81 26.60
N LEU M 49 -66.66 29.78 27.49
CA LEU M 49 -67.95 30.35 27.86
C LEU M 49 -67.89 31.85 27.66
N SER M 50 -68.97 32.40 27.11
CA SER M 50 -69.04 33.79 26.73
C SER M 50 -70.29 34.45 27.34
N ARG M 51 -70.31 35.77 27.23
CA ARG M 51 -71.30 36.63 27.84
C ARG M 51 -71.10 38.02 27.26
N THR M 52 -72.19 38.72 27.01
CA THR M 52 -72.17 40.02 26.36
C THR M 52 -73.03 40.99 27.13
N PHE M 53 -72.53 42.22 27.26
CA PHE M 53 -73.24 43.27 27.99
C PHE M 53 -72.70 44.62 27.52
N GLY M 54 -73.41 45.66 27.94
CA GLY M 54 -73.11 47.01 27.52
C GLY M 54 -72.40 47.88 28.54
N TYR M 55 -71.72 48.91 28.04
CA TYR M 55 -71.04 49.90 28.86
C TYR M 55 -71.05 51.20 28.09
N THR M 56 -71.46 52.28 28.75
CA THR M 56 -71.55 53.59 28.14
C THR M 56 -70.80 54.61 28.99
N ILE M 57 -70.08 55.49 28.31
CA ILE M 57 -69.42 56.63 28.91
C ILE M 57 -70.24 57.84 28.50
N LYS M 58 -71.00 58.38 29.44
CA LYS M 58 -71.88 59.50 29.15
C LYS M 58 -71.09 60.75 28.83
N ARG M 59 -71.74 61.67 28.13
CA ARG M 59 -71.14 62.91 27.71
C ARG M 59 -70.92 63.85 28.89
N THR M 60 -70.02 64.81 28.70
CA THR M 60 -69.70 65.83 29.68
C THR M 60 -69.46 67.16 28.99
N THR M 61 -69.99 68.23 29.58
CA THR M 61 -69.70 69.58 29.13
C THR M 61 -68.33 70.07 29.57
N VAL M 62 -67.61 69.30 30.40
CA VAL M 62 -66.29 69.71 30.85
C VAL M 62 -65.36 69.88 29.66
N LYS M 63 -64.58 70.96 29.69
CA LYS M 63 -63.68 71.28 28.59
C LYS M 63 -62.37 70.52 28.68
N THR M 64 -61.86 70.32 29.90
CA THR M 64 -60.58 69.70 30.09
C THR M 64 -60.58 68.25 29.63
N PRO M 65 -59.41 67.64 29.46
CA PRO M 65 -59.37 66.19 29.28
C PRO M 65 -59.52 65.50 30.62
N SER M 66 -60.67 64.90 30.84
CA SER M 66 -60.95 64.11 32.02
C SER M 66 -61.23 62.68 31.61
N TRP M 67 -61.02 61.76 32.54
CA TRP M 67 -61.20 60.34 32.30
C TRP M 67 -62.25 59.76 33.23
N ALA M 68 -62.93 58.74 32.71
CA ALA M 68 -63.96 58.02 33.43
C ALA M 68 -63.41 56.65 33.82
N VAL M 69 -63.39 56.38 35.10
CA VAL M 69 -62.78 55.17 35.64
C VAL M 69 -63.88 54.21 36.05
N ASP M 70 -63.64 52.93 35.80
CA ASP M 70 -64.57 51.88 36.16
C ASP M 70 -63.80 50.58 36.31
N MET M 71 -64.46 49.60 36.90
CA MET M 71 -63.88 48.31 37.23
C MET M 71 -64.63 47.20 36.50
N MET M 72 -64.04 46.01 36.52
CA MET M 72 -64.61 44.86 35.85
C MET M 72 -64.16 43.59 36.56
N ARG M 73 -65.12 42.89 37.16
CA ARG M 73 -64.91 41.59 37.77
C ARG M 73 -65.52 40.51 36.90
N PHE M 74 -65.18 39.26 37.20
CA PHE M 74 -65.65 38.10 36.45
C PHE M 74 -66.09 37.02 37.42
N ASN M 75 -67.33 36.58 37.27
CA ASN M 75 -67.86 35.46 38.04
C ASN M 75 -68.47 34.44 37.09
N ILE M 76 -68.40 33.17 37.50
CA ILE M 76 -68.85 32.09 36.66
C ILE M 76 -70.36 31.90 36.69
N ASN M 77 -71.06 32.50 37.64
CA ASN M 77 -72.50 32.43 37.64
C ASN M 77 -73.10 33.15 36.44
N ASP M 78 -72.43 34.20 35.98
CA ASP M 78 -72.90 34.97 34.84
C ASP M 78 -72.66 34.27 33.51
N PHE M 79 -71.83 33.23 33.49
CA PHE M 79 -71.55 32.46 32.28
C PHE M 79 -72.18 31.08 32.29
N LEU M 80 -72.32 30.48 33.47
CA LEU M 80 -72.85 29.13 33.63
C LEU M 80 -74.18 29.18 34.35
N PRO M 81 -75.31 28.88 33.72
CA PRO M 81 -76.57 28.99 34.42
C PRO M 81 -76.79 27.84 35.37
N PRO M 82 -77.83 27.90 36.19
CA PRO M 82 -78.17 26.74 37.01
C PRO M 82 -78.77 25.64 36.17
N GLY M 83 -78.52 24.41 36.59
CA GLY M 83 -79.02 23.26 35.85
C GLY M 83 -80.44 22.91 36.21
N GLY M 84 -80.71 21.62 36.30
CA GLY M 84 -82.04 21.15 36.63
C GLY M 84 -82.03 19.76 37.21
N GLY M 85 -82.73 19.57 38.32
CA GLY M 85 -82.82 18.28 38.95
C GLY M 85 -81.67 18.01 39.89
N SER M 86 -81.19 16.78 39.88
CA SER M 86 -80.10 16.39 40.76
C SER M 86 -78.78 17.02 40.37
N ASN M 87 -78.68 17.55 39.15
CA ASN M 87 -77.49 18.26 38.71
C ASN M 87 -77.69 19.74 38.96
N PRO M 88 -76.98 20.36 39.93
CA PRO M 88 -77.29 21.75 40.25
C PRO M 88 -76.86 22.73 39.18
N ARG M 89 -75.90 22.37 38.33
CA ARG M 89 -75.38 23.23 37.29
C ARG M 89 -75.55 22.56 35.93
N SER M 90 -75.46 23.38 34.89
CA SER M 90 -75.74 22.92 33.53
C SER M 90 -74.56 22.19 32.92
N VAL M 91 -73.36 22.45 33.39
CA VAL M 91 -72.16 21.71 33.00
C VAL M 91 -71.85 20.72 34.12
N PRO M 92 -72.01 19.41 33.90
CA PRO M 92 -71.92 18.49 35.05
C PRO M 92 -70.50 18.14 35.46
N PHE M 93 -69.90 19.07 36.20
CA PHE M 93 -68.57 18.89 36.74
C PHE M 93 -68.54 19.46 38.14
N GLU M 94 -67.54 19.04 38.91
CA GLU M 94 -67.38 19.41 40.31
C GLU M 94 -66.47 20.61 40.49
N TYR M 95 -65.29 20.57 39.90
CA TYR M 95 -64.25 21.56 40.10
C TYR M 95 -64.04 22.36 38.83
N TYR M 96 -63.42 23.52 39.00
CA TYR M 96 -63.09 24.38 37.87
C TYR M 96 -61.91 25.25 38.24
N ARG M 97 -61.30 25.81 37.21
CA ARG M 97 -60.30 26.84 37.37
C ARG M 97 -60.21 27.63 36.08
N ILE M 98 -60.29 28.94 36.19
CA ILE M 98 -60.31 29.81 35.02
C ILE M 98 -58.88 30.00 34.54
N ARG M 99 -58.63 29.65 33.29
CA ARG M 99 -57.31 29.72 32.69
C ARG M 99 -57.02 31.09 32.10
N LYS M 100 -57.96 31.62 31.31
CA LYS M 100 -57.78 32.89 30.64
C LYS M 100 -59.13 33.57 30.51
N VAL M 101 -59.09 34.87 30.28
CA VAL M 101 -60.26 35.67 29.95
C VAL M 101 -59.88 36.58 28.80
N LYS M 102 -60.83 36.77 27.89
CA LYS M 102 -60.71 37.69 26.76
C LYS M 102 -61.84 38.69 26.87
N VAL M 103 -61.49 39.91 27.23
CA VAL M 103 -62.43 41.03 27.23
C VAL M 103 -62.29 41.78 25.93
N GLU M 104 -63.40 41.92 25.22
CA GLU M 104 -63.45 42.58 23.93
C GLU M 104 -64.39 43.77 24.03
N PHE M 105 -63.86 44.96 23.82
CA PHE M 105 -64.67 46.17 23.72
C PHE M 105 -65.03 46.36 22.25
N TRP M 106 -66.22 45.94 21.90
CA TRP M 106 -66.71 46.13 20.55
C TRP M 106 -67.41 47.47 20.47
N PRO M 107 -66.96 48.41 19.64
CA PRO M 107 -67.58 49.73 19.64
C PRO M 107 -68.99 49.72 19.07
N CYS M 108 -69.74 50.73 19.48
CA CYS M 108 -71.08 50.98 19.00
C CYS M 108 -71.18 52.29 18.22
N SER M 109 -70.09 52.99 18.06
CA SER M 109 -70.06 54.34 17.54
C SER M 109 -69.53 54.36 16.12
N PRO M 110 -69.98 55.30 15.29
CA PRO M 110 -69.53 55.32 13.90
C PRO M 110 -68.09 55.80 13.80
N ILE M 111 -67.49 55.48 12.65
CA ILE M 111 -66.13 55.92 12.39
C ILE M 111 -66.02 57.40 12.05
N THR M 112 -67.15 58.08 11.91
CA THR M 112 -67.18 59.52 11.67
C THR M 112 -67.28 60.33 12.95
N GLN M 113 -67.32 59.69 14.11
CA GLN M 113 -67.50 60.42 15.36
C GLN M 113 -66.20 61.11 15.74
N GLY M 114 -66.32 62.37 16.13
CA GLY M 114 -65.20 63.18 16.51
C GLY M 114 -65.01 63.25 18.00
N ASP M 115 -64.21 64.21 18.43
CA ASP M 115 -63.83 64.39 19.83
C ASP M 115 -63.20 63.10 20.35
N ARG M 116 -62.32 62.52 19.54
CA ARG M 116 -61.67 61.28 19.88
C ARG M 116 -60.77 61.47 21.10
N GLY M 117 -60.37 60.35 21.66
CA GLY M 117 -59.62 60.35 22.90
C GLY M 117 -58.68 59.17 23.02
N VAL M 118 -58.06 59.05 24.18
CA VAL M 118 -57.07 58.00 24.42
C VAL M 118 -57.14 57.62 25.89
N GLY M 119 -57.28 56.32 26.13
CA GLY M 119 -57.43 55.77 27.46
C GLY M 119 -56.47 54.64 27.75
N SER M 120 -56.78 53.87 28.78
CA SER M 120 -55.88 52.83 29.25
C SER M 120 -56.67 51.75 29.94
N SER M 121 -56.26 50.50 29.70
CA SER M 121 -56.80 49.34 30.38
C SER M 121 -55.65 48.59 31.05
N ALA M 122 -55.83 48.29 32.33
CA ALA M 122 -54.81 47.63 33.12
C ALA M 122 -55.41 46.41 33.82
N VAL M 123 -54.51 45.51 34.24
CA VAL M 123 -54.87 44.25 34.85
C VAL M 123 -54.65 44.35 36.34
N ILE M 124 -55.71 44.15 37.11
CA ILE M 124 -55.74 44.39 38.55
C ILE M 124 -56.22 43.11 39.22
N LEU M 125 -55.28 42.33 39.74
CA LEU M 125 -55.56 40.99 40.21
C LEU M 125 -55.82 40.90 41.71
N ASP M 126 -56.35 41.95 42.34
CA ASP M 126 -56.42 41.99 43.80
C ASP M 126 -57.65 42.65 44.39
N ASP M 127 -58.62 43.09 43.59
CA ASP M 127 -59.88 43.61 44.11
C ASP M 127 -59.71 44.93 44.84
N ASN M 128 -58.69 45.70 44.49
CA ASN M 128 -58.54 47.08 44.96
C ASN M 128 -58.25 47.90 43.71
N PHE M 129 -59.32 48.41 43.13
CA PHE M 129 -59.29 49.23 41.94
C PHE M 129 -59.17 50.69 42.33
N VAL M 130 -58.77 51.50 41.36
CA VAL M 130 -58.92 52.93 41.50
C VAL M 130 -60.40 53.24 41.63
N THR M 131 -60.72 54.19 42.49
CA THR M 131 -62.11 54.51 42.79
C THR M 131 -62.84 54.91 41.52
N LYS M 132 -64.08 54.47 41.40
CA LYS M 132 -64.90 54.83 40.26
C LYS M 132 -65.12 56.33 40.22
N ALA M 133 -64.84 56.93 39.06
CA ALA M 133 -64.91 58.35 38.87
C ALA M 133 -65.58 58.66 37.55
N THR M 134 -66.27 59.80 37.51
CA THR M 134 -66.95 60.26 36.31
C THR M 134 -66.03 61.10 35.45
N ALA M 135 -65.38 62.10 36.04
CA ALA M 135 -64.46 62.99 35.33
C ALA M 135 -63.26 63.24 36.23
N LEU M 136 -62.26 62.37 36.13
CA LEU M 136 -61.01 62.51 36.83
C LEU M 136 -59.99 63.21 35.95
N THR M 137 -59.17 64.06 36.56
CA THR M 137 -58.28 64.95 35.84
C THR M 137 -57.04 64.25 35.28
N TYR M 138 -56.96 62.94 35.34
CA TYR M 138 -55.80 62.23 34.83
C TYR M 138 -56.20 60.77 34.60
N ASP M 139 -55.33 60.07 33.88
CA ASP M 139 -55.50 58.65 33.61
C ASP M 139 -54.73 57.87 34.65
N PRO M 140 -55.38 57.23 35.63
CA PRO M 140 -54.61 56.55 36.66
C PRO M 140 -53.88 55.32 36.17
N TYR M 141 -54.44 54.62 35.20
CA TYR M 141 -53.90 53.37 34.71
C TYR M 141 -52.86 53.55 33.63
N VAL M 142 -52.32 54.75 33.46
CA VAL M 142 -51.44 55.03 32.34
C VAL M 142 -50.05 54.52 32.59
N ASN M 143 -49.54 54.66 33.81
CA ASN M 143 -48.20 54.24 34.14
C ASN M 143 -48.12 52.81 34.63
N TYR M 144 -49.23 52.09 34.59
CA TYR M 144 -49.22 50.69 34.99
C TYR M 144 -48.46 49.85 33.97
N SER M 145 -47.75 48.86 34.48
CA SER M 145 -46.96 47.97 33.65
C SER M 145 -47.83 47.16 32.70
N SER M 146 -49.10 46.95 33.03
CA SER M 146 -50.04 46.22 32.20
C SER M 146 -50.97 47.12 31.42
N ARG M 147 -50.57 48.36 31.17
CA ARG M 147 -51.40 49.29 30.46
C ARG M 147 -51.34 49.00 28.96
N HIS M 148 -52.51 48.94 28.35
CA HIS M 148 -52.67 48.97 26.91
C HIS M 148 -53.48 50.20 26.58
N THR M 149 -53.10 50.90 25.53
CA THR M 149 -53.80 52.09 25.10
C THR M 149 -55.14 51.74 24.49
N ILE M 150 -56.16 52.50 24.88
CA ILE M 150 -57.49 52.40 24.31
C ILE M 150 -57.64 53.62 23.41
N THR M 151 -57.66 53.38 22.11
CA THR M 151 -58.13 54.38 21.16
C THR M 151 -59.64 54.41 21.19
N GLN M 152 -60.19 55.61 21.20
CA GLN M 152 -61.62 55.85 21.34
C GLN M 152 -62.09 56.69 20.16
N PRO M 153 -63.40 56.64 19.85
CA PRO M 153 -64.49 55.80 20.34
C PRO M 153 -64.81 54.59 19.49
N PHE M 154 -64.30 54.56 18.26
CA PHE M 154 -64.72 53.61 17.24
C PHE M 154 -63.70 52.53 16.99
N SER M 155 -62.91 52.19 17.99
CA SER M 155 -61.81 51.25 17.84
C SER M 155 -61.98 50.09 18.79
N TYR M 156 -61.57 48.92 18.32
CA TYR M 156 -61.66 47.68 19.06
C TYR M 156 -60.48 47.53 20.00
N HIS M 157 -60.77 47.02 21.20
CA HIS M 157 -59.77 46.82 22.24
C HIS M 157 -59.99 45.45 22.85
N SER M 158 -58.95 44.63 22.82
CA SER M 158 -58.96 43.31 23.42
C SER M 158 -57.90 43.23 24.51
N ARG M 159 -58.19 42.43 25.53
CA ARG M 159 -57.25 42.12 26.59
C ARG M 159 -57.39 40.64 26.90
N TYR M 160 -56.27 39.93 26.87
CA TYR M 160 -56.22 38.48 27.08
C TYR M 160 -55.24 38.22 28.20
N PHE M 161 -55.73 37.68 29.30
CA PHE M 161 -54.95 37.54 30.51
C PHE M 161 -55.52 36.42 31.36
N THR M 162 -54.82 36.13 32.44
CA THR M 162 -55.17 35.09 33.38
C THR M 162 -55.67 35.71 34.67
N PRO M 163 -56.95 35.61 35.01
CA PRO M 163 -57.42 36.24 36.24
C PRO M 163 -57.03 35.47 37.48
N LYS M 164 -57.39 35.99 38.64
CA LYS M 164 -57.09 35.38 39.91
C LYS M 164 -58.33 35.47 40.79
N PRO M 165 -58.59 34.46 41.61
CA PRO M 165 -59.76 34.52 42.48
C PRO M 165 -59.50 35.29 43.76
N VAL M 166 -60.61 35.77 44.33
CA VAL M 166 -60.59 36.55 45.56
C VAL M 166 -60.78 35.55 46.69
N LEU M 167 -59.65 35.02 47.18
CA LEU M 167 -59.67 34.07 48.28
C LEU M 167 -59.78 34.78 49.62
N ASP M 168 -59.02 35.84 49.82
CA ASP M 168 -59.09 36.65 51.03
C ASP M 168 -58.96 38.10 50.60
N SER M 169 -60.06 38.85 50.69
CA SER M 169 -60.04 40.26 50.33
C SER M 169 -59.31 41.12 51.34
N THR M 170 -59.08 40.61 52.55
CA THR M 170 -58.35 41.37 53.57
C THR M 170 -56.86 41.39 53.27
N ILE M 171 -56.31 40.27 52.82
CA ILE M 171 -54.87 40.13 52.57
C ILE M 171 -54.60 40.29 51.09
N ASP M 172 -55.52 39.81 50.26
CA ASP M 172 -55.44 39.94 48.81
C ASP M 172 -54.17 39.28 48.28
N TYR M 173 -54.12 37.96 48.44
CA TYR M 173 -53.02 37.15 47.94
C TYR M 173 -53.45 36.37 46.72
N PHE M 174 -52.51 36.16 45.79
CA PHE M 174 -52.78 35.41 44.59
C PHE M 174 -51.53 34.69 44.14
N GLN M 175 -51.72 33.77 43.29
CA GLN M 175 -50.68 32.92 42.75
C GLN M 175 -50.10 33.48 41.48
N PRO M 176 -48.83 33.24 41.19
CA PRO M 176 -48.33 33.55 39.86
C PRO M 176 -48.83 32.57 38.82
N ASN M 177 -48.53 32.86 37.56
CA ASN M 177 -49.05 32.05 36.47
C ASN M 177 -48.31 30.74 36.40
N ASN M 178 -49.04 29.64 36.61
CA ASN M 178 -48.48 28.30 36.50
C ASN M 178 -49.64 27.39 36.18
N LYS M 179 -49.63 26.80 34.98
CA LYS M 179 -50.74 25.97 34.59
C LYS M 179 -50.82 24.71 35.43
N ARG M 180 -49.68 24.22 35.92
CA ARG M 180 -49.66 22.96 36.63
C ARG M 180 -50.03 23.11 38.10
N ASN M 181 -49.82 24.29 38.67
CA ASN M 181 -50.02 24.54 40.08
C ASN M 181 -51.25 25.39 40.38
N GLN M 182 -52.03 25.76 39.37
CA GLN M 182 -53.20 26.59 39.59
C GLN M 182 -54.23 25.85 40.41
N LEU M 183 -54.78 26.55 41.38
CA LEU M 183 -55.75 25.96 42.29
C LEU M 183 -57.02 25.59 41.56
N TRP M 184 -57.62 24.49 42.01
CA TRP M 184 -58.95 24.09 41.60
C TRP M 184 -59.94 24.61 42.62
N LEU M 185 -60.92 25.35 42.15
CA LEU M 185 -62.04 25.78 42.97
C LEU M 185 -63.21 24.83 42.74
N ARG M 186 -64.18 24.91 43.63
CA ARG M 186 -65.41 24.17 43.50
C ARG M 186 -66.44 24.99 42.74
N LEU M 187 -67.14 24.32 41.85
CA LEU M 187 -68.27 24.90 41.14
C LEU M 187 -69.47 24.83 42.07
N GLN M 188 -69.67 25.91 42.82
CA GLN M 188 -70.77 26.00 43.76
C GLN M 188 -72.09 26.09 43.02
N THR M 189 -73.17 26.02 43.80
CA THR M 189 -74.51 26.07 43.22
C THR M 189 -74.93 27.50 42.91
N ALA M 190 -74.85 28.41 43.90
CA ALA M 190 -75.23 29.80 43.68
C ALA M 190 -74.33 30.79 44.41
N GLY M 191 -73.08 30.42 44.71
CA GLY M 191 -72.22 31.24 45.54
C GLY M 191 -70.77 31.28 45.12
N ASN M 192 -70.50 31.17 43.83
CA ASN M 192 -69.13 31.13 43.35
C ASN M 192 -68.41 32.45 43.63
N VAL M 193 -67.09 32.35 43.66
CA VAL M 193 -66.23 33.44 44.07
C VAL M 193 -65.89 34.30 42.86
N ASP M 194 -65.74 35.60 43.10
CA ASP M 194 -65.49 36.55 42.04
C ASP M 194 -64.03 36.52 41.64
N HIS M 195 -63.80 36.38 40.34
CA HIS M 195 -62.48 36.59 39.77
C HIS M 195 -62.34 38.03 39.31
N VAL M 196 -61.10 38.48 39.24
CA VAL M 196 -60.78 39.88 39.12
C VAL M 196 -59.60 40.03 38.17
N GLY M 197 -59.38 41.25 37.68
CA GLY M 197 -58.34 41.43 36.70
C GLY M 197 -58.47 42.46 35.60
N LEU M 198 -59.44 43.38 35.63
CA LEU M 198 -59.40 44.46 34.67
C LEU M 198 -59.99 45.75 35.20
N GLY M 199 -59.25 46.83 34.97
CA GLY M 199 -59.74 48.16 35.23
C GLY M 199 -59.43 49.06 34.06
N THR M 200 -60.31 50.03 33.83
CA THR M 200 -60.29 50.84 32.63
C THR M 200 -60.32 52.31 32.99
N ALA M 201 -59.92 53.12 32.01
CA ALA M 201 -60.03 54.57 32.09
C ALA M 201 -60.31 55.09 30.69
N PHE M 202 -61.51 55.61 30.49
CA PHE M 202 -61.95 56.15 29.22
C PHE M 202 -62.00 57.66 29.28
N GLU M 203 -61.49 58.29 28.23
CA GLU M 203 -61.51 59.74 28.12
C GLU M 203 -62.90 60.20 27.70
N ASN M 204 -63.44 61.13 28.46
CA ASN M 204 -64.79 61.60 28.21
C ASN M 204 -64.84 62.44 26.94
N SER M 205 -66.07 62.69 26.48
CA SER M 205 -66.30 63.33 25.20
C SER M 205 -67.62 64.08 25.25
N ILE M 206 -67.83 64.93 24.24
CA ILE M 206 -69.09 65.64 24.10
C ILE M 206 -70.21 64.68 23.72
N TYR M 207 -69.88 63.61 23.02
CA TYR M 207 -70.84 62.61 22.59
C TYR M 207 -70.75 61.38 23.47
N ASP M 208 -71.87 60.64 23.52
CA ASP M 208 -71.90 59.41 24.29
C ASP M 208 -71.12 58.32 23.56
N GLN M 209 -70.29 57.61 24.31
CA GLN M 209 -69.48 56.51 23.80
C GLN M 209 -70.02 55.21 24.36
N GLU M 210 -70.65 54.42 23.50
CA GLU M 210 -71.22 53.13 23.88
C GLU M 210 -70.35 51.99 23.39
N TYR M 211 -70.39 50.90 24.15
CA TYR M 211 -69.62 49.70 23.84
C TYR M 211 -70.46 48.48 24.17
N ASN M 212 -70.26 47.42 23.39
CA ASN M 212 -70.80 46.09 23.68
C ASN M 212 -69.63 45.23 24.09
N ILE M 213 -69.57 44.86 25.36
CA ILE M 213 -68.42 44.16 25.91
C ILE M 213 -68.74 42.68 25.95
N ARG M 214 -67.88 41.89 25.30
CA ARG M 214 -68.01 40.45 25.23
C ARG M 214 -66.85 39.83 26.00
N VAL M 215 -67.16 39.21 27.13
CA VAL M 215 -66.19 38.51 27.95
C VAL M 215 -66.28 37.03 27.61
N THR M 216 -65.13 36.43 27.36
CA THR M 216 -65.00 35.02 27.08
C THR M 216 -64.04 34.42 28.08
N MET M 217 -64.51 33.46 28.86
CA MET M 217 -63.70 32.76 29.83
C MET M 217 -63.35 31.38 29.34
N TYR M 218 -62.07 31.06 29.35
CA TYR M 218 -61.56 29.76 28.99
C TYR M 218 -61.31 28.96 30.27
N VAL M 219 -62.17 28.00 30.52
CA VAL M 219 -62.22 27.31 31.80
C VAL M 219 -61.78 25.87 31.60
N GLN M 220 -61.53 25.21 32.72
CA GLN M 220 -61.06 23.83 32.75
C GLN M 220 -61.75 23.17 33.93
N PHE M 221 -62.60 22.20 33.64
CA PHE M 221 -63.36 21.48 34.65
C PHE M 221 -62.72 20.14 34.98
N ARG M 222 -63.25 19.49 36.00
CA ARG M 222 -62.71 18.24 36.48
C ARG M 222 -63.81 17.46 37.19
N GLU M 223 -63.70 16.14 37.13
CA GLU M 223 -64.56 15.21 37.86
C GLU M 223 -66.03 15.35 37.44
N PHE M 224 -66.28 14.90 36.22
CA PHE M 224 -67.61 14.64 35.70
C PHE M 224 -68.47 13.94 36.74
N ASN M 225 -69.59 14.54 37.10
CA ASN M 225 -70.39 14.12 38.23
C ASN M 225 -71.87 14.06 37.90
N LEU M 226 -72.19 13.55 36.72
CA LEU M 226 -73.58 13.47 36.32
C LEU M 226 -74.32 12.49 37.22
N LYS M 227 -75.57 12.83 37.51
CA LYS M 227 -76.45 12.00 38.32
C LYS M 227 -77.67 11.62 37.51
N ASP M 228 -77.95 10.32 37.45
CA ASP M 228 -78.98 9.75 36.59
C ASP M 228 -79.97 8.97 37.43
N PRO M 229 -80.95 9.63 38.03
CA PRO M 229 -82.01 8.92 38.71
C PRO M 229 -82.96 8.27 37.71
N PRO M 230 -83.81 7.35 38.17
CA PRO M 230 -84.82 6.81 37.27
C PRO M 230 -85.89 7.83 36.92
N LEU M 231 -86.87 7.40 36.11
CA LEU M 231 -87.95 8.27 35.65
C LEU M 231 -89.28 7.54 35.63
N GLY N 43 -27.30 51.43 42.14
CA GLY N 43 -28.63 50.86 42.18
C GLY N 43 -29.52 51.36 41.06
N ILE N 44 -29.36 50.77 39.89
CA ILE N 44 -30.02 51.24 38.69
C ILE N 44 -31.47 50.78 38.67
N PHE N 45 -32.33 51.64 38.15
CA PHE N 45 -33.73 51.30 37.95
C PHE N 45 -34.22 52.07 36.73
N ASN N 46 -34.32 51.38 35.61
CA ASN N 46 -34.90 51.95 34.41
C ASN N 46 -36.41 51.81 34.46
N THR N 47 -37.11 52.92 34.27
CA THR N 47 -38.57 52.91 34.24
C THR N 47 -39.06 53.87 33.17
N ARG N 48 -40.35 54.17 33.22
CA ARG N 48 -41.06 54.92 32.21
C ARG N 48 -42.10 55.79 32.87
N LEU N 49 -42.05 57.09 32.59
CA LEU N 49 -42.95 58.08 33.16
C LEU N 49 -43.63 58.82 32.03
N SER N 50 -44.93 59.06 32.19
CA SER N 50 -45.76 59.66 31.18
C SER N 50 -46.52 60.85 31.73
N ARG N 51 -47.13 61.58 30.81
CA ARG N 51 -47.80 62.85 31.07
C ARG N 51 -48.56 63.21 29.81
N THR N 52 -49.75 63.76 29.97
CA THR N 52 -50.65 64.07 28.87
C THR N 52 -51.18 65.48 29.01
N PHE N 53 -51.24 66.20 27.89
CA PHE N 53 -51.72 67.56 27.86
C PHE N 53 -52.15 67.90 26.45
N GLY N 54 -52.81 69.04 26.33
CA GLY N 54 -53.39 69.48 25.08
C GLY N 54 -52.65 70.55 24.34
N TYR N 55 -52.88 70.62 23.03
CA TYR N 55 -52.32 71.65 22.17
C TYR N 55 -53.30 71.88 21.03
N THR N 56 -53.62 73.15 20.79
CA THR N 56 -54.56 73.53 19.75
C THR N 56 -53.94 74.55 18.83
N ILE N 57 -54.19 74.39 17.55
CA ILE N 57 -53.83 75.34 16.51
C ILE N 57 -55.14 76.01 16.10
N LYS N 58 -55.32 77.25 16.53
CA LYS N 58 -56.55 77.97 16.26
C LYS N 58 -56.70 78.27 14.77
N ARG N 59 -57.93 78.50 14.36
CA ARG N 59 -58.26 78.79 12.98
C ARG N 59 -57.78 80.18 12.57
N THR N 60 -57.64 80.36 11.25
CA THR N 60 -57.25 81.63 10.67
C THR N 60 -58.01 81.86 9.38
N THR N 61 -58.45 83.10 9.18
CA THR N 61 -59.06 83.51 7.92
C THR N 61 -58.04 83.75 6.82
N VAL N 62 -56.75 83.69 7.13
CA VAL N 62 -55.72 83.91 6.13
C VAL N 62 -55.85 82.88 5.02
N LYS N 63 -55.71 83.33 3.78
CA LYS N 63 -55.87 82.46 2.63
C LYS N 63 -54.60 81.70 2.31
N THR N 64 -53.45 82.33 2.49
CA THR N 64 -52.18 81.73 2.13
C THR N 64 -51.89 80.51 2.98
N PRO N 65 -50.93 79.68 2.57
CA PRO N 65 -50.42 78.64 3.47
C PRO N 65 -49.46 79.25 4.47
N SER N 66 -49.89 79.37 5.70
CA SER N 66 -49.07 79.83 6.80
C SER N 66 -48.93 78.73 7.83
N TRP N 67 -47.87 78.81 8.61
CA TRP N 67 -47.56 77.82 9.62
C TRP N 67 -47.52 78.44 11.01
N ALA N 68 -47.89 77.62 11.99
CA ALA N 68 -47.89 77.99 13.39
C ALA N 68 -46.73 77.30 14.07
N VAL N 69 -45.84 78.07 14.66
CA VAL N 69 -44.61 77.56 15.24
C VAL N 69 -44.75 77.58 16.75
N ASP N 70 -44.22 76.54 17.39
CA ASP N 70 -44.23 76.44 18.83
C ASP N 70 -43.09 75.53 19.26
N MET N 71 -42.81 75.55 20.55
CA MET N 71 -41.70 74.83 21.16
C MET N 71 -42.22 73.83 22.18
N MET N 72 -41.31 72.96 22.61
CA MET N 72 -41.65 71.90 23.56
C MET N 72 -40.41 71.54 24.35
N ARG N 73 -40.43 71.81 25.65
CA ARG N 73 -39.41 71.42 26.59
C ARG N 73 -39.93 70.28 27.46
N PHE N 74 -39.01 69.65 28.18
CA PHE N 74 -39.31 68.51 29.04
C PHE N 74 -38.61 68.70 30.38
N ASN N 75 -39.39 68.67 31.46
CA ASN N 75 -38.86 68.70 32.81
C ASN N 75 -39.43 67.55 33.60
N ILE N 76 -38.64 67.06 34.56
CA ILE N 76 -39.03 65.89 35.33
C ILE N 76 -39.98 66.23 36.47
N ASN N 77 -40.14 67.49 36.81
CA ASN N 77 -41.13 67.85 37.83
C ASN N 77 -42.54 67.58 37.34
N ASP N 78 -42.76 67.68 36.04
CA ASP N 78 -44.08 67.45 35.46
C ASP N 78 -44.42 65.97 35.36
N PHE N 79 -43.45 65.08 35.52
CA PHE N 79 -43.66 63.64 35.48
C PHE N 79 -43.54 62.98 36.84
N LEU N 80 -42.71 63.53 37.71
CA LEU N 80 -42.44 62.97 39.03
C LEU N 80 -42.96 63.91 40.10
N PRO N 81 -44.00 63.57 40.86
CA PRO N 81 -44.51 64.51 41.83
C PRO N 81 -43.63 64.56 43.06
N PRO N 82 -43.88 65.51 43.96
CA PRO N 82 -43.17 65.50 45.24
C PRO N 82 -43.66 64.37 46.12
N GLY N 83 -42.75 63.86 46.93
CA GLY N 83 -43.06 62.76 47.81
C GLY N 83 -43.71 63.20 49.10
N GLY N 84 -43.33 62.56 50.18
CA GLY N 84 -43.86 62.89 51.49
C GLY N 84 -42.96 62.46 52.61
N GLY N 85 -42.72 63.36 53.55
CA GLY N 85 -41.89 63.07 54.69
C GLY N 85 -40.41 63.28 54.42
N SER N 86 -39.60 62.37 54.93
CA SER N 86 -38.16 62.48 54.76
C SER N 86 -37.72 62.20 53.34
N ASN N 87 -38.59 61.60 52.52
CA ASN N 87 -38.30 61.38 51.11
C ASN N 87 -38.88 62.52 50.31
N PRO N 88 -38.07 63.42 49.73
CA PRO N 88 -38.64 64.60 49.08
C PRO N 88 -39.37 64.29 47.79
N ARG N 89 -39.06 63.17 47.14
CA ARG N 89 -39.67 62.78 45.88
C ARG N 89 -40.34 61.41 46.02
N SER N 90 -41.22 61.11 45.08
CA SER N 90 -42.03 59.92 45.15
C SER N 90 -41.28 58.67 44.68
N VAL N 91 -40.26 58.84 43.85
CA VAL N 91 -39.37 57.77 43.45
C VAL N 91 -38.09 57.89 44.27
N PRO N 92 -37.81 56.99 45.21
CA PRO N 92 -36.71 57.24 46.14
C PRO N 92 -35.32 56.94 45.56
N PHE N 93 -34.84 57.88 44.76
CA PHE N 93 -33.52 57.80 44.18
C PHE N 93 -32.88 59.18 44.21
N GLU N 94 -31.56 59.20 44.08
CA GLU N 94 -30.77 60.42 44.15
C GLU N 94 -30.51 61.04 42.80
N TYR N 95 -30.02 60.23 41.86
CA TYR N 95 -29.56 60.69 40.57
C TYR N 95 -30.50 60.19 39.47
N TYR N 96 -30.42 60.84 38.32
CA TYR N 96 -31.21 60.45 37.17
C TYR N 96 -30.51 60.92 35.91
N ARG N 97 -30.93 60.33 34.80
CA ARG N 97 -30.54 60.80 33.49
C ARG N 97 -31.56 60.30 32.49
N ILE N 98 -32.08 61.21 31.68
CA ILE N 98 -33.14 60.88 30.73
C ILE N 98 -32.51 60.24 29.50
N ARG N 99 -32.94 59.03 29.19
CA ARG N 99 -32.41 58.27 28.09
C ARG N 99 -33.11 58.58 26.77
N LYS N 100 -34.43 58.59 26.78
CA LYS N 100 -35.22 58.81 25.59
C LYS N 100 -36.51 59.52 25.98
N VAL N 101 -37.14 60.14 24.98
CA VAL N 101 -38.46 60.71 25.11
C VAL N 101 -39.25 60.31 23.87
N LYS N 102 -40.53 60.03 24.08
CA LYS N 102 -41.48 59.72 23.02
C LYS N 102 -42.60 60.73 23.12
N VAL N 103 -42.65 61.64 22.16
CA VAL N 103 -43.73 62.60 22.03
C VAL N 103 -44.72 62.05 21.01
N GLU N 104 -45.97 61.93 21.42
CA GLU N 104 -47.04 61.39 20.60
C GLU N 104 -48.10 62.46 20.45
N PHE N 105 -48.34 62.88 19.22
CA PHE N 105 -49.45 63.77 18.89
C PHE N 105 -50.63 62.91 18.53
N TRP N 106 -51.52 62.72 19.49
CA TRP N 106 -52.74 61.98 19.27
C TRP N 106 -53.81 62.95 18.79
N PRO N 107 -54.36 62.78 17.59
CA PRO N 107 -55.32 63.76 17.10
C PRO N 107 -56.64 63.72 17.84
N CYS N 108 -57.32 64.86 17.79
CA CYS N 108 -58.65 65.03 18.35
C CYS N 108 -59.69 65.29 17.28
N SER N 109 -59.31 65.29 16.03
CA SER N 109 -60.14 65.73 14.93
C SER N 109 -60.63 64.53 14.12
N PRO N 110 -61.81 64.63 13.51
CA PRO N 110 -62.33 63.49 12.77
C PRO N 110 -61.59 63.29 11.45
N ILE N 111 -61.72 62.08 10.92
CA ILE N 111 -61.10 61.78 9.64
C ILE N 111 -61.82 62.41 8.46
N THR N 112 -62.97 63.04 8.69
CA THR N 112 -63.70 63.75 7.65
C THR N 112 -63.33 65.21 7.55
N GLN N 113 -62.41 65.69 8.39
CA GLN N 113 -62.08 67.11 8.40
C GLN N 113 -61.24 67.45 7.20
N GLY N 114 -61.59 68.54 6.54
CA GLY N 114 -60.90 69.00 5.36
C GLY N 114 -59.90 70.10 5.67
N ASP N 115 -59.48 70.78 4.60
CA ASP N 115 -58.44 71.81 4.68
C ASP N 115 -57.18 71.23 5.30
N ARG N 116 -56.82 70.03 4.86
CA ARG N 116 -55.67 69.35 5.39
C ARG N 116 -54.39 70.10 5.05
N GLY N 117 -53.33 69.71 5.71
CA GLY N 117 -52.07 70.42 5.62
C GLY N 117 -50.88 69.53 5.84
N VAL N 118 -49.70 70.14 5.88
CA VAL N 118 -48.45 69.39 6.03
C VAL N 118 -47.47 70.25 6.79
N GLY N 119 -46.91 69.69 7.85
CA GLY N 119 -46.00 70.38 8.73
C GLY N 119 -44.71 69.63 8.96
N SER N 120 -44.01 70.00 10.02
CA SER N 120 -42.68 69.46 10.28
C SER N 120 -42.39 69.53 11.76
N SER N 121 -41.75 68.47 12.27
CA SER N 121 -41.25 68.41 13.63
C SER N 121 -39.76 68.14 13.59
N ALA N 122 -38.99 68.94 14.32
CA ALA N 122 -37.55 68.84 14.35
C ALA N 122 -37.06 68.78 15.79
N VAL N 123 -35.84 68.29 15.94
CA VAL N 123 -35.21 68.06 17.24
C VAL N 123 -34.21 69.17 17.49
N ILE N 124 -34.41 69.91 18.58
CA ILE N 124 -33.67 71.13 18.88
C ILE N 124 -33.09 70.98 20.27
N LEU N 125 -31.82 70.62 20.35
CA LEU N 125 -31.19 70.22 21.60
C LEU N 125 -30.46 71.35 22.32
N ASP N 126 -30.87 72.61 22.14
CA ASP N 126 -30.06 73.74 22.61
C ASP N 126 -30.83 74.93 23.17
N ASP N 127 -32.15 74.88 23.24
CA ASP N 127 -32.93 75.93 23.89
C ASP N 127 -32.91 77.22 23.10
N ASN N 128 -32.72 77.15 21.79
CA ASN N 128 -32.87 78.29 20.89
C ASN N 128 -33.74 77.79 19.75
N PHE N 129 -35.04 77.98 19.94
CA PHE N 129 -36.05 77.60 18.98
C PHE N 129 -36.32 78.74 18.03
N VAL N 130 -36.95 78.42 16.90
CA VAL N 130 -37.55 79.44 16.06
C VAL N 130 -38.61 80.13 16.88
N THR N 131 -38.70 81.45 16.71
CA THR N 131 -39.62 82.24 17.50
C THR N 131 -41.05 81.77 17.30
N LYS N 132 -41.81 81.76 18.39
CA LYS N 132 -43.20 81.36 18.33
C LYS N 132 -43.98 82.32 17.43
N ALA N 133 -44.71 81.74 16.48
CA ALA N 133 -45.45 82.50 15.49
C ALA N 133 -46.82 81.89 15.31
N THR N 134 -47.78 82.76 14.98
CA THR N 134 -49.16 82.35 14.73
C THR N 134 -49.37 81.97 13.27
N ALA N 135 -48.95 82.83 12.35
CA ALA N 135 -49.09 82.59 10.92
C ALA N 135 -47.81 83.07 10.24
N LEU N 136 -46.84 82.18 10.14
CA LEU N 136 -45.59 82.44 9.44
C LEU N 136 -45.69 81.93 8.01
N THR N 137 -45.10 82.67 7.09
CA THR N 137 -45.25 82.43 5.66
C THR N 137 -44.45 81.24 5.14
N TYR N 138 -43.83 80.46 6.01
CA TYR N 138 -43.05 79.32 5.57
C TYR N 138 -42.89 78.37 6.74
N ASP N 139 -42.43 77.16 6.43
CA ASP N 139 -42.14 76.14 7.42
C ASP N 139 -40.67 76.21 7.77
N PRO N 140 -40.28 76.72 8.95
CA PRO N 140 -38.86 76.86 9.22
C PRO N 140 -38.16 75.54 9.44
N TYR N 141 -38.85 74.55 9.97
CA TYR N 141 -38.26 73.28 10.33
C TYR N 141 -38.26 72.29 9.17
N VAL N 142 -38.46 72.75 7.94
CA VAL N 142 -38.63 71.85 6.82
C VAL N 142 -37.30 71.31 6.33
N ASN N 143 -36.28 72.17 6.28
CA ASN N 143 -34.98 71.78 5.78
C ASN N 143 -34.07 71.24 6.87
N TYR N 144 -34.57 71.09 8.08
CA TYR N 144 -33.77 70.52 9.15
C TYR N 144 -33.51 69.05 8.90
N SER N 145 -32.31 68.61 9.28
CA SER N 145 -31.91 67.23 9.10
C SER N 145 -32.75 66.28 9.93
N SER N 146 -33.36 66.75 11.01
CA SER N 146 -34.21 65.96 11.88
C SER N 146 -35.69 66.19 11.63
N ARG N 147 -36.05 66.65 10.44
CA ARG N 147 -37.43 66.92 10.13
C ARG N 147 -38.15 65.64 9.81
N HIS N 148 -39.32 65.46 10.43
CA HIS N 148 -40.30 64.46 10.06
C HIS N 148 -41.55 65.20 9.66
N THR N 149 -42.19 64.74 8.60
CA THR N 149 -43.41 65.37 8.11
C THR N 149 -44.57 65.07 9.05
N ILE N 150 -45.34 66.11 9.32
CA ILE N 150 -46.57 66.00 10.08
C ILE N 150 -47.70 66.12 9.07
N THR N 151 -48.39 65.02 8.84
CA THR N 151 -49.68 65.07 8.16
C THR N 151 -50.73 65.53 9.15
N GLN N 152 -51.58 66.44 8.70
CA GLN N 152 -52.60 67.08 9.51
C GLN N 152 -53.96 66.86 8.90
N PRO N 153 -55.04 66.95 9.68
CA PRO N 153 -55.18 67.12 11.13
C PRO N 153 -55.43 65.84 11.90
N PHE N 154 -55.79 64.77 11.20
CA PHE N 154 -56.31 63.56 11.81
C PHE N 154 -55.31 62.41 11.80
N SER N 155 -54.03 62.73 11.82
CA SER N 155 -52.98 61.74 11.69
C SER N 155 -52.06 61.77 12.89
N TYR N 156 -51.59 60.60 13.27
CA TYR N 156 -50.72 60.41 14.42
C TYR N 156 -49.28 60.68 14.03
N HIS N 157 -48.56 61.34 14.94
CA HIS N 157 -47.17 61.71 14.75
C HIS N 157 -46.42 61.38 16.02
N SER N 158 -45.38 60.55 15.88
CA SER N 158 -44.49 60.19 16.98
C SER N 158 -43.09 60.65 16.68
N ARG N 159 -42.36 60.99 17.74
CA ARG N 159 -40.95 61.33 17.66
C ARG N 159 -40.26 60.70 18.86
N TYR N 160 -39.22 59.93 18.60
CA TYR N 160 -38.48 59.18 19.61
C TYR N 160 -37.03 59.56 19.50
N PHE N 161 -36.50 60.19 20.54
CA PHE N 161 -35.18 60.78 20.49
C PHE N 161 -34.62 60.88 21.90
N THR N 162 -33.37 61.30 21.98
CA THR N 162 -32.64 61.46 23.23
C THR N 162 -32.47 62.94 23.54
N PRO N 163 -33.13 63.49 24.56
CA PRO N 163 -32.97 64.91 24.82
C PRO N 163 -31.65 65.23 25.48
N LYS N 164 -31.41 66.51 25.72
CA LYS N 164 -30.20 67.00 26.34
C LYS N 164 -30.58 68.05 27.37
N PRO N 165 -29.86 68.12 28.50
CA PRO N 165 -30.19 69.12 29.50
C PRO N 165 -29.56 70.48 29.21
N VAL N 166 -30.18 71.50 29.79
CA VAL N 166 -29.75 72.87 29.63
C VAL N 166 -28.80 73.17 30.79
N LEU N 167 -27.52 72.88 30.57
CA LEU N 167 -26.50 73.12 31.57
C LEU N 167 -26.05 74.56 31.58
N ASP N 168 -25.83 75.15 30.42
CA ASP N 168 -25.49 76.57 30.29
C ASP N 168 -26.23 77.10 29.08
N SER N 169 -27.24 77.93 29.32
CA SER N 169 -28.00 78.52 28.24
C SER N 169 -27.23 79.58 27.48
N THR N 170 -26.15 80.10 28.06
CA THR N 170 -25.34 81.11 27.38
C THR N 170 -24.48 80.49 26.28
N ILE N 171 -23.92 79.32 26.54
CA ILE N 171 -23.02 78.64 25.62
C ILE N 171 -23.76 77.56 24.86
N ASP N 172 -24.71 76.92 25.54
CA ASP N 172 -25.57 75.91 24.95
C ASP N 172 -24.75 74.75 24.38
N TYR N 173 -24.09 74.05 25.30
CA TYR N 173 -23.29 72.88 24.97
C TYR N 173 -24.01 71.61 25.41
N PHE N 174 -23.82 70.54 24.64
CA PHE N 174 -24.43 69.27 24.95
C PHE N 174 -23.54 68.13 24.48
N GLN N 175 -23.81 67.01 24.96
CA GLN N 175 -23.06 65.79 24.70
C GLN N 175 -23.65 65.03 23.51
N PRO N 176 -22.83 64.32 22.76
CA PRO N 176 -23.40 63.38 21.80
C PRO N 176 -23.98 62.15 22.46
N ASN N 177 -24.64 61.31 21.69
CA ASN N 177 -25.33 60.16 22.23
C ASN N 177 -24.32 59.08 22.63
N ASN N 178 -24.27 58.78 23.91
CA ASN N 178 -23.41 57.72 24.42
C ASN N 178 -24.05 57.25 25.71
N LYS N 179 -24.52 56.01 25.73
CA LYS N 179 -25.20 55.52 26.91
C LYS N 179 -24.24 55.39 28.09
N ARG N 180 -22.97 55.14 27.82
CA ARG N 180 -22.01 54.88 28.89
C ARG N 180 -21.46 56.16 29.49
N ASN N 181 -21.45 57.26 28.73
CA ASN N 181 -20.85 58.50 29.15
C ASN N 181 -21.87 59.59 29.46
N GLN N 182 -23.16 59.29 29.40
CA GLN N 182 -24.18 60.29 29.67
C GLN N 182 -24.11 60.74 31.12
N LEU N 183 -24.20 62.04 31.32
CA LEU N 183 -24.09 62.62 32.63
C LEU N 183 -25.26 62.21 33.51
N TRP N 184 -24.98 62.02 34.79
CA TRP N 184 -25.99 61.85 35.81
C TRP N 184 -26.28 63.21 36.43
N LEU N 185 -27.54 63.60 36.41
CA LEU N 185 -28.00 64.78 37.13
C LEU N 185 -28.57 64.36 38.46
N ARG N 186 -28.75 65.34 39.34
CA ARG N 186 -29.39 65.13 40.62
C ARG N 186 -30.88 65.37 40.50
N LEU N 187 -31.64 64.50 41.14
CA LEU N 187 -33.08 64.65 41.27
C LEU N 187 -33.34 65.63 42.40
N GLN N 188 -33.47 66.90 42.02
CA GLN N 188 -33.70 67.96 42.97
C GLN N 188 -35.10 67.83 43.56
N THR N 189 -35.36 68.67 44.56
CA THR N 189 -36.65 68.65 45.23
C THR N 189 -37.71 69.42 44.44
N ALA N 190 -37.42 70.68 44.07
CA ALA N 190 -38.37 71.48 43.30
C ALA N 190 -37.70 72.36 42.26
N GLY N 191 -36.51 72.00 41.78
CA GLY N 191 -35.75 72.88 40.92
C GLY N 191 -35.00 72.19 39.81
N ASN N 192 -35.54 71.10 39.29
CA ASN N 192 -34.86 70.33 38.27
C ASN N 192 -34.70 71.13 36.98
N VAL N 193 -33.73 70.73 36.19
CA VAL N 193 -33.32 71.46 34.99
C VAL N 193 -34.16 71.00 33.81
N ASP N 194 -34.42 71.92 32.90
CA ASP N 194 -35.26 71.65 31.76
C ASP N 194 -34.47 70.93 30.68
N HIS N 195 -35.02 69.82 30.22
CA HIS N 195 -34.52 69.15 29.03
C HIS N 195 -35.28 69.66 27.82
N VAL N 196 -34.63 69.52 26.66
CA VAL N 196 -35.05 70.22 25.46
C VAL N 196 -34.84 69.26 24.28
N GLY N 197 -35.47 69.59 23.15
CA GLY N 197 -35.41 68.68 22.03
C GLY N 197 -36.56 68.53 21.06
N LEU N 198 -37.58 69.40 21.09
CA LEU N 198 -38.57 69.33 20.02
C LEU N 198 -39.17 70.69 19.70
N GLY N 199 -39.22 70.96 18.40
CA GLY N 199 -39.94 72.11 17.89
C GLY N 199 -40.78 71.70 16.70
N THR N 200 -41.91 72.37 16.56
CA THR N 200 -42.94 71.98 15.62
C THR N 200 -43.34 73.16 14.74
N ALA N 201 -43.97 72.82 13.62
CA ALA N 201 -44.57 73.80 12.73
C ALA N 201 -45.80 73.16 12.11
N PHE N 202 -46.97 73.67 12.49
CA PHE N 202 -48.25 73.18 12.01
C PHE N 202 -48.86 74.16 11.03
N GLU N 203 -49.38 73.64 9.93
CA GLU N 203 -50.03 74.45 8.92
C GLU N 203 -51.43 74.81 9.39
N ASN N 204 -51.74 76.09 9.37
CA ASN N 204 -53.01 76.57 9.85
C ASN N 204 -54.14 76.16 8.91
N SER N 205 -55.37 76.32 9.40
CA SER N 205 -56.55 75.84 8.71
C SER N 205 -57.74 76.69 9.09
N ILE N 206 -58.83 76.52 8.34
CA ILE N 206 -60.07 77.22 8.64
C ILE N 206 -60.69 76.66 9.91
N TYR N 207 -60.45 75.40 10.20
CA TYR N 207 -60.98 74.74 11.38
C TYR N 207 -59.90 74.61 12.44
N ASP N 208 -60.35 74.50 13.69
CA ASP N 208 -59.43 74.32 14.80
C ASP N 208 -58.88 72.91 14.80
N GLN N 209 -57.57 72.79 14.99
CA GLN N 209 -56.87 71.51 15.03
C GLN N 209 -56.39 71.27 16.45
N GLU N 210 -57.03 70.34 17.14
CA GLU N 210 -56.70 70.00 18.51
C GLU N 210 -55.91 68.70 18.56
N TYR N 211 -55.05 68.59 19.57
CA TYR N 211 -54.23 67.41 19.79
C TYR N 211 -54.13 67.15 21.27
N ASN N 212 -54.03 65.86 21.62
CA ASN N 212 -53.71 65.42 22.97
C ASN N 212 -52.29 64.86 22.92
N ILE N 213 -51.35 65.57 23.53
CA ILE N 213 -49.95 65.23 23.43
C ILE N 213 -49.56 64.43 24.65
N ARG N 214 -49.03 63.23 24.43
CA ARG N 214 -48.58 62.32 25.48
C ARG N 214 -47.07 62.19 25.38
N VAL N 215 -46.37 62.73 26.36
CA VAL N 215 -44.92 62.64 26.46
C VAL N 215 -44.60 61.51 27.41
N THR N 216 -43.70 60.63 26.99
CA THR N 216 -43.22 59.51 27.79
C THR N 216 -41.71 59.63 27.86
N MET N 217 -41.20 59.76 29.08
CA MET N 217 -39.77 59.82 29.33
C MET N 217 -39.27 58.49 29.89
N TYR N 218 -38.24 57.96 29.26
CA TYR N 218 -37.58 56.75 29.69
C TYR N 218 -36.34 57.14 30.47
N VAL N 219 -36.40 56.98 31.78
CA VAL N 219 -35.40 57.51 32.69
C VAL N 219 -34.63 56.37 33.31
N GLN N 220 -33.52 56.71 33.96
CA GLN N 220 -32.63 55.77 34.60
C GLN N 220 -32.14 56.42 35.88
N PHE N 221 -32.52 55.86 37.01
CA PHE N 221 -32.17 56.37 38.31
C PHE N 221 -30.99 55.61 38.91
N ARG N 222 -30.49 56.12 40.04
CA ARG N 222 -29.32 55.56 40.68
C ARG N 222 -29.36 55.91 42.16
N GLU N 223 -28.79 55.03 42.97
CA GLU N 223 -28.58 55.25 44.40
C GLU N 223 -29.91 55.43 45.15
N PHE N 224 -30.63 54.32 45.22
CA PHE N 224 -31.77 54.16 46.12
C PHE N 224 -31.46 54.73 47.49
N ASN N 225 -32.28 55.69 47.92
CA ASN N 225 -31.98 56.49 49.11
C ASN N 225 -33.20 56.62 50.01
N LEU N 226 -33.91 55.54 50.20
CA LEU N 226 -35.09 55.58 51.05
C LEU N 226 -34.68 55.85 52.50
N LYS N 227 -35.51 56.63 53.18
CA LYS N 227 -35.31 56.97 54.58
C LYS N 227 -36.49 56.47 55.39
N ASP N 228 -36.20 55.72 56.44
CA ASP N 228 -37.22 55.02 57.23
C ASP N 228 -37.09 55.44 58.69
N PRO N 229 -37.68 56.57 59.07
CA PRO N 229 -37.72 56.93 60.47
C PRO N 229 -38.72 56.07 61.23
N PRO N 230 -38.67 56.08 62.56
CA PRO N 230 -39.70 55.37 63.32
C PRO N 230 -41.08 56.03 63.22
N LEU N 231 -42.05 55.46 63.90
CA LEU N 231 -43.42 55.95 63.87
C LEU N 231 -44.07 55.86 65.25
N GLY O 43 -15.30 69.98 -4.27
CA GLY O 43 -15.97 70.03 -2.98
C GLY O 43 -17.45 69.75 -3.08
N ILE O 44 -17.79 68.48 -3.13
CA ILE O 44 -19.15 68.06 -3.38
C ILE O 44 -19.97 68.16 -2.11
N PHE O 45 -21.24 68.53 -2.28
CA PHE O 45 -22.19 68.57 -1.19
C PHE O 45 -23.57 68.26 -1.75
N ASN O 46 -24.02 67.04 -1.56
CA ASN O 46 -25.36 66.65 -1.92
C ASN O 46 -26.32 67.03 -0.81
N THR O 47 -27.37 67.75 -1.16
CA THR O 47 -28.39 68.13 -0.19
C THR O 47 -29.77 68.05 -0.85
N ARG O 48 -30.76 68.63 -0.17
CA ARG O 48 -32.15 68.52 -0.53
C ARG O 48 -32.84 69.84 -0.22
N LEU O 49 -33.51 70.39 -1.23
CA LEU O 49 -34.20 71.66 -1.13
C LEU O 49 -35.64 71.47 -1.53
N SER O 50 -36.54 72.10 -0.78
CA SER O 50 -37.97 71.93 -0.94
C SER O 50 -38.66 73.28 -1.07
N ARG O 51 -39.93 73.20 -1.45
CA ARG O 51 -40.76 74.34 -1.79
C ARG O 51 -42.18 73.83 -1.91
N THR O 52 -43.13 74.62 -1.44
CA THR O 52 -44.54 74.23 -1.39
C THR O 52 -45.40 75.35 -1.96
N PHE O 53 -46.40 74.95 -2.75
CA PHE O 53 -47.31 75.90 -3.38
C PHE O 53 -48.59 75.17 -3.74
N GLY O 54 -49.59 75.95 -4.12
CA GLY O 54 -50.91 75.44 -4.41
C GLY O 54 -51.27 75.34 -5.87
N TYR O 55 -52.23 74.46 -6.17
CA TYR O 55 -52.78 74.29 -7.49
C TYR O 55 -54.22 73.86 -7.35
N THR O 56 -55.12 74.53 -8.07
CA THR O 56 -56.54 74.25 -8.02
C THR O 56 -57.08 74.01 -9.42
N ILE O 57 -57.95 73.02 -9.53
CA ILE O 57 -58.70 72.73 -10.74
C ILE O 57 -60.13 73.18 -10.45
N LYS O 58 -60.51 74.31 -11.04
CA LYS O 58 -61.81 74.89 -10.79
C LYS O 58 -62.92 74.00 -11.35
N ARG O 59 -64.12 74.19 -10.82
CA ARG O 59 -65.28 73.41 -11.21
C ARG O 59 -65.76 73.81 -12.60
N THR O 60 -66.51 72.90 -13.21
CA THR O 60 -67.12 73.13 -14.52
C THR O 60 -68.50 72.52 -14.57
N THR O 61 -69.44 73.24 -15.18
CA THR O 61 -70.77 72.72 -15.43
C THR O 61 -70.82 71.76 -16.61
N VAL O 62 -69.71 71.59 -17.34
CA VAL O 62 -69.68 70.69 -18.48
C VAL O 62 -70.00 69.28 -18.02
N LYS O 63 -70.83 68.59 -18.80
CA LYS O 63 -71.27 67.24 -18.46
C LYS O 63 -70.26 66.20 -18.88
N THR O 64 -69.62 66.40 -20.02
CA THR O 64 -68.71 65.41 -20.56
C THR O 64 -67.49 65.22 -19.66
N PRO O 65 -66.73 64.15 -19.86
CA PRO O 65 -65.43 64.06 -19.22
C PRO O 65 -64.42 64.89 -19.98
N SER O 66 -64.03 66.01 -19.39
CA SER O 66 -63.00 66.87 -19.92
C SER O 66 -61.84 66.94 -18.95
N TRP O 67 -60.67 67.27 -19.47
CA TRP O 67 -59.46 67.34 -18.69
C TRP O 67 -58.86 68.73 -18.71
N ALA O 68 -58.20 69.08 -17.61
CA ALA O 68 -57.52 70.35 -17.44
C ALA O 68 -56.04 70.11 -17.52
N VAL O 69 -55.39 70.77 -18.47
CA VAL O 69 -53.98 70.56 -18.76
C VAL O 69 -53.19 71.73 -18.22
N ASP O 70 -52.02 71.43 -17.67
CA ASP O 70 -51.12 72.45 -17.16
C ASP O 70 -49.71 71.90 -17.17
N MET O 71 -48.76 72.80 -16.97
CA MET O 71 -47.34 72.50 -17.04
C MET O 71 -46.68 72.81 -15.70
N MET O 72 -45.44 72.34 -15.58
CA MET O 72 -44.67 72.51 -14.35
C MET O 72 -43.19 72.54 -14.69
N ARG O 73 -42.56 73.68 -14.45
CA ARG O 73 -41.13 73.86 -14.58
C ARG O 73 -40.50 73.96 -13.19
N PHE O 74 -39.17 73.86 -13.16
CA PHE O 74 -38.42 73.90 -11.91
C PHE O 74 -37.21 74.81 -12.10
N ASN O 75 -37.09 75.81 -11.23
CA ASN O 75 -35.95 76.69 -11.20
C ASN O 75 -35.40 76.75 -9.78
N ILE O 76 -34.08 76.93 -9.69
CA ILE O 76 -33.40 76.92 -8.40
C ILE O 76 -33.53 78.23 -7.64
N ASN O 77 -33.97 79.30 -8.30
CA ASN O 77 -34.20 80.55 -7.58
C ASN O 77 -35.35 80.41 -6.61
N ASP O 78 -36.33 79.57 -6.92
CA ASP O 78 -37.47 79.36 -6.06
C ASP O 78 -37.17 78.49 -4.86
N PHE O 79 -36.03 77.80 -4.85
CA PHE O 79 -35.61 76.96 -3.74
C PHE O 79 -34.45 77.54 -2.96
N LEU O 80 -33.58 78.29 -3.62
CA LEU O 80 -32.38 78.86 -3.01
C LEU O 80 -32.49 80.37 -2.98
N PRO O 81 -32.63 81.02 -1.83
CA PRO O 81 -32.79 82.47 -1.83
C PRO O 81 -31.47 83.17 -2.08
N PRO O 82 -31.50 84.48 -2.29
CA PRO O 82 -30.26 85.23 -2.36
C PRO O 82 -29.60 85.35 -0.99
N GLY O 83 -28.28 85.38 -1.01
CA GLY O 83 -27.53 85.45 0.22
C GLY O 83 -27.39 86.87 0.73
N GLY O 84 -26.22 87.18 1.26
CA GLY O 84 -25.96 88.50 1.78
C GLY O 84 -24.48 88.83 1.81
N GLY O 85 -24.13 90.01 1.33
CA GLY O 85 -22.76 90.45 1.32
C GLY O 85 -21.99 89.96 0.11
N SER O 86 -20.74 89.57 0.35
CA SER O 86 -19.89 89.10 -0.74
C SER O 86 -20.32 87.75 -1.28
N ASN O 87 -21.15 87.03 -0.54
CA ASN O 87 -21.69 85.75 -1.00
C ASN O 87 -23.06 86.02 -1.64
N PRO O 88 -23.20 85.90 -2.97
CA PRO O 88 -24.47 86.28 -3.59
C PRO O 88 -25.61 85.33 -3.29
N ARG O 89 -25.32 84.08 -2.93
CA ARG O 89 -26.32 83.08 -2.63
C ARG O 89 -26.14 82.55 -1.22
N SER O 90 -27.19 81.91 -0.72
CA SER O 90 -27.21 81.46 0.66
C SER O 90 -26.47 80.16 0.87
N VAL O 91 -26.33 79.36 -0.18
CA VAL O 91 -25.49 78.16 -0.17
C VAL O 91 -24.18 78.49 -0.85
N PRO O 92 -23.05 78.55 -0.14
CA PRO O 92 -21.84 79.09 -0.77
C PRO O 92 -21.10 78.10 -1.64
N PHE O 93 -21.63 77.93 -2.86
CA PHE O 93 -21.02 77.09 -3.86
C PHE O 93 -21.14 77.77 -5.21
N GLU O 94 -20.30 77.31 -6.14
CA GLU O 94 -20.21 77.90 -7.47
C GLU O 94 -21.08 77.17 -8.48
N TYR O 95 -20.97 75.86 -8.55
CA TYR O 95 -21.62 75.05 -9.57
C TYR O 95 -22.70 74.19 -8.93
N TYR O 96 -23.60 73.71 -9.78
CA TYR O 96 -24.66 72.83 -9.34
C TYR O 96 -25.13 71.98 -10.50
N ARG O 97 -25.83 70.90 -10.15
CA ARG O 97 -26.53 70.10 -11.15
C ARG O 97 -27.62 69.34 -10.42
N ILE O 98 -28.84 69.43 -10.94
CA ILE O 98 -29.99 68.82 -10.31
C ILE O 98 -30.02 67.34 -10.67
N ARG O 99 -30.00 66.50 -9.65
CA ARG O 99 -29.98 65.06 -9.81
C ARG O 99 -31.36 64.46 -9.96
N LYS O 100 -32.28 64.85 -9.09
CA LYS O 100 -33.63 64.31 -9.08
C LYS O 100 -34.58 65.39 -8.58
N VAL O 101 -35.86 65.20 -8.89
CA VAL O 101 -36.94 66.00 -8.35
C VAL O 101 -38.06 65.06 -7.94
N LYS O 102 -38.70 65.40 -6.83
CA LYS O 102 -39.86 64.69 -6.31
C LYS O 102 -41.00 65.68 -6.23
N VAL O 103 -41.96 65.53 -7.11
CA VAL O 103 -43.19 66.32 -7.08
C VAL O 103 -44.25 65.50 -6.36
N GLU O 104 -44.83 66.08 -5.32
CA GLU O 104 -45.83 65.44 -4.49
C GLU O 104 -47.09 66.27 -4.56
N PHE O 105 -48.16 65.67 -5.06
CA PHE O 105 -49.50 66.28 -5.04
C PHE O 105 -50.18 65.82 -3.76
N TRP O 106 -50.13 66.67 -2.75
CA TRP O 106 -50.82 66.40 -1.51
C TRP O 106 -52.24 66.92 -1.59
N PRO O 107 -53.26 66.08 -1.48
CA PRO O 107 -54.62 66.58 -1.66
C PRO O 107 -55.08 67.48 -0.53
N CYS O 108 -56.04 68.31 -0.87
CA CYS O 108 -56.71 69.20 0.06
C CYS O 108 -58.17 68.85 0.26
N SER O 109 -58.65 67.80 -0.37
CA SER O 109 -60.06 67.48 -0.46
C SER O 109 -60.38 66.30 0.43
N PRO O 110 -61.59 66.23 0.97
CA PRO O 110 -61.93 65.13 1.87
C PRO O 110 -62.11 63.83 1.11
N ILE O 111 -62.02 62.73 1.86
CA ILE O 111 -62.23 61.42 1.25
C ILE O 111 -63.68 61.12 0.95
N THR O 112 -64.60 61.98 1.35
CA THR O 112 -66.02 61.85 1.04
C THR O 112 -66.42 62.57 -0.23
N GLN O 113 -65.48 63.22 -0.93
CA GLN O 113 -65.83 64.00 -2.10
C GLN O 113 -66.10 63.06 -3.26
N GLY O 114 -67.19 63.33 -3.97
CA GLY O 114 -67.60 62.55 -5.10
C GLY O 114 -67.18 63.16 -6.42
N ASP O 115 -67.79 62.66 -7.49
CA ASP O 115 -67.45 63.04 -8.85
C ASP O 115 -65.98 62.81 -9.11
N ARG O 116 -65.50 61.66 -8.66
CA ARG O 116 -64.10 61.31 -8.80
C ARG O 116 -63.73 61.16 -10.27
N GLY O 117 -62.43 61.13 -10.51
CA GLY O 117 -61.90 61.13 -11.85
C GLY O 117 -60.58 60.43 -11.98
N VAL O 118 -60.00 60.49 -13.17
CA VAL O 118 -58.75 59.81 -13.44
C VAL O 118 -57.96 60.64 -14.46
N GLY O 119 -56.71 60.91 -14.12
CA GLY O 119 -55.84 61.74 -14.92
C GLY O 119 -54.51 61.10 -15.20
N SER O 120 -53.54 61.92 -15.60
CA SER O 120 -52.26 61.41 -16.04
C SER O 120 -51.19 62.48 -15.82
N SER O 121 -50.02 62.04 -15.38
CA SER O 121 -48.85 62.88 -15.25
C SER O 121 -47.72 62.27 -16.07
N ALA O 122 -47.10 63.09 -16.90
CA ALA O 122 -46.03 62.65 -17.78
C ALA O 122 -44.81 63.55 -17.63
N VAL O 123 -43.67 63.03 -18.06
CA VAL O 123 -42.38 63.67 -17.93
C VAL O 123 -41.99 64.25 -19.27
N ILE O 124 -41.79 65.56 -19.32
CA ILE O 124 -41.60 66.33 -20.55
C ILE O 124 -40.32 67.11 -20.40
N LEU O 125 -39.24 66.61 -20.98
CA LEU O 125 -37.90 67.12 -20.75
C LEU O 125 -37.44 68.12 -21.79
N ASP O 126 -38.34 68.87 -22.44
CA ASP O 126 -37.96 69.69 -23.59
C ASP O 126 -38.66 71.03 -23.72
N ASP O 127 -39.50 71.42 -22.78
CA ASP O 127 -40.09 72.76 -22.77
C ASP O 127 -41.09 72.96 -23.93
N ASN O 128 -41.69 71.87 -24.40
CA ASN O 128 -42.79 71.95 -25.35
C ASN O 128 -43.87 71.04 -24.77
N PHE O 129 -44.74 71.64 -23.99
CA PHE O 129 -45.85 70.98 -23.34
C PHE O 129 -47.08 71.04 -24.23
N VAL O 130 -48.04 70.16 -23.93
CA VAL O 130 -49.37 70.33 -24.49
C VAL O 130 -49.91 71.65 -24.01
N THR O 131 -50.62 72.36 -24.89
CA THR O 131 -51.11 73.68 -24.59
C THR O 131 -52.02 73.64 -23.37
N LYS O 132 -51.90 74.67 -22.53
CA LYS O 132 -52.74 74.76 -21.35
C LYS O 132 -54.20 74.89 -21.76
N ALA O 133 -55.03 74.04 -21.17
CA ALA O 133 -56.44 73.95 -21.49
C ALA O 133 -57.25 73.85 -20.22
N THR O 134 -58.46 74.38 -20.27
CA THR O 134 -59.39 74.33 -19.15
C THR O 134 -60.25 73.08 -19.20
N ALA O 135 -60.87 72.80 -20.35
CA ALA O 135 -61.70 71.62 -20.53
C ALA O 135 -61.43 71.05 -21.91
N LEU O 136 -60.44 70.16 -21.98
CA LEU O 136 -60.10 69.45 -23.20
C LEU O 136 -60.81 68.10 -23.22
N THR O 137 -61.25 67.70 -24.40
CA THR O 137 -62.10 66.54 -24.57
C THR O 137 -61.37 65.21 -24.45
N TYR O 138 -60.11 65.20 -24.06
CA TYR O 138 -59.35 63.97 -23.95
C TYR O 138 -58.15 64.22 -23.05
N ASP O 139 -57.53 63.13 -22.62
CA ASP O 139 -56.32 63.18 -21.82
C ASP O 139 -55.11 63.07 -22.74
N PRO O 140 -54.36 64.15 -22.99
CA PRO O 140 -53.27 64.04 -23.95
C PRO O 140 -52.11 63.21 -23.44
N TYR O 141 -51.87 63.20 -22.14
CA TYR O 141 -50.73 62.53 -21.56
C TYR O 141 -51.00 61.07 -21.24
N VAL O 142 -52.06 60.49 -21.80
CA VAL O 142 -52.47 59.14 -21.41
C VAL O 142 -51.62 58.09 -22.09
N ASN O 143 -51.29 58.29 -23.36
CA ASN O 143 -50.53 57.32 -24.12
C ASN O 143 -49.04 57.55 -24.02
N TYR O 144 -48.60 58.49 -23.21
CA TYR O 144 -47.17 58.72 -23.02
C TYR O 144 -46.54 57.58 -22.27
N SER O 145 -45.31 57.26 -22.66
CA SER O 145 -44.57 56.18 -22.04
C SER O 145 -44.26 56.46 -20.58
N SER O 146 -44.25 57.73 -20.17
CA SER O 146 -44.00 58.12 -18.79
C SER O 146 -45.26 58.49 -18.05
N ARG O 147 -46.40 57.99 -18.49
CA ARG O 147 -47.66 58.31 -17.84
C ARG O 147 -47.82 57.49 -16.58
N HIS O 148 -48.18 58.18 -15.50
CA HIS O 148 -48.67 57.56 -14.28
C HIS O 148 -50.09 58.06 -14.08
N THR O 149 -50.97 57.17 -13.66
CA THR O 149 -52.35 57.52 -13.42
C THR O 149 -52.48 58.36 -12.17
N ILE O 150 -53.28 59.41 -12.27
CA ILE O 150 -53.64 60.26 -11.14
C ILE O 150 -55.08 59.89 -10.79
N THR O 151 -55.23 59.24 -9.65
CA THR O 151 -56.53 59.13 -9.03
C THR O 151 -56.88 60.45 -8.34
N GLN O 152 -58.11 60.88 -8.53
CA GLN O 152 -58.59 62.17 -8.05
C GLN O 152 -59.82 61.95 -7.18
N PRO O 153 -60.13 62.90 -6.29
CA PRO O 153 -59.44 64.12 -5.87
C PRO O 153 -58.63 63.99 -4.59
N PHE O 154 -58.86 62.91 -3.83
CA PHE O 154 -58.36 62.78 -2.48
C PHE O 154 -57.20 61.80 -2.37
N SER O 155 -56.42 61.65 -3.43
CA SER O 155 -55.38 60.66 -3.48
C SER O 155 -54.04 61.33 -3.76
N TYR O 156 -53.01 60.77 -3.16
CA TYR O 156 -51.65 61.26 -3.26
C TYR O 156 -50.98 60.74 -4.52
N HIS O 157 -50.22 61.61 -5.16
CA HIS O 157 -49.52 61.30 -6.40
C HIS O 157 -48.11 61.85 -6.29
N SER O 158 -47.14 60.96 -6.46
CA SER O 158 -45.73 61.32 -6.46
C SER O 158 -45.12 60.97 -7.81
N ARG O 159 -44.13 61.76 -8.21
CA ARG O 159 -43.33 61.52 -9.40
C ARG O 159 -41.89 61.84 -9.05
N TYR O 160 -40.99 60.88 -9.30
CA TYR O 160 -39.58 60.99 -8.98
C TYR O 160 -38.79 60.73 -10.23
N PHE O 161 -38.08 61.75 -10.69
CA PHE O 161 -37.42 61.69 -12.00
C PHE O 161 -36.26 62.66 -12.00
N THR O 162 -35.52 62.61 -13.10
CA THR O 162 -34.33 63.44 -13.31
C THR O 162 -34.64 64.50 -14.34
N PRO O 163 -34.72 65.79 -13.97
CA PRO O 163 -35.04 66.80 -14.97
C PRO O 163 -33.87 67.13 -15.87
N LYS O 164 -34.09 68.02 -16.82
CA LYS O 164 -33.08 68.43 -17.76
C LYS O 164 -33.15 69.94 -17.91
N PRO O 165 -32.02 70.62 -18.09
CA PRO O 165 -32.07 72.07 -18.27
C PRO O 165 -32.36 72.49 -19.68
N VAL O 166 -32.86 73.71 -19.79
CA VAL O 166 -33.22 74.31 -21.08
C VAL O 166 -32.00 75.08 -21.54
N LEU O 167 -31.13 74.39 -22.27
CA LEU O 167 -29.93 75.00 -22.80
C LEU O 167 -30.21 75.76 -24.09
N ASP O 168 -30.99 75.18 -24.99
CA ASP O 168 -31.40 75.85 -26.21
C ASP O 168 -32.86 75.47 -26.47
N SER O 169 -33.75 76.44 -26.28
CA SER O 169 -35.17 76.20 -26.51
C SER O 169 -35.52 76.06 -27.97
N THR O 170 -34.64 76.50 -28.88
CA THR O 170 -34.89 76.38 -30.31
C THR O 170 -34.70 74.95 -30.78
N ILE O 171 -33.67 74.28 -30.28
CA ILE O 171 -33.31 72.93 -30.70
C ILE O 171 -33.84 71.92 -29.70
N ASP O 172 -33.83 72.30 -28.43
CA ASP O 172 -34.36 71.49 -27.34
C ASP O 172 -33.64 70.14 -27.27
N TYR O 173 -32.35 70.21 -26.96
CA TYR O 173 -31.51 69.03 -26.79
C TYR O 173 -31.24 68.80 -25.32
N PHE O 174 -31.11 67.53 -24.94
CA PHE O 174 -30.83 67.15 -23.57
C PHE O 174 -30.04 65.87 -23.54
N GLN O 175 -29.47 65.62 -22.44
CA GLN O 175 -28.62 64.48 -22.19
C GLN O 175 -29.40 63.30 -21.65
N PRO O 176 -29.00 62.08 -21.93
CA PRO O 176 -29.57 60.95 -21.21
C PRO O 176 -29.06 60.87 -19.78
N ASN O 177 -29.64 59.96 -19.01
CA ASN O 177 -29.32 59.87 -17.60
C ASN O 177 -27.95 59.23 -17.41
N ASN O 178 -27.03 59.99 -16.84
CA ASN O 178 -25.69 59.50 -16.54
C ASN O 178 -25.18 60.35 -15.40
N LYS O 179 -24.99 59.73 -14.24
CA LYS O 179 -24.56 60.51 -13.10
C LYS O 179 -23.14 61.04 -13.29
N ARG O 180 -22.30 60.33 -14.04
CA ARG O 180 -20.92 60.72 -14.17
C ARG O 180 -20.70 61.78 -15.23
N ASN O 181 -21.59 61.87 -16.21
CA ASN O 181 -21.45 62.78 -17.34
C ASN O 181 -22.41 63.95 -17.31
N GLN O 182 -23.21 64.08 -16.26
CA GLN O 182 -24.17 65.18 -16.19
C GLN O 182 -23.45 66.50 -16.09
N LEU O 183 -23.93 67.46 -16.86
CA LEU O 183 -23.32 68.77 -16.93
C LEU O 183 -23.45 69.50 -15.60
N TRP O 184 -22.41 70.26 -15.28
CA TRP O 184 -22.44 71.20 -14.18
C TRP O 184 -22.83 72.57 -14.72
N LEU O 185 -23.87 73.14 -14.15
CA LEU O 185 -24.25 74.52 -14.42
C LEU O 185 -23.68 75.42 -13.35
N ARG O 186 -23.69 76.71 -13.65
CA ARG O 186 -23.29 77.72 -12.68
C ARG O 186 -24.49 78.19 -11.89
N LEU O 187 -24.28 78.35 -10.59
CA LEU O 187 -25.26 78.94 -9.70
C LEU O 187 -25.18 80.45 -9.85
N GLN O 188 -26.01 80.97 -10.75
CA GLN O 188 -26.03 82.39 -11.02
C GLN O 188 -26.60 83.14 -9.83
N THR O 189 -26.55 84.47 -9.93
CA THR O 189 -27.04 85.31 -8.85
C THR O 189 -28.55 85.48 -8.91
N ALA O 190 -29.08 85.90 -10.07
CA ALA O 190 -30.53 86.06 -10.22
C ALA O 190 -31.05 85.64 -11.59
N GLY O 191 -30.36 84.74 -12.28
CA GLY O 191 -30.70 84.40 -13.65
C GLY O 191 -30.55 82.95 -14.02
N ASN O 192 -30.79 82.05 -13.06
CA ASN O 192 -30.60 80.64 -13.31
C ASN O 192 -31.59 80.11 -14.35
N VAL O 193 -31.22 79.02 -14.96
CA VAL O 193 -31.94 78.45 -16.10
C VAL O 193 -33.04 77.52 -15.59
N ASP O 194 -34.14 77.48 -16.32
CA ASP O 194 -35.29 76.69 -15.93
C ASP O 194 -35.07 75.23 -16.28
N HIS O 195 -35.29 74.37 -15.30
CA HIS O 195 -35.37 72.94 -15.53
C HIS O 195 -36.82 72.55 -15.76
N VAL O 196 -37.00 71.43 -16.45
CA VAL O 196 -38.28 71.06 -16.99
C VAL O 196 -38.45 69.56 -16.85
N GLY O 197 -39.68 69.08 -16.99
CA GLY O 197 -39.93 67.68 -16.77
C GLY O 197 -41.24 67.20 -16.19
N LEU O 198 -42.28 68.02 -16.08
CA LEU O 198 -43.58 67.45 -15.72
C LEU O 198 -44.74 68.20 -16.34
N GLY O 199 -45.66 67.42 -16.89
CA GLY O 199 -46.93 67.93 -17.34
C GLY O 199 -48.05 67.03 -16.88
N THR O 200 -49.20 67.65 -16.62
CA THR O 200 -50.31 67.00 -15.96
C THR O 200 -51.58 67.16 -16.76
N ALA O 201 -52.55 66.30 -16.45
CA ALA O 201 -53.90 66.39 -16.99
C ALA O 201 -54.85 65.89 -15.92
N PHE O 202 -55.65 66.80 -15.38
CA PHE O 202 -56.61 66.50 -14.33
C PHE O 202 -58.02 66.53 -14.90
N GLU O 203 -58.81 65.55 -14.53
CA GLU O 203 -60.19 65.47 -14.96
C GLU O 203 -61.03 66.43 -14.12
N ASN O 204 -61.80 67.26 -14.82
CA ASN O 204 -62.59 68.27 -14.15
C ASN O 204 -63.75 67.64 -13.39
N SER O 205 -64.38 68.44 -12.54
CA SER O 205 -65.41 67.96 -11.63
C SER O 205 -66.36 69.10 -11.31
N ILE O 206 -67.49 68.74 -10.71
CA ILE O 206 -68.45 69.73 -10.26
C ILE O 206 -67.91 70.51 -9.08
N TYR O 207 -67.04 69.90 -8.28
CA TYR O 207 -66.44 70.53 -7.12
C TYR O 207 -65.02 70.94 -7.43
N ASP O 208 -64.54 71.93 -6.68
CA ASP O 208 -63.17 72.39 -6.84
C ASP O 208 -62.21 71.39 -6.23
N GLN O 209 -61.15 71.08 -6.97
CA GLN O 209 -60.10 70.15 -6.55
C GLN O 209 -58.84 70.95 -6.27
N GLU O 210 -58.49 71.06 -4.99
CA GLU O 210 -57.30 71.79 -4.58
C GLU O 210 -56.19 70.82 -4.19
N TYR O 211 -54.96 71.26 -4.38
CA TYR O 211 -53.78 70.48 -4.06
C TYR O 211 -52.71 71.40 -3.50
N ASN O 212 -51.92 70.86 -2.58
CA ASN O 212 -50.71 71.51 -2.08
C ASN O 212 -49.53 70.74 -2.66
N ILE O 213 -48.81 71.36 -3.58
CA ILE O 213 -47.75 70.69 -4.31
C ILE O 213 -46.42 71.01 -3.65
N ARG O 214 -45.70 69.96 -3.25
CA ARG O 214 -44.40 70.08 -2.62
C ARG O 214 -43.36 69.50 -3.57
N VAL O 215 -42.51 70.37 -4.09
CA VAL O 215 -41.41 69.98 -4.96
C VAL O 215 -40.15 69.92 -4.12
N THR O 216 -39.42 68.82 -4.25
CA THR O 216 -38.17 68.60 -3.56
C THR O 216 -37.12 68.31 -4.62
N MET O 217 -36.09 69.15 -4.68
CA MET O 217 -34.98 68.97 -5.59
C MET O 217 -33.77 68.45 -4.85
N TYR O 218 -33.20 67.38 -5.37
CA TYR O 218 -31.98 66.78 -4.84
C TYR O 218 -30.82 67.25 -5.70
N VAL O 219 -30.02 68.15 -5.16
CA VAL O 219 -29.01 68.87 -5.91
C VAL O 219 -27.63 68.43 -5.45
N GLN O 220 -26.64 68.81 -6.23
CA GLN O 220 -25.24 68.47 -5.97
C GLN O 220 -24.43 69.68 -6.36
N PHE O 221 -23.77 70.29 -5.38
CA PHE O 221 -22.97 71.48 -5.56
C PHE O 221 -21.50 71.13 -5.65
N ARG O 222 -20.69 72.13 -5.99
CA ARG O 222 -19.27 71.95 -6.19
C ARG O 222 -18.56 73.28 -5.96
N GLU O 223 -17.32 73.20 -5.49
CA GLU O 223 -16.42 74.34 -5.33
C GLU O 223 -16.98 75.37 -4.35
N PHE O 224 -16.97 74.97 -3.09
CA PHE O 224 -17.16 75.84 -1.95
C PHE O 224 -16.38 77.13 -2.13
N ASN O 225 -17.08 78.27 -2.10
CA ASN O 225 -16.50 79.55 -2.48
C ASN O 225 -16.86 80.64 -1.49
N LEU O 226 -16.80 80.32 -0.21
CA LEU O 226 -17.13 81.31 0.79
C LEU O 226 -16.11 82.44 0.79
N LYS O 227 -16.59 83.65 1.01
CA LYS O 227 -15.76 84.85 1.07
C LYS O 227 -15.89 85.47 2.44
N ASP O 228 -14.76 85.73 3.08
CA ASP O 228 -14.70 86.17 4.47
C ASP O 228 -13.92 87.48 4.54
N PRO O 229 -14.58 88.61 4.29
CA PRO O 229 -13.92 89.88 4.50
C PRO O 229 -13.81 90.21 5.98
N PRO O 230 -13.00 91.20 6.35
CA PRO O 230 -12.98 91.61 7.75
C PRO O 230 -14.24 92.32 8.17
N LEU O 231 -14.28 92.76 9.42
CA LEU O 231 -15.45 93.41 10.00
C LEU O 231 -15.06 94.57 10.90
N GLY P 43 -39.43 54.97 -24.49
CA GLY P 43 -40.03 54.20 -25.57
C GLY P 43 -39.23 54.26 -26.85
N ILE P 44 -38.22 53.43 -26.92
CA ILE P 44 -37.26 53.48 -28.02
C ILE P 44 -37.84 52.79 -29.23
N PHE P 45 -37.52 53.32 -30.40
CA PHE P 45 -37.89 52.73 -31.68
C PHE P 45 -36.81 53.09 -32.68
N ASN P 46 -35.94 52.13 -32.97
CA ASN P 46 -34.95 52.27 -34.01
C ASN P 46 -35.55 51.90 -35.35
N THR P 47 -35.44 52.79 -36.32
CA THR P 47 -35.94 52.54 -37.66
C THR P 47 -34.96 53.10 -38.68
N ARG P 48 -35.42 53.18 -39.92
CA ARG P 48 -34.60 53.54 -41.07
C ARG P 48 -35.44 54.36 -42.03
N LEU P 49 -34.92 55.53 -42.39
CA LEU P 49 -35.60 56.47 -43.28
C LEU P 49 -34.68 56.78 -44.44
N SER P 50 -35.24 56.83 -45.63
CA SER P 50 -34.51 57.02 -46.86
C SER P 50 -35.08 58.16 -47.68
N ARG P 51 -34.32 58.52 -48.70
CA ARG P 51 -34.57 59.69 -49.54
C ARG P 51 -33.62 59.59 -50.71
N THR P 52 -34.10 59.95 -51.90
CA THR P 52 -33.36 59.82 -53.13
C THR P 52 -33.42 61.12 -53.92
N PHE P 53 -32.29 61.51 -54.49
CA PHE P 53 -32.20 62.74 -55.28
C PHE P 53 -31.00 62.63 -56.20
N GLY P 54 -30.92 63.58 -57.12
CA GLY P 54 -29.90 63.59 -58.15
C GLY P 54 -28.77 64.56 -57.95
N TYR P 55 -27.64 64.26 -58.58
CA TYR P 55 -26.46 65.12 -58.59
C TYR P 55 -25.73 64.90 -59.89
N THR P 56 -25.40 65.99 -60.57
CA THR P 56 -24.73 65.94 -61.86
C THR P 56 -23.47 66.80 -61.83
N ILE P 57 -22.41 66.28 -62.42
CA ILE P 57 -21.17 66.99 -62.64
C ILE P 57 -21.14 67.31 -64.13
N LYS P 58 -21.38 68.57 -64.46
CA LYS P 58 -21.45 68.98 -65.85
C LYS P 58 -20.08 68.88 -66.52
N ARG P 59 -20.11 68.80 -67.84
CA ARG P 59 -18.90 68.67 -68.64
C ARG P 59 -18.11 69.97 -68.65
N THR P 60 -16.83 69.84 -68.99
CA THR P 60 -15.92 70.97 -69.11
C THR P 60 -14.97 70.74 -70.27
N THR P 61 -14.73 71.80 -71.04
CA THR P 61 -13.73 71.78 -72.10
C THR P 61 -12.30 71.90 -71.56
N VAL P 62 -12.13 72.15 -70.25
CA VAL P 62 -10.81 72.27 -69.67
C VAL P 62 -10.03 70.99 -69.88
N LYS P 63 -8.75 71.15 -70.26
CA LYS P 63 -7.91 70.00 -70.55
C LYS P 63 -7.29 69.40 -69.29
N THR P 64 -6.93 70.25 -68.33
CA THR P 64 -6.26 69.80 -67.13
C THR P 64 -7.16 68.89 -66.31
N PRO P 65 -6.58 68.16 -65.35
CA PRO P 65 -7.41 67.49 -64.35
C PRO P 65 -7.87 68.46 -63.31
N SER P 66 -9.15 68.82 -63.35
CA SER P 66 -9.77 69.67 -62.36
C SER P 66 -10.86 68.90 -61.65
N TRP P 67 -11.19 69.33 -60.44
CA TRP P 67 -12.17 68.69 -59.61
C TRP P 67 -13.32 69.64 -59.29
N ALA P 68 -14.49 69.05 -59.14
CA ALA P 68 -15.72 69.74 -58.78
C ALA P 68 -16.06 69.44 -57.34
N VAL P 69 -16.14 70.47 -56.53
CA VAL P 69 -16.32 70.33 -55.09
C VAL P 69 -17.76 70.71 -54.75
N ASP P 70 -18.33 69.96 -53.82
CA ASP P 70 -19.69 70.22 -53.35
C ASP P 70 -19.82 69.65 -51.96
N MET P 71 -20.90 70.04 -51.30
CA MET P 71 -21.20 69.69 -49.92
C MET P 71 -22.49 68.91 -49.84
N MET P 72 -22.71 68.33 -48.65
CA MET P 72 -23.90 67.50 -48.42
C MET P 72 -24.24 67.55 -46.94
N ARG P 73 -25.40 68.13 -46.63
CA ARG P 73 -25.96 68.16 -45.29
C ARG P 73 -27.15 67.20 -45.22
N PHE P 74 -27.59 66.93 -44.00
CA PHE P 74 -28.69 66.01 -43.74
C PHE P 74 -29.63 66.64 -42.73
N ASN P 75 -30.90 66.74 -43.09
CA ASN P 75 -31.95 67.21 -42.20
C ASN P 75 -33.09 66.20 -42.20
N ILE P 76 -33.76 66.11 -41.06
CA ILE P 76 -34.82 65.12 -40.88
C ILE P 76 -36.14 65.55 -41.49
N ASN P 77 -36.29 66.82 -41.84
CA ASN P 77 -37.50 67.26 -42.52
C ASN P 77 -37.61 66.63 -43.89
N ASP P 78 -36.48 66.38 -44.54
CA ASP P 78 -36.47 65.78 -45.86
C ASP P 78 -36.76 64.30 -45.86
N PHE P 79 -36.71 63.65 -44.70
CA PHE P 79 -36.99 62.23 -44.56
C PHE P 79 -38.32 61.95 -43.86
N LEU P 80 -38.73 62.83 -42.96
CA LEU P 80 -39.93 62.68 -42.17
C LEU P 80 -40.94 63.75 -42.53
N PRO P 81 -42.06 63.44 -43.18
CA PRO P 81 -42.98 64.49 -43.57
C PRO P 81 -43.78 65.00 -42.39
N PRO P 82 -44.53 66.07 -42.57
CA PRO P 82 -45.45 66.51 -41.53
C PRO P 82 -46.64 65.56 -41.43
N GLY P 83 -47.14 65.43 -40.20
CA GLY P 83 -48.25 64.55 -39.96
C GLY P 83 -49.58 65.18 -40.25
N GLY P 84 -50.57 64.90 -39.41
CA GLY P 84 -51.89 65.44 -39.58
C GLY P 84 -52.68 65.47 -38.30
N GLY P 85 -53.29 66.61 -38.00
CA GLY P 85 -54.09 66.74 -36.81
C GLY P 85 -53.28 67.13 -35.59
N SER P 86 -53.62 66.52 -34.46
CA SER P 86 -52.93 66.82 -33.22
C SER P 86 -51.51 66.28 -33.19
N ASN P 87 -51.18 65.36 -34.10
CA ASN P 87 -49.84 64.84 -34.22
C ASN P 87 -49.09 65.64 -35.28
N PRO P 88 -48.12 66.49 -34.93
CA PRO P 88 -47.52 67.35 -35.95
C PRO P 88 -46.64 66.61 -36.93
N ARG P 89 -46.14 65.44 -36.58
CA ARG P 89 -45.28 64.65 -37.44
C ARG P 89 -45.88 63.27 -37.67
N SER P 90 -45.37 62.61 -38.71
CA SER P 90 -45.95 61.35 -39.15
C SER P 90 -45.47 60.17 -38.31
N VAL P 91 -44.31 60.30 -37.67
CA VAL P 91 -43.81 59.32 -36.71
C VAL P 91 -44.09 59.86 -35.31
N PRO P 92 -45.01 59.27 -34.54
CA PRO P 92 -45.41 59.93 -33.30
C PRO P 92 -44.45 59.73 -32.14
N PHE P 93 -43.38 60.51 -32.17
CA PHE P 93 -42.39 60.51 -31.12
C PHE P 93 -41.94 61.94 -30.85
N GLU P 94 -41.36 62.15 -29.69
CA GLU P 94 -40.93 63.47 -29.23
C GLU P 94 -39.47 63.76 -29.56
N TYR P 95 -38.59 62.84 -29.21
CA TYR P 95 -37.16 63.04 -29.31
C TYR P 95 -36.57 62.14 -30.38
N TYR P 96 -35.38 62.49 -30.83
CA TYR P 96 -34.68 61.69 -31.81
C TYR P 96 -33.18 61.94 -31.68
N ARG P 97 -32.42 61.03 -32.27
CA ARG P 97 -30.99 61.23 -32.43
C ARG P 97 -30.53 60.33 -33.56
N ILE P 98 -29.81 60.90 -34.51
CA ILE P 98 -29.38 60.17 -35.69
C ILE P 98 -28.13 59.37 -35.34
N ARG P 99 -28.22 58.06 -35.54
CA ARG P 99 -27.14 57.15 -35.21
C ARG P 99 -26.13 57.01 -36.33
N LYS P 100 -26.61 56.80 -37.55
CA LYS P 100 -25.77 56.58 -38.71
C LYS P 100 -26.46 57.13 -39.93
N VAL P 101 -25.66 57.38 -40.97
CA VAL P 101 -26.15 57.73 -42.30
C VAL P 101 -25.36 56.92 -43.31
N LYS P 102 -26.07 56.48 -44.35
CA LYS P 102 -25.49 55.76 -45.48
C LYS P 102 -25.79 56.56 -46.73
N VAL P 103 -24.77 57.19 -47.28
CA VAL P 103 -24.87 57.89 -48.55
C VAL P 103 -24.39 56.95 -49.64
N GLU P 104 -25.23 56.73 -50.64
CA GLU P 104 -24.96 55.82 -51.75
C GLU P 104 -25.01 56.63 -53.03
N PHE P 105 -23.88 56.68 -53.73
CA PHE P 105 -23.82 57.27 -55.06
C PHE P 105 -24.07 56.16 -56.06
N TRP P 106 -25.30 56.07 -56.53
CA TRP P 106 -25.66 55.11 -57.54
C TRP P 106 -25.44 55.72 -58.91
N PRO P 107 -24.56 55.18 -59.75
CA PRO P 107 -24.28 55.84 -61.02
C PRO P 107 -25.44 55.76 -61.99
N CYS P 108 -25.43 56.73 -62.90
CA CYS P 108 -26.38 56.80 -63.99
C CYS P 108 -25.74 56.61 -65.35
N SER P 109 -24.44 56.35 -65.39
CA SER P 109 -23.66 56.37 -66.59
C SER P 109 -23.30 54.95 -67.01
N PRO P 110 -23.15 54.69 -68.31
CA PRO P 110 -22.85 53.33 -68.74
C PRO P 110 -21.42 52.95 -68.42
N ILE P 111 -21.18 51.63 -68.41
CA ILE P 111 -19.84 51.12 -68.17
C ILE P 111 -18.91 51.32 -69.35
N THR P 112 -19.41 51.78 -70.49
CA THR P 112 -18.60 52.08 -71.66
C THR P 112 -18.12 53.52 -71.70
N GLN P 113 -18.47 54.34 -70.70
CA GLN P 113 -18.13 55.74 -70.74
C GLN P 113 -16.65 55.92 -70.42
N GLY P 114 -15.98 56.72 -71.23
CA GLY P 114 -14.57 57.00 -71.06
C GLY P 114 -14.31 58.28 -70.32
N ASP P 115 -13.06 58.74 -70.42
CA ASP P 115 -12.59 59.91 -69.70
C ASP P 115 -12.80 59.73 -68.20
N ARG P 116 -12.48 58.54 -67.73
CA ARG P 116 -12.68 58.20 -66.33
C ARG P 116 -11.77 59.06 -65.45
N GLY P 117 -12.08 59.03 -64.16
CA GLY P 117 -11.41 59.88 -63.21
C GLY P 117 -11.34 59.30 -61.83
N VAL P 118 -10.86 60.08 -60.89
CA VAL P 118 -10.68 59.62 -59.52
C VAL P 118 -10.88 60.79 -58.58
N GLY P 119 -11.75 60.60 -57.59
CA GLY P 119 -12.12 61.64 -56.66
C GLY P 119 -11.99 61.20 -55.22
N SER P 120 -12.65 61.94 -54.33
CA SER P 120 -12.51 61.70 -52.91
C SER P 120 -13.75 62.18 -52.19
N SER P 121 -14.17 61.41 -51.19
CA SER P 121 -15.25 61.77 -50.29
C SER P 121 -14.74 61.74 -48.86
N ALA P 122 -14.99 62.83 -48.13
CA ALA P 122 -14.52 62.97 -46.77
C ALA P 122 -15.68 63.35 -45.86
N VAL P 123 -15.47 63.14 -44.57
CA VAL P 123 -16.48 63.34 -43.54
C VAL P 123 -16.15 64.63 -42.80
N ILE P 124 -17.09 65.57 -42.83
CA ILE P 124 -16.89 66.93 -42.35
C ILE P 124 -17.99 67.24 -41.35
N LEU P 125 -17.67 67.12 -40.07
CA LEU P 125 -18.66 67.16 -39.01
C LEU P 125 -18.85 68.53 -38.38
N ASP P 126 -18.61 69.63 -39.12
CA ASP P 126 -18.57 70.94 -38.50
C ASP P 126 -19.14 72.10 -39.33
N ASP P 127 -19.70 71.85 -40.51
CA ASP P 127 -20.38 72.87 -41.27
C ASP P 127 -19.43 73.92 -41.81
N ASN P 128 -18.16 73.56 -42.02
CA ASN P 128 -17.19 74.40 -42.72
C ASN P 128 -16.55 73.50 -43.75
N PHE P 129 -17.15 73.50 -44.93
CA PHE P 129 -16.69 72.73 -46.07
C PHE P 129 -15.71 73.55 -46.90
N VAL P 130 -14.96 72.83 -47.74
CA VAL P 130 -14.22 73.51 -48.79
C VAL P 130 -15.23 74.20 -49.69
N THR P 131 -14.88 75.39 -50.14
CA THR P 131 -15.80 76.20 -50.93
C THR P 131 -16.21 75.46 -52.19
N LYS P 132 -17.48 75.59 -52.55
CA LYS P 132 -17.98 74.96 -53.76
C LYS P 132 -17.28 75.52 -54.98
N ALA P 133 -16.76 74.62 -55.81
CA ALA P 133 -15.98 74.97 -56.98
C ALA P 133 -16.42 74.12 -58.15
N THR P 134 -16.31 74.70 -59.34
CA THR P 134 -16.63 74.01 -60.58
C THR P 134 -15.44 73.26 -61.14
N ALA P 135 -14.30 73.93 -61.26
CA ALA P 135 -13.08 73.31 -61.77
C ALA P 135 -11.91 73.81 -60.92
N LEU P 136 -11.63 73.10 -59.84
CA LEU P 136 -10.50 73.39 -58.98
C LEU P 136 -9.31 72.54 -59.39
N THR P 137 -8.12 73.11 -59.31
CA THR P 137 -6.91 72.49 -59.84
C THR P 137 -6.36 71.37 -58.99
N TYR P 138 -7.07 70.94 -57.95
CA TYR P 138 -6.58 69.88 -57.09
C TYR P 138 -7.77 69.29 -56.34
N ASP P 139 -7.53 68.13 -55.73
CA ASP P 139 -8.52 67.46 -54.92
C ASP P 139 -8.31 67.86 -53.46
N PRO P 140 -9.15 68.70 -52.87
CA PRO P 140 -8.87 69.14 -51.50
C PRO P 140 -9.05 68.05 -50.48
N TYR P 141 -9.97 67.12 -50.71
CA TYR P 141 -10.30 66.10 -49.74
C TYR P 141 -9.42 64.86 -49.86
N VAL P 142 -8.28 64.97 -50.55
CA VAL P 142 -7.47 63.80 -50.84
C VAL P 142 -6.63 63.40 -49.63
N ASN P 143 -6.08 64.36 -48.91
CA ASN P 143 -5.22 64.09 -47.78
C ASN P 143 -5.99 64.00 -46.48
N TYR P 144 -7.31 64.06 -46.52
CA TYR P 144 -8.11 63.92 -45.32
C TYR P 144 -8.04 62.49 -44.80
N SER P 145 -8.02 62.38 -43.47
CA SER P 145 -7.98 61.07 -42.82
C SER P 145 -9.21 60.24 -43.11
N SER P 146 -10.32 60.86 -43.46
CA SER P 146 -11.56 60.17 -43.77
C SER P 146 -11.82 60.09 -45.26
N ARG P 147 -10.79 60.17 -46.07
CA ARG P 147 -10.94 60.13 -47.52
C ARG P 147 -11.14 58.69 -47.96
N HIS P 148 -12.16 58.49 -48.79
CA HIS P 148 -12.34 57.28 -49.57
C HIS P 148 -12.28 57.68 -51.02
N THR P 149 -11.62 56.86 -51.83
CA THR P 149 -11.50 57.13 -53.25
C THR P 149 -12.82 56.89 -53.95
N ILE P 150 -13.17 57.82 -54.84
CA ILE P 150 -14.32 57.71 -55.71
C ILE P 150 -13.78 57.37 -57.08
N THR P 151 -14.01 56.15 -57.53
CA THR P 151 -13.84 55.81 -58.93
C THR P 151 -15.04 56.32 -59.70
N GLN P 152 -14.77 56.93 -60.85
CA GLN P 152 -15.77 57.58 -61.67
C GLN P 152 -15.72 56.99 -63.07
N PRO P 153 -16.82 57.09 -63.84
CA PRO P 153 -18.16 57.59 -63.55
C PRO P 153 -19.18 56.52 -63.23
N PHE P 154 -18.85 55.26 -63.53
CA PHE P 154 -19.81 54.17 -63.53
C PHE P 154 -19.64 53.24 -62.34
N SER P 155 -19.16 53.76 -61.22
CA SER P 155 -18.83 52.95 -60.06
C SER P 155 -19.60 53.45 -58.85
N TYR P 156 -19.99 52.50 -58.02
CA TYR P 156 -20.77 52.75 -56.82
C TYR P 156 -19.85 53.15 -55.67
N HIS P 157 -20.31 54.12 -54.90
CA HIS P 157 -19.58 54.65 -53.76
C HIS P 157 -20.52 54.78 -52.59
N SER P 158 -20.18 54.14 -51.48
CA SER P 158 -20.94 54.22 -50.24
C SER P 158 -20.07 54.82 -49.16
N ARG P 159 -20.73 55.53 -48.24
CA ARG P 159 -20.09 56.06 -47.04
C ARG P 159 -21.06 55.87 -45.89
N TYR P 160 -20.58 55.24 -44.83
CA TYR P 160 -21.39 54.90 -43.66
C TYR P 160 -20.70 55.48 -42.44
N PHE P 161 -21.35 56.43 -41.79
CA PHE P 161 -20.73 57.20 -40.73
C PHE P 161 -21.81 57.74 -39.80
N THR P 162 -21.36 58.37 -38.74
CA THR P 162 -22.21 58.95 -37.71
C THR P 162 -22.18 60.47 -37.82
N PRO P 163 -23.24 61.14 -38.23
CA PRO P 163 -23.18 62.59 -38.35
C PRO P 163 -23.26 63.29 -37.01
N LYS P 164 -23.18 64.61 -37.04
CA LYS P 164 -23.23 65.42 -35.84
C LYS P 164 -24.12 66.62 -36.12
N PRO P 165 -24.89 67.08 -35.13
CA PRO P 165 -25.75 68.24 -35.36
C PRO P 165 -25.02 69.56 -35.20
N VAL P 166 -25.59 70.57 -35.84
CA VAL P 166 -25.04 71.92 -35.82
C VAL P 166 -25.72 72.64 -34.66
N LEU P 167 -25.11 72.53 -33.48
CA LEU P 167 -25.63 73.17 -32.29
C LEU P 167 -25.22 74.64 -32.23
N ASP P 168 -23.97 74.94 -32.52
CA ASP P 168 -23.48 76.31 -32.59
C ASP P 168 -22.54 76.40 -33.78
N SER P 169 -22.98 77.09 -34.83
CA SER P 169 -22.15 77.25 -36.02
C SER P 169 -20.99 78.21 -35.80
N THR P 170 -21.05 79.03 -34.75
CA THR P 170 -19.96 79.95 -34.46
C THR P 170 -18.76 79.24 -33.86
N ILE P 171 -19.00 78.27 -32.99
CA ILE P 171 -17.95 77.55 -32.28
C ILE P 171 -17.71 76.21 -32.94
N ASP P 172 -18.79 75.60 -33.44
CA ASP P 172 -18.72 74.35 -34.18
C ASP P 172 -18.12 73.24 -33.31
N TYR P 173 -18.85 72.91 -32.25
CA TYR P 173 -18.46 71.85 -31.34
C TYR P 173 -19.35 70.62 -31.55
N PHE P 174 -18.77 69.45 -31.36
CA PHE P 174 -19.50 68.20 -31.52
C PHE P 174 -18.94 67.16 -30.57
N GLN P 175 -19.68 66.15 -30.40
CA GLN P 175 -19.38 65.05 -29.50
C GLN P 175 -18.64 63.94 -30.22
N PRO P 176 -17.78 63.20 -29.53
CA PRO P 176 -17.27 61.98 -30.13
C PRO P 176 -18.30 60.88 -30.15
N ASN P 177 -17.96 59.77 -30.79
CA ASN P 177 -18.91 58.69 -30.98
C ASN P 177 -19.10 57.94 -29.68
N ASN P 178 -20.32 57.96 -29.16
CA ASN P 178 -20.67 57.24 -27.96
C ASN P 178 -22.17 57.00 -28.03
N LYS P 179 -22.56 55.73 -28.15
CA LYS P 179 -23.98 55.45 -28.29
C LYS P 179 -24.75 55.77 -27.01
N ARG P 180 -24.09 55.68 -25.86
CA ARG P 180 -24.77 55.86 -24.60
C ARG P 180 -24.91 57.33 -24.21
N ASN P 181 -24.01 58.18 -24.69
CA ASN P 181 -23.95 59.57 -24.32
C ASN P 181 -24.42 60.52 -25.41
N GLN P 182 -24.88 60.00 -26.55
CA GLN P 182 -25.31 60.85 -27.64
C GLN P 182 -26.54 61.64 -27.24
N LEU P 183 -26.52 62.93 -27.58
CA LEU P 183 -27.59 63.82 -27.21
C LEU P 183 -28.88 63.45 -27.92
N TRP P 184 -29.98 63.65 -27.21
CA TRP P 184 -31.31 63.57 -27.79
C TRP P 184 -31.74 64.97 -28.18
N LEU P 185 -32.12 65.13 -29.43
CA LEU P 185 -32.73 66.34 -29.93
C LEU P 185 -34.24 66.17 -29.93
N ARG P 186 -34.92 67.31 -30.06
CA ARG P 186 -36.36 67.31 -30.21
C ARG P 186 -36.74 67.26 -31.67
N LEU P 187 -37.75 66.46 -31.96
CA LEU P 187 -38.36 66.39 -33.27
C LEU P 187 -39.31 67.57 -33.40
N GLN P 188 -38.79 68.67 -33.94
CA GLN P 188 -39.57 69.87 -34.12
C GLN P 188 -40.63 69.67 -35.18
N THR P 189 -41.49 70.67 -35.32
CA THR P 189 -42.56 70.61 -36.30
C THR P 189 -42.08 70.96 -37.69
N ALA P 190 -41.43 72.12 -37.85
CA ALA P 190 -40.91 72.53 -39.15
C ALA P 190 -39.56 73.24 -39.08
N GLY P 191 -38.76 72.98 -38.05
CA GLY P 191 -37.54 73.72 -37.83
C GLY P 191 -36.37 72.92 -37.31
N ASN P 192 -36.29 71.64 -37.71
CA ASN P 192 -35.25 70.79 -37.21
C ASN P 192 -33.87 71.24 -37.67
N VAL P 193 -32.87 70.84 -36.92
CA VAL P 193 -31.49 71.30 -37.09
C VAL P 193 -30.79 70.43 -38.12
N ASP P 194 -29.88 71.05 -38.87
CA ASP P 194 -29.18 70.36 -39.93
C ASP P 194 -28.05 69.53 -39.36
N HIS P 195 -28.00 68.27 -39.74
CA HIS P 195 -26.85 67.42 -39.50
C HIS P 195 -25.92 67.47 -40.69
N VAL P 196 -24.66 67.17 -40.43
CA VAL P 196 -23.58 67.46 -41.36
C VAL P 196 -22.60 66.30 -41.29
N GLY P 197 -21.72 66.22 -42.30
CA GLY P 197 -20.83 65.08 -42.37
C GLY P 197 -20.38 64.52 -43.69
N LEU P 198 -20.62 65.17 -44.83
CA LEU P 198 -20.00 64.68 -46.06
C LEU P 198 -19.68 65.79 -47.04
N GLY P 199 -18.46 65.73 -47.56
CA GLY P 199 -18.05 66.58 -48.66
C GLY P 199 -17.33 65.75 -49.70
N THR P 200 -17.49 66.17 -50.95
CA THR P 200 -17.06 65.39 -52.10
C THR P 200 -16.19 66.22 -53.02
N ALA P 201 -15.44 65.52 -53.86
CA ALA P 201 -14.67 66.13 -54.93
C ALA P 201 -14.65 65.16 -56.10
N PHE P 202 -15.33 65.54 -57.18
CA PHE P 202 -15.43 64.75 -58.38
C PHE P 202 -14.57 65.33 -59.48
N GLU P 203 -13.84 64.47 -60.18
CA GLU P 203 -13.01 64.90 -61.29
C GLU P 203 -13.88 65.12 -62.51
N ASN P 204 -13.73 66.28 -63.12
CA ASN P 204 -14.55 66.66 -64.25
C ASN P 204 -14.17 65.84 -65.47
N SER P 205 -15.02 65.90 -66.49
CA SER P 205 -14.90 65.07 -67.67
C SER P 205 -15.52 65.79 -68.86
N ILE P 206 -15.24 65.26 -70.05
CA ILE P 206 -15.85 65.78 -71.27
C ILE P 206 -17.33 65.47 -71.31
N TYR P 207 -17.73 64.37 -70.69
CA TYR P 207 -19.12 63.94 -70.66
C TYR P 207 -19.73 64.28 -69.30
N ASP P 208 -21.05 64.40 -69.30
CA ASP P 208 -21.77 64.66 -68.07
C ASP P 208 -21.83 63.40 -67.22
N GLN P 209 -21.55 63.55 -65.93
CA GLN P 209 -21.57 62.46 -64.96
C GLN P 209 -22.75 62.67 -64.03
N GLU P 210 -23.77 61.84 -64.17
CA GLU P 210 -24.96 61.91 -63.35
C GLU P 210 -24.96 60.81 -62.30
N TYR P 211 -25.60 61.10 -61.17
CA TYR P 211 -25.71 60.17 -60.06
C TYR P 211 -27.08 60.31 -59.44
N ASN P 212 -27.60 59.19 -58.94
CA ASN P 212 -28.80 59.15 -58.11
C ASN P 212 -28.35 58.84 -56.69
N ILE P 213 -28.44 59.81 -55.82
CA ILE P 213 -27.91 59.71 -54.47
C ILE P 213 -29.03 59.31 -53.53
N ARG P 214 -28.85 58.21 -52.83
CA ARG P 214 -29.81 57.68 -51.87
C ARG P 214 -29.20 57.77 -50.48
N VAL P 215 -29.76 58.64 -49.67
CA VAL P 215 -29.36 58.83 -48.28
C VAL P 215 -30.31 58.04 -47.40
N THR P 216 -29.76 57.25 -46.50
CA THR P 216 -30.51 56.46 -45.55
C THR P 216 -30.03 56.84 -44.16
N MET P 217 -30.94 57.34 -43.34
CA MET P 217 -30.64 57.70 -41.97
C MET P 217 -31.21 56.67 -41.02
N TYR P 218 -30.36 56.18 -40.14
CA TYR P 218 -30.73 55.23 -39.09
C TYR P 218 -30.94 56.01 -37.80
N VAL P 219 -32.19 56.17 -37.42
CA VAL P 219 -32.57 57.07 -36.35
C VAL P 219 -33.08 56.26 -35.16
N GLN P 220 -33.20 56.94 -34.03
CA GLN P 220 -33.65 56.34 -32.78
C GLN P 220 -34.53 57.37 -32.10
N PHE P 221 -35.80 57.04 -31.95
CA PHE P 221 -36.78 57.93 -31.36
C PHE P 221 -37.04 57.54 -29.90
N ARG P 222 -37.81 58.39 -29.22
CA ARG P 222 -38.08 58.21 -27.80
C ARG P 222 -39.38 58.90 -27.47
N GLU P 223 -40.08 58.36 -26.48
CA GLU P 223 -41.29 58.95 -25.89
C GLU P 223 -42.40 59.09 -26.93
N PHE P 224 -42.93 57.93 -27.30
CA PHE P 224 -44.19 57.81 -28.02
C PHE P 224 -45.24 58.75 -27.45
N ASN P 225 -45.76 59.64 -28.30
CA ASN P 225 -46.60 60.74 -27.85
C ASN P 225 -47.83 60.89 -28.72
N LEU P 226 -48.45 59.77 -29.06
CA LEU P 226 -49.65 59.83 -29.88
C LEU P 226 -50.78 60.51 -29.14
N LYS P 227 -51.57 61.29 -29.86
CA LYS P 227 -52.72 62.00 -29.32
C LYS P 227 -53.97 61.52 -30.04
N ASP P 228 -54.97 61.11 -29.26
CA ASP P 228 -56.17 60.48 -29.78
C ASP P 228 -57.39 61.26 -29.30
N PRO P 229 -57.76 62.33 -30.01
CA PRO P 229 -59.00 63.02 -29.69
C PRO P 229 -60.19 62.21 -30.17
N PRO P 230 -61.40 62.57 -29.72
CA PRO P 230 -62.59 61.90 -30.27
C PRO P 230 -62.87 62.28 -31.70
N LEU P 231 -63.95 61.73 -32.25
CA LEU P 231 -64.32 61.96 -33.64
C LEU P 231 -65.82 62.12 -33.80
N GLY Q 43 10.64 63.64 -31.81
CA GLY Q 43 9.23 63.90 -32.04
C GLY Q 43 8.74 63.37 -33.36
N ILE Q 44 8.45 62.08 -33.39
CA ILE Q 44 8.12 61.39 -34.62
C ILE Q 44 6.68 61.67 -35.01
N PHE Q 45 6.45 61.77 -36.31
CA PHE Q 45 5.11 61.93 -36.86
C PHE Q 45 5.10 61.27 -38.23
N ASN Q 46 4.54 60.08 -38.30
CA ASN Q 46 4.34 59.39 -39.56
C ASN Q 46 3.03 59.87 -40.19
N THR Q 47 3.11 60.31 -41.44
CA THR Q 47 1.93 60.74 -42.17
C THR Q 47 2.04 60.28 -43.61
N ARG Q 48 1.16 60.84 -44.45
CA ARG Q 48 0.98 60.42 -45.82
C ARG Q 48 0.69 61.64 -46.67
N LEU Q 49 1.47 61.82 -47.74
CA LEU Q 49 1.37 62.94 -48.64
C LEU Q 49 1.19 62.42 -50.04
N SER Q 50 0.29 63.06 -50.79
CA SER Q 50 -0.09 62.63 -52.12
C SER Q 50 0.03 63.77 -53.12
N ARG Q 51 -0.09 63.40 -54.38
CA ARG Q 51 0.13 64.28 -55.52
C ARG Q 51 -0.35 63.52 -56.75
N THR Q 52 -0.98 64.24 -57.67
CA THR Q 52 -1.58 63.65 -58.85
C THR Q 52 -1.17 64.43 -60.09
N PHE Q 53 -0.87 63.70 -61.15
CA PHE Q 53 -0.45 64.30 -62.41
C PHE Q 53 -0.70 63.31 -63.53
N GLY Q 54 -0.56 63.80 -64.75
CA GLY Q 54 -0.86 63.03 -65.94
C GLY Q 54 0.34 62.50 -66.70
N TYR Q 55 0.12 61.44 -67.47
CA TYR Q 55 1.12 60.85 -68.34
C TYR Q 55 0.40 60.24 -69.53
N THR Q 56 0.87 60.55 -70.73
CA THR Q 56 0.26 60.07 -71.96
C THR Q 56 1.31 59.41 -72.83
N ILE Q 57 0.93 58.30 -73.43
CA ILE Q 57 1.71 57.60 -74.43
C ILE Q 57 1.04 57.87 -75.76
N LYS Q 58 1.64 58.74 -76.56
CA LYS Q 58 1.05 59.14 -77.82
C LYS Q 58 1.02 57.98 -78.81
N ARG Q 59 0.14 58.08 -79.79
CA ARG Q 59 -0.06 57.06 -80.79
C ARG Q 59 1.13 57.03 -81.76
N THR Q 60 1.27 55.88 -82.43
CA THR Q 60 2.29 55.67 -83.44
C THR Q 60 1.73 54.85 -84.58
N THR Q 61 2.09 55.24 -85.81
CA THR Q 61 1.77 54.46 -86.99
C THR Q 61 2.67 53.25 -87.18
N VAL Q 62 3.69 53.09 -86.34
CA VAL Q 62 4.59 51.95 -86.45
C VAL Q 62 3.81 50.66 -86.26
N LYS Q 63 4.11 49.67 -87.11
CA LYS Q 63 3.39 48.41 -87.09
C LYS Q 63 3.95 47.46 -86.04
N THR Q 64 5.26 47.47 -85.85
CA THR Q 64 5.91 46.55 -84.94
C THR Q 64 5.48 46.79 -83.51
N PRO Q 65 5.75 45.83 -82.61
CA PRO Q 65 5.60 46.12 -81.18
C PRO Q 65 6.80 46.90 -80.68
N SER Q 66 6.60 48.18 -80.42
CA SER Q 66 7.60 49.04 -79.84
C SER Q 66 7.12 49.53 -78.48
N TRP Q 67 8.08 49.91 -77.65
CA TRP Q 67 7.80 50.36 -76.30
C TRP Q 67 8.29 51.78 -76.09
N ALA Q 68 7.57 52.49 -75.24
CA ALA Q 68 7.88 53.86 -74.85
C ALA Q 68 8.44 53.85 -73.44
N VAL Q 69 9.65 54.36 -73.30
CA VAL Q 69 10.37 54.31 -72.04
C VAL Q 69 10.37 55.70 -71.42
N ASP Q 70 10.22 55.73 -70.10
CA ASP Q 70 10.25 56.98 -69.36
C ASP Q 70 10.65 56.68 -67.93
N MET Q 71 10.98 57.74 -67.21
CA MET Q 71 11.48 57.68 -65.86
C MET Q 71 10.54 58.40 -64.91
N MET Q 72 10.79 58.20 -63.61
CA MET Q 72 9.96 58.79 -62.58
C MET Q 72 10.79 58.97 -61.32
N ARG Q 73 11.00 60.22 -60.93
CA ARG Q 73 11.66 60.59 -59.69
C ARG Q 73 10.63 61.14 -58.71
N PHE Q 74 11.05 61.26 -57.46
CA PHE Q 74 10.18 61.73 -56.38
C PHE Q 74 10.94 62.75 -55.55
N ASN Q 75 10.36 63.94 -55.41
CA ASN Q 75 10.89 64.98 -54.55
C ASN Q 75 9.80 65.47 -53.61
N ILE Q 76 10.21 65.89 -52.42
CA ILE Q 76 9.26 66.30 -51.39
C ILE Q 76 8.75 67.71 -51.60
N ASN Q 77 9.39 68.51 -52.45
CA ASN Q 77 8.88 69.83 -52.74
C ASN Q 77 7.55 69.77 -53.47
N ASP Q 78 7.34 68.72 -54.25
CA ASP Q 78 6.10 68.55 -55.01
C ASP Q 78 4.96 68.07 -54.13
N PHE Q 79 5.23 67.59 -52.92
CA PHE Q 79 4.22 67.12 -52.00
C PHE Q 79 4.01 68.07 -50.83
N LEU Q 80 5.05 68.77 -50.41
CA LEU Q 80 5.03 69.65 -49.25
C LEU Q 80 5.22 71.09 -49.70
N PRO Q 81 4.23 71.97 -49.63
CA PRO Q 81 4.43 73.32 -50.11
C PRO Q 81 5.25 74.14 -49.15
N PRO Q 82 5.66 75.34 -49.54
CA PRO Q 82 6.30 76.24 -48.60
C PRO Q 82 5.30 76.79 -47.61
N GLY Q 83 5.78 77.04 -46.40
CA GLY Q 83 4.94 77.54 -45.35
C GLY Q 83 4.76 79.04 -45.40
N GLY Q 84 4.75 79.67 -44.23
CA GLY Q 84 4.59 81.09 -44.14
C GLY Q 84 5.14 81.64 -42.85
N GLY Q 85 5.92 82.72 -42.96
CA GLY Q 85 6.50 83.36 -41.79
C GLY Q 85 7.79 82.72 -41.35
N SER Q 86 7.95 82.60 -40.03
CA SER Q 86 9.17 82.03 -39.48
C SER Q 86 9.26 80.54 -39.71
N ASN Q 87 8.16 79.89 -40.08
CA ASN Q 87 8.17 78.48 -40.43
C ASN Q 87 8.32 78.34 -41.94
N PRO Q 88 9.47 77.87 -42.44
CA PRO Q 88 9.66 77.89 -43.90
C PRO Q 88 8.81 76.87 -44.63
N ARG Q 89 8.36 75.82 -43.95
CA ARG Q 89 7.56 74.76 -44.55
C ARG Q 89 6.23 74.63 -43.82
N SER Q 90 5.29 73.98 -44.48
CA SER Q 90 3.93 73.89 -43.97
C SER Q 90 3.78 72.81 -42.91
N VAL Q 91 4.64 71.82 -42.91
CA VAL Q 91 4.71 70.80 -41.86
C VAL Q 91 5.87 71.17 -40.94
N PRO Q 92 5.62 71.60 -39.69
CA PRO Q 92 6.71 72.15 -38.90
C PRO Q 92 7.61 71.10 -38.26
N PHE Q 93 8.51 70.56 -39.08
CA PHE Q 93 9.49 69.60 -38.63
C PHE Q 93 10.82 69.90 -39.31
N GLU Q 94 11.89 69.38 -38.73
CA GLU Q 94 13.25 69.61 -39.19
C GLU Q 94 13.74 68.53 -40.13
N TYR Q 95 13.61 67.27 -39.74
CA TYR Q 95 14.16 66.14 -40.46
C TYR Q 95 13.05 65.30 -41.06
N TYR Q 96 13.42 64.48 -42.04
CA TYR Q 96 12.48 63.59 -42.66
C TYR Q 96 13.23 62.40 -43.24
N ARG Q 97 12.49 61.35 -43.55
CA ARG Q 97 13.00 60.24 -44.30
C ARG Q 97 11.82 59.51 -44.90
N ILE Q 98 11.89 59.26 -46.21
CA ILE Q 98 10.78 58.65 -46.92
C ILE Q 98 10.84 57.14 -46.71
N ARG Q 99 9.75 56.59 -46.19
CA ARG Q 99 9.67 55.18 -45.87
C ARG Q 99 9.21 54.35 -47.06
N LYS Q 100 8.14 54.78 -47.72
CA LYS Q 100 7.57 54.05 -48.83
C LYS Q 100 6.97 55.04 -49.81
N VAL Q 101 6.77 54.58 -51.03
CA VAL Q 101 6.03 55.31 -52.06
C VAL Q 101 5.10 54.33 -52.74
N LYS Q 102 3.90 54.82 -53.07
CA LYS Q 102 2.89 54.08 -53.80
C LYS Q 102 2.58 54.87 -55.07
N VAL Q 103 3.03 54.35 -56.19
CA VAL Q 103 2.71 54.89 -57.49
C VAL Q 103 1.53 54.13 -58.06
N GLU Q 104 0.47 54.85 -58.40
CA GLU Q 104 -0.76 54.28 -58.92
C GLU Q 104 -1.00 54.85 -60.30
N PHE Q 105 -1.02 53.98 -61.30
CA PHE Q 105 -1.41 54.35 -62.66
C PHE Q 105 -2.90 54.11 -62.79
N TRP Q 106 -3.66 55.17 -62.64
CA TRP Q 106 -5.10 55.12 -62.81
C TRP Q 106 -5.42 55.36 -64.28
N PRO Q 107 -6.04 54.42 -64.99
CA PRO Q 107 -6.26 54.63 -66.41
C PRO Q 107 -7.30 55.69 -66.69
N CYS Q 108 -7.19 56.25 -67.90
CA CYS Q 108 -8.12 57.22 -68.41
C CYS Q 108 -8.88 56.70 -69.62
N SER Q 109 -8.65 55.46 -70.02
CA SER Q 109 -9.12 54.90 -71.26
C SER Q 109 -10.27 53.94 -71.00
N PRO Q 110 -11.21 53.82 -71.94
CA PRO Q 110 -12.34 52.93 -71.71
C PRO Q 110 -11.94 51.47 -71.80
N ILE Q 111 -12.79 50.62 -71.23
CA ILE Q 111 -12.55 49.18 -71.29
C ILE Q 111 -12.84 48.59 -72.66
N THR Q 112 -13.37 49.36 -73.59
CA THR Q 112 -13.60 48.93 -74.95
C THR Q 112 -12.45 49.23 -75.89
N GLN Q 113 -11.38 49.84 -75.39
CA GLN Q 113 -10.28 50.23 -76.26
C GLN Q 113 -9.47 49.01 -76.65
N GLY Q 114 -9.16 48.91 -77.93
CA GLY Q 114 -8.41 47.81 -78.47
C GLY Q 114 -6.93 48.14 -78.63
N ASP Q 115 -6.26 47.30 -79.41
CA ASP Q 115 -4.82 47.39 -79.62
C ASP Q 115 -4.10 47.34 -78.28
N ARG Q 116 -4.54 46.43 -77.42
CA ARG Q 116 -3.99 46.29 -76.10
C ARG Q 116 -2.53 45.85 -76.17
N GLY Q 117 -1.85 45.97 -75.04
CA GLY Q 117 -0.44 45.72 -74.98
C GLY Q 117 0.02 45.23 -73.63
N VAL Q 118 1.33 45.11 -73.48
CA VAL Q 118 1.91 44.58 -72.24
C VAL Q 118 3.25 45.25 -72.03
N GLY Q 119 3.44 45.80 -70.83
CA GLY Q 119 4.63 46.53 -70.48
C GLY Q 119 5.24 46.07 -69.19
N SER Q 120 6.10 46.91 -68.62
CA SER Q 120 6.86 46.53 -67.45
C SER Q 120 7.22 47.77 -66.66
N SER Q 121 7.17 47.65 -65.33
CA SER Q 121 7.61 48.68 -64.41
C SER Q 121 8.65 48.08 -63.47
N ALA Q 122 9.79 48.75 -63.35
CA ALA Q 122 10.89 48.29 -62.54
C ALA Q 122 11.33 49.39 -61.58
N VAL Q 123 12.04 48.96 -60.55
CA VAL Q 123 12.49 49.84 -59.47
C VAL Q 123 13.97 50.11 -59.66
N ILE Q 124 14.31 51.39 -59.81
CA ILE Q 124 15.64 51.84 -60.18
C ILE Q 124 16.10 52.84 -59.14
N LEU Q 125 16.93 52.39 -58.21
CA LEU Q 125 17.28 53.16 -57.03
C LEU Q 125 18.57 53.93 -57.16
N ASP Q 126 18.98 54.34 -58.37
CA ASP Q 126 20.32 54.90 -58.56
C ASP Q 126 20.44 56.04 -59.57
N ASP Q 127 19.34 56.51 -60.16
CA ASP Q 127 19.36 57.69 -61.02
C ASP Q 127 20.10 57.43 -62.32
N ASN Q 128 20.13 56.18 -62.77
CA ASN Q 128 20.62 55.83 -64.11
C ASN Q 128 19.56 54.92 -64.70
N PHE Q 129 18.63 55.56 -65.40
CA PHE Q 129 17.54 54.91 -66.06
C PHE Q 129 17.93 54.55 -67.49
N VAL Q 130 17.16 53.63 -68.07
CA VAL Q 130 17.23 53.43 -69.50
C VAL Q 130 16.82 54.73 -70.18
N THR Q 131 17.51 55.06 -71.26
CA THR Q 131 17.29 56.32 -71.93
C THR Q 131 15.86 56.44 -72.39
N LYS Q 132 15.30 57.64 -72.26
CA LYS Q 132 13.93 57.89 -72.70
C LYS Q 132 13.82 57.67 -74.19
N ALA Q 133 12.83 56.87 -74.58
CA ALA Q 133 12.62 56.48 -75.96
C ALA Q 133 11.14 56.56 -76.28
N THR Q 134 10.86 56.86 -77.54
CA THR Q 134 9.49 56.94 -78.04
C THR Q 134 9.01 55.59 -78.56
N ALA Q 135 9.79 54.94 -79.41
CA ALA Q 135 9.45 53.63 -79.96
C ALA Q 135 10.72 52.79 -79.98
N LEU Q 136 10.97 52.08 -78.89
CA LEU Q 136 12.09 51.17 -78.79
C LEU Q 136 11.62 49.75 -79.12
N THR Q 137 12.48 49.01 -79.80
CA THR Q 137 12.12 47.71 -80.37
C THR Q 137 12.04 46.59 -79.35
N TYR Q 138 12.13 46.89 -78.05
CA TYR Q 138 12.08 45.86 -77.03
C TYR Q 138 11.72 46.53 -75.71
N ASP Q 139 11.35 45.69 -74.74
CA ASP Q 139 11.05 46.13 -73.39
C ASP Q 139 12.31 46.00 -72.55
N PRO Q 140 12.98 47.08 -72.19
CA PRO Q 140 14.23 46.92 -71.45
C PRO Q 140 14.03 46.44 -70.03
N TYR Q 141 12.93 46.79 -69.40
CA TYR Q 141 12.67 46.48 -68.01
C TYR Q 141 12.02 45.12 -67.82
N VAL Q 142 12.06 44.26 -68.83
CA VAL Q 142 11.31 43.01 -68.77
C VAL Q 142 12.06 41.97 -67.94
N ASN Q 143 13.37 41.90 -68.09
CA ASN Q 143 14.16 40.91 -67.38
C ASN Q 143 14.65 41.39 -66.03
N TYR Q 144 14.23 42.56 -65.60
CA TYR Q 144 14.60 43.07 -64.29
C TYR Q 144 13.93 42.26 -63.20
N SER Q 145 14.67 42.05 -62.11
CA SER Q 145 14.16 41.30 -60.98
C SER Q 145 12.98 41.98 -60.31
N SER Q 146 12.83 43.29 -60.47
CA SER Q 146 11.73 44.05 -59.91
C SER Q 146 10.67 44.38 -60.94
N ARG Q 147 10.57 43.60 -62.00
CA ARG Q 147 9.60 43.87 -63.04
C ARG Q 147 8.23 43.37 -62.61
N HIS Q 148 7.24 44.23 -62.77
CA HIS Q 148 5.84 43.87 -62.69
C HIS Q 148 5.23 44.17 -64.04
N THR Q 149 4.38 43.27 -64.51
CA THR Q 149 3.74 43.44 -65.81
C THR Q 149 2.69 44.54 -65.73
N ILE Q 150 2.68 45.39 -66.76
CA ILE Q 150 1.68 46.41 -66.94
C ILE Q 150 0.77 45.92 -68.07
N THR Q 151 -0.44 45.55 -67.69
CA THR Q 151 -1.50 45.38 -68.69
C THR Q 151 -2.02 46.75 -69.10
N GLN Q 152 -2.20 46.93 -70.40
CA GLN Q 152 -2.58 48.19 -70.99
C GLN Q 152 -3.86 48.00 -71.80
N PRO Q 153 -4.61 49.07 -72.04
CA PRO Q 153 -4.54 50.45 -71.56
C PRO Q 153 -5.45 50.78 -70.39
N PHE Q 154 -6.40 49.90 -70.12
CA PHE Q 154 -7.51 50.19 -69.20
C PHE Q 154 -7.38 49.47 -67.88
N SER Q 155 -6.16 49.20 -67.45
CA SER Q 155 -5.90 48.40 -66.26
C SER Q 155 -5.06 49.19 -65.28
N TYR Q 156 -5.35 48.97 -64.00
CA TYR Q 156 -4.68 49.64 -62.91
C TYR Q 156 -3.39 48.94 -62.55
N HIS Q 157 -2.37 49.74 -62.26
CA HIS Q 157 -1.04 49.25 -61.92
C HIS Q 157 -0.54 50.03 -60.72
N SER Q 158 -0.20 49.30 -59.66
CA SER Q 158 0.36 49.87 -58.46
C SER Q 158 1.75 49.31 -58.22
N ARG Q 159 2.61 50.13 -57.63
CA ARG Q 159 3.93 49.72 -57.20
C ARG Q 159 4.19 50.35 -55.84
N TYR Q 160 4.56 49.52 -54.87
CA TYR Q 160 4.78 49.93 -53.49
C TYR Q 160 6.17 49.50 -53.09
N PHE Q 161 7.03 50.47 -52.81
CA PHE Q 161 8.43 50.21 -52.60
C PHE Q 161 9.03 51.31 -51.75
N THR Q 162 10.29 51.13 -51.39
CA THR Q 162 11.05 52.05 -50.58
C THR Q 162 12.08 52.78 -51.43
N PRO Q 163 11.94 54.08 -51.69
CA PRO Q 163 12.92 54.75 -52.53
C PRO Q 163 14.22 55.02 -51.81
N LYS Q 164 15.17 55.60 -52.51
CA LYS Q 164 16.48 55.93 -51.98
C LYS Q 164 16.85 57.33 -52.45
N PRO Q 165 17.54 58.11 -51.63
CA PRO Q 165 17.94 59.44 -52.06
C PRO Q 165 19.21 59.45 -52.87
N VAL Q 166 19.35 60.51 -53.66
CA VAL Q 166 20.50 60.70 -54.53
C VAL Q 166 21.51 61.53 -53.73
N LEU Q 167 22.35 60.83 -52.99
CA LEU Q 167 23.38 61.47 -52.19
C LEU Q 167 24.59 61.84 -53.02
N ASP Q 168 25.05 60.93 -53.88
CA ASP Q 168 26.15 61.20 -54.80
C ASP Q 168 25.79 60.55 -56.13
N SER Q 169 25.47 61.36 -57.13
CA SER Q 169 25.13 60.85 -58.44
C SER Q 169 26.34 60.30 -59.18
N THR Q 170 27.56 60.64 -58.77
CA THR Q 170 28.76 60.14 -59.40
C THR Q 170 29.02 58.68 -59.04
N ILE Q 171 28.80 58.33 -57.78
CA ILE Q 171 29.07 57.00 -57.26
C ILE Q 171 27.79 56.19 -57.19
N ASP Q 172 26.68 56.87 -56.88
CA ASP Q 172 25.36 56.28 -56.85
C ASP Q 172 25.30 55.12 -55.84
N TYR Q 173 25.49 55.48 -54.57
CA TYR Q 173 25.41 54.53 -53.46
C TYR Q 173 24.12 54.72 -52.70
N PHE Q 174 23.60 53.62 -52.18
CA PHE Q 174 22.37 53.64 -51.40
C PHE Q 174 22.40 52.55 -50.35
N GLN Q 175 21.55 52.68 -49.43
CA GLN Q 175 21.42 51.79 -48.29
C GLN Q 175 20.43 50.67 -48.57
N PRO Q 176 20.61 49.50 -47.99
CA PRO Q 176 19.55 48.51 -48.03
C PRO Q 176 18.41 48.87 -47.11
N ASN Q 177 17.33 48.10 -47.18
CA ASN Q 177 16.13 48.41 -46.43
C ASN Q 177 16.33 48.06 -44.96
N ASN Q 178 16.27 49.08 -44.12
CA ASN Q 178 16.38 48.90 -42.68
C ASN Q 178 15.66 50.08 -42.05
N LYS Q 179 14.55 49.82 -41.37
CA LYS Q 179 13.80 50.91 -40.80
C LYS Q 179 14.56 51.61 -39.69
N ARG Q 180 15.42 50.88 -38.99
CA ARG Q 180 16.11 51.43 -37.83
C ARG Q 180 17.35 52.23 -38.22
N ASN Q 181 17.95 51.92 -39.36
CA ASN Q 181 19.20 52.53 -39.79
C ASN Q 181 19.03 53.50 -40.94
N GLN Q 182 17.81 53.76 -41.40
CA GLN Q 182 17.60 54.66 -42.51
C GLN Q 182 17.99 56.07 -42.13
N LEU Q 183 18.71 56.72 -43.05
CA LEU Q 183 19.22 58.05 -42.81
C LEU Q 183 18.08 59.06 -42.69
N TRP Q 184 18.28 60.03 -41.82
CA TRP Q 184 17.43 61.20 -41.74
C TRP Q 184 18.03 62.31 -42.58
N LEU Q 185 17.25 62.84 -43.49
CA LEU Q 185 17.60 64.00 -44.26
C LEU Q 185 16.99 65.23 -43.61
N ARG Q 186 17.47 66.38 -44.02
CA ARG Q 186 16.91 67.66 -43.59
C ARG Q 186 15.84 68.10 -44.57
N LEU Q 187 14.75 68.61 -44.01
CA LEU Q 187 13.69 69.23 -44.77
C LEU Q 187 14.12 70.65 -45.11
N GLN Q 188 14.75 70.79 -46.27
CA GLN Q 188 15.24 72.07 -46.72
C GLN Q 188 14.08 73.00 -47.05
N THR Q 189 14.42 74.24 -47.34
CA THR Q 189 13.40 75.24 -47.66
C THR Q 189 12.96 75.14 -49.11
N ALA Q 190 13.91 75.17 -50.06
CA ALA Q 190 13.57 75.05 -51.47
C ALA Q 190 14.57 74.23 -52.28
N GLY Q 191 15.29 73.30 -51.64
CA GLY Q 191 16.37 72.59 -52.30
C GLY Q 191 16.49 71.13 -51.93
N ASN Q 192 15.38 70.48 -51.64
CA ASN Q 192 15.42 69.10 -51.22
C ASN Q 192 15.93 68.19 -52.33
N VAL Q 193 16.44 67.04 -51.91
CA VAL Q 193 17.12 66.10 -52.79
C VAL Q 193 16.10 65.16 -53.42
N ASP Q 194 16.38 64.76 -54.65
CA ASP Q 194 15.46 63.92 -55.40
C ASP Q 194 15.61 62.47 -54.97
N HIS Q 195 14.48 61.85 -54.65
CA HIS Q 195 14.41 60.42 -54.47
C HIS Q 195 14.03 59.76 -55.78
N VAL Q 196 14.40 58.49 -55.89
CA VAL Q 196 14.39 57.78 -57.16
C VAL Q 196 13.93 56.36 -56.91
N GLY Q 197 13.54 55.67 -57.98
CA GLY Q 197 13.00 54.35 -57.80
C GLY Q 197 11.93 53.80 -58.72
N LEU Q 198 11.60 54.45 -59.84
CA LEU Q 198 10.71 53.79 -60.78
C LEU Q 198 11.01 54.16 -62.22
N GLY Q 199 11.04 53.14 -63.06
CA GLY Q 199 11.10 53.31 -64.49
C GLY Q 199 10.12 52.37 -65.16
N THR Q 200 9.58 52.84 -66.29
CA THR Q 200 8.47 52.20 -66.95
C THR Q 200 8.78 51.95 -68.42
N ALA Q 201 8.00 51.04 -69.00
CA ALA Q 201 8.03 50.79 -70.43
C ALA Q 201 6.63 50.42 -70.86
N PHE Q 202 6.02 51.29 -71.64
CA PHE Q 202 4.66 51.10 -72.13
C PHE Q 202 4.69 50.77 -73.62
N GLU Q 203 3.89 49.77 -74.00
CA GLU Q 203 3.78 49.38 -75.39
C GLU Q 203 2.89 50.36 -76.12
N ASN Q 204 3.40 50.87 -77.24
CA ASN Q 204 2.69 51.87 -78.01
C ASN Q 204 1.47 51.26 -78.69
N SER Q 205 0.61 52.14 -79.20
CA SER Q 205 -0.67 51.73 -79.75
C SER Q 205 -1.10 52.74 -80.80
N ILE Q 206 -2.12 52.37 -81.56
CA ILE Q 206 -2.70 53.26 -82.55
C ILE Q 206 -3.45 54.40 -81.87
N TYR Q 207 -3.99 54.14 -80.69
CA TYR Q 207 -4.73 55.12 -79.93
C TYR Q 207 -3.86 55.69 -78.81
N ASP Q 208 -4.21 56.89 -78.37
CA ASP Q 208 -3.50 57.52 -77.26
C ASP Q 208 -3.89 56.86 -75.95
N GLN Q 209 -2.90 56.56 -75.13
CA GLN Q 209 -3.08 55.94 -73.82
C GLN Q 209 -2.75 56.97 -72.75
N GLU Q 210 -3.77 57.46 -72.06
CA GLU Q 210 -3.61 58.45 -71.01
C GLU Q 210 -3.75 57.80 -69.64
N TYR Q 211 -3.06 58.38 -68.67
CA TYR Q 211 -3.07 57.90 -67.30
C TYR Q 211 -3.05 59.10 -66.36
N ASN Q 212 -3.70 58.94 -65.21
CA ASN Q 212 -3.62 59.88 -64.10
C ASN Q 212 -2.81 59.19 -63.01
N ILE Q 213 -1.60 59.67 -62.78
CA ILE Q 213 -0.67 59.01 -61.87
C ILE Q 213 -0.76 59.70 -60.52
N ARG Q 214 -1.04 58.93 -59.49
CA ARG Q 214 -1.15 59.40 -58.11
C ARG Q 214 -0.01 58.78 -57.31
N VAL Q 215 0.92 59.62 -56.90
CA VAL Q 215 2.04 59.21 -56.07
C VAL Q 215 1.71 59.57 -54.64
N THR Q 216 1.88 58.61 -53.74
CA THR Q 216 1.66 58.77 -52.31
C THR Q 216 2.96 58.41 -51.61
N MET Q 217 3.51 59.37 -50.89
CA MET Q 217 4.72 59.15 -50.10
C MET Q 217 4.38 59.03 -48.63
N TYR Q 218 4.85 57.96 -48.02
CA TYR Q 218 4.70 57.72 -46.59
C TYR Q 218 5.98 58.15 -45.90
N VAL Q 219 5.93 59.28 -45.20
CA VAL Q 219 7.11 59.94 -44.67
C VAL Q 219 7.08 59.86 -43.16
N GLN Q 220 8.22 60.19 -42.56
CA GLN Q 220 8.43 60.15 -41.13
C GLN Q 220 9.28 61.36 -40.78
N PHE Q 221 8.71 62.28 -40.02
CA PHE Q 221 9.38 63.50 -39.63
C PHE Q 221 9.92 63.39 -38.21
N ARG Q 222 10.69 64.40 -37.81
CA ARG Q 222 11.35 64.41 -36.52
C ARG Q 222 11.62 65.85 -36.11
N GLU Q 223 11.60 66.08 -34.80
CA GLU Q 223 11.99 67.36 -34.20
C GLU Q 223 11.07 68.50 -34.65
N PHE Q 224 9.84 68.43 -34.16
CA PHE Q 224 8.89 69.52 -34.19
C PHE Q 224 9.56 70.83 -33.83
N ASN Q 225 9.48 71.80 -34.73
CA ASN Q 225 10.26 73.03 -34.63
C ASN Q 225 9.42 74.25 -34.90
N LEU Q 226 8.22 74.28 -34.39
CA LEU Q 226 7.35 75.42 -34.61
C LEU Q 226 7.92 76.66 -33.94
N LYS Q 227 7.76 77.79 -34.60
CA LYS Q 227 8.20 79.08 -34.10
C LYS Q 227 7.01 80.00 -33.95
N ASP Q 228 6.87 80.59 -32.77
CA ASP Q 228 5.69 81.36 -32.39
C ASP Q 228 6.13 82.76 -31.96
N PRO Q 229 6.33 83.66 -32.91
CA PRO Q 229 6.60 85.05 -32.55
C PRO Q 229 5.34 85.73 -32.06
N PRO Q 230 5.46 86.91 -31.43
CA PRO Q 230 4.26 87.66 -31.07
C PRO Q 230 3.54 88.23 -32.28
N LEU Q 231 2.45 88.95 -32.03
CA LEU Q 231 1.64 89.53 -33.09
C LEU Q 231 1.15 90.92 -32.73
N GLY R 43 28.59 25.99 -60.56
CA GLY R 43 28.14 27.35 -60.35
C GLY R 43 26.78 27.62 -60.93
N ILE R 44 25.75 27.24 -60.20
CA ILE R 44 24.38 27.29 -60.69
C ILE R 44 23.85 28.71 -60.59
N PHE R 45 23.04 29.08 -61.58
CA PHE R 45 22.35 30.36 -61.59
C PHE R 45 21.03 30.17 -62.32
N ASN R 46 19.96 30.06 -61.56
CA ASN R 46 18.62 30.01 -62.13
C ASN R 46 18.12 31.42 -62.37
N THR R 47 17.68 31.69 -63.60
CA THR R 47 17.14 32.99 -63.94
C THR R 47 15.94 32.80 -64.88
N ARG R 48 15.53 33.91 -65.49
CA ARG R 48 14.31 33.98 -66.28
C ARG R 48 14.56 34.92 -67.45
N LEU R 49 14.29 34.42 -68.65
CA LEU R 49 14.49 35.15 -69.89
C LEU R 49 13.19 35.18 -70.66
N SER R 50 12.87 36.34 -71.22
CA SER R 50 11.61 36.58 -71.90
C SER R 50 11.84 37.13 -73.29
N ARG R 51 10.76 37.16 -74.06
CA ARG R 51 10.74 37.51 -75.46
C ARG R 51 9.29 37.66 -75.87
N THR R 52 9.01 38.64 -76.72
CA THR R 52 7.65 38.98 -77.11
C THR R 52 7.58 39.13 -78.61
N PHE R 53 6.51 38.60 -79.20
CA PHE R 53 6.30 38.66 -80.64
C PHE R 53 4.82 38.47 -80.92
N GLY R 54 4.44 38.71 -82.17
CA GLY R 54 3.07 38.69 -82.60
C GLY R 54 2.64 37.46 -83.38
N TYR R 55 1.34 37.19 -83.35
CA TYR R 55 0.73 36.12 -84.12
C TYR R 55 -0.69 36.55 -84.46
N THR R 56 -1.04 36.40 -85.73
CA THR R 56 -2.36 36.80 -86.23
C THR R 56 -3.00 35.65 -86.97
N ILE R 57 -4.30 35.47 -86.73
CA ILE R 57 -5.13 34.53 -87.45
C ILE R 57 -6.00 35.38 -88.38
N LYS R 58 -5.68 35.36 -89.67
CA LYS R 58 -6.38 36.18 -90.63
C LYS R 58 -7.82 35.71 -90.80
N ARG R 59 -8.65 36.62 -91.29
CA ARG R 59 -10.06 36.37 -91.49
C ARG R 59 -10.28 35.41 -92.66
N THR R 60 -11.45 34.79 -92.67
CA THR R 60 -11.87 33.89 -93.73
C THR R 60 -13.36 34.07 -94.00
N THR R 61 -13.72 34.06 -95.29
CA THR R 61 -15.11 34.07 -95.70
C THR R 61 -15.77 32.70 -95.56
N VAL R 62 -15.02 31.66 -95.22
CA VAL R 62 -15.57 30.33 -95.07
C VAL R 62 -16.64 30.34 -93.98
N LYS R 63 -17.75 29.67 -94.26
CA LYS R 63 -18.88 29.64 -93.34
C LYS R 63 -18.71 28.60 -92.25
N THR R 64 -18.13 27.46 -92.59
CA THR R 64 -18.01 26.35 -91.67
C THR R 64 -17.09 26.72 -90.50
N PRO R 65 -17.12 25.93 -89.43
CA PRO R 65 -16.09 26.08 -88.41
C PRO R 65 -14.82 25.37 -88.84
N SER R 66 -13.82 26.17 -89.21
CA SER R 66 -12.50 25.68 -89.56
C SER R 66 -11.49 26.22 -88.58
N TRP R 67 -10.38 25.51 -88.47
CA TRP R 67 -9.31 25.85 -87.54
C TRP R 67 -8.01 26.12 -88.28
N ALA R 68 -7.23 27.01 -87.69
CA ALA R 68 -5.92 27.40 -88.20
C ALA R 68 -4.86 26.78 -87.31
N VAL R 69 -4.00 25.97 -87.90
CA VAL R 69 -3.00 25.21 -87.17
C VAL R 69 -1.65 25.85 -87.37
N ASP R 70 -0.85 25.87 -86.32
CA ASP R 70 0.49 26.41 -86.37
C ASP R 70 1.31 25.78 -85.26
N MET R 71 2.62 25.97 -85.34
CA MET R 71 3.59 25.37 -84.45
C MET R 71 4.36 26.46 -83.72
N MET R 72 5.10 26.03 -82.70
CA MET R 72 5.87 26.94 -81.87
C MET R 72 7.07 26.20 -81.29
N ARG R 73 8.26 26.61 -81.71
CA ARG R 73 9.52 26.11 -81.16
C ARG R 73 10.16 27.18 -80.29
N PHE R 74 11.16 26.78 -79.53
CA PHE R 74 11.87 27.66 -78.60
C PHE R 74 13.36 27.44 -78.75
N ASN R 75 14.09 28.52 -79.02
CA ASN R 75 15.54 28.50 -79.08
C ASN R 75 16.08 29.60 -78.18
N ILE R 76 17.26 29.35 -77.61
CA ILE R 76 17.86 30.28 -76.66
C ILE R 76 18.57 31.44 -77.35
N ASN R 77 18.82 31.36 -78.66
CA ASN R 77 19.40 32.50 -79.35
C ASN R 77 18.44 33.67 -79.38
N ASP R 78 17.15 33.40 -79.40
CA ASP R 78 16.14 34.44 -79.44
C ASP R 78 15.93 35.12 -78.09
N PHE R 79 16.44 34.53 -77.01
CA PHE R 79 16.34 35.10 -75.68
C PHE R 79 17.66 35.64 -75.16
N LEU R 80 18.77 35.05 -75.56
CA LEU R 80 20.10 35.41 -75.10
C LEU R 80 20.91 36.00 -76.25
N PRO R 81 21.23 37.29 -76.26
CA PRO R 81 21.95 37.83 -77.40
C PRO R 81 23.42 37.44 -77.36
N PRO R 82 24.15 37.73 -78.42
CA PRO R 82 25.60 37.53 -78.38
C PRO R 82 26.26 38.58 -77.50
N GLY R 83 27.34 38.18 -76.87
CA GLY R 83 28.06 39.06 -75.98
C GLY R 83 29.02 39.96 -76.70
N GLY R 84 30.18 40.18 -76.11
CA GLY R 84 31.20 41.02 -76.70
C GLY R 84 32.58 40.71 -76.18
N GLY R 85 33.54 40.58 -77.09
CA GLY R 85 34.90 40.30 -76.71
C GLY R 85 35.17 38.83 -76.52
N SER R 86 35.96 38.51 -75.51
CA SER R 86 36.32 37.13 -75.24
C SER R 86 35.15 36.32 -74.71
N ASN R 87 34.09 36.97 -74.26
CA ASN R 87 32.88 36.30 -73.82
C ASN R 87 31.90 36.23 -74.99
N PRO R 88 31.66 35.06 -75.58
CA PRO R 88 30.82 35.03 -76.79
C PRO R 88 29.36 35.32 -76.53
N ARG R 89 28.88 35.12 -75.31
CA ARG R 89 27.50 35.34 -74.95
C ARG R 89 27.40 36.35 -73.81
N SER R 90 26.20 36.91 -73.65
CA SER R 90 25.98 37.98 -72.71
C SER R 90 25.83 37.49 -71.28
N VAL R 91 25.43 36.24 -71.11
CA VAL R 91 25.39 35.59 -69.80
C VAL R 91 26.60 34.69 -69.70
N PRO R 92 27.59 35.00 -68.85
CA PRO R 92 28.85 34.25 -68.92
C PRO R 92 28.81 32.90 -68.22
N PHE R 93 28.24 31.94 -68.92
CA PHE R 93 28.17 30.57 -68.45
C PHE R 93 28.42 29.64 -69.63
N GLU R 94 28.78 28.40 -69.30
CA GLU R 94 29.12 27.38 -70.29
C GLU R 94 27.94 26.51 -70.67
N TYR R 95 27.26 25.96 -69.68
CA TYR R 95 26.21 24.98 -69.88
C TYR R 95 24.85 25.58 -69.51
N TYR R 96 23.81 24.94 -70.01
CA TYR R 96 22.46 25.36 -69.69
C TYR R 96 21.52 24.17 -69.84
N ARG R 97 20.33 24.32 -69.26
CA ARG R 97 19.26 23.39 -69.48
C ARG R 97 17.96 24.10 -69.14
N ILE R 98 17.01 24.03 -70.05
CA ILE R 98 15.74 24.75 -69.90
C ILE R 98 14.83 23.93 -69.00
N ARG R 99 14.40 24.54 -67.91
CA ARG R 99 13.57 23.88 -66.92
C ARG R 99 12.09 23.96 -67.26
N LYS R 100 11.62 25.16 -67.60
CA LYS R 100 10.21 25.41 -67.88
C LYS R 100 10.11 26.49 -68.92
N VAL R 101 8.95 26.55 -69.56
CA VAL R 101 8.58 27.64 -70.46
C VAL R 101 7.14 28.02 -70.14
N LYS R 102 6.88 29.33 -70.20
CA LYS R 102 5.55 29.90 -70.03
C LYS R 102 5.22 30.66 -71.29
N VAL R 103 4.31 30.12 -72.08
CA VAL R 103 3.79 30.80 -73.26
C VAL R 103 2.49 31.48 -72.87
N GLU R 104 2.42 32.78 -73.11
CA GLU R 104 1.28 33.60 -72.76
C GLU R 104 0.74 34.22 -74.04
N PHE R 105 -0.50 33.90 -74.37
CA PHE R 105 -1.21 34.53 -75.47
C PHE R 105 -1.98 35.72 -74.90
N TRP R 106 -1.39 36.89 -75.04
CA TRP R 106 -2.03 38.11 -74.60
C TRP R 106 -2.89 38.65 -75.75
N PRO R 107 -4.20 38.77 -75.60
CA PRO R 107 -5.01 39.20 -76.73
C PRO R 107 -4.78 40.65 -77.10
N CYS R 108 -5.09 40.94 -78.35
CA CYS R 108 -5.06 42.27 -78.91
C CYS R 108 -6.43 42.78 -79.30
N SER R 109 -7.47 42.00 -79.08
CA SER R 109 -8.80 42.25 -79.59
C SER R 109 -9.72 42.73 -78.48
N PRO R 110 -10.70 43.56 -78.79
CA PRO R 110 -11.59 44.07 -77.74
C PRO R 110 -12.53 43.00 -77.23
N ILE R 111 -13.07 43.27 -76.04
CA ILE R 111 -14.04 42.34 -75.46
C ILE R 111 -15.40 42.41 -76.12
N THR R 112 -15.61 43.36 -77.04
CA THR R 112 -16.85 43.46 -77.79
C THR R 112 -16.81 42.71 -79.11
N GLN R 113 -15.71 42.03 -79.42
CA GLN R 113 -15.59 41.36 -80.71
C GLN R 113 -16.42 40.09 -80.69
N GLY R 114 -17.18 39.89 -81.77
CA GLY R 114 -18.02 38.74 -81.92
C GLY R 114 -17.39 37.65 -82.75
N ASP R 115 -18.23 36.72 -83.20
CA ASP R 115 -17.80 35.55 -83.93
C ASP R 115 -16.76 34.78 -83.13
N ARG R 116 -17.01 34.63 -81.84
CA ARG R 116 -16.11 33.96 -80.95
C ARG R 116 -15.98 32.49 -81.33
N GLY R 117 -14.95 31.86 -80.76
CA GLY R 117 -14.60 30.51 -81.12
C GLY R 117 -13.96 29.76 -79.99
N VAL R 118 -13.50 28.54 -80.28
CA VAL R 118 -12.91 27.68 -79.28
C VAL R 118 -11.85 26.82 -79.94
N GLY R 119 -10.65 26.84 -79.36
CA GLY R 119 -9.50 26.15 -79.91
C GLY R 119 -8.82 25.26 -78.89
N SER R 120 -7.58 24.89 -79.19
CA SER R 120 -6.86 23.94 -78.37
C SER R 120 -5.37 24.17 -78.51
N SER R 121 -4.66 24.05 -77.39
CA SER R 121 -3.21 24.09 -77.35
C SER R 121 -2.69 22.82 -76.71
N ALA R 122 -1.75 22.16 -77.38
CA ALA R 122 -1.20 20.91 -76.92
C ALA R 122 0.32 20.98 -76.89
N VAL R 123 0.90 20.06 -76.14
CA VAL R 123 2.35 20.01 -75.90
C VAL R 123 2.94 18.90 -76.74
N ILE R 124 3.87 19.25 -77.62
CA ILE R 124 4.40 18.36 -78.64
C ILE R 124 5.92 18.37 -78.51
N LEU R 125 6.45 17.35 -77.86
CA LEU R 125 7.84 17.33 -77.44
C LEU R 125 8.77 16.60 -78.42
N ASP R 126 8.44 16.57 -79.72
CA ASP R 126 9.17 15.71 -80.66
C ASP R 126 9.39 16.27 -82.05
N ASP R 127 8.99 17.50 -82.34
CA ASP R 127 9.30 18.14 -83.61
C ASP R 127 8.56 17.50 -84.78
N ASN R 128 7.41 16.89 -84.51
CA ASN R 128 6.50 16.42 -85.56
C ASN R 128 5.12 16.93 -85.17
N PHE R 129 4.83 18.11 -85.69
CA PHE R 129 3.57 18.79 -85.47
C PHE R 129 2.58 18.40 -86.55
N VAL R 130 1.31 18.66 -86.25
CA VAL R 130 0.30 18.63 -87.30
C VAL R 130 0.66 19.69 -88.33
N THR R 131 0.46 19.36 -89.60
CA THR R 131 0.87 20.24 -90.67
C THR R 131 0.16 21.58 -90.56
N LYS R 132 0.90 22.65 -90.85
CA LYS R 132 0.35 23.98 -90.80
C LYS R 132 -0.78 24.11 -91.82
N ALA R 133 -1.91 24.60 -91.35
CA ALA R 133 -3.13 24.71 -92.15
C ALA R 133 -3.78 26.06 -91.89
N THR R 134 -4.44 26.57 -92.93
CA THR R 134 -5.16 27.82 -92.84
C THR R 134 -6.60 27.61 -92.38
N ALA R 135 -7.32 26.69 -93.01
CA ALA R 135 -8.70 26.38 -92.65
C ALA R 135 -8.88 24.87 -92.73
N LEU R 136 -8.61 24.21 -91.62
CA LEU R 136 -8.81 22.77 -91.49
C LEU R 136 -10.18 22.51 -90.87
N THR R 137 -10.83 21.45 -91.33
CA THR R 137 -12.22 21.16 -90.99
C THR R 137 -12.39 20.59 -89.60
N TYR R 138 -11.36 20.54 -88.78
CA TYR R 138 -11.47 19.98 -87.45
C TYR R 138 -10.31 20.50 -86.61
N ASP R 139 -10.42 20.31 -85.31
CA ASP R 139 -9.39 20.67 -84.35
C ASP R 139 -8.53 19.45 -84.10
N PRO R 140 -7.30 19.38 -84.62
CA PRO R 140 -6.53 18.14 -84.43
C PRO R 140 -6.06 17.95 -83.00
N TYR R 141 -5.80 19.03 -82.28
CA TYR R 141 -5.25 18.95 -80.94
C TYR R 141 -6.31 18.82 -79.86
N VAL R 142 -7.54 18.45 -80.24
CA VAL R 142 -8.63 18.47 -79.28
C VAL R 142 -8.60 17.23 -78.40
N ASN R 143 -8.29 16.08 -78.95
CA ASN R 143 -8.28 14.83 -78.21
C ASN R 143 -6.94 14.53 -77.58
N TYR R 144 -5.98 15.45 -77.67
CA TYR R 144 -4.69 15.26 -77.05
C TYR R 144 -4.82 15.33 -75.54
N SER R 145 -4.03 14.49 -74.86
CA SER R 145 -4.03 14.45 -73.41
C SER R 145 -3.56 15.75 -72.79
N SER R 146 -2.78 16.54 -73.52
CA SER R 146 -2.27 17.82 -73.06
C SER R 146 -3.04 19.00 -73.61
N ARG R 147 -4.28 18.79 -74.03
CA ARG R 147 -5.07 19.85 -74.60
C ARG R 147 -5.62 20.74 -73.51
N HIS R 148 -5.46 22.05 -73.69
CA HIS R 148 -6.15 23.07 -72.93
C HIS R 148 -6.98 23.86 -73.92
N THR R 149 -8.20 24.19 -73.51
CA THR R 149 -9.09 24.95 -74.36
C THR R 149 -8.64 26.39 -74.48
N ILE R 150 -8.67 26.91 -75.69
CA ILE R 150 -8.41 28.31 -75.98
C ILE R 150 -9.76 28.94 -76.26
N THR R 151 -10.21 29.78 -75.35
CA THR R 151 -11.31 30.68 -75.64
C THR R 151 -10.78 31.85 -76.46
N GLN R 152 -11.52 32.21 -77.49
CA GLN R 152 -11.12 33.23 -78.44
C GLN R 152 -12.19 34.31 -78.50
N PRO R 153 -11.84 35.52 -78.95
CA PRO R 153 -10.55 36.10 -79.30
C PRO R 153 -9.91 36.94 -78.20
N PHE R 154 -10.69 37.31 -77.19
CA PHE R 154 -10.29 38.31 -76.22
C PHE R 154 -9.93 37.72 -74.87
N SER R 155 -9.45 36.49 -74.85
CA SER R 155 -9.19 35.77 -73.62
C SER R 155 -7.74 35.35 -73.56
N TYR R 156 -7.20 35.38 -72.35
CA TYR R 156 -5.82 35.04 -72.08
C TYR R 156 -5.65 33.53 -71.94
N HIS R 157 -4.56 33.03 -72.48
CA HIS R 157 -4.24 31.62 -72.48
C HIS R 157 -2.77 31.46 -72.10
N SER R 158 -2.51 30.70 -71.05
CA SER R 158 -1.18 30.39 -70.60
C SER R 158 -0.95 28.90 -70.66
N ARG R 159 0.30 28.51 -70.92
CA ARG R 159 0.74 27.13 -70.88
C ARG R 159 2.10 27.10 -70.22
N TYR R 160 2.25 26.28 -69.20
CA TYR R 160 3.46 26.17 -68.41
C TYR R 160 3.89 24.71 -68.40
N PHE R 161 5.04 24.44 -68.99
CA PHE R 161 5.46 23.07 -69.22
C PHE R 161 6.98 23.03 -69.33
N THR R 162 7.50 21.82 -69.43
CA THR R 162 8.93 21.55 -69.53
C THR R 162 9.25 21.11 -70.95
N PRO R 163 9.97 21.90 -71.75
CA PRO R 163 10.26 21.47 -73.11
C PRO R 163 11.35 20.42 -73.17
N LYS R 164 11.65 19.95 -74.37
CA LYS R 164 12.66 18.94 -74.60
C LYS R 164 13.48 19.35 -75.81
N PRO R 165 14.78 19.08 -75.82
CA PRO R 165 15.59 19.45 -76.98
C PRO R 165 15.53 18.41 -78.09
N VAL R 166 15.83 18.90 -79.29
CA VAL R 166 15.83 18.08 -80.49
C VAL R 166 17.25 17.55 -80.65
N LEU R 167 17.51 16.41 -80.04
CA LEU R 167 18.81 15.77 -80.12
C LEU R 167 18.97 14.99 -81.41
N ASP R 168 17.96 14.22 -81.80
CA ASP R 168 17.94 13.49 -83.06
C ASP R 168 16.55 13.60 -83.63
N SER R 169 16.40 14.36 -84.70
CA SER R 169 15.11 14.51 -85.34
C SER R 169 14.67 13.27 -86.10
N THR R 170 15.60 12.36 -86.40
CA THR R 170 15.25 11.13 -87.09
C THR R 170 14.54 10.14 -86.16
N ILE R 171 15.00 10.05 -84.92
CA ILE R 171 14.47 9.09 -83.95
C ILE R 171 13.51 9.80 -83.01
N ASP R 172 13.80 11.06 -82.70
CA ASP R 172 12.94 11.89 -81.88
C ASP R 172 12.73 11.28 -80.51
N TYR R 173 13.82 11.18 -79.75
CA TYR R 173 13.82 10.67 -78.39
C TYR R 173 13.98 11.81 -77.40
N PHE R 174 13.35 11.66 -76.24
CA PHE R 174 13.43 12.66 -75.21
C PHE R 174 13.31 12.00 -73.85
N GLN R 175 13.68 12.72 -72.87
CA GLN R 175 13.72 12.28 -71.50
C GLN R 175 12.41 12.60 -70.78
N PRO R 176 12.00 11.81 -69.80
CA PRO R 176 10.91 12.23 -68.94
C PRO R 176 11.34 13.31 -67.97
N ASN R 177 10.38 13.86 -67.24
CA ASN R 177 10.66 14.99 -66.37
C ASN R 177 11.39 14.51 -65.13
N ASN R 178 12.61 15.00 -64.95
CA ASN R 178 13.42 14.67 -63.79
C ASN R 178 14.39 15.82 -63.61
N LYS R 179 14.24 16.59 -62.55
CA LYS R 179 15.10 17.74 -62.37
C LYS R 179 16.54 17.33 -62.13
N ARG R 180 16.76 16.16 -61.53
CA ARG R 180 18.11 15.73 -61.17
C ARG R 180 18.85 15.10 -62.33
N ASN R 181 18.14 14.53 -63.30
CA ASN R 181 18.74 13.79 -64.40
C ASN R 181 18.65 14.53 -65.73
N GLN R 182 18.12 15.75 -65.75
CA GLN R 182 18.00 16.48 -66.99
C GLN R 182 19.37 16.81 -67.56
N LEU R 183 19.51 16.61 -68.86
CA LEU R 183 20.76 16.81 -69.54
C LEU R 183 21.16 18.28 -69.52
N TRP R 184 22.46 18.51 -69.41
CA TRP R 184 23.05 19.81 -69.61
C TRP R 184 23.51 19.92 -71.05
N LEU R 185 23.04 20.95 -71.74
CA LEU R 185 23.53 21.29 -73.05
C LEU R 185 24.58 22.38 -72.94
N ARG R 186 25.31 22.57 -74.02
CA ARG R 186 26.28 23.65 -74.11
C ARG R 186 25.62 24.89 -74.70
N LEU R 187 25.96 26.03 -74.11
CA LEU R 187 25.55 27.32 -74.63
C LEU R 187 26.50 27.68 -75.76
N GLN R 188 26.09 27.32 -76.97
CA GLN R 188 26.90 27.57 -78.15
C GLN R 188 26.93 29.07 -78.45
N THR R 189 27.76 29.42 -79.42
CA THR R 189 27.92 30.82 -79.80
C THR R 189 26.79 31.29 -80.71
N ALA R 190 26.55 30.57 -81.81
CA ALA R 190 25.48 30.94 -82.73
C ALA R 190 24.74 29.74 -83.31
N GLY R 191 24.73 28.60 -82.63
CA GLY R 191 24.18 27.38 -83.18
C GLY R 191 23.42 26.50 -82.21
N ASN R 192 22.76 27.12 -81.24
CA ASN R 192 22.06 26.35 -80.23
C ASN R 192 20.91 25.55 -80.82
N VAL R 193 20.53 24.51 -80.11
CA VAL R 193 19.55 23.54 -80.59
C VAL R 193 18.15 23.99 -80.22
N ASP R 194 17.20 23.67 -81.09
CA ASP R 194 15.83 24.11 -80.91
C ASP R 194 15.13 23.22 -79.90
N HIS R 195 14.50 23.85 -78.92
CA HIS R 195 13.58 23.18 -78.04
C HIS R 195 12.17 23.29 -78.58
N VAL R 196 11.33 22.36 -78.16
CA VAL R 196 10.05 22.13 -78.80
C VAL R 196 9.03 21.80 -77.71
N GLY R 197 7.75 21.88 -78.06
CA GLY R 197 6.74 21.67 -77.05
C GLY R 197 5.42 22.41 -77.09
N LEU R 198 5.07 23.11 -78.17
CA LEU R 198 3.71 23.64 -78.25
C LEU R 198 3.19 23.70 -79.66
N GLY R 199 1.96 23.24 -79.81
CA GLY R 199 1.21 23.39 -81.04
C GLY R 199 -0.20 23.84 -80.73
N THR R 200 -0.74 24.64 -81.65
CA THR R 200 -2.00 25.35 -81.42
C THR R 200 -2.97 25.08 -82.55
N ALA R 201 -4.24 25.34 -82.26
CA ALA R 201 -5.30 25.32 -83.27
C ALA R 201 -6.31 26.39 -82.90
N PHE R 202 -6.39 27.43 -83.71
CA PHE R 202 -7.29 28.54 -83.51
C PHE R 202 -8.44 28.49 -84.49
N GLU R 203 -9.64 28.71 -84.00
CA GLU R 203 -10.83 28.73 -84.84
C GLU R 203 -10.89 30.06 -85.58
N ASN R 204 -11.05 29.98 -86.89
CA ASN R 204 -11.06 31.16 -87.73
C ASN R 204 -12.33 31.97 -87.51
N SER R 205 -12.32 33.19 -88.02
CA SER R 205 -13.39 34.15 -87.77
C SER R 205 -13.48 35.12 -88.93
N ILE R 206 -14.57 35.88 -88.96
CA ILE R 206 -14.74 36.91 -89.96
C ILE R 206 -13.78 38.05 -89.72
N TYR R 207 -13.41 38.29 -88.47
CA TYR R 207 -12.49 39.35 -88.09
C TYR R 207 -11.11 38.78 -87.82
N ASP R 208 -10.10 39.64 -87.96
CA ASP R 208 -8.74 39.24 -87.67
C ASP R 208 -8.52 39.14 -86.18
N GLN R 209 -7.89 38.05 -85.76
CA GLN R 209 -7.57 37.78 -84.36
C GLN R 209 -6.07 37.91 -84.17
N GLU R 210 -5.65 38.98 -83.49
CA GLU R 210 -4.25 39.24 -83.23
C GLU R 210 -3.91 38.90 -81.79
N TYR R 211 -2.66 38.51 -81.58
CA TYR R 211 -2.14 38.16 -80.26
C TYR R 211 -0.71 38.66 -80.14
N ASN R 212 -0.35 39.04 -78.92
CA ASN R 212 1.03 39.32 -78.55
C ASN R 212 1.50 38.19 -77.66
N ILE R 213 2.41 37.37 -78.17
CA ILE R 213 2.82 36.16 -77.48
C ILE R 213 4.11 36.44 -76.74
N ARG R 214 4.10 36.21 -75.43
CA ARG R 214 5.26 36.43 -74.56
C ARG R 214 5.70 35.07 -74.05
N VAL R 215 6.87 34.63 -74.50
CA VAL R 215 7.48 33.39 -74.06
C VAL R 215 8.51 33.73 -73.00
N THR R 216 8.44 33.02 -71.89
CA THR R 216 9.36 33.16 -70.77
C THR R 216 9.99 31.81 -70.52
N MET R 217 11.31 31.73 -70.64
CA MET R 217 12.06 30.51 -70.37
C MET R 217 12.76 30.61 -69.04
N TYR R 218 12.55 29.62 -68.20
CA TYR R 218 13.21 29.49 -66.91
C TYR R 218 14.39 28.54 -67.07
N VAL R 219 15.59 29.09 -67.06
CA VAL R 219 16.79 28.36 -67.42
C VAL R 219 17.66 28.20 -66.19
N GLN R 220 18.66 27.33 -66.32
CA GLN R 220 19.58 27.01 -65.26
C GLN R 220 20.95 26.84 -65.91
N PHE R 221 21.87 27.71 -65.57
CA PHE R 221 23.22 27.71 -66.13
C PHE R 221 24.20 27.06 -65.17
N ARG R 222 25.42 26.86 -65.65
CA ARG R 222 26.45 26.19 -64.89
C ARG R 222 27.81 26.64 -65.40
N GLU R 223 28.78 26.65 -64.49
CA GLU R 223 30.19 26.90 -64.80
C GLU R 223 30.40 28.29 -65.39
N PHE R 224 30.23 29.27 -64.50
CA PHE R 224 30.66 30.65 -64.72
C PHE R 224 32.04 30.69 -65.35
N ASN R 225 32.14 31.31 -66.51
CA ASN R 225 33.34 31.25 -67.33
C ASN R 225 33.75 32.61 -67.86
N LEU R 226 33.67 33.62 -67.02
CA LEU R 226 34.04 34.96 -67.45
C LEU R 226 35.53 35.02 -67.75
N LYS R 227 35.86 35.79 -68.77
CA LYS R 227 37.23 35.99 -69.20
C LYS R 227 37.57 37.47 -69.10
N ASP R 228 38.66 37.78 -68.42
CA ASP R 228 39.04 39.15 -68.08
C ASP R 228 40.44 39.43 -68.60
N PRO R 229 40.56 39.79 -69.88
CA PRO R 229 41.85 40.21 -70.39
C PRO R 229 42.20 41.60 -69.89
N PRO R 230 43.47 42.02 -70.03
CA PRO R 230 43.81 43.40 -69.68
C PRO R 230 43.21 44.42 -70.64
N LEU R 231 43.50 45.69 -70.40
CA LEU R 231 42.97 46.78 -71.21
C LEU R 231 44.02 47.86 -71.44
N GLY S 43 -9.56 -6.65 -71.00
CA GLY S 43 -8.61 -5.60 -71.32
C GLY S 43 -9.24 -4.23 -71.40
N ILE S 44 -9.42 -3.62 -70.23
CA ILE S 44 -10.15 -2.38 -70.12
C ILE S 44 -9.27 -1.21 -70.53
N PHE S 45 -9.89 -0.23 -71.18
CA PHE S 45 -9.22 1.00 -71.55
C PHE S 45 -10.26 2.11 -71.53
N ASN S 46 -10.24 2.91 -70.46
CA ASN S 46 -11.07 4.09 -70.38
C ASN S 46 -10.39 5.24 -71.07
N THR S 47 -11.09 5.89 -71.99
CA THR S 47 -10.57 7.05 -72.69
C THR S 47 -11.68 8.07 -72.87
N ARG S 48 -11.41 9.05 -73.73
CA ARG S 48 -12.26 10.21 -73.93
C ARG S 48 -12.22 10.60 -75.39
N LEU S 49 -13.40 10.70 -76.00
CA LEU S 49 -13.55 11.03 -77.41
C LEU S 49 -14.45 12.24 -77.52
N SER S 50 -14.08 13.15 -78.41
CA SER S 50 -14.76 14.43 -78.58
C SER S 50 -15.14 14.65 -80.04
N ARG S 51 -15.95 15.68 -80.24
CA ARG S 51 -16.56 16.02 -81.50
C ARG S 51 -17.20 17.38 -81.34
N THR S 52 -17.11 18.20 -82.38
CA THR S 52 -17.58 19.59 -82.34
C THR S 52 -18.43 19.87 -83.56
N PHE S 53 -19.52 20.59 -83.35
CA PHE S 53 -20.43 20.95 -84.43
C PHE S 53 -21.25 22.16 -84.00
N GLY S 54 -21.96 22.72 -84.96
CA GLY S 54 -22.71 23.94 -84.75
C GLY S 54 -24.21 23.77 -84.61
N TYR S 55 -24.84 24.75 -83.96
CA TYR S 55 -26.28 24.82 -83.81
C TYR S 55 -26.68 26.28 -83.74
N THR S 56 -27.67 26.65 -84.53
CA THR S 56 -28.15 28.02 -84.62
C THR S 56 -29.64 28.07 -84.39
N ILE S 57 -30.06 29.07 -83.63
CA ILE S 57 -31.47 29.40 -83.42
C ILE S 57 -31.72 30.66 -84.23
N LYS S 58 -32.41 30.50 -85.35
CA LYS S 58 -32.65 31.62 -86.24
C LYS S 58 -33.59 32.64 -85.60
N ARG S 59 -33.51 33.86 -86.11
CA ARG S 59 -34.32 34.96 -85.61
C ARG S 59 -35.78 34.80 -85.98
N THR S 60 -36.63 35.49 -85.23
CA THR S 60 -38.07 35.50 -85.47
C THR S 60 -38.62 36.90 -85.20
N THR S 61 -39.52 37.33 -86.07
CA THR S 61 -40.26 38.58 -85.87
C THR S 61 -41.38 38.45 -84.85
N VAL S 62 -41.65 37.23 -84.36
CA VAL S 62 -42.70 37.04 -83.37
C VAL S 62 -42.40 37.84 -82.12
N LYS S 63 -43.43 38.48 -81.58
CA LYS S 63 -43.27 39.34 -80.42
C LYS S 63 -43.31 38.56 -79.12
N THR S 64 -44.13 37.53 -79.06
CA THR S 64 -44.30 36.77 -77.84
C THR S 64 -43.03 36.04 -77.45
N PRO S 65 -42.94 35.55 -76.22
CA PRO S 65 -41.86 34.63 -75.87
C PRO S 65 -42.18 33.24 -76.37
N SER S 66 -41.49 32.82 -77.42
CA SER S 66 -41.61 31.48 -77.95
C SER S 66 -40.27 30.78 -77.83
N TRP S 67 -40.33 29.45 -77.83
CA TRP S 67 -39.16 28.61 -77.67
C TRP S 67 -38.97 27.71 -78.88
N ALA S 68 -37.69 27.43 -79.15
CA ALA S 68 -37.28 26.55 -80.23
C ALA S 68 -36.81 25.24 -79.64
N VAL S 69 -37.46 24.16 -80.03
CA VAL S 69 -37.22 22.84 -79.47
C VAL S 69 -36.41 22.02 -80.47
N ASP S 70 -35.48 21.24 -79.94
CA ASP S 70 -34.67 20.36 -80.76
C ASP S 70 -34.16 19.23 -79.89
N MET S 71 -33.63 18.21 -80.56
CA MET S 71 -33.17 16.99 -79.93
C MET S 71 -31.68 16.79 -80.17
N MET S 72 -31.11 15.83 -79.45
CA MET S 72 -29.69 15.55 -79.54
C MET S 72 -29.45 14.09 -79.18
N ARG S 73 -29.01 13.30 -80.15
CA ARG S 73 -28.60 11.93 -79.97
C ARG S 73 -27.08 11.83 -80.05
N PHE S 74 -26.56 10.68 -79.64
CA PHE S 74 -25.12 10.43 -79.61
C PHE S 74 -24.85 9.05 -80.18
N ASN S 75 -24.00 8.99 -81.20
CA ASN S 75 -23.54 7.74 -81.78
C ASN S 75 -22.03 7.74 -81.83
N ILE S 76 -21.45 6.54 -81.71
CA ILE S 76 -20.00 6.39 -81.64
C ILE S 76 -19.35 6.45 -83.01
N ASN S 77 -20.12 6.33 -84.10
CA ASN S 77 -19.52 6.47 -85.42
C ASN S 77 -19.03 7.89 -85.65
N ASP S 78 -19.69 8.87 -85.04
CA ASP S 78 -19.31 10.26 -85.19
C ASP S 78 -18.09 10.64 -84.38
N PHE S 79 -17.67 9.79 -83.45
CA PHE S 79 -16.49 10.03 -82.63
C PHE S 79 -15.33 9.12 -82.99
N LEU S 80 -15.62 7.90 -83.44
CA LEU S 80 -14.61 6.89 -83.77
C LEU S 80 -14.62 6.61 -85.26
N PRO S 81 -13.59 6.98 -86.03
CA PRO S 81 -13.65 6.77 -87.45
C PRO S 81 -13.40 5.31 -87.80
N PRO S 82 -13.59 4.93 -89.05
CA PRO S 82 -13.20 3.60 -89.47
C PRO S 82 -11.69 3.46 -89.55
N GLY S 83 -11.22 2.26 -89.27
CA GLY S 83 -9.80 2.00 -89.27
C GLY S 83 -9.27 1.70 -90.65
N GLY S 84 -8.35 0.74 -90.73
CA GLY S 84 -7.76 0.37 -91.99
C GLY S 84 -7.19 -1.03 -91.95
N GLY S 85 -7.51 -1.81 -92.96
CA GLY S 85 -7.01 -3.17 -93.06
C GLY S 85 -7.85 -4.17 -92.29
N SER S 86 -7.18 -5.11 -91.64
CA SER S 86 -7.88 -6.14 -90.89
C SER S 86 -8.55 -5.60 -89.64
N ASN S 87 -8.17 -4.40 -89.20
CA ASN S 87 -8.80 -3.75 -88.06
C ASN S 87 -9.89 -2.83 -88.58
N PRO S 88 -11.18 -3.15 -88.38
CA PRO S 88 -12.22 -2.32 -89.00
C PRO S 88 -12.36 -0.95 -88.38
N ARG S 89 -11.93 -0.76 -87.14
CA ARG S 89 -12.03 0.51 -86.43
C ARG S 89 -10.64 0.97 -86.00
N SER S 90 -10.57 2.26 -85.68
CA SER S 90 -9.29 2.89 -85.38
C SER S 90 -8.83 2.63 -83.95
N VAL S 91 -9.75 2.32 -83.05
CA VAL S 91 -9.44 1.89 -81.69
C VAL S 91 -9.60 0.38 -81.65
N PRO S 92 -8.52 -0.39 -81.51
CA PRO S 92 -8.66 -1.84 -81.68
C PRO S 92 -9.21 -2.57 -80.47
N PHE S 93 -10.53 -2.49 -80.31
CA PHE S 93 -11.24 -3.17 -79.26
C PHE S 93 -12.54 -3.72 -79.83
N GLU S 94 -13.10 -4.69 -79.11
CA GLU S 94 -14.31 -5.38 -79.53
C GLU S 94 -15.58 -4.78 -78.95
N TYR S 95 -15.59 -4.57 -77.64
CA TYR S 95 -16.77 -4.14 -76.92
C TYR S 95 -16.59 -2.72 -76.40
N TYR S 96 -17.71 -2.09 -76.08
CA TYR S 96 -17.69 -0.75 -75.52
C TYR S 96 -18.95 -0.53 -74.70
N ARG S 97 -18.89 0.50 -73.87
CA ARG S 97 -20.07 0.98 -73.17
C ARG S 97 -19.80 2.41 -72.76
N ILE S 98 -20.73 3.29 -73.08
CA ILE S 98 -20.56 4.72 -72.83
C ILE S 98 -20.91 4.99 -71.38
N ARG S 99 -19.96 5.56 -70.65
CA ARG S 99 -20.11 5.84 -69.23
C ARG S 99 -20.77 7.19 -68.98
N LYS S 100 -20.28 8.22 -69.65
CA LYS S 100 -20.77 9.58 -69.45
C LYS S 100 -20.66 10.33 -70.76
N VAL S 101 -21.42 11.42 -70.85
CA VAL S 101 -21.30 12.38 -71.94
C VAL S 101 -21.33 13.76 -71.33
N LYS S 102 -20.53 14.66 -71.91
CA LYS S 102 -20.48 16.07 -71.55
C LYS S 102 -20.81 16.87 -72.79
N VAL S 103 -21.99 17.45 -72.79
CA VAL S 103 -22.40 18.38 -73.84
C VAL S 103 -22.13 19.79 -73.37
N GLU S 104 -21.37 20.53 -74.17
CA GLU S 104 -20.96 21.88 -73.86
C GLU S 104 -21.49 22.80 -74.96
N PHE S 105 -22.36 23.73 -74.59
CA PHE S 105 -22.82 24.77 -75.50
C PHE S 105 -21.88 25.96 -75.33
N TRP S 106 -20.93 26.07 -76.24
CA TRP S 106 -20.01 27.19 -76.24
C TRP S 106 -20.61 28.30 -77.09
N PRO S 107 -20.88 29.48 -76.52
CA PRO S 107 -21.55 30.52 -77.31
C PRO S 107 -20.66 31.09 -78.39
N CYS S 108 -21.33 31.62 -79.40
CA CYS S 108 -20.70 32.33 -80.49
C CYS S 108 -21.06 33.80 -80.53
N SER S 109 -21.82 34.28 -79.58
CA SER S 109 -22.43 35.59 -79.59
C SER S 109 -21.71 36.50 -78.61
N PRO S 110 -21.66 37.80 -78.88
CA PRO S 110 -20.96 38.71 -77.97
C PRO S 110 -21.73 38.94 -76.70
N ILE S 111 -21.01 39.39 -75.67
CA ILE S 111 -21.65 39.70 -74.40
C ILE S 111 -22.46 40.98 -74.43
N THR S 112 -22.42 41.73 -75.53
CA THR S 112 -23.23 42.92 -75.70
C THR S 112 -24.56 42.64 -76.38
N GLN S 113 -24.86 41.40 -76.72
CA GLN S 113 -26.08 41.09 -77.45
C GLN S 113 -27.26 41.16 -76.52
N GLY S 114 -28.32 41.82 -76.97
CA GLY S 114 -29.52 41.98 -76.20
C GLY S 114 -30.59 40.97 -76.57
N ASP S 115 -31.81 41.29 -76.14
CA ASP S 115 -32.95 40.39 -76.31
C ASP S 115 -32.65 39.03 -75.71
N ARG S 116 -32.07 39.05 -74.53
CA ARG S 116 -31.69 37.83 -73.84
C ARG S 116 -32.92 37.02 -73.48
N GLY S 117 -32.68 35.77 -73.11
CA GLY S 117 -33.73 34.83 -72.87
C GLY S 117 -33.37 33.77 -71.86
N VAL S 118 -34.25 32.80 -71.69
CA VAL S 118 -34.06 31.75 -70.69
C VAL S 118 -34.70 30.48 -71.21
N GLY S 119 -33.93 29.40 -71.21
CA GLY S 119 -34.35 28.13 -71.74
C GLY S 119 -34.13 26.99 -70.77
N SER S 120 -34.15 25.78 -71.29
CA SER S 120 -34.08 24.59 -70.46
C SER S 120 -33.49 23.44 -71.26
N SER S 121 -32.65 22.66 -70.59
CA SER S 121 -32.10 21.42 -71.13
C SER S 121 -32.44 20.28 -70.20
N ALA S 122 -32.99 19.22 -70.78
CA ALA S 122 -33.42 18.05 -70.01
C ALA S 122 -32.83 16.79 -70.61
N VAL S 123 -32.82 15.75 -69.79
CA VAL S 123 -32.21 14.45 -70.13
C VAL S 123 -33.32 13.49 -70.47
N ILE S 124 -33.28 12.96 -71.69
CA ILE S 124 -34.36 12.15 -72.27
C ILE S 124 -33.74 10.84 -72.73
N LEU S 125 -33.89 9.80 -71.93
CA LEU S 125 -33.18 8.55 -72.14
C LEU S 125 -33.97 7.51 -72.90
N ASP S 126 -34.90 7.90 -73.78
CA ASP S 126 -35.84 6.94 -74.38
C ASP S 126 -36.21 7.18 -75.83
N ASP S 127 -35.65 8.17 -76.50
CA ASP S 127 -35.85 8.37 -77.93
C ASP S 127 -37.28 8.80 -78.26
N ASN S 128 -37.95 9.45 -77.31
CA ASN S 128 -39.23 10.09 -77.55
C ASN S 128 -39.10 11.50 -76.98
N PHE S 129 -38.68 12.40 -77.84
CA PHE S 129 -38.50 13.80 -77.52
C PHE S 129 -39.76 14.57 -77.80
N VAL S 130 -39.85 15.76 -77.21
CA VAL S 130 -40.86 16.72 -77.64
C VAL S 130 -40.60 17.04 -79.09
N THR S 131 -41.68 17.18 -79.85
CA THR S 131 -41.57 17.39 -81.29
C THR S 131 -40.77 18.66 -81.58
N LYS S 132 -39.94 18.59 -82.61
CA LYS S 132 -39.15 19.74 -83.01
C LYS S 132 -40.06 20.87 -83.44
N ALA S 133 -39.82 22.04 -82.88
CA ALA S 133 -40.64 23.22 -83.10
C ALA S 133 -39.75 24.43 -83.29
N THR S 134 -40.24 25.37 -84.11
CA THR S 134 -39.55 26.61 -84.37
C THR S 134 -39.91 27.69 -83.36
N ALA S 135 -41.20 27.90 -83.14
CA ALA S 135 -41.69 28.90 -82.18
C ALA S 135 -42.87 28.30 -81.43
N LEU S 136 -42.58 27.61 -80.34
CA LEU S 136 -43.59 27.06 -79.47
C LEU S 136 -43.88 28.03 -78.33
N THR S 137 -45.14 28.10 -77.93
CA THR S 137 -45.61 29.11 -76.99
C THR S 137 -45.23 28.83 -75.55
N TYR S 138 -44.41 27.83 -75.28
CA TYR S 138 -44.03 27.50 -73.92
C TYR S 138 -42.75 26.68 -73.96
N ASP S 139 -42.13 26.55 -72.79
CA ASP S 139 -40.94 25.74 -72.62
C ASP S 139 -41.36 24.36 -72.14
N PRO S 140 -41.30 23.32 -72.99
CA PRO S 140 -41.80 22.02 -72.53
C PRO S 140 -40.92 21.37 -71.50
N TYR S 141 -39.62 21.62 -71.55
CA TYR S 141 -38.66 20.98 -70.68
C TYR S 141 -38.47 21.70 -69.36
N VAL S 142 -39.37 22.60 -69.01
CA VAL S 142 -39.16 23.46 -67.85
C VAL S 142 -39.49 22.72 -66.56
N ASN S 143 -40.56 21.93 -66.56
CA ASN S 143 -40.98 21.22 -65.36
C ASN S 143 -40.35 19.84 -65.24
N TYR S 144 -39.42 19.49 -66.13
CA TYR S 144 -38.74 18.23 -66.03
C TYR S 144 -37.80 18.22 -64.83
N SER S 145 -37.72 17.05 -64.19
CA SER S 145 -36.87 16.88 -63.03
C SER S 145 -35.39 17.05 -63.35
N SER S 146 -35.01 16.86 -64.61
CA SER S 146 -33.63 17.02 -65.06
C SER S 146 -33.40 18.33 -65.79
N ARG S 147 -34.23 19.33 -65.53
CA ARG S 147 -34.10 20.61 -66.20
C ARG S 147 -32.98 21.41 -65.57
N HIS S 148 -32.10 21.94 -66.41
CA HIS S 148 -31.15 22.97 -66.04
C HIS S 148 -31.48 24.18 -66.88
N THR S 149 -31.41 25.36 -66.26
CA THR S 149 -31.69 26.60 -66.95
C THR S 149 -30.57 26.95 -67.92
N ILE S 150 -30.96 27.37 -69.11
CA ILE S 150 -30.05 27.87 -70.12
C ILE S 150 -30.24 29.38 -70.13
N THR S 151 -29.23 30.09 -69.65
CA THR S 151 -29.14 31.52 -69.91
C THR S 151 -28.62 31.73 -71.32
N GLN S 152 -29.25 32.66 -72.03
CA GLN S 152 -28.96 32.93 -73.43
C GLN S 152 -28.61 34.41 -73.58
N PRO S 153 -27.89 34.76 -74.66
CA PRO S 153 -27.24 33.98 -75.70
C PRO S 153 -25.76 33.73 -75.50
N PHE S 154 -25.15 34.48 -74.59
CA PHE S 154 -23.70 34.54 -74.47
C PHE S 154 -23.18 33.80 -73.25
N SER S 155 -23.87 32.76 -72.83
CA SER S 155 -23.55 32.05 -71.61
C SER S 155 -23.31 30.58 -71.90
N TYR S 156 -22.37 30.01 -71.17
CA TYR S 156 -21.97 28.62 -71.32
C TYR S 156 -22.90 27.71 -70.54
N HIS S 157 -23.22 26.58 -71.14
CA HIS S 157 -24.11 25.59 -70.58
C HIS S 157 -23.50 24.21 -70.76
N SER S 158 -23.29 23.50 -69.66
CA SER S 158 -22.79 22.15 -69.67
C SER S 158 -23.81 21.21 -69.07
N ARG S 159 -23.81 19.98 -69.57
CA ARG S 159 -24.63 18.90 -69.02
C ARG S 159 -23.78 17.64 -69.03
N TYR S 160 -23.68 17.00 -67.87
CA TYR S 160 -22.87 15.82 -67.66
C TYR S 160 -23.76 14.71 -67.11
N PHE S 161 -23.92 13.66 -67.88
CA PHE S 161 -24.88 12.62 -67.55
C PHE S 161 -24.46 11.32 -68.20
N THR S 162 -25.21 10.27 -67.89
CA THR S 162 -24.97 8.92 -68.39
C THR S 162 -26.03 8.56 -69.41
N PRO S 163 -25.72 8.43 -70.69
CA PRO S 163 -26.76 8.11 -71.66
C PRO S 163 -27.16 6.65 -71.62
N LYS S 164 -28.12 6.29 -72.44
CA LYS S 164 -28.63 4.94 -72.52
C LYS S 164 -28.79 4.57 -73.98
N PRO S 165 -28.55 3.32 -74.35
CA PRO S 165 -28.72 2.94 -75.75
C PRO S 165 -30.15 2.58 -76.10
N VAL S 166 -30.43 2.69 -77.39
CA VAL S 166 -31.75 2.40 -77.94
C VAL S 166 -31.73 0.94 -78.35
N LEU S 167 -32.09 0.08 -77.42
CA LEU S 167 -32.14 -1.36 -77.66
C LEU S 167 -33.44 -1.75 -78.36
N ASP S 168 -34.56 -1.23 -77.89
CA ASP S 168 -35.86 -1.46 -78.53
C ASP S 168 -36.62 -0.14 -78.50
N SER S 169 -36.77 0.49 -79.66
CA SER S 169 -37.50 1.74 -79.75
C SER S 169 -39.00 1.55 -79.56
N THR S 170 -39.52 0.34 -79.70
CA THR S 170 -40.94 0.09 -79.51
C THR S 170 -41.32 0.11 -78.04
N ILE S 171 -40.47 -0.46 -77.18
CA ILE S 171 -40.74 -0.59 -75.76
C ILE S 171 -40.00 0.49 -75.00
N ASP S 172 -38.82 0.85 -75.49
CA ASP S 172 -38.01 1.91 -74.92
C ASP S 172 -37.68 1.64 -73.44
N TYR S 173 -36.91 0.57 -73.23
CA TYR S 173 -36.45 0.18 -71.92
C TYR S 173 -34.98 0.51 -71.76
N PHE S 174 -34.60 0.86 -70.54
CA PHE S 174 -33.22 1.19 -70.23
C PHE S 174 -32.90 0.81 -68.80
N GLN S 175 -31.68 0.75 -68.52
CA GLN S 175 -31.14 0.35 -67.23
C GLN S 175 -30.92 1.56 -66.33
N PRO S 176 -31.04 1.41 -65.03
CA PRO S 176 -30.58 2.47 -64.14
C PRO S 176 -29.07 2.54 -64.07
N ASN S 177 -28.56 3.56 -63.39
CA ASN S 177 -27.13 3.81 -63.36
C ASN S 177 -26.47 2.81 -62.43
N ASN S 178 -25.59 1.98 -62.99
CA ASN S 178 -24.83 1.01 -62.23
C ASN S 178 -23.57 0.73 -63.03
N LYS S 179 -22.42 1.13 -62.50
CA LYS S 179 -21.20 0.95 -63.25
C LYS S 179 -20.85 -0.52 -63.41
N ARG S 180 -21.25 -1.36 -62.46
CA ARG S 180 -20.87 -2.76 -62.48
C ARG S 180 -21.76 -3.60 -63.36
N ASN S 181 -23.01 -3.16 -63.58
CA ASN S 181 -24.00 -3.93 -64.31
C ASN S 181 -24.31 -3.36 -65.68
N GLN S 182 -23.63 -2.29 -66.09
CA GLN S 182 -23.92 -1.67 -67.38
C GLN S 182 -23.56 -2.63 -68.51
N LEU S 183 -24.45 -2.72 -69.48
CA LEU S 183 -24.27 -3.62 -70.59
C LEU S 183 -23.09 -3.23 -71.44
N TRP S 184 -22.41 -4.23 -71.97
CA TRP S 184 -21.38 -4.06 -72.99
C TRP S 184 -22.04 -4.25 -74.34
N LEU S 185 -21.88 -3.26 -75.21
CA LEU S 185 -22.27 -3.36 -76.60
C LEU S 185 -21.06 -3.73 -77.43
N ARG S 186 -21.33 -4.15 -78.66
CA ARG S 186 -20.28 -4.43 -79.62
C ARG S 186 -19.99 -3.18 -80.43
N LEU S 187 -18.70 -2.95 -80.66
CA LEU S 187 -18.23 -1.90 -81.54
C LEU S 187 -18.34 -2.41 -82.96
N GLN S 188 -19.47 -2.12 -83.59
CA GLN S 188 -19.73 -2.56 -84.94
C GLN S 188 -18.83 -1.81 -85.91
N THR S 189 -18.89 -2.23 -87.17
CA THR S 189 -18.06 -1.63 -88.20
C THR S 189 -18.67 -0.33 -88.72
N ALA S 190 -19.94 -0.37 -89.15
CA ALA S 190 -20.61 0.84 -89.64
C ALA S 190 -22.08 0.92 -89.23
N GLY S 191 -22.47 0.29 -88.13
CA GLY S 191 -23.87 0.20 -87.77
C GLY S 191 -24.16 0.31 -86.29
N ASN S 192 -23.38 1.08 -85.57
CA ASN S 192 -23.54 1.20 -84.13
C ASN S 192 -24.86 1.84 -83.77
N VAL S 193 -25.31 1.57 -82.56
CA VAL S 193 -26.62 1.96 -82.09
C VAL S 193 -26.56 3.36 -81.50
N ASP S 194 -27.65 4.10 -81.65
CA ASP S 194 -27.70 5.48 -81.20
C ASP S 194 -27.96 5.53 -79.71
N HIS S 195 -27.12 6.28 -79.00
CA HIS S 195 -27.38 6.64 -77.63
C HIS S 195 -28.11 7.96 -77.57
N VAL S 196 -28.83 8.17 -76.48
CA VAL S 196 -29.82 9.22 -76.37
C VAL S 196 -29.74 9.81 -74.97
N GLY S 197 -30.34 10.99 -74.79
CA GLY S 197 -30.21 11.65 -73.51
C GLY S 197 -30.17 13.15 -73.41
N LEU S 198 -30.45 13.92 -74.46
CA LEU S 198 -30.58 15.36 -74.26
C LEU S 198 -31.58 16.00 -75.20
N GLY S 199 -32.43 16.83 -74.62
CA GLY S 199 -33.32 17.68 -75.38
C GLY S 199 -33.30 19.07 -74.82
N THR S 200 -33.47 20.05 -75.71
CA THR S 200 -33.27 21.45 -75.40
C THR S 200 -34.48 22.27 -75.79
N ALA S 201 -34.56 23.46 -75.21
CA ALA S 201 -35.55 24.46 -75.58
C ALA S 201 -34.90 25.83 -75.42
N PHE S 202 -34.69 26.50 -76.54
CA PHE S 202 -34.07 27.81 -76.58
C PHE S 202 -35.12 28.87 -76.90
N GLU S 203 -35.07 29.97 -76.15
CA GLU S 203 -35.97 31.08 -76.38
C GLU S 203 -35.50 31.89 -77.57
N ASN S 204 -36.41 32.11 -78.51
CA ASN S 204 -36.08 32.81 -79.73
C ASN S 204 -35.81 34.28 -79.47
N SER S 205 -35.24 34.94 -80.47
CA SER S 205 -34.78 36.31 -80.33
C SER S 205 -34.82 36.99 -81.69
N ILE S 206 -34.67 38.32 -81.65
CA ILE S 206 -34.60 39.10 -82.88
C ILE S 206 -33.31 38.82 -83.62
N TYR S 207 -32.25 38.49 -82.89
CA TYR S 207 -30.95 38.20 -83.46
C TYR S 207 -30.71 36.69 -83.50
N ASP S 208 -29.84 36.29 -84.41
CA ASP S 208 -29.48 34.89 -84.51
C ASP S 208 -28.56 34.48 -83.36
N GLN S 209 -28.86 33.34 -82.75
CA GLN S 209 -28.10 32.80 -81.64
C GLN S 209 -27.36 31.56 -82.12
N GLU S 210 -26.06 31.66 -82.27
CA GLU S 210 -25.22 30.56 -82.72
C GLU S 210 -24.46 29.95 -81.56
N TYR S 211 -24.18 28.66 -81.68
CA TYR S 211 -23.46 27.90 -80.67
C TYR S 211 -22.54 26.91 -81.36
N ASN S 212 -21.40 26.65 -80.73
CA ASN S 212 -20.48 25.58 -81.11
C ASN S 212 -20.59 24.52 -80.04
N ILE S 213 -21.19 23.38 -80.37
CA ILE S 213 -21.48 22.35 -79.41
C ILE S 213 -20.39 21.30 -79.46
N ARG S 214 -19.75 21.05 -78.31
CA ARG S 214 -18.68 20.09 -78.17
C ARG S 214 -19.18 18.96 -77.28
N VAL S 215 -19.36 17.78 -77.87
CA VAL S 215 -19.76 16.59 -77.15
C VAL S 215 -18.53 15.78 -76.87
N THR S 216 -18.38 15.36 -75.62
CA THR S 216 -17.29 14.52 -75.17
C THR S 216 -17.88 13.27 -74.55
N MET S 217 -17.56 12.12 -75.11
CA MET S 217 -18.00 10.84 -74.59
C MET S 217 -16.87 10.14 -73.86
N TYR S 218 -17.15 9.72 -72.64
CA TYR S 218 -16.21 8.97 -71.83
C TYR S 218 -16.59 7.50 -71.92
N VAL S 219 -15.78 6.74 -72.65
CA VAL S 219 -16.11 5.39 -73.04
C VAL S 219 -15.18 4.42 -72.32
N GLN S 220 -15.54 3.15 -72.38
CA GLN S 220 -14.79 2.07 -71.75
C GLN S 220 -14.85 0.89 -72.69
N PHE S 221 -13.69 0.50 -73.21
CA PHE S 221 -13.57 -0.59 -74.15
C PHE S 221 -13.12 -1.86 -73.46
N ARG S 222 -13.12 -2.95 -74.21
CA ARG S 222 -12.79 -4.27 -73.67
C ARG S 222 -12.31 -5.15 -74.81
N GLU S 223 -11.42 -6.08 -74.47
CA GLU S 223 -10.94 -7.13 -75.38
C GLU S 223 -10.23 -6.53 -76.60
N PHE S 224 -9.06 -6.00 -76.31
CA PHE S 224 -8.05 -5.65 -77.31
C PHE S 224 -7.93 -6.74 -78.36
N ASN S 225 -8.16 -6.39 -79.62
CA ASN S 225 -8.29 -7.37 -80.69
C ASN S 225 -7.50 -6.97 -81.92
N LEU S 226 -6.30 -6.49 -81.72
CA LEU S 226 -5.47 -6.09 -82.84
C LEU S 226 -5.11 -7.30 -83.68
N LYS S 227 -5.06 -7.10 -84.99
CA LYS S 227 -4.70 -8.12 -85.95
C LYS S 227 -3.47 -7.68 -86.71
N ASP S 228 -2.46 -8.53 -86.75
CA ASP S 228 -1.15 -8.20 -87.29
C ASP S 228 -0.79 -9.22 -88.37
N PRO S 229 -1.26 -9.01 -89.60
CA PRO S 229 -0.82 -9.85 -90.70
C PRO S 229 0.60 -9.50 -91.12
N PRO S 230 1.24 -10.35 -91.91
CA PRO S 230 2.56 -9.98 -92.43
C PRO S 230 2.49 -8.87 -93.45
N LEU S 231 3.65 -8.51 -94.00
CA LEU S 231 3.75 -7.41 -94.97
C LEU S 231 4.75 -7.74 -96.07
N GLY T 43 -51.62 11.71 -48.69
CA GLY T 43 -50.75 11.44 -49.84
C GLY T 43 -50.06 12.68 -50.35
N ILE T 44 -48.97 13.03 -49.69
CA ILE T 44 -48.28 14.28 -49.96
C ILE T 44 -47.42 14.14 -51.20
N PHE T 45 -47.34 15.22 -51.96
CA PHE T 45 -46.47 15.30 -53.12
C PHE T 45 -46.03 16.74 -53.28
N ASN T 46 -44.81 17.03 -52.86
CA ASN T 46 -44.22 18.34 -53.07
C ASN T 46 -43.59 18.38 -54.45
N THR T 47 -43.95 19.40 -55.23
CA THR T 47 -43.39 19.60 -56.56
C THR T 47 -43.17 21.08 -56.80
N ARG T 48 -42.93 21.41 -58.07
CA ARG T 48 -42.53 22.75 -58.48
C ARG T 48 -43.16 23.04 -59.83
N LEU T 49 -43.85 24.16 -59.91
CA LEU T 49 -44.56 24.59 -61.11
C LEU T 49 -44.09 25.97 -61.48
N SER T 50 -43.87 26.19 -62.77
CA SER T 50 -43.31 27.43 -63.28
C SER T 50 -44.20 28.00 -64.39
N ARG T 51 -43.87 29.23 -64.76
CA ARG T 51 -44.63 30.04 -65.68
C ARG T 51 -43.80 31.27 -66.00
N THR T 52 -43.83 31.69 -67.25
CA THR T 52 -43.00 32.78 -67.74
C THR T 52 -43.85 33.77 -68.53
N PHE T 53 -43.59 35.05 -68.31
CA PHE T 53 -44.32 36.11 -68.98
C PHE T 53 -43.48 37.38 -68.95
N GLY T 54 -43.93 38.36 -69.72
CA GLY T 54 -43.21 39.60 -69.89
C GLY T 54 -43.75 40.79 -69.13
N TYR T 55 -42.87 41.76 -68.89
CA TYR T 55 -43.22 43.02 -68.26
C TYR T 55 -42.29 44.09 -68.80
N THR T 56 -42.86 45.21 -69.23
CA THR T 56 -42.11 46.30 -69.81
C THR T 56 -42.46 47.60 -69.10
N ILE T 57 -41.43 48.39 -68.85
CA ILE T 57 -41.54 49.75 -68.32
C ILE T 57 -41.25 50.67 -69.49
N LYS T 58 -42.29 51.29 -70.03
CA LYS T 58 -42.14 52.14 -71.20
C LYS T 58 -41.35 53.39 -70.85
N ARG T 59 -40.78 53.99 -71.89
CA ARG T 59 -39.97 55.18 -71.76
C ARG T 59 -40.82 56.39 -71.42
N THR T 60 -40.16 57.42 -70.87
CA THR T 60 -40.79 58.67 -70.51
C THR T 60 -39.83 59.82 -70.81
N THR T 61 -40.38 60.91 -71.36
CA THR T 61 -39.63 62.13 -71.55
C THR T 61 -39.47 62.94 -70.28
N VAL T 62 -40.10 62.52 -69.18
CA VAL T 62 -40.00 63.24 -67.92
C VAL T 62 -38.55 63.27 -67.47
N LYS T 63 -38.12 64.44 -66.99
CA LYS T 63 -36.73 64.63 -66.57
C LYS T 63 -36.48 64.13 -65.16
N THR T 64 -37.47 64.32 -64.28
CA THR T 64 -37.29 63.98 -62.89
C THR T 64 -37.12 62.47 -62.69
N PRO T 65 -36.66 62.05 -61.52
CA PRO T 65 -36.72 60.63 -61.20
C PRO T 65 -38.12 60.26 -60.76
N SER T 66 -38.83 59.55 -61.62
CA SER T 66 -40.15 59.02 -61.32
C SER T 66 -40.11 57.51 -61.37
N TRP T 67 -41.06 56.90 -60.67
CA TRP T 67 -41.14 55.45 -60.57
C TRP T 67 -42.46 54.94 -61.12
N ALA T 68 -42.40 53.74 -61.67
CA ALA T 68 -43.55 53.05 -62.22
C ALA T 68 -43.94 51.92 -61.27
N VAL T 69 -45.17 51.97 -60.80
CA VAL T 69 -45.65 51.05 -59.78
C VAL T 69 -46.58 50.04 -60.44
N ASP T 70 -46.48 48.80 -59.99
CA ASP T 70 -47.34 47.74 -60.50
C ASP T 70 -47.41 46.65 -59.44
N MET T 71 -48.36 45.74 -59.63
CA MET T 71 -48.67 44.68 -58.71
C MET T 71 -48.45 43.32 -59.35
N MET T 72 -48.48 42.29 -58.52
CA MET T 72 -48.25 40.93 -58.98
C MET T 72 -48.97 39.96 -58.05
N ARG T 73 -49.97 39.28 -58.58
CA ARG T 73 -50.68 38.22 -57.89
C ARG T 73 -50.28 36.87 -58.48
N PHE T 74 -50.66 35.80 -57.78
CA PHE T 74 -50.33 34.44 -58.16
C PHE T 74 -51.56 33.57 -58.02
N ASN T 75 -51.94 32.90 -59.10
CA ASN T 75 -53.03 31.94 -59.09
C ASN T 75 -52.54 30.63 -59.70
N ILE T 76 -53.10 29.53 -59.21
CA ILE T 76 -52.68 28.21 -59.63
C ILE T 76 -53.26 27.79 -60.97
N ASN T 77 -54.29 28.49 -61.46
CA ASN T 77 -54.81 28.17 -62.78
C ASN T 77 -53.78 28.48 -63.87
N ASP T 78 -52.94 29.48 -63.64
CA ASP T 78 -51.92 29.87 -64.61
C ASP T 78 -50.74 28.92 -64.62
N PHE T 79 -50.61 28.05 -63.64
CA PHE T 79 -49.53 27.08 -63.56
C PHE T 79 -49.99 25.66 -63.81
N LEU T 80 -51.23 25.34 -63.45
CA LEU T 80 -51.79 24.01 -63.55
C LEU T 80 -52.92 24.01 -64.57
N PRO T 81 -52.78 23.38 -65.75
CA PRO T 81 -53.85 23.45 -66.73
C PRO T 81 -55.00 22.53 -66.35
N PRO T 82 -56.11 22.62 -67.06
CA PRO T 82 -57.18 21.65 -66.86
C PRO T 82 -56.80 20.30 -67.42
N GLY T 83 -57.31 19.26 -66.77
CA GLY T 83 -57.02 17.91 -67.17
C GLY T 83 -57.90 17.43 -68.30
N GLY T 84 -58.30 16.17 -68.22
CA GLY T 84 -59.15 15.58 -69.22
C GLY T 84 -59.92 14.39 -68.70
N GLY T 85 -61.21 14.36 -68.98
CA GLY T 85 -62.05 13.27 -68.55
C GLY T 85 -62.56 13.43 -67.14
N SER T 86 -62.59 12.31 -66.41
CA SER T 86 -63.09 12.33 -65.05
C SER T 86 -62.15 13.05 -64.10
N ASN T 87 -60.90 13.29 -64.50
CA ASN T 87 -59.96 14.06 -63.71
C ASN T 87 -60.00 15.51 -64.16
N PRO T 88 -60.54 16.44 -63.37
CA PRO T 88 -60.71 17.80 -63.87
C PRO T 88 -59.40 18.56 -64.03
N ARG T 89 -58.35 18.16 -63.33
CA ARG T 89 -57.06 18.82 -63.38
C ARG T 89 -55.98 17.83 -63.80
N SER T 90 -54.85 18.37 -64.23
CA SER T 90 -53.78 17.57 -64.79
C SER T 90 -52.93 16.90 -63.73
N VAL T 91 -52.90 17.47 -62.53
CA VAL T 91 -52.24 16.86 -61.37
C VAL T 91 -53.33 16.23 -60.51
N PRO T 92 -53.42 14.91 -60.42
CA PRO T 92 -54.59 14.31 -59.77
C PRO T 92 -54.53 14.32 -58.24
N PHE T 93 -54.84 15.48 -57.68
CA PHE T 93 -54.90 15.66 -56.25
C PHE T 93 -56.09 16.54 -55.92
N GLU T 94 -56.52 16.48 -54.66
CA GLU T 94 -57.67 17.21 -54.18
C GLU T 94 -57.32 18.54 -53.56
N TYR T 95 -56.37 18.55 -52.64
CA TYR T 95 -56.02 19.72 -51.86
C TYR T 95 -54.65 20.22 -52.24
N TYR T 96 -54.38 21.47 -51.89
CA TYR T 96 -53.09 22.07 -52.14
C TYR T 96 -52.84 23.19 -51.14
N ARG T 97 -51.59 23.58 -51.04
CA ARG T 97 -51.22 24.77 -50.29
C ARG T 97 -49.86 25.22 -50.79
N ILE T 98 -49.76 26.50 -51.15
CA ILE T 98 -48.55 27.03 -51.73
C ILE T 98 -47.57 27.34 -50.61
N ARG T 99 -46.39 26.75 -50.68
CA ARG T 99 -45.37 26.88 -49.67
C ARG T 99 -44.48 28.10 -49.91
N LYS T 100 -44.00 28.27 -51.13
CA LYS T 100 -43.09 29.35 -51.49
C LYS T 100 -43.34 29.74 -52.92
N VAL T 101 -42.90 30.95 -53.26
CA VAL T 101 -42.87 31.43 -54.63
C VAL T 101 -41.52 32.11 -54.85
N LYS T 102 -40.98 31.90 -56.05
CA LYS T 102 -39.74 32.53 -56.50
C LYS T 102 -40.07 33.34 -57.75
N VAL T 103 -40.06 34.64 -57.60
CA VAL T 103 -40.22 35.55 -58.73
C VAL T 103 -38.84 35.98 -59.18
N GLU T 104 -38.55 35.78 -60.45
CA GLU T 104 -37.26 36.08 -61.06
C GLU T 104 -37.49 37.08 -62.17
N PHE T 105 -36.90 38.26 -62.03
CA PHE T 105 -36.89 39.26 -63.09
C PHE T 105 -35.63 39.04 -63.91
N TRP T 106 -35.79 38.35 -65.02
CA TRP T 106 -34.69 38.13 -65.94
C TRP T 106 -34.64 39.28 -66.93
N PRO T 107 -33.55 40.06 -66.99
CA PRO T 107 -33.55 41.22 -67.86
C PRO T 107 -33.52 40.84 -69.33
N CYS T 108 -33.99 41.78 -70.13
CA CYS T 108 -33.97 41.68 -71.58
C CYS T 108 -33.08 42.73 -72.22
N SER T 109 -32.41 43.55 -71.43
CA SER T 109 -31.70 44.72 -71.88
C SER T 109 -30.21 44.48 -71.84
N PRO T 110 -29.43 45.10 -72.73
CA PRO T 110 -28.00 44.87 -72.74
C PRO T 110 -27.30 45.53 -71.57
N ILE T 111 -26.10 45.05 -71.28
CA ILE T 111 -25.31 45.63 -70.22
C ILE T 111 -24.71 46.98 -70.58
N THR T 112 -24.85 47.42 -71.83
CA THR T 112 -24.41 48.73 -72.25
C THR T 112 -25.47 49.80 -72.14
N GLN T 113 -26.67 49.47 -71.66
CA GLN T 113 -27.76 50.42 -71.63
C GLN T 113 -27.53 51.39 -70.49
N GLY T 114 -27.71 52.67 -70.76
CA GLY T 114 -27.53 53.72 -69.80
C GLY T 114 -28.83 54.17 -69.18
N ASP T 115 -28.77 55.33 -68.54
CA ASP T 115 -29.89 55.89 -67.80
C ASP T 115 -30.37 54.90 -66.75
N ARG T 116 -29.42 54.29 -66.06
CA ARG T 116 -29.72 53.29 -65.05
C ARG T 116 -30.49 53.91 -63.91
N GLY T 117 -31.05 53.04 -63.08
CA GLY T 117 -31.92 53.46 -62.02
C GLY T 117 -31.91 52.52 -60.84
N VAL T 118 -32.79 52.78 -59.88
CA VAL T 118 -32.84 51.99 -58.65
C VAL T 118 -34.28 51.97 -58.17
N GLY T 119 -34.78 50.76 -57.92
CA GLY T 119 -36.14 50.54 -57.52
C GLY T 119 -36.27 49.68 -56.29
N SER T 120 -37.45 49.14 -56.07
CA SER T 120 -37.74 48.41 -54.85
C SER T 120 -38.85 47.39 -55.11
N SER T 121 -38.69 46.22 -54.51
CA SER T 121 -39.71 45.18 -54.52
C SER T 121 -40.05 44.81 -53.09
N ALA T 122 -41.34 44.80 -52.78
CA ALA T 122 -41.83 44.53 -51.44
C ALA T 122 -42.89 43.43 -51.49
N VAL T 123 -43.11 42.83 -50.33
CA VAL T 123 -44.02 41.70 -50.17
C VAL T 123 -45.29 42.20 -49.53
N ILE T 124 -46.41 42.01 -50.22
CA ILE T 124 -47.70 42.58 -49.86
C ILE T 124 -48.71 41.45 -49.79
N LEU T 125 -48.99 40.98 -48.59
CA LEU T 125 -49.75 39.75 -48.38
C LEU T 125 -51.23 39.98 -48.14
N ASP T 126 -51.83 41.07 -48.69
CA ASP T 126 -53.18 41.44 -48.31
C ASP T 126 -54.06 42.01 -49.41
N ASP T 127 -53.58 42.09 -50.66
CA ASP T 127 -54.41 42.49 -51.78
C ASP T 127 -54.79 43.96 -51.72
N ASN T 128 -53.97 44.79 -51.06
CA ASN T 128 -54.12 46.23 -51.09
C ASN T 128 -52.73 46.77 -51.40
N PHE T 129 -52.49 46.94 -52.69
CA PHE T 129 -51.24 47.45 -53.22
C PHE T 129 -51.31 48.96 -53.34
N VAL T 130 -50.14 49.57 -53.46
CA VAL T 130 -50.07 50.95 -53.90
C VAL T 130 -50.66 51.03 -55.29
N THR T 131 -51.41 52.10 -55.55
CA THR T 131 -52.11 52.23 -56.80
C THR T 131 -51.14 52.21 -57.96
N LYS T 132 -51.54 51.55 -59.04
CA LYS T 132 -50.70 51.49 -60.23
C LYS T 132 -50.50 52.88 -60.80
N ALA T 133 -49.23 53.22 -61.04
CA ALA T 133 -48.83 54.52 -61.50
C ALA T 133 -47.80 54.38 -62.60
N THR T 134 -47.81 55.35 -63.51
CA THR T 134 -46.87 55.39 -64.61
C THR T 134 -45.61 56.15 -64.25
N ALA T 135 -45.76 57.35 -63.68
CA ALA T 135 -44.62 58.18 -63.27
C ALA T 135 -44.99 58.82 -61.94
N LEU T 136 -44.69 58.14 -60.86
CA LEU T 136 -44.88 58.65 -59.51
C LEU T 136 -43.59 59.27 -59.01
N THR T 137 -43.72 60.37 -58.27
CA THR T 137 -42.58 61.19 -57.87
C THR T 137 -41.76 60.60 -56.75
N TYR T 138 -42.01 59.36 -56.34
CA TYR T 138 -41.26 58.75 -55.26
C TYR T 138 -41.42 57.24 -55.35
N ASP T 139 -40.57 56.53 -54.62
CA ASP T 139 -40.63 55.09 -54.53
C ASP T 139 -41.45 54.71 -53.30
N PRO T 140 -42.68 54.23 -53.45
CA PRO T 140 -43.49 53.95 -52.26
C PRO T 140 -43.00 52.78 -51.46
N TYR T 141 -42.40 51.79 -52.11
CA TYR T 141 -41.99 50.55 -51.47
C TYR T 141 -40.59 50.64 -50.89
N VAL T 142 -40.05 51.84 -50.72
CA VAL T 142 -38.65 51.98 -50.32
C VAL T 142 -38.48 51.78 -48.83
N ASN T 143 -39.40 52.29 -48.03
CA ASN T 143 -39.31 52.19 -46.59
C ASN T 143 -39.97 50.96 -46.04
N TYR T 144 -40.46 50.06 -46.90
CA TYR T 144 -41.05 48.83 -46.44
C TYR T 144 -40.00 47.90 -45.85
N SER T 145 -40.39 47.19 -44.79
CA SER T 145 -39.49 46.27 -44.13
C SER T 145 -39.06 45.12 -45.03
N SER T 146 -39.85 44.81 -46.05
CA SER T 146 -39.54 43.74 -47.00
C SER T 146 -39.00 44.27 -48.31
N ARG T 147 -38.42 45.45 -48.30
CA ARG T 147 -37.89 46.04 -49.52
C ARG T 147 -36.54 45.42 -49.85
N HIS T 148 -36.40 45.01 -51.10
CA HIS T 148 -35.13 44.68 -51.70
C HIS T 148 -34.90 45.64 -52.84
N THR T 149 -33.67 46.11 -52.98
CA THR T 149 -33.34 47.04 -54.03
C THR T 149 -33.30 46.34 -55.38
N ILE T 150 -33.88 46.99 -56.37
CA ILE T 150 -33.84 46.55 -57.75
C ILE T 150 -32.86 47.47 -58.46
N THR T 151 -31.70 46.92 -58.82
CA THR T 151 -30.83 47.57 -59.77
C THR T 151 -31.39 47.36 -61.17
N GLN T 152 -31.39 48.43 -61.95
CA GLN T 152 -31.97 48.45 -63.28
C GLN T 152 -30.91 48.90 -64.28
N PRO T 153 -31.08 48.56 -65.56
CA PRO T 153 -32.06 47.70 -66.23
C PRO T 153 -31.60 46.29 -66.51
N PHE T 154 -30.30 46.04 -66.40
CA PHE T 154 -29.67 44.82 -66.89
C PHE T 154 -29.27 43.88 -65.76
N SER T 155 -29.98 43.93 -64.64
CA SER T 155 -29.60 43.18 -63.46
C SER T 155 -30.73 42.27 -63.04
N TYR T 156 -30.36 41.11 -62.54
CA TYR T 156 -31.29 40.08 -62.11
C TYR T 156 -31.76 40.36 -60.69
N HIS T 157 -33.05 40.12 -60.46
CA HIS T 157 -33.69 40.34 -59.19
C HIS T 157 -34.56 39.14 -58.87
N SER T 158 -34.30 38.51 -57.73
CA SER T 158 -35.09 37.39 -57.24
C SER T 158 -35.74 37.76 -55.92
N ARG T 159 -36.91 37.18 -55.68
CA ARG T 159 -37.61 37.29 -54.41
C ARG T 159 -38.20 35.94 -54.09
N TYR T 160 -37.90 35.42 -52.91
CA TYR T 160 -38.32 34.11 -52.45
C TYR T 160 -39.04 34.27 -51.14
N PHE T 161 -40.34 33.96 -51.13
CA PHE T 161 -41.19 34.24 -49.99
C PHE T 161 -42.36 33.27 -50.00
N THR T 162 -43.16 33.36 -48.95
CA THR T 162 -44.34 32.53 -48.74
C THR T 162 -45.59 33.36 -48.95
N PRO T 163 -46.37 33.14 -50.01
CA PRO T 163 -47.55 33.96 -50.21
C PRO T 163 -48.69 33.58 -49.28
N LYS T 164 -49.79 34.30 -49.38
CA LYS T 164 -50.96 34.07 -48.56
C LYS T 164 -52.20 34.16 -49.46
N PRO T 165 -53.22 33.36 -49.21
CA PRO T 165 -54.42 33.42 -50.03
C PRO T 165 -55.37 34.51 -49.58
N VAL T 166 -56.21 34.92 -50.54
CA VAL T 166 -57.20 35.97 -50.32
C VAL T 166 -58.48 35.26 -49.91
N LEU T 167 -58.63 35.05 -48.60
CA LEU T 167 -59.80 34.40 -48.06
C LEU T 167 -60.96 35.38 -47.91
N ASP T 168 -60.68 36.58 -47.39
CA ASP T 168 -61.69 37.63 -47.29
C ASP T 168 -61.00 38.94 -47.63
N SER T 169 -61.34 39.49 -48.80
CA SER T 169 -60.77 40.76 -49.23
C SER T 169 -61.29 41.94 -48.43
N THR T 170 -62.40 41.79 -47.73
CA THR T 170 -62.96 42.86 -46.92
C THR T 170 -62.16 43.07 -45.65
N ILE T 171 -61.73 41.98 -45.02
CA ILE T 171 -61.03 42.02 -43.74
C ILE T 171 -59.54 41.86 -43.98
N ASP T 172 -59.18 41.05 -44.97
CA ASP T 172 -57.80 40.84 -45.38
C ASP T 172 -56.97 40.29 -44.22
N TYR T 173 -57.33 39.08 -43.80
CA TYR T 173 -56.62 38.36 -42.76
C TYR T 173 -55.78 37.24 -43.35
N PHE T 174 -54.65 36.97 -42.71
CA PHE T 174 -53.75 35.93 -43.17
C PHE T 174 -53.02 35.33 -41.98
N GLN T 175 -52.47 34.23 -42.20
CA GLN T 175 -51.75 33.45 -41.20
C GLN T 175 -50.27 33.78 -41.20
N PRO T 176 -49.60 33.68 -40.06
CA PRO T 176 -48.15 33.75 -40.08
C PRO T 176 -47.53 32.48 -40.62
N ASN T 177 -46.23 32.49 -40.80
CA ASN T 177 -45.54 31.37 -41.43
C ASN T 177 -45.44 30.22 -40.46
N ASN T 178 -46.07 29.10 -40.82
CA ASN T 178 -46.02 27.89 -40.02
C ASN T 178 -46.27 26.74 -40.97
N LYS T 179 -45.27 25.90 -41.19
CA LYS T 179 -45.44 24.83 -42.14
C LYS T 179 -46.46 23.81 -41.66
N ARG T 180 -46.59 23.65 -40.35
CA ARG T 180 -47.46 22.61 -39.80
C ARG T 180 -48.91 23.05 -39.73
N ASN T 181 -49.16 24.36 -39.63
CA ASN T 181 -50.50 24.89 -39.46
C ASN T 181 -51.06 25.58 -40.69
N GLN T 182 -50.33 25.56 -41.80
CA GLN T 182 -50.80 26.22 -43.01
C GLN T 182 -52.05 25.54 -43.54
N LEU T 183 -53.02 26.36 -43.91
CA LEU T 183 -54.29 25.86 -44.38
C LEU T 183 -54.14 25.11 -45.69
N TRP T 184 -54.94 24.07 -45.85
CA TRP T 184 -55.10 23.37 -47.11
C TRP T 184 -56.30 23.95 -47.82
N LEU T 185 -56.09 24.39 -49.05
CA LEU T 185 -57.16 24.81 -49.93
C LEU T 185 -57.53 23.66 -50.85
N ARG T 186 -58.68 23.79 -51.49
CA ARG T 186 -59.11 22.84 -52.49
C ARG T 186 -58.65 23.28 -53.87
N LEU T 187 -58.17 22.30 -54.63
CA LEU T 187 -57.82 22.50 -56.03
C LEU T 187 -59.11 22.47 -56.84
N GLN T 188 -59.69 23.65 -57.04
CA GLN T 188 -60.92 23.79 -57.78
C GLN T 188 -60.69 23.47 -59.25
N THR T 189 -61.80 23.42 -59.99
CA THR T 189 -61.73 23.11 -61.41
C THR T 189 -61.34 24.33 -62.24
N ALA T 190 -62.08 25.44 -62.07
CA ALA T 190 -61.77 26.67 -62.80
C ALA T 190 -61.96 27.94 -61.98
N GLY T 191 -61.85 27.86 -60.66
CA GLY T 191 -62.17 28.98 -59.81
C GLY T 191 -61.28 29.16 -58.61
N ASN T 192 -60.01 28.80 -58.73
CA ASN T 192 -59.09 28.85 -57.61
C ASN T 192 -58.86 30.30 -57.16
N VAL T 193 -58.46 30.44 -55.91
CA VAL T 193 -58.33 31.73 -55.25
C VAL T 193 -56.96 32.31 -55.52
N ASP T 194 -56.91 33.63 -55.60
CA ASP T 194 -55.68 34.33 -55.93
C ASP T 194 -54.80 34.44 -54.70
N HIS T 195 -53.55 34.04 -54.85
CA HIS T 195 -52.53 34.31 -53.86
C HIS T 195 -51.82 35.60 -54.22
N VAL T 196 -51.23 36.21 -53.20
CA VAL T 196 -50.77 37.58 -53.28
C VAL T 196 -49.45 37.68 -52.51
N GLY T 197 -48.72 38.78 -52.75
CA GLY T 197 -47.42 38.88 -52.13
C GLY T 197 -46.27 39.59 -52.82
N LEU T 198 -46.49 40.30 -53.93
CA LEU T 198 -45.40 41.11 -54.45
C LEU T 198 -45.88 42.39 -55.13
N GLY T 199 -45.23 43.48 -54.78
CA GLY T 199 -45.41 44.74 -55.46
C GLY T 199 -44.06 45.37 -55.74
N THR T 200 -44.00 46.09 -56.85
CA THR T 200 -42.76 46.58 -57.40
C THR T 200 -42.84 48.08 -57.66
N ALA T 201 -41.66 48.68 -57.79
CA ALA T 201 -41.53 50.07 -58.20
C ALA T 201 -40.25 50.19 -59.01
N PHE T 202 -40.39 50.44 -60.31
CA PHE T 202 -39.29 50.58 -61.23
C PHE T 202 -39.09 52.03 -61.62
N GLU T 203 -37.84 52.47 -61.62
CA GLU T 203 -37.51 53.82 -62.01
C GLU T 203 -37.53 53.93 -63.52
N ASN T 204 -38.26 54.92 -64.02
CA ASN T 204 -38.43 55.09 -65.45
C ASN T 204 -37.14 55.57 -66.09
N SER T 205 -37.10 55.51 -67.40
CA SER T 205 -35.90 55.77 -68.17
C SER T 205 -36.27 56.28 -69.55
N ILE T 206 -35.27 56.81 -70.26
CA ILE T 206 -35.47 57.26 -71.62
C ILE T 206 -35.67 56.07 -72.54
N TYR T 207 -35.09 54.93 -72.21
CA TYR T 207 -35.20 53.71 -72.99
C TYR T 207 -36.20 52.76 -72.35
N ASP T 208 -36.76 51.88 -73.18
CA ASP T 208 -37.68 50.88 -72.68
C ASP T 208 -36.93 49.80 -71.94
N GLN T 209 -37.46 49.42 -70.77
CA GLN T 209 -36.88 48.39 -69.92
C GLN T 209 -37.81 47.18 -69.95
N GLU T 210 -37.37 46.12 -70.61
CA GLU T 210 -38.15 44.90 -70.72
C GLU T 210 -37.60 43.83 -69.78
N TYR T 211 -38.48 42.95 -69.33
CA TYR T 211 -38.13 41.86 -68.44
C TYR T 211 -38.94 40.63 -68.82
N ASN T 212 -38.34 39.47 -68.64
CA ASN T 212 -39.02 38.18 -68.73
C ASN T 212 -39.13 37.64 -67.31
N ILE T 213 -40.35 37.61 -66.78
CA ILE T 213 -40.58 37.25 -65.40
C ILE T 213 -40.97 35.79 -65.33
N ARG T 214 -40.20 35.03 -64.55
CA ARG T 214 -40.44 33.60 -64.34
C ARG T 214 -40.84 33.39 -62.91
N VAL T 215 -42.09 33.01 -62.69
CA VAL T 215 -42.63 32.69 -61.38
C VAL T 215 -42.60 31.19 -61.22
N THR T 216 -42.07 30.75 -60.09
CA THR T 216 -41.99 29.34 -59.74
C THR T 216 -42.68 29.17 -58.40
N MET T 217 -43.75 28.36 -58.37
CA MET T 217 -44.47 28.06 -57.15
C MET T 217 -44.12 26.68 -56.66
N TYR T 218 -43.75 26.59 -55.40
CA TYR T 218 -43.45 25.34 -54.73
C TYR T 218 -44.67 24.93 -53.92
N VAL T 219 -45.38 23.92 -54.41
CA VAL T 219 -46.68 23.56 -53.90
C VAL T 219 -46.60 22.21 -53.22
N GLN T 220 -47.65 21.88 -52.48
CA GLN T 220 -47.75 20.65 -51.72
C GLN T 220 -49.19 20.19 -51.83
N PHE T 221 -49.39 19.05 -52.47
CA PHE T 221 -50.71 18.48 -52.70
C PHE T 221 -51.01 17.38 -51.69
N ARG T 222 -52.25 16.92 -51.72
CA ARG T 222 -52.72 15.93 -50.77
C ARG T 222 -53.89 15.18 -51.38
N GLU T 223 -54.03 13.90 -50.99
CA GLU T 223 -55.15 13.06 -51.35
C GLU T 223 -55.26 12.85 -52.86
N PHE T 224 -54.30 12.09 -53.36
CA PHE T 224 -54.34 11.49 -54.69
C PHE T 224 -55.71 10.93 -54.98
N ASN T 225 -56.34 11.42 -56.06
CA ASN T 225 -57.74 11.15 -56.34
C ASN T 225 -57.95 10.77 -57.79
N LEU T 226 -57.07 9.95 -58.33
CA LEU T 226 -57.21 9.56 -59.72
C LEU T 226 -58.45 8.70 -59.89
N LYS T 227 -59.12 8.89 -61.03
CA LYS T 227 -60.32 8.15 -61.40
C LYS T 227 -60.05 7.38 -62.68
N ASP T 228 -60.32 6.08 -62.65
CA ASP T 228 -59.98 5.17 -63.74
C ASP T 228 -61.25 4.45 -64.20
N PRO T 229 -62.02 5.07 -65.09
CA PRO T 229 -63.15 4.37 -65.68
C PRO T 229 -62.68 3.36 -66.70
N PRO T 230 -63.56 2.46 -67.14
CA PRO T 230 -63.17 1.55 -68.23
C PRO T 230 -63.04 2.27 -69.57
N LEU T 231 -62.73 1.51 -70.61
CA LEU T 231 -62.53 2.06 -71.94
C LEU T 231 -63.11 1.13 -73.01
N GLY U 43 39.25 55.80 22.63
CA GLY U 43 40.47 55.36 21.97
C GLY U 43 41.31 54.47 22.85
N ILE U 44 40.96 53.20 22.89
CA ILE U 44 41.57 52.26 23.81
C ILE U 44 42.91 51.80 23.26
N PHE U 45 43.85 51.58 24.17
CA PHE U 45 45.16 51.04 23.83
C PHE U 45 45.64 50.24 25.03
N ASN U 46 45.53 48.93 24.94
CA ASN U 46 46.08 48.04 25.95
C ASN U 46 47.54 47.78 25.64
N THR U 47 48.40 48.00 26.63
CA THR U 47 49.82 47.75 26.49
C THR U 47 50.35 47.15 27.78
N ARG U 48 51.68 47.14 27.89
CA ARG U 48 52.39 46.46 28.96
C ARG U 48 53.62 47.29 29.31
N LEU U 49 53.76 47.61 30.59
CA LEU U 49 54.85 48.42 31.10
C LEU U 49 55.54 47.66 32.20
N SER U 50 56.87 47.71 32.20
CA SER U 50 57.70 46.95 33.13
C SER U 50 58.68 47.86 33.84
N ARG U 51 59.32 47.28 34.86
CA ARG U 51 60.21 47.97 35.78
C ARG U 51 60.89 46.90 36.61
N THR U 52 62.16 47.11 36.89
CA THR U 52 62.99 46.13 37.59
C THR U 52 63.75 46.81 38.71
N PHE U 53 63.82 46.13 39.86
CA PHE U 53 64.51 46.66 41.02
C PHE U 53 64.87 45.49 41.94
N GLY U 54 65.69 45.79 42.94
CA GLY U 54 66.21 44.79 43.84
C GLY U 54 65.58 44.75 45.21
N TYR U 55 65.69 43.60 45.85
CA TYR U 55 65.23 43.39 47.22
C TYR U 55 66.11 42.34 47.85
N THR U 56 66.61 42.64 49.05
CA THR U 56 67.51 41.76 49.77
C THR U 56 66.98 41.51 51.17
N ILE U 57 67.08 40.26 51.60
CA ILE U 57 66.79 39.84 52.96
C ILE U 57 68.13 39.57 53.61
N LYS U 58 68.56 40.47 54.47
CA LYS U 58 69.86 40.37 55.11
C LYS U 58 69.91 39.18 56.06
N ARG U 59 71.13 38.73 56.33
CA ARG U 59 71.36 37.59 57.19
C ARG U 59 71.07 37.92 58.65
N THR U 60 70.86 36.88 59.43
CA THR U 60 70.61 36.99 60.86
C THR U 60 71.28 35.85 61.59
N THR U 61 71.90 36.16 62.73
CA THR U 61 72.44 35.14 63.62
C THR U 61 71.38 34.44 64.45
N VAL U 62 70.13 34.89 64.39
CA VAL U 62 69.06 34.27 65.14
C VAL U 62 68.91 32.82 64.74
N LYS U 63 68.73 31.95 65.74
CA LYS U 63 68.65 30.52 65.49
C LYS U 63 67.24 30.10 65.10
N THR U 64 66.22 30.72 65.69
CA THR U 64 64.85 30.34 65.46
C THR U 64 64.45 30.58 64.01
N PRO U 65 63.33 29.99 63.57
CA PRO U 65 62.76 30.41 62.30
C PRO U 65 62.00 31.70 62.45
N SER U 66 62.55 32.78 61.94
CA SER U 66 61.92 34.08 61.92
C SER U 66 61.71 34.51 60.48
N TRP U 67 60.75 35.41 60.29
CA TRP U 67 60.37 35.89 58.98
C TRP U 67 60.57 37.39 58.87
N ALA U 68 60.90 37.83 57.67
CA ALA U 68 61.08 39.24 57.34
C ALA U 68 59.90 39.69 56.52
N VAL U 69 59.20 40.70 57.02
CA VAL U 69 57.97 41.18 56.42
C VAL U 69 58.26 42.49 55.71
N ASP U 70 57.62 42.67 54.56
CA ASP U 70 57.75 43.90 53.80
C ASP U 70 56.53 44.04 52.91
N MET U 71 56.38 45.23 52.36
CA MET U 71 55.23 45.61 51.55
C MET U 71 55.66 45.98 50.15
N MET U 72 54.67 46.11 49.26
CA MET U 72 54.93 46.41 47.86
C MET U 72 53.72 47.14 47.29
N ARG U 73 53.92 48.40 46.92
CA ARG U 73 52.93 49.22 46.24
C ARG U 73 53.33 49.39 44.78
N PHE U 74 52.39 49.88 43.98
CA PHE U 74 52.60 50.08 42.55
C PHE U 74 52.07 51.44 42.16
N ASN U 75 52.91 52.26 41.54
CA ASN U 75 52.53 53.55 41.00
C ASN U 75 52.98 53.63 39.55
N ILE U 76 52.21 54.37 38.76
CA ILE U 76 52.47 54.47 37.33
C ILE U 76 53.57 55.46 37.00
N ASN U 77 53.97 56.31 37.94
CA ASN U 77 55.10 57.21 37.68
C ASN U 77 56.39 56.44 37.53
N ASP U 78 56.51 55.30 38.21
CA ASP U 78 57.70 54.48 38.14
C ASP U 78 57.79 53.68 36.85
N PHE U 79 56.70 53.57 36.09
CA PHE U 79 56.68 52.85 34.83
C PHE U 79 56.58 53.77 33.62
N LEU U 80 55.93 54.91 33.78
CA LEU U 80 55.70 55.86 32.70
C LEU U 80 56.46 57.15 32.97
N PRO U 81 57.51 57.49 32.22
CA PRO U 81 58.25 58.69 32.54
C PRO U 81 57.51 59.94 32.10
N PRO U 82 57.99 61.12 32.47
CA PRO U 82 57.42 62.34 31.94
C PRO U 82 57.80 62.54 30.49
N GLY U 83 56.88 63.16 29.76
CA GLY U 83 57.11 63.39 28.35
C GLY U 83 57.93 64.62 28.07
N GLY U 84 57.56 65.35 27.03
CA GLY U 84 58.25 66.55 26.66
C GLY U 84 57.40 67.48 25.85
N GLY U 85 57.40 68.76 26.23
CA GLY U 85 56.64 69.76 25.51
C GLY U 85 55.21 69.84 25.98
N SER U 86 54.30 70.03 25.02
CA SER U 86 52.88 70.15 25.34
C SER U 86 52.28 68.83 25.81
N ASN U 87 52.95 67.72 25.58
CA ASN U 87 52.51 66.42 26.06
C ASN U 87 53.19 66.13 27.39
N PRO U 88 52.48 66.17 28.53
CA PRO U 88 53.17 66.03 29.80
C PRO U 88 53.72 64.63 30.07
N ARG U 89 53.17 63.61 29.41
CA ARG U 89 53.59 62.24 29.59
C ARG U 89 54.04 61.64 28.27
N SER U 90 54.76 60.54 28.37
CA SER U 90 55.38 59.93 27.20
C SER U 90 54.40 59.08 26.40
N VAL U 91 53.35 58.60 27.04
CA VAL U 91 52.26 57.89 26.37
C VAL U 91 51.10 58.87 26.23
N PRO U 92 50.76 59.34 25.02
CA PRO U 92 49.80 60.44 24.91
C PRO U 92 48.35 60.02 25.06
N PHE U 93 47.95 59.81 26.31
CA PHE U 93 46.58 59.47 26.65
C PHE U 93 46.19 60.22 27.91
N GLU U 94 44.88 60.33 28.11
CA GLU U 94 44.31 61.08 29.23
C GLU U 94 44.01 60.19 30.43
N TYR U 95 43.32 59.09 30.22
CA TYR U 95 42.83 58.23 31.28
C TYR U 95 43.56 56.90 31.24
N TYR U 96 43.49 56.19 32.37
CA TYR U 96 44.09 54.88 32.48
C TYR U 96 43.36 54.09 33.56
N ARG U 97 43.57 52.78 33.52
CA ARG U 97 43.15 51.90 34.58
C ARG U 97 43.97 50.64 34.50
N ILE U 98 44.55 50.25 35.63
CA ILE U 98 45.45 49.11 35.67
C ILE U 98 44.61 47.84 35.76
N ARG U 99 44.81 46.95 34.79
CA ARG U 99 44.06 45.71 34.69
C ARG U 99 44.67 44.59 35.51
N LYS U 100 45.98 44.40 35.39
CA LYS U 100 46.68 43.32 36.05
C LYS U 100 48.09 43.78 36.36
N VAL U 101 48.72 43.08 37.31
CA VAL U 101 50.13 43.24 37.61
C VAL U 101 50.72 41.86 37.77
N LYS U 102 51.95 41.70 37.30
CA LYS U 102 52.74 40.48 37.42
C LYS U 102 54.02 40.84 38.16
N VAL U 103 54.11 40.41 39.40
CA VAL U 103 55.31 40.55 40.19
C VAL U 103 56.10 39.26 40.09
N GLU U 104 57.35 39.37 39.67
CA GLU U 104 58.23 38.23 39.46
C GLU U 104 59.44 38.41 40.37
N PHE U 105 59.62 37.48 41.29
CA PHE U 105 60.83 37.42 42.12
C PHE U 105 61.82 36.52 41.40
N TRP U 106 62.75 37.15 40.70
CA TRP U 106 63.81 36.42 40.04
C TRP U 106 64.97 36.27 41.00
N PRO U 107 65.38 35.05 41.36
CA PRO U 107 66.43 34.91 42.35
C PRO U 107 67.79 35.34 41.84
N CYS U 108 68.63 35.69 42.79
CA CYS U 108 70.01 36.05 42.55
C CYS U 108 70.99 35.06 43.17
N SER U 109 70.50 34.02 43.80
CA SER U 109 71.28 33.13 44.62
C SER U 109 71.49 31.80 43.90
N PRO U 110 72.61 31.13 44.14
CA PRO U 110 72.86 29.87 43.45
C PRO U 110 71.98 28.75 43.96
N ILE U 111 71.86 27.71 43.13
CA ILE U 111 71.08 26.54 43.52
C ILE U 111 71.78 25.67 44.56
N THR U 112 73.03 25.98 44.88
CA THR U 112 73.77 25.28 45.93
C THR U 112 73.63 25.92 47.30
N GLN U 113 72.88 27.01 47.42
CA GLN U 113 72.79 27.70 48.69
C GLN U 113 71.90 26.93 49.64
N GLY U 114 72.37 26.79 50.87
CA GLY U 114 71.66 26.07 51.89
C GLY U 114 70.88 26.99 52.81
N ASP U 115 70.48 26.42 53.95
CA ASP U 115 69.64 27.12 54.91
C ASP U 115 68.36 27.60 54.25
N ARG U 116 67.77 26.74 53.43
CA ARG U 116 66.58 27.08 52.70
C ARG U 116 65.42 27.32 53.66
N GLY U 117 64.37 27.90 53.11
CA GLY U 117 63.24 28.34 53.89
C GLY U 117 61.95 28.31 53.13
N VAL U 118 60.89 28.80 53.76
CA VAL U 118 59.56 28.79 53.17
C VAL U 118 58.81 30.02 53.67
N GLY U 119 58.25 30.77 52.73
CA GLY U 119 57.56 32.01 53.01
C GLY U 119 56.20 32.08 52.39
N SER U 120 55.66 33.29 52.29
CA SER U 120 54.30 33.48 51.82
C SER U 120 54.16 34.86 51.22
N SER U 121 53.40 34.93 50.12
CA SER U 121 53.04 36.18 49.48
C SER U 121 51.52 36.26 49.40
N ALA U 122 50.97 37.38 49.84
CA ALA U 122 49.54 37.58 49.88
C ALA U 122 49.19 38.90 49.21
N VAL U 123 47.92 39.01 48.83
CA VAL U 123 47.39 40.14 48.09
C VAL U 123 46.60 41.02 49.04
N ILE U 124 47.03 42.28 49.16
CA ILE U 124 46.52 43.21 50.17
C ILE U 124 46.07 44.46 49.45
N LEU U 125 44.76 44.57 49.22
CA LEU U 125 44.20 45.59 48.34
C LEU U 125 43.72 46.84 49.08
N ASP U 126 44.31 47.18 50.24
CA ASP U 126 43.75 48.24 51.07
C ASP U 126 44.75 49.14 51.78
N ASP U 127 46.04 48.98 51.57
CA ASP U 127 47.05 49.89 52.11
C ASP U 127 47.16 49.79 53.63
N ASN U 128 46.83 48.63 54.19
CA ASN U 128 47.09 48.33 55.60
C ASN U 128 47.76 46.97 55.60
N PHE U 129 49.07 47.01 55.55
CA PHE U 129 49.91 45.83 55.56
C PHE U 129 50.29 45.46 56.99
N VAL U 130 50.73 44.22 57.16
CA VAL U 130 51.41 43.87 58.39
C VAL U 130 52.65 44.72 58.51
N THR U 131 52.94 45.15 59.74
CA THR U 131 54.03 46.07 59.97
C THR U 131 55.35 45.44 59.50
N LYS U 132 56.20 46.28 58.92
CA LYS U 132 57.48 45.82 58.46
C LYS U 132 58.32 45.34 59.63
N ALA U 133 58.86 44.14 59.50
CA ALA U 133 59.61 43.49 60.56
C ALA U 133 60.85 42.84 59.97
N THR U 134 61.90 42.79 60.78
CA THR U 134 63.15 42.17 60.40
C THR U 134 63.17 40.68 60.73
N ALA U 135 62.82 40.33 61.96
CA ALA U 135 62.78 38.94 62.41
C ALA U 135 61.54 38.76 63.27
N LEU U 136 60.43 38.42 62.63
CA LEU U 136 59.19 38.12 63.32
C LEU U 136 59.06 36.61 63.52
N THR U 137 58.51 36.24 64.67
CA THR U 137 58.49 34.84 65.11
C THR U 137 57.47 33.98 64.39
N TYR U 138 56.81 34.49 63.35
CA TYR U 138 55.80 33.72 62.64
C TYR U 138 55.61 34.35 61.28
N ASP U 139 54.94 33.60 60.41
CA ASP U 139 54.58 34.06 59.07
C ASP U 139 53.18 34.63 59.12
N PRO U 140 52.99 35.96 59.06
CA PRO U 140 51.64 36.49 59.20
C PRO U 140 50.76 36.19 58.01
N TYR U 141 51.33 36.10 56.81
CA TYR U 141 50.58 35.94 55.59
C TYR U 141 50.31 34.48 55.26
N VAL U 142 50.46 33.58 56.23
CA VAL U 142 50.38 32.16 55.94
C VAL U 142 48.94 31.69 55.84
N ASN U 143 48.07 32.20 56.71
CA ASN U 143 46.68 31.79 56.74
C ASN U 143 45.80 32.64 55.85
N TYR U 144 46.38 33.57 55.09
CA TYR U 144 45.61 34.37 54.16
C TYR U 144 45.09 33.53 53.02
N SER U 145 43.87 33.85 52.59
CA SER U 145 43.25 33.14 51.49
C SER U 145 43.99 33.31 50.18
N SER U 146 44.77 34.38 50.04
CA SER U 146 45.56 34.64 48.85
C SER U 146 47.02 34.30 49.02
N ARG U 147 47.33 33.41 49.95
CA ARG U 147 48.72 33.04 50.19
C ARG U 147 49.19 32.06 49.14
N HIS U 148 50.36 32.35 48.58
CA HIS U 148 51.12 31.42 47.78
C HIS U 148 52.44 31.20 48.49
N THR U 149 52.88 29.95 48.51
CA THR U 149 54.15 29.62 49.16
C THR U 149 55.32 30.12 48.35
N ILE U 150 56.28 30.71 49.06
CA ILE U 150 57.55 31.14 48.49
C ILE U 150 58.58 30.12 48.95
N THR U 151 59.05 29.31 48.01
CA THR U 151 60.26 28.54 48.24
C THR U 151 61.46 29.45 48.09
N GLN U 152 62.41 29.32 49.01
CA GLN U 152 63.58 30.17 49.09
C GLN U 152 64.83 29.31 49.05
N PRO U 153 65.97 29.87 48.65
CA PRO U 153 66.27 31.20 48.11
C PRO U 153 66.38 31.26 46.59
N PHE U 154 66.50 30.10 45.96
CA PHE U 154 66.87 30.01 44.55
C PHE U 154 65.70 29.65 43.66
N SER U 155 64.50 30.01 44.05
CA SER U 155 63.30 29.61 43.34
C SER U 155 62.51 30.83 42.91
N TYR U 156 61.90 30.71 41.74
CA TYR U 156 61.12 31.77 41.13
C TYR U 156 59.71 31.78 41.69
N HIS U 157 59.19 32.99 41.92
CA HIS U 157 57.87 33.21 42.47
C HIS U 157 57.19 34.29 41.66
N SER U 158 56.03 33.97 41.11
CA SER U 158 55.21 34.91 40.36
C SER U 158 53.86 35.08 41.05
N ARG U 159 53.31 36.27 40.92
CA ARG U 159 51.96 36.58 41.40
C ARG U 159 51.30 37.46 40.35
N TYR U 160 50.13 37.04 39.90
CA TYR U 160 49.38 37.72 38.84
C TYR U 160 48.00 38.03 39.38
N PHE U 161 47.69 39.31 39.50
CA PHE U 161 46.48 39.74 40.17
C PHE U 161 46.08 41.11 39.65
N THR U 162 44.92 41.56 40.11
CA THR U 162 44.36 42.85 39.74
C THR U 162 44.45 43.81 40.91
N PRO U 163 45.28 44.85 40.86
CA PRO U 163 45.38 45.74 42.00
C PRO U 163 44.20 46.68 42.11
N LYS U 164 44.20 47.50 43.15
CA LYS U 164 43.15 48.46 43.40
C LYS U 164 43.78 49.79 43.80
N PRO U 165 43.20 50.91 43.40
CA PRO U 165 43.78 52.20 43.79
C PRO U 165 43.35 52.65 45.17
N VAL U 166 44.17 53.52 45.73
CA VAL U 166 43.95 54.07 47.07
C VAL U 166 43.18 55.37 46.87
N LEU U 167 41.86 55.25 46.86
CA LEU U 167 40.99 56.39 46.69
C LEU U 167 40.78 57.13 48.01
N ASP U 168 40.55 56.39 49.09
CA ASP U 168 40.43 56.98 50.42
C ASP U 168 41.13 56.04 51.39
N SER U 169 42.28 56.46 51.90
CA SER U 169 43.03 55.66 52.84
C SER U 169 42.37 55.60 54.21
N THR U 170 41.45 56.51 54.51
CA THR U 170 40.75 56.50 55.79
C THR U 170 39.70 55.38 55.85
N ILE U 171 38.99 55.17 54.74
CA ILE U 171 37.90 54.20 54.68
C ILE U 171 38.39 52.93 54.01
N ASP U 172 39.29 53.09 53.04
CA ASP U 172 39.91 51.98 52.34
C ASP U 172 38.86 51.09 51.67
N TYR U 173 38.18 51.68 50.69
CA TYR U 173 37.17 50.99 49.89
C TYR U 173 37.72 50.70 48.50
N PHE U 174 37.29 49.58 47.94
CA PHE U 174 37.72 49.18 46.61
C PHE U 174 36.61 48.39 45.94
N GLN U 175 36.74 48.26 44.69
CA GLN U 175 35.78 47.60 43.83
C GLN U 175 36.12 46.14 43.65
N PRO U 176 35.14 45.26 43.45
CA PRO U 176 35.45 43.91 43.02
C PRO U 176 35.88 43.86 41.57
N ASN U 177 36.32 42.69 41.13
CA ASN U 177 36.86 42.54 39.80
C ASN U 177 35.74 42.56 38.78
N ASN U 178 35.76 43.56 37.91
CA ASN U 178 34.80 43.68 36.83
C ASN U 178 35.46 44.49 35.75
N LYS U 179 35.73 43.87 34.60
CA LYS U 179 36.42 44.58 33.55
C LYS U 179 35.57 45.71 32.98
N ARG U 180 34.25 45.57 33.01
CA ARG U 180 33.38 46.54 32.39
C ARG U 180 33.10 47.73 33.29
N ASN U 181 33.19 47.56 34.60
CA ASN U 181 32.84 48.58 35.57
C ASN U 181 34.05 49.19 36.27
N GLN U 182 35.26 48.79 35.90
CA GLN U 182 36.45 49.32 36.56
C GLN U 182 36.60 50.80 36.27
N LEU U 183 36.91 51.55 37.32
CA LEU U 183 37.03 52.99 37.23
C LEU U 183 38.19 53.38 36.34
N TRP U 184 38.00 54.47 35.61
CA TRP U 184 39.07 55.13 34.88
C TRP U 184 39.63 56.24 35.75
N LEU U 185 40.92 56.21 35.97
CA LEU U 185 41.63 57.29 36.62
C LEU U 185 42.25 58.19 35.57
N ARG U 186 42.67 59.36 36.01
CA ARG U 186 43.38 60.29 35.16
C ARG U 186 44.88 60.06 35.28
N LEU U 187 45.54 60.11 34.13
CA LEU U 187 46.99 60.07 34.06
C LEU U 187 47.52 61.46 34.37
N GLN U 188 47.80 61.68 35.65
CA GLN U 188 48.29 62.96 36.11
C GLN U 188 49.70 63.20 35.58
N THR U 189 50.20 64.41 35.83
CA THR U 189 51.52 64.79 35.37
C THR U 189 52.61 64.27 36.30
N ALA U 190 52.50 64.57 37.61
CA ALA U 190 53.48 64.09 38.58
C ALA U 190 52.87 63.68 39.91
N GLY U 191 51.60 63.29 39.94
CA GLY U 191 50.91 63.04 41.19
C GLY U 191 49.95 61.87 41.18
N ASN U 192 50.27 60.84 40.41
CA ASN U 192 49.38 59.71 40.28
C ASN U 192 49.24 58.97 41.60
N VAL U 193 48.14 58.24 41.71
CA VAL U 193 47.75 57.58 42.95
C VAL U 193 48.37 56.20 43.02
N ASP U 194 48.70 55.78 44.23
CA ASP U 194 49.38 54.52 44.44
C ASP U 194 48.39 53.37 44.39
N HIS U 195 48.70 52.38 43.58
CA HIS U 195 48.00 51.11 43.60
C HIS U 195 48.70 50.15 44.54
N VAL U 196 47.94 49.18 45.02
CA VAL U 196 48.35 48.36 46.15
C VAL U 196 47.88 46.93 45.89
N GLY U 197 48.45 45.98 46.63
CA GLY U 197 48.13 44.61 46.37
C GLY U 197 49.15 43.51 46.58
N LEU U 198 50.28 43.76 47.21
CA LEU U 198 51.15 42.63 47.56
C LEU U 198 51.92 42.86 48.84
N GLY U 199 51.91 41.85 49.69
CA GLY U 199 52.75 41.80 50.86
C GLY U 199 53.39 40.44 50.98
N THR U 200 54.60 40.43 51.52
CA THR U 200 55.47 39.26 51.51
C THR U 200 55.97 38.96 52.92
N ALA U 201 56.42 37.72 53.08
CA ALA U 201 57.09 37.28 54.29
C ALA U 201 58.14 36.26 53.90
N PHE U 202 59.40 36.64 54.06
CA PHE U 202 60.53 35.80 53.71
C PHE U 202 61.19 35.27 54.97
N GLU U 203 61.51 33.99 54.97
CA GLU U 203 62.20 33.37 56.10
C GLU U 203 63.67 33.72 56.05
N ASN U 204 64.19 34.22 57.16
CA ASN U 204 65.55 34.67 57.23
C ASN U 204 66.51 33.48 57.19
N SER U 205 67.79 33.80 56.98
CA SER U 205 68.80 32.78 56.76
C SER U 205 70.15 33.31 57.22
N ILE U 206 71.11 32.40 57.31
CA ILE U 206 72.48 32.78 57.65
C ILE U 206 73.12 33.55 56.52
N TYR U 207 72.70 33.28 55.29
CA TYR U 207 73.23 33.93 54.10
C TYR U 207 72.26 34.98 53.61
N ASP U 208 72.79 35.96 52.88
CA ASP U 208 71.96 36.99 52.30
C ASP U 208 71.19 36.44 51.11
N GLN U 209 69.90 36.75 51.06
CA GLN U 209 69.02 36.33 49.98
C GLN U 209 68.64 37.56 49.15
N GLU U 210 69.18 37.64 47.94
CA GLU U 210 68.92 38.74 47.04
C GLU U 210 67.94 38.32 45.95
N TYR U 211 67.18 39.29 45.46
CA TYR U 211 66.20 39.09 44.42
C TYR U 211 66.20 40.30 43.50
N ASN U 212 65.93 40.04 42.23
CA ASN U 212 65.66 41.07 41.23
C ASN U 212 64.19 41.00 40.90
N ILE U 213 63.43 42.00 41.33
CA ILE U 213 61.98 41.98 41.22
C ILE U 213 61.58 42.76 39.98
N ARG U 214 60.85 42.11 39.10
CA ARG U 214 60.36 42.70 37.86
C ARG U 214 58.85 42.78 37.94
N VAL U 215 58.34 44.00 38.02
CA VAL U 215 56.91 44.27 38.03
C VAL U 215 56.49 44.66 36.63
N THR U 216 55.43 44.02 36.15
CA THR U 216 54.86 44.30 34.85
C THR U 216 53.40 44.66 35.06
N MET U 217 53.03 45.87 34.65
CA MET U 217 51.66 46.35 34.73
C MET U 217 51.00 46.32 33.36
N TYR U 218 49.85 45.69 33.29
CA TYR U 218 49.04 45.63 32.09
C TYR U 218 47.96 46.68 32.19
N VAL U 219 48.11 47.76 31.43
CA VAL U 219 47.30 48.95 31.57
C VAL U 219 46.42 49.10 30.35
N GLN U 220 45.45 50.00 30.47
CA GLN U 220 44.48 50.28 29.42
C GLN U 220 44.23 51.78 29.46
N PHE U 221 44.61 52.46 28.39
CA PHE U 221 44.47 53.89 28.27
C PHE U 221 43.26 54.26 27.44
N ARG U 222 42.95 55.56 27.41
CA ARG U 222 41.77 56.05 26.74
C ARG U 222 42.00 57.51 26.35
N GLU U 223 41.37 57.92 25.25
CA GLU U 223 41.35 59.30 24.79
C GLU U 223 42.74 59.83 24.48
N PHE U 224 43.28 59.29 23.39
CA PHE U 224 44.46 59.82 22.71
C PHE U 224 44.38 61.33 22.61
N ASN U 225 45.38 62.02 23.16
CA ASN U 225 45.32 63.46 23.35
C ASN U 225 46.62 64.13 22.92
N LEU U 226 47.18 63.68 21.80
CA LEU U 226 48.41 64.27 21.32
C LEU U 226 48.19 65.72 20.92
N LYS U 227 49.19 66.55 21.21
CA LYS U 227 49.18 67.96 20.87
C LYS U 227 50.34 68.26 19.94
N ASP U 228 50.03 68.89 18.81
CA ASP U 228 50.98 69.12 17.73
C ASP U 228 51.06 70.61 17.43
N PRO U 229 51.86 71.35 18.18
CA PRO U 229 52.10 72.74 17.84
C PRO U 229 53.01 72.86 16.63
N PRO U 230 53.09 74.04 16.02
CA PRO U 230 54.06 74.22 14.94
C PRO U 230 55.49 74.22 15.42
N LEU U 231 56.44 74.41 14.50
CA LEU U 231 57.86 74.39 14.82
C LEU U 231 58.62 75.45 14.04
N GLY V 43 25.65 25.79 61.77
CA GLY V 43 26.44 26.84 61.14
C GLY V 43 27.84 26.39 60.80
N ILE V 44 27.97 25.71 59.68
CA ILE V 44 29.22 25.09 59.30
C ILE V 44 30.17 26.11 58.72
N PHE V 45 31.46 25.94 59.01
CA PHE V 45 32.51 26.77 58.44
C PHE V 45 33.75 25.90 58.30
N ASN V 46 34.03 25.46 57.10
CA ASN V 46 35.25 24.74 56.81
C ASN V 46 36.36 25.73 56.52
N THR V 47 37.48 25.58 57.22
CA THR V 47 38.63 26.44 57.01
C THR V 47 39.91 25.61 57.12
N ARG V 48 41.03 26.31 57.22
CA ARG V 48 42.36 25.72 57.16
C ARG V 48 43.26 26.47 58.12
N LEU V 49 43.91 25.73 59.01
CA LEU V 49 44.79 26.28 60.02
C LEU V 49 46.15 25.61 59.90
N SER V 50 47.19 26.41 60.02
CA SER V 50 48.56 25.96 59.81
C SER V 50 49.44 26.34 61.01
N ARG V 51 50.63 25.77 60.99
CA ARG V 51 51.59 25.86 62.08
C ARG V 51 52.89 25.29 61.56
N THR V 52 54.01 25.90 61.95
CA THR V 52 55.33 25.55 61.45
C THR V 52 56.30 25.41 62.60
N PHE V 53 57.14 24.38 62.54
CA PHE V 53 58.11 24.12 63.59
C PHE V 53 59.23 23.26 63.00
N GLY V 54 60.29 23.12 63.77
CA GLY V 54 61.48 22.42 63.33
C GLY V 54 61.67 21.04 63.89
N TYR V 55 62.45 20.23 63.17
CA TYR V 55 62.83 18.89 63.59
C TYR V 55 64.20 18.60 63.01
N THR V 56 65.11 18.11 63.85
CA THR V 56 66.47 17.82 63.45
C THR V 56 66.82 16.39 63.85
N ILE V 57 67.51 15.71 62.94
CA ILE V 57 68.09 14.40 63.18
C ILE V 57 69.59 14.62 63.31
N LYS V 58 70.08 14.55 64.55
CA LYS V 58 71.48 14.82 64.82
C LYS V 58 72.37 13.75 64.20
N ARG V 59 73.62 14.12 64.00
CA ARG V 59 74.61 13.23 63.40
C ARG V 59 75.00 12.11 64.34
N THR V 60 75.55 11.05 63.76
CA THR V 60 76.04 9.90 64.52
C THR V 60 77.30 9.36 63.87
N THR V 61 78.28 9.00 64.71
CA THR V 61 79.49 8.33 64.25
C THR V 61 79.27 6.85 63.96
N VAL V 62 78.07 6.32 64.26
CA VAL V 62 77.79 4.92 63.99
C VAL V 62 77.93 4.63 62.51
N LYS V 63 78.56 3.50 62.19
CA LYS V 63 78.81 3.13 60.81
C LYS V 63 77.61 2.44 60.17
N THR V 64 76.90 1.64 60.93
CA THR V 64 75.81 0.86 60.41
C THR V 64 74.67 1.77 59.94
N PRO V 65 73.73 1.22 59.16
CA PRO V 65 72.50 1.96 58.90
C PRO V 65 71.56 1.83 60.08
N SER V 66 71.42 2.92 60.83
CA SER V 66 70.49 3.00 61.93
C SER V 66 69.46 4.08 61.64
N TRP V 67 68.30 3.95 62.28
CA TRP V 67 67.19 4.86 62.08
C TRP V 67 66.82 5.56 63.39
N ALA V 68 66.35 6.79 63.23
CA ALA V 68 65.89 7.62 64.34
C ALA V 68 64.37 7.68 64.30
N VAL V 69 63.76 7.25 65.38
CA VAL V 69 62.31 7.13 65.46
C VAL V 69 61.77 8.26 66.31
N ASP V 70 60.63 8.79 65.90
CA ASP V 70 59.96 9.84 66.64
C ASP V 70 58.49 9.81 66.29
N MET V 71 57.71 10.54 67.08
CA MET V 71 56.26 10.57 66.98
C MET V 71 55.80 11.99 66.69
N MET V 72 54.51 12.09 66.34
CA MET V 72 53.91 13.37 65.98
C MET V 72 52.43 13.33 66.29
N ARG V 73 52.01 14.15 67.25
CA ARG V 73 50.61 14.34 67.59
C ARG V 73 50.15 15.71 67.10
N PHE V 74 48.83 15.91 67.11
CA PHE V 74 48.22 17.13 66.64
C PHE V 74 47.16 17.58 67.63
N ASN V 75 47.28 18.81 68.13
CA ASN V 75 46.30 19.42 69.00
C ASN V 75 45.90 20.77 68.43
N ILE V 76 44.65 21.15 68.68
CA ILE V 76 44.11 22.39 68.12
C ILE V 76 44.52 23.61 68.90
N ASN V 77 45.04 23.46 70.11
CA ASN V 77 45.53 24.61 70.85
C ASN V 77 46.75 25.22 70.17
N ASP V 78 47.54 24.42 69.49
CA ASP V 78 48.73 24.89 68.80
C ASP V 78 48.40 25.60 67.50
N PHE V 79 47.18 25.48 66.99
CA PHE V 79 46.74 26.14 65.77
C PHE V 79 45.78 27.27 66.02
N LEU V 80 44.97 27.17 67.07
CA LEU V 80 43.94 28.16 67.40
C LEU V 80 44.29 28.85 68.71
N PRO V 81 44.65 30.13 68.73
CA PRO V 81 45.03 30.74 69.98
C PRO V 81 43.82 31.05 70.83
N PRO V 82 44.04 31.47 72.08
CA PRO V 82 42.91 31.93 72.89
C PRO V 82 42.43 33.29 72.41
N GLY V 83 41.13 33.50 72.57
CA GLY V 83 40.52 34.74 72.14
C GLY V 83 40.66 35.85 73.15
N GLY V 84 39.61 36.64 73.29
CA GLY V 84 39.61 37.74 74.23
C GLY V 84 38.22 38.15 74.64
N GLY V 85 38.02 38.31 75.94
CA GLY V 85 36.73 38.72 76.46
C GLY V 85 35.78 37.57 76.66
N SER V 86 34.51 37.79 76.33
CA SER V 86 33.50 36.77 76.50
C SER V 86 33.65 35.62 75.52
N ASN V 87 34.43 35.81 74.45
CA ASN V 87 34.72 34.74 73.51
C ASN V 87 36.03 34.08 73.91
N PRO V 88 36.02 32.83 74.41
CA PRO V 88 37.27 32.26 74.92
C PRO V 88 38.27 31.92 73.84
N ARG V 89 37.82 31.72 72.60
CA ARG V 89 38.69 31.35 71.50
C ARG V 89 38.56 32.39 70.38
N SER V 90 39.55 32.37 69.49
CA SER V 90 39.64 33.38 68.45
C SER V 90 38.72 33.10 67.28
N VAL V 91 38.35 31.85 67.08
CA VAL V 91 37.35 31.44 66.08
C VAL V 91 36.04 31.20 66.82
N PRO V 92 35.02 32.05 66.65
CA PRO V 92 33.85 31.93 67.53
C PRO V 92 32.88 30.82 67.13
N PHE V 93 33.25 29.60 67.50
CA PHE V 93 32.42 28.43 67.28
C PHE V 93 32.51 27.54 68.50
N GLU V 94 31.52 26.65 68.62
CA GLU V 94 31.39 25.75 69.76
C GLU V 94 32.03 24.40 69.52
N TYR V 95 31.72 23.77 68.40
CA TYR V 95 32.13 22.41 68.10
C TYR V 95 33.11 22.41 66.95
N TYR V 96 33.84 21.30 66.84
CA TYR V 96 34.80 21.13 65.76
C TYR V 96 34.99 19.65 65.51
N ARG V 97 35.56 19.35 64.36
CA ARG V 97 36.02 18.01 64.04
C ARG V 97 37.05 18.13 62.93
N ILE V 98 38.20 17.51 63.14
CA ILE V 98 39.30 17.61 62.20
C ILE V 98 39.06 16.63 61.07
N ARG V 99 39.03 17.14 59.85
CA ARG V 99 38.75 16.36 58.66
C ARG V 99 40.01 15.73 58.09
N LYS V 100 41.06 16.52 57.93
CA LYS V 100 42.30 16.08 57.33
C LYS V 100 43.45 16.84 57.95
N VAL V 101 44.65 16.29 57.81
CA VAL V 101 45.90 16.95 58.17
C VAL V 101 46.88 16.71 57.05
N LYS V 102 47.68 17.73 56.76
CA LYS V 102 48.76 17.69 55.79
C LYS V 102 50.04 18.02 56.52
N VAL V 103 50.88 17.02 56.71
CA VAL V 103 52.21 17.21 57.27
C VAL V 103 53.19 17.30 56.12
N GLU V 104 53.95 18.38 56.10
CA GLU V 104 54.93 18.67 55.05
C GLU V 104 56.29 18.78 55.70
N PHE V 105 57.19 17.89 55.30
CA PHE V 105 58.60 17.97 55.70
C PHE V 105 59.32 18.77 54.64
N TRP V 106 59.52 20.05 54.92
CA TRP V 106 60.27 20.92 54.03
C TRP V 106 61.74 20.85 54.40
N PRO V 107 62.63 20.40 53.51
CA PRO V 107 64.02 20.25 53.91
C PRO V 107 64.71 21.57 54.12
N CYS V 108 65.76 21.49 54.93
CA CYS V 108 66.64 22.61 55.22
C CYS V 108 68.05 22.39 54.68
N SER V 109 68.30 21.29 54.01
CA SER V 109 69.62 20.85 53.65
C SER V 109 69.84 21.04 52.15
N PRO V 110 71.08 21.29 51.73
CA PRO V 110 71.33 21.53 50.31
C PRO V 110 71.23 20.24 49.51
N ILE V 111 71.04 20.42 48.20
CA ILE V 111 70.97 19.27 47.31
C ILE V 111 72.33 18.64 47.05
N THR V 112 73.41 19.23 47.54
CA THR V 112 74.74 18.67 47.43
C THR V 112 75.12 17.81 48.63
N GLN V 113 74.24 17.64 49.60
CA GLN V 113 74.59 16.91 50.81
C GLN V 113 74.59 15.43 50.51
N GLY V 114 75.63 14.74 50.97
CA GLY V 114 75.80 13.33 50.77
C GLY V 114 75.35 12.52 51.96
N ASP V 115 75.77 11.26 51.97
CA ASP V 115 75.36 10.29 52.98
C ASP V 115 73.84 10.19 53.03
N ARG V 116 73.24 10.15 51.85
CA ARG V 116 71.80 10.08 51.74
C ARG V 116 71.27 8.79 52.34
N GLY V 117 69.96 8.77 52.54
CA GLY V 117 69.32 7.67 53.22
C GLY V 117 67.89 7.46 52.77
N VAL V 118 67.21 6.55 53.45
CA VAL V 118 65.84 6.19 53.08
C VAL V 118 65.10 5.80 54.36
N GLY V 119 63.94 6.42 54.56
CA GLY V 119 63.15 6.23 55.74
C GLY V 119 61.70 5.91 55.43
N SER V 120 60.85 6.08 56.43
CA SER V 120 59.46 5.68 56.31
C SER V 120 58.60 6.51 57.25
N SER V 121 57.43 6.89 56.77
CA SER V 121 56.41 7.57 57.55
C SER V 121 55.13 6.77 57.49
N ALA V 122 54.56 6.49 58.66
CA ALA V 122 53.35 5.70 58.78
C ALA V 122 52.32 6.44 59.62
N VAL V 123 51.08 5.99 59.47
CA VAL V 123 49.92 6.62 60.10
C VAL V 123 49.49 5.75 61.27
N ILE V 124 49.50 6.34 62.47
CA ILE V 124 49.31 5.63 63.72
C ILE V 124 48.18 6.32 64.47
N LEU V 125 46.99 5.75 64.39
CA LEU V 125 45.78 6.41 64.86
C LEU V 125 45.37 6.03 66.27
N ASP V 126 46.31 5.64 67.14
CA ASP V 126 45.95 5.06 68.43
C ASP V 126 46.83 5.43 69.61
N ASP V 127 47.82 6.30 69.44
CA ASP V 127 48.61 6.81 70.56
C ASP V 127 49.50 5.74 71.18
N ASN V 128 49.88 4.74 70.39
CA ASN V 128 50.89 3.76 70.79
C ASN V 128 51.85 3.67 69.63
N PHE V 129 52.88 4.51 69.71
CA PHE V 129 53.93 4.59 68.73
C PHE V 129 55.06 3.64 69.08
N VAL V 130 55.89 3.36 68.08
CA VAL V 130 57.17 2.72 68.37
C VAL V 130 57.97 3.67 69.26
N THR V 131 58.68 3.09 70.22
CA THR V 131 59.40 3.88 71.20
C THR V 131 60.41 4.78 70.51
N LYS V 132 60.54 5.99 71.03
CA LYS V 132 61.49 6.94 70.48
C LYS V 132 62.90 6.41 70.64
N ALA V 133 63.65 6.41 69.55
CA ALA V 133 64.99 5.86 69.50
C ALA V 133 65.90 6.80 68.73
N THR V 134 67.16 6.80 69.12
CA THR V 134 68.18 7.61 68.46
C THR V 134 68.82 6.86 67.30
N ALA V 135 69.27 5.63 67.54
CA ALA V 135 69.90 4.81 66.51
C ALA V 135 69.39 3.39 66.67
N LEU V 136 68.28 3.09 66.02
CA LEU V 136 67.71 1.75 66.00
C LEU V 136 68.20 1.00 64.75
N THR V 137 68.45 -0.28 64.91
CA THR V 137 69.09 -1.09 63.88
C THR V 137 68.18 -1.47 62.73
N TYR V 138 66.97 -0.93 62.66
CA TYR V 138 66.04 -1.26 61.59
C TYR V 138 65.00 -0.16 61.51
N ASP V 139 64.25 -0.18 60.41
CA ASP V 139 63.15 0.74 60.18
C ASP V 139 61.86 0.08 60.64
N PRO V 140 61.27 0.46 61.76
CA PRO V 140 60.08 -0.25 62.22
C PRO V 140 58.87 0.00 61.36
N TYR V 141 58.75 1.18 60.77
CA TYR V 141 57.58 1.57 60.01
C TYR V 141 57.66 1.15 58.55
N VAL V 142 58.55 0.23 58.20
CA VAL V 142 58.79 -0.09 56.81
C VAL V 142 57.72 -1.03 56.27
N ASN V 143 57.30 -2.01 57.07
CA ASN V 143 56.32 -2.98 56.64
C ASN V 143 54.90 -2.56 56.94
N TYR V 144 54.70 -1.35 57.43
CA TYR V 144 53.36 -0.86 57.68
C TYR V 144 52.62 -0.61 56.38
N SER V 145 51.32 -0.91 56.40
CA SER V 145 50.49 -0.71 55.22
C SER V 145 50.38 0.74 54.82
N SER V 146 50.61 1.68 55.74
CA SER V 146 50.55 3.10 55.47
C SER V 146 51.93 3.72 55.33
N ARG V 147 52.93 2.92 54.98
CA ARG V 147 54.28 3.43 54.85
C ARG V 147 54.44 4.14 53.52
N HIS V 148 55.00 5.34 53.59
CA HIS V 148 55.50 6.06 52.43
C HIS V 148 57.00 6.23 52.65
N THR V 149 57.76 6.06 51.59
CA THR V 149 59.20 6.21 51.65
C THR V 149 59.59 7.67 51.79
N ILE V 150 60.53 7.92 52.70
CA ILE V 150 61.13 9.23 52.88
C ILE V 150 62.51 9.15 52.26
N THR V 151 62.68 9.84 51.14
CA THR V 151 64.01 10.12 50.62
C THR V 151 64.61 11.26 51.42
N GLN V 152 65.88 11.10 51.79
CA GLN V 152 66.60 12.02 52.65
C GLN V 152 67.85 12.49 51.95
N PRO V 153 68.40 13.65 52.33
CA PRO V 153 67.96 14.67 53.26
C PRO V 153 67.26 15.87 52.63
N PHE V 154 67.39 16.00 51.31
CA PHE V 154 67.02 17.23 50.61
C PHE V 154 65.74 17.06 49.81
N SER V 155 64.85 16.20 50.24
CA SER V 155 63.65 15.86 49.49
C SER V 155 62.42 16.14 50.33
N TYR V 156 61.37 16.58 49.65
CA TYR V 156 60.11 16.94 50.26
C TYR V 156 59.25 15.70 50.45
N HIS V 157 58.57 15.64 51.59
CA HIS V 157 57.71 14.53 51.96
C HIS V 157 56.42 15.09 52.51
N SER V 158 55.30 14.71 51.90
CA SER V 158 53.98 15.08 52.36
C SER V 158 53.19 13.84 52.73
N ARG V 159 52.30 14.02 53.71
CA ARG V 159 51.37 12.99 54.12
C ARG V 159 50.04 13.66 54.37
N TYR V 160 48.98 13.16 53.73
CA TYR V 160 47.64 13.72 53.80
C TYR V 160 46.69 12.62 54.24
N PHE V 161 46.11 12.79 55.41
CA PHE V 161 45.33 11.73 56.03
C PHE V 161 44.33 12.34 56.99
N THR V 162 43.48 11.49 57.54
CA THR V 162 42.43 11.86 58.47
C THR V 162 42.80 11.39 59.87
N PRO V 163 43.11 12.27 60.81
CA PRO V 163 43.48 11.80 62.13
C PRO V 163 42.29 11.35 62.95
N LYS V 164 42.55 10.88 64.15
CA LYS V 164 41.54 10.39 65.06
C LYS V 164 41.83 10.92 66.45
N PRO V 165 40.81 11.26 67.23
CA PRO V 165 41.06 11.75 68.58
C PRO V 165 41.27 10.64 69.59
N VAL V 166 41.95 11.02 70.67
CA VAL V 166 42.27 10.11 71.76
C VAL V 166 41.14 10.24 72.77
N LEU V 167 40.12 9.43 72.59
CA LEU V 167 38.97 9.42 73.47
C LEU V 167 39.23 8.59 74.72
N ASP V 168 39.82 7.41 74.56
CA ASP V 168 40.21 6.57 75.69
C ASP V 168 41.56 5.96 75.34
N SER V 169 42.61 6.41 76.02
CA SER V 169 43.94 5.88 75.78
C SER V 169 44.12 4.46 76.32
N THR V 170 43.23 4.01 77.21
CA THR V 170 43.32 2.66 77.74
C THR V 170 42.86 1.63 76.74
N ILE V 171 41.79 1.94 75.99
CA ILE V 171 41.19 1.02 75.05
C ILE V 171 41.64 1.36 73.64
N ASP V 172 41.83 2.65 73.37
CA ASP V 172 42.32 3.15 72.10
C ASP V 172 41.41 2.72 70.95
N TYR V 173 40.19 3.23 70.99
CA TYR V 173 39.20 2.99 69.95
C TYR V 173 39.04 4.22 69.08
N PHE V 174 38.76 3.99 67.80
CA PHE V 174 38.56 5.07 66.86
C PHE V 174 37.58 4.65 65.79
N GLN V 175 37.08 5.60 65.11
CA GLN V 175 36.09 5.44 64.08
C GLN V 175 36.74 5.26 62.71
N PRO V 176 36.12 4.53 61.80
CA PRO V 176 36.58 4.57 60.41
C PRO V 176 36.21 5.86 59.72
N ASN V 177 36.71 6.04 58.51
CA ASN V 177 36.52 7.29 57.80
C ASN V 177 35.10 7.38 57.28
N ASN V 178 34.37 8.36 57.77
CA ASN V 178 33.01 8.63 57.32
C ASN V 178 32.74 10.10 57.58
N LYS V 179 32.58 10.87 56.51
CA LYS V 179 32.38 12.29 56.71
C LYS V 179 31.06 12.60 57.39
N ARG V 180 30.06 11.75 57.20
CA ARG V 180 28.73 12.02 57.73
C ARG V 180 28.59 11.61 59.18
N ASN V 181 29.38 10.64 59.63
CA ASN V 181 29.26 10.09 60.97
C ASN V 181 30.40 10.49 61.89
N GLN V 182 31.31 11.34 61.44
CA GLN V 182 32.43 11.74 62.28
C GLN V 182 31.95 12.54 63.48
N LEU V 183 32.48 12.21 64.64
CA LEU V 183 32.08 12.85 65.87
C LEU V 183 32.45 14.32 65.87
N TRP V 184 31.59 15.11 66.50
CA TRP V 184 31.88 16.49 66.81
C TRP V 184 32.41 16.56 68.22
N LEU V 185 33.57 17.16 68.37
CA LEU V 185 34.15 17.48 69.66
C LEU V 185 33.83 18.92 70.02
N ARG V 186 34.02 19.25 71.28
CA ARG V 186 33.87 20.60 71.75
C ARG V 186 35.20 21.32 71.69
N LEU V 187 35.16 22.56 71.25
CA LEU V 187 36.30 23.45 71.25
C LEU V 187 36.44 24.01 72.66
N GLN V 188 37.24 23.33 73.46
CA GLN V 188 37.47 23.72 74.83
C GLN V 188 38.26 25.02 74.89
N THR V 189 38.40 25.54 76.10
CA THR V 189 39.12 26.79 76.30
C THR V 189 40.63 26.57 76.33
N ALA V 190 41.11 25.65 77.19
CA ALA V 190 42.53 25.37 77.27
C ALA V 190 42.85 23.89 77.49
N GLY V 191 41.96 22.99 77.08
CA GLY V 191 42.11 21.58 77.40
C GLY V 191 41.70 20.62 76.30
N ASN V 192 41.88 21.02 75.05
CA ASN V 192 41.46 20.20 73.94
C ASN V 192 42.24 18.89 73.88
N VAL V 193 41.64 17.91 73.22
CA VAL V 193 42.15 16.55 73.19
C VAL V 193 43.13 16.40 72.04
N ASP V 194 44.14 15.55 72.24
CA ASP V 194 45.18 15.37 71.26
C ASP V 194 44.71 14.44 70.16
N HIS V 195 44.87 14.87 68.93
CA HIS V 195 44.72 14.01 67.77
C HIS V 195 46.04 13.41 67.40
N VAL V 196 45.98 12.28 66.72
CA VAL V 196 47.14 11.42 66.53
C VAL V 196 47.08 10.84 65.13
N GLY V 197 48.21 10.30 64.66
CA GLY V 197 48.25 9.84 63.30
C GLY V 197 49.52 9.91 62.48
N LEU V 198 50.68 10.20 63.06
CA LEU V 198 51.91 10.07 62.27
C LEU V 198 53.11 9.67 63.11
N GLY V 199 53.83 8.69 62.60
CA GLY V 199 55.11 8.31 63.14
C GLY V 199 56.12 8.15 62.03
N THR V 200 57.37 8.46 62.35
CA THR V 200 58.43 8.57 61.35
C THR V 200 59.63 7.74 61.76
N ALA V 201 60.47 7.47 60.77
CA ALA V 201 61.75 6.82 60.98
C ALA V 201 62.72 7.38 59.95
N PHE V 202 63.69 8.14 60.43
CA PHE V 202 64.70 8.77 59.58
C PHE V 202 66.04 8.06 59.75
N GLU V 203 66.70 7.81 58.63
CA GLU V 203 68.00 7.18 58.64
C GLU V 203 69.05 8.20 59.01
N ASN V 204 69.87 7.86 60.00
CA ASN V 204 70.87 8.78 60.49
C ASN V 204 71.98 8.96 59.48
N SER V 205 72.81 9.97 59.73
CA SER V 205 73.84 10.39 58.80
C SER V 205 74.99 11.03 59.55
N ILE V 206 76.11 11.22 58.85
CA ILE V 206 77.25 11.91 59.42
C ILE V 206 76.95 13.38 59.60
N TYR V 207 76.09 13.93 58.78
CA TYR V 207 75.71 15.34 58.83
C TYR V 207 74.35 15.48 59.49
N ASP V 208 74.10 16.66 60.04
CA ASP V 208 72.82 16.95 60.65
C ASP V 208 71.77 17.18 59.58
N GLN V 209 70.61 16.57 59.75
CA GLN V 209 69.48 16.69 58.83
C GLN V 209 68.39 17.49 59.51
N GLU V 210 68.19 18.72 59.05
CA GLU V 210 67.18 19.61 59.61
C GLU V 210 65.98 19.69 58.67
N TYR V 211 64.81 19.93 59.27
CA TYR V 211 63.56 20.03 58.54
C TYR V 211 62.71 21.12 59.19
N ASN V 212 61.93 21.80 58.36
CA ASN V 212 60.90 22.73 58.80
C ASN V 212 59.57 22.07 58.50
N ILE V 213 58.87 21.65 59.55
CA ILE V 213 57.65 20.87 59.39
C ILE V 213 56.46 21.81 59.50
N ARG V 214 55.62 21.81 58.46
CA ARG V 214 54.42 22.62 58.38
C ARG V 214 53.22 21.70 58.41
N VAL V 215 52.47 21.76 59.50
CA VAL V 215 51.25 21.00 59.66
C VAL V 215 50.08 21.91 59.34
N THR V 216 49.18 21.43 58.50
CA THR V 216 47.97 22.14 58.10
C THR V 216 46.79 21.25 58.43
N MET V 217 45.91 21.73 59.30
CA MET V 217 44.70 21.02 59.67
C MET V 217 43.49 21.63 58.99
N TYR V 218 42.73 20.79 58.33
CA TYR V 218 41.49 21.17 57.68
C TYR V 218 40.34 20.82 58.59
N VAL V 219 39.73 21.83 59.21
CA VAL V 219 38.79 21.65 60.29
C VAL V 219 37.41 22.08 59.81
N GLN V 220 36.41 21.73 60.60
CA GLN V 220 35.01 22.02 60.31
C GLN V 220 34.36 22.36 61.63
N PHE V 221 33.92 23.60 61.76
CA PHE V 221 33.30 24.10 62.97
C PHE V 221 31.77 24.10 62.85
N ARG V 222 31.11 24.39 63.96
CA ARG V 222 29.67 24.36 64.03
C ARG V 222 29.20 25.28 65.15
N GLU V 223 28.02 25.85 64.96
CA GLU V 223 27.33 26.65 65.98
C GLU V 223 28.13 27.88 66.38
N PHE V 224 28.18 28.81 65.44
CA PHE V 224 28.62 30.18 65.66
C PHE V 224 28.03 30.73 66.95
N ASN V 225 28.91 31.15 67.86
CA ASN V 225 28.49 31.48 69.22
C ASN V 225 29.12 32.78 69.69
N LEU V 226 29.14 33.77 68.82
CA LEU V 226 29.71 35.05 69.19
C LEU V 226 28.89 35.71 70.28
N LYS V 227 29.57 36.38 71.19
CA LYS V 227 28.95 37.10 72.29
C LYS V 227 29.32 38.57 72.19
N ASP V 228 28.31 39.43 72.22
CA ASP V 228 28.46 40.85 71.97
C ASP V 228 27.90 41.63 73.16
N PRO V 229 28.70 41.81 74.20
CA PRO V 229 28.28 42.67 75.29
C PRO V 229 28.36 44.13 74.90
N PRO V 230 27.75 45.04 75.66
CA PRO V 230 27.93 46.47 75.38
C PRO V 230 29.34 46.95 75.69
N LEU V 231 29.57 48.25 75.48
CA LEU V 231 30.87 48.85 75.69
C LEU V 231 30.76 50.23 76.31
N GLY W 43 43.87 -20.79 52.87
CA GLY W 43 43.87 -19.49 53.52
C GLY W 43 44.96 -18.58 53.04
N ILE W 44 44.71 -17.93 51.93
CA ILE W 44 45.72 -17.14 51.25
C ILE W 44 45.87 -15.78 51.94
N PHE W 45 47.10 -15.29 51.96
CA PHE W 45 47.40 -13.97 52.50
C PHE W 45 48.60 -13.44 51.72
N ASN W 46 48.35 -12.56 50.77
CA ASN W 46 49.41 -11.87 50.07
C ASN W 46 49.85 -10.66 50.86
N THR W 47 51.15 -10.56 51.12
CA THR W 47 51.70 -9.42 51.83
C THR W 47 53.04 -9.03 51.21
N ARG W 48 53.78 -8.20 51.92
CA ARG W 48 55.00 -7.57 51.44
C ARG W 48 55.97 -7.46 52.60
N LEU W 49 57.18 -7.99 52.39
CA LEU W 49 58.23 -8.00 53.40
C LEU W 49 59.46 -7.34 52.81
N SER W 50 60.12 -6.52 53.62
CA SER W 50 61.25 -5.73 53.21
C SER W 50 62.43 -5.93 54.13
N ARG W 51 63.57 -5.42 53.69
CA ARG W 51 64.87 -5.60 54.32
C ARG W 51 65.83 -4.65 53.63
N THR W 52 66.72 -4.05 54.42
CA THR W 52 67.64 -3.04 53.93
C THR W 52 69.05 -3.36 54.40
N PHE W 53 70.01 -3.17 53.50
CA PHE W 53 71.41 -3.44 53.80
C PHE W 53 72.27 -2.66 52.83
N GLY W 54 73.57 -2.63 53.12
CA GLY W 54 74.51 -1.85 52.36
C GLY W 54 75.40 -2.64 51.41
N TYR W 55 75.90 -1.94 50.40
CA TYR W 55 76.85 -2.49 49.43
C TYR W 55 77.74 -1.36 48.96
N THR W 56 79.05 -1.60 48.98
CA THR W 56 80.04 -0.61 48.59
C THR W 56 80.97 -1.19 47.54
N ILE W 57 81.28 -0.36 46.56
CA ILE W 57 82.27 -0.66 45.54
C ILE W 57 83.48 0.22 45.87
N LYS W 58 84.52 -0.42 46.41
CA LYS W 58 85.69 0.32 46.84
C LYS W 58 86.43 0.92 45.65
N ARG W 59 87.23 1.94 45.94
CA ARG W 59 87.99 2.65 44.93
C ARG W 59 89.14 1.79 44.40
N THR W 60 89.63 2.15 43.22
CA THR W 60 90.75 1.50 42.59
C THR W 60 91.61 2.53 41.87
N THR W 61 92.93 2.37 41.99
CA THR W 61 93.87 3.18 41.25
C THR W 61 94.01 2.74 39.80
N VAL W 62 93.37 1.63 39.40
CA VAL W 62 93.45 1.16 38.03
C VAL W 62 92.91 2.21 37.09
N LYS W 63 93.61 2.41 35.97
CA LYS W 63 93.22 3.44 35.01
C LYS W 63 92.16 2.95 34.05
N THR W 64 92.22 1.68 33.66
CA THR W 64 91.32 1.14 32.68
C THR W 64 89.89 1.12 33.20
N PRO W 65 88.91 0.94 32.31
CA PRO W 65 87.56 0.65 32.78
C PRO W 65 87.43 -0.80 33.17
N SER W 66 87.36 -1.04 34.47
CA SER W 66 87.15 -2.36 35.02
C SER W 66 85.84 -2.38 35.78
N TRP W 67 85.28 -3.57 35.92
CA TRP W 67 83.99 -3.78 36.58
C TRP W 67 84.14 -4.68 37.78
N ALA W 68 83.28 -4.42 38.77
CA ALA W 68 83.22 -5.20 40.00
C ALA W 68 81.96 -6.04 39.97
N VAL W 69 82.14 -7.35 40.06
CA VAL W 69 81.07 -8.31 39.91
C VAL W 69 80.71 -8.85 41.29
N ASP W 70 79.42 -9.04 41.51
CA ASP W 70 78.92 -9.59 42.76
C ASP W 70 77.57 -10.23 42.50
N MET W 71 77.11 -11.00 43.47
CA MET W 71 75.89 -11.79 43.39
C MET W 71 74.92 -11.34 44.47
N MET W 72 73.68 -11.82 44.33
CA MET W 72 72.62 -11.45 45.26
C MET W 72 71.59 -12.58 45.30
N ARG W 73 71.48 -13.24 46.44
CA ARG W 73 70.47 -14.25 46.72
C ARG W 73 69.43 -13.68 47.67
N PHE W 74 68.31 -14.39 47.79
CA PHE W 74 67.20 -13.98 48.62
C PHE W 74 66.71 -15.18 49.42
N ASN W 75 66.67 -15.02 50.75
CA ASN W 75 66.12 -16.02 51.65
C ASN W 75 65.11 -15.36 52.55
N ILE W 76 64.10 -16.15 52.94
CA ILE W 76 63.00 -15.63 53.74
C ILE W 76 63.33 -15.53 55.22
N ASN W 77 64.43 -16.15 55.67
CA ASN W 77 64.83 -15.97 57.05
C ASN W 77 65.26 -14.55 57.34
N ASP W 78 65.81 -13.87 56.33
CA ASP W 78 66.27 -12.51 56.49
C ASP W 78 65.12 -11.50 56.49
N PHE W 79 63.92 -11.91 56.09
CA PHE W 79 62.75 -11.04 56.08
C PHE W 79 61.73 -11.40 57.15
N LEU W 80 61.65 -12.67 57.51
CA LEU W 80 60.69 -13.17 58.48
C LEU W 80 61.41 -13.68 59.72
N PRO W 81 61.30 -13.02 60.87
CA PRO W 81 62.05 -13.48 62.02
C PRO W 81 61.41 -14.71 62.64
N PRO W 82 62.08 -15.34 63.60
CA PRO W 82 61.45 -16.42 64.34
C PRO W 82 60.39 -15.88 65.29
N GLY W 83 59.36 -16.69 65.49
CA GLY W 83 58.26 -16.30 66.35
C GLY W 83 58.54 -16.56 67.80
N GLY W 84 57.52 -17.00 68.51
CA GLY W 84 57.65 -17.30 69.92
C GLY W 84 56.62 -18.27 70.41
N GLY W 85 57.05 -19.28 71.15
CA GLY W 85 56.15 -20.27 71.69
C GLY W 85 55.86 -21.39 70.73
N SER W 86 54.59 -21.82 70.71
CA SER W 86 54.19 -22.91 69.84
C SER W 86 54.18 -22.52 68.37
N ASN W 87 54.21 -21.22 68.08
CA ASN W 87 54.30 -20.74 66.72
C ASN W 87 55.76 -20.48 66.38
N PRO W 88 56.40 -21.30 65.52
CA PRO W 88 57.84 -21.13 65.31
C PRO W 88 58.20 -19.87 64.55
N ARG W 89 57.28 -19.32 63.77
CA ARG W 89 57.53 -18.13 62.97
C ARG W 89 56.54 -17.03 63.36
N SER W 90 56.88 -15.81 62.96
CA SER W 90 56.12 -14.64 63.37
C SER W 90 54.87 -14.43 62.52
N VAL W 91 54.87 -14.96 61.31
CA VAL W 91 53.69 -14.97 60.44
C VAL W 91 53.09 -16.37 60.51
N PRO W 92 51.91 -16.56 61.12
CA PRO W 92 51.46 -17.92 61.37
C PRO W 92 50.83 -18.61 60.17
N PHE W 93 51.69 -19.09 59.29
CA PHE W 93 51.28 -19.83 58.11
C PHE W 93 52.24 -20.98 57.90
N GLU W 94 51.80 -21.97 57.13
CA GLU W 94 52.55 -23.18 56.87
C GLU W 94 53.37 -23.10 55.59
N TYR W 95 52.74 -22.71 54.49
CA TYR W 95 53.35 -22.73 53.17
C TYR W 95 53.57 -21.31 52.68
N TYR W 96 54.44 -21.19 51.69
CA TYR W 96 54.71 -19.91 51.07
C TYR W 96 55.21 -20.12 49.66
N ARG W 97 55.17 -19.06 48.88
CA ARG W 97 55.80 -19.03 47.58
C ARG W 97 56.04 -17.58 47.20
N ILE W 98 57.26 -17.26 46.82
CA ILE W 98 57.64 -15.89 46.52
C ILE W 98 57.18 -15.56 45.10
N ARG W 99 56.37 -14.52 44.99
CA ARG W 99 55.79 -14.11 43.72
C ARG W 99 56.71 -13.17 42.96
N LYS W 100 57.24 -12.15 43.64
CA LYS W 100 58.06 -11.13 43.03
C LYS W 100 59.06 -10.63 44.04
N VAL W 101 60.13 -10.02 43.55
CA VAL W 101 61.10 -9.31 44.36
C VAL W 101 61.41 -7.99 43.66
N LYS W 102 61.58 -6.95 44.48
CA LYS W 102 61.97 -5.62 44.02
C LYS W 102 63.26 -5.27 44.72
N VAL W 103 64.35 -5.26 43.98
CA VAL W 103 65.64 -4.81 44.47
C VAL W 103 65.82 -3.36 44.05
N GLU W 104 66.08 -2.52 45.04
CA GLU W 104 66.24 -1.08 44.84
C GLU W 104 67.63 -0.70 45.30
N PHE W 105 68.44 -0.20 44.38
CA PHE W 105 69.73 0.38 44.71
C PHE W 105 69.54 1.86 44.95
N TRP W 106 69.43 2.23 46.22
CA TRP W 106 69.31 3.62 46.60
C TRP W 106 70.70 4.21 46.79
N PRO W 107 71.11 5.21 46.02
CA PRO W 107 72.47 5.70 46.13
C PRO W 107 72.73 6.42 47.44
N CYS W 108 74.00 6.44 47.80
CA CYS W 108 74.50 7.14 48.96
C CYS W 108 75.43 8.29 48.58
N SER W 109 75.65 8.53 47.31
CA SER W 109 76.66 9.42 46.80
C SER W 109 76.03 10.70 46.29
N PRO W 110 76.72 11.83 46.38
CA PRO W 110 76.13 13.09 45.92
C PRO W 110 76.04 13.16 44.41
N ILE W 111 75.18 14.06 43.94
CA ILE W 111 75.03 14.25 42.51
C ILE W 111 76.19 15.01 41.90
N THR W 112 77.11 15.52 42.70
CA THR W 112 78.31 16.18 42.21
C THR W 112 79.49 15.25 42.04
N GLN W 113 79.33 13.95 42.32
CA GLN W 113 80.45 13.03 42.25
C GLN W 113 80.77 12.72 40.79
N GLY W 114 82.05 12.77 40.47
CA GLY W 114 82.52 12.51 39.13
C GLY W 114 83.02 11.09 38.96
N ASP W 115 83.76 10.89 37.87
CA ASP W 115 84.25 9.58 37.48
C ASP W 115 83.09 8.61 37.34
N ARG W 116 82.02 9.09 36.71
CA ARG W 116 80.82 8.29 36.54
C ARG W 116 81.10 7.09 35.65
N GLY W 117 80.16 6.16 35.67
CA GLY W 117 80.33 4.89 34.98
C GLY W 117 79.03 4.30 34.52
N VAL W 118 79.11 3.09 34.00
CA VAL W 118 77.94 2.41 33.46
C VAL W 118 78.11 0.91 33.67
N GLY W 119 77.09 0.30 34.26
CA GLY W 119 77.10 -1.10 34.61
C GLY W 119 75.89 -1.84 34.11
N SER W 120 75.66 -3.01 34.68
CA SER W 120 74.60 -3.89 34.20
C SER W 120 74.12 -4.78 35.35
N SER W 121 72.81 -4.99 35.39
CA SER W 121 72.18 -5.92 36.31
C SER W 121 71.38 -6.93 35.51
N ALA W 122 71.60 -8.21 35.80
CA ALA W 122 70.94 -9.30 35.09
C ALA W 122 70.30 -10.26 36.08
N VAL W 123 69.36 -11.03 35.57
CA VAL W 123 68.56 -11.96 36.36
C VAL W 123 69.08 -13.37 36.12
N ILE W 124 69.50 -14.02 37.20
CA ILE W 124 70.21 -15.29 37.16
C ILE W 124 69.47 -16.26 38.06
N LEU W 125 68.64 -17.11 37.47
CA LEU W 125 67.69 -17.93 38.21
C LEU W 125 68.21 -19.34 38.51
N ASP W 126 69.53 -19.54 38.63
CA ASP W 126 70.07 -20.89 38.71
C ASP W 126 71.26 -21.08 39.64
N ASP W 127 71.70 -20.08 40.37
CA ASP W 127 72.74 -20.24 41.38
C ASP W 127 74.09 -20.54 40.77
N ASN W 128 74.32 -20.10 39.53
CA ASN W 128 75.63 -20.13 38.90
C ASN W 128 75.86 -18.74 38.33
N PHE W 129 76.46 -17.90 39.15
CA PHE W 129 76.78 -16.53 38.82
C PHE W 129 78.16 -16.46 38.20
N VAL W 130 78.42 -15.35 37.52
CA VAL W 130 79.79 -15.01 37.16
C VAL W 130 80.59 -14.86 38.45
N THR W 131 81.81 -15.33 38.42
CA THR W 131 82.65 -15.34 39.62
C THR W 131 82.83 -13.92 40.13
N LYS W 132 82.81 -13.78 41.45
CA LYS W 132 83.00 -12.49 42.08
C LYS W 132 84.39 -11.96 41.76
N ALA W 133 84.43 -10.73 41.28
CA ALA W 133 85.65 -10.09 40.83
C ALA W 133 85.71 -8.67 41.34
N THR W 134 86.92 -8.18 41.58
CA THR W 134 87.15 -6.82 42.04
C THR W 134 87.32 -5.86 40.88
N ALA W 135 88.18 -6.20 39.92
CA ALA W 135 88.42 -5.38 38.74
C ALA W 135 88.54 -6.31 37.54
N LEU W 136 87.41 -6.60 36.91
CA LEU W 136 87.37 -7.39 35.70
C LEU W 136 87.36 -6.47 34.48
N THR W 137 88.05 -6.89 33.43
CA THR W 137 88.30 -6.05 32.26
C THR W 137 87.09 -5.89 31.35
N TYR W 138 85.92 -6.37 31.73
CA TYR W 138 84.74 -6.26 30.90
C TYR W 138 83.51 -6.43 31.77
N ASP W 139 82.36 -6.09 31.21
CA ASP W 139 81.08 -6.24 31.86
C ASP W 139 80.48 -7.58 31.42
N PRO W 140 80.46 -8.61 32.27
CA PRO W 140 79.95 -9.89 31.80
C PRO W 140 78.46 -9.90 31.55
N TYR W 141 77.70 -9.13 32.31
CA TYR W 141 76.25 -9.13 32.24
C TYR W 141 75.71 -8.19 31.18
N VAL W 142 76.55 -7.73 30.25
CA VAL W 142 76.12 -6.70 29.32
C VAL W 142 75.29 -7.28 28.19
N ASN W 143 75.66 -8.44 27.69
CA ASN W 143 74.97 -9.05 26.58
C ASN W 143 73.84 -9.96 27.02
N TYR W 144 73.55 -10.02 28.31
CA TYR W 144 72.44 -10.81 28.80
C TYR W 144 71.12 -10.22 28.36
N SER W 145 70.18 -11.11 28.05
CA SER W 145 68.85 -10.69 27.63
C SER W 145 68.10 -9.94 28.71
N SER W 146 68.46 -10.15 29.98
CA SER W 146 67.83 -9.48 31.10
C SER W 146 68.67 -8.34 31.65
N ARG W 147 69.55 -7.78 30.84
CA ARG W 147 70.41 -6.70 31.28
C ARG W 147 69.64 -5.40 31.30
N HIS W 148 69.75 -4.69 32.41
CA HIS W 148 69.35 -3.30 32.53
C HIS W 148 70.60 -2.51 32.86
N THR W 149 70.73 -1.35 32.23
CA THR W 149 71.87 -0.49 32.47
C THR W 149 71.80 0.16 33.85
N ILE W 150 72.93 0.15 34.54
CA ILE W 150 73.10 0.83 35.81
C ILE W 150 73.91 2.08 35.51
N THR W 151 73.27 3.23 35.59
CA THR W 151 73.98 4.48 35.66
C THR W 151 74.53 4.67 37.08
N GLN W 152 75.77 5.09 37.17
CA GLN W 152 76.49 5.23 38.42
C GLN W 152 76.99 6.65 38.56
N PRO W 153 77.28 7.11 39.79
CA PRO W 153 77.06 6.53 41.11
C PRO W 153 75.80 7.00 41.83
N PHE W 154 75.21 8.07 41.34
CA PHE W 154 74.17 8.80 42.06
C PHE W 154 72.79 8.57 41.48
N SER W 155 72.56 7.40 40.88
CA SER W 155 71.32 7.12 40.18
C SER W 155 70.67 5.88 40.75
N TYR W 156 69.34 5.91 40.78
CA TYR W 156 68.53 4.84 41.31
C TYR W 156 68.32 3.76 40.27
N HIS W 157 68.37 2.52 40.72
CA HIS W 157 68.22 1.35 39.88
C HIS W 157 67.28 0.38 40.57
N SER W 158 66.20 0.02 39.88
CA SER W 158 65.24 -0.96 40.36
C SER W 158 65.19 -2.14 39.42
N ARG W 159 64.92 -3.31 39.98
CA ARG W 159 64.69 -4.53 39.22
C ARG W 159 63.54 -5.27 39.88
N TYR W 160 62.53 -5.60 39.08
CA TYR W 160 61.31 -6.25 39.54
C TYR W 160 61.12 -7.51 38.73
N PHE W 161 61.19 -8.65 39.41
CA PHE W 161 61.21 -9.94 38.72
C PHE W 161 60.69 -11.01 39.67
N THR W 162 60.57 -12.21 39.13
CA THR W 162 60.07 -13.38 39.84
C THR W 162 61.22 -14.33 40.10
N PRO W 163 61.66 -14.52 41.34
CA PRO W 163 62.80 -15.42 41.57
C PRO W 163 62.39 -16.88 41.48
N LYS W 164 63.35 -17.76 41.66
CA LYS W 164 63.15 -19.19 41.61
C LYS W 164 63.92 -19.83 42.75
N PRO W 165 63.39 -20.88 43.36
CA PRO W 165 64.12 -21.54 44.44
C PRO W 165 65.15 -22.54 43.95
N VAL W 166 66.13 -22.78 44.83
CA VAL W 166 67.22 -23.70 44.54
C VAL W 166 66.78 -25.06 45.08
N LEU W 167 66.11 -25.82 44.23
CA LEU W 167 65.64 -27.14 44.59
C LEU W 167 66.75 -28.19 44.46
N ASP W 168 67.50 -28.14 43.37
CA ASP W 168 68.65 -29.01 43.17
C ASP W 168 69.75 -28.18 42.53
N SER W 169 70.80 -27.89 43.30
CA SER W 169 71.92 -27.11 42.79
C SER W 169 72.77 -27.90 41.80
N THR W 170 72.65 -29.22 41.78
CA THR W 170 73.42 -30.03 40.85
C THR W 170 72.86 -29.95 39.44
N ILE W 171 71.54 -29.93 39.30
CA ILE W 171 70.86 -29.94 38.02
C ILE W 171 70.41 -28.52 37.68
N ASP W 172 70.02 -27.77 38.71
CA ASP W 172 69.62 -26.38 38.58
C ASP W 172 68.44 -26.24 37.61
N TYR W 173 67.31 -26.80 38.02
CA TYR W 173 66.07 -26.72 37.27
C TYR W 173 65.11 -25.76 37.94
N PHE W 174 64.31 -25.08 37.12
CA PHE W 174 63.33 -24.14 37.63
C PHE W 174 62.13 -24.10 36.71
N GLN W 175 61.10 -23.56 37.19
CA GLN W 175 59.82 -23.45 36.52
C GLN W 175 59.71 -22.14 35.76
N PRO W 176 58.98 -22.12 34.65
CA PRO W 176 58.65 -20.83 34.05
C PRO W 176 57.59 -20.09 34.84
N ASN W 177 57.32 -18.85 34.46
CA ASN W 177 56.43 -18.01 35.21
C ASN W 177 54.99 -18.45 34.98
N ASN W 178 54.33 -18.88 36.04
CA ASN W 178 52.93 -19.27 36.00
C ASN W 178 52.39 -19.10 37.41
N LYS W 179 51.48 -18.16 37.57
CA LYS W 179 50.97 -17.90 38.91
C LYS W 179 50.16 -19.07 39.44
N ARG W 180 49.52 -19.83 38.55
CA ARG W 180 48.64 -20.90 38.97
C ARG W 180 49.38 -22.19 39.30
N ASN W 181 50.55 -22.39 38.69
CA ASN W 181 51.31 -23.62 38.82
C ASN W 181 52.56 -23.48 39.67
N GLN W 182 52.80 -22.31 40.25
CA GLN W 182 53.99 -22.10 41.05
C GLN W 182 53.96 -22.98 42.29
N LEU W 183 55.08 -23.61 42.58
CA LEU W 183 55.19 -24.51 43.70
C LEU W 183 55.03 -23.79 45.02
N TRP W 184 54.40 -24.46 45.95
CA TRP W 184 54.35 -24.03 47.34
C TRP W 184 55.47 -24.71 48.09
N LEU W 185 56.30 -23.92 48.75
CA LEU W 185 57.31 -24.39 49.66
C LEU W 185 56.78 -24.33 51.08
N ARG W 186 57.47 -25.02 51.97
CA ARG W 186 57.17 -24.97 53.39
C ARG W 186 57.97 -23.88 54.05
N LEU W 187 57.32 -23.15 54.94
CA LEU W 187 57.97 -22.15 55.78
C LEU W 187 58.61 -22.90 56.94
N GLN W 188 59.88 -23.23 56.76
CA GLN W 188 60.63 -23.96 57.75
C GLN W 188 60.90 -23.07 58.96
N THR W 189 61.45 -23.68 60.00
CA THR W 189 61.74 -22.95 61.22
C THR W 189 63.04 -22.16 61.12
N ALA W 190 64.14 -22.82 60.74
CA ALA W 190 65.42 -22.14 60.59
C ALA W 190 66.24 -22.63 59.41
N GLY W 191 65.61 -23.18 58.38
CA GLY W 191 66.33 -23.82 57.30
C GLY W 191 65.75 -23.61 55.92
N ASN W 192 65.14 -22.45 55.69
CA ASN W 192 64.50 -22.19 54.42
C ASN W 192 65.51 -22.14 53.28
N VAL W 193 65.00 -22.38 52.08
CA VAL W 193 65.82 -22.53 50.88
C VAL W 193 66.07 -21.17 50.26
N ASP W 194 67.25 -21.02 49.66
CA ASP W 194 67.65 -19.74 49.08
C ASP W 194 67.00 -19.57 47.73
N HIS W 195 66.38 -18.42 47.53
CA HIS W 195 65.93 -17.99 46.23
C HIS W 195 67.01 -17.13 45.59
N VAL W 196 66.97 -17.08 44.26
CA VAL W 196 68.07 -16.57 43.47
C VAL W 196 67.50 -15.79 42.30
N GLY W 197 68.33 -14.98 41.67
CA GLY W 197 67.83 -14.12 40.61
C GLY W 197 68.41 -12.76 40.35
N LEU W 198 69.54 -12.38 40.94
CA LEU W 198 70.16 -11.14 40.51
C LEU W 198 71.68 -11.17 40.61
N GLY W 199 72.31 -10.72 39.55
CA GLY W 199 73.74 -10.48 39.53
C GLY W 199 74.03 -9.14 38.91
N THR W 200 75.09 -8.51 39.40
CA THR W 200 75.42 -7.13 39.08
C THR W 200 76.85 -7.00 38.60
N ALA W 201 77.10 -5.89 37.92
CA ALA W 201 78.45 -5.50 37.52
C ALA W 201 78.53 -3.99 37.57
N PHE W 202 79.31 -3.48 38.52
CA PHE W 202 79.50 -2.06 38.72
C PHE W 202 80.88 -1.64 38.23
N GLU W 203 80.92 -0.52 37.52
CA GLU W 203 82.17 0.03 37.04
C GLU W 203 82.88 0.75 38.17
N ASN W 204 84.14 0.39 38.37
CA ASN W 204 84.92 0.94 39.45
C ASN W 204 85.24 2.40 39.20
N SER W 205 85.72 3.08 40.24
CA SER W 205 85.93 4.50 40.22
C SER W 205 87.04 4.87 41.20
N ILE W 206 87.52 6.11 41.08
CA ILE W 206 88.51 6.62 42.01
C ILE W 206 87.91 6.82 43.38
N TYR W 207 86.62 7.12 43.45
CA TYR W 207 85.90 7.33 44.69
C TYR W 207 85.09 6.10 45.06
N ASP W 208 84.81 5.98 46.35
CA ASP W 208 83.98 4.88 46.83
C ASP W 208 82.53 5.12 46.47
N GLN W 209 81.88 4.08 45.96
CA GLN W 209 80.47 4.12 45.58
C GLN W 209 79.68 3.26 46.55
N GLU W 210 78.90 3.91 47.41
CA GLU W 210 78.09 3.22 48.40
C GLU W 210 76.63 3.22 47.98
N TYR W 211 75.93 2.17 48.41
CA TYR W 211 74.52 2.00 48.11
C TYR W 211 73.82 1.41 49.32
N ASN W 212 72.56 1.80 49.50
CA ASN W 212 71.66 1.18 50.47
C ASN W 212 70.65 0.38 49.69
N ILE W 213 70.74 -0.94 49.77
CA ILE W 213 69.94 -1.83 48.96
C ILE W 213 68.74 -2.28 49.77
N ARG W 214 67.54 -2.02 49.24
CA ARG W 214 66.28 -2.39 49.87
C ARG W 214 65.62 -3.45 49.01
N VAL W 215 65.55 -4.66 49.54
CA VAL W 215 64.88 -5.78 48.88
C VAL W 215 63.50 -5.91 49.48
N THR W 216 62.50 -6.01 48.61
CA THR W 216 61.11 -6.19 48.99
C THR W 216 60.62 -7.44 48.31
N MET W 217 60.19 -8.43 49.10
CA MET W 217 59.62 -9.66 48.60
C MET W 217 58.12 -9.66 48.75
N TYR W 218 57.44 -9.94 47.66
CA TYR W 218 55.98 -10.07 47.63
C TYR W 218 55.64 -11.54 47.69
N VAL W 219 55.15 -11.98 48.85
CA VAL W 219 54.98 -13.39 49.16
C VAL W 219 53.50 -13.70 49.24
N GLN W 220 53.21 -15.00 49.26
CA GLN W 220 51.85 -15.52 49.30
C GLN W 220 51.88 -16.74 50.19
N PHE W 221 51.20 -16.66 51.33
CA PHE W 221 51.17 -17.72 52.30
C PHE W 221 49.89 -18.53 52.18
N ARG W 222 49.82 -19.63 52.93
CA ARG W 222 48.70 -20.54 52.86
C ARG W 222 48.60 -21.31 54.17
N GLU W 223 47.38 -21.68 54.54
CA GLU W 223 47.09 -22.54 55.67
C GLU W 223 47.55 -21.92 56.99
N PHE W 224 46.83 -20.87 57.36
CA PHE W 224 46.85 -20.29 58.70
C PHE W 224 46.87 -21.38 59.76
N ASN W 225 47.90 -21.38 60.60
CA ASN W 225 48.15 -22.49 61.52
C ASN W 225 48.48 -21.99 62.91
N LEU W 226 47.74 -21.00 63.38
CA LEU W 226 48.00 -20.47 64.71
C LEU W 226 47.67 -21.52 65.75
N LYS W 227 48.47 -21.54 66.81
CA LYS W 227 48.30 -22.45 67.93
C LYS W 227 48.09 -21.64 69.20
N ASP W 228 47.02 -21.95 69.92
CA ASP W 228 46.57 -21.17 71.07
C ASP W 228 46.48 -22.09 72.28
N PRO W 229 47.59 -22.31 72.98
CA PRO W 229 47.53 -23.05 74.22
C PRO W 229 46.94 -22.19 75.33
N PRO W 230 46.56 -22.79 76.46
CA PRO W 230 46.11 -21.98 77.59
C PRO W 230 47.24 -21.19 78.23
N LEU W 231 46.92 -20.45 79.28
CA LEU W 231 47.88 -19.61 79.98
C LEU W 231 47.67 -19.64 81.48
N GLY X 43 68.53 -20.08 8.24
CA GLY X 43 68.45 -20.11 9.69
C GLY X 43 68.81 -18.80 10.33
N ILE X 44 67.84 -17.91 10.38
CA ILE X 44 68.07 -16.53 10.81
C ILE X 44 68.10 -16.47 12.33
N PHE X 45 68.97 -15.61 12.84
CA PHE X 45 69.04 -15.34 14.27
C PHE X 45 69.47 -13.89 14.45
N ASN X 46 68.51 -13.04 14.76
CA ASN X 46 68.80 -11.66 15.10
C ASN X 46 69.17 -11.56 16.57
N THR X 47 70.31 -10.94 16.84
CA THR X 47 70.74 -10.73 18.21
C THR X 47 71.40 -9.36 18.33
N ARG X 48 72.09 -9.16 19.45
CA ARG X 48 72.64 -7.87 19.84
C ARG X 48 73.97 -8.10 20.53
N LEU X 49 75.00 -7.43 20.04
CA LEU X 49 76.35 -7.55 20.56
C LEU X 49 76.86 -6.17 20.93
N SER X 50 77.52 -6.09 22.07
CA SER X 50 77.98 -4.83 22.64
C SER X 50 79.46 -4.88 22.96
N ARG X 51 79.99 -3.71 23.27
CA ARG X 51 81.41 -3.48 23.48
C ARG X 51 81.55 -2.08 24.04
N THR X 52 82.47 -1.92 24.98
CA THR X 52 82.66 -0.66 25.70
C THR X 52 84.12 -0.29 25.72
N PHE X 53 84.40 1.00 25.51
CA PHE X 53 85.75 1.50 25.50
C PHE X 53 85.72 3.00 25.78
N GLY X 54 86.91 3.55 26.01
CA GLY X 54 87.04 4.94 26.38
C GLY X 54 87.53 5.88 25.30
N TYR X 55 87.21 7.15 25.47
CA TYR X 55 87.66 8.22 24.59
C TYR X 55 87.79 9.48 25.41
N THR X 56 88.93 10.16 25.28
CA THR X 56 89.23 11.36 26.02
C THR X 56 89.64 12.47 25.08
N ILE X 57 89.14 13.67 25.35
CA ILE X 57 89.53 14.89 24.67
C ILE X 57 90.40 15.66 25.66
N LYS X 58 91.69 15.65 25.42
CA LYS X 58 92.62 16.29 26.33
C LYS X 58 92.44 17.80 26.33
N ARG X 59 92.91 18.41 27.41
CA ARG X 59 92.80 19.85 27.61
C ARG X 59 93.73 20.60 26.68
N THR X 60 93.41 21.88 26.47
CA THR X 60 94.22 22.78 25.65
C THR X 60 94.23 24.16 26.27
N THR X 61 95.40 24.79 26.27
CA THR X 61 95.54 26.17 26.68
C THR X 61 95.07 27.17 25.62
N VAL X 62 94.71 26.69 24.43
CA VAL X 62 94.23 27.57 23.37
C VAL X 62 92.99 28.30 23.83
N LYS X 63 92.94 29.60 23.52
CA LYS X 63 91.83 30.44 23.95
C LYS X 63 90.64 30.34 23.01
N THR X 64 90.90 30.21 21.71
CA THR X 64 89.85 30.21 20.72
C THR X 64 88.96 28.99 20.88
N PRO X 65 87.78 28.99 20.24
CA PRO X 65 87.01 27.76 20.14
C PRO X 65 87.57 26.88 19.03
N SER X 66 88.24 25.80 19.42
CA SER X 66 88.75 24.82 18.51
C SER X 66 88.08 23.48 18.77
N TRP X 67 88.07 22.64 17.76
CA TRP X 67 87.43 21.33 17.82
C TRP X 67 88.43 20.22 17.59
N ALA X 68 88.16 19.10 18.23
CA ALA X 68 88.96 17.89 18.13
C ALA X 68 88.21 16.88 17.29
N VAL X 69 88.80 16.46 16.20
CA VAL X 69 88.16 15.59 15.23
C VAL X 69 88.73 14.19 15.38
N ASP X 70 87.86 13.20 15.23
CA ASP X 70 88.25 11.81 15.31
C ASP X 70 87.23 10.98 14.55
N MET X 71 87.59 9.73 14.30
CA MET X 71 86.81 8.81 13.51
C MET X 71 86.43 7.59 14.35
N MET X 72 85.51 6.80 13.80
CA MET X 72 85.01 5.62 14.49
C MET X 72 84.55 4.60 13.46
N ARG X 73 85.24 3.47 13.42
CA ARG X 73 84.88 2.32 12.60
C ARG X 73 84.33 1.22 13.48
N PHE X 74 83.72 0.23 12.84
CA PHE X 74 83.10 -0.89 13.54
C PHE X 74 83.48 -2.18 12.84
N ASN X 75 84.06 -3.12 13.59
CA ASN X 75 84.39 -4.44 13.11
C ASN X 75 83.80 -5.48 14.04
N ILE X 76 83.43 -6.63 13.48
CA ILE X 76 82.78 -7.67 14.25
C ILE X 76 83.76 -8.52 15.06
N ASN X 77 85.05 -8.43 14.79
CA ASN X 77 86.02 -9.14 15.60
C ASN X 77 86.06 -8.59 17.01
N ASP X 78 85.79 -7.29 17.17
CA ASP X 78 85.80 -6.66 18.48
C ASP X 78 84.57 -6.98 19.31
N PHE X 79 83.52 -7.53 18.69
CA PHE X 79 82.30 -7.91 19.37
C PHE X 79 82.13 -9.42 19.51
N LEU X 80 82.65 -10.18 18.56
CA LEU X 80 82.51 -11.62 18.51
C LEU X 80 83.87 -12.28 18.69
N PRO X 81 84.14 -12.96 19.81
CA PRO X 81 85.47 -13.52 19.98
C PRO X 81 85.64 -14.78 19.15
N PRO X 82 86.87 -15.30 19.08
CA PRO X 82 87.07 -16.59 18.45
C PRO X 82 86.52 -17.71 19.30
N GLY X 83 86.04 -18.75 18.63
CA GLY X 83 85.46 -19.88 19.31
C GLY X 83 86.49 -20.87 19.79
N GLY X 84 86.16 -22.15 19.67
CA GLY X 84 87.06 -23.20 20.08
C GLY X 84 86.77 -24.51 19.39
N GLY X 85 87.81 -25.15 18.88
CA GLY X 85 87.67 -26.42 18.21
C GLY X 85 87.30 -26.28 16.75
N SER X 86 86.41 -27.15 16.29
CA SER X 86 86.00 -27.14 14.90
C SER X 86 85.14 -25.93 14.56
N ASN X 87 84.60 -25.25 15.57
CA ASN X 87 83.84 -24.03 15.35
C ASN X 87 84.78 -22.84 15.50
N PRO X 88 85.11 -22.13 14.43
CA PRO X 88 86.12 -21.07 14.55
C PRO X 88 85.64 -19.86 15.32
N ARG X 89 84.33 -19.63 15.40
CA ARG X 89 83.76 -18.50 16.08
C ARG X 89 82.81 -18.96 17.17
N SER X 90 82.49 -18.05 18.09
CA SER X 90 81.72 -18.39 19.27
C SER X 90 80.22 -18.43 18.97
N VAL X 91 79.78 -17.73 17.94
CA VAL X 91 78.41 -17.80 17.47
C VAL X 91 78.39 -18.69 16.23
N PRO X 92 77.81 -19.89 16.29
CA PRO X 92 77.99 -20.83 15.18
C PRO X 92 77.10 -20.55 13.98
N PHE X 93 77.51 -19.57 13.18
CA PHE X 93 76.83 -19.22 11.95
C PHE X 93 77.87 -18.91 10.90
N GLU X 94 77.43 -18.94 9.64
CA GLU X 94 78.29 -18.74 8.49
C GLU X 94 78.29 -17.30 8.01
N TYR X 95 77.11 -16.74 7.81
CA TYR X 95 76.95 -15.42 7.21
C TYR X 95 76.43 -14.43 8.24
N TYR X 96 76.60 -13.16 7.92
CA TYR X 96 76.11 -12.10 8.78
C TYR X 96 75.89 -10.85 7.95
N ARG X 97 75.12 -9.93 8.52
CA ARG X 97 74.98 -8.60 7.97
C ARG X 97 74.52 -7.69 9.09
N ILE X 98 75.22 -6.57 9.25
CA ILE X 98 74.94 -5.65 10.35
C ILE X 98 73.77 -4.77 9.95
N ARG X 99 72.72 -4.80 10.77
CA ARG X 99 71.50 -4.06 10.51
C ARG X 99 71.56 -2.64 11.02
N LYS X 100 71.98 -2.47 12.28
CA LYS X 100 72.03 -1.18 12.93
C LYS X 100 73.19 -1.17 13.90
N VAL X 101 73.61 0.04 14.27
CA VAL X 101 74.58 0.28 15.33
C VAL X 101 74.06 1.42 16.18
N LYS X 102 74.27 1.29 17.48
CA LYS X 102 73.95 2.32 18.46
C LYS X 102 75.23 2.69 19.18
N VAL X 103 75.73 3.88 18.89
CA VAL X 103 76.87 4.44 19.58
C VAL X 103 76.36 5.35 20.68
N GLU X 104 76.79 5.09 21.91
CA GLU X 104 76.37 5.83 23.08
C GLU X 104 77.60 6.44 23.72
N PHE X 105 77.63 7.76 23.78
CA PHE X 105 78.66 8.49 24.51
C PHE X 105 78.15 8.72 25.92
N TRP X 106 78.59 7.86 26.83
CA TRP X 106 78.24 8.00 28.22
C TRP X 106 79.27 8.89 28.90
N PRO X 107 78.90 10.04 29.46
CA PRO X 107 79.91 10.93 30.01
C PRO X 107 80.54 10.38 31.27
N CYS X 108 81.74 10.87 31.53
CA CYS X 108 82.49 10.57 32.72
C CYS X 108 82.70 11.78 33.61
N SER X 109 82.15 12.92 33.23
CA SER X 109 82.44 14.20 33.84
C SER X 109 81.27 14.65 34.70
N PRO X 110 81.52 15.40 35.77
CA PRO X 110 80.41 15.83 36.63
C PRO X 110 79.57 16.90 35.97
N ILE X 111 78.36 17.05 36.50
CA ILE X 111 77.47 18.08 36.00
C ILE X 111 77.85 19.47 36.45
N THR X 112 78.85 19.61 37.32
CA THR X 112 79.36 20.89 37.74
C THR X 112 80.52 21.39 36.89
N GLN X 113 80.93 20.64 35.87
CA GLN X 113 82.09 21.01 35.09
C GLN X 113 81.72 22.16 34.16
N GLY X 114 82.58 23.17 34.12
CA GLY X 114 82.39 24.32 33.29
C GLY X 114 83.13 24.25 31.99
N ASP X 115 83.25 25.40 31.34
CA ASP X 115 83.86 25.52 30.02
C ASP X 115 83.16 24.60 29.04
N ARG X 116 81.84 24.60 29.11
CA ARG X 116 81.05 23.74 28.27
C ARG X 116 81.21 24.13 26.80
N GLY X 117 80.75 23.24 25.93
CA GLY X 117 80.94 23.39 24.51
C GLY X 117 79.85 22.76 23.70
N VAL X 118 80.03 22.75 22.38
CA VAL X 118 79.03 22.23 21.47
C VAL X 118 79.75 21.65 20.26
N GLY X 119 79.41 20.40 19.94
CA GLY X 119 80.04 19.67 18.86
C GLY X 119 79.04 19.05 17.91
N SER X 120 79.51 18.09 17.14
CA SER X 120 78.70 17.50 16.09
C SER X 120 79.16 16.09 15.81
N SER X 121 78.19 15.21 15.57
CA SER X 121 78.44 13.84 15.15
C SER X 121 77.72 13.60 13.83
N ALA X 122 78.43 13.06 12.85
CA ALA X 122 77.90 12.82 11.53
C ALA X 122 78.17 11.37 11.12
N VAL X 123 77.40 10.93 10.14
CA VAL X 123 77.43 9.55 9.65
C VAL X 123 78.19 9.54 8.33
N ILE X 124 79.27 8.77 8.28
CA ILE X 124 80.23 8.77 7.17
C ILE X 124 80.38 7.33 6.70
N LEU X 125 79.69 6.98 5.63
CA LEU X 125 79.55 5.61 5.20
C LEU X 125 80.56 5.20 4.13
N ASP X 126 81.76 5.80 4.08
CA ASP X 126 82.66 5.59 2.96
C ASP X 126 84.14 5.54 3.28
N ASP X 127 84.55 5.62 4.55
CA ASP X 127 85.94 5.45 4.94
C ASP X 127 86.82 6.58 4.46
N ASN X 128 86.25 7.77 4.28
CA ASN X 128 87.01 8.98 4.02
C ASN X 128 86.47 10.02 5.00
N PHE X 129 87.09 10.07 6.16
CA PHE X 129 86.75 10.99 7.22
C PHE X 129 87.54 12.27 7.07
N VAL X 130 87.06 13.32 7.75
CA VAL X 130 87.88 14.50 7.96
C VAL X 130 89.11 14.08 8.73
N THR X 131 90.24 14.66 8.37
CA THR X 131 91.50 14.28 8.98
C THR X 131 91.48 14.50 10.48
N LYS X 132 92.06 13.57 11.21
CA LYS X 132 92.13 13.69 12.66
C LYS X 132 92.92 14.92 13.06
N ALA X 133 92.33 15.73 13.92
CA ALA X 133 92.89 17.00 14.34
C ALA X 133 92.73 17.16 15.84
N THR X 134 93.68 17.86 16.44
CA THR X 134 93.66 18.14 17.87
C THR X 134 92.91 19.42 18.17
N ALA X 135 93.24 20.51 17.47
CA ALA X 135 92.58 21.79 17.66
C ALA X 135 92.38 22.42 16.28
N LEU X 136 91.25 22.12 15.68
CA LEU X 136 90.86 22.70 14.40
C LEU X 136 89.96 23.90 14.64
N THR X 137 90.12 24.92 13.82
CA THR X 137 89.47 26.21 14.03
C THR X 137 87.99 26.23 13.67
N TYR X 138 87.40 25.09 13.37
CA TYR X 138 85.99 25.04 13.00
C TYR X 138 85.49 23.63 13.19
N ASP X 139 84.17 23.49 13.17
CA ASP X 139 83.50 22.20 13.26
C ASP X 139 83.22 21.70 11.85
N PRO X 140 83.95 20.70 11.35
CA PRO X 140 83.71 20.30 9.96
C PRO X 140 82.39 19.60 9.75
N TYR X 141 81.91 18.87 10.75
CA TYR X 141 80.71 18.07 10.63
C TYR X 141 79.44 18.85 10.94
N VAL X 142 79.51 20.18 10.95
CA VAL X 142 78.38 20.98 11.41
C VAL X 142 77.33 21.11 10.32
N ASN X 143 77.75 21.29 9.07
CA ASN X 143 76.83 21.47 7.97
C ASN X 143 76.42 20.17 7.32
N TYR X 144 76.85 19.04 7.87
CA TYR X 144 76.46 17.75 7.33
C TYR X 144 74.98 17.49 7.58
N SER X 145 74.34 16.86 6.59
CA SER X 145 72.93 16.54 6.69
C SER X 145 72.62 15.57 7.82
N SER X 146 73.60 14.78 8.25
CA SER X 146 73.46 13.83 9.33
C SER X 146 74.05 14.32 10.63
N ARG X 147 74.17 15.63 10.80
CA ARG X 147 74.75 16.18 12.00
C ARG X 147 73.72 16.18 13.12
N HIS X 148 74.15 15.68 14.28
CA HIS X 148 73.44 15.85 15.53
C HIS X 148 74.36 16.62 16.45
N THR X 149 73.79 17.56 17.19
CA THR X 149 74.56 18.36 18.12
C THR X 149 74.98 17.54 19.32
N ILE X 150 76.24 17.70 19.71
CA ILE X 150 76.80 17.11 20.92
C ILE X 150 76.91 18.24 21.92
N THR X 151 76.08 18.21 22.94
CA THR X 151 76.29 19.03 24.12
C THR X 151 77.36 18.37 24.97
N GLN X 152 78.28 19.19 25.46
CA GLN X 152 79.45 18.75 26.20
C GLN X 152 79.48 19.44 27.56
N PRO X 153 80.17 18.87 28.55
CA PRO X 153 80.84 17.58 28.65
C PRO X 153 80.04 16.47 29.32
N PHE X 154 78.97 16.85 30.02
CA PHE X 154 78.27 15.98 30.93
C PHE X 154 76.93 15.50 30.38
N SER X 155 76.81 15.41 29.07
CA SER X 155 75.55 15.10 28.41
C SER X 155 75.71 13.85 27.56
N TYR X 156 74.64 13.07 27.52
CA TYR X 156 74.59 11.82 26.78
C TYR X 156 74.24 12.08 25.33
N HIS X 157 74.90 11.35 24.45
CA HIS X 157 74.73 11.46 23.01
C HIS X 157 74.62 10.06 22.42
N SER X 158 73.52 9.80 21.73
CA SER X 158 73.30 8.54 21.04
C SER X 158 73.16 8.79 19.56
N ARG X 159 73.58 7.81 18.77
CA ARG X 159 73.41 7.80 17.33
C ARG X 159 73.03 6.39 16.92
N TYR X 160 71.93 6.26 16.20
CA TYR X 160 71.38 4.98 15.78
C TYR X 160 71.22 5.01 14.26
N PHE X 161 71.97 4.17 13.59
CA PHE X 161 72.06 4.23 12.13
C PHE X 161 72.45 2.85 11.60
N THR X 162 72.44 2.75 10.29
CA THR X 162 72.77 1.54 9.57
C THR X 162 74.14 1.68 8.90
N PRO X 163 75.18 0.98 9.35
CA PRO X 163 76.48 1.15 8.72
C PRO X 163 76.57 0.45 7.38
N LYS X 164 77.72 0.60 6.73
CA LYS X 164 77.98 0.01 5.44
C LYS X 164 79.37 -0.59 5.45
N PRO X 165 79.58 -1.72 4.77
CA PRO X 165 80.91 -2.30 4.75
C PRO X 165 81.82 -1.70 3.70
N VAL X 166 83.11 -1.85 3.94
CA VAL X 166 84.15 -1.32 3.06
C VAL X 166 84.49 -2.45 2.10
N LEU X 167 83.76 -2.48 0.98
CA LEU X 167 83.99 -3.49 -0.04
C LEU X 167 85.14 -3.11 -0.95
N ASP X 168 85.19 -1.85 -1.38
CA ASP X 168 86.30 -1.34 -2.18
C ASP X 168 86.61 0.06 -1.69
N SER X 169 87.74 0.22 -1.02
CA SER X 169 88.15 1.52 -0.51
C SER X 169 88.58 2.46 -1.62
N THR X 170 88.91 1.94 -2.80
CA THR X 170 89.31 2.79 -3.91
C THR X 170 88.13 3.53 -4.53
N ILE X 171 87.00 2.84 -4.65
CA ILE X 171 85.80 3.39 -5.29
C ILE X 171 84.83 3.86 -4.23
N ASP X 172 84.78 3.15 -3.11
CA ASP X 172 83.96 3.50 -1.96
C ASP X 172 82.48 3.55 -2.36
N TYR X 173 81.95 2.40 -2.72
CA TYR X 173 80.55 2.25 -3.08
C TYR X 173 79.80 1.53 -1.97
N PHE X 174 78.54 1.89 -1.80
CA PHE X 174 77.70 1.28 -0.79
C PHE X 174 76.26 1.26 -1.25
N GLN X 175 75.51 0.49 -0.60
CA GLN X 175 74.10 0.28 -0.90
C GLN X 175 73.22 1.22 -0.10
N PRO X 176 72.07 1.61 -0.64
CA PRO X 176 71.09 2.30 0.20
C PRO X 176 70.41 1.35 1.17
N ASN X 177 69.60 1.92 2.06
CA ASN X 177 68.98 1.14 3.11
C ASN X 177 67.85 0.31 2.54
N ASN X 178 67.99 -1.01 2.62
CA ASN X 178 66.96 -1.93 2.16
C ASN X 178 67.17 -3.21 2.95
N LYS X 179 66.22 -3.55 3.81
CA LYS X 179 66.40 -4.72 4.64
C LYS X 179 66.37 -6.00 3.80
N ARG X 180 65.66 -5.99 2.69
CA ARG X 180 65.49 -7.20 1.90
C ARG X 180 66.65 -7.44 0.95
N ASN X 181 67.36 -6.38 0.55
CA ASN X 181 68.42 -6.46 -0.43
C ASN X 181 69.82 -6.30 0.17
N GLN X 182 69.93 -6.17 1.47
CA GLN X 182 71.23 -5.98 2.10
C GLN X 182 72.10 -7.21 1.92
N LEU X 183 73.35 -6.98 1.55
CA LEU X 183 74.27 -8.06 1.28
C LEU X 183 74.57 -8.86 2.54
N TRP X 184 74.75 -10.16 2.35
CA TRP X 184 75.26 -11.04 3.38
C TRP X 184 76.76 -11.16 3.19
N LEU X 185 77.50 -10.88 4.24
CA LEU X 185 78.92 -11.12 4.30
C LEU X 185 79.18 -12.44 5.00
N ARG X 186 80.40 -12.93 4.84
CA ARG X 186 80.85 -14.12 5.54
C ARG X 186 81.49 -13.74 6.86
N LEU X 187 81.17 -14.52 7.88
CA LEU X 187 81.80 -14.41 9.18
C LEU X 187 83.13 -15.14 9.11
N GLN X 188 84.17 -14.36 8.79
CA GLN X 188 85.51 -14.91 8.66
C GLN X 188 86.03 -15.33 10.02
N THR X 189 87.20 -15.97 10.01
CA THR X 189 87.81 -16.44 11.24
C THR X 189 88.56 -15.32 11.96
N ALA X 190 89.47 -14.63 11.26
CA ALA X 190 90.21 -13.53 11.87
C ALA X 190 90.44 -12.36 10.92
N GLY X 191 89.59 -12.17 9.92
CA GLY X 191 89.83 -11.18 8.89
C GLY X 191 88.61 -10.45 8.39
N ASN X 192 87.64 -10.23 9.27
CA ASN X 192 86.40 -9.59 8.87
C ASN X 192 86.64 -8.15 8.44
N VAL X 193 85.70 -7.66 7.64
CA VAL X 193 85.82 -6.36 7.00
C VAL X 193 85.28 -5.27 7.91
N ASP X 194 85.88 -4.10 7.84
CA ASP X 194 85.52 -3.00 8.70
C ASP X 194 84.26 -2.32 8.18
N HIS X 195 83.30 -2.14 9.07
CA HIS X 195 82.14 -1.30 8.82
C HIS X 195 82.43 0.10 9.33
N VAL X 196 81.72 1.06 8.76
CA VAL X 196 82.05 2.47 8.90
C VAL X 196 80.75 3.25 9.00
N GLY X 197 80.86 4.49 9.46
CA GLY X 197 79.66 5.26 9.69
C GLY X 197 79.57 6.28 10.81
N LEU X 198 80.66 6.64 11.48
CA LEU X 198 80.56 7.77 12.41
C LEU X 198 81.84 8.56 12.51
N GLY X 199 81.67 9.88 12.44
CA GLY X 199 82.75 10.80 12.72
C GLY X 199 82.25 11.90 13.63
N THR X 200 83.15 12.39 14.48
CA THR X 200 82.81 13.29 15.56
C THR X 200 83.68 14.53 15.53
N ALA X 201 83.21 15.57 16.20
CA ALA X 201 83.97 16.79 16.43
C ALA X 201 83.58 17.32 17.79
N PHE X 202 84.53 17.27 18.73
CA PHE X 202 84.33 17.74 20.08
C PHE X 202 85.07 19.05 20.30
N GLU X 203 84.40 19.98 20.96
CA GLU X 203 84.99 21.26 21.28
C GLU X 203 85.91 21.11 22.48
N ASN X 204 87.13 21.58 22.33
CA ASN X 204 88.12 21.44 23.38
C ASN X 204 87.79 22.33 24.56
N SER X 205 88.49 22.08 25.67
CA SER X 205 88.19 22.73 26.93
C SER X 205 89.46 22.79 27.77
N ILE X 206 89.41 23.59 28.83
CA ILE X 206 90.51 23.68 29.77
C ILE X 206 90.65 22.39 30.57
N TYR X 207 89.54 21.70 30.78
CA TYR X 207 89.51 20.44 31.53
C TYR X 207 89.43 19.26 30.56
N ASP X 208 89.88 18.11 31.04
CA ASP X 208 89.81 16.90 30.26
C ASP X 208 88.38 16.39 30.22
N GLN X 209 87.92 16.01 29.02
CA GLN X 209 86.58 15.48 28.81
C GLN X 209 86.70 14.00 28.46
N GLU X 210 86.29 13.15 29.39
CA GLU X 210 86.35 11.71 29.21
C GLU X 210 84.97 11.16 28.92
N TYR X 211 84.94 10.07 28.16
CA TYR X 211 83.71 9.39 27.79
C TYR X 211 83.94 7.89 27.80
N ASN X 212 82.89 7.16 28.16
CA ASN X 212 82.84 5.70 28.02
C ASN X 212 81.88 5.39 26.89
N ILE X 213 82.41 4.92 25.78
CA ILE X 213 81.64 4.73 24.57
C ILE X 213 81.22 3.28 24.49
N ARG X 214 79.91 3.05 24.39
CA ARG X 214 79.33 1.73 24.29
C ARG X 214 78.70 1.59 22.92
N VAL X 215 79.28 0.74 22.09
CA VAL X 215 78.77 0.43 20.77
C VAL X 215 77.99 -0.86 20.85
N THR X 216 76.79 -0.85 20.31
CA THR X 216 75.91 -2.01 20.25
C THR X 216 75.56 -2.24 18.80
N MET X 217 75.93 -3.41 18.29
CA MET X 217 75.61 -3.81 16.92
C MET X 217 74.47 -4.81 16.91
N TYR X 218 73.46 -4.52 16.11
CA TYR X 218 72.32 -5.39 15.91
C TYR X 218 72.53 -6.16 14.61
N VAL X 219 72.85 -7.44 14.75
CA VAL X 219 73.32 -8.25 13.64
C VAL X 219 72.27 -9.30 13.32
N GLN X 220 72.44 -9.93 12.17
CA GLN X 220 71.54 -10.95 11.66
C GLN X 220 72.39 -12.01 11.00
N PHE X 221 72.39 -13.20 11.57
CA PHE X 221 73.17 -14.31 11.09
C PHE X 221 72.32 -15.26 10.24
N ARG X 222 73.00 -16.23 9.62
CA ARG X 222 72.35 -17.16 8.72
C ARG X 222 73.17 -18.44 8.66
N GLU X 223 72.48 -19.54 8.44
CA GLU X 223 73.08 -20.86 8.19
C GLU X 223 73.92 -21.32 9.39
N PHE X 224 73.19 -21.65 10.45
CA PHE X 224 73.70 -22.41 11.58
C PHE X 224 74.58 -23.56 11.13
N ASN X 225 75.83 -23.57 11.57
CA ASN X 225 76.84 -24.47 11.05
C ASN X 225 77.65 -25.12 12.15
N LEU X 226 76.97 -25.55 13.20
CA LEU X 226 77.66 -26.18 14.30
C LEU X 226 78.26 -27.51 13.85
N LYS X 227 79.44 -27.81 14.37
CA LYS X 227 80.15 -29.05 14.09
C LYS X 227 80.35 -29.81 15.38
N ASP X 228 79.94 -31.08 15.39
CA ASP X 228 79.91 -31.91 16.58
C ASP X 228 80.73 -33.17 16.35
N PRO X 229 82.04 -33.10 16.53
CA PRO X 229 82.85 -34.30 16.48
C PRO X 229 82.65 -35.16 17.71
N PRO X 230 83.10 -36.41 17.69
CA PRO X 230 83.04 -37.22 18.91
C PRO X 230 84.02 -36.74 19.97
N LEU X 231 84.05 -37.44 21.09
CA LEU X 231 84.91 -37.08 22.22
C LEU X 231 85.50 -38.32 22.89
N GLY Y 43 65.50 27.39 -10.39
CA GLY Y 43 66.18 26.27 -9.77
C GLY Y 43 66.39 26.47 -8.29
N ILE Y 44 65.35 26.19 -7.52
CA ILE Y 44 65.35 26.48 -6.10
C ILE Y 44 66.12 25.41 -5.35
N PHE Y 45 66.81 25.85 -4.29
CA PHE Y 45 67.52 24.95 -3.40
C PHE Y 45 67.52 25.57 -2.02
N ASN Y 46 66.65 25.08 -1.16
CA ASN Y 46 66.62 25.48 0.23
C ASN Y 46 67.64 24.67 1.01
N THR Y 47 68.51 25.35 1.74
CA THR Y 47 69.50 24.69 2.57
C THR Y 47 69.66 25.47 3.88
N ARG Y 48 70.72 25.13 4.60
CA ARG Y 48 70.97 25.63 5.94
C ARG Y 48 72.47 25.83 6.12
N LEU Y 49 72.85 27.02 6.54
CA LEU Y 49 74.23 27.41 6.72
C LEU Y 49 74.40 27.91 8.15
N SER Y 50 75.50 27.51 8.78
CA SER Y 50 75.78 27.80 10.17
C SER Y 50 77.15 28.43 10.34
N ARG Y 51 77.38 28.93 11.54
CA ARG Y 51 78.55 29.70 11.91
C ARG Y 51 78.52 29.85 13.42
N THR Y 52 79.69 29.77 14.03
CA THR Y 52 79.82 29.79 15.49
C THR Y 52 80.90 30.77 15.89
N PHE Y 53 80.63 31.53 16.95
CA PHE Y 53 81.56 32.52 17.45
C PHE Y 53 81.22 32.82 18.91
N GLY Y 54 82.12 33.55 19.56
CA GLY Y 54 82.00 33.84 20.96
C GLY Y 54 81.55 35.24 21.31
N TYR Y 55 80.99 35.37 22.52
CA TYR Y 55 80.59 36.65 23.07
C TYR Y 55 80.72 36.57 24.58
N THR Y 56 81.37 37.58 25.17
CA THR Y 56 81.61 37.62 26.60
C THR Y 56 81.12 38.94 27.16
N ILE Y 57 80.49 38.86 28.33
CA ILE Y 57 80.08 40.01 29.12
C ILE Y 57 81.05 40.07 30.29
N LYS Y 58 81.98 41.01 30.23
CA LYS Y 58 83.00 41.13 31.26
C LYS Y 58 82.39 41.53 32.60
N ARG Y 59 83.12 41.24 33.65
CA ARG Y 59 82.69 41.53 35.01
C ARG Y 59 82.76 43.03 35.29
N THR Y 60 82.00 43.42 36.32
CA THR Y 60 81.96 44.81 36.77
C THR Y 60 81.86 44.85 38.29
N THR Y 61 82.62 45.77 38.89
CA THR Y 61 82.51 46.03 40.32
C THR Y 61 81.28 46.85 40.69
N VAL Y 62 80.53 47.35 39.70
CA VAL Y 62 79.35 48.14 39.97
C VAL Y 62 78.34 47.33 40.77
N LYS Y 63 77.76 47.98 41.78
CA LYS Y 63 76.82 47.30 42.67
C LYS Y 63 75.43 47.25 42.10
N THR Y 64 75.01 48.29 41.41
CA THR Y 64 73.66 48.39 40.89
C THR Y 64 73.40 47.33 39.84
N PRO Y 65 72.13 47.10 39.50
CA PRO Y 65 71.83 46.28 38.32
C PRO Y 65 71.99 47.12 37.06
N SER Y 66 73.05 46.85 36.32
CA SER Y 66 73.30 47.48 35.04
C SER Y 66 73.30 46.43 33.96
N TRP Y 67 73.04 46.87 32.74
CA TRP Y 67 72.94 45.99 31.58
C TRP Y 67 73.97 46.36 30.54
N ALA Y 68 74.42 45.34 29.82
CA ALA Y 68 75.38 45.47 28.74
C ALA Y 68 74.66 45.28 27.42
N VAL Y 69 74.71 46.29 26.57
CA VAL Y 69 73.97 46.31 25.33
C VAL Y 69 74.93 46.06 24.19
N ASP Y 70 74.45 45.30 23.20
CA ASP Y 70 75.23 45.00 22.01
C ASP Y 70 74.28 44.65 20.88
N MET Y 71 74.82 44.62 19.69
CA MET Y 71 74.07 44.41 18.46
C MET Y 71 74.56 43.15 17.75
N MET Y 72 73.79 42.73 16.76
CA MET Y 72 74.09 41.52 16.01
C MET Y 72 73.51 41.64 14.60
N ARG Y 73 74.38 41.69 13.61
CA ARG Y 73 74.03 41.68 12.20
C ARG Y 73 74.38 40.31 11.61
N PHE Y 74 73.86 40.08 10.41
CA PHE Y 74 74.06 38.82 9.71
C PHE Y 74 74.40 39.11 8.26
N ASN Y 75 75.54 38.57 7.81
CA ASN Y 75 75.95 38.66 6.41
C ASN Y 75 76.28 37.27 5.91
N ILE Y 76 76.05 37.07 4.62
CA ILE Y 76 76.23 35.76 4.01
C ILE Y 76 77.69 35.46 3.68
N ASN Y 77 78.57 36.46 3.69
CA ASN Y 77 79.98 36.19 3.47
C ASN Y 77 80.56 35.37 4.62
N ASP Y 78 80.02 35.54 5.82
CA ASP Y 78 80.51 34.82 6.98
C ASP Y 78 80.03 33.38 7.02
N PHE Y 79 79.05 33.02 6.21
CA PHE Y 79 78.52 31.66 6.13
C PHE Y 79 78.92 30.94 4.86
N LEU Y 80 79.08 31.68 3.76
CA LEU Y 80 79.38 31.12 2.45
C LEU Y 80 80.77 31.56 2.02
N PRO Y 81 81.77 30.69 1.94
CA PRO Y 81 83.09 31.15 1.58
C PRO Y 81 83.20 31.43 0.10
N PRO Y 82 84.31 32.02 -0.35
CA PRO Y 82 84.54 32.15 -1.78
C PRO Y 82 84.87 30.81 -2.41
N GLY Y 83 84.47 30.66 -3.66
CA GLY Y 83 84.68 29.43 -4.37
C GLY Y 83 86.06 29.34 -4.99
N GLY Y 84 86.13 28.79 -6.19
CA GLY Y 84 87.38 28.66 -6.89
C GLY Y 84 87.20 28.53 -8.38
N GLY Y 85 87.97 29.31 -9.13
CA GLY Y 85 87.90 29.27 -10.57
C GLY Y 85 86.82 30.15 -11.14
N SER Y 86 86.13 29.66 -12.16
CA SER Y 86 85.09 30.43 -12.81
C SER Y 86 83.86 30.58 -11.94
N ASN Y 87 83.73 29.77 -10.89
CA ASN Y 87 82.64 29.90 -9.94
C ASN Y 87 83.09 30.76 -8.78
N PRO Y 88 82.61 31.99 -8.62
CA PRO Y 88 83.16 32.87 -7.58
C PRO Y 88 82.80 32.45 -6.18
N ARG Y 89 81.72 31.69 -6.01
CA ARG Y 89 81.25 31.24 -4.70
C ARG Y 89 81.19 29.73 -4.66
N SER Y 90 81.13 29.19 -3.44
CA SER Y 90 81.20 27.76 -3.24
C SER Y 90 79.86 27.07 -3.48
N VAL Y 91 78.77 27.81 -3.34
CA VAL Y 91 77.43 27.32 -3.69
C VAL Y 91 77.07 27.89 -5.05
N PRO Y 92 77.00 27.09 -6.11
CA PRO Y 92 76.87 27.69 -7.45
C PRO Y 92 75.45 28.12 -7.80
N PHE Y 93 75.08 29.28 -7.27
CA PHE Y 93 73.80 29.89 -7.55
C PHE Y 93 74.00 31.39 -7.71
N GLU Y 94 73.02 32.03 -8.35
CA GLU Y 94 73.06 33.44 -8.66
C GLU Y 94 72.37 34.30 -7.61
N TYR Y 95 71.15 33.95 -7.25
CA TYR Y 95 70.31 34.73 -6.37
C TYR Y 95 70.12 34.02 -5.05
N TYR Y 96 69.71 34.80 -4.05
CA TYR Y 96 69.43 34.26 -2.73
C TYR Y 96 68.45 35.15 -2.01
N ARG Y 97 67.84 34.60 -0.98
CA ARG Y 97 67.03 35.39 -0.05
C ARG Y 97 66.95 34.62 1.25
N ILE Y 98 67.26 35.30 2.35
CA ILE Y 98 67.31 34.66 3.65
C ILE Y 98 65.90 34.56 4.19
N ARG Y 99 65.48 33.34 4.50
CA ARG Y 99 64.14 33.06 4.98
C ARG Y 99 64.02 33.21 6.48
N LYS Y 100 64.96 32.61 7.23
CA LYS Y 100 64.93 32.61 8.67
C LYS Y 100 66.36 32.60 9.18
N VAL Y 101 66.50 33.00 10.45
CA VAL Y 101 67.75 32.88 11.18
C VAL Y 101 67.42 32.35 12.56
N LYS Y 102 68.30 31.49 13.07
CA LYS Y 102 68.22 30.93 14.41
C LYS Y 102 69.51 31.30 15.13
N VAL Y 103 69.40 32.22 16.06
CA VAL Y 103 70.50 32.59 16.94
C VAL Y 103 70.37 31.80 18.23
N GLU Y 104 71.41 31.08 18.57
CA GLU Y 104 71.45 30.22 19.76
C GLU Y 104 72.58 30.70 20.65
N PHE Y 105 72.24 31.14 21.85
CA PHE Y 105 73.21 31.47 22.87
C PHE Y 105 73.45 30.22 23.70
N TRP Y 106 74.53 29.52 23.37
CA TRP Y 106 74.92 28.35 24.13
C TRP Y 106 75.82 28.78 25.27
N PRO Y 107 75.45 28.55 26.53
CA PRO Y 107 76.28 29.05 27.62
C PRO Y 107 77.60 28.31 27.75
N CYS Y 108 78.54 29.01 28.36
CA CYS Y 108 79.85 28.48 28.67
C CYS Y 108 80.09 28.39 30.16
N SER Y 109 79.11 28.74 30.98
CA SER Y 109 79.26 28.91 32.40
C SER Y 109 78.61 27.75 33.14
N PRO Y 110 79.14 27.37 34.30
CA PRO Y 110 78.56 26.25 35.03
C PRO Y 110 77.22 26.59 35.65
N ILE Y 111 76.46 25.54 35.97
CA ILE Y 111 75.17 25.74 36.61
C ILE Y 111 75.29 26.12 38.08
N THR Y 112 76.49 26.12 38.64
CA THR Y 112 76.73 26.57 39.99
C THR Y 112 77.08 28.04 40.10
N GLN Y 113 77.12 28.76 38.98
CA GLN Y 113 77.54 30.16 39.00
C GLN Y 113 76.42 31.01 39.58
N GLY Y 114 76.79 31.90 40.48
CA GLY Y 114 75.85 32.79 41.13
C GLY Y 114 75.81 34.16 40.50
N ASP Y 115 75.23 35.10 41.23
CA ASP Y 115 75.01 36.46 40.75
C ASP Y 115 74.23 36.44 39.45
N ARG Y 116 73.20 35.61 39.41
CA ARG Y 116 72.39 35.45 38.22
C ARG Y 116 71.66 36.74 37.91
N GLY Y 117 71.12 36.79 36.69
CA GLY Y 117 70.50 38.00 36.19
C GLY Y 117 69.40 37.72 35.21
N VAL Y 118 68.88 38.79 34.60
CA VAL Y 118 67.77 38.68 33.67
C VAL Y 118 67.91 39.78 32.64
N GLY Y 119 67.85 39.37 31.37
CA GLY Y 119 68.04 40.27 30.25
C GLY Y 119 66.94 40.17 29.23
N SER Y 120 67.22 40.67 28.03
CA SER Y 120 66.20 40.76 26.99
C SER Y 120 66.87 40.74 25.63
N SER Y 121 66.24 40.03 24.70
CA SER Y 121 66.64 40.01 23.30
C SER Y 121 65.46 40.45 22.46
N ALA Y 122 65.70 41.40 21.56
CA ALA Y 122 64.67 41.96 20.71
C ALA Y 122 65.12 41.93 19.25
N VAL Y 123 64.14 42.03 18.37
CA VAL Y 123 64.34 41.93 16.93
C VAL Y 123 64.27 43.33 16.33
N ILE Y 124 65.35 43.74 15.68
CA ILE Y 124 65.56 45.10 15.22
C ILE Y 124 65.88 45.04 13.74
N LEU Y 125 64.89 45.29 12.90
CA LEU Y 125 64.98 45.04 11.48
C LEU Y 125 65.37 46.28 10.66
N ASP Y 126 66.12 47.23 11.24
CA ASP Y 126 66.33 48.51 10.57
C ASP Y 126 67.72 49.14 10.74
N ASP Y 127 68.66 48.48 11.42
CA ASP Y 127 70.03 48.96 11.50
C ASP Y 127 70.15 50.22 12.33
N ASN Y 128 69.23 50.43 13.28
CA ASN Y 128 69.35 51.49 14.27
C ASN Y 128 69.08 50.82 15.61
N PHE Y 129 70.17 50.36 16.21
CA PHE Y 129 70.16 49.70 17.50
C PHE Y 129 70.32 50.72 18.61
N VAL Y 130 69.96 50.31 19.82
CA VAL Y 130 70.36 51.06 21.00
C VAL Y 130 71.88 51.07 21.05
N THR Y 131 72.43 52.21 21.44
CA THR Y 131 73.88 52.39 21.43
C THR Y 131 74.55 51.35 22.33
N LYS Y 132 75.69 50.84 21.87
CA LYS Y 132 76.43 49.87 22.64
C LYS Y 132 76.89 50.48 23.95
N ALA Y 133 76.60 49.78 25.04
CA ALA Y 133 76.88 50.24 26.38
C ALA Y 133 77.47 49.12 27.20
N THR Y 134 78.33 49.48 28.14
CA THR Y 134 78.96 48.53 29.05
C THR Y 134 78.12 48.31 30.29
N ALA Y 135 77.70 49.40 30.95
CA ALA Y 135 76.87 49.31 32.15
C ALA Y 135 75.82 50.41 32.06
N LEU Y 136 74.69 50.08 31.45
CA LEU Y 136 73.55 50.97 31.37
C LEU Y 136 72.58 50.68 32.51
N THR Y 137 71.97 51.73 33.04
CA THR Y 137 71.17 51.65 34.25
C THR Y 137 69.79 51.04 34.04
N TYR Y 138 69.50 50.51 32.86
CA TYR Y 138 68.20 49.92 32.59
C TYR Y 138 68.32 49.00 31.40
N ASP Y 139 67.29 48.19 31.20
CA ASP Y 139 67.20 47.28 30.07
C ASP Y 139 66.40 47.96 28.97
N PRO Y 140 67.04 48.42 27.88
CA PRO Y 140 66.26 49.15 26.88
C PRO Y 140 65.31 48.28 26.10
N TYR Y 141 65.65 47.01 25.90
CA TYR Y 141 64.87 46.11 25.09
C TYR Y 141 63.78 45.40 25.86
N VAL Y 142 63.43 45.90 27.04
CA VAL Y 142 62.50 45.17 27.91
C VAL Y 142 61.06 45.39 27.48
N ASN Y 143 60.71 46.60 27.08
CA ASN Y 143 59.35 46.92 26.70
C ASN Y 143 59.10 46.71 25.22
N TYR Y 144 60.06 46.17 24.49
CA TYR Y 144 59.86 45.89 23.08
C TYR Y 144 58.88 44.74 22.90
N SER Y 145 58.06 44.85 21.87
CA SER Y 145 57.07 43.83 21.56
C SER Y 145 57.69 42.50 21.21
N SER Y 146 58.94 42.50 20.74
CA SER Y 146 59.67 41.29 20.38
C SER Y 146 60.65 40.86 21.45
N ARG Y 147 60.44 41.27 22.70
CA ARG Y 147 61.35 40.92 23.77
C ARG Y 147 61.10 39.50 24.23
N HIS Y 148 62.17 38.74 24.34
CA HIS Y 148 62.20 37.47 25.03
C HIS Y 148 63.16 37.61 26.18
N THR Y 149 62.81 37.06 27.33
CA THR Y 149 63.65 37.12 28.51
C THR Y 149 64.85 36.21 28.35
N ILE Y 150 66.01 36.73 28.72
CA ILE Y 150 67.25 35.97 28.78
C ILE Y 150 67.51 35.71 30.25
N THR Y 151 67.36 34.46 30.66
CA THR Y 151 67.89 34.01 31.92
C THR Y 151 69.39 33.80 31.80
N GLN Y 152 70.13 34.28 32.78
CA GLN Y 152 71.58 34.27 32.78
C GLN Y 152 72.08 33.54 34.02
N PRO Y 153 73.31 33.03 34.00
CA PRO Y 153 74.30 32.91 32.93
C PRO Y 153 74.34 31.56 32.24
N PHE Y 154 73.71 30.56 32.84
CA PHE Y 154 73.88 29.17 32.44
C PHE Y 154 72.67 28.62 31.72
N SER Y 155 71.94 29.47 31.02
CA SER Y 155 70.69 29.08 30.39
C SER Y 155 70.74 29.37 28.90
N TYR Y 156 70.11 28.50 28.14
CA TYR Y 156 70.07 28.56 26.70
C TYR Y 156 68.98 29.51 26.24
N HIS Y 157 69.29 30.28 25.21
CA HIS Y 157 68.38 31.27 24.64
C HIS Y 157 68.42 31.14 23.13
N SER Y 158 67.26 30.91 22.53
CA SER Y 158 67.11 30.84 21.09
C SER Y 158 66.16 31.92 20.61
N ARG Y 159 66.42 32.40 19.40
CA ARG Y 159 65.54 33.34 18.73
C ARG Y 159 65.46 32.93 17.26
N TYR Y 160 64.24 32.76 16.77
CA TYR Y 160 63.98 32.29 15.41
C TYR Y 160 63.07 33.31 14.74
N PHE Y 161 63.58 33.95 13.71
CA PHE Y 161 62.89 35.08 13.10
C PHE Y 161 63.36 35.22 11.66
N THR Y 162 62.72 36.15 10.96
CA THR Y 162 62.98 36.44 9.57
C THR Y 162 63.70 37.77 9.45
N PRO Y 163 64.98 37.83 9.08
CA PRO Y 163 65.65 39.12 9.01
C PRO Y 163 65.26 39.90 7.78
N LYS Y 164 65.81 41.11 7.66
CA LYS Y 164 65.53 42.00 6.54
C LYS Y 164 66.84 42.60 6.09
N PRO Y 165 67.01 42.83 4.79
CA PRO Y 165 68.26 43.42 4.31
C PRO Y 165 68.25 44.94 4.41
N VAL Y 166 69.47 45.48 4.45
CA VAL Y 166 69.69 46.91 4.55
C VAL Y 166 69.82 47.43 3.13
N LEU Y 167 68.69 47.79 2.55
CA LEU Y 167 68.65 48.32 1.20
C LEU Y 167 68.99 49.80 1.16
N ASP Y 168 68.44 50.58 2.09
CA ASP Y 168 68.77 52.00 2.22
C ASP Y 168 68.84 52.30 3.70
N SER Y 169 70.05 52.54 4.20
CA SER Y 169 70.23 52.87 5.61
C SER Y 169 69.73 54.26 5.96
N THR Y 170 69.55 55.13 4.97
CA THR Y 170 69.05 56.47 5.23
C THR Y 170 67.56 56.47 5.54
N ILE Y 171 66.79 55.65 4.84
CA ILE Y 171 65.34 55.60 4.96
C ILE Y 171 64.95 54.42 5.82
N ASP Y 172 65.70 53.32 5.71
CA ASP Y 172 65.51 52.12 6.51
C ASP Y 172 64.11 51.56 6.32
N TYR Y 173 63.85 51.12 5.09
CA TYR Y 173 62.59 50.49 4.72
C TYR Y 173 62.77 48.99 4.58
N PHE Y 174 61.73 48.24 4.91
CA PHE Y 174 61.76 46.80 4.80
C PHE Y 174 60.36 46.27 4.51
N GLN Y 175 60.33 45.09 4.09
CA GLN Y 175 59.12 44.40 3.70
C GLN Y 175 58.50 43.63 4.86
N PRO Y 176 57.20 43.47 4.91
CA PRO Y 176 56.63 42.52 5.85
C PRO Y 176 56.86 41.09 5.44
N ASN Y 177 56.49 40.16 6.31
CA ASN Y 177 56.78 38.76 6.07
C ASN Y 177 55.82 38.21 5.02
N ASN Y 178 56.37 37.78 3.89
CA ASN Y 178 55.60 37.18 2.83
C ASN Y 178 56.55 36.28 2.07
N LYS Y 179 56.34 34.97 2.12
CA LYS Y 179 57.25 34.07 1.46
C LYS Y 179 57.20 34.23 -0.05
N ARG Y 180 56.05 34.62 -0.59
CA ARG Y 180 55.88 34.68 -2.03
C ARG Y 180 56.41 35.97 -2.63
N ASN Y 181 56.46 37.04 -1.84
CA ASN Y 181 56.84 38.36 -2.32
C ASN Y 181 58.21 38.81 -1.84
N GLN Y 182 58.93 37.97 -1.12
CA GLN Y 182 60.24 38.34 -0.60
C GLN Y 182 61.22 38.57 -1.74
N LEU Y 183 61.96 39.65 -1.65
CA LEU Y 183 62.90 40.03 -2.68
C LEU Y 183 64.02 39.01 -2.80
N TRP Y 184 64.46 38.80 -4.03
CA TRP Y 184 65.66 38.05 -4.32
C TRP Y 184 66.82 39.03 -4.45
N LEU Y 185 67.86 38.80 -3.67
CA LEU Y 185 69.11 39.52 -3.81
C LEU Y 185 70.08 38.71 -4.64
N ARG Y 186 71.13 39.36 -5.09
CA ARG Y 186 72.21 38.72 -5.80
C ARG Y 186 73.28 38.26 -4.84
N LEU Y 187 73.78 37.07 -5.07
CA LEU Y 187 74.92 36.52 -4.34
C LEU Y 187 76.18 37.11 -4.96
N GLN Y 188 76.61 38.22 -4.38
CA GLN Y 188 77.79 38.92 -4.86
C GLN Y 188 79.03 38.10 -4.57
N THR Y 189 80.15 38.57 -5.10
CA THR Y 189 81.42 37.88 -4.93
C THR Y 189 82.04 38.19 -3.57
N ALA Y 190 82.21 39.47 -3.24
CA ALA Y 190 82.78 39.86 -1.94
C ALA Y 190 82.13 41.09 -1.33
N GLY Y 191 80.88 41.38 -1.67
CA GLY Y 191 80.24 42.62 -1.25
C GLY Y 191 78.78 42.51 -0.89
N ASN Y 192 78.38 41.37 -0.33
CA ASN Y 192 76.99 41.15 -0.01
C ASN Y 192 76.52 42.10 1.09
N VAL Y 193 75.21 42.29 1.12
CA VAL Y 193 74.58 43.29 1.98
C VAL Y 193 74.28 42.68 3.33
N ASP Y 194 74.37 43.50 4.37
CA ASP Y 194 74.18 43.04 5.73
C ASP Y 194 72.70 42.90 6.03
N HIS Y 195 72.33 41.75 6.55
CA HIS Y 195 71.01 41.55 7.13
C HIS Y 195 71.07 41.83 8.62
N VAL Y 196 69.92 42.16 9.17
CA VAL Y 196 69.82 42.75 10.50
C VAL Y 196 68.60 42.17 11.19
N GLY Y 197 68.54 42.33 12.51
CA GLY Y 197 67.46 41.72 13.24
C GLY Y 197 67.64 41.21 14.64
N LEU Y 198 68.75 41.49 15.33
CA LEU Y 198 68.80 41.14 16.74
C LEU Y 198 69.63 42.10 17.56
N GLY Y 199 69.07 42.51 18.69
CA GLY Y 199 69.79 43.26 19.69
C GLY Y 199 69.52 42.70 21.06
N THR Y 200 70.53 42.79 21.92
CA THR Y 200 70.54 42.10 23.20
C THR Y 200 70.83 43.08 24.32
N ALA Y 201 70.48 42.66 25.53
CA ALA Y 201 70.84 43.37 26.75
C ALA Y 201 71.06 42.33 27.84
N PHE Y 202 72.31 42.20 28.27
CA PHE Y 202 72.70 41.25 29.30
C PHE Y 202 73.01 41.99 30.59
N GLU Y 203 72.50 41.45 31.69
CA GLU Y 203 72.76 42.01 33.00
C GLU Y 203 74.15 41.62 33.46
N ASN Y 204 74.93 42.62 33.87
CA ASN Y 204 76.29 42.40 34.26
C ASN Y 204 76.37 41.65 35.59
N SER Y 205 77.57 41.17 35.90
CA SER Y 205 77.78 40.30 37.05
C SER Y 205 79.21 40.47 37.55
N ILE Y 206 79.45 39.94 38.74
CA ILE Y 206 80.79 39.93 39.30
C ILE Y 206 81.70 38.99 38.53
N TYR Y 207 81.13 37.94 37.96
CA TYR Y 207 81.87 36.95 37.19
C TYR Y 207 81.67 37.18 35.70
N ASP Y 208 82.63 36.71 34.92
CA ASP Y 208 82.54 36.81 33.47
C ASP Y 208 81.53 35.82 32.94
N GLN Y 209 80.67 36.28 32.03
CA GLN Y 209 79.64 35.47 31.40
C GLN Y 209 80.01 35.27 29.95
N GLU Y 210 80.42 34.06 29.59
CA GLU Y 210 80.82 33.73 28.23
C GLU Y 210 79.72 32.92 27.56
N TYR Y 211 79.64 33.08 26.24
CA TYR Y 211 78.67 32.39 25.41
C TYR Y 211 79.32 31.99 24.09
N ASN Y 212 78.88 30.86 23.56
CA ASN Y 212 79.22 30.42 22.21
C ASN Y 212 77.96 30.57 21.37
N ILE Y 213 77.97 31.54 20.46
CA ILE Y 213 76.79 31.89 19.70
C ILE Y 213 76.85 31.19 18.36
N ARG Y 214 75.82 30.42 18.05
CA ARG Y 214 75.69 29.67 16.80
C ARG Y 214 74.53 30.25 16.02
N VAL Y 215 74.84 30.91 14.92
CA VAL Y 215 73.85 31.46 14.00
C VAL Y 215 73.66 30.49 12.86
N THR Y 216 72.42 30.18 12.57
CA THR Y 216 72.03 29.30 11.48
C THR Y 216 71.09 30.07 10.58
N MET Y 217 71.47 30.25 9.33
CA MET Y 217 70.64 30.92 8.34
C MET Y 217 70.03 29.90 7.40
N TYR Y 218 68.71 29.98 7.25
CA TYR Y 218 67.96 29.15 6.32
C TYR Y 218 67.71 29.96 5.06
N VAL Y 219 68.43 29.60 4.00
CA VAL Y 219 68.48 30.40 2.79
C VAL Y 219 67.79 29.65 1.67
N GLN Y 220 67.54 30.37 0.58
CA GLN Y 220 66.86 29.84 -0.59
C GLN Y 220 67.55 30.47 -1.79
N PHE Y 221 68.19 29.64 -2.60
CA PHE Y 221 68.91 30.07 -3.77
C PHE Y 221 68.09 29.86 -5.04
N ARG Y 222 68.62 30.37 -6.15
CA ARG Y 222 67.91 30.32 -7.42
C ARG Y 222 68.94 30.40 -8.54
N GLU Y 223 68.60 29.77 -9.66
CA GLU Y 223 69.37 29.84 -10.91
C GLU Y 223 70.79 29.31 -10.74
N PHE Y 224 70.85 27.99 -10.57
CA PHE Y 224 72.07 27.21 -10.70
C PHE Y 224 72.89 27.66 -11.89
N ASN Y 225 74.12 28.08 -11.64
CA ASN Y 225 74.94 28.75 -12.63
C ASN Y 225 76.35 28.19 -12.66
N LEU Y 226 76.47 26.87 -12.58
CA LEU Y 226 77.79 26.26 -12.62
C LEU Y 226 78.44 26.48 -13.96
N LYS Y 227 79.75 26.70 -13.94
CA LYS Y 227 80.55 26.89 -15.13
C LYS Y 227 81.61 25.80 -15.21
N ASP Y 228 81.67 25.12 -16.35
CA ASP Y 228 82.51 23.94 -16.54
C ASP Y 228 83.42 24.17 -17.73
N PRO Y 229 84.55 24.83 -17.53
CA PRO Y 229 85.55 24.93 -18.58
C PRO Y 229 86.27 23.63 -18.78
N PRO Y 230 87.01 23.46 -19.88
CA PRO Y 230 87.83 22.26 -20.03
C PRO Y 230 89.01 22.24 -19.08
N LEU Y 231 89.82 21.20 -19.17
CA LEU Y 231 90.98 21.01 -18.30
C LEU Y 231 92.17 20.46 -19.07
N GLY Z 43 53.10 45.30 17.39
CA GLY Z 43 52.26 46.17 18.20
C GLY Z 43 51.63 47.28 17.42
N ILE Z 44 50.53 46.97 16.76
CA ILE Z 44 49.90 47.89 15.83
C ILE Z 44 49.07 48.91 16.60
N PHE Z 45 49.05 50.13 16.08
CA PHE Z 45 48.22 51.19 16.63
C PHE Z 45 47.84 52.10 15.47
N ASN Z 46 46.61 51.96 14.99
CA ASN Z 46 46.07 52.86 14.00
C ASN Z 46 45.49 54.08 14.68
N THR Z 47 45.92 55.26 14.23
CA THR Z 47 45.41 56.51 14.77
C THR Z 47 45.24 57.52 13.63
N ARG Z 48 45.06 58.78 14.01
CA ARG Z 48 44.72 59.85 13.10
C ARG Z 48 45.40 61.12 13.58
N LEU Z 49 46.14 61.75 12.68
CA LEU Z 49 46.90 62.96 12.96
C LEU Z 49 46.49 64.02 11.97
N SER Z 50 46.32 65.24 12.46
CA SER Z 50 45.83 66.37 11.68
C SER Z 50 46.76 67.56 11.80
N ARG Z 51 46.49 68.54 10.95
CA ARG Z 51 47.31 69.72 10.75
C ARG Z 51 46.52 70.67 9.88
N THR Z 52 46.62 71.96 10.18
CA THR Z 52 45.84 72.99 9.51
C THR Z 52 46.74 74.13 9.10
N PHE Z 53 46.52 74.65 7.89
CA PHE Z 53 47.32 75.74 7.35
C PHE Z 53 46.52 76.42 6.25
N GLY Z 54 47.03 77.57 5.83
CA GLY Z 54 46.35 78.40 4.86
C GLY Z 54 46.91 78.36 3.45
N TYR Z 55 46.06 78.71 2.50
CA TYR Z 55 46.44 78.83 1.10
C TYR Z 55 45.56 79.89 0.47
N THR Z 56 46.18 80.83 -0.24
CA THR Z 56 45.49 81.93 -0.88
C THR Z 56 45.85 81.99 -2.35
N ILE Z 57 44.83 82.25 -3.17
CA ILE Z 57 44.99 82.51 -4.59
C ILE Z 57 44.76 84.00 -4.76
N LYS Z 58 45.84 84.74 -4.98
CA LYS Z 58 45.76 86.18 -5.09
C LYS Z 58 45.00 86.60 -6.34
N ARG Z 59 44.49 87.83 -6.31
CA ARG Z 59 43.71 88.38 -7.40
C ARG Z 59 44.60 88.68 -8.61
N THR Z 60 43.96 88.79 -9.76
CA THR Z 60 44.61 89.13 -11.02
C THR Z 60 43.71 90.03 -11.84
N THR Z 61 44.31 91.05 -12.45
CA THR Z 61 43.62 91.89 -13.41
C THR Z 61 43.43 91.24 -14.77
N VAL Z 62 44.03 90.07 -14.99
CA VAL Z 62 43.90 89.38 -16.27
C VAL Z 62 42.43 89.08 -16.55
N LYS Z 63 42.02 89.31 -17.79
CA LYS Z 63 40.64 89.12 -18.19
C LYS Z 63 40.33 87.68 -18.53
N THR Z 64 41.28 86.99 -19.15
CA THR Z 64 41.06 85.63 -19.59
C THR Z 64 40.82 84.69 -18.42
N PRO Z 65 40.31 83.48 -18.69
CA PRO Z 65 40.31 82.45 -17.65
C PRO Z 65 41.68 81.82 -17.55
N SER Z 66 42.40 82.14 -16.49
CA SER Z 66 43.69 81.55 -16.19
C SER Z 66 43.60 80.79 -14.88
N TRP Z 67 44.50 79.84 -14.71
CA TRP Z 67 44.54 78.98 -13.55
C TRP Z 67 45.85 79.12 -12.81
N ALA Z 68 45.76 78.95 -11.49
CA ALA Z 68 46.91 79.00 -10.59
C ALA Z 68 47.23 77.58 -10.15
N VAL Z 69 48.44 77.15 -10.43
CA VAL Z 69 48.86 75.78 -10.18
C VAL Z 69 49.77 75.77 -8.96
N ASP Z 70 49.62 74.73 -8.14
CA ASP Z 70 50.45 74.55 -6.97
C ASP Z 70 50.45 73.08 -6.61
N MET Z 71 51.37 72.72 -5.73
CA MET Z 71 51.62 71.35 -5.31
C MET Z 71 51.38 71.20 -3.82
N MET Z 72 51.34 69.95 -3.39
CA MET Z 72 51.07 69.62 -1.99
C MET Z 72 51.73 68.30 -1.65
N ARG Z 73 52.73 68.33 -0.78
CA ARG Z 73 53.38 67.15 -0.23
C ARG Z 73 52.95 66.96 1.21
N PHE Z 74 53.26 65.77 1.74
CA PHE Z 74 52.89 65.41 3.11
C PHE Z 74 54.09 64.76 3.78
N ASN Z 75 54.49 65.31 4.93
CA ASN Z 75 55.54 64.74 5.76
C ASN Z 75 55.03 64.59 7.18
N ILE Z 76 55.54 63.57 7.86
CA ILE Z 76 55.08 63.25 9.20
C ILE Z 76 55.69 64.13 10.27
N ASN Z 77 56.76 64.86 9.95
CA ASN Z 77 57.30 65.80 10.92
C ASN Z 77 56.34 66.93 11.23
N ASP Z 78 55.52 67.30 10.25
CA ASP Z 78 54.55 68.37 10.42
C ASP Z 78 53.34 67.94 11.22
N PHE Z 79 53.14 66.65 11.42
CA PHE Z 79 52.03 66.12 12.20
C PHE Z 79 52.45 65.56 13.54
N LEU Z 80 53.66 65.03 13.63
CA LEU Z 80 54.18 64.40 14.83
C LEU Z 80 55.34 65.21 15.39
N PRO Z 81 55.22 65.87 16.53
CA PRO Z 81 56.32 66.69 17.01
C PRO Z 81 57.42 65.83 17.60
N PRO Z 82 58.56 66.43 17.91
CA PRO Z 82 59.59 65.69 18.64
C PRO Z 82 59.20 65.47 20.08
N GLY Z 83 59.64 64.35 20.62
CA GLY Z 83 59.31 64.00 21.98
C GLY Z 83 60.21 64.65 22.99
N GLY Z 84 60.56 63.90 24.03
CA GLY Z 84 61.43 64.40 25.06
C GLY Z 84 62.13 63.30 25.81
N GLY Z 85 63.44 63.45 25.99
CA GLY Z 85 64.22 62.47 26.71
C GLY Z 85 64.70 61.34 25.83
N SER Z 86 64.66 60.12 26.38
CA SER Z 86 65.11 58.95 25.65
C SER Z 86 64.17 58.58 24.52
N ASN Z 87 62.95 59.10 24.53
CA ASN Z 87 62.01 58.88 23.45
C ASN Z 87 62.11 60.03 22.45
N PRO Z 88 62.66 59.82 21.25
CA PRO Z 88 62.88 60.97 20.36
C PRO Z 88 61.61 61.56 19.80
N ARG Z 89 60.53 60.80 19.74
CA ARG Z 89 59.26 61.25 19.20
C ARG Z 89 58.17 61.13 20.25
N SER Z 90 57.06 61.85 20.00
CA SER Z 90 56.00 61.94 20.97
C SER Z 90 55.08 60.73 20.96
N VAL Z 91 55.03 60.01 19.85
CA VAL Z 91 54.31 58.74 19.74
C VAL Z 91 55.35 57.63 19.83
N PRO Z 92 55.39 56.84 20.91
CA PRO Z 92 56.52 55.92 21.08
C PRO Z 92 56.41 54.64 20.27
N PHE Z 93 56.73 54.76 18.99
CA PHE Z 93 56.76 53.64 18.08
C PHE Z 93 57.97 53.77 17.16
N GLU Z 94 58.34 52.65 16.56
CA GLU Z 94 59.52 52.58 15.70
C GLU Z 94 59.19 52.77 14.23
N TYR Z 95 58.21 52.05 13.73
CA TYR Z 95 57.87 52.01 12.31
C TYR Z 95 56.53 52.67 12.08
N TYR Z 96 56.29 53.04 10.82
CA TYR Z 96 55.03 53.63 10.43
C TYR Z 96 54.80 53.38 8.96
N ARG Z 97 53.56 53.56 8.55
CA ARG Z 97 53.20 53.58 7.15
C ARG Z 97 51.88 54.31 7.02
N ILE Z 98 51.84 55.28 6.12
CA ILE Z 98 50.66 56.12 5.95
C ILE Z 98 49.66 55.38 5.09
N ARG Z 99 48.46 55.18 5.63
CA ARG Z 99 47.41 54.44 4.96
C ARG Z 99 46.57 55.33 4.04
N LYS Z 100 46.15 56.48 4.55
CA LYS Z 100 45.28 57.38 3.81
C LYS Z 100 45.59 58.80 4.24
N VAL Z 101 45.20 59.74 3.39
CA VAL Z 101 45.23 61.17 3.70
C VAL Z 101 43.91 61.77 3.24
N LYS Z 102 43.40 62.71 4.02
CA LYS Z 102 42.21 63.48 3.72
C LYS Z 102 42.60 64.94 3.70
N VAL Z 103 42.63 65.51 2.51
CA VAL Z 103 42.86 66.93 2.34
C VAL Z 103 41.50 67.61 2.20
N GLU Z 104 41.26 68.60 3.06
CA GLU Z 104 40.00 69.32 3.09
C GLU Z 104 40.30 70.79 2.84
N PHE Z 105 39.75 71.32 1.76
CA PHE Z 105 39.80 72.75 1.46
C PHE Z 105 38.57 73.38 2.08
N TRP Z 106 38.74 73.96 3.25
CA TRP Z 106 37.67 74.67 3.91
C TRP Z 106 37.68 76.12 3.46
N PRO Z 107 36.63 76.63 2.82
CA PRO Z 107 36.69 77.99 2.31
C PRO Z 107 36.70 79.03 3.40
N CYS Z 108 37.23 80.18 3.04
CA CYS Z 108 37.25 81.36 3.88
C CYS Z 108 36.41 82.49 3.32
N SER Z 109 35.75 82.29 2.21
CA SER Z 109 35.10 83.33 1.44
C SER Z 109 33.59 83.23 1.60
N PRO Z 110 32.88 84.35 1.54
CA PRO Z 110 31.43 84.31 1.72
C PRO Z 110 30.73 83.70 0.54
N ILE Z 111 29.50 83.26 0.78
CA ILE Z 111 28.69 82.70 -0.29
C ILE Z 111 28.15 83.74 -1.25
N THR Z 112 28.36 85.02 -0.96
CA THR Z 112 27.96 86.10 -1.85
C THR Z 112 29.06 86.52 -2.81
N GLN Z 113 30.23 85.88 -2.75
CA GLN Z 113 31.35 86.30 -3.58
C GLN Z 113 31.12 85.86 -5.01
N GLY Z 114 31.35 86.77 -5.95
CA GLY Z 114 31.18 86.52 -7.34
C GLY Z 114 32.47 86.17 -8.04
N ASP Z 115 32.43 86.25 -9.37
CA ASP Z 115 33.55 85.86 -10.22
C ASP Z 115 33.95 84.43 -9.93
N ARG Z 116 32.96 83.56 -9.79
CA ARG Z 116 33.19 82.17 -9.47
C ARG Z 116 33.94 81.48 -10.59
N GLY Z 117 34.45 80.31 -10.29
CA GLY Z 117 35.31 79.58 -11.19
C GLY Z 117 35.22 78.08 -11.03
N VAL Z 118 36.07 77.37 -11.74
CA VAL Z 118 36.06 75.91 -11.72
C VAL Z 118 37.48 75.42 -11.94
N GLY Z 119 37.93 74.55 -11.04
CA GLY Z 119 39.27 74.02 -11.05
C GLY Z 119 39.32 72.52 -10.98
N SER Z 120 40.48 72.00 -10.62
CA SER Z 120 40.70 70.57 -10.64
C SER Z 120 41.77 70.20 -9.64
N SER Z 121 41.56 69.08 -8.96
CA SER Z 121 42.55 68.49 -8.06
C SER Z 121 42.83 67.07 -8.51
N ALA Z 122 44.11 66.74 -8.64
CA ALA Z 122 44.54 65.43 -9.10
C ALA Z 122 45.56 64.85 -8.14
N VAL Z 123 45.72 63.54 -8.24
CA VAL Z 123 46.58 62.76 -7.35
C VAL Z 123 47.86 62.42 -8.11
N ILE Z 124 48.98 62.86 -7.56
CA ILE Z 124 50.29 62.80 -8.23
C ILE Z 124 51.24 62.09 -7.29
N LEU Z 125 51.48 60.81 -7.52
CA LEU Z 125 52.18 59.95 -6.59
C LEU Z 125 53.67 59.80 -6.89
N ASP Z 126 54.31 60.80 -7.52
CA ASP Z 126 55.68 60.62 -8.01
C ASP Z 126 56.60 61.83 -7.91
N ASP Z 127 56.17 62.94 -7.31
CA ASP Z 127 57.04 64.07 -7.06
C ASP Z 127 57.48 64.77 -8.33
N ASN Z 128 56.67 64.68 -9.38
CA ASN Z 128 56.86 65.47 -10.60
C ASN Z 128 55.51 66.09 -10.90
N PHE Z 129 55.31 67.28 -10.36
CA PHE Z 129 54.10 68.06 -10.53
C PHE Z 129 54.22 68.96 -11.75
N VAL Z 130 53.07 69.43 -12.22
CA VAL Z 130 53.08 70.53 -13.16
C VAL Z 130 53.72 71.72 -12.48
N THR Z 131 54.50 72.47 -13.24
CA THR Z 131 55.25 73.58 -12.68
C THR Z 131 54.31 74.60 -12.06
N LYS Z 132 54.73 75.14 -10.93
CA LYS Z 132 53.94 76.16 -10.25
C LYS Z 132 53.78 77.38 -11.13
N ALA Z 133 52.55 77.83 -11.30
CA ALA Z 133 52.21 78.93 -12.18
C ALA Z 133 51.21 79.83 -11.48
N THR Z 134 51.29 81.11 -11.82
CA THR Z 134 50.38 82.12 -11.28
C THR Z 134 49.13 82.26 -12.14
N ALA Z 135 49.30 82.41 -13.45
CA ALA Z 135 48.19 82.55 -14.39
C ALA Z 135 48.53 81.75 -15.63
N LEU Z 136 48.18 80.47 -15.63
CA LEU Z 136 48.34 79.60 -16.77
C LEU Z 136 47.06 79.57 -17.59
N THR Z 137 47.20 79.52 -18.91
CA THR Z 137 46.08 79.67 -19.82
C THR Z 137 45.19 78.44 -19.93
N TYR Z 138 45.39 77.43 -19.10
CA TYR Z 138 44.58 76.22 -19.16
C TYR Z 138 44.70 75.49 -17.82
N ASP Z 139 43.81 74.54 -17.63
CA ASP Z 139 43.81 73.69 -16.44
C ASP Z 139 44.57 72.42 -16.77
N PRO Z 140 45.79 72.23 -16.26
CA PRO Z 140 46.55 71.04 -16.65
C PRO Z 140 45.99 69.76 -16.09
N TYR Z 141 45.39 69.81 -14.90
CA TYR Z 141 44.91 68.63 -14.21
C TYR Z 141 43.49 68.26 -14.60
N VAL Z 142 42.99 68.77 -15.71
CA VAL Z 142 41.58 68.58 -16.05
C VAL Z 142 41.36 67.21 -16.67
N ASN Z 143 42.27 66.76 -17.53
CA ASN Z 143 42.13 65.49 -18.21
C ASN Z 143 42.72 64.34 -17.44
N TYR Z 144 43.20 64.57 -16.23
CA TYR Z 144 43.74 63.50 -15.41
C TYR Z 144 42.64 62.57 -14.95
N SER Z 145 42.97 61.28 -14.91
CA SER Z 145 42.03 60.27 -14.49
C SER Z 145 41.59 60.44 -13.05
N SER Z 146 42.40 61.11 -12.22
CA SER Z 146 42.09 61.36 -10.83
C SER Z 146 41.59 62.78 -10.58
N ARG Z 147 41.06 63.43 -11.60
CA ARG Z 147 40.59 64.79 -11.45
C ARG Z 147 39.24 64.81 -10.77
N HIS Z 148 39.12 65.66 -9.77
CA HIS Z 148 37.85 66.04 -9.18
C HIS Z 148 37.70 67.53 -9.39
N THR Z 149 36.50 67.95 -9.74
CA THR Z 149 36.22 69.35 -9.97
C THR Z 149 36.21 70.12 -8.66
N ILE Z 150 36.85 71.28 -8.67
CA ILE Z 150 36.83 72.22 -7.57
C ILE Z 150 35.90 73.35 -7.99
N THR Z 151 34.75 73.42 -7.35
CA THR Z 151 33.93 74.61 -7.41
C THR Z 151 34.52 75.66 -6.48
N GLN Z 152 34.59 76.89 -6.97
CA GLN Z 152 35.22 78.00 -6.28
C GLN Z 152 34.21 79.13 -6.14
N PRO Z 153 34.41 80.04 -5.17
CA PRO Z 153 35.38 80.10 -4.08
C PRO Z 153 34.88 79.60 -2.74
N PHE Z 154 33.56 79.45 -2.60
CA PHE Z 154 32.92 79.24 -1.32
C PHE Z 154 32.44 77.81 -1.13
N SER Z 155 33.11 76.86 -1.75
CA SER Z 155 32.67 75.48 -1.74
C SER Z 155 33.76 74.59 -1.18
N TYR Z 156 33.33 73.56 -0.47
CA TYR Z 156 34.21 72.61 0.18
C TYR Z 156 34.64 71.54 -0.79
N HIS Z 157 35.91 71.16 -0.69
CA HIS Z 157 36.52 70.16 -1.55
C HIS Z 157 37.34 69.22 -0.69
N SER Z 158 37.02 67.93 -0.76
CA SER Z 158 37.76 66.89 -0.07
C SER Z 158 38.36 65.93 -1.06
N ARG Z 159 39.51 65.37 -0.69
CA ARG Z 159 40.17 64.32 -1.45
C ARG Z 159 40.70 63.31 -0.46
N TYR Z 160 40.36 62.04 -0.66
CA TYR Z 160 40.71 60.95 0.22
C TYR Z 160 41.40 59.88 -0.60
N PHE Z 161 42.67 59.65 -0.32
CA PHE Z 161 43.50 58.80 -1.16
C PHE Z 161 44.64 58.25 -0.32
N THR Z 162 45.41 57.37 -0.95
CA THR Z 162 46.54 56.69 -0.34
C THR Z 162 47.84 57.25 -0.92
N PRO Z 163 48.64 57.98 -0.16
CA PRO Z 163 49.86 58.54 -0.74
C PRO Z 163 50.95 57.50 -0.89
N LYS Z 164 52.08 57.91 -1.44
CA LYS Z 164 53.21 57.05 -1.66
C LYS Z 164 54.47 57.79 -1.24
N PRO Z 165 55.46 57.10 -0.68
CA PRO Z 165 56.69 57.79 -0.29
C PRO Z 165 57.67 57.94 -1.44
N VAL Z 166 58.54 58.93 -1.27
CA VAL Z 166 59.55 59.25 -2.27
C VAL Z 166 60.81 58.47 -1.87
N LEU Z 167 60.90 57.25 -2.38
CA LEU Z 167 62.03 56.39 -2.11
C LEU Z 167 63.21 56.72 -3.00
N ASP Z 168 62.97 56.93 -4.28
CA ASP Z 168 64.00 57.35 -5.23
C ASP Z 168 63.38 58.37 -6.16
N SER Z 169 63.77 59.63 -6.01
CA SER Z 169 63.25 60.69 -6.86
C SER Z 169 63.78 60.62 -8.28
N THR Z 170 64.88 59.89 -8.50
CA THR Z 170 65.44 59.76 -9.84
C THR Z 170 64.60 58.81 -10.71
N ILE Z 171 64.12 57.72 -10.12
CA ILE Z 171 63.38 56.69 -10.83
C ILE Z 171 61.89 56.88 -10.59
N ASP Z 172 61.54 57.32 -9.39
CA ASP Z 172 60.17 57.61 -9.01
C ASP Z 172 59.28 56.37 -9.16
N TYR Z 173 59.58 55.37 -8.35
CA TYR Z 173 58.82 54.13 -8.31
C TYR Z 173 57.96 54.08 -7.05
N PHE Z 174 56.79 53.46 -7.18
CA PHE Z 174 55.88 53.33 -6.06
C PHE Z 174 55.09 52.04 -6.19
N GLN Z 175 54.51 51.67 -5.14
CA GLN Z 175 53.74 50.44 -5.02
C GLN Z 175 52.26 50.68 -5.32
N PRO Z 176 51.55 49.69 -5.85
CA PRO Z 176 50.11 49.81 -5.91
C PRO Z 176 49.47 49.63 -4.55
N ASN Z 177 48.17 49.86 -4.48
CA ASN Z 177 47.46 49.83 -3.21
C ASN Z 177 47.29 48.39 -2.74
N ASN Z 178 47.90 48.08 -1.61
CA ASN Z 178 47.77 46.76 -1.01
C ASN Z 178 48.02 46.95 0.48
N LYS Z 179 47.00 46.74 1.30
CA LYS Z 179 47.17 46.97 2.71
C LYS Z 179 48.12 45.97 3.34
N ARG Z 180 48.21 44.77 2.77
CA ARG Z 180 49.03 43.72 3.37
C ARG Z 180 50.49 43.82 2.98
N ASN Z 181 50.79 44.43 1.84
CA ASN Z 181 52.12 44.49 1.29
C ASN Z 181 52.75 45.88 1.37
N GLN Z 182 52.06 46.85 1.96
CA GLN Z 182 52.59 48.20 2.05
C GLN Z 182 53.83 48.23 2.92
N LEU Z 183 54.85 48.93 2.45
CA LEU Z 183 56.12 49.01 3.14
C LEU Z 183 55.98 49.73 4.46
N TRP Z 184 56.75 49.27 5.44
CA TRP Z 184 56.93 49.96 6.70
C TRP Z 184 58.16 50.82 6.59
N LEU Z 185 58.01 52.10 6.87
CA LEU Z 185 59.12 53.01 7.00
C LEU Z 185 59.47 53.17 8.47
N ARG Z 186 60.65 53.74 8.70
CA ARG Z 186 61.09 54.06 10.04
C ARG Z 186 60.68 55.47 10.39
N LEU Z 187 60.21 55.64 11.62
CA LEU Z 187 59.91 56.94 12.19
C LEU Z 187 61.22 57.55 12.66
N GLN Z 188 61.84 58.31 11.77
CA GLN Z 188 63.09 58.95 12.06
C GLN Z 188 62.92 60.04 13.11
N THR Z 189 64.04 60.59 13.55
CA THR Z 189 64.01 61.64 14.58
C THR Z 189 63.69 63.00 13.97
N ALA Z 190 64.45 63.42 12.95
CA ALA Z 190 64.21 64.70 12.29
C ALA Z 190 64.41 64.67 10.78
N GLY Z 191 64.26 63.51 10.15
CA GLY Z 191 64.59 63.36 8.74
C GLY Z 191 63.66 62.47 7.95
N ASN Z 192 62.40 62.46 8.31
CA ASN Z 192 61.45 61.58 7.65
C ASN Z 192 61.26 61.97 6.19
N VAL Z 193 60.81 61.01 5.41
CA VAL Z 193 60.70 61.13 3.96
C VAL Z 193 59.37 61.74 3.59
N ASP Z 194 59.36 62.51 2.51
CA ASP Z 194 58.17 63.21 2.09
C ASP Z 194 57.25 62.26 1.33
N HIS Z 195 56.00 62.23 1.73
CA HIS Z 195 54.95 61.59 0.97
C HIS Z 195 54.30 62.61 0.05
N VAL Z 196 53.69 62.10 -1.01
CA VAL Z 196 53.28 62.91 -2.15
C VAL Z 196 51.96 62.37 -2.65
N GLY Z 197 51.26 63.18 -3.46
CA GLY Z 197 49.95 62.78 -3.89
C GLY Z 197 48.85 63.79 -4.13
N LEU Z 198 49.14 65.09 -4.15
CA LEU Z 198 48.09 66.03 -4.58
C LEU Z 198 48.63 67.24 -5.30
N GLY Z 199 48.00 67.55 -6.42
CA GLY Z 199 48.26 68.78 -7.12
C GLY Z 199 46.95 69.42 -7.52
N THR Z 200 46.94 70.75 -7.55
CA THR Z 200 45.72 71.53 -7.68
C THR Z 200 45.87 72.55 -8.81
N ALA Z 201 44.72 73.02 -9.28
CA ALA Z 201 44.65 74.11 -10.23
C ALA Z 201 43.40 74.92 -9.92
N PHE Z 202 43.61 76.14 -9.44
CA PHE Z 202 42.52 77.05 -9.08
C PHE Z 202 42.40 78.15 -10.11
N GLU Z 203 41.17 78.44 -10.50
CA GLU Z 203 40.90 79.51 -11.44
C GLU Z 203 40.97 80.84 -10.73
N ASN Z 204 41.75 81.75 -11.30
CA ASN Z 204 41.97 83.04 -10.69
C ASN Z 204 40.72 83.90 -10.77
N SER Z 205 40.72 84.99 -10.01
CA SER Z 205 39.55 85.84 -9.86
C SER Z 205 39.98 87.26 -9.54
N ILE Z 206 39.03 88.18 -9.63
CA ILE Z 206 39.29 89.57 -9.28
C ILE Z 206 39.49 89.71 -7.78
N TYR Z 207 38.85 88.84 -7.01
CA TYR Z 207 38.94 88.86 -5.56
C TYR Z 207 39.90 87.77 -5.08
N ASP Z 208 40.44 87.98 -3.89
CA ASP Z 208 41.31 87.00 -3.29
C ASP Z 208 40.51 85.82 -2.77
N GLN Z 209 40.97 84.61 -3.07
CA GLN Z 209 40.34 83.37 -2.65
C GLN Z 209 41.23 82.71 -1.60
N GLU Z 210 40.78 82.72 -0.36
CA GLU Z 210 41.51 82.14 0.76
C GLU Z 210 40.89 80.81 1.16
N TYR Z 211 41.73 79.92 1.67
CA TYR Z 211 41.32 78.61 2.12
C TYR Z 211 42.09 78.24 3.37
N ASN Z 212 41.44 77.49 4.25
CA ASN Z 212 42.08 76.85 5.41
C ASN Z 212 42.13 75.37 5.12
N ILE Z 213 43.33 74.85 4.87
CA ILE Z 213 43.49 73.48 4.44
C ILE Z 213 43.83 72.63 5.64
N ARG Z 214 43.02 71.60 5.88
CA ARG Z 214 43.20 70.66 6.98
C ARG Z 214 43.55 69.30 6.40
N VAL Z 215 44.77 68.87 6.62
CA VAL Z 215 45.25 67.57 6.20
C VAL Z 215 45.17 66.64 7.39
N THR Z 216 44.59 65.46 7.17
CA THR Z 216 44.46 64.42 8.17
C THR Z 216 45.09 63.17 7.61
N MET Z 217 46.12 62.67 8.29
CA MET Z 217 46.80 61.45 7.91
C MET Z 217 46.39 60.31 8.82
N TYR Z 218 45.96 59.21 8.22
CA TYR Z 218 45.60 58.00 8.93
C TYR Z 218 46.78 57.05 8.86
N VAL Z 219 47.47 56.89 9.98
CA VAL Z 219 48.75 56.20 10.03
C VAL Z 219 48.58 54.92 10.81
N GLN Z 220 49.61 54.07 10.72
CA GLN Z 220 49.64 52.77 11.36
C GLN Z 220 51.07 52.56 11.82
N PHE Z 221 51.25 52.49 13.13
CA PHE Z 221 52.55 52.33 13.75
C PHE Z 221 52.78 50.88 14.15
N ARG Z 222 54.01 50.59 14.58
CA ARG Z 222 54.42 49.24 14.92
C ARG Z 222 55.57 49.31 15.90
N GLU Z 223 55.65 48.30 16.77
CA GLU Z 223 56.76 48.09 17.68
C GLU Z 223 56.91 49.26 18.66
N PHE Z 224 55.94 49.32 19.56
CA PHE Z 224 56.00 50.13 20.77
C PHE Z 224 57.36 50.03 21.42
N ASN Z 225 58.04 51.16 21.59
CA ASN Z 225 59.44 51.19 21.99
C ASN Z 225 59.68 52.22 23.07
N LEU Z 226 58.79 52.29 24.04
CA LEU Z 226 58.97 53.24 25.12
C LEU Z 226 60.19 52.89 25.95
N LYS Z 227 60.89 53.92 26.41
CA LYS Z 227 62.07 53.78 27.24
C LYS Z 227 61.83 54.48 28.56
N ASP Z 228 62.06 53.75 29.66
CA ASP Z 228 61.72 54.21 31.00
C ASP Z 228 62.97 54.16 31.86
N PRO Z 229 63.80 55.20 31.82
CA PRO Z 229 64.92 55.28 32.74
C PRO Z 229 64.45 55.64 34.13
N PRO Z 230 65.30 55.49 35.14
CA PRO Z 230 64.93 55.95 36.48
C PRO Z 230 64.87 57.46 36.58
N LEU Z 231 64.56 57.96 37.77
CA LEU Z 231 64.43 59.39 38.01
C LEU Z 231 65.01 59.78 39.37
N GLY AA 43 41.98 48.20 -32.69
CA GLY AA 43 42.57 48.67 -31.46
C GLY AA 43 41.81 49.82 -30.83
N ILE AA 44 40.75 49.47 -30.12
CA ILE AA 44 39.83 50.46 -29.59
C ILE AA 44 40.40 51.09 -28.34
N PHE AA 45 40.12 52.38 -28.18
CA PHE AA 45 40.50 53.12 -26.97
C PHE AA 45 39.45 54.19 -26.75
N ASN AA 46 38.55 53.95 -25.82
CA ASN AA 46 37.58 54.95 -25.41
C ASN AA 46 38.20 55.85 -24.35
N THR AA 47 38.14 57.15 -24.59
CA THR AA 47 38.64 58.12 -23.63
C THR AA 47 37.71 59.32 -23.59
N ARG AA 48 38.21 60.40 -22.97
CA ARG AA 48 37.42 61.58 -22.67
C ARG AA 48 38.31 62.79 -22.83
N LEU AA 49 37.85 63.75 -23.62
CA LEU AA 49 38.58 64.97 -23.93
C LEU AA 49 37.70 66.16 -23.59
N SER AA 50 38.30 67.17 -22.97
CA SER AA 50 37.58 68.33 -22.47
C SER AA 50 38.21 69.61 -22.99
N ARG AA 51 37.50 70.70 -22.77
CA ARG AA 51 37.81 72.02 -23.28
C ARG AA 51 36.88 73.00 -22.59
N THR AA 52 37.40 74.17 -22.26
CA THR AA 52 36.67 75.17 -21.50
C THR AA 52 36.81 76.54 -22.16
N PHE AA 53 35.71 77.27 -22.20
CA PHE AA 53 35.68 78.58 -22.82
C PHE AA 53 34.50 79.36 -22.26
N GLY AA 54 34.47 80.65 -22.57
CA GLY AA 54 33.48 81.55 -22.04
C GLY AA 54 32.38 81.95 -23.00
N TYR AA 55 31.25 82.36 -22.43
CA TYR AA 55 30.12 82.88 -23.18
C TYR AA 55 29.41 83.89 -22.31
N THR AA 56 29.12 85.06 -22.87
CA THR AA 56 28.47 86.15 -22.14
C THR AA 56 27.26 86.62 -22.92
N ILE AA 57 26.19 86.88 -22.19
CA ILE AA 57 24.98 87.50 -22.70
C ILE AA 57 24.98 88.92 -22.16
N LYS AA 58 25.29 89.88 -23.04
CA LYS AA 58 25.40 91.27 -22.64
C LYS AA 58 24.05 91.82 -22.23
N ARG AA 59 24.09 92.89 -21.44
CA ARG AA 59 22.90 93.54 -20.93
C ARG AA 59 22.17 94.28 -22.04
N THR AA 60 20.88 94.55 -21.78
CA THR AA 60 20.03 95.29 -22.69
C THR AA 60 19.09 96.18 -21.90
N THR AA 61 18.90 97.41 -22.38
CA THR AA 61 17.92 98.32 -21.82
C THR AA 61 16.50 98.00 -22.25
N VAL AA 62 16.32 97.04 -23.15
CA VAL AA 62 14.98 96.66 -23.61
C VAL AA 62 14.15 96.18 -22.44
N LYS AA 63 12.90 96.62 -22.40
CA LYS AA 63 12.00 96.30 -21.30
C LYS AA 63 11.35 94.94 -21.48
N THR AA 64 11.01 94.59 -22.72
CA THR AA 64 10.29 93.37 -23.00
C THR AA 64 11.12 92.15 -22.66
N PRO AA 65 10.50 90.98 -22.58
CA PRO AA 65 11.29 89.74 -22.52
C PRO AA 65 11.76 89.37 -23.90
N SER AA 66 13.05 89.55 -24.14
CA SER AA 66 13.70 89.15 -25.38
C SER AA 66 14.74 88.09 -25.08
N TRP AA 67 15.06 87.30 -26.10
CA TRP AA 67 16.00 86.21 -25.98
C TRP AA 67 17.18 86.41 -26.92
N ALA AA 68 18.33 85.91 -26.47
CA ALA AA 68 19.57 85.95 -27.22
C ALA AA 68 19.87 84.55 -27.74
N VAL AA 69 19.98 84.42 -29.04
CA VAL AA 69 20.13 83.13 -29.70
C VAL AA 69 21.57 82.99 -30.15
N ASP AA 70 22.10 81.78 -30.02
CA ASP AA 70 23.45 81.47 -30.46
C ASP AA 70 23.53 79.98 -30.73
N MET AA 71 24.62 79.60 -31.38
CA MET AA 71 24.87 78.24 -31.82
C MET AA 71 26.13 77.69 -31.18
N MET AA 72 26.30 76.38 -31.33
CA MET AA 72 27.44 75.69 -30.73
C MET AA 72 27.77 74.46 -31.56
N ARG AA 73 28.94 74.46 -32.19
CA ARG AA 73 29.48 73.34 -32.91
C ARG AA 73 30.62 72.72 -32.12
N PHE AA 74 31.03 71.52 -32.54
CA PHE AA 74 32.08 70.77 -31.88
C PHE AA 74 33.03 70.21 -32.92
N ASN AA 75 34.31 70.54 -32.79
CA ASN AA 75 35.36 69.98 -33.64
C ASN AA 75 36.46 69.39 -32.76
N ILE AA 76 37.10 68.36 -33.28
CA ILE AA 76 38.11 67.64 -32.52
C ILE AA 76 39.47 68.34 -32.52
N ASN AA 77 39.68 69.32 -33.41
CA ASN AA 77 40.92 70.07 -33.36
C ASN AA 77 41.03 70.90 -32.10
N ASP AA 78 39.90 71.34 -31.56
CA ASP AA 78 39.89 72.14 -30.35
C ASP AA 78 40.11 71.32 -29.10
N PHE AA 79 40.02 70.00 -29.18
CA PHE AA 79 40.24 69.10 -28.06
C PHE AA 79 41.54 68.33 -28.17
N LEU AA 80 41.97 68.01 -29.39
CA LEU AA 80 43.16 67.22 -29.65
C LEU AA 80 44.22 68.06 -30.33
N PRO AA 81 45.33 68.40 -29.69
CA PRO AA 81 46.30 69.27 -30.35
C PRO AA 81 47.09 68.50 -31.39
N PRO AA 82 47.89 69.21 -32.18
CA PRO AA 82 48.80 68.52 -33.08
C PRO AA 82 49.95 67.89 -32.32
N GLY AA 83 50.42 66.77 -32.85
CA GLY AA 83 51.49 66.05 -32.21
C GLY AA 83 52.86 66.58 -32.55
N GLY AA 84 53.81 65.68 -32.74
CA GLY AA 84 55.16 66.07 -33.08
C GLY AA 84 55.92 64.96 -33.78
N GLY AA 85 56.58 65.30 -34.87
CA GLY AA 85 57.36 64.34 -35.62
C GLY AA 85 56.53 63.56 -36.61
N SER AA 86 56.83 62.27 -36.71
CA SER AA 86 56.13 61.41 -37.65
C SER AA 86 54.69 61.15 -37.24
N ASN AA 87 54.35 61.43 -35.98
CA ASN AA 87 52.98 61.31 -35.51
C ASN AA 87 52.29 62.66 -35.63
N PRO AA 88 51.35 62.86 -36.55
CA PRO AA 88 50.80 64.20 -36.74
C PRO AA 88 49.92 64.67 -35.61
N ARG AA 89 49.35 63.76 -34.83
CA ARG AA 89 48.47 64.10 -33.72
C ARG AA 89 49.02 63.53 -32.43
N SER AA 90 48.52 64.06 -31.32
CA SER AA 90 49.04 63.73 -30.01
C SER AA 90 48.51 62.40 -29.48
N VAL AA 91 47.34 61.98 -29.97
CA VAL AA 91 46.78 60.66 -29.67
C VAL AA 91 47.06 59.77 -30.87
N PRO AA 92 47.93 58.76 -30.77
CA PRO AA 92 48.34 58.06 -31.98
C PRO AA 92 47.35 57.01 -32.46
N PHE AA 93 46.31 57.50 -33.12
CA PHE AA 93 45.30 56.64 -33.71
C PHE AA 93 44.91 57.21 -35.07
N GLU AA 94 44.31 56.37 -35.89
CA GLU AA 94 43.93 56.71 -37.25
C GLU AA 94 42.50 57.19 -37.36
N TYR AA 95 41.57 56.44 -36.81
CA TYR AA 95 40.14 56.69 -36.95
C TYR AA 95 39.54 57.12 -35.62
N TYR AA 96 38.37 57.74 -35.71
CA TYR AA 96 37.65 58.17 -34.52
C TYR AA 96 36.17 58.25 -34.83
N ARG AA 97 35.38 58.29 -33.78
CA ARG AA 97 33.97 58.58 -33.89
C ARG AA 97 33.50 59.07 -32.53
N ILE AA 98 32.81 60.20 -32.53
CA ILE AA 98 32.37 60.83 -31.28
C ILE AA 98 31.10 60.15 -30.83
N ARG AA 99 31.13 59.61 -29.62
CA ARG AA 99 30.01 58.87 -29.05
C ARG AA 99 29.02 59.78 -28.35
N LYS AA 100 29.52 60.69 -27.51
CA LYS AA 100 28.68 61.57 -26.72
C LYS AA 100 29.42 62.88 -26.50
N VAL AA 101 28.65 63.91 -26.18
CA VAL AA 101 29.18 65.19 -25.74
C VAL AA 101 28.38 65.65 -24.53
N LYS AA 102 29.08 66.26 -23.59
CA LYS AA 102 28.50 66.84 -22.39
C LYS AA 102 28.85 68.32 -22.39
N VAL AA 103 27.88 69.16 -22.64
CA VAL AA 103 28.03 70.60 -22.54
C VAL AA 103 27.53 71.02 -21.17
N GLU AA 104 28.39 71.71 -20.43
CA GLU AA 104 28.09 72.17 -19.08
C GLU AA 104 28.20 73.68 -19.07
N PHE AA 105 27.10 74.35 -18.76
CA PHE AA 105 27.08 75.80 -18.53
C PHE AA 105 27.30 76.03 -17.06
N TRP AA 106 28.54 76.32 -16.70
CA TRP AA 106 28.88 76.64 -15.33
C TRP AA 106 28.70 78.14 -15.12
N PRO AA 107 27.82 78.58 -14.23
CA PRO AA 107 27.60 80.01 -14.10
C PRO AA 107 28.77 80.75 -13.50
N CYS AA 108 28.82 82.03 -13.81
CA CYS AA 108 29.80 82.95 -13.26
C CYS AA 108 29.17 84.02 -12.39
N SER AA 109 27.87 83.97 -12.18
CA SER AA 109 27.11 85.03 -11.56
C SER AA 109 26.70 84.62 -10.16
N PRO AA 110 26.57 85.57 -9.24
CA PRO AA 110 26.21 85.23 -7.87
C PRO AA 110 24.77 84.80 -7.75
N ILE AA 111 24.48 84.10 -6.65
CA ILE AA 111 23.10 83.68 -6.40
C ILE AA 111 22.20 84.81 -5.93
N THR AA 112 22.75 86.00 -5.70
CA THR AA 112 21.97 87.17 -5.35
C THR AA 112 21.56 88.00 -6.55
N GLN AA 113 21.92 87.59 -7.76
CA GLN AA 113 21.63 88.38 -8.94
C GLN AA 113 20.16 88.27 -9.28
N GLY AA 114 19.54 89.41 -9.56
CA GLY AA 114 18.14 89.47 -9.90
C GLY AA 114 17.91 89.54 -11.39
N ASP AA 115 16.69 89.93 -11.74
CA ASP AA 115 16.25 89.97 -13.14
C ASP AA 115 16.43 88.60 -13.78
N ARG AA 116 16.06 87.57 -13.05
CA ARG AA 116 16.21 86.21 -13.52
C ARG AA 116 15.32 85.96 -14.73
N GLY AA 117 15.60 84.85 -15.40
CA GLY AA 117 14.96 84.54 -16.64
C GLY AA 117 14.83 83.06 -16.89
N VAL AA 118 14.36 82.70 -18.08
CA VAL AA 118 14.14 81.31 -18.43
C VAL AA 118 14.37 81.15 -19.92
N GLY AA 119 15.20 80.18 -20.27
CA GLY AA 119 15.60 79.93 -21.64
C GLY AA 119 15.43 78.49 -22.03
N SER AA 120 16.09 78.11 -23.12
CA SER AA 120 15.92 76.80 -23.70
C SER AA 120 17.16 76.40 -24.46
N SER AA 121 17.54 75.12 -24.34
CA SER AA 121 18.61 74.52 -25.10
C SER AA 121 18.07 73.33 -25.86
N ALA AA 122 18.36 73.28 -27.16
CA ALA AA 122 17.86 72.23 -28.03
C ALA AA 122 19.02 71.62 -28.81
N VAL AA 123 18.78 70.43 -29.33
CA VAL AA 123 19.77 69.63 -30.03
C VAL AA 123 19.49 69.72 -31.52
N ILE AA 124 20.46 70.21 -32.28
CA ILE AA 124 20.30 70.55 -33.69
C ILE AA 124 21.40 69.83 -34.46
N LEU AA 125 21.05 68.70 -35.06
CA LEU AA 125 22.02 67.78 -35.63
C LEU AA 125 22.25 67.99 -37.12
N ASP AA 126 22.08 69.21 -37.66
CA ASP AA 126 22.08 69.40 -39.10
C ASP AA 126 22.71 70.69 -39.61
N ASP AA 127 23.28 71.53 -38.75
CA ASP AA 127 24.02 72.71 -39.18
C ASP AA 127 23.11 73.76 -39.80
N ASN AA 128 21.85 73.79 -39.41
CA ASN AA 128 20.93 74.86 -39.76
C ASN AA 128 20.26 75.27 -38.47
N PHE AA 129 20.89 76.25 -37.81
CA PHE AA 129 20.42 76.81 -36.57
C PHE AA 129 19.49 77.98 -36.83
N VAL AA 130 18.73 78.34 -35.80
CA VAL AA 130 18.04 79.61 -35.82
C VAL AA 130 19.10 80.71 -35.89
N THR AA 131 18.80 81.74 -36.67
CA THR AA 131 19.76 82.80 -36.90
C THR AA 131 20.16 83.45 -35.58
N LYS AA 132 21.45 83.78 -35.47
CA LYS AA 132 21.96 84.43 -34.28
C LYS AA 132 21.29 85.79 -34.11
N ALA AA 133 20.76 86.02 -32.91
CA ALA AA 133 20.01 87.22 -32.59
C ALA AA 133 20.44 87.74 -31.23
N THR AA 134 20.37 89.06 -31.08
CA THR AA 134 20.70 89.72 -29.83
C THR AA 134 19.49 89.83 -28.92
N ALA AA 135 18.37 90.33 -29.45
CA ALA AA 135 17.13 90.48 -28.69
C ALA AA 135 15.98 90.08 -29.60
N LEU AA 136 15.65 88.80 -29.58
CA LEU AA 136 14.51 88.27 -30.31
C LEU AA 136 13.30 88.20 -29.40
N THR AA 137 12.13 88.49 -29.96
CA THR AA 137 10.90 88.65 -29.19
C THR AA 137 10.29 87.35 -28.71
N TYR AA 138 10.96 86.22 -28.89
CA TYR AA 138 10.42 84.94 -28.48
C TYR AA 138 11.57 83.96 -28.35
N ASP AA 139 11.27 82.82 -27.72
CA ASP AA 139 12.21 81.73 -27.56
C ASP AA 139 11.98 80.73 -28.69
N PRO AA 140 12.86 80.66 -29.69
CA PRO AA 140 12.57 79.75 -30.81
C PRO AA 140 12.69 78.30 -30.44
N TYR AA 141 13.57 77.96 -29.50
CA TYR AA 141 13.84 76.58 -29.16
C TYR AA 141 12.91 76.05 -28.08
N VAL AA 142 11.78 76.72 -27.83
CA VAL AA 142 10.94 76.37 -26.70
C VAL AA 142 10.06 75.17 -27.03
N ASN AA 143 9.53 75.11 -28.25
CA ASN AA 143 8.65 74.04 -28.65
C ASN AA 143 9.38 72.87 -29.25
N TYR AA 144 10.71 72.88 -29.26
CA TYR AA 144 11.47 71.76 -29.76
C TYR AA 144 11.33 70.56 -28.85
N SER AA 145 11.29 69.39 -29.46
CA SER AA 145 11.17 68.15 -28.72
C SER AA 145 12.37 67.88 -27.83
N SER AA 146 13.52 68.46 -28.13
CA SER AA 146 14.74 68.31 -27.36
C SER AA 146 15.02 69.51 -26.48
N ARG AA 147 14.00 70.28 -26.13
CA ARG AA 147 14.19 71.46 -25.32
C ARG AA 147 14.33 71.07 -23.86
N HIS AA 148 15.35 71.62 -23.22
CA HIS AA 148 15.50 71.61 -21.78
C HIS AA 148 15.49 73.05 -21.32
N THR AA 149 14.81 73.32 -20.23
CA THR AA 149 14.73 74.66 -19.70
C THR AA 149 16.06 75.08 -19.08
N ILE AA 150 16.46 76.30 -19.38
CA ILE AA 150 17.62 76.93 -18.78
C ILE AA 150 17.09 77.94 -17.77
N THR AA 151 17.28 77.64 -16.49
CA THR AA 151 17.13 78.64 -15.47
C THR AA 151 18.36 79.53 -15.45
N GLN AA 152 18.13 80.83 -15.35
CA GLN AA 152 19.18 81.83 -15.43
C GLN AA 152 19.14 82.69 -14.17
N PRO AA 153 20.25 83.36 -13.82
CA PRO AA 153 21.60 83.33 -14.36
C PRO AA 153 22.57 82.44 -13.61
N PHE AA 154 22.20 82.03 -12.40
CA PHE AA 154 23.11 81.41 -11.45
C PHE AA 154 22.88 79.91 -11.32
N SER AA 155 22.40 79.27 -12.37
CA SER AA 155 22.02 77.87 -12.32
C SER AA 155 22.78 77.09 -13.37
N TYR AA 156 23.11 75.85 -13.01
CA TYR AA 156 23.88 74.95 -13.85
C TYR AA 156 22.96 74.23 -14.83
N HIS AA 157 23.45 74.09 -16.06
CA HIS AA 157 22.70 73.45 -17.13
C HIS AA 157 23.64 72.49 -17.85
N SER AA 158 23.25 71.23 -17.91
CA SER AA 158 23.98 70.20 -18.62
C SER AA 158 23.12 69.63 -19.74
N ARG AA 159 23.78 69.22 -20.81
CA ARG AA 159 23.15 68.52 -21.93
C ARG AA 159 24.09 67.41 -22.36
N TYR AA 160 23.57 66.20 -22.41
CA TYR AA 160 24.33 65.00 -22.75
C TYR AA 160 23.64 64.31 -23.91
N PHE AA 161 24.32 64.25 -25.04
CA PHE AA 161 23.71 63.80 -26.28
C PHE AA 161 24.80 63.27 -27.20
N THR AA 162 24.36 62.72 -28.33
CA THR AA 162 25.21 62.14 -29.33
C THR AA 162 25.24 63.05 -30.56
N PRO AA 163 26.34 63.72 -30.87
CA PRO AA 163 26.34 64.60 -32.03
C PRO AA 163 26.42 63.84 -33.34
N LYS AA 164 26.39 64.58 -34.45
CA LYS AA 164 26.45 64.01 -35.77
C LYS AA 164 27.40 64.85 -36.61
N PRO AA 165 28.16 64.24 -37.51
CA PRO AA 165 29.07 65.02 -38.34
C PRO AA 165 28.39 65.62 -39.55
N VAL AA 166 29.03 66.68 -40.05
CA VAL AA 166 28.53 67.42 -41.21
C VAL AA 166 29.22 66.80 -42.42
N LEU AA 167 28.57 65.77 -42.98
CA LEU AA 167 29.10 65.09 -44.15
C LEU AA 167 28.76 65.84 -45.43
N ASP AA 168 27.52 66.30 -45.55
CA ASP AA 168 27.09 67.12 -46.68
C ASP AA 168 26.17 68.20 -46.14
N SER AA 169 26.67 69.44 -46.14
CA SER AA 169 25.87 70.57 -45.66
C SER AA 169 24.75 70.93 -46.61
N THR AA 170 24.81 70.49 -47.87
CA THR AA 170 23.75 70.79 -48.83
C THR AA 170 22.52 69.96 -48.58
N ILE AA 171 22.71 68.67 -48.23
CA ILE AA 171 21.61 67.73 -48.04
C ILE AA 171 21.33 67.58 -46.55
N ASP AA 172 22.38 67.64 -45.74
CA ASP AA 172 22.29 67.58 -44.30
C ASP AA 172 21.63 66.28 -43.85
N TYR AA 173 22.31 65.18 -44.12
CA TYR AA 173 21.87 63.85 -43.72
C TYR AA 173 22.70 63.35 -42.56
N PHE AA 174 22.08 62.57 -41.69
CA PHE AA 174 22.76 62.01 -40.53
C PHE AA 174 22.13 60.67 -40.18
N GLN AA 175 22.83 59.95 -39.40
CA GLN AA 175 22.47 58.62 -38.98
C GLN AA 175 21.70 58.66 -37.67
N PRO AA 176 20.80 57.71 -37.43
CA PRO AA 176 20.25 57.57 -36.10
C PRO AA 176 21.24 56.96 -35.13
N ASN AA 177 20.87 56.92 -33.86
CA ASN AA 177 21.77 56.46 -32.82
C ASN AA 177 21.91 54.95 -32.89
N ASN AA 178 23.11 54.48 -33.17
CA ASN AA 178 23.42 53.06 -33.19
C ASN AA 178 24.89 52.93 -32.91
N LYS AA 179 25.25 52.35 -31.77
CA LYS AA 179 26.65 52.26 -31.43
C LYS AA 179 27.39 51.33 -32.37
N ARG AA 180 26.72 50.33 -32.93
CA ARG AA 180 27.39 49.33 -33.74
C ARG AA 180 27.57 49.80 -35.18
N ASN AA 181 26.71 50.70 -35.65
CA ASN AA 181 26.71 51.13 -37.04
C ASN AA 181 27.24 52.55 -37.23
N GLN AA 182 27.70 53.20 -36.17
CA GLN AA 182 28.18 54.57 -36.29
C GLN AA 182 29.43 54.61 -37.14
N LEU AA 183 29.47 55.58 -38.04
CA LEU AA 183 30.58 55.72 -38.97
C LEU AA 183 31.86 56.06 -38.25
N TRP AA 184 32.96 55.53 -38.76
CA TRP AA 184 34.30 55.91 -38.36
C TRP AA 184 34.79 56.99 -39.31
N LEU AA 185 35.20 58.11 -38.76
CA LEU AA 185 35.86 59.15 -39.50
C LEU AA 185 37.36 59.02 -39.33
N ARG AA 186 38.10 59.71 -40.18
CA ARG AA 186 39.54 59.78 -40.09
C ARG AA 186 39.95 60.97 -39.24
N LEU AA 187 40.94 60.74 -38.39
CA LEU AA 187 41.56 61.79 -37.60
C LEU AA 187 42.56 62.49 -38.51
N GLN AA 188 42.09 63.55 -39.15
CA GLN AA 188 42.92 64.31 -40.06
C GLN AA 188 44.00 65.07 -39.28
N THR AA 189 44.90 65.70 -40.03
CA THR AA 189 45.99 66.43 -39.42
C THR AA 189 45.55 67.82 -38.97
N ALA AA 190 44.95 68.61 -39.89
CA ALA AA 190 44.47 69.94 -39.54
C ALA AA 190 43.16 70.31 -40.21
N GLY AA 191 42.33 69.34 -40.57
CA GLY AA 191 41.13 69.59 -41.34
C GLY AA 191 39.92 68.77 -40.96
N ASN AA 192 39.79 68.43 -39.69
CA ASN AA 192 38.70 67.58 -39.25
C ASN AA 192 37.36 68.28 -39.44
N VAL AA 193 36.32 67.46 -39.51
CA VAL AA 193 34.98 67.91 -39.84
C VAL AA 193 34.25 68.33 -38.58
N ASP AA 194 33.39 69.32 -38.72
CA ASP AA 194 32.68 69.88 -37.58
C ASP AA 194 31.50 69.00 -37.22
N HIS AA 195 31.42 68.64 -35.94
CA HIS AA 195 30.23 68.03 -35.39
C HIS AA 195 29.32 69.10 -34.82
N VAL AA 196 28.04 68.75 -34.74
CA VAL AA 196 26.99 69.73 -34.50
C VAL AA 196 25.96 69.10 -33.58
N GLY AA 197 25.11 69.94 -32.99
CA GLY AA 197 24.17 69.43 -32.03
C GLY AA 197 23.72 70.25 -30.84
N LEU AA 198 24.02 71.54 -30.78
CA LEU AA 198 23.40 72.34 -29.71
C LEU AA 198 23.14 73.77 -30.14
N GLY AA 199 21.93 74.22 -29.83
CA GLY AA 199 21.58 75.62 -29.96
C GLY AA 199 20.84 76.08 -28.73
N THR AA 200 21.03 77.35 -28.39
CA THR AA 200 20.59 77.92 -27.13
C THR AA 200 19.79 79.17 -27.36
N ALA AA 201 19.03 79.53 -26.33
CA ALA AA 201 18.30 80.80 -26.29
C ALA AA 201 18.26 81.26 -24.84
N PHE AA 202 18.98 82.35 -24.57
CA PHE AA 202 19.08 82.92 -23.24
C PHE AA 202 18.26 84.20 -23.16
N GLU AA 203 17.50 84.35 -22.09
CA GLU AA 203 16.72 85.54 -21.86
C GLU AA 203 17.62 86.66 -21.37
N ASN AA 204 17.53 87.81 -22.03
CA ASN AA 204 18.38 88.93 -21.70
C ASN AA 204 18.00 89.53 -20.37
N SER AA 205 18.87 90.40 -19.86
CA SER AA 205 18.73 90.95 -18.53
C SER AA 205 19.42 92.31 -18.47
N ILE AA 206 19.13 93.04 -17.39
CA ILE AA 206 19.78 94.32 -17.16
C ILE AA 206 21.25 94.13 -16.84
N TYR AA 207 21.60 93.00 -16.23
CA TYR AA 207 22.96 92.69 -15.86
C TYR AA 207 23.56 91.70 -16.85
N ASP AA 208 24.89 91.72 -16.93
CA ASP AA 208 25.59 90.79 -17.80
C ASP AA 208 25.58 89.40 -17.19
N GLN AA 209 25.28 88.40 -18.03
CA GLN AA 209 25.24 87.01 -17.63
C GLN AA 209 26.41 86.28 -18.27
N GLU AA 210 27.40 85.91 -17.47
CA GLU AA 210 28.58 85.22 -17.95
C GLU AA 210 28.50 83.75 -17.59
N TYR AA 211 29.14 82.93 -18.42
CA TYR AA 211 29.18 81.49 -18.24
C TYR AA 211 30.56 80.98 -18.65
N ASN AA 212 31.01 79.94 -17.96
CA ASN AA 212 32.19 79.17 -18.35
C ASN AA 212 31.70 77.83 -18.86
N ILE AA 213 31.82 77.61 -20.16
CA ILE AA 213 31.26 76.43 -20.81
C ILE AA 213 32.34 75.40 -20.95
N ARG AA 214 32.10 74.21 -20.40
CA ARG AA 214 33.02 73.09 -20.45
C ARG AA 214 32.39 72.00 -21.30
N VAL AA 215 32.97 71.76 -22.46
CA VAL AA 215 32.54 70.70 -23.36
C VAL AA 215 33.45 69.51 -23.15
N THR AA 216 32.85 68.34 -22.98
CA THR AA 216 33.55 67.09 -22.81
C THR AA 216 33.06 66.14 -23.89
N MET AA 217 33.97 65.69 -24.74
CA MET AA 217 33.66 64.73 -25.79
C MET AA 217 34.16 63.35 -25.42
N TYR AA 218 33.28 62.38 -25.50
CA TYR AA 218 33.60 60.98 -25.26
C TYR AA 218 33.80 60.30 -26.60
N VAL AA 219 35.06 60.01 -26.92
CA VAL AA 219 35.45 59.58 -28.25
C VAL AA 219 35.89 58.13 -28.19
N GLN AA 220 36.04 57.54 -29.36
CA GLN AA 220 36.42 56.15 -29.52
C GLN AA 220 37.33 56.09 -30.73
N PHE AA 221 38.59 55.74 -30.51
CA PHE AA 221 39.59 55.67 -31.54
C PHE AA 221 39.81 54.23 -32.01
N ARG AA 222 40.60 54.09 -33.07
CA ARG AA 222 40.83 52.78 -33.67
C ARG AA 222 42.16 52.82 -34.41
N GLU AA 223 42.82 51.67 -34.46
CA GLU AA 223 44.03 51.45 -35.25
C GLU AA 223 45.17 52.36 -34.79
N PHE AA 224 45.67 52.03 -33.59
CA PHE AA 224 46.93 52.52 -33.07
C PHE AA 224 48.00 52.52 -34.14
N ASN AA 225 48.58 53.68 -34.42
CA ASN AA 225 49.45 53.87 -35.57
C ASN AA 225 50.71 54.62 -35.20
N LEU AA 226 51.29 54.29 -34.06
CA LEU AA 226 52.50 54.97 -33.64
C LEU AA 226 53.64 54.66 -34.59
N LYS AA 227 54.47 55.66 -34.83
CA LYS AA 227 55.64 55.54 -35.69
C LYS AA 227 56.88 55.84 -34.87
N ASP AA 228 57.86 54.93 -34.92
CA ASP AA 228 59.05 54.98 -34.07
C ASP AA 228 60.28 54.95 -34.97
N PRO AA 229 60.70 56.10 -35.48
CA PRO AA 229 61.96 56.17 -36.19
C PRO AA 229 63.14 56.08 -35.24
N PRO AA 230 64.35 55.85 -35.74
CA PRO AA 230 65.52 55.90 -34.86
C PRO AA 230 65.84 57.31 -34.39
N LEU AA 231 66.91 57.43 -33.62
CA LEU AA 231 67.31 58.71 -33.05
C LEU AA 231 68.83 58.87 -33.06
N GLY BA 43 -6.81 61.29 -36.84
CA GLY BA 43 -5.37 61.55 -36.89
C GLY BA 43 -4.89 62.37 -35.72
N ILE BA 44 -4.66 61.70 -34.60
CA ILE BA 44 -4.34 62.36 -33.35
C ILE BA 44 -2.88 62.77 -33.34
N PHE BA 45 -2.61 63.91 -32.73
CA PHE BA 45 -1.26 64.39 -32.53
C PHE BA 45 -1.25 65.21 -31.23
N ASN BA 46 -0.74 64.60 -30.17
CA ASN BA 46 -0.55 65.29 -28.91
C ASN BA 46 0.79 66.01 -28.95
N THR BA 47 0.78 67.30 -28.65
CA THR BA 47 1.98 68.10 -28.59
C THR BA 47 1.89 69.08 -27.44
N ARG BA 48 2.81 70.05 -27.43
CA ARG BA 48 3.01 70.97 -26.34
C ARG BA 48 3.38 72.33 -26.92
N LEU BA 49 2.63 73.35 -26.53
CA LEU BA 49 2.83 74.71 -26.99
C LEU BA 49 3.01 75.62 -25.80
N SER BA 50 3.96 76.54 -25.91
CA SER BA 50 4.36 77.41 -24.83
C SER BA 50 4.31 78.87 -25.27
N ARG BA 51 4.46 79.74 -24.28
CA ARG BA 51 4.30 81.18 -24.41
C ARG BA 51 4.77 81.80 -23.11
N THR BA 52 5.46 82.93 -23.21
CA THR BA 52 6.07 83.59 -22.05
C THR BA 52 5.73 85.06 -22.07
N PHE BA 53 5.42 85.59 -20.89
CA PHE BA 53 5.06 86.99 -20.74
C PHE BA 53 5.27 87.40 -19.30
N GLY BA 54 5.20 88.71 -19.07
CA GLY BA 54 5.49 89.29 -17.78
C GLY BA 54 4.27 89.71 -16.97
N TYR BA 55 4.46 89.78 -15.66
CA TYR BA 55 3.45 90.26 -14.72
C TYR BA 55 4.17 90.91 -13.56
N THR BA 56 3.75 92.11 -13.19
CA THR BA 56 4.37 92.87 -12.11
C THR BA 56 3.30 93.31 -11.13
N ILE BA 57 3.64 93.20 -9.85
CA ILE BA 57 2.83 93.72 -8.76
C ILE BA 57 3.56 94.96 -8.26
N LYS BA 58 3.02 96.13 -8.58
CA LYS BA 58 3.66 97.38 -8.23
C LYS BA 58 3.65 97.59 -6.72
N ARG BA 59 4.56 98.43 -6.27
CA ARG BA 59 4.72 98.73 -4.86
C ARG BA 59 3.57 99.59 -4.35
N THR BA 60 3.39 99.56 -3.03
CA THR BA 60 2.37 100.36 -2.35
C THR BA 60 2.91 100.86 -1.02
N THR BA 61 2.61 102.12 -0.71
CA THR BA 61 2.93 102.69 0.59
C THR BA 61 1.97 102.25 1.68
N VAL BA 62 0.90 101.51 1.33
CA VAL BA 62 -0.05 101.04 2.33
C VAL BA 62 0.66 100.16 3.34
N LYS BA 63 0.32 100.37 4.62
CA LYS BA 63 0.97 99.63 5.70
C LYS BA 63 0.34 98.29 5.93
N THR BA 64 -0.98 98.18 5.78
CA THR BA 64 -1.70 96.96 6.05
C THR BA 64 -1.29 95.85 5.10
N PRO BA 65 -1.62 94.60 5.42
CA PRO BA 65 -1.50 93.54 4.42
C PRO BA 65 -2.66 93.59 3.47
N SER BA 66 -2.39 94.03 2.25
CA SER BA 66 -3.37 94.04 1.18
C SER BA 66 -2.90 93.14 0.05
N TRP BA 67 -3.86 92.68 -0.74
CA TRP BA 67 -3.58 91.76 -1.84
C TRP BA 67 -4.00 92.37 -3.17
N ALA BA 68 -3.26 91.98 -4.20
CA ALA BA 68 -3.51 92.40 -5.57
C ALA BA 68 -4.11 91.24 -6.33
N VAL BA 69 -5.29 91.44 -6.87
CA VAL BA 69 -6.05 90.38 -7.52
C VAL BA 69 -5.98 90.59 -9.02
N ASP BA 70 -5.87 89.49 -9.75
CA ASP BA 70 -5.84 89.53 -11.20
C ASP BA 70 -6.30 88.18 -11.73
N MET BA 71 -6.59 88.15 -13.02
CA MET BA 71 -7.13 87.00 -13.70
C MET BA 71 -6.18 86.53 -14.79
N MET BA 72 -6.46 85.33 -15.31
CA MET BA 72 -5.62 84.72 -16.33
C MET BA 72 -6.48 83.80 -17.19
N ARG BA 73 -6.64 84.15 -18.45
CA ARG BA 73 -7.30 83.33 -19.45
C ARG BA 73 -6.27 82.73 -20.39
N PHE BA 74 -6.70 81.76 -21.18
CA PHE BA 74 -5.85 81.06 -22.13
C PHE BA 74 -6.57 80.93 -23.46
N ASN BA 75 -5.93 81.41 -24.52
CA ASN BA 75 -6.43 81.26 -25.87
C ASN BA 75 -5.33 80.68 -26.75
N ILE BA 76 -5.74 79.91 -27.75
CA ILE BA 76 -4.80 79.21 -28.62
C ILE BA 76 -4.22 80.11 -29.70
N ASN BA 77 -4.79 81.29 -29.93
CA ASN BA 77 -4.19 82.21 -30.88
C ASN BA 77 -2.85 82.72 -30.39
N ASP BA 78 -2.69 82.83 -29.09
CA ASP BA 78 -1.45 83.31 -28.50
C ASP BA 78 -0.34 82.26 -28.50
N PHE BA 79 -0.67 81.00 -28.77
CA PHE BA 79 0.29 79.92 -28.83
C PHE BA 79 0.52 79.42 -30.24
N LEU BA 80 -0.49 79.48 -31.09
CA LEU BA 80 -0.45 78.97 -32.46
C LEU BA 80 -0.56 80.12 -33.44
N PRO BA 81 0.49 80.48 -34.19
CA PRO BA 81 0.37 81.62 -35.08
C PRO BA 81 -0.43 81.27 -36.32
N PRO BA 82 -0.76 82.27 -37.14
CA PRO BA 82 -1.38 81.98 -38.42
C PRO BA 82 -0.37 81.37 -39.38
N GLY BA 83 -0.87 80.51 -40.25
CA GLY BA 83 -0.02 79.84 -41.21
C GLY BA 83 0.23 80.67 -42.44
N GLY BA 84 0.24 80.01 -43.59
CA GLY BA 84 0.47 80.68 -44.84
C GLY BA 84 -0.08 79.92 -46.02
N GLY BA 85 -0.80 80.61 -46.89
CA GLY BA 85 -1.36 80.00 -48.06
C GLY BA 85 -2.69 79.35 -47.81
N SER BA 86 -2.90 78.19 -48.42
CA SER BA 86 -4.15 77.46 -48.27
C SER BA 86 -4.32 76.88 -46.87
N ASN BA 87 -3.25 76.80 -46.10
CA ASN BA 87 -3.33 76.33 -44.72
C ASN BA 87 -3.46 77.55 -43.81
N PRO BA 88 -4.61 77.79 -43.19
CA PRO BA 88 -4.76 79.04 -42.43
C PRO BA 88 -3.95 79.07 -41.15
N ARG BA 89 -3.58 77.92 -40.60
CA ARG BA 89 -2.82 77.83 -39.37
C ARG BA 89 -1.52 77.08 -39.60
N SER BA 90 -0.60 77.24 -38.66
CA SER BA 90 0.74 76.70 -38.81
C SER BA 90 0.81 75.22 -38.46
N VAL BA 91 -0.11 74.73 -37.65
CA VAL BA 91 -0.25 73.31 -37.35
C VAL BA 91 -1.41 72.79 -38.19
N PRO BA 92 -1.17 71.95 -39.20
CA PRO BA 92 -2.26 71.62 -40.13
C PRO BA 92 -3.22 70.56 -39.62
N PHE BA 93 -4.12 71.02 -38.76
CA PHE BA 93 -5.17 70.17 -38.21
C PHE BA 93 -6.46 70.98 -38.14
N GLU BA 94 -7.57 70.25 -38.05
CA GLU BA 94 -8.90 70.84 -38.04
C GLU BA 94 -9.43 71.09 -36.64
N TYR BA 95 -9.37 70.08 -35.79
CA TYR BA 95 -9.96 70.11 -34.47
C TYR BA 95 -8.89 70.12 -33.40
N TYR BA 96 -9.28 70.54 -32.21
CA TYR BA 96 -8.38 70.55 -31.07
C TYR BA 96 -9.18 70.45 -29.79
N ARG BA 97 -8.48 70.11 -28.72
CA ARG BA 97 -9.04 70.18 -27.39
C ARG BA 97 -7.88 70.24 -26.41
N ILE BA 98 -7.93 71.22 -25.52
CA ILE BA 98 -6.84 71.44 -24.58
C ILE BA 98 -6.99 70.47 -23.42
N ARG BA 99 -5.95 69.68 -23.19
CA ARG BA 99 -5.95 68.66 -22.16
C ARG BA 99 -5.50 69.20 -20.81
N LYS BA 100 -4.40 69.95 -20.80
CA LYS BA 100 -3.83 70.46 -19.57
C LYS BA 100 -3.16 71.79 -19.87
N VAL BA 101 -2.95 72.58 -18.81
CA VAL BA 101 -2.15 73.79 -18.87
C VAL BA 101 -1.25 73.80 -17.65
N LYS BA 102 -0.03 74.28 -17.85
CA LYS BA 102 0.96 74.45 -16.80
C LYS BA 102 1.34 75.92 -16.78
N VAL BA 103 0.89 76.62 -15.76
CA VAL BA 103 1.28 78.01 -15.51
C VAL BA 103 2.42 78.01 -14.54
N GLU BA 104 3.53 78.64 -14.92
CA GLU BA 104 4.74 78.70 -14.12
C GLU BA 104 5.04 80.17 -13.86
N PHE BA 105 5.04 80.55 -12.59
CA PHE BA 105 5.48 81.87 -12.16
C PHE BA 105 6.96 81.79 -11.85
N TRP BA 106 7.77 82.19 -12.81
CA TRP BA 106 9.21 82.23 -12.61
C TRP BA 106 9.58 83.59 -12.03
N PRO BA 107 10.17 83.65 -10.83
CA PRO BA 107 10.44 84.97 -10.25
C PRO BA 107 11.54 85.71 -10.96
N CYS BA 108 11.48 87.02 -10.80
CA CYS BA 108 12.48 87.94 -11.31
C CYS BA 108 13.24 88.65 -10.21
N SER BA 109 12.95 88.34 -8.96
CA SER BA 109 13.43 89.07 -7.81
C SER BA 109 14.52 88.29 -7.10
N PRO BA 110 15.46 88.96 -6.46
CA PRO BA 110 16.55 88.24 -5.79
C PRO BA 110 16.07 87.57 -4.52
N ILE BA 111 16.85 86.59 -4.07
CA ILE BA 111 16.54 85.89 -2.84
C ILE BA 111 16.83 86.72 -1.59
N THR BA 112 17.44 87.89 -1.74
CA THR BA 112 17.67 88.80 -0.64
C THR BA 112 16.56 89.81 -0.44
N GLN BA 113 15.51 89.77 -1.25
CA GLN BA 113 14.46 90.76 -1.16
C GLN BA 113 13.59 90.49 0.06
N GLY BA 114 13.30 91.53 0.82
CA GLY BA 114 12.50 91.44 2.00
C GLY BA 114 11.06 91.82 1.77
N ASP BA 115 10.36 92.08 2.87
CA ASP BA 115 8.93 92.37 2.85
C ASP BA 115 8.18 91.24 2.16
N ARG BA 116 8.56 90.01 2.49
CA ARG BA 116 7.95 88.85 1.89
C ARG BA 116 6.48 88.76 2.25
N GLY BA 117 5.78 87.90 1.53
CA GLY BA 117 4.35 87.78 1.66
C GLY BA 117 3.84 86.40 1.33
N VAL BA 118 2.52 86.26 1.32
CA VAL BA 118 1.89 84.98 1.09
C VAL BA 118 0.57 85.21 0.37
N GLY BA 119 0.39 84.51 -0.74
CA GLY BA 119 -0.77 84.66 -1.59
C GLY BA 119 -1.44 83.35 -1.91
N SER BA 120 -2.26 83.35 -2.94
CA SER BA 120 -3.07 82.19 -3.27
C SER BA 120 -3.40 82.20 -4.76
N SER BA 121 -3.37 81.02 -5.36
CA SER BA 121 -3.78 80.79 -6.73
C SER BA 121 -4.87 79.75 -6.75
N ALA BA 122 -5.97 80.05 -7.43
CA ALA BA 122 -7.12 79.17 -7.51
C ALA BA 122 -7.52 78.97 -8.95
N VAL BA 123 -8.29 77.90 -9.17
CA VAL BA 123 -8.71 77.47 -10.50
C VAL BA 123 -10.17 77.87 -10.68
N ILE BA 124 -10.44 78.68 -11.69
CA ILE BA 124 -11.74 79.31 -11.92
C ILE BA 124 -12.17 78.98 -13.33
N LEU BA 125 -13.04 77.98 -13.48
CA LEU BA 125 -13.37 77.41 -14.76
C LEU BA 125 -14.63 77.99 -15.39
N ASP BA 126 -14.98 79.26 -15.10
CA ASP BA 126 -16.28 79.79 -15.51
C ASP BA 126 -16.30 81.24 -15.95
N ASP BA 127 -15.17 81.93 -16.00
CA ASP BA 127 -15.11 83.29 -16.54
C ASP BA 127 -15.83 84.29 -15.65
N ASN BA 128 -15.92 84.01 -14.35
CA ASN BA 128 -16.39 84.97 -13.36
C ASN BA 128 -15.36 84.96 -12.25
N PHE BA 129 -14.39 85.83 -12.39
CA PHE BA 129 -13.31 86.00 -11.44
C PHE BA 129 -13.69 87.02 -10.40
N VAL BA 130 -12.95 87.00 -9.28
CA VAL BA 130 -13.00 88.12 -8.35
C VAL BA 130 -12.51 89.34 -9.08
N THR BA 131 -13.16 90.48 -8.81
CA THR BA 131 -12.85 91.70 -9.51
C THR BA 131 -11.39 92.08 -9.32
N LYS BA 132 -10.79 92.58 -10.38
CA LYS BA 132 -9.40 93.01 -10.32
C LYS BA 132 -9.25 94.16 -9.34
N ALA BA 133 -8.30 94.01 -8.42
CA ALA BA 133 -8.07 94.96 -7.34
C ALA BA 133 -6.59 95.20 -7.19
N THR BA 134 -6.25 96.42 -6.77
CA THR BA 134 -4.88 96.81 -6.52
C THR BA 134 -4.46 96.50 -5.09
N ALA BA 135 -5.26 96.92 -4.12
CA ALA BA 135 -4.97 96.68 -2.70
C ALA BA 135 -6.28 96.32 -2.02
N LEU BA 136 -6.60 95.03 -2.02
CA LEU BA 136 -7.76 94.50 -1.33
C LEU BA 136 -7.37 94.03 0.06
N THR BA 137 -8.25 94.24 1.03
CA THR BA 137 -7.94 94.01 2.44
C THR BA 137 -7.94 92.54 2.84
N TYR BA 138 -8.06 91.62 1.90
CA TYR BA 138 -8.08 90.20 2.22
C TYR BA 138 -7.72 89.42 0.97
N ASP BA 139 -7.42 88.14 1.17
CA ASP BA 139 -7.12 87.22 0.09
C ASP BA 139 -8.41 86.49 -0.28
N PRO BA 140 -9.04 86.80 -1.42
CA PRO BA 140 -10.31 86.15 -1.71
C PRO BA 140 -10.17 84.69 -2.06
N TYR BA 141 -9.06 84.29 -2.66
CA TYR BA 141 -8.87 82.93 -3.12
C TYR BA 141 -8.29 82.02 -2.05
N VAL BA 142 -8.36 82.41 -0.78
CA VAL BA 142 -7.67 81.66 0.27
C VAL BA 142 -8.49 80.45 0.68
N ASN BA 143 -9.81 80.59 0.78
CA ASN BA 143 -10.67 79.51 1.21
C ASN BA 143 -11.16 78.65 0.07
N TYR BA 144 -10.68 78.89 -1.15
CA TYR BA 144 -11.06 78.08 -2.27
C TYR BA 144 -10.47 76.68 -2.15
N SER BA 145 -11.24 75.69 -2.58
CA SER BA 145 -10.80 74.31 -2.53
C SER BA 145 -9.60 74.05 -3.42
N SER BA 146 -9.38 74.87 -4.44
CA SER BA 146 -8.26 74.74 -5.35
C SER BA 146 -7.15 75.73 -5.05
N ARG BA 147 -7.07 76.21 -3.82
CA ARG BA 147 -6.05 77.18 -3.45
C ARG BA 147 -4.73 76.49 -3.22
N HIS BA 148 -3.69 77.04 -3.83
CA HIS BA 148 -2.31 76.71 -3.52
C HIS BA 148 -1.66 77.98 -3.03
N THR BA 149 -0.85 77.86 -2.00
CA THR BA 149 -0.17 79.00 -1.43
C THR BA 149 0.94 79.49 -2.36
N ILE BA 150 1.01 80.79 -2.54
CA ILE BA 150 2.08 81.44 -3.27
C ILE BA 150 2.98 82.08 -2.23
N THR BA 151 4.17 81.53 -2.07
CA THR BA 151 5.24 82.22 -1.38
C THR BA 151 5.83 83.27 -2.29
N GLN BA 152 6.05 84.45 -1.74
CA GLN BA 152 6.53 85.61 -2.48
C GLN BA 152 7.80 86.13 -1.86
N PRO BA 153 8.63 86.87 -2.61
CA PRO BA 153 8.62 87.20 -4.03
C PRO BA 153 9.51 86.33 -4.91
N PHE BA 154 10.42 85.58 -4.27
CA PHE BA 154 11.51 84.92 -4.97
C PHE BA 154 11.30 83.41 -5.07
N SER BA 155 10.06 82.97 -5.10
CA SER BA 155 9.73 81.56 -5.07
C SER BA 155 8.92 81.18 -6.29
N TYR BA 156 9.16 79.97 -6.77
CA TYR BA 156 8.51 79.44 -7.95
C TYR BA 156 7.17 78.82 -7.58
N HIS BA 157 6.19 79.05 -8.45
CA HIS BA 157 4.82 78.58 -8.26
C HIS BA 157 4.34 77.99 -9.56
N SER BA 158 3.93 76.72 -9.53
CA SER BA 158 3.37 76.02 -10.67
C SER BA 158 1.94 75.61 -10.36
N ARG BA 159 1.12 75.58 -11.40
CA ARG BA 159 -0.24 75.07 -11.33
C ARG BA 159 -0.48 74.27 -12.59
N TYR BA 160 -0.93 73.02 -12.42
CA TYR BA 160 -1.15 72.08 -13.51
C TYR BA 160 -2.58 71.58 -13.41
N PHE BA 161 -3.39 71.91 -14.40
CA PHE BA 161 -4.82 71.66 -14.33
C PHE BA 161 -5.37 71.56 -15.74
N THR BA 162 -6.65 71.22 -15.81
CA THR BA 162 -7.38 71.05 -17.06
C THR BA 162 -8.35 72.21 -17.25
N PRO BA 163 -8.13 73.11 -18.21
CA PRO BA 163 -9.05 74.23 -18.36
C PRO BA 163 -10.34 73.83 -19.02
N LYS BA 164 -11.25 74.79 -19.17
CA LYS BA 164 -12.55 74.56 -19.77
C LYS BA 164 -12.84 75.72 -20.71
N PRO BA 165 -13.49 75.48 -21.83
CA PRO BA 165 -13.82 76.58 -22.75
C PRO BA 165 -15.07 77.33 -22.36
N VAL BA 166 -15.13 78.56 -22.84
CA VAL BA 166 -16.25 79.45 -22.58
C VAL BA 166 -17.23 79.26 -23.73
N LEU BA 167 -18.13 78.32 -23.56
CA LEU BA 167 -19.13 78.02 -24.56
C LEU BA 167 -20.31 78.99 -24.48
N ASP BA 168 -20.79 79.25 -23.26
CA ASP BA 168 -21.84 80.23 -23.04
C ASP BA 168 -21.49 80.99 -21.77
N SER BA 169 -21.11 82.25 -21.92
CA SER BA 169 -20.77 83.07 -20.78
C SER BA 169 -21.98 83.48 -19.96
N THR BA 170 -23.19 83.35 -20.51
CA THR BA 170 -24.39 83.69 -19.77
C THR BA 170 -24.75 82.62 -18.75
N ILE BA 171 -24.57 81.35 -19.11
CA ILE BA 171 -24.93 80.22 -18.27
C ILE BA 171 -23.69 79.68 -17.59
N ASP BA 172 -22.57 79.72 -18.29
CA ASP BA 172 -21.28 79.31 -17.76
C ASP BA 172 -21.32 77.84 -17.32
N TYR BA 173 -21.50 76.96 -18.30
CA TYR BA 173 -21.51 75.52 -18.08
C TYR BA 173 -20.23 74.91 -18.61
N PHE BA 174 -19.78 73.86 -17.94
CA PHE BA 174 -18.58 73.16 -18.34
C PHE BA 174 -18.69 71.69 -17.97
N GLN BA 175 -17.85 70.94 -18.54
CA GLN BA 175 -17.80 69.50 -18.39
C GLN BA 175 -16.86 69.10 -17.26
N PRO BA 176 -17.12 67.99 -16.59
CA PRO BA 176 -16.11 67.44 -15.69
C PRO BA 176 -14.97 66.79 -16.45
N ASN BA 177 -13.94 66.40 -15.72
CA ASN BA 177 -12.74 65.87 -16.34
C ASN BA 177 -13.00 64.46 -16.84
N ASN BA 178 -12.90 64.28 -18.15
CA ASN BA 178 -13.06 62.97 -18.76
C ASN BA 178 -12.30 63.02 -20.08
N LYS BA 179 -11.22 62.26 -20.17
CA LYS BA 179 -10.42 62.31 -21.38
C LYS BA 179 -11.17 61.78 -22.59
N ARG BA 180 -12.08 60.84 -22.37
CA ARG BA 180 -12.77 60.19 -23.48
C ARG BA 180 -13.95 61.00 -23.99
N ASN BA 181 -14.55 61.84 -23.14
CA ASN BA 181 -15.74 62.58 -23.46
C ASN BA 181 -15.50 64.06 -23.67
N GLN BA 182 -14.25 64.53 -23.61
CA GLN BA 182 -13.96 65.93 -23.77
C GLN BA 182 -14.30 66.39 -25.17
N LEU BA 183 -14.96 67.53 -25.26
CA LEU BA 183 -15.39 68.07 -26.53
C LEU BA 183 -14.21 68.44 -27.41
N TRP BA 184 -14.38 68.23 -28.71
CA TRP BA 184 -13.47 68.74 -29.71
C TRP BA 184 -13.99 70.06 -30.21
N LEU BA 185 -13.16 71.08 -30.15
CA LEU BA 185 -13.43 72.37 -30.75
C LEU BA 185 -12.76 72.44 -32.10
N ARG BA 186 -13.17 73.42 -32.89
CA ARG BA 186 -12.56 73.71 -34.16
C ARG BA 186 -11.44 74.72 -34.00
N LEU BA 187 -10.35 74.46 -34.69
CA LEU BA 187 -9.22 75.38 -34.77
C LEU BA 187 -9.58 76.45 -35.80
N GLN BA 188 -10.16 77.53 -35.33
CA GLN BA 188 -10.58 78.61 -36.19
C GLN BA 188 -9.36 79.33 -36.75
N THR BA 189 -9.62 80.26 -37.67
CA THR BA 189 -8.56 81.01 -38.30
C THR BA 189 -8.07 82.15 -37.43
N ALA BA 190 -9.00 83.01 -36.98
CA ALA BA 190 -8.63 84.14 -36.12
C ALA BA 190 -9.65 84.43 -35.02
N GLY BA 191 -10.43 83.44 -34.61
CA GLY BA 191 -11.53 83.67 -33.69
C GLY BA 191 -11.75 82.59 -32.65
N ASN BA 192 -10.68 81.95 -32.22
CA ASN BA 192 -10.80 80.86 -31.28
C ASN BA 192 -11.34 81.33 -29.93
N VAL BA 193 -11.91 80.39 -29.20
CA VAL BA 193 -12.62 80.68 -27.97
C VAL BA 193 -11.64 80.67 -26.80
N ASP BA 194 -11.91 81.50 -25.81
CA ASP BA 194 -11.03 81.65 -24.68
C ASP BA 194 -11.26 80.52 -23.68
N HIS BA 195 -10.17 79.87 -23.30
CA HIS BA 195 -10.19 78.95 -22.18
C HIS BA 195 -9.82 79.68 -20.90
N VAL BA 196 -10.25 79.13 -19.78
CA VAL BA 196 -10.24 79.83 -18.51
C VAL BA 196 -9.86 78.83 -17.43
N GLY BA 197 -9.48 79.36 -16.26
CA GLY BA 197 -9.01 78.48 -15.22
C GLY BA 197 -7.96 78.92 -14.24
N LEU BA 198 -7.57 80.19 -14.18
CA LEU BA 198 -6.69 80.60 -13.09
C LEU BA 198 -6.92 82.02 -12.64
N GLY BA 199 -7.00 82.18 -11.33
CA GLY BA 199 -7.02 83.50 -10.72
C GLY BA 199 -6.07 83.53 -9.54
N THR BA 200 -5.48 84.70 -9.32
CA THR BA 200 -4.37 84.86 -8.39
C THR BA 200 -4.68 85.99 -7.41
N ALA BA 201 -3.94 85.96 -6.30
CA ALA BA 201 -3.94 87.03 -5.32
C ALA BA 201 -2.55 87.13 -4.73
N PHE BA 202 -1.87 88.23 -5.04
CA PHE BA 202 -0.51 88.49 -4.58
C PHE BA 202 -0.53 89.56 -3.50
N GLU BA 203 0.22 89.31 -2.44
CA GLU BA 203 0.35 90.28 -1.36
C GLU BA 203 1.30 91.37 -1.76
N ASN BA 204 0.86 92.61 -1.62
CA ASN BA 204 1.64 93.75 -2.03
C ASN BA 204 2.83 93.95 -1.11
N SER BA 205 3.76 94.80 -1.56
CA SER BA 205 5.02 95.00 -0.89
C SER BA 205 5.54 96.39 -1.17
N ILE BA 206 6.56 96.79 -0.40
CA ILE BA 206 7.21 98.07 -0.62
C ILE BA 206 7.99 98.06 -1.91
N TYR BA 207 8.49 96.89 -2.32
CA TYR BA 207 9.26 96.74 -3.53
C TYR BA 207 8.41 96.13 -4.63
N ASP BA 208 8.81 96.38 -5.86
CA ASP BA 208 8.11 95.81 -7.00
C ASP BA 208 8.43 94.33 -7.14
N GLN BA 209 7.39 93.54 -7.36
CA GLN BA 209 7.52 92.09 -7.52
C GLN BA 209 7.21 91.74 -8.97
N GLU BA 210 8.24 91.37 -9.72
CA GLU BA 210 8.11 91.01 -11.12
C GLU BA 210 8.18 89.50 -11.29
N TYR BA 211 7.50 89.02 -12.32
CA TYR BA 211 7.44 87.61 -12.66
C TYR BA 211 7.47 87.45 -14.17
N ASN BA 212 8.08 86.37 -14.61
CA ASN BA 212 8.02 85.92 -16.00
C ASN BA 212 7.16 84.68 -16.03
N ILE BA 213 5.96 84.80 -16.60
CA ILE BA 213 4.99 83.72 -16.56
C ILE BA 213 5.06 82.95 -17.86
N ARG BA 214 5.29 81.64 -17.74
CA ARG BA 214 5.39 80.73 -18.86
C ARG BA 214 4.20 79.78 -18.80
N VAL BA 215 3.29 79.92 -19.76
CA VAL BA 215 2.14 79.05 -19.91
C VAL BA 215 2.46 78.01 -20.95
N THR BA 216 2.20 76.76 -20.62
CA THR BA 216 2.40 75.63 -21.51
C THR BA 216 1.08 74.89 -21.63
N MET BA 217 0.54 74.82 -22.84
CA MET BA 217 -0.68 74.10 -23.11
C MET BA 217 -0.39 72.78 -23.78
N TYR BA 218 -0.94 71.71 -23.22
CA TYR BA 218 -0.83 70.37 -23.78
C TYR BA 218 -2.11 70.08 -24.54
N VAL BA 219 -2.00 70.08 -25.87
CA VAL BA 219 -3.15 70.05 -26.74
C VAL BA 219 -3.18 68.72 -27.48
N GLN BA 220 -4.31 68.45 -28.12
CA GLN BA 220 -4.55 67.23 -28.85
C GLN BA 220 -5.35 67.61 -30.08
N PHE BA 221 -4.75 67.43 -31.25
CA PHE BA 221 -5.37 67.78 -32.52
C PHE BA 221 -5.95 66.54 -33.20
N ARG BA 222 -6.66 66.78 -34.29
CA ARG BA 222 -7.35 65.72 -35.01
C ARG BA 222 -7.55 66.16 -36.44
N GLU BA 223 -7.56 65.17 -37.34
CA GLU BA 223 -7.89 65.35 -38.76
C GLU BA 223 -6.90 66.31 -39.45
N PHE BA 224 -5.69 65.78 -39.61
CA PHE BA 224 -4.68 66.34 -40.49
C PHE BA 224 -5.28 66.76 -41.81
N ASN BA 225 -5.14 68.04 -42.15
CA ASN BA 225 -5.86 68.64 -43.27
C ASN BA 225 -4.95 69.49 -44.12
N LEU BA 226 -3.74 69.00 -44.39
CA LEU BA 226 -2.81 69.76 -45.20
C LEU BA 226 -3.33 69.86 -46.62
N LYS BA 227 -3.10 71.02 -47.23
CA LYS BA 227 -3.49 71.30 -48.60
C LYS BA 227 -2.24 71.61 -49.42
N ASP BA 228 -2.10 70.91 -50.54
CA ASP BA 228 -0.89 70.95 -51.37
C ASP BA 228 -1.27 71.34 -52.78
N PRO BA 229 -1.40 72.63 -53.06
CA PRO BA 229 -1.60 73.08 -54.42
C PRO BA 229 -0.31 72.97 -55.22
N PRO BA 230 -0.39 73.06 -56.55
CA PRO BA 230 0.84 73.10 -57.33
C PRO BA 230 1.62 74.39 -57.15
N LEU BA 231 2.74 74.51 -57.87
CA LEU BA 231 3.61 75.66 -57.76
C LEU BA 231 4.17 76.07 -59.12
N GLY CA 43 -26.73 65.92 10.27
CA GLY CA 43 -26.23 66.43 9.01
C GLY CA 43 -24.84 67.03 9.11
N ILE CA 44 -23.85 66.16 9.08
CA ILE CA 44 -22.48 66.55 9.33
C ILE CA 44 -21.89 67.20 8.09
N PHE CA 45 -21.04 68.20 8.31
CA PHE CA 45 -20.30 68.85 7.24
C PHE CA 45 -18.97 69.32 7.83
N ASN CA 46 -17.92 68.58 7.55
CA ASN CA 46 -16.58 68.98 7.91
C ASN CA 46 -16.01 69.91 6.85
N THR CA 47 -15.54 71.08 7.28
CA THR CA 47 -14.93 72.03 6.38
C THR CA 47 -13.73 72.69 7.06
N ARG CA 48 -13.26 73.77 6.44
CA ARG CA 48 -12.04 74.43 6.83
C ARG CA 48 -12.21 75.93 6.65
N LEU CA 49 -11.94 76.68 7.71
CA LEU CA 49 -12.09 78.13 7.73
C LEU CA 49 -10.77 78.74 8.15
N SER CA 50 -10.40 79.82 7.47
CA SER CA 50 -9.11 80.47 7.65
C SER CA 50 -9.29 81.96 7.91
N ARG CA 51 -8.18 82.58 8.30
CA ARG CA 51 -8.13 83.96 8.75
C ARG CA 51 -6.67 84.33 8.87
N THR CA 52 -6.33 85.55 8.49
CA THR CA 52 -4.95 86.01 8.44
C THR CA 52 -4.84 87.37 9.12
N PHE CA 53 -3.78 87.54 9.89
CA PHE CA 53 -3.54 88.78 10.61
C PHE CA 53 -2.07 88.87 10.95
N GLY CA 54 -1.66 90.05 11.42
CA GLY CA 54 -0.28 90.34 11.69
C GLY CA 54 0.12 90.35 13.15
N TYR CA 55 1.41 90.13 13.40
CA TYR CA 55 2.00 90.19 14.73
C TYR CA 55 3.43 90.65 14.58
N THR CA 56 3.82 91.65 15.37
CA THR CA 56 5.14 92.22 15.33
C THR CA 56 5.76 92.22 16.72
N ILE CA 57 7.03 91.88 16.77
CA ILE CA 57 7.86 91.96 17.97
C ILE CA 57 8.77 93.16 17.76
N LYS CA 58 8.47 94.25 18.44
CA LYS CA 58 9.23 95.48 18.27
C LYS CA 58 10.65 95.32 18.79
N ARG CA 59 11.53 96.19 18.29
CA ARG CA 59 12.93 96.16 18.65
C ARG CA 59 13.14 96.65 20.08
N THR CA 60 14.29 96.29 20.64
CA THR CA 60 14.69 96.69 21.98
C THR CA 60 16.18 96.97 22.01
N THR CA 61 16.57 98.04 22.69
CA THR CA 61 17.96 98.34 22.94
C THR CA 61 18.57 97.48 24.04
N VAL CA 62 17.77 96.67 24.73
CA VAL CA 62 18.28 95.81 25.79
C VAL CA 62 19.31 94.86 25.23
N LYS CA 63 20.41 94.69 25.98
CA LYS CA 63 21.51 93.85 25.54
C LYS CA 63 21.28 92.39 25.85
N THR CA 64 20.66 92.10 26.99
CA THR CA 64 20.47 90.74 27.43
C THR CA 64 19.56 89.98 26.48
N PRO CA 65 19.53 88.65 26.59
CA PRO CA 65 18.48 87.90 25.91
C PRO CA 65 17.20 87.96 26.70
N SER CA 66 16.24 88.71 26.19
CA SER CA 66 14.91 88.81 26.77
C SER CA 66 13.89 88.30 25.77
N TRP CA 67 12.75 87.88 26.29
CA TRP CA 67 11.69 87.30 25.49
C TRP CA 67 10.41 88.13 25.61
N ALA CA 68 9.65 88.14 24.53
CA ALA CA 68 8.37 88.81 24.44
C ALA CA 68 7.27 87.77 24.47
N VAL CA 69 6.39 87.87 25.45
CA VAL CA 69 5.35 86.90 25.68
C VAL CA 69 4.03 87.46 25.21
N ASP CA 70 3.21 86.60 24.62
CA ASP CA 70 1.88 86.98 24.16
C ASP CA 70 1.02 85.74 24.10
N MET CA 71 -0.27 85.96 23.96
CA MET CA 71 -1.29 84.92 23.97
C MET CA 71 -2.03 84.90 22.64
N MET CA 72 -2.82 83.84 22.45
CA MET CA 72 -3.56 83.65 21.21
C MET CA 72 -4.79 82.81 21.52
N ARG CA 73 -5.96 83.42 21.36
CA ARG CA 73 -7.25 82.75 21.47
C ARG CA 73 -7.86 82.60 20.08
N PHE CA 74 -8.90 81.77 20.00
CA PHE CA 74 -9.58 81.48 18.75
C PHE CA 74 -11.08 81.54 18.97
N ASN CA 75 -11.76 82.37 18.19
CA ASN CA 75 -13.21 82.46 18.20
C ASN CA 75 -13.72 82.31 16.78
N ILE CA 76 -14.93 81.74 16.67
CA ILE CA 76 -15.52 81.45 15.37
C ILE CA 76 -16.15 82.66 14.72
N ASN CA 77 -16.38 83.73 15.48
CA ASN CA 77 -16.90 84.95 14.86
C ASN CA 77 -15.90 85.56 13.90
N ASP CA 78 -14.61 85.38 14.17
CA ASP CA 78 -13.56 85.93 13.33
C ASP CA 78 -13.36 85.13 12.05
N PHE CA 79 -13.91 83.93 11.96
CA PHE CA 79 -13.82 83.08 10.79
C PHE CA 79 -15.12 82.98 10.02
N LEU CA 80 -16.25 83.05 10.72
CA LEU CA 80 -17.57 82.90 10.14
C LEU CA 80 -18.34 84.22 10.22
N PRO CA 81 -18.60 84.92 9.13
CA PRO CA 81 -19.28 86.20 9.25
C PRO CA 81 -20.76 86.01 9.52
N PRO CA 82 -21.46 87.10 9.82
CA PRO CA 82 -22.91 87.01 9.93
C PRO CA 82 -23.56 86.85 8.56
N GLY CA 83 -24.67 86.13 8.54
CA GLY CA 83 -25.36 85.87 7.32
C GLY CA 83 -26.28 87.01 6.90
N GLY CA 84 -27.44 86.65 6.38
CA GLY CA 84 -28.40 87.64 5.96
C GLY CA 84 -29.81 87.08 5.91
N GLY CA 85 -30.75 87.82 6.49
CA GLY CA 85 -32.14 87.41 6.49
C GLY CA 85 -32.47 86.49 7.63
N SER CA 86 -33.29 85.48 7.35
CA SER CA 86 -33.71 84.54 8.38
C SER CA 86 -32.58 83.62 8.81
N ASN CA 87 -31.50 83.55 8.03
CA ASN CA 87 -30.33 82.77 8.41
C ASN CA 87 -29.34 83.69 9.10
N PRO CA 88 -29.12 83.57 10.41
CA PRO CA 88 -28.27 84.55 11.10
C PRO CA 88 -26.80 84.43 10.75
N ARG CA 89 -26.36 83.26 10.28
CA ARG CA 89 -24.97 83.02 9.94
C ARG CA 89 -24.85 82.59 8.49
N SER CA 90 -23.64 82.69 7.96
CA SER CA 90 -23.40 82.45 6.55
C SER CA 90 -23.29 80.97 6.22
N VAL CA 91 -22.94 80.15 7.20
CA VAL CA 91 -22.95 78.69 7.06
C VAL CA 91 -24.21 78.17 7.75
N PRO CA 92 -25.20 77.66 7.01
CA PRO CA 92 -26.49 77.37 7.65
C PRO CA 92 -26.52 76.07 8.43
N PHE CA 93 -25.97 76.13 9.64
CA PHE CA 93 -25.97 75.01 10.56
C PHE CA 93 -26.22 75.53 11.97
N GLU CA 94 -26.64 74.62 12.83
CA GLU CA 94 -27.01 74.94 14.20
C GLU CA 94 -25.86 74.76 15.17
N TYR CA 95 -25.21 73.60 15.13
CA TYR CA 95 -24.20 73.21 16.09
C TYR CA 95 -22.84 73.16 15.42
N TYR CA 96 -21.80 73.20 16.25
CA TYR CA 96 -20.43 73.11 15.77
C TYR CA 96 -19.54 72.56 16.87
N ARG CA 97 -18.37 72.11 16.46
CA ARG CA 97 -17.32 71.76 17.39
C ARG CA 97 -16.01 71.80 16.64
N ILE CA 98 -15.03 72.51 17.20
CA ILE CA 98 -13.75 72.70 16.54
C ILE CA 98 -12.90 71.48 16.78
N ARG CA 99 -12.46 70.85 15.71
CA ARG CA 99 -11.67 69.63 15.76
C ARG CA 99 -10.18 69.91 15.90
N LYS CA 100 -9.66 70.82 15.07
CA LYS CA 100 -8.24 71.12 15.05
C LYS CA 100 -8.07 72.57 14.67
N VAL CA 101 -6.90 73.11 14.99
CA VAL CA 101 -6.47 74.42 14.54
C VAL CA 101 -5.03 74.31 14.09
N LYS CA 102 -4.71 75.03 13.01
CA LYS CA 102 -3.37 75.14 12.48
C LYS CA 102 -2.98 76.60 12.49
N VAL CA 103 -2.08 76.94 13.38
CA VAL CA 103 -1.50 78.28 13.45
C VAL CA 103 -0.18 78.25 12.70
N GLU CA 104 -0.06 79.15 11.72
CA GLU CA 104 1.11 79.24 10.86
C GLU CA 104 1.69 80.63 11.03
N PHE CA 105 2.93 80.69 11.50
CA PHE CA 105 3.69 81.93 11.56
C PHE CA 105 4.48 82.04 10.27
N TRP CA 106 3.96 82.80 9.34
CA TRP CA 106 4.64 83.05 8.09
C TRP CA 106 5.53 84.28 8.24
N PRO CA 107 6.85 84.16 8.10
CA PRO CA 107 7.70 85.32 8.35
C PRO CA 107 7.54 86.40 7.30
N CYS CA 108 7.88 87.61 7.73
CA CYS CA 108 7.91 88.78 6.88
C CYS CA 108 9.31 89.32 6.70
N SER CA 109 10.32 88.69 7.26
CA SER CA 109 11.65 89.21 7.36
C SER CA 109 12.57 88.48 6.38
N PRO CA 110 13.59 89.14 5.86
CA PRO CA 110 14.47 88.49 4.90
C PRO CA 110 15.37 87.45 5.55
N ILE CA 111 15.89 86.56 4.71
CA ILE CA 111 16.82 85.55 5.21
C ILE CA 111 18.19 86.10 5.53
N THR CA 112 18.46 87.36 5.22
CA THR CA 112 19.70 88.01 5.56
C THR CA 112 19.67 88.72 6.90
N GLN CA 113 18.55 88.69 7.61
CA GLN CA 113 18.43 89.42 8.85
C GLN CA 113 19.21 88.71 9.94
N GLY CA 114 19.98 89.49 10.69
CA GLY CA 114 20.78 88.98 11.77
C GLY CA 114 20.12 89.13 13.12
N ASP CA 115 20.93 89.00 14.16
CA ASP CA 115 20.47 89.01 15.54
C ASP CA 115 19.39 87.97 15.74
N ARG CA 116 19.62 86.80 15.19
CA ARG CA 116 18.67 85.71 15.28
C ARG CA 116 18.48 85.27 16.72
N GLY CA 117 17.42 84.49 16.93
CA GLY CA 117 17.02 84.10 18.25
C GLY CA 117 16.33 82.77 18.29
N VAL CA 118 15.83 82.40 19.46
CA VAL CA 118 15.18 81.12 19.65
C VAL CA 118 14.10 81.27 20.71
N GLY CA 119 12.89 80.83 20.37
CA GLY CA 119 11.73 80.97 21.21
C GLY CA 119 11.00 79.67 21.41
N SER CA 120 9.75 79.77 21.85
CA SER CA 120 8.97 78.60 22.21
C SER CA 120 7.49 78.91 22.05
N SER CA 121 6.75 77.91 21.55
CA SER CA 121 5.31 77.96 21.47
C SER CA 121 4.74 76.77 22.20
N ALA CA 122 3.78 77.03 23.08
CA ALA CA 122 3.16 76.00 23.90
C ALA CA 122 1.65 76.07 23.78
N VAL CA 123 1.01 74.97 24.15
CA VAL CA 123 -0.43 74.79 24.03
C VAL CA 123 -1.05 74.94 25.42
N ILE CA 124 -1.95 75.92 25.55
CA ILE CA 124 -2.50 76.34 26.84
C ILE CA 124 -4.01 76.28 26.72
N LEU CA 125 -4.60 75.21 27.23
CA LEU CA 125 -6.00 74.90 27.01
C LEU CA 125 -6.92 75.39 28.12
N ASP CA 126 -6.58 76.47 28.84
CA ASP CA 126 -7.32 76.83 30.03
C ASP CA 126 -7.49 78.31 30.30
N ASP CA 127 -7.04 79.20 29.41
CA ASP CA 127 -7.29 80.62 29.53
C ASP CA 127 -6.55 81.25 30.71
N ASN CA 128 -5.43 80.66 31.11
CA ASN CA 128 -4.53 81.26 32.09
C ASN CA 128 -3.15 81.16 31.48
N PHE CA 129 -2.78 82.20 30.75
CA PHE CA 129 -1.51 82.33 30.10
C PHE CA 129 -0.50 83.00 31.01
N VAL CA 130 0.77 82.84 30.67
CA VAL CA 130 1.79 83.67 31.27
C VAL CA 130 1.49 85.11 30.91
N THR CA 131 1.70 86.01 31.86
CA THR CA 131 1.36 87.40 31.66
C THR CA 131 2.12 87.98 30.48
N LYS CA 132 1.42 88.82 29.71
CA LYS CA 132 2.04 89.46 28.57
C LYS CA 132 3.18 90.35 29.02
N ALA CA 133 4.33 90.16 28.38
CA ALA CA 133 5.55 90.85 28.74
C ALA CA 133 6.25 91.32 27.48
N THR CA 134 6.96 92.44 27.60
CA THR CA 134 7.73 93.01 26.51
C THR CA 134 9.14 92.45 26.48
N ALA CA 135 9.84 92.47 27.61
CA ALA CA 135 11.20 91.96 27.71
C ALA CA 135 11.32 91.21 29.04
N LEU CA 136 11.00 89.93 29.02
CA LEU CA 136 11.15 89.06 30.17
C LEU CA 136 12.48 88.34 30.10
N THR CA 137 13.11 88.15 31.26
CA THR CA 137 14.47 87.66 31.35
C THR CA 137 14.60 86.17 31.11
N TYR CA 138 13.55 85.49 30.69
CA TYR CA 138 13.61 84.05 30.46
C TYR CA 138 12.45 83.66 29.56
N ASP CA 139 12.53 82.45 29.04
CA ASP CA 139 11.49 81.88 28.21
C ASP CA 139 10.57 81.04 29.09
N PRO CA 140 9.36 81.49 29.40
CA PRO CA 140 8.53 80.71 30.32
C PRO CA 140 8.03 79.41 29.73
N TYR CA 141 7.80 79.37 28.43
CA TYR CA 141 7.21 78.22 27.77
C TYR CA 141 8.26 77.20 27.34
N VAL CA 142 9.47 77.28 27.87
CA VAL CA 142 10.55 76.43 27.38
C VAL CA 142 10.46 75.03 27.96
N ASN CA 143 10.11 74.91 29.24
CA ASN CA 143 10.03 73.62 29.90
C ASN CA 143 8.66 72.98 29.79
N TYR CA 144 7.75 73.58 29.04
CA TYR CA 144 6.44 72.99 28.84
C TYR CA 144 6.54 71.74 27.98
N SER CA 145 5.70 70.76 28.32
CA SER CA 145 5.67 69.51 27.59
C SER CA 145 5.23 69.69 26.15
N SER CA 146 4.50 70.75 25.84
CA SER CA 146 4.03 71.05 24.51
C SER CA 146 4.86 72.11 23.82
N ARG CA 147 6.11 72.31 24.24
CA ARG CA 147 6.94 73.32 23.66
C ARG CA 147 7.51 72.84 22.33
N HIS CA 148 7.40 73.69 21.32
CA HIS CA 148 8.12 73.56 20.08
C HIS CA 148 9.00 74.78 19.94
N THR CA 149 10.21 74.56 19.47
CA THR CA 149 11.16 75.64 19.30
C THR CA 149 10.77 76.52 18.12
N ILE CA 150 10.85 77.82 18.32
CA ILE CA 150 10.65 78.81 17.28
C ILE CA 150 12.03 79.33 16.92
N THR CA 151 12.49 78.98 15.74
CA THR CA 151 13.63 79.66 15.14
C THR CA 151 13.16 80.99 14.58
N GLN CA 152 13.93 82.03 14.82
CA GLN CA 152 13.61 83.39 14.46
C GLN CA 152 14.72 83.97 13.60
N PRO CA 153 14.42 85.00 12.80
CA PRO CA 153 13.16 85.65 12.46
C PRO CA 153 12.53 85.19 11.16
N PHE CA 154 13.30 84.49 10.33
CA PHE CA 154 12.93 84.21 8.95
C PHE CA 154 12.52 82.77 8.74
N SER CA 155 11.98 82.13 9.76
CA SER CA 155 11.66 80.71 9.71
C SER CA 155 10.20 80.50 10.01
N TYR CA 156 9.65 79.50 9.34
CA TYR CA 156 8.24 79.15 9.44
C TYR CA 156 8.02 78.24 10.64
N HIS CA 157 6.91 78.48 11.34
CA HIS CA 157 6.53 77.74 12.53
C HIS CA 157 5.06 77.40 12.43
N SER CA 158 4.75 76.11 12.50
CA SER CA 158 3.38 75.62 12.51
C SER CA 158 3.11 74.89 13.81
N ARG CA 159 1.86 74.96 14.23
CA ARG CA 159 1.36 74.21 15.39
C ARG CA 159 -0.02 73.69 15.03
N TYR CA 160 -0.23 72.40 15.17
CA TYR CA 160 -1.46 71.71 14.83
C TYR CA 160 -1.94 70.95 16.05
N PHE CA 161 -3.09 71.36 16.57
CA PHE CA 161 -3.56 70.85 17.84
C PHE CA 161 -5.08 70.98 17.90
N THR CA 162 -5.64 70.45 18.97
CA THR CA 162 -7.08 70.45 19.22
C THR CA 162 -7.39 71.43 20.34
N PRO CA 163 -8.06 72.55 20.07
CA PRO CA 163 -8.33 73.49 21.15
C PRO CA 163 -9.46 73.03 22.04
N LYS CA 164 -9.76 73.82 23.07
CA LYS CA 164 -10.80 73.52 24.03
C LYS CA 164 -11.57 74.80 24.30
N PRO CA 165 -12.89 74.71 24.50
CA PRO CA 165 -13.66 75.92 24.79
C PRO CA 165 -13.62 76.32 26.24
N VAL CA 166 -13.88 77.60 26.46
CA VAL CA 166 -13.88 78.19 27.79
C VAL CA 166 -15.32 78.11 28.29
N LEU CA 167 -15.63 77.00 28.94
CA LEU CA 167 -16.96 76.78 29.48
C LEU CA 167 -17.13 77.46 30.83
N ASP CA 168 -16.13 77.34 31.71
CA ASP CA 168 -16.13 78.04 32.99
C ASP CA 168 -14.71 78.52 33.24
N SER CA 169 -14.51 79.84 33.16
CA SER CA 169 -13.20 80.41 33.40
C SER CA 169 -12.80 80.38 34.86
N THR CA 170 -13.75 80.18 35.77
CA THR CA 170 -13.44 80.11 37.19
C THR CA 170 -12.80 78.78 37.56
N ILE CA 171 -13.28 77.69 36.96
CA ILE CA 171 -12.81 76.35 37.28
C ILE CA 171 -11.84 75.89 36.21
N ASP CA 172 -12.08 76.30 34.98
CA ASP CA 172 -11.21 76.01 33.84
C ASP CA 172 -11.06 74.49 33.64
N TYR CA 173 -12.17 73.86 33.31
CA TYR CA 173 -12.21 72.43 33.03
C TYR CA 173 -12.35 72.20 31.53
N PHE CA 174 -11.74 71.11 31.06
CA PHE CA 174 -11.81 70.76 29.66
C PHE CA 174 -11.75 69.25 29.51
N GLN CA 175 -12.11 68.82 28.37
CA GLN CA 175 -12.19 67.42 28.02
C GLN CA 175 -10.88 66.93 27.40
N PRO CA 176 -10.53 65.67 27.58
CA PRO CA 176 -9.44 65.11 26.78
C PRO CA 176 -9.85 64.88 25.34
N ASN CA 177 -8.88 64.51 24.52
CA ASN CA 177 -9.13 64.37 23.09
C ASN CA 177 -9.90 63.10 22.83
N ASN CA 178 -11.10 63.25 22.30
CA ASN CA 178 -11.95 62.12 21.93
C ASN CA 178 -12.88 62.62 20.84
N LYS CA 179 -12.73 62.10 19.63
CA LYS CA 179 -13.54 62.59 18.54
C LYS CA 179 -15.00 62.22 18.74
N ARG CA 180 -15.28 61.11 19.41
CA ARG CA 180 -16.65 60.63 19.55
C ARG CA 180 -17.40 61.32 20.67
N ASN CA 181 -16.69 61.80 21.69
CA ASN CA 181 -17.28 62.38 22.88
C ASN CA 181 -17.15 63.90 22.95
N GLN CA 182 -16.58 64.54 21.95
CA GLN CA 182 -16.39 65.98 21.98
C GLN CA 182 -17.74 66.67 21.97
N LEU CA 183 -17.86 67.67 22.83
CA LEU CA 183 -19.09 68.40 22.98
C LEU CA 183 -19.43 69.18 21.72
N TRP CA 184 -20.72 69.26 21.44
CA TRP CA 184 -21.25 70.14 20.41
C TRP CA 184 -21.68 71.43 21.08
N LEU CA 185 -21.16 72.54 20.57
CA LEU CA 185 -21.60 73.86 20.96
C LEU CA 185 -22.61 74.37 19.95
N ARG CA 186 -23.31 75.42 20.35
CA ARG CA 186 -24.23 76.11 19.46
C ARG CA 186 -23.52 77.23 18.72
N LEU CA 187 -23.82 77.34 17.45
CA LEU CA 187 -23.36 78.45 16.62
C LEU CA 187 -24.26 79.64 16.90
N GLN CA 188 -23.84 80.47 17.85
CA GLN CA 188 -24.61 81.63 18.24
C GLN CA 188 -24.59 82.66 17.13
N THR CA 189 -25.37 83.72 17.32
CA THR CA 189 -25.47 84.78 16.32
C THR CA 189 -24.31 85.75 16.43
N ALA CA 190 -24.07 86.30 17.64
CA ALA CA 190 -22.96 87.24 17.83
C ALA CA 190 -22.27 87.07 19.18
N GLY CA 191 -22.31 85.88 19.78
CA GLY CA 191 -21.81 85.70 21.12
C GLY CA 191 -21.11 84.38 21.37
N ASN CA 192 -20.44 83.86 20.36
CA ASN CA 192 -19.79 82.56 20.49
C ASN CA 192 -18.65 82.60 21.50
N VAL CA 193 -18.33 81.44 22.02
CA VAL CA 193 -17.39 81.29 23.12
C VAL CA 193 -15.97 81.17 22.58
N ASP CA 194 -15.02 81.69 23.33
CA ASP CA 194 -13.64 81.72 22.89
C ASP CA 194 -12.99 80.37 23.12
N HIS CA 195 -12.36 79.85 22.09
CA HIS CA 195 -11.48 78.70 22.21
C HIS CA 195 -10.06 79.18 22.44
N VAL CA 196 -9.27 78.30 23.03
CA VAL CA 196 -7.97 78.66 23.59
C VAL CA 196 -7.01 77.53 23.33
N GLY CA 197 -5.71 77.82 23.46
CA GLY CA 197 -4.73 76.82 23.13
C GLY CA 197 -3.38 77.19 22.56
N LEU CA 198 -2.99 78.46 22.54
CA LEU CA 198 -1.62 78.75 22.16
C LEU CA 198 -1.05 79.97 22.86
N GLY CA 199 0.17 79.80 23.37
CA GLY CA 199 0.95 80.90 23.89
C GLY CA 199 2.36 80.81 23.39
N THR CA 200 2.96 81.99 23.21
CA THR CA 200 4.23 82.13 22.52
C THR CA 200 5.22 82.91 23.36
N ALA CA 201 6.49 82.76 23.01
CA ALA CA 201 7.57 83.55 23.59
C ALA CA 201 8.61 83.76 22.51
N PHE CA 202 8.75 85.00 22.06
CA PHE CA 202 9.69 85.37 21.02
C PHE CA 202 10.85 86.14 21.62
N GLU CA 203 12.05 85.79 21.19
CA GLU CA 203 13.26 86.48 21.64
C GLU CA 203 13.39 87.80 20.91
N ASN CA 204 13.57 88.86 21.68
CA ASN CA 204 13.64 90.19 21.11
C ASN CA 204 14.94 90.38 20.34
N SER CA 205 14.99 91.46 19.57
CA SER CA 205 16.09 91.71 18.65
C SER CA 205 16.23 93.21 18.44
N ILE CA 206 17.36 93.58 17.84
CA ILE CA 206 17.59 94.98 17.49
C ILE CA 206 16.68 95.41 16.37
N TYR CA 207 16.29 94.49 15.51
CA TYR CA 207 15.41 94.76 14.38
C TYR CA 207 14.00 94.28 14.69
N ASP CA 208 13.04 94.89 14.01
CA ASP CA 208 11.65 94.49 14.17
C ASP CA 208 11.39 93.17 13.46
N GLN CA 209 10.70 92.27 14.15
CA GLN CA 209 10.36 90.95 13.63
C GLN CA 209 8.86 90.92 13.38
N GLU CA 210 8.46 90.92 12.12
CA GLU CA 210 7.06 90.89 11.72
C GLU CA 210 6.69 89.50 11.24
N TYR CA 211 5.42 89.16 11.43
CA TYR CA 211 4.86 87.88 11.02
C TYR CA 211 3.45 88.09 10.51
N ASN CA 212 3.07 87.27 9.54
CA ASN CA 212 1.70 87.16 9.06
C ASN CA 212 1.17 85.82 9.54
N ILE CA 213 0.25 85.86 10.49
CA ILE CA 213 -0.23 84.65 11.14
C ILE CA 213 -1.53 84.23 10.48
N ARG CA 214 -1.56 83.00 9.99
CA ARG CA 214 -2.71 82.41 9.33
C ARG CA 214 -3.23 81.28 10.20
N VAL CA 215 -4.41 81.47 10.78
CA VAL CA 215 -5.07 80.46 11.58
C VAL CA 215 -6.10 79.79 10.72
N THR CA 216 -6.09 78.46 10.74
CA THR CA 216 -7.03 77.63 10.01
C THR CA 216 -7.71 76.72 11.01
N MET CA 217 -9.03 76.83 11.11
CA MET CA 217 -9.82 76.00 11.99
C MET CA 217 -10.56 74.95 11.18
N TYR CA 218 -10.41 73.69 11.59
CA TYR CA 218 -11.10 72.57 10.99
C TYR CA 218 -12.30 72.23 11.85
N VAL CA 219 -13.49 72.58 11.36
CA VAL CA 219 -14.71 72.54 12.14
C VAL CA 219 -15.61 71.44 11.61
N GLN CA 220 -16.63 71.14 12.40
CA GLN CA 220 -17.60 70.09 12.09
C GLN CA 220 -18.95 70.61 12.55
N PHE CA 221 -19.85 70.82 11.60
CA PHE CA 221 -21.17 71.34 11.87
C PHE CA 221 -22.21 70.22 11.89
N ARG CA 222 -23.43 70.58 12.28
CA ARG CA 222 -24.49 69.61 12.43
C ARG CA 222 -25.83 70.34 12.29
N GLU CA 223 -26.82 69.61 11.78
CA GLU CA 223 -28.20 70.05 11.69
C GLU CA 223 -28.35 71.30 10.82
N PHE CA 224 -28.15 71.06 9.52
CA PHE CA 224 -28.52 71.98 8.46
C PHE CA 224 -29.88 72.60 8.72
N ASN CA 225 -29.94 73.91 8.81
CA ASN CA 225 -31.13 74.62 9.27
C ASN CA 225 -31.46 75.80 8.38
N LEU CA 226 -31.37 75.61 7.08
CA LEU CA 226 -31.67 76.68 6.16
C LEU CA 226 -33.14 77.04 6.23
N LYS CA 227 -33.44 78.33 6.12
CA LYS CA 227 -34.79 78.85 6.14
C LYS CA 227 -35.06 79.56 4.82
N ASP CA 228 -36.16 79.18 4.17
CA ASP CA 228 -36.49 79.63 2.82
C ASP CA 228 -37.87 80.28 2.84
N PRO CA 229 -37.96 81.55 3.19
CA PRO CA 229 -39.22 82.25 3.07
C PRO CA 229 -39.52 82.57 1.62
N PRO CA 230 -40.76 82.96 1.31
CA PRO CA 230 -41.04 83.41 -0.06
C PRO CA 230 -40.40 84.74 -0.40
N LEU CA 231 -40.65 85.22 -1.61
CA LEU CA 231 -40.05 86.46 -2.09
C LEU CA 231 -41.05 87.26 -2.92
N GLY DA 43 11.05 55.96 43.32
CA GLY DA 43 10.15 56.83 42.59
C GLY DA 43 10.83 57.61 41.49
N ILE DA 44 11.01 56.95 40.36
CA ILE DA 44 11.79 57.50 39.27
C ILE DA 44 10.97 58.52 38.49
N PHE DA 45 11.64 59.56 38.02
CA PHE DA 45 11.03 60.56 37.17
C PHE DA 45 12.11 61.10 36.25
N ASN DA 46 12.10 60.64 35.01
CA ASN DA 46 12.98 61.17 33.99
C ASN DA 46 12.36 62.39 33.37
N THR DA 47 13.12 63.49 33.33
CA THR DA 47 12.65 64.72 32.73
C THR DA 47 13.81 65.39 31.99
N ARG DA 48 13.60 66.65 31.63
CA ARG DA 48 14.51 67.40 30.78
C ARG DA 48 14.52 68.84 31.24
N LEU DA 49 15.71 69.36 31.50
CA LEU DA 49 15.92 70.71 31.99
C LEU DA 49 16.86 71.43 31.06
N SER DA 50 16.55 72.68 30.75
CA SER DA 50 17.29 73.48 29.79
C SER DA 50 17.70 74.81 30.40
N ARG DA 51 18.56 75.50 29.66
CA ARG DA 51 19.23 76.72 30.07
C ARG DA 51 19.91 77.28 28.84
N THR DA 52 19.89 78.60 28.71
CA THR DA 52 20.41 79.29 27.54
C THR DA 52 21.29 80.45 27.98
N PHE DA 53 22.40 80.61 27.28
CA PHE DA 53 23.36 81.67 27.59
C PHE DA 53 24.21 81.92 26.35
N GLY DA 54 24.98 83.00 26.41
CA GLY DA 54 25.77 83.45 25.29
C GLY DA 54 27.25 83.18 25.39
N TYR DA 55 27.90 83.14 24.23
CA TYR DA 55 29.35 82.98 24.12
C TYR DA 55 29.80 83.70 22.86
N THR DA 56 30.83 84.52 23.00
CA THR DA 56 31.36 85.31 21.90
C THR DA 56 32.85 85.08 21.77
N ILE DA 57 33.30 84.96 20.53
CA ILE DA 57 34.71 84.90 20.17
C ILE DA 57 35.03 86.25 19.55
N LYS DA 58 35.73 87.09 20.30
CA LYS DA 58 36.04 88.43 19.85
C LYS DA 58 37.01 88.39 18.66
N ARG DA 59 37.01 89.48 17.92
CA ARG DA 59 37.83 89.61 16.73
C ARG DA 59 39.31 89.78 17.10
N THR DA 60 40.16 89.50 16.12
CA THR DA 60 41.60 89.63 16.27
C THR DA 60 42.20 90.14 14.98
N THR DA 61 43.15 91.07 15.09
CA THR DA 61 43.92 91.53 13.95
C THR DA 61 45.02 90.56 13.53
N VAL DA 62 45.22 89.48 14.29
CA VAL DA 62 46.24 88.50 13.96
C VAL DA 62 45.94 87.88 12.59
N LYS DA 63 46.99 87.74 11.78
CA LYS DA 63 46.84 87.23 10.43
C LYS DA 63 46.80 85.71 10.39
N THR DA 64 47.58 85.07 11.25
CA THR DA 64 47.69 83.63 11.23
C THR DA 64 46.38 82.96 11.60
N PRO DA 65 46.24 81.67 11.34
CA PRO DA 65 45.11 80.93 11.90
C PRO DA 65 45.40 80.58 13.35
N SER DA 66 44.72 81.27 14.25
CA SER DA 66 44.79 81.00 15.68
C SER DA 66 43.42 80.56 16.18
N TRP DA 67 43.43 79.85 17.29
CA TRP DA 67 42.21 79.31 17.88
C TRP DA 67 42.02 79.85 19.29
N ALA DA 68 40.75 79.98 19.65
CA ALA DA 68 40.33 80.44 20.96
C ALA DA 68 39.78 79.25 21.73
N VAL DA 69 40.39 78.98 22.87
CA VAL DA 69 40.08 77.80 23.67
C VAL DA 69 39.27 78.23 24.88
N ASP DA 70 38.29 77.42 25.24
CA ASP DA 70 37.47 77.66 26.40
C ASP DA 70 36.89 76.34 26.88
N MET DA 71 36.34 76.37 28.08
CA MET DA 71 35.81 75.20 28.76
C MET DA 71 34.32 75.37 29.03
N MET DA 72 33.70 74.27 29.43
CA MET DA 72 32.27 74.25 29.69
C MET DA 72 31.97 73.17 30.71
N ARG DA 73 31.51 73.59 31.89
CA ARG DA 73 31.04 72.71 32.94
C ARG DA 73 29.52 72.78 33.03
N PHE DA 74 28.94 71.84 33.77
CA PHE DA 74 27.51 71.74 33.93
C PHE DA 74 27.18 71.50 35.40
N ASN DA 75 26.36 72.36 35.97
CA ASN DA 75 25.86 72.19 37.33
C ASN DA 75 24.35 72.29 37.33
N ILE DA 76 23.73 71.58 38.25
CA ILE DA 76 22.27 71.50 38.32
C ILE DA 76 21.65 72.71 39.00
N ASN DA 77 22.44 73.53 39.70
CA ASN DA 77 21.89 74.74 40.28
C ASN DA 77 21.46 75.73 39.20
N ASP DA 78 22.14 75.70 38.06
CA ASP DA 78 21.82 76.60 36.96
C ASP DA 78 20.60 76.18 36.18
N PHE DA 79 20.12 74.95 36.39
CA PHE DA 79 18.93 74.44 35.72
C PHE DA 79 17.74 74.30 36.65
N LEU DA 80 17.99 74.02 37.92
CA LEU DA 80 16.96 73.78 38.93
C LEU DA 80 16.99 74.89 39.97
N PRO DA 81 16.00 75.77 40.05
CA PRO DA 81 16.08 76.86 41.00
C PRO DA 81 15.78 76.38 42.41
N PRO DA 82 15.99 77.22 43.41
CA PRO DA 82 15.56 76.87 44.75
C PRO DA 82 14.04 76.92 44.87
N GLY DA 83 13.52 76.06 45.73
CA GLY DA 83 12.08 75.98 45.92
C GLY DA 83 11.57 77.01 46.91
N GLY DA 84 10.62 76.59 47.72
CA GLY DA 84 10.05 77.47 48.71
C GLY DA 84 9.41 76.72 49.85
N GLY DA 85 9.73 77.13 51.08
CA GLY DA 85 9.18 76.50 52.25
C GLY DA 85 9.96 75.30 52.69
N SER DA 86 9.24 74.26 53.12
CA SER DA 86 9.88 73.04 53.60
C SER DA 86 10.53 72.25 52.48
N ASN DA 87 10.18 72.54 51.22
CA ASN DA 87 10.82 71.92 50.09
C ASN DA 87 11.96 72.80 49.60
N PRO DA 88 13.23 72.41 49.79
CA PRO DA 88 14.31 73.32 49.45
C PRO DA 88 14.50 73.54 47.97
N ARG DA 89 14.04 72.61 47.14
CA ARG DA 89 14.17 72.70 45.69
C ARG DA 89 12.81 72.65 45.03
N SER DA 90 12.77 73.07 43.77
CA SER DA 90 11.52 73.22 43.05
C SER DA 90 11.02 71.89 42.50
N VAL DA 91 11.90 70.94 42.29
CA VAL DA 91 11.54 69.58 41.90
C VAL DA 91 11.63 68.71 43.15
N PRO DA 92 10.52 68.22 43.71
CA PRO DA 92 10.59 67.58 45.03
C PRO DA 92 11.10 66.13 44.99
N PHE DA 93 12.41 66.01 44.87
CA PHE DA 93 13.07 64.72 44.89
C PHE DA 93 14.35 64.84 45.69
N GLU DA 94 14.86 63.69 46.12
CA GLU DA 94 16.05 63.62 46.96
C GLU DA 94 17.31 63.40 46.16
N TYR DA 95 17.32 62.41 45.29
CA TYR DA 95 18.50 61.99 44.56
C TYR DA 95 18.36 62.32 43.09
N TYR DA 96 19.49 62.35 42.40
CA TYR DA 96 19.51 62.60 40.97
C TYR DA 96 20.76 61.98 40.37
N ARG DA 97 20.73 61.83 39.06
CA ARG DA 97 21.90 61.45 38.30
C ARG DA 97 21.69 61.88 36.86
N ILE DA 98 22.67 62.60 36.31
CA ILE DA 98 22.54 63.16 34.98
C ILE DA 98 22.87 62.07 33.97
N ARG DA 99 21.93 61.80 33.08
CA ARG DA 99 22.06 60.75 32.09
C ARG DA 99 22.76 61.23 30.83
N LYS DA 100 22.34 62.39 30.31
CA LYS DA 100 22.86 62.93 29.07
C LYS DA 100 22.81 64.43 29.14
N VAL DA 101 23.62 65.07 28.29
CA VAL DA 101 23.57 66.50 28.07
C VAL DA 101 23.65 66.74 26.57
N LYS DA 102 22.90 67.74 26.12
CA LYS DA 102 22.89 68.20 24.73
C LYS DA 102 23.29 69.66 24.74
N VAL DA 103 24.50 69.93 24.27
CA VAL DA 103 24.97 71.29 24.07
C VAL DA 103 24.74 71.67 22.63
N GLU DA 104 24.02 72.78 22.42
CA GLU DA 104 23.67 73.27 21.10
C GLU DA 104 24.26 74.66 20.94
N PHE DA 105 25.16 74.81 19.98
CA PHE DA 105 25.68 76.11 19.59
C PHE DA 105 24.79 76.65 18.48
N TRP DA 106 23.86 77.51 18.87
CA TRP DA 106 23.00 78.17 17.91
C TRP DA 106 23.67 79.44 17.43
N PRO DA 107 23.97 79.60 16.14
CA PRO DA 107 24.70 80.79 15.72
C PRO DA 107 23.86 82.04 15.80
N CYS DA 108 24.58 83.15 15.91
CA CYS DA 108 24.01 84.48 15.89
C CYS DA 108 24.42 85.29 14.68
N SER DA 109 25.19 84.71 13.78
CA SER DA 109 25.83 85.41 12.70
C SER DA 109 25.14 85.09 11.38
N PRO DA 110 25.14 86.03 10.43
CA PRO DA 110 24.46 85.79 9.17
C PRO DA 110 25.21 84.79 8.30
N ILE DA 111 24.48 84.22 7.35
CA ILE DA 111 25.10 83.29 6.42
C ILE DA 111 25.97 83.96 5.38
N THR DA 112 25.98 85.29 5.34
CA THR DA 112 26.85 86.05 4.45
C THR DA 112 28.18 86.41 5.07
N GLN DA 113 28.43 86.01 6.32
CA GLN DA 113 29.66 86.41 6.99
C GLN DA 113 30.82 85.61 6.45
N GLY DA 114 31.91 86.31 6.16
CA GLY DA 114 33.10 85.69 5.64
C GLY DA 114 34.14 85.42 6.70
N ASP DA 115 35.36 85.17 6.24
CA ASP DA 115 36.47 84.78 7.10
C ASP DA 115 36.11 83.55 7.92
N ARG DA 116 35.48 82.59 7.24
CA ARG DA 116 35.04 81.38 7.89
C ARG DA 116 36.23 80.58 8.41
N GLY DA 117 35.92 79.62 9.26
CA GLY DA 117 36.93 78.86 9.95
C GLY DA 117 36.50 77.46 10.28
N VAL DA 118 37.33 76.74 11.02
CA VAL DA 118 37.08 75.36 11.37
C VAL DA 118 37.68 75.08 12.73
N GLY DA 119 36.86 74.53 13.61
CA GLY DA 119 37.26 74.26 14.99
C GLY DA 119 36.96 72.86 15.42
N SER DA 120 36.94 72.64 16.72
CA SER DA 120 36.80 71.31 17.27
C SER DA 120 36.19 71.38 18.65
N SER DA 121 35.30 70.43 18.93
CA SER DA 121 34.71 70.24 20.25
C SER DA 121 34.98 68.84 20.72
N ALA DA 122 35.49 68.71 21.93
CA ALA DA 122 35.86 67.43 22.51
C ALA DA 122 35.24 67.27 23.88
N VAL DA 123 35.16 66.02 24.32
CA VAL DA 123 34.51 65.64 25.56
C VAL DA 123 35.59 65.35 26.61
N ILE DA 124 35.55 66.10 27.70
CA ILE DA 124 36.61 66.10 28.72
C ILE DA 124 35.97 65.82 30.05
N LEU DA 125 36.04 64.57 30.50
CA LEU DA 125 35.28 64.10 31.64
C LEU DA 125 36.06 64.15 32.96
N ASP DA 126 37.03 65.07 33.12
CA ASP DA 126 37.92 65.00 34.27
C ASP DA 126 38.35 66.34 34.86
N ASP DA 127 37.84 67.47 34.37
CA ASP DA 127 38.09 68.76 34.98
C ASP DA 127 39.54 69.21 34.83
N ASN DA 128 40.22 68.73 33.78
CA ASN DA 128 41.53 69.23 33.41
C ASN DA 128 41.45 69.52 31.92
N PHE DA 129 41.07 70.74 31.61
CA PHE DA 129 40.94 71.24 30.26
C PHE DA 129 42.25 71.83 29.78
N VAL DA 130 42.37 71.97 28.46
CA VAL DA 130 43.42 72.80 27.91
C VAL DA 130 43.21 74.22 28.42
N THR DA 131 44.32 74.88 28.74
CA THR DA 131 44.24 76.20 29.33
C THR DA 131 43.51 77.16 28.41
N LYS DA 132 42.71 78.03 29.00
CA LYS DA 132 41.97 79.02 28.23
C LYS DA 132 42.94 79.95 27.53
N ALA DA 133 42.73 80.12 26.23
CA ALA DA 133 43.61 80.91 25.39
C ALA DA 133 42.78 81.77 24.45
N THR DA 134 43.33 82.93 24.12
CA THR DA 134 42.69 83.86 23.20
C THR DA 134 43.07 83.58 21.76
N ALA DA 135 44.36 83.44 21.48
CA ALA DA 135 44.86 83.16 20.14
C ALA DA 135 46.00 82.15 20.26
N LEU DA 136 45.65 80.88 20.24
CA LEU DA 136 46.62 79.79 20.26
C LEU DA 136 46.92 79.35 18.84
N THR DA 137 48.17 79.01 18.58
CA THR DA 137 48.66 78.74 17.24
C THR DA 137 48.24 77.38 16.69
N TYR DA 138 47.37 76.66 17.36
CA TYR DA 138 46.95 75.35 16.89
C TYR DA 138 45.63 74.99 17.58
N ASP DA 139 44.98 73.96 17.05
CA ASP DA 139 43.76 73.44 17.61
C ASP DA 139 44.11 72.28 18.52
N PRO DA 140 44.03 72.43 19.85
CA PRO DA 140 44.46 71.33 20.71
C PRO DA 140 43.53 70.14 20.68
N TYR DA 141 42.24 70.37 20.48
CA TYR DA 141 41.24 69.33 20.53
C TYR DA 141 41.03 68.63 19.20
N VAL DA 142 41.98 68.78 18.26
CA VAL DA 142 41.77 68.27 16.91
C VAL DA 142 42.03 66.77 16.85
N ASN DA 143 43.07 66.30 17.54
CA ASN DA 143 43.43 64.90 17.50
C ASN DA 143 42.74 64.08 18.58
N TYR DA 144 41.83 64.68 19.33
CA TYR DA 144 41.08 63.94 20.33
C TYR DA 144 40.12 62.97 19.68
N SER DA 145 39.98 61.81 20.31
CA SER DA 145 39.09 60.77 19.80
C SER DA 145 37.63 61.20 19.81
N SER DA 146 37.27 62.17 20.63
CA SER DA 146 35.92 62.69 20.72
C SER DA 146 35.76 64.02 20.00
N ARG DA 147 36.62 64.31 19.03
CA ARG DA 147 36.54 65.57 18.31
C ARG DA 147 35.45 65.51 17.27
N HIS DA 148 34.63 66.55 17.26
CA HIS DA 148 33.70 66.84 16.18
C HIS DA 148 34.10 68.18 15.61
N THR DA 149 34.07 68.29 14.30
CA THR DA 149 34.41 69.54 13.64
C THR DA 149 33.33 70.57 13.84
N ILE DA 150 33.77 71.79 14.14
CA ILE DA 150 32.90 72.95 14.24
C ILE DA 150 33.15 73.76 12.98
N THR DA 151 32.16 73.79 12.10
CA THR DA 151 32.14 74.78 11.04
C THR DA 151 31.67 76.10 11.61
N GLN DA 152 32.35 77.17 11.22
CA GLN DA 152 32.11 78.50 11.74
C GLN DA 152 31.81 79.45 10.58
N PRO DA 153 31.14 80.57 10.84
CA PRO DA 153 30.48 81.06 12.05
C PRO DA 153 28.98 80.82 12.12
N PHE DA 154 28.38 80.48 10.99
CA PHE DA 154 26.94 80.47 10.83
C PHE DA 154 26.36 79.07 10.80
N SER DA 155 27.00 78.13 11.45
CA SER DA 155 26.61 76.73 11.39
C SER DA 155 26.32 76.20 12.78
N TYR DA 156 25.34 75.32 12.84
CA TYR DA 156 24.90 74.72 14.08
C TYR DA 156 25.76 73.53 14.45
N HIS DA 157 26.05 73.41 15.73
CA HIS DA 157 26.89 72.35 16.28
C HIS DA 157 26.22 71.80 17.53
N SER DA 158 25.97 70.50 17.52
CA SER DA 158 25.40 69.80 18.66
C SER DA 158 26.38 68.75 19.14
N ARG DA 159 26.33 68.49 20.45
CA ARG DA 159 27.10 67.43 21.08
C ARG DA 159 26.20 66.79 22.12
N TYR DA 160 26.05 65.47 22.03
CA TYR DA 160 25.17 64.69 22.90
C TYR DA 160 26.00 63.59 23.55
N PHE DA 161 26.14 63.67 24.85
CA PHE DA 161 27.06 62.80 25.57
C PHE DA 161 26.59 62.65 27.01
N THR DA 162 27.29 61.80 27.74
CA THR DA 162 27.01 61.50 29.14
C THR DA 162 28.08 62.12 30.02
N PRO DA 163 27.80 63.14 30.81
CA PRO DA 163 28.84 63.74 31.62
C PRO DA 163 29.18 62.89 32.83
N LYS DA 164 30.15 63.35 33.61
CA LYS DA 164 30.61 62.68 34.80
C LYS DA 164 30.79 63.69 35.90
N PRO DA 165 30.50 63.34 37.14
CA PRO DA 165 30.69 64.30 38.24
C PRO DA 165 32.11 64.35 38.75
N VAL DA 166 32.42 65.49 39.36
CA VAL DA 166 33.75 65.73 39.93
C VAL DA 166 33.68 65.29 41.38
N LEU DA 167 33.99 64.02 41.60
CA LEU DA 167 33.98 63.45 42.94
C LEU DA 167 35.27 63.77 43.68
N ASP DA 168 36.41 63.62 43.01
CA ASP DA 168 37.71 63.97 43.57
C ASP DA 168 38.52 64.61 42.47
N SER DA 169 38.74 65.92 42.57
CA SER DA 169 39.51 66.64 41.59
C SER DA 169 41.00 66.34 41.67
N THR DA 170 41.46 65.77 42.77
CA THR DA 170 42.87 65.42 42.91
C THR DA 170 43.22 64.17 42.12
N ILE DA 171 42.32 63.18 42.12
CA ILE DA 171 42.55 61.90 41.46
C ILE DA 171 41.84 61.88 40.12
N ASP DA 172 40.68 62.53 40.06
CA ASP DA 172 39.90 62.66 38.83
C ASP DA 172 39.53 61.29 38.27
N TYR DA 173 38.72 60.57 39.04
CA TYR DA 173 38.21 59.27 38.64
C TYR DA 173 36.75 59.37 38.25
N PHE DA 174 36.35 58.54 37.29
CA PHE DA 174 34.98 58.53 36.81
C PHE DA 174 34.61 57.13 36.36
N GLN DA 175 33.38 56.92 36.23
CA GLN DA 175 32.79 55.66 35.86
C GLN DA 175 32.60 55.55 34.35
N PRO DA 176 32.68 54.36 33.77
CA PRO DA 176 32.24 54.21 32.40
C PRO DA 176 30.73 54.25 32.26
N ASN DA 177 30.26 54.25 31.02
CA ASN DA 177 28.84 54.42 30.77
C ASN DA 177 28.11 53.12 31.10
N ASN DA 178 27.22 53.20 32.08
CA ASN DA 178 26.39 52.06 32.46
C ASN DA 178 25.15 52.64 33.10
N LYS DA 179 24.01 52.46 32.45
CA LYS DA 179 22.80 53.04 32.99
C LYS DA 179 22.39 52.40 34.30
N ARG DA 180 22.73 51.13 34.50
CA ARG DA 180 22.29 50.41 35.69
C ARG DA 180 23.18 50.67 36.90
N ASN DA 181 24.44 51.02 36.67
CA ASN DA 181 25.41 51.19 37.73
C ASN DA 181 25.79 52.63 37.99
N GLN DA 182 25.16 53.59 37.30
CA GLN DA 182 25.50 54.99 37.49
C GLN DA 182 25.12 55.44 38.89
N LEU DA 183 26.04 56.16 39.50
CA LEU DA 183 25.86 56.63 40.86
C LEU DA 183 24.71 57.61 40.97
N TRP DA 184 24.00 57.53 42.08
CA TRP DA 184 23.01 58.52 42.47
C TRP DA 184 23.68 59.54 43.37
N LEU DA 185 23.59 60.80 43.01
CA LEU DA 185 24.01 61.90 43.85
C LEU DA 185 22.81 62.46 44.58
N ARG DA 186 23.09 63.25 45.60
CA ARG DA 186 22.06 63.96 46.33
C ARG DA 186 21.82 65.32 45.72
N LEU DA 187 20.56 65.69 45.62
CA LEU DA 187 20.15 67.02 45.20
C LEU DA 187 20.28 67.93 46.40
N GLN DA 188 21.43 68.57 46.52
CA GLN DA 188 21.71 69.46 47.62
C GLN DA 188 20.86 70.72 47.49
N THR DA 189 20.93 71.55 48.54
CA THR DA 189 20.15 72.78 48.57
C THR DA 189 20.84 73.89 47.76
N ALA DA 190 22.12 74.17 48.05
CA ALA DA 190 22.85 75.20 47.32
C ALA DA 190 24.30 74.85 47.06
N GLY DA 191 24.64 73.56 47.01
CA GLY DA 191 26.03 73.14 46.92
C GLY DA 191 26.30 71.95 46.04
N ASN DA 192 25.51 71.80 44.98
CA ASN DA 192 25.64 70.64 44.12
C ASN DA 192 26.99 70.63 43.40
N VAL DA 193 27.39 69.44 42.99
CA VAL DA 193 28.71 69.21 42.43
C VAL DA 193 28.69 69.45 40.93
N ASP DA 194 29.82 69.94 40.41
CA ASP DA 194 29.91 70.30 39.01
C ASP DA 194 30.13 69.06 38.17
N HIS DA 195 29.31 68.92 37.14
CA HIS DA 195 29.55 67.94 36.09
C HIS DA 195 30.34 68.58 34.97
N VAL DA 196 31.02 67.73 34.22
CA VAL DA 196 32.05 68.17 33.30
C VAL DA 196 31.98 67.31 32.05
N GLY DA 197 32.61 67.78 30.97
CA GLY DA 197 32.48 67.06 29.73
C GLY DA 197 32.50 67.79 28.40
N LEU DA 198 32.84 69.07 28.33
CA LEU DA 198 33.02 69.67 27.02
C LEU DA 198 34.07 70.77 27.01
N GLY DA 199 34.94 70.69 26.02
CA GLY DA 199 35.89 71.75 25.73
C GLY DA 199 35.90 72.02 24.25
N THR DA 200 36.14 73.29 23.92
CA THR DA 200 35.98 73.80 22.56
C THR DA 200 37.24 74.52 22.11
N ALA DA 201 37.35 74.66 20.80
CA ALA DA 201 38.39 75.47 20.17
C ALA DA 201 37.80 76.11 18.92
N PHE DA 202 37.63 77.42 18.95
CA PHE DA 202 37.08 78.18 17.86
C PHE DA 202 38.17 78.97 17.16
N GLU DA 203 38.14 78.95 15.84
CA GLU DA 203 39.10 79.69 15.04
C GLU DA 203 38.69 81.16 15.01
N ASN DA 204 39.64 82.02 15.33
CA ASN DA 204 39.36 83.44 15.40
C ASN DA 204 39.15 84.02 14.01
N SER DA 205 38.63 85.25 13.98
CA SER DA 205 38.22 85.88 12.76
C SER DA 205 38.33 87.39 12.91
N ILE DA 206 38.24 88.09 11.77
CA ILE DA 206 38.23 89.54 11.78
C ILE DA 206 36.94 90.07 12.39
N TYR DA 207 35.85 89.32 12.25
CA TYR DA 207 34.55 89.70 12.78
C TYR DA 207 34.26 88.93 14.06
N ASP DA 208 33.38 89.52 14.87
CA ASP DA 208 32.98 88.86 16.10
C ASP DA 208 32.01 87.72 15.79
N GLN DA 209 32.24 86.58 16.43
CA GLN DA 209 31.43 85.38 16.27
C GLN DA 209 30.66 85.15 17.56
N GLU DA 210 29.36 85.39 17.53
CA GLU DA 210 28.50 85.21 18.69
C GLU DA 210 27.69 83.93 18.55
N TYR DA 211 27.36 83.35 19.70
CA TYR DA 211 26.59 82.13 19.77
C TYR DA 211 25.64 82.22 20.95
N ASN DA 212 24.47 81.59 20.81
CA ASN DA 212 23.53 81.37 21.90
C ASN DA 212 23.56 79.89 22.22
N ILE DA 213 24.11 79.53 23.36
CA ILE DA 213 24.34 78.15 23.72
C ILE DA 213 23.21 77.69 24.61
N ARG DA 214 22.54 76.61 24.18
CA ARG DA 214 21.42 76.01 24.90
C ARG DA 214 21.86 74.64 25.37
N VAL DA 215 22.01 74.49 26.68
CA VAL DA 215 22.34 73.23 27.31
C VAL DA 215 21.06 72.60 27.82
N THR DA 216 20.87 71.34 27.50
CA THR DA 216 19.73 70.56 27.93
C THR DA 216 20.26 69.33 28.65
N MET DA 217 19.90 69.20 29.93
CA MET DA 217 20.29 68.05 30.73
C MET DA 217 19.11 67.11 30.90
N TYR DA 218 19.34 65.85 30.59
CA TYR DA 218 18.35 64.79 30.77
C TYR DA 218 18.67 64.07 32.07
N VAL DA 219 17.85 64.31 33.08
CA VAL DA 219 18.13 63.88 34.43
C VAL DA 219 17.14 62.80 34.84
N GLN DA 220 17.45 62.15 35.96
CA GLN DA 220 16.65 61.07 36.50
C GLN DA 220 16.67 61.22 38.00
N PHE DA 221 15.52 61.50 38.58
CA PHE DA 221 15.38 61.71 40.01
C PHE DA 221 14.85 60.46 40.69
N ARG DA 222 14.83 60.50 42.03
CA ARG DA 222 14.43 59.36 42.83
C ARG DA 222 13.94 59.85 44.18
N GLU DA 223 13.01 59.11 44.75
CA GLU DA 223 12.51 59.33 46.11
C GLU DA 223 11.85 60.71 46.26
N PHE DA 224 10.70 60.81 45.62
CA PHE DA 224 9.73 61.88 45.86
C PHE DA 224 9.59 62.17 47.33
N ASN DA 225 9.86 63.41 47.73
CA ASN DA 225 9.99 63.78 49.13
C ASN DA 225 9.24 65.06 49.45
N LEU DA 226 8.05 65.20 48.91
CA LEU DA 226 7.27 66.40 49.16
C LEU DA 226 6.88 66.47 50.63
N LYS DA 227 6.88 67.69 51.16
CA LYS DA 227 6.49 67.95 52.53
C LYS DA 227 5.30 68.89 52.54
N ASP DA 228 4.25 68.49 53.26
CA ASP DA 228 2.97 69.19 53.25
C ASP DA 228 2.60 69.57 54.68
N PRO DA 229 3.10 70.70 55.17
CA PRO DA 229 2.66 71.18 56.46
C PRO DA 229 1.27 71.78 56.37
N PRO DA 230 0.61 72.02 57.50
CA PRO DA 230 -0.68 72.72 57.44
C PRO DA 230 -0.54 74.18 57.06
N LEU DA 231 -1.67 74.89 57.03
CA LEU DA 231 -1.69 76.29 56.62
C LEU DA 231 -2.68 77.09 57.47
N GLY EA 43 -46.48 -46.96 -28.49
CA GLY EA 43 -46.89 -47.50 -27.20
C GLY EA 43 -46.06 -48.66 -26.75
N ILE EA 44 -44.91 -48.36 -26.18
CA ILE EA 44 -43.92 -49.37 -25.83
C ILE EA 44 -44.32 -50.07 -24.55
N PHE EA 45 -44.03 -51.36 -24.48
CA PHE EA 45 -44.24 -52.16 -23.28
C PHE EA 45 -43.18 -53.24 -23.27
N ASN EA 46 -42.16 -53.04 -22.45
CA ASN EA 46 -41.15 -54.07 -22.23
C ASN EA 46 -41.63 -55.02 -21.15
N THR EA 47 -41.60 -56.31 -21.46
CA THR EA 47 -41.98 -57.33 -20.49
C THR EA 47 -41.05 -58.53 -20.64
N ARG EA 48 -41.46 -59.63 -20.02
CA ARG EA 48 -40.65 -60.83 -19.89
C ARG EA 48 -41.56 -62.04 -19.99
N LEU EA 49 -41.22 -62.95 -20.89
CA LEU EA 49 -41.99 -64.16 -21.15
C LEU EA 49 -41.08 -65.35 -20.99
N SER EA 50 -41.59 -66.39 -20.35
CA SER EA 50 -40.82 -67.58 -20.02
C SER EA 50 -41.53 -68.84 -20.51
N ARG EA 51 -40.79 -69.94 -20.44
CA ARG EA 51 -41.19 -71.23 -20.97
C ARG EA 51 -40.17 -72.25 -20.47
N THR EA 52 -40.65 -73.43 -20.13
CA THR EA 52 -39.82 -74.47 -19.52
C THR EA 52 -40.06 -75.78 -20.24
N PHE EA 53 -38.99 -76.52 -20.47
CA PHE EA 53 -39.05 -77.80 -21.15
C PHE EA 53 -37.81 -78.60 -20.80
N GLY EA 54 -37.83 -79.87 -21.17
CA GLY EA 54 -36.78 -80.81 -20.84
C GLY EA 54 -35.82 -81.15 -21.96
N TYR EA 55 -34.63 -81.59 -21.58
CA TYR EA 55 -33.62 -82.06 -22.50
C TYR EA 55 -32.79 -83.12 -21.79
N THR EA 56 -32.60 -84.26 -22.44
CA THR EA 56 -31.86 -85.37 -21.87
C THR EA 56 -30.77 -85.81 -22.83
N ILE EA 57 -29.61 -86.11 -22.27
CA ILE EA 57 -28.49 -86.70 -22.98
C ILE EA 57 -28.43 -88.15 -22.52
N LYS EA 58 -28.86 -89.06 -23.39
CA LYS EA 58 -28.92 -90.46 -23.05
C LYS EA 58 -27.53 -91.04 -22.86
N ARG EA 59 -27.48 -92.15 -22.13
CA ARG EA 59 -26.23 -92.82 -21.82
C ARG EA 59 -25.65 -93.51 -23.06
N THR EA 60 -24.35 -93.78 -22.99
CA THR EA 60 -23.63 -94.48 -24.05
C THR EA 60 -22.60 -95.41 -23.44
N THR EA 61 -22.49 -96.61 -24.01
CA THR EA 61 -21.44 -97.55 -23.64
C THR EA 61 -20.09 -97.21 -24.25
N VAL EA 62 -20.03 -96.19 -25.12
CA VAL EA 62 -18.78 -95.79 -25.73
C VAL EA 62 -17.78 -95.38 -24.67
N LYS EA 63 -16.54 -95.82 -24.82
CA LYS EA 63 -15.50 -95.54 -23.84
C LYS EA 63 -14.87 -94.18 -24.04
N THR EA 64 -14.70 -93.77 -25.30
CA THR EA 64 -14.02 -92.54 -25.61
C THR EA 64 -14.79 -91.33 -25.10
N PRO EA 65 -14.16 -90.16 -25.04
CA PRO EA 65 -14.92 -88.94 -24.82
C PRO EA 65 -15.58 -88.49 -26.10
N SER EA 66 -16.90 -88.66 -26.17
CA SER EA 66 -17.70 -88.19 -27.28
C SER EA 66 -18.69 -87.16 -26.78
N TRP EA 67 -19.14 -86.31 -27.71
CA TRP EA 67 -20.05 -85.23 -27.40
C TRP EA 67 -21.35 -85.38 -28.18
N ALA EA 68 -22.42 -84.91 -27.55
CA ALA EA 68 -23.76 -84.92 -28.13
C ALA EA 68 -24.11 -83.49 -28.52
N VAL EA 69 -24.40 -83.29 -29.79
CA VAL EA 69 -24.64 -81.97 -30.35
C VAL EA 69 -26.12 -81.81 -30.59
N ASP EA 70 -26.62 -80.61 -30.32
CA ASP EA 70 -28.02 -80.28 -30.56
C ASP EA 70 -28.13 -78.78 -30.73
N MET EA 71 -29.29 -78.37 -31.21
CA MET EA 71 -29.59 -76.98 -31.55
C MET EA 71 -30.75 -76.48 -30.70
N MET EA 72 -30.93 -75.16 -30.75
CA MET EA 72 -31.97 -74.50 -29.97
C MET EA 72 -32.41 -73.23 -30.68
N ARG EA 73 -33.64 -73.20 -31.14
CA ARG EA 73 -34.28 -72.03 -31.73
C ARG EA 73 -35.29 -71.47 -30.75
N PHE EA 74 -35.75 -70.25 -31.05
CA PHE EA 74 -36.70 -69.53 -30.21
C PHE EA 74 -37.77 -68.92 -31.08
N ASN EA 75 -39.03 -69.25 -30.79
CA ASN EA 75 -40.19 -68.66 -31.45
C ASN EA 75 -41.14 -68.12 -30.40
N ILE EA 76 -41.85 -67.06 -30.78
CA ILE EA 76 -42.74 -66.38 -29.84
C ILE EA 76 -44.08 -67.08 -29.69
N ASN EA 77 -44.42 -68.00 -30.59
CA ASN EA 77 -45.65 -68.76 -30.42
C ASN EA 77 -45.59 -69.65 -29.19
N ASP EA 78 -44.40 -70.12 -28.84
CA ASP EA 78 -44.22 -70.98 -27.69
C ASP EA 78 -44.27 -70.23 -26.37
N PHE EA 79 -44.17 -68.91 -26.40
CA PHE EA 79 -44.24 -68.07 -25.21
C PHE EA 79 -45.53 -67.29 -25.10
N LEU EA 80 -46.12 -66.91 -26.23
CA LEU EA 80 -47.33 -66.10 -26.28
C LEU EA 80 -48.48 -66.92 -26.86
N PRO EA 81 -49.50 -67.28 -26.09
CA PRO EA 81 -50.55 -68.12 -26.64
C PRO EA 81 -51.48 -67.31 -27.52
N PRO EA 82 -52.38 -67.97 -28.23
CA PRO EA 82 -53.42 -67.24 -28.96
C PRO EA 82 -54.44 -66.64 -28.02
N GLY EA 83 -54.97 -65.51 -28.42
CA GLY EA 83 -55.93 -64.81 -27.59
C GLY EA 83 -57.33 -65.34 -27.78
N GLY EA 84 -58.31 -64.43 -27.78
CA GLY EA 84 -59.68 -64.80 -27.95
C GLY EA 84 -60.53 -63.66 -28.48
N GLY EA 85 -61.34 -63.95 -29.48
CA GLY EA 85 -62.21 -62.95 -30.06
C GLY EA 85 -61.53 -62.11 -31.12
N SER EA 86 -61.82 -60.82 -31.11
CA SER EA 86 -61.26 -59.91 -32.10
C SER EA 86 -59.76 -59.67 -31.87
N ASN EA 87 -59.25 -60.01 -30.70
CA ASN EA 87 -57.83 -59.91 -30.42
C ASN EA 87 -57.17 -61.26 -30.70
N PRO EA 88 -56.38 -61.40 -31.75
CA PRO EA 88 -55.87 -62.74 -32.09
C PRO EA 88 -54.84 -63.26 -31.11
N ARG EA 89 -54.16 -62.39 -30.37
CA ARG EA 89 -53.15 -62.78 -29.42
C ARG EA 89 -53.50 -62.29 -28.03
N SER EA 90 -52.86 -62.88 -27.03
CA SER EA 90 -53.19 -62.62 -25.64
C SER EA 90 -52.57 -61.32 -25.13
N VAL EA 91 -51.49 -60.87 -25.75
CA VAL EA 91 -50.89 -59.57 -25.46
C VAL EA 91 -51.31 -58.61 -26.57
N PRO EA 92 -52.16 -57.62 -26.30
CA PRO EA 92 -52.74 -56.84 -27.39
C PRO EA 92 -51.81 -55.77 -27.96
N PHE EA 93 -50.87 -56.22 -28.78
CA PHE EA 93 -49.95 -55.34 -29.47
C PHE EA 93 -49.76 -55.84 -30.89
N GLU EA 94 -49.28 -54.95 -31.75
CA GLU EA 94 -49.09 -55.22 -33.17
C GLU EA 94 -47.69 -55.70 -33.49
N TYR EA 95 -46.69 -54.98 -33.03
CA TYR EA 95 -45.29 -55.22 -33.39
C TYR EA 95 -44.52 -55.71 -32.18
N TYR EA 96 -43.37 -56.33 -32.46
CA TYR EA 96 -42.51 -56.82 -31.40
C TYR EA 96 -41.09 -56.88 -31.93
N ARG EA 97 -40.16 -56.97 -30.99
CA ARG EA 97 -38.76 -57.25 -31.31
C ARG EA 97 -38.11 -57.81 -30.06
N ILE EA 98 -37.45 -58.94 -30.21
CA ILE EA 98 -36.85 -59.63 -29.07
C ILE EA 98 -35.51 -58.98 -28.77
N ARG EA 99 -35.37 -58.50 -27.54
CA ARG EA 99 -34.18 -57.80 -27.10
C ARG EA 99 -33.10 -58.74 -26.59
N LYS EA 100 -33.48 -59.68 -25.73
CA LYS EA 100 -32.55 -60.60 -25.12
C LYS EA 100 -33.25 -61.92 -24.87
N VAL EA 101 -32.46 -62.97 -24.70
CA VAL EA 101 -32.94 -64.28 -24.26
C VAL EA 101 -31.98 -64.78 -23.20
N LYS EA 102 -32.55 -65.45 -22.20
CA LYS EA 102 -31.80 -66.09 -21.12
C LYS EA 102 -32.17 -67.56 -21.15
N VAL EA 103 -31.24 -68.39 -21.57
CA VAL EA 103 -31.38 -69.83 -21.53
C VAL EA 103 -30.70 -70.33 -20.27
N GLU EA 104 -31.45 -71.06 -19.45
CA GLU EA 104 -30.97 -71.59 -18.18
C GLU EA 104 -31.09 -73.10 -18.23
N PHE EA 105 -29.96 -73.77 -18.11
CA PHE EA 105 -29.92 -75.23 -17.96
C PHE EA 105 -29.94 -75.53 -16.48
N TRP EA 106 -31.12 -75.85 -15.98
CA TRP EA 106 -31.27 -76.24 -14.59
C TRP EA 106 -31.07 -77.75 -14.48
N PRO EA 107 -30.08 -78.23 -13.75
CA PRO EA 107 -29.84 -79.68 -13.72
C PRO EA 107 -30.93 -80.44 -13.00
N CYS EA 108 -31.02 -81.70 -13.37
CA CYS EA 108 -31.92 -82.65 -12.74
C CYS EA 108 -31.19 -83.76 -12.01
N SER EA 109 -29.87 -83.72 -12.00
CA SER EA 109 -29.03 -84.81 -11.54
C SER EA 109 -28.43 -84.47 -10.18
N PRO EA 110 -28.18 -85.47 -9.34
CA PRO EA 110 -27.64 -85.19 -8.02
C PRO EA 110 -26.18 -84.78 -8.08
N ILE EA 111 -25.74 -84.13 -7.00
CA ILE EA 111 -24.36 -83.72 -6.91
C ILE EA 111 -23.40 -84.87 -6.65
N THR EA 112 -23.92 -86.07 -6.40
CA THR EA 112 -23.10 -87.26 -6.21
C THR EA 112 -22.86 -88.03 -7.50
N GLN EA 113 -23.38 -87.56 -8.63
CA GLN EA 113 -23.27 -88.30 -9.87
C GLN EA 113 -21.86 -88.16 -10.42
N GLY EA 114 -21.29 -89.28 -10.84
CA GLY EA 114 -19.96 -89.32 -11.38
C GLY EA 114 -19.93 -89.31 -12.88
N ASP EA 115 -18.78 -89.69 -13.42
CA ASP EA 115 -18.53 -89.66 -14.86
C ASP EA 115 -18.79 -88.26 -15.41
N ARG EA 116 -18.31 -87.26 -14.68
CA ARG EA 116 -18.52 -85.88 -15.05
C ARG EA 116 -17.81 -85.57 -16.36
N GLY EA 117 -18.17 -84.43 -16.92
CA GLY EA 117 -17.71 -84.05 -18.24
C GLY EA 117 -17.61 -82.55 -18.42
N VAL EA 118 -17.31 -82.14 -19.64
CA VAL EA 118 -17.12 -80.73 -19.94
C VAL EA 118 -17.55 -80.49 -21.38
N GLY EA 119 -18.42 -79.51 -21.55
CA GLY EA 119 -19.01 -79.18 -22.84
C GLY EA 119 -18.89 -77.73 -23.20
N SER EA 120 -19.70 -77.30 -24.15
CA SER EA 120 -19.59 -75.95 -24.68
C SER EA 120 -20.93 -75.52 -25.24
N SER EA 121 -21.27 -74.25 -25.00
CA SER EA 121 -22.44 -73.61 -25.57
C SER EA 121 -22.00 -72.38 -26.34
N ALA EA 122 -22.46 -72.27 -27.58
CA ALA EA 122 -22.10 -71.17 -28.46
C ALA EA 122 -23.34 -70.52 -29.03
N VAL EA 123 -23.17 -69.31 -29.52
CA VAL EA 123 -24.24 -68.47 -30.04
C VAL EA 123 -24.16 -68.48 -31.55
N ILE EA 124 -25.24 -68.94 -32.19
CA ILE EA 124 -25.28 -69.20 -33.63
C ILE EA 124 -26.47 -68.44 -34.19
N LEU EA 125 -26.20 -67.28 -34.78
CA LEU EA 125 -27.24 -66.34 -35.17
C LEU EA 125 -27.68 -66.47 -36.62
N ASP EA 126 -27.58 -67.66 -37.23
CA ASP EA 126 -27.79 -67.78 -38.68
C ASP EA 126 -28.49 -69.04 -39.15
N ASP EA 127 -28.94 -69.92 -38.27
CA ASP EA 127 -29.74 -71.09 -38.66
C ASP EA 127 -28.93 -72.10 -39.45
N ASN EA 128 -27.62 -72.14 -39.24
CA ASN EA 128 -26.77 -73.20 -39.77
C ASN EA 128 -25.94 -73.68 -38.60
N PHE EA 129 -26.47 -74.68 -37.91
CA PHE EA 129 -25.84 -75.31 -36.78
C PHE EA 129 -24.97 -76.47 -37.23
N VAL EA 130 -24.07 -76.87 -36.33
CA VAL EA 130 -23.39 -78.15 -36.51
C VAL EA 130 -24.45 -79.23 -36.49
N THR EA 131 -24.28 -80.23 -37.35
CA THR EA 131 -25.27 -81.28 -37.50
C THR EA 131 -25.49 -81.99 -36.17
N LYS EA 132 -26.74 -82.33 -35.91
CA LYS EA 132 -27.08 -83.04 -34.68
C LYS EA 132 -26.41 -84.40 -34.68
N ALA EA 133 -25.72 -84.70 -33.58
CA ALA EA 133 -24.95 -85.91 -33.44
C ALA EA 133 -25.18 -86.49 -32.06
N THR EA 134 -25.10 -87.82 -31.98
CA THR EA 134 -25.26 -88.55 -30.73
C THR EA 134 -23.94 -88.71 -30.01
N ALA EA 135 -22.90 -89.18 -30.72
CA ALA EA 135 -21.57 -89.37 -30.14
C ALA EA 135 -20.55 -88.91 -31.18
N LEU EA 136 -20.21 -87.64 -31.15
CA LEU EA 136 -19.19 -87.07 -32.00
C LEU EA 136 -17.86 -87.05 -31.26
N THR EA 137 -16.78 -87.31 -31.99
CA THR EA 137 -15.46 -87.51 -31.41
C THR EA 137 -14.78 -86.23 -30.96
N TYR EA 138 -15.46 -85.09 -30.98
CA TYR EA 138 -14.87 -83.83 -30.58
C TYR EA 138 -15.97 -82.85 -30.25
N ASP EA 139 -15.58 -81.76 -29.61
CA ASP EA 139 -16.49 -80.68 -29.26
C ASP EA 139 -16.41 -79.62 -30.36
N PRO EA 140 -17.41 -79.50 -31.23
CA PRO EA 140 -17.28 -78.53 -32.32
C PRO EA 140 -17.33 -77.10 -31.87
N TYR EA 141 -18.07 -76.81 -30.81
CA TYR EA 141 -18.29 -75.45 -30.35
C TYR EA 141 -17.21 -74.98 -29.38
N VAL EA 142 -16.07 -75.66 -29.34
CA VAL EA 142 -15.08 -75.36 -28.31
C VAL EA 142 -14.24 -74.15 -28.70
N ASN EA 143 -13.88 -74.03 -29.98
CA ASN EA 143 -13.05 -72.94 -30.44
C ASN EA 143 -13.86 -71.73 -30.88
N TYR EA 144 -15.18 -71.76 -30.70
CA TYR EA 144 -15.99 -70.61 -31.04
C TYR EA 144 -15.73 -69.45 -30.09
N SER EA 145 -15.76 -68.25 -30.64
CA SER EA 145 -15.53 -67.05 -29.85
C SER EA 145 -16.60 -66.84 -28.80
N SER EA 146 -17.78 -67.40 -28.97
CA SER EA 146 -18.87 -67.29 -28.02
C SER EA 146 -19.04 -68.53 -27.17
N ARG EA 147 -17.99 -69.31 -27.02
CA ARG EA 147 -18.07 -70.54 -26.24
C ARG EA 147 -18.01 -70.22 -24.77
N HIS EA 148 -18.93 -70.80 -24.02
CA HIS EA 148 -18.87 -70.87 -22.57
C HIS EA 148 -18.82 -72.34 -22.20
N THR EA 149 -17.99 -72.65 -21.22
CA THR EA 149 -17.84 -74.02 -20.77
C THR EA 149 -19.07 -74.47 -20.00
N ILE EA 150 -19.52 -75.68 -20.30
CA ILE EA 150 -20.60 -76.34 -19.58
C ILE EA 150 -19.94 -77.40 -18.72
N THR EA 151 -19.94 -77.16 -17.41
CA THR EA 151 -19.66 -78.22 -16.46
C THR EA 151 -20.88 -79.11 -16.32
N GLN EA 152 -20.65 -80.40 -16.32
CA GLN EA 152 -21.70 -81.42 -16.30
C GLN EA 152 -21.49 -82.33 -15.11
N PRO EA 153 -22.54 -83.02 -14.65
CA PRO EA 153 -23.96 -82.96 -14.98
C PRO EA 153 -24.81 -82.11 -14.05
N PHE EA 154 -24.28 -81.77 -12.89
CA PHE EA 154 -25.04 -81.19 -11.80
C PHE EA 154 -24.79 -79.71 -11.63
N SER EA 155 -24.46 -79.01 -12.70
CA SER EA 155 -24.06 -77.62 -12.63
C SER EA 155 -24.96 -76.77 -13.52
N TYR EA 156 -25.22 -75.57 -13.06
CA TYR EA 156 -26.09 -74.62 -13.74
C TYR EA 156 -25.31 -73.86 -14.80
N HIS EA 157 -25.96 -73.65 -15.93
CA HIS EA 157 -25.38 -72.96 -17.07
C HIS EA 157 -26.39 -71.96 -17.60
N SER EA 158 -26.01 -70.70 -17.65
CA SER EA 158 -26.83 -69.63 -18.21
C SER EA 158 -26.13 -69.01 -19.40
N ARG EA 159 -26.94 -68.54 -20.34
CA ARG EA 159 -26.46 -67.79 -21.50
C ARG EA 159 -27.44 -66.66 -21.74
N TYR EA 160 -26.92 -65.44 -21.80
CA TYR EA 160 -27.71 -64.23 -21.96
C TYR EA 160 -27.19 -63.48 -23.17
N PHE EA 161 -28.03 -63.37 -24.19
CA PHE EA 161 -27.58 -62.85 -25.48
C PHE EA 161 -28.79 -62.27 -26.22
N THR EA 162 -28.50 -61.67 -27.36
CA THR EA 162 -29.49 -61.04 -28.21
C THR EA 162 -29.68 -61.87 -29.46
N PRO EA 163 -30.83 -62.53 -29.66
CA PRO EA 163 -30.99 -63.36 -30.85
C PRO EA 163 -31.25 -62.53 -32.09
N LYS EA 164 -31.38 -63.21 -33.23
CA LYS EA 164 -31.62 -62.57 -34.50
C LYS EA 164 -32.68 -63.37 -35.24
N PRO EA 165 -33.55 -62.71 -35.99
CA PRO EA 165 -34.58 -63.45 -36.73
C PRO EA 165 -34.08 -63.99 -38.05
N VAL EA 166 -34.78 -65.03 -38.51
CA VAL EA 166 -34.46 -65.70 -39.76
C VAL EA 166 -35.30 -65.01 -40.84
N LEU EA 167 -34.74 -63.97 -41.42
CA LEU EA 167 -35.41 -63.23 -42.47
C LEU EA 167 -35.25 -63.91 -43.82
N ASP EA 168 -34.05 -64.37 -44.14
CA ASP EA 168 -33.79 -65.12 -45.36
C ASP EA 168 -32.81 -66.22 -45.01
N SER EA 169 -33.30 -67.46 -45.00
CA SER EA 169 -32.46 -68.60 -44.70
C SER EA 169 -31.48 -68.93 -45.82
N THR EA 170 -31.71 -68.42 -47.02
CA THR EA 170 -30.81 -68.67 -48.14
C THR EA 170 -29.53 -67.84 -48.01
N ILE EA 171 -29.67 -66.59 -47.58
CA ILE EA 171 -28.55 -65.66 -47.49
C ILE EA 171 -28.07 -65.57 -46.06
N ASP EA 172 -29.00 -65.69 -45.11
CA ASP EA 172 -28.70 -65.69 -43.68
C ASP EA 172 -27.97 -64.42 -43.27
N TYR EA 173 -28.69 -63.31 -43.39
CA TYR EA 173 -28.18 -62.00 -42.99
C TYR EA 173 -28.85 -61.56 -41.70
N PHE EA 174 -28.10 -60.83 -40.89
CA PHE EA 174 -28.61 -60.33 -39.62
C PHE EA 174 -27.93 -59.00 -39.29
N GLN EA 175 -28.51 -58.34 -38.38
CA GLN EA 175 -28.09 -57.02 -37.94
C GLN EA 175 -27.14 -57.13 -36.76
N PRO EA 176 -26.21 -56.19 -36.60
CA PRO EA 176 -25.48 -56.12 -35.35
C PRO EA 176 -26.32 -55.55 -34.22
N ASN EA 177 -25.78 -55.58 -33.02
CA ASN EA 177 -26.53 -55.18 -31.85
C ASN EA 177 -26.66 -53.67 -31.81
N ASN EA 178 -27.89 -53.19 -31.89
CA ASN EA 178 -28.18 -51.77 -31.81
C ASN EA 178 -29.61 -51.65 -31.33
N LYS EA 179 -29.79 -51.12 -30.11
CA LYS EA 179 -31.14 -51.05 -29.58
C LYS EA 179 -32.00 -50.08 -30.35
N ARG EA 180 -31.40 -49.06 -30.94
CA ARG EA 180 -32.17 -48.02 -31.61
C ARG EA 180 -32.56 -48.40 -33.03
N ASN EA 181 -31.78 -49.28 -33.67
CA ASN EA 181 -31.98 -49.65 -35.06
C ASN EA 181 -32.53 -51.05 -35.24
N GLN EA 182 -32.84 -51.76 -34.17
CA GLN EA 182 -33.35 -53.11 -34.28
C GLN EA 182 -34.71 -53.11 -34.96
N LEU EA 183 -34.88 -54.04 -35.89
CA LEU EA 183 -36.10 -54.13 -36.67
C LEU EA 183 -37.27 -54.51 -35.79
N TRP EA 184 -38.43 -53.95 -36.12
CA TRP EA 184 -39.70 -54.36 -35.55
C TRP EA 184 -40.32 -55.38 -36.47
N LEU EA 185 -40.65 -56.54 -35.93
CA LEU EA 185 -41.43 -57.54 -36.63
C LEU EA 185 -42.89 -57.41 -36.25
N ARG EA 186 -43.74 -58.05 -37.02
CA ARG EA 186 -45.16 -58.13 -36.73
C ARG EA 186 -45.45 -59.36 -35.90
N LEU EA 187 -46.31 -59.18 -34.91
CA LEU EA 187 -46.82 -60.28 -34.10
C LEU EA 187 -47.94 -60.93 -34.88
N GLN EA 188 -47.58 -61.95 -35.64
CA GLN EA 188 -48.53 -62.67 -36.46
C GLN EA 188 -49.48 -63.46 -35.58
N THR EA 189 -50.49 -64.05 -36.23
CA THR EA 189 -51.49 -64.82 -35.51
C THR EA 189 -51.01 -66.23 -35.20
N ALA EA 190 -50.54 -66.97 -36.23
CA ALA EA 190 -50.03 -68.33 -36.03
C ALA EA 190 -48.82 -68.65 -36.89
N GLY EA 191 -48.04 -67.66 -37.30
CA GLY EA 191 -46.97 -67.87 -38.25
C GLY EA 191 -45.71 -67.08 -38.00
N ASN EA 192 -45.41 -66.80 -36.75
CA ASN EA 192 -44.26 -65.98 -36.42
C ASN EA 192 -42.95 -66.66 -36.83
N VAL EA 193 -41.94 -65.84 -37.00
CA VAL EA 193 -40.65 -66.27 -37.54
C VAL EA 193 -39.76 -66.75 -36.40
N ASP EA 194 -38.93 -67.74 -36.72
CA ASP EA 194 -38.08 -68.35 -35.72
C ASP EA 194 -36.85 -67.49 -35.48
N HIS EA 195 -36.59 -67.20 -34.21
CA HIS EA 195 -35.33 -66.61 -33.80
C HIS EA 195 -34.36 -67.71 -33.42
N VAL EA 196 -33.08 -67.36 -33.50
CA VAL EA 196 -32.01 -68.35 -33.46
C VAL EA 196 -30.86 -67.76 -32.66
N GLY EA 197 -29.94 -68.63 -32.24
CA GLY EA 197 -28.87 -68.16 -31.39
C GLY EA 197 -28.27 -69.05 -30.33
N LEU EA 198 -28.55 -70.35 -30.28
CA LEU EA 198 -27.81 -71.20 -29.36
C LEU EA 198 -27.61 -72.61 -29.88
N GLY EA 199 -26.38 -73.08 -29.77
CA GLY EA 199 -26.06 -74.47 -30.03
C GLY EA 199 -25.16 -74.99 -28.93
N THR EA 200 -25.32 -76.27 -28.64
CA THR EA 200 -24.71 -76.90 -27.47
C THR EA 200 -23.94 -78.15 -27.88
N ALA EA 201 -23.05 -78.55 -26.99
CA ALA EA 201 -22.33 -79.81 -27.11
C ALA EA 201 -22.11 -80.35 -25.71
N PHE EA 202 -22.77 -81.45 -25.39
CA PHE EA 202 -22.69 -82.10 -24.09
C PHE EA 202 -21.89 -83.38 -24.20
N GLU EA 203 -20.99 -83.58 -23.25
CA GLU EA 203 -20.18 -84.79 -23.19
C GLU EA 203 -21.01 -85.93 -22.64
N ASN EA 204 -21.02 -87.04 -23.36
CA ASN EA 204 -21.83 -88.17 -22.98
C ASN EA 204 -21.27 -88.85 -21.74
N SER EA 205 -22.06 -89.73 -21.17
CA SER EA 205 -21.74 -90.36 -19.89
C SER EA 205 -22.41 -91.72 -19.82
N ILE EA 206 -22.00 -92.50 -18.82
CA ILE EA 206 -22.61 -93.80 -18.58
C ILE EA 206 -24.02 -93.62 -18.04
N TYR EA 207 -24.28 -92.53 -17.33
CA TYR EA 207 -25.57 -92.23 -16.75
C TYR EA 207 -26.30 -91.20 -17.61
N ASP EA 208 -27.63 -91.22 -17.50
CA ASP EA 208 -28.44 -90.24 -18.21
C ASP EA 208 -28.33 -88.88 -17.54
N GLN EA 209 -28.15 -87.85 -18.35
CA GLN EA 209 -28.03 -86.47 -17.90
C GLN EA 209 -29.29 -85.71 -18.34
N GLU EA 210 -30.15 -85.40 -17.39
CA GLU EA 210 -31.38 -84.67 -17.66
C GLU EA 210 -31.25 -83.23 -17.24
N TYR EA 211 -31.98 -82.37 -17.93
CA TYR EA 211 -32.00 -80.94 -17.67
C TYR EA 211 -33.41 -80.41 -17.87
N ASN EA 212 -33.76 -79.40 -17.07
CA ASN EA 212 -34.97 -78.62 -17.24
C ASN EA 212 -34.55 -77.25 -17.75
N ILE EA 213 -34.85 -76.97 -19.01
CA ILE EA 213 -34.37 -75.76 -19.67
C ILE EA 213 -35.47 -74.71 -19.61
N ARG EA 214 -35.14 -73.56 -19.03
CA ARG EA 214 -36.05 -72.44 -18.89
C ARG EA 214 -35.54 -71.30 -19.77
N VAL EA 215 -36.27 -71.00 -20.82
CA VAL EA 215 -35.96 -69.90 -21.72
C VAL EA 215 -36.83 -68.73 -21.33
N THR EA 216 -36.21 -67.56 -21.18
CA THR EA 216 -36.86 -66.31 -20.85
C THR EA 216 -36.53 -65.31 -21.94
N MET EA 217 -37.54 -64.82 -22.63
CA MET EA 217 -37.38 -63.81 -23.66
C MET EA 217 -37.82 -62.46 -23.15
N TYR EA 218 -36.94 -61.48 -23.31
CA TYR EA 218 -37.22 -60.10 -22.95
C TYR EA 218 -37.61 -59.35 -24.21
N VAL EA 219 -38.89 -59.04 -24.34
CA VAL EA 219 -39.47 -58.54 -25.58
C VAL EA 219 -39.88 -57.10 -25.38
N GLN EA 220 -40.18 -56.46 -26.50
CA GLN EA 220 -40.58 -55.05 -26.53
C GLN EA 220 -41.65 -54.93 -27.60
N PHE EA 221 -42.85 -54.60 -27.19
CA PHE EA 221 -44.00 -54.47 -28.07
C PHE EA 221 -44.26 -53.02 -28.41
N ARG EA 222 -45.18 -52.81 -29.35
CA ARG EA 222 -45.50 -51.49 -29.85
C ARG EA 222 -46.92 -51.49 -30.40
N GLU EA 223 -47.57 -50.34 -30.30
CA GLU EA 223 -48.88 -50.08 -30.90
C GLU EA 223 -49.94 -51.01 -30.32
N PHE EA 224 -50.26 -50.74 -29.06
CA PHE EA 224 -51.45 -51.26 -28.39
C PHE EA 224 -52.66 -51.19 -29.30
N ASN EA 225 -53.28 -52.34 -29.56
CA ASN EA 225 -54.31 -52.48 -30.59
C ASN EA 225 -55.50 -53.25 -30.08
N LEU EA 226 -55.91 -52.98 -28.85
CA LEU EA 226 -57.06 -53.68 -28.31
C LEU EA 226 -58.33 -53.33 -29.07
N LYS EA 227 -59.19 -54.32 -29.25
CA LYS EA 227 -60.47 -54.15 -29.92
C LYS EA 227 -61.58 -54.49 -28.96
N ASP EA 228 -62.54 -53.58 -28.83
CA ASP EA 228 -63.60 -53.67 -27.83
C ASP EA 228 -64.95 -53.61 -28.53
N PRO EA 229 -65.45 -54.73 -29.04
CA PRO EA 229 -66.80 -54.75 -29.57
C PRO EA 229 -67.83 -54.72 -28.46
N PRO EA 230 -69.10 -54.46 -28.78
CA PRO EA 230 -70.13 -54.56 -27.75
C PRO EA 230 -70.39 -55.99 -27.31
N LEU EA 231 -71.35 -56.16 -26.40
CA LEU EA 231 -71.67 -57.47 -25.86
C LEU EA 231 -73.18 -57.63 -25.66
N GLY FA 43 1.78 -59.37 -40.66
CA GLY FA 43 0.36 -59.63 -40.51
C GLY FA 43 0.04 -60.50 -39.32
N ILE FA 44 -0.03 -59.88 -38.16
CA ILE FA 44 -0.17 -60.60 -36.91
C ILE FA 44 -1.62 -61.01 -36.70
N PHE FA 45 -1.79 -62.19 -36.11
CA PHE FA 45 -3.11 -62.69 -35.73
C PHE FA 45 -2.93 -63.55 -34.50
N ASN FA 46 -3.27 -63.00 -33.35
CA ASN FA 46 -3.30 -63.75 -32.11
C ASN FA 46 -4.62 -64.47 -31.98
N THR FA 47 -4.56 -65.77 -31.75
CA THR FA 47 -5.76 -66.57 -31.56
C THR FA 47 -5.51 -67.60 -30.46
N ARG FA 48 -6.42 -68.57 -30.38
CA ARG FA 48 -6.46 -69.55 -29.31
C ARG FA 48 -6.91 -70.88 -29.89
N LEU FA 49 -6.11 -71.92 -29.65
CA LEU FA 49 -6.37 -73.26 -30.15
C LEU FA 49 -6.39 -74.22 -28.98
N SER FA 50 -7.35 -75.14 -29.00
CA SER FA 50 -7.58 -76.06 -27.91
C SER FA 50 -7.60 -77.50 -28.41
N ARG FA 51 -7.61 -78.41 -27.45
CA ARG FA 51 -7.47 -79.84 -27.67
C ARG FA 51 -7.75 -80.52 -26.35
N THR FA 52 -8.45 -81.65 -26.39
CA THR FA 52 -8.89 -82.35 -25.20
C THR FA 52 -8.56 -83.83 -25.33
N PHE FA 53 -8.07 -84.41 -24.23
CA PHE FA 53 -7.71 -85.82 -24.20
C PHE FA 53 -7.72 -86.29 -22.76
N GLY FA 54 -7.61 -87.60 -22.60
CA GLY FA 54 -7.70 -88.24 -21.30
C GLY FA 54 -6.40 -88.69 -20.70
N TYR FA 55 -6.40 -88.82 -19.37
CA TYR FA 55 -5.27 -89.34 -18.62
C TYR FA 55 -5.82 -90.04 -17.38
N THR FA 56 -5.35 -91.25 -17.14
CA THR FA 56 -5.80 -92.06 -16.02
C THR FA 56 -4.61 -92.53 -15.22
N ILE FA 57 -4.76 -92.49 -13.90
CA ILE FA 57 -3.82 -93.04 -12.95
C ILE FA 57 -4.47 -94.31 -12.42
N LYS FA 58 -3.99 -95.46 -12.86
CA LYS FA 58 -4.56 -96.73 -12.47
C LYS FA 58 -4.34 -97.00 -10.99
N ARG FA 59 -5.18 -97.87 -10.46
CA ARG FA 59 -5.13 -98.23 -9.06
C ARG FA 59 -3.92 -99.11 -8.75
N THR FA 60 -3.56 -99.14 -7.47
CA THR FA 60 -2.46 -99.95 -6.97
C THR FA 60 -2.81 -100.52 -5.61
N THR FA 61 -2.47 -101.78 -5.40
CA THR FA 61 -2.59 -102.42 -4.10
C THR FA 61 -1.49 -102.02 -3.14
N VAL FA 62 -0.49 -101.26 -3.59
CA VAL FA 62 0.59 -100.83 -2.72
C VAL FA 62 0.04 -100.00 -1.57
N LYS FA 63 0.55 -100.26 -0.37
CA LYS FA 63 0.06 -99.59 0.83
C LYS FA 63 0.72 -98.23 1.03
N THR FA 64 2.01 -98.12 0.69
CA THR FA 64 2.75 -96.91 0.91
C THR FA 64 2.21 -95.77 0.08
N PRO FA 65 2.60 -94.52 0.40
CA PRO FA 65 2.33 -93.42 -0.51
C PRO FA 65 3.35 -93.41 -1.64
N SER FA 66 2.92 -93.81 -2.82
CA SER FA 66 3.72 -93.77 -4.02
C SER FA 66 3.10 -92.82 -5.02
N TRP FA 67 3.93 -92.32 -5.92
CA TRP FA 67 3.51 -91.36 -6.93
C TRP FA 67 3.74 -91.90 -8.32
N ALA FA 68 2.86 -91.47 -9.23
CA ALA FA 68 2.92 -91.83 -10.64
C ALA FA 68 3.39 -90.63 -11.42
N VAL FA 69 4.49 -90.80 -12.13
CA VAL FA 69 5.16 -89.71 -12.84
C VAL FA 69 4.87 -89.86 -14.32
N ASP FA 70 4.67 -88.73 -14.97
CA ASP FA 70 4.43 -88.71 -16.41
C ASP FA 70 4.82 -87.33 -16.93
N MET FA 71 4.91 -87.24 -18.24
CA MET FA 71 5.36 -86.05 -18.95
C MET FA 71 4.25 -85.54 -19.87
N MET FA 72 4.47 -84.32 -20.37
CA MET FA 72 3.49 -83.68 -21.24
C MET FA 72 4.22 -82.71 -22.16
N ARG FA 73 4.20 -83.00 -23.45
CA ARG FA 73 4.71 -82.13 -24.50
C ARG FA 73 3.56 -81.51 -25.26
N PHE FA 74 3.88 -80.50 -26.06
CA PHE FA 74 2.90 -79.76 -26.84
C PHE FA 74 3.42 -79.57 -28.25
N ASN FA 75 2.64 -80.02 -29.24
CA ASN FA 75 2.94 -79.81 -30.64
C ASN FA 75 1.73 -79.18 -31.32
N ILE FA 76 2.00 -78.37 -32.34
CA ILE FA 76 0.95 -77.64 -33.02
C ILE FA 76 0.22 -78.49 -34.05
N ASN FA 77 0.75 -79.65 -34.42
CA ASN FA 77 0.02 -80.53 -35.32
C ASN FA 77 -1.24 -81.08 -34.67
N ASP FA 78 -1.22 -81.24 -33.35
CA ASP FA 78 -2.37 -81.75 -32.62
C ASP FA 78 -3.46 -80.71 -32.43
N PHE FA 79 -3.16 -79.45 -32.67
CA PHE FA 79 -4.13 -78.36 -32.56
C PHE FA 79 -4.56 -77.80 -33.90
N LEU FA 80 -3.67 -77.82 -34.88
CA LEU FA 80 -3.90 -77.26 -36.20
C LEU FA 80 -3.94 -78.35 -37.24
N PRO FA 81 -5.07 -78.69 -37.86
CA PRO FA 81 -5.08 -79.79 -38.79
C PRO FA 81 -4.46 -79.39 -40.12
N PRO FA 82 -4.25 -80.34 -41.02
CA PRO FA 82 -3.82 -79.99 -42.37
C PRO FA 82 -4.95 -79.35 -43.15
N GLY FA 83 -4.58 -78.45 -44.04
CA GLY FA 83 -5.55 -77.74 -44.84
C GLY FA 83 -5.98 -78.52 -46.05
N GLY FA 84 -6.16 -77.80 -47.16
CA GLY FA 84 -6.56 -78.43 -48.40
C GLY FA 84 -6.19 -77.61 -49.61
N GLY FA 85 -5.60 -78.26 -50.60
CA GLY FA 85 -5.20 -77.59 -51.82
C GLY FA 85 -3.84 -76.94 -51.72
N SER FA 86 -3.72 -75.75 -52.30
CA SER FA 86 -2.47 -75.03 -52.30
C SER FA 86 -2.10 -74.51 -50.92
N ASN FA 87 -3.05 -74.47 -49.99
CA ASN FA 87 -2.79 -74.07 -48.62
C ASN FA 87 -2.53 -75.31 -47.80
N PRO FA 88 -1.29 -75.59 -47.34
CA PRO FA 88 -1.05 -76.85 -46.67
C PRO FA 88 -1.66 -76.95 -45.30
N ARG FA 89 -1.94 -75.83 -44.65
CA ARG FA 89 -2.53 -75.80 -43.32
C ARG FA 89 -3.85 -75.05 -43.34
N SER FA 90 -4.64 -75.25 -42.28
CA SER FA 90 -5.98 -74.71 -42.22
C SER FA 90 -6.00 -73.25 -41.80
N VAL FA 91 -4.97 -72.79 -41.11
CA VAL FA 91 -4.79 -71.38 -40.77
C VAL FA 91 -3.75 -70.81 -41.74
N PRO FA 92 -4.14 -69.94 -42.67
CA PRO FA 92 -3.19 -69.57 -43.72
C PRO FA 92 -2.16 -68.53 -43.31
N PHE FA 93 -1.14 -69.00 -42.60
CA PHE FA 93 -0.04 -68.18 -42.17
C PHE FA 93 1.25 -68.98 -42.32
N GLU FA 94 2.36 -68.26 -42.35
CA GLU FA 94 3.69 -68.84 -42.56
C GLU FA 94 4.40 -69.15 -41.25
N TYR FA 95 4.47 -68.18 -40.36
CA TYR FA 95 5.24 -68.26 -39.14
C TYR FA 95 4.33 -68.32 -37.93
N TYR FA 96 4.88 -68.78 -36.82
CA TYR FA 96 4.14 -68.85 -35.58
C TYR FA 96 5.12 -68.81 -34.42
N ARG FA 97 4.58 -68.51 -33.25
CA ARG FA 97 5.32 -68.64 -32.01
C ARG FA 97 4.31 -68.75 -30.88
N ILE FA 98 4.49 -69.76 -30.05
CA ILE FA 98 3.54 -70.04 -28.97
C ILE FA 98 3.85 -69.12 -27.81
N ARG FA 99 2.86 -68.35 -27.40
CA ARG FA 99 2.99 -67.37 -26.34
C ARG FA 99 2.75 -67.97 -24.97
N LYS FA 100 1.66 -68.72 -24.83
CA LYS FA 100 1.26 -69.30 -23.56
C LYS FA 100 0.56 -70.62 -23.82
N VAL FA 101 0.50 -71.44 -22.78
CA VAL FA 101 -0.30 -72.66 -22.77
C VAL FA 101 -1.02 -72.73 -21.44
N LYS FA 102 -2.25 -73.20 -21.49
CA LYS FA 102 -3.09 -73.44 -20.32
C LYS FA 102 -3.46 -74.90 -20.31
N VAL FA 103 -2.87 -75.65 -19.39
CA VAL FA 103 -3.22 -77.04 -19.16
C VAL FA 103 -4.22 -77.10 -18.03
N GLU FA 104 -5.36 -77.72 -18.28
CA GLU FA 104 -6.45 -77.83 -17.33
C GLU FA 104 -6.72 -79.30 -17.09
N PHE FA 105 -6.53 -79.74 -15.85
CA PHE FA 105 -6.91 -81.08 -15.42
C PHE FA 105 -8.33 -81.01 -14.90
N TRP FA 106 -9.27 -81.38 -15.75
CA TRP FA 106 -10.66 -81.44 -15.36
C TRP FA 106 -10.96 -82.81 -14.79
N PRO FA 107 -11.36 -82.94 -13.53
CA PRO FA 107 -11.55 -84.28 -12.97
C PRO FA 107 -12.74 -85.01 -13.56
N CYS FA 108 -12.66 -86.32 -13.46
CA CYS FA 108 -13.72 -87.22 -13.87
C CYS FA 108 -14.31 -87.97 -12.70
N SER FA 109 -13.86 -87.72 -11.49
CA SER FA 109 -14.17 -88.51 -10.32
C SER FA 109 -15.15 -87.76 -9.42
N PRO FA 110 -15.99 -88.46 -8.69
CA PRO FA 110 -16.97 -87.78 -7.84
C PRO FA 110 -16.31 -87.16 -6.63
N ILE FA 111 -17.04 -86.20 -6.03
CA ILE FA 111 -16.55 -85.56 -4.82
C ILE FA 111 -16.66 -86.45 -3.59
N THR FA 112 -17.28 -87.61 -3.70
CA THR FA 112 -17.36 -88.57 -2.62
C THR FA 112 -16.23 -89.59 -2.62
N GLN FA 113 -15.30 -89.50 -3.57
CA GLN FA 113 -14.25 -90.49 -3.67
C GLN FA 113 -13.23 -90.26 -2.58
N GLY FA 114 -12.83 -91.34 -1.91
CA GLY FA 114 -11.87 -91.30 -0.85
C GLY FA 114 -10.47 -91.66 -1.30
N ASP FA 115 -9.63 -91.96 -0.32
CA ASP FA 115 -8.22 -92.24 -0.55
C ASP FA 115 -7.57 -91.08 -1.29
N ARG FA 116 -7.90 -89.87 -0.86
CA ARG FA 116 -7.39 -88.68 -1.49
C ARG FA 116 -5.87 -88.59 -1.33
N GLY FA 117 -5.28 -87.69 -2.11
CA GLY FA 117 -3.85 -87.58 -2.18
C GLY FA 117 -3.38 -86.19 -2.50
N VAL FA 118 -2.08 -86.03 -2.70
CA VAL FA 118 -1.49 -84.74 -2.96
C VAL FA 118 -0.28 -84.93 -3.87
N GLY FA 119 -0.26 -84.18 -4.96
CA GLY FA 119 0.77 -84.28 -5.97
C GLY FA 119 1.39 -82.96 -6.32
N SER FA 120 2.06 -82.91 -7.46
CA SER FA 120 2.81 -81.74 -7.85
C SER FA 120 2.92 -81.68 -9.37
N SER FA 121 2.81 -80.47 -9.90
CA SER FA 121 3.02 -80.19 -11.31
C SER FA 121 4.10 -79.13 -11.44
N ALA FA 122 5.09 -79.40 -12.27
CA ALA FA 122 6.22 -78.51 -12.47
C ALA FA 122 6.42 -78.24 -13.95
N VAL FA 123 7.14 -77.17 -14.23
CA VAL FA 123 7.38 -76.67 -15.58
C VAL FA 123 8.80 -77.04 -15.98
N ILE FA 124 8.92 -77.81 -17.06
CA ILE FA 124 10.17 -78.42 -17.49
C ILE FA 124 10.40 -78.03 -18.94
N LEU FA 125 11.24 -77.03 -19.15
CA LEU FA 125 11.39 -76.39 -20.46
C LEU FA 125 12.54 -76.94 -21.28
N ASP FA 126 12.92 -78.21 -21.10
CA ASP FA 126 14.15 -78.71 -21.71
C ASP FA 126 14.12 -80.15 -22.21
N ASP FA 127 12.99 -80.85 -22.13
CA ASP FA 127 12.86 -82.18 -22.71
C ASP FA 127 13.70 -83.22 -21.98
N ASN FA 128 13.97 -83.00 -20.70
CA ASN FA 128 14.57 -84.00 -19.84
C ASN FA 128 13.72 -84.03 -18.58
N PHE FA 129 12.73 -84.91 -18.61
CA PHE FA 129 11.79 -85.12 -17.54
C PHE FA 129 12.31 -86.19 -16.60
N VAL FA 130 11.75 -86.22 -15.39
CA VAL FA 130 11.93 -87.37 -14.53
C VAL FA 130 11.33 -88.58 -15.24
N THR FA 131 12.01 -89.71 -15.10
CA THR FA 131 11.61 -90.90 -15.82
C THR FA 131 10.19 -91.30 -15.43
N LYS FA 132 9.44 -91.75 -16.43
CA LYS FA 132 8.07 -92.19 -16.19
C LYS FA 132 8.07 -93.39 -15.25
N ALA FA 133 7.25 -93.29 -14.20
CA ALA FA 133 7.18 -94.28 -13.15
C ALA FA 133 5.72 -94.54 -12.80
N THR FA 134 5.46 -95.78 -12.39
CA THR FA 134 4.13 -96.19 -11.97
C THR FA 134 3.91 -95.95 -10.48
N ALA FA 135 4.84 -96.40 -9.65
CA ALA FA 135 4.76 -96.22 -8.19
C ALA FA 135 6.16 -95.89 -7.69
N LEU FA 136 6.48 -94.60 -7.67
CA LEU FA 136 7.73 -94.10 -7.13
C LEU FA 136 7.52 -93.68 -5.68
N THR FA 137 8.53 -93.93 -4.86
CA THR FA 137 8.43 -93.77 -3.42
C THR FA 137 8.50 -92.32 -2.95
N TYR FA 138 8.46 -91.35 -3.86
CA TYR FA 138 8.53 -89.95 -3.48
C TYR FA 138 8.00 -89.12 -4.63
N ASP FA 139 7.74 -87.85 -4.33
CA ASP FA 139 7.29 -86.88 -5.32
C ASP FA 139 8.51 -86.13 -5.83
N PRO FA 140 8.97 -86.38 -7.06
CA PRO FA 140 10.20 -85.72 -7.51
C PRO FA 140 10.01 -84.24 -7.75
N TYR FA 141 8.82 -83.82 -8.17
CA TYR FA 141 8.57 -82.45 -8.55
C TYR FA 141 8.16 -81.58 -7.36
N VAL FA 142 8.39 -82.03 -6.14
CA VAL FA 142 7.86 -81.34 -4.98
C VAL FA 142 8.73 -80.14 -4.62
N ASN FA 143 10.05 -80.28 -4.72
CA ASN FA 143 10.96 -79.21 -4.36
C ASN FA 143 11.29 -78.29 -5.53
N TYR FA 144 10.65 -78.49 -6.67
CA TYR FA 144 10.86 -77.61 -7.80
C TYR FA 144 10.29 -76.23 -7.54
N SER FA 145 10.99 -75.23 -8.03
CA SER FA 145 10.57 -73.85 -7.86
C SER FA 145 9.25 -73.55 -8.56
N SER FA 146 8.90 -74.34 -9.57
CA SER FA 146 7.66 -74.17 -10.30
C SER FA 146 6.60 -75.17 -9.89
N ARG FA 147 6.70 -75.72 -8.69
CA ARG FA 147 5.74 -76.71 -8.23
C ARG FA 147 4.46 -76.03 -7.79
N HIS FA 148 3.34 -76.56 -8.26
CA HIS FA 148 2.03 -76.25 -7.75
C HIS FA 148 1.45 -77.55 -7.22
N THR FA 149 0.79 -77.48 -6.09
CA THR FA 149 0.19 -78.66 -5.48
C THR FA 149 -1.03 -79.09 -6.27
N ILE FA 150 -1.13 -80.39 -6.49
CA ILE FA 150 -2.29 -81.03 -7.09
C ILE FA 150 -3.04 -81.71 -5.96
N THR FA 151 -4.20 -81.17 -5.61
CA THR FA 151 -5.14 -81.90 -4.80
C THR FA 151 -5.87 -82.90 -5.67
N GLN FA 152 -6.02 -84.12 -5.15
CA GLN FA 152 -6.58 -85.24 -5.87
C GLN FA 152 -7.77 -85.79 -5.09
N PRO FA 153 -8.68 -86.50 -5.75
CA PRO FA 153 -8.88 -86.77 -7.18
C PRO FA 153 -9.88 -85.87 -7.87
N PHE FA 154 -10.69 -85.16 -7.09
CA PHE FA 154 -11.87 -84.46 -7.60
C PHE FA 154 -11.68 -82.96 -7.66
N SER FA 155 -10.45 -82.51 -7.85
CA SER FA 155 -10.12 -81.09 -7.80
C SER FA 155 -9.49 -80.66 -9.10
N TYR FA 156 -9.80 -79.44 -9.49
CA TYR FA 156 -9.32 -78.84 -10.72
C TYR FA 156 -7.93 -78.24 -10.52
N HIS FA 157 -7.08 -78.42 -11.52
CA HIS FA 157 -5.72 -77.96 -11.50
C HIS FA 157 -5.42 -77.30 -12.85
N SER FA 158 -5.01 -76.04 -12.81
CA SER FA 158 -4.60 -75.29 -13.98
C SER FA 158 -3.16 -74.87 -13.86
N ARG FA 159 -2.49 -74.80 -15.01
CA ARG FA 159 -1.13 -74.28 -15.11
C ARG FA 159 -1.07 -73.43 -16.35
N TYR FA 160 -0.60 -72.19 -16.19
CA TYR FA 160 -0.53 -71.20 -17.26
C TYR FA 160 0.90 -70.70 -17.33
N PHE FA 161 1.56 -70.98 -18.44
CA PHE FA 161 2.99 -70.72 -18.57
C PHE FA 161 3.33 -70.55 -20.03
N THR FA 162 4.58 -70.21 -20.28
CA THR FA 162 5.13 -69.98 -21.61
C THR FA 162 6.06 -71.12 -21.98
N PRO FA 163 5.71 -71.98 -22.93
CA PRO FA 163 6.60 -73.08 -23.26
C PRO FA 163 7.80 -72.64 -24.08
N LYS FA 164 8.67 -73.59 -24.39
CA LYS FA 164 9.87 -73.34 -25.17
C LYS FA 164 10.03 -74.45 -26.19
N PRO FA 165 10.52 -74.16 -27.38
CA PRO FA 165 10.69 -75.21 -28.37
C PRO FA 165 12.00 -75.97 -28.20
N VAL FA 166 11.99 -77.18 -28.75
CA VAL FA 166 13.13 -78.08 -28.69
C VAL FA 166 13.93 -77.83 -29.95
N LEU FA 167 14.86 -76.88 -29.87
CA LEU FA 167 15.71 -76.55 -31.00
C LEU FA 167 16.89 -77.51 -31.11
N ASP FA 168 17.53 -77.82 -29.99
CA ASP FA 168 18.61 -78.80 -29.95
C ASP FA 168 18.44 -79.62 -28.68
N SER FA 169 18.04 -80.87 -28.84
CA SER FA 169 17.86 -81.75 -27.69
C SER FA 169 19.18 -82.17 -27.07
N THR FA 170 20.30 -82.03 -27.78
CA THR FA 170 21.59 -82.38 -27.24
C THR FA 170 22.09 -81.36 -26.23
N ILE FA 171 21.86 -80.08 -26.51
CA ILE FA 171 22.34 -78.98 -25.68
C ILE FA 171 21.20 -78.47 -24.80
N ASP FA 172 19.99 -78.49 -25.34
CA ASP FA 172 18.78 -78.11 -24.62
C ASP FA 172 18.89 -76.67 -24.12
N TYR FA 173 18.94 -75.75 -25.08
CA TYR FA 173 18.98 -74.32 -24.80
C TYR FA 173 17.63 -73.69 -25.12
N PHE FA 174 17.28 -72.67 -24.34
CA PHE FA 174 16.04 -71.96 -24.54
C PHE FA 174 16.20 -70.51 -24.12
N GLN FA 175 15.29 -69.74 -24.54
CA GLN FA 175 15.26 -68.31 -24.31
C GLN FA 175 14.49 -67.96 -23.05
N PRO FA 176 14.85 -66.88 -22.37
CA PRO FA 176 13.98 -66.38 -21.32
C PRO FA 176 12.73 -65.71 -21.87
N ASN FA 177 11.82 -65.35 -20.99
CA ASN FA 177 10.55 -64.80 -21.41
C ASN FA 177 10.73 -63.36 -21.88
N ASN FA 178 10.46 -63.13 -23.16
CA ASN FA 178 10.52 -61.79 -23.74
C ASN FA 178 9.58 -61.80 -24.92
N LYS FA 179 8.50 -61.03 -24.84
CA LYS FA 179 7.53 -61.04 -25.91
C LYS FA 179 8.11 -60.45 -27.19
N ARG FA 180 9.05 -59.52 -27.07
CA ARG FA 180 9.57 -58.81 -28.23
C ARG FA 180 10.67 -59.60 -28.93
N ASN FA 181 11.37 -60.46 -28.21
CA ASN FA 181 12.52 -61.19 -28.74
C ASN FA 181 12.25 -62.66 -28.98
N GLN FA 182 11.03 -63.13 -28.76
CA GLN FA 182 10.71 -64.53 -28.93
C GLN FA 182 10.84 -64.92 -30.39
N LEU FA 183 11.48 -66.06 -30.63
CA LEU FA 183 11.73 -66.54 -31.97
C LEU FA 183 10.43 -66.87 -32.68
N TRP FA 184 10.43 -66.61 -33.98
CA TRP FA 184 9.38 -67.08 -34.87
C TRP FA 184 9.83 -68.38 -35.50
N LEU FA 185 9.01 -69.40 -35.36
CA LEU FA 185 9.19 -70.66 -36.05
C LEU FA 185 8.34 -70.68 -37.30
N ARG FA 186 8.64 -71.63 -38.17
CA ARG FA 186 7.85 -71.86 -39.36
C ARG FA 186 6.77 -72.87 -39.08
N LEU FA 187 5.59 -72.60 -39.59
CA LEU FA 187 4.47 -73.52 -39.56
C LEU FA 187 4.67 -74.53 -40.68
N GLN FA 188 5.31 -75.63 -40.34
CA GLN FA 188 5.60 -76.68 -41.30
C GLN FA 188 4.31 -77.38 -41.72
N THR FA 189 4.45 -78.26 -42.71
CA THR FA 189 3.30 -78.99 -43.23
C THR FA 189 2.95 -80.17 -42.34
N ALA FA 190 3.92 -81.05 -42.06
CA ALA FA 190 3.68 -82.21 -41.21
C ALA FA 190 4.84 -82.54 -40.28
N GLY FA 191 5.68 -81.56 -39.94
CA GLY FA 191 6.90 -81.83 -39.19
C GLY FA 191 7.25 -80.80 -38.15
N ASN FA 192 6.26 -80.17 -37.55
CA ASN FA 192 6.51 -79.13 -36.58
C ASN FA 192 7.23 -79.66 -35.35
N VAL FA 193 7.90 -78.75 -34.66
CA VAL FA 193 8.77 -79.09 -33.55
C VAL FA 193 7.98 -79.13 -32.25
N ASP FA 194 8.38 -80.01 -31.36
CA ASP FA 194 7.66 -80.21 -30.11
C ASP FA 194 8.03 -79.13 -29.12
N HIS FA 195 7.02 -78.50 -28.55
CA HIS FA 195 7.19 -77.63 -27.41
C HIS FA 195 6.99 -78.42 -26.13
N VAL FA 196 7.58 -77.91 -25.06
CA VAL FA 196 7.76 -78.67 -23.83
C VAL FA 196 7.54 -77.73 -22.66
N GLY FA 197 7.33 -78.30 -21.48
CA GLY FA 197 7.01 -77.47 -20.34
C GLY FA 197 6.10 -77.96 -19.24
N LEU FA 198 5.73 -79.24 -19.18
CA LEU FA 198 5.00 -79.69 -18.00
C LEU FA 198 5.30 -81.14 -17.65
N GLY FA 199 5.56 -81.36 -16.37
CA GLY FA 199 5.67 -82.69 -15.82
C GLY FA 199 4.89 -82.77 -14.53
N THR FA 200 4.34 -83.96 -14.29
CA THR FA 200 3.38 -84.17 -13.22
C THR FA 200 3.81 -85.33 -12.34
N ALA FA 201 3.24 -85.36 -11.14
CA ALA FA 201 3.38 -86.48 -10.21
C ALA FA 201 2.08 -86.61 -9.44
N PHE FA 202 1.37 -87.69 -9.69
CA PHE FA 202 0.09 -87.98 -9.06
C PHE FA 202 0.25 -89.09 -8.04
N GLU FA 203 -0.34 -88.91 -6.88
CA GLU FA 203 -0.31 -89.91 -5.83
C GLU FA 203 -1.31 -91.01 -6.15
N ASN FA 204 -0.85 -92.24 -6.12
CA ASN FA 204 -1.69 -93.36 -6.47
C ASN FA 204 -2.74 -93.61 -5.41
N SER FA 205 -3.71 -94.45 -5.75
CA SER FA 205 -4.87 -94.68 -4.92
C SER FA 205 -5.42 -96.07 -5.18
N ILE FA 206 -6.33 -96.50 -4.30
CA ILE FA 206 -7.01 -97.78 -4.49
C ILE FA 206 -7.97 -97.71 -5.65
N TYR FA 207 -8.51 -96.54 -5.93
CA TYR FA 207 -9.45 -96.32 -7.01
C TYR FA 207 -8.75 -95.67 -8.19
N ASP FA 208 -9.32 -95.87 -9.36
CA ASP FA 208 -8.79 -95.24 -10.56
C ASP FA 208 -9.12 -93.77 -10.59
N GLN FA 209 -8.14 -92.94 -10.92
CA GLN FA 209 -8.28 -91.50 -11.00
C GLN FA 209 -8.18 -91.09 -12.46
N GLU FA 210 -9.30 -90.68 -13.03
CA GLU FA 210 -9.38 -90.27 -14.42
C GLU FA 210 -9.46 -88.75 -14.52
N TYR FA 211 -8.93 -88.23 -15.62
CA TYR FA 211 -8.93 -86.80 -15.88
C TYR FA 211 -9.16 -86.57 -17.37
N ASN FA 212 -9.84 -85.47 -17.69
CA ASN FA 212 -9.97 -84.97 -19.04
C ASN FA 212 -9.12 -83.72 -19.13
N ILE FA 213 -8.02 -83.80 -19.87
CA ILE FA 213 -7.03 -82.73 -19.93
C ILE FA 213 -7.30 -81.90 -21.17
N ARG FA 214 -7.51 -80.60 -20.96
CA ARG FA 214 -7.76 -79.64 -22.02
C ARG FA 214 -6.58 -78.69 -22.08
N VAL FA 215 -5.82 -78.78 -23.16
CA VAL FA 215 -4.69 -77.90 -23.42
C VAL FA 215 -5.16 -76.82 -24.37
N THR FA 216 -4.86 -75.57 -24.03
CA THR FA 216 -5.18 -74.41 -24.83
C THR FA 216 -3.89 -73.67 -25.10
N MET FA 217 -3.53 -73.54 -26.36
CA MET FA 217 -2.35 -72.80 -26.78
C MET FA 217 -2.73 -71.44 -27.35
N TYR FA 218 -2.11 -70.41 -26.82
CA TYR FA 218 -2.30 -69.04 -27.28
C TYR FA 218 -1.15 -68.71 -28.22
N VAL FA 219 -1.43 -68.66 -29.51
CA VAL FA 219 -0.41 -68.57 -30.54
C VAL FA 219 -0.49 -67.22 -31.22
N GLN FA 220 0.54 -66.91 -31.99
CA GLN FA 220 0.67 -65.65 -32.70
C GLN FA 220 1.29 -65.98 -34.04
N PHE FA 221 0.53 -65.76 -35.11
CA PHE FA 221 0.96 -66.05 -36.46
C PHE FA 221 1.44 -64.77 -37.16
N ARG FA 222 2.00 -64.97 -38.35
CA ARG FA 222 2.58 -63.87 -39.10
C ARG FA 222 2.58 -64.24 -40.58
N GLU FA 223 2.45 -63.21 -41.43
CA GLU FA 223 2.58 -63.33 -42.88
C GLU FA 223 1.51 -64.25 -43.46
N PHE FA 224 0.29 -63.73 -43.43
CA PHE FA 224 -0.84 -64.26 -44.19
C PHE FA 224 -0.43 -64.62 -45.59
N ASN FA 225 -0.62 -65.88 -45.97
CA ASN FA 225 -0.07 -66.43 -47.21
C ASN FA 225 -1.09 -67.24 -47.96
N LEU FA 226 -2.31 -66.75 -48.02
CA LEU FA 226 -3.35 -67.48 -48.73
C LEU FA 226 -3.04 -67.52 -50.22
N LYS FA 227 -3.36 -68.65 -50.84
CA LYS FA 227 -3.16 -68.86 -52.26
C LYS FA 227 -4.51 -69.14 -52.91
N ASP FA 228 -4.81 -68.39 -53.97
CA ASP FA 228 -6.12 -68.40 -54.61
C ASP FA 228 -5.96 -68.74 -56.08
N PRO FA 229 -5.86 -70.01 -56.43
CA PRO FA 229 -5.86 -70.40 -57.83
C PRO FA 229 -7.24 -70.26 -58.44
N PRO FA 230 -7.35 -70.29 -59.77
CA PRO FA 230 -8.69 -70.30 -60.38
C PRO FA 230 -9.43 -71.61 -60.14
N LEU FA 231 -10.63 -71.70 -60.68
CA LEU FA 231 -11.48 -72.87 -60.51
C LEU FA 231 -12.23 -73.21 -61.80
N GLY GA 43 27.29 -66.42 3.04
CA GLY GA 43 26.62 -66.88 1.84
C GLY GA 43 25.26 -67.49 2.12
N ILE GA 44 24.27 -66.63 2.26
CA ILE GA 44 22.94 -67.04 2.67
C ILE GA 44 22.18 -67.64 1.51
N PHE GA 45 21.38 -68.65 1.81
CA PHE GA 45 20.50 -69.26 0.83
C PHE GA 45 19.26 -69.77 1.58
N ASN GA 46 18.18 -69.02 1.47
CA ASN GA 46 16.90 -69.44 2.01
C ASN GA 46 16.20 -70.33 0.99
N THR GA 47 15.79 -71.52 1.44
CA THR GA 47 15.06 -72.44 0.60
C THR GA 47 13.97 -73.12 1.41
N ARG GA 48 13.41 -74.19 0.83
CA ARG GA 48 12.25 -74.87 1.35
C ARG GA 48 12.40 -76.36 1.09
N LEU GA 49 12.29 -77.15 2.15
CA LEU GA 49 12.43 -78.59 2.10
C LEU GA 49 11.18 -79.24 2.67
N SER GA 50 10.71 -80.29 2.00
CA SER GA 50 9.47 -80.95 2.33
C SER GA 50 9.68 -82.44 2.52
N ARG GA 51 8.65 -83.08 3.04
CA ARG GA 51 8.66 -84.48 3.43
C ARG GA 51 7.22 -84.86 3.75
N THR GA 52 6.83 -86.07 3.37
CA THR GA 52 5.46 -86.53 3.49
C THR GA 52 5.44 -87.91 4.12
N PHE GA 53 4.50 -88.13 5.03
CA PHE GA 53 4.36 -89.39 5.73
C PHE GA 53 2.95 -89.50 6.26
N GLY GA 54 2.62 -90.69 6.73
CA GLY GA 54 1.28 -91.01 7.19
C GLY GA 54 1.10 -91.07 8.69
N TYR GA 55 -0.15 -90.88 9.12
CA TYR GA 55 -0.54 -90.99 10.51
C TYR GA 55 -1.99 -91.45 10.55
N THR GA 56 -2.25 -92.48 11.35
CA THR GA 56 -3.58 -93.06 11.47
C THR GA 56 -3.99 -93.11 12.93
N ILE GA 57 -5.25 -92.78 13.17
CA ILE GA 57 -5.89 -92.91 14.47
C ILE GA 57 -6.83 -94.11 14.35
N LYS GA 58 -6.44 -95.23 14.94
CA LYS GA 58 -7.21 -96.45 14.82
C LYS GA 58 -8.55 -96.31 15.54
N ARG GA 59 -9.49 -97.16 15.14
CA ARG GA 59 -10.83 -97.17 15.69
C ARG GA 59 -10.83 -97.71 17.12
N THR GA 60 -11.90 -97.37 17.85
CA THR GA 60 -12.10 -97.83 19.20
C THR GA 60 -13.58 -98.11 19.43
N THR GA 61 -13.86 -99.21 20.12
CA THR GA 61 -15.22 -99.54 20.56
C THR GA 61 -15.67 -98.72 21.77
N VAL GA 62 -14.77 -97.93 22.36
CA VAL GA 62 -15.12 -97.11 23.52
C VAL GA 62 -16.23 -96.15 23.15
N LYS GA 63 -17.21 -96.02 24.04
CA LYS GA 63 -18.37 -95.17 23.79
C LYS GA 63 -18.10 -93.72 24.12
N THR GA 64 -17.32 -93.47 25.17
CA THR GA 64 -17.07 -92.12 25.64
C THR GA 64 -16.29 -91.33 24.61
N PRO GA 65 -16.25 -90.00 24.76
CA PRO GA 65 -15.31 -89.21 23.96
C PRO GA 65 -13.92 -89.29 24.56
N SER GA 66 -13.04 -90.03 23.91
CA SER GA 66 -11.65 -90.14 24.28
C SER GA 66 -10.78 -89.58 23.17
N TRP GA 67 -9.58 -89.17 23.55
CA TRP GA 67 -8.63 -88.57 22.63
C TRP GA 67 -7.36 -89.39 22.54
N ALA GA 68 -6.76 -89.34 21.37
CA ALA GA 68 -5.50 -90.02 21.06
C ALA GA 68 -4.40 -88.97 20.98
N VAL GA 69 -3.41 -89.11 21.82
CA VAL GA 69 -2.34 -88.14 21.96
C VAL GA 69 -1.09 -88.68 21.29
N ASP GA 70 -0.36 -87.79 20.61
CA ASP GA 70 0.88 -88.15 19.96
C ASP GA 70 1.73 -86.90 19.82
N MET GA 71 2.99 -87.11 19.49
CA MET GA 71 4.00 -86.06 19.40
C MET GA 71 4.55 -85.99 17.99
N MET GA 72 5.29 -84.92 17.73
CA MET GA 72 5.86 -84.68 16.41
C MET GA 72 7.12 -83.85 16.57
N ARG GA 73 8.27 -84.43 16.23
CA ARG GA 73 9.55 -83.77 16.18
C ARG GA 73 9.96 -83.56 14.74
N PHE GA 74 10.98 -82.73 14.54
CA PHE GA 74 11.49 -82.38 13.22
C PHE GA 74 13.00 -82.45 13.23
N ASN GA 75 13.57 -83.24 12.33
CA ASN GA 75 15.00 -83.32 12.13
C ASN GA 75 15.32 -83.11 10.66
N ILE GA 76 16.49 -82.53 10.40
CA ILE GA 76 16.88 -82.19 9.05
C ILE GA 76 17.43 -83.37 8.27
N ASN GA 77 17.76 -84.48 8.94
CA ASN GA 77 18.19 -85.66 8.21
C ASN GA 77 17.06 -86.24 7.39
N ASP GA 78 15.82 -86.08 7.84
CA ASP GA 78 14.67 -86.60 7.13
C ASP GA 78 14.29 -85.75 5.92
N PHE GA 79 14.84 -84.55 5.81
CA PHE GA 79 14.56 -83.66 4.68
C PHE GA 79 15.75 -83.51 3.75
N LEU GA 80 16.96 -83.61 4.28
CA LEU GA 80 18.20 -83.43 3.52
C LEU GA 80 18.96 -84.73 3.45
N PRO GA 81 19.08 -85.40 2.31
CA PRO GA 81 19.76 -86.68 2.28
C PRO GA 81 21.27 -86.50 2.35
N PRO GA 82 22.00 -87.59 2.51
CA PRO GA 82 23.45 -87.51 2.41
C PRO GA 82 23.89 -87.29 0.98
N GLY GA 83 25.00 -86.58 0.84
CA GLY GA 83 25.51 -86.26 -0.47
C GLY GA 83 26.36 -87.36 -1.05
N GLY GA 84 27.44 -86.98 -1.72
CA GLY GA 84 28.33 -87.94 -2.31
C GLY GA 84 29.72 -87.38 -2.52
N GLY GA 85 30.74 -88.14 -2.12
CA GLY GA 85 32.10 -87.73 -2.29
C GLY GA 85 32.60 -86.85 -1.16
N SER GA 86 33.37 -85.83 -1.53
CA SER GA 86 33.93 -84.92 -0.53
C SER GA 86 32.87 -84.02 0.10
N ASN GA 87 31.69 -83.93 -0.52
CA ASN GA 87 30.59 -83.17 0.05
C ASN GA 87 29.69 -84.12 0.83
N PRO GA 88 29.67 -84.05 2.17
CA PRO GA 88 28.92 -85.06 2.92
C PRO GA 88 27.42 -84.93 2.79
N ARG GA 89 26.91 -83.75 2.44
CA ARG GA 89 25.49 -83.51 2.30
C ARG GA 89 25.18 -83.02 0.89
N SER GA 90 23.89 -83.10 0.54
CA SER GA 90 23.46 -82.81 -0.82
C SER GA 90 23.31 -81.32 -1.07
N VAL GA 91 23.10 -80.54 -0.02
CA VAL GA 91 23.09 -79.07 -0.10
C VAL GA 91 24.43 -78.58 0.42
N PRO GA 92 25.31 -78.03 -0.43
CA PRO GA 92 26.68 -77.76 0.03
C PRO GA 92 26.83 -76.50 0.86
N PHE GA 93 26.44 -76.60 2.12
CA PHE GA 93 26.57 -75.52 3.08
C PHE GA 93 27.02 -76.09 4.41
N GLU GA 94 27.55 -75.22 5.25
CA GLU GA 94 28.11 -75.58 6.54
C GLU GA 94 27.11 -75.44 7.67
N TYR GA 95 26.46 -74.29 7.77
CA TYR GA 95 25.59 -73.95 8.87
C TYR GA 95 24.15 -73.87 8.40
N TYR GA 96 23.23 -73.96 9.37
CA TYR GA 96 21.82 -73.85 9.08
C TYR GA 96 21.09 -73.36 10.31
N ARG GA 97 19.88 -72.88 10.10
CA ARG GA 97 18.96 -72.57 11.18
C ARG GA 97 17.56 -72.59 10.62
N ILE GA 98 16.67 -73.33 11.28
CA ILE GA 98 15.31 -73.50 10.80
C ILE GA 98 14.50 -72.29 11.21
N ARG GA 99 13.91 -71.63 10.22
CA ARG GA 99 13.14 -70.41 10.42
C ARG GA 99 11.69 -70.70 10.76
N LYS GA 100 11.06 -71.58 9.98
CA LYS GA 100 9.65 -71.90 10.15
C LYS GA 100 9.43 -73.34 9.74
N VAL GA 101 8.31 -73.90 10.20
CA VAL GA 101 7.82 -75.19 9.77
C VAL GA 101 6.33 -75.06 9.51
N LYS GA 102 5.86 -75.74 8.48
CA LYS GA 102 4.46 -75.83 8.12
C LYS GA 102 4.08 -77.30 8.14
N VAL GA 103 3.31 -77.68 9.14
CA VAL GA 103 2.74 -79.02 9.23
C VAL GA 103 1.33 -78.97 8.67
N GLU GA 104 1.07 -79.83 7.68
CA GLU GA 104 -0.21 -79.89 6.99
C GLU GA 104 -0.77 -81.29 7.19
N PHE GA 105 -1.91 -81.38 7.83
CA PHE GA 105 -2.67 -82.63 7.94
C PHE GA 105 -3.63 -82.69 6.78
N TRP GA 106 -3.23 -83.41 5.74
CA TRP GA 106 -4.09 -83.62 4.59
C TRP GA 106 -4.94 -84.85 4.83
N PRO GA 107 -6.27 -84.73 4.86
CA PRO GA 107 -7.08 -85.90 5.19
C PRO GA 107 -7.07 -86.94 4.09
N CYS GA 108 -7.35 -88.17 4.51
CA CYS GA 108 -7.49 -89.31 3.63
C CYS GA 108 -8.91 -89.85 3.62
N SER GA 109 -9.82 -89.24 4.34
CA SER GA 109 -11.14 -89.76 4.61
C SER GA 109 -12.18 -89.01 3.80
N PRO GA 110 -13.27 -89.65 3.40
CA PRO GA 110 -14.26 -88.98 2.59
C PRO GA 110 -15.07 -87.97 3.40
N ILE GA 111 -15.70 -87.05 2.68
CA ILE GA 111 -16.54 -86.05 3.35
C ILE GA 111 -17.86 -86.62 3.83
N THR GA 112 -18.17 -87.87 3.51
CA THR GA 112 -19.36 -88.54 4.00
C THR GA 112 -19.14 -89.31 5.28
N GLN GA 113 -17.93 -89.30 5.84
CA GLN GA 113 -17.64 -90.09 7.02
C GLN GA 113 -18.26 -89.42 8.24
N GLY GA 114 -18.91 -90.22 9.06
CA GLY GA 114 -19.55 -89.76 10.25
C GLY GA 114 -18.72 -89.97 11.49
N ASP GA 115 -19.39 -89.87 12.64
CA ASP GA 115 -18.72 -89.95 13.94
C ASP GA 115 -17.62 -88.90 14.03
N ARG GA 116 -17.93 -87.70 13.57
CA ARG GA 116 -16.97 -86.63 13.56
C ARG GA 116 -16.58 -86.23 14.98
N GLY GA 117 -15.51 -85.47 15.07
CA GLY GA 117 -14.93 -85.11 16.34
C GLY GA 117 -14.24 -83.78 16.33
N VAL GA 118 -13.57 -83.45 17.43
CA VAL GA 118 -12.91 -82.18 17.58
C VAL GA 118 -11.69 -82.37 18.46
N GLY GA 119 -10.54 -81.91 17.98
CA GLY GA 119 -9.28 -82.06 18.64
C GLY GA 119 -8.52 -80.78 18.78
N SER GA 120 -7.22 -80.90 19.05
CA SER GA 120 -6.40 -79.73 19.34
C SER GA 120 -4.96 -80.02 18.96
N SER GA 121 -4.30 -79.01 18.41
CA SER GA 121 -2.88 -79.05 18.11
C SER GA 121 -2.21 -77.88 18.81
N ALA GA 122 -1.13 -78.16 19.54
CA ALA GA 122 -0.42 -77.16 20.30
C ALA GA 122 1.07 -77.23 19.98
N VAL GA 123 1.75 -76.13 20.29
CA VAL GA 123 3.16 -75.96 19.98
C VAL GA 123 3.97 -76.15 21.26
N ILE GA 124 4.87 -77.12 21.23
CA ILE GA 124 5.60 -77.59 22.41
C ILE GA 124 7.08 -77.52 22.09
N LEU GA 125 7.74 -76.47 22.56
CA LEU GA 125 9.09 -76.15 22.14
C LEU GA 125 10.16 -76.67 23.09
N ASP GA 126 9.92 -77.77 23.82
CA ASP GA 126 10.82 -78.18 24.89
C ASP GA 126 11.02 -79.68 25.06
N ASP GA 127 10.45 -80.53 24.21
CA ASP GA 127 10.72 -81.96 24.24
C ASP GA 127 10.15 -82.62 25.48
N ASN GA 128 9.10 -82.06 26.06
CA ASN GA 128 8.34 -82.70 27.12
C ASN GA 128 6.89 -82.58 26.73
N PHE GA 129 6.43 -83.61 26.01
CA PHE GA 129 5.07 -83.71 25.53
C PHE GA 129 4.21 -84.42 26.56
N VAL GA 130 2.90 -84.25 26.40
CA VAL GA 130 1.97 -85.12 27.10
C VAL GA 130 2.22 -86.54 26.64
N THR GA 131 2.13 -87.47 27.58
CA THR GA 131 2.45 -88.86 27.29
C THR GA 131 1.54 -89.39 26.20
N LYS GA 132 2.11 -90.20 25.32
CA LYS GA 132 1.35 -90.80 24.25
C LYS GA 132 0.28 -91.71 24.81
N ALA GA 133 -0.95 -91.51 24.35
CA ALA GA 133 -2.11 -92.22 24.84
C ALA GA 133 -2.98 -92.64 23.68
N THR GA 134 -3.67 -93.76 23.85
CA THR GA 134 -4.57 -94.29 22.86
C THR GA 134 -5.99 -93.73 23.05
N ALA GA 135 -6.52 -93.80 24.27
CA ALA GA 135 -7.85 -93.30 24.58
C ALA GA 135 -7.78 -92.61 25.94
N LEU GA 136 -7.47 -91.33 25.92
CA LEU GA 136 -7.45 -90.50 27.11
C LEU GA 136 -8.79 -89.79 27.26
N THR GA 137 -9.24 -89.65 28.49
CA THR GA 137 -10.58 -89.17 28.80
C THR GA 137 -10.74 -87.67 28.65
N TYR GA 138 -9.75 -86.96 28.11
CA TYR GA 138 -9.85 -85.52 27.94
C TYR GA 138 -8.83 -85.09 26.90
N ASP GA 139 -8.98 -83.86 26.44
CA ASP GA 139 -8.06 -83.25 25.50
C ASP GA 139 -7.03 -82.44 26.28
N PRO GA 140 -5.78 -82.90 26.40
CA PRO GA 140 -4.84 -82.15 27.23
C PRO GA 140 -4.43 -80.83 26.62
N TYR GA 141 -4.38 -80.74 25.30
CA TYR GA 141 -3.89 -79.57 24.61
C TYR GA 141 -4.97 -78.53 24.37
N VAL GA 142 -6.10 -78.63 25.06
CA VAL GA 142 -7.25 -77.78 24.77
C VAL GA 142 -7.07 -76.39 25.38
N ASN GA 143 -6.54 -76.32 26.59
CA ASN GA 143 -6.38 -75.05 27.28
C ASN GA 143 -5.04 -74.40 27.01
N TYR GA 144 -4.24 -74.98 26.12
CA TYR GA 144 -2.97 -74.37 25.76
C TYR GA 144 -3.18 -73.10 24.98
N SER GA 145 -2.31 -72.13 25.23
CA SER GA 145 -2.39 -70.84 24.55
C SER GA 145 -2.15 -70.95 23.07
N SER GA 146 -1.46 -72.01 22.62
CA SER GA 146 -1.19 -72.25 21.22
C SER GA 146 -2.10 -73.29 20.61
N ARG GA 147 -3.27 -73.50 21.19
CA ARG GA 147 -4.20 -74.50 20.69
C ARG GA 147 -4.93 -73.97 19.48
N HIS GA 148 -4.96 -74.79 18.44
CA HIS GA 148 -5.85 -74.61 17.30
C HIS GA 148 -6.74 -75.82 17.24
N THR GA 149 -8.01 -75.60 16.97
CA THR GA 149 -8.98 -76.68 16.88
C THR GA 149 -8.75 -77.51 15.63
N ILE GA 150 -8.80 -78.81 15.78
CA ILE GA 150 -8.75 -79.76 14.69
C ILE GA 150 -10.17 -80.27 14.50
N THR GA 151 -10.79 -79.88 13.41
CA THR GA 151 -11.99 -80.55 12.96
C THR GA 151 -11.62 -81.85 12.28
N GLN GA 152 -12.35 -82.90 12.60
CA GLN GA 152 -12.07 -84.25 12.14
C GLN GA 152 -13.29 -84.80 11.42
N PRO GA 153 -13.12 -85.80 10.54
CA PRO GA 153 -11.92 -86.42 10.00
C PRO GA 153 -11.47 -85.91 8.64
N PHE GA 154 -12.35 -85.19 7.96
CA PHE GA 154 -12.18 -84.85 6.55
C PHE GA 154 -11.80 -83.40 6.34
N SER GA 155 -11.13 -82.79 7.31
CA SER GA 155 -10.82 -81.38 7.28
C SER GA 155 -9.32 -81.16 7.37
N TYR GA 156 -8.86 -80.14 6.66
CA TYR GA 156 -7.46 -79.78 6.59
C TYR GA 156 -7.06 -78.92 7.78
N HIS GA 157 -5.88 -79.18 8.30
CA HIS GA 157 -5.35 -78.49 9.46
C HIS GA 157 -3.89 -78.14 9.17
N SER GA 158 -3.57 -76.85 9.25
CA SER GA 158 -2.23 -76.35 9.08
C SER GA 158 -1.76 -75.67 10.35
N ARG GA 159 -0.46 -75.75 10.61
CA ARG GA 159 0.18 -75.04 11.69
C ARG GA 159 1.51 -74.51 11.17
N TYR GA 160 1.72 -73.21 11.35
CA TYR GA 160 2.90 -72.52 10.85
C TYR GA 160 3.55 -71.80 12.02
N PHE GA 161 4.76 -72.22 12.36
CA PHE GA 161 5.40 -71.75 13.57
C PHE GA 161 6.91 -71.88 13.41
N THR GA 162 7.62 -71.39 14.41
CA THR GA 162 9.07 -71.39 14.46
C THR GA 162 9.54 -72.41 15.48
N PRO GA 163 10.17 -73.52 15.09
CA PRO GA 163 10.59 -74.50 16.09
C PRO GA 163 11.83 -74.07 16.82
N LYS GA 164 12.26 -74.89 17.77
CA LYS GA 164 13.43 -74.62 18.57
C LYS GA 164 14.23 -75.91 18.69
N PRO GA 165 15.56 -75.82 18.71
CA PRO GA 165 16.37 -77.03 18.83
C PRO GA 165 16.53 -77.49 20.27
N VAL GA 166 16.82 -78.79 20.39
CA VAL GA 166 17.01 -79.43 21.69
C VAL GA 166 18.50 -79.35 21.99
N LEU GA 167 18.90 -78.27 22.63
CA LEU GA 167 20.29 -78.06 23.00
C LEU GA 167 20.65 -78.80 24.28
N ASP GA 168 19.78 -78.71 25.28
CA ASP GA 168 19.96 -79.46 26.53
C ASP GA 168 18.58 -79.96 26.96
N SER GA 169 18.38 -81.27 26.86
CA SER GA 169 17.12 -81.86 27.25
C SER GA 169 16.92 -81.89 28.76
N THR GA 170 17.99 -81.72 29.53
CA THR GA 170 17.88 -81.71 30.99
C THR GA 170 17.29 -80.39 31.48
N ILE GA 171 17.69 -79.28 30.88
CA ILE GA 171 17.27 -77.95 31.31
C ILE GA 171 16.16 -77.45 30.40
N ASP GA 172 16.23 -77.81 29.12
CA ASP GA 172 15.21 -77.49 28.13
C ASP GA 172 15.03 -75.97 28.03
N TYR GA 173 16.08 -75.31 27.56
CA TYR GA 173 16.08 -73.88 27.33
C TYR GA 173 16.00 -73.59 25.84
N PHE GA 174 15.35 -72.48 25.50
CA PHE GA 174 15.21 -72.08 24.11
C PHE GA 174 15.14 -70.57 24.03
N GLN GA 175 15.33 -70.08 22.88
CA GLN GA 175 15.36 -68.67 22.57
C GLN GA 175 13.99 -68.17 22.16
N PRO GA 176 13.66 -66.92 22.43
CA PRO GA 176 12.47 -66.34 21.81
C PRO GA 176 12.67 -66.05 20.35
N ASN GA 177 11.60 -65.65 19.68
CA ASN GA 177 11.65 -65.45 18.25
C ASN GA 177 12.39 -64.16 17.92
N ASN GA 178 13.50 -64.30 17.22
CA ASN GA 178 14.28 -63.14 16.78
C ASN GA 178 15.05 -63.60 15.56
N LYS GA 179 14.73 -63.04 14.40
CA LYS GA 179 15.38 -63.48 13.19
C LYS GA 179 16.86 -63.11 13.20
N ARG GA 180 17.23 -62.03 13.87
CA ARG GA 180 18.60 -61.55 13.83
C ARG GA 180 19.50 -62.27 14.82
N ASN GA 181 18.93 -62.80 15.90
CA ASN GA 181 19.69 -63.42 16.97
C ASN GA 181 19.57 -64.93 17.00
N GLN GA 182 18.86 -65.53 16.06
CA GLN GA 182 18.68 -66.97 16.07
C GLN GA 182 20.01 -67.67 15.84
N LEU GA 183 20.25 -68.70 16.64
CA LEU GA 183 21.49 -69.43 16.59
C LEU GA 183 21.66 -70.16 15.27
N TRP GA 184 22.89 -70.22 14.79
CA TRP GA 184 23.27 -71.06 13.68
C TRP GA 184 23.79 -72.38 14.22
N LEU GA 185 23.21 -73.47 13.76
CA LEU GA 185 23.69 -74.80 14.03
C LEU GA 185 24.55 -75.26 12.86
N ARG GA 186 25.31 -76.33 13.11
CA ARG GA 186 26.09 -76.97 12.08
C ARG GA 186 25.28 -78.07 11.42
N LEU GA 187 25.40 -78.13 10.10
CA LEU GA 187 24.83 -79.20 9.31
C LEU GA 187 25.76 -80.39 9.41
N GLN GA 188 25.48 -81.26 10.38
CA GLN GA 188 26.30 -82.43 10.61
C GLN GA 188 26.12 -83.42 9.47
N THR GA 189 26.92 -84.49 9.51
CA THR GA 189 26.88 -85.50 8.48
C THR GA 189 25.74 -86.49 8.71
N ALA GA 190 25.67 -87.08 9.91
CA ALA GA 190 24.61 -88.03 10.22
C ALA GA 190 24.10 -87.92 11.66
N GLY GA 191 24.23 -86.76 12.29
CA GLY GA 191 23.92 -86.62 13.69
C GLY GA 191 23.26 -85.32 14.09
N ASN GA 192 22.45 -84.76 13.20
CA ASN GA 192 21.83 -83.48 13.47
C ASN GA 192 20.85 -83.56 14.63
N VAL GA 193 20.61 -82.42 15.24
CA VAL GA 193 19.82 -82.32 16.46
C VAL GA 193 18.35 -82.19 16.11
N ASP GA 194 17.51 -82.75 16.98
CA ASP GA 194 16.08 -82.76 16.74
C ASP GA 194 15.48 -81.42 17.12
N HIS GA 195 14.70 -80.86 16.20
CA HIS GA 195 13.85 -79.73 16.49
C HIS GA 195 12.47 -80.22 16.89
N VAL GA 196 11.77 -79.37 17.62
CA VAL GA 196 10.58 -79.77 18.34
C VAL GA 196 9.57 -78.62 18.26
N GLY GA 197 8.31 -78.92 18.57
CA GLY GA 197 7.29 -77.91 18.42
C GLY GA 197 5.88 -78.28 18.01
N LEU GA 198 5.49 -79.55 18.01
CA LEU GA 198 4.06 -79.83 17.81
C LEU GA 198 3.61 -81.07 18.54
N GLY GA 199 2.48 -80.93 19.21
CA GLY GA 199 1.79 -82.05 19.80
C GLY GA 199 0.30 -81.96 19.50
N THR GA 200 -0.31 -83.12 19.36
CA THR GA 200 -1.67 -83.24 18.85
C THR GA 200 -2.53 -84.07 19.79
N ALA GA 201 -3.84 -83.90 19.63
CA ALA GA 201 -4.82 -84.72 20.32
C ALA GA 201 -6.01 -84.89 19.38
N PHE GA 202 -6.20 -86.11 18.91
CA PHE GA 202 -7.28 -86.46 18.00
C PHE GA 202 -8.35 -87.25 18.73
N GLU GA 203 -9.60 -86.90 18.49
CA GLU GA 203 -10.73 -87.60 19.07
C GLU GA 203 -10.96 -88.89 18.32
N ASN GA 204 -11.04 -89.99 19.06
CA ASN GA 204 -11.19 -91.30 18.45
C ASN GA 204 -12.58 -91.46 17.87
N SER GA 205 -12.74 -92.51 17.07
CA SER GA 205 -13.95 -92.73 16.31
C SER GA 205 -14.13 -94.22 16.06
N ILE GA 206 -15.33 -94.58 15.60
CA ILE GA 206 -15.61 -95.96 15.24
C ILE GA 206 -14.85 -96.35 13.98
N TYR GA 207 -14.59 -95.38 13.11
CA TYR GA 207 -13.88 -95.61 11.86
C TYR GA 207 -12.43 -95.14 12.00
N ASP GA 208 -11.58 -95.72 11.16
CA ASP GA 208 -10.19 -95.31 11.14
C ASP GA 208 -10.03 -93.97 10.45
N GLN GA 209 -9.24 -93.09 11.07
CA GLN GA 209 -8.97 -91.75 10.57
C GLN GA 209 -7.52 -91.70 10.12
N GLU GA 210 -7.32 -91.65 8.80
CA GLU GA 210 -5.98 -91.59 8.22
C GLU GA 210 -5.68 -90.19 7.74
N TYR GA 211 -4.39 -89.85 7.77
CA TYR GA 211 -3.90 -88.56 7.34
C TYR GA 211 -2.58 -88.74 6.62
N ASN GA 212 -2.33 -87.88 5.64
CA ASN GA 212 -1.04 -87.74 4.98
C ASN GA 212 -0.45 -86.42 5.44
N ILE GA 213 0.59 -86.49 6.25
CA ILE GA 213 1.16 -85.31 6.87
C ILE GA 213 2.36 -84.85 6.05
N ARG GA 214 2.31 -83.60 5.61
CA ARG GA 214 3.36 -82.98 4.82
C ARG GA 214 4.00 -81.89 5.65
N VAL GA 215 5.24 -82.10 6.05
CA VAL GA 215 6.02 -81.12 6.79
C VAL GA 215 6.91 -80.40 5.82
N THR GA 216 6.91 -79.07 5.89
CA THR GA 216 7.74 -78.21 5.07
C THR GA 216 8.55 -77.34 6.00
N MET GA 217 9.88 -77.46 5.92
CA MET GA 217 10.79 -76.64 6.70
C MET GA 217 11.39 -75.56 5.84
N TYR GA 218 11.31 -74.32 6.32
CA TYR GA 218 11.90 -73.17 5.68
C TYR GA 218 13.22 -72.87 6.38
N VAL GA 219 14.32 -73.18 5.71
CA VAL GA 219 15.64 -73.17 6.32
C VAL GA 219 16.46 -72.05 5.71
N GLN GA 220 17.59 -71.76 6.35
CA GLN GA 220 18.50 -70.71 5.95
C GLN GA 220 19.90 -71.24 6.21
N PHE GA 221 20.66 -71.41 5.13
CA PHE GA 221 22.00 -71.94 5.18
C PHE GA 221 23.02 -70.81 5.11
N ARG GA 222 24.29 -71.17 5.31
CA ARG GA 222 25.37 -70.21 5.34
C ARG GA 222 26.67 -70.92 4.99
N GLU GA 223 27.59 -70.16 4.38
CA GLU GA 223 28.94 -70.60 4.08
C GLU GA 223 28.96 -71.80 3.14
N PHE GA 224 28.59 -71.52 1.91
CA PHE GA 224 28.81 -72.40 0.76
C PHE GA 224 30.20 -73.01 0.81
N ASN GA 225 30.26 -74.34 0.84
CA ASN GA 225 31.50 -75.05 1.10
C ASN GA 225 31.71 -76.20 0.13
N LEU GA 226 31.42 -75.96 -1.14
CA LEU GA 226 31.60 -77.00 -2.13
C LEU GA 226 33.07 -77.34 -2.28
N LYS GA 227 33.34 -78.63 -2.49
CA LYS GA 227 34.68 -79.14 -2.68
C LYS GA 227 34.77 -79.80 -4.05
N ASP GA 228 35.77 -79.39 -4.83
CA ASP GA 228 35.91 -79.79 -6.22
C ASP GA 228 37.27 -80.43 -6.43
N PRO GA 229 37.41 -81.71 -6.14
CA PRO GA 229 38.64 -82.41 -6.46
C PRO GA 229 38.75 -82.67 -7.95
N PRO GA 230 39.92 -83.04 -8.44
CA PRO GA 230 40.03 -83.43 -9.86
C PRO GA 230 39.33 -84.74 -10.15
N LEU GA 231 39.40 -85.18 -11.40
CA LEU GA 231 38.74 -86.40 -11.84
C LEU GA 231 39.61 -87.17 -12.84
N GLY HA 43 -4.72 -58.14 42.11
CA GLY HA 43 -3.94 -58.99 41.23
C GLY HA 43 -4.78 -59.72 40.22
N ILE HA 44 -5.10 -59.02 39.14
CA ILE HA 44 -6.03 -59.52 38.14
C ILE HA 44 -5.33 -60.51 37.23
N PHE HA 45 -6.08 -61.53 36.82
CA PHE HA 45 -5.61 -62.50 35.85
C PHE HA 45 -6.81 -63.00 35.06
N ASN HA 46 -6.96 -62.48 33.85
CA ASN HA 46 -7.98 -62.96 32.95
C ASN HA 46 -7.47 -64.18 32.21
N THR HA 47 -8.24 -65.26 32.24
CA THR HA 47 -7.89 -66.47 31.53
C THR HA 47 -9.14 -67.10 30.93
N ARG HA 48 -9.00 -68.35 30.49
CA ARG HA 48 -10.02 -69.06 29.75
C ARG HA 48 -9.98 -70.52 30.16
N LEU HA 49 -11.14 -71.03 30.56
CA LEU HA 49 -11.30 -72.39 31.02
C LEU HA 49 -12.39 -73.07 30.20
N SER HA 50 -12.14 -74.31 29.81
CA SER HA 50 -13.00 -75.06 28.93
C SER HA 50 -13.36 -76.41 29.54
N ARG HA 51 -14.32 -77.06 28.89
CA ARG HA 51 -14.94 -78.29 29.35
C ARG HA 51 -15.79 -78.81 28.22
N THR HA 52 -15.80 -80.12 28.02
CA THR HA 52 -16.49 -80.76 26.91
C THR HA 52 -17.33 -81.92 27.42
N PHE HA 53 -18.53 -82.04 26.88
CA PHE HA 53 -19.45 -83.10 27.27
C PHE HA 53 -20.46 -83.30 26.16
N GLY HA 54 -21.23 -84.37 26.28
CA GLY HA 54 -22.17 -84.77 25.27
C GLY HA 54 -23.63 -84.49 25.57
N TYR HA 55 -24.43 -84.39 24.51
CA TYR HA 55 -25.87 -84.22 24.60
C TYR HA 55 -26.49 -84.88 23.40
N THR HA 56 -27.50 -85.70 23.65
CA THR HA 56 -28.19 -86.44 22.60
C THR HA 56 -29.69 -86.19 22.68
N ILE HA 57 -30.30 -86.02 21.51
CA ILE HA 57 -31.74 -85.92 21.36
C ILE HA 57 -32.16 -87.25 20.74
N LYS HA 58 -32.77 -88.11 21.54
CA LYS HA 58 -33.17 -89.42 21.09
C LYS HA 58 -34.27 -89.34 20.05
N ARG HA 59 -34.39 -90.40 19.26
CA ARG HA 59 -35.37 -90.48 18.20
C ARG HA 59 -36.78 -90.64 18.75
N THR HA 60 -37.76 -90.30 17.93
CA THR HA 60 -39.17 -90.44 18.27
C THR HA 60 -39.95 -90.89 17.03
N THR HA 61 -40.88 -91.81 17.25
CA THR HA 61 -41.82 -92.23 16.21
C THR HA 61 -42.94 -91.22 15.97
N VAL HA 62 -43.02 -90.17 16.80
CA VAL HA 62 -44.07 -89.17 16.63
C VAL HA 62 -43.94 -88.52 15.27
N LYS HA 63 -45.09 -88.32 14.62
CA LYS HA 63 -45.11 -87.77 13.27
C LYS HA 63 -45.06 -86.24 13.29
N THR HA 64 -45.70 -85.63 14.26
CA THR HA 64 -45.79 -84.18 14.31
C THR HA 64 -44.43 -83.55 14.53
N PRO HA 65 -44.31 -82.24 14.29
CA PRO HA 65 -43.11 -81.54 14.73
C PRO HA 65 -43.19 -81.25 16.21
N SER HA 66 -42.40 -81.96 16.99
CA SER HA 66 -42.28 -81.75 18.42
C SER HA 66 -40.85 -81.36 18.75
N TRP HA 67 -40.69 -80.68 19.87
CA TRP HA 67 -39.40 -80.18 20.32
C TRP HA 67 -39.03 -80.77 21.66
N ALA HA 68 -37.72 -80.94 21.84
CA ALA HA 68 -37.13 -81.44 23.06
C ALA HA 68 -36.47 -80.29 23.80
N VAL HA 69 -36.92 -80.05 25.02
CA VAL HA 69 -36.48 -78.91 25.80
C VAL HA 69 -35.52 -79.39 26.87
N ASP HA 70 -34.49 -78.60 27.13
CA ASP HA 70 -33.52 -78.91 28.16
C ASP HA 70 -32.87 -77.61 28.59
N MET HA 71 -32.15 -77.70 29.71
CA MET HA 71 -31.52 -76.56 30.36
C MET HA 71 -30.02 -76.75 30.42
N MET HA 72 -29.32 -75.66 30.76
CA MET HA 72 -27.87 -75.67 30.83
C MET HA 72 -27.42 -74.64 31.84
N ARG HA 73 -26.81 -75.10 32.93
CA ARG HA 73 -26.19 -74.26 33.94
C ARG HA 73 -24.68 -74.37 33.82
N PHE HA 74 -23.99 -73.46 34.51
CA PHE HA 74 -22.53 -73.38 34.49
C PHE HA 74 -22.02 -73.19 35.90
N ASN HA 75 -21.13 -74.09 36.33
CA ASN HA 75 -20.46 -73.98 37.61
C ASN HA 75 -18.96 -74.10 37.39
N ILE HA 76 -18.21 -73.42 38.26
CA ILE HA 76 -16.76 -73.36 38.12
C ILE HA 76 -16.07 -74.60 38.66
N ASN HA 77 -16.76 -75.43 39.43
CA ASN HA 77 -16.16 -76.68 39.89
C ASN HA 77 -15.90 -77.62 38.73
N ASP HA 78 -16.73 -77.56 37.70
CA ASP HA 78 -16.58 -78.41 36.53
C ASP HA 78 -15.45 -77.97 35.61
N PHE HA 79 -14.94 -76.76 35.79
CA PHE HA 79 -13.84 -76.23 34.99
C PHE HA 79 -12.54 -76.13 35.76
N LEU HA 80 -12.61 -75.90 37.06
CA LEU HA 80 -11.46 -75.72 37.92
C LEU HA 80 -11.35 -76.87 38.91
N PRO HA 81 -10.38 -77.77 38.82
CA PRO HA 81 -10.35 -78.88 39.75
C PRO HA 81 -9.85 -78.45 41.11
N PRO HA 82 -9.93 -79.33 42.10
CA PRO HA 82 -9.31 -79.04 43.39
C PRO HA 82 -7.80 -79.12 43.30
N GLY HA 83 -7.15 -78.29 44.10
CA GLY HA 83 -5.71 -78.24 44.10
C GLY HA 83 -5.08 -79.30 44.97
N GLY HA 84 -4.02 -78.94 45.67
CA GLY HA 84 -3.33 -79.85 46.53
C GLY HA 84 -2.54 -79.15 47.61
N GLY HA 85 -2.69 -79.60 48.85
CA GLY HA 85 -1.98 -79.03 49.96
C GLY HA 85 -2.68 -77.82 50.55
N SER HA 86 -1.89 -76.82 50.91
CA SER HA 86 -2.43 -75.61 51.51
C SER HA 86 -3.22 -74.77 50.52
N ASN HA 87 -3.06 -75.02 49.22
CA ASN HA 87 -3.83 -74.34 48.20
C ASN HA 87 -5.03 -75.19 47.85
N PRO HA 88 -6.26 -74.79 48.22
CA PRO HA 88 -7.39 -75.70 47.99
C PRO HA 88 -7.78 -75.84 46.54
N ARG HA 89 -7.43 -74.90 45.69
CA ARG HA 89 -7.76 -74.92 44.27
C ARG HA 89 -6.49 -74.86 43.43
N SER HA 90 -6.63 -75.24 42.17
CA SER HA 90 -5.49 -75.37 41.28
C SER HA 90 -5.05 -74.03 40.72
N VAL HA 91 -5.94 -73.05 40.66
CA VAL HA 91 -5.61 -71.68 40.28
C VAL HA 91 -5.52 -70.86 41.56
N PRO HA 92 -4.33 -70.41 41.99
CA PRO HA 92 -4.23 -69.82 43.32
C PRO HA 92 -4.70 -68.37 43.41
N PHE HA 93 -6.01 -68.23 43.47
CA PHE HA 93 -6.65 -66.93 43.63
C PHE HA 93 -7.82 -67.07 44.58
N GLU HA 94 -8.24 -65.93 45.13
CA GLU HA 94 -9.30 -65.88 46.12
C GLU HA 94 -10.66 -65.62 45.51
N TYR HA 95 -10.76 -64.60 44.67
CA TYR HA 95 -12.03 -64.13 44.13
C TYR HA 95 -12.09 -64.41 42.64
N TYR HA 96 -13.32 -64.40 42.11
CA TYR HA 96 -13.53 -64.59 40.70
C TYR HA 96 -14.84 -63.94 40.30
N ARG HA 97 -14.98 -63.74 38.99
CA ARG HA 97 -16.24 -63.32 38.42
C ARG HA 97 -16.23 -63.71 36.95
N ILE HA 98 -17.28 -64.38 36.51
CA ILE HA 98 -17.35 -64.89 35.15
C ILE HA 98 -17.79 -63.76 34.24
N ARG HA 99 -16.97 -63.47 33.24
CA ARG HA 99 -17.22 -62.38 32.31
C ARG HA 99 -18.10 -62.81 31.14
N LYS HA 100 -17.76 -63.95 30.53
CA LYS HA 100 -18.47 -64.43 29.35
C LYS HA 100 -18.43 -65.95 29.36
N VAL HA 101 -19.35 -66.54 28.61
CA VAL HA 101 -19.36 -67.97 28.33
C VAL HA 101 -19.64 -68.15 26.85
N LYS HA 102 -18.98 -69.14 26.26
CA LYS HA 102 -19.16 -69.54 24.87
C LYS HA 102 -19.57 -71.00 24.88
N VAL HA 103 -20.83 -71.23 24.57
CA VAL HA 103 -21.35 -72.58 24.40
C VAL HA 103 -21.34 -72.91 22.92
N GLU HA 104 -20.67 -74.01 22.58
CA GLU HA 104 -20.51 -74.46 21.20
C GLU HA 104 -21.13 -75.83 21.07
N PHE HA 105 -22.15 -75.94 20.23
CA PHE HA 105 -22.74 -77.21 19.87
C PHE HA 105 -22.02 -77.73 18.64
N TRP HA 106 -21.06 -78.61 18.86
CA TRP HA 106 -20.35 -79.23 17.77
C TRP HA 106 -21.09 -80.49 17.34
N PRO HA 107 -21.57 -80.59 16.10
CA PRO HA 107 -22.36 -81.75 15.73
C PRO HA 107 -21.54 -83.02 15.65
N CYS HA 108 -22.25 -84.13 15.82
CA CYS HA 108 -21.71 -85.46 15.68
C CYS HA 108 -22.29 -86.21 14.50
N SER HA 109 -23.17 -85.60 13.74
CA SER HA 109 -23.96 -86.24 12.73
C SER HA 109 -23.45 -85.89 11.35
N PRO HA 110 -23.60 -86.79 10.37
CA PRO HA 110 -23.09 -86.49 9.04
C PRO HA 110 -23.93 -85.47 8.32
N ILE HA 111 -23.33 -84.87 7.29
CA ILE HA 111 -24.06 -83.89 6.48
C ILE HA 111 -25.07 -84.52 5.55
N THR HA 112 -25.11 -85.85 5.47
CA THR HA 112 -26.10 -86.56 4.68
C THR HA 112 -27.35 -86.93 5.46
N GLN HA 113 -27.42 -86.58 6.75
CA GLN HA 113 -28.54 -86.99 7.56
C GLN HA 113 -29.75 -86.16 7.21
N GLY HA 114 -30.89 -86.82 7.06
CA GLY HA 114 -32.14 -86.18 6.72
C GLY HA 114 -33.01 -85.93 7.92
N ASP HA 115 -34.28 -85.65 7.64
CA ASP HA 115 -35.25 -85.30 8.66
C ASP HA 115 -34.76 -84.10 9.46
N ARG HA 116 -34.22 -83.12 8.75
CA ARG HA 116 -33.68 -81.94 9.38
C ARG HA 116 -34.78 -81.15 10.08
N GLY HA 117 -34.34 -80.22 10.91
CA GLY HA 117 -35.24 -79.47 11.76
C GLY HA 117 -34.73 -78.09 12.08
N VAL HA 118 -35.46 -77.41 12.95
CA VAL HA 118 -35.13 -76.03 13.30
C VAL HA 118 -35.54 -75.80 14.75
N GLY HA 119 -34.60 -75.29 15.54
CA GLY HA 119 -34.80 -75.08 16.95
C GLY HA 119 -34.43 -73.69 17.39
N SER HA 120 -34.23 -73.52 18.69
CA SER HA 120 -34.00 -72.21 19.26
C SER HA 120 -33.21 -72.34 20.55
N SER HA 121 -32.27 -71.42 20.74
CA SER HA 121 -31.50 -71.29 21.97
C SER HA 121 -31.69 -69.89 22.52
N ALA HA 122 -32.03 -69.81 23.80
CA ALA HA 122 -32.29 -68.55 24.47
C ALA HA 122 -31.48 -68.45 25.74
N VAL HA 123 -31.34 -67.22 26.21
CA VAL HA 123 -30.52 -66.89 27.37
C VAL HA 123 -31.45 -66.63 28.55
N ILE HA 124 -31.28 -67.42 29.61
CA ILE HA 124 -32.18 -67.45 30.75
C ILE HA 124 -31.35 -67.22 32.00
N LEU HA 125 -31.35 -66.00 32.51
CA LEU HA 125 -30.44 -65.58 33.55
C LEU HA 125 -31.03 -65.66 34.95
N ASP HA 126 -31.98 -66.58 35.21
CA ASP HA 126 -32.71 -66.55 36.47
C ASP HA 126 -33.07 -67.90 37.07
N ASP HA 127 -32.65 -69.02 36.48
CA ASP HA 127 -32.84 -70.34 37.07
C ASP HA 127 -34.30 -70.75 37.10
N ASN HA 128 -35.10 -70.23 36.17
CA ASN HA 128 -36.47 -70.71 35.96
C ASN HA 128 -36.59 -70.93 34.46
N PHE HA 129 -36.29 -72.15 34.06
CA PHE HA 129 -36.34 -72.59 32.69
C PHE HA 129 -37.71 -73.16 32.37
N VAL HA 130 -38.01 -73.25 31.08
CA VAL HA 130 -39.14 -74.05 30.64
C VAL HA 130 -38.89 -75.47 31.07
N THR HA 131 -39.95 -76.15 31.50
CA THR HA 131 -39.83 -77.49 32.04
C THR HA 131 -39.23 -78.42 30.98
N LYS HA 132 -38.37 -79.32 31.44
CA LYS HA 132 -37.76 -80.28 30.54
C LYS HA 132 -38.83 -81.19 29.94
N ALA HA 133 -38.80 -81.31 28.62
CA ALA HA 133 -39.79 -82.05 27.87
C ALA HA 133 -39.11 -82.88 26.81
N THR HA 134 -39.72 -84.02 26.50
CA THR HA 134 -39.22 -84.92 25.48
C THR HA 134 -39.79 -84.58 24.11
N ALA HA 135 -41.11 -84.42 24.02
CA ALA HA 135 -41.77 -84.08 22.76
C ALA HA 135 -42.88 -83.07 23.08
N LEU HA 136 -42.52 -81.79 23.06
CA LEU HA 136 -43.46 -80.71 23.25
C LEU HA 136 -43.93 -80.21 21.90
N THR HA 137 -45.20 -79.84 21.82
CA THR HA 137 -45.87 -79.52 20.56
C THR HA 137 -45.50 -78.15 20.01
N TYR HA 138 -44.54 -77.46 20.60
CA TYR HA 138 -44.16 -76.13 20.12
C TYR HA 138 -42.77 -75.82 20.63
N ASP HA 139 -42.17 -74.78 20.06
CA ASP HA 139 -40.87 -74.28 20.47
C ASP HA 139 -41.08 -73.16 21.46
N PRO HA 140 -40.83 -73.36 22.75
CA PRO HA 140 -41.12 -72.29 23.71
C PRO HA 140 -40.17 -71.11 23.59
N TYR HA 141 -38.93 -71.35 23.21
CA TYR HA 141 -37.92 -70.33 23.16
C TYR HA 141 -37.90 -69.57 21.84
N VAL HA 142 -38.95 -69.67 21.05
CA VAL HA 142 -38.92 -69.11 19.70
C VAL HA 142 -39.17 -67.62 19.72
N ASN HA 143 -40.09 -67.15 20.56
CA ASN HA 143 -40.44 -65.75 20.63
C ASN HA 143 -39.59 -64.98 21.62
N TYR HA 144 -38.60 -65.62 22.22
CA TYR HA 144 -37.71 -64.93 23.14
C TYR HA 144 -36.84 -63.94 22.39
N SER HA 145 -36.59 -62.80 23.04
CA SER HA 145 -35.76 -61.76 22.46
C SER HA 145 -34.33 -62.21 22.25
N SER HA 146 -33.87 -63.22 22.98
CA SER HA 146 -32.52 -63.75 22.86
C SER HA 146 -32.48 -65.05 22.08
N ARG HA 147 -33.47 -65.29 21.23
CA ARG HA 147 -33.52 -66.53 20.48
C ARG HA 147 -32.57 -66.44 19.29
N HIS HA 148 -31.77 -67.48 19.13
CA HIS HA 148 -31.01 -67.74 17.93
C HIS HA 148 -31.50 -69.06 17.37
N THR HA 149 -31.64 -69.11 16.05
CA THR HA 149 -32.10 -70.33 15.40
C THR HA 149 -31.02 -71.39 15.42
N ILE HA 150 -31.42 -72.61 15.73
CA ILE HA 150 -30.57 -73.79 15.67
C ILE HA 150 -31.00 -74.55 14.42
N THR HA 151 -30.15 -74.55 13.41
CA THR HA 151 -30.27 -75.49 12.33
C THR HA 151 -29.75 -76.85 12.78
N GLN HA 152 -30.49 -77.89 12.46
CA GLN HA 152 -30.20 -79.24 12.88
C GLN HA 152 -30.08 -80.14 11.67
N PRO HA 153 -29.40 -81.28 11.80
CA PRO HA 153 -28.59 -81.83 12.89
C PRO HA 153 -27.10 -81.60 12.75
N PHE HA 154 -26.66 -81.23 11.56
CA PHE HA 154 -25.24 -81.23 11.22
C PHE HA 154 -24.65 -79.83 11.14
N SER HA 155 -25.18 -78.90 11.92
CA SER HA 155 -24.79 -77.51 11.86
C SER HA 155 -24.31 -77.04 13.22
N TYR HA 156 -23.31 -76.17 13.17
CA TYR HA 156 -22.68 -75.62 14.36
C TYR HA 156 -23.48 -74.44 14.89
N HIS HA 157 -23.59 -74.36 16.20
CA HIS HA 157 -24.33 -73.33 16.90
C HIS HA 157 -23.49 -72.83 18.05
N SER HA 158 -23.22 -71.53 18.06
CA SER HA 158 -22.49 -70.88 19.14
C SER HA 158 -23.38 -69.83 19.80
N ARG HA 159 -23.15 -69.64 21.09
CA ARG HA 159 -23.81 -68.58 21.86
C ARG HA 159 -22.77 -67.99 22.79
N TYR HA 160 -22.61 -66.67 22.73
CA TYR HA 160 -21.61 -65.94 23.50
C TYR HA 160 -22.33 -64.86 24.28
N PHE HA 161 -22.29 -64.97 25.60
CA PHE HA 161 -23.09 -64.13 26.46
C PHE HA 161 -22.43 -64.05 27.84
N THR HA 162 -23.01 -63.21 28.68
CA THR HA 162 -22.54 -62.97 30.03
C THR HA 162 -23.49 -63.60 31.02
N PRO HA 163 -23.11 -64.66 31.74
CA PRO HA 163 -24.05 -65.28 32.66
C PRO HA 163 -24.21 -64.48 33.94
N LYS HA 164 -25.07 -64.96 34.82
CA LYS HA 164 -25.36 -64.31 36.08
C LYS HA 164 -25.41 -65.39 37.17
N PRO HA 165 -24.94 -65.08 38.38
CA PRO HA 165 -24.99 -66.08 39.44
C PRO HA 165 -26.34 -66.13 40.14
N VAL HA 166 -26.58 -67.28 40.75
CA VAL HA 166 -27.82 -67.54 41.48
C VAL HA 166 -27.55 -67.15 42.94
N LEU HA 167 -27.80 -65.88 43.24
CA LEU HA 167 -27.61 -65.38 44.58
C LEU HA 167 -28.79 -65.70 45.48
N ASP HA 168 -30.01 -65.52 44.98
CA ASP HA 168 -31.22 -65.88 45.69
C ASP HA 168 -32.19 -66.47 44.69
N SER HA 169 -32.40 -67.78 44.78
CA SER HA 169 -33.32 -68.46 43.87
C SER HA 169 -34.78 -68.13 44.16
N THR HA 170 -35.08 -67.60 45.35
CA THR HA 170 -36.45 -67.25 45.69
C THR HA 170 -36.88 -65.97 44.99
N ILE HA 171 -35.98 -64.99 44.90
CA ILE HA 171 -36.28 -63.69 44.33
C ILE HA 171 -35.75 -63.61 42.91
N ASP HA 172 -34.62 -64.26 42.67
CA ASP HA 172 -34.02 -64.36 41.35
C ASP HA 172 -33.70 -62.98 40.79
N TYR HA 173 -32.78 -62.29 41.46
CA TYR HA 173 -32.32 -60.99 41.05
C TYR HA 173 -30.92 -61.09 40.46
N PHE HA 174 -30.65 -60.23 39.48
CA PHE HA 174 -29.36 -60.21 38.83
C PHE HA 174 -29.03 -58.80 38.38
N GLN HA 175 -27.82 -58.59 38.09
CA GLN HA 175 -27.27 -57.33 37.68
C GLN HA 175 -27.28 -57.17 36.17
N PRO HA 176 -27.42 -55.95 35.66
CA PRO HA 176 -27.17 -55.75 34.23
C PRO HA 176 -25.70 -55.81 33.90
N ASN HA 177 -25.39 -55.77 32.61
CA ASN HA 177 -24.03 -55.93 32.16
C ASN HA 177 -23.24 -54.67 32.44
N ASN HA 178 -22.22 -54.78 33.28
CA ASN HA 178 -21.34 -53.67 33.59
C ASN HA 178 -20.02 -54.29 34.03
N LYS HA 179 -18.97 -54.09 33.25
CA LYS HA 179 -17.71 -54.70 33.58
C LYS HA 179 -17.12 -54.12 34.86
N ARG HA 180 -17.41 -52.85 35.15
CA ARG HA 180 -16.81 -52.19 36.28
C ARG HA 180 -17.52 -52.48 37.59
N ASN HA 181 -18.81 -52.82 37.53
CA ASN HA 181 -19.64 -53.01 38.71
C ASN HA 181 -19.99 -54.46 38.95
N GLN HA 182 -19.48 -55.39 38.16
CA GLN HA 182 -19.81 -56.80 38.34
C GLN HA 182 -19.26 -57.30 39.66
N LEU HA 183 -20.09 -58.05 40.37
CA LEU HA 183 -19.73 -58.55 41.67
C LEU HA 183 -18.60 -59.55 41.58
N TRP HA 184 -17.74 -59.53 42.60
CA TRP HA 184 -16.73 -60.55 42.80
C TRP HA 184 -17.28 -61.59 43.75
N LEU HA 185 -17.27 -62.84 43.33
CA LEU HA 185 -17.58 -63.96 44.18
C LEU HA 185 -16.30 -64.55 44.72
N ARG HA 186 -16.46 -65.39 45.74
CA ARG HA 186 -15.34 -66.14 46.30
C ARG HA 186 -15.22 -67.47 45.61
N LEU HA 187 -13.99 -67.85 45.33
CA LEU HA 187 -13.66 -69.16 44.81
C LEU HA 187 -13.63 -70.13 45.98
N GLN HA 188 -14.78 -70.75 46.23
CA GLN HA 188 -14.91 -71.68 47.33
C GLN HA 188 -14.10 -72.95 47.05
N THR HA 189 -14.05 -73.82 48.06
CA THR HA 189 -13.30 -75.05 47.93
C THR HA 189 -14.09 -76.12 47.19
N ALA HA 190 -15.32 -76.40 47.64
CA ALA HA 190 -16.17 -77.40 46.98
C ALA HA 190 -17.64 -77.02 46.92
N GLY HA 191 -17.96 -75.73 46.97
CA GLY HA 191 -19.34 -75.29 47.09
C GLY HA 191 -19.70 -74.06 46.29
N ASN HA 192 -19.07 -73.88 45.14
CA ASN HA 192 -19.30 -72.69 44.35
C ASN HA 192 -20.73 -72.64 43.83
N VAL HA 193 -21.17 -71.44 43.51
CA VAL HA 193 -22.55 -71.16 43.14
C VAL HA 193 -22.73 -71.35 41.66
N ASP HA 194 -23.92 -71.80 41.27
CA ASP HA 194 -24.21 -72.11 39.88
C ASP HA 194 -24.53 -70.84 39.13
N HIS HA 195 -23.86 -70.66 38.01
CA HIS HA 195 -24.22 -69.65 37.04
C HIS HA 195 -25.16 -70.22 36.01
N VAL HA 196 -25.93 -69.35 35.39
CA VAL HA 196 -27.08 -69.74 34.60
C VAL HA 196 -27.15 -68.83 33.39
N GLY HA 197 -27.94 -69.25 32.38
CA GLY HA 197 -27.97 -68.48 31.16
C GLY HA 197 -28.18 -69.16 29.82
N LEU HA 198 -28.54 -70.45 29.76
CA LEU HA 198 -28.91 -70.99 28.46
C LEU HA 198 -29.96 -72.07 28.55
N GLY HA 199 -30.96 -71.95 27.69
CA GLY HA 199 -31.95 -72.98 27.49
C GLY HA 199 -32.17 -73.21 26.01
N THR HA 200 -32.47 -74.45 25.68
CA THR HA 200 -32.52 -74.91 24.30
C THR HA 200 -33.82 -75.60 24.00
N ALA HA 201 -34.11 -75.70 22.70
CA ALA HA 201 -35.24 -76.47 22.20
C ALA HA 201 -34.84 -77.06 20.86
N PHE HA 202 -34.69 -78.38 20.82
CA PHE HA 202 -34.29 -79.10 19.63
C PHE HA 202 -35.49 -79.85 19.06
N GLU HA 203 -35.64 -79.78 17.75
CA GLU HA 203 -36.71 -80.48 17.06
C GLU HA 203 -36.33 -81.95 16.91
N ASN HA 204 -37.24 -82.82 17.34
CA ASN HA 204 -36.97 -84.24 17.32
C ASN HA 204 -36.96 -84.77 15.89
N SER HA 205 -36.47 -86.00 15.75
CA SER HA 205 -36.24 -86.60 14.46
C SER HA 205 -36.35 -88.11 14.56
N ILE HA 206 -36.42 -88.76 13.41
CA ILE HA 206 -36.43 -90.21 13.36
C ILE HA 206 -35.07 -90.78 13.77
N TYR HA 207 -34.01 -90.03 13.50
CA TYR HA 207 -32.66 -90.44 13.83
C TYR HA 207 -32.19 -89.73 15.09
N ASP HA 208 -31.22 -90.35 15.75
CA ASP HA 208 -30.63 -89.75 16.95
C ASP HA 208 -29.72 -88.61 16.55
N GLN HA 209 -29.84 -87.48 17.25
CA GLN HA 209 -29.04 -86.29 17.03
C GLN HA 209 -28.09 -86.12 18.22
N GLU HA 210 -26.82 -86.37 18.00
CA GLU HA 210 -25.80 -86.25 19.03
C GLU HA 210 -24.99 -84.98 18.83
N TYR HA 211 -24.50 -84.44 19.94
CA TYR HA 211 -23.70 -83.23 19.96
C TYR HA 211 -22.61 -83.37 20.99
N ASN HA 212 -21.46 -82.75 20.72
CA ASN HA 212 -20.38 -82.58 21.67
C ASN HA 212 -20.34 -81.11 22.04
N ILE HA 213 -20.73 -80.81 23.27
CA ILE HA 213 -20.89 -79.43 23.70
C ILE HA 213 -19.64 -79.01 24.44
N ARG HA 214 -19.02 -77.93 23.97
CA ARG HA 214 -17.80 -77.37 24.55
C ARG HA 214 -18.15 -76.01 25.13
N VAL HA 215 -18.12 -75.91 26.45
CA VAL HA 215 -18.34 -74.66 27.16
C VAL HA 215 -17.00 -74.07 27.52
N THR HA 216 -16.83 -72.80 27.22
CA THR HA 216 -15.63 -72.04 27.52
C THR HA 216 -16.04 -70.85 28.35
N MET HA 217 -15.51 -70.76 29.57
CA MET HA 217 -15.76 -69.65 30.46
C MET HA 217 -14.56 -68.72 30.51
N TYR HA 218 -14.81 -67.44 30.28
CA TYR HA 218 -13.80 -66.41 30.36
C TYR HA 218 -13.92 -65.73 31.71
N VAL HA 219 -12.97 -66.01 32.60
CA VAL HA 219 -13.07 -65.65 33.99
C VAL HA 219 -12.01 -64.59 34.30
N GLN HA 220 -12.15 -63.98 35.47
CA GLN HA 220 -11.27 -62.92 35.93
C GLN HA 220 -11.09 -63.13 37.42
N PHE HA 221 -9.88 -63.45 37.83
CA PHE HA 221 -9.55 -63.72 39.21
C PHE HA 221 -8.91 -62.50 39.87
N ARG HA 222 -8.71 -62.59 41.18
CA ARG HA 222 -8.19 -61.49 41.96
C ARG HA 222 -7.53 -62.03 43.21
N GLU HA 223 -6.52 -61.32 43.68
CA GLU HA 223 -5.84 -61.60 44.96
C GLU HA 223 -5.20 -62.98 44.97
N PHE HA 224 -4.13 -63.08 44.17
CA PHE HA 224 -3.17 -64.16 44.23
C PHE HA 224 -2.83 -64.52 45.67
N ASN HA 225 -3.07 -65.77 46.04
CA ASN HA 225 -3.01 -66.18 47.44
C ASN HA 225 -2.25 -67.49 47.61
N LEU HA 226 -1.14 -67.61 46.89
CA LEU HA 226 -0.35 -68.83 47.00
C LEU HA 226 0.24 -68.96 48.39
N LYS HA 227 0.29 -70.20 48.89
CA LYS HA 227 0.84 -70.52 50.18
C LYS HA 227 2.01 -71.47 49.99
N ASP HA 228 3.16 -71.11 50.58
CA ASP HA 228 4.41 -71.82 50.37
C ASP HA 228 4.97 -72.26 51.71
N PRO HA 229 4.52 -73.39 52.23
CA PRO HA 229 5.13 -73.94 53.43
C PRO HA 229 6.49 -74.54 53.13
N PRO HA 230 7.29 -74.83 54.15
CA PRO HA 230 8.54 -75.54 53.89
C PRO HA 230 8.34 -76.99 53.48
N LEU HA 231 9.43 -77.70 53.26
CA LEU HA 231 9.39 -79.09 52.81
C LEU HA 231 10.46 -79.92 53.50
N GLY IA 43 -50.14 -46.24 22.52
CA GLY IA 43 -49.20 -47.13 23.17
C GLY IA 43 -48.69 -48.21 22.25
N ILE IA 44 -47.70 -47.87 21.45
CA ILE IA 44 -47.21 -48.74 20.40
C ILE IA 44 -46.28 -49.79 21.00
N PHE IA 45 -46.35 -50.99 20.42
CA PHE IA 45 -45.45 -52.07 20.80
C PHE IA 45 -45.25 -52.93 19.56
N ASN IA 46 -44.10 -52.77 18.92
CA ASN IA 46 -43.71 -53.61 17.81
C ASN IA 46 -43.05 -54.87 18.35
N THR IA 47 -43.54 -56.03 17.91
CA THR IA 47 -42.97 -57.29 18.31
C THR IA 47 -42.98 -58.25 17.12
N ARG IA 48 -42.73 -59.52 17.41
CA ARG IA 48 -42.53 -60.56 16.42
C ARG IA 48 -43.15 -61.84 16.93
N LEU IA 49 -44.01 -62.44 16.11
CA LEU IA 49 -44.73 -63.66 16.44
C LEU IA 49 -44.47 -64.68 15.35
N SER IA 50 -44.24 -65.92 15.76
CA SER IA 50 -43.86 -67.00 14.87
C SER IA 50 -44.78 -68.20 15.07
N ARG IA 51 -44.65 -69.14 14.14
CA ARG IA 51 -45.49 -70.31 14.01
C ARG IA 51 -44.84 -71.22 12.99
N THR IA 52 -44.90 -72.52 13.25
CA THR IA 52 -44.23 -73.51 12.42
C THR IA 52 -45.18 -74.65 12.09
N PHE IA 53 -45.15 -75.10 10.84
CA PHE IA 53 -46.01 -76.17 10.39
C PHE IA 53 -45.38 -76.80 9.15
N GLY IA 54 -45.95 -77.92 8.75
CA GLY IA 54 -45.43 -78.72 7.66
C GLY IA 54 -46.18 -78.61 6.35
N TYR IA 55 -45.48 -78.92 5.27
CA TYR IA 55 -46.06 -78.97 3.93
C TYR IA 55 -45.28 -80.00 3.13
N THR IA 56 -46.01 -80.90 2.47
CA THR IA 56 -45.42 -81.98 1.70
C THR IA 56 -45.98 -81.97 0.29
N ILE IA 57 -45.10 -82.19 -0.68
CA ILE IA 57 -45.46 -82.38 -2.07
C ILE IA 57 -45.27 -83.87 -2.34
N LYS IA 58 -46.37 -84.60 -2.43
CA LYS IA 58 -46.32 -86.03 -2.62
C LYS IA 58 -45.74 -86.39 -3.98
N ARG IA 59 -45.24 -87.61 -4.07
CA ARG IA 59 -44.63 -88.11 -5.30
C ARG IA 59 -45.68 -88.36 -6.37
N THR IA 60 -45.21 -88.42 -7.62
CA THR IA 60 -46.04 -88.70 -8.78
C THR IA 60 -45.27 -89.56 -9.77
N THR IA 61 -45.96 -90.55 -10.34
CA THR IA 61 -45.40 -91.35 -11.41
C THR IA 61 -45.43 -90.64 -12.76
N VAL IA 62 -46.03 -89.45 -12.83
CA VAL IA 62 -46.09 -88.71 -14.08
C VAL IA 62 -44.69 -88.39 -14.56
N LYS IA 63 -44.46 -88.56 -15.86
CA LYS IA 63 -43.13 -88.36 -16.44
C LYS IA 63 -42.87 -86.89 -16.76
N THR IA 64 -43.89 -86.18 -17.19
CA THR IA 64 -43.73 -84.80 -17.61
C THR IA 64 -43.33 -83.91 -16.44
N PRO IA 65 -42.86 -82.70 -16.73
CA PRO IA 65 -42.71 -81.72 -15.66
C PRO IA 65 -44.05 -81.09 -15.33
N SER IA 66 -44.61 -81.46 -14.19
CA SER IA 66 -45.83 -80.89 -13.68
C SER IA 66 -45.55 -80.19 -12.36
N TRP IA 67 -46.42 -79.24 -12.02
CA TRP IA 67 -46.28 -78.45 -10.83
C TRP IA 67 -47.47 -78.62 -9.91
N ALA IA 68 -47.20 -78.51 -8.62
CA ALA IA 68 -48.20 -78.60 -7.57
C ALA IA 68 -48.45 -77.21 -7.01
N VAL IA 69 -49.69 -76.76 -7.10
CA VAL IA 69 -50.06 -75.41 -6.73
C VAL IA 69 -50.78 -75.45 -5.40
N ASP IA 70 -50.51 -74.46 -4.57
CA ASP IA 70 -51.16 -74.33 -3.27
C ASP IA 70 -51.10 -72.87 -2.85
N MET IA 71 -51.88 -72.56 -1.82
CA MET IA 71 -52.07 -71.21 -1.33
C MET IA 71 -51.61 -71.13 0.13
N MET IA 72 -51.51 -69.89 0.61
CA MET IA 72 -51.04 -69.64 1.97
C MET IA 72 -51.64 -68.33 2.45
N ARG IA 73 -52.49 -68.41 3.46
CA ARG IA 73 -53.06 -67.26 4.15
C ARG IA 73 -52.43 -67.13 5.53
N PHE IA 74 -52.65 -65.97 6.15
CA PHE IA 74 -52.10 -65.67 7.45
C PHE IA 74 -53.18 -65.05 8.32
N ASN IA 75 -53.41 -65.66 9.49
CA ASN IA 75 -54.32 -65.13 10.48
C ASN IA 75 -53.61 -65.04 11.82
N ILE IA 76 -54.02 -64.05 12.62
CA ILE IA 76 -53.36 -63.79 13.90
C ILE IA 76 -53.83 -64.72 15.00
N ASN IA 77 -54.93 -65.45 14.80
CA ASN IA 77 -55.33 -66.42 15.80
C ASN IA 77 -54.34 -67.57 15.91
N ASP IA 78 -53.67 -67.89 14.81
CA ASP IA 78 -52.70 -68.96 14.79
C ASP IA 78 -51.38 -68.57 15.42
N PHE IA 79 -51.15 -67.28 15.65
CA PHE IA 79 -49.93 -66.80 16.28
C PHE IA 79 -50.15 -66.30 17.70
N LEU IA 80 -51.34 -65.77 17.99
CA LEU IA 80 -51.67 -65.19 19.28
C LEU IA 80 -52.75 -66.02 19.96
N PRO IA 81 -52.47 -66.74 21.04
CA PRO IA 81 -53.49 -67.59 21.63
C PRO IA 81 -54.49 -66.76 22.41
N PRO IA 82 -55.58 -67.37 22.86
CA PRO IA 82 -56.49 -66.68 23.76
C PRO IA 82 -55.88 -66.51 25.14
N GLY IA 83 -56.25 -65.42 25.79
CA GLY IA 83 -55.73 -65.13 27.09
C GLY IA 83 -56.48 -65.82 28.20
N GLY IA 84 -56.67 -65.13 29.31
CA GLY IA 84 -57.38 -65.68 30.43
C GLY IA 84 -57.97 -64.61 31.32
N GLY IA 85 -59.23 -64.77 31.68
CA GLY IA 85 -59.90 -63.84 32.55
C GLY IA 85 -60.49 -62.66 31.81
N SER IA 86 -60.36 -61.47 32.40
CA SER IA 86 -60.91 -60.27 31.79
C SER IA 86 -60.14 -59.85 30.55
N ASN IA 87 -58.93 -60.37 30.36
CA ASN IA 87 -58.16 -60.10 29.17
C ASN IA 87 -58.41 -61.20 28.15
N PRO IA 88 -59.12 -60.93 27.05
CA PRO IA 88 -59.47 -62.05 26.15
C PRO IA 88 -58.30 -62.60 25.38
N ARG IA 89 -57.23 -61.84 25.20
CA ARG IA 89 -56.05 -62.26 24.47
C ARG IA 89 -54.83 -62.20 25.35
N SER IA 90 -53.78 -62.88 24.92
CA SER IA 90 -52.58 -63.03 25.72
C SER IA 90 -51.66 -61.81 25.63
N VAL IA 91 -51.77 -61.05 24.55
CA VAL IA 91 -51.07 -59.76 24.41
C VAL IA 91 -52.08 -58.66 24.69
N PRO IA 92 -51.96 -57.92 25.80
CA PRO IA 92 -53.05 -57.02 26.18
C PRO IA 92 -53.05 -55.70 25.41
N PHE IA 93 -53.56 -55.77 24.19
CA PHE IA 93 -53.71 -54.60 23.34
C PHE IA 93 -55.03 -54.70 22.60
N GLU IA 94 -55.50 -53.55 22.11
CA GLU IA 94 -56.77 -53.43 21.44
C GLU IA 94 -56.67 -53.57 19.93
N TYR IA 95 -55.76 -52.81 19.33
CA TYR IA 95 -55.63 -52.72 17.89
C TYR IA 95 -54.33 -53.35 17.43
N TYR IA 96 -54.29 -53.67 16.14
CA TYR IA 96 -53.09 -54.24 15.55
C TYR IA 96 -53.08 -53.93 14.06
N ARG IA 97 -51.90 -54.08 13.47
CA ARG IA 97 -51.76 -54.04 12.03
C ARG IA 97 -50.47 -54.75 11.68
N ILE IA 98 -50.55 -55.69 10.74
CA ILE IA 98 -49.42 -56.51 10.37
C ILE IA 98 -48.55 -55.73 9.41
N ARG IA 99 -47.29 -55.55 9.77
CA ARG IA 99 -46.34 -54.78 8.99
C ARG IA 99 -45.66 -55.62 7.93
N LYS IA 100 -45.15 -56.80 8.31
CA LYS IA 100 -44.42 -57.67 7.42
C LYS IA 100 -44.67 -59.11 7.82
N VAL IA 101 -44.40 -60.01 6.89
CA VAL IA 101 -44.40 -61.44 7.13
C VAL IA 101 -43.17 -62.02 6.46
N LYS IA 102 -42.56 -62.99 7.12
CA LYS IA 102 -41.42 -63.75 6.61
C LYS IA 102 -41.82 -65.20 6.58
N VAL IA 103 -42.02 -65.72 5.39
CA VAL IA 103 -42.28 -67.14 5.18
C VAL IA 103 -40.96 -67.81 4.83
N GLU IA 104 -40.60 -68.83 5.58
CA GLU IA 104 -39.35 -69.56 5.42
C GLU IA 104 -39.70 -71.00 5.13
N PHE IA 105 -39.31 -71.49 3.97
CA PHE IA 105 -39.40 -72.90 3.62
C PHE IA 105 -38.10 -73.57 4.02
N TRP IA 106 -38.11 -74.19 5.18
CA TRP IA 106 -36.96 -74.93 5.64
C TRP IA 106 -37.04 -76.36 5.14
N PRO IA 107 -36.10 -76.83 4.33
CA PRO IA 107 -36.24 -78.17 3.76
C PRO IA 107 -36.08 -79.26 4.80
N CYS IA 108 -36.67 -80.39 4.46
CA CYS IA 108 -36.58 -81.61 5.25
C CYS IA 108 -35.84 -82.72 4.52
N SER IA 109 -35.34 -82.46 3.32
CA SER IA 109 -34.81 -83.46 2.44
C SER IA 109 -33.29 -83.37 2.38
N PRO IA 110 -32.61 -84.49 2.17
CA PRO IA 110 -31.14 -84.45 2.14
C PRO IA 110 -30.62 -83.78 0.89
N ILE IA 111 -29.36 -83.35 0.97
CA ILE IA 111 -28.71 -82.73 -0.17
C ILE IA 111 -28.32 -83.74 -1.25
N THR IA 112 -28.48 -85.03 -0.99
CA THR IA 112 -28.24 -86.07 -1.97
C THR IA 112 -29.46 -86.45 -2.78
N GLN IA 113 -30.61 -85.82 -2.52
CA GLN IA 113 -31.83 -86.19 -3.20
C GLN IA 113 -31.81 -85.69 -4.64
N GLY IA 114 -32.17 -86.55 -5.56
CA GLY IA 114 -32.21 -86.24 -6.96
C GLY IA 114 -33.58 -85.86 -7.45
N ASP IA 115 -33.73 -85.87 -8.77
CA ASP IA 115 -34.96 -85.45 -9.43
C ASP IA 115 -35.31 -84.04 -9.01
N ARG IA 116 -34.30 -83.18 -8.99
CA ARG IA 116 -34.48 -81.81 -8.57
C ARG IA 116 -35.38 -81.06 -9.55
N GLY IA 117 -35.84 -79.90 -9.11
CA GLY IA 117 -36.81 -79.13 -9.86
C GLY IA 117 -36.69 -77.65 -9.63
N VAL IA 118 -37.64 -76.90 -10.19
CA VAL IA 118 -37.61 -75.45 -10.11
C VAL IA 118 -39.04 -74.95 -10.09
N GLY IA 119 -39.36 -74.12 -9.10
CA GLY IA 119 -40.68 -73.60 -8.89
C GLY IA 119 -40.71 -72.10 -8.75
N SER IA 120 -41.81 -71.60 -8.20
CA SER IA 120 -42.03 -70.17 -8.13
C SER IA 120 -42.94 -69.85 -6.96
N SER IA 121 -42.63 -68.76 -6.27
CA SER IA 121 -43.46 -68.21 -5.21
C SER IA 121 -43.80 -66.78 -5.55
N ALA IA 122 -45.09 -66.44 -5.49
CA ALA IA 122 -45.57 -65.12 -5.82
C ALA IA 122 -46.44 -64.58 -4.70
N VAL IA 123 -46.62 -63.26 -4.71
CA VAL IA 123 -47.33 -62.53 -3.68
C VAL IA 123 -48.71 -62.15 -4.22
N ILE IA 124 -49.75 -62.63 -3.54
CA ILE IA 124 -51.12 -62.54 -4.01
C ILE IA 124 -51.94 -61.88 -2.91
N LEU IA 125 -52.19 -60.59 -3.05
CA LEU IA 125 -52.75 -59.77 -1.99
C LEU IA 125 -54.27 -59.62 -2.06
N ASP IA 126 -55.00 -60.58 -2.63
CA ASP IA 126 -56.41 -60.38 -2.92
C ASP IA 126 -57.32 -61.59 -2.73
N ASP IA 127 -56.82 -62.72 -2.27
CA ASP IA 127 -57.65 -63.87 -1.94
C ASP IA 127 -58.27 -64.51 -3.17
N ASN IA 128 -57.61 -64.38 -4.31
CA ASN IA 128 -57.98 -65.11 -5.52
C ASN IA 128 -56.69 -65.71 -6.05
N PHE IA 129 -56.42 -66.92 -5.60
CA PHE IA 129 -55.26 -67.69 -5.97
C PHE IA 129 -55.56 -68.53 -7.20
N VAL IA 130 -54.49 -68.98 -7.86
CA VAL IA 130 -54.63 -70.04 -8.84
C VAL IA 130 -55.17 -71.26 -8.12
N THR IA 131 -56.06 -71.97 -8.79
CA THR IA 131 -56.73 -73.11 -8.19
C THR IA 131 -55.72 -74.15 -7.75
N LYS IA 132 -55.97 -74.75 -6.60
CA LYS IA 132 -55.09 -75.79 -6.09
C LYS IA 132 -55.09 -76.98 -7.03
N ALA IA 133 -53.88 -77.41 -7.40
CA ALA IA 133 -53.67 -78.46 -8.37
C ALA IA 133 -52.59 -79.40 -7.87
N THR IA 134 -52.72 -80.66 -8.25
CA THR IA 134 -51.75 -81.69 -7.89
C THR IA 134 -50.64 -81.78 -8.93
N ALA IA 135 -51.01 -81.89 -10.20
CA ALA IA 135 -50.04 -81.98 -11.30
C ALA IA 135 -50.55 -81.13 -12.44
N LEU IA 136 -50.19 -79.85 -12.43
CA LEU IA 136 -50.50 -78.93 -13.50
C LEU IA 136 -49.36 -78.85 -14.48
N THR IA 137 -49.69 -78.73 -15.77
CA THR IA 137 -48.71 -78.85 -16.85
C THR IA 137 -47.84 -77.61 -17.02
N TYR IA 138 -47.91 -76.64 -16.11
CA TYR IA 138 -47.12 -75.43 -16.24
C TYR IA 138 -47.03 -74.77 -14.87
N ASP IA 139 -46.12 -73.81 -14.76
CA ASP IA 139 -45.94 -73.02 -13.56
C ASP IA 139 -46.74 -71.74 -13.70
N PRO IA 140 -47.88 -71.58 -13.02
CA PRO IA 140 -48.67 -70.37 -13.25
C PRO IA 140 -48.03 -69.12 -12.71
N TYR IA 141 -47.27 -69.23 -11.63
CA TYR IA 141 -46.70 -68.08 -10.96
C TYR IA 141 -45.35 -67.68 -11.53
N VAL IA 142 -45.01 -68.15 -12.73
CA VAL IA 142 -43.67 -67.94 -13.26
C VAL IA 142 -43.52 -66.54 -13.85
N ASN IA 143 -44.55 -66.05 -14.53
CA ASN IA 143 -44.50 -64.75 -15.17
C ASN IA 143 -44.97 -63.64 -14.27
N TYR IA 144 -45.28 -63.94 -13.02
CA TYR IA 144 -45.68 -62.90 -12.09
C TYR IA 144 -44.52 -61.98 -11.75
N SER IA 145 -44.83 -60.70 -11.59
CA SER IA 145 -43.83 -59.71 -11.26
C SER IA 145 -43.19 -59.94 -9.91
N SER IA 146 -43.88 -60.64 -9.01
CA SER IA 146 -43.38 -60.97 -7.68
C SER IA 146 -42.86 -62.38 -7.58
N ARG IA 147 -42.48 -62.99 -8.70
CA ARG IA 147 -42.00 -64.36 -8.68
C ARG IA 147 -40.57 -64.40 -8.20
N HIS IA 148 -40.31 -65.30 -7.27
CA HIS IA 148 -38.97 -65.71 -6.88
C HIS IA 148 -38.86 -67.19 -7.18
N THR IA 149 -37.72 -67.58 -7.72
CA THR IA 149 -37.49 -68.98 -8.05
C THR IA 149 -37.29 -69.81 -6.79
N ILE IA 150 -37.93 -70.97 -6.77
CA ILE IA 150 -37.77 -71.96 -5.72
C ILE IA 150 -36.92 -73.06 -6.32
N THR IA 151 -35.68 -73.15 -5.86
CA THR IA 151 -34.89 -74.35 -6.08
C THR IA 151 -35.34 -75.44 -5.13
N GLN IA 152 -35.48 -76.64 -5.66
CA GLN IA 152 -36.01 -77.79 -4.94
C GLN IA 152 -34.99 -78.92 -4.99
N PRO IA 153 -35.06 -79.87 -4.05
CA PRO IA 153 -35.86 -79.98 -2.83
C PRO IA 153 -35.17 -79.54 -1.56
N PHE IA 154 -33.85 -79.40 -1.61
CA PHE IA 154 -33.03 -79.25 -0.42
C PHE IA 154 -32.52 -77.83 -0.24
N SER IA 155 -33.26 -76.85 -0.71
CA SER IA 155 -32.83 -75.47 -0.70
C SER IA 155 -33.82 -74.61 0.05
N TYR IA 156 -33.29 -73.62 0.74
CA TYR IA 156 -34.05 -72.70 1.55
C TYR IA 156 -34.62 -71.58 0.70
N HIS IA 157 -35.87 -71.20 1.00
CA HIS IA 157 -36.58 -70.17 0.29
C HIS IA 157 -37.26 -69.27 1.29
N SER IA 158 -36.95 -67.98 1.23
CA SER IA 158 -37.57 -66.98 2.07
C SER IA 158 -38.31 -65.97 1.22
N ARG IA 159 -39.39 -65.42 1.78
CA ARG IA 159 -40.15 -64.34 1.17
C ARG IA 159 -40.53 -63.38 2.27
N TYR IA 160 -40.19 -62.11 2.08
CA TYR IA 160 -40.42 -61.06 3.05
C TYR IA 160 -41.22 -59.95 2.39
N PHE IA 161 -42.44 -59.73 2.86
CA PHE IA 161 -43.37 -58.85 2.19
C PHE IA 161 -44.37 -58.34 3.21
N THR IA 162 -45.22 -57.43 2.74
CA THR IA 162 -46.25 -56.79 3.54
C THR IA 162 -47.61 -57.32 3.12
N PRO IA 163 -48.31 -58.10 3.95
CA PRO IA 163 -49.61 -58.63 3.54
C PRO IA 163 -50.70 -57.58 3.58
N LYS IA 164 -51.90 -57.96 3.19
CA LYS IA 164 -53.05 -57.10 3.17
C LYS IA 164 -54.24 -57.86 3.72
N PRO IA 165 -55.14 -57.20 4.46
CA PRO IA 165 -56.29 -57.90 4.99
C PRO IA 165 -57.43 -58.00 3.98
N VAL IA 166 -58.28 -59.00 4.23
CA VAL IA 166 -59.43 -59.28 3.38
C VAL IA 166 -60.60 -58.52 3.99
N LEU IA 167 -60.75 -57.28 3.55
CA LEU IA 167 -61.84 -56.43 4.03
C LEU IA 167 -63.13 -56.72 3.30
N ASP IA 168 -63.08 -56.88 1.98
CA ASP IA 168 -64.24 -57.26 1.18
C ASP IA 168 -63.75 -58.23 0.12
N SER IA 169 -64.13 -59.50 0.27
CA SER IA 169 -63.75 -60.51 -0.69
C SER IA 169 -64.48 -60.37 -2.02
N THR IA 170 -65.59 -59.64 -2.05
CA THR IA 170 -66.34 -59.44 -3.29
C THR IA 170 -65.63 -58.47 -4.21
N ILE IA 171 -65.06 -57.40 -3.66
CA ILE IA 171 -64.43 -56.34 -4.43
C ILE IA 171 -62.92 -56.53 -4.40
N ASP IA 172 -62.40 -57.02 -3.28
CA ASP IA 172 -60.99 -57.33 -3.12
C ASP IA 172 -60.13 -56.09 -3.35
N TYR IA 173 -60.30 -55.12 -2.45
CA TYR IA 173 -59.54 -53.89 -2.47
C TYR IA 173 -58.51 -53.89 -1.34
N PHE IA 174 -57.37 -53.26 -1.60
CA PHE IA 174 -56.31 -53.18 -0.63
C PHE IA 174 -55.54 -51.89 -0.81
N GLN IA 175 -54.80 -51.57 0.16
CA GLN IA 175 -54.02 -50.35 0.23
C GLN IA 175 -52.61 -50.56 -0.30
N PRO IA 176 -51.98 -49.56 -0.88
CA PRO IA 176 -50.55 -49.67 -1.14
C PRO IA 176 -49.73 -49.55 0.11
N ASN IA 177 -48.42 -49.78 -0.02
CA ASN IA 177 -47.55 -49.81 1.14
C ASN IA 177 -47.31 -48.39 1.64
N ASN IA 178 -47.73 -48.13 2.86
CA ASN IA 178 -47.52 -46.84 3.50
C ASN IA 178 -47.56 -47.11 5.00
N LYS IA 179 -46.42 -46.92 5.66
CA LYS IA 179 -46.39 -47.22 7.08
C LYS IA 179 -47.24 -46.26 7.88
N ARG IA 180 -47.41 -45.03 7.40
CA ARG IA 180 -48.12 -44.00 8.15
C ARG IA 180 -49.62 -44.09 7.97
N ASN IA 181 -50.08 -44.64 6.85
CA ASN IA 181 -51.49 -44.68 6.50
C ASN IA 181 -52.10 -46.07 6.61
N GLN IA 182 -51.34 -47.07 7.05
CA GLN IA 182 -51.86 -48.43 7.16
C GLN IA 182 -52.96 -48.50 8.19
N LEU IA 183 -54.03 -49.18 7.83
CA LEU IA 183 -55.20 -49.29 8.69
C LEU IA 183 -54.87 -50.07 9.95
N TRP IA 184 -55.49 -49.66 11.05
CA TRP IA 184 -55.49 -50.40 12.28
C TRP IA 184 -56.73 -51.26 12.33
N LEU IA 185 -56.55 -52.55 12.51
CA LEU IA 185 -57.63 -53.47 12.77
C LEU IA 185 -57.78 -53.70 14.26
N ARG IA 186 -58.91 -54.28 14.64
CA ARG IA 186 -59.15 -54.66 16.01
C ARG IA 186 -58.69 -56.09 16.23
N LEU IA 187 -58.06 -56.30 17.36
CA LEU IA 187 -57.68 -57.63 17.83
C LEU IA 187 -58.92 -58.27 18.45
N GLN IA 188 -59.66 -59.00 17.64
CA GLN IA 188 -60.87 -59.64 18.08
C GLN IA 188 -60.54 -60.78 19.03
N THR IA 189 -61.60 -61.36 19.61
CA THR IA 189 -61.42 -62.44 20.56
C THR IA 189 -61.21 -63.77 19.86
N ALA IA 190 -62.11 -64.14 18.93
CA ALA IA 190 -61.97 -65.40 18.20
C ALA IA 190 -62.39 -65.30 16.74
N GLY IA 191 -62.32 -64.12 16.14
CA GLY IA 191 -62.85 -63.90 14.80
C GLY IA 191 -62.04 -62.97 13.92
N ASN IA 192 -60.73 -62.97 14.10
CA ASN IA 192 -59.88 -62.07 13.35
C ASN IA 192 -59.90 -62.39 11.86
N VAL IA 193 -59.57 -61.38 11.07
CA VAL IA 193 -59.68 -61.44 9.62
C VAL IA 193 -58.41 -62.02 9.03
N ASP IA 194 -58.56 -62.75 7.93
CA ASP IA 194 -57.45 -63.43 7.30
C ASP IA 194 -56.64 -62.45 6.47
N HIS IA 195 -55.34 -62.44 6.69
CA HIS IA 195 -54.41 -61.76 5.81
C HIS IA 195 -53.90 -62.72 4.76
N VAL IA 196 -53.47 -62.17 3.64
CA VAL IA 196 -53.22 -62.93 2.43
C VAL IA 196 -51.98 -62.37 1.77
N GLY IA 197 -51.41 -63.14 0.84
CA GLY IA 197 -50.17 -62.71 0.24
C GLY IA 197 -49.12 -63.71 -0.21
N LEU IA 198 -49.41 -65.01 -0.25
CA LEU IA 198 -48.44 -65.91 -0.86
C LEU IA 198 -49.09 -67.10 -1.54
N GLY IA 199 -48.63 -67.36 -2.76
CA GLY IA 199 -48.98 -68.56 -3.48
C GLY IA 199 -47.75 -69.18 -4.09
N THR IA 200 -47.75 -70.50 -4.17
CA THR IA 200 -46.58 -71.28 -4.53
C THR IA 200 -46.89 -72.24 -5.66
N ALA IA 201 -45.82 -72.69 -6.30
CA ALA IA 201 -45.89 -73.74 -7.32
C ALA IA 201 -44.62 -74.55 -7.22
N PHE IA 202 -44.75 -75.80 -6.78
CA PHE IA 202 -43.64 -76.71 -6.62
C PHE IA 202 -43.67 -77.78 -7.71
N GLU IA 203 -42.51 -78.05 -8.28
CA GLU IA 203 -42.37 -79.07 -9.30
C GLU IA 203 -42.36 -80.44 -8.65
N ASN IA 204 -43.21 -81.31 -9.13
CA ASN IA 204 -43.35 -82.63 -8.55
C ASN IA 204 -42.12 -83.48 -8.86
N SER IA 205 -42.03 -84.61 -8.15
CA SER IA 205 -40.84 -85.45 -8.21
C SER IA 205 -41.24 -86.89 -7.90
N ILE IA 206 -40.32 -87.81 -8.17
CA ILE IA 206 -40.52 -89.21 -7.85
C ILE IA 206 -40.51 -89.42 -6.35
N TYR IA 207 -39.76 -88.59 -5.63
CA TYR IA 207 -39.65 -88.68 -4.18
C TYR IA 207 -40.51 -87.61 -3.52
N ASP IA 208 -40.88 -87.88 -2.28
CA ASP IA 208 -41.66 -86.92 -1.52
C ASP IA 208 -40.78 -85.76 -1.07
N GLN IA 209 -41.28 -84.54 -1.23
CA GLN IA 209 -40.59 -83.32 -0.86
C GLN IA 209 -41.31 -82.71 0.34
N GLU IA 210 -40.69 -82.78 1.51
CA GLU IA 210 -41.25 -82.24 2.73
C GLU IA 210 -40.56 -80.94 3.10
N TYR IA 211 -41.32 -80.07 3.77
CA TYR IA 211 -40.84 -78.78 4.21
C TYR IA 211 -41.43 -78.48 5.58
N ASN IA 212 -40.66 -77.77 6.39
CA ASN IA 212 -41.11 -77.19 7.65
C ASN IA 212 -41.20 -75.69 7.45
N ILE IA 213 -42.41 -75.17 7.39
CA ILE IA 213 -42.64 -73.77 7.05
C ILE IA 213 -42.79 -72.97 8.34
N ARG IA 214 -41.95 -71.95 8.50
CA ARG IA 214 -41.96 -71.08 9.65
C ARG IA 214 -42.38 -69.69 9.19
N VAL IA 215 -43.57 -69.27 9.61
CA VAL IA 215 -44.09 -67.95 9.32
C VAL IA 215 -43.84 -67.08 10.52
N THR IA 216 -43.29 -65.89 10.28
CA THR IA 216 -43.01 -64.90 11.29
C THR IA 216 -43.72 -63.62 10.88
N MET IA 217 -44.63 -63.16 11.73
CA MET IA 217 -45.35 -61.92 11.50
C MET IA 217 -44.80 -60.82 12.41
N TYR IA 218 -44.46 -59.70 11.79
CA TYR IA 218 -44.00 -58.52 12.50
C TYR IA 218 -45.17 -57.57 12.64
N VAL IA 219 -45.70 -57.46 13.86
CA VAL IA 219 -46.95 -56.78 14.13
C VAL IA 219 -46.68 -55.53 14.93
N GLN IA 220 -47.69 -54.69 15.02
CA GLN IA 220 -47.63 -53.42 15.72
C GLN IA 220 -48.97 -53.22 16.40
N PHE IA 221 -48.96 -53.22 17.72
CA PHE IA 221 -50.16 -53.08 18.52
C PHE IA 221 -50.32 -51.66 19.02
N ARG IA 222 -51.47 -51.39 19.64
CA ARG IA 222 -51.82 -50.06 20.09
C ARG IA 222 -52.83 -50.17 21.21
N GLU IA 223 -52.77 -49.21 22.13
CA GLU IA 223 -53.74 -49.05 23.21
C GLU IA 223 -53.75 -50.25 24.15
N PHE IA 224 -52.66 -50.36 24.90
CA PHE IA 224 -52.55 -51.22 26.07
C PHE IA 224 -53.81 -51.15 26.91
N ASN IA 225 -54.46 -52.29 27.11
CA ASN IA 225 -55.78 -52.34 27.71
C ASN IA 225 -55.88 -53.42 28.76
N LEU IA 226 -54.86 -53.53 29.60
CA LEU IA 226 -54.88 -54.53 30.65
C LEU IA 226 -55.97 -54.22 31.65
N LYS IA 227 -56.60 -55.28 32.15
CA LYS IA 227 -57.65 -55.17 33.16
C LYS IA 227 -57.23 -55.93 34.40
N ASP IA 228 -57.29 -55.26 35.55
CA ASP IA 228 -56.77 -55.77 36.81
C ASP IA 228 -57.88 -55.77 37.85
N PRO IA 229 -58.71 -56.80 37.87
CA PRO IA 229 -59.69 -56.93 38.93
C PRO IA 229 -59.02 -57.35 40.23
N PRO IA 230 -59.72 -57.24 41.36
CA PRO IA 230 -59.16 -57.77 42.60
C PRO IA 230 -59.10 -59.29 42.63
N LEU IA 231 -58.63 -59.84 43.75
CA LEU IA 231 -58.47 -61.27 43.90
C LEU IA 231 -58.84 -61.73 45.30
N GLY JA 43 -45.92 -54.07 -11.63
CA GLY JA 43 -45.88 -53.94 -13.07
C GLY JA 43 -46.93 -53.00 -13.62
N ILE JA 44 -46.62 -51.72 -13.56
CA ILE JA 44 -47.59 -50.69 -13.90
C ILE JA 44 -47.69 -50.54 -15.40
N PHE JA 45 -48.90 -50.26 -15.87
CA PHE JA 45 -49.16 -49.97 -17.27
C PHE JA 45 -50.33 -49.01 -17.33
N ASN JA 46 -50.02 -47.73 -17.56
CA ASN JA 46 -51.03 -46.73 -17.79
C ASN JA 46 -51.45 -46.74 -19.25
N THR JA 47 -52.74 -46.85 -19.50
CA THR JA 47 -53.26 -46.81 -20.85
C THR JA 47 -54.57 -46.03 -20.87
N ARG JA 48 -55.29 -46.16 -21.98
CA ARG JA 48 -56.47 -45.37 -22.28
C ARG JA 48 -57.47 -46.26 -23.02
N LEU JA 49 -58.69 -46.31 -22.49
CA LEU JA 49 -59.76 -47.12 -23.03
C LEU JA 49 -60.95 -46.24 -23.30
N SER JA 50 -61.59 -46.45 -24.44
CA SER JA 50 -62.69 -45.63 -24.92
C SER JA 50 -63.90 -46.47 -25.26
N ARG JA 51 -65.01 -45.77 -25.49
CA ARG JA 51 -66.32 -46.36 -25.70
C ARG JA 51 -67.23 -45.24 -26.16
N THR JA 52 -68.12 -45.54 -27.10
CA THR JA 52 -68.98 -44.55 -27.72
C THR JA 52 -70.41 -45.06 -27.73
N PHE JA 53 -71.35 -44.17 -27.43
CA PHE JA 53 -72.76 -44.50 -27.39
C PHE JA 53 -73.57 -43.23 -27.55
N GLY JA 54 -74.87 -43.41 -27.75
CA GLY JA 54 -75.77 -42.32 -28.02
C GLY JA 54 -76.66 -41.89 -26.88
N TYR JA 55 -77.12 -40.64 -26.93
CA TYR JA 55 -78.05 -40.09 -25.98
C TYR JA 55 -78.89 -39.06 -26.70
N THR JA 56 -80.21 -39.15 -26.53
CA THR JA 56 -81.14 -38.25 -27.18
C THR JA 56 -82.08 -37.63 -26.16
N ILE JA 57 -82.34 -36.35 -26.33
CA ILE JA 57 -83.32 -35.61 -25.55
C ILE JA 57 -84.49 -35.39 -26.50
N LYS JA 58 -85.57 -36.12 -26.28
CA LYS JA 58 -86.73 -36.05 -27.15
C LYS JA 58 -87.41 -34.69 -27.04
N ARG JA 59 -88.17 -34.36 -28.07
CA ARG JA 59 -88.89 -33.10 -28.14
C ARG JA 59 -90.06 -33.07 -27.16
N THR JA 60 -90.50 -31.85 -26.85
CA THR JA 60 -91.64 -31.63 -25.98
C THR JA 60 -92.44 -30.44 -26.49
N THR JA 61 -93.76 -30.58 -26.45
CA THR JA 61 -94.66 -29.48 -26.76
C THR JA 61 -94.79 -28.47 -25.61
N VAL JA 62 -94.18 -28.76 -24.45
CA VAL JA 62 -94.25 -27.85 -23.32
C VAL JA 62 -93.64 -26.52 -23.69
N LYS JA 63 -94.31 -25.44 -23.28
CA LYS JA 63 -93.86 -24.09 -23.62
C LYS JA 63 -92.80 -23.59 -22.67
N THR JA 64 -92.90 -23.93 -21.40
CA THR JA 64 -92.00 -23.43 -20.39
C THR JA 64 -90.58 -23.93 -20.63
N PRO JA 65 -89.59 -23.31 -19.98
CA PRO JA 65 -88.26 -23.92 -19.96
C PRO JA 65 -88.20 -25.03 -18.94
N SER JA 66 -88.18 -26.26 -19.43
CA SER JA 66 -88.02 -27.44 -18.59
C SER JA 66 -86.72 -28.15 -18.96
N TRP JA 67 -86.21 -28.93 -18.01
CA TRP JA 67 -84.96 -29.63 -18.18
C TRP JA 67 -85.16 -31.13 -18.05
N ALA JA 68 -84.33 -31.86 -18.78
CA ALA JA 68 -84.32 -33.31 -18.79
C ALA JA 68 -83.11 -33.79 -18.02
N VAL JA 69 -83.34 -34.56 -16.97
CA VAL JA 69 -82.29 -35.00 -16.06
C VAL JA 69 -81.99 -36.45 -16.33
N ASP JA 70 -80.70 -36.79 -16.26
CA ASP JA 70 -80.26 -38.17 -16.45
C ASP JA 70 -78.93 -38.33 -15.74
N MET JA 71 -78.53 -39.59 -15.61
CA MET JA 71 -77.34 -39.98 -14.88
C MET JA 71 -76.37 -40.70 -15.80
N MET JA 72 -75.16 -40.89 -15.30
CA MET JA 72 -74.10 -41.52 -16.08
C MET JA 72 -73.12 -42.20 -15.13
N ARG JA 73 -73.06 -43.52 -15.19
CA ARG JA 73 -72.10 -44.33 -14.45
C ARG JA 73 -71.05 -44.87 -15.42
N PHE JA 74 -69.97 -45.39 -14.85
CA PHE JA 74 -68.85 -45.92 -15.62
C PHE JA 74 -68.44 -47.26 -15.03
N ASN JA 75 -68.42 -48.30 -15.86
CA ASN JA 75 -67.93 -49.61 -15.50
C ASN JA 75 -66.90 -50.06 -16.51
N ILE JA 76 -65.93 -50.86 -16.03
CA ILE JA 76 -64.84 -51.30 -16.88
C ILE JA 76 -65.20 -52.48 -17.76
N ASN JA 77 -66.32 -53.14 -17.50
CA ASN JA 77 -66.75 -54.21 -18.40
C ASN JA 77 -67.13 -53.66 -19.76
N ASP JA 78 -67.63 -52.44 -19.80
CA ASP JA 78 -68.03 -51.82 -21.06
C ASP JA 78 -66.86 -51.33 -21.89
N PHE JA 79 -65.67 -51.25 -21.30
CA PHE JA 79 -64.46 -50.84 -21.99
C PHE JA 79 -63.50 -51.97 -22.24
N LEU JA 80 -63.46 -52.96 -21.36
CA LEU JA 80 -62.54 -54.08 -21.43
C LEU JA 80 -63.30 -55.37 -21.69
N PRO JA 81 -63.19 -56.00 -22.86
CA PRO JA 81 -63.99 -57.19 -23.10
C PRO JA 81 -63.41 -58.39 -22.38
N PRO JA 82 -64.13 -59.51 -22.38
CA PRO JA 82 -63.56 -60.73 -21.85
C PRO JA 82 -62.50 -61.29 -22.78
N GLY JA 83 -61.51 -61.94 -22.18
CA GLY JA 83 -60.42 -62.49 -22.95
C GLY JA 83 -60.73 -63.85 -23.51
N GLY JA 84 -59.75 -64.74 -23.50
CA GLY JA 84 -59.92 -66.07 -24.01
C GLY JA 84 -58.93 -67.04 -23.42
N GLY JA 85 -59.43 -68.19 -22.98
CA GLY JA 85 -58.58 -69.21 -22.41
C GLY JA 85 -58.30 -69.01 -20.94
N SER JA 86 -57.06 -69.27 -20.54
CA SER JA 86 -56.69 -69.13 -19.15
C SER JA 86 -56.63 -67.68 -18.70
N ASN JA 87 -56.60 -66.74 -19.64
CA ASN JA 87 -56.64 -65.32 -19.31
C ASN JA 87 -58.08 -64.85 -19.37
N PRO JA 88 -58.73 -64.53 -18.25
CA PRO JA 88 -60.16 -64.21 -18.31
C PRO JA 88 -60.45 -62.88 -18.97
N ARG JA 89 -59.49 -61.96 -19.00
CA ARG JA 89 -59.68 -60.64 -19.59
C ARG JA 89 -58.66 -60.42 -20.69
N SER JA 90 -58.94 -59.42 -21.53
CA SER JA 90 -58.14 -59.18 -22.72
C SER JA 90 -56.87 -58.40 -22.40
N VAL JA 91 -56.86 -57.65 -21.31
CA VAL JA 91 -55.66 -56.97 -20.82
C VAL JA 91 -55.12 -57.80 -19.66
N PRO JA 92 -53.97 -58.47 -19.80
CA PRO JA 92 -53.57 -59.43 -18.77
C PRO JA 92 -52.94 -58.80 -17.54
N PHE JA 93 -53.80 -58.28 -16.68
CA PHE JA 93 -53.39 -57.70 -15.42
C PHE JA 93 -54.40 -58.10 -14.35
N GLU JA 94 -53.98 -57.98 -13.09
CA GLU JA 94 -54.77 -58.38 -11.94
C GLU JA 94 -55.56 -57.23 -11.34
N TYR JA 95 -54.89 -56.12 -11.08
CA TYR JA 95 -55.46 -54.99 -10.37
C TYR JA 95 -55.61 -53.81 -11.31
N TYR JA 96 -56.46 -52.87 -10.90
CA TYR JA 96 -56.67 -51.65 -11.66
C TYR JA 96 -57.15 -50.56 -10.72
N ARG JA 97 -57.05 -49.33 -11.20
CA ARG JA 97 -57.65 -48.19 -10.55
C ARG JA 97 -57.81 -47.10 -11.58
N ILE JA 98 -59.02 -46.55 -11.67
CA ILE JA 98 -59.33 -45.56 -12.68
C ILE JA 98 -58.84 -44.20 -12.19
N ARG JA 99 -57.98 -43.58 -12.98
CA ARG JA 99 -57.37 -42.31 -12.65
C ARG JA 99 -58.23 -41.12 -13.06
N LYS JA 100 -58.72 -41.13 -14.29
CA LYS JA 100 -59.49 -40.04 -14.84
C LYS JA 100 -60.49 -40.60 -15.83
N VAL JA 101 -61.52 -39.80 -16.10
CA VAL JA 101 -62.48 -40.07 -17.15
C VAL JA 101 -62.72 -38.78 -17.91
N LYS JA 102 -62.87 -38.89 -19.23
CA LYS JA 102 -63.20 -37.78 -20.11
C LYS JA 102 -64.49 -38.14 -20.82
N VAL JA 103 -65.55 -37.46 -20.44
CA VAL JA 103 -66.84 -37.59 -21.11
C VAL JA 103 -66.96 -36.46 -22.12
N GLU JA 104 -67.20 -36.82 -23.37
CA GLU JA 104 -67.30 -35.89 -24.48
C GLU JA 104 -68.69 -36.02 -25.08
N PHE JA 105 -69.46 -34.93 -25.03
CA PHE JA 105 -70.73 -34.85 -25.72
C PHE JA 105 -70.48 -34.28 -27.10
N TRP JA 106 -70.39 -35.15 -28.07
CA TRP JA 106 -70.23 -34.74 -29.46
C TRP JA 106 -71.60 -34.52 -30.08
N PRO JA 107 -71.94 -33.32 -30.53
CA PRO JA 107 -73.29 -33.10 -31.03
C PRO JA 107 -73.55 -33.82 -32.34
N CYS JA 108 -74.83 -34.07 -32.58
CA CYS JA 108 -75.33 -34.64 -33.80
C CYS JA 108 -76.20 -33.68 -34.59
N SER JA 109 -76.38 -32.47 -34.12
CA SER JA 109 -77.34 -31.53 -34.62
C SER JA 109 -76.64 -30.43 -35.42
N PRO JA 110 -77.29 -29.87 -36.43
CA PRO JA 110 -76.64 -28.84 -37.24
C PRO JA 110 -76.52 -27.53 -36.48
N ILE JA 111 -75.62 -26.69 -36.98
CA ILE JA 111 -75.43 -25.38 -36.38
C ILE JA 111 -76.55 -24.40 -36.72
N THR JA 112 -77.47 -24.79 -37.59
CA THR JA 112 -78.63 -23.97 -37.92
C THR JA 112 -79.83 -24.27 -37.06
N GLN JA 113 -79.73 -25.21 -36.11
CA GLN JA 113 -80.88 -25.60 -35.32
C GLN JA 113 -81.18 -24.52 -34.29
N GLY JA 114 -82.46 -24.17 -34.18
CA GLY JA 114 -82.90 -23.16 -33.26
C GLY JA 114 -83.46 -23.74 -31.98
N ASP JA 115 -84.17 -22.90 -31.24
CA ASP JA 115 -84.71 -23.25 -29.93
C ASP JA 115 -83.58 -23.70 -29.01
N ARG JA 116 -82.48 -22.96 -29.06
CA ARG JA 116 -81.31 -23.29 -28.27
C ARG JA 116 -81.62 -23.16 -26.78
N GLY JA 117 -80.72 -23.71 -25.98
CA GLY JA 117 -80.92 -23.81 -24.56
C GLY JA 117 -79.64 -23.79 -23.78
N VAL JA 118 -79.75 -23.99 -22.47
CA VAL JA 118 -78.59 -23.94 -21.59
C VAL JA 118 -78.83 -24.91 -20.44
N GLY JA 119 -77.85 -25.78 -20.22
CA GLY JA 119 -77.93 -26.82 -19.22
C GLY JA 119 -76.73 -26.84 -18.30
N SER JA 120 -76.56 -27.96 -17.62
CA SER JA 120 -75.53 -28.06 -16.60
C SER JA 120 -75.12 -29.52 -16.45
N SER JA 121 -73.82 -29.72 -16.26
CA SER JA 121 -73.25 -31.03 -15.95
C SER JA 121 -72.46 -30.92 -14.65
N ALA JA 122 -72.74 -31.83 -13.74
CA ALA JA 122 -72.10 -31.85 -12.43
C ALA JA 122 -71.52 -33.21 -12.13
N VAL JA 123 -70.61 -33.24 -11.18
CA VAL JA 123 -69.86 -34.43 -10.79
C VAL JA 123 -70.42 -34.97 -9.50
N ILE JA 124 -70.90 -36.21 -9.54
CA ILE JA 124 -71.66 -36.82 -8.45
C ILE JA 124 -70.98 -38.13 -8.10
N LEU JA 125 -70.17 -38.12 -7.04
CA LEU JA 125 -69.28 -39.21 -6.72
C LEU JA 125 -69.85 -40.20 -5.71
N ASP JA 126 -71.18 -40.36 -5.64
CA ASP JA 126 -71.78 -41.12 -4.54
C ASP JA 126 -72.99 -41.97 -4.91
N ASP JA 127 -73.41 -42.03 -6.16
CA ASP JA 127 -74.48 -42.93 -6.59
C ASP JA 127 -75.84 -42.51 -6.03
N ASN JA 128 -76.01 -41.23 -5.75
CA ASN JA 128 -77.32 -40.67 -5.41
C ASN JA 128 -77.47 -39.44 -6.28
N PHE JA 129 -78.06 -39.65 -7.45
CA PHE JA 129 -78.31 -38.62 -8.43
C PHE JA 129 -79.68 -38.01 -8.20
N VAL JA 130 -79.88 -36.83 -8.78
CA VAL JA 130 -81.22 -36.29 -8.90
C VAL JA 130 -82.03 -37.26 -9.74
N THR JA 131 -83.29 -37.44 -9.35
CA THR JA 131 -84.14 -38.42 -10.00
C THR JA 131 -84.28 -38.10 -11.47
N LYS JA 132 -84.28 -39.14 -12.29
CA LYS JA 132 -84.44 -38.97 -13.73
C LYS JA 132 -85.80 -38.36 -14.04
N ALA JA 133 -85.78 -37.29 -14.82
CA ALA JA 133 -86.97 -36.53 -15.15
C ALA JA 133 -86.97 -36.20 -16.63
N THR JA 134 -88.17 -36.10 -17.19
CA THR JA 134 -88.35 -35.75 -18.59
C THR JA 134 -88.46 -34.24 -18.77
N ALA JA 135 -89.31 -33.59 -18.00
CA ALA JA 135 -89.50 -32.14 -18.07
C ALA JA 135 -89.63 -31.61 -16.64
N LEU JA 136 -88.50 -31.29 -16.04
CA LEU JA 136 -88.45 -30.69 -14.71
C LEU JA 136 -88.39 -29.17 -14.85
N THR JA 137 -89.06 -28.47 -13.95
CA THR JA 137 -89.25 -27.04 -14.03
C THR JA 137 -88.03 -26.23 -13.66
N TYR JA 138 -86.89 -26.85 -13.43
CA TYR JA 138 -85.68 -26.13 -13.05
C TYR JA 138 -84.48 -27.01 -13.34
N ASP JA 139 -83.31 -26.39 -13.31
CA ASP JA 139 -82.04 -27.08 -13.49
C ASP JA 139 -81.48 -27.44 -12.12
N PRO JA 140 -81.52 -28.72 -11.70
CA PRO JA 140 -81.06 -29.02 -10.35
C PRO JA 140 -79.57 -28.87 -10.18
N TYR JA 141 -78.79 -29.13 -11.23
CA TYR JA 141 -77.35 -29.14 -11.15
C TYR JA 141 -76.74 -27.77 -11.38
N VAL JA 142 -77.54 -26.70 -11.28
CA VAL JA 142 -77.06 -25.38 -11.65
C VAL JA 142 -76.22 -24.76 -10.54
N ASN JA 143 -76.64 -24.95 -9.29
CA ASN JA 143 -75.93 -24.36 -8.16
C ASN JA 143 -74.85 -25.27 -7.61
N TYR JA 144 -74.59 -26.40 -8.25
CA TYR JA 144 -73.54 -27.28 -7.81
C TYR JA 144 -72.17 -26.66 -8.05
N SER JA 145 -71.27 -26.89 -7.12
CA SER JA 145 -69.92 -26.37 -7.21
C SER JA 145 -69.15 -26.92 -8.41
N SER JA 146 -69.55 -28.07 -8.92
CA SER JA 146 -68.92 -28.70 -10.07
C SER JA 146 -69.73 -28.52 -11.34
N ARG JA 147 -70.56 -27.49 -11.40
CA ARG JA 147 -71.38 -27.27 -12.56
C ARG JA 147 -70.57 -26.62 -13.67
N HIS JA 148 -70.68 -27.17 -14.86
CA HIS JA 148 -70.23 -26.55 -16.08
C HIS JA 148 -71.45 -26.35 -16.96
N THR JA 149 -71.51 -25.21 -17.61
CA THR JA 149 -72.64 -24.89 -18.48
C THR JA 149 -72.56 -25.71 -19.76
N ILE JA 150 -73.70 -26.26 -20.15
CA ILE JA 150 -73.87 -26.96 -21.41
C ILE JA 150 -74.64 -26.01 -22.32
N THR JA 151 -73.94 -25.49 -23.33
CA THR JA 151 -74.62 -24.86 -24.44
C THR JA 151 -75.18 -25.93 -25.37
N GLN JA 152 -76.42 -25.73 -25.80
CA GLN JA 152 -77.16 -26.68 -26.60
C GLN JA 152 -77.60 -26.02 -27.88
N PRO JA 153 -77.88 -26.81 -28.93
CA PRO JA 153 -77.72 -28.25 -29.15
C PRO JA 153 -76.48 -28.65 -29.90
N PHE JA 154 -75.82 -27.69 -30.54
CA PHE JA 154 -74.77 -27.95 -31.51
C PHE JA 154 -73.38 -27.64 -30.97
N SER JA 155 -73.19 -27.75 -29.67
CA SER JA 155 -71.95 -27.36 -29.02
C SER JA 155 -71.36 -28.54 -28.27
N TYR JA 156 -70.04 -28.59 -28.27
CA TYR JA 156 -69.28 -29.65 -27.65
C TYR JA 156 -69.09 -29.35 -26.17
N HIS JA 157 -69.19 -30.40 -25.36
CA HIS JA 157 -69.08 -30.32 -23.92
C HIS JA 157 -68.19 -31.45 -23.44
N SER JA 158 -67.11 -31.12 -22.76
CA SER JA 158 -66.21 -32.08 -22.17
C SER JA 158 -66.18 -31.92 -20.66
N ARG JA 159 -65.96 -33.02 -19.97
CA ARG JA 159 -65.77 -33.04 -18.53
C ARG JA 159 -64.66 -34.03 -18.22
N TYR JA 160 -63.65 -33.58 -17.50
CA TYR JA 160 -62.47 -34.36 -17.17
C TYR JA 160 -62.30 -34.36 -15.67
N PHE JA 161 -62.44 -35.54 -15.06
CA PHE JA 161 -62.49 -35.65 -13.61
C PHE JA 161 -62.04 -37.03 -13.20
N THR JA 162 -61.94 -37.23 -11.90
CA THR JA 162 -61.52 -38.46 -11.28
C THR JA 162 -62.72 -39.15 -10.64
N PRO JA 163 -63.19 -40.29 -11.15
CA PRO JA 163 -64.35 -40.91 -10.54
C PRO JA 163 -64.00 -41.64 -9.26
N LYS JA 164 -65.01 -42.21 -8.62
CA LYS JA 164 -64.86 -42.94 -7.38
C LYS JA 164 -65.68 -44.21 -7.47
N PRO JA 165 -65.21 -45.31 -6.89
CA PRO JA 165 -65.99 -46.55 -6.93
C PRO JA 165 -67.05 -46.62 -5.85
N VAL JA 166 -68.04 -47.45 -6.13
CA VAL JA 166 -69.17 -47.67 -5.23
C VAL JA 166 -68.80 -48.86 -4.37
N LEU JA 167 -68.15 -48.57 -3.25
CA LEU JA 167 -67.73 -49.61 -2.32
C LEU JA 167 -68.88 -50.01 -1.39
N ASP JA 168 -69.61 -49.03 -0.86
CA ASP JA 168 -70.79 -49.29 -0.05
C ASP JA 168 -71.84 -48.26 -0.43
N SER JA 169 -72.88 -48.72 -1.11
CA SER JA 169 -73.96 -47.82 -1.51
C SER JA 169 -74.83 -47.37 -0.34
N THR JA 170 -74.76 -48.06 0.79
CA THR JA 170 -75.53 -47.68 1.97
C THR JA 170 -74.94 -46.46 2.65
N ILE JA 171 -73.62 -46.40 2.73
CA ILE JA 171 -72.92 -45.33 3.44
C ILE JA 171 -72.40 -44.33 2.44
N ASP JA 172 -72.00 -44.80 1.26
CA ASP JA 172 -71.55 -43.95 0.17
C ASP JA 172 -70.34 -43.12 0.59
N TYR JA 173 -69.25 -43.81 0.88
CA TYR JA 173 -67.98 -43.18 1.23
C TYR JA 173 -67.00 -43.28 0.09
N PHE JA 174 -66.15 -42.26 -0.03
CA PHE JA 174 -65.15 -42.22 -1.08
C PHE JA 174 -63.93 -41.46 -0.60
N GLN JA 175 -62.90 -41.62 -1.29
CA GLN JA 175 -61.61 -41.05 -0.98
C GLN JA 175 -61.41 -39.71 -1.68
N PRO JA 176 -60.66 -38.79 -1.10
CA PRO JA 176 -60.26 -37.61 -1.86
C PRO JA 176 -59.20 -37.94 -2.88
N ASN JA 177 -58.86 -36.96 -3.71
CA ASN JA 177 -57.96 -37.18 -4.81
C ASN JA 177 -56.54 -37.28 -4.29
N ASN JA 178 -55.93 -38.44 -4.48
CA ASN JA 178 -54.54 -38.66 -4.09
C ASN JA 178 -54.02 -39.77 -4.98
N LYS JA 179 -53.08 -39.46 -5.85
CA LYS JA 179 -52.58 -40.46 -6.76
C LYS JA 179 -51.83 -41.56 -6.04
N ARG JA 180 -51.21 -41.25 -4.91
CA ARG JA 180 -50.37 -42.21 -4.22
C ARG JA 180 -51.18 -43.13 -3.32
N ASN JA 181 -52.34 -42.68 -2.85
CA ASN JA 181 -53.15 -43.42 -1.89
C ASN JA 181 -54.41 -44.01 -2.49
N GLN JA 182 -54.62 -43.87 -3.80
CA GLN JA 182 -55.83 -44.39 -4.43
C GLN JA 182 -55.85 -45.90 -4.35
N LEU JA 183 -57.01 -46.43 -4.00
CA LEU JA 183 -57.17 -47.87 -3.82
C LEU JA 183 -57.01 -48.59 -5.14
N TRP JA 184 -56.43 -49.77 -5.06
CA TRP JA 184 -56.38 -50.72 -6.17
C TRP JA 184 -57.56 -51.68 -6.03
N LEU JA 185 -58.37 -51.77 -7.06
CA LEU JA 185 -59.41 -52.76 -7.16
C LEU JA 185 -58.92 -53.94 -7.97
N ARG JA 186 -59.65 -55.04 -7.87
CA ARG JA 186 -59.38 -56.22 -8.67
C ARG JA 186 -60.15 -56.16 -9.97
N LEU JA 187 -59.50 -56.54 -11.05
CA LEU JA 187 -60.11 -56.71 -12.34
C LEU JA 187 -60.82 -58.05 -12.35
N GLN JA 188 -62.10 -58.02 -11.99
CA GLN JA 188 -62.90 -59.22 -11.93
C GLN JA 188 -63.14 -59.76 -13.34
N THR JA 189 -63.75 -60.94 -13.39
CA THR JA 189 -64.03 -61.58 -14.67
C THR JA 189 -65.30 -61.01 -15.31
N ALA JA 190 -66.42 -61.00 -14.57
CA ALA JA 190 -67.67 -60.47 -15.10
C ALA JA 190 -68.49 -59.69 -14.06
N GLY JA 191 -67.85 -59.14 -13.03
CA GLY JA 191 -68.57 -58.54 -11.93
C GLY JA 191 -67.95 -57.29 -11.36
N ASN JA 192 -67.30 -56.50 -12.20
CA ASN JA 192 -66.61 -55.32 -11.73
C ASN JA 192 -67.59 -54.28 -11.18
N VAL JA 193 -67.07 -53.42 -10.33
CA VAL JA 193 -67.87 -52.45 -9.59
C VAL JA 193 -68.05 -51.19 -10.40
N ASP JA 194 -69.20 -50.56 -10.24
CA ASP JA 194 -69.55 -49.39 -11.01
C ASP JA 194 -68.86 -48.15 -10.42
N HIS JA 195 -68.19 -47.41 -11.27
CA HIS JA 195 -67.70 -46.10 -10.93
C HIS JA 195 -68.73 -45.05 -11.33
N VAL JA 196 -68.65 -43.91 -10.67
CA VAL JA 196 -69.72 -42.92 -10.70
C VAL JA 196 -69.08 -41.54 -10.72
N GLY JA 197 -69.88 -40.54 -11.09
CA GLY JA 197 -69.31 -39.21 -11.23
C GLY JA 197 -69.83 -38.24 -12.25
N LEU JA 198 -70.96 -38.50 -12.92
CA LEU JA 198 -71.53 -37.43 -13.76
C LEU JA 198 -73.04 -37.48 -13.81
N GLY JA 199 -73.63 -36.31 -13.64
CA GLY JA 199 -75.05 -36.12 -13.86
C GLY JA 199 -75.28 -34.86 -14.67
N THR JA 200 -76.33 -34.90 -15.48
CA THR JA 200 -76.58 -33.88 -16.48
C THR JA 200 -78.00 -33.34 -16.37
N ALA JA 201 -78.19 -32.17 -16.95
CA ALA JA 201 -79.51 -31.57 -17.09
C ALA JA 201 -79.53 -30.81 -18.40
N PHE JA 202 -80.32 -31.30 -19.35
CA PHE JA 202 -80.45 -30.71 -20.66
C PHE JA 202 -81.80 -30.02 -20.80
N GLU JA 203 -81.78 -28.82 -21.36
CA GLU JA 203 -83.00 -28.06 -21.58
C GLU JA 203 -83.72 -28.61 -22.81
N ASN JA 204 -85.00 -28.91 -22.65
CA ASN JA 204 -85.76 -29.51 -23.71
C ASN JA 204 -86.02 -28.50 -24.82
N SER JA 205 -86.49 -29.01 -25.95
CA SER JA 205 -86.65 -28.21 -27.16
C SER JA 205 -87.77 -28.80 -28.00
N ILE JA 206 -88.19 -28.03 -29.00
CA ILE JA 206 -89.19 -28.50 -29.95
C ILE JA 206 -88.60 -29.57 -30.84
N TYR JA 207 -87.30 -29.51 -31.10
CA TYR JA 207 -86.61 -30.48 -31.94
C TYR JA 207 -85.85 -31.49 -31.07
N ASP JA 208 -85.61 -32.65 -31.65
CA ASP JA 208 -84.84 -33.67 -30.95
C ASP JA 208 -83.37 -33.30 -30.94
N GLN JA 209 -82.75 -33.45 -29.78
CA GLN JA 209 -81.33 -33.16 -29.57
C GLN JA 209 -80.60 -34.47 -29.36
N GLU JA 210 -79.81 -34.88 -30.34
CA GLU JA 210 -79.06 -36.12 -30.28
C GLU JA 210 -77.59 -35.82 -30.01
N TYR JA 211 -76.93 -36.77 -29.35
CA TYR JA 211 -75.52 -36.67 -29.00
C TYR JA 211 -74.87 -38.04 -29.15
N ASN JA 212 -73.61 -38.04 -29.53
CA ASN JA 212 -72.76 -39.22 -29.52
C ASN JA 212 -71.76 -39.02 -28.40
N ILE JA 213 -71.90 -39.80 -27.33
CA ILE JA 213 -71.11 -39.61 -26.13
C ILE JA 213 -69.95 -40.59 -26.16
N ARG JA 214 -68.74 -40.05 -26.06
CA ARG JA 214 -67.51 -40.83 -26.06
C ARG JA 214 -66.87 -40.70 -24.69
N VAL JA 215 -66.86 -41.79 -23.95
CA VAL JA 215 -66.23 -41.86 -22.64
C VAL JA 215 -64.86 -42.49 -22.82
N THR JA 216 -63.85 -41.84 -22.25
CA THR JA 216 -62.47 -42.32 -22.27
C THR JA 216 -62.01 -42.43 -20.84
N MET JA 217 -61.64 -43.64 -20.42
CA MET JA 217 -61.12 -43.90 -19.09
C MET JA 217 -59.61 -44.09 -19.15
N TYR JA 218 -58.92 -43.34 -18.30
CA TYR JA 218 -57.48 -43.45 -18.16
C TYR JA 218 -57.19 -44.30 -16.94
N VAL JA 219 -56.75 -45.53 -17.17
CA VAL JA 219 -56.64 -46.55 -16.15
C VAL JA 219 -55.17 -46.84 -15.89
N GLN JA 220 -54.93 -47.56 -14.79
CA GLN JA 220 -53.60 -47.93 -14.36
C GLN JA 220 -53.71 -49.34 -13.80
N PHE JA 221 -53.05 -50.27 -14.46
CA PHE JA 221 -53.07 -51.68 -14.08
C PHE JA 221 -51.82 -52.04 -13.30
N ARG JA 222 -51.81 -53.27 -12.77
CA ARG JA 222 -50.72 -53.75 -11.94
C ARG JA 222 -50.70 -55.26 -12.00
N GLU JA 223 -49.49 -55.82 -11.85
CA GLU JA 223 -49.27 -57.26 -11.73
C GLU JA 223 -49.73 -58.02 -12.98
N PHE JA 224 -48.97 -57.80 -14.03
CA PHE JA 224 -49.01 -58.62 -15.24
C PHE JA 224 -49.09 -60.09 -14.89
N ASN JA 225 -50.14 -60.77 -15.36
CA ASN JA 225 -50.45 -62.12 -14.92
C ASN JA 225 -50.79 -63.01 -16.09
N LEU JA 226 -50.04 -62.91 -17.16
CA LEU JA 226 -50.29 -63.75 -18.33
C LEU JA 226 -50.03 -65.20 -18.00
N LYS JA 227 -50.85 -66.07 -18.56
CA LYS JA 227 -50.74 -67.51 -18.39
C LYS JA 227 -50.52 -68.15 -19.75
N ASP JA 228 -49.48 -68.98 -19.85
CA ASP JA 228 -49.03 -69.56 -21.10
C ASP JA 228 -49.00 -71.06 -20.98
N PRO JA 229 -50.13 -71.73 -21.18
CA PRO JA 229 -50.13 -73.17 -21.23
C PRO JA 229 -49.53 -73.68 -22.53
N PRO JA 230 -49.20 -74.97 -22.62
CA PRO JA 230 -48.74 -75.50 -23.90
C PRO JA 230 -49.85 -75.58 -24.93
N LEU JA 231 -49.52 -76.09 -26.12
CA LEU JA 231 -50.47 -76.18 -27.22
C LEU JA 231 -50.30 -77.48 -27.99
N GLY KA 43 -69.46 -14.65 11.11
CA GLY KA 43 -69.44 -15.91 10.38
C GLY KA 43 -69.77 -15.74 8.91
N ILE KA 44 -68.76 -15.34 8.15
CA ILE KA 44 -68.95 -14.98 6.76
C ILE KA 44 -69.03 -16.23 5.90
N PHE KA 45 -69.87 -16.16 4.87
CA PHE KA 45 -69.99 -17.23 3.89
C PHE KA 45 -70.36 -16.59 2.56
N ASN KA 46 -69.39 -16.46 1.69
CA ASN KA 46 -69.62 -15.99 0.33
C ASN KA 46 -70.04 -17.16 -0.54
N THR KA 47 -71.17 -17.01 -1.22
CA THR KA 47 -71.64 -18.04 -2.13
C THR KA 47 -72.24 -17.38 -3.38
N ARG KA 48 -72.95 -18.18 -4.15
CA ARG KA 48 -73.46 -17.79 -5.46
C ARG KA 48 -74.82 -18.43 -5.65
N LEU KA 49 -75.81 -17.61 -5.98
CA LEU KA 49 -77.19 -18.03 -6.17
C LEU KA 49 -77.64 -17.59 -7.55
N SER KA 50 -78.35 -18.48 -8.24
CA SER KA 50 -78.77 -18.27 -9.61
C SER KA 50 -80.26 -18.49 -9.75
N ARG KA 51 -80.76 -18.10 -10.92
CA ARG KA 51 -82.18 -18.07 -11.26
C ARG KA 51 -82.27 -17.81 -12.74
N THR KA 52 -83.22 -18.46 -13.40
CA THR KA 52 -83.37 -18.40 -14.84
C THR KA 52 -84.83 -18.14 -15.20
N PHE KA 53 -85.03 -17.28 -16.19
CA PHE KA 53 -86.36 -16.92 -16.63
C PHE KA 53 -86.28 -16.37 -18.03
N GLY KA 54 -87.44 -16.20 -18.65
CA GLY KA 54 -87.54 -15.78 -20.03
C GLY KA 54 -87.93 -14.34 -20.25
N TYR KA 55 -87.58 -13.82 -21.42
CA TYR KA 55 -87.94 -12.49 -21.87
C TYR KA 55 -88.06 -12.51 -23.38
N THR KA 56 -89.15 -11.98 -23.90
CA THR KA 56 -89.42 -11.96 -25.32
C THR KA 56 -89.75 -10.54 -25.77
N ILE KA 57 -89.21 -10.17 -26.91
CA ILE KA 57 -89.52 -8.93 -27.59
C ILE KA 57 -90.39 -9.32 -28.78
N LYS KA 58 -91.68 -9.04 -28.68
CA LYS KA 58 -92.63 -9.42 -29.72
C LYS KA 58 -92.37 -8.64 -31.00
N ARG KA 59 -92.85 -9.21 -32.11
CA ARG KA 59 -92.68 -8.61 -33.41
C ARG KA 59 -93.55 -7.38 -33.58
N THR KA 60 -93.17 -6.55 -34.55
CA THR KA 60 -93.90 -5.33 -34.88
C THR KA 60 -93.88 -5.13 -36.39
N THR KA 61 -95.02 -4.73 -36.94
CA THR KA 61 -95.11 -4.33 -38.33
C THR KA 61 -94.56 -2.94 -38.60
N VAL KA 62 -94.18 -2.20 -37.56
CA VAL KA 62 -93.63 -0.86 -37.74
C VAL KA 62 -92.37 -0.93 -38.57
N LYS KA 63 -92.25 0.01 -39.51
CA LYS KA 63 -91.11 0.03 -40.43
C LYS KA 63 -89.90 0.71 -39.82
N THR KA 64 -90.12 1.76 -39.04
CA THR KA 64 -89.03 2.54 -38.49
C THR KA 64 -88.20 1.71 -37.52
N PRO KA 65 -87.01 2.18 -37.17
CA PRO KA 65 -86.28 1.59 -36.06
C PRO KA 65 -86.84 2.09 -34.74
N SER KA 66 -87.57 1.22 -34.05
CA SER KA 66 -88.09 1.50 -32.73
C SER KA 66 -87.48 0.53 -31.72
N TRP KA 67 -87.48 0.95 -30.47
CA TRP KA 67 -86.89 0.17 -29.40
C TRP KA 67 -87.93 -0.17 -28.35
N ALA KA 68 -87.73 -1.33 -27.72
CA ALA KA 68 -88.58 -1.83 -26.66
C ALA KA 68 -87.84 -1.69 -25.34
N VAL KA 69 -88.41 -0.96 -24.42
CA VAL KA 69 -87.79 -0.64 -23.16
C VAL KA 69 -88.41 -1.47 -22.06
N ASP KA 70 -87.58 -1.92 -21.14
CA ASP KA 70 -88.03 -2.70 -19.99
C ASP KA 70 -87.02 -2.55 -18.88
N MET KA 71 -87.43 -2.98 -17.69
CA MET KA 71 -86.67 -2.84 -16.47
C MET KA 71 -86.36 -4.22 -15.89
N MET KA 72 -85.46 -4.22 -14.90
CA MET KA 72 -85.03 -5.45 -14.27
C MET KA 72 -84.58 -5.15 -12.85
N ARG KA 73 -85.31 -5.67 -11.88
CA ARG KA 73 -84.98 -5.60 -10.47
C ARG KA 73 -84.50 -6.97 -10.00
N PHE KA 74 -83.91 -6.99 -8.80
CA PHE KA 74 -83.37 -8.19 -8.20
C PHE KA 74 -83.79 -8.26 -6.75
N ASN KA 75 -84.43 -9.37 -6.36
CA ASN KA 75 -84.79 -9.64 -4.99
C ASN KA 75 -84.29 -11.02 -4.61
N ILE KA 76 -83.95 -11.16 -3.32
CA ILE KA 76 -83.37 -12.41 -2.83
C ILE KA 76 -84.41 -13.49 -2.56
N ASN KA 77 -85.70 -13.13 -2.52
CA ASN KA 77 -86.72 -14.15 -2.37
C ASN KA 77 -86.79 -15.06 -3.58
N ASP KA 78 -86.47 -14.52 -4.76
CA ASP KA 78 -86.50 -15.29 -5.98
C ASP KA 78 -85.31 -16.22 -6.13
N PHE KA 79 -84.28 -16.05 -5.31
CA PHE KA 79 -83.09 -16.90 -5.33
C PHE KA 79 -82.99 -17.82 -4.13
N LEU KA 80 -83.51 -17.38 -3.00
CA LEU KA 80 -83.43 -18.12 -1.74
C LEU KA 80 -84.83 -18.55 -1.30
N PRO KA 81 -85.17 -19.83 -1.33
CA PRO KA 81 -86.53 -20.21 -0.96
C PRO KA 81 -86.73 -20.16 0.54
N PRO KA 82 -87.97 -20.31 1.00
CA PRO KA 82 -88.20 -20.44 2.42
C PRO KA 82 -87.73 -21.79 2.93
N GLY KA 83 -87.28 -21.79 4.18
CA GLY KA 83 -86.77 -23.00 4.78
C GLY KA 83 -87.86 -23.87 5.36
N GLY KA 84 -87.59 -24.47 6.51
CA GLY KA 84 -88.54 -25.32 7.16
C GLY KA 84 -88.27 -25.45 8.64
N GLY KA 85 -89.33 -25.29 9.44
CA GLY KA 85 -89.21 -25.40 10.87
C GLY KA 85 -88.79 -24.11 11.54
N SER KA 86 -87.93 -24.24 12.53
CA SER KA 86 -87.45 -23.07 13.28
C SER KA 86 -86.53 -22.21 12.45
N ASN KA 87 -86.00 -22.72 11.34
CA ASN KA 87 -85.18 -21.94 10.43
C ASN KA 87 -86.07 -21.38 9.33
N PRO KA 88 -86.34 -20.07 9.29
CA PRO KA 88 -87.30 -19.57 8.31
C PRO KA 88 -86.80 -19.60 6.88
N ARG KA 89 -85.49 -19.62 6.67
CA ARG KA 89 -84.89 -19.63 5.35
C ARG KA 89 -84.00 -20.86 5.19
N SER KA 90 -83.69 -21.17 3.93
CA SER KA 90 -82.96 -22.38 3.61
C SER KA 90 -81.47 -22.23 3.82
N VAL KA 91 -80.95 -21.01 3.79
CA VAL KA 91 -79.56 -20.72 4.12
C VAL KA 91 -79.55 -20.15 5.53
N PRO KA 92 -79.02 -20.87 6.53
CA PRO KA 92 -79.20 -20.41 7.90
C PRO KA 92 -78.25 -19.30 8.33
N PHE KA 93 -78.59 -18.09 7.91
CA PHE KA 93 -77.85 -16.90 8.28
C PHE KA 93 -78.83 -15.77 8.55
N GLU KA 94 -78.35 -14.76 9.26
CA GLU KA 94 -79.16 -13.62 9.68
C GLU KA 94 -79.08 -12.46 8.72
N TYR KA 95 -77.87 -12.05 8.36
CA TYR KA 95 -77.63 -10.86 7.57
C TYR KA 95 -77.11 -11.23 6.20
N TYR KA 96 -77.21 -10.29 5.28
CA TYR KA 96 -76.70 -10.48 3.94
C TYR KA 96 -76.40 -9.13 3.32
N ARG KA 97 -75.61 -9.17 2.25
CA ARG KA 97 -75.40 -8.00 1.42
C ARG KA 97 -74.93 -8.50 0.06
N ILE KA 98 -75.59 -8.00 -0.99
CA ILE KA 98 -75.31 -8.45 -2.34
C ILE KA 98 -74.09 -7.72 -2.85
N ARG KA 99 -73.08 -8.48 -3.24
CA ARG KA 99 -71.81 -7.93 -3.71
C ARG KA 99 -71.83 -7.62 -5.20
N LYS KA 100 -72.30 -8.57 -6.01
CA LYS KA 100 -72.32 -8.44 -7.45
C LYS KA 100 -73.51 -9.19 -8.00
N VAL KA 101 -73.89 -8.84 -9.22
CA VAL KA 101 -74.87 -9.56 -10.00
C VAL KA 101 -74.35 -9.70 -11.42
N LYS KA 102 -74.62 -10.87 -12.00
CA LYS KA 102 -74.27 -11.17 -13.38
C LYS KA 102 -75.57 -11.51 -14.10
N VAL KA 103 -76.01 -10.62 -14.96
CA VAL KA 103 -77.15 -10.84 -15.83
C VAL KA 103 -76.65 -11.31 -17.17
N GLU KA 104 -77.12 -12.47 -17.61
CA GLU KA 104 -76.71 -13.10 -18.86
C GLU KA 104 -77.95 -13.24 -19.73
N PHE KA 105 -77.92 -12.59 -20.88
CA PHE KA 105 -78.95 -12.77 -21.90
C PHE KA 105 -78.48 -13.88 -22.83
N TRP KA 106 -78.99 -15.07 -22.60
CA TRP KA 106 -78.69 -16.20 -23.45
C TRP KA 106 -79.70 -16.25 -24.58
N PRO KA 107 -79.30 -16.13 -25.84
CA PRO KA 107 -80.29 -16.07 -26.91
C PRO KA 107 -80.98 -17.40 -27.12
N CYS KA 108 -82.18 -17.29 -27.69
CA CYS KA 108 -82.99 -18.42 -28.09
C CYS KA 108 -83.17 -18.51 -29.59
N SER KA 109 -82.57 -17.62 -30.34
CA SER KA 109 -82.82 -17.44 -31.75
C SER KA 109 -81.66 -17.99 -32.58
N PRO KA 110 -81.91 -18.49 -33.78
CA PRO KA 110 -80.83 -19.06 -34.57
C PRO KA 110 -79.91 -17.99 -35.13
N ILE KA 111 -78.72 -18.41 -35.51
CA ILE KA 111 -77.76 -17.49 -36.11
C ILE KA 111 -78.10 -17.11 -37.53
N THR KA 112 -79.13 -17.73 -38.13
CA THR KA 112 -79.60 -17.38 -39.45
C THR KA 112 -80.70 -16.34 -39.44
N GLN KA 113 -81.11 -15.85 -38.27
CA GLN KA 113 -82.22 -14.92 -38.19
C GLN KA 113 -81.77 -13.55 -38.66
N GLY KA 114 -82.58 -12.93 -39.51
CA GLY KA 114 -82.30 -11.63 -40.04
C GLY KA 114 -83.01 -10.52 -39.31
N ASP KA 115 -83.05 -9.36 -39.94
CA ASP KA 115 -83.61 -8.15 -39.35
C ASP KA 115 -82.91 -7.84 -38.03
N ARG KA 116 -81.59 -7.97 -38.05
CA ARG KA 116 -80.80 -7.75 -36.85
C ARG KA 116 -80.89 -6.29 -36.41
N GLY KA 117 -80.44 -6.06 -35.19
CA GLY KA 117 -80.58 -4.77 -34.57
C GLY KA 117 -79.49 -4.47 -33.58
N VAL KA 118 -79.62 -3.35 -32.88
CA VAL KA 118 -78.61 -2.91 -31.94
C VAL KA 118 -79.30 -2.16 -30.82
N GLY KA 119 -79.01 -2.56 -29.58
CA GLY KA 119 -79.63 -2.00 -28.41
C GLY KA 119 -78.63 -1.57 -27.37
N SER KA 120 -79.11 -1.40 -26.14
CA SER KA 120 -78.28 -0.86 -25.08
C SER KA 120 -78.80 -1.35 -23.74
N SER KA 121 -77.85 -1.67 -22.84
CA SER KA 121 -78.14 -2.02 -21.47
C SER KA 121 -77.38 -1.09 -20.55
N ALA KA 122 -78.09 -0.50 -19.60
CA ALA KA 122 -77.51 0.47 -18.67
C ALA KA 122 -77.83 0.07 -17.24
N VAL KA 123 -77.05 0.63 -16.32
CA VAL KA 123 -77.13 0.31 -14.90
C VAL KA 123 -77.83 1.46 -14.20
N ILE KA 124 -78.95 1.15 -13.54
CA ILE KA 124 -79.85 2.14 -12.97
C ILE KA 124 -80.06 1.79 -11.51
N LEU KA 125 -79.34 2.47 -10.63
CA LEU KA 125 -79.25 2.11 -9.22
C LEU KA 125 -80.23 2.85 -8.34
N ASP KA 126 -81.39 3.27 -8.84
CA ASP KA 126 -82.26 4.17 -8.09
C ASP KA 126 -83.75 3.95 -8.24
N ASP KA 127 -84.20 2.94 -8.98
CA ASP KA 127 -85.61 2.59 -9.07
C ASP KA 127 -86.43 3.65 -9.79
N ASN KA 128 -85.80 4.40 -10.69
CA ASN KA 128 -86.49 5.30 -11.60
C ASN KA 128 -85.95 4.99 -12.99
N PHE KA 129 -86.61 4.07 -13.65
CA PHE KA 129 -86.27 3.64 -14.98
C PHE KA 129 -86.99 4.48 -16.01
N VAL KA 130 -86.49 4.43 -17.25
CA VAL KA 130 -87.27 4.93 -18.37
C VAL KA 130 -88.54 4.11 -18.45
N THR KA 131 -89.64 4.79 -18.77
CA THR KA 131 -90.94 4.15 -18.78
C THR KA 131 -90.95 2.99 -19.77
N LYS KA 132 -91.61 1.91 -19.38
CA LYS KA 132 -91.72 0.76 -20.25
C LYS KA 132 -92.48 1.11 -21.52
N ALA KA 133 -91.87 0.77 -22.66
CA ALA KA 133 -92.40 1.12 -23.96
C ALA KA 133 -92.30 -0.08 -24.89
N THR KA 134 -93.24 -0.16 -25.81
CA THR KA 134 -93.26 -1.22 -26.81
C THR KA 134 -92.47 -0.84 -28.05
N ALA KA 135 -92.72 0.34 -28.60
CA ALA KA 135 -92.02 0.83 -29.78
C ALA KA 135 -91.73 2.31 -29.58
N LEU KA 136 -90.60 2.60 -28.98
CA LEU KA 136 -90.13 3.97 -28.79
C LEU KA 136 -89.19 4.35 -29.92
N THR KA 137 -89.27 5.60 -30.35
CA THR KA 137 -88.59 6.07 -31.55
C THR KA 137 -87.09 6.30 -31.34
N TYR KA 138 -86.53 5.92 -30.21
CA TYR KA 138 -85.11 6.13 -29.96
C TYR KA 138 -84.68 5.19 -28.85
N ASP KA 139 -83.37 5.07 -28.69
CA ASP KA 139 -82.77 4.27 -27.63
C ASP KA 139 -82.45 5.18 -26.46
N PRO KA 140 -83.20 5.14 -25.36
CA PRO KA 140 -82.94 6.07 -24.28
C PRO KA 140 -81.64 5.81 -23.55
N TYR KA 141 -81.23 4.56 -23.46
CA TYR KA 141 -80.06 4.16 -22.70
C TYR KA 141 -78.77 4.25 -23.50
N VAL KA 142 -78.78 4.94 -24.64
CA VAL KA 142 -77.63 4.91 -25.53
C VAL KA 142 -76.53 5.85 -25.05
N ASN KA 143 -76.91 7.02 -24.55
CA ASN KA 143 -75.93 8.00 -24.10
C ASN KA 143 -75.56 7.85 -22.65
N TYR KA 144 -76.05 6.81 -21.98
CA TYR KA 144 -75.70 6.56 -20.60
C TYR KA 144 -74.24 6.14 -20.49
N SER KA 145 -73.60 6.59 -19.42
CA SER KA 145 -72.21 6.26 -19.17
C SER KA 145 -71.99 4.78 -18.94
N SER KA 146 -73.02 4.06 -18.52
CA SER KA 146 -72.95 2.63 -18.29
C SER KA 146 -73.57 1.82 -19.40
N ARG KA 147 -73.65 2.38 -20.60
CA ARG KA 147 -74.24 1.68 -21.72
C ARG KA 147 -73.26 0.67 -22.29
N HIS KA 148 -73.74 -0.54 -22.50
CA HIS KA 148 -73.08 -1.56 -23.29
C HIS KA 148 -74.00 -1.87 -24.45
N THR KA 149 -73.42 -2.04 -25.63
CA THR KA 149 -74.19 -2.36 -26.81
C THR KA 149 -74.69 -3.79 -26.76
N ILE KA 150 -75.95 -3.96 -27.12
CA ILE KA 150 -76.57 -5.27 -27.27
C ILE KA 150 -76.68 -5.51 -28.77
N THR KA 151 -75.88 -6.44 -29.27
CA THR KA 151 -76.11 -7.00 -30.58
C THR KA 151 -77.24 -8.00 -30.51
N GLN KA 152 -78.15 -7.93 -31.47
CA GLN KA 152 -79.35 -8.74 -31.51
C GLN KA 152 -79.40 -9.51 -32.81
N PRO KA 153 -80.15 -10.62 -32.86
CA PRO KA 153 -80.89 -11.35 -31.83
C PRO KA 153 -80.15 -12.54 -31.25
N PHE KA 154 -79.10 -12.99 -31.92
CA PHE KA 154 -78.46 -14.27 -31.65
C PHE KA 154 -77.14 -14.13 -30.93
N SER KA 155 -76.97 -13.07 -30.15
CA SER KA 155 -75.70 -12.75 -29.52
C SER KA 155 -75.87 -12.67 -28.01
N TYR KA 156 -74.85 -13.11 -27.32
CA TYR KA 156 -74.82 -13.15 -25.87
C TYR KA 156 -74.40 -11.81 -25.31
N HIS KA 157 -75.06 -11.41 -24.22
CA HIS KA 157 -74.83 -10.14 -23.56
C HIS KA 157 -74.77 -10.39 -22.06
N SER KA 158 -73.66 -10.01 -21.45
CA SER KA 158 -73.45 -10.10 -20.01
C SER KA 158 -73.25 -8.71 -19.43
N ARG KA 159 -73.69 -8.55 -18.19
CA ARG KA 159 -73.46 -7.34 -17.42
C ARG KA 159 -73.14 -7.76 -16.00
N TYR KA 160 -72.02 -7.28 -15.49
CA TYR KA 160 -71.50 -7.63 -14.18
C TYR KA 160 -71.29 -6.35 -13.39
N PHE KA 161 -72.04 -6.16 -12.32
CA PHE KA 161 -72.07 -4.91 -11.61
C PHE KA 161 -72.50 -5.16 -10.18
N THR KA 162 -72.46 -4.09 -9.39
CA THR KA 162 -72.82 -4.11 -7.98
C THR KA 162 -74.14 -3.41 -7.78
N PRO KA 163 -75.22 -4.09 -7.43
CA PRO KA 163 -76.50 -3.40 -7.27
C PRO KA 163 -76.57 -2.62 -5.98
N LYS KA 164 -77.68 -1.94 -5.77
CA LYS KA 164 -77.92 -1.14 -4.58
C LYS KA 164 -79.34 -1.39 -4.11
N PRO KA 165 -79.57 -1.40 -2.80
CA PRO KA 165 -80.93 -1.62 -2.31
C PRO KA 165 -81.76 -0.36 -2.28
N VAL KA 166 -83.07 -0.58 -2.32
CA VAL KA 166 -84.05 0.51 -2.30
C VAL KA 166 -84.41 0.75 -0.85
N LEU KA 167 -83.63 1.63 -0.21
CA LEU KA 167 -83.86 1.98 1.19
C LEU KA 167 -84.97 3.01 1.33
N ASP KA 168 -84.95 4.04 0.49
CA ASP KA 168 -86.01 5.05 0.46
C ASP KA 168 -86.26 5.39 -1.00
N SER KA 169 -87.42 4.97 -1.51
CA SER KA 169 -87.78 5.25 -2.88
C SER KA 169 -88.15 6.72 -3.10
N THR KA 170 -88.44 7.46 -2.04
CA THR KA 170 -88.77 8.87 -2.17
C THR KA 170 -87.53 9.71 -2.45
N ILE KA 171 -86.42 9.39 -1.79
CA ILE KA 171 -85.19 10.16 -1.89
C ILE KA 171 -84.23 9.46 -2.84
N ASP KA 172 -84.26 8.13 -2.83
CA ASP KA 172 -83.46 7.30 -3.72
C ASP KA 172 -81.97 7.58 -3.54
N TYR KA 173 -81.48 7.26 -2.35
CA TYR KA 173 -80.07 7.39 -2.00
C TYR KA 173 -79.40 6.04 -1.98
N PHE KA 174 -78.13 6.01 -2.35
CA PHE KA 174 -77.35 4.78 -2.36
C PHE KA 174 -75.90 5.09 -2.07
N GLN KA 175 -75.20 4.09 -1.75
CA GLN KA 175 -73.81 4.15 -1.38
C GLN KA 175 -72.90 3.93 -2.59
N PRO KA 176 -71.72 4.53 -2.62
CA PRO KA 176 -70.75 4.13 -3.63
C PRO KA 176 -70.14 2.78 -3.34
N ASN KA 177 -69.35 2.28 -4.27
CA ASN KA 177 -68.81 0.94 -4.15
C ASN KA 177 -67.69 0.92 -3.13
N ASN KA 178 -67.89 0.17 -2.05
CA ASN KA 178 -66.88 0.00 -1.02
C ASN KA 178 -67.17 -1.33 -0.35
N LYS KA 179 -66.28 -2.29 -0.51
CA LYS KA 179 -66.53 -3.60 0.06
C LYS KA 179 -66.53 -3.57 1.57
N ARG KA 180 -65.78 -2.65 2.17
CA ARG KA 180 -65.64 -2.64 3.62
C ARG KA 180 -66.77 -1.90 4.30
N ASN KA 181 -67.41 -0.96 3.60
CA ASN KA 181 -68.45 -0.12 4.17
C ASN KA 181 -69.84 -0.46 3.69
N GLN KA 182 -70.01 -1.50 2.88
CA GLN KA 182 -71.32 -1.85 2.38
C GLN KA 182 -72.23 -2.30 3.51
N LEU KA 183 -73.45 -1.80 3.48
CA LEU KA 183 -74.42 -2.09 4.51
C LEU KA 183 -74.79 -3.56 4.52
N TRP KA 184 -75.03 -4.07 5.72
CA TRP KA 184 -75.60 -5.39 5.92
C TRP KA 184 -77.11 -5.21 6.10
N LEU KA 185 -77.87 -5.91 5.28
CA LEU KA 185 -79.31 -6.00 5.44
C LEU KA 185 -79.65 -7.29 6.18
N ARG KA 186 -80.88 -7.35 6.65
CA ARG KA 186 -81.40 -8.54 7.29
C ARG KA 186 -82.07 -9.42 6.26
N LEU KA 187 -81.83 -10.71 6.38
CA LEU KA 187 -82.50 -11.73 5.58
C LEU KA 187 -83.86 -11.98 6.21
N GLN KA 188 -84.85 -11.24 5.72
CA GLN KA 188 -86.20 -11.35 6.22
C GLN KA 188 -86.80 -12.70 5.83
N THR KA 189 -87.99 -12.96 6.37
CA THR KA 189 -88.66 -14.22 6.11
C THR KA 189 -89.39 -14.20 4.77
N ALA KA 190 -90.24 -13.18 4.54
CA ALA KA 190 -90.96 -13.08 3.27
C ALA KA 190 -91.10 -11.64 2.78
N GLY KA 191 -90.20 -10.74 3.17
CA GLY KA 191 -90.36 -9.34 2.87
C GLY KA 191 -89.09 -8.59 2.53
N ASN KA 192 -88.15 -9.28 1.89
CA ASN KA 192 -86.88 -8.67 1.59
C ASN KA 192 -87.03 -7.53 0.59
N VAL KA 193 -86.05 -6.64 0.61
CA VAL KA 193 -86.08 -5.40 -0.15
C VAL KA 193 -85.52 -5.63 -1.54
N ASP KA 194 -86.08 -4.91 -2.51
CA ASP KA 194 -85.70 -5.09 -3.90
C ASP KA 194 -84.40 -4.36 -4.18
N HIS KA 195 -83.45 -5.07 -4.77
CA HIS KA 195 -82.27 -4.47 -5.34
C HIS KA 195 -82.51 -4.15 -6.81
N VAL KA 196 -81.73 -3.19 -7.30
CA VAL KA 196 -82.01 -2.55 -8.56
C VAL KA 196 -80.69 -2.29 -9.27
N GLY KA 197 -80.76 -2.02 -10.57
CA GLY KA 197 -79.53 -1.87 -11.33
C GLY KA 197 -79.44 -2.29 -12.77
N LEU KA 198 -80.54 -2.60 -13.46
CA LEU KA 198 -80.42 -2.80 -14.90
C LEU KA 198 -81.66 -2.40 -15.65
N GLY KA 199 -81.44 -1.66 -16.73
CA GLY KA 199 -82.48 -1.34 -17.68
C GLY KA 199 -81.97 -1.55 -19.08
N THR KA 200 -82.89 -1.96 -19.96
CA THR KA 200 -82.55 -2.42 -21.30
C THR KA 200 -83.37 -1.68 -22.35
N ALA KA 201 -82.86 -1.74 -23.57
CA ALA KA 201 -83.58 -1.24 -24.74
C ALA KA 201 -83.23 -2.14 -25.91
N PHE KA 202 -84.20 -2.90 -26.38
CA PHE KA 202 -84.04 -3.82 -27.49
C PHE KA 202 -84.72 -3.28 -28.72
N GLU KA 203 -84.04 -3.37 -29.85
CA GLU KA 203 -84.58 -2.93 -31.13
C GLU KA 203 -85.55 -3.98 -31.64
N ASN KA 204 -86.75 -3.54 -31.99
CA ASN KA 204 -87.79 -4.44 -32.43
C ASN KA 204 -87.46 -4.99 -33.82
N SER KA 205 -88.22 -6.02 -34.20
CA SER KA 205 -87.94 -6.76 -35.41
C SER KA 205 -89.24 -7.38 -35.93
N ILE KA 206 -89.18 -7.85 -37.18
CA ILE KA 206 -90.31 -8.55 -37.76
C ILE KA 206 -90.53 -9.90 -37.10
N TYR KA 207 -89.47 -10.50 -36.61
CA TYR KA 207 -89.52 -11.79 -35.94
C TYR KA 207 -89.45 -11.60 -34.43
N ASP KA 208 -89.98 -12.59 -33.71
CA ASP KA 208 -89.93 -12.58 -32.26
C ASP KA 208 -88.52 -12.89 -31.79
N GLN KA 209 -88.03 -12.11 -30.83
CA GLN KA 209 -86.72 -12.28 -30.24
C GLN KA 209 -86.88 -12.76 -28.81
N GLU KA 210 -86.55 -14.02 -28.56
CA GLU KA 210 -86.66 -14.62 -27.25
C GLU KA 210 -85.29 -14.75 -26.61
N TYR KA 211 -85.29 -14.69 -25.28
CA TYR KA 211 -84.07 -14.80 -24.49
C TYR KA 211 -84.37 -15.59 -23.23
N ASN KA 212 -83.36 -16.34 -22.77
CA ASN KA 212 -83.37 -16.99 -21.47
C ASN KA 212 -82.38 -16.25 -20.60
N ILE KA 213 -82.90 -15.52 -19.62
CA ILE KA 213 -82.08 -14.64 -18.79
C ILE KA 213 -81.72 -15.37 -17.51
N ARG KA 214 -80.43 -15.48 -17.25
CA ARG KA 214 -79.89 -16.13 -16.06
C ARG KA 214 -79.22 -15.07 -15.21
N VAL KA 215 -79.82 -14.79 -14.06
CA VAL KA 215 -79.27 -13.86 -13.08
C VAL KA 215 -78.55 -14.65 -12.03
N THR KA 216 -77.32 -14.25 -11.72
CA THR KA 216 -76.50 -14.86 -10.69
C THR KA 216 -76.10 -13.77 -9.72
N MET KA 217 -76.50 -13.94 -8.46
CA MET KA 217 -76.15 -13.01 -7.40
C MET KA 217 -75.05 -13.60 -6.53
N TYR KA 218 -74.00 -12.81 -6.34
CA TYR KA 218 -72.89 -13.17 -5.47
C TYR KA 218 -73.09 -12.48 -4.14
N VAL KA 219 -73.47 -13.24 -3.13
CA VAL KA 219 -73.92 -12.71 -1.86
C VAL KA 219 -72.91 -13.05 -0.78
N GLN KA 220 -73.08 -12.40 0.36
CA GLN KA 220 -72.19 -12.56 1.51
C GLN KA 220 -73.07 -12.52 2.74
N PHE KA 221 -73.14 -13.63 3.45
CA PHE KA 221 -73.95 -13.76 4.64
C PHE KA 221 -73.12 -13.60 5.90
N ARG KA 222 -73.81 -13.55 7.04
CA ARG KA 222 -73.17 -13.31 8.32
C ARG KA 222 -74.04 -13.88 9.42
N GLU KA 223 -73.39 -14.32 10.50
CA GLU KA 223 -74.04 -14.77 11.72
C GLU KA 223 -74.93 -15.99 11.47
N PHE KA 224 -74.27 -17.10 11.21
CA PHE KA 224 -74.85 -18.44 11.23
C PHE KA 224 -75.76 -18.61 12.43
N ASN KA 225 -77.02 -18.92 12.18
CA ASN KA 225 -78.05 -18.89 13.21
C ASN KA 225 -78.93 -20.14 13.16
N LEU KA 226 -78.31 -21.29 12.97
CA LEU KA 226 -79.07 -22.52 12.91
C LEU KA 226 -79.71 -22.81 14.27
N LYS KA 227 -80.92 -23.34 14.22
CA LYS KA 227 -81.66 -23.72 15.41
C LYS KA 227 -81.95 -25.21 15.37
N ASP KA 228 -81.60 -25.90 16.45
CA ASP KA 228 -81.64 -27.36 16.53
C ASP KA 228 -82.51 -27.78 17.70
N PRO KA 229 -83.83 -27.83 17.52
CA PRO KA 229 -84.69 -28.36 18.56
C PRO KA 229 -84.57 -29.88 18.63
N PRO KA 230 -85.06 -30.50 19.69
CA PRO KA 230 -85.09 -31.97 19.73
C PRO KA 230 -86.09 -32.56 18.75
N LEU KA 231 -86.19 -33.87 18.74
CA LEU KA 231 -87.07 -34.59 17.83
C LEU KA 231 -87.75 -35.78 18.51
N GLY LA 43 -64.26 25.89 -19.00
CA GLY LA 43 -65.02 24.79 -18.43
C GLY LA 43 -65.25 23.66 -19.40
N ILE LA 44 -64.26 22.81 -19.54
CA ILE LA 44 -64.27 21.76 -20.54
C ILE LA 44 -65.13 20.60 -20.07
N PHE LA 45 -65.81 19.98 -21.03
CA PHE LA 45 -66.61 18.78 -20.79
C PHE LA 45 -66.59 17.96 -22.06
N ASN LA 46 -65.77 16.92 -22.07
CA ASN LA 46 -65.75 15.96 -23.15
C ASN LA 46 -66.84 14.92 -22.92
N THR LA 47 -67.68 14.71 -23.93
CA THR LA 47 -68.73 13.71 -23.86
C THR LA 47 -68.88 13.04 -25.21
N ARG LA 48 -69.97 12.31 -25.36
CA ARG LA 48 -70.22 11.45 -26.50
C ARG LA 48 -71.71 11.48 -26.83
N LEU LA 49 -72.02 11.80 -28.08
CA LEU LA 49 -73.39 11.91 -28.56
C LEU LA 49 -73.56 10.99 -29.75
N SER LA 50 -74.69 10.30 -29.79
CA SER LA 50 -74.98 9.30 -30.80
C SER LA 50 -76.31 9.57 -31.47
N ARG LA 51 -76.55 8.83 -32.54
CA ARG LA 51 -77.67 9.00 -33.43
C ARG LA 51 -77.68 7.81 -34.37
N THR LA 52 -78.86 7.31 -34.69
CA THR LA 52 -79.02 6.10 -35.48
C THR LA 52 -80.05 6.34 -36.57
N PHE LA 53 -79.76 5.84 -37.77
CA PHE LA 53 -80.63 5.99 -38.91
C PHE LA 53 -80.31 4.91 -39.93
N GLY LA 54 -81.18 4.80 -40.93
CA GLY LA 54 -81.08 3.76 -41.92
C GLY LA 54 -80.55 4.19 -43.27
N TYR LA 55 -80.02 3.21 -44.01
CA TYR LA 55 -79.55 3.41 -45.37
C TYR LA 55 -79.73 2.10 -46.11
N THR LA 56 -80.32 2.18 -47.29
CA THR LA 56 -80.60 1.01 -48.12
C THR LA 56 -80.04 1.22 -49.52
N ILE LA 57 -79.45 0.16 -50.05
CA ILE LA 57 -79.00 0.09 -51.43
C ILE LA 57 -79.98 -0.82 -52.14
N LYS LA 58 -80.84 -0.22 -52.94
CA LYS LA 58 -81.88 -0.97 -53.63
C LYS LA 58 -81.29 -1.91 -54.67
N ARG LA 59 -82.06 -2.92 -55.02
CA ARG LA 59 -81.64 -3.93 -55.97
C ARG LA 59 -81.60 -3.36 -57.39
N THR LA 60 -80.87 -4.05 -58.25
CA THR LA 60 -80.75 -3.70 -59.66
C THR LA 60 -80.68 -4.96 -60.50
N THR LA 61 -81.39 -4.94 -61.63
CA THR LA 61 -81.31 -6.01 -62.61
C THR LA 61 -80.05 -5.94 -63.46
N VAL LA 62 -79.24 -4.89 -63.31
CA VAL LA 62 -78.02 -4.75 -64.09
C VAL LA 62 -77.09 -5.92 -63.79
N LYS LA 63 -76.48 -6.45 -64.85
CA LYS LA 63 -75.61 -7.62 -64.72
C LYS LA 63 -74.21 -7.23 -64.31
N THR LA 64 -73.71 -6.10 -64.81
CA THR LA 64 -72.35 -5.69 -64.56
C THR LA 64 -72.12 -5.39 -63.09
N PRO LA 65 -70.86 -5.30 -62.67
CA PRO LA 65 -70.59 -4.75 -61.35
C PRO LA 65 -70.66 -3.24 -61.37
N SER LA 66 -71.72 -2.70 -60.79
CA SER LA 66 -71.91 -1.27 -60.64
C SER LA 66 -71.94 -0.92 -59.18
N TRP LA 67 -71.61 0.33 -58.88
CA TRP LA 67 -71.56 0.83 -57.52
C TRP LA 67 -72.54 1.97 -57.31
N ALA LA 68 -73.04 2.05 -56.08
CA ALA LA 68 -73.96 3.09 -55.64
C ALA LA 68 -73.21 4.05 -54.75
N VAL LA 69 -73.19 5.30 -55.14
CA VAL LA 69 -72.41 6.33 -54.47
C VAL LA 69 -73.35 7.21 -53.67
N ASP LA 70 -72.90 7.60 -52.48
CA ASP LA 70 -73.67 8.49 -51.63
C ASP LA 70 -72.71 9.21 -50.69
N MET LA 71 -73.24 10.23 -50.05
CA MET LA 71 -72.47 11.11 -49.18
C MET LA 71 -73.02 11.06 -47.76
N MET LA 72 -72.24 11.63 -46.84
CA MET LA 72 -72.60 11.63 -45.42
C MET LA 72 -71.98 12.85 -44.75
N ARG LA 73 -72.83 13.76 -44.30
CA ARG LA 73 -72.45 14.92 -43.51
C ARG LA 73 -72.85 14.71 -42.07
N PHE LA 74 -72.33 15.57 -41.20
CA PHE LA 74 -72.59 15.50 -39.76
C PHE LA 74 -72.89 16.90 -39.24
N ASN LA 75 -74.03 17.06 -38.60
CA ASN LA 75 -74.42 18.29 -37.94
C ASN LA 75 -74.81 18.00 -36.51
N ILE LA 76 -74.56 18.96 -35.63
CA ILE LA 76 -74.81 18.78 -34.20
C ILE LA 76 -76.27 18.98 -33.83
N ASN LA 77 -77.08 19.55 -34.72
CA ASN LA 77 -78.51 19.65 -34.43
C ASN LA 77 -79.16 18.28 -34.38
N ASP LA 78 -78.65 17.33 -35.15
CA ASP LA 78 -79.20 16.00 -35.18
C ASP LA 78 -78.81 15.16 -33.97
N PHE LA 79 -77.83 15.61 -33.18
CA PHE LA 79 -77.39 14.92 -31.99
C PHE LA 79 -77.80 15.63 -30.71
N LEU LA 80 -77.89 16.95 -30.75
CA LEU LA 80 -78.20 17.78 -29.59
C LEU LA 80 -79.55 18.45 -29.78
N PRO LA 81 -80.59 18.10 -29.04
CA PRO LA 81 -81.88 18.73 -29.29
C PRO LA 81 -81.93 20.13 -28.72
N PRO LA 82 -82.99 20.87 -29.02
CA PRO LA 82 -83.18 22.17 -28.38
C PRO LA 82 -83.57 22.00 -26.93
N GLY LA 83 -83.15 22.95 -26.12
CA GLY LA 83 -83.43 22.90 -24.70
C GLY LA 83 -84.79 23.45 -24.36
N GLY LA 84 -84.86 24.17 -23.25
CA GLY LA 84 -86.10 24.75 -22.81
C GLY LA 84 -85.89 25.93 -21.89
N GLY LA 85 -86.60 27.02 -22.17
CA GLY LA 85 -86.50 28.22 -21.35
C GLY LA 85 -85.35 29.11 -21.76
N SER LA 86 -84.67 29.68 -20.77
CA SER LA 86 -83.57 30.58 -21.03
C SER LA 86 -82.35 29.86 -21.57
N ASN LA 87 -82.30 28.53 -21.46
CA ASN LA 87 -81.23 27.75 -22.03
C ASN LA 87 -81.66 27.25 -23.40
N PRO LA 88 -81.09 27.76 -24.50
CA PRO LA 88 -81.62 27.36 -25.81
C PRO LA 88 -81.31 25.94 -26.20
N ARG LA 89 -80.29 25.33 -25.61
CA ARG LA 89 -79.89 23.97 -25.92
C ARG LA 89 -79.91 23.13 -24.66
N SER LA 90 -79.92 21.81 -24.86
CA SER LA 90 -80.08 20.87 -23.77
C SER LA 90 -78.78 20.64 -23.02
N VAL LA 91 -77.65 20.86 -23.66
CA VAL LA 91 -76.34 20.81 -23.00
C VAL LA 91 -75.91 22.25 -22.75
N PRO LA 92 -75.86 22.71 -21.50
CA PRO LA 92 -75.66 24.15 -21.28
C PRO LA 92 -74.21 24.61 -21.40
N PHE LA 93 -73.78 24.77 -22.65
CA PHE LA 93 -72.46 25.27 -22.96
C PHE LA 93 -72.56 26.21 -24.15
N GLU LA 94 -71.53 27.04 -24.30
CA GLU LA 94 -71.48 28.06 -25.33
C GLU LA 94 -70.77 27.59 -26.59
N TYR LA 95 -69.58 27.03 -26.44
CA TYR LA 95 -68.72 26.67 -27.55
C TYR LA 95 -68.59 25.17 -27.65
N TYR LA 96 -68.17 24.72 -28.82
CA TYR LA 96 -67.95 23.31 -29.06
C TYR LA 96 -66.93 23.13 -30.16
N ARG LA 97 -66.39 21.92 -30.24
CA ARG LA 97 -65.56 21.52 -31.36
C ARG LA 97 -65.55 20.01 -31.41
N ILE LA 98 -65.85 19.46 -32.58
CA ILE LA 98 -65.96 18.02 -32.75
C ILE LA 98 -64.58 17.44 -32.90
N ARG LA 99 -64.24 16.51 -32.02
CA ARG LA 99 -62.92 15.89 -31.99
C ARG LA 99 -62.84 14.68 -32.92
N LYS LA 100 -63.82 13.79 -32.86
CA LYS LA 100 -63.83 12.57 -33.63
C LYS LA 100 -65.27 12.20 -33.95
N VAL LA 101 -65.42 11.36 -34.97
CA VAL LA 101 -66.69 10.75 -35.31
C VAL LA 101 -66.42 9.28 -35.60
N LYS LA 102 -67.36 8.44 -35.17
CA LYS LA 102 -67.35 7.01 -35.42
C LYS LA 102 -68.63 6.66 -36.17
N VAL LA 103 -68.49 6.36 -37.44
CA VAL LA 103 -69.59 5.88 -38.26
C VAL LA 103 -69.53 4.36 -38.29
N GLU LA 104 -70.64 3.74 -37.90
CA GLU LA 104 -70.75 2.29 -37.82
C GLU LA 104 -71.86 1.86 -38.75
N PHE LA 105 -71.52 1.06 -39.74
CA PHE LA 105 -72.50 0.42 -40.62
C PHE LA 105 -72.84 -0.93 -40.02
N TRP LA 106 -73.94 -0.97 -39.30
CA TRP LA 106 -74.42 -2.22 -38.72
C TRP LA 106 -75.33 -2.91 -39.74
N PRO LA 107 -75.00 -4.11 -40.21
CA PRO LA 107 -75.82 -4.72 -41.24
C PRO LA 107 -77.18 -5.15 -40.74
N CYS LA 108 -78.10 -5.23 -41.69
CA CYS LA 108 -79.44 -5.72 -41.47
C CYS LA 108 -79.72 -7.02 -42.20
N SER LA 109 -78.75 -7.56 -42.89
CA SER LA 109 -78.92 -8.67 -43.81
C SER LA 109 -78.36 -9.95 -43.20
N PRO LA 110 -78.93 -11.10 -43.53
CA PRO LA 110 -78.44 -12.34 -42.94
C PRO LA 110 -77.10 -12.74 -43.52
N ILE LA 111 -76.42 -13.62 -42.77
CA ILE LA 111 -75.13 -14.12 -43.23
C ILE LA 111 -75.26 -15.15 -44.35
N THR LA 112 -76.47 -15.55 -44.70
CA THR LA 112 -76.72 -16.45 -45.81
C THR LA 112 -76.97 -15.73 -47.12
N GLN LA 113 -76.95 -14.40 -47.13
CA GLN LA 113 -77.28 -13.66 -48.34
C GLN LA 113 -76.13 -13.74 -49.32
N GLY LA 114 -76.45 -14.02 -50.58
CA GLY LA 114 -75.48 -14.13 -51.62
C GLY LA 114 -75.35 -12.86 -52.44
N ASP LA 115 -74.73 -13.00 -53.60
CA ASP LA 115 -74.42 -11.89 -54.48
C ASP LA 115 -73.61 -10.84 -53.74
N ARG LA 116 -72.63 -11.31 -52.98
CA ARG LA 116 -71.80 -10.44 -52.18
C ARG LA 116 -70.99 -9.52 -53.07
N GLY LA 117 -70.41 -8.50 -52.44
CA GLY LA 117 -69.72 -7.46 -53.16
C GLY LA 117 -68.61 -6.83 -52.36
N VAL LA 118 -68.02 -5.79 -52.91
CA VAL LA 118 -66.89 -5.12 -52.28
C VAL LA 118 -66.94 -3.65 -52.65
N GLY LA 119 -66.88 -2.79 -51.63
CA GLY LA 119 -66.98 -1.36 -51.80
C GLY LA 119 -65.87 -0.61 -51.12
N SER LA 120 -66.08 0.68 -50.90
CA SER LA 120 -65.04 1.54 -50.38
C SER LA 120 -65.67 2.72 -49.66
N SER LA 121 -65.06 3.09 -48.54
CA SER LA 121 -65.43 4.29 -47.79
C SER LA 121 -64.21 5.17 -47.65
N ALA LA 122 -64.37 6.44 -47.98
CA ALA LA 122 -63.29 7.41 -47.96
C ALA LA 122 -63.70 8.64 -47.16
N VAL LA 123 -62.70 9.39 -46.74
CA VAL LA 123 -62.87 10.57 -45.89
C VAL LA 123 -62.71 11.80 -46.75
N ILE LA 124 -63.75 12.63 -46.78
CA ILE LA 124 -63.85 13.76 -47.70
C ILE LA 124 -64.15 15.00 -46.85
N LEU LA 125 -63.12 15.78 -46.58
CA LEU LA 125 -63.19 16.87 -45.61
C LEU LA 125 -63.48 18.22 -46.22
N ASP LA 126 -64.19 18.29 -47.37
CA ASP LA 126 -64.32 19.54 -48.09
C ASP LA 126 -65.65 19.80 -48.77
N ASP LA 127 -66.65 18.94 -48.61
CA ASP LA 127 -67.99 19.20 -49.11
C ASP LA 127 -68.06 19.18 -50.63
N ASN LA 128 -67.16 18.44 -51.27
CA ASN LA 128 -67.22 18.18 -52.70
C ASN LA 128 -67.03 16.68 -52.85
N PHE LA 129 -68.16 15.99 -52.84
CA PHE LA 129 -68.21 14.55 -52.97
C PHE LA 129 -68.35 14.16 -54.43
N VAL LA 130 -68.04 12.90 -54.72
CA VAL LA 130 -68.43 12.33 -56.00
C VAL LA 130 -69.94 12.38 -56.09
N THR LA 131 -70.43 12.68 -57.28
CA THR LA 131 -71.86 12.86 -57.48
C THR LA 131 -72.61 11.58 -57.12
N LYS LA 132 -73.76 11.77 -56.49
CA LYS LA 132 -74.58 10.63 -56.11
C LYS LA 132 -75.04 9.88 -57.35
N ALA LA 133 -74.83 8.57 -57.33
CA ALA LA 133 -75.11 7.71 -58.46
C ALA LA 133 -75.79 6.44 -57.97
N THR LA 134 -76.65 5.89 -58.82
CA THR LA 134 -77.35 4.65 -58.53
C THR LA 134 -76.55 3.43 -58.98
N ALA LA 135 -76.08 3.43 -60.23
CA ALA LA 135 -75.29 2.34 -60.77
C ALA LA 135 -74.17 2.95 -61.61
N LEU LA 136 -73.05 3.22 -60.97
CA LEU LA 136 -71.85 3.71 -61.62
C LEU LA 136 -70.93 2.55 -61.95
N THR LA 137 -70.28 2.62 -63.10
CA THR LA 137 -69.51 1.51 -63.65
C THR LA 137 -68.17 1.30 -62.97
N TYR LA 138 -67.88 1.99 -61.88
CA TYR LA 138 -66.61 1.84 -61.19
C TYR LA 138 -66.76 2.36 -59.77
N ASP LA 139 -65.77 2.03 -58.94
CA ASP LA 139 -65.71 2.49 -57.57
C ASP LA 139 -64.85 3.75 -57.52
N PRO LA 140 -65.42 4.94 -57.35
CA PRO LA 140 -64.59 6.14 -57.39
C PRO LA 140 -63.67 6.27 -56.20
N TYR LA 141 -64.08 5.78 -55.04
CA TYR LA 141 -63.34 5.95 -53.81
C TYR LA 141 -62.31 4.86 -53.59
N VAL LA 142 -61.96 4.10 -54.63
CA VAL LA 142 -61.11 2.94 -54.44
C VAL LA 142 -59.64 3.35 -54.35
N ASN LA 143 -59.21 4.30 -55.14
CA ASN LA 143 -57.82 4.74 -55.15
C ASN LA 143 -57.54 5.86 -54.16
N TYR LA 144 -58.52 6.23 -53.36
CA TYR LA 144 -58.31 7.25 -52.35
C TYR LA 144 -57.39 6.74 -51.25
N SER LA 145 -56.55 7.63 -50.75
CA SER LA 145 -55.61 7.29 -49.71
C SER LA 145 -56.30 6.91 -48.41
N SER LA 146 -57.54 7.37 -48.21
CA SER LA 146 -58.33 7.05 -47.03
C SER LA 146 -59.36 5.98 -47.28
N ARG LA 147 -59.15 5.14 -48.28
CA ARG LA 147 -60.11 4.10 -48.60
C ARG LA 147 -59.96 2.94 -47.64
N HIS LA 148 -61.07 2.49 -47.10
CA HIS LA 148 -61.19 1.22 -46.40
C HIS LA 148 -62.18 0.38 -47.18
N THR LA 149 -61.88 -0.90 -47.31
CA THR LA 149 -62.75 -1.81 -48.03
C THR LA 149 -64.00 -2.10 -47.23
N ILE LA 150 -65.13 -2.08 -47.91
CA ILE LA 150 -66.42 -2.46 -47.35
C ILE LA 150 -66.73 -3.84 -47.93
N THR LA 151 -66.67 -4.85 -47.08
CA THR LA 151 -67.25 -6.14 -47.41
C THR LA 151 -68.76 -6.06 -47.23
N GLN LA 152 -69.49 -6.60 -48.18
CA GLN LA 152 -70.93 -6.53 -48.23
C GLN LA 152 -71.51 -7.93 -48.30
N PRO LA 153 -72.77 -8.12 -47.90
CA PRO LA 153 -73.74 -7.23 -47.27
C PRO LA 153 -73.84 -7.36 -45.77
N PHE LA 154 -73.29 -8.44 -45.21
CA PHE LA 154 -73.54 -8.85 -43.84
C PHE LA 154 -72.35 -8.59 -42.93
N SER LA 155 -71.54 -7.59 -43.25
CA SER LA 155 -70.30 -7.32 -42.55
C SER LA 155 -70.31 -5.91 -41.98
N TYR LA 156 -69.71 -5.78 -40.82
CA TYR LA 156 -69.64 -4.53 -40.09
C TYR LA 156 -68.47 -3.69 -40.60
N HIS LA 157 -68.71 -2.39 -40.72
CA HIS LA 157 -67.73 -1.44 -41.21
C HIS LA 157 -67.74 -0.22 -40.29
N SER LA 158 -66.59 0.10 -39.72
CA SER LA 158 -66.41 1.27 -38.89
C SER LA 158 -65.39 2.20 -39.51
N ARG LA 159 -65.58 3.49 -39.27
CA ARG LA 159 -64.63 4.52 -39.67
C ARG LA 159 -64.54 5.52 -38.53
N TYR LA 160 -63.33 5.78 -38.08
CA TYR LA 160 -63.06 6.66 -36.94
C TYR LA 160 -62.07 7.72 -37.40
N PHE LA 161 -62.52 8.97 -37.41
CA PHE LA 161 -61.75 10.04 -38.01
C PHE LA 161 -62.17 11.36 -37.38
N THR LA 162 -61.46 12.42 -37.76
CA THR LA 162 -61.68 13.76 -37.26
C THR LA 162 -62.31 14.61 -38.35
N PRO LA 163 -63.57 15.02 -38.24
CA PRO LA 163 -64.17 15.81 -39.32
C PRO LA 163 -63.69 17.24 -39.31
N LYS LA 164 -64.17 18.02 -40.27
CA LYS LA 164 -63.81 19.41 -40.42
C LYS LA 164 -65.07 20.20 -40.73
N PRO LA 165 -65.19 21.42 -40.22
CA PRO LA 165 -66.39 22.21 -40.53
C PRO LA 165 -66.30 22.93 -41.86
N VAL LA 166 -67.48 23.25 -42.38
CA VAL LA 166 -67.62 23.94 -43.65
C VAL LA 166 -67.68 25.43 -43.32
N LEU LA 167 -66.52 26.05 -43.27
CA LEU LA 167 -66.41 27.47 -42.99
C LEU LA 167 -66.67 28.31 -44.24
N ASP LA 168 -66.09 27.92 -45.37
CA ASP LA 168 -66.33 28.59 -46.64
C ASP LA 168 -66.41 27.50 -47.70
N SER LA 169 -67.61 27.26 -48.22
CA SER LA 169 -67.81 26.26 -49.26
C SER LA 169 -67.25 26.70 -50.60
N THR LA 170 -66.97 27.98 -50.79
CA THR LA 170 -66.40 28.46 -52.04
C THR LA 170 -64.93 28.12 -52.15
N ILE LA 171 -64.20 28.24 -51.05
CA ILE LA 171 -62.76 28.01 -51.02
C ILE LA 171 -62.46 26.64 -50.47
N ASP LA 172 -63.27 26.20 -49.52
CA ASP LA 172 -63.18 24.86 -48.93
C ASP LA 172 -61.80 24.65 -48.30
N TYR LA 173 -61.54 25.43 -47.25
CA TYR LA 173 -60.32 25.34 -46.48
C TYR LA 173 -60.58 24.67 -45.14
N PHE LA 174 -59.59 23.93 -44.66
CA PHE LA 174 -59.71 23.25 -43.38
C PHE LA 174 -58.35 23.15 -42.73
N GLN LA 175 -58.36 22.86 -41.50
CA GLN LA 175 -57.19 22.77 -40.67
C GLN LA 175 -56.66 21.34 -40.61
N PRO LA 176 -55.37 21.15 -40.45
CA PRO LA 176 -54.88 19.80 -40.14
C PRO LA 176 -55.18 19.40 -38.72
N ASN LA 177 -54.90 18.16 -38.39
CA ASN LA 177 -55.25 17.62 -37.09
C ASN LA 177 -54.31 18.16 -36.03
N ASN LA 178 -54.87 18.91 -35.09
CA ASN LA 178 -54.10 19.45 -33.98
C ASN LA 178 -55.09 19.67 -32.84
N LYS LA 179 -54.96 18.91 -31.78
CA LYS LA 179 -55.91 19.02 -30.70
C LYS LA 179 -55.81 20.38 -30.01
N ARG LA 180 -54.63 20.99 -30.00
CA ARG LA 180 -54.42 22.22 -29.27
C ARG LA 180 -54.86 23.45 -30.06
N ASN LA 181 -54.86 23.36 -31.38
CA ASN LA 181 -55.14 24.49 -32.25
C ASN LA 181 -56.49 24.39 -32.94
N GLN LA 182 -57.29 23.36 -32.65
CA GLN LA 182 -58.58 23.22 -33.30
C GLN LA 182 -59.51 24.34 -32.91
N LEU LA 183 -60.19 24.87 -33.90
CA LEU LA 183 -61.08 26.01 -33.70
C LEU LA 183 -62.26 25.62 -32.83
N TRP LA 184 -62.69 26.56 -32.00
CA TRP LA 184 -63.93 26.47 -31.26
C TRP LA 184 -65.02 27.16 -32.06
N LEU LA 185 -66.09 26.44 -32.32
CA LEU LA 185 -67.28 27.00 -32.91
C LEU LA 185 -68.28 27.32 -31.81
N ARG LA 186 -69.28 28.11 -32.17
CA ARG LA 186 -70.38 28.42 -31.28
C ARG LA 186 -71.50 27.42 -31.45
N LEU LA 187 -72.06 27.00 -30.34
CA LEU LA 187 -73.24 26.16 -30.32
C LEU LA 187 -74.45 27.06 -30.53
N GLN LA 188 -74.84 27.20 -31.80
CA GLN LA 188 -75.95 28.03 -32.17
C GLN LA 188 -77.26 27.42 -31.68
N THR LA 189 -78.34 28.18 -31.85
CA THR LA 189 -79.64 27.72 -31.39
C THR LA 189 -80.28 26.77 -32.41
N ALA LA 190 -80.37 27.19 -33.68
CA ALA LA 190 -80.95 26.34 -34.71
C ALA LA 190 -80.24 26.44 -36.06
N GLY LA 191 -78.97 26.82 -36.08
CA GLY LA 191 -78.27 27.10 -37.32
C GLY LA 191 -76.83 26.65 -37.36
N ASN LA 192 -76.51 25.55 -36.69
CA ASN LA 192 -75.14 25.08 -36.62
C ASN LA 192 -74.64 24.66 -37.99
N VAL LA 193 -73.32 24.67 -38.13
CA VAL LA 193 -72.65 24.44 -39.40
C VAL LA 193 -72.42 22.95 -39.59
N ASP LA 194 -72.48 22.52 -40.86
CA ASP LA 194 -72.36 21.13 -41.18
C ASP LA 194 -70.90 20.71 -41.18
N HIS LA 195 -70.60 19.63 -40.47
CA HIS LA 195 -69.32 18.98 -40.56
C HIS LA 195 -69.40 17.87 -41.61
N VAL LA 196 -68.24 17.52 -42.14
CA VAL LA 196 -68.15 16.71 -43.34
C VAL LA 196 -66.97 15.76 -43.18
N GLY LA 197 -66.93 14.72 -44.02
CA GLY LA 197 -65.90 13.72 -43.85
C GLY LA 197 -66.15 12.28 -44.18
N LEU LA 198 -67.26 11.91 -44.84
CA LEU LA 198 -67.36 10.53 -45.30
C LEU LA 198 -68.16 10.40 -46.58
N GLY LA 199 -67.60 9.63 -47.50
CA GLY LA 199 -68.30 9.24 -48.71
C GLY LA 199 -68.08 7.76 -48.95
N THR LA 200 -69.11 7.14 -49.53
CA THR LA 200 -69.18 5.69 -49.65
C THR LA 200 -69.46 5.28 -51.08
N ALA LA 201 -69.16 4.02 -51.37
CA ALA LA 201 -69.50 3.39 -52.63
C ALA LA 201 -69.82 1.93 -52.35
N PHE LA 202 -71.07 1.57 -52.52
CA PHE LA 202 -71.55 0.22 -52.28
C PHE LA 202 -71.84 -0.47 -53.61
N GLU LA 203 -71.41 -1.72 -53.73
CA GLU LA 203 -71.65 -2.50 -54.92
C GLU LA 203 -73.08 -3.03 -54.89
N ASN LA 204 -73.79 -2.80 -55.98
CA ASN LA 204 -75.19 -3.17 -56.05
C ASN LA 204 -75.33 -4.69 -56.13
N SER LA 205 -76.56 -5.14 -55.94
CA SER LA 205 -76.86 -6.57 -55.84
C SER LA 205 -78.28 -6.82 -56.31
N ILE LA 206 -78.58 -8.10 -56.50
CA ILE LA 206 -79.95 -8.50 -56.86
C ILE LA 206 -80.88 -8.31 -55.69
N TYR LA 207 -80.37 -8.42 -54.47
CA TYR LA 207 -81.14 -8.26 -53.25
C TYR LA 207 -80.90 -6.89 -52.64
N ASP LA 208 -81.87 -6.44 -51.86
CA ASP LA 208 -81.73 -5.17 -51.17
C ASP LA 208 -80.78 -5.30 -50.00
N GLN LA 209 -79.87 -4.34 -49.88
CA GLN LA 209 -78.87 -4.30 -48.81
C GLN LA 209 -79.23 -3.15 -47.87
N GLU LA 210 -79.70 -3.48 -46.69
CA GLU LA 210 -80.08 -2.49 -45.68
C GLU LA 210 -79.02 -2.41 -44.60
N TYR LA 211 -78.90 -1.22 -44.02
CA TYR LA 211 -77.95 -0.94 -42.95
C TYR LA 211 -78.59 -0.01 -41.94
N ASN LA 212 -78.21 -0.19 -40.68
CA ASN LA 212 -78.54 0.74 -39.60
C ASN LA 212 -77.26 1.46 -39.24
N ILE LA 213 -77.18 2.74 -39.56
CA ILE LA 213 -75.96 3.51 -39.40
C ILE LA 213 -76.03 4.27 -38.09
N ARG LA 214 -75.05 4.05 -37.24
CA ARG LA 214 -74.95 4.70 -35.93
C ARG LA 214 -73.74 5.62 -35.96
N VAL LA 215 -73.97 6.91 -35.93
CA VAL LA 215 -72.93 7.93 -35.87
C VAL LA 215 -72.77 8.35 -34.43
N THR LA 216 -71.54 8.37 -33.96
CA THR LA 216 -71.19 8.80 -32.62
C THR LA 216 -70.17 9.92 -32.75
N MET LA 217 -70.51 11.09 -32.24
CA MET LA 217 -69.63 12.25 -32.23
C MET LA 217 -69.05 12.45 -30.86
N TYR LA 218 -67.73 12.57 -30.79
CA TYR LA 218 -67.01 12.85 -29.57
C TYR LA 218 -66.69 14.34 -29.55
N VAL LA 219 -67.39 15.08 -28.71
CA VAL LA 219 -67.37 16.53 -28.73
C VAL LA 219 -66.70 17.04 -27.48
N GLN LA 220 -66.38 18.33 -27.50
CA GLN LA 220 -65.71 19.00 -26.40
C GLN LA 220 -66.32 20.38 -26.30
N PHE LA 221 -66.99 20.66 -25.19
CA PHE LA 221 -67.67 21.92 -24.96
C PHE LA 221 -66.83 22.81 -24.06
N ARG LA 222 -67.29 24.06 -23.92
CA ARG LA 222 -66.56 25.06 -23.16
C ARG LA 222 -67.55 26.11 -22.67
N GLU LA 223 -67.24 26.70 -21.52
CA GLU LA 223 -67.96 27.83 -20.95
C GLU LA 223 -69.42 27.47 -20.65
N PHE LA 224 -69.55 26.64 -19.62
CA PHE LA 224 -70.82 26.38 -18.94
C PHE LA 224 -71.58 27.67 -18.73
N ASN LA 225 -72.79 27.75 -19.25
CA ASN LA 225 -73.56 28.99 -19.31
C ASN LA 225 -74.99 28.79 -18.88
N LEU LA 226 -75.20 28.03 -17.82
CA LEU LA 226 -76.55 27.80 -17.35
C LEU LA 226 -77.15 29.09 -16.83
N LYS LA 227 -78.44 29.25 -17.07
CA LYS LA 227 -79.20 30.40 -16.62
C LYS LA 227 -80.32 29.93 -15.70
N ASP LA 228 -80.39 30.55 -14.52
CA ASP LA 228 -81.30 30.12 -13.46
C ASP LA 228 -82.17 31.28 -13.04
N PRO LA 229 -83.27 31.53 -13.76
CA PRO LA 229 -84.22 32.52 -13.32
C PRO LA 229 -85.02 32.03 -12.14
N PRO LA 230 -85.73 32.91 -11.44
CA PRO LA 230 -86.63 32.44 -10.38
C PRO LA 230 -87.83 31.69 -10.91
N LEU LA 231 -88.71 31.25 -10.01
CA LEU LA 231 -89.88 30.48 -10.37
C LEU LA 231 -91.09 30.89 -9.53
N GLY MA 43 -37.79 12.33 -59.86
CA GLY MA 43 -39.02 12.70 -59.19
C GLY MA 43 -39.93 11.52 -58.91
N ILE MA 44 -39.62 10.80 -57.86
CA ILE MA 44 -40.29 9.55 -57.55
C ILE MA 44 -41.65 9.82 -56.92
N PHE MA 45 -42.62 8.97 -57.25
CA PHE MA 45 -43.94 9.02 -56.65
C PHE MA 45 -44.48 7.60 -56.63
N ASN MA 46 -44.42 6.99 -55.45
CA ASN MA 46 -45.03 5.68 -55.25
C ASN MA 46 -46.49 5.86 -54.91
N THR MA 47 -47.36 5.17 -55.65
CA THR MA 47 -48.79 5.20 -55.40
C THR MA 47 -49.37 3.81 -55.61
N ARG MA 48 -50.70 3.77 -55.68
CA ARG MA 48 -51.47 2.53 -55.71
C ARG MA 48 -52.67 2.72 -56.62
N LEU MA 49 -52.80 1.82 -57.59
CA LEU MA 49 -53.87 1.86 -58.57
C LEU MA 49 -54.61 0.54 -58.53
N SER MA 50 -55.93 0.62 -58.61
CA SER MA 50 -56.80 -0.54 -58.49
C SER MA 50 -57.77 -0.62 -59.65
N ARG MA 51 -58.45 -1.75 -59.72
CA ARG MA 51 -59.31 -2.13 -60.82
C ARG MA 51 -60.06 -3.37 -60.38
N THR MA 52 -61.33 -3.46 -60.74
CA THR MA 52 -62.22 -4.53 -60.31
C THR MA 52 -62.97 -5.09 -61.50
N PHE MA 53 -63.08 -6.42 -61.54
CA PHE MA 53 -63.77 -7.10 -62.63
C PHE MA 53 -64.20 -8.48 -62.13
N GLY MA 54 -65.02 -9.13 -62.94
CA GLY MA 54 -65.60 -10.40 -62.59
C GLY MA 54 -65.00 -11.62 -63.27
N TYR MA 55 -65.17 -12.77 -62.63
CA TYR MA 55 -64.75 -14.05 -63.16
C TYR MA 55 -65.69 -15.11 -62.64
N THR MA 56 -66.20 -15.94 -63.55
CA THR MA 56 -67.15 -16.99 -63.21
C THR MA 56 -66.66 -18.33 -63.72
N ILE MA 57 -66.83 -19.35 -62.90
CA ILE MA 57 -66.58 -20.74 -63.26
C ILE MA 57 -67.94 -21.37 -63.41
N LYS MA 58 -68.34 -21.61 -64.65
CA LYS MA 58 -69.66 -22.16 -64.93
C LYS MA 58 -69.78 -23.59 -64.42
N ARG MA 59 -71.02 -24.00 -64.23
CA ARG MA 59 -71.32 -25.34 -63.73
C ARG MA 59 -71.05 -26.40 -64.78
N THR MA 60 -70.89 -27.63 -64.31
CA THR MA 60 -70.66 -28.79 -65.15
C THR MA 60 -71.40 -29.99 -64.59
N THR MA 61 -72.02 -30.76 -65.48
CA THR MA 61 -72.64 -32.03 -65.10
C THR MA 61 -71.61 -33.15 -64.91
N VAL MA 62 -70.34 -32.91 -65.23
CA VAL MA 62 -69.31 -33.93 -65.07
C VAL MA 62 -69.22 -34.35 -63.62
N LYS MA 63 -69.10 -35.66 -63.41
CA LYS MA 63 -69.07 -36.22 -62.07
C LYS MA 63 -67.68 -36.17 -61.46
N THR MA 64 -66.66 -36.37 -62.28
CA THR MA 64 -65.29 -36.44 -61.79
C THR MA 64 -64.85 -35.10 -61.21
N PRO MA 65 -63.75 -35.08 -60.46
CA PRO MA 65 -63.13 -33.80 -60.11
C PRO MA 65 -62.32 -33.28 -61.27
N SER MA 66 -62.82 -32.25 -61.92
CA SER MA 66 -62.14 -31.57 -62.99
C SER MA 66 -61.88 -30.13 -62.58
N TRP MA 67 -60.87 -29.53 -63.21
CA TRP MA 67 -60.45 -28.18 -62.92
C TRP MA 67 -60.58 -27.30 -64.15
N ALA MA 68 -60.86 -26.03 -63.88
CA ALA MA 68 -60.98 -24.99 -64.90
C ALA MA 68 -59.76 -24.10 -64.82
N VAL MA 69 -59.03 -24.02 -65.92
CA VAL MA 69 -57.76 -23.30 -65.98
C VAL MA 69 -57.97 -22.00 -66.71
N ASP MA 70 -57.32 -20.95 -66.23
CA ASP MA 70 -57.37 -19.65 -66.87
C ASP MA 70 -56.13 -18.88 -66.48
N MET MA 71 -55.92 -17.78 -67.19
CA MET MA 71 -54.74 -16.94 -67.06
C MET MA 71 -55.13 -15.54 -66.64
N MET MA 72 -54.12 -14.77 -66.25
CA MET MA 72 -54.33 -13.40 -65.78
C MET MA 72 -53.09 -12.59 -66.05
N ARG MA 73 -53.22 -11.60 -66.93
CA ARG MA 73 -52.18 -10.62 -67.23
C ARG MA 73 -52.55 -9.28 -66.61
N PHE MA 74 -51.58 -8.38 -66.58
CA PHE MA 74 -51.75 -7.06 -65.99
C PHE MA 74 -51.14 -6.02 -66.92
N ASN MA 75 -51.95 -5.04 -67.31
CA ASN MA 75 -51.50 -3.91 -68.10
C ASN MA 75 -51.91 -2.62 -67.42
N ILE MA 76 -51.09 -1.58 -67.60
CA ILE MA 76 -51.33 -0.30 -66.94
C ILE MA 76 -52.38 0.55 -67.62
N ASN MA 77 -52.75 0.21 -68.86
CA ASN MA 77 -53.83 0.94 -69.52
C ASN MA 77 -55.15 0.72 -68.81
N ASP MA 78 -55.33 -0.45 -68.22
CA ASP MA 78 -56.56 -0.77 -67.52
C ASP MA 78 -56.67 -0.12 -66.16
N PHE MA 79 -55.58 0.43 -65.64
CA PHE MA 79 -55.55 1.11 -64.36
C PHE MA 79 -55.39 2.61 -64.49
N LEU MA 80 -54.70 3.07 -65.53
CA LEU MA 80 -54.40 4.48 -65.75
C LEU MA 80 -55.11 4.96 -67.01
N PRO MA 81 -56.12 5.82 -66.92
CA PRO MA 81 -56.82 6.22 -68.13
C PRO MA 81 -56.01 7.22 -68.93
N PRO MA 82 -56.45 7.54 -70.14
CA PRO MA 82 -55.82 8.62 -70.88
C PRO MA 82 -56.15 9.97 -70.29
N GLY MA 83 -55.20 10.89 -70.40
CA GLY MA 83 -55.39 12.21 -69.85
C GLY MA 83 -56.15 13.13 -70.77
N GLY MA 84 -55.72 14.39 -70.82
CA GLY MA 84 -56.36 15.36 -71.67
C GLY MA 84 -55.45 16.51 -72.00
N GLY MA 85 -55.39 16.87 -73.28
CA GLY MA 85 -54.58 17.97 -73.72
C GLY MA 85 -53.15 17.56 -74.01
N SER MA 86 -52.22 18.43 -73.62
CA SER MA 86 -50.81 18.17 -73.86
C SER MA 86 -50.27 17.06 -72.98
N ASN MA 87 -51.00 16.68 -71.92
CA ASN MA 87 -50.63 15.57 -71.07
C ASN MA 87 -51.34 14.32 -71.55
N PRO MA 88 -50.64 13.35 -72.16
CA PRO MA 88 -51.37 12.22 -72.75
C PRO MA 88 -51.98 11.28 -71.73
N ARG MA 89 -51.46 11.27 -70.50
CA ARG MA 89 -51.95 10.41 -69.44
C ARG MA 89 -52.40 11.23 -68.24
N SER MA 90 -53.18 10.60 -67.38
CA SER MA 90 -53.80 11.29 -66.26
C SER MA 90 -52.85 11.47 -65.09
N VAL MA 91 -51.83 10.64 -64.99
CA VAL MA 91 -50.76 10.78 -64.01
C VAL MA 91 -49.56 11.38 -64.73
N PRO MA 92 -49.18 12.63 -64.47
CA PRO MA 92 -48.17 13.26 -65.32
C PRO MA 92 -46.73 12.86 -65.00
N PHE MA 93 -46.37 11.68 -65.47
CA PHE MA 93 -45.02 11.16 -65.32
C PHE MA 93 -44.62 10.47 -66.61
N GLU MA 94 -43.32 10.31 -66.78
CA GLU MA 94 -42.72 9.73 -67.99
C GLU MA 94 -42.49 8.24 -67.87
N TYR MA 95 -41.85 7.80 -66.80
CA TYR MA 95 -41.42 6.43 -66.62
C TYR MA 95 -42.21 5.78 -65.50
N TYR MA 96 -42.19 4.45 -65.50
CA TYR MA 96 -42.85 3.69 -64.46
C TYR MA 96 -42.18 2.33 -64.33
N ARG MA 97 -42.44 1.68 -63.22
CA ARG MA 97 -42.08 0.29 -63.02
C ARG MA 97 -42.96 -0.28 -61.94
N ILE MA 98 -43.58 -1.42 -62.23
CA ILE MA 98 -44.52 -2.02 -61.30
C ILE MA 98 -43.75 -2.79 -60.25
N ARG MA 99 -43.97 -2.44 -58.99
CA ARG MA 99 -43.28 -3.04 -57.87
C ARG MA 99 -43.95 -4.31 -57.38
N LYS MA 100 -45.26 -4.25 -57.19
CA LYS MA 100 -46.02 -5.36 -56.65
C LYS MA 100 -47.43 -5.33 -57.24
N VAL MA 101 -48.09 -6.48 -57.18
CA VAL MA 101 -49.50 -6.59 -57.51
C VAL MA 101 -50.15 -7.44 -56.43
N LYS MA 102 -51.38 -7.07 -56.09
CA LYS MA 102 -52.22 -7.78 -55.14
C LYS MA 102 -53.50 -8.17 -55.87
N VAL MA 103 -53.63 -9.45 -56.17
CA VAL MA 103 -54.85 -10.00 -56.74
C VAL MA 103 -55.69 -10.56 -55.62
N GLU MA 104 -56.93 -10.09 -55.53
CA GLU MA 104 -57.86 -10.49 -54.48
C GLU MA 104 -59.07 -11.12 -55.14
N PHE MA 105 -59.31 -12.39 -54.85
CA PHE MA 105 -60.53 -13.07 -55.27
C PHE MA 105 -61.56 -12.90 -54.17
N TRP MA 106 -62.44 -11.94 -54.36
CA TRP MA 106 -63.52 -11.72 -53.42
C TRP MA 106 -64.71 -12.57 -53.83
N PRO MA 107 -65.17 -13.50 -53.00
CA PRO MA 107 -66.25 -14.38 -53.45
C PRO MA 107 -67.57 -13.67 -53.57
N CYS MA 108 -68.42 -14.25 -54.40
CA CYS MA 108 -69.78 -13.80 -54.61
C CYS MA 108 -70.81 -14.81 -54.14
N SER MA 109 -70.38 -15.91 -53.57
CA SER MA 109 -71.21 -17.06 -53.27
C SER MA 109 -71.48 -17.14 -51.77
N PRO MA 110 -72.62 -17.66 -51.36
CA PRO MA 110 -72.91 -17.72 -49.94
C PRO MA 110 -72.10 -18.78 -49.23
N ILE MA 111 -72.01 -18.64 -47.91
CA ILE MA 111 -71.30 -19.62 -47.11
C ILE MA 111 -72.06 -20.93 -46.95
N THR MA 112 -73.30 -21.00 -47.41
CA THR MA 112 -74.08 -22.22 -47.39
C THR MA 112 -73.94 -23.05 -48.66
N GLN MA 113 -73.14 -22.61 -49.62
CA GLN MA 113 -73.05 -23.31 -50.88
C GLN MA 113 -72.21 -24.56 -50.71
N GLY MA 114 -72.70 -25.67 -51.25
CA GLY MA 114 -72.04 -26.94 -51.17
C GLY MA 114 -71.25 -27.26 -52.41
N ASP MA 115 -70.88 -28.53 -52.53
CA ASP MA 115 -70.03 -29.02 -53.60
C ASP MA 115 -68.72 -28.25 -53.63
N ARG MA 116 -68.17 -28.04 -52.45
CA ARG MA 116 -66.94 -27.29 -52.30
C ARG MA 116 -65.79 -28.01 -52.99
N GLY MA 117 -64.70 -27.29 -53.16
CA GLY MA 117 -63.57 -27.77 -53.90
C GLY MA 117 -62.26 -27.19 -53.44
N VAL MA 118 -61.20 -27.49 -54.17
CA VAL MA 118 -59.86 -27.05 -53.81
C VAL MA 118 -59.06 -26.86 -55.09
N GLY MA 119 -58.45 -25.68 -55.21
CA GLY MA 119 -57.71 -25.30 -56.39
C GLY MA 119 -56.34 -24.78 -56.07
N SER MA 120 -55.74 -24.08 -57.03
CA SER MA 120 -54.37 -23.63 -56.91
C SER MA 120 -54.15 -22.40 -57.74
N SER MA 121 -53.38 -21.46 -57.20
CA SER MA 121 -52.94 -20.27 -57.90
C SER MA 121 -51.42 -20.22 -57.89
N ALA MA 122 -50.83 -20.03 -59.06
CA ALA MA 122 -49.39 -20.00 -59.21
C ALA MA 122 -48.96 -18.74 -59.96
N VAL MA 123 -47.69 -18.42 -59.82
CA VAL MA 123 -47.09 -17.21 -60.37
C VAL MA 123 -46.28 -17.59 -61.59
N ILE MA 124 -46.65 -17.01 -62.73
CA ILE MA 124 -46.13 -17.38 -64.04
C ILE MA 124 -45.60 -16.12 -64.71
N LEU MA 125 -44.28 -15.93 -64.64
CA LEU MA 125 -43.66 -14.67 -65.02
C LEU MA 125 -43.14 -14.65 -66.45
N ASP MA 126 -43.73 -15.42 -67.38
CA ASP MA 126 -43.14 -15.59 -68.70
C ASP MA 126 -44.11 -15.68 -69.87
N ASP MA 127 -45.42 -15.53 -69.65
CA ASP MA 127 -46.38 -15.47 -70.74
C ASP MA 127 -46.53 -16.80 -71.46
N ASN MA 128 -46.26 -17.90 -70.77
CA ASN MA 128 -46.55 -19.24 -71.28
C ASN MA 128 -47.28 -19.95 -70.15
N PHE MA 129 -48.60 -19.84 -70.18
CA PHE MA 129 -49.50 -20.43 -69.22
C PHE MA 129 -49.90 -21.82 -69.69
N VAL MA 130 -50.42 -22.60 -68.73
CA VAL MA 130 -51.13 -23.81 -69.11
C VAL MA 130 -52.32 -23.41 -69.93
N THR MA 131 -52.62 -24.21 -70.95
CA THR MA 131 -53.68 -23.88 -71.88
C THR MA 131 -55.00 -23.76 -71.15
N LYS MA 132 -55.81 -22.79 -71.56
CA LYS MA 132 -57.12 -22.59 -70.98
C LYS MA 132 -57.99 -23.80 -71.21
N ALA MA 133 -58.58 -24.31 -70.13
CA ALA MA 133 -59.37 -25.52 -70.17
C ALA MA 133 -60.63 -25.32 -69.34
N THR MA 134 -61.70 -26.00 -69.76
CA THR MA 134 -62.97 -25.95 -69.08
C THR MA 134 -63.07 -27.02 -67.99
N ALA MA 135 -62.74 -28.26 -68.34
CA ALA MA 135 -62.78 -29.38 -67.39
C ALA MA 135 -61.56 -30.25 -67.67
N LEU MA 136 -60.46 -29.93 -67.01
CA LEU MA 136 -59.24 -30.72 -67.08
C LEU MA 136 -59.20 -31.70 -65.91
N THR MA 137 -58.68 -32.90 -66.18
CA THR MA 137 -58.73 -34.00 -65.24
C THR MA 137 -57.74 -33.89 -64.10
N TYR MA 138 -57.04 -32.77 -63.96
CA TYR MA 138 -56.06 -32.62 -62.89
C TYR MA 138 -55.81 -31.13 -62.70
N ASP MA 139 -55.15 -30.82 -61.59
CA ASP MA 139 -54.75 -29.46 -61.26
C ASP MA 139 -53.33 -29.25 -61.73
N PRO MA 140 -53.09 -28.51 -62.81
CA PRO MA 140 -51.71 -28.39 -63.29
C PRO MA 140 -50.81 -27.58 -62.38
N TYR MA 141 -51.38 -26.59 -61.70
CA TYR MA 141 -50.60 -25.67 -60.88
C TYR MA 141 -50.39 -26.18 -59.46
N VAL MA 142 -50.61 -27.47 -59.21
CA VAL MA 142 -50.59 -27.97 -57.85
C VAL MA 142 -49.16 -28.19 -57.37
N ASN MA 143 -48.30 -28.70 -58.24
CA ASN MA 143 -46.92 -28.99 -57.86
C ASN MA 143 -45.99 -27.82 -58.09
N TYR MA 144 -46.52 -26.67 -58.48
CA TYR MA 144 -45.68 -25.49 -58.65
C TYR MA 144 -45.19 -24.98 -57.31
N SER MA 145 -43.95 -24.50 -57.33
CA SER MA 145 -43.33 -23.97 -56.12
C SER MA 145 -44.05 -22.74 -55.58
N SER MA 146 -44.78 -22.03 -56.44
CA SER MA 146 -45.53 -20.85 -56.05
C SER MA 146 -47.01 -21.12 -55.90
N ARG MA 147 -47.38 -22.36 -55.64
CA ARG MA 147 -48.78 -22.70 -55.50
C ARG MA 147 -49.28 -22.31 -54.13
N HIS MA 148 -50.43 -21.64 -54.11
CA HIS MA 148 -51.22 -21.43 -52.92
C HIS MA 148 -52.55 -22.09 -53.15
N THR MA 149 -53.06 -22.76 -52.12
CA THR MA 149 -54.33 -23.43 -52.21
C THR MA 149 -55.47 -22.43 -52.25
N ILE MA 150 -56.42 -22.68 -53.14
CA ILE MA 150 -57.66 -21.92 -53.24
C ILE MA 150 -58.74 -22.82 -52.66
N THR MA 151 -59.24 -22.44 -51.50
CA THR MA 151 -60.48 -22.98 -50.99
C THR MA 151 -61.64 -22.32 -51.72
N GLN MA 152 -62.60 -23.14 -52.13
CA GLN MA 152 -63.73 -22.71 -52.92
C GLN MA 152 -65.02 -23.08 -52.21
N PRO MA 153 -66.14 -22.40 -52.51
CA PRO MA 153 -66.36 -21.23 -53.35
C PRO MA 153 -66.44 -19.92 -52.60
N PHE MA 154 -66.60 -19.98 -51.29
CA PHE MA 154 -66.95 -18.82 -50.47
C PHE MA 154 -65.79 -18.30 -49.66
N SER MA 155 -64.57 -18.48 -50.13
CA SER MA 155 -63.38 -18.15 -49.39
C SER MA 155 -62.53 -17.16 -50.17
N TYR MA 156 -61.90 -16.26 -49.43
CA TYR MA 156 -61.06 -15.21 -49.98
C TYR MA 156 -59.66 -15.74 -50.24
N HIS MA 157 -59.10 -15.31 -51.37
CA HIS MA 157 -57.78 -15.71 -51.81
C HIS MA 157 -57.03 -14.48 -52.28
N SER MA 158 -55.88 -14.22 -51.68
CA SER MA 158 -55.01 -13.14 -52.06
C SER MA 158 -53.67 -13.68 -52.52
N ARG MA 159 -53.05 -12.96 -53.46
CA ARG MA 159 -51.71 -13.26 -53.93
C ARG MA 159 -50.99 -11.93 -54.09
N TYR MA 160 -49.83 -11.81 -53.47
CA TYR MA 160 -49.03 -10.59 -53.46
C TYR MA 160 -47.64 -10.93 -53.96
N PHE MA 161 -47.28 -10.37 -55.10
CA PHE MA 161 -46.06 -10.75 -55.79
C PHE MA 161 -45.59 -9.60 -56.66
N THR MA 162 -44.42 -9.80 -57.26
CA THR MA 162 -43.79 -8.83 -58.13
C THR MA 162 -43.86 -9.31 -59.58
N PRO MA 163 -44.64 -8.68 -60.45
CA PRO MA 163 -44.72 -9.16 -61.82
C PRO MA 163 -43.51 -8.81 -62.64
N LYS MA 164 -43.49 -9.25 -63.89
CA LYS MA 164 -42.39 -9.00 -64.80
C LYS MA 164 -42.97 -8.61 -66.14
N PRO MA 165 -42.34 -7.70 -66.88
CA PRO MA 165 -42.85 -7.32 -68.18
C PRO MA 165 -42.43 -8.28 -69.29
N VAL MA 166 -43.23 -8.26 -70.35
CA VAL MA 166 -43.01 -9.11 -71.51
C VAL MA 166 -42.18 -8.28 -72.49
N LEU MA 167 -40.86 -8.39 -72.34
CA LEU MA 167 -39.94 -7.67 -73.20
C LEU MA 167 -39.72 -8.41 -74.51
N ASP MA 168 -39.53 -9.72 -74.46
CA ASP MA 168 -39.43 -10.54 -75.66
C ASP MA 168 -40.18 -11.83 -75.40
N SER MA 169 -41.32 -11.99 -76.07
CA SER MA 169 -42.12 -13.20 -75.90
C SER MA 169 -41.49 -14.42 -76.56
N THR MA 170 -40.52 -14.22 -77.46
CA THR MA 170 -39.86 -15.33 -78.10
C THR MA 170 -38.87 -16.02 -77.17
N ILE MA 171 -38.14 -15.22 -76.39
CA ILE MA 171 -37.10 -15.72 -75.50
C ILE MA 171 -37.64 -15.81 -74.08
N ASP MA 172 -38.50 -14.87 -73.72
CA ASP MA 172 -39.17 -14.84 -72.43
C ASP MA 172 -38.14 -14.78 -71.29
N TYR MA 173 -37.41 -13.67 -71.25
CA TYR MA 173 -36.43 -13.39 -70.21
C TYR MA 173 -36.97 -12.35 -69.24
N PHE MA 174 -36.58 -12.49 -67.99
CA PHE MA 174 -36.99 -11.56 -66.95
C PHE MA 174 -35.91 -11.44 -65.89
N GLN MA 175 -36.03 -10.45 -65.12
CA GLN MA 175 -35.08 -10.11 -64.08
C GLN MA 175 -35.49 -10.72 -62.75
N PRO MA 176 -34.53 -11.05 -61.89
CA PRO MA 176 -34.91 -11.40 -60.52
C PRO MA 176 -35.32 -10.18 -59.72
N ASN MA 177 -35.79 -10.41 -58.51
CA ASN MA 177 -36.32 -9.33 -57.70
C ASN MA 177 -35.19 -8.50 -57.13
N ASN MA 178 -35.15 -7.24 -57.52
CA ASN MA 178 -34.15 -6.30 -57.02
C ASN MA 178 -34.76 -4.91 -57.15
N LYS MA 179 -35.04 -4.27 -56.03
CA LYS MA 179 -35.68 -2.97 -56.09
C LYS MA 179 -34.77 -1.93 -56.72
N ARG MA 180 -33.46 -2.08 -56.57
CA ARG MA 180 -32.53 -1.07 -57.04
C ARG MA 180 -32.21 -1.21 -58.51
N ASN MA 181 -32.34 -2.42 -59.06
CA ASN MA 181 -31.96 -2.70 -60.44
C ASN MA 181 -33.15 -2.93 -61.35
N GLN MA 182 -34.37 -2.78 -60.86
CA GLN MA 182 -35.54 -3.01 -61.70
C GLN MA 182 -35.62 -1.98 -62.80
N LEU MA 183 -35.91 -2.46 -64.00
CA LEU MA 183 -35.96 -1.61 -65.17
C LEU MA 183 -37.09 -0.61 -65.07
N TRP MA 184 -36.84 0.59 -65.60
CA TRP MA 184 -37.86 1.59 -65.81
C TRP MA 184 -38.38 1.46 -67.22
N LEU MA 185 -39.69 1.31 -67.35
CA LEU MA 185 -40.36 1.36 -68.62
C LEU MA 185 -40.92 2.75 -68.85
N ARG MA 186 -41.29 3.02 -70.09
CA ARG MA 186 -41.95 4.26 -70.45
C ARG MA 186 -43.44 4.09 -70.36
N LEU MA 187 -44.09 5.11 -69.81
CA LEU MA 187 -45.54 5.21 -69.77
C LEU MA 187 -46.00 5.70 -71.13
N GLN MA 188 -46.30 4.75 -72.01
CA GLN MA 188 -46.74 5.06 -73.35
C GLN MA 188 -48.13 5.69 -73.32
N THR MA 189 -48.57 6.14 -74.48
CA THR MA 189 -49.88 6.78 -74.60
C THR MA 189 -51.00 5.76 -74.69
N ALA MA 190 -50.90 4.81 -75.63
CA ALA MA 190 -51.92 3.78 -75.77
C ALA MA 190 -51.35 2.40 -76.12
N GLY MA 191 -50.11 2.12 -75.77
CA GLY MA 191 -49.44 0.90 -76.20
C GLY MA 191 -48.55 0.26 -75.17
N ASN MA 192 -48.89 0.38 -73.90
CA ASN MA 192 -48.05 -0.15 -72.85
C ASN MA 192 -47.97 -1.67 -72.91
N VAL MA 193 -46.90 -2.20 -72.33
CA VAL MA 193 -46.56 -3.61 -72.42
C VAL MA 193 -47.26 -4.37 -71.30
N ASP MA 194 -47.62 -5.62 -71.60
CA ASP MA 194 -48.36 -6.43 -70.66
C ASP MA 194 -47.42 -7.03 -69.63
N HIS MA 195 -47.77 -6.86 -68.37
CA HIS MA 195 -47.12 -7.57 -67.28
C HIS MA 195 -47.89 -8.85 -67.00
N VAL MA 196 -47.18 -9.80 -66.40
CA VAL MA 196 -47.64 -11.17 -66.32
C VAL MA 196 -47.24 -11.73 -64.97
N GLY MA 197 -47.86 -12.84 -64.57
CA GLY MA 197 -47.60 -13.36 -63.25
C GLY MA 197 -48.66 -14.08 -62.47
N LEU MA 198 -49.81 -14.44 -63.05
CA LEU MA 198 -50.72 -15.30 -62.30
C LEU MA 198 -51.52 -16.24 -63.20
N GLY MA 199 -51.56 -17.49 -62.79
CA GLY MA 199 -52.43 -18.47 -63.40
C GLY MA 199 -53.13 -19.27 -62.32
N THR MA 200 -54.35 -19.69 -62.64
CA THR MA 200 -55.26 -20.26 -61.67
C THR MA 200 -55.80 -21.59 -62.17
N ALA MA 201 -56.31 -22.37 -61.23
CA ALA MA 201 -57.02 -23.61 -61.51
C ALA MA 201 -58.11 -23.77 -60.47
N PHE MA 202 -59.36 -23.66 -60.91
CA PHE MA 202 -60.52 -23.76 -60.05
C PHE MA 202 -61.23 -25.08 -60.30
N GLU MA 203 -61.61 -25.75 -59.22
CA GLU MA 203 -62.34 -27.00 -59.32
C GLU MA 203 -63.80 -26.72 -59.63
N ASN MA 204 -64.30 -27.38 -60.66
CA ASN MA 204 -65.66 -27.15 -61.11
C ASN MA 204 -66.65 -27.70 -60.11
N SER MA 205 -67.92 -27.31 -60.30
CA SER MA 205 -68.97 -27.62 -59.35
C SER MA 205 -70.30 -27.66 -60.09
N ILE MA 206 -71.31 -28.20 -59.40
CA ILE MA 206 -72.67 -28.23 -59.94
C ILE MA 206 -73.24 -26.83 -60.00
N TYR MA 207 -72.82 -25.95 -59.10
CA TYR MA 207 -73.30 -24.59 -59.05
C TYR MA 207 -72.26 -23.65 -59.65
N ASP MA 208 -72.74 -22.50 -60.10
CA ASP MA 208 -71.85 -21.49 -60.65
C ASP MA 208 -71.10 -20.79 -59.53
N GLN MA 209 -69.79 -20.63 -59.73
CA GLN MA 209 -68.90 -19.98 -58.77
C GLN MA 209 -68.46 -18.64 -59.35
N GLU MA 210 -68.97 -17.56 -58.79
CA GLU MA 210 -68.64 -16.22 -59.25
C GLU MA 210 -67.67 -15.55 -58.28
N TYR MA 211 -66.86 -14.67 -58.83
CA TYR MA 211 -65.87 -13.92 -58.07
C TYR MA 211 -65.79 -12.51 -58.60
N ASN MA 212 -65.51 -11.57 -57.70
CA ASN MA 212 -65.18 -10.19 -58.04
C ASN MA 212 -63.70 -10.01 -57.77
N ILE MA 213 -62.91 -9.88 -58.82
CA ILE MA 213 -61.47 -9.85 -58.70
C ILE MA 213 -61.00 -8.40 -58.69
N ARG MA 214 -60.28 -8.02 -57.64
CA ARG MA 214 -59.75 -6.68 -57.47
C ARG MA 214 -58.24 -6.77 -57.54
N VAL MA 215 -57.68 -6.21 -58.60
CA VAL MA 215 -56.24 -6.14 -58.80
C VAL MA 215 -55.78 -4.75 -58.37
N THR MA 216 -54.73 -4.72 -57.55
CA THR MA 216 -54.13 -3.50 -57.07
C THR MA 216 -52.66 -3.54 -57.45
N MET MA 217 -52.23 -2.57 -58.24
CA MET MA 217 -50.83 -2.44 -58.65
C MET MA 217 -50.16 -1.33 -57.88
N TYR MA 218 -49.03 -1.64 -57.27
CA TYR MA 218 -48.22 -0.68 -56.56
C TYR MA 218 -47.08 -0.26 -57.48
N VAL MA 219 -47.18 0.97 -57.99
CA VAL MA 219 -46.31 1.44 -59.05
C VAL MA 219 -45.40 2.53 -58.51
N GLN MA 220 -44.40 2.85 -59.30
CA GLN MA 220 -43.39 3.86 -58.96
C GLN MA 220 -43.08 4.62 -60.23
N PHE MA 221 -43.40 5.89 -60.25
CA PHE MA 221 -43.20 6.75 -61.40
C PHE MA 221 -41.95 7.59 -61.23
N ARG MA 222 -41.58 8.29 -62.31
CA ARG MA 222 -40.37 9.09 -62.34
C ARG MA 222 -40.54 10.19 -63.37
N GLU MA 223 -39.87 11.31 -63.12
CA GLU MA 223 -39.77 12.43 -64.04
C GLU MA 223 -41.14 13.03 -64.36
N PHE MA 224 -41.68 13.69 -63.34
CA PHE MA 224 -42.82 14.60 -63.47
C PHE MA 224 -42.66 15.48 -64.70
N ASN MA 225 -43.64 15.41 -65.60
CA ASN MA 225 -43.53 16.03 -66.91
C ASN MA 225 -44.78 16.79 -67.28
N LEU MA 226 -45.33 17.52 -66.34
CA LEU MA 226 -46.54 18.28 -66.61
C LEU MA 226 -46.25 19.38 -67.63
N LYS MA 227 -47.22 19.63 -68.50
CA LYS MA 227 -47.13 20.66 -69.52
C LYS MA 227 -48.26 21.65 -69.31
N ASP MA 228 -47.90 22.93 -69.24
CA ASP MA 228 -48.83 24.00 -68.89
C ASP MA 228 -48.82 25.04 -69.99
N PRO MA 229 -49.61 24.84 -71.04
CA PRO MA 229 -49.77 25.88 -72.05
C PRO MA 229 -50.65 26.99 -71.53
N PRO MA 230 -50.67 28.13 -72.21
CA PRO MA 230 -51.62 29.19 -71.81
C PRO MA 230 -53.05 28.83 -72.11
N LEU MA 231 -53.97 29.75 -71.81
CA LEU MA 231 -55.39 29.53 -72.00
C LEU MA 231 -56.10 30.78 -72.50
N GLY NA 43 -25.96 -37.43 -55.29
CA GLY NA 43 -26.70 -36.32 -55.85
C GLY NA 43 -28.10 -36.22 -55.32
N ILE NA 44 -28.23 -35.62 -54.16
CA ILE NA 44 -29.50 -35.59 -53.45
C ILE NA 44 -30.39 -34.50 -54.02
N PHE NA 45 -31.69 -34.79 -54.05
CA PHE NA 45 -32.69 -33.83 -54.47
C PHE NA 45 -33.97 -34.13 -53.70
N ASN NA 46 -34.23 -33.33 -52.68
CA ASN NA 46 -35.47 -33.42 -51.95
C ASN NA 46 -36.54 -32.60 -52.66
N THR NA 47 -37.68 -33.22 -52.93
CA THR NA 47 -38.79 -32.55 -53.56
C THR NA 47 -40.10 -33.03 -52.94
N ARG NA 48 -41.20 -32.70 -53.62
CA ARG NA 48 -42.54 -32.91 -53.12
C ARG NA 48 -43.44 -33.28 -54.28
N LEU NA 49 -44.13 -34.41 -54.14
CA LEU NA 49 -45.02 -34.93 -55.17
C LEU NA 49 -46.39 -35.13 -54.56
N SER NA 50 -47.42 -34.76 -55.32
CA SER NA 50 -48.79 -34.77 -54.87
C SER NA 50 -49.68 -35.54 -55.84
N ARG NA 51 -50.90 -35.78 -55.38
CA ARG NA 51 -51.89 -36.62 -56.04
C ARG NA 51 -53.20 -36.43 -55.32
N THR NA 52 -54.29 -36.38 -56.06
CA THR NA 52 -55.61 -36.10 -55.53
C THR NA 52 -56.61 -37.12 -56.05
N PHE NA 53 -57.48 -37.57 -55.16
CA PHE NA 53 -58.50 -38.55 -55.50
C PHE NA 53 -59.63 -38.47 -54.50
N GLY NA 54 -60.71 -39.16 -54.81
CA GLY NA 54 -61.92 -39.11 -54.01
C GLY NA 54 -62.18 -40.31 -53.14
N TYR NA 55 -62.97 -40.09 -52.09
CA TYR NA 55 -63.42 -41.14 -51.19
C TYR NA 55 -64.78 -40.76 -50.65
N THR NA 56 -65.73 -41.69 -50.72
CA THR NA 56 -67.08 -41.45 -50.28
C THR NA 56 -67.51 -42.53 -49.29
N ILE NA 57 -68.20 -42.10 -48.26
CA ILE NA 57 -68.84 -42.97 -47.28
C ILE NA 57 -70.33 -42.91 -47.59
N LYS NA 58 -70.85 -43.97 -48.18
CA LYS NA 58 -72.24 -44.00 -48.58
C LYS NA 58 -73.16 -44.01 -47.36
N ARG NA 59 -74.39 -43.60 -47.59
CA ARG NA 59 -75.40 -43.52 -46.55
C ARG NA 59 -75.86 -44.90 -46.12
N THR NA 60 -76.44 -44.96 -44.92
CA THR NA 60 -76.98 -46.18 -44.36
C THR NA 60 -78.25 -45.86 -43.59
N THR NA 61 -79.26 -46.73 -43.75
CA THR NA 61 -80.48 -46.65 -42.97
C THR NA 61 -80.31 -47.19 -41.55
N VAL NA 62 -79.15 -47.78 -41.23
CA VAL NA 62 -78.92 -48.31 -39.90
C VAL NA 62 -79.03 -47.20 -38.86
N LYS NA 63 -79.70 -47.51 -37.76
CA LYS NA 63 -79.93 -46.53 -36.71
C LYS NA 63 -78.75 -46.40 -35.77
N THR NA 64 -78.08 -47.51 -35.47
CA THR NA 64 -77.01 -47.52 -34.52
C THR NA 64 -75.83 -46.69 -35.01
N PRO NA 65 -74.89 -46.36 -34.11
CA PRO NA 65 -73.63 -45.79 -34.58
C PRO NA 65 -72.71 -46.90 -35.08
N SER NA 66 -72.56 -46.96 -36.38
CA SER NA 66 -71.64 -47.88 -37.03
C SER NA 66 -70.57 -47.11 -37.75
N TRP NA 67 -69.43 -47.76 -37.97
CA TRP NA 67 -68.29 -47.16 -38.62
C TRP NA 67 -67.92 -47.91 -39.89
N ALA NA 68 -67.39 -47.14 -40.84
CA ALA NA 68 -66.93 -47.65 -42.12
C ALA NA 68 -65.41 -47.65 -42.12
N VAL NA 69 -64.84 -48.82 -42.31
CA VAL NA 69 -63.40 -49.01 -42.22
C VAL NA 69 -62.83 -49.15 -43.63
N ASP NA 70 -61.66 -48.57 -43.83
CA ASP NA 70 -60.98 -48.65 -45.10
C ASP NA 70 -59.49 -48.44 -44.86
N MET NA 71 -58.71 -48.74 -45.88
CA MET NA 71 -57.26 -48.71 -45.84
C MET NA 71 -56.72 -47.72 -46.86
N MET NA 72 -55.43 -47.42 -46.74
CA MET NA 72 -54.77 -46.47 -47.61
C MET NA 72 -53.30 -46.81 -47.71
N ARG NA 73 -52.86 -47.21 -48.90
CA ARG NA 73 -51.48 -47.45 -49.22
C ARG NA 73 -50.95 -46.32 -50.10
N PHE NA 74 -49.63 -46.27 -50.26
CA PHE NA 74 -48.95 -45.25 -51.03
C PHE NA 74 -47.91 -45.90 -51.92
N ASN NA 75 -47.99 -45.65 -53.21
CA ASN NA 75 -47.00 -46.11 -54.17
C ASN NA 75 -46.54 -44.93 -55.01
N ILE NA 76 -45.28 -44.98 -55.43
CA ILE NA 76 -44.69 -43.87 -56.17
C ILE NA 76 -45.06 -43.87 -57.64
N ASN NA 77 -45.62 -44.96 -58.16
CA ASN NA 77 -46.08 -44.95 -59.54
C ASN NA 77 -47.25 -43.99 -59.73
N ASP NA 78 -48.06 -43.81 -58.69
CA ASP NA 78 -49.21 -42.93 -58.74
C ASP NA 78 -48.84 -41.47 -58.65
N PHE NA 79 -47.60 -41.16 -58.26
CA PHE NA 79 -47.11 -39.78 -58.15
C PHE NA 79 -46.10 -39.43 -59.23
N LEU NA 80 -45.33 -40.41 -59.68
CA LEU NA 80 -44.27 -40.22 -60.67
C LEU NA 80 -44.62 -40.94 -61.96
N PRO NA 81 -44.92 -40.25 -63.06
CA PRO NA 81 -45.31 -40.96 -64.26
C PRO NA 81 -44.11 -41.58 -64.95
N PRO NA 82 -44.34 -42.40 -65.96
CA PRO NA 82 -43.23 -42.88 -66.77
C PRO NA 82 -42.67 -41.78 -67.65
N GLY NA 83 -41.37 -41.85 -67.90
CA GLY NA 83 -40.71 -40.85 -68.68
C GLY NA 83 -40.82 -41.11 -70.17
N GLY NA 84 -39.75 -40.85 -70.90
CA GLY NA 84 -39.72 -41.06 -72.32
C GLY NA 84 -38.33 -41.24 -72.86
N GLY NA 85 -38.14 -42.26 -73.68
CA GLY NA 85 -36.85 -42.54 -74.28
C GLY NA 85 -35.95 -43.36 -73.39
N SER NA 86 -34.67 -43.01 -73.37
CA SER NA 86 -33.71 -43.75 -72.57
C SER NA 86 -33.89 -43.52 -71.09
N ASN NA 87 -34.64 -42.50 -70.70
CA ASN NA 87 -34.95 -42.24 -69.30
C ASN NA 87 -36.28 -42.88 -68.98
N PRO NA 88 -36.34 -43.96 -68.20
CA PRO NA 88 -37.62 -44.66 -68.01
C PRO NA 88 -38.60 -43.88 -67.16
N ARG NA 89 -38.13 -42.96 -66.33
CA ARG NA 89 -38.99 -42.18 -65.45
C ARG NA 89 -38.80 -40.70 -65.73
N SER NA 90 -39.76 -39.91 -65.25
CA SER NA 90 -39.79 -38.49 -65.56
C SER NA 90 -38.86 -37.68 -64.67
N VAL NA 91 -38.53 -38.20 -63.49
CA VAL NA 91 -37.52 -37.61 -62.62
C VAL NA 91 -36.24 -38.42 -62.77
N PRO NA 92 -35.18 -37.87 -63.37
CA PRO NA 92 -34.04 -38.72 -63.72
C PRO NA 92 -33.11 -39.02 -62.55
N PHE NA 93 -33.53 -39.96 -61.72
CA PHE NA 93 -32.75 -40.43 -60.60
C PHE NA 93 -32.89 -41.93 -60.50
N GLU NA 94 -31.95 -42.54 -59.79
CA GLU NA 94 -31.88 -43.99 -59.64
C GLU NA 94 -32.57 -44.48 -58.38
N TYR NA 95 -32.25 -43.89 -57.24
CA TYR NA 95 -32.70 -44.34 -55.94
C TYR NA 95 -33.67 -43.32 -55.34
N TYR NA 96 -34.43 -43.79 -54.37
CA TYR NA 96 -35.37 -42.93 -53.66
C TYR NA 96 -35.62 -43.50 -52.28
N ARG NA 97 -36.17 -42.65 -51.42
CA ARG NA 97 -36.68 -43.09 -50.13
C ARG NA 97 -37.67 -42.04 -49.66
N ILE NA 98 -38.86 -42.50 -49.28
CA ILE NA 98 -39.93 -41.60 -48.88
C ILE NA 98 -39.70 -41.18 -47.44
N ARG NA 99 -39.61 -39.87 -47.22
CA ARG NA 99 -39.35 -39.31 -45.92
C ARG NA 99 -40.61 -39.10 -45.11
N LYS NA 100 -41.63 -38.49 -45.72
CA LYS NA 100 -42.87 -38.17 -45.05
C LYS NA 100 -44.01 -38.25 -46.05
N VAL NA 101 -45.21 -38.39 -45.53
CA VAL NA 101 -46.44 -38.28 -46.31
C VAL NA 101 -47.41 -37.42 -45.52
N LYS NA 102 -48.16 -36.60 -46.25
CA LYS NA 102 -49.22 -35.76 -45.72
C LYS NA 102 -50.51 -36.14 -46.42
N VAL NA 103 -51.38 -36.80 -45.69
CA VAL NA 103 -52.72 -37.13 -46.18
C VAL NA 103 -53.67 -36.06 -45.66
N GLU NA 104 -54.39 -35.44 -46.59
CA GLU NA 104 -55.32 -34.36 -46.29
C GLU NA 104 -56.69 -34.79 -46.75
N PHE NA 105 -57.63 -34.89 -45.82
CA PHE NA 105 -59.04 -35.13 -46.12
C PHE NA 105 -59.70 -33.78 -46.25
N TRP NA 106 -59.86 -33.33 -47.48
CA TRP NA 106 -60.54 -32.08 -47.75
C TRP NA 106 -62.03 -32.38 -47.93
N PRO NA 107 -62.92 -31.83 -47.10
CA PRO NA 107 -64.32 -32.18 -47.21
C PRO NA 107 -64.97 -31.64 -48.46
N CYS NA 108 -66.04 -32.31 -48.84
CA CYS NA 108 -66.88 -31.92 -49.96
C CYS NA 108 -68.28 -31.53 -49.53
N SER NA 109 -68.56 -31.55 -48.23
CA SER NA 109 -69.89 -31.42 -47.68
C SER NA 109 -70.07 -30.04 -47.06
N PRO NA 110 -71.28 -29.50 -47.07
CA PRO NA 110 -71.49 -28.17 -46.52
C PRO NA 110 -71.42 -28.17 -45.00
N ILE NA 111 -71.20 -26.98 -44.45
CA ILE NA 111 -71.16 -26.84 -43.01
C ILE NA 111 -72.53 -26.90 -42.36
N THR NA 112 -73.59 -26.96 -43.15
CA THR NA 112 -74.95 -27.12 -42.65
C THR NA 112 -75.39 -28.57 -42.56
N GLN NA 113 -74.53 -29.52 -42.93
CA GLN NA 113 -74.93 -30.91 -42.95
C GLN NA 113 -75.00 -31.45 -41.53
N GLY NA 114 -76.08 -32.15 -41.23
CA GLY NA 114 -76.28 -32.73 -39.93
C GLY NA 114 -75.89 -34.19 -39.87
N ASP NA 115 -76.37 -34.85 -38.81
CA ASP NA 115 -76.02 -36.24 -38.53
C ASP NA 115 -74.51 -36.40 -38.44
N ARG NA 116 -73.88 -35.45 -37.76
CA ARG NA 116 -72.45 -35.44 -37.62
C ARG NA 116 -71.98 -36.66 -36.83
N GLY NA 117 -70.67 -36.90 -36.89
CA GLY NA 117 -70.09 -38.07 -36.32
C GLY NA 117 -68.67 -37.88 -35.87
N VAL NA 118 -68.03 -38.95 -35.43
CA VAL NA 118 -66.68 -38.90 -34.92
C VAL NA 118 -65.98 -40.20 -35.24
N GLY NA 119 -64.81 -40.10 -35.85
CA GLY NA 119 -64.04 -41.23 -36.31
C GLY NA 119 -62.60 -41.20 -35.84
N SER NA 120 -61.77 -41.99 -36.49
CA SER NA 120 -60.40 -42.15 -36.07
C SER NA 120 -59.53 -42.54 -37.25
N SER NA 121 -58.33 -41.97 -37.29
CA SER NA 121 -57.31 -42.31 -38.26
C SER NA 121 -56.06 -42.75 -37.53
N ALA NA 122 -55.52 -43.91 -37.91
CA ALA NA 122 -54.35 -44.48 -37.28
C ALA NA 122 -53.31 -44.83 -38.32
N VAL NA 123 -52.08 -44.99 -37.84
CA VAL NA 123 -50.92 -45.24 -38.68
C VAL NA 123 -50.54 -46.71 -38.57
N ILE NA 124 -50.56 -47.41 -39.70
CA ILE NA 124 -50.43 -48.86 -39.76
C ILE NA 124 -49.29 -49.17 -40.73
N LEU NA 125 -48.12 -49.46 -40.18
CA LEU NA 125 -46.89 -49.55 -40.96
C LEU NA 125 -46.53 -50.97 -41.37
N ASP NA 126 -47.51 -51.87 -41.54
CA ASP NA 126 -47.20 -53.28 -41.73
C ASP NA 126 -48.10 -54.05 -42.69
N ASP NA 127 -49.05 -53.40 -43.36
CA ASP NA 127 -49.84 -54.04 -44.39
C ASP NA 127 -50.78 -55.10 -43.83
N ASN NA 128 -51.19 -54.96 -42.57
CA ASN NA 128 -52.24 -55.77 -41.98
C ASN NA 128 -53.18 -54.79 -41.31
N PHE NA 129 -54.18 -54.38 -42.08
CA PHE NA 129 -55.20 -53.46 -41.65
C PHE NA 129 -56.37 -54.22 -41.06
N VAL NA 130 -57.20 -53.49 -40.31
CA VAL NA 130 -58.51 -54.02 -39.95
C VAL NA 130 -59.28 -54.23 -41.23
N THR NA 131 -60.04 -55.33 -41.27
CA THR NA 131 -60.74 -55.71 -42.47
C THR NA 131 -61.71 -54.61 -42.90
N LYS NA 132 -61.80 -54.39 -44.19
CA LYS NA 132 -62.71 -53.38 -44.73
C LYS NA 132 -64.14 -53.75 -44.40
N ALA NA 133 -64.86 -52.79 -43.83
CA ALA NA 133 -66.21 -52.99 -43.36
C ALA NA 133 -67.08 -51.80 -43.77
N THR NA 134 -68.35 -52.07 -44.00
CA THR NA 134 -69.31 -51.05 -44.36
C THR NA 134 -69.96 -50.43 -43.13
N ALA NA 135 -70.46 -51.28 -42.22
CA ALA NA 135 -71.10 -50.81 -40.99
C ALA NA 135 -70.65 -51.74 -39.86
N LEU NA 136 -69.53 -51.39 -39.23
CA LEU NA 136 -69.02 -52.11 -38.08
C LEU NA 136 -69.50 -51.42 -36.80
N THR NA 137 -69.81 -52.24 -35.79
CA THR NA 137 -70.46 -51.77 -34.58
C THR NA 137 -69.53 -51.04 -33.63
N TYR NA 138 -68.31 -50.74 -34.02
CA TYR NA 138 -67.37 -50.05 -33.15
C TYR NA 138 -66.27 -49.44 -34.02
N ASP NA 139 -65.51 -48.55 -33.40
CA ASP NA 139 -64.37 -47.91 -34.04
C ASP NA 139 -63.11 -48.69 -33.68
N PRO NA 140 -62.54 -49.46 -34.60
CA PRO NA 140 -61.39 -50.28 -34.22
C PRO NA 140 -60.14 -49.47 -33.94
N TYR NA 141 -59.97 -48.35 -34.63
CA TYR NA 141 -58.77 -47.55 -34.53
C TYR NA 141 -58.82 -46.53 -33.39
N VAL NA 142 -59.75 -46.69 -32.45
CA VAL NA 142 -59.96 -45.67 -31.44
C VAL NA 142 -58.92 -45.76 -30.33
N ASN NA 143 -58.56 -46.98 -29.93
CA ASN NA 143 -57.61 -47.17 -28.85
C ASN NA 143 -56.18 -47.25 -29.33
N TYR NA 144 -55.94 -47.03 -30.62
CA TYR NA 144 -54.59 -47.04 -31.15
C TYR NA 144 -53.81 -45.84 -30.64
N SER NA 145 -52.53 -46.05 -30.37
CA SER NA 145 -51.66 -45.00 -29.89
C SER NA 145 -51.49 -43.88 -30.90
N SER NA 146 -51.69 -44.16 -32.18
CA SER NA 146 -51.58 -43.18 -33.25
C SER NA 146 -52.93 -42.67 -33.72
N ARG NA 147 -53.95 -42.76 -32.89
CA ARG NA 147 -55.27 -42.32 -33.28
C ARG NA 147 -55.38 -40.82 -33.18
N HIS NA 148 -55.89 -40.21 -34.24
CA HIS NA 148 -56.35 -38.83 -34.24
C HIS NA 148 -57.83 -38.86 -34.54
N THR NA 149 -58.57 -38.03 -33.84
CA THR NA 149 -60.00 -37.94 -34.03
C THR NA 149 -60.34 -37.27 -35.34
N ILE NA 150 -61.29 -37.86 -36.06
CA ILE NA 150 -61.85 -37.30 -37.28
C ILE NA 150 -63.21 -36.75 -36.91
N THR NA 151 -63.33 -35.43 -36.90
CA THR NA 151 -64.62 -34.80 -36.89
C THR NA 151 -65.21 -34.85 -38.29
N GLN NA 152 -66.49 -35.19 -38.38
CA GLN NA 152 -67.19 -35.39 -39.63
C GLN NA 152 -68.41 -34.49 -39.67
N PRO NA 153 -68.92 -34.18 -40.87
CA PRO NA 153 -68.45 -34.45 -42.23
C PRO NA 153 -67.70 -33.30 -42.89
N PHE NA 154 -67.79 -32.12 -42.31
CA PHE NA 154 -67.36 -30.88 -42.96
C PHE NA 154 -66.07 -30.34 -42.36
N SER NA 155 -65.23 -31.20 -41.84
CA SER NA 155 -64.03 -30.80 -41.14
C SER NA 155 -62.80 -31.41 -41.79
N TYR NA 156 -61.73 -30.64 -41.78
CA TYR NA 156 -60.47 -31.02 -42.38
C TYR NA 156 -59.66 -31.88 -41.41
N HIS NA 157 -59.01 -32.89 -41.96
CA HIS NA 157 -58.20 -33.84 -41.20
C HIS NA 157 -56.90 -34.06 -41.94
N SER NA 158 -55.79 -33.79 -41.27
CA SER NA 158 -54.46 -34.02 -41.80
C SER NA 158 -53.73 -35.04 -40.94
N ARG NA 159 -52.86 -35.81 -41.58
CA ARG NA 159 -51.97 -36.75 -40.92
C ARG NA 159 -50.62 -36.65 -41.59
N TYR NA 160 -49.58 -36.42 -40.80
CA TYR NA 160 -48.21 -36.24 -41.28
C TYR NA 160 -47.32 -37.22 -40.57
N PHE NA 161 -46.76 -38.15 -41.32
CA PHE NA 161 -46.04 -39.27 -40.74
C PHE NA 161 -45.03 -39.79 -41.75
N THR NA 162 -44.23 -40.75 -41.30
CA THR NA 162 -43.19 -41.39 -42.09
C THR NA 162 -43.61 -42.80 -42.44
N PRO NA 163 -43.91 -43.12 -43.70
CA PRO NA 163 -44.33 -44.48 -44.02
C PRO NA 163 -43.18 -45.45 -44.04
N LYS NA 164 -43.49 -46.71 -44.29
CA LYS NA 164 -42.51 -47.78 -44.34
C LYS NA 164 -42.82 -48.66 -45.54
N PRO NA 165 -41.80 -49.18 -46.22
CA PRO NA 165 -42.07 -50.05 -47.36
C PRO NA 165 -42.34 -51.49 -46.96
N VAL NA 166 -43.03 -52.17 -47.87
CA VAL NA 166 -43.41 -53.56 -47.69
C VAL NA 166 -42.30 -54.40 -48.32
N LEU NA 167 -41.29 -54.71 -47.50
CA LEU NA 167 -40.17 -55.52 -47.96
C LEU NA 167 -40.50 -57.00 -47.92
N ASP NA 168 -41.13 -57.46 -46.86
CA ASP NA 168 -41.58 -58.84 -46.74
C ASP NA 168 -42.94 -58.83 -46.07
N SER NA 169 -43.99 -59.12 -46.84
CA SER NA 169 -45.34 -59.15 -46.29
C SER NA 169 -45.58 -60.35 -45.38
N THR NA 170 -44.73 -61.38 -45.46
CA THR NA 170 -44.89 -62.54 -44.61
C THR NA 170 -44.44 -62.26 -43.18
N ILE NA 171 -43.35 -61.51 -43.02
CA ILE NA 171 -42.76 -61.22 -41.72
C ILE NA 171 -43.17 -59.83 -41.28
N ASP NA 172 -43.29 -58.91 -42.23
CA ASP NA 172 -43.74 -57.55 -41.99
C ASP NA 172 -42.83 -56.85 -41.00
N TYR NA 173 -41.58 -56.65 -41.42
CA TYR NA 173 -40.58 -55.94 -40.64
C TYR NA 173 -40.34 -54.56 -41.22
N PHE NA 174 -40.05 -53.61 -40.34
CA PHE NA 174 -39.78 -52.25 -40.75
C PHE NA 174 -38.79 -51.60 -39.80
N GLN NA 175 -38.26 -50.55 -40.22
CA GLN NA 175 -37.24 -49.80 -39.52
C GLN NA 175 -37.86 -48.70 -38.66
N PRO NA 176 -37.25 -48.36 -37.53
CA PRO NA 176 -37.67 -47.15 -36.84
C PRO NA 176 -37.25 -45.89 -37.55
N ASN NA 177 -37.70 -44.75 -37.07
CA ASN NA 177 -37.45 -43.49 -37.74
C ASN NA 177 -36.02 -43.06 -37.51
N ASN NA 178 -35.25 -42.97 -38.59
CA ASN NA 178 -33.88 -42.51 -38.54
C ASN NA 178 -33.56 -41.96 -39.92
N LYS NA 179 -33.34 -40.66 -40.01
CA LYS NA 179 -33.10 -40.06 -41.31
C LYS NA 179 -31.79 -40.54 -41.90
N ARG NA 180 -30.81 -40.87 -41.07
CA ARG NA 180 -29.48 -41.22 -41.55
C ARG NA 180 -29.39 -42.68 -41.97
N ASN NA 181 -30.23 -43.54 -41.41
CA ASN NA 181 -30.17 -44.97 -41.64
C ASN NA 181 -31.30 -45.50 -42.50
N GLN NA 182 -32.17 -44.63 -43.01
CA GLN NA 182 -33.30 -45.07 -43.81
C GLN NA 182 -32.80 -45.68 -45.12
N LEU NA 183 -33.39 -46.81 -45.47
CA LEU NA 183 -32.99 -47.54 -46.65
C LEU NA 183 -33.30 -46.75 -47.91
N TRP NA 184 -32.43 -46.88 -48.89
CA TRP NA 184 -32.65 -46.40 -50.23
C TRP NA 184 -33.22 -47.54 -51.06
N LEU NA 185 -34.37 -47.30 -51.67
CA LEU NA 185 -34.95 -48.20 -52.64
C LEU NA 185 -34.59 -47.74 -54.04
N ARG NA 186 -34.79 -48.63 -54.99
CA ARG NA 186 -34.61 -48.31 -56.39
C ARG NA 186 -35.91 -47.82 -56.99
N LEU NA 187 -35.79 -46.78 -57.81
CA LEU NA 187 -36.91 -46.28 -58.59
C LEU NA 187 -37.06 -47.16 -59.81
N GLN NA 188 -37.91 -48.17 -59.68
CA GLN NA 188 -38.15 -49.12 -60.74
C GLN NA 188 -38.89 -48.44 -61.88
N THR NA 189 -39.04 -49.18 -62.98
CA THR NA 189 -39.71 -48.65 -64.15
C THR NA 189 -41.23 -48.73 -64.01
N ALA NA 190 -41.76 -49.93 -63.70
CA ALA NA 190 -43.20 -50.09 -63.54
C ALA NA 190 -43.58 -51.06 -62.41
N GLY NA 191 -42.71 -51.23 -61.42
CA GLY NA 191 -42.93 -52.24 -60.40
C GLY NA 191 -42.53 -51.83 -58.99
N ASN NA 192 -42.67 -50.56 -58.67
CA ASN NA 192 -42.25 -50.07 -57.37
C ASN NA 192 -43.09 -50.68 -56.25
N VAL NA 193 -42.51 -50.68 -55.06
CA VAL NA 193 -43.08 -51.35 -53.91
C VAL NA 193 -44.02 -50.42 -53.18
N ASP NA 194 -45.07 -51.00 -52.60
CA ASP NA 194 -46.10 -50.22 -51.94
C ASP NA 194 -45.64 -49.80 -50.55
N HIS NA 195 -45.76 -48.52 -50.26
CA HIS NA 195 -45.60 -48.01 -48.92
C HIS NA 195 -46.95 -47.96 -48.24
N VAL NA 196 -46.92 -48.00 -46.91
CA VAL NA 196 -48.10 -48.25 -46.11
C VAL NA 196 -48.03 -47.37 -44.87
N GLY NA 197 -49.16 -47.22 -44.19
CA GLY NA 197 -49.20 -46.30 -43.07
C GLY NA 197 -50.45 -45.52 -42.72
N LEU NA 198 -51.61 -45.81 -43.31
CA LEU NA 198 -52.81 -45.17 -42.80
C LEU NA 198 -54.05 -46.05 -42.93
N GLY NA 199 -54.80 -46.10 -41.85
CA GLY NA 199 -56.11 -46.70 -41.85
C GLY NA 199 -57.10 -45.82 -41.13
N THR NA 200 -58.34 -45.86 -41.59
CA THR NA 200 -59.36 -44.93 -41.19
C THR NA 200 -60.61 -45.65 -40.72
N ALA NA 201 -61.43 -44.93 -39.97
CA ALA NA 201 -62.75 -45.39 -39.56
C ALA NA 201 -63.67 -44.19 -39.52
N PHE NA 202 -64.63 -44.15 -40.43
CA PHE NA 202 -65.59 -43.07 -40.53
C PHE NA 202 -66.95 -43.52 -40.05
N GLU NA 203 -67.59 -42.69 -39.25
CA GLU NA 203 -68.93 -42.98 -38.75
C GLU NA 203 -69.94 -42.70 -39.84
N ASN NA 204 -70.79 -43.69 -40.09
CA ASN NA 204 -71.77 -43.59 -41.15
C ASN NA 204 -72.86 -42.58 -40.79
N SER NA 205 -73.64 -42.23 -41.80
CA SER NA 205 -74.64 -41.17 -41.68
C SER NA 205 -75.77 -41.42 -42.64
N ILE NA 206 -76.86 -40.68 -42.45
CA ILE NA 206 -77.99 -40.75 -43.36
C ILE NA 206 -77.64 -40.13 -44.70
N TYR NA 207 -76.74 -39.17 -44.71
CA TYR NA 207 -76.31 -38.50 -45.92
C TYR NA 207 -74.95 -39.03 -46.36
N ASP NA 208 -74.68 -38.87 -47.66
CA ASP NA 208 -73.40 -39.28 -48.19
C ASP NA 208 -72.33 -38.29 -47.79
N GLN NA 209 -71.19 -38.82 -47.35
CA GLN NA 209 -70.03 -38.02 -46.93
C GLN NA 209 -68.93 -38.22 -47.95
N GLU NA 210 -68.67 -37.18 -48.74
CA GLU NA 210 -67.63 -37.21 -49.77
C GLU NA 210 -66.41 -36.44 -49.31
N TYR NA 211 -65.25 -36.86 -49.80
CA TYR NA 211 -63.97 -36.24 -49.48
C TYR NA 211 -63.11 -36.24 -50.73
N ASN NA 212 -62.29 -35.21 -50.85
CA ASN NA 212 -61.22 -35.14 -51.85
C ASN NA 212 -59.90 -35.28 -51.10
N ILE NA 213 -59.24 -36.42 -51.29
CA ILE NA 213 -58.06 -36.75 -50.53
C ILE NA 213 -56.83 -36.39 -51.34
N ARG NA 214 -55.98 -35.54 -50.77
CA ARG NA 214 -54.74 -35.10 -51.40
C ARG NA 214 -53.58 -35.66 -50.61
N VAL NA 215 -52.85 -36.58 -51.22
CA VAL NA 215 -51.66 -37.18 -50.64
C VAL NA 215 -50.45 -36.46 -51.21
N THR NA 216 -49.55 -36.04 -50.33
CA THR NA 216 -48.32 -35.38 -50.69
C THR NA 216 -47.17 -36.18 -50.10
N MET NA 217 -46.30 -36.70 -50.95
CA MET NA 217 -45.12 -37.44 -50.53
C MET NA 217 -43.88 -36.57 -50.65
N TYR NA 218 -43.14 -36.50 -49.57
CA TYR NA 218 -41.87 -35.80 -49.53
C TYR NA 218 -40.75 -36.81 -49.69
N VAL NA 219 -40.14 -36.81 -50.86
CA VAL NA 219 -39.21 -37.85 -51.26
C VAL NA 219 -37.81 -37.28 -51.35
N GLN NA 220 -36.83 -38.18 -51.45
CA GLN NA 220 -35.42 -37.83 -51.50
C GLN NA 220 -34.79 -38.80 -52.49
N PHE NA 221 -34.30 -38.27 -53.60
CA PHE NA 221 -33.69 -39.06 -54.65
C PHE NA 221 -32.17 -39.01 -54.56
N ARG NA 222 -31.52 -39.82 -55.39
CA ARG NA 222 -30.08 -39.95 -55.36
C ARG NA 222 -29.61 -40.43 -56.72
N GLU NA 223 -28.40 -40.02 -57.09
CA GLU NA 223 -27.70 -40.49 -58.28
C GLU NA 223 -28.46 -40.13 -59.56
N PHE NA 224 -28.46 -38.84 -59.84
CA PHE NA 224 -28.85 -38.28 -61.13
C PHE NA 224 -28.28 -39.10 -62.26
N ASN NA 225 -29.14 -39.62 -63.13
CA ASN NA 225 -28.75 -40.61 -64.13
C ASN NA 225 -29.34 -40.29 -65.48
N LEU NA 226 -29.30 -39.02 -65.86
CA LEU NA 226 -29.83 -38.63 -67.15
C LEU NA 226 -29.01 -39.23 -68.28
N LYS NA 227 -29.68 -39.62 -69.34
CA LYS NA 227 -29.05 -40.19 -70.52
C LYS NA 227 -29.36 -39.31 -71.72
N ASP NA 228 -28.32 -38.92 -72.44
CA ASP NA 228 -28.41 -37.94 -73.52
C ASP NA 228 -27.85 -38.55 -74.79
N PRO NA 229 -28.66 -39.32 -75.53
CA PRO NA 229 -28.23 -39.79 -76.83
C PRO NA 229 -28.25 -38.67 -77.86
N PRO NA 230 -27.63 -38.88 -79.02
CA PRO NA 230 -27.75 -37.87 -80.08
C PRO NA 230 -29.14 -37.80 -80.67
N LEU NA 231 -29.31 -36.94 -81.66
CA LEU NA 231 -30.60 -36.73 -82.31
C LEU NA 231 -30.44 -36.54 -83.81
N GLY OA 43 -36.89 0.23 61.80
CA GLY OA 43 -37.29 1.63 61.71
C GLY OA 43 -36.30 2.56 62.35
N ILE OA 44 -35.25 2.87 61.61
CA ILE OA 44 -34.12 3.63 62.14
C ILE OA 44 -34.47 5.11 62.17
N PHE OA 45 -33.97 5.78 63.20
CA PHE OA 45 -34.12 7.23 63.32
C PHE OA 45 -32.89 7.74 64.07
N ASN OA 46 -31.95 8.31 63.33
CA ASN OA 46 -30.80 8.97 63.92
C ASN OA 46 -31.17 10.39 64.29
N THR OA 47 -30.92 10.77 65.54
CA THR OA 47 -31.18 12.12 66.00
C THR OA 47 -30.06 12.54 66.95
N ARG OA 48 -30.32 13.64 67.66
CA ARG OA 48 -29.33 14.32 68.48
C ARG OA 48 -30.02 14.87 69.71
N LEU OA 49 -29.50 14.50 70.88
CA LEU OA 49 -30.04 14.91 72.16
C LEU OA 49 -28.96 15.59 72.97
N SER OA 50 -29.31 16.68 73.62
CA SER OA 50 -28.39 17.53 74.35
C SER OA 50 -28.86 17.74 75.78
N ARG OA 51 -27.96 18.32 76.56
CA ARG OA 51 -28.10 18.50 78.00
C ARG OA 51 -26.96 19.40 78.44
N THR OA 52 -27.26 20.30 79.37
CA THR OA 52 -26.31 21.31 79.82
C THR OA 52 -26.29 21.35 81.35
N PHE OA 53 -25.09 21.46 81.91
CA PHE OA 53 -24.92 21.50 83.35
C PHE OA 53 -23.58 22.15 83.65
N GLY OA 54 -23.38 22.46 84.92
CA GLY OA 54 -22.20 23.17 85.38
C GLY OA 54 -21.15 22.33 86.08
N TYR OA 55 -19.92 22.84 86.06
CA TYR OA 55 -18.80 22.22 86.75
C TYR OA 55 -17.85 23.34 87.16
N THR OA 56 -17.44 23.32 88.42
CA THR OA 56 -16.56 24.34 88.98
C THR OA 56 -15.37 23.68 89.64
N ILE OA 57 -14.21 24.27 89.43
CA ILE OA 57 -12.97 23.90 90.09
C ILE OA 57 -12.70 25.01 91.10
N LYS OA 58 -12.93 24.71 92.37
CA LYS OA 58 -12.77 25.71 93.42
C LYS OA 58 -11.31 26.11 93.58
N ARG OA 59 -11.11 27.28 94.16
CA ARG OA 59 -9.79 27.83 94.38
C ARG OA 59 -9.05 27.08 95.48
N THR OA 60 -7.73 27.22 95.46
CA THR OA 60 -6.86 26.62 96.46
C THR OA 60 -5.72 27.57 96.78
N THR OA 61 -5.38 27.66 98.07
CA THR OA 61 -4.22 28.40 98.51
C THR OA 61 -2.91 27.65 98.28
N VAL OA 62 -2.97 26.40 97.84
CA VAL OA 62 -1.77 25.62 97.60
C VAL OA 62 -0.92 26.30 96.55
N LYS OA 63 0.39 26.35 96.79
CA LYS OA 63 1.32 27.03 95.91
C LYS OA 63 1.73 26.15 94.73
N THR OA 64 1.89 24.86 94.97
CA THR OA 64 2.38 23.95 93.96
C THR OA 64 1.39 23.83 92.80
N PRO OA 65 1.82 23.28 91.67
CA PRO OA 65 0.86 22.91 90.64
C PRO OA 65 0.20 21.60 90.99
N SER OA 66 -1.06 21.67 91.39
CA SER OA 66 -1.87 20.50 91.67
C SER OA 66 -3.04 20.45 90.71
N TRP OA 67 -3.57 19.26 90.52
CA TRP OA 67 -4.67 19.03 89.59
C TRP OA 67 -5.88 18.48 90.32
N ALA OA 68 -7.04 18.82 89.79
CA ALA OA 68 -8.34 18.37 90.29
C ALA OA 68 -8.89 17.34 89.33
N VAL OA 69 -9.14 16.15 89.83
CA VAL OA 69 -9.57 15.02 89.02
C VAL OA 69 -11.05 14.79 89.25
N ASP OA 70 -11.74 14.45 88.17
CA ASP OA 70 -13.16 14.14 88.23
C ASP OA 70 -13.51 13.25 87.05
N MET OA 71 -14.71 12.67 87.13
CA MET OA 71 -15.20 11.71 86.17
C MET OA 71 -16.47 12.24 85.50
N MET OA 72 -16.86 11.55 84.43
CA MET OA 72 -18.04 11.95 83.67
C MET OA 72 -18.63 10.71 83.00
N ARG OA 73 -19.84 10.35 83.41
CA ARG OA 73 -20.62 9.29 82.81
C ARG OA 73 -21.77 9.90 82.00
N PHE OA 74 -22.40 9.06 81.19
CA PHE OA 74 -23.49 9.47 80.32
C PHE OA 74 -24.61 8.45 80.42
N ASN OA 75 -25.81 8.91 80.76
CA ASN OA 75 -27.00 8.09 80.76
C ASN OA 75 -28.08 8.77 79.95
N ILE OA 76 -28.94 7.95 79.34
CA ILE OA 76 -29.98 8.46 78.45
C ILE OA 76 -31.19 8.98 79.21
N ASN OA 77 -31.32 8.67 80.49
CA ASN OA 77 -32.43 9.24 81.26
C ASN OA 77 -32.28 10.74 81.41
N ASP OA 78 -31.05 11.23 81.45
CA ASP OA 78 -30.79 12.65 81.58
C ASP OA 78 -31.03 13.43 80.30
N PHE OA 79 -31.15 12.75 79.16
CA PHE OA 79 -31.41 13.38 77.88
C PHE OA 79 -32.82 13.13 77.38
N LEU OA 80 -33.40 11.99 77.71
CA LEU OA 80 -34.72 11.59 77.24
C LEU OA 80 -35.70 11.53 78.41
N PRO OA 81 -36.68 12.43 78.52
CA PRO OA 81 -37.55 12.39 79.68
C PRO OA 81 -38.56 11.26 79.57
N PRO OA 82 -39.30 11.00 80.64
CA PRO OA 82 -40.39 10.05 80.54
C PRO OA 82 -41.55 10.61 79.74
N GLY OA 83 -42.25 9.72 79.04
CA GLY OA 83 -43.35 10.12 78.21
C GLY OA 83 -44.63 10.29 78.98
N GLY OA 84 -45.73 9.87 78.38
CA GLY OA 84 -47.03 9.95 79.01
C GLY OA 84 -48.01 8.96 78.43
N GLY OA 85 -48.71 8.26 79.30
CA GLY OA 85 -49.70 7.30 78.88
C GLY OA 85 -49.12 5.94 78.57
N SER OA 86 -49.62 5.31 77.50
CA SER OA 86 -49.16 4.00 77.12
C SER OA 86 -47.75 4.02 76.56
N ASN OA 87 -47.24 5.20 76.18
CA ASN OA 87 -45.87 5.34 75.73
C ASN OA 87 -45.00 5.73 76.91
N PRO OA 88 -44.12 4.85 77.41
CA PRO OA 88 -43.39 5.20 78.63
C PRO OA 88 -42.35 6.27 78.44
N ARG OA 89 -41.86 6.46 77.22
CA ARG OA 89 -40.84 7.44 76.91
C ARG OA 89 -41.35 8.43 75.86
N SER OA 90 -40.65 9.56 75.77
CA SER OA 90 -41.10 10.65 74.92
C SER OA 90 -40.73 10.43 73.46
N VAL OA 91 -39.71 9.63 73.19
CA VAL OA 91 -39.34 9.22 71.84
C VAL OA 91 -39.85 7.81 71.64
N PRO OA 92 -40.87 7.59 70.80
CA PRO OA 92 -41.51 6.26 70.77
C PRO OA 92 -40.74 5.21 69.98
N PHE OA 93 -39.71 4.68 70.61
CA PHE OA 93 -38.90 3.62 70.04
C PHE OA 93 -38.56 2.62 71.13
N GLU OA 94 -38.18 1.42 70.70
CA GLU OA 94 -37.89 0.32 71.60
C GLU OA 94 -36.41 0.22 71.94
N TYR OA 95 -35.56 0.23 70.93
CA TYR OA 95 -34.14 -0.02 71.07
C TYR OA 95 -33.35 1.24 70.78
N TYR OA 96 -32.12 1.27 71.25
CA TYR OA 96 -31.23 2.39 71.01
C TYR OA 96 -29.79 1.92 71.07
N ARG OA 97 -28.91 2.74 70.53
CA ARG OA 97 -27.48 2.55 70.70
C ARG OA 97 -26.81 3.89 70.46
N ILE OA 98 -25.96 4.29 71.40
CA ILE OA 98 -25.31 5.59 71.33
C ILE OA 98 -24.12 5.49 70.39
N ARG OA 99 -24.12 6.32 69.36
CA ARG OA 99 -23.09 6.32 68.33
C ARG OA 99 -21.90 7.18 68.72
N LYS OA 100 -22.16 8.41 69.17
CA LYS OA 100 -21.12 9.36 69.49
C LYS OA 100 -21.62 10.26 70.62
N VAL OA 101 -20.67 10.89 71.29
CA VAL OA 101 -20.95 11.92 72.28
C VAL OA 101 -19.98 13.07 72.04
N LYS OA 102 -20.47 14.28 72.20
CA LYS OA 102 -19.69 15.50 72.11
C LYS OA 102 -19.81 16.23 73.43
N VAL OA 103 -18.74 16.22 74.19
CA VAL OA 103 -18.64 16.98 75.43
C VAL OA 103 -17.96 18.30 75.13
N GLU OA 104 -18.61 19.39 75.48
CA GLU OA 104 -18.13 20.73 75.22
C GLU OA 104 -17.99 21.44 76.55
N PHE OA 105 -16.77 21.83 76.89
CA PHE OA 105 -16.50 22.67 78.05
C PHE OA 105 -16.54 24.12 77.60
N TRP OA 106 -17.68 24.75 77.81
CA TRP OA 106 -17.83 26.16 77.49
C TRP OA 106 -17.41 26.98 78.69
N PRO OA 107 -16.38 27.84 78.59
CA PRO OA 107 -15.91 28.55 79.77
C PRO OA 107 -16.90 29.59 80.24
N CYS OA 108 -16.77 29.90 81.53
CA CYS OA 108 -17.53 30.94 82.17
C CYS OA 108 -16.65 32.10 82.65
N SER OA 109 -15.37 32.05 82.38
CA SER OA 109 -14.40 32.95 82.95
C SER OA 109 -13.92 33.94 81.90
N PRO OA 110 -13.55 35.15 82.30
CA PRO OA 110 -13.13 36.15 81.33
C PRO OA 110 -11.76 35.83 80.75
N ILE OA 111 -11.49 36.44 79.60
CA ILE OA 111 -10.19 36.26 78.97
C ILE OA 111 -9.08 37.02 79.66
N THR OA 112 -9.41 37.85 80.66
CA THR OA 112 -8.41 38.56 81.45
C THR OA 112 -7.99 37.81 82.70
N GLN OA 113 -8.53 36.61 82.93
CA GLN OA 113 -8.23 35.90 84.15
C GLN OA 113 -6.84 35.31 84.07
N GLY OA 114 -6.07 35.48 85.13
CA GLY OA 114 -4.73 34.98 85.22
C GLY OA 114 -4.62 33.66 85.95
N ASP OA 115 -3.40 33.32 86.33
CA ASP OA 115 -3.08 32.05 86.96
C ASP OA 115 -3.54 30.90 86.09
N ARG OA 116 -3.27 31.03 84.79
CA ARG OA 116 -3.67 30.04 83.83
C ARG OA 116 -2.97 28.71 84.08
N GLY OA 117 -3.47 27.68 83.44
CA GLY OA 117 -3.02 26.33 83.69
C GLY OA 117 -3.15 25.43 82.48
N VAL OA 118 -2.86 24.16 82.68
CA VAL OA 118 -2.89 23.19 81.60
C VAL OA 118 -3.28 21.84 82.17
N GLY OA 119 -4.30 21.23 81.55
CA GLY OA 119 -4.86 19.98 82.01
C GLY OA 119 -4.96 18.95 80.92
N SER OA 120 -5.78 17.94 81.14
CA SER OA 120 -5.87 16.81 80.24
C SER OA 120 -7.23 16.17 80.37
N SER OA 121 -7.78 15.75 79.23
CA SER OA 121 -9.01 14.99 79.15
C SER OA 121 -8.75 13.70 78.40
N ALA OA 122 -9.15 12.58 78.99
CA ALA OA 122 -8.92 11.27 78.42
C ALA OA 122 -10.23 10.49 78.37
N VAL OA 123 -10.23 9.46 77.52
CA VAL OA 123 -11.39 8.64 77.25
C VAL OA 123 -11.24 7.32 77.99
N ILE OA 124 -12.20 7.03 78.87
CA ILE OA 124 -12.13 5.92 79.80
C ILE OA 124 -13.39 5.09 79.63
N LEU OA 125 -13.28 4.00 78.90
CA LEU OA 125 -14.45 3.24 78.45
C LEU OA 125 -14.77 2.05 79.35
N ASP OA 126 -14.46 2.11 80.65
CA ASP OA 126 -14.57 0.92 81.49
C ASP OA 126 -15.03 1.15 82.92
N ASP OA 127 -15.37 2.37 83.32
CA ASP OA 127 -15.95 2.63 84.62
C ASP OA 127 -14.95 2.41 85.75
N ASN OA 128 -13.66 2.57 85.46
CA ASN OA 128 -12.63 2.59 86.49
C ASN OA 128 -11.78 3.81 86.19
N PHE OA 129 -12.17 4.91 86.80
CA PHE OA 129 -11.51 6.19 86.67
C PHE OA 129 -10.44 6.34 87.74
N VAL OA 130 -9.53 7.29 87.49
CA VAL OA 130 -8.66 7.73 88.56
C VAL OA 130 -9.52 8.33 89.66
N THR OA 131 -9.14 8.07 90.90
CA THR OA 131 -9.94 8.48 92.03
C THR OA 131 -10.11 10.00 92.03
N LYS OA 132 -11.30 10.44 92.39
CA LYS OA 132 -11.58 11.86 92.47
C LYS OA 132 -10.69 12.52 93.51
N ALA OA 133 -10.02 13.59 93.11
CA ALA OA 133 -9.06 14.29 93.95
C ALA OA 133 -9.28 15.78 93.81
N THR OA 134 -8.98 16.49 94.90
CA THR OA 134 -9.09 17.94 94.93
C THR OA 134 -7.79 18.61 94.49
N ALA OA 135 -6.66 18.19 95.06
CA ALA OA 135 -5.35 18.73 94.72
C ALA OA 135 -4.37 17.57 94.68
N LEU OA 136 -4.24 16.95 93.52
CA LEU OA 136 -3.27 15.90 93.27
C LEU OA 136 -2.01 16.48 92.67
N THR OA 137 -0.87 15.93 93.07
CA THR OA 137 0.43 16.49 92.74
C THR OA 137 0.86 16.22 91.30
N TYR OA 138 0.01 15.67 90.47
CA TYR OA 138 0.39 15.38 89.09
C TYR OA 138 -0.89 15.23 88.27
N ASP OA 139 -0.72 15.24 86.95
CA ASP OA 139 -1.81 15.03 86.01
C ASP OA 139 -1.85 13.56 85.64
N PRO OA 140 -2.82 12.78 86.12
CA PRO OA 140 -2.78 11.35 85.82
C PRO OA 140 -3.09 11.03 84.37
N TYR OA 141 -3.92 11.84 83.73
CA TYR OA 141 -4.37 11.59 82.38
C TYR OA 141 -3.44 12.15 81.32
N VAL OA 142 -2.21 12.49 81.69
CA VAL OA 142 -1.32 13.19 80.77
C VAL OA 142 -0.69 12.22 79.79
N ASN OA 143 -0.30 11.04 80.25
CA ASN OA 143 0.37 10.08 79.40
C ASN OA 143 -0.60 9.13 78.71
N TYR OA 144 -1.89 9.36 78.87
CA TYR OA 144 -2.88 8.53 78.19
C TYR OA 144 -2.85 8.77 76.70
N SER OA 145 -3.05 7.70 75.94
CA SER OA 145 -3.07 7.78 74.49
C SER OA 145 -4.20 8.64 73.96
N SER OA 146 -5.27 8.81 74.73
CA SER OA 146 -6.41 9.61 74.36
C SER OA 146 -6.42 10.97 75.03
N ARG OA 147 -5.26 11.45 75.45
CA ARG OA 147 -5.18 12.73 76.13
C ARG OA 147 -5.24 13.86 75.12
N HIS OA 148 -6.09 14.83 75.40
CA HIS OA 148 -6.10 16.12 74.75
C HIS OA 148 -5.82 17.16 75.81
N THR OA 149 -5.01 18.14 75.46
CA THR OA 149 -4.66 19.20 76.39
C THR OA 149 -5.84 20.14 76.60
N ILE OA 150 -6.07 20.49 77.86
CA ILE OA 150 -7.05 21.48 78.24
C ILE OA 150 -6.28 22.72 78.61
N THR OA 151 -6.38 23.74 77.77
CA THR OA 151 -5.98 25.09 78.16
C THR OA 151 -7.05 25.68 79.06
N GLN OA 152 -6.62 26.32 80.13
CA GLN OA 152 -7.48 26.86 81.16
C GLN OA 152 -7.17 28.34 81.32
N PRO OA 153 -8.13 29.12 81.85
CA PRO OA 153 -9.52 28.85 82.21
C PRO OA 153 -10.55 29.27 81.18
N PHE OA 154 -10.12 30.10 80.22
CA PHE OA 154 -11.04 30.79 79.32
C PHE OA 154 -11.04 30.21 77.91
N SER OA 155 -10.76 28.91 77.79
CA SER OA 155 -10.61 28.27 76.50
C SER OA 155 -11.58 27.12 76.38
N TYR OA 156 -12.08 26.94 75.15
CA TYR OA 156 -13.04 25.92 74.83
C TYR OA 156 -12.35 24.60 74.56
N HIS OA 157 -12.97 23.52 75.05
CA HIS OA 157 -12.44 22.17 74.92
C HIS OA 157 -13.58 21.26 74.50
N SER OA 158 -13.41 20.58 73.37
CA SER OA 158 -14.36 19.61 72.87
C SER OA 158 -13.71 18.24 72.81
N ARG OA 159 -14.53 17.21 73.01
CA ARG OA 159 -14.13 15.82 72.85
C ARG OA 159 -15.27 15.09 72.16
N TYR OA 160 -14.95 14.41 71.07
CA TYR OA 160 -15.92 13.71 70.24
C TYR OA 160 -15.46 12.27 70.11
N PHE OA 161 -16.25 11.35 70.65
CA PHE OA 161 -15.85 9.97 70.76
C PHE OA 161 -17.09 9.09 70.83
N THR OA 162 -16.84 7.78 70.83
CA THR OA 162 -17.86 6.77 70.87
C THR OA 162 -17.86 6.10 72.24
N PRO OA 163 -18.87 6.29 73.08
CA PRO OA 163 -18.84 5.67 74.40
C PRO OA 163 -19.17 4.20 74.34
N LYS OA 164 -19.12 3.55 75.50
CA LYS OA 164 -19.40 2.13 75.62
C LYS OA 164 -20.28 1.92 76.84
N PRO OA 165 -21.21 0.97 76.80
CA PRO OA 165 -22.06 0.74 77.96
C PRO OA 165 -21.42 -0.17 78.99
N VAL OA 166 -21.91 -0.04 80.22
CA VAL OA 166 -21.43 -0.80 81.36
C VAL OA 166 -22.31 -2.05 81.44
N LEU OA 167 -21.90 -3.09 80.73
CA LEU OA 167 -22.63 -4.35 80.73
C LEU OA 167 -22.29 -5.19 81.95
N ASP OA 168 -21.01 -5.29 82.28
CA ASP OA 168 -20.57 -5.99 83.49
C ASP OA 168 -19.45 -5.17 84.11
N SER OA 169 -19.73 -4.54 85.24
CA SER OA 169 -18.73 -3.74 85.92
C SER OA 169 -17.66 -4.59 86.59
N THR OA 170 -17.91 -5.88 86.79
CA THR OA 170 -16.92 -6.76 87.39
C THR OA 170 -15.81 -7.11 86.41
N ILE OA 171 -16.16 -7.35 85.15
CA ILE OA 171 -15.22 -7.77 84.13
C ILE OA 171 -14.83 -6.57 83.27
N ASP OA 172 -15.77 -5.67 83.05
CA ASP OA 172 -15.55 -4.44 82.31
C ASP OA 172 -15.06 -4.72 80.90
N TYR OA 173 -15.94 -5.35 80.13
CA TYR OA 173 -15.69 -5.66 78.73
C TYR OA 173 -16.48 -4.72 77.83
N PHE OA 174 -15.89 -4.41 76.67
CA PHE OA 174 -16.55 -3.54 75.71
C PHE OA 174 -16.11 -3.92 74.30
N GLN OA 175 -16.84 -3.45 73.39
CA GLN OA 175 -16.66 -3.72 71.98
C GLN OA 175 -15.77 -2.68 71.32
N PRO OA 176 -15.02 -3.04 70.30
CA PRO OA 176 -14.36 -2.01 69.50
C PRO OA 176 -15.34 -1.28 68.60
N ASN OA 177 -14.87 -0.24 67.94
CA ASN OA 177 -15.73 0.61 67.15
C ASN OA 177 -16.11 -0.09 65.87
N ASN OA 178 -17.40 -0.35 65.70
CA ASN OA 178 -17.93 -0.97 64.49
C ASN OA 178 -19.37 -0.54 64.39
N LYS OA 179 -19.69 0.25 63.38
CA LYS OA 179 -21.06 0.74 63.28
C LYS OA 179 -22.03 -0.39 62.98
N ARG OA 180 -21.58 -1.43 62.29
CA ARG OA 180 -22.47 -2.49 61.85
C ARG OA 180 -22.72 -3.52 62.94
N ASN OA 181 -21.78 -3.67 63.87
CA ASN OA 181 -21.84 -4.70 64.91
C ASN OA 181 -22.14 -4.15 66.29
N GLN OA 182 -22.39 -2.86 66.41
CA GLN OA 182 -22.67 -2.27 67.72
C GLN OA 182 -23.97 -2.80 68.28
N LEU OA 183 -23.94 -3.15 69.56
CA LEU OA 183 -25.08 -3.74 70.22
C LEU OA 183 -26.23 -2.74 70.31
N TRP OA 184 -27.44 -3.26 70.19
CA TRP OA 184 -28.65 -2.52 70.47
C TRP OA 184 -29.06 -2.80 71.90
N LEU OA 185 -29.23 -1.75 72.67
CA LEU OA 185 -29.78 -1.83 74.01
C LEU OA 185 -31.26 -1.51 73.96
N ARG OA 186 -31.96 -1.84 75.02
CA ARG OA 186 -33.36 -1.50 75.18
C ARG OA 186 -33.48 -0.16 75.88
N LEU OA 187 -34.40 0.65 75.38
CA LEU OA 187 -34.77 1.90 76.00
C LEU OA 187 -35.74 1.59 77.14
N GLN OA 188 -35.17 1.42 78.33
CA GLN OA 188 -35.94 1.09 79.50
C GLN OA 188 -36.80 2.28 79.91
N THR OA 189 -37.67 2.05 80.90
CA THR OA 189 -38.56 3.08 81.37
C THR OA 189 -37.87 4.03 82.35
N ALA OA 190 -37.24 3.49 83.39
CA ALA OA 190 -36.53 4.30 84.37
C ALA OA 190 -35.23 3.68 84.87
N GLY OA 191 -34.60 2.79 84.09
CA GLY OA 191 -33.47 2.03 84.56
C GLY OA 191 -32.37 1.81 83.54
N ASN OA 192 -32.18 2.76 82.64
CA ASN OA 192 -31.20 2.59 81.59
C ASN OA 192 -29.79 2.53 82.15
N VAL OA 193 -28.91 1.94 81.37
CA VAL OA 193 -27.55 1.63 81.79
C VAL OA 193 -26.65 2.82 81.50
N ASP OA 194 -25.66 3.01 82.35
CA ASP OA 194 -24.76 4.15 82.25
C ASP OA 194 -23.70 3.89 81.18
N HIS OA 195 -23.55 4.83 80.27
CA HIS OA 195 -22.44 4.85 79.36
C HIS OA 195 -21.32 5.69 79.94
N VAL OA 196 -20.11 5.41 79.48
CA VAL OA 196 -18.90 5.89 80.12
C VAL OA 196 -17.90 6.26 79.05
N GLY OA 197 -16.87 7.02 79.42
CA GLY OA 197 -15.95 7.48 78.43
C GLY OA 197 -15.25 8.83 78.57
N LEU OA 198 -15.34 9.51 79.70
CA LEU OA 198 -14.49 10.70 79.85
C LEU OA 198 -14.05 10.94 81.27
N GLY OA 199 -12.77 11.21 81.41
CA GLY OA 199 -12.21 11.66 82.67
C GLY OA 199 -11.30 12.84 82.42
N THR OA 200 -11.26 13.74 83.42
CA THR OA 200 -10.61 15.03 83.28
C THR OA 200 -9.63 15.26 84.42
N ALA OA 201 -8.73 16.21 84.18
CA ALA OA 201 -7.82 16.70 85.19
C ALA OA 201 -7.57 18.18 84.93
N PHE OA 202 -8.07 19.02 85.83
CA PHE OA 202 -7.94 20.45 85.73
C PHE OA 202 -6.93 20.96 86.74
N GLU OA 203 -6.07 21.86 86.30
CA GLU OA 203 -5.08 22.47 87.16
C GLU OA 203 -5.74 23.54 88.02
N ASN OA 204 -5.53 23.47 89.32
CA ASN OA 204 -6.16 24.38 90.24
C ASN OA 204 -5.55 25.77 90.11
N SER OA 205 -6.23 26.74 90.72
CA SER OA 205 -5.88 28.14 90.57
C SER OA 205 -6.32 28.90 91.81
N ILE OA 206 -5.83 30.14 91.92
CA ILE OA 206 -6.24 31.01 93.01
C ILE OA 206 -7.68 31.45 92.84
N TYR OA 207 -8.15 31.53 91.60
CA TYR OA 207 -9.51 31.93 91.28
C TYR OA 207 -10.34 30.71 90.94
N ASP OA 208 -11.66 30.85 91.12
CA ASP OA 208 -12.58 29.79 90.77
C ASP OA 208 -12.73 29.70 89.26
N GLN OA 209 -12.68 28.48 88.74
CA GLN OA 209 -12.82 28.19 87.32
C GLN OA 209 -14.14 27.49 87.11
N GLU OA 210 -15.10 28.19 86.51
CA GLU OA 210 -16.41 27.64 86.23
C GLU OA 210 -16.54 27.29 84.76
N TYR OA 211 -17.37 26.28 84.48
CA TYR OA 211 -17.64 25.81 83.14
C TYR OA 211 -19.10 25.44 83.02
N ASN OA 212 -19.65 25.65 81.83
CA ASN OA 212 -20.97 25.15 81.44
C ASN OA 212 -20.75 24.02 80.45
N ILE OA 213 -21.02 22.80 80.89
CA ILE OA 213 -20.72 21.63 80.08
C ILE OA 213 -21.97 21.20 79.35
N ARG OA 214 -21.87 21.12 78.03
CA ARG OA 214 -22.95 20.71 77.14
C ARG OA 214 -22.59 19.38 76.52
N VAL OA 215 -23.30 18.34 76.90
CA VAL OA 215 -23.14 17.01 76.35
C VAL OA 215 -24.21 16.80 75.29
N THR OA 216 -23.78 16.33 74.13
CA THR OA 216 -24.66 16.03 73.01
C THR OA 216 -24.43 14.58 72.63
N MET OA 217 -25.47 13.78 72.73
CA MET OA 217 -25.43 12.38 72.34
C MET OA 217 -26.10 12.17 70.99
N TYR OA 218 -25.40 11.53 70.09
CA TYR OA 218 -25.91 11.17 68.78
C TYR OA 218 -26.35 9.72 68.83
N VAL OA 219 -27.66 9.50 68.84
CA VAL OA 219 -28.24 8.20 69.12
C VAL OA 219 -28.90 7.67 67.86
N GLN OA 220 -29.24 6.39 67.90
CA GLN OA 220 -29.86 5.69 66.78
C GLN OA 220 -30.88 4.75 67.39
N PHE OA 221 -32.15 4.99 67.09
CA PHE OA 221 -33.25 4.20 67.61
C PHE OA 221 -33.73 3.19 66.59
N ARG OA 222 -34.63 2.31 67.01
CA ARG OA 222 -35.13 1.24 66.19
C ARG OA 222 -36.50 0.81 66.69
N GLU OA 223 -37.33 0.35 65.77
CA GLU OA 223 -38.63 -0.24 66.05
C GLU OA 223 -39.57 0.75 66.75
N PHE OA 224 -39.99 1.73 65.95
CA PHE OA 224 -41.10 2.61 66.27
C PHE OA 224 -42.26 1.82 66.86
N ASN OA 225 -42.67 2.20 68.07
CA ASN OA 225 -43.60 1.41 68.86
C ASN OA 225 -44.68 2.26 69.48
N LEU OA 226 -45.20 3.21 68.71
CA LEU OA 226 -46.24 4.08 69.24
C LEU OA 226 -47.50 3.29 69.51
N LYS OA 227 -48.19 3.65 70.59
CA LYS OA 227 -49.43 3.03 70.99
C LYS OA 227 -50.53 4.07 71.00
N ASP OA 228 -51.63 3.78 70.31
CA ASP OA 228 -52.71 4.72 70.09
C ASP OA 228 -54.01 4.13 70.59
N PRO OA 229 -54.30 4.26 71.88
CA PRO OA 229 -55.59 3.86 72.40
C PRO OA 229 -56.67 4.85 72.00
N PRO OA 230 -57.94 4.50 72.14
CA PRO OA 230 -59.00 5.48 71.89
C PRO OA 230 -59.05 6.56 72.94
N LEU OA 231 -60.00 7.48 72.81
CA LEU OA 231 -60.14 8.61 73.72
C LEU OA 231 -61.61 8.91 74.00
N GLY PA 43 13.53 -6.08 70.19
CA GLY PA 43 12.16 -5.78 70.58
C GLY PA 43 11.91 -4.31 70.80
N ILE PA 44 11.68 -3.60 69.71
CA ILE PA 44 11.60 -2.16 69.73
C ILE PA 44 10.23 -1.73 70.23
N PHE PA 45 10.20 -0.63 70.98
CA PHE PA 45 8.97 -0.02 71.44
C PHE PA 45 9.21 1.48 71.54
N ASN PA 46 8.72 2.22 70.56
CA ASN PA 46 8.75 3.66 70.60
C ASN PA 46 7.54 4.17 71.38
N THR PA 47 7.80 5.02 72.37
CA THR PA 47 6.74 5.61 73.16
C THR PA 47 7.10 7.06 73.47
N ARG PA 48 6.36 7.64 74.41
CA ARG PA 48 6.42 9.05 74.74
C ARG PA 48 6.22 9.22 76.22
N LEU PA 49 7.15 9.91 76.86
CA LEU PA 49 7.15 10.15 78.30
C LEU PA 49 7.22 11.64 78.55
N SER PA 50 6.42 12.10 79.51
CA SER PA 50 6.28 13.51 79.80
C SER PA 50 6.52 13.78 81.28
N ARG PA 51 6.61 15.06 81.59
CA ARG PA 51 6.98 15.57 82.90
C ARG PA 51 6.74 17.07 82.88
N THR PA 52 6.24 17.60 83.98
CA THR PA 52 5.86 19.01 84.08
C THR PA 52 6.42 19.61 85.35
N PHE PA 53 6.93 20.83 85.23
CA PHE PA 53 7.52 21.54 86.35
C PHE PA 53 7.50 23.03 86.05
N GLY PA 54 7.81 23.81 87.08
CA GLY PA 54 7.75 25.25 87.00
C GLY PA 54 9.08 25.97 86.88
N TYR PA 55 9.02 27.18 86.34
CA TYR PA 55 10.17 28.05 86.22
C TYR PA 55 9.68 29.49 86.30
N THR PA 56 10.32 30.28 87.15
CA THR PA 56 9.94 31.67 87.36
C THR PA 56 11.15 32.56 87.18
N ILE PA 57 10.92 33.70 86.52
CA ILE PA 57 11.88 34.76 86.37
C ILE PA 57 11.42 35.88 87.30
N LYS PA 58 12.11 36.03 88.42
CA LYS PA 58 11.72 37.01 89.42
C LYS PA 58 11.89 38.43 88.89
N ARG PA 59 11.18 39.35 89.51
CA ARG PA 59 11.20 40.75 89.13
C ARG PA 59 12.52 41.41 89.52
N THR PA 60 12.81 42.53 88.86
CA THR PA 60 13.99 43.32 89.12
C THR PA 60 13.67 44.80 89.01
N THR PA 61 14.20 45.59 89.93
CA THR PA 61 14.10 47.04 89.86
C THR PA 61 15.07 47.66 88.85
N VAL PA 62 15.96 46.85 88.26
CA VAL PA 62 16.91 47.36 87.28
C VAL PA 62 16.16 47.97 86.11
N LYS PA 63 16.64 49.12 85.65
CA LYS PA 63 15.98 49.85 84.57
C LYS PA 63 16.40 49.33 83.21
N THR PA 64 17.67 48.94 83.06
CA THR PA 64 18.20 48.53 81.79
C THR PA 64 17.53 47.25 81.31
N PRO PA 65 17.69 46.91 80.02
CA PRO PA 65 17.29 45.58 79.58
C PRO PA 65 18.36 44.57 79.95
N SER PA 66 18.06 43.74 80.94
CA SER PA 66 18.93 42.67 81.35
C SER PA 66 18.21 41.34 81.14
N TRP PA 67 19.00 40.29 81.01
CA TRP PA 67 18.50 38.95 80.74
C TRP PA 67 18.88 37.99 81.86
N ALA PA 68 18.00 37.03 82.08
CA ALA PA 68 18.19 35.97 83.07
C ALA PA 68 18.51 34.69 82.34
N VAL PA 69 19.66 34.12 82.65
CA VAL PA 69 20.18 32.95 81.96
C VAL PA 69 20.01 31.74 82.85
N ASP PA 70 19.66 30.62 82.25
CA ASP PA 70 19.50 29.36 82.97
C ASP PA 70 19.69 28.23 81.98
N MET PA 71 19.84 27.03 82.53
CA MET PA 71 20.13 25.82 81.79
C MET PA 71 19.02 24.80 81.99
N MET PA 72 19.06 23.77 81.15
CA MET PA 72 18.04 22.72 81.19
C MET PA 72 18.65 21.42 80.69
N ARG PA 73 18.75 20.44 81.57
CA ARG PA 73 19.18 19.09 81.26
C ARG PA 73 17.98 18.15 81.30
N PHE PA 74 18.18 16.95 80.76
CA PHE PA 74 17.14 15.94 80.68
C PHE PA 74 17.70 14.60 81.13
N ASN PA 75 17.06 13.99 82.11
CA ASN PA 75 17.40 12.65 82.57
C ASN PA 75 16.16 11.79 82.58
N ILE PA 76 16.35 10.50 82.34
CA ILE PA 76 15.22 9.57 82.23
C ILE PA 76 14.69 9.12 83.58
N ASN PA 77 15.44 9.35 84.66
CA ASN PA 77 14.91 9.03 85.98
C ASN PA 77 13.72 9.89 86.33
N ASP PA 78 13.69 11.13 85.82
CA ASP PA 78 12.61 12.05 86.10
C ASP PA 78 11.36 11.74 85.31
N PHE PA 79 11.45 10.89 84.28
CA PHE PA 79 10.31 10.49 83.46
C PHE PA 79 9.87 9.06 83.71
N LEU PA 80 10.81 8.18 84.06
CA LEU PA 80 10.56 6.76 84.26
C LEU PA 80 10.77 6.41 85.72
N PRO PA 81 9.74 6.07 86.49
CA PRO PA 81 9.96 5.80 87.90
C PRO PA 81 10.57 4.42 88.10
N PRO PA 82 10.99 4.10 89.32
CA PRO PA 82 11.43 2.74 89.61
C PRO PA 82 10.26 1.78 89.64
N GLY PA 83 10.53 0.56 89.24
CA GLY PA 83 9.50 -0.45 89.19
C GLY PA 83 9.27 -1.12 90.52
N GLY PA 84 9.05 -2.43 90.49
CA GLY PA 84 8.83 -3.19 91.69
C GLY PA 84 9.13 -4.65 91.51
N GLY PA 85 9.87 -5.21 92.46
CA GLY PA 85 10.22 -6.61 92.42
C GLY PA 85 11.45 -6.90 91.58
N SER PA 86 11.40 -7.98 90.83
CA SER PA 86 12.53 -8.38 90.00
C SER PA 86 12.73 -7.44 88.81
N ASN PA 87 11.73 -6.63 88.49
CA ASN PA 87 11.85 -5.65 87.43
C ASN PA 87 12.26 -4.31 88.04
N PRO PA 88 13.49 -3.83 87.85
CA PRO PA 88 13.91 -2.63 88.57
C PRO PA 88 13.24 -1.36 88.08
N ARG PA 89 12.74 -1.34 86.85
CA ARG PA 89 12.08 -0.19 86.27
C ARG PA 89 10.66 -0.53 85.85
N SER PA 90 9.87 0.52 85.65
CA SER PA 90 8.45 0.34 85.38
C SER PA 90 8.17 -0.01 83.94
N VAL PA 91 9.07 0.35 83.03
CA VAL PA 91 9.00 -0.06 81.62
C VAL PA 91 9.98 -1.21 81.44
N PRO PA 92 9.52 -2.45 81.22
CA PRO PA 92 10.44 -3.58 81.25
C PRO PA 92 11.27 -3.76 79.98
N PHE PA 93 12.31 -2.94 79.87
CA PHE PA 93 13.25 -3.00 78.77
C PHE PA 93 14.65 -2.79 79.31
N GLU PA 94 15.63 -3.20 78.51
CA GLU PA 94 17.03 -3.14 78.90
C GLU PA 94 17.72 -1.88 78.40
N TYR PA 95 17.58 -1.57 77.13
CA TYR PA 95 18.29 -0.49 76.48
C TYR PA 95 17.33 0.61 76.08
N TYR PA 96 17.89 1.79 75.85
CA TYR PA 96 17.11 2.93 75.42
C TYR PA 96 17.99 3.90 74.65
N ARG PA 97 17.34 4.78 73.91
CA ARG PA 97 18.02 5.90 73.28
C ARG PA 97 16.98 6.96 73.00
N ILE PA 98 17.27 8.19 73.43
CA ILE PA 98 16.33 9.28 73.30
C ILE PA 98 16.41 9.83 71.89
N ARG PA 99 15.29 9.84 71.20
CA ARG PA 99 15.20 10.27 69.82
C ARG PA 99 14.98 11.78 69.71
N LYS PA 100 14.03 12.30 70.46
CA LYS PA 100 13.66 13.70 70.40
C LYS PA 100 13.19 14.14 71.77
N VAL PA 101 13.21 15.46 71.98
CA VAL PA 101 12.61 16.08 73.15
C VAL PA 101 11.84 17.30 72.68
N LYS PA 102 10.70 17.53 73.32
CA LYS PA 102 9.85 18.69 73.08
C LYS PA 102 9.73 19.43 74.40
N VAL PA 103 10.37 20.57 74.48
CA VAL PA 103 10.24 21.47 75.62
C VAL PA 103 9.20 22.52 75.28
N GLU PA 104 8.18 22.62 76.13
CA GLU PA 104 7.08 23.56 75.93
C GLU PA 104 7.04 24.49 77.12
N PHE PA 105 7.22 25.78 76.87
CA PHE PA 105 7.04 26.82 77.87
C PHE PA 105 5.61 27.29 77.80
N TRP PA 106 4.79 26.75 78.68
CA TRP PA 106 3.40 27.16 78.78
C TRP PA 106 3.29 28.35 79.73
N PRO PA 107 2.85 29.52 79.29
CA PRO PA 107 2.85 30.67 80.18
C PRO PA 107 1.83 30.55 81.29
N CYS PA 108 2.11 31.28 82.36
CA CYS PA 108 1.24 31.41 83.50
C CYS PA 108 0.70 32.81 83.69
N SER PA 109 1.04 33.73 82.80
CA SER PA 109 0.80 35.14 82.94
C SER PA 109 -0.33 35.58 82.03
N PRO PA 110 -1.10 36.60 82.42
CA PRO PA 110 -2.21 37.03 81.58
C PRO PA 110 -1.74 37.76 80.35
N ILE PA 111 -2.63 37.83 79.37
CA ILE PA 111 -2.32 38.55 78.14
C ILE PA 111 -2.36 40.06 78.31
N THR PA 112 -2.77 40.56 79.47
CA THR PA 112 -2.77 41.97 79.76
C THR PA 112 -1.49 42.44 80.45
N GLN PA 113 -0.53 41.54 80.68
CA GLN PA 113 0.67 41.91 81.40
C GLN PA 113 1.59 42.71 80.50
N GLY PA 114 2.10 43.81 81.04
CA GLY PA 114 2.98 44.68 80.32
C GLY PA 114 4.44 44.42 80.61
N ASP PA 115 5.26 45.40 80.23
CA ASP PA 115 6.71 45.29 80.36
C ASP PA 115 7.21 44.06 79.62
N ARG PA 116 6.67 43.85 78.43
CA ARG PA 116 7.02 42.70 77.63
C ARG PA 116 8.48 42.75 77.22
N GLY PA 117 8.96 41.62 76.74
CA GLY PA 117 10.36 41.45 76.43
C GLY PA 117 10.61 40.47 75.31
N VAL PA 118 11.88 40.18 75.07
CA VAL PA 118 12.27 39.29 73.98
C VAL PA 118 13.54 38.56 74.39
N GLY PA 119 13.50 37.25 74.28
CA GLY PA 119 14.59 36.38 74.69
C GLY PA 119 15.00 35.41 73.62
N SER PA 120 15.73 34.38 74.03
CA SER PA 120 16.30 33.43 73.09
C SER PA 120 16.48 32.08 73.76
N SER PA 121 16.21 31.03 73.00
CA SER PA 121 16.46 29.66 73.42
C SER PA 121 17.35 28.99 72.40
N ALA PA 122 18.41 28.37 72.87
CA ALA PA 122 19.39 27.72 72.02
C ALA PA 122 19.63 26.29 72.47
N VAL PA 123 20.19 25.51 71.57
CA VAL PA 123 20.42 24.08 71.78
C VAL PA 123 21.90 23.87 72.05
N ILE PA 124 22.20 23.30 73.21
CA ILE PA 124 23.56 23.19 73.74
C ILE PA 124 23.81 21.73 74.07
N LEU PA 125 24.47 21.02 73.18
CA LEU PA 125 24.60 19.58 73.24
C LEU PA 125 25.87 19.10 73.92
N ASP PA 126 26.45 19.86 74.86
CA ASP PA 126 27.77 19.54 75.38
C ASP PA 126 28.00 19.82 76.86
N ASP PA 127 27.00 20.26 77.61
CA ASP PA 127 27.11 20.41 79.05
C ASP PA 127 28.05 21.54 79.45
N ASN PA 128 28.21 22.54 78.58
CA ASN PA 128 28.93 23.75 78.91
C ASN PA 128 28.02 24.89 78.47
N PHE PA 129 27.19 25.32 79.41
CA PHE PA 129 26.24 26.39 79.22
C PHE PA 129 26.88 27.73 79.58
N VAL PA 130 26.25 28.81 79.12
CA VAL PA 130 26.56 30.12 79.64
C VAL PA 130 26.22 30.10 81.12
N THR PA 131 27.06 30.76 81.91
CA THR PA 131 26.90 30.74 83.36
C THR PA 131 25.55 31.31 83.75
N LYS PA 132 24.92 30.70 84.75
CA LYS PA 132 23.65 31.17 85.24
C LYS PA 132 23.78 32.57 85.80
N ALA PA 133 22.90 33.46 85.34
CA ALA PA 133 22.93 34.86 85.68
C ALA PA 133 21.52 35.34 85.98
N THR PA 134 21.43 36.32 86.88
CA THR PA 134 20.17 36.92 87.25
C THR PA 134 19.83 38.10 86.35
N ALA PA 135 20.77 39.03 86.16
CA ALA PA 135 20.58 40.20 85.31
C ALA PA 135 21.87 40.43 84.55
N LEU PA 136 21.98 39.80 83.39
CA LEU PA 136 23.09 39.99 82.48
C LEU PA 136 22.75 41.05 81.46
N THR PA 137 23.73 41.86 81.09
CA THR PA 137 23.53 43.04 80.26
C THR PA 137 23.33 42.73 78.79
N TYR PA 138 23.20 41.47 78.41
CA TYR PA 138 23.02 41.11 77.01
C TYR PA 138 22.43 39.71 76.95
N ASP PA 139 21.94 39.35 75.76
CA ASP PA 139 21.41 38.03 75.49
C ASP PA 139 22.51 37.17 74.90
N PRO PA 140 23.08 36.22 75.64
CA PRO PA 140 24.19 35.46 75.08
C PRO PA 140 23.79 34.53 73.97
N TYR PA 141 22.58 34.00 74.02
CA TYR PA 141 22.13 33.00 73.06
C TYR PA 141 21.51 33.62 71.82
N VAL PA 142 21.74 34.90 71.57
CA VAL PA 142 21.05 35.58 70.49
C VAL PA 142 21.69 35.27 69.14
N ASN PA 143 23.02 35.22 69.09
CA ASN PA 143 23.73 34.98 67.86
C ASN PA 143 23.96 33.51 67.59
N TYR PA 144 23.43 32.63 68.41
CA TYR PA 144 23.57 31.20 68.18
C TYR PA 144 22.76 30.76 66.97
N SER PA 145 23.33 29.82 66.23
CA SER PA 145 22.67 29.31 65.04
C SER PA 145 21.37 28.60 65.35
N SER PA 146 21.20 28.12 66.57
CA SER PA 146 19.99 27.43 67.00
C SER PA 146 19.08 28.32 67.84
N ARG PA 147 19.20 29.62 67.70
CA ARG PA 147 18.40 30.55 68.48
C ARG PA 147 17.00 30.63 67.89
N HIS PA 148 16.01 30.51 68.77
CA HIS PA 148 14.64 30.85 68.48
C HIS PA 148 14.24 31.96 69.43
N THR PA 149 13.51 32.94 68.92
CA THR PA 149 13.08 34.06 69.73
C THR PA 149 11.99 33.63 70.69
N ILE PA 150 12.12 34.08 71.93
CA ILE PA 150 11.12 33.90 72.97
C ILE PA 150 10.42 35.25 73.13
N THR PA 151 9.18 35.32 72.69
CA THR PA 151 8.31 36.41 73.07
C THR PA 151 7.80 36.17 74.48
N GLN PA 152 7.84 37.22 75.29
CA GLN PA 152 7.49 37.17 76.70
C GLN PA 152 6.38 38.16 76.99
N PRO PA 153 5.62 37.96 78.07
CA PRO PA 153 5.56 36.85 79.03
C PRO PA 153 4.46 35.84 78.76
N PHE PA 154 3.50 36.19 77.91
CA PHE PA 154 2.27 35.45 77.77
C PHE PA 154 2.21 34.65 76.48
N SER PA 155 3.36 34.23 75.97
CA SER PA 155 3.45 33.56 74.69
C SER PA 155 4.08 32.20 74.84
N TYR PA 156 3.60 31.27 74.04
CA TYR PA 156 4.04 29.89 74.05
C TYR PA 156 5.30 29.73 73.21
N HIS PA 157 6.22 28.92 73.71
CA HIS PA 157 7.50 28.65 73.07
C HIS PA 157 7.76 27.17 73.12
N SER PA 158 7.95 26.56 71.96
CA SER PA 158 8.30 25.16 71.82
C SER PA 158 9.65 25.01 71.17
N ARG PA 159 10.36 23.96 71.55
CA ARG PA 159 11.62 23.58 70.93
C ARG PA 159 11.62 22.06 70.79
N TYR PA 160 11.86 21.59 69.58
CA TYR PA 160 11.84 20.17 69.24
C TYR PA 160 13.17 19.81 68.61
N PHE PA 161 13.93 18.95 69.28
CA PHE PA 161 15.30 18.68 68.88
C PHE PA 161 15.69 17.31 69.40
N THR PA 162 16.89 16.90 69.01
CA THR PA 162 17.47 15.61 69.37
C THR PA 162 18.58 15.82 70.37
N PRO PA 163 18.44 15.42 71.63
CA PRO PA 163 19.51 15.65 72.60
C PRO PA 163 20.66 14.69 72.42
N LYS PA 164 21.69 14.85 73.23
CA LYS PA 164 22.88 14.02 73.19
C LYS PA 164 23.26 13.68 74.62
N PRO PA 165 23.76 12.48 74.87
CA PRO PA 165 24.18 12.13 76.22
C PRO PA 165 25.57 12.61 76.57
N VAL PA 166 25.79 12.74 77.87
CA VAL PA 166 27.06 13.19 78.42
C VAL PA 166 27.88 11.94 78.69
N LEU PA 167 28.62 11.52 77.69
CA LEU PA 167 29.48 10.35 77.80
C LEU PA 167 30.80 10.68 78.49
N ASP PA 168 31.42 11.79 78.10
CA ASP PA 168 32.64 12.27 78.75
C ASP PA 168 32.53 13.78 78.84
N SER PA 169 32.35 14.28 80.07
CA SER PA 169 32.25 15.71 80.28
C SER PA 169 33.59 16.42 80.12
N THR PA 170 34.69 15.69 80.15
CA THR PA 170 36.00 16.30 79.98
C THR PA 170 36.26 16.67 78.52
N ILE PA 171 35.85 15.80 77.60
CA ILE PA 171 36.10 15.98 76.18
C ILE PA 171 34.85 16.51 75.50
N ASP PA 172 33.69 16.10 75.99
CA ASP PA 172 32.40 16.58 75.51
C ASP PA 172 32.24 16.29 74.01
N TYR PA 173 32.20 15.01 73.68
CA TYR PA 173 31.99 14.55 72.32
C TYR PA 173 30.58 14.01 72.16
N PHE PA 174 30.03 14.18 70.97
CA PHE PA 174 28.69 13.70 70.66
C PHE PA 174 28.59 13.34 69.20
N GLN PA 175 27.60 12.64 68.89
CA GLN PA 175 27.32 12.13 67.56
C GLN PA 175 26.44 13.08 66.77
N PRO PA 176 26.58 13.13 65.46
CA PRO PA 176 25.58 13.83 64.66
C PRO PA 176 24.29 13.04 64.57
N ASN PA 177 23.27 13.66 63.99
CA ASN PA 177 21.96 13.06 63.94
C ASN PA 177 21.93 11.94 62.90
N ASN PA 178 21.69 10.72 63.38
CA ASN PA 178 21.57 9.56 62.51
C ASN PA 178 20.71 8.56 63.25
N LYS PA 179 19.52 8.30 62.73
CA LYS PA 179 18.64 7.39 63.43
C LYS PA 179 19.17 5.98 63.45
N ARG PA 180 19.94 5.59 62.43
CA ARG PA 180 20.41 4.22 62.32
C ARG PA 180 21.66 3.96 63.14
N ASN PA 181 22.45 4.98 63.41
CA ASN PA 181 23.72 4.85 64.10
C ASN PA 181 23.70 5.39 65.53
N GLN PA 182 22.56 5.84 66.02
CA GLN PA 182 22.50 6.39 67.37
C GLN PA 182 22.78 5.30 68.39
N LEU PA 183 23.59 5.64 69.37
CA LEU PA 183 23.99 4.71 70.39
C LEU PA 183 22.82 4.29 71.25
N TRP PA 184 22.84 3.03 71.66
CA TRP PA 184 21.93 2.51 72.66
C TRP PA 184 22.62 2.60 74.01
N LEU PA 185 21.97 3.24 74.96
CA LEU PA 185 22.39 3.25 76.34
C LEU PA 185 21.62 2.20 77.11
N ARG PA 186 22.12 1.90 78.30
CA ARG PA 186 21.45 1.00 79.21
C ARG PA 186 20.53 1.79 80.13
N LEU PA 187 19.36 1.22 80.34
CA LEU PA 187 18.39 1.75 81.31
C LEU PA 187 18.82 1.27 82.69
N GLN PA 188 19.61 2.08 83.35
CA GLN PA 188 20.12 1.75 84.66
C GLN PA 188 18.99 1.77 85.69
N THR PA 189 19.32 1.35 86.90
CA THR PA 189 18.33 1.29 87.96
C THR PA 189 18.13 2.66 88.61
N ALA PA 190 19.21 3.30 89.06
CA ALA PA 190 19.12 4.62 89.68
C ALA PA 190 20.27 5.55 89.31
N GLY PA 191 20.91 5.35 88.17
CA GLY PA 191 22.10 6.08 87.82
C GLY PA 191 22.24 6.48 86.37
N ASN PA 192 21.12 6.73 85.71
CA ASN PA 192 21.14 7.05 84.29
C ASN PA 192 21.87 8.35 84.03
N VAL PA 193 22.34 8.48 82.81
CA VAL PA 193 23.21 9.59 82.40
C VAL PA 193 22.35 10.75 81.93
N ASP PA 194 22.84 11.96 82.19
CA ASP PA 194 22.09 13.17 81.87
C ASP PA 194 22.22 13.49 80.38
N HIS PA 195 21.10 13.70 79.75
CA HIS PA 195 21.05 14.26 78.41
C HIS PA 195 20.92 15.77 78.50
N VAL PA 196 21.35 16.43 77.44
CA VAL PA 196 21.58 17.86 77.45
C VAL PA 196 21.15 18.43 76.11
N GLY PA 197 20.97 19.75 76.06
CA GLY PA 197 20.45 20.34 74.85
C GLY PA 197 19.57 21.56 74.87
N LEU PA 198 19.41 22.26 76.00
CA LEU PA 198 18.70 23.53 75.93
C LEU PA 198 19.21 24.54 76.95
N GLY PA 199 19.43 25.75 76.47
CA GLY PA 199 19.72 26.88 77.33
C GLY PA 199 18.89 28.07 76.90
N THR PA 200 18.53 28.88 77.87
CA THR PA 200 17.56 29.95 77.69
C THR PA 200 18.12 31.27 78.19
N ALA PA 201 17.49 32.35 77.72
CA ALA PA 201 17.76 33.70 78.20
C ALA PA 201 16.46 34.47 78.16
N PHE PA 202 15.94 34.81 79.33
CA PHE PA 202 14.69 35.54 79.47
C PHE PA 202 14.98 36.96 79.91
N GLU PA 203 14.30 37.91 79.28
CA GLU PA 203 14.43 39.31 79.61
C GLU PA 203 13.64 39.60 80.88
N ASN PA 204 14.29 40.22 81.85
CA ASN PA 204 13.67 40.49 83.12
C ASN PA 204 12.60 41.58 82.98
N SER PA 205 11.80 41.71 84.03
CA SER PA 205 10.65 42.59 84.02
C SER PA 205 10.34 43.06 85.42
N ILE PA 206 9.48 44.07 85.52
CA ILE PA 206 9.02 44.56 86.82
C ILE PA 206 8.14 43.54 87.50
N TYR PA 207 7.43 42.74 86.71
CA TYR PA 207 6.53 41.72 87.22
C TYR PA 207 7.18 40.35 87.12
N ASP PA 208 6.72 39.44 87.96
CA ASP PA 208 7.21 38.07 87.93
C ASP PA 208 6.63 37.34 86.73
N GLN PA 209 7.50 36.62 86.01
CA GLN PA 209 7.13 35.84 84.84
C GLN PA 209 7.25 34.36 85.20
N GLU PA 210 6.10 33.69 85.33
CA GLU PA 210 6.04 32.29 85.66
C GLU PA 210 5.72 31.46 84.43
N TYR PA 211 6.22 30.23 84.42
CA TYR PA 211 6.00 29.29 83.33
C TYR PA 211 5.82 27.90 83.90
N ASN PA 212 4.99 27.11 83.22
CA ASN PA 212 4.86 25.68 83.48
C ASN PA 212 5.50 24.95 82.32
N ILE PA 213 6.64 24.32 82.56
CA ILE PA 213 7.44 23.72 81.51
C ILE PA 213 7.11 22.25 81.44
N ARG PA 214 6.68 21.79 80.27
CA ARG PA 214 6.34 20.40 80.01
C ARG PA 214 7.36 19.83 79.03
N VAL PA 215 8.18 18.93 79.51
CA VAL PA 215 9.16 18.23 78.69
C VAL PA 215 8.58 16.88 78.31
N THR PA 216 8.66 16.57 77.03
CA THR PA 216 8.20 15.30 76.48
C THR PA 216 9.37 14.67 75.75
N MET PA 217 9.77 13.49 76.20
CA MET PA 217 10.84 12.73 75.57
C MET PA 217 10.27 11.59 74.76
N TYR PA 218 10.69 11.50 73.51
CA TYR PA 218 10.32 10.43 72.61
C TYR PA 218 11.45 9.42 72.58
N VAL PA 219 11.23 8.28 73.21
CA VAL PA 219 12.27 7.31 73.48
C VAL PA 219 12.02 6.06 72.66
N GLN PA 220 13.03 5.21 72.61
CA GLN PA 220 12.99 3.97 71.86
C GLN PA 220 13.73 2.94 72.69
N PHE PA 221 13.01 1.93 73.14
CA PHE PA 221 13.55 0.88 73.98
C PHE PA 221 13.87 -0.37 73.16
N ARG PA 222 14.51 -1.33 73.81
CA ARG PA 222 14.96 -2.55 73.14
C ARG PA 222 15.09 -3.64 74.18
N GLU PA 223 14.86 -4.88 73.74
CA GLU PA 223 15.08 -6.08 74.53
C GLU PA 223 14.21 -6.11 75.79
N PHE PA 224 12.92 -6.30 75.52
CA PHE PA 224 11.93 -6.66 76.54
C PHE PA 224 12.48 -7.73 77.47
N ASN PA 225 12.51 -7.42 78.76
CA ASN PA 225 13.22 -8.25 79.74
C ASN PA 225 12.38 -8.47 80.98
N LEU PA 226 11.10 -8.74 80.80
CA LEU PA 226 10.23 -8.97 81.94
C LEU PA 226 10.64 -10.24 82.66
N LYS PA 227 10.53 -10.22 83.98
CA LYS PA 227 10.84 -11.35 84.83
C LYS PA 227 9.60 -11.74 85.60
N ASP PA 228 9.23 -13.02 85.53
CA ASP PA 228 7.98 -13.54 86.09
C ASP PA 228 8.30 -14.66 87.06
N PRO PA 229 8.60 -14.33 88.31
CA PRO PA 229 8.75 -15.37 89.31
C PRO PA 229 7.40 -15.91 89.73
N PRO PA 230 7.37 -17.05 90.43
CA PRO PA 230 6.09 -17.53 90.96
C PRO PA 230 5.55 -16.66 92.08
N LEU PA 231 4.42 -17.06 92.63
CA LEU PA 231 3.76 -16.31 93.68
C LEU PA 231 3.16 -17.23 94.74
N GLY QA 43 37.40 34.40 50.77
CA GLY QA 43 36.85 33.60 51.84
C GLY QA 43 35.61 34.17 52.44
N ILE QA 44 34.49 33.92 51.79
CA ILE QA 44 33.22 34.54 52.14
C ILE QA 44 32.61 33.83 53.33
N PHE QA 45 31.96 34.61 54.19
CA PHE QA 45 31.22 34.09 55.33
C PHE QA 45 30.06 35.02 55.59
N ASN QA 46 28.87 34.61 55.16
CA ASN QA 46 27.65 35.34 55.47
C ASN QA 46 27.14 34.91 56.83
N THR QA 47 26.89 35.88 57.69
CA THR QA 47 26.36 35.61 59.01
C THR QA 47 25.34 36.69 59.38
N ARG QA 48 24.99 36.72 60.66
CA ARG QA 48 23.91 37.56 61.18
C ARG QA 48 24.30 38.03 62.56
N LEU QA 49 24.26 39.35 62.76
CA LEU QA 49 24.63 39.99 64.01
C LEU QA 49 23.47 40.84 64.48
N SER QA 50 23.19 40.78 65.77
CA SER QA 50 22.06 41.44 66.38
C SER QA 50 22.49 42.30 67.55
N ARG QA 51 21.55 43.11 68.02
CA ARG QA 51 21.75 44.12 69.03
C ARG QA 51 20.38 44.64 69.42
N THR QA 52 20.19 44.90 70.72
CA THR QA 52 18.91 45.29 71.27
C THR QA 52 19.07 46.51 72.15
N PHE QA 53 18.14 47.44 72.05
CA PHE QA 53 18.16 48.66 72.82
C PHE QA 53 16.76 49.24 72.88
N GLY QA 54 16.59 50.24 73.73
CA GLY QA 54 15.31 50.84 73.99
C GLY QA 54 15.08 52.19 73.35
N TYR QA 55 13.79 52.52 73.16
CA TYR QA 55 13.37 53.81 72.65
C TYR QA 55 12.02 54.13 73.25
N THR QA 56 11.87 55.33 73.80
CA THR QA 56 10.65 55.77 74.44
C THR QA 56 10.19 57.08 73.85
N ILE QA 57 8.88 57.18 73.64
CA ILE QA 57 8.22 58.41 73.24
C ILE QA 57 7.48 58.91 74.48
N LYS QA 58 8.01 59.95 75.09
CA LYS QA 58 7.44 60.47 76.32
C LYS QA 58 6.08 61.09 76.07
N ARG QA 59 5.29 61.18 77.14
CA ARG QA 59 3.95 61.71 77.08
C ARG QA 59 3.97 63.22 76.86
N THR QA 60 2.84 63.74 76.39
CA THR QA 60 2.64 65.16 76.16
C THR QA 60 1.22 65.54 76.52
N THR QA 61 1.07 66.69 77.17
CA THR QA 61 -0.23 67.28 77.46
C THR QA 61 -0.85 67.96 76.24
N VAL QA 62 -0.11 68.07 75.14
CA VAL QA 62 -0.63 68.70 73.93
C VAL QA 62 -1.85 67.95 73.44
N LYS QA 63 -2.88 68.71 73.05
CA LYS QA 63 -4.14 68.12 72.62
C LYS QA 63 -4.11 67.71 71.16
N THR QA 64 -3.42 68.48 70.33
CA THR QA 64 -3.40 68.24 68.91
C THR QA 64 -2.71 66.92 68.58
N PRO QA 65 -2.88 66.41 67.37
CA PRO QA 65 -2.03 65.29 66.92
C PRO QA 65 -0.68 65.81 66.50
N SER QA 66 0.33 65.56 67.32
CA SER QA 66 1.70 65.89 67.01
C SER QA 66 2.52 64.61 66.93
N TRP QA 67 3.63 64.69 66.21
CA TRP QA 67 4.51 63.56 65.99
C TRP QA 67 5.90 63.84 66.53
N ALA QA 68 6.54 62.75 66.98
CA ALA QA 68 7.89 62.78 67.50
C ALA QA 68 8.82 62.15 66.47
N VAL QA 69 9.80 62.92 66.04
CA VAL QA 69 10.69 62.53 64.96
C VAL QA 69 12.03 62.15 65.56
N ASP QA 70 12.64 61.11 65.02
CA ASP QA 70 13.96 60.67 65.44
C ASP QA 70 14.60 59.91 64.29
N MET QA 71 15.89 59.67 64.45
CA MET QA 71 16.73 59.05 63.43
C MET QA 71 17.33 57.76 63.96
N MET QA 72 17.90 56.99 63.05
CA MET QA 72 18.49 55.70 63.38
C MET QA 72 19.60 55.39 62.40
N ARG QA 73 20.82 55.34 62.90
CA ARG QA 73 22.00 54.93 62.15
C ARG QA 73 22.43 53.54 62.60
N PHE QA 74 23.32 52.93 61.82
CA PHE QA 74 23.82 51.59 62.08
C PHE QA 74 25.33 51.58 61.89
N ASN QA 75 26.04 51.14 62.93
CA ASN QA 75 27.48 50.95 62.88
C ASN QA 75 27.82 49.56 63.35
N ILE QA 76 28.89 49.01 62.79
CA ILE QA 76 29.29 47.64 63.09
C ILE QA 76 30.04 47.50 64.40
N ASN QA 77 30.51 48.61 64.98
CA ASN QA 77 31.15 48.52 66.28
C ASN QA 77 30.15 48.12 67.36
N ASP QA 78 28.89 48.48 67.19
CA ASP QA 78 27.86 48.16 68.15
C ASP QA 78 27.41 46.71 68.06
N PHE QA 79 27.76 46.01 66.99
CA PHE QA 79 27.41 44.61 66.80
C PHE QA 79 28.60 43.68 66.95
N LEU QA 80 29.79 44.14 66.60
CA LEU QA 80 31.01 43.34 66.61
C LEU QA 80 31.96 43.88 67.66
N PRO QA 81 32.22 43.19 68.76
CA PRO QA 81 33.09 43.76 69.77
C PRO QA 81 34.54 43.68 69.36
N PRO QA 82 35.44 44.31 70.11
CA PRO QA 82 36.86 44.13 69.86
C PRO QA 82 37.33 42.76 70.29
N GLY QA 83 38.31 42.24 69.57
CA GLY QA 83 38.82 40.93 69.85
C GLY QA 83 39.85 40.92 70.95
N GLY QA 84 40.89 40.11 70.78
CA GLY QA 84 41.95 40.03 71.75
C GLY QA 84 43.23 39.51 71.16
N GLY QA 85 44.33 40.19 71.47
CA GLY QA 85 45.63 39.79 70.97
C GLY QA 85 45.94 40.34 69.61
N SER QA 86 46.56 39.50 68.78
CA SER QA 86 46.93 39.91 67.43
C SER QA 86 45.72 40.07 66.52
N ASN QA 87 44.57 39.53 66.91
CA ASN QA 87 43.34 39.70 66.16
C ASN QA 87 42.57 40.88 66.73
N PRO QA 88 42.48 42.02 66.04
CA PRO QA 88 41.86 43.19 66.66
C PRO QA 88 40.37 43.08 66.85
N ARG QA 89 39.70 42.21 66.08
CA ARG QA 89 38.26 42.03 66.15
C ARG QA 89 37.94 40.57 66.45
N SER QA 90 36.70 40.36 66.89
CA SER QA 90 36.28 39.04 67.36
C SER QA 90 35.93 38.11 66.22
N VAL QA 91 35.55 38.66 65.06
CA VAL QA 91 35.32 37.90 63.84
C VAL QA 91 36.56 38.06 62.96
N PRO QA 92 37.37 37.01 62.76
CA PRO QA 92 38.66 37.25 62.09
C PRO QA 92 38.57 37.35 60.58
N PHE QA 93 38.16 38.52 60.13
CA PHE QA 93 38.08 38.83 58.71
C PHE QA 93 38.56 40.26 58.49
N GLU QA 94 38.92 40.55 57.25
CA GLU QA 94 39.46 41.84 56.87
C GLU QA 94 38.40 42.80 56.36
N TYR QA 95 37.59 42.35 55.41
CA TYR QA 95 36.63 43.19 54.72
C TYR QA 95 35.21 42.80 55.10
N TYR QA 96 34.29 43.71 54.85
CA TYR QA 96 32.89 43.45 55.11
C TYR QA 96 32.05 44.34 54.21
N ARG QA 97 30.78 43.96 54.09
CA ARG QA 97 29.79 44.80 53.45
C ARG QA 97 28.42 44.37 53.95
N ILE QA 98 27.65 45.34 54.40
CA ILE QA 98 26.34 45.05 54.99
C ILE QA 98 25.34 44.85 53.87
N ARG QA 99 24.69 43.69 53.86
CA ARG QA 99 23.74 43.32 52.83
C ARG QA 99 22.34 43.81 53.15
N LYS QA 100 21.88 43.58 54.37
CA LYS QA 100 20.52 43.92 54.78
C LYS QA 100 20.54 44.26 56.26
N VAL QA 101 19.51 44.97 56.68
CA VAL QA 101 19.24 45.24 58.09
C VAL QA 101 17.76 45.02 58.33
N LYS QA 102 17.45 44.46 59.49
CA LYS QA 102 16.09 44.24 59.95
C LYS QA 102 15.94 44.97 61.27
N VAL QA 103 15.19 46.06 61.24
CA VAL QA 103 14.83 46.80 62.43
C VAL QA 103 13.47 46.35 62.89
N GLU QA 104 13.38 45.90 64.13
CA GLU QA 104 12.15 45.38 64.72
C GLU QA 104 11.80 46.24 65.92
N PHE QA 105 10.65 46.89 65.86
CA PHE QA 105 10.10 47.61 66.99
C PHE QA 105 9.21 46.66 67.76
N TRP QA 106 9.75 46.08 68.82
CA TRP QA 106 8.99 45.21 69.68
C TRP QA 106 8.32 46.04 70.76
N PRO QA 107 6.99 46.06 70.85
CA PRO QA 107 6.36 46.94 71.83
C PRO QA 107 6.57 46.49 73.26
N CYS QA 108 6.46 47.46 74.15
CA CYS QA 108 6.53 47.25 75.57
C CYS QA 108 5.22 47.55 76.27
N SER QA 109 4.20 47.92 75.54
CA SER QA 109 2.96 48.45 76.06
C SER QA 109 1.85 47.41 75.97
N PRO QA 110 0.88 47.43 76.88
CA PRO QA 110 -0.18 46.43 76.83
C PRO QA 110 -1.15 46.69 75.70
N ILE QA 111 -1.88 45.64 75.34
CA ILE QA 111 -2.88 45.77 74.30
C ILE QA 111 -4.13 46.51 74.75
N THR QA 112 -4.23 46.86 76.04
CA THR QA 112 -5.33 47.64 76.57
C THR QA 112 -5.03 49.13 76.57
N GLN QA 113 -3.87 49.56 76.12
CA GLN QA 113 -3.51 50.96 76.18
C GLN QA 113 -4.27 51.74 75.12
N GLY QA 114 -4.83 52.86 75.52
CA GLY QA 114 -5.58 53.72 74.64
C GLY QA 114 -4.77 54.87 74.10
N ASP QA 115 -5.48 55.85 73.55
CA ASP QA 115 -4.89 57.00 72.90
C ASP QA 115 -3.97 56.55 71.78
N ARG QA 116 -4.43 55.56 71.02
CA ARG QA 116 -3.64 55.01 69.94
C ARG QA 116 -3.39 56.04 68.87
N GLY QA 117 -2.44 55.71 67.99
CA GLY QA 117 -1.97 56.64 66.99
C GLY QA 117 -1.49 55.96 65.74
N VAL QA 118 -0.94 56.75 64.83
CA VAL QA 118 -0.48 56.23 63.55
C VAL QA 118 0.72 57.05 63.11
N GLY QA 119 1.80 56.36 62.77
CA GLY QA 119 3.05 56.98 62.39
C GLY QA 119 3.60 56.45 61.09
N SER QA 120 4.88 56.68 60.86
CA SER QA 120 5.50 56.35 59.59
C SER QA 120 6.98 56.11 59.80
N SER QA 121 7.50 55.11 59.10
CA SER QA 121 8.92 54.82 59.04
C SER QA 121 9.38 54.83 57.60
N ALA QA 122 10.45 55.57 57.34
CA ALA QA 122 10.98 55.73 56.00
C ALA QA 122 12.47 55.42 55.97
N VAL QA 123 12.96 55.14 54.78
CA VAL QA 123 14.34 54.74 54.55
C VAL QA 123 15.11 55.92 53.99
N ILE QA 124 16.15 56.32 54.69
CA ILE QA 124 16.90 57.55 54.43
C ILE QA 124 18.36 57.19 54.29
N LEU QA 125 18.83 57.06 53.06
CA LEU QA 125 20.14 56.49 52.77
C LEU QA 125 21.23 57.54 52.59
N ASP QA 126 21.13 58.72 53.24
CA ASP QA 126 22.04 59.80 52.94
C ASP QA 126 22.46 60.67 54.12
N ASP QA 127 22.06 60.36 55.35
CA ASP QA 127 22.54 61.07 56.53
C ASP QA 127 22.03 62.50 56.60
N ASN QA 128 20.89 62.77 55.99
CA ASN QA 128 20.19 64.04 56.15
C ASN QA 128 18.76 63.69 56.46
N PHE QA 129 18.49 63.58 57.75
CA PHE QA 129 17.18 63.25 58.29
C PHE QA 129 16.40 64.53 58.54
N VAL QA 130 15.08 64.35 58.67
CA VAL QA 130 14.26 65.42 59.22
C VAL QA 130 14.75 65.70 60.63
N THR QA 131 14.77 66.98 60.99
CA THR QA 131 15.31 67.38 62.29
C THR QA 131 14.54 66.70 63.41
N LYS QA 132 15.26 66.30 64.44
CA LYS QA 132 14.64 65.67 65.60
C LYS QA 132 13.70 66.65 66.28
N ALA QA 133 12.48 66.20 66.51
CA ALA QA 133 11.42 67.02 67.06
C ALA QA 133 10.66 66.23 68.12
N THR QA 134 10.16 66.95 69.11
CA THR QA 134 9.38 66.37 70.19
C THR QA 134 7.90 66.32 69.84
N ALA QA 135 7.34 67.45 69.39
CA ALA QA 135 5.93 67.53 69.01
C ALA QA 135 5.84 68.38 67.76
N LEU QA 136 5.95 67.73 66.61
CA LEU QA 136 5.78 68.38 65.31
C LEU QA 136 4.36 68.22 64.84
N THR QA 137 3.83 69.25 64.19
CA THR QA 137 2.43 69.33 63.83
C THR QA 137 2.04 68.48 62.63
N TYR QA 138 2.94 67.64 62.14
CA TYR QA 138 2.63 66.81 60.98
C TYR QA 138 3.61 65.65 60.96
N ASP QA 139 3.30 64.66 60.13
CA ASP QA 139 4.14 63.50 59.92
C ASP QA 139 5.00 63.75 58.69
N PRO QA 140 6.30 64.03 58.83
CA PRO QA 140 7.09 64.36 57.66
C PRO QA 140 7.32 63.18 56.74
N TYR QA 141 7.41 61.98 57.29
CA TYR QA 141 7.74 60.79 56.53
C TYR QA 141 6.52 60.13 55.92
N VAL QA 142 5.39 60.83 55.84
CA VAL QA 142 4.15 60.20 55.42
C VAL QA 142 4.09 60.06 53.91
N ASN QA 143 4.54 61.07 53.18
CA ASN QA 143 4.48 61.06 51.73
C ASN QA 143 5.71 60.46 51.10
N TYR QA 144 6.64 59.92 51.90
CA TYR QA 144 7.81 59.27 51.35
C TYR QA 144 7.44 57.98 50.65
N SER QA 145 8.13 57.70 49.56
CA SER QA 145 7.89 56.49 48.79
C SER QA 145 8.21 55.23 49.57
N SER QA 146 9.05 55.32 50.59
CA SER QA 146 9.42 54.20 51.43
C SER QA 146 8.71 54.20 52.76
N ARG QA 147 7.56 54.86 52.85
CA ARG QA 147 6.83 54.94 54.09
C ARG QA 147 6.06 53.65 54.33
N HIS QA 148 6.20 53.12 55.54
CA HIS QA 148 5.34 52.09 56.07
C HIS QA 148 4.64 52.65 57.28
N THR QA 149 3.37 52.34 57.42
CA THR QA 149 2.59 52.82 58.54
C THR QA 149 2.99 52.11 59.82
N ILE QA 150 3.14 52.89 60.88
CA ILE QA 150 3.38 52.38 62.22
C ILE QA 150 2.06 52.52 62.97
N THR QA 151 1.42 51.40 63.24
CA THR QA 151 0.36 51.36 64.22
C THR QA 151 0.96 51.38 65.61
N GLN QA 152 0.39 52.19 66.49
CA GLN QA 152 0.89 52.42 67.83
C GLN QA 152 -0.21 52.11 68.83
N PRO QA 153 0.15 51.82 70.09
CA PRO QA 153 1.46 51.60 70.71
C PRO QA 153 1.88 50.15 70.84
N PHE QA 154 0.93 49.23 70.69
CA PHE QA 154 1.11 47.84 71.05
C PHE QA 154 1.26 46.94 69.83
N SER QA 155 1.80 47.46 68.75
CA SER QA 155 1.89 46.74 67.50
C SER QA 155 3.33 46.66 67.03
N TYR QA 156 3.65 45.54 66.42
CA TYR QA 156 4.98 45.25 65.93
C TYR QA 156 5.19 45.86 64.55
N HIS QA 157 6.38 46.40 64.35
CA HIS QA 157 6.76 47.05 63.10
C HIS QA 157 8.15 46.59 62.72
N SER QA 158 8.26 46.02 61.52
CA SER QA 158 9.53 45.58 60.97
C SER QA 158 9.82 46.35 59.70
N ARG QA 159 11.11 46.56 59.45
CA ARG QA 159 11.60 47.15 58.21
C ARG QA 159 12.84 46.39 57.80
N TYR QA 160 12.86 45.91 56.56
CA TYR QA 160 13.93 45.09 56.01
C TYR QA 160 14.41 45.75 54.74
N PHE QA 161 15.65 46.20 54.75
CA PHE QA 161 16.17 47.02 53.66
C PHE QA 161 17.68 46.88 53.62
N THR QA 162 18.27 47.49 52.61
CA THR QA 162 19.70 47.48 52.36
C THR QA 162 20.29 48.85 52.68
N PRO QA 163 21.08 49.01 53.73
CA PRO QA 163 21.61 50.34 54.03
C PRO QA 163 22.74 50.73 53.11
N LYS QA 164 23.25 51.94 53.30
CA LYS QA 164 24.34 52.47 52.51
C LYS QA 164 25.32 53.15 53.44
N PRO QA 165 26.62 53.09 53.15
CA PRO QA 165 27.59 53.75 54.02
C PRO QA 165 27.77 55.22 53.69
N VAL QA 166 28.24 55.94 54.70
CA VAL QA 166 28.47 57.38 54.60
C VAL QA 166 29.92 57.55 54.17
N LEU QA 167 30.13 57.57 52.86
CA LEU QA 167 31.45 57.74 52.29
C LEU QA 167 31.86 59.20 52.26
N ASP QA 168 30.96 60.08 51.84
CA ASP QA 168 31.19 61.52 51.85
C ASP QA 168 29.90 62.18 52.30
N SER QA 169 29.90 62.74 53.50
CA SER QA 169 28.72 63.41 54.02
C SER QA 169 28.48 64.75 53.34
N THR QA 170 29.47 65.31 52.67
CA THR QA 170 29.30 66.57 51.97
C THR QA 170 28.49 66.40 50.69
N ILE QA 171 28.74 65.33 49.96
CA ILE QA 171 28.11 65.08 48.67
C ILE QA 171 26.97 64.09 48.85
N ASP QA 172 27.15 63.14 49.76
CA ASP QA 172 26.13 62.16 50.11
C ASP QA 172 25.73 61.33 48.88
N TYR QA 173 26.69 60.57 48.38
CA TYR QA 173 26.48 59.68 47.25
C TYR QA 173 26.43 58.25 47.72
N PHE QA 174 25.62 57.44 47.04
CA PHE QA 174 25.48 56.03 47.37
C PHE QA 174 25.18 55.24 46.11
N GLN QA 175 25.33 53.99 46.23
CA GLN QA 175 25.17 53.05 45.15
C GLN QA 175 23.75 52.48 45.13
N PRO QA 176 23.23 52.13 43.96
CA PRO QA 176 21.99 51.36 43.94
C PRO QA 176 22.21 49.92 44.36
N ASN QA 177 21.11 49.20 44.51
CA ASN QA 177 21.18 47.84 45.02
C ASN QA 177 21.73 46.92 43.95
N ASN QA 178 22.88 46.32 44.22
CA ASN QA 178 23.49 45.35 43.33
C ASN QA 178 24.37 44.47 44.19
N LYS QA 179 24.02 43.19 44.31
CA LYS QA 179 24.78 42.32 45.17
C LYS QA 179 26.18 42.09 44.62
N ARG QA 180 26.36 42.14 43.31
CA ARG QA 180 27.64 41.83 42.70
C ARG QA 180 28.60 43.01 42.71
N ASN QA 181 28.07 44.23 42.74
CA ASN QA 181 28.88 45.44 42.64
C ASN QA 181 28.98 46.21 43.95
N GLN QA 182 28.41 45.69 45.04
CA GLN QA 182 28.46 46.40 46.30
C GLN QA 182 29.88 46.48 46.81
N LEU QA 183 30.24 47.67 47.28
CA LEU QA 183 31.59 47.93 47.74
C LEU QA 183 31.91 47.11 48.99
N TRP QA 184 33.16 46.69 49.07
CA TRP QA 184 33.71 46.10 50.27
C TRP QA 184 34.40 47.18 51.07
N LEU QA 185 34.01 47.32 52.32
CA LEU QA 185 34.69 48.19 53.26
C LEU QA 185 35.65 47.36 54.09
N ARG QA 186 36.53 48.06 54.78
CA ARG QA 186 37.46 47.44 55.71
C ARG QA 186 36.86 47.41 57.09
N LEU QA 187 37.03 46.29 57.77
CA LEU QA 187 36.66 46.13 59.16
C LEU QA 187 37.77 46.75 60.01
N GLN QA 188 37.58 48.03 60.33
CA GLN QA 188 38.55 48.77 61.10
C GLN QA 188 38.58 48.26 62.53
N THR QA 189 39.54 48.77 63.30
CA THR QA 189 39.69 48.35 64.69
C THR QA 189 38.70 49.07 65.60
N ALA QA 190 38.68 50.41 65.55
CA ALA QA 190 37.76 51.18 66.38
C ALA QA 190 37.18 52.40 65.67
N GLY QA 191 37.11 52.39 64.35
CA GLY QA 191 36.72 53.57 63.60
C GLY QA 191 35.85 53.32 62.39
N ASN QA 192 35.02 52.31 62.45
CA ASN QA 192 34.19 51.94 61.32
C ASN QA 192 33.19 53.04 60.98
N VAL QA 193 32.74 53.03 59.74
CA VAL QA 193 31.91 54.09 59.19
C VAL QA 193 30.44 53.78 59.46
N ASP QA 194 29.67 54.83 59.66
CA ASP QA 194 28.27 54.69 60.01
C ASP QA 194 27.45 54.39 58.76
N HIS QA 195 26.65 53.35 58.84
CA HIS QA 195 25.62 53.08 57.85
C HIS QA 195 24.31 53.72 58.29
N VAL QA 196 23.46 53.99 57.31
CA VAL QA 196 22.31 54.85 57.49
C VAL QA 196 21.15 54.26 56.70
N GLY QA 197 19.94 54.73 57.01
CA GLY QA 197 18.78 54.15 56.37
C GLY QA 197 17.46 54.02 57.09
N LEU QA 198 17.26 54.64 58.24
CA LEU QA 198 15.92 54.66 58.80
C LEU QA 198 15.62 55.92 59.60
N GLY QA 199 14.46 56.48 59.32
CA GLY QA 199 13.92 57.56 60.12
C GLY QA 199 12.46 57.30 60.41
N THR QA 200 12.03 57.76 61.58
CA THR QA 200 10.73 57.43 62.13
C THR QA 200 9.97 58.68 62.53
N ALA QA 201 8.66 58.51 62.66
CA ALA QA 201 7.78 59.55 63.19
C ALA QA 201 6.67 58.86 63.97
N PHE QA 202 6.69 59.04 65.28
CA PHE QA 202 5.72 58.44 66.18
C PHE QA 202 4.75 59.51 66.68
N GLU QA 203 3.47 59.17 66.68
CA GLU QA 203 2.44 60.06 67.18
C GLU QA 203 2.44 60.03 68.69
N ASN QA 204 2.51 61.21 69.30
CA ASN QA 204 2.57 61.32 70.73
C ASN QA 204 1.25 60.94 71.37
N SER QA 205 1.28 60.75 72.69
CA SER QA 205 0.15 60.23 73.43
C SER QA 205 0.22 60.74 74.86
N ILE QA 206 -0.89 60.56 75.58
CA ILE QA 206 -0.94 60.91 76.99
C ILE QA 206 -0.09 59.97 77.81
N TYR QA 207 0.06 58.73 77.36
CA TYR QA 207 0.85 57.73 78.04
C TYR QA 207 2.19 57.56 77.35
N ASP QA 208 3.17 57.07 78.12
CA ASP QA 208 4.48 56.81 77.57
C ASP QA 208 4.45 55.55 76.71
N GLN QA 209 5.06 55.64 75.54
CA GLN QA 209 5.15 54.54 74.58
C GLN QA 209 6.60 54.07 74.53
N GLU QA 210 6.85 52.89 75.08
CA GLU QA 210 8.18 52.31 75.11
C GLU QA 210 8.29 51.19 74.08
N TYR QA 211 9.51 51.01 73.58
CA TYR QA 211 9.81 49.99 72.60
C TYR QA 211 11.17 49.39 72.89
N ASN QA 212 11.33 48.12 72.58
CA ASN QA 212 12.61 47.42 72.58
C ASN QA 212 12.97 47.16 71.13
N ILE QA 213 13.98 47.87 70.64
CA ILE QA 213 14.33 47.82 69.24
C ILE QA 213 15.47 46.84 69.05
N ARG QA 214 15.26 45.85 68.19
CA ARG QA 214 16.24 44.82 67.88
C ARG QA 214 16.66 45.00 66.43
N VAL QA 215 17.90 45.41 66.24
CA VAL QA 215 18.49 45.56 64.92
C VAL QA 215 19.31 44.33 64.62
N THR QA 216 19.09 43.75 63.45
CA THR QA 216 19.82 42.58 62.97
C THR QA 216 20.45 42.95 61.64
N MET QA 217 21.77 42.88 61.58
CA MET QA 217 22.52 43.15 60.36
C MET QA 217 23.00 41.84 59.74
N TYR QA 218 22.70 41.67 58.47
CA TYR QA 218 23.14 40.54 57.69
C TYR QA 218 24.36 40.95 56.89
N VAL QA 219 25.53 40.48 57.30
CA VAL QA 219 26.80 40.95 56.81
C VAL QA 219 27.46 39.84 56.00
N GLN QA 220 28.50 40.24 55.28
CA GLN QA 220 29.25 39.34 54.42
C GLN QA 220 30.71 39.75 54.54
N PHE QA 221 31.53 38.87 55.08
CA PHE QA 221 32.94 39.12 55.30
C PHE QA 221 33.78 38.47 54.21
N ARG QA 222 35.07 38.78 54.23
CA ARG QA 222 36.00 38.31 53.21
C ARG QA 222 37.40 38.29 53.80
N GLU QA 223 38.21 37.36 53.31
CA GLU QA 223 39.63 37.26 53.61
C GLU QA 223 39.87 37.01 55.11
N PHE QA 224 39.52 35.81 55.51
CA PHE QA 224 39.91 35.23 56.79
C PHE QA 224 41.36 35.50 57.08
N ASN QA 225 41.64 36.16 58.20
CA ASN QA 225 42.95 36.69 58.50
C ASN QA 225 43.37 36.38 59.93
N LEU QA 226 43.12 35.17 60.37
CA LEU QA 226 43.50 34.79 61.72
C LEU QA 226 45.00 34.77 61.86
N LYS QA 227 45.48 35.20 63.04
CA LYS QA 227 46.89 35.22 63.36
C LYS QA 227 47.12 34.34 64.57
N ASP QA 228 48.08 33.42 64.45
CA ASP QA 228 48.33 32.38 65.44
C ASP QA 228 49.79 32.46 65.88
N PRO QA 229 50.11 33.33 66.83
CA PRO QA 229 51.45 33.34 67.39
C PRO QA 229 51.65 32.15 68.32
N PRO QA 230 52.89 31.85 68.70
CA PRO QA 230 53.10 30.80 69.69
C PRO QA 230 52.63 31.20 71.07
N LEU QA 231 52.82 30.31 72.04
CA LEU QA 231 52.38 30.52 73.41
C LEU QA 231 53.40 30.00 74.42
N GLY RA 43 2.62 65.31 29.77
CA GLY RA 43 3.59 64.93 30.79
C GLY RA 43 2.94 64.44 32.06
N ILE RA 44 2.55 63.17 32.05
CA ILE RA 44 1.77 62.60 33.13
C ILE RA 44 2.68 62.25 34.29
N PHE RA 45 2.15 62.42 35.50
CA PHE RA 45 2.83 62.03 36.72
C PHE RA 45 1.77 61.64 37.74
N ASN RA 46 1.59 60.34 37.91
CA ASN RA 46 0.71 59.83 38.94
C ASN RA 46 1.48 59.75 40.26
N THR RA 47 0.90 60.34 41.31
CA THR RA 47 1.50 60.30 42.63
C THR RA 47 0.40 60.14 43.67
N ARG RA 48 0.79 60.37 44.93
CA ARG RA 48 -0.05 60.11 46.08
C ARG RA 48 0.22 61.18 47.12
N LEU RA 49 -0.84 61.83 47.57
CA LEU RA 49 -0.78 62.91 48.54
C LEU RA 49 -1.68 62.56 49.71
N SER RA 50 -1.19 62.82 50.92
CA SER RA 50 -1.87 62.47 52.15
C SER RA 50 -2.01 63.66 53.06
N ARG RA 51 -2.81 63.46 54.11
CA ARG RA 51 -3.22 64.50 55.04
C ARG RA 51 -3.92 63.79 56.19
N THR RA 52 -3.68 64.26 57.41
CA THR RA 52 -4.19 63.64 58.61
C THR RA 52 -4.83 64.68 59.50
N PHE RA 53 -5.97 64.34 60.10
CA PHE RA 53 -6.69 65.23 60.97
C PHE RA 53 -7.61 64.40 61.86
N GLY RA 54 -8.17 65.07 62.86
CA GLY RA 54 -8.98 64.42 63.86
C GLY RA 54 -10.47 64.62 63.73
N TYR RA 55 -11.22 63.69 64.31
CA TYR RA 55 -12.67 63.74 64.38
C TYR RA 55 -13.12 63.04 65.65
N THR RA 56 -13.98 63.70 66.41
CA THR RA 56 -14.48 63.19 67.67
C THR RA 56 -15.99 63.20 67.68
N ILE RA 57 -16.57 62.13 68.21
CA ILE RA 57 -17.99 62.02 68.47
C ILE RA 57 -18.15 62.14 69.98
N LYS RA 58 -18.63 63.28 70.42
CA LYS RA 58 -18.76 63.56 71.84
C LYS RA 58 -19.82 62.65 72.48
N ARG RA 59 -19.70 62.49 73.78
CA ARG RA 59 -20.60 61.65 74.54
C ARG RA 59 -21.98 62.28 74.66
N THR RA 60 -22.97 61.43 74.95
CA THR RA 60 -24.34 61.86 75.16
C THR RA 60 -24.97 61.04 76.28
N THR RA 61 -25.74 61.72 77.13
CA THR RA 61 -26.53 61.06 78.16
C THR RA 61 -27.80 60.41 77.62
N VAL RA 62 -28.10 60.62 76.33
CA VAL RA 62 -29.30 60.05 75.74
C VAL RA 62 -29.23 58.53 75.82
N LYS RA 63 -30.36 57.92 76.19
CA LYS RA 63 -30.42 56.48 76.37
C LYS RA 63 -30.64 55.74 75.06
N THR RA 64 -31.42 56.32 74.16
CA THR RA 64 -31.78 55.67 72.93
C THR RA 64 -30.55 55.48 72.03
N PRO RA 65 -30.66 54.63 71.00
CA PRO RA 65 -29.63 54.61 69.98
C PRO RA 65 -29.83 55.77 69.02
N SER RA 66 -28.96 56.77 69.12
CA SER RA 66 -28.95 57.90 68.22
C SER RA 66 -27.64 57.92 67.46
N TRP RA 67 -27.65 58.57 66.31
CA TRP RA 67 -26.49 58.65 65.44
C TRP RA 67 -26.08 60.10 65.22
N ALA RA 68 -24.78 60.27 65.03
CA ALA RA 68 -24.17 61.56 64.77
C ALA RA 68 -23.76 61.61 63.31
N VAL RA 69 -24.30 62.58 62.59
CA VAL RA 69 -24.11 62.69 61.16
C VAL RA 69 -23.14 63.81 60.88
N ASP RA 70 -22.28 63.61 59.88
CA ASP RA 70 -21.31 64.60 59.46
C ASP RA 70 -20.93 64.32 58.02
N MET RA 71 -20.27 65.30 57.43
CA MET RA 71 -19.88 65.28 56.03
C MET RA 71 -18.37 65.36 55.89
N MET RA 72 -17.90 65.11 54.67
CA MET RA 72 -16.47 65.10 54.39
C MET RA 72 -16.26 65.46 52.93
N ARG RA 73 -15.63 66.60 52.69
CA ARG RA 73 -15.22 67.05 51.37
C ARG RA 73 -13.71 66.92 51.25
N PHE RA 74 -13.23 67.04 50.02
CA PHE RA 74 -11.81 66.91 49.70
C PHE RA 74 -11.41 68.04 48.76
N ASN RA 75 -10.40 68.81 49.15
CA ASN RA 75 -9.82 69.83 48.32
C ASN RA 75 -8.31 69.64 48.26
N ILE RA 76 -7.73 70.03 47.12
CA ILE RA 76 -6.31 69.81 46.88
C ILE RA 76 -5.43 70.86 47.55
N ASN RA 77 -6.01 71.97 48.01
CA ASN RA 77 -5.22 72.94 48.75
C ASN RA 77 -4.74 72.39 50.07
N ASP RA 78 -5.51 71.49 50.66
CA ASP RA 78 -5.16 70.89 51.93
C ASP RA 78 -4.09 69.81 51.80
N PHE RA 79 -3.80 69.35 50.59
CA PHE RA 79 -2.79 68.35 50.34
C PHE RA 79 -1.56 68.91 49.65
N LEU RA 80 -1.73 69.95 48.83
CA LEU RA 80 -0.66 70.55 48.05
C LEU RA 80 -0.41 71.97 48.52
N PRO RA 81 0.71 72.28 49.16
CA PRO RA 81 0.90 73.63 49.65
C PRO RA 81 1.24 74.59 48.53
N PRO RA 82 1.28 75.88 48.82
CA PRO RA 82 1.77 76.83 47.83
C PRO RA 82 3.27 76.73 47.67
N GLY RA 83 3.73 76.99 46.46
CA GLY RA 83 5.13 76.90 46.15
C GLY RA 83 5.90 78.14 46.53
N GLY RA 84 6.83 78.52 45.68
CA GLY RA 84 7.63 79.70 45.92
C GLY RA 84 8.23 80.26 44.66
N GLY RA 85 8.11 81.56 44.47
CA GLY RA 85 8.65 82.22 43.31
C GLY RA 85 7.72 82.18 42.12
N SER RA 86 8.31 81.97 40.94
CA SER RA 86 7.52 81.93 39.72
C SER RA 86 6.65 80.70 39.62
N ASN RA 87 6.92 79.68 40.43
CA ASN RA 87 6.10 78.48 40.50
C ASN RA 87 5.06 78.65 41.60
N PRO RA 88 3.78 78.83 41.31
CA PRO RA 88 2.83 79.13 42.38
C PRO RA 88 2.54 77.96 43.29
N ARG RA 89 2.77 76.74 42.83
CA ARG RA 89 2.52 75.53 43.61
C ARG RA 89 3.79 74.71 43.73
N SER RA 90 3.78 73.80 44.70
CA SER RA 90 4.96 73.04 45.03
C SER RA 90 5.20 71.86 44.09
N VAL RA 91 4.15 71.39 43.44
CA VAL RA 91 4.25 70.37 42.40
C VAL RA 91 4.13 71.08 41.05
N PRO RA 92 5.20 71.17 40.26
CA PRO RA 92 5.13 72.04 39.07
C PRO RA 92 4.40 71.43 37.88
N PHE RA 93 3.08 71.47 37.97
CA PHE RA 93 2.22 71.01 36.89
C PHE RA 93 1.04 71.96 36.75
N GLU RA 94 0.40 71.91 35.59
CA GLU RA 94 -0.69 72.79 35.25
C GLU RA 94 -2.05 72.21 35.57
N TYR RA 95 -2.30 70.98 35.13
CA TYR RA 95 -3.60 70.34 35.22
C TYR RA 95 -3.53 69.17 36.20
N TYR RA 96 -4.71 68.76 36.65
CA TYR RA 96 -4.82 67.64 37.55
C TYR RA 96 -6.20 67.02 37.42
N ARG RA 97 -6.31 65.80 37.91
CA ARG RA 97 -7.60 65.15 38.07
C ARG RA 97 -7.45 64.06 39.11
N ILE RA 98 -8.33 64.06 40.08
CA ILE RA 98 -8.25 63.12 41.19
C ILE RA 98 -8.85 61.79 40.76
N ARG RA 99 -8.05 60.74 40.84
CA ARG RA 99 -8.43 59.42 40.41
C ARG RA 99 -9.16 58.65 41.51
N LYS RA 100 -8.61 58.64 42.72
CA LYS RA 100 -9.15 57.89 43.82
C LYS RA 100 -8.85 58.64 45.12
N VAL RA 101 -9.62 58.31 46.15
CA VAL RA 101 -9.35 58.76 47.51
C VAL RA 101 -9.52 57.58 48.44
N LYS RA 102 -8.67 57.52 49.45
CA LYS RA 102 -8.71 56.52 50.49
C LYS RA 102 -8.86 57.24 51.82
N VAL RA 103 -10.04 57.14 52.40
CA VAL RA 103 -10.30 57.68 53.72
C VAL RA 103 -10.15 56.55 54.73
N GLU RA 104 -9.29 56.76 55.72
CA GLU RA 104 -8.99 55.77 56.73
C GLU RA 104 -9.35 56.36 58.09
N PHE RA 105 -10.29 55.72 58.77
CA PHE RA 105 -10.62 56.06 60.14
C PHE RA 105 -9.77 55.21 61.05
N TRP RA 106 -8.68 55.78 61.53
CA TRP RA 106 -7.81 55.10 62.47
C TRP RA 106 -8.29 55.38 63.87
N PRO RA 107 -8.70 54.37 64.65
CA PRO RA 107 -9.25 54.65 65.97
C PRO RA 107 -8.21 55.16 66.94
N CYS RA 108 -8.73 55.87 67.94
CA CYS RA 108 -7.95 56.39 69.05
C CYS RA 108 -8.33 55.76 70.37
N SER RA 109 -9.26 54.82 70.37
CA SER RA 109 -9.88 54.30 71.55
C SER RA 109 -9.37 52.89 71.84
N PRO RA 110 -9.31 52.48 73.10
CA PRO RA 110 -8.80 51.16 73.42
C PRO RA 110 -9.78 50.07 73.04
N ILE RA 111 -9.25 48.86 72.92
CA ILE RA 111 -10.09 47.71 72.61
C ILE RA 111 -10.93 47.25 73.79
N THR RA 112 -10.73 47.82 74.97
CA THR RA 112 -11.53 47.53 76.13
C THR RA 112 -12.72 48.46 76.29
N GLN RA 113 -12.92 49.40 75.38
CA GLN RA 113 -13.99 50.37 75.53
C GLN RA 113 -15.32 49.71 75.20
N GLY RA 114 -16.31 49.95 76.05
CA GLY RA 114 -17.63 49.40 75.90
C GLY RA 114 -18.59 50.37 75.25
N ASP RA 115 -19.88 50.05 75.38
CA ASP RA 115 -20.95 50.81 74.75
C ASP RA 115 -20.71 50.90 73.25
N ARG RA 116 -20.33 49.77 72.66
CA ARG RA 116 -20.02 49.72 71.25
C ARG RA 116 -21.28 49.99 70.43
N GLY RA 117 -21.06 50.25 69.15
CA GLY RA 117 -22.12 50.67 68.26
C GLY RA 117 -21.88 50.24 66.83
N VAL RA 118 -22.76 50.69 65.94
CA VAL RA 118 -22.70 50.33 64.55
C VAL RA 118 -23.21 51.48 63.72
N GLY RA 119 -22.42 51.89 62.74
CA GLY RA 119 -22.72 53.02 61.89
C GLY RA 119 -22.62 52.71 60.42
N SER RA 120 -22.52 53.75 59.62
CA SER RA 120 -22.56 53.60 58.17
C SER RA 120 -21.80 54.75 57.52
N SER RA 121 -21.06 54.42 56.46
CA SER RA 121 -20.39 55.39 55.62
C SER RA 121 -20.86 55.20 54.18
N ALA RA 122 -21.26 56.29 53.55
CA ALA RA 122 -21.78 56.27 52.20
C ALA RA 122 -21.06 57.29 51.34
N VAL RA 123 -21.16 57.11 50.03
CA VAL RA 123 -20.47 57.91 49.04
C VAL RA 123 -21.48 58.86 48.41
N ILE RA 124 -21.22 60.16 48.54
CA ILE RA 124 -22.17 61.21 48.18
C ILE RA 124 -21.45 62.16 47.22
N LEU RA 125 -21.70 61.99 45.93
CA LEU RA 125 -20.92 62.65 44.90
C LEU RA 125 -21.55 63.95 44.39
N ASP RA 126 -22.34 64.66 45.21
CA ASP RA 126 -23.12 65.78 44.71
C ASP RA 126 -23.26 66.98 45.64
N ASP RA 127 -22.62 66.98 46.81
CA ASP RA 127 -22.60 68.16 47.67
C ASP RA 127 -23.97 68.45 48.28
N ASN RA 128 -24.80 67.42 48.44
CA ASN RA 128 -26.05 67.53 49.18
C ASN RA 128 -26.06 66.34 50.12
N PHE RA 129 -25.52 66.58 51.32
CA PHE RA 129 -25.43 65.60 52.37
C PHE RA 129 -26.67 65.66 53.25
N VAL RA 130 -26.88 64.59 54.01
CA VAL RA 130 -27.82 64.65 55.11
C VAL RA 130 -27.34 65.71 56.08
N THR RA 131 -28.28 66.46 56.63
CA THR RA 131 -27.95 67.58 57.49
C THR RA 131 -27.16 67.09 58.70
N LYS RA 132 -26.17 67.87 59.09
CA LYS RA 132 -25.35 67.54 60.24
C LYS RA 132 -26.21 67.51 61.49
N ALA RA 133 -26.10 66.41 62.23
CA ALA RA 133 -26.92 66.17 63.42
C ALA RA 133 -26.04 65.62 64.52
N THR RA 134 -26.42 65.93 65.75
CA THR RA 134 -25.72 65.46 66.93
C THR RA 134 -26.27 64.12 67.41
N ALA RA 135 -27.59 64.03 67.56
CA ALA RA 135 -28.25 62.79 68.00
C ALA RA 135 -29.53 62.64 67.17
N LEU RA 136 -29.40 61.97 66.04
CA LEU RA 136 -30.52 61.65 65.18
C LEU RA 136 -31.02 60.24 65.49
N THR RA 137 -32.33 60.06 65.45
CA THR RA 137 -32.98 58.84 65.89
C THR RA 137 -32.84 57.68 64.93
N TYR RA 138 -32.05 57.80 63.88
CA TYR RA 138 -31.89 56.72 62.92
C TYR RA 138 -30.59 56.95 62.16
N ASP RA 139 -30.17 55.92 61.44
CA ASP RA 139 -29.00 55.98 60.58
C ASP RA 139 -29.44 56.31 59.17
N PRO RA 140 -29.22 57.52 58.67
CA PRO RA 140 -29.75 57.84 57.34
C PRO RA 140 -29.03 57.12 56.23
N TYR RA 141 -27.74 56.84 56.39
CA TYR RA 141 -26.93 56.25 55.35
C TYR RA 141 -26.97 54.74 55.35
N VAL RA 142 -27.95 54.13 56.02
CA VAL RA 142 -27.96 52.69 56.19
C VAL RA 142 -28.48 51.99 54.94
N ASN RA 143 -29.50 52.54 54.31
CA ASN RA 143 -30.10 51.93 53.13
C ASN RA 143 -29.45 52.38 51.84
N TYR RA 144 -28.38 53.17 51.92
CA TYR RA 144 -27.68 53.59 50.72
C TYR RA 144 -26.96 52.43 50.08
N SER RA 145 -26.95 52.42 48.75
CA SER RA 145 -26.29 51.38 47.99
C SER RA 145 -24.79 51.34 48.23
N SER RA 146 -24.20 52.45 48.64
CA SER RA 146 -22.78 52.55 48.92
C SER RA 146 -22.47 52.50 50.41
N ARG RA 147 -23.36 51.92 51.20
CA ARG RA 147 -23.15 51.86 52.63
C ARG RA 147 -22.18 50.75 52.97
N HIS RA 148 -21.19 51.08 53.80
CA HIS RA 148 -20.34 50.12 54.46
C HIS RA 148 -20.56 50.29 55.95
N THR RA 149 -20.64 49.19 56.67
CA THR RA 149 -20.84 49.23 58.10
C THR RA 149 -19.58 49.71 58.81
N ILE RA 150 -19.78 50.60 59.78
CA ILE RA 150 -18.72 51.07 60.65
C ILE RA 150 -18.95 50.39 61.98
N THR RA 151 -18.07 49.47 62.33
CA THR RA 151 -17.98 48.99 63.69
C THR RA 151 -17.24 50.01 64.53
N GLN RA 152 -17.76 50.28 65.71
CA GLN RA 152 -17.26 51.30 66.61
C GLN RA 152 -16.93 50.68 67.95
N PRO RA 153 -16.06 51.30 68.74
CA PRO RA 153 -15.22 52.48 68.53
C PRO RA 153 -13.79 52.19 68.14
N PHE RA 154 -13.36 50.95 68.32
CA PHE RA 154 -11.95 50.58 68.24
C PHE RA 154 -11.61 49.82 66.98
N SER RA 155 -12.34 50.07 65.90
CA SER RA 155 -12.20 49.32 64.67
C SER RA 155 -11.87 50.25 63.51
N TYR RA 156 -11.05 49.74 62.61
CA TYR RA 156 -10.59 50.47 61.46
C TYR RA 156 -11.61 50.39 60.33
N HIS RA 157 -11.79 51.51 59.64
CA HIS RA 157 -12.74 51.64 58.55
C HIS RA 157 -12.06 52.37 57.41
N SER RA 158 -12.01 51.73 56.25
CA SER RA 158 -11.48 52.32 55.04
C SER RA 158 -12.56 52.43 53.98
N ARG RA 159 -12.45 53.44 53.15
CA ARG RA 159 -13.30 53.63 51.98
C ARG RA 159 -12.43 54.11 50.84
N TYR RA 160 -12.51 53.41 49.71
CA TYR RA 160 -11.70 53.67 48.53
C TYR RA 160 -12.63 53.86 47.36
N PHE RA 161 -12.64 55.07 46.81
CA PHE RA 161 -13.62 55.44 45.80
C PHE RA 161 -13.05 56.56 44.95
N THR RA 162 -13.80 56.91 43.92
CA THR RA 162 -13.46 57.96 42.97
C THR RA 162 -14.33 59.18 43.21
N PRO RA 163 -13.80 60.30 43.69
CA PRO RA 163 -14.66 61.45 43.93
C PRO RA 163 -15.02 62.18 42.67
N LYS RA 164 -15.82 63.22 42.79
CA LYS RA 164 -16.27 64.02 41.68
C LYS RA 164 -16.19 65.48 42.07
N PRO RA 165 -15.84 66.37 41.14
CA PRO RA 165 -15.76 67.79 41.48
C PRO RA 165 -17.11 68.49 41.42
N VAL RA 166 -17.17 69.59 42.15
CA VAL RA 166 -18.38 70.40 42.24
C VAL RA 166 -18.26 71.47 41.16
N LEU RA 167 -18.74 71.13 39.97
CA LEU RA 167 -18.70 72.05 38.84
C LEU RA 167 -19.85 73.03 38.89
N ASP RA 168 -21.06 72.56 39.19
CA ASP RA 168 -22.22 73.43 39.37
C ASP RA 168 -23.01 72.88 40.55
N SER RA 169 -23.00 73.60 41.66
CA SER RA 169 -23.74 73.19 42.84
C SER RA 169 -25.24 73.36 42.68
N THR RA 170 -25.69 74.14 41.70
CA THR RA 170 -27.11 74.33 41.47
C THR RA 170 -27.73 73.11 40.80
N ILE RA 171 -27.02 72.51 39.85
CA ILE RA 171 -27.51 71.40 39.06
C ILE RA 171 -26.95 70.11 39.60
N ASP RA 172 -25.70 70.16 40.08
CA ASP RA 172 -25.03 69.03 40.70
C ASP RA 172 -24.95 67.84 39.73
N TYR RA 173 -24.19 68.06 38.66
CA TYR RA 173 -23.94 67.04 37.65
C TYR RA 173 -22.53 66.50 37.78
N PHE RA 174 -22.36 65.22 37.47
CA PHE RA 174 -21.06 64.59 37.54
C PHE RA 174 -20.97 63.50 36.50
N GLN RA 175 -19.80 63.09 36.25
CA GLN RA 175 -19.47 62.09 35.26
C GLN RA 175 -19.44 60.69 35.87
N PRO RA 176 -19.77 59.66 35.11
CA PRO RA 176 -19.49 58.31 35.59
C PRO RA 176 -18.02 57.98 35.53
N ASN RA 177 -17.66 56.83 36.07
CA ASN RA 177 -16.26 56.45 36.19
C ASN RA 177 -15.73 56.03 34.83
N ASN RA 178 -14.75 56.78 34.33
CA ASN RA 178 -14.09 56.46 33.07
C ASN RA 178 -12.72 57.09 33.16
N LYS RA 179 -11.69 56.26 33.18
CA LYS RA 179 -10.34 56.80 33.32
C LYS RA 179 -9.94 57.59 32.09
N ARG RA 180 -10.46 57.25 30.93
CA ARG RA 180 -10.03 57.89 29.68
C ARG RA 180 -10.75 59.20 29.43
N ASN RA 181 -11.96 59.36 29.97
CA ASN RA 181 -12.79 60.52 29.72
C ASN RA 181 -12.88 61.47 30.90
N GLN RA 182 -12.19 61.20 31.99
CA GLN RA 182 -12.26 62.06 33.16
C GLN RA 182 -11.70 63.43 32.85
N LEU RA 183 -12.42 64.46 33.30
CA LEU RA 183 -12.04 65.83 33.03
C LEU RA 183 -10.74 66.18 33.72
N TRP RA 184 -9.95 67.01 33.06
CA TRP RA 184 -8.79 67.64 33.64
C TRP RA 184 -9.19 69.00 34.16
N LEU RA 185 -8.93 69.25 35.43
CA LEU RA 185 -9.09 70.54 36.04
C LEU RA 185 -7.74 71.25 36.05
N ARG RA 186 -7.80 72.55 36.29
CA ARG RA 186 -6.60 73.35 36.46
C ARG RA 186 -6.21 73.40 37.93
N LEU RA 187 -4.91 73.28 38.16
CA LEU RA 187 -4.33 73.46 39.48
C LEU RA 187 -4.19 74.95 39.73
N GLN RA 188 -5.21 75.52 40.34
CA GLN RA 188 -5.24 76.94 40.63
C GLN RA 188 -4.21 77.27 41.70
N THR RA 189 -4.05 78.57 41.94
CA THR RA 189 -3.08 79.04 42.92
C THR RA 189 -3.64 78.95 44.34
N ALA RA 190 -4.82 79.54 44.58
CA ALA RA 190 -5.43 79.48 45.90
C ALA RA 190 -6.95 79.31 45.86
N GLY RA 191 -7.50 78.74 44.79
CA GLY RA 191 -8.94 78.70 44.62
C GLY RA 191 -9.48 77.41 44.02
N ASN RA 192 -8.83 76.29 44.31
CA ASN RA 192 -9.23 75.03 43.72
C ASN RA 192 -10.62 74.62 44.18
N VAL RA 193 -11.25 73.77 43.39
CA VAL RA 193 -12.63 73.38 43.58
C VAL RA 193 -12.71 72.18 44.50
N ASP RA 194 -13.78 72.13 45.29
CA ASP RA 194 -13.94 71.08 46.28
C ASP RA 194 -14.45 69.81 45.62
N HIS RA 195 -13.76 68.71 45.89
CA HIS RA 195 -14.25 67.40 45.56
C HIS RA 195 -15.02 66.83 46.73
N VAL RA 196 -15.91 65.89 46.42
CA VAL RA 196 -16.93 65.45 47.35
C VAL RA 196 -17.11 63.95 47.17
N GLY RA 197 -17.75 63.32 48.15
CA GLY RA 197 -17.86 61.88 48.12
C GLY RA 197 -17.88 61.05 49.38
N LEU RA 198 -18.00 61.64 50.57
CA LEU RA 198 -18.21 60.78 51.74
C LEU RA 198 -19.06 61.45 52.81
N GLY RA 199 -20.02 60.67 53.29
CA GLY RA 199 -20.79 61.06 54.45
C GLY RA 199 -20.91 59.89 55.40
N THR RA 200 -20.96 60.22 56.69
CA THR RA 200 -20.85 59.24 57.76
C THR RA 200 -22.00 59.37 58.73
N ALA RA 201 -22.21 58.31 59.49
CA ALA RA 201 -23.15 58.29 60.60
C ALA RA 201 -22.58 57.40 61.68
N PHE RA 202 -22.21 58.00 62.80
CA PHE RA 202 -21.64 57.30 63.93
C PHE RA 202 -22.65 57.22 65.07
N GLU RA 203 -22.75 56.05 65.67
CA GLU RA 203 -23.64 55.84 66.80
C GLU RA 203 -23.00 56.41 68.05
N ASN RA 204 -23.75 57.25 68.75
CA ASN RA 204 -23.25 57.92 69.93
C ASN RA 204 -23.06 56.93 71.07
N SER RA 205 -22.36 57.38 72.11
CA SER RA 205 -21.96 56.53 73.21
C SER RA 205 -21.80 57.37 74.46
N ILE RA 206 -21.70 56.69 75.60
CA ILE RA 206 -21.46 57.36 76.87
C ILE RA 206 -20.05 57.91 76.91
N TYR RA 207 -19.12 57.29 76.21
CA TYR RA 207 -17.73 57.70 76.16
C TYR RA 207 -17.45 58.43 74.86
N ASP RA 208 -16.43 59.28 74.88
CA ASP RA 208 -16.01 59.99 73.69
C ASP RA 208 -15.29 59.04 72.74
N GLN RA 209 -15.65 59.12 71.47
CA GLN RA 209 -15.06 58.30 70.40
C GLN RA 209 -14.22 59.20 69.51
N GLU RA 210 -12.91 59.08 69.60
CA GLU RA 210 -11.98 59.87 68.81
C GLU RA 210 -11.41 59.04 67.68
N TYR RA 211 -11.07 59.72 66.59
CA TYR RA 211 -10.51 59.11 65.40
C TYR RA 211 -9.45 60.04 64.82
N ASN RA 212 -8.43 59.44 64.24
CA ASN RA 212 -7.44 60.13 63.43
C ASN RA 212 -7.68 59.75 61.98
N ILE RA 213 -8.18 60.68 61.19
CA ILE RA 213 -8.60 60.41 59.83
C ILE RA 213 -7.47 60.78 58.89
N ARG RA 214 -7.04 59.81 58.09
CA ARG RA 214 -5.98 59.99 57.11
C ARG RA 214 -6.57 59.84 55.73
N VAL RA 215 -6.63 60.94 55.00
CA VAL RA 215 -7.12 60.97 53.62
C VAL RA 215 -5.91 60.93 52.70
N THR RA 216 -5.96 60.04 51.73
CA THR RA 216 -4.92 59.88 50.71
C THR RA 216 -5.58 60.04 49.35
N MET RA 217 -5.13 61.03 48.60
CA MET RA 217 -5.63 61.28 47.26
C MET RA 217 -4.61 60.81 46.24
N TYR RA 218 -5.07 60.00 45.29
CA TYR RA 218 -4.27 59.52 44.19
C TYR RA 218 -4.57 60.38 42.97
N VAL RA 219 -3.63 61.24 42.62
CA VAL RA 219 -3.85 62.28 41.63
C VAL RA 219 -3.02 61.98 40.40
N GLN RA 220 -3.33 62.72 39.34
CA GLN RA 220 -2.67 62.56 38.05
C GLN RA 220 -2.54 63.96 37.47
N PHE RA 221 -1.30 64.41 37.32
CA PHE RA 221 -0.99 65.73 36.81
C PHE RA 221 -0.62 65.68 35.34
N ARG RA 222 -0.47 66.86 34.74
CA ARG RA 222 -0.19 66.98 33.33
C ARG RA 222 0.50 68.31 33.07
N GLU RA 223 1.35 68.32 32.05
CA GLU RA 223 1.99 69.53 31.55
C GLU RA 223 2.89 70.19 32.60
N PHE RA 224 3.98 69.50 32.88
CA PHE RA 224 5.12 70.03 33.61
C PHE RA 224 5.44 71.44 33.15
N ASN RA 225 5.41 72.39 34.07
CA ASN RA 225 5.47 73.81 33.74
C ASN RA 225 6.45 74.55 34.64
N LEU RA 226 7.60 73.95 34.90
CA LEU RA 226 8.58 74.60 35.74
C LEU RA 226 9.12 75.85 35.08
N LYS RA 227 9.37 76.87 35.88
CA LYS RA 227 9.90 78.14 35.42
C LYS RA 227 11.23 78.39 36.12
N ASP RA 228 12.27 78.67 35.33
CA ASP RA 228 13.64 78.77 35.82
C ASP RA 228 14.20 80.14 35.43
N PRO RA 229 13.93 81.16 36.22
CA PRO RA 229 14.57 82.44 36.00
C PRO RA 229 16.02 82.41 36.42
N PRO RA 230 16.82 83.41 36.02
CA PRO RA 230 18.19 83.48 36.53
C PRO RA 230 18.26 83.82 38.00
N LEU RA 231 19.47 83.94 38.53
CA LEU RA 231 19.70 84.22 39.93
C LEU RA 231 20.87 85.18 40.13
N GLY SA 43 -43.41 44.14 36.70
CA GLY SA 43 -42.36 45.11 36.97
C GLY SA 43 -41.62 44.83 38.26
N ILE SA 44 -40.67 43.92 38.18
CA ILE SA 44 -39.98 43.43 39.36
C ILE SA 44 -38.92 44.42 39.79
N PHE SA 45 -38.74 44.53 41.11
CA PHE SA 45 -37.69 45.36 41.69
C PHE SA 45 -37.27 44.71 43.00
N ASN SA 46 -36.14 44.02 42.97
CA ASN SA 46 -35.56 43.46 44.18
C ASN SA 46 -34.71 44.52 44.86
N THR SA 47 -34.98 44.75 46.14
CA THR SA 47 -34.20 45.70 46.93
C THR SA 47 -33.98 45.15 48.33
N ARG SA 48 -33.55 46.03 49.22
CA ARG SA 48 -33.11 45.67 50.56
C ARG SA 48 -33.52 46.78 51.51
N LEU SA 49 -34.22 46.41 52.56
CA LEU SA 49 -34.73 47.34 53.56
C LEU SA 49 -34.25 46.90 54.92
N SER SA 50 -33.82 47.87 55.74
CA SER SA 50 -33.22 47.61 57.03
C SER SA 50 -33.91 48.42 58.11
N ARG SA 51 -33.58 48.08 59.34
CA ARG SA 51 -34.20 48.59 60.55
C ARG SA 51 -33.35 48.14 61.72
N THR SA 52 -33.18 49.01 62.71
CA THR SA 52 -32.31 48.75 63.84
C THR SA 52 -33.04 49.08 65.13
N PHE SA 53 -32.86 48.23 66.13
CA PHE SA 53 -33.50 48.39 67.43
C PHE SA 53 -32.72 47.62 68.46
N GLY SA 54 -33.06 47.87 69.73
CA GLY SA 54 -32.35 47.28 70.84
C GLY SA 54 -33.04 46.13 71.54
N TYR SA 55 -32.24 45.31 72.22
CA TYR SA 55 -32.73 44.21 73.03
C TYR SA 55 -31.74 44.00 74.17
N THR SA 56 -32.27 43.92 75.38
CA THR SA 56 -31.47 43.75 76.58
C THR SA 56 -31.96 42.56 77.38
N ILE SA 57 -31.00 41.79 77.89
CA ILE SA 57 -31.25 40.70 78.82
C ILE SA 57 -30.79 41.20 80.18
N LYS SA 58 -31.74 41.53 81.04
CA LYS SA 58 -31.43 42.09 82.34
C LYS SA 58 -30.73 41.06 83.22
N ARG SA 59 -30.03 41.56 84.22
CA ARG SA 59 -29.28 40.73 85.14
C ARG SA 59 -30.20 39.97 86.08
N THR SA 60 -29.67 38.90 86.66
CA THR SA 60 -30.39 38.08 87.62
C THR SA 60 -29.43 37.62 88.71
N THR SA 61 -29.90 37.65 89.96
CA THR SA 61 -29.16 37.09 91.08
C THR SA 61 -29.24 35.57 91.15
N VAL SA 62 -30.04 34.94 90.28
CA VAL SA 62 -30.16 33.49 90.29
C VAL SA 62 -28.81 32.86 90.01
N LYS SA 63 -28.50 31.81 90.76
CA LYS SA 63 -27.21 31.14 90.64
C LYS SA 63 -27.19 30.13 89.51
N THR SA 64 -28.30 29.44 89.30
CA THR SA 64 -28.36 28.38 88.32
C THR SA 64 -28.18 28.94 86.90
N PRO SA 65 -27.90 28.06 85.93
CA PRO SA 65 -27.98 28.49 84.54
C PRO SA 65 -29.43 28.51 84.08
N SER SA 66 -29.97 29.72 83.93
CA SER SA 66 -31.30 29.93 83.41
C SER SA 66 -31.22 30.70 82.11
N TRP SA 67 -32.25 30.56 81.29
CA TRP SA 67 -32.31 31.19 79.98
C TRP SA 67 -33.50 32.12 79.89
N ALA SA 68 -33.31 33.18 79.10
CA ALA SA 68 -34.34 34.18 78.83
C ALA SA 68 -34.85 33.97 77.42
N VAL SA 69 -36.14 33.74 77.30
CA VAL SA 69 -36.76 33.40 76.04
C VAL SA 69 -37.54 34.60 75.53
N ASP SA 70 -37.48 34.82 74.22
CA ASP SA 70 -38.20 35.90 73.59
C ASP SA 70 -38.43 35.54 72.13
N MET SA 71 -39.30 36.30 71.50
CA MET SA 71 -39.74 36.07 70.13
C MET SA 71 -39.38 37.26 69.26
N MET SA 72 -39.52 37.06 67.95
CA MET SA 72 -39.17 38.09 66.97
C MET SA 72 -40.01 37.88 65.72
N ARG SA 73 -40.89 38.83 65.44
CA ARG SA 73 -41.68 38.87 64.22
C ARG SA 73 -41.15 39.97 63.31
N PHE SA 74 -41.60 39.94 62.06
CA PHE SA 74 -41.17 40.89 61.04
C PHE SA 74 -42.39 41.40 60.28
N ASN SA 75 -42.57 42.71 60.26
CA ASN SA 75 -43.61 43.35 59.48
C ASN SA 75 -42.99 44.43 58.60
N ILE SA 76 -43.61 44.65 57.44
CA ILE SA 76 -43.08 45.59 56.47
C ILE SA 76 -43.42 47.04 56.79
N ASN SA 77 -44.36 47.28 57.70
CA ASN SA 77 -44.64 48.64 58.10
C ASN SA 77 -43.48 49.26 58.84
N ASP SA 78 -42.70 48.44 59.54
CA ASP SA 78 -41.56 48.92 60.30
C ASP SA 78 -40.35 49.21 59.41
N PHE SA 79 -40.37 48.75 58.17
CA PHE SA 79 -39.29 49.01 57.22
C PHE SA 79 -39.67 49.99 56.13
N LEU SA 80 -40.93 50.03 55.75
CA LEU SA 80 -41.44 50.87 54.68
C LEU SA 80 -42.38 51.92 55.23
N PRO SA 81 -42.03 53.21 55.26
CA PRO SA 81 -42.92 54.18 55.85
C PRO SA 81 -44.09 54.50 54.93
N PRO SA 82 -45.07 55.24 55.43
CA PRO SA 82 -46.13 55.71 54.55
C PRO SA 82 -45.64 56.80 53.62
N GLY SA 83 -46.22 56.82 52.43
CA GLY SA 83 -45.82 57.79 51.43
C GLY SA 83 -46.48 59.13 51.61
N GLY SA 84 -46.86 59.74 50.50
CA GLY SA 84 -47.52 61.02 50.53
C GLY SA 84 -48.32 61.29 49.28
N GLY SA 85 -49.55 61.74 49.46
CA GLY SA 85 -50.42 62.04 48.35
C GLY SA 85 -51.17 60.84 47.83
N SER SA 86 -51.28 60.76 46.51
CA SER SA 86 -52.00 59.66 45.89
C SER SA 86 -51.26 58.34 46.01
N ASN SA 87 -49.97 58.38 46.33
CA ASN SA 87 -49.18 57.18 46.56
C ASN SA 87 -49.20 56.86 48.04
N PRO SA 88 -49.88 55.80 48.50
CA PRO SA 88 -49.99 55.60 49.94
C PRO SA 88 -48.71 55.16 50.60
N ARG SA 89 -47.78 54.58 49.85
CA ARG SA 89 -46.51 54.10 50.38
C ARG SA 89 -45.35 54.78 49.65
N SER SA 90 -44.18 54.69 50.27
CA SER SA 90 -43.01 55.40 49.79
C SER SA 90 -42.33 54.67 48.64
N VAL SA 91 -42.52 53.37 48.55
CA VAL SA 91 -42.05 52.57 47.41
C VAL SA 91 -43.24 52.32 46.51
N PRO SA 92 -43.31 52.91 45.31
CA PRO SA 92 -44.56 52.83 44.55
C PRO SA 92 -44.76 51.51 43.80
N PHE SA 93 -45.18 50.50 44.55
CA PHE SA 93 -45.50 49.20 44.01
C PHE SA 93 -46.74 48.66 44.69
N GLU SA 94 -47.37 47.68 44.06
CA GLU SA 94 -48.62 47.10 44.51
C GLU SA 94 -48.41 45.86 45.36
N TYR SA 95 -47.62 44.92 44.87
CA TYR SA 95 -47.44 43.62 45.48
C TYR SA 95 -46.03 43.48 46.02
N TYR SA 96 -45.86 42.52 46.92
CA TYR SA 96 -44.56 42.24 47.50
C TYR SA 96 -44.52 40.80 47.96
N ARG SA 97 -43.31 40.31 48.18
CA ARG SA 97 -43.10 39.04 48.83
C ARG SA 97 -41.70 39.03 49.39
N ILE SA 98 -41.58 38.70 50.67
CA ILE SA 98 -40.30 38.74 51.35
C ILE SA 98 -39.53 37.46 51.02
N ARG SA 99 -38.33 37.63 50.46
CA ARG SA 99 -37.50 36.53 50.02
C ARG SA 99 -36.62 36.00 51.16
N LYS SA 100 -35.95 36.90 51.87
CA LYS SA 100 -35.02 36.52 52.92
C LYS SA 100 -35.05 37.61 53.99
N VAL SA 101 -34.58 37.23 55.17
CA VAL SA 101 -34.34 38.16 56.27
C VAL SA 101 -32.98 37.81 56.88
N LYS SA 102 -32.25 38.85 57.26
CA LYS SA 102 -30.97 38.73 57.95
C LYS SA 102 -31.11 39.45 59.28
N VAL SA 103 -31.16 38.69 60.35
CA VAL SA 103 -31.15 39.22 61.70
C VAL SA 103 -29.73 39.18 62.22
N GLU SA 104 -29.22 40.34 62.64
CA GLU SA 104 -27.87 40.50 63.12
C GLU SA 104 -27.94 41.00 64.55
N PHE SA 105 -27.41 40.21 65.47
CA PHE SA 105 -27.24 40.62 66.86
C PHE SA 105 -25.86 41.24 67.00
N TRP SA 106 -25.82 42.55 66.95
CA TRP SA 106 -24.58 43.27 67.14
C TRP SA 106 -24.38 43.54 68.63
N PRO SA 107 -23.33 43.04 69.26
CA PRO SA 107 -23.21 43.23 70.71
C PRO SA 107 -22.92 44.66 71.09
N CYS SA 108 -23.28 44.97 72.33
CA CYS SA 108 -23.02 46.25 72.95
C CYS SA 108 -22.06 46.14 74.12
N SER SA 109 -21.56 44.96 74.41
CA SER SA 109 -20.82 44.65 75.60
C SER SA 109 -19.34 44.50 75.29
N PRO SA 110 -18.45 44.83 76.22
CA PRO SA 110 -17.03 44.73 75.93
C PRO SA 110 -16.56 43.29 75.90
N ILE SA 111 -15.41 43.10 75.27
CA ILE SA 111 -14.82 41.76 75.22
C ILE SA 111 -14.21 41.32 76.53
N THR SA 112 -14.15 42.20 77.53
CA THR SA 112 -13.67 41.85 78.86
C THR SA 112 -14.77 41.39 79.79
N GLN SA 113 -16.02 41.35 79.33
CA GLN SA 113 -17.13 41.01 80.21
C GLN SA 113 -17.12 39.52 80.49
N GLY SA 114 -17.28 39.17 81.76
CA GLY SA 114 -17.30 37.80 82.19
C GLY SA 114 -18.69 37.24 82.35
N ASP SA 115 -18.77 36.12 83.05
CA ASP SA 115 -20.02 35.38 83.24
C ASP SA 115 -20.64 35.06 81.89
N ARG SA 116 -19.80 34.61 80.97
CA ARG SA 116 -20.23 34.29 79.64
C ARG SA 116 -21.21 33.11 79.65
N GLY SA 117 -21.88 32.93 78.53
CA GLY SA 117 -22.93 31.96 78.42
C GLY SA 117 -23.08 31.40 77.03
N VAL SA 118 -24.11 30.59 76.84
CA VAL SA 118 -24.34 29.94 75.56
C VAL SA 118 -25.84 29.76 75.37
N GLY SA 119 -26.34 30.21 74.23
CA GLY SA 119 -27.75 30.20 73.92
C GLY SA 119 -28.05 29.57 72.59
N SER SA 120 -29.24 29.85 72.08
CA SER SA 120 -29.71 29.21 70.87
C SER SA 120 -30.72 30.10 70.17
N SER SA 121 -30.65 30.14 68.85
CA SER SA 121 -31.61 30.82 68.00
C SER SA 121 -32.18 29.82 67.02
N ALA SA 122 -33.50 29.78 66.92
CA ALA SA 122 -34.20 28.85 66.06
C ALA SA 122 -35.20 29.59 65.19
N VAL SA 123 -35.60 28.93 64.11
CA VAL SA 123 -36.49 29.49 63.10
C VAL SA 123 -37.88 28.89 63.30
N ILE SA 124 -38.86 29.76 63.54
CA ILE SA 124 -40.20 29.37 63.93
C ILE SA 124 -41.17 30.04 62.97
N LEU SA 125 -41.64 29.27 61.99
CA LEU SA 125 -42.39 29.81 60.87
C LEU SA 125 -43.89 29.73 61.04
N ASP SA 126 -44.41 29.76 62.28
CA ASP SA 126 -45.84 29.48 62.50
C ASP SA 126 -46.52 30.28 63.59
N ASP SA 127 -45.84 31.23 64.23
CA ASP SA 127 -46.49 32.13 65.19
C ASP SA 127 -46.91 31.41 66.45
N ASN SA 128 -46.24 30.32 66.80
CA ASN SA 128 -46.42 29.65 68.08
C ASN SA 128 -45.02 29.43 68.63
N PHE SA 129 -44.57 30.42 69.39
CA PHE SA 129 -43.26 30.43 70.02
C PHE SA 129 -43.35 29.80 71.40
N VAL SA 130 -42.19 29.41 71.92
CA VAL SA 130 -42.09 29.10 73.33
C VAL SA 130 -42.45 30.35 74.11
N THR SA 131 -43.16 30.16 75.21
CA THR SA 131 -43.66 31.28 75.98
C THR SA 131 -42.49 32.14 76.47
N LYS SA 132 -42.70 33.45 76.45
CA LYS SA 132 -41.68 34.36 76.93
C LYS SA 132 -41.41 34.14 78.40
N ALA SA 133 -40.13 33.99 78.73
CA ALA SA 133 -39.70 33.66 80.08
C ALA SA 133 -38.50 34.51 80.43
N THR SA 134 -38.38 34.83 81.72
CA THR SA 134 -37.27 35.60 82.24
C THR SA 134 -36.11 34.71 82.65
N ALA SA 135 -36.38 33.66 83.43
CA ALA SA 135 -35.36 32.72 83.88
C ALA SA 135 -35.96 31.33 83.82
N LEU SA 136 -35.82 30.69 82.67
CA LEU SA 136 -36.25 29.31 82.47
C LEU SA 136 -35.08 28.37 82.70
N THR SA 137 -35.36 27.22 83.29
CA THR SA 137 -34.34 26.30 83.75
C THR SA 137 -33.69 25.49 82.64
N TYR SA 138 -33.97 25.79 81.38
CA TYR SA 138 -33.39 25.05 80.28
C TYR SA 138 -33.49 25.90 79.02
N ASP SA 139 -32.77 25.47 77.99
CA ASP SA 139 -32.80 26.11 76.69
C ASP SA 139 -33.80 25.38 75.81
N PRO SA 140 -34.97 25.94 75.54
CA PRO SA 140 -35.96 25.18 74.77
C PRO SA 140 -35.58 24.99 73.32
N TYR SA 141 -34.86 25.94 72.74
CA TYR SA 141 -34.53 25.93 71.33
C TYR SA 141 -33.24 25.17 71.04
N VAL SA 142 -32.77 24.35 71.97
CA VAL SA 142 -31.46 23.72 71.82
C VAL SA 142 -31.54 22.52 70.90
N ASN SA 143 -32.60 21.72 71.02
CA ASN SA 143 -32.73 20.52 70.23
C ASN SA 143 -33.45 20.76 68.90
N TYR SA 144 -33.76 22.01 68.59
CA TYR SA 144 -34.38 22.32 67.32
C TYR SA 144 -33.42 22.10 66.17
N SER SA 145 -33.96 21.61 65.06
CA SER SA 145 -33.16 21.35 63.87
C SER SA 145 -32.56 22.61 63.29
N SER SA 146 -33.15 23.77 63.56
CA SER SA 146 -32.67 25.05 63.07
C SER SA 146 -31.93 25.84 64.14
N ARG SA 147 -31.39 25.16 65.14
CA ARG SA 147 -30.68 25.83 66.20
C ARG SA 147 -29.29 26.20 65.75
N HIS SA 148 -28.92 27.45 66.00
CA HIS SA 148 -27.56 27.92 65.92
C HIS SA 148 -27.17 28.39 67.31
N THR SA 149 -25.95 28.07 67.71
CA THR SA 149 -25.46 28.48 69.02
C THR SA 149 -25.19 29.97 69.05
N ILE SA 150 -25.62 30.59 70.15
CA ILE SA 150 -25.33 31.99 70.43
C ILE SA 150 -24.26 31.99 71.51
N THR SA 151 -23.06 32.38 71.15
CA THR SA 151 -22.06 32.74 72.13
C THR SA 151 -22.36 34.12 72.67
N GLN SA 152 -22.26 34.28 73.98
CA GLN SA 152 -22.62 35.49 74.68
C GLN SA 152 -21.42 35.98 75.49
N PRO SA 153 -21.36 37.27 75.83
CA PRO SA 153 -22.20 38.41 75.47
C PRO SA 153 -21.66 39.26 74.33
N PHE SA 154 -20.38 39.09 74.01
CA PHE SA 154 -19.65 40.00 73.14
C PHE SA 154 -19.41 39.43 71.75
N SER SA 155 -20.30 38.57 71.29
CA SER SA 155 -20.11 37.86 70.04
C SER SA 155 -21.27 38.13 69.10
N TYR SA 156 -20.95 38.20 67.82
CA TYR SA 156 -21.91 38.48 66.78
C TYR SA 156 -22.62 37.22 66.35
N HIS SA 157 -23.92 37.35 66.11
CA HIS SA 157 -24.78 36.24 65.71
C HIS SA 157 -25.65 36.70 64.57
N SER SA 158 -25.57 35.99 63.44
CA SER SA 158 -26.40 36.24 62.28
C SER SA 158 -27.26 35.03 61.99
N ARG SA 159 -28.44 35.29 61.44
CA ARG SA 159 -29.35 34.25 60.96
C ARG SA 159 -29.95 34.75 59.66
N TYR SA 160 -29.84 33.93 58.62
CA TYR SA 160 -30.29 34.25 57.27
C TYR SA 160 -31.23 33.17 56.81
N PHE SA 161 -32.49 33.53 56.61
CA PHE SA 161 -33.53 32.55 56.35
C PHE SA 161 -34.65 33.21 55.59
N THR SA 162 -35.62 32.39 55.20
CA THR SA 162 -36.79 32.81 54.44
C THR SA 162 -38.02 32.77 55.34
N PRO SA 163 -38.61 33.92 55.70
CA PRO SA 163 -39.76 33.88 56.58
C PRO SA 163 -41.02 33.45 55.87
N LYS SA 164 -42.12 33.35 56.60
CA LYS SA 164 -43.40 32.95 56.08
C LYS SA 164 -44.46 33.87 56.66
N PRO SA 165 -45.49 34.21 55.90
CA PRO SA 165 -46.54 35.08 56.43
C PRO SA 165 -47.59 34.32 57.22
N VAL SA 166 -48.26 35.06 58.09
CA VAL SA 166 -49.30 34.52 58.95
C VAL SA 166 -50.61 34.71 58.21
N LEU SA 167 -50.96 33.73 57.41
CA LEU SA 167 -52.19 33.76 56.64
C LEU SA 167 -53.39 33.34 57.48
N ASP SA 168 -53.24 32.27 58.25
CA ASP SA 168 -54.28 31.82 59.18
C ASP SA 168 -53.58 31.37 60.45
N SER SA 169 -53.74 32.14 61.52
CA SER SA 169 -53.13 31.80 62.80
C SER SA 169 -53.82 30.62 63.47
N THR SA 170 -55.03 30.27 63.05
CA THR SA 170 -55.73 29.14 63.64
C THR SA 170 -55.17 27.81 63.15
N ILE SA 171 -54.82 27.74 61.86
CA ILE SA 171 -54.35 26.52 61.24
C ILE SA 171 -52.83 26.56 61.12
N ASP SA 172 -52.29 27.76 60.88
CA ASP SA 172 -50.86 27.99 60.81
C ASP SA 172 -50.22 27.13 59.73
N TYR SA 173 -50.60 27.44 58.49
CA TYR SA 173 -50.06 26.77 57.31
C TYR SA 173 -49.11 27.70 56.58
N PHE SA 174 -48.08 27.10 55.97
CA PHE SA 174 -47.10 27.86 55.23
C PHE SA 174 -46.56 27.02 54.08
N GLN SA 175 -45.94 27.66 53.19
CA GLN SA 175 -45.39 27.08 51.99
C GLN SA 175 -43.94 26.67 52.19
N PRO SA 176 -43.47 25.64 51.51
CA PRO SA 176 -42.03 25.40 51.48
C PRO SA 176 -41.30 26.39 50.62
N ASN SA 177 -39.98 26.33 50.64
CA ASN SA 177 -39.17 27.31 49.94
C ASN SA 177 -39.20 27.03 48.45
N ASN SA 178 -39.74 27.97 47.69
CA ASN SA 178 -39.77 27.87 46.24
C ASN SA 178 -39.84 29.30 45.72
N LYS SA 179 -38.79 29.74 45.04
CA LYS SA 179 -38.77 31.11 44.57
C LYS SA 179 -39.83 31.35 43.50
N ARG SA 180 -40.17 30.33 42.74
CA ARG SA 180 -41.09 30.51 41.62
C ARG SA 180 -42.54 30.46 42.05
N ASN SA 181 -42.84 29.79 43.15
CA ASN SA 181 -44.21 29.58 43.62
C ASN SA 181 -44.57 30.38 44.84
N GLN SA 182 -43.67 31.23 45.33
CA GLN SA 182 -43.95 32.01 46.53
C GLN SA 182 -45.07 33.00 46.26
N LEU SA 183 -45.99 33.08 47.21
CA LEU SA 183 -47.16 33.93 47.08
C LEU SA 183 -46.76 35.39 47.06
N TRP SA 184 -47.49 36.16 46.27
CA TRP SA 184 -47.42 37.62 46.29
C TRP SA 184 -48.51 38.13 47.21
N LEU SA 185 -48.11 38.93 48.18
CA LEU SA 185 -49.02 39.66 49.04
C LEU SA 185 -49.19 41.07 48.51
N ARG SA 186 -50.23 41.73 49.00
CA ARG SA 186 -50.46 43.12 48.68
C ARG SA 186 -49.78 44.01 49.71
N LEU SA 187 -49.17 45.07 49.22
CA LEU SA 187 -48.59 46.11 50.04
C LEU SA 187 -49.73 47.03 50.48
N GLN SA 188 -50.29 46.71 51.65
CA GLN SA 188 -51.39 47.47 52.19
C GLN SA 188 -50.92 48.85 52.62
N THR SA 189 -51.88 49.69 53.01
CA THR SA 189 -51.56 51.05 53.42
C THR SA 189 -51.09 51.09 54.87
N ALA SA 190 -51.86 50.53 55.80
CA ALA SA 190 -51.47 50.51 57.21
C ALA SA 190 -51.83 49.21 57.92
N GLY SA 191 -51.93 48.09 57.20
CA GLY SA 191 -52.42 46.86 57.78
C GLY SA 191 -51.75 45.60 57.29
N ASN SA 192 -50.47 45.69 56.96
CA ASN SA 192 -49.75 44.55 56.43
C ASN SA 192 -49.65 43.43 57.44
N VAL SA 193 -49.46 42.22 56.93
CA VAL SA 193 -49.49 41.00 57.73
C VAL SA 193 -48.10 40.73 58.28
N ASP SA 194 -48.08 40.15 59.48
CA ASP SA 194 -46.83 39.89 60.17
C ASP SA 194 -46.16 38.64 59.62
N HIS SA 195 -44.90 38.77 59.26
CA HIS SA 195 -44.06 37.62 58.97
C HIS SA 195 -43.34 37.19 60.22
N VAL SA 196 -42.95 35.92 60.22
CA VAL SA 196 -42.51 35.23 61.43
C VAL SA 196 -41.35 34.32 61.07
N GLY SA 197 -40.62 33.88 62.08
CA GLY SA 197 -39.44 33.09 61.80
C GLY SA 197 -38.21 33.16 62.69
N LEU SA 198 -38.27 33.79 63.87
CA LEU SA 198 -37.12 33.66 64.76
C LEU SA 198 -37.52 33.69 66.22
N GLY SA 199 -36.96 32.75 66.97
CA GLY SA 199 -37.06 32.75 68.42
C GLY SA 199 -35.71 32.46 69.02
N THR SA 200 -35.48 33.06 70.19
CA THR SA 200 -34.17 33.08 70.81
C THR SA 200 -34.26 32.59 72.25
N ALA SA 201 -33.09 32.21 72.76
CA ALA SA 201 -32.93 31.87 74.17
C ALA SA 201 -31.54 32.29 74.60
N PHE SA 202 -31.47 33.30 75.45
CA PHE SA 202 -30.23 33.85 75.95
C PHE SA 202 -30.02 33.44 77.39
N GLU SA 203 -28.79 33.03 77.71
CA GLU SA 203 -28.44 32.65 79.05
C GLU SA 203 -28.22 33.89 79.89
N ASN SA 204 -28.88 33.96 81.04
CA ASN SA 204 -28.80 35.12 81.88
C ASN SA 204 -27.44 35.22 82.55
N SER SA 205 -27.18 36.39 83.14
CA SER SA 205 -25.87 36.72 83.67
C SER SA 205 -26.03 37.71 84.80
N ILE SA 206 -24.94 37.89 85.55
CA ILE SA 206 -24.91 38.88 86.62
C ILE SA 206 -24.94 40.29 86.05
N TYR SA 207 -24.38 40.47 84.85
CA TYR SA 207 -24.32 41.75 84.18
C TYR SA 207 -25.39 41.83 83.11
N ASP SA 208 -25.78 43.06 82.77
CA ASP SA 208 -26.74 43.28 81.71
C ASP SA 208 -26.10 43.04 80.36
N GLN SA 209 -26.80 42.31 79.50
CA GLN SA 209 -26.35 42.00 78.14
C GLN SA 209 -27.23 42.76 77.16
N GLU SA 210 -26.67 43.78 76.53
CA GLU SA 210 -27.38 44.60 75.56
C GLU SA 210 -26.95 44.23 74.14
N TYR SA 211 -27.88 44.41 73.22
CA TYR SA 211 -27.66 44.14 71.81
C TYR SA 211 -28.35 45.19 70.97
N ASN SA 212 -27.75 45.50 69.83
CA ASN SA 212 -28.37 46.32 68.80
C ASN SA 212 -28.71 45.39 67.64
N ILE SA 213 -29.99 45.15 67.43
CA ILE SA 213 -30.44 44.16 66.46
C ILE SA 213 -30.79 44.89 65.17
N ARG SA 214 -30.15 44.48 64.08
CA ARG SA 214 -30.37 45.04 62.75
C ARG SA 214 -31.00 43.97 61.89
N VAL SA 215 -32.27 44.18 61.53
CA VAL SA 215 -33.00 43.29 60.65
C VAL SA 215 -32.96 43.88 59.26
N THR SA 216 -32.61 43.05 58.29
CA THR SA 216 -32.57 43.43 56.88
C THR SA 216 -33.46 42.47 56.12
N MET SA 217 -34.48 43.01 55.48
CA MET SA 217 -35.40 42.23 54.66
C MET SA 217 -35.10 42.44 53.19
N TYR SA 218 -34.94 41.32 52.48
CA TYR SA 218 -34.72 41.33 51.04
C TYR SA 218 -36.05 41.03 50.36
N VAL SA 219 -36.64 42.06 49.77
CA VAL SA 219 -38.00 42.00 49.28
C VAL SA 219 -37.99 42.06 47.76
N GLN SA 220 -39.14 41.76 47.18
CA GLN SA 220 -39.34 41.73 45.74
C GLN SA 220 -40.72 42.29 45.48
N PHE SA 221 -40.78 43.42 44.81
CA PHE SA 221 -42.02 44.11 44.51
C PHE SA 221 -42.46 43.83 43.08
N ARG SA 222 -43.66 44.28 42.75
CA ARG SA 222 -44.26 44.02 41.45
C ARG SA 222 -45.29 45.11 41.17
N GLU SA 223 -45.45 45.41 39.87
CA GLU SA 223 -46.49 46.31 39.37
C GLU SA 223 -46.33 47.72 39.93
N PHE SA 224 -45.28 48.37 39.46
CA PHE SA 224 -45.09 49.81 39.59
C PHE SA 224 -46.37 50.56 39.34
N ASN SA 225 -46.82 51.34 40.31
CA ASN SA 225 -48.15 51.94 40.29
C ASN SA 225 -48.11 53.39 40.69
N LEU SA 226 -47.12 54.13 40.19
CA LEU SA 226 -47.01 55.54 40.52
C LEU SA 226 -48.19 56.29 39.95
N LYS SA 227 -48.67 57.29 40.70
CA LYS SA 227 -49.76 58.14 40.30
C LYS SA 227 -49.26 59.58 40.25
N ASP SA 228 -49.50 60.24 39.12
CA ASP SA 228 -48.97 61.56 38.83
C ASP SA 228 -50.11 62.52 38.51
N PRO SA 229 -50.75 63.09 39.52
CA PRO SA 229 -51.73 64.11 39.27
C PRO SA 229 -51.07 65.42 38.87
N PRO SA 230 -51.83 66.37 38.34
CA PRO SA 230 -51.26 67.69 38.06
C PRO SA 230 -50.93 68.47 39.33
N LEU SA 231 -50.42 69.68 39.15
CA LEU SA 231 -50.02 70.53 40.26
C LEU SA 231 -50.38 71.98 40.02
N GLY TA 43 -35.83 18.20 59.53
CA GLY TA 43 -35.74 16.89 60.12
C GLY TA 43 -36.90 15.99 59.77
N ILE TA 44 -36.80 15.39 58.60
CA ILE TA 44 -37.91 14.62 58.04
C ILE TA 44 -37.97 13.25 58.67
N PHE TA 45 -39.18 12.76 58.87
CA PHE TA 45 -39.41 11.41 59.35
C PHE TA 45 -40.72 10.92 58.75
N ASN TA 46 -40.61 10.08 57.74
CA ASN TA 46 -41.76 9.43 57.16
C ASN TA 46 -42.09 8.17 57.95
N THR TA 47 -43.34 8.06 58.38
CA THR TA 47 -43.79 6.90 59.11
C THR TA 47 -45.21 6.53 58.67
N ARG TA 48 -45.84 5.66 59.44
CA ARG TA 48 -47.12 5.07 59.12
C ARG TA 48 -47.93 4.91 60.39
N LEU TA 49 -49.15 5.44 60.38
CA LEU TA 49 -50.04 5.41 61.51
C LEU TA 49 -51.35 4.79 61.08
N SER TA 50 -51.89 3.93 61.94
CA SER TA 50 -53.08 3.15 61.65
C SER TA 50 -54.12 3.32 62.74
N ARG TA 51 -55.31 2.81 62.44
CA ARG TA 51 -56.51 2.98 63.25
C ARG TA 51 -57.57 2.06 62.68
N THR TA 52 -58.34 1.42 63.54
CA THR TA 52 -59.33 0.44 63.15
C THR TA 52 -60.65 0.73 63.83
N PHE TA 53 -61.73 0.58 63.06
CA PHE TA 53 -63.07 0.84 63.57
C PHE TA 53 -64.07 0.09 62.69
N GLY TA 54 -65.32 0.06 63.15
CA GLY TA 54 -66.37 -0.68 62.50
C GLY TA 54 -67.36 0.14 61.72
N TYR TA 55 -68.01 -0.51 60.76
CA TYR TA 55 -69.07 0.07 59.96
C TYR TA 55 -70.03 -1.03 59.57
N THR TA 56 -71.32 -0.79 59.78
CA THR TA 56 -72.35 -1.77 59.50
C THR TA 56 -73.42 -1.14 58.61
N ILE TA 57 -73.87 -1.92 57.64
CA ILE TA 57 -75.00 -1.58 56.79
C ILE TA 57 -76.14 -2.47 57.25
N LYS TA 58 -77.10 -1.86 57.95
CA LYS TA 58 -78.21 -2.61 58.51
C LYS TA 58 -79.11 -3.15 57.41
N ARG TA 59 -79.86 -4.19 57.77
CA ARG TA 59 -80.76 -4.85 56.84
C ARG TA 59 -81.97 -3.98 56.53
N THR TA 60 -82.61 -4.29 55.40
CA THR TA 60 -83.82 -3.61 54.96
C THR TA 60 -84.77 -4.60 54.33
N THR TA 61 -86.06 -4.45 54.64
CA THR TA 61 -87.11 -5.22 54.00
C THR TA 61 -87.45 -4.73 52.59
N VAL TA 62 -86.86 -3.61 52.17
CA VAL TA 62 -87.13 -3.07 50.85
C VAL TA 62 -86.72 -4.08 49.79
N LYS TA 63 -87.57 -4.24 48.77
CA LYS TA 63 -87.33 -5.22 47.73
C LYS TA 63 -86.41 -4.69 46.65
N THR TA 64 -86.52 -3.41 46.33
CA THR TA 64 -85.76 -2.81 45.25
C THR TA 64 -84.27 -2.83 45.56
N PRO TA 65 -83.42 -2.61 44.55
CA PRO TA 65 -82.01 -2.35 44.84
C PRO TA 65 -81.83 -0.91 45.28
N SER TA 66 -81.58 -0.72 46.57
CA SER TA 66 -81.27 0.57 47.14
C SER TA 66 -79.87 0.55 47.70
N TRP TA 67 -79.28 1.75 47.81
CA TRP TA 67 -77.93 1.91 48.29
C TRP TA 67 -77.90 2.77 49.54
N ALA TA 68 -76.92 2.47 50.39
CA ALA TA 68 -76.68 3.18 51.64
C ALA TA 68 -75.43 4.04 51.45
N VAL TA 69 -75.60 5.33 51.63
CA VAL TA 69 -74.54 6.30 51.38
C VAL TA 69 -73.99 6.78 52.71
N ASP TA 70 -72.68 6.96 52.75
CA ASP TA 70 -72.01 7.46 53.94
C ASP TA 70 -70.70 8.11 53.52
N MET TA 71 -70.11 8.84 54.46
CA MET TA 71 -68.91 9.62 54.23
C MET TA 71 -67.79 9.14 55.15
N MET TA 72 -66.59 9.61 54.87
CA MET TA 72 -65.40 9.21 55.62
C MET TA 72 -64.39 10.34 55.56
N ARG TA 73 -64.11 10.94 56.71
CA ARG TA 73 -63.07 11.94 56.89
C ARG TA 73 -61.90 11.33 57.65
N PHE TA 74 -60.78 12.04 57.65
CA PHE TA 74 -59.55 11.60 58.29
C PHE TA 74 -58.96 12.75 59.07
N ASN TA 75 -58.74 12.54 60.37
CA ASN TA 75 -58.06 13.50 61.23
C ASN TA 75 -56.92 12.81 61.94
N ILE TA 76 -55.87 13.58 62.22
CA ILE TA 76 -54.67 13.02 62.84
C ILE TA 76 -54.80 12.86 64.35
N ASN TA 77 -55.81 13.45 64.97
CA ASN TA 77 -56.03 13.23 66.39
C ASN TA 77 -56.42 11.80 66.67
N ASP TA 78 -57.10 11.16 65.73
CA ASP TA 78 -57.54 9.78 65.89
C ASP TA 78 -56.41 8.78 65.68
N PHE TA 79 -55.28 9.20 65.13
CA PHE TA 79 -54.13 8.35 64.92
C PHE TA 79 -52.98 8.65 65.86
N LEU TA 80 -52.84 9.91 66.27
CA LEU TA 80 -51.74 10.37 67.10
C LEU TA 80 -52.28 10.82 68.45
N PRO TA 81 -52.01 10.11 69.55
CA PRO TA 81 -52.59 10.52 70.82
C PRO TA 81 -51.87 11.72 71.39
N PRO TA 82 -52.40 12.31 72.46
CA PRO TA 82 -51.66 13.36 73.15
C PRO TA 82 -50.48 12.79 73.91
N GLY TA 83 -49.43 13.58 74.01
CA GLY TA 83 -48.22 13.16 74.68
C GLY TA 83 -48.29 13.35 76.17
N GLY TA 84 -47.18 13.77 76.75
CA GLY TA 84 -47.12 14.00 78.18
C GLY TA 84 -46.01 14.95 78.56
N GLY TA 85 -46.33 15.93 79.39
CA GLY TA 85 -45.36 16.89 79.85
C GLY TA 85 -45.19 18.05 78.90
N SER TA 86 -43.95 18.48 78.72
CA SER TA 86 -43.67 19.61 77.85
C SER TA 86 -43.87 19.27 76.38
N ASN TA 87 -43.94 17.99 76.04
CA ASN TA 87 -44.23 17.57 74.67
C ASN TA 87 -45.72 17.33 74.53
N PRO TA 88 -46.47 18.17 73.82
CA PRO TA 88 -47.92 18.02 73.80
C PRO TA 88 -48.39 16.80 73.04
N ARG TA 89 -47.60 16.27 72.12
CA ARG TA 89 -47.95 15.12 71.32
C ARG TA 89 -46.93 14.01 71.51
N SER TA 90 -47.33 12.80 71.13
CA SER TA 90 -46.52 11.62 71.37
C SER TA 90 -45.41 11.45 70.35
N VAL TA 91 -45.57 12.03 69.16
CA VAL TA 91 -44.53 12.07 68.15
C VAL TA 91 -43.92 13.47 68.19
N PRO TA 92 -42.67 13.63 68.64
CA PRO TA 92 -42.17 14.99 68.88
C PRO TA 92 -41.71 15.72 67.64
N PHE TA 93 -42.68 16.24 66.90
CA PHE TA 93 -42.44 17.03 65.72
C PHE TA 93 -43.42 18.18 65.68
N GLU TA 94 -43.07 19.21 64.90
CA GLU TA 94 -43.84 20.42 64.79
C GLU TA 94 -44.84 20.40 63.65
N TYR TA 95 -44.37 20.05 62.45
CA TYR TA 95 -45.15 20.13 61.23
C TYR TA 95 -45.44 18.74 60.72
N TYR TA 96 -46.45 18.66 59.85
CA TYR TA 96 -46.81 17.40 59.23
C TYR TA 96 -47.51 17.69 57.91
N ARG TA 97 -47.58 16.65 57.08
CA ARG TA 97 -48.39 16.68 55.89
C ARG TA 97 -48.68 15.25 55.48
N ILE TA 98 -49.95 14.95 55.26
CA ILE TA 98 -50.37 13.59 54.96
C ILE TA 98 -50.13 13.32 53.49
N ARG TA 99 -49.34 12.29 53.21
CA ARG TA 99 -48.96 11.92 51.86
C ARG TA 99 -49.97 11.01 51.19
N LYS TA 100 -50.40 9.96 51.90
CA LYS TA 100 -51.31 8.98 51.36
C LYS TA 100 -52.17 8.44 52.49
N VAL TA 101 -53.29 7.85 52.12
CA VAL TA 101 -54.14 7.10 53.03
C VAL TA 101 -54.55 5.81 52.33
N LYS TA 102 -54.62 4.75 53.11
CA LYS TA 102 -55.07 3.44 52.66
C LYS TA 102 -56.26 3.05 53.52
N VAL TA 103 -57.43 3.09 52.93
CA VAL TA 103 -58.65 2.62 53.57
C VAL TA 103 -58.90 1.18 53.13
N GLU TA 104 -59.03 0.29 54.11
CA GLU TA 104 -59.21 -1.14 53.87
C GLU TA 104 -60.52 -1.53 54.51
N PHE TA 105 -61.46 -2.00 53.69
CA PHE TA 105 -62.71 -2.59 54.17
C PHE TA 105 -62.48 -4.09 54.33
N TRP TA 106 -62.21 -4.50 55.54
CA TRP TA 106 -62.04 -5.91 55.85
C TRP TA 106 -63.40 -6.49 56.20
N PRO TA 107 -63.91 -7.47 55.45
CA PRO TA 107 -65.25 -7.96 55.74
C PRO TA 107 -65.33 -8.73 57.04
N CYS TA 108 -66.54 -8.76 57.57
CA CYS TA 108 -66.88 -9.52 58.75
C CYS TA 108 -67.85 -10.66 58.47
N SER TA 109 -68.24 -10.84 57.23
CA SER TA 109 -69.32 -11.71 56.83
C SER TA 109 -68.77 -12.96 56.18
N PRO TA 110 -69.46 -14.10 56.31
CA PRO TA 110 -68.94 -15.32 55.73
C PRO TA 110 -69.07 -15.34 54.22
N ILE TA 111 -68.29 -16.21 53.60
CA ILE TA 111 -68.34 -16.36 52.15
C ILE TA 111 -69.59 -17.09 51.67
N THR TA 112 -70.39 -17.62 52.59
CA THR TA 112 -71.65 -18.27 52.24
C THR TA 112 -72.84 -17.32 52.26
N GLN TA 113 -72.62 -16.04 52.57
CA GLN TA 113 -73.73 -15.11 52.70
C GLN TA 113 -74.25 -14.75 51.32
N GLY TA 114 -75.57 -14.78 51.18
CA GLY TA 114 -76.22 -14.47 49.93
C GLY TA 114 -76.73 -13.04 49.88
N ASP TA 115 -77.61 -12.80 48.91
CA ASP TA 115 -78.14 -11.47 48.65
C ASP TA 115 -77.01 -10.49 48.39
N ARG TA 116 -76.04 -10.94 47.61
CA ARG TA 116 -74.87 -10.14 47.30
C ARG TA 116 -75.27 -8.90 46.51
N GLY TA 117 -74.32 -7.96 46.43
CA GLY TA 117 -74.57 -6.68 45.84
C GLY TA 117 -73.36 -6.06 45.23
N VAL TA 118 -73.49 -4.83 44.77
CA VAL TA 118 -72.40 -4.13 44.09
C VAL TA 118 -72.53 -2.65 44.39
N GLY TA 119 -71.44 -2.06 44.86
CA GLY TA 119 -71.40 -0.67 45.26
C GLY TA 119 -70.27 0.09 44.64
N SER TA 120 -69.94 1.23 45.21
CA SER TA 120 -68.96 2.13 44.64
C SER TA 120 -68.33 2.97 45.73
N SER TA 121 -67.02 3.18 45.61
CA SER TA 121 -66.26 4.07 46.47
C SER TA 121 -65.57 5.11 45.61
N ALA TA 122 -65.74 6.38 45.98
CA ALA TA 122 -65.18 7.49 45.23
C ALA TA 122 -64.39 8.40 46.17
N VAL TA 123 -63.54 9.21 45.55
CA VAL TA 123 -62.62 10.09 46.26
C VAL TA 123 -63.16 11.51 46.17
N ILE TA 124 -63.43 12.12 47.32
CA ILE TA 124 -64.13 13.39 47.43
C ILE TA 124 -63.25 14.32 48.26
N LEU TA 125 -62.52 15.20 47.60
CA LEU TA 125 -61.48 15.99 48.23
C LEU TA 125 -61.93 17.38 48.65
N ASP TA 126 -63.22 17.57 48.98
CA ASP TA 126 -63.74 18.92 49.18
C ASP TA 126 -64.79 19.08 50.28
N ASP TA 127 -65.12 18.03 51.01
CA ASP TA 127 -66.01 18.15 52.17
C ASP TA 127 -67.44 18.48 51.76
N ASN TA 128 -67.84 18.09 50.55
CA ASN TA 128 -69.23 18.16 50.12
C ASN TA 128 -69.53 16.80 49.52
N PHE TA 129 -70.02 15.91 50.39
CA PHE TA 129 -70.39 14.57 50.04
C PHE TA 129 -71.85 14.52 49.62
N VAL TA 130 -72.20 13.43 48.94
CA VAL TA 130 -73.62 13.12 48.76
C VAL TA 130 -74.22 12.91 50.13
N THR TA 131 -75.44 13.38 50.31
CA THR TA 131 -76.10 13.33 51.59
C THR TA 131 -76.22 11.89 52.08
N LYS TA 132 -76.01 11.71 53.37
CA LYS TA 132 -76.13 10.38 53.96
C LYS TA 132 -77.55 9.87 53.81
N ALA TA 133 -77.67 8.66 53.30
CA ALA TA 133 -78.95 8.04 52.99
C ALA TA 133 -78.92 6.59 53.45
N THR TA 134 -80.11 6.11 53.84
CA THR TA 134 -80.27 4.73 54.27
C THR TA 134 -80.61 3.83 53.10
N ALA TA 135 -81.59 4.20 52.29
CA ALA TA 135 -82.00 3.42 51.12
C ALA TA 135 -82.29 4.41 49.98
N LEU TA 136 -81.26 4.73 49.22
CA LEU TA 136 -81.37 5.57 48.04
C LEU TA 136 -81.54 4.70 46.81
N THR TA 137 -82.36 5.16 45.87
CA THR TA 137 -82.77 4.37 44.72
C THR TA 137 -81.72 4.25 43.64
N TYR TA 138 -80.50 4.72 43.88
CA TYR TA 138 -79.45 4.64 42.87
C TYR TA 138 -78.11 4.77 43.58
N ASP TA 139 -77.05 4.45 42.85
CA ASP TA 139 -75.68 4.59 43.32
C ASP TA 139 -75.14 5.93 42.86
N PRO TA 140 -75.00 6.92 43.74
CA PRO TA 140 -74.55 8.23 43.25
C PRO TA 140 -73.11 8.25 42.80
N TYR TA 141 -72.27 7.45 43.41
CA TYR TA 141 -70.84 7.45 43.14
C TYR TA 141 -70.45 6.55 41.98
N VAL TA 142 -71.42 6.13 41.16
CA VAL TA 142 -71.13 5.14 40.14
C VAL TA 142 -70.47 5.77 38.93
N ASN TA 143 -70.90 6.95 38.54
CA ASN TA 143 -70.36 7.62 37.36
C ASN TA 143 -69.17 8.50 37.68
N TYR TA 144 -68.70 8.50 38.93
CA TYR TA 144 -67.54 9.27 39.28
C TYR TA 144 -66.29 8.71 38.65
N SER TA 145 -65.39 9.60 38.24
CA SER TA 145 -64.14 9.20 37.62
C SER TA 145 -63.24 8.40 38.55
N SER TA 146 -63.43 8.56 39.86
CA SER TA 146 -62.65 7.85 40.86
C SER TA 146 -63.41 6.68 41.47
N ARG TA 147 -64.40 6.16 40.77
CA ARG TA 147 -65.19 5.07 41.28
C ARG TA 147 -64.44 3.76 41.14
N HIS TA 148 -64.40 3.00 42.22
CA HIS TA 148 -64.00 1.61 42.23
C HIS TA 148 -65.19 0.80 42.68
N THR TA 149 -65.41 -0.33 42.05
CA THR TA 149 -66.52 -1.19 42.40
C THR TA 149 -66.26 -1.90 43.72
N ILE TA 150 -67.28 -1.92 44.56
CA ILE TA 150 -67.27 -2.66 45.82
C ILE TA 150 -68.13 -3.89 45.58
N THR TA 151 -67.49 -5.04 45.53
CA THR TA 151 -68.20 -6.31 45.65
C THR TA 151 -68.54 -6.54 47.11
N GLN TA 152 -69.76 -6.97 47.36
CA GLN TA 152 -70.30 -7.15 48.68
C GLN TA 152 -70.79 -8.59 48.84
N PRO TA 153 -70.89 -9.10 50.07
CA PRO TA 153 -70.50 -8.57 51.38
C PRO TA 153 -69.16 -9.08 51.90
N PHE TA 154 -68.64 -10.13 51.28
CA PHE TA 154 -67.51 -10.88 51.82
C PHE TA 154 -66.22 -10.63 51.06
N SER TA 155 -66.08 -9.44 50.48
CA SER TA 155 -64.95 -9.13 49.63
C SER TA 155 -64.22 -7.92 50.15
N TYR TA 156 -62.90 -7.94 49.99
CA TYR TA 156 -62.01 -6.91 50.45
C TYR TA 156 -61.95 -5.78 49.44
N HIS TA 157 -61.93 -4.56 49.95
CA HIS TA 157 -61.88 -3.35 49.14
C HIS TA 157 -60.85 -2.40 49.73
N SER TA 158 -59.87 -2.02 48.92
CA SER TA 158 -58.86 -1.07 49.30
C SER TA 158 -58.93 0.15 48.42
N ARG TA 159 -58.57 1.30 48.99
CA ARG TA 159 -58.45 2.55 48.25
C ARG TA 159 -57.20 3.25 48.77
N TYR TA 160 -56.32 3.63 47.85
CA TYR TA 160 -55.04 4.26 48.17
C TYR TA 160 -54.95 5.55 47.39
N PHE TA 161 -54.92 6.67 48.11
CA PHE TA 161 -55.03 7.97 47.49
C PHE TA 161 -54.38 9.00 48.41
N THR TA 162 -54.32 10.22 47.90
CA THR TA 162 -53.73 11.36 48.58
C THR TA 162 -54.83 12.31 49.05
N PRO TA 163 -55.09 12.44 50.34
CA PRO TA 163 -56.17 13.33 50.76
C PRO TA 163 -55.77 14.78 50.70
N LYS TA 164 -56.70 15.66 51.03
CA LYS TA 164 -56.48 17.10 51.01
C LYS TA 164 -57.09 17.69 52.27
N PRO TA 165 -56.47 18.72 52.85
CA PRO TA 165 -57.05 19.32 54.05
C PRO TA 165 -58.13 20.34 53.75
N VAL TA 166 -58.96 20.55 54.76
CA VAL TA 166 -60.08 21.48 54.67
C VAL TA 166 -59.57 22.82 55.20
N LEU TA 167 -59.02 23.60 54.29
CA LEU TA 167 -58.49 24.92 54.64
C LEU TA 167 -59.60 25.96 54.71
N ASP TA 168 -60.50 25.96 53.74
CA ASP TA 168 -61.67 26.84 53.74
C ASP TA 168 -62.84 26.04 53.23
N SER TA 169 -63.77 25.72 54.12
CA SER TA 169 -64.96 24.97 53.73
C SER TA 169 -65.93 25.79 52.91
N THR TA 170 -65.82 27.11 52.93
CA THR TA 170 -66.70 27.97 52.15
C THR TA 170 -66.34 27.93 50.67
N ILE TA 171 -65.05 27.93 50.36
CA ILE TA 171 -64.56 27.98 48.99
C ILE TA 171 -64.17 26.59 48.53
N ASP TA 172 -63.64 25.80 49.46
CA ASP TA 172 -63.28 24.40 49.21
C ASP TA 172 -62.24 24.31 48.09
N TYR TA 173 -61.06 24.86 48.36
CA TYR TA 173 -59.94 24.82 47.44
C TYR TA 173 -58.90 23.81 47.94
N PHE TA 174 -58.22 23.18 46.98
CA PHE TA 174 -57.20 22.21 47.31
C PHE TA 174 -56.13 22.20 46.22
N GLN TA 175 -55.05 21.65 46.54
CA GLN TA 175 -53.88 21.57 45.69
C GLN TA 175 -53.88 20.30 44.86
N PRO TA 176 -53.32 20.31 43.67
CA PRO TA 176 -53.07 19.05 42.97
C PRO TA 176 -51.93 18.28 43.59
N ASN TA 177 -51.72 17.07 43.11
CA ASN TA 177 -50.73 16.19 43.69
C ASN TA 177 -49.33 16.64 43.29
N ASN TA 178 -48.53 17.03 44.27
CA ASN TA 178 -47.16 17.41 44.04
C ASN TA 178 -46.43 17.19 45.35
N LYS TA 179 -45.50 16.23 45.35
CA LYS TA 179 -44.81 15.93 46.59
C LYS TA 179 -43.93 17.07 47.05
N ARG TA 180 -43.42 17.87 46.11
CA ARG TA 180 -42.48 18.91 46.45
C ARG TA 180 -43.16 20.18 46.93
N ASN TA 181 -44.40 20.41 46.50
CA ASN TA 181 -45.13 21.63 46.79
C ASN TA 181 -46.25 21.45 47.79
N GLN TA 182 -46.42 20.26 48.35
CA GLN TA 182 -47.49 20.02 49.31
C GLN TA 182 -47.28 20.84 50.56
N LEU TA 183 -48.35 21.47 51.03
CA LEU TA 183 -48.29 22.32 52.19
C LEU TA 183 -47.95 21.54 53.44
N TRP TA 184 -47.18 22.18 54.32
CA TRP TA 184 -46.95 21.69 55.66
C TRP TA 184 -47.95 22.33 56.59
N LEU TA 185 -48.68 21.51 57.32
CA LEU TA 185 -49.55 21.96 58.38
C LEU TA 185 -48.83 21.83 59.71
N ARG TA 186 -49.39 22.48 60.72
CA ARG TA 186 -48.89 22.37 62.07
C ARG TA 186 -49.61 21.24 62.80
N LEU TA 187 -48.84 20.48 63.55
CA LEU TA 187 -49.36 19.45 64.43
C LEU TA 187 -49.84 20.14 65.70
N GLN TA 188 -51.12 20.49 65.71
CA GLN TA 188 -51.72 21.17 66.83
C GLN TA 188 -51.81 20.23 68.03
N THR TA 189 -52.22 20.79 69.16
CA THR TA 189 -52.34 20.02 70.38
C THR TA 189 -53.64 19.23 70.43
N ALA TA 190 -54.79 19.91 70.23
CA ALA TA 190 -56.08 19.23 70.23
C ALA TA 190 -57.06 19.78 69.20
N GLY TA 191 -56.57 20.38 68.12
CA GLY TA 191 -57.42 21.06 67.17
C GLY TA 191 -57.04 20.90 65.72
N ASN TA 192 -56.48 19.76 65.36
CA ASN TA 192 -56.02 19.55 64.00
C ASN TA 192 -57.18 19.55 63.01
N VAL TA 193 -56.85 19.83 61.77
CA VAL TA 193 -57.83 20.04 60.70
C VAL TA 193 -58.17 18.71 60.07
N ASP TA 194 -59.41 18.58 59.63
CA ASP TA 194 -59.90 17.34 59.06
C ASP TA 194 -59.45 17.21 57.62
N HIS TA 195 -58.86 16.07 57.30
CA HIS TA 195 -58.61 15.70 55.92
C HIS TA 195 -59.77 14.86 55.40
N VAL TA 196 -59.92 14.88 54.08
CA VAL TA 196 -61.13 14.40 53.43
C VAL TA 196 -60.72 13.67 52.15
N GLY TA 197 -61.64 12.88 51.61
CA GLY TA 197 -61.29 12.08 50.47
C GLY TA 197 -61.92 10.72 50.24
N LEU TA 198 -62.96 10.32 50.95
CA LEU TA 198 -63.64 9.10 50.57
C LEU TA 198 -65.13 9.13 50.88
N GLY TA 199 -65.91 8.72 49.89
CA GLY TA 199 -67.32 8.49 50.07
C GLY TA 199 -67.71 7.17 49.43
N THR TA 200 -68.70 6.53 50.04
CA THR TA 200 -69.07 5.16 49.71
C THR TA 200 -70.55 5.05 49.43
N ALA TA 201 -70.91 3.96 48.75
CA ALA TA 201 -72.30 3.60 48.52
C ALA TA 201 -72.38 2.08 48.52
N PHE TA 202 -73.03 1.53 49.55
CA PHE TA 202 -73.19 0.11 49.71
C PHE TA 202 -74.63 -0.29 49.41
N GLU TA 203 -74.77 -1.38 48.66
CA GLU TA 203 -76.08 -1.90 48.33
C GLU TA 203 -76.64 -2.66 49.51
N ASN TA 204 -77.86 -2.32 49.91
CA ASN TA 204 -78.47 -2.91 51.07
C ASN TA 204 -78.84 -4.37 50.79
N SER TA 205 -79.17 -5.08 51.87
CA SER TA 205 -79.39 -6.51 51.81
C SER TA 205 -80.35 -6.91 52.92
N ILE TA 206 -80.85 -8.15 52.82
CA ILE TA 206 -81.71 -8.69 53.86
C ILE TA 206 -80.92 -8.96 55.13
N TYR TA 207 -79.64 -9.25 55.00
CA TYR TA 207 -78.77 -9.53 56.12
C TYR TA 207 -77.89 -8.32 56.42
N ASP TA 208 -77.44 -8.25 57.66
CA ASP TA 208 -76.56 -7.17 58.07
C ASP TA 208 -75.16 -7.39 57.51
N GLN TA 209 -74.58 -6.33 56.95
CA GLN TA 209 -73.24 -6.35 56.37
C GLN TA 209 -72.32 -5.55 57.26
N GLU TA 210 -71.43 -6.23 57.98
CA GLU TA 210 -70.48 -5.59 58.87
C GLU TA 210 -69.10 -5.56 58.25
N TYR TA 211 -68.33 -4.54 58.61
CA TYR TA 211 -66.98 -4.35 58.14
C TYR TA 211 -66.11 -3.81 59.27
N ASN TA 212 -64.85 -4.20 59.25
CA ASN TA 212 -63.82 -3.63 60.11
C ASN TA 212 -62.92 -2.79 59.22
N ILE TA 213 -62.99 -1.48 59.38
CA ILE TA 213 -62.30 -0.56 58.50
C ILE TA 213 -60.99 -0.15 59.16
N ARG TA 214 -59.89 -0.37 58.46
CA ARG TA 214 -58.55 -0.04 58.92
C ARG TA 214 -58.00 1.05 58.02
N VAL TA 215 -57.85 2.25 58.58
CA VAL TA 215 -57.28 3.39 57.88
C VAL TA 215 -55.82 3.49 58.28
N THR TA 216 -54.96 3.62 57.30
CA THR TA 216 -53.54 3.79 57.48
C THR TA 216 -53.12 5.08 56.80
N MET TA 217 -52.58 6.02 57.56
CA MET TA 217 -52.09 7.28 57.03
C MET TA 217 -50.57 7.27 56.98
N TYR TA 218 -50.04 7.60 55.81
CA TYR TA 218 -48.61 7.72 55.59
C TYR TA 218 -48.25 9.19 55.67
N VAL TA 219 -47.60 9.58 56.76
CA VAL TA 219 -47.39 10.98 57.09
C VAL TA 219 -45.91 11.29 56.98
N GLN TA 220 -45.61 12.58 57.01
CA GLN TA 220 -44.25 13.09 56.89
C GLN TA 220 -44.16 14.28 57.84
N PHE TA 221 -43.33 14.15 58.86
CA PHE TA 221 -43.15 15.18 59.86
C PHE TA 221 -41.88 15.99 59.59
N ARG TA 222 -41.71 17.05 60.37
CA ARG TA 222 -40.60 17.97 60.19
C ARG TA 222 -40.33 18.67 61.50
N GLU TA 223 -39.06 19.03 61.70
CA GLU TA 223 -38.61 19.84 62.82
C GLU TA 223 -38.88 19.16 64.17
N PHE TA 224 -38.13 18.10 64.40
CA PHE TA 224 -37.97 17.46 65.69
C PHE TA 224 -37.82 18.50 66.79
N ASN TA 225 -38.73 18.47 67.76
CA ASN TA 225 -38.85 19.53 68.76
C ASN TA 225 -38.98 18.98 70.16
N LEU TA 226 -38.19 17.97 70.48
CA LEU TA 226 -38.26 17.38 71.80
C LEU TA 226 -37.79 18.39 72.84
N LYS TA 227 -38.43 18.36 74.00
CA LYS TA 227 -38.10 19.22 75.12
C LYS TA 227 -37.72 18.36 76.30
N ASP TA 228 -36.56 18.64 76.89
CA ASP TA 228 -35.96 17.82 77.94
C ASP TA 228 -35.68 18.68 79.16
N PRO TA 229 -36.69 18.87 80.00
CA PRO TA 229 -36.45 19.55 81.27
C PRO TA 229 -35.72 18.65 82.24
N PRO TA 230 -35.19 19.20 83.32
CA PRO TA 230 -34.58 18.34 84.35
C PRO TA 230 -35.62 17.53 85.10
N LEU TA 231 -35.15 16.74 86.07
CA LEU TA 231 -36.03 15.87 86.86
C LEU TA 231 -35.61 15.84 88.32
N GLY UA 43 -66.63 19.50 18.96
CA GLY UA 43 -66.37 19.47 20.39
C GLY UA 43 -66.63 18.12 21.01
N ILE UA 44 -65.67 17.23 20.88
CA ILE UA 44 -65.83 15.85 21.28
C ILE UA 44 -65.68 15.72 22.78
N PHE UA 45 -66.46 14.82 23.36
CA PHE UA 45 -66.36 14.49 24.78
C PHE UA 45 -66.75 13.02 24.93
N ASN UA 46 -65.76 12.16 25.09
CA ASN UA 46 -66.00 10.76 25.38
C ASN UA 46 -66.17 10.59 26.88
N THR UA 47 -67.28 9.96 27.28
CA THR UA 47 -67.54 9.69 28.68
C THR UA 47 -68.16 8.30 28.82
N ARG UA 48 -68.70 8.04 30.00
CA ARG UA 48 -69.19 6.74 30.40
C ARG UA 48 -70.43 6.92 31.26
N LEU UA 49 -71.51 6.27 30.88
CA LEU UA 49 -72.79 6.35 31.57
C LEU UA 49 -73.23 4.95 31.94
N SER UA 50 -73.76 4.81 33.15
CA SER UA 50 -74.13 3.52 33.71
C SER UA 50 -75.56 3.56 34.21
N ARG UA 51 -76.05 2.36 34.54
CA ARG UA 51 -77.43 2.11 34.91
C ARG UA 51 -77.49 0.69 35.42
N THR UA 52 -78.29 0.47 36.47
CA THR UA 52 -78.37 -0.82 37.14
C THR UA 52 -79.82 -1.21 37.33
N PHE UA 53 -80.11 -2.48 37.11
CA PHE UA 53 -81.47 -3.00 37.24
C PHE UA 53 -81.39 -4.50 37.43
N GLY UA 54 -82.54 -5.07 37.79
CA GLY UA 54 -82.63 -6.48 38.12
C GLY UA 54 -83.24 -7.37 37.06
N TYR UA 55 -82.91 -8.65 37.12
CA TYR UA 55 -83.47 -9.68 36.26
C TYR UA 55 -83.49 -10.98 37.03
N THR UA 56 -84.63 -11.65 37.01
CA THR UA 56 -84.83 -12.90 37.73
C THR UA 56 -85.36 -13.96 36.79
N ILE UA 57 -84.82 -15.17 36.95
CA ILE UA 57 -85.29 -16.35 36.26
C ILE UA 57 -86.02 -17.18 37.32
N LYS UA 58 -87.34 -17.17 37.25
CA LYS UA 58 -88.14 -17.86 38.24
C LYS UA 58 -87.96 -19.36 38.15
N ARG UA 59 -88.29 -20.04 39.25
CA ARG UA 59 -88.14 -21.48 39.36
C ARG UA 59 -89.19 -22.19 38.52
N THR UA 60 -88.90 -23.45 38.21
CA THR UA 60 -89.80 -24.32 37.47
C THR UA 60 -89.73 -25.74 38.02
N THR UA 61 -90.89 -26.37 38.13
CA THR UA 61 -90.97 -27.78 38.49
C THR UA 61 -90.63 -28.71 37.34
N VAL UA 62 -90.44 -28.17 36.13
CA VAL UA 62 -90.10 -29.00 34.98
C VAL UA 62 -88.80 -29.75 35.24
N LYS UA 63 -88.79 -31.03 34.86
CA LYS UA 63 -87.63 -31.87 35.11
C LYS UA 63 -86.57 -31.72 34.03
N THR UA 64 -86.99 -31.55 32.78
CA THR UA 64 -86.09 -31.48 31.67
C THR UA 64 -85.18 -30.26 31.77
N PRO UA 65 -84.09 -30.23 30.99
CA PRO UA 65 -83.34 -28.98 30.84
C PRO UA 65 -84.04 -28.07 29.87
N SER UA 66 -84.66 -27.01 30.39
CA SER UA 66 -85.29 -25.99 29.60
C SER UA 66 -84.59 -24.66 29.84
N TRP UA 67 -84.71 -23.77 28.86
CA TRP UA 67 -84.07 -22.46 28.91
C TRP UA 67 -85.10 -21.35 28.86
N ALA UA 68 -84.75 -20.25 29.52
CA ALA UA 68 -85.56 -19.05 29.57
C ALA UA 68 -84.91 -17.99 28.69
N VAL UA 69 -85.65 -17.54 27.71
CA VAL UA 69 -85.14 -16.61 26.70
C VAL UA 69 -85.68 -15.22 26.99
N ASP UA 70 -84.83 -14.22 26.79
CA ASP UA 70 -85.22 -12.83 26.97
C ASP UA 70 -84.31 -11.97 26.12
N MET UA 71 -84.71 -10.71 25.98
CA MET UA 71 -84.04 -9.74 25.15
C MET UA 71 -83.55 -8.57 25.98
N MET UA 72 -82.72 -7.74 25.36
CA MET UA 72 -82.12 -6.60 26.04
C MET UA 72 -81.80 -5.52 25.01
N ARG UA 73 -82.50 -4.40 25.10
CA ARG UA 73 -82.24 -3.21 24.30
C ARG UA 73 -81.59 -2.15 25.17
N PHE UA 74 -81.06 -1.12 24.50
CA PHE UA 74 -80.36 -0.02 25.16
C PHE UA 74 -80.84 1.30 24.57
N ASN UA 75 -81.31 2.18 25.43
CA ASN UA 75 -81.70 3.53 25.06
C ASN UA 75 -81.00 4.53 25.97
N ILE UA 76 -80.72 5.70 25.42
CA ILE UA 76 -79.97 6.72 26.15
C ILE UA 76 -80.84 7.51 27.11
N ASN UA 77 -82.16 7.42 27.00
CA ASN UA 77 -83.01 8.08 27.96
C ASN UA 77 -82.87 7.48 29.35
N ASP UA 78 -82.57 6.18 29.41
CA ASP UA 78 -82.42 5.49 30.67
C ASP UA 78 -81.10 5.77 31.34
N PHE UA 79 -80.14 6.36 30.63
CA PHE UA 79 -78.83 6.72 31.17
C PHE UA 79 -78.66 8.21 31.35
N LEU UA 80 -79.29 9.02 30.51
CA LEU UA 80 -79.16 10.47 30.52
C LEU UA 80 -80.48 11.11 30.90
N PRO UA 81 -80.63 11.72 32.07
CA PRO UA 81 -81.91 12.27 32.44
C PRO UA 81 -82.21 13.56 31.70
N PRO UA 82 -83.42 14.07 31.82
CA PRO UA 82 -83.70 15.39 31.27
C PRO UA 82 -83.05 16.48 32.09
N GLY UA 83 -82.67 17.56 31.42
CA GLY UA 83 -82.00 18.65 32.08
C GLY UA 83 -82.97 19.62 32.72
N GLY UA 84 -82.66 20.90 32.62
CA GLY UA 84 -83.50 21.92 33.20
C GLY UA 84 -83.30 23.26 32.53
N GLY UA 85 -84.40 23.91 32.19
CA GLY UA 85 -84.34 25.22 31.56
C GLY UA 85 -84.17 25.14 30.07
N SER UA 86 -83.35 26.05 29.54
CA SER UA 86 -83.11 26.11 28.11
C SER UA 86 -82.30 24.93 27.61
N ASN UA 87 -81.64 24.19 28.51
CA ASN UA 87 -80.91 23.00 28.14
C ASN UA 87 -81.81 21.79 28.35
N PRO UA 88 -82.29 21.12 27.29
CA PRO UA 88 -83.27 20.06 27.50
C PRO UA 88 -82.70 18.81 28.14
N ARG UA 89 -81.39 18.60 28.04
CA ARG UA 89 -80.72 17.43 28.59
C ARG UA 89 -79.64 17.86 29.58
N SER UA 90 -79.22 16.90 30.40
CA SER UA 90 -78.30 17.19 31.48
C SER UA 90 -76.86 17.26 31.01
N VAL UA 91 -76.55 16.61 29.89
CA VAL UA 91 -75.23 16.71 29.25
C VAL UA 91 -75.38 17.66 28.07
N PRO UA 92 -74.80 18.86 28.10
CA PRO UA 92 -75.13 19.85 27.08
C PRO UA 92 -74.39 19.65 25.75
N PHE UA 93 -74.90 18.69 24.98
CA PHE UA 93 -74.38 18.40 23.65
C PHE UA 93 -75.54 18.13 22.73
N GLU UA 94 -75.27 18.24 21.43
CA GLU UA 94 -76.27 18.08 20.38
C GLU UA 94 -76.33 16.66 19.85
N TYR UA 95 -75.18 16.11 19.46
CA TYR UA 95 -75.10 14.83 18.78
C TYR UA 95 -74.45 13.80 19.69
N TYR UA 96 -74.67 12.54 19.34
CA TYR UA 96 -74.06 11.44 20.08
C TYR UA 96 -73.94 10.23 19.17
N ARG UA 97 -73.11 9.30 19.60
CA ARG UA 97 -73.03 8.00 18.97
C ARG UA 97 -72.43 7.04 19.98
N ILE UA 98 -73.10 5.90 20.18
CA ILE UA 98 -72.68 4.94 21.18
C ILE UA 98 -71.57 4.09 20.59
N ARG UA 99 -70.43 4.09 21.28
CA ARG UA 99 -69.24 3.37 20.83
C ARG UA 99 -69.23 1.93 21.29
N LYS UA 100 -69.51 1.70 22.57
CA LYS UA 100 -69.46 0.38 23.16
C LYS UA 100 -70.49 0.31 24.27
N VAL UA 101 -70.86 -0.93 24.63
CA VAL UA 101 -71.67 -1.21 25.79
C VAL UA 101 -71.06 -2.39 26.52
N LYS UA 102 -71.11 -2.33 27.84
CA LYS UA 102 -70.65 -3.39 28.72
C LYS UA 102 -71.83 -3.81 29.57
N VAL UA 103 -72.36 -4.98 29.30
CA VAL UA 103 -73.41 -5.59 30.11
C VAL UA 103 -72.75 -6.54 31.08
N GLU UA 104 -73.02 -6.34 32.37
CA GLU UA 104 -72.45 -7.13 33.44
C GLU UA 104 -73.60 -7.78 34.20
N PHE UA 105 -73.62 -9.10 34.21
CA PHE UA 105 -74.55 -9.88 35.03
C PHE UA 105 -73.86 -10.16 36.35
N TRP UA 106 -74.18 -9.35 37.34
CA TRP UA 106 -73.65 -9.55 38.67
C TRP UA 106 -74.59 -10.48 39.43
N PRO UA 107 -74.14 -11.65 39.88
CA PRO UA 107 -75.07 -12.58 40.52
C PRO UA 107 -75.54 -12.09 41.87
N CYS UA 108 -76.69 -12.60 42.26
CA CYS UA 108 -77.30 -12.36 43.55
C CYS UA 108 -77.38 -13.62 44.40
N SER UA 109 -76.89 -14.73 43.90
CA SER UA 109 -77.09 -16.04 44.48
C SER UA 109 -75.82 -16.53 45.16
N PRO UA 110 -75.93 -17.32 46.21
CA PRO UA 110 -74.73 -17.77 46.90
C PRO UA 110 -73.97 -18.82 46.11
N ILE UA 111 -72.70 -18.98 46.46
CA ILE UA 111 -71.87 -19.98 45.80
C ILE UA 111 -72.19 -21.39 46.24
N THR UA 112 -73.07 -21.57 47.21
CA THR UA 112 -73.53 -22.88 47.64
C THR UA 112 -74.79 -23.35 46.92
N GLN UA 113 -75.32 -22.55 46.01
CA GLN UA 113 -76.57 -22.91 45.35
C GLN UA 113 -76.32 -23.99 44.33
N GLY UA 114 -77.18 -25.01 44.35
CA GLY UA 114 -77.08 -26.13 43.45
C GLY UA 114 -78.00 -26.00 42.26
N ASP UA 115 -78.19 -27.13 41.58
CA ASP UA 115 -78.97 -27.18 40.35
C ASP UA 115 -78.40 -26.21 39.32
N ARG UA 116 -77.08 -26.19 39.23
CA ARG UA 116 -76.40 -25.30 38.32
C ARG UA 116 -76.74 -25.62 36.88
N GLY UA 117 -76.40 -24.69 36.00
CA GLY UA 117 -76.78 -24.77 34.62
C GLY UA 117 -75.80 -24.09 33.69
N VAL UA 118 -76.15 -24.03 32.41
CA VAL UA 118 -75.27 -23.45 31.41
C VAL UA 118 -76.14 -22.82 30.33
N GLY UA 119 -75.85 -21.56 30.03
CA GLY UA 119 -76.61 -20.78 29.08
C GLY UA 119 -75.75 -20.13 28.04
N SER UA 120 -76.31 -19.12 27.37
CA SER UA 120 -75.64 -18.49 26.25
C SER UA 120 -76.13 -17.07 26.11
N SER UA 121 -75.21 -16.17 25.78
CA SER UA 121 -75.51 -14.78 25.46
C SER UA 121 -74.96 -14.47 24.09
N ALA UA 122 -75.80 -13.90 23.23
CA ALA UA 122 -75.43 -13.58 21.86
C ALA UA 122 -75.76 -12.13 21.56
N VAL UA 123 -75.13 -11.63 20.51
CA VAL UA 123 -75.23 -10.24 20.09
C VAL UA 123 -76.14 -10.16 18.88
N ILE UA 124 -77.22 -9.40 19.01
CA ILE UA 124 -78.30 -9.36 18.04
C ILE UA 124 -78.52 -7.90 17.66
N LEU UA 125 -77.98 -7.50 16.52
CA LEU UA 125 -77.89 -6.10 16.14
C LEU UA 125 -79.04 -5.64 15.23
N ASP UA 126 -80.23 -6.26 15.31
CA ASP UA 126 -81.26 -6.01 14.32
C ASP UA 126 -82.70 -5.99 14.83
N ASP UA 127 -82.93 -6.13 16.12
CA ASP UA 127 -84.26 -5.98 16.70
C ASP UA 127 -85.20 -7.11 16.29
N ASN UA 128 -84.65 -8.27 15.98
CA ASN UA 128 -85.44 -9.49 15.77
C ASN UA 128 -84.77 -10.56 16.61
N PHE UA 129 -85.25 -10.67 17.84
CA PHE UA 129 -84.77 -11.63 18.81
C PHE UA 129 -85.57 -12.91 18.70
N VAL UA 130 -85.00 -13.98 19.26
CA VAL UA 130 -85.78 -15.17 19.52
C VAL UA 130 -86.90 -14.80 20.46
N THR UA 131 -88.07 -15.38 20.22
CA THR UA 131 -89.26 -15.02 21.00
C THR UA 131 -89.02 -15.33 22.47
N LYS UA 132 -89.53 -14.44 23.32
CA LYS UA 132 -89.40 -14.62 24.76
C LYS UA 132 -90.14 -15.88 25.19
N ALA UA 133 -89.43 -16.72 25.93
CA ALA UA 133 -89.93 -18.01 26.35
C ALA UA 133 -89.59 -18.23 27.81
N THR UA 134 -90.46 -18.97 28.50
CA THR UA 134 -90.26 -19.31 29.89
C THR UA 134 -89.47 -20.61 30.05
N ALA UA 135 -89.88 -21.66 29.33
CA ALA UA 135 -89.20 -22.96 29.39
C ALA UA 135 -89.18 -23.52 27.97
N LEU UA 136 -88.13 -23.17 27.23
CA LEU UA 136 -87.90 -23.69 25.89
C LEU UA 136 -86.97 -24.89 25.96
N THR UA 137 -87.23 -25.88 25.12
CA THR UA 137 -86.57 -27.17 25.18
C THR UA 137 -85.14 -27.16 24.64
N TYR UA 138 -84.59 -26.00 24.32
CA TYR UA 138 -83.24 -25.93 23.77
C TYR UA 138 -82.73 -24.52 23.97
N ASP UA 139 -81.42 -24.37 23.78
CA ASP UA 139 -80.76 -23.08 23.85
C ASP UA 139 -80.65 -22.52 22.44
N PRO UA 140 -81.44 -21.50 22.07
CA PRO UA 140 -81.39 -21.04 20.69
C PRO UA 140 -80.10 -20.32 20.36
N TYR UA 141 -79.51 -19.63 21.31
CA TYR UA 141 -78.32 -18.82 21.09
C TYR UA 141 -77.03 -19.61 21.20
N VAL UA 142 -77.09 -20.93 21.15
CA VAL UA 142 -75.91 -21.74 21.42
C VAL UA 142 -75.01 -21.81 20.20
N ASN UA 143 -75.58 -21.93 19.02
CA ASN UA 143 -74.81 -22.06 17.80
C ASN UA 143 -74.50 -20.72 17.16
N TYR UA 144 -74.85 -19.63 17.80
CA TYR UA 144 -74.53 -18.31 17.28
C TYR UA 144 -73.03 -18.05 17.35
N SER UA 145 -72.53 -17.37 16.33
CA SER UA 145 -71.12 -17.04 16.26
C SER UA 145 -70.67 -16.12 17.38
N SER UA 146 -71.60 -15.37 17.98
CA SER UA 146 -71.31 -14.46 19.07
C SER UA 146 -71.72 -15.02 20.41
N ARG UA 147 -71.82 -16.34 20.53
CA ARG UA 147 -72.24 -16.94 21.77
C ARG UA 147 -71.09 -16.99 22.75
N HIS UA 148 -71.36 -16.55 23.97
CA HIS UA 148 -70.50 -16.77 25.11
C HIS UA 148 -71.28 -17.59 26.11
N THR UA 149 -70.63 -18.55 26.73
CA THR UA 149 -71.28 -19.40 27.71
C THR UA 149 -71.54 -18.65 28.99
N ILE UA 150 -72.74 -18.84 29.52
CA ILE UA 150 -73.13 -18.31 30.83
C ILE UA 150 -73.12 -19.49 31.78
N THR UA 151 -72.16 -19.49 32.68
CA THR UA 151 -72.22 -20.36 33.84
C THR UA 151 -73.18 -19.76 34.85
N GLN UA 152 -74.03 -20.60 35.41
CA GLN UA 152 -75.09 -20.20 36.32
C GLN UA 152 -74.95 -20.96 37.63
N PRO UA 153 -75.50 -20.44 38.72
CA PRO UA 153 -76.16 -19.16 38.97
C PRO UA 153 -75.28 -18.09 39.59
N PHE UA 154 -74.13 -18.49 40.12
CA PHE UA 154 -73.32 -17.64 40.98
C PHE UA 154 -72.07 -17.14 40.29
N SER UA 155 -72.12 -16.98 38.98
CA SER UA 155 -70.96 -16.63 38.19
C SER UA 155 -71.21 -15.35 37.42
N TYR UA 156 -70.17 -14.56 37.28
CA TYR UA 156 -70.21 -13.28 36.60
C TYR UA 156 -70.05 -13.47 35.10
N HIS UA 157 -70.82 -12.69 34.34
CA HIS UA 157 -70.83 -12.74 32.90
C HIS UA 157 -70.80 -11.32 32.37
N SER UA 158 -69.80 -11.01 31.56
CA SER UA 158 -69.66 -9.72 30.90
C SER UA 158 -69.71 -9.90 29.40
N ARG UA 159 -70.24 -8.88 28.72
CA ARG UA 159 -70.25 -8.81 27.27
C ARG UA 159 -69.93 -7.37 26.89
N TYR UA 160 -68.93 -7.20 26.04
CA TYR UA 160 -68.44 -5.90 25.61
C TYR UA 160 -68.48 -5.86 24.09
N PHE UA 161 -69.31 -5.00 23.55
CA PHE UA 161 -69.57 -4.99 22.12
C PHE UA 161 -70.03 -3.60 21.71
N THR UA 162 -70.21 -3.43 20.41
CA THR UA 162 -70.63 -2.18 19.80
C THR UA 162 -72.06 -2.31 19.31
N PRO UA 163 -73.03 -1.63 19.91
CA PRO UA 163 -74.41 -1.79 19.44
C PRO UA 163 -74.67 -1.04 18.16
N LYS UA 164 -75.89 -1.16 17.66
CA LYS UA 164 -76.31 -0.51 16.44
C LYS UA 164 -77.70 0.08 16.66
N PRO UA 165 -77.99 1.23 16.07
CA PRO UA 165 -79.32 1.81 16.25
C PRO UA 165 -80.35 1.24 15.28
N VAL UA 166 -81.60 1.37 15.70
CA VAL UA 166 -82.75 0.88 14.93
C VAL UA 166 -83.21 2.04 14.07
N LEU UA 167 -82.63 2.14 12.88
CA LEU UA 167 -82.98 3.19 11.94
C LEU UA 167 -84.24 2.85 11.16
N ASP UA 168 -84.35 1.61 10.69
CA ASP UA 168 -85.55 1.12 10.02
C ASP UA 168 -85.78 -0.30 10.48
N SER UA 169 -86.82 -0.50 11.28
CA SER UA 169 -87.16 -1.82 11.77
C SER UA 169 -87.73 -2.72 10.68
N THR UA 170 -88.20 -2.15 9.57
CA THR UA 170 -88.74 -2.94 8.49
C THR UA 170 -87.65 -3.64 7.70
N ILE UA 171 -86.54 -2.94 7.46
CA ILE UA 171 -85.44 -3.44 6.65
C ILE UA 171 -84.34 -3.97 7.56
N ASP UA 172 -84.15 -3.30 8.69
CA ASP UA 172 -83.18 -3.70 9.70
C ASP UA 172 -81.77 -3.73 9.12
N TYR UA 173 -81.29 -2.55 8.74
CA TYR UA 173 -79.95 -2.37 8.22
C TYR UA 173 -79.07 -1.70 9.26
N PHE UA 174 -77.79 -2.06 9.25
CA PHE UA 174 -76.83 -1.49 10.18
C PHE UA 174 -75.46 -1.45 9.54
N GLN UA 175 -74.63 -0.69 10.13
CA GLN UA 175 -73.28 -0.45 9.66
C GLN UA 175 -72.30 -1.43 10.28
N PRO UA 176 -71.23 -1.78 9.59
CA PRO UA 176 -70.15 -2.50 10.27
C PRO UA 176 -69.35 -1.60 11.18
N ASN UA 177 -68.44 -2.20 11.94
CA ASN UA 177 -67.69 -1.45 12.93
C ASN UA 177 -66.64 -0.59 12.25
N ASN UA 178 -66.77 0.72 12.42
CA ASN UA 178 -65.81 1.67 11.89
C ASN UA 178 -65.92 2.91 12.75
N LYS UA 179 -64.87 3.21 13.50
CA LYS UA 179 -64.94 4.35 14.39
C LYS UA 179 -65.03 5.66 13.62
N ARG UA 180 -64.45 5.71 12.43
CA ARG UA 180 -64.40 6.96 11.67
C ARG UA 180 -65.67 7.23 10.90
N ASN UA 181 -66.42 6.19 10.55
CA ASN UA 181 -67.60 6.30 9.72
C ASN UA 181 -68.90 6.10 10.48
N GLN UA 182 -68.86 5.91 11.78
CA GLN UA 182 -70.07 5.68 12.56
C GLN UA 182 -70.94 6.91 12.54
N LEU UA 183 -72.23 6.69 12.33
CA LEU UA 183 -73.19 7.76 12.23
C LEU UA 183 -73.32 8.51 13.55
N TRP UA 184 -73.53 9.81 13.44
CA TRP UA 184 -73.91 10.64 14.57
C TRP UA 184 -75.41 10.77 14.59
N LEU UA 185 -76.02 10.43 15.70
CA LEU UA 185 -77.42 10.65 15.96
C LEU UA 185 -77.59 11.94 16.74
N ARG UA 186 -78.82 12.42 16.76
CA ARG UA 186 -79.18 13.58 17.57
C ARG UA 186 -79.64 13.13 18.94
N LEU UA 187 -79.20 13.86 19.94
CA LEU UA 187 -79.65 13.69 21.31
C LEU UA 187 -80.98 14.41 21.44
N GLN UA 188 -82.05 13.65 21.22
CA GLN UA 188 -83.39 14.19 21.29
C GLN UA 188 -83.75 14.53 22.74
N THR UA 189 -84.91 15.16 22.89
CA THR UA 189 -85.36 15.57 24.22
C THR UA 189 -86.00 14.42 24.97
N ALA UA 190 -87.00 13.75 24.36
CA ALA UA 190 -87.66 12.62 25.01
C ALA UA 190 -88.00 11.49 24.04
N GLY UA 191 -87.28 11.36 22.93
CA GLY UA 191 -87.65 10.42 21.89
C GLY UA 191 -86.50 9.71 21.21
N ASN UA 192 -85.43 9.46 21.95
CA ASN UA 192 -84.25 8.85 21.37
C ASN UA 192 -84.53 7.43 20.90
N VAL UA 193 -83.71 6.98 19.96
CA VAL UA 193 -83.91 5.71 19.27
C VAL UA 193 -83.25 4.60 20.07
N ASP UA 194 -83.85 3.42 20.01
CA ASP UA 194 -83.38 2.28 20.77
C ASP UA 194 -82.20 1.64 20.07
N HIS UA 195 -81.13 1.43 20.81
CA HIS UA 195 -80.02 0.60 20.38
C HIS UA 195 -80.23 -0.82 20.86
N VAL UA 196 -79.61 -1.74 20.15
CA VAL UA 196 -79.91 -3.15 20.27
C VAL UA 196 -78.61 -3.93 20.17
N GLY UA 197 -78.65 -5.20 20.58
CA GLY UA 197 -77.43 -5.97 20.62
C GLY UA 197 -77.20 -7.03 21.66
N LEU UA 198 -78.19 -7.44 22.46
CA LEU UA 198 -77.97 -8.60 23.31
C LEU UA 198 -79.23 -9.41 23.53
N GLY UA 199 -79.07 -10.72 23.40
CA GLY UA 199 -80.09 -11.67 23.76
C GLY UA 199 -79.49 -12.81 24.54
N THR UA 200 -80.27 -13.34 25.47
CA THR UA 200 -79.79 -14.29 26.46
C THR UA 200 -80.67 -15.53 26.47
N ALA UA 201 -80.09 -16.59 27.04
CA ALA UA 201 -80.81 -17.83 27.30
C ALA UA 201 -80.27 -18.42 28.57
N PHE UA 202 -81.09 -18.43 29.63
CA PHE UA 202 -80.71 -18.95 30.93
C PHE UA 202 -81.41 -20.27 31.18
N GLU UA 203 -80.66 -21.24 31.70
CA GLU UA 203 -81.20 -22.54 32.03
C GLU UA 203 -81.97 -22.45 33.34
N ASN UA 204 -83.19 -22.92 33.33
CA ASN UA 204 -84.05 -22.83 34.49
C ASN UA 204 -83.57 -23.77 35.58
N SER UA 205 -84.11 -23.58 36.78
CA SER UA 205 -83.67 -24.29 37.96
C SER UA 205 -84.81 -24.40 38.95
N ILE UA 206 -84.61 -25.24 39.97
CA ILE UA 206 -85.60 -25.39 41.03
C ILE UA 206 -85.62 -24.14 41.90
N TYR UA 207 -84.51 -23.44 42.00
CA TYR UA 207 -84.39 -22.23 42.79
C TYR UA 207 -84.43 -21.01 41.89
N ASP UA 208 -84.83 -19.88 42.47
CA ASP UA 208 -84.85 -18.63 41.73
C ASP UA 208 -83.44 -18.10 41.54
N GLN UA 209 -83.14 -17.67 40.32
CA GLN UA 209 -81.84 -17.12 39.96
C GLN UA 209 -82.00 -15.63 39.70
N GLU UA 210 -81.49 -14.81 40.62
CA GLU UA 210 -81.57 -13.36 40.50
C GLU UA 210 -80.22 -12.79 40.07
N TYR UA 211 -80.30 -11.67 39.36
CA TYR UA 211 -79.13 -10.97 38.87
C TYR UA 211 -79.36 -9.47 38.98
N ASN UA 212 -78.27 -8.74 39.23
CA ASN UA 212 -78.25 -7.29 39.17
C ASN UA 212 -77.45 -6.92 37.93
N ILE UA 213 -78.12 -6.40 36.92
CA ILE UA 213 -77.50 -6.15 35.63
C ILE UA 213 -77.10 -4.68 35.57
N ARG UA 214 -75.81 -4.45 35.32
CA ARG UA 214 -75.23 -3.11 35.21
C ARG UA 214 -74.79 -2.91 33.78
N VAL UA 215 -75.48 -2.02 33.07
CA VAL UA 215 -75.15 -1.65 31.71
C VAL UA 215 -74.36 -0.35 31.75
N THR UA 216 -73.24 -0.34 31.06
CA THR UA 216 -72.38 0.83 30.95
C THR UA 216 -72.22 1.14 29.47
N MET UA 217 -72.65 2.33 29.07
CA MET UA 217 -72.51 2.79 27.69
C MET UA 217 -71.38 3.80 27.58
N TYR UA 218 -70.48 3.54 26.65
CA TYR UA 218 -69.37 4.44 26.35
C TYR UA 218 -69.76 5.26 25.13
N VAL UA 219 -70.06 6.53 25.37
CA VAL UA 219 -70.66 7.39 24.36
C VAL UA 219 -69.67 8.46 23.96
N GLN UA 220 -69.99 9.15 22.87
CA GLN UA 220 -69.15 10.20 22.30
C GLN UA 220 -70.09 11.27 21.81
N PHE UA 221 -70.01 12.44 22.42
CA PHE UA 221 -70.86 13.57 22.10
C PHE UA 221 -70.13 14.56 21.20
N ARG UA 222 -70.88 15.56 20.72
CA ARG UA 222 -70.35 16.53 19.78
C ARG UA 222 -71.18 17.80 19.88
N GLU UA 223 -70.52 18.93 19.63
CA GLU UA 223 -71.16 20.24 19.52
C GLU UA 223 -71.83 20.65 20.84
N PHE UA 224 -70.97 20.94 21.81
CA PHE UA 224 -71.33 21.63 23.04
C PHE UA 224 -72.27 22.79 22.75
N ASN UA 225 -73.45 22.77 23.35
CA ASN UA 225 -74.52 23.69 23.00
C ASN UA 225 -75.18 24.29 24.23
N LEU UA 226 -74.38 24.66 25.21
CA LEU UA 226 -74.93 25.24 26.41
C LEU UA 226 -75.58 26.58 26.11
N LYS UA 227 -76.69 26.85 26.80
CA LYS UA 227 -77.42 28.10 26.66
C LYS UA 227 -77.45 28.80 28.00
N ASP UA 228 -77.06 30.07 28.01
CA ASP UA 228 -76.87 30.84 29.24
C ASP UA 228 -77.72 32.10 29.16
N PRO UA 229 -79.00 32.02 29.51
CA PRO UA 229 -79.81 33.21 29.61
C PRO UA 229 -79.46 34.00 30.85
N PRO UA 230 -79.90 35.26 30.95
CA PRO UA 230 -79.70 36.01 32.19
C PRO UA 230 -80.53 35.47 33.34
N LEU UA 231 -80.42 36.12 34.49
CA LEU UA 231 -81.12 35.70 35.70
C LEU UA 231 -81.63 36.90 36.49
N GLY VA 43 -66.81 -27.16 -2.43
CA GLY VA 43 -67.39 -26.06 -1.65
C GLY VA 43 -67.38 -26.33 -0.17
N ILE VA 44 -66.24 -26.07 0.44
CA ILE VA 44 -66.01 -26.42 1.83
C ILE VA 44 -66.66 -25.39 2.74
N PHE VA 45 -67.18 -25.87 3.87
CA PHE VA 45 -67.75 -25.01 4.89
C PHE VA 45 -67.53 -25.70 6.23
N ASN VA 46 -66.54 -25.23 6.96
CA ASN VA 46 -66.30 -25.70 8.32
C ASN VA 46 -67.18 -24.92 9.28
N THR VA 47 -67.94 -25.63 10.10
CA THR VA 47 -68.78 -25.02 11.10
C THR VA 47 -68.75 -25.84 12.39
N ARG VA 48 -69.69 -25.53 13.27
CA ARG VA 48 -69.73 -26.08 14.62
C ARG VA 48 -71.18 -26.29 15.01
N LEU VA 49 -71.49 -27.51 15.43
CA LEU VA 49 -72.83 -27.91 15.81
C LEU VA 49 -72.79 -28.47 17.22
N SER VA 50 -73.78 -28.09 18.03
CA SER VA 50 -73.84 -28.44 19.43
C SER VA 50 -75.17 -29.07 19.78
N ARG VA 51 -75.22 -29.62 20.98
CA ARG VA 51 -76.32 -30.41 21.50
C ARG VA 51 -76.07 -30.64 22.98
N THR VA 52 -77.13 -30.57 23.77
CA THR VA 52 -77.03 -30.65 25.21
C THR VA 52 -78.05 -31.66 25.75
N PHE VA 53 -77.61 -32.45 26.72
CA PHE VA 53 -78.46 -33.48 27.32
C PHE VA 53 -77.90 -33.83 28.68
N GLY VA 54 -78.69 -34.59 29.43
CA GLY VA 54 -78.37 -34.93 30.79
C GLY VA 54 -77.87 -36.35 31.01
N TYR VA 55 -77.14 -36.53 32.11
CA TYR VA 55 -76.65 -37.83 32.54
C TYR VA 55 -76.56 -37.81 34.05
N THR VA 56 -77.11 -38.84 34.69
CA THR VA 56 -77.14 -38.95 36.14
C THR VA 56 -76.57 -40.29 36.56
N ILE VA 57 -75.77 -40.25 37.63
CA ILE VA 57 -75.26 -41.44 38.29
C ILE VA 57 -76.03 -41.54 39.59
N LYS VA 58 -76.97 -42.49 39.65
CA LYS VA 58 -77.82 -42.65 40.81
C LYS VA 58 -77.01 -43.10 42.02
N ARG VA 59 -77.58 -42.85 43.19
CA ARG VA 59 -76.95 -43.21 44.45
C ARG VA 59 -76.96 -44.71 44.67
N THR VA 60 -76.07 -45.15 45.55
CA THR VA 60 -75.96 -46.55 45.94
C THR VA 60 -75.63 -46.65 47.42
N THR VA 61 -76.27 -47.60 48.10
CA THR VA 61 -75.97 -47.92 49.48
C THR VA 61 -74.71 -48.76 49.62
N VAL VA 62 -74.12 -49.21 48.50
CA VAL VA 62 -72.91 -50.01 48.56
C VAL VA 62 -71.79 -49.24 49.23
N LYS VA 63 -71.05 -49.91 50.12
CA LYS VA 63 -70.00 -49.27 50.88
C LYS VA 63 -68.70 -49.19 50.11
N THR VA 64 -68.40 -50.21 49.31
CA THR VA 64 -67.15 -50.28 48.59
C THR VA 64 -67.04 -49.18 47.56
N PRO VA 65 -65.83 -48.92 47.04
CA PRO VA 65 -65.72 -48.07 45.87
C PRO VA 65 -66.06 -48.85 44.61
N SER VA 66 -67.23 -48.55 44.06
CA SER VA 66 -67.67 -49.13 42.81
C SER VA 66 -67.83 -48.04 41.77
N TRP VA 67 -67.76 -48.43 40.51
CA TRP VA 67 -67.85 -47.50 39.40
C TRP VA 67 -69.02 -47.83 38.50
N ALA VA 68 -69.58 -46.78 37.91
CA ALA VA 68 -70.69 -46.87 36.98
C ALA VA 68 -70.17 -46.63 35.57
N VAL VA 69 -70.36 -47.59 34.71
CA VAL VA 69 -69.82 -47.57 33.36
C VAL VA 69 -70.93 -47.26 32.39
N ASP VA 70 -70.62 -46.46 31.37
CA ASP VA 70 -71.57 -46.11 30.34
C ASP VA 70 -70.78 -45.72 29.09
N MET VA 71 -71.51 -45.64 27.99
CA MET VA 71 -70.97 -45.38 26.67
C MET VA 71 -71.54 -44.09 26.11
N MET VA 72 -70.93 -43.63 25.02
CA MET VA 72 -71.34 -42.39 24.37
C MET VA 72 -70.99 -42.45 22.90
N ARG VA 73 -71.99 -42.46 22.05
CA ARG VA 73 -71.86 -42.38 20.61
C ARG VA 73 -72.29 -41.01 20.12
N PHE VA 74 -71.96 -40.71 18.87
CA PHE VA 74 -72.25 -39.43 18.26
C PHE VA 74 -72.82 -39.66 16.87
N ASN VA 75 -74.00 -39.11 16.62
CA ASN VA 75 -74.64 -39.14 15.30
C ASN VA 75 -75.03 -37.73 14.91
N ILE VA 76 -75.00 -37.47 13.61
CA ILE VA 76 -75.27 -36.14 13.09
C ILE VA 76 -76.76 -35.82 13.00
N ASN VA 77 -77.62 -36.82 13.10
CA ASN VA 77 -79.05 -36.55 13.12
C ASN VA 77 -79.45 -35.79 14.37
N ASP VA 78 -78.74 -36.00 15.47
CA ASP VA 78 -79.03 -35.33 16.72
C ASP VA 78 -78.54 -33.90 16.75
N PHE VA 79 -77.70 -33.50 15.80
CA PHE VA 79 -77.19 -32.14 15.70
C PHE VA 79 -77.77 -31.37 14.53
N LEU VA 80 -78.10 -32.06 13.46
CA LEU VA 80 -78.60 -31.45 12.23
C LEU VA 80 -80.04 -31.87 11.99
N PRO VA 81 -81.04 -31.00 12.11
CA PRO VA 81 -82.41 -31.45 11.93
C PRO VA 81 -82.74 -31.66 10.47
N PRO VA 82 -83.90 -32.23 10.18
CA PRO VA 82 -84.34 -32.31 8.80
C PRO VA 82 -84.76 -30.94 8.28
N GLY VA 83 -84.55 -30.75 6.99
CA GLY VA 83 -84.87 -29.48 6.38
C GLY VA 83 -86.32 -29.38 5.98
N GLY VA 84 -86.57 -28.78 4.83
CA GLY VA 84 -87.92 -28.63 4.33
C GLY VA 84 -87.95 -28.43 2.83
N GLY VA 85 -88.84 -29.17 2.18
CA GLY VA 85 -88.99 -29.08 0.75
C GLY VA 85 -88.02 -29.93 -0.01
N SER VA 86 -87.50 -29.39 -1.11
CA SER VA 86 -86.57 -30.14 -1.95
C SER VA 86 -85.22 -30.32 -1.28
N ASN VA 87 -84.93 -29.55 -0.23
CA ASN VA 87 -83.70 -29.72 0.54
C ASN VA 87 -83.98 -30.64 1.72
N PRO VA 88 -83.48 -31.87 1.75
CA PRO VA 88 -83.88 -32.78 2.82
C PRO VA 88 -83.29 -32.41 4.18
N ARG VA 89 -82.20 -31.67 4.21
CA ARG VA 89 -81.53 -31.28 5.45
C ARG VA 89 -81.46 -29.76 5.54
N SER VA 90 -81.22 -29.29 6.75
CA SER VA 90 -81.25 -27.86 7.02
C SER VA 90 -79.97 -27.16 6.62
N VAL VA 91 -78.86 -27.89 6.54
CA VAL VA 91 -77.59 -27.39 6.03
C VAL VA 91 -77.44 -27.91 4.60
N PRO VA 92 -77.53 -27.07 3.57
CA PRO VA 92 -77.61 -27.60 2.21
C PRO VA 92 -76.27 -28.02 1.63
N PHE VA 93 -75.82 -29.20 2.04
CA PHE VA 93 -74.60 -29.79 1.55
C PHE VA 93 -74.83 -31.28 1.35
N GLU VA 94 -73.96 -31.88 0.55
CA GLU VA 94 -74.05 -33.30 0.19
C GLU VA 94 -73.22 -34.19 1.10
N TYR VA 95 -71.96 -33.85 1.28
CA TYR VA 95 -71.00 -34.68 1.98
C TYR VA 95 -70.60 -34.03 3.29
N TYR VA 96 -70.05 -34.84 4.18
CA TYR VA 96 -69.56 -34.35 5.46
C TYR VA 96 -68.49 -35.27 5.97
N ARG VA 97 -67.73 -34.76 6.94
CA ARG VA 97 -66.79 -35.58 7.69
C ARG VA 97 -66.52 -34.86 9.00
N ILE VA 98 -66.65 -35.59 10.10
CA ILE VA 98 -66.50 -35.01 11.43
C ILE VA 98 -65.02 -34.92 11.75
N ARG VA 99 -64.55 -33.72 12.03
CA ARG VA 99 -63.15 -33.45 12.31
C ARG VA 99 -62.81 -33.66 13.77
N LYS VA 100 -63.61 -33.11 14.68
CA LYS VA 100 -63.36 -33.17 16.11
C LYS VA 100 -64.70 -33.18 16.82
N VAL VA 101 -64.65 -33.63 18.08
CA VAL VA 101 -65.78 -33.54 19.00
C VAL VA 101 -65.24 -33.07 20.33
N LYS VA 102 -66.03 -32.23 21.00
CA LYS VA 102 -65.73 -31.73 22.33
C LYS VA 102 -66.90 -32.13 23.23
N VAL VA 103 -66.65 -33.09 24.10
CA VAL VA 103 -67.61 -33.50 25.11
C VAL VA 103 -67.28 -32.77 26.39
N GLU VA 104 -68.27 -32.05 26.93
CA GLU VA 104 -68.11 -31.25 28.14
C GLU VA 104 -69.09 -31.77 29.17
N PHE VA 105 -68.57 -32.26 30.28
CA PHE VA 105 -69.39 -32.63 31.44
C PHE VA 105 -69.49 -31.42 32.33
N TRP VA 106 -70.59 -30.71 32.21
CA TRP VA 106 -70.86 -29.57 33.07
C TRP VA 106 -71.58 -30.04 34.31
N PRO VA 107 -71.02 -29.87 35.51
CA PRO VA 107 -71.67 -30.42 36.69
C PRO VA 107 -72.96 -29.69 37.05
N CYS VA 108 -73.80 -30.42 37.76
CA CYS VA 108 -75.04 -29.90 38.30
C CYS VA 108 -75.05 -29.86 39.81
N SER VA 109 -73.97 -30.24 40.45
CA SER VA 109 -73.89 -30.48 41.87
C SER VA 109 -73.14 -29.35 42.55
N PRO VA 110 -73.47 -29.02 43.80
CA PRO VA 110 -72.79 -27.93 44.46
C PRO VA 110 -71.37 -28.29 44.86
N ILE VA 111 -70.57 -27.26 45.10
CA ILE VA 111 -69.20 -27.47 45.53
C ILE VA 111 -69.08 -27.92 46.98
N THR VA 112 -70.19 -27.95 47.72
CA THR VA 112 -70.22 -28.44 49.08
C THR VA 112 -70.56 -29.92 49.17
N GLN VA 113 -70.77 -30.61 48.04
CA GLN VA 113 -71.19 -31.99 48.07
C GLN VA 113 -70.00 -32.87 48.44
N GLY VA 114 -70.22 -33.80 49.35
CA GLY VA 114 -69.20 -34.71 49.80
C GLY VA 114 -69.27 -36.05 49.11
N ASP VA 115 -68.59 -37.01 49.72
CA ASP VA 115 -68.45 -38.36 49.16
C ASP VA 115 -67.87 -38.28 47.75
N ARG VA 116 -66.87 -37.45 47.59
CA ARG VA 116 -66.24 -37.24 46.30
C ARG VA 116 -65.57 -38.52 45.83
N GLY VA 117 -65.21 -38.52 44.55
CA GLY VA 117 -64.70 -39.69 43.90
C GLY VA 117 -63.76 -39.38 42.76
N VAL VA 118 -63.34 -40.41 42.06
CA VAL VA 118 -62.39 -40.26 40.97
C VAL VA 118 -62.69 -41.32 39.92
N GLY VA 119 -62.82 -40.87 38.68
CA GLY VA 119 -63.18 -41.72 37.57
C GLY VA 119 -62.25 -41.57 36.40
N SER VA 120 -62.70 -42.02 35.23
CA SER VA 120 -61.87 -42.07 34.06
C SER VA 120 -62.73 -41.98 32.81
N SER VA 121 -62.24 -41.24 31.81
CA SER VA 121 -62.85 -41.16 30.49
C SER VA 121 -61.82 -41.56 29.46
N ALA VA 122 -62.19 -42.48 28.59
CA ALA VA 122 -61.32 -43.00 27.56
C ALA VA 122 -61.98 -42.90 26.19
N VAL VA 123 -61.15 -42.97 25.16
CA VAL VA 123 -61.55 -42.81 23.77
C VAL VA 123 -61.59 -44.18 23.12
N ILE VA 124 -62.77 -44.57 22.63
CA ILE VA 124 -63.05 -45.91 22.14
C ILE VA 124 -63.59 -45.79 20.74
N LEU VA 125 -62.74 -46.00 19.74
CA LEU VA 125 -63.05 -45.70 18.36
C LEU VA 125 -63.55 -46.90 17.57
N ASP VA 126 -64.22 -47.87 18.21
CA ASP VA 126 -64.53 -49.13 17.54
C ASP VA 126 -65.87 -49.76 17.89
N ASP VA 127 -66.70 -49.14 18.72
CA ASP VA 127 -68.05 -49.62 18.99
C ASP VA 127 -68.04 -50.93 19.78
N ASN VA 128 -67.00 -51.16 20.56
CA ASN VA 128 -66.97 -52.26 21.52
C ASN VA 128 -66.49 -51.66 22.83
N PHE VA 129 -67.46 -51.22 23.62
CA PHE VA 129 -67.26 -50.62 24.90
C PHE VA 129 -67.26 -51.68 25.98
N VAL VA 130 -66.72 -51.32 27.15
CA VAL VA 130 -66.93 -52.11 28.34
C VAL VA 130 -68.43 -52.13 28.62
N THR VA 131 -68.91 -53.29 29.05
CA THR VA 131 -70.34 -53.46 29.25
C THR VA 131 -70.86 -52.46 30.27
N LYS VA 132 -72.06 -51.95 30.02
CA LYS VA 132 -72.67 -51.01 30.94
C LYS VA 132 -72.93 -51.67 32.27
N ALA VA 133 -72.48 -51.02 33.33
CA ALA VA 133 -72.56 -51.54 34.68
C ALA VA 133 -73.00 -50.45 35.63
N THR VA 134 -73.72 -50.86 36.67
CA THR VA 134 -74.19 -49.94 37.70
C THR VA 134 -73.17 -49.78 38.81
N ALA VA 135 -72.65 -50.89 39.35
CA ALA VA 135 -71.65 -50.86 40.42
C ALA VA 135 -70.63 -51.94 40.12
N LEU VA 136 -69.61 -51.59 39.37
CA LEU VA 136 -68.49 -52.47 39.07
C LEU VA 136 -67.37 -52.22 40.05
N THR VA 137 -66.68 -53.29 40.45
CA THR VA 137 -65.70 -53.26 41.52
C THR VA 137 -64.38 -52.64 41.13
N TYR VA 138 -64.27 -52.05 39.94
CA TYR VA 138 -63.02 -51.46 39.50
C TYR VA 138 -63.32 -50.48 38.38
N ASP VA 139 -62.33 -49.66 38.06
CA ASP VA 139 -62.41 -48.71 36.97
C ASP VA 139 -61.80 -49.35 35.74
N PRO VA 140 -62.58 -49.76 34.74
CA PRO VA 140 -61.97 -50.44 33.60
C PRO VA 140 -61.15 -49.54 32.72
N TYR VA 141 -61.51 -48.27 32.63
CA TYR VA 141 -60.86 -47.33 31.73
C TYR VA 141 -59.66 -46.65 32.36
N VAL VA 142 -59.13 -47.19 33.47
CA VAL VA 142 -58.09 -46.50 34.21
C VAL VA 142 -56.73 -46.70 33.55
N ASN VA 143 -56.45 -47.90 33.06
CA ASN VA 143 -55.16 -48.20 32.46
C ASN VA 143 -55.13 -47.92 30.97
N TYR VA 144 -56.20 -47.36 30.41
CA TYR VA 144 -56.21 -47.00 29.00
C TYR VA 144 -55.26 -45.86 28.73
N SER VA 145 -54.62 -45.92 27.57
CA SER VA 145 -53.67 -44.89 27.16
C SER VA 145 -54.35 -43.54 26.95
N SER VA 146 -55.65 -43.53 26.70
CA SER VA 146 -56.41 -42.30 26.51
C SER VA 146 -57.22 -41.92 27.73
N ARG VA 147 -56.83 -42.38 28.91
CA ARG VA 147 -57.56 -42.09 30.12
C ARG VA 147 -57.23 -40.69 30.59
N HIS VA 148 -58.28 -39.94 30.90
CA HIS VA 148 -58.18 -38.69 31.64
C HIS VA 148 -58.98 -38.88 32.92
N THR VA 149 -58.43 -38.37 34.01
CA THR VA 149 -59.10 -38.49 35.30
C THR VA 149 -60.30 -37.58 35.37
N ILE VA 150 -61.39 -38.12 35.89
CA ILE VA 150 -62.61 -37.36 36.18
C ILE VA 150 -62.63 -37.15 37.68
N THR VA 151 -62.42 -35.92 38.10
CA THR VA 151 -62.75 -35.53 39.46
C THR VA 151 -64.25 -35.32 39.56
N GLN VA 152 -64.84 -35.84 40.63
CA GLN VA 152 -66.27 -35.84 40.85
C GLN VA 152 -66.56 -35.16 42.18
N PRO VA 153 -67.79 -34.65 42.37
CA PRO VA 153 -68.93 -34.49 41.47
C PRO VA 153 -69.06 -33.11 40.84
N PHE VA 154 -68.35 -32.13 41.39
CA PHE VA 154 -68.57 -30.73 41.08
C PHE VA 154 -67.48 -30.14 40.20
N SER VA 155 -66.86 -30.96 39.37
CA SER VA 155 -65.73 -30.55 38.57
C SER VA 155 -66.02 -30.78 37.09
N TYR VA 156 -65.50 -29.86 36.29
CA TYR VA 156 -65.68 -29.88 34.85
C TYR VA 156 -64.67 -30.80 34.19
N HIS VA 157 -65.14 -31.53 33.18
CA HIS VA 157 -64.33 -32.48 32.45
C HIS VA 157 -64.60 -32.30 30.97
N SER VA 158 -63.55 -32.04 30.22
CA SER VA 158 -63.62 -31.90 28.76
C SER VA 158 -62.77 -32.98 28.11
N ARG VA 159 -63.19 -33.40 26.93
CA ARG VA 159 -62.44 -34.31 26.09
C ARG VA 159 -62.59 -33.83 24.66
N TYR VA 160 -61.46 -33.64 23.99
CA TYR VA 160 -61.40 -33.13 22.63
C TYR VA 160 -60.61 -34.11 21.78
N PHE VA 161 -61.28 -34.71 20.82
CA PHE VA 161 -60.69 -35.81 20.06
C PHE VA 161 -61.37 -35.89 18.71
N THR VA 162 -60.85 -36.79 17.87
CA THR VA 162 -61.33 -37.03 16.53
C THR VA 162 -62.06 -38.36 16.47
N PRO VA 163 -63.38 -38.39 16.29
CA PRO VA 163 -64.06 -39.68 16.27
C PRO VA 163 -63.86 -40.41 14.97
N LYS VA 164 -64.42 -41.61 14.88
CA LYS VA 164 -64.33 -42.45 13.71
C LYS VA 164 -65.70 -43.04 13.42
N PRO VA 165 -66.07 -43.21 12.16
CA PRO VA 165 -67.37 -43.80 11.86
C PRO VA 165 -67.36 -45.32 11.89
N VAL VA 166 -68.56 -45.86 12.09
CA VAL VA 166 -68.77 -47.29 12.17
C VAL VA 166 -69.11 -47.75 10.77
N LEU VA 167 -68.07 -48.08 10.00
CA LEU VA 167 -68.25 -48.55 8.64
C LEU VA 167 -68.61 -50.04 8.61
N ASP VA 168 -67.92 -50.85 9.39
CA ASP VA 168 -68.23 -52.27 9.51
C ASP VA 168 -68.07 -52.64 10.98
N SER VA 169 -69.19 -52.90 11.64
CA SER VA 169 -69.16 -53.28 13.05
C SER VA 169 -68.62 -54.69 13.26
N THR VA 170 -68.58 -55.51 12.22
CA THR VA 170 -68.06 -56.87 12.34
C THR VA 170 -66.55 -56.88 12.42
N ILE VA 171 -65.90 -56.03 11.63
CA ILE VA 171 -64.45 -55.98 11.55
C ILE VA 171 -63.92 -54.84 12.39
N ASP VA 172 -64.67 -53.74 12.43
CA ASP VA 172 -64.36 -52.57 13.24
C ASP VA 172 -63.00 -51.99 12.87
N TYR VA 173 -62.93 -51.50 11.63
CA TYR VA 173 -61.73 -50.86 11.11
C TYR VA 173 -61.93 -49.35 11.04
N PHE VA 174 -60.84 -48.62 11.26
CA PHE VA 174 -60.89 -47.17 11.21
C PHE VA 174 -59.55 -46.63 10.73
N GLN VA 175 -59.57 -45.43 10.36
CA GLN VA 175 -58.42 -44.72 9.81
C GLN VA 175 -57.65 -43.99 10.90
N PRO VA 176 -56.35 -43.84 10.76
CA PRO VA 176 -55.64 -42.93 11.64
C PRO VA 176 -55.92 -41.48 11.32
N ASN VA 177 -55.43 -40.59 12.17
CA ASN VA 177 -55.73 -39.18 12.03
C ASN VA 177 -54.94 -38.58 10.87
N ASN VA 178 -55.66 -38.12 9.86
CA ASN VA 178 -55.06 -37.46 8.71
C ASN VA 178 -56.11 -36.54 8.14
N LYS VA 179 -55.88 -35.23 8.22
CA LYS VA 179 -56.89 -34.31 7.75
C LYS VA 179 -57.07 -34.40 6.24
N ARG VA 180 -56.02 -34.76 5.51
CA ARG VA 180 -56.07 -34.77 4.06
C ARG VA 180 -56.68 -36.03 3.50
N ASN VA 181 -56.62 -37.13 4.23
CA ASN VA 181 -57.07 -38.44 3.77
C ASN VA 181 -58.35 -38.91 4.44
N GLN VA 182 -58.96 -38.10 5.31
CA GLN VA 182 -60.17 -38.50 5.99
C GLN VA 182 -61.31 -38.67 5.01
N LEU VA 183 -62.04 -39.76 5.17
CA LEU VA 183 -63.12 -40.09 4.28
C LEU VA 183 -64.24 -39.08 4.37
N TRP VA 184 -64.87 -38.82 3.23
CA TRP VA 184 -66.10 -38.06 3.16
C TRP VA 184 -67.26 -39.03 3.17
N LEU VA 185 -68.18 -38.84 4.10
CA LEU VA 185 -69.44 -39.56 4.14
C LEU VA 185 -70.52 -38.71 3.49
N ARG VA 186 -71.62 -39.36 3.18
CA ARG VA 186 -72.79 -38.67 2.66
C ARG VA 186 -73.70 -38.26 3.81
N LEU VA 187 -74.23 -37.06 3.70
CA LEU VA 187 -75.24 -36.55 4.61
C LEU VA 187 -76.58 -37.13 4.18
N GLN VA 188 -76.93 -38.26 4.76
CA GLN VA 188 -78.16 -38.93 4.44
C GLN VA 188 -79.36 -38.12 4.95
N THR VA 189 -80.55 -38.58 4.58
CA THR VA 189 -81.77 -37.90 4.97
C THR VA 189 -82.18 -38.26 6.40
N ALA VA 190 -82.29 -39.56 6.70
CA ALA VA 190 -82.67 -40.01 8.04
C ALA VA 190 -81.93 -41.26 8.50
N GLY VA 191 -80.75 -41.53 7.96
CA GLY VA 191 -80.06 -42.78 8.22
C GLY VA 191 -78.56 -42.68 8.38
N ASN VA 192 -78.08 -41.56 8.90
CA ASN VA 192 -76.65 -41.36 9.02
C ASN VA 192 -76.02 -42.35 9.99
N VAL VA 193 -74.72 -42.55 9.81
CA VAL VA 193 -73.98 -43.58 10.52
C VAL VA 193 -73.47 -43.02 11.84
N ASP VA 194 -73.40 -43.88 12.84
CA ASP VA 194 -73.00 -43.48 14.17
C ASP VA 194 -71.49 -43.35 14.25
N HIS VA 195 -71.03 -42.22 14.76
CA HIS VA 195 -69.65 -42.04 15.14
C HIS VA 195 -69.48 -42.38 16.60
N VAL VA 196 -68.26 -42.74 16.97
CA VAL VA 196 -67.98 -43.37 18.24
C VAL VA 196 -66.65 -42.83 18.75
N GLY VA 197 -66.39 -43.04 20.04
CA GLY VA 197 -65.21 -42.46 20.61
C GLY VA 197 -65.17 -42.00 22.06
N LEU VA 198 -66.16 -42.31 22.89
CA LEU VA 198 -65.99 -42.03 24.31
C LEU VA 198 -66.70 -43.03 25.20
N GLY VA 199 -65.97 -43.48 26.21
CA GLY VA 199 -66.54 -44.27 27.28
C GLY VA 199 -66.05 -43.77 28.62
N THR VA 200 -66.92 -43.89 29.61
CA THR VA 200 -66.72 -43.27 30.90
C THR VA 200 -66.86 -44.29 32.02
N ALA VA 201 -66.32 -43.91 33.18
CA ALA VA 201 -66.49 -44.67 34.41
C ALA VA 201 -66.54 -43.69 35.56
N PHE VA 202 -67.70 -43.57 36.18
CA PHE VA 202 -67.94 -42.67 37.29
C PHE VA 202 -68.04 -43.45 38.58
N GLU VA 203 -67.38 -42.95 39.62
CA GLU VA 203 -67.43 -43.57 40.93
C GLU VA 203 -68.73 -43.21 41.61
N ASN VA 204 -69.44 -44.23 42.10
CA ASN VA 204 -70.74 -44.02 42.70
C ASN VA 204 -70.60 -43.33 44.05
N SER VA 205 -71.73 -42.86 44.56
CA SER VA 205 -71.77 -42.05 45.75
C SER VA 205 -73.10 -42.24 46.46
N ILE VA 206 -73.16 -41.76 47.70
CA ILE VA 206 -74.40 -41.79 48.46
C ILE VA 206 -75.41 -40.81 47.88
N TYR VA 207 -74.93 -39.73 47.27
CA TYR VA 207 -75.77 -38.72 46.67
C TYR VA 207 -75.81 -38.88 45.16
N ASP VA 208 -76.87 -38.39 44.55
CA ASP VA 208 -77.00 -38.43 43.11
C ASP VA 208 -76.08 -37.41 42.46
N GLN VA 209 -75.37 -37.83 41.42
CA GLN VA 209 -74.45 -36.99 40.67
C GLN VA 209 -75.04 -36.74 39.29
N GLU VA 210 -75.49 -35.52 39.06
CA GLU VA 210 -76.08 -35.12 37.80
C GLU VA 210 -75.10 -34.29 36.99
N TYR VA 211 -75.24 -34.39 35.67
CA TYR VA 211 -74.39 -33.66 34.73
C TYR VA 211 -75.23 -33.22 33.55
N ASN VA 212 -74.87 -32.05 33.00
CA ASN VA 212 -75.41 -31.57 31.74
C ASN VA 212 -74.30 -31.69 30.71
N ILE VA 213 -74.45 -32.61 29.78
CA ILE VA 213 -73.40 -32.92 28.83
C ILE VA 213 -73.66 -32.17 27.54
N ARG VA 214 -72.69 -31.37 27.12
CA ARG VA 214 -72.76 -30.59 25.90
C ARG VA 214 -71.73 -31.13 24.93
N VAL VA 215 -72.21 -31.74 23.85
CA VAL VA 215 -71.37 -32.26 22.79
C VAL VA 215 -71.35 -31.23 21.67
N THR VA 216 -70.15 -30.90 21.19
CA THR VA 216 -69.95 -29.98 20.10
C THR VA 216 -69.14 -30.72 19.03
N MET VA 217 -69.72 -30.84 17.84
CA MET VA 217 -69.07 -31.47 16.71
C MET VA 217 -68.59 -30.42 15.73
N TYR VA 218 -67.32 -30.49 15.38
CA TYR VA 218 -66.71 -29.61 14.40
C TYR VA 218 -66.66 -30.36 13.07
N VAL VA 219 -67.52 -29.97 12.14
CA VAL VA 219 -67.77 -30.72 10.92
C VAL VA 219 -67.25 -29.91 9.74
N GLN VA 220 -67.18 -30.59 8.60
CA GLN VA 220 -66.68 -30.02 7.36
C GLN VA 220 -67.54 -30.59 6.25
N PHE VA 221 -68.29 -29.73 5.60
CA PHE VA 221 -69.20 -30.12 4.53
C PHE VA 221 -68.58 -29.85 3.16
N ARG VA 222 -69.26 -30.31 2.12
CA ARG VA 222 -68.77 -30.21 0.76
C ARG VA 222 -69.94 -30.25 -0.19
N GLU VA 223 -69.78 -29.57 -1.33
CA GLU VA 223 -70.73 -29.60 -2.44
C GLU VA 223 -72.10 -29.07 -2.03
N PHE VA 224 -72.14 -27.76 -1.81
CA PHE VA 224 -73.35 -26.97 -1.71
C PHE VA 224 -74.34 -27.39 -2.78
N ASN VA 225 -75.53 -27.81 -2.36
CA ASN VA 225 -76.50 -28.44 -3.25
C ASN VA 225 -77.89 -27.88 -3.04
N LEU VA 226 -78.00 -26.58 -2.89
CA LEU VA 226 -79.30 -25.97 -2.69
C LEU VA 226 -80.16 -26.12 -3.93
N LYS VA 227 -81.45 -26.35 -3.72
CA LYS VA 227 -82.42 -26.50 -4.79
C LYS VA 227 -83.47 -25.41 -4.65
N ASP VA 228 -83.70 -24.68 -5.74
CA ASP VA 228 -84.55 -23.50 -5.76
C ASP VA 228 -85.64 -23.67 -6.79
N PRO VA 229 -86.74 -24.35 -6.45
CA PRO VA 229 -87.87 -24.41 -7.35
C PRO VA 229 -88.62 -23.10 -7.37
N PRO VA 230 -89.51 -22.89 -8.34
CA PRO VA 230 -90.34 -21.69 -8.31
C PRO VA 230 -91.36 -21.70 -7.19
N LEU VA 231 -92.18 -20.66 -7.13
CA LEU VA 231 -93.18 -20.51 -6.08
C LEU VA 231 -94.48 -19.92 -6.63
N GLY WA 43 -35.48 -56.97 25.23
CA GLY WA 43 -36.78 -56.49 24.77
C GLY WA 43 -37.49 -55.64 25.80
N ILE WA 44 -37.11 -54.38 25.85
CA ILE WA 44 -37.59 -53.48 26.89
C ILE WA 44 -38.99 -52.99 26.56
N PHE WA 45 -39.80 -52.83 27.60
CA PHE WA 45 -41.13 -52.27 27.47
C PHE WA 45 -41.43 -51.53 28.77
N ASN WA 46 -41.33 -50.21 28.73
CA ASN WA 46 -41.72 -49.37 29.84
C ASN WA 46 -43.22 -49.10 29.76
N THR WA 47 -43.92 -49.37 30.85
CA THR WA 47 -45.35 -49.11 30.92
C THR WA 47 -45.70 -48.58 32.30
N ARG WA 48 -47.00 -48.57 32.58
CA ARG WA 48 -47.56 -47.95 33.78
C ARG WA 48 -48.74 -48.78 34.25
N LEU WA 49 -48.70 -49.18 35.51
CA LEU WA 49 -49.72 -50.02 36.13
C LEU WA 49 -50.25 -49.31 37.36
N SER WA 50 -51.55 -49.36 37.54
CA SER WA 50 -52.24 -48.65 38.60
C SER WA 50 -53.13 -49.59 39.39
N ARG WA 51 -53.62 -49.06 40.51
CA ARG WA 51 -54.38 -49.79 41.51
C ARG WA 51 -54.93 -48.77 42.48
N THR WA 52 -56.16 -48.99 42.93
CA THR WA 52 -56.87 -48.05 43.78
C THR WA 52 -57.47 -48.78 44.97
N PHE WA 53 -57.38 -48.17 46.14
CA PHE WA 53 -57.91 -48.75 47.36
C PHE WA 53 -58.13 -47.64 48.36
N GLY WA 54 -58.81 -47.98 49.45
CA GLY WA 54 -59.19 -47.04 50.47
C GLY WA 54 -58.38 -47.07 51.75
N TYR WA 55 -58.38 -45.94 52.45
CA TYR WA 55 -57.75 -45.81 53.74
C TYR WA 55 -58.53 -44.79 54.55
N THR WA 56 -58.86 -45.15 55.79
CA THR WA 56 -59.64 -44.31 56.67
C THR WA 56 -58.92 -44.13 57.99
N ILE WA 57 -58.96 -42.91 58.50
CA ILE WA 57 -58.48 -42.56 59.82
C ILE WA 57 -59.72 -42.32 60.66
N LYS WA 58 -60.03 -43.28 61.54
CA LYS WA 58 -61.23 -43.19 62.35
C LYS WA 58 -61.13 -42.05 63.35
N ARG WA 59 -62.30 -41.62 63.80
CA ARG WA 59 -62.41 -40.52 64.75
C ARG WA 59 -61.93 -40.94 66.14
N THR WA 60 -61.59 -39.92 66.94
CA THR WA 60 -61.15 -40.12 68.31
C THR WA 60 -61.71 -39.01 69.18
N THR WA 61 -62.16 -39.38 70.38
CA THR WA 61 -62.58 -38.41 71.39
C THR WA 61 -61.41 -37.76 72.10
N VAL WA 62 -60.18 -38.21 71.83
CA VAL WA 62 -59.00 -37.63 72.48
C VAL WA 62 -58.91 -36.15 72.13
N LYS WA 63 -58.59 -35.34 73.14
CA LYS WA 63 -58.51 -33.90 72.95
C LYS WA 63 -57.18 -33.46 72.39
N THR WA 64 -56.10 -34.11 72.80
CA THR WA 64 -54.77 -33.72 72.41
C THR WA 64 -54.56 -33.89 70.91
N PRO WA 65 -53.52 -33.29 70.36
CA PRO WA 65 -53.12 -33.63 68.99
C PRO WA 65 -52.36 -34.94 68.98
N SER WA 66 -52.99 -35.98 68.49
CA SER WA 66 -52.38 -37.27 68.31
C SER WA 66 -52.38 -37.64 66.84
N TRP WA 67 -51.45 -38.51 66.48
CA TRP WA 67 -51.27 -38.94 65.10
C TRP WA 67 -51.49 -40.43 64.96
N ALA WA 68 -51.98 -40.80 63.78
CA ALA WA 68 -52.22 -42.19 63.41
C ALA WA 68 -51.16 -42.61 62.41
N VAL WA 69 -50.41 -43.64 62.76
CA VAL WA 69 -49.29 -44.09 61.98
C VAL WA 69 -49.67 -45.36 61.25
N ASP WA 70 -49.20 -45.49 60.00
CA ASP WA 70 -49.44 -46.67 59.21
C ASP WA 70 -48.35 -46.76 58.16
N MET WA 71 -48.29 -47.93 57.53
CA MET WA 71 -47.27 -48.26 56.56
C MET WA 71 -47.89 -48.56 55.20
N MET WA 72 -47.03 -48.64 54.19
CA MET WA 72 -47.47 -48.88 52.82
C MET WA 72 -46.36 -49.58 52.05
N ARG WA 73 -46.62 -50.82 51.65
CA ARG WA 73 -45.75 -51.59 50.80
C ARG WA 73 -46.35 -51.69 49.41
N PHE WA 74 -45.53 -52.14 48.46
CA PHE WA 74 -45.93 -52.26 47.07
C PHE WA 74 -45.46 -53.61 46.53
N ASN WA 75 -46.40 -54.39 46.00
CA ASN WA 75 -46.11 -55.65 45.34
C ASN WA 75 -46.75 -55.65 43.97
N ILE WA 76 -46.10 -56.36 43.04
CA ILE WA 76 -46.56 -56.38 41.65
C ILE WA 76 -47.70 -57.35 41.43
N ASN WA 77 -47.97 -58.25 42.37
CA ASN WA 77 -49.12 -59.13 42.22
C ASN WA 77 -50.42 -58.35 42.29
N ASP WA 78 -50.44 -57.25 43.03
CA ASP WA 78 -51.63 -56.43 43.17
C ASP WA 78 -51.89 -55.55 41.95
N PHE WA 79 -50.91 -55.41 41.06
CA PHE WA 79 -51.05 -54.63 39.84
C PHE WA 79 -51.13 -55.48 38.60
N LEU WA 80 -50.48 -56.64 38.60
CA LEU WA 80 -50.39 -57.53 37.44
C LEU WA 80 -51.13 -58.83 37.75
N PRO WA 81 -52.27 -59.12 37.14
CA PRO WA 81 -52.97 -60.34 37.49
C PRO WA 81 -52.31 -61.56 36.89
N PRO WA 82 -52.75 -62.76 37.27
CA PRO WA 82 -52.26 -63.96 36.60
C PRO WA 82 -52.83 -64.08 35.20
N GLY WA 83 -52.04 -64.66 34.32
CA GLY WA 83 -52.44 -64.82 32.95
C GLY WA 83 -53.31 -66.03 32.72
N GLY WA 84 -53.09 -66.70 31.60
CA GLY WA 84 -53.85 -67.88 31.28
C GLY WA 84 -53.12 -68.78 30.30
N GLY WA 85 -53.08 -70.07 30.62
CA GLY WA 85 -52.43 -71.03 29.75
C GLY WA 85 -50.95 -71.15 30.01
N SER WA 86 -50.18 -71.28 28.94
CA SER WA 86 -48.74 -71.42 29.05
C SER WA 86 -48.06 -70.13 29.49
N ASN WA 87 -48.76 -69.00 29.41
CA ASN WA 87 -48.24 -67.74 29.90
C ASN WA 87 -48.73 -67.51 31.33
N PRO WA 88 -47.87 -67.60 32.35
CA PRO WA 88 -48.39 -67.53 33.71
C PRO WA 88 -48.87 -66.16 34.12
N ARG WA 89 -48.41 -65.11 33.46
CA ARG WA 89 -48.79 -63.74 33.76
C ARG WA 89 -49.40 -63.07 32.54
N SER WA 90 -50.11 -61.98 32.79
CA SER WA 90 -50.87 -61.30 31.75
C SER WA 90 -50.01 -60.42 30.87
N VAL WA 91 -48.87 -59.97 31.38
CA VAL WA 91 -47.87 -59.23 30.61
C VAL WA 91 -46.76 -60.21 30.26
N PRO WA 92 -46.59 -60.61 28.99
CA PRO WA 92 -45.66 -61.70 28.71
C PRO WA 92 -44.19 -61.29 28.67
N PHE WA 93 -43.63 -61.15 29.86
CA PHE WA 93 -42.22 -60.83 30.02
C PHE WA 93 -41.67 -61.64 31.18
N GLU WA 94 -40.34 -61.76 31.20
CA GLU WA 94 -39.63 -62.56 32.19
C GLU WA 94 -39.18 -61.74 33.38
N TYR WA 95 -38.50 -60.64 33.12
CA TYR WA 95 -37.87 -59.83 34.16
C TYR WA 95 -38.58 -58.50 34.29
N TYR WA 96 -38.36 -57.86 35.43
CA TYR WA 96 -38.92 -56.55 35.68
C TYR WA 96 -38.05 -55.82 36.69
N ARG WA 97 -38.25 -54.51 36.75
CA ARG WA 97 -37.67 -53.68 37.78
C ARG WA 97 -38.49 -52.41 37.90
N ILE WA 98 -38.91 -52.09 39.10
CA ILE WA 98 -39.78 -50.94 39.33
C ILE WA 98 -38.92 -49.69 39.36
N ARG WA 99 -39.25 -48.75 38.48
CA ARG WA 99 -38.50 -47.51 38.34
C ARG WA 99 -39.00 -46.43 39.29
N LYS WA 100 -40.31 -46.23 39.36
CA LYS WA 100 -40.90 -45.19 40.18
C LYS WA 100 -42.26 -45.67 40.64
N VAL WA 101 -42.74 -45.01 41.70
CA VAL WA 101 -44.10 -45.18 42.19
C VAL WA 101 -44.65 -43.80 42.50
N LYS WA 102 -45.93 -43.63 42.20
CA LYS WA 102 -46.69 -42.42 42.50
C LYS WA 102 -47.85 -42.81 43.38
N VAL WA 103 -47.78 -42.44 44.64
CA VAL WA 103 -48.87 -42.63 45.59
C VAL WA 103 -49.64 -41.32 45.66
N GLU WA 104 -50.95 -41.41 45.41
CA GLU WA 104 -51.84 -40.26 45.39
C GLU WA 104 -52.91 -40.49 46.43
N PHE WA 105 -52.95 -39.61 47.42
CA PHE WA 105 -54.03 -39.58 48.41
C PHE WA 105 -55.11 -38.65 47.88
N TRP WA 106 -56.12 -39.24 47.29
CA TRP WA 106 -57.26 -38.48 46.80
C TRP WA 106 -58.28 -38.37 47.93
N PRO WA 107 -58.62 -37.18 48.40
CA PRO WA 107 -59.53 -37.09 49.54
C PRO WA 107 -60.95 -37.49 49.19
N CYS WA 108 -61.66 -37.89 50.24
CA CYS WA 108 -63.07 -38.23 50.17
C CYS WA 108 -63.94 -37.28 50.96
N SER WA 109 -63.35 -36.27 51.58
CA SER WA 109 -64.01 -35.42 52.54
C SER WA 109 -64.30 -34.05 51.92
N PRO WA 110 -65.36 -33.39 52.34
CA PRO WA 110 -65.70 -32.10 51.76
C PRO WA 110 -64.76 -31.01 52.21
N ILE WA 111 -64.74 -29.93 51.43
CA ILE WA 111 -63.91 -28.79 51.76
C ILE WA 111 -64.45 -27.98 52.93
N THR WA 112 -65.65 -28.29 53.41
CA THR WA 112 -66.23 -27.64 54.57
C THR WA 112 -65.91 -28.35 55.87
N GLN WA 113 -65.16 -29.44 55.84
CA GLN WA 113 -64.91 -30.21 57.04
C GLN WA 113 -63.89 -29.49 57.90
N GLY WA 114 -64.18 -29.41 59.19
CA GLY WA 114 -63.32 -28.75 60.14
C GLY WA 114 -62.44 -29.71 60.89
N ASP WA 115 -61.88 -29.21 61.99
CA ASP WA 115 -60.93 -29.96 62.80
C ASP WA 115 -59.75 -30.41 61.95
N ARG WA 116 -59.28 -29.50 61.10
CA ARG WA 116 -58.20 -29.80 60.20
C ARG WA 116 -56.92 -30.09 60.97
N GLY WA 117 -55.95 -30.64 60.25
CA GLY WA 117 -54.73 -31.12 60.85
C GLY WA 117 -53.55 -31.06 59.93
N VAL WA 118 -52.43 -31.59 60.38
CA VAL WA 118 -51.19 -31.55 59.61
C VAL WA 118 -50.39 -32.80 59.94
N GLY WA 119 -49.98 -33.51 58.90
CA GLY WA 119 -49.27 -34.76 59.02
C GLY WA 119 -48.00 -34.79 58.21
N SER WA 120 -47.49 -36.00 57.98
CA SER WA 120 -46.21 -36.16 57.31
C SER WA 120 -46.17 -37.51 56.63
N SER WA 121 -45.57 -37.53 55.43
CA SER WA 121 -45.30 -38.74 54.68
C SER WA 121 -43.81 -38.82 54.39
N ALA WA 122 -43.21 -39.96 54.70
CA ALA WA 122 -41.78 -40.18 54.53
C ALA WA 122 -41.54 -41.45 53.74
N VAL WA 123 -40.34 -41.55 53.20
CA VAL WA 123 -39.93 -42.64 52.33
C VAL WA 123 -39.03 -43.57 53.13
N ILE WA 124 -39.44 -44.83 53.24
CA ILE WA 124 -38.81 -45.81 54.12
C ILE WA 124 -38.46 -47.02 53.27
N LEU WA 125 -37.21 -47.12 52.87
CA LEU WA 125 -36.77 -48.10 51.87
C LEU WA 125 -36.21 -49.38 52.46
N ASP WA 126 -36.65 -49.79 53.68
CA ASP WA 126 -35.98 -50.88 54.37
C ASP WA 126 -36.89 -51.81 55.17
N ASP WA 127 -38.20 -51.65 55.14
CA ASP WA 127 -39.13 -52.58 55.77
C ASP WA 127 -39.02 -52.56 57.28
N ASN WA 128 -38.61 -51.43 57.85
CA ASN WA 128 -38.67 -51.21 59.30
C ASN WA 128 -39.32 -49.85 59.47
N PHE WA 129 -40.64 -49.88 59.59
CA PHE WA 129 -41.46 -48.71 59.78
C PHE WA 129 -41.63 -48.41 61.27
N VAL WA 130 -42.04 -47.18 61.56
CA VAL WA 130 -42.53 -46.88 62.89
C VAL WA 130 -43.75 -47.75 63.14
N THR WA 131 -43.87 -48.23 64.36
CA THR WA 131 -44.94 -49.16 64.70
C THR WA 131 -46.29 -48.52 64.45
N LYS WA 132 -47.22 -49.32 63.94
CA LYS WA 132 -48.56 -48.83 63.68
C LYS WA 132 -49.23 -48.41 64.98
N ALA WA 133 -49.77 -47.20 64.99
CA ALA WA 133 -50.36 -46.60 66.17
C ALA WA 133 -51.67 -45.93 65.79
N THR WA 134 -52.58 -45.91 66.74
CA THR WA 134 -53.88 -45.28 66.57
C THR WA 134 -53.84 -43.81 66.97
N ALA WA 135 -53.31 -43.52 68.17
CA ALA WA 135 -53.21 -42.15 68.67
C ALA WA 135 -51.85 -42.02 69.36
N LEU WA 136 -50.84 -41.66 68.60
CA LEU WA 136 -49.51 -41.39 69.12
C LEU WA 136 -49.36 -39.90 69.39
N THR WA 137 -48.65 -39.58 70.47
CA THR WA 137 -48.56 -38.22 70.96
C THR WA 137 -47.63 -37.32 70.16
N TYR WA 138 -47.13 -37.77 69.02
CA TYR WA 138 -46.22 -36.97 68.22
C TYR WA 138 -46.22 -37.52 66.80
N ASP WA 139 -45.66 -36.74 65.89
CA ASP WA 139 -45.50 -37.12 64.50
C ASP WA 139 -44.10 -37.70 64.32
N PRO WA 140 -43.94 -39.01 64.17
CA PRO WA 140 -42.59 -39.56 64.09
C PRO WA 140 -41.88 -39.20 62.80
N TYR WA 141 -42.60 -39.05 61.71
CA TYR WA 141 -42.02 -38.83 60.40
C TYR WA 141 -41.79 -37.35 60.12
N VAL WA 142 -41.80 -36.50 61.15
CA VAL WA 142 -41.75 -35.06 60.91
C VAL WA 142 -40.33 -34.60 60.65
N ASN WA 143 -39.35 -35.15 61.36
CA ASN WA 143 -37.98 -34.74 61.22
C ASN WA 143 -37.23 -35.55 60.17
N TYR WA 144 -37.92 -36.43 59.45
CA TYR WA 144 -37.29 -37.19 58.39
C TYR WA 144 -36.92 -36.29 57.23
N SER WA 145 -35.78 -36.59 56.62
CA SER WA 145 -35.30 -35.83 55.49
C SER WA 145 -36.22 -35.92 54.28
N SER WA 146 -37.02 -36.99 54.19
CA SER WA 146 -37.96 -37.19 53.11
C SER WA 146 -39.39 -36.85 53.51
N ARG WA 147 -39.56 -36.00 54.51
CA ARG WA 147 -40.89 -35.64 54.96
C ARG WA 147 -41.50 -34.62 54.03
N HIS WA 148 -42.73 -34.87 53.63
CA HIS WA 148 -43.60 -33.90 52.98
C HIS WA 148 -44.80 -33.72 53.88
N THR WA 149 -45.23 -32.48 54.02
CA THR WA 149 -46.38 -32.17 54.86
C THR WA 149 -47.66 -32.64 54.20
N ILE WA 150 -48.52 -33.26 54.99
CA ILE WA 150 -49.86 -33.65 54.58
C ILE WA 150 -50.80 -32.66 55.23
N THR WA 151 -51.40 -31.80 54.42
CA THR WA 151 -52.56 -31.04 54.84
C THR WA 151 -53.78 -31.94 54.81
N GLN WA 152 -54.59 -31.86 55.86
CA GLN WA 152 -55.75 -32.71 56.05
C GLN WA 152 -56.98 -31.84 56.23
N PRO WA 153 -58.18 -32.39 55.97
CA PRO WA 153 -58.56 -33.68 55.40
C PRO WA 153 -58.87 -33.66 53.92
N PHE WA 154 -59.07 -32.48 53.36
CA PHE WA 154 -59.62 -32.32 52.02
C PHE WA 154 -58.59 -31.90 51.00
N SER WA 155 -57.34 -32.29 51.20
CA SER WA 155 -56.24 -31.85 50.36
C SER WA 155 -55.54 -33.05 49.75
N TYR WA 156 -55.08 -32.87 48.53
CA TYR WA 156 -54.40 -33.89 47.76
C TYR WA 156 -52.93 -33.94 48.12
N HIS WA 157 -52.41 -35.16 48.21
CA HIS WA 157 -51.02 -35.41 48.56
C HIS WA 157 -50.47 -36.45 47.62
N SER WA 158 -49.39 -36.10 46.93
CA SER WA 158 -48.69 -37.01 46.03
C SER WA 158 -47.26 -37.20 46.52
N ARG WA 159 -46.74 -38.40 46.26
CA ARG WA 159 -45.34 -38.73 46.52
C ARG WA 159 -44.84 -39.55 45.36
N TYR WA 160 -43.74 -39.11 44.77
CA TYR WA 160 -43.15 -39.73 43.58
C TYR WA 160 -41.71 -40.07 43.91
N PHE WA 161 -41.40 -41.36 43.93
CA PHE WA 161 -40.11 -41.82 44.39
C PHE WA 161 -39.79 -43.17 43.76
N THR WA 162 -38.60 -43.65 44.03
CA THR WA 162 -38.08 -44.91 43.52
C THR WA 162 -38.04 -45.93 44.65
N PRO WA 163 -38.86 -46.97 44.65
CA PRO WA 163 -38.82 -47.93 45.75
C PRO WA 163 -37.64 -48.86 45.65
N LYS WA 164 -37.51 -49.74 46.63
CA LYS WA 164 -36.44 -50.71 46.69
C LYS WA 164 -37.02 -52.05 47.11
N PRO WA 165 -36.51 -53.16 46.57
CA PRO WA 165 -37.04 -54.46 46.97
C PRO WA 165 -36.43 -54.98 48.25
N VAL WA 166 -37.17 -55.88 48.88
CA VAL WA 166 -36.78 -56.49 50.14
C VAL WA 166 -36.05 -57.78 49.77
N LEU WA 167 -34.75 -57.66 49.58
CA LEU WA 167 -33.91 -58.81 49.24
C LEU WA 167 -33.54 -59.61 50.48
N ASP WA 168 -33.15 -58.94 51.56
CA ASP WA 168 -32.86 -59.58 52.83
C ASP WA 168 -33.41 -58.69 53.93
N SER WA 169 -34.49 -59.15 54.57
CA SER WA 169 -35.09 -58.39 55.65
C SER WA 169 -34.25 -58.39 56.92
N THR WA 170 -33.30 -59.32 57.03
CA THR WA 170 -32.43 -59.37 58.20
C THR WA 170 -31.39 -58.27 58.17
N ILE WA 171 -30.83 -58.00 57.00
CA ILE WA 171 -29.75 -57.04 56.84
C ILE WA 171 -30.32 -55.73 56.30
N ASP WA 172 -31.33 -55.83 55.45
CA ASP WA 172 -32.04 -54.68 54.91
C ASP WA 172 -31.08 -53.78 54.14
N TYR WA 173 -30.54 -54.31 53.05
CA TYR WA 173 -29.66 -53.58 52.16
C TYR WA 173 -30.39 -53.21 50.88
N PHE WA 174 -30.02 -52.06 50.32
CA PHE WA 174 -30.63 -51.60 49.08
C PHE WA 174 -29.62 -50.77 48.31
N GLN WA 175 -29.92 -50.58 47.10
CA GLN WA 175 -29.08 -49.88 46.14
C GLN WA 175 -29.43 -48.40 46.09
N PRO WA 176 -28.47 -47.53 45.81
CA PRO WA 176 -28.83 -46.16 45.49
C PRO WA 176 -29.45 -46.02 44.12
N ASN WA 177 -29.93 -44.84 43.80
CA ASN WA 177 -30.65 -44.62 42.57
C ASN WA 177 -29.69 -44.59 41.41
N ASN WA 178 -29.83 -45.55 40.50
CA ASN WA 178 -29.02 -45.60 39.29
C ASN WA 178 -29.85 -46.36 38.27
N LYS WA 179 -30.25 -45.68 37.20
CA LYS WA 179 -31.09 -46.33 36.22
C LYS WA 179 -30.34 -47.43 35.49
N ARG WA 180 -29.03 -47.29 35.35
CA ARG WA 180 -28.26 -48.24 34.55
C ARG WA 180 -27.87 -49.47 35.34
N ASN WA 181 -27.77 -49.36 36.66
CA ASN WA 181 -27.30 -50.44 37.52
C ASN WA 181 -28.42 -51.08 38.35
N GLN WA 182 -29.66 -50.66 38.17
CA GLN WA 182 -30.74 -51.22 38.95
C GLN WA 182 -30.95 -52.68 38.62
N LEU WA 183 -31.12 -53.49 39.66
CA LEU WA 183 -31.26 -54.92 39.51
C LEU WA 183 -32.54 -55.26 38.77
N TRP WA 184 -32.45 -56.31 37.97
CA TRP WA 184 -33.62 -56.94 37.36
C TRP WA 184 -34.06 -58.08 38.24
N LEU WA 185 -35.32 -58.06 38.64
CA LEU WA 185 -35.95 -59.17 39.32
C LEU WA 185 -36.71 -60.02 38.32
N ARG WA 186 -37.07 -61.21 38.76
CA ARG WA 186 -37.90 -62.10 37.97
C ARG WA 186 -39.36 -61.87 38.30
N LEU WA 187 -40.17 -61.86 37.26
CA LEU WA 187 -41.62 -61.80 37.38
C LEU WA 187 -42.11 -63.21 37.69
N GLN WA 188 -42.22 -63.51 38.98
CA GLN WA 188 -42.65 -64.80 39.44
C GLN WA 188 -44.13 -65.01 39.10
N THR WA 189 -44.59 -66.23 39.35
CA THR WA 189 -45.97 -66.59 39.06
C THR WA 189 -46.91 -66.11 40.16
N ALA WA 190 -46.64 -66.48 41.42
CA ALA WA 190 -47.47 -66.06 42.54
C ALA WA 190 -46.68 -65.71 43.80
N GLY WA 191 -45.42 -65.32 43.67
CA GLY WA 191 -44.55 -65.15 44.82
C GLY WA 191 -43.60 -63.98 44.74
N ASN WA 192 -44.01 -62.91 44.07
CA ASN WA 192 -43.13 -61.77 43.88
C ASN WA 192 -42.80 -61.09 45.21
N VAL WA 193 -41.70 -60.38 45.21
CA VAL WA 193 -41.13 -59.78 46.41
C VAL WA 193 -41.73 -58.41 46.64
N ASP WA 194 -41.89 -58.06 47.90
CA ASP WA 194 -42.52 -56.80 48.26
C ASP WA 194 -41.53 -55.66 48.13
N HIS WA 195 -41.95 -54.62 47.43
CA HIS WA 195 -41.24 -53.36 47.41
C HIS WA 195 -41.79 -52.45 48.49
N VAL WA 196 -40.97 -51.50 48.91
CA VAL WA 196 -41.21 -50.74 50.12
C VAL WA 196 -40.77 -49.31 49.87
N GLY WA 197 -41.22 -48.40 50.74
CA GLY WA 197 -40.93 -47.00 50.51
C GLY WA 197 -41.90 -45.92 50.91
N LEU WA 198 -42.95 -46.20 51.68
CA LEU WA 198 -43.74 -45.09 52.20
C LEU WA 198 -44.34 -45.38 53.57
N GLY WA 199 -44.20 -44.42 54.45
CA GLY WA 199 -44.87 -44.42 55.73
C GLY WA 199 -45.48 -43.07 56.00
N THR WA 200 -46.61 -43.09 56.70
CA THR WA 200 -47.45 -41.93 56.88
C THR WA 200 -47.75 -41.69 58.34
N ALA WA 201 -48.17 -40.47 58.63
CA ALA WA 201 -48.67 -40.08 59.95
C ALA WA 201 -49.75 -39.04 59.76
N PHE WA 202 -50.98 -39.42 60.06
CA PHE WA 202 -52.13 -38.56 59.92
C PHE WA 202 -52.62 -38.11 61.29
N GLU WA 203 -52.93 -36.83 61.39
CA GLU WA 203 -53.44 -36.27 62.63
C GLU WA 203 -54.91 -36.61 62.77
N ASN WA 204 -55.27 -37.17 63.92
CA ASN WA 204 -56.63 -37.61 64.15
C ASN WA 204 -57.57 -36.43 64.30
N SER WA 205 -58.86 -36.72 64.25
CA SER WA 205 -59.89 -35.70 64.22
C SER WA 205 -61.17 -36.26 64.83
N ILE WA 206 -62.11 -35.35 65.11
CA ILE WA 206 -63.41 -35.74 65.61
C ILE WA 206 -64.21 -36.45 64.53
N TYR WA 207 -63.97 -36.11 63.27
CA TYR WA 207 -64.65 -36.71 62.14
C TYR WA 207 -63.76 -37.73 61.47
N ASP WA 208 -64.40 -38.67 60.77
CA ASP WA 208 -63.66 -39.67 60.02
C ASP WA 208 -63.07 -39.07 58.77
N GLN WA 209 -61.79 -39.39 58.52
CA GLN WA 209 -61.06 -38.90 57.36
C GLN WA 209 -60.82 -40.08 56.43
N GLU WA 210 -61.51 -40.10 55.30
CA GLU WA 210 -61.39 -41.16 54.32
C GLU WA 210 -60.57 -40.68 53.13
N TYR WA 211 -59.89 -41.62 52.50
CA TYR WA 211 -59.05 -41.37 51.33
C TYR WA 211 -59.19 -42.53 50.36
N ASN WA 212 -59.09 -42.21 49.07
CA ASN WA 212 -58.98 -43.19 48.00
C ASN WA 212 -57.55 -43.10 47.49
N ILE WA 213 -56.75 -44.12 47.76
CA ILE WA 213 -55.33 -44.10 47.45
C ILE WA 213 -55.12 -44.82 46.13
N ARG WA 214 -54.51 -44.11 45.19
CA ARG WA 214 -54.20 -44.64 43.85
C ARG WA 214 -52.69 -44.73 43.73
N VAL WA 215 -52.18 -45.95 43.67
CA VAL WA 215 -50.77 -46.22 43.48
C VAL WA 215 -50.55 -46.54 42.01
N THR WA 216 -49.56 -45.89 41.43
CA THR WA 216 -49.18 -46.09 40.04
C THR WA 216 -47.71 -46.47 40.03
N MET WA 217 -47.40 -47.66 39.52
CA MET WA 217 -46.04 -48.13 39.39
C MET WA 217 -45.59 -48.03 37.95
N TYR WA 218 -44.44 -47.41 37.75
CA TYR WA 218 -43.81 -47.29 36.45
C TYR WA 218 -42.73 -48.35 36.35
N VAL WA 219 -42.99 -49.38 35.56
CA VAL WA 219 -42.17 -50.58 35.54
C VAL WA 219 -41.48 -50.67 34.20
N GLN WA 220 -40.50 -51.57 34.13
CA GLN WA 220 -39.69 -51.80 32.95
C GLN WA 220 -39.44 -53.29 32.87
N PHE WA 221 -39.98 -53.92 31.84
CA PHE WA 221 -39.87 -55.35 31.63
C PHE WA 221 -38.77 -55.67 30.63
N ARG WA 222 -38.49 -56.96 30.48
CA ARG WA 222 -37.42 -57.43 29.63
C ARG WA 222 -37.71 -58.86 29.21
N GLU WA 223 -37.25 -59.21 28.01
CA GLU WA 223 -37.29 -60.57 27.48
C GLU WA 223 -38.73 -61.07 27.34
N PHE WA 224 -39.40 -60.48 26.36
CA PHE WA 224 -40.66 -60.98 25.83
C PHE WA 224 -40.61 -62.48 25.64
N ASN WA 225 -41.52 -63.20 26.28
CA ASN WA 225 -41.47 -64.65 26.38
C ASN WA 225 -42.81 -65.28 26.11
N LEU WA 226 -43.51 -64.79 25.09
CA LEU WA 226 -44.80 -65.34 24.77
C LEU WA 226 -44.66 -66.77 24.27
N LYS WA 227 -45.62 -67.61 24.64
CA LYS WA 227 -45.66 -69.01 24.24
C LYS WA 227 -46.94 -69.25 23.45
N ASP WA 228 -46.79 -69.83 22.26
CA ASP WA 228 -47.89 -69.99 21.31
C ASP WA 228 -48.02 -71.47 20.95
N PRO WA 229 -48.72 -72.25 21.77
CA PRO WA 229 -49.00 -73.62 21.38
C PRO WA 229 -50.08 -73.67 20.31
N PRO WA 230 -50.26 -74.82 19.66
CA PRO WA 230 -51.37 -74.94 18.71
C PRO WA 230 -52.72 -74.96 19.39
N LEU WA 231 -53.78 -75.11 18.60
CA LEU WA 231 -55.14 -75.09 19.10
C LEU WA 231 -56.01 -76.12 18.38
N GLY XA 43 -16.92 -28.91 63.64
CA GLY XA 43 -17.79 -29.92 63.07
C GLY XA 43 -19.23 -29.47 62.96
N ILE XA 44 -19.51 -28.74 61.90
CA ILE XA 44 -20.80 -28.08 61.72
C ILE XA 44 -21.81 -29.09 61.23
N PHE XA 45 -23.05 -28.92 61.70
CA PHE XA 45 -24.17 -29.73 61.23
C PHE XA 45 -25.42 -28.86 61.31
N ASN XA 46 -25.85 -28.34 60.18
CA ASN XA 46 -27.10 -27.61 60.09
C ASN XA 46 -28.24 -28.60 59.91
N THR XA 47 -29.26 -28.49 60.77
CA THR XA 47 -30.43 -29.33 60.67
C THR XA 47 -31.68 -28.51 60.99
N ARG XA 48 -32.78 -29.22 61.21
CA ARG XA 48 -34.10 -28.63 61.37
C ARG XA 48 -34.86 -29.43 62.39
N LEU XA 49 -35.38 -28.74 63.40
CA LEU XA 49 -36.12 -29.34 64.50
C LEU XA 49 -37.48 -28.67 64.59
N SER XA 50 -38.52 -29.48 64.81
CA SER XA 50 -39.89 -29.02 64.82
C SER XA 50 -40.59 -29.46 66.10
N ARG XA 51 -41.78 -28.90 66.28
CA ARG XA 51 -42.59 -29.04 67.48
C ARG XA 51 -43.95 -28.45 67.17
N THR XA 52 -44.99 -29.09 67.68
CA THR XA 52 -46.37 -28.70 67.38
C THR XA 52 -47.17 -28.63 68.67
N PHE XA 53 -48.01 -27.60 68.77
CA PHE XA 53 -48.82 -27.39 69.94
C PHE XA 53 -50.01 -26.51 69.56
N GLY XA 54 -50.96 -26.41 70.48
CA GLY XA 54 -52.19 -25.70 70.24
C GLY XA 54 -52.30 -24.34 70.90
N TYR XA 55 -53.15 -23.50 70.33
CA TYR XA 55 -53.47 -22.18 70.87
C TYR XA 55 -54.91 -21.86 70.49
N THR XA 56 -55.68 -21.43 71.47
CA THR XA 56 -57.09 -21.11 71.28
C THR XA 56 -57.38 -19.71 71.79
N ILE XA 57 -58.19 -18.98 71.03
CA ILE XA 57 -58.72 -17.69 71.41
C ILE XA 57 -60.19 -17.93 71.74
N LYS XA 58 -60.50 -17.92 73.03
CA LYS XA 58 -61.85 -18.20 73.47
C LYS XA 58 -62.81 -17.10 73.04
N ARG XA 59 -64.09 -17.46 72.99
CA ARG XA 59 -65.14 -16.55 72.57
C ARG XA 59 -65.39 -15.48 73.64
N THR XA 60 -66.01 -14.39 73.19
CA THR XA 60 -66.38 -13.28 74.06
C THR XA 60 -67.72 -12.71 73.62
N THR XA 61 -68.57 -12.40 74.60
CA THR XA 61 -69.82 -11.71 74.34
C THR XA 61 -69.64 -10.22 74.10
N VAL XA 62 -68.42 -9.70 74.26
CA VAL XA 62 -68.16 -8.28 74.03
C VAL XA 62 -68.50 -7.91 72.60
N LYS XA 63 -69.16 -6.77 72.44
CA LYS XA 63 -69.60 -6.33 71.12
C LYS XA 63 -68.50 -5.61 70.36
N THR XA 64 -67.68 -4.85 71.06
CA THR XA 64 -66.65 -4.04 70.43
C THR XA 64 -65.61 -4.91 69.76
N PRO XA 65 -64.78 -4.33 68.90
CA PRO XA 65 -63.60 -5.05 68.43
C PRO XA 65 -62.50 -4.98 69.48
N SER XA 66 -62.26 -6.10 70.14
CA SER XA 66 -61.19 -6.25 71.10
C SER XA 66 -60.22 -7.30 70.61
N TRP XA 67 -58.99 -7.22 71.10
CA TRP XA 67 -57.92 -8.11 70.71
C TRP XA 67 -57.38 -8.87 71.92
N ALA XA 68 -56.94 -10.09 71.63
CA ALA XA 68 -56.34 -10.97 72.61
C ALA XA 68 -54.84 -11.03 72.37
N VAL XA 69 -54.09 -10.65 73.37
CA VAL XA 69 -52.64 -10.53 73.27
C VAL XA 69 -51.99 -11.71 73.97
N ASP XA 70 -50.92 -12.21 73.38
CA ASP XA 70 -50.16 -13.31 73.97
C ASP XA 70 -48.75 -13.25 73.42
N MET XA 71 -47.88 -14.02 74.06
CA MET XA 71 -46.46 -14.06 73.77
C MET XA 71 -46.03 -15.45 73.34
N MET XA 72 -44.82 -15.53 72.81
CA MET XA 72 -44.28 -16.78 72.31
C MET XA 72 -42.77 -16.76 72.41
N ARG XA 73 -42.22 -17.62 73.26
CA ARG XA 73 -40.79 -17.84 73.41
C ARG XA 73 -40.41 -19.17 72.78
N PHE XA 74 -39.11 -19.37 72.60
CA PHE XA 74 -38.57 -20.57 72.00
C PHE XA 74 -37.39 -21.07 72.81
N ASN XA 75 -37.45 -22.31 73.24
CA ASN XA 75 -36.36 -22.98 73.94
C ASN XA 75 -36.06 -24.29 73.25
N ILE XA 76 -34.78 -24.68 73.30
CA ILE XA 76 -34.33 -25.88 72.62
C ILE XA 76 -34.63 -27.15 73.39
N ASN XA 77 -34.99 -27.06 74.67
CA ASN XA 77 -35.39 -28.25 75.40
C ASN XA 77 -36.68 -28.83 74.86
N ASP XA 78 -37.55 -27.99 74.33
CA ASP XA 78 -38.82 -28.43 73.78
C ASP XA 78 -38.69 -29.07 72.41
N PHE XA 79 -37.54 -28.92 71.77
CA PHE XA 79 -37.28 -29.51 70.46
C PHE XA 79 -36.29 -30.66 70.52
N LEU XA 80 -35.35 -30.61 71.45
CA LEU XA 80 -34.29 -31.60 71.58
C LEU XA 80 -34.46 -32.37 72.89
N PRO XA 81 -34.81 -33.65 72.88
CA PRO XA 81 -35.02 -34.33 74.14
C PRO XA 81 -33.71 -34.68 74.81
N PRO XA 82 -33.76 -35.15 76.05
CA PRO XA 82 -32.54 -35.67 76.67
C PRO XA 82 -32.13 -36.99 76.07
N GLY XA 83 -30.83 -37.22 76.04
CA GLY XA 83 -30.30 -38.43 75.46
C GLY XA 83 -30.30 -39.58 76.42
N GLY XA 84 -29.25 -40.38 76.38
CA GLY XA 84 -29.12 -41.52 77.25
C GLY XA 84 -27.69 -41.96 77.43
N GLY XA 85 -27.31 -42.18 78.68
CA GLY XA 85 -25.97 -42.61 79.00
C GLY XA 85 -25.00 -41.47 79.14
N SER XA 86 -23.79 -41.68 78.62
CA SER XA 86 -22.75 -40.66 78.71
C SER XA 86 -23.04 -39.46 77.82
N ASN XA 87 -23.95 -39.59 76.87
CA ASN XA 87 -24.37 -38.48 76.03
C ASN XA 87 -25.60 -37.84 76.64
N PRO XA 88 -25.51 -36.63 77.20
CA PRO XA 88 -26.68 -36.09 77.90
C PRO XA 88 -27.82 -35.68 76.99
N ARG XA 89 -27.55 -35.43 75.71
CA ARG XA 89 -28.54 -35.01 74.75
C ARG XA 89 -28.58 -35.98 73.58
N SER XA 90 -29.68 -35.92 72.83
CA SER XA 90 -29.92 -36.87 71.76
C SER XA 90 -29.16 -36.52 70.49
N VAL XA 91 -28.81 -35.26 70.31
CA VAL XA 91 -27.96 -34.80 69.21
C VAL XA 91 -26.56 -34.60 69.78
N PRO XA 92 -25.58 -35.43 69.43
CA PRO XA 92 -24.29 -35.36 70.14
C PRO XA 92 -23.38 -34.23 69.68
N PHE XA 93 -23.69 -33.04 70.16
CA PHE XA 93 -22.89 -31.85 69.88
C PHE XA 93 -22.80 -31.02 71.15
N GLU XA 94 -21.81 -30.14 71.18
CA GLU XA 94 -21.52 -29.31 72.34
C GLU XA 94 -22.19 -27.94 72.26
N TYR XA 95 -22.01 -27.26 71.14
CA TYR XA 95 -22.45 -25.88 70.97
C TYR XA 95 -23.59 -25.81 69.97
N TYR XA 96 -24.32 -24.71 70.02
CA TYR XA 96 -25.40 -24.48 69.09
C TYR XA 96 -25.64 -23.00 68.94
N ARG XA 97 -26.35 -22.64 67.89
CA ARG XA 97 -26.85 -21.28 67.71
C ARG XA 97 -28.02 -21.34 66.75
N ILE XA 98 -29.12 -20.74 67.15
CA ILE XA 98 -30.35 -20.80 66.36
C ILE XA 98 -30.26 -19.76 65.26
N ARG XA 99 -30.39 -20.20 64.01
CA ARG XA 99 -30.27 -19.35 62.85
C ARG XA 99 -31.59 -18.69 62.49
N LYS XA 100 -32.67 -19.49 62.43
CA LYS XA 100 -33.98 -19.01 62.02
C LYS XA 100 -35.03 -19.81 62.76
N VAL XA 101 -36.23 -19.25 62.82
CA VAL XA 101 -37.41 -19.93 63.30
C VAL XA 101 -38.55 -19.63 62.34
N LYS XA 102 -39.38 -20.64 62.11
CA LYS XA 102 -40.58 -20.55 61.30
C LYS XA 102 -41.76 -20.93 62.18
N VAL XA 103 -42.56 -19.94 62.53
CA VAL XA 103 -43.80 -20.15 63.26
C VAL XA 103 -44.93 -20.18 62.25
N GLU XA 104 -45.69 -21.27 62.27
CA GLU XA 104 -46.79 -21.50 61.35
C GLU XA 104 -48.07 -21.64 62.17
N PHE XA 105 -49.01 -20.74 61.95
CA PHE XA 105 -50.35 -20.85 62.53
C PHE XA 105 -51.22 -21.59 61.53
N TRP XA 106 -51.37 -22.89 61.78
CA TRP XA 106 -52.24 -23.70 60.95
C TRP XA 106 -53.65 -23.65 61.53
N PRO XA 107 -54.65 -23.17 60.79
CA PRO XA 107 -55.98 -23.04 61.38
C PRO XA 107 -56.64 -24.37 61.62
N CYS XA 108 -57.57 -24.34 62.57
CA CYS XA 108 -58.41 -25.47 62.91
C CYS XA 108 -59.87 -25.23 62.58
N SER XA 109 -60.20 -24.09 62.02
CA SER XA 109 -61.56 -23.63 61.85
C SER XA 109 -61.98 -23.74 60.39
N PRO XA 110 -63.26 -23.97 60.13
CA PRO XA 110 -63.71 -24.13 58.75
C PRO XA 110 -63.71 -22.81 58.00
N ILE XA 111 -63.71 -22.92 56.68
CA ILE XA 111 -63.76 -21.72 55.85
C ILE XA 111 -65.13 -21.08 55.81
N THR XA 112 -66.14 -21.70 56.41
CA THR XA 112 -67.47 -21.13 56.52
C THR XA 112 -67.67 -20.34 57.79
N GLN XA 113 -66.67 -20.22 58.65
CA GLN XA 113 -66.84 -19.56 59.93
C GLN XA 113 -66.89 -18.06 59.70
N GLY XA 114 -67.85 -17.40 60.35
CA GLY XA 114 -68.03 -15.99 60.25
C GLY XA 114 -67.42 -15.24 61.40
N ASP XA 115 -67.82 -13.97 61.53
CA ASP XA 115 -67.28 -13.07 62.53
C ASP XA 115 -65.77 -12.97 62.37
N ARG XA 116 -65.33 -12.86 61.13
CA ARG XA 116 -63.92 -12.79 60.83
C ARG XA 116 -63.30 -11.52 61.41
N GLY XA 117 -61.98 -11.51 61.44
CA GLY XA 117 -61.25 -10.45 62.08
C GLY XA 117 -59.90 -10.21 61.45
N VAL XA 118 -59.11 -9.33 62.07
CA VAL XA 118 -57.81 -8.96 61.55
C VAL XA 118 -56.90 -8.63 62.73
N GLY XA 119 -55.74 -9.26 62.74
CA GLY XA 119 -54.78 -9.13 63.82
C GLY XA 119 -53.40 -8.79 63.33
N SER XA 120 -52.42 -9.01 64.19
CA SER XA 120 -51.05 -8.60 63.90
C SER XA 120 -50.08 -9.48 64.66
N SER XA 121 -48.98 -9.83 64.00
CA SER XA 121 -47.87 -10.55 64.61
C SER XA 121 -46.61 -9.74 64.42
N ALA XA 122 -45.88 -9.53 65.52
CA ALA XA 122 -44.67 -8.74 65.51
C ALA XA 122 -43.53 -9.52 66.16
N VAL XA 123 -42.32 -9.07 65.87
CA VAL XA 123 -41.09 -9.73 66.30
C VAL XA 123 -40.50 -8.92 67.45
N ILE XA 124 -40.35 -9.58 68.60
CA ILE XA 124 -39.99 -8.92 69.85
C ILE XA 124 -38.77 -9.65 70.40
N LEU XA 125 -37.59 -9.09 70.20
CA LEU XA 125 -36.33 -9.75 70.45
C LEU XA 125 -35.74 -9.44 71.82
N ASP XA 126 -36.55 -9.11 72.84
CA ASP XA 126 -36.01 -8.60 74.09
C ASP XA 126 -36.73 -9.04 75.36
N ASP XA 127 -37.74 -9.90 75.28
CA ASP XA 127 -38.37 -10.47 76.47
C ASP XA 127 -39.16 -9.42 77.26
N ASN XA 128 -39.64 -8.38 76.57
CA ASN XA 128 -40.57 -7.43 77.16
C ASN XA 128 -41.69 -7.29 76.15
N PHE XA 129 -42.70 -8.13 76.32
CA PHE XA 129 -43.88 -8.16 75.49
C PHE XA 129 -44.95 -7.23 76.04
N VAL XA 130 -45.90 -6.90 75.19
CA VAL XA 130 -47.13 -6.29 75.67
C VAL XA 130 -47.80 -7.27 76.62
N THR XA 131 -48.37 -6.75 77.69
CA THR XA 131 -48.95 -7.58 78.72
C THR XA 131 -50.06 -8.45 78.12
N LYS XA 132 -50.11 -9.70 78.59
CA LYS XA 132 -51.14 -10.61 78.13
C LYS XA 132 -52.52 -10.10 78.51
N ALA XA 133 -53.41 -10.04 77.53
CA ALA XA 133 -54.73 -9.49 77.69
C ALA XA 133 -55.75 -10.39 77.01
N THR XA 134 -56.95 -10.41 77.56
CA THR XA 134 -58.05 -11.19 77.01
C THR XA 134 -58.84 -10.39 75.99
N ALA XA 135 -59.25 -9.17 76.35
CA ALA XA 135 -60.01 -8.29 75.45
C ALA XA 135 -59.47 -6.88 75.63
N LEU XA 136 -58.45 -6.54 74.85
CA LEU XA 136 -57.89 -5.20 74.82
C LEU XA 136 -58.53 -4.40 73.70
N THR XA 137 -58.76 -3.12 73.95
CA THR XA 137 -59.52 -2.26 73.06
C THR XA 137 -58.77 -1.83 71.81
N TYR XA 138 -57.59 -2.35 71.55
CA TYR XA 138 -56.82 -1.96 70.39
C TYR XA 138 -55.79 -3.05 70.10
N ASP XA 139 -55.21 -2.98 68.91
CA ASP XA 139 -54.15 -3.89 68.50
C ASP XA 139 -52.81 -3.25 68.80
N PRO XA 140 -52.07 -3.69 69.82
CA PRO XA 140 -50.82 -3.00 70.14
C PRO XA 140 -49.75 -3.19 69.12
N TYR XA 141 -49.71 -4.34 68.45
CA TYR XA 141 -48.67 -4.69 67.52
C TYR XA 141 -48.94 -4.20 66.11
N VAL XA 142 -49.86 -3.25 65.94
CA VAL XA 142 -50.28 -2.87 64.61
C VAL XA 142 -49.30 -1.90 63.98
N ASN XA 143 -48.77 -0.97 64.76
CA ASN XA 143 -47.85 0.03 64.26
C ASN XA 143 -46.40 -0.40 64.34
N TYR XA 144 -46.14 -1.64 64.74
CA TYR XA 144 -44.79 -2.14 64.77
C TYR XA 144 -44.23 -2.32 63.38
N SER XA 145 -42.94 -2.03 63.22
CA SER XA 145 -42.28 -2.14 61.94
C SER XA 145 -42.23 -3.58 61.45
N SER XA 146 -42.33 -4.55 62.34
CA SER XA 146 -42.33 -5.96 61.99
C SER XA 146 -43.71 -6.58 62.01
N ARG XA 147 -44.74 -5.77 61.84
CA ARG XA 147 -46.10 -6.27 61.87
C ARG XA 147 -46.44 -6.92 60.54
N HIS XA 148 -47.01 -8.11 60.62
CA HIS XA 148 -47.67 -8.77 59.51
C HIS XA 148 -49.11 -8.97 59.91
N THR XA 149 -50.01 -8.73 58.97
CA THR XA 149 -51.43 -8.88 59.24
C THR XA 149 -51.80 -10.35 59.36
N ILE XA 150 -52.61 -10.65 60.35
CA ILE XA 150 -53.19 -11.97 60.55
C ILE XA 150 -54.64 -11.86 60.13
N THR XA 151 -54.97 -12.48 59.00
CA THR XA 151 -56.35 -12.75 58.66
C THR XA 151 -56.85 -13.93 59.48
N GLN XA 152 -58.05 -13.78 60.02
CA GLN XA 152 -58.65 -14.76 60.91
C GLN XA 152 -59.99 -15.19 60.37
N PRO XA 153 -60.49 -16.37 60.75
CA PRO XA 153 -59.92 -17.44 61.57
C PRO XA 153 -59.33 -18.59 60.79
N PHE XA 154 -59.64 -18.67 59.50
CA PHE XA 154 -59.38 -19.85 58.68
C PHE XA 154 -58.21 -19.64 57.72
N SER XA 155 -57.27 -18.79 58.08
CA SER XA 155 -56.19 -18.42 57.19
C SER XA 155 -54.85 -18.73 57.83
N TYR XA 156 -53.91 -19.14 57.00
CA TYR XA 156 -52.58 -19.52 57.42
C TYR XA 156 -51.69 -18.29 57.55
N HIS XA 157 -50.87 -18.30 58.58
CA HIS XA 157 -49.96 -17.21 58.90
C HIS XA 157 -48.61 -17.79 59.24
N SER XA 158 -47.59 -17.37 58.51
CA SER XA 158 -46.21 -17.78 58.75
C SER XA 158 -45.37 -16.56 59.09
N ARG XA 159 -44.36 -16.78 59.92
CA ARG XA 159 -43.37 -15.77 60.25
C ARG XA 159 -42.01 -16.45 60.29
N TYR XA 160 -41.07 -15.92 59.54
CA TYR XA 160 -39.73 -16.48 59.39
C TYR XA 160 -38.72 -15.40 59.76
N PHE XA 161 -37.98 -15.63 60.83
CA PHE XA 161 -37.12 -14.60 61.38
C PHE XA 161 -36.01 -15.26 62.16
N THR XA 162 -35.08 -14.44 62.64
CA THR XA 162 -33.92 -14.85 63.40
C THR XA 162 -34.09 -14.45 64.86
N PRO XA 163 -34.27 -15.39 65.79
CA PRO XA 163 -34.46 -14.99 67.17
C PRO XA 163 -33.18 -14.58 67.84
N LYS XA 164 -33.27 -14.18 69.10
CA LYS XA 164 -32.13 -13.73 69.87
C LYS XA 164 -32.23 -14.34 71.26
N PRO XA 165 -31.12 -14.72 71.88
CA PRO XA 165 -31.19 -15.28 73.22
C PRO XA 165 -31.25 -14.23 74.31
N VAL XA 166 -31.78 -14.67 75.45
CA VAL XA 166 -31.94 -13.81 76.62
C VAL XA 166 -30.69 -13.99 77.46
N LEU XA 167 -29.69 -13.17 77.18
CA LEU XA 167 -28.43 -13.22 77.90
C LEU XA 167 -28.53 -12.45 79.21
N ASP XA 168 -29.11 -11.26 79.20
CA ASP XA 168 -29.36 -10.48 80.40
C ASP XA 168 -30.73 -9.85 80.27
N SER XA 169 -31.68 -10.33 81.07
CA SER XA 169 -33.03 -9.80 81.05
C SER XA 169 -33.12 -8.42 81.66
N THR XA 170 -32.13 -8.02 82.46
CA THR XA 170 -32.13 -6.69 83.07
C THR XA 170 -31.80 -5.60 82.06
N ILE XA 171 -30.85 -5.88 81.17
CA ILE XA 171 -30.38 -4.90 80.20
C ILE XA 171 -31.02 -5.17 78.84
N ASP XA 172 -31.24 -6.45 78.55
CA ASP XA 172 -31.92 -6.88 77.33
C ASP XA 172 -31.17 -6.38 76.09
N TYR XA 173 -29.95 -6.90 75.93
CA TYR XA 173 -29.11 -6.59 74.78
C TYR XA 173 -29.07 -7.79 73.84
N PHE XA 174 -28.96 -7.49 72.54
CA PHE XA 174 -28.90 -8.52 71.53
C PHE XA 174 -28.07 -8.03 70.36
N GLN XA 175 -27.69 -8.95 69.56
CA GLN XA 175 -26.84 -8.73 68.41
C GLN XA 175 -27.67 -8.48 67.17
N PRO XA 176 -27.17 -7.70 66.22
CA PRO XA 176 -27.81 -7.67 64.91
C PRO XA 176 -27.56 -8.92 64.11
N ASN XA 177 -28.21 -9.03 62.97
CA ASN XA 177 -28.14 -10.24 62.17
C ASN XA 177 -26.80 -10.31 61.46
N ASN XA 178 -26.00 -11.32 61.79
CA ASN XA 178 -24.72 -11.55 61.15
C ASN XA 178 -24.44 -13.03 61.29
N LYS XA 179 -24.42 -13.75 60.18
CA LYS XA 179 -24.21 -15.18 60.26
C LYS XA 179 -22.81 -15.51 60.74
N ARG XA 180 -21.84 -14.66 60.46
CA ARG XA 180 -20.45 -14.95 60.79
C ARG XA 180 -20.10 -14.63 62.23
N ASN XA 181 -20.83 -13.67 62.84
CA ASN XA 181 -20.52 -13.19 64.17
C ASN XA 181 -21.52 -13.65 65.22
N GLN XA 182 -22.50 -14.47 64.86
CA GLN XA 182 -23.50 -14.92 65.81
C GLN XA 182 -22.85 -15.78 66.89
N LEU XA 183 -23.23 -15.52 68.12
CA LEU XA 183 -22.66 -16.21 69.26
C LEU XA 183 -23.04 -17.68 69.25
N TRP XA 184 -22.11 -18.51 69.70
CA TRP XA 184 -22.35 -19.90 69.96
C TRP XA 184 -22.70 -20.05 71.43
N LEU XA 185 -23.83 -20.67 71.71
CA LEU XA 185 -24.21 -21.04 73.05
C LEU XA 185 -23.87 -22.50 73.28
N ARG XA 186 -23.88 -22.90 74.54
CA ARG XA 186 -23.68 -24.28 74.92
C ARG XA 186 -25.02 -24.99 74.99
N LEU XA 187 -25.03 -26.21 74.48
CA LEU XA 187 -26.17 -27.10 74.60
C LEU XA 187 -26.11 -27.73 75.98
N GLN XA 188 -26.81 -27.09 76.92
CA GLN XA 188 -26.85 -27.56 78.29
C GLN XA 188 -27.63 -28.85 78.38
N THR XA 189 -27.61 -29.44 79.57
CA THR XA 189 -28.30 -30.70 79.80
C THR XA 189 -29.79 -30.49 80.05
N ALA XA 190 -30.14 -29.62 81.01
CA ALA XA 190 -31.54 -29.34 81.30
C ALA XA 190 -31.81 -27.87 81.64
N GLY XA 191 -30.98 -26.95 81.16
CA GLY XA 191 -31.08 -25.56 81.57
C GLY XA 191 -30.82 -24.55 80.48
N ASN XA 192 -31.17 -24.88 79.25
CA ASN XA 192 -30.90 -24.00 78.13
C ASN XA 192 -31.68 -22.69 78.25
N VAL XA 193 -31.17 -21.68 77.58
CA VAL XA 193 -31.67 -20.32 77.68
C VAL XA 193 -32.79 -20.11 76.68
N ASP XA 194 -33.76 -19.28 77.06
CA ASP XA 194 -34.93 -19.05 76.24
C ASP XA 194 -34.60 -18.06 75.14
N HIS XA 195 -34.94 -18.43 73.92
CA HIS XA 195 -34.92 -17.50 72.80
C HIS XA 195 -36.30 -16.89 72.64
N VAL XA 196 -36.33 -15.72 72.02
CA VAL XA 196 -37.48 -14.85 72.04
C VAL XA 196 -37.61 -14.20 70.67
N GLY XA 197 -38.79 -13.64 70.39
CA GLY XA 197 -39.02 -13.10 69.07
C GLY XA 197 -40.39 -13.13 68.43
N LEU XA 198 -41.46 -13.47 69.14
CA LEU XA 198 -42.78 -13.29 68.54
C LEU XA 198 -43.85 -12.94 69.55
N GLY XA 199 -44.64 -11.93 69.19
CA GLY XA 199 -45.83 -11.59 69.93
C GLY XA 199 -46.98 -11.36 68.97
N THR XA 200 -48.17 -11.70 69.44
CA THR XA 200 -49.36 -11.76 68.59
C THR XA 200 -50.49 -10.95 69.20
N ALA XA 201 -51.45 -10.62 68.35
CA ALA XA 201 -52.70 -9.99 68.77
C ALA XA 201 -53.79 -10.50 67.86
N PHE XA 202 -54.70 -11.29 68.41
CA PHE XA 202 -55.81 -11.87 67.69
C PHE XA 202 -57.11 -11.17 68.07
N GLU XA 203 -57.91 -10.87 67.07
CA GLU XA 203 -59.20 -10.24 67.28
C GLU XA 203 -60.21 -11.28 67.74
N ASN XA 204 -60.88 -10.99 68.85
CA ASN XA 204 -61.80 -11.93 69.44
C ASN XA 204 -63.05 -12.08 68.57
N SER XA 205 -63.84 -13.09 68.87
CA SER XA 205 -64.99 -13.46 68.07
C SER XA 205 -66.02 -14.15 68.94
N ILE XA 206 -67.23 -14.29 68.38
CA ILE XA 206 -68.29 -15.01 69.06
C ILE XA 206 -67.97 -16.49 69.14
N TYR XA 207 -67.23 -17.01 68.17
CA TYR XA 207 -66.85 -18.41 68.10
C TYR XA 207 -65.42 -18.59 68.56
N ASP XA 208 -65.12 -19.79 69.01
CA ASP XA 208 -63.76 -20.11 69.42
C ASP XA 208 -62.87 -20.28 68.20
N GLN XA 209 -61.68 -19.69 68.24
CA GLN XA 209 -60.70 -19.74 67.17
C GLN XA 209 -59.52 -20.59 67.66
N GLU XA 210 -59.39 -21.79 67.12
CA GLU XA 210 -58.32 -22.70 67.47
C GLU XA 210 -57.26 -22.73 66.39
N TYR XA 211 -56.03 -22.99 66.81
CA TYR XA 211 -54.88 -23.07 65.92
C TYR XA 211 -53.96 -24.18 66.39
N ASN XA 212 -53.31 -24.82 65.41
CA ASN XA 212 -52.23 -25.76 65.67
C ASN XA 212 -50.94 -25.08 65.23
N ILE XA 213 -50.10 -24.72 66.18
CA ILE XA 213 -48.91 -23.93 65.90
C ILE XA 213 -47.73 -24.87 65.80
N ARG XA 214 -47.04 -24.81 64.66
CA ARG XA 214 -45.87 -25.63 64.38
C ARG XA 214 -44.67 -24.70 64.29
N VAL XA 215 -43.78 -24.82 65.26
CA VAL XA 215 -42.53 -24.06 65.29
C VAL XA 215 -41.44 -24.95 64.77
N THR XA 216 -40.66 -24.42 63.84
CA THR XA 216 -39.52 -25.10 63.25
C THR XA 216 -38.29 -24.24 63.46
N MET XA 217 -37.31 -24.77 64.17
CA MET XA 217 -36.05 -24.08 64.42
C MET XA 217 -34.96 -24.64 63.54
N TYR XA 218 -34.27 -23.76 62.83
CA TYR XA 218 -33.14 -24.12 62.00
C TYR XA 218 -31.87 -23.80 62.77
N VAL XA 219 -31.20 -24.85 63.23
CA VAL XA 219 -30.11 -24.73 64.18
C VAL XA 219 -28.81 -25.13 63.50
N GLN XA 220 -27.72 -24.81 64.17
CA GLN XA 220 -26.37 -25.08 63.67
C GLN XA 220 -25.55 -25.50 64.88
N PHE XA 221 -25.09 -26.74 64.88
CA PHE XA 221 -24.32 -27.30 65.97
C PHE XA 221 -22.83 -27.29 65.64
N ARG XA 222 -22.03 -27.64 66.63
CA ARG XA 222 -20.59 -27.61 66.50
C ARG XA 222 -19.97 -28.58 67.50
N GLU XA 223 -18.84 -29.15 67.13
CA GLU XA 223 -18.01 -29.99 68.00
C GLU XA 223 -18.77 -31.24 68.44
N PHE XA 224 -18.95 -32.12 67.46
CA PHE XA 224 -19.36 -33.50 67.67
C PHE XA 224 -18.60 -34.12 68.83
N ASN XA 225 -19.35 -34.58 69.84
CA ASN XA 225 -18.76 -34.99 71.12
C ASN XA 225 -19.32 -36.32 71.59
N LEU XA 226 -19.47 -37.26 70.67
CA LEU XA 226 -19.99 -38.55 71.05
C LEU XA 226 -19.02 -39.27 71.98
N LYS XA 227 -19.59 -39.99 72.95
CA LYS XA 227 -18.82 -40.77 73.90
C LYS XA 227 -19.21 -42.23 73.78
N ASP XA 228 -18.21 -43.08 73.62
CA ASP XA 228 -18.40 -44.50 73.32
C ASP XA 228 -17.69 -45.33 74.38
N PRO XA 229 -18.33 -45.58 75.51
CA PRO XA 229 -17.77 -46.49 76.49
C PRO XA 229 -17.92 -47.93 76.04
N PRO XA 230 -17.22 -48.87 76.67
CA PRO XA 230 -17.44 -50.28 76.34
C PRO XA 230 -18.80 -50.78 76.80
N LEU XA 231 -19.06 -52.07 76.56
CA LEU XA 231 -20.33 -52.68 76.91
C LEU XA 231 -20.14 -54.10 77.45
N GLY YA 43 28.52 -9.19 -65.45
CA GLY YA 43 29.82 -9.59 -64.94
C GLY YA 43 30.76 -8.43 -64.75
N ILE YA 44 30.59 -7.75 -63.62
CA ILE YA 44 31.31 -6.51 -63.36
C ILE YA 44 32.73 -6.81 -62.92
N PHE YA 45 33.65 -5.95 -63.33
CA PHE YA 45 35.04 -6.03 -62.91
C PHE YA 45 35.59 -4.60 -62.89
N ASN YA 46 35.69 -4.03 -61.70
CA ASN YA 46 36.32 -2.75 -61.52
C ASN YA 46 37.82 -2.94 -61.38
N THR YA 47 38.59 -2.21 -62.20
CA THR YA 47 40.03 -2.26 -62.14
C THR YA 47 40.60 -0.87 -62.35
N ARG YA 48 41.90 -0.81 -62.60
CA ARG YA 48 42.67 0.42 -62.67
C ARG YA 48 43.73 0.28 -63.74
N LEU YA 49 43.75 1.22 -64.67
CA LEU YA 49 44.67 1.23 -65.79
C LEU YA 49 45.42 2.55 -65.79
N SER YA 50 46.72 2.48 -66.05
CA SER YA 50 47.61 3.61 -65.98
C SER YA 50 48.41 3.76 -67.26
N ARG YA 51 49.08 4.90 -67.36
CA ARG YA 51 49.80 5.33 -68.55
C ARG YA 51 50.60 6.56 -68.16
N THR YA 52 51.82 6.65 -68.68
CA THR YA 52 52.76 7.71 -68.31
C THR YA 52 53.34 8.32 -69.56
N PHE YA 53 53.46 9.65 -69.56
CA PHE YA 53 54.00 10.38 -70.69
C PHE YA 53 54.50 11.74 -70.20
N GLY YA 54 55.21 12.42 -71.08
CA GLY YA 54 55.84 13.68 -70.75
C GLY YA 54 55.16 14.92 -71.28
N TYR YA 55 55.42 16.04 -70.63
CA TYR YA 55 54.93 17.35 -71.04
C TYR YA 55 55.95 18.39 -70.60
N THR YA 56 56.33 19.26 -71.53
CA THR YA 56 57.33 20.28 -71.26
C THR YA 56 56.77 21.65 -71.65
N ILE YA 57 57.05 22.63 -70.81
CA ILE YA 57 56.77 24.03 -71.06
C ILE YA 57 58.11 24.68 -71.37
N LYS YA 58 58.33 24.98 -72.64
CA LYS YA 58 59.61 25.53 -73.07
C LYS YA 58 59.80 26.93 -72.51
N ARG YA 59 61.06 27.35 -72.46
CA ARG YA 59 61.44 28.65 -71.94
C ARG YA 59 61.03 29.76 -72.90
N THR YA 60 60.93 30.97 -72.35
CA THR YA 60 60.61 32.17 -73.11
C THR YA 60 61.41 33.35 -72.59
N THR YA 61 61.92 34.16 -73.51
CA THR YA 61 62.58 35.41 -73.17
C THR YA 61 61.61 36.52 -72.80
N VAL YA 62 60.30 36.28 -72.95
CA VAL YA 62 59.30 37.29 -72.62
C VAL YA 62 59.40 37.65 -71.16
N LYS YA 63 59.33 38.95 -70.87
CA LYS YA 63 59.47 39.46 -69.51
C LYS YA 63 58.17 39.37 -68.72
N THR YA 64 57.05 39.60 -69.39
CA THR YA 64 55.77 39.65 -68.72
C THR YA 64 55.40 38.28 -68.16
N PRO YA 65 54.40 38.23 -67.27
CA PRO YA 65 53.83 36.94 -66.90
C PRO YA 65 52.87 36.47 -67.97
N SER YA 66 53.28 35.47 -68.73
CA SER YA 66 52.45 34.84 -69.73
C SER YA 66 52.24 33.38 -69.36
N TRP YA 67 51.16 32.82 -69.87
CA TRP YA 67 50.77 31.44 -69.59
C TRP YA 67 50.74 30.61 -70.86
N ALA YA 68 51.05 29.35 -70.69
CA ALA YA 68 51.03 28.36 -71.76
C ALA YA 68 49.82 27.45 -71.57
N VAL YA 69 48.95 27.43 -72.56
CA VAL YA 69 47.69 26.71 -72.48
C VAL YA 69 47.79 25.45 -73.31
N ASP YA 70 47.20 24.38 -72.80
CA ASP YA 70 47.17 23.10 -73.49
C ASP YA 70 45.98 22.30 -72.98
N MET YA 71 45.67 21.24 -73.71
CA MET YA 71 44.52 20.40 -73.46
C MET YA 71 44.95 18.98 -73.15
N MET YA 72 44.00 18.19 -72.67
CA MET YA 72 44.26 16.81 -72.29
C MET YA 72 42.99 16.00 -72.43
N ARG YA 73 42.99 15.05 -73.37
CA ARG YA 73 41.92 14.09 -73.57
C ARG YA 73 42.37 12.73 -73.07
N PHE YA 74 41.41 11.82 -72.95
CA PHE YA 74 41.64 10.47 -72.45
C PHE YA 74 40.91 9.48 -73.34
N ASN YA 75 41.66 8.52 -73.88
CA ASN YA 75 41.10 7.42 -74.65
C ASN YA 75 41.60 6.11 -74.09
N ILE YA 76 40.76 5.08 -74.21
CA ILE YA 76 41.07 3.78 -73.64
C ILE YA 76 42.01 2.96 -74.50
N ASN YA 77 42.23 3.35 -75.76
CA ASN YA 77 43.20 2.65 -76.57
C ASN YA 77 44.61 2.84 -76.06
N ASP YA 78 44.87 3.98 -75.42
CA ASP YA 78 46.19 4.28 -74.88
C ASP YA 78 46.47 3.56 -73.58
N PHE YA 79 45.45 2.98 -72.95
CA PHE YA 79 45.59 2.24 -71.71
C PHE YA 79 45.41 0.74 -71.89
N LEU YA 80 44.58 0.34 -72.85
CA LEU YA 80 44.25 -1.06 -73.09
C LEU YA 80 44.78 -1.49 -74.45
N PRO YA 81 45.80 -2.34 -74.54
CA PRO YA 81 46.33 -2.68 -75.84
C PRO YA 81 45.41 -3.65 -76.57
N PRO YA 82 45.69 -3.91 -77.85
CA PRO YA 82 44.95 -4.96 -78.54
C PRO YA 82 45.36 -6.33 -78.06
N GLY YA 83 44.41 -7.24 -78.09
CA GLY YA 83 44.65 -8.59 -77.63
C GLY YA 83 45.28 -9.46 -78.68
N GLY YA 84 44.84 -10.72 -78.73
CA GLY YA 84 45.37 -11.64 -79.70
C GLY YA 84 44.41 -12.78 -79.97
N GLY YA 85 44.20 -13.08 -81.24
CA GLY YA 85 43.32 -14.16 -81.63
C GLY YA 85 41.87 -13.75 -81.70
N SER YA 86 40.98 -14.64 -81.24
CA SER YA 86 39.56 -14.37 -81.27
C SER YA 86 39.15 -13.30 -80.27
N ASN YA 87 40.01 -12.97 -79.31
CA ASN YA 87 39.75 -11.90 -78.37
C ASN YA 87 40.39 -10.63 -78.88
N PRO YA 88 39.64 -9.62 -79.35
CA PRO YA 88 40.29 -8.46 -79.97
C PRO YA 88 41.03 -7.58 -78.99
N ARG YA 89 40.68 -7.62 -77.71
CA ARG YA 89 41.31 -6.81 -76.68
C ARG YA 89 41.91 -7.69 -75.60
N SER YA 90 42.80 -7.09 -74.82
CA SER YA 90 43.55 -7.83 -73.83
C SER YA 90 42.76 -8.07 -72.55
N VAL YA 91 41.77 -7.24 -72.27
CA VAL YA 91 40.84 -7.44 -71.17
C VAL YA 91 39.55 -8.00 -71.76
N PRO YA 92 39.20 -9.26 -71.51
CA PRO YA 92 38.08 -9.86 -72.25
C PRO YA 92 36.70 -9.47 -71.71
N PHE YA 93 36.28 -8.27 -72.09
CA PHE YA 93 34.98 -7.77 -71.74
C PHE YA 93 34.40 -7.02 -72.94
N GLU YA 94 33.08 -6.84 -72.92
CA GLU YA 94 32.36 -6.21 -74.01
C GLU YA 94 32.15 -4.72 -73.80
N TYR YA 95 31.65 -4.34 -72.63
CA TYR YA 95 31.26 -2.98 -72.33
C TYR YA 95 32.19 -2.38 -71.30
N TYR YA 96 32.17 -1.05 -71.23
CA TYR YA 96 32.97 -0.34 -70.26
C TYR YA 96 32.33 1.01 -69.99
N ARG YA 97 32.75 1.61 -68.88
CA ARG YA 97 32.41 2.99 -68.59
C ARG YA 97 33.43 3.51 -67.60
N ILE YA 98 34.01 4.66 -67.91
CA ILE YA 98 35.07 5.23 -67.10
C ILE YA 98 34.44 5.95 -65.92
N ARG YA 99 34.83 5.54 -64.71
CA ARG YA 99 34.28 6.09 -63.48
C ARG YA 99 35.03 7.33 -63.02
N LYS YA 100 36.35 7.27 -63.01
CA LYS YA 100 37.18 8.35 -62.52
C LYS YA 100 38.49 8.34 -63.29
N VAL YA 101 39.17 9.48 -63.27
CA VAL YA 101 40.53 9.62 -63.78
C VAL YA 101 41.33 10.42 -62.76
N LYS YA 102 42.58 10.02 -62.60
CA LYS YA 102 43.54 10.71 -61.74
C LYS YA 102 44.71 11.12 -62.62
N VAL YA 103 44.81 12.42 -62.86
CA VAL YA 103 45.95 12.99 -63.57
C VAL YA 103 46.93 13.51 -62.53
N GLU YA 104 48.16 13.04 -62.63
CA GLU YA 104 49.22 13.39 -61.70
C GLU YA 104 50.34 14.05 -62.48
N PHE YA 105 50.63 15.30 -62.17
CA PHE YA 105 51.78 16.00 -62.72
C PHE YA 105 52.94 15.79 -61.77
N TRP YA 106 53.79 14.83 -62.10
CA TRP YA 106 54.99 14.57 -61.33
C TRP YA 106 56.11 15.44 -61.86
N PRO YA 107 56.68 16.33 -61.05
CA PRO YA 107 57.70 17.23 -61.59
C PRO YA 107 58.99 16.52 -61.92
N CYS YA 108 59.72 17.15 -62.84
CA CYS YA 108 61.03 16.71 -63.24
C CYS YA 108 62.13 17.69 -62.87
N SER YA 109 61.78 18.78 -62.19
CA SER YA 109 62.65 19.90 -61.95
C SER YA 109 63.11 19.91 -60.50
N PRO YA 110 64.30 20.42 -60.21
CA PRO YA 110 64.79 20.42 -58.84
C PRO YA 110 64.07 21.44 -57.99
N ILE YA 111 64.15 21.24 -56.68
CA ILE YA 111 63.55 22.18 -55.74
C ILE YA 111 64.33 23.48 -55.62
N THR YA 112 65.50 23.57 -56.24
CA THR YA 112 66.29 24.79 -56.26
C THR YA 112 65.99 25.68 -57.46
N GLN YA 113 65.07 25.28 -58.34
CA GLN YA 113 64.81 26.04 -59.54
C GLN YA 113 64.02 27.29 -59.19
N GLY YA 114 64.44 28.41 -59.76
CA GLY YA 114 63.80 29.68 -59.52
C GLY YA 114 62.85 30.06 -60.63
N ASP YA 115 62.48 31.34 -60.65
CA ASP YA 115 61.49 31.87 -61.58
C ASP YA 115 60.19 31.11 -61.47
N ARG YA 116 59.79 30.84 -60.23
CA ARG YA 116 58.59 30.09 -59.97
C ARG YA 116 57.36 30.83 -60.45
N GLY YA 117 56.26 30.11 -60.51
CA GLY YA 117 55.04 30.62 -61.08
C GLY YA 117 53.80 30.02 -60.49
N VAL YA 118 52.65 30.37 -61.05
CA VAL YA 118 51.38 29.90 -60.54
C VAL YA 118 50.41 29.77 -61.70
N GLY YA 119 49.80 28.59 -61.80
CA GLY YA 119 48.90 28.26 -62.89
C GLY YA 119 47.58 27.73 -62.41
N SER YA 120 46.86 27.07 -63.32
CA SER YA 120 45.51 26.63 -63.04
C SER YA 120 45.18 25.43 -63.90
N SER YA 121 44.48 24.46 -63.30
CA SER YA 121 43.95 23.31 -64.00
C SER YA 121 42.44 23.25 -63.79
N ALA YA 122 41.70 23.11 -64.88
CA ALA YA 122 40.25 23.09 -64.84
C ALA YA 122 39.73 21.87 -65.58
N VAL YA 123 38.48 21.54 -65.29
CA VAL YA 123 37.81 20.36 -65.81
C VAL YA 123 36.86 20.79 -66.90
N ILE YA 124 37.07 20.26 -68.11
CA ILE YA 124 36.38 20.70 -69.32
C ILE YA 124 35.76 19.47 -69.96
N LEU YA 125 34.47 19.26 -69.73
CA LEU YA 125 33.79 18.03 -70.08
C LEU YA 125 33.08 18.07 -71.43
N ASP YA 126 33.56 18.89 -72.40
CA ASP YA 126 32.80 19.11 -73.62
C ASP YA 126 33.61 19.26 -74.89
N ASP YA 127 34.92 19.11 -74.86
CA ASP YA 127 35.75 19.09 -76.07
C ASP YA 127 35.79 20.46 -76.74
N ASN YA 128 35.63 21.52 -75.97
CA ASN YA 128 35.86 22.89 -76.45
C ASN YA 128 36.74 23.54 -75.40
N PHE YA 129 38.04 23.43 -75.62
CA PHE YA 129 39.05 23.98 -74.75
C PHE YA 129 39.40 25.39 -75.20
N VAL YA 130 40.03 26.13 -74.29
CA VAL YA 130 40.70 27.36 -74.69
C VAL YA 130 41.77 27.00 -75.68
N THR YA 131 41.94 27.84 -76.69
CA THR YA 131 42.87 27.56 -77.77
C THR YA 131 44.28 27.41 -77.23
N LYS YA 132 45.01 26.45 -77.79
CA LYS YA 132 46.39 26.23 -77.37
C LYS YA 132 47.23 27.46 -77.68
N ALA YA 133 47.95 27.92 -76.67
CA ALA YA 133 48.74 29.12 -76.74
C ALA YA 133 50.10 28.88 -76.10
N THR YA 134 51.11 29.58 -76.63
CA THR YA 134 52.46 29.50 -76.11
C THR YA 134 52.70 30.52 -75.01
N ALA YA 135 52.34 31.79 -75.25
CA ALA YA 135 52.50 32.85 -74.27
C ALA YA 135 51.26 33.74 -74.34
N LEU YA 136 50.26 33.39 -73.56
CA LEU YA 136 49.05 34.18 -73.43
C LEU YA 136 49.15 35.10 -72.23
N THR YA 137 48.62 36.31 -72.37
CA THR YA 137 48.80 37.37 -71.39
C THR YA 137 47.96 37.21 -70.14
N TYR YA 138 47.28 36.08 -69.97
CA TYR YA 138 46.44 35.88 -68.79
C TYR YA 138 46.22 34.38 -68.63
N ASP YA 139 45.71 34.02 -67.45
CA ASP YA 139 45.35 32.64 -67.14
C ASP YA 139 43.87 32.45 -67.42
N PRO YA 140 43.49 31.76 -68.50
CA PRO YA 140 42.06 31.66 -68.80
C PRO YA 140 41.29 30.81 -67.83
N TYR YA 141 41.93 29.79 -67.26
CA TYR YA 141 41.26 28.84 -66.39
C TYR YA 141 41.25 29.28 -64.94
N VAL YA 142 41.50 30.55 -64.67
CA VAL YA 142 41.66 31.00 -63.28
C VAL YA 142 40.31 31.19 -62.61
N ASN YA 143 39.34 31.74 -63.33
CA ASN YA 143 38.03 32.01 -62.77
C ASN YA 143 37.07 30.85 -62.92
N TYR YA 144 37.53 29.72 -63.43
CA TYR YA 144 36.69 28.55 -63.55
C TYR YA 144 36.35 27.97 -62.18
N SER YA 145 35.13 27.49 -62.06
CA SER YA 145 34.67 26.91 -60.81
C SER YA 145 35.45 25.65 -60.42
N SER YA 146 36.06 24.98 -61.40
CA SER YA 146 36.84 23.78 -61.17
C SER YA 146 38.33 24.05 -61.20
N ARG YA 147 38.75 25.28 -60.94
CA ARG YA 147 40.15 25.63 -60.96
C ARG YA 147 40.83 25.17 -59.69
N HIS YA 148 41.95 24.50 -59.85
CA HIS YA 148 42.90 24.23 -58.78
C HIS YA 148 44.20 24.91 -59.16
N THR YA 149 44.84 25.52 -58.17
CA THR YA 149 46.09 26.21 -58.40
C THR YA 149 47.21 25.21 -58.63
N ILE YA 150 48.03 25.51 -59.63
CA ILE YA 150 49.24 24.75 -59.92
C ILE YA 150 50.40 25.61 -59.45
N THR YA 151 51.04 25.18 -58.37
CA THR YA 151 52.34 25.71 -58.02
C THR YA 151 53.39 25.09 -58.91
N GLN YA 152 54.30 25.91 -59.41
CA GLN YA 152 55.32 25.53 -60.37
C GLN YA 152 56.68 25.86 -59.81
N PRO YA 153 57.74 25.21 -60.29
CA PRO YA 153 57.86 24.07 -61.20
C PRO YA 153 58.02 22.72 -60.53
N PHE YA 154 58.36 22.73 -59.25
CA PHE YA 154 58.80 21.53 -58.54
C PHE YA 154 57.75 20.98 -57.60
N SER YA 155 56.49 21.18 -57.91
CA SER YA 155 55.40 20.81 -57.02
C SER YA 155 54.45 19.86 -57.73
N TYR YA 156 53.92 18.92 -56.96
CA TYR YA 156 53.01 17.91 -57.44
C TYR YA 156 51.59 18.44 -57.50
N HIS YA 157 50.88 18.06 -58.56
CA HIS YA 157 49.52 18.48 -58.80
C HIS YA 157 48.72 17.27 -59.23
N SER YA 158 47.65 16.99 -58.49
CA SER YA 158 46.72 15.91 -58.81
C SER YA 158 45.34 16.48 -59.07
N ARG YA 159 44.60 15.80 -59.95
CA ARG YA 159 43.21 16.11 -60.22
C ARG YA 159 42.47 14.80 -60.36
N TYR YA 160 41.40 14.65 -59.59
CA TYR YA 160 40.61 13.42 -59.52
C TYR YA 160 39.16 13.78 -59.82
N PHE YA 161 38.65 13.28 -60.93
CA PHE YA 161 37.35 13.69 -61.43
C PHE YA 161 36.78 12.58 -62.29
N THR YA 162 35.55 12.80 -62.72
CA THR YA 162 34.79 11.87 -63.55
C THR YA 162 34.68 12.42 -64.96
N PRO YA 163 35.33 11.83 -65.96
CA PRO YA 163 35.23 12.38 -67.30
C PRO YA 163 33.92 12.06 -67.96
N LYS YA 164 33.74 12.56 -69.19
CA LYS YA 164 32.53 12.35 -69.95
C LYS YA 164 32.93 12.03 -71.39
N PRO YA 165 32.19 11.16 -72.06
CA PRO YA 165 32.54 10.84 -73.44
C PRO YA 165 31.98 11.84 -74.44
N VAL YA 166 32.64 11.87 -75.60
CA VAL YA 166 32.27 12.76 -76.69
C VAL YA 166 31.31 11.99 -77.58
N LEU YA 167 30.02 12.09 -77.25
CA LEU YA 167 28.98 11.41 -78.01
C LEU YA 167 28.62 12.20 -79.26
N ASP YA 168 28.44 13.51 -79.12
CA ASP YA 168 28.18 14.39 -80.25
C ASP YA 168 28.97 15.66 -80.03
N SER YA 169 30.01 15.85 -80.84
CA SER YA 169 30.83 17.05 -80.73
C SER YA 169 30.12 18.29 -81.24
N THR YA 170 29.04 18.14 -82.01
CA THR YA 170 28.30 19.29 -82.51
C THR YA 170 27.45 19.92 -81.42
N ILE YA 171 26.83 19.10 -80.59
CA ILE YA 171 25.92 19.55 -79.55
C ILE YA 171 26.63 19.57 -78.21
N ASP YA 172 27.54 18.62 -78.01
CA ASP YA 172 28.36 18.53 -76.81
C ASP YA 172 27.49 18.42 -75.56
N TYR YA 173 26.78 17.30 -75.48
CA TYR YA 173 25.94 16.99 -74.34
C TYR YA 173 26.59 15.90 -73.49
N PHE YA 174 26.37 15.98 -72.19
CA PHE YA 174 26.91 15.01 -71.27
C PHE YA 174 25.98 14.84 -70.07
N GLN YA 175 26.18 13.81 -69.38
CA GLN YA 175 25.39 13.42 -68.23
C GLN YA 175 25.97 13.97 -66.94
N PRO YA 176 25.14 14.26 -65.95
CA PRO YA 176 25.69 14.55 -64.63
C PRO YA 176 26.19 13.29 -63.94
N ASN YA 177 26.82 13.46 -62.80
CA ASN YA 177 27.45 12.36 -62.11
C ASN YA 177 26.39 11.50 -61.44
N ASN YA 178 26.29 10.25 -61.87
CA ASN YA 178 25.37 9.29 -61.29
C ASN YA 178 25.95 7.91 -61.57
N LYS YA 179 26.36 7.21 -60.52
CA LYS YA 179 26.98 5.93 -60.73
C LYS YA 179 26.00 4.91 -61.27
N ARG YA 180 24.72 5.05 -60.95
CA ARG YA 180 23.73 4.06 -61.34
C ARG YA 180 23.22 4.27 -62.76
N ASN YA 181 23.28 5.50 -63.26
CA ASN YA 181 22.73 5.85 -64.56
C ASN YA 181 23.79 6.13 -65.62
N GLN YA 182 25.06 5.95 -65.29
CA GLN YA 182 26.11 6.21 -66.26
C GLN YA 182 26.05 5.24 -67.42
N LEU YA 183 26.19 5.77 -68.61
CA LEU YA 183 26.07 4.98 -69.82
C LEU YA 183 27.21 3.97 -69.92
N TRP YA 184 26.87 2.81 -70.46
CA TRP YA 184 27.85 1.81 -70.85
C TRP YA 184 28.19 2.01 -72.31
N LEU YA 185 29.47 2.16 -72.60
CA LEU YA 185 29.97 2.18 -73.95
C LEU YA 185 30.48 0.79 -74.31
N ARG YA 186 30.69 0.59 -75.60
CA ARG YA 186 31.28 -0.63 -76.10
C ARG YA 186 32.79 -0.47 -76.19
N LEU YA 187 33.49 -1.52 -75.79
CA LEU YA 187 34.93 -1.61 -75.95
C LEU YA 187 35.21 -2.04 -77.37
N GLN YA 188 35.40 -1.05 -78.23
CA GLN YA 188 35.66 -1.30 -79.64
C GLN YA 188 37.04 -1.92 -79.81
N THR YA 189 37.32 -2.32 -81.05
CA THR YA 189 38.59 -2.95 -81.36
C THR YA 189 39.69 -1.93 -81.55
N ALA YA 190 39.48 -0.93 -82.43
CA ALA YA 190 40.48 0.11 -82.66
C ALA YA 190 39.88 1.50 -82.86
N GLY YA 191 38.68 1.75 -82.33
CA GLY YA 191 37.99 2.99 -82.62
C GLY YA 191 37.23 3.59 -81.46
N ASN YA 192 37.74 3.41 -80.25
CA ASN YA 192 37.04 3.89 -79.07
C ASN YA 192 36.96 5.41 -79.06
N VAL YA 193 35.99 5.90 -78.32
CA VAL YA 193 35.64 7.32 -78.29
C VAL YA 193 36.48 8.03 -77.25
N ASP YA 194 36.81 9.28 -77.53
CA ASP YA 194 37.67 10.06 -76.66
C ASP YA 194 36.87 10.61 -75.49
N HIS YA 195 37.38 10.38 -74.29
CA HIS YA 195 36.89 11.05 -73.10
C HIS YA 195 37.69 12.30 -72.86
N VAL YA 196 37.07 13.24 -72.14
CA VAL YA 196 37.55 14.60 -72.05
C VAL YA 196 37.32 15.09 -70.63
N GLY YA 197 37.99 16.18 -70.27
CA GLY YA 197 37.91 16.65 -68.91
C GLY YA 197 39.09 17.33 -68.24
N LEU YA 198 40.14 17.72 -68.95
CA LEU YA 198 41.15 18.54 -68.29
C LEU YA 198 41.82 19.52 -69.24
N GLY YA 199 41.92 20.75 -68.78
CA GLY YA 199 42.71 21.77 -69.45
C GLY YA 199 43.55 22.51 -68.44
N THR YA 200 44.72 22.94 -68.90
CA THR YA 200 45.75 23.48 -68.03
C THR YA 200 46.23 24.82 -68.54
N ALA YA 201 46.86 25.56 -67.63
CA ALA YA 201 47.54 26.81 -67.95
C ALA YA 201 48.75 26.92 -67.05
N PHE YA 202 49.94 26.83 -67.66
CA PHE YA 202 51.20 26.91 -66.95
C PHE YA 202 51.88 28.23 -67.24
N GLU YA 203 52.40 28.85 -66.19
CA GLU YA 203 53.11 30.11 -66.31
C GLU YA 203 54.51 29.84 -66.83
N ASN YA 204 54.88 30.54 -67.89
CA ASN YA 204 56.17 30.34 -68.53
C ASN YA 204 57.30 30.85 -67.64
N SER YA 205 58.51 30.47 -68.01
CA SER YA 205 59.69 30.73 -67.20
C SER YA 205 60.91 30.82 -68.09
N ILE YA 206 62.00 31.31 -67.52
CA ILE YA 206 63.28 31.38 -68.23
C ILE YA 206 63.84 29.98 -68.44
N TYR YA 207 63.53 29.06 -67.53
CA TYR YA 207 64.00 27.69 -67.59
C TYR YA 207 62.89 26.78 -68.10
N ASP YA 208 63.30 25.65 -68.66
CA ASP YA 208 62.34 24.66 -69.13
C ASP YA 208 61.73 23.92 -67.95
N GLN YA 209 60.41 23.78 -67.99
CA GLN YA 209 59.65 23.08 -66.97
C GLN YA 209 59.14 21.77 -67.54
N GLU YA 210 59.71 20.65 -67.11
CA GLU YA 210 59.32 19.34 -67.57
C GLU YA 210 58.48 18.63 -66.52
N TYR YA 211 57.60 17.77 -66.99
CA TYR YA 211 56.71 16.98 -66.14
C TYR YA 211 56.55 15.59 -66.72
N ASN YA 212 56.39 14.61 -65.83
CA ASN YA 212 56.01 13.25 -66.19
C ASN YA 212 54.58 13.07 -65.73
N ILE YA 213 53.66 12.98 -66.68
CA ILE YA 213 52.24 12.94 -66.37
C ILE YA 213 51.78 11.50 -66.37
N ARG YA 214 51.21 11.07 -65.26
CA ARG YA 214 50.69 9.71 -65.07
C ARG YA 214 49.18 9.80 -64.95
N VAL YA 215 48.49 9.30 -65.95
CA VAL YA 215 47.03 9.23 -65.96
C VAL YA 215 46.62 7.83 -65.54
N THR YA 216 45.70 7.76 -64.59
CA THR YA 216 45.15 6.51 -64.10
C THR YA 216 43.65 6.58 -64.27
N MET YA 217 43.11 5.64 -65.05
CA MET YA 217 41.68 5.54 -65.27
C MET YA 217 41.11 4.37 -64.47
N TYR YA 218 40.07 4.67 -63.71
CA TYR YA 218 39.34 3.67 -62.94
C TYR YA 218 38.09 3.29 -63.72
N VAL YA 219 38.12 2.09 -64.30
CA VAL YA 219 37.11 1.66 -65.26
C VAL YA 219 36.28 0.55 -64.65
N GLN YA 220 35.17 0.26 -65.32
CA GLN YA 220 34.23 -0.76 -64.89
C GLN YA 220 33.74 -1.46 -66.15
N PHE YA 221 34.06 -2.73 -66.27
CA PHE YA 221 33.71 -3.54 -67.41
C PHE YA 221 32.48 -4.39 -67.13
N ARG YA 222 31.98 -5.04 -68.17
CA ARG YA 222 30.76 -5.83 -68.08
C ARG YA 222 30.78 -6.88 -69.18
N GLU YA 223 30.16 -8.02 -68.88
CA GLU YA 223 29.93 -9.10 -69.84
C GLU YA 223 31.24 -9.68 -70.37
N PHE YA 224 31.90 -10.38 -69.45
CA PHE YA 224 33.01 -11.28 -69.77
C PHE YA 224 32.70 -12.11 -71.01
N ASN YA 225 33.55 -12.00 -72.02
CA ASN YA 225 33.26 -12.55 -73.35
C ASN YA 225 34.45 -13.29 -73.91
N LEU YA 226 35.13 -14.07 -73.08
CA LEU YA 226 36.27 -14.82 -73.55
C LEU YA 226 35.85 -15.86 -74.56
N LYS YA 227 36.69 -16.06 -75.56
CA LYS YA 227 36.47 -17.05 -76.60
C LYS YA 227 37.61 -18.05 -76.59
N ASP YA 228 37.26 -19.33 -76.54
CA ASP YA 228 38.21 -20.42 -76.35
C ASP YA 228 38.07 -21.42 -77.50
N PRO YA 229 38.71 -21.16 -78.62
CA PRO YA 229 38.73 -22.14 -79.69
C PRO YA 229 39.67 -23.29 -79.35
N PRO YA 230 39.59 -24.40 -80.08
CA PRO YA 230 40.57 -25.47 -79.86
C PRO YA 230 41.97 -25.09 -80.32
N LEU YA 231 42.90 -26.02 -80.19
CA LEU YA 231 44.29 -25.79 -80.54
C LEU YA 231 44.91 -27.03 -81.19
N GLY ZA 43 18.11 40.05 -56.93
CA GLY ZA 43 18.75 38.95 -57.64
C GLY ZA 43 20.23 38.83 -57.32
N ILE ZA 44 20.52 38.18 -56.20
CA ILE ZA 44 21.87 38.12 -55.68
C ILE ZA 44 22.66 37.06 -56.43
N PHE ZA 45 23.94 37.35 -56.62
CA PHE ZA 45 24.88 36.41 -57.22
C PHE ZA 45 26.26 36.67 -56.63
N ASN ZA 46 26.65 35.83 -55.69
CA ASN ZA 46 27.98 35.89 -55.13
C ASN ZA 46 28.93 35.11 -56.02
N THR ZA 47 30.03 35.74 -56.42
CA THR ZA 47 31.04 35.08 -57.23
C THR ZA 47 32.41 35.54 -56.78
N ARG ZA 48 33.41 35.24 -57.61
CA ARG ZA 48 34.81 35.43 -57.29
C ARG ZA 48 35.54 35.84 -58.57
N LEU ZA 49 36.26 36.96 -58.48
CA LEU ZA 49 36.99 37.53 -59.60
C LEU ZA 49 38.43 37.70 -59.18
N SER ZA 50 39.35 37.37 -60.09
CA SER ZA 50 40.77 37.36 -59.84
C SER ZA 50 41.51 38.16 -60.89
N ARG ZA 51 42.79 38.39 -60.59
CA ARG ZA 51 43.68 39.25 -61.36
C ARG ZA 51 45.07 39.03 -60.82
N THR ZA 52 46.05 39.02 -61.73
CA THR ZA 52 47.44 38.70 -61.39
C THR ZA 52 48.36 39.74 -62.00
N PHE ZA 53 49.36 40.16 -61.23
CA PHE ZA 53 50.31 41.16 -61.68
C PHE ZA 53 51.57 41.03 -60.84
N GLY ZA 54 52.61 41.73 -61.28
CA GLY ZA 54 53.91 41.64 -60.66
C GLY ZA 54 54.30 42.82 -59.78
N TYR ZA 55 55.23 42.55 -58.87
CA TYR ZA 55 55.80 43.57 -58.00
C TYR ZA 55 57.23 43.16 -57.67
N THR ZA 56 58.16 44.09 -57.83
CA THR ZA 56 59.56 43.84 -57.60
C THR ZA 56 60.13 44.87 -56.64
N ILE ZA 57 60.95 44.40 -55.72
CA ILE ZA 57 61.73 45.24 -54.82
C ILE ZA 57 63.16 45.18 -55.32
N LYS ZA 58 63.60 46.26 -55.96
CA LYS ZA 58 64.92 46.31 -56.54
C LYS ZA 58 66.00 46.27 -55.46
N ARG ZA 59 67.19 45.86 -55.88
CA ARG ZA 59 68.33 45.74 -55.00
C ARG ZA 59 68.85 47.11 -54.57
N THR ZA 60 69.59 47.12 -53.47
CA THR ZA 60 70.22 48.32 -52.94
C THR ZA 60 71.59 47.97 -52.37
N THR ZA 61 72.56 48.84 -52.64
CA THR ZA 61 73.88 48.73 -52.03
C THR ZA 61 73.92 49.21 -50.59
N VAL ZA 62 72.82 49.79 -50.09
CA VAL ZA 62 72.77 50.27 -48.72
C VAL ZA 62 73.03 49.12 -47.75
N LYS ZA 63 73.84 49.38 -46.74
CA LYS ZA 63 74.22 48.35 -45.77
C LYS ZA 63 73.18 48.19 -44.69
N THR ZA 64 72.57 49.29 -44.26
CA THR ZA 64 71.63 49.26 -43.16
C THR ZA 64 70.40 48.44 -43.50
N PRO ZA 65 69.59 48.08 -42.51
CA PRO ZA 65 68.27 47.53 -42.81
C PRO ZA 65 67.30 48.65 -43.13
N SER ZA 66 66.97 48.77 -44.40
CA SER ZA 66 65.97 49.73 -44.87
C SER ZA 66 64.81 48.97 -45.48
N TRP ZA 67 63.65 49.64 -45.51
CA TRP ZA 67 62.43 49.07 -46.00
C TRP ZA 67 61.89 49.86 -47.18
N ALA ZA 68 61.23 49.13 -48.07
CA ALA ZA 68 60.59 49.70 -49.26
C ALA ZA 68 59.10 49.69 -49.05
N VAL ZA 69 58.50 50.87 -49.11
CA VAL ZA 69 57.09 51.06 -48.81
C VAL ZA 69 56.33 51.26 -50.10
N ASP ZA 70 55.14 50.68 -50.18
CA ASP ZA 70 54.28 50.83 -51.33
C ASP ZA 70 52.85 50.59 -50.89
N MET ZA 71 51.93 50.95 -51.78
CA MET ZA 71 50.50 50.91 -51.52
C MET ZA 71 49.82 49.96 -52.51
N MET ZA 72 48.56 49.66 -52.22
CA MET ZA 72 47.78 48.74 -53.03
C MET ZA 72 46.31 49.09 -52.90
N ARG ZA 73 45.72 49.53 -54.01
CA ARG ZA 73 44.29 49.80 -54.12
C ARG ZA 73 43.64 48.70 -54.96
N PHE ZA 74 42.31 48.67 -54.93
CA PHE ZA 74 41.53 47.67 -55.65
C PHE ZA 74 40.37 48.36 -56.34
N ASN ZA 75 40.27 48.16 -57.65
CA ASN ZA 75 39.16 48.65 -58.45
C ASN ZA 75 38.58 47.51 -59.26
N ILE ZA 76 37.28 47.58 -59.50
CA ILE ZA 76 36.57 46.51 -60.18
C ILE ZA 76 36.74 46.56 -61.69
N ASN ZA 77 37.23 47.67 -62.25
CA ASN ZA 77 37.49 47.72 -63.67
C ASN ZA 77 38.62 46.76 -64.05
N ASP ZA 78 39.56 46.55 -63.15
CA ASP ZA 78 40.68 45.66 -63.41
C ASP ZA 78 40.31 44.20 -63.31
N PHE ZA 79 39.15 43.88 -62.76
CA PHE ZA 79 38.67 42.50 -62.65
C PHE ZA 79 37.53 42.20 -63.59
N LEU ZA 80 36.70 43.19 -63.89
CA LEU ZA 80 35.51 43.02 -64.72
C LEU ZA 80 35.68 43.80 -66.02
N PRO ZA 81 35.83 43.17 -67.17
CA PRO ZA 81 36.04 43.93 -68.39
C PRO ZA 81 34.76 44.56 -68.87
N PRO ZA 82 34.85 45.43 -69.88
CA PRO ZA 82 33.63 45.94 -70.50
C PRO ZA 82 32.95 44.88 -71.34
N GLY ZA 83 31.63 44.96 -71.40
CA GLY ZA 83 30.87 43.99 -72.13
C GLY ZA 83 30.77 44.31 -73.60
N GLY ZA 84 29.60 44.08 -74.18
CA GLY ZA 84 29.38 44.35 -75.57
C GLY ZA 84 27.92 44.55 -75.90
N GLY ZA 85 27.63 45.61 -76.65
CA GLY ZA 85 26.27 45.90 -77.04
C GLY ZA 85 25.51 46.70 -76.01
N SER ZA 86 24.24 46.35 -75.84
CA SER ZA 86 23.40 47.05 -74.88
C SER ZA 86 23.78 46.76 -73.44
N ASN ZA 87 24.58 45.72 -73.20
CA ASN ZA 87 25.07 45.42 -71.87
C ASN ZA 87 26.45 46.04 -71.71
N PRO ZA 88 26.62 47.09 -70.91
CA PRO ZA 88 27.92 47.77 -70.88
C PRO ZA 88 29.02 46.97 -70.20
N ARG ZA 89 28.66 46.01 -69.35
CA ARG ZA 89 29.61 45.19 -68.63
C ARG ZA 89 29.38 43.72 -68.94
N SER ZA 90 30.40 42.91 -68.64
CA SER ZA 90 30.38 41.51 -69.00
C SER ZA 90 29.58 40.66 -68.02
N VAL ZA 91 29.42 41.14 -66.79
CA VAL ZA 91 28.55 40.51 -65.80
C VAL ZA 91 27.26 41.33 -65.74
N PRO ZA 92 26.12 40.81 -66.21
CA PRO ZA 92 24.94 41.67 -66.36
C PRO ZA 92 24.18 41.91 -65.06
N PHE ZA 93 24.73 42.82 -64.26
CA PHE ZA 93 24.11 43.25 -63.03
C PHE ZA 93 24.28 44.75 -62.87
N GLU ZA 94 23.45 45.33 -62.03
CA GLU ZA 94 23.42 46.77 -61.81
C GLU ZA 94 24.28 47.20 -60.64
N TYR ZA 95 24.11 46.56 -59.49
CA TYR ZA 95 24.75 46.95 -58.25
C TYR ZA 95 25.78 45.93 -57.84
N TYR ZA 96 26.68 46.36 -56.96
CA TYR ZA 96 27.69 45.47 -56.42
C TYR ZA 96 28.14 45.98 -55.08
N ARG ZA 97 28.80 45.10 -54.34
CA ARG ZA 97 29.48 45.48 -53.12
C ARG ZA 97 30.54 44.42 -52.83
N ILE ZA 98 31.76 44.86 -52.60
CA ILE ZA 98 32.87 43.95 -52.39
C ILE ZA 98 32.85 43.46 -50.95
N ARG ZA 99 32.79 42.15 -50.78
CA ARG ZA 99 32.70 41.53 -49.47
C ARG ZA 99 34.06 41.29 -48.86
N LYS ZA 100 34.98 40.71 -49.64
CA LYS ZA 100 36.30 40.37 -49.15
C LYS ZA 100 37.28 40.48 -50.30
N VAL ZA 101 38.56 40.59 -49.95
CA VAL ZA 101 39.66 40.52 -50.89
C VAL ZA 101 40.73 39.63 -50.29
N LYS ZA 102 41.36 38.84 -51.16
CA LYS ZA 102 42.48 37.97 -50.80
C LYS ZA 102 43.66 38.39 -51.66
N VAL ZA 103 44.64 39.01 -51.04
CA VAL ZA 103 45.89 39.35 -51.70
C VAL ZA 103 46.90 38.27 -51.36
N GLU ZA 104 47.47 37.68 -52.40
CA GLU ZA 104 48.44 36.59 -52.28
C GLU ZA 104 49.73 37.04 -52.91
N PHE ZA 105 50.79 37.12 -52.11
CA PHE ZA 105 52.14 37.36 -52.61
C PHE ZA 105 52.78 36.00 -52.89
N TRP ZA 106 52.75 35.61 -54.14
CA TRP ZA 106 53.39 34.38 -54.56
C TRP ZA 106 54.83 34.68 -54.93
N PRO ZA 107 55.83 34.09 -54.25
CA PRO ZA 107 57.21 34.45 -54.54
C PRO ZA 107 57.67 33.96 -55.89
N CYS ZA 108 58.67 34.65 -56.39
CA CYS ZA 108 59.35 34.31 -57.63
C CYS ZA 108 60.80 33.90 -57.40
N SER ZA 109 61.25 33.86 -56.18
CA SER ZA 109 62.64 33.71 -55.82
C SER ZA 109 62.90 32.31 -55.29
N PRO ZA 110 64.09 31.77 -55.49
CA PRO ZA 110 64.37 30.41 -55.03
C PRO ZA 110 64.51 30.36 -53.52
N ILE ZA 111 64.37 29.14 -52.99
CA ILE ZA 111 64.53 28.94 -51.56
C ILE ZA 111 65.98 28.98 -51.11
N THR ZA 112 66.92 29.07 -52.04
CA THR ZA 112 68.33 29.21 -51.73
C THR ZA 112 68.79 30.65 -51.64
N GLN ZA 113 67.90 31.62 -51.85
CA GLN ZA 113 68.30 33.01 -51.88
C GLN ZA 113 68.56 33.48 -50.45
N GLY ZA 114 69.68 34.18 -50.28
CA GLY ZA 114 70.07 34.70 -49.01
C GLY ZA 114 69.71 36.16 -48.82
N ASP ZA 115 70.32 36.77 -47.82
CA ASP ZA 115 70.03 38.15 -47.43
C ASP ZA 115 68.55 38.30 -47.13
N ARG ZA 116 68.01 37.33 -46.40
CA ARG ZA 116 66.61 37.32 -46.06
C ARG ZA 116 66.26 38.50 -45.17
N GLY ZA 117 64.97 38.74 -45.03
CA GLY ZA 117 64.48 39.90 -44.34
C GLY ZA 117 63.13 39.68 -43.70
N VAL ZA 118 62.56 40.74 -43.15
CA VAL ZA 118 61.30 40.66 -42.45
C VAL ZA 118 60.58 41.98 -42.62
N GLY ZA 119 59.32 41.90 -43.07
CA GLY ZA 119 58.51 43.05 -43.35
C GLY ZA 119 57.16 43.01 -42.70
N SER ZA 120 56.24 43.81 -43.19
CA SER ZA 120 54.94 43.96 -42.56
C SER ZA 120 53.92 44.39 -43.60
N SER ZA 121 52.72 43.83 -43.50
CA SER ZA 121 51.57 44.22 -44.30
C SER ZA 121 50.44 44.62 -43.38
N ALA ZA 122 49.86 45.79 -43.64
CA ALA ZA 122 48.80 46.34 -42.82
C ALA ZA 122 47.63 46.74 -43.69
N VAL ZA 123 46.47 46.87 -43.05
CA VAL ZA 123 45.21 47.16 -43.70
C VAL ZA 123 44.87 48.63 -43.48
N ILE ZA 124 44.73 49.37 -44.57
CA ILE ZA 124 44.59 50.82 -44.57
C ILE ZA 124 43.34 51.17 -45.34
N LEU ZA 125 42.25 51.43 -44.62
CA LEU ZA 125 40.93 51.56 -45.21
C LEU ZA 125 40.53 52.99 -45.51
N ASP ZA 126 41.48 53.90 -45.78
CA ASP ZA 126 41.15 55.33 -45.87
C ASP ZA 126 41.91 56.12 -46.92
N ASP ZA 127 42.75 55.51 -47.73
CA ASP ZA 127 43.40 56.19 -48.85
C ASP ZA 127 44.42 57.22 -48.38
N ASN ZA 128 44.99 57.02 -47.20
CA ASN ZA 128 46.12 57.82 -46.72
C ASN ZA 128 47.14 56.82 -46.24
N PHE ZA 129 48.02 56.42 -47.15
CA PHE ZA 129 49.08 55.49 -46.91
C PHE ZA 129 50.33 56.22 -46.46
N VAL ZA 130 51.25 55.47 -45.86
CA VAL ZA 130 52.60 55.97 -45.66
C VAL ZA 130 53.19 56.25 -47.04
N THR ZA 131 53.94 57.34 -47.14
CA THR ZA 131 54.47 57.77 -48.41
C THR ZA 131 55.36 56.68 -49.01
N LYS ZA 132 55.26 56.51 -50.32
CA LYS ZA 132 56.08 55.54 -51.01
C LYS ZA 132 57.55 55.90 -50.87
N ALA ZA 133 58.34 54.91 -50.45
CA ALA ZA 133 59.75 55.09 -50.17
C ALA ZA 133 60.53 53.91 -50.73
N THR ZA 134 61.76 54.20 -51.13
CA THR ZA 134 62.66 53.19 -51.66
C THR ZA 134 63.47 52.52 -50.57
N ALA ZA 135 64.10 53.33 -49.70
CA ALA ZA 135 64.89 52.81 -48.59
C ALA ZA 135 64.62 53.69 -47.37
N LEU ZA 136 63.60 53.32 -46.61
CA LEU ZA 136 63.26 53.98 -45.37
C LEU ZA 136 63.91 53.26 -44.20
N THR ZA 137 64.36 54.02 -43.22
CA THR ZA 137 65.17 53.51 -42.13
C THR ZA 137 64.38 52.73 -41.08
N TYR ZA 138 63.10 52.46 -41.31
CA TYR ZA 138 62.30 51.73 -40.34
C TYR ZA 138 61.09 51.15 -41.07
N ASP ZA 139 60.42 50.24 -40.39
CA ASP ZA 139 59.19 49.62 -40.89
C ASP ZA 139 58.01 50.40 -40.33
N PRO ZA 140 57.31 51.21 -41.13
CA PRO ZA 140 56.22 52.01 -40.55
C PRO ZA 140 55.03 51.19 -40.14
N TYR ZA 141 54.76 50.10 -40.83
CA TYR ZA 141 53.58 49.29 -40.60
C TYR ZA 141 53.78 48.23 -39.53
N VAL ZA 142 54.83 48.36 -38.71
CA VAL ZA 142 55.18 47.29 -37.79
C VAL ZA 142 54.30 47.34 -36.55
N ASN ZA 143 54.01 48.53 -36.04
CA ASN ZA 143 53.23 48.69 -34.83
C ASN ZA 143 51.74 48.79 -35.12
N TYR ZA 144 51.32 48.63 -36.36
CA TYR ZA 144 49.91 48.65 -36.69
C TYR ZA 144 49.21 47.43 -36.13
N SER ZA 145 47.98 47.64 -35.68
CA SER ZA 145 47.18 46.56 -35.12
C SER ZA 145 46.85 45.49 -36.13
N SER ZA 146 46.88 45.82 -37.43
CA SER ZA 146 46.61 44.88 -38.50
C SER ZA 146 47.88 44.39 -39.18
N ARG ZA 147 49.00 44.45 -38.49
CA ARG ZA 147 50.26 44.02 -39.07
C ARG ZA 147 50.36 42.52 -39.06
N HIS ZA 148 50.73 41.95 -40.21
CA HIS ZA 148 51.16 40.58 -40.33
C HIS ZA 148 52.59 40.61 -40.83
N THR ZA 149 53.42 39.75 -40.27
CA THR ZA 149 54.81 39.68 -40.67
C THR ZA 149 54.95 39.06 -42.04
N ILE ZA 150 55.80 39.67 -42.86
CA ILE ZA 150 56.17 39.15 -44.16
C ILE ZA 150 57.58 38.60 -44.01
N THR ZA 151 57.69 37.28 -44.07
CA THR ZA 151 58.98 36.65 -44.27
C THR ZA 151 59.35 36.75 -45.73
N GLN ZA 152 60.60 37.10 -45.99
CA GLN ZA 152 61.12 37.36 -47.31
C GLN ZA 152 62.32 36.45 -47.57
N PRO ZA 153 62.65 36.20 -48.84
CA PRO ZA 153 62.00 36.51 -50.11
C PRO ZA 153 61.17 35.39 -50.70
N PHE ZA 154 61.33 34.18 -50.19
CA PHE ZA 154 60.79 32.99 -50.81
C PHE ZA 154 59.60 32.41 -50.06
N SER ZA 155 58.84 33.26 -49.40
CA SER ZA 155 57.75 32.82 -48.54
C SER ZA 155 56.45 33.46 -49.00
N TYR ZA 156 55.38 32.69 -48.87
CA TYR ZA 156 54.05 33.10 -49.26
C TYR ZA 156 53.39 33.91 -48.17
N HIS ZA 157 52.68 34.96 -48.58
CA HIS ZA 157 52.00 35.86 -47.68
C HIS ZA 157 50.60 36.12 -48.21
N SER ZA 158 49.59 35.83 -47.41
CA SER ZA 158 48.21 36.08 -47.73
C SER ZA 158 47.61 37.06 -46.74
N ARG ZA 159 46.66 37.85 -47.22
CA ARG ZA 159 45.89 38.76 -46.40
C ARG ZA 159 44.45 38.70 -46.89
N TYR ZA 160 43.52 38.43 -45.97
CA TYR ZA 160 42.11 38.27 -46.26
C TYR ZA 160 41.33 39.23 -45.39
N PHE ZA 161 40.67 40.20 -46.01
CA PHE ZA 161 40.05 41.29 -45.30
C PHE ZA 161 38.92 41.85 -46.13
N THR ZA 162 38.20 42.79 -45.53
CA THR ZA 162 37.06 43.45 -46.14
C THR ZA 162 37.42 44.88 -46.49
N PRO ZA 163 37.55 45.24 -47.76
CA PRO ZA 163 37.93 46.62 -48.08
C PRO ZA 163 36.79 47.59 -47.90
N LYS ZA 164 37.08 48.86 -48.15
CA LYS ZA 164 36.10 49.93 -48.01
C LYS ZA 164 36.24 50.85 -49.21
N PRO ZA 165 35.14 51.41 -49.72
CA PRO ZA 165 35.25 52.32 -50.85
C PRO ZA 165 35.59 53.74 -50.44
N VAL ZA 166 36.15 54.46 -51.41
CA VAL ZA 166 36.57 55.84 -51.22
C VAL ZA 166 35.38 56.70 -51.65
N LEU ZA 167 34.50 56.98 -50.70
CA LEU ZA 167 33.33 57.81 -50.96
C LEU ZA 167 33.67 59.28 -50.92
N ASP ZA 168 34.45 59.70 -49.92
CA ASP ZA 168 34.92 61.09 -49.82
C ASP ZA 168 36.35 61.04 -49.34
N SER ZA 169 37.29 61.36 -50.24
CA SER ZA 169 38.70 61.37 -49.88
C SER ZA 169 39.07 62.53 -48.97
N THR ZA 170 38.24 63.56 -48.89
CA THR ZA 170 38.51 64.68 -48.02
C THR ZA 170 38.27 64.34 -46.56
N ILE ZA 171 37.20 63.59 -46.28
CA ILE ZA 171 36.80 63.26 -44.92
C ILE ZA 171 37.26 61.84 -44.59
N ASP ZA 172 37.25 60.97 -45.60
CA ASP ZA 172 37.72 59.59 -45.47
C ASP ZA 172 36.95 58.85 -44.38
N TYR ZA 173 35.65 58.67 -44.64
CA TYR ZA 173 34.76 57.93 -43.76
C TYR ZA 173 34.44 56.58 -44.36
N PHE ZA 174 34.26 55.60 -43.48
CA PHE ZA 174 33.93 54.25 -43.91
C PHE ZA 174 33.08 53.58 -42.84
N GLN ZA 175 32.48 52.53 -43.23
CA GLN ZA 175 31.58 51.75 -42.42
C GLN ZA 175 32.30 50.63 -41.70
N PRO ZA 176 31.86 50.23 -40.52
CA PRO ZA 176 32.37 49.00 -39.94
C PRO ZA 176 31.83 47.77 -40.64
N ASN ZA 177 32.35 46.61 -40.27
CA ASN ZA 177 31.99 45.38 -40.95
C ASN ZA 177 30.60 44.94 -40.54
N ASN ZA 178 29.70 44.90 -41.50
CA ASN ZA 178 28.34 44.44 -41.28
C ASN ZA 178 27.83 43.94 -42.62
N LYS ZA 179 27.59 42.64 -42.73
CA LYS ZA 179 27.17 42.11 -44.01
C LYS ZA 179 25.78 42.60 -44.39
N ARG ZA 180 24.93 42.90 -43.41
CA ARG ZA 180 23.56 43.28 -43.69
C ARG ZA 180 23.42 44.75 -44.04
N ASN ZA 181 24.33 45.59 -43.56
CA ASN ZA 181 24.25 47.03 -43.72
C ASN ZA 181 25.25 47.58 -44.72
N GLN ZA 182 26.03 46.74 -45.37
CA GLN ZA 182 27.03 47.21 -46.31
C GLN ZA 182 26.37 47.86 -47.50
N LEU ZA 183 26.91 49.01 -47.90
CA LEU ZA 183 26.35 49.79 -48.97
C LEU ZA 183 26.49 49.05 -50.29
N TRP ZA 184 25.47 49.22 -51.14
CA TRP ZA 184 25.51 48.79 -52.52
C TRP ZA 184 25.97 49.96 -53.36
N LEU ZA 185 27.01 49.75 -54.14
CA LEU ZA 185 27.46 50.69 -55.15
C LEU ZA 185 26.90 50.29 -56.50
N ARG ZA 186 26.97 51.22 -57.44
CA ARG ZA 186 26.59 50.95 -58.81
C ARG ZA 186 27.80 50.49 -59.60
N LEU ZA 187 27.55 49.49 -60.43
CA LEU ZA 187 28.54 49.00 -61.39
C LEU ZA 187 28.54 49.93 -62.58
N GLN ZA 188 29.40 50.95 -62.52
CA GLN ZA 188 29.49 51.93 -63.58
C GLN ZA 188 30.06 51.30 -64.84
N THR ZA 189 30.06 52.09 -65.91
CA THR ZA 189 30.56 51.60 -67.19
C THR ZA 189 32.08 51.68 -67.26
N ALA ZA 190 32.66 52.86 -66.99
CA ALA ZA 190 34.11 53.02 -67.01
C ALA ZA 190 34.64 53.93 -65.91
N GLY ZA 191 33.93 54.07 -64.80
CA GLY ZA 191 34.29 55.03 -63.77
C GLY ZA 191 34.10 54.57 -62.35
N ASN ZA 192 34.27 53.29 -62.10
CA ASN ZA 192 34.04 52.75 -60.78
C ASN ZA 192 35.02 53.31 -59.76
N VAL ZA 193 34.62 53.26 -58.51
CA VAL ZA 193 35.34 53.89 -57.41
C VAL ZA 193 36.38 52.92 -56.87
N ASP ZA 194 37.50 53.47 -56.42
CA ASP ZA 194 38.61 52.68 -55.94
C ASP ZA 194 38.34 52.21 -54.52
N HIS ZA 195 38.49 50.91 -54.30
CA HIS ZA 195 38.53 50.35 -52.97
C HIS ZA 195 39.96 50.26 -52.49
N VAL ZA 196 40.11 50.25 -51.17
CA VAL ZA 196 41.39 50.46 -50.53
C VAL ZA 196 41.49 49.54 -49.34
N GLY ZA 197 42.71 49.36 -48.83
CA GLY ZA 197 42.89 48.40 -47.77
C GLY ZA 197 44.17 47.61 -47.62
N LEU ZA 198 45.24 47.91 -48.35
CA LEU ZA 198 46.51 47.26 -48.05
C LEU ZA 198 47.71 48.12 -48.32
N GLY ZA 199 48.62 48.14 -47.34
CA GLY ZA 199 49.91 48.75 -47.50
C GLY ZA 199 50.98 47.83 -46.97
N THR ZA 200 52.15 47.89 -47.60
CA THR ZA 200 53.22 46.94 -47.37
C THR ZA 200 54.52 47.65 -47.06
N ALA ZA 201 55.43 46.90 -46.47
CA ALA ZA 201 56.80 47.35 -46.23
C ALA ZA 201 57.71 46.14 -46.36
N PHE ZA 202 58.53 46.13 -47.40
CA PHE ZA 202 59.45 45.05 -47.68
C PHE ZA 202 60.87 45.50 -47.38
N GLU ZA 203 61.62 44.62 -46.71
CA GLU ZA 203 63.01 44.89 -46.39
C GLU ZA 203 63.86 44.67 -47.62
N ASN ZA 204 64.68 45.66 -47.95
CA ASN ZA 204 65.49 45.60 -49.14
C ASN ZA 204 66.61 44.59 -48.98
N SER ZA 205 67.25 44.26 -50.10
CA SER ZA 205 68.24 43.20 -50.16
C SER ZA 205 69.23 43.49 -51.27
N ILE ZA 206 70.34 42.75 -51.26
CA ILE ZA 206 71.33 42.85 -52.31
C ILE ZA 206 70.79 42.29 -53.62
N TYR ZA 207 69.89 41.32 -53.54
CA TYR ZA 207 69.29 40.71 -54.70
C TYR ZA 207 67.88 41.25 -54.92
N ASP ZA 208 67.44 41.15 -56.17
CA ASP ZA 208 66.10 41.59 -56.50
C ASP ZA 208 65.07 40.57 -56.00
N GLN ZA 209 64.01 41.08 -55.38
CA GLN ZA 209 62.93 40.28 -54.84
C GLN ZA 209 61.69 40.51 -55.69
N GLU ZA 210 61.31 39.51 -56.47
CA GLU ZA 210 60.16 39.58 -57.33
C GLU ZA 210 59.00 38.78 -56.74
N TYR ZA 211 57.79 39.23 -57.04
CA TYR ZA 211 56.57 38.60 -56.59
C TYR ZA 211 55.52 38.65 -57.69
N ASN ZA 212 54.69 37.63 -57.74
CA ASN ZA 212 53.50 37.59 -58.58
C ASN ZA 212 52.31 37.71 -57.65
N ILE ZA 213 51.63 38.85 -57.69
CA ILE ZA 213 50.56 39.15 -56.76
C ILE ZA 213 49.24 38.82 -57.41
N ARG ZA 214 48.46 37.97 -56.76
CA ARG ZA 214 47.15 37.54 -57.23
C ARG ZA 214 46.11 38.06 -56.26
N VAL ZA 215 45.31 39.01 -56.73
CA VAL ZA 215 44.22 39.58 -55.96
C VAL ZA 215 42.93 38.89 -56.38
N THR ZA 216 42.17 38.44 -55.41
CA THR ZA 216 40.88 37.80 -55.61
C THR ZA 216 39.85 38.57 -54.84
N MET ZA 217 38.86 39.12 -55.54
CA MET ZA 217 37.77 39.85 -54.92
C MET ZA 217 36.50 38.99 -54.90
N TYR ZA 218 35.92 38.88 -53.73
CA TYR ZA 218 34.66 38.17 -53.53
C TYR ZA 218 33.54 39.19 -53.50
N VAL ZA 219 32.76 39.23 -54.57
CA VAL ZA 219 31.81 40.29 -54.80
C VAL ZA 219 30.39 39.73 -54.70
N GLN ZA 220 29.43 40.62 -54.63
CA GLN ZA 220 28.02 40.28 -54.52
C GLN ZA 220 27.26 41.29 -55.35
N PHE ZA 221 26.62 40.80 -56.40
CA PHE ZA 221 25.87 41.63 -57.33
C PHE ZA 221 24.38 41.58 -57.02
N ARG ZA 222 23.63 42.43 -57.72
CA ARG ZA 222 22.20 42.56 -57.48
C ARG ZA 222 21.54 43.10 -58.75
N GLU ZA 223 20.29 42.70 -58.95
CA GLU ZA 223 19.43 43.21 -60.02
C GLU ZA 223 20.02 42.92 -61.41
N PHE ZA 224 19.96 41.63 -61.74
CA PHE ZA 224 20.16 41.13 -63.09
C PHE ZA 224 19.44 42.00 -64.10
N ASN ZA 225 20.18 42.54 -65.05
CA ASN ZA 225 19.66 43.57 -65.95
C ASN ZA 225 20.05 43.30 -67.39
N LEU ZA 226 19.95 42.06 -67.80
CA LEU ZA 226 20.29 41.72 -69.18
C LEU ZA 226 19.32 42.37 -70.14
N LYS ZA 227 19.84 42.80 -71.28
CA LYS ZA 227 19.06 43.42 -72.33
C LYS ZA 227 19.20 42.58 -73.60
N ASP ZA 228 18.06 42.22 -74.18
CA ASP ZA 228 17.99 41.29 -75.30
C ASP ZA 228 17.26 41.95 -76.46
N PRO ZA 229 17.97 42.74 -77.26
CA PRO ZA 229 17.36 43.27 -78.47
C PRO ZA 229 17.23 42.20 -79.53
N PRO ZA 230 16.45 42.44 -80.59
CA PRO ZA 230 16.41 41.48 -81.68
C PRO ZA 230 17.70 41.44 -82.48
N LEU ZA 231 17.72 40.61 -83.52
CA LEU ZA 231 18.92 40.43 -84.35
C LEU ZA 231 18.54 40.30 -85.82
N GLY AB 43 43.93 54.66 -15.56
CA GLY AB 43 43.69 54.61 -16.99
C GLY AB 43 44.65 53.70 -17.72
N ILE AB 44 44.36 52.42 -17.70
CA ILE AB 44 45.26 51.41 -18.21
C ILE AB 44 45.16 51.34 -19.72
N PHE AB 45 46.30 51.09 -20.35
CA PHE AB 45 46.36 50.88 -21.80
C PHE AB 45 47.51 49.92 -22.07
N ASN AB 46 47.16 48.67 -22.32
CA ASN AB 46 48.13 47.68 -22.73
C ASN AB 46 48.35 47.76 -24.22
N THR AB 47 49.59 47.89 -24.65
CA THR AB 47 49.94 47.92 -26.06
C THR AB 47 51.22 47.15 -26.30
N ARG AB 48 51.78 47.35 -27.49
CA ARG AB 48 52.91 46.58 -27.97
C ARG AB 48 53.81 47.49 -28.79
N LEU AB 49 55.08 47.53 -28.43
CA LEU AB 49 56.08 48.37 -29.08
C LEU AB 49 57.22 47.50 -29.55
N SER AB 50 57.70 47.78 -30.75
CA SER AB 50 58.71 46.98 -31.41
C SER AB 50 59.88 47.85 -31.87
N ARG AB 51 60.94 47.17 -32.28
CA ARG AB 51 62.22 47.76 -32.63
C ARG AB 51 63.05 46.66 -33.27
N THR AB 52 63.80 47.02 -34.30
CA THR AB 52 64.58 46.07 -35.08
C THR AB 52 65.99 46.59 -35.27
N PHE AB 53 66.95 45.68 -35.14
CA PHE AB 53 68.36 46.02 -35.28
C PHE AB 53 69.13 44.75 -35.61
N GLY AB 54 70.39 44.95 -35.98
CA GLY AB 54 71.24 43.88 -36.42
C GLY AB 54 72.28 43.39 -35.42
N TYR AB 55 72.72 42.15 -35.62
CA TYR AB 55 73.77 41.54 -34.82
C TYR AB 55 74.50 40.56 -35.70
N THR AB 56 75.82 40.63 -35.71
CA THR AB 56 76.67 39.78 -36.53
C THR AB 56 77.72 39.11 -35.67
N ILE AB 57 77.95 37.84 -35.94
CA ILE AB 57 79.02 37.06 -35.35
C ILE AB 57 80.06 36.88 -36.46
N LYS AB 58 81.16 37.62 -36.35
CA LYS AB 58 82.18 37.60 -37.36
C LYS AB 58 82.87 36.24 -37.42
N ARG AB 59 83.48 35.96 -38.56
CA ARG AB 59 84.17 34.70 -38.80
C ARG AB 59 85.46 34.63 -37.99
N THR AB 60 85.95 33.40 -37.81
CA THR AB 60 87.19 33.13 -37.10
C THR AB 60 87.91 31.97 -37.78
N THR AB 61 89.23 32.10 -37.91
CA THR AB 61 90.07 31.02 -38.40
C THR AB 61 90.33 29.96 -37.33
N VAL AB 62 89.90 30.19 -36.09
CA VAL AB 62 90.11 29.22 -35.02
C VAL AB 62 89.45 27.89 -35.39
N LYS AB 63 90.17 26.80 -35.13
CA LYS AB 63 89.67 25.48 -35.47
C LYS AB 63 88.73 24.92 -34.42
N THR AB 64 89.01 25.19 -33.15
CA THR AB 64 88.25 24.64 -32.07
C THR AB 64 86.82 25.15 -32.08
N PRO AB 65 85.92 24.49 -31.34
CA PRO AB 65 84.61 25.09 -31.10
C PRO AB 65 84.70 26.15 -30.03
N SER AB 66 84.61 27.40 -30.44
CA SER AB 66 84.57 28.54 -29.54
C SER AB 66 83.25 29.26 -29.68
N TRP AB 67 82.87 29.98 -28.64
CA TRP AB 67 81.61 30.69 -28.59
C TRP AB 67 81.84 32.19 -28.42
N ALA AB 68 80.92 32.95 -28.98
CA ALA AB 68 80.91 34.40 -28.91
C ALA AB 68 79.82 34.84 -27.97
N VAL AB 69 80.19 35.54 -26.92
CA VAL AB 69 79.28 35.93 -25.85
C VAL AB 69 78.95 37.40 -26.01
N ASP AB 70 77.69 37.74 -25.74
CA ASP AB 70 77.23 39.11 -25.79
C ASP AB 70 76.01 39.24 -24.91
N MET AB 71 75.63 40.48 -24.64
CA MET AB 71 74.55 40.84 -23.75
C MET AB 71 73.48 41.60 -24.50
N MET AB 72 72.33 41.76 -23.83
CA MET AB 72 71.19 42.44 -24.42
C MET AB 72 70.35 43.05 -23.31
N ARG AB 73 70.29 44.38 -23.29
CA ARG AB 73 69.44 45.14 -22.40
C ARG AB 73 68.27 45.73 -23.17
N PHE AB 74 67.29 46.23 -22.44
CA PHE AB 74 66.07 46.79 -23.02
C PHE AB 74 65.74 48.09 -22.31
N ASN AB 75 65.63 49.17 -23.09
CA ASN AB 75 65.20 50.46 -22.58
C ASN AB 75 64.04 50.97 -23.41
N ILE AB 76 63.16 51.72 -22.78
CA ILE AB 76 61.95 52.22 -23.44
C ILE AB 76 62.20 53.44 -24.30
N ASN AB 77 63.36 54.10 -24.16
CA ASN AB 77 63.66 55.21 -25.04
C ASN AB 77 63.86 54.74 -26.47
N ASP AB 78 64.34 53.52 -26.65
CA ASP AB 78 64.57 52.97 -27.98
C ASP AB 78 63.28 52.52 -28.66
N PHE AB 79 62.18 52.41 -27.92
CA PHE AB 79 60.89 52.03 -28.47
C PHE AB 79 59.90 53.17 -28.53
N LEU AB 80 60.00 54.11 -27.60
CA LEU AB 80 59.08 55.23 -27.49
C LEU AB 80 59.81 56.54 -27.78
N PRO AB 81 59.55 57.23 -28.88
CA PRO AB 81 60.31 58.43 -29.17
C PRO AB 81 59.84 59.59 -28.32
N PRO AB 82 60.56 60.71 -28.34
CA PRO AB 82 60.07 61.90 -27.67
C PRO AB 82 58.89 62.51 -28.42
N GLY AB 83 58.00 63.12 -27.66
CA GLY AB 83 56.82 63.71 -28.25
C GLY AB 83 57.06 65.10 -28.77
N GLY AB 84 56.10 65.97 -28.58
CA GLY AB 84 56.21 67.34 -29.04
C GLY AB 84 55.30 68.28 -28.27
N GLY AB 85 55.86 69.40 -27.84
CA GLY AB 85 55.11 70.39 -27.11
C GLY AB 85 55.03 70.11 -25.63
N SER AB 86 53.85 70.34 -25.05
CA SER AB 86 53.67 70.13 -23.63
C SER AB 86 53.66 68.66 -23.25
N ASN AB 87 53.50 67.76 -24.22
CA ASN AB 87 53.58 66.33 -23.99
C ASN AB 87 55.00 65.87 -24.27
N PRO AB 88 55.79 65.49 -23.26
CA PRO AB 88 57.19 65.18 -23.54
C PRO AB 88 57.39 63.88 -24.30
N ARG AB 89 56.44 62.98 -24.25
CA ARG AB 89 56.53 61.69 -24.92
C ARG AB 89 55.36 61.52 -25.90
N SER AB 90 55.53 60.57 -26.81
CA SER AB 90 54.58 60.38 -27.89
C SER AB 90 53.36 59.59 -27.45
N VAL AB 91 53.49 58.79 -26.41
CA VAL AB 91 52.37 58.08 -25.79
C VAL AB 91 51.98 58.84 -24.53
N PRO AB 92 50.83 59.51 -24.49
CA PRO AB 92 50.57 60.42 -23.36
C PRO AB 92 50.12 59.72 -22.09
N PHE AB 93 51.08 59.15 -21.38
CA PHE AB 93 50.85 58.51 -20.10
C PHE AB 93 51.99 58.85 -19.17
N GLU AB 94 51.73 58.67 -17.88
CA GLU AB 94 52.68 59.01 -16.82
C GLU AB 94 53.53 57.82 -16.40
N TYR AB 95 52.90 56.70 -16.10
CA TYR AB 95 53.56 55.54 -15.54
C TYR AB 95 53.58 54.40 -16.55
N TYR AB 96 54.47 53.45 -16.31
CA TYR AB 96 54.57 52.28 -17.16
C TYR AB 96 55.16 51.13 -16.36
N ARG AB 97 54.99 49.93 -16.89
CA ARG AB 97 55.67 48.75 -16.37
C ARG AB 97 55.69 47.72 -17.48
N ILE AB 98 56.86 47.18 -17.76
CA ILE AB 98 57.04 46.24 -18.85
C ILE AB 98 56.61 44.86 -18.37
N ARG AB 99 55.65 44.29 -19.08
CA ARG AB 99 55.07 42.99 -18.74
C ARG AB 99 55.87 41.84 -19.32
N LYS AB 100 56.19 41.91 -20.61
CA LYS AB 100 56.87 40.85 -21.31
C LYS AB 100 57.74 41.47 -22.40
N VAL AB 101 58.71 40.69 -22.85
CA VAL AB 101 59.53 41.02 -24.01
C VAL AB 101 59.65 39.76 -24.85
N LYS AB 102 59.62 39.95 -26.16
CA LYS AB 102 59.83 38.90 -27.15
C LYS AB 102 61.01 39.29 -27.99
N VAL AB 103 62.12 38.59 -27.80
CA VAL AB 103 63.30 38.75 -28.63
C VAL AB 103 63.28 37.69 -29.71
N GLU AB 104 63.35 38.12 -30.96
CA GLU AB 104 63.29 37.24 -32.11
C GLU AB 104 64.58 37.41 -32.89
N PHE AB 105 65.35 36.33 -33.01
CA PHE AB 105 66.53 36.28 -33.87
C PHE AB 105 66.09 35.78 -35.22
N TRP AB 106 65.87 36.71 -36.14
CA TRP AB 106 65.52 36.37 -37.50
C TRP AB 106 66.79 36.20 -38.31
N PRO AB 107 67.07 35.03 -38.87
CA PRO AB 107 68.34 34.84 -39.56
C PRO AB 107 68.42 35.61 -40.86
N CYS AB 108 69.66 35.87 -41.25
CA CYS AB 108 69.99 36.52 -42.50
C CYS AB 108 70.73 35.60 -43.44
N SER AB 109 70.97 34.36 -43.06
CA SER AB 109 71.86 33.46 -43.75
C SER AB 109 71.05 32.40 -44.49
N PRO AB 110 71.55 31.90 -45.61
CA PRO AB 110 70.80 30.92 -46.38
C PRO AB 110 70.78 29.57 -45.69
N ILE AB 111 69.80 28.76 -46.10
CA ILE AB 111 69.70 27.41 -45.55
C ILE AB 111 70.75 26.46 -46.09
N THR AB 112 71.55 26.89 -47.06
CA THR AB 112 72.64 26.10 -47.59
C THR AB 112 73.97 26.35 -46.88
N GLN AB 113 74.00 27.23 -45.88
CA GLN AB 113 75.24 27.59 -45.22
C GLN AB 113 75.67 26.45 -44.31
N GLY AB 114 76.94 26.10 -44.39
CA GLY AB 114 77.51 25.04 -43.59
C GLY AB 114 78.23 25.56 -42.37
N ASP AB 115 79.04 24.68 -41.78
CA ASP AB 115 79.74 24.96 -40.53
C ASP AB 115 78.75 25.35 -39.45
N ARG AB 116 77.65 24.62 -39.39
CA ARG AB 116 76.61 24.90 -38.43
C ARG AB 116 77.11 24.70 -37.01
N GLY AB 117 76.33 25.20 -36.07
CA GLY AB 117 76.72 25.22 -34.68
C GLY AB 117 75.56 25.15 -33.74
N VAL AB 118 75.84 25.28 -32.45
CA VAL AB 118 74.81 25.18 -31.42
C VAL AB 118 75.21 26.08 -30.27
N GLY AB 119 74.27 26.93 -29.86
CA GLY AB 119 74.48 27.93 -28.83
C GLY AB 119 73.43 27.89 -27.76
N SER AB 120 73.35 28.98 -27.00
CA SER AB 120 72.47 29.03 -25.85
C SER AB 120 72.09 30.46 -25.56
N SER AB 121 70.83 30.66 -25.19
CA SER AB 121 70.30 31.94 -24.74
C SER AB 121 69.71 31.76 -23.36
N ALA AB 122 70.10 32.63 -22.44
CA ALA AB 122 69.66 32.56 -21.06
C ALA AB 122 69.13 33.92 -20.62
N VAL AB 123 68.34 33.89 -19.54
CA VAL AB 123 67.65 35.05 -19.01
C VAL AB 123 68.40 35.52 -17.77
N ILE AB 124 68.88 36.76 -17.80
CA ILE AB 124 69.78 37.32 -16.80
C ILE AB 124 69.15 38.61 -16.29
N LEU AB 125 68.50 38.54 -15.14
CA LEU AB 125 67.66 39.62 -14.64
C LEU AB 125 68.37 40.55 -13.66
N ASP AB 126 69.70 40.71 -13.76
CA ASP AB 126 70.44 41.41 -12.72
C ASP AB 126 71.60 42.27 -13.19
N ASP AB 127 71.84 42.40 -14.49
CA ASP AB 127 72.85 43.32 -15.01
C ASP AB 127 74.26 42.88 -14.66
N ASN AB 128 74.47 41.58 -14.48
CA ASN AB 128 75.81 41.01 -14.34
C ASN AB 128 75.84 39.83 -15.30
N PHE AB 129 76.25 40.11 -16.51
CA PHE AB 129 76.38 39.13 -17.57
C PHE AB 129 77.76 38.51 -17.56
N VAL AB 130 77.87 37.36 -18.23
CA VAL AB 130 79.18 36.84 -18.55
C VAL AB 130 79.88 37.85 -19.44
N THR AB 131 81.18 38.01 -19.21
CA THR AB 131 81.94 39.02 -19.92
C THR AB 131 81.88 38.79 -21.42
N LYS AB 132 81.77 39.87 -22.17
CA LYS AB 132 81.75 39.78 -23.62
C LYS AB 132 83.05 39.19 -24.14
N ALA AB 133 82.92 38.17 -24.98
CA ALA AB 133 84.04 37.42 -25.50
C ALA AB 133 83.84 37.17 -26.98
N THR AB 134 84.96 37.11 -27.70
CA THR AB 134 84.95 36.84 -29.12
C THR AB 134 85.01 35.34 -29.41
N ALA AB 135 85.97 34.64 -28.79
CA ALA AB 135 86.12 33.20 -28.96
C ALA AB 135 86.45 32.60 -27.60
N LEU AB 136 85.41 32.24 -26.86
CA LEU AB 136 85.54 31.56 -25.59
C LEU AB 136 85.45 30.06 -25.79
N THR AB 137 86.24 29.32 -25.02
CA THR AB 137 86.41 27.89 -25.21
C THR AB 137 85.24 27.05 -24.72
N TYR AB 138 84.14 27.67 -24.31
CA TYR AB 138 82.99 26.92 -23.80
C TYR AB 138 81.77 27.82 -23.89
N ASP AB 139 80.61 27.19 -23.73
CA ASP AB 139 79.33 27.89 -23.71
C ASP AB 139 78.97 28.18 -22.25
N PRO AB 140 79.07 29.41 -21.78
CA PRO AB 140 78.79 29.65 -20.36
C PRO AB 140 77.34 29.50 -20.00
N TYR AB 141 76.43 29.80 -20.92
CA TYR AB 141 75.00 29.80 -20.64
C TYR AB 141 74.36 28.44 -20.87
N VAL AB 142 75.16 27.37 -20.93
CA VAL AB 142 74.63 26.07 -21.31
C VAL AB 142 73.95 25.41 -20.12
N ASN AB 143 74.53 25.52 -18.94
CA ASN AB 143 73.98 24.88 -17.76
C ASN AB 143 72.99 25.74 -17.01
N TYR AB 144 72.66 26.91 -17.55
CA TYR AB 144 71.66 27.77 -16.93
C TYR AB 144 70.28 27.15 -17.01
N SER AB 145 69.51 27.34 -15.96
CA SER AB 145 68.15 26.82 -15.90
C SER AB 145 67.24 27.42 -16.95
N SER AB 146 67.57 28.61 -17.45
CA SER AB 146 66.80 29.30 -18.47
C SER AB 146 67.43 29.18 -19.85
N ARG AB 147 68.24 28.16 -20.07
CA ARG AB 147 68.91 28.00 -21.34
C ARG AB 147 67.93 27.41 -22.35
N HIS AB 148 67.90 28.03 -23.53
CA HIS AB 148 67.27 27.47 -24.71
C HIS AB 148 68.37 27.32 -25.75
N THR AB 149 68.34 26.22 -26.47
CA THR AB 149 69.33 25.96 -27.50
C THR AB 149 69.10 26.84 -28.70
N ILE AB 150 70.17 27.41 -29.22
CA ILE AB 150 70.18 28.17 -30.45
C ILE AB 150 70.81 27.28 -31.50
N THR AB 151 69.98 26.82 -32.43
CA THR AB 151 70.49 26.25 -33.66
C THR AB 151 70.93 27.36 -34.59
N GLN AB 152 72.09 27.18 -35.19
CA GLN AB 152 72.73 28.19 -36.03
C GLN AB 152 73.00 27.60 -37.41
N PRO AB 153 73.14 28.43 -38.44
CA PRO AB 153 72.96 29.89 -38.56
C PRO AB 153 71.62 30.33 -39.11
N PHE AB 154 70.88 29.40 -39.70
CA PHE AB 154 69.71 29.72 -40.50
C PHE AB 154 68.41 29.38 -39.81
N SER AB 155 68.39 29.42 -38.48
CA SER AB 155 67.24 28.98 -37.70
C SER AB 155 66.76 30.11 -36.81
N TYR AB 156 65.46 30.17 -36.64
CA TYR AB 156 64.79 31.18 -35.85
C TYR AB 156 64.81 30.81 -34.39
N HIS AB 157 65.03 31.82 -33.54
CA HIS AB 157 65.11 31.66 -32.10
C HIS AB 157 64.30 32.76 -31.45
N SER AB 158 63.31 32.39 -30.65
CA SER AB 158 62.49 33.31 -29.89
C SER AB 158 62.67 33.07 -28.40
N ARG AB 159 62.56 34.14 -27.64
CA ARG AB 159 62.56 34.08 -26.18
C ARG AB 159 61.51 35.05 -25.69
N TYR AB 160 60.60 34.56 -24.85
CA TYR AB 160 59.48 35.32 -24.32
C TYR AB 160 59.52 35.23 -22.81
N PHE AB 161 59.74 36.37 -22.16
CA PHE AB 161 59.98 36.40 -20.74
C PHE AB 161 59.60 37.76 -20.20
N THR AB 162 59.69 37.89 -18.88
CA THR AB 162 59.36 39.10 -18.15
C THR AB 162 60.62 39.75 -17.63
N PRO AB 163 61.04 40.90 -18.15
CA PRO AB 163 62.28 41.50 -17.66
C PRO AB 163 62.10 42.15 -16.31
N LYS AB 164 63.19 42.70 -15.79
CA LYS AB 164 63.21 43.36 -14.50
C LYS AB 164 64.02 44.64 -14.63
N PRO AB 165 63.64 45.71 -13.93
CA PRO AB 165 64.41 46.95 -14.01
C PRO AB 165 65.60 46.97 -13.08
N VAL AB 166 66.56 47.80 -13.44
CA VAL AB 166 67.80 47.97 -12.69
C VAL AB 166 67.55 49.12 -11.72
N LEU AB 167 67.05 48.76 -10.54
CA LEU AB 167 66.77 49.75 -9.51
C LEU AB 167 68.02 50.10 -8.73
N ASP AB 168 68.82 49.10 -8.36
CA ASP AB 168 70.10 49.31 -7.69
C ASP AB 168 71.08 48.31 -8.27
N SER AB 169 72.04 48.80 -9.05
CA SER AB 169 73.04 47.93 -9.64
C SER AB 169 74.05 47.43 -8.63
N THR AB 170 74.14 48.05 -7.46
CA THR AB 170 75.07 47.61 -6.43
C THR AB 170 74.56 46.35 -5.73
N ILE AB 171 73.27 46.29 -5.48
CA ILE AB 171 72.66 45.19 -4.74
C ILE AB 171 72.00 44.23 -5.72
N ASP AB 172 71.45 44.77 -6.80
CA ASP AB 172 70.85 43.98 -7.87
C ASP AB 172 69.72 43.11 -7.33
N TYR AB 173 68.66 43.79 -6.87
CA TYR AB 173 67.46 43.14 -6.37
C TYR AB 173 66.33 43.29 -7.38
N PHE AB 174 65.47 42.28 -7.43
CA PHE AB 174 64.35 42.30 -8.33
C PHE AB 174 63.19 41.51 -7.73
N GLN AB 175 62.07 41.71 -8.27
CA GLN AB 175 60.83 41.12 -7.83
C GLN AB 175 60.54 39.82 -8.57
N PRO AB 176 59.87 38.87 -7.93
CA PRO AB 176 59.36 37.74 -8.70
C PRO AB 176 58.17 38.10 -9.56
N ASN AB 177 57.74 37.18 -10.39
CA ASN AB 177 56.67 37.46 -11.34
C ASN AB 177 55.34 37.52 -10.62
N ASN AB 178 54.72 38.68 -10.66
CA ASN AB 178 53.40 38.88 -10.08
C ASN AB 178 52.77 40.05 -10.83
N LYS AB 179 51.72 39.77 -11.58
CA LYS AB 179 51.12 40.82 -12.37
C LYS AB 179 50.47 41.89 -11.48
N ARG AB 180 50.01 41.51 -10.31
CA ARG AB 180 49.28 42.43 -9.45
C ARG AB 180 50.20 43.30 -8.62
N ASN AB 181 51.41 42.83 -8.34
CA ASN AB 181 52.35 43.52 -7.47
C ASN AB 181 53.52 44.14 -8.20
N GLN AB 182 53.55 44.07 -9.52
CA GLN AB 182 54.66 44.62 -10.27
C GLN AB 182 54.70 46.13 -10.13
N LEU AB 183 55.90 46.66 -9.90
CA LEU AB 183 56.09 48.07 -9.68
C LEU AB 183 55.77 48.87 -10.93
N TRP AB 184 55.20 50.05 -10.70
CA TRP AB 184 55.02 51.04 -11.74
C TRP AB 184 56.20 52.00 -11.71
N LEU AB 185 56.86 52.14 -12.84
CA LEU AB 185 57.89 53.14 -13.02
C LEU AB 185 57.30 54.36 -13.69
N ARG AB 186 58.04 55.45 -13.63
CA ARG AB 186 57.67 56.67 -14.32
C ARG AB 186 58.27 56.69 -15.72
N LEU AB 187 57.47 57.13 -16.66
CA LEU AB 187 57.91 57.37 -18.02
C LEU AB 187 58.61 58.70 -18.07
N GLN AB 188 59.93 58.66 -17.87
CA GLN AB 188 60.74 59.86 -17.86
C GLN AB 188 60.80 60.47 -19.26
N THR AB 189 61.40 61.65 -19.32
CA THR AB 189 61.52 62.36 -20.60
C THR AB 189 62.67 61.83 -21.42
N ALA AB 190 63.88 61.78 -20.85
CA ALA AB 190 65.05 61.28 -21.57
C ALA AB 190 65.99 60.45 -20.69
N GLY AB 191 65.50 59.85 -19.62
CA GLY AB 191 66.36 59.18 -18.66
C GLY AB 191 65.82 57.90 -18.08
N ASN AB 192 65.05 57.16 -18.86
CA ASN AB 192 64.42 55.95 -18.37
C ASN AB 192 65.46 54.90 -18.01
N VAL AB 193 65.06 53.99 -17.15
CA VAL AB 193 65.95 52.99 -16.57
C VAL AB 193 66.00 51.77 -17.47
N ASP AB 194 67.17 51.13 -17.50
CA ASP AB 194 67.40 50.00 -18.36
C ASP AB 194 66.80 48.74 -17.77
N HIS AB 195 66.01 48.04 -18.55
CA HIS AB 195 65.56 46.71 -18.22
C HIS AB 195 66.51 45.69 -18.81
N VAL AB 196 66.53 44.51 -18.20
CA VAL AB 196 67.58 43.53 -18.44
C VAL AB 196 66.94 42.15 -18.45
N GLY AB 197 67.66 41.17 -18.97
CA GLY AB 197 67.08 39.85 -19.10
C GLY AB 197 67.46 38.94 -20.24
N LEU AB 198 68.49 39.22 -21.03
CA LEU AB 198 68.94 38.22 -21.99
C LEU AB 198 70.43 38.28 -22.25
N GLY AB 199 71.03 37.10 -22.22
CA GLY AB 199 72.41 36.92 -22.64
C GLY AB 199 72.51 35.71 -23.54
N THR AB 200 73.45 35.79 -24.49
CA THR AB 200 73.55 34.83 -25.56
C THR AB 200 74.97 34.29 -25.66
N ALA AB 201 75.08 33.15 -26.34
CA ALA AB 201 76.36 32.56 -26.68
C ALA AB 201 76.20 31.87 -28.02
N PHE AB 202 76.86 32.41 -29.04
CA PHE AB 202 76.81 31.89 -30.39
C PHE AB 202 78.13 31.21 -30.74
N GLU AB 203 78.03 30.05 -31.36
CA GLU AB 203 79.20 29.30 -31.79
C GLU AB 203 79.74 29.92 -33.06
N ASN AB 204 81.04 30.22 -33.06
CA ASN AB 204 81.66 30.87 -34.18
C ASN AB 204 81.76 29.92 -35.37
N SER AB 205 82.08 30.49 -36.53
CA SER AB 205 82.07 29.77 -37.78
C SER AB 205 83.06 30.40 -38.74
N ILE AB 206 83.35 29.68 -39.82
CA ILE AB 206 84.21 30.21 -40.88
C ILE AB 206 83.51 31.33 -41.62
N TYR AB 207 82.19 31.28 -41.70
CA TYR AB 207 81.40 32.29 -42.38
C TYR AB 207 80.77 33.24 -41.38
N ASP AB 208 80.45 34.44 -41.84
CA ASP AB 208 79.80 35.42 -41.01
C ASP AB 208 78.34 35.05 -40.81
N GLN AB 209 77.87 35.13 -39.57
CA GLN AB 209 76.49 34.82 -39.20
C GLN AB 209 75.81 36.13 -38.81
N GLU AB 210 74.90 36.59 -39.66
CA GLU AB 210 74.16 37.81 -39.43
C GLU AB 210 72.74 37.50 -38.97
N TYR AB 211 72.19 38.40 -38.18
CA TYR AB 211 70.84 38.29 -37.66
C TYR AB 211 70.19 39.66 -37.64
N ASN AB 212 68.88 39.67 -37.86
CA ASN AB 212 68.03 40.85 -37.66
C ASN AB 212 67.21 40.60 -36.43
N ILE AB 213 67.49 41.31 -35.35
CA ILE AB 213 66.88 41.06 -34.06
C ILE AB 213 65.72 42.04 -33.89
N ARG AB 214 64.53 41.50 -33.65
CA ARG AB 214 63.31 42.26 -33.45
C ARG AB 214 62.86 42.06 -32.01
N VAL AB 215 62.96 43.11 -31.22
CA VAL AB 215 62.50 43.11 -29.83
C VAL AB 215 61.13 43.74 -29.80
N THR AB 216 60.20 43.07 -29.12
CA THR AB 216 58.85 43.54 -28.94
C THR AB 216 58.58 43.58 -27.45
N MET AB 217 58.27 44.75 -26.93
CA MET AB 217 57.94 44.94 -25.53
C MET AB 217 56.44 45.13 -25.37
N TYR AB 218 55.86 44.34 -24.48
CA TYR AB 218 54.45 44.43 -24.14
C TYR AB 218 54.33 45.23 -22.85
N VAL AB 219 53.87 46.46 -22.96
CA VAL AB 219 53.91 47.41 -21.87
C VAL AB 219 52.49 47.69 -21.40
N GLN AB 220 52.40 48.35 -20.25
CA GLN AB 220 51.14 48.69 -19.62
C GLN AB 220 51.33 50.07 -19.00
N PHE AB 221 50.59 51.04 -19.52
CA PHE AB 221 50.67 52.42 -19.07
C PHE AB 221 49.54 52.74 -18.11
N ARG AB 222 49.61 53.94 -17.53
CA ARG AB 222 48.65 54.37 -16.52
C ARG AB 222 48.62 55.88 -16.49
N GLU AB 223 47.45 56.42 -16.17
CA GLU AB 223 47.25 57.85 -15.93
C GLU AB 223 47.55 58.67 -17.18
N PHE AB 224 46.65 58.52 -18.14
CA PHE AB 224 46.53 59.41 -19.30
C PHE AB 224 46.67 60.86 -18.88
N ASN AB 225 47.63 61.56 -19.45
CA ASN AB 225 48.02 62.88 -18.99
C ASN AB 225 48.20 63.85 -20.14
N LEU AB 226 47.30 63.80 -21.10
CA LEU AB 226 47.41 64.69 -22.25
C LEU AB 226 47.20 66.13 -21.80
N LYS AB 227 47.95 67.03 -22.43
CA LYS AB 227 47.87 68.46 -22.17
C LYS AB 227 47.48 69.17 -23.44
N ASP AB 228 46.43 69.99 -23.36
CA ASP AB 228 45.81 70.65 -24.51
C ASP AB 228 45.81 72.15 -24.30
N PRO AB 229 46.91 72.82 -24.63
CA PRO AB 229 46.91 74.27 -24.59
C PRO AB 229 46.15 74.84 -25.77
N PRO AB 230 45.82 76.13 -25.74
CA PRO AB 230 45.19 76.73 -26.93
C PRO AB 230 46.15 76.87 -28.09
N LEU AB 231 45.68 77.44 -29.19
CA LEU AB 231 46.46 77.60 -30.40
C LEU AB 231 46.19 78.93 -31.07
N GLY BB 43 70.41 14.35 1.94
CA GLY BB 43 70.30 15.64 1.29
C GLY BB 43 70.41 15.54 -0.22
N ILE BB 44 69.30 15.19 -0.85
CA ILE BB 44 69.29 14.89 -2.27
C ILE BB 44 69.26 16.18 -3.07
N PHE BB 45 69.94 16.15 -4.20
CA PHE BB 45 69.93 17.26 -5.14
C PHE BB 45 70.10 16.68 -6.55
N ASN BB 46 69.01 16.59 -7.27
CA ASN BB 46 69.05 16.20 -8.66
C ASN BB 46 69.34 17.40 -9.53
N THR BB 47 70.36 17.29 -10.38
CA THR BB 47 70.72 18.35 -11.30
C THR BB 47 71.13 17.75 -12.63
N ARG BB 48 71.73 18.59 -13.47
CA ARG BB 48 72.05 18.26 -14.85
C ARG BB 48 73.37 18.91 -15.21
N LEU BB 49 74.30 18.10 -15.71
CA LEU BB 49 75.64 18.53 -16.08
C LEU BB 49 75.89 18.15 -17.52
N SER BB 50 76.50 19.07 -18.27
CA SER BB 50 76.72 18.93 -19.69
C SER BB 50 78.18 19.15 -20.03
N ARG BB 51 78.50 18.82 -21.28
CA ARG BB 51 79.85 18.80 -21.81
C ARG BB 51 79.74 18.61 -23.31
N THR BB 52 80.58 19.29 -24.06
CA THR BB 52 80.54 19.30 -25.51
C THR BB 52 81.92 19.05 -26.08
N PHE BB 53 81.98 18.24 -27.12
CA PHE BB 53 83.24 17.89 -27.77
C PHE BB 53 82.94 17.41 -29.18
N GLY BB 54 84.00 17.27 -29.96
CA GLY BB 54 83.91 16.92 -31.36
C GLY BB 54 84.25 15.49 -31.70
N TYR BB 55 83.72 15.03 -32.83
CA TYR BB 55 84.01 13.72 -33.38
C TYR BB 55 83.92 13.81 -34.89
N THR BB 56 84.92 13.31 -35.59
CA THR BB 56 84.98 13.35 -37.04
C THR BB 56 85.23 11.95 -37.58
N ILE BB 57 84.54 11.64 -38.66
CA ILE BB 57 84.74 10.43 -39.43
C ILE BB 57 85.43 10.87 -40.72
N LYS BB 58 86.72 10.58 -40.81
CA LYS BB 58 87.51 11.02 -41.94
C LYS BB 58 87.06 10.30 -43.22
N ARG BB 59 87.39 10.91 -44.35
CA ARG BB 59 87.03 10.38 -45.65
C ARG BB 59 87.86 9.15 -46.00
N THR BB 60 87.33 8.37 -46.93
CA THR BB 60 88.01 7.17 -47.43
C THR BB 60 87.76 7.04 -48.92
N THR BB 61 88.81 6.66 -49.64
CA THR BB 61 88.71 6.33 -51.07
C THR BB 61 88.11 4.96 -51.31
N VAL BB 62 87.87 4.18 -50.25
CA VAL BB 62 87.30 2.85 -50.42
C VAL BB 62 85.92 2.95 -51.07
N LYS BB 63 85.67 2.06 -52.02
CA LYS BB 63 84.42 2.08 -52.77
C LYS BB 63 83.29 1.37 -52.03
N THR BB 64 83.61 0.30 -51.33
CA THR BB 64 82.61 -0.50 -50.67
C THR BB 64 81.93 0.27 -49.56
N PRO BB 65 80.79 -0.22 -49.07
CA PRO BB 65 80.24 0.34 -47.82
C PRO BB 65 80.97 -0.23 -46.63
N SER BB 66 81.80 0.60 -46.01
CA SER BB 66 82.50 0.26 -44.80
C SER BB 66 82.05 1.18 -43.68
N TRP BB 67 82.22 0.71 -42.45
CA TRP BB 67 81.80 1.43 -41.26
C TRP BB 67 82.99 1.72 -40.36
N ALA BB 68 82.89 2.85 -39.66
CA ALA BB 68 83.88 3.30 -38.71
C ALA BB 68 83.32 3.10 -37.31
N VAL BB 69 84.02 2.32 -36.51
CA VAL BB 69 83.57 1.94 -35.19
C VAL BB 69 84.35 2.72 -34.15
N ASP BB 70 83.66 3.12 -33.10
CA ASP BB 70 84.28 3.84 -32.00
C ASP BB 70 83.44 3.65 -30.76
N MET BB 71 84.02 4.02 -29.62
CA MET BB 71 83.43 3.83 -28.31
C MET BB 71 83.23 5.17 -27.63
N MET BB 72 82.47 5.13 -26.53
CA MET BB 72 82.14 6.34 -25.79
C MET BB 72 81.90 5.97 -24.32
N ARG BB 73 82.77 6.44 -23.45
CA ARG BB 73 82.64 6.30 -22.00
C ARG BB 73 82.24 7.64 -21.41
N PHE BB 74 81.83 7.61 -20.15
CA PHE BB 74 81.39 8.80 -19.42
C PHE BB 74 82.01 8.79 -18.03
N ASN BB 75 82.71 9.87 -17.70
CA ASN BB 75 83.27 10.08 -16.38
C ASN BB 75 82.83 11.43 -15.86
N ILE BB 76 82.68 11.53 -14.54
CA ILE BB 76 82.19 12.75 -13.92
C ILE BB 76 83.27 13.80 -13.75
N ASN BB 77 84.53 13.45 -13.90
CA ASN BB 77 85.58 14.45 -13.85
C ASN BB 77 85.49 15.41 -15.01
N ASP BB 78 85.00 14.93 -16.15
CA ASP BB 78 84.86 15.76 -17.34
C ASP BB 78 83.67 16.70 -17.28
N PHE BB 79 82.76 16.50 -16.33
CA PHE BB 79 81.60 17.35 -16.15
C PHE BB 79 81.67 18.21 -14.90
N LEU BB 80 82.34 17.72 -13.86
CA LEU BB 80 82.45 18.39 -12.58
C LEU BB 80 83.89 18.80 -12.33
N PRO BB 81 84.25 20.09 -12.33
CA PRO BB 81 85.64 20.44 -12.15
C PRO BB 81 86.05 20.32 -10.70
N PRO BB 82 87.34 20.45 -10.41
CA PRO BB 82 87.77 20.51 -9.02
C PRO BB 82 87.39 21.84 -8.39
N GLY BB 83 87.12 21.78 -7.10
CA GLY BB 83 86.72 22.95 -6.37
C GLY BB 83 87.88 23.80 -5.92
N GLY BB 84 87.77 24.34 -4.72
CA GLY BB 84 88.82 25.15 -4.16
C GLY BB 84 88.78 25.22 -2.66
N GLY BB 85 89.93 25.02 -2.03
CA GLY BB 85 90.02 25.07 -0.59
C GLY BB 85 89.68 23.75 0.07
N SER BB 86 88.97 23.83 1.18
CA SER BB 86 88.60 22.63 1.92
C SER BB 86 87.56 21.80 1.20
N ASN BB 87 86.89 22.37 0.20
CA ASN BB 87 85.94 21.63 -0.62
C ASN BB 87 86.66 21.12 -1.86
N PRO BB 88 86.90 19.81 -2.00
CA PRO BB 88 87.71 19.36 -3.12
C PRO BB 88 87.01 19.46 -4.46
N ARG BB 89 85.68 19.49 -4.48
CA ARG BB 89 84.90 19.57 -5.70
C ARG BB 89 84.01 20.80 -5.68
N SER BB 90 83.53 21.16 -6.87
CA SER BB 90 82.77 22.40 -7.03
C SER BB 90 81.32 22.25 -6.61
N VAL BB 91 80.80 21.04 -6.63
CA VAL BB 91 79.47 20.72 -6.11
C VAL BB 91 79.65 20.09 -4.74
N PRO BB 92 79.27 20.76 -3.65
CA PRO BB 92 79.65 20.24 -2.33
C PRO BB 92 78.76 19.10 -1.83
N PHE BB 93 79.03 17.92 -2.35
CA PHE BB 93 78.33 16.72 -1.94
C PHE BB 93 79.33 15.57 -1.86
N GLU BB 94 78.95 14.53 -1.14
CA GLU BB 94 79.79 13.37 -0.88
C GLU BB 94 79.57 12.25 -1.88
N TYR BB 95 78.32 11.86 -2.09
CA TYR BB 95 77.95 10.71 -2.88
C TYR BB 95 77.25 11.15 -4.15
N TYR BB 96 77.22 10.25 -5.12
CA TYR BB 96 76.52 10.50 -6.37
C TYR BB 96 76.12 9.18 -6.99
N ARG BB 97 75.20 9.28 -7.94
CA ARG BB 97 74.84 8.16 -8.79
C ARG BB 97 74.21 8.71 -10.04
N ILE BB 98 74.70 8.26 -11.19
CA ILE BB 98 74.24 8.79 -12.47
C ILE BB 98 72.95 8.08 -12.84
N ARG BB 99 71.90 8.86 -13.05
CA ARG BB 99 70.58 8.34 -13.35
C ARG BB 99 70.39 8.11 -14.84
N LYS BB 100 70.75 9.08 -15.67
CA LYS BB 100 70.55 9.02 -17.09
C LYS BB 100 71.66 9.78 -17.78
N VAL BB 101 71.85 9.49 -19.05
CA VAL BB 101 72.74 10.25 -19.93
C VAL BB 101 72.01 10.47 -21.25
N LYS BB 102 72.21 11.65 -21.81
CA LYS BB 102 71.68 12.02 -23.12
C LYS BB 102 72.86 12.39 -24.00
N VAL BB 103 73.16 11.54 -24.95
CA VAL BB 103 74.17 11.81 -25.95
C VAL BB 103 73.48 12.34 -27.19
N GLU BB 104 73.91 13.51 -27.64
CA GLU BB 104 73.33 14.19 -28.77
C GLU BB 104 74.43 14.39 -29.81
N PHE BB 105 74.23 13.79 -30.98
CA PHE BB 105 75.10 14.01 -32.13
C PHE BB 105 74.53 15.16 -32.93
N TRP BB 106 75.07 16.35 -32.70
CA TRP BB 106 74.65 17.52 -33.46
C TRP BB 106 75.50 17.61 -34.71
N PRO BB 107 74.92 17.56 -35.91
CA PRO BB 107 75.75 17.55 -37.11
C PRO BB 107 76.43 18.88 -37.36
N CYS BB 108 77.52 18.80 -38.11
CA CYS BB 108 78.28 19.95 -38.55
C CYS BB 108 78.25 20.11 -40.06
N SER BB 109 77.54 19.25 -40.76
CA SER BB 109 77.59 19.15 -42.20
C SER BB 109 76.32 19.73 -42.82
N PRO BB 110 76.40 20.29 -44.02
CA PRO BB 110 75.23 20.90 -44.63
C PRO BB 110 74.24 19.84 -45.10
N ILE BB 111 73.00 20.30 -45.29
CA ILE BB 111 71.96 19.41 -45.78
C ILE BB 111 72.10 19.09 -47.26
N THR BB 112 73.03 19.74 -47.95
CA THR BB 112 73.30 19.45 -49.36
C THR BB 112 74.39 18.40 -49.54
N GLN BB 113 74.95 17.86 -48.47
CA GLN BB 113 76.06 16.92 -48.60
C GLN BB 113 75.53 15.58 -49.06
N GLY BB 114 76.21 15.00 -50.04
CA GLY BB 114 75.85 13.73 -50.59
C GLY BB 114 76.64 12.59 -50.01
N ASP BB 115 76.58 11.46 -50.71
CA ASP BB 115 77.21 10.22 -50.25
C ASP BB 115 76.70 9.85 -48.88
N ARG BB 116 75.40 9.99 -48.68
CA ARG BB 116 74.78 9.70 -47.41
C ARG BB 116 74.92 8.24 -47.06
N GLY BB 117 74.64 7.94 -45.79
CA GLY BB 117 74.86 6.62 -45.26
C GLY BB 117 73.91 6.28 -44.14
N VAL BB 118 74.14 5.12 -43.52
CA VAL BB 118 73.26 4.64 -42.46
C VAL BB 118 74.10 3.84 -41.49
N GLY BB 119 73.99 4.18 -40.21
CA GLY BB 119 74.77 3.57 -39.15
C GLY BB 119 73.92 3.09 -38.01
N SER BB 120 74.56 2.86 -36.87
CA SER BB 120 73.89 2.27 -35.72
C SER BB 120 74.60 2.70 -34.45
N SER BB 121 73.80 2.97 -33.43
CA SER BB 121 74.28 3.25 -32.08
C SER BB 121 73.65 2.28 -31.12
N ALA BB 122 74.47 1.65 -30.29
CA ALA BB 122 74.02 0.65 -29.34
C ALA BB 122 74.55 0.97 -27.96
N VAL BB 123 73.90 0.38 -26.96
CA VAL BB 123 74.19 0.62 -25.56
C VAL BB 123 74.96 -0.56 -25.01
N ILE BB 124 76.17 -0.29 -24.51
CA ILE BB 124 77.14 -1.30 -24.12
C ILE BB 124 77.55 -1.03 -22.68
N LEU BB 125 76.96 -1.75 -21.75
CA LEU BB 125 77.07 -1.45 -20.33
C LEU BB 125 78.16 -2.23 -19.61
N ASP BB 126 79.24 -2.64 -20.31
CA ASP BB 126 80.20 -3.56 -19.72
C ASP BB 126 81.65 -3.34 -20.08
N ASP BB 127 82.00 -2.30 -20.83
CA ASP BB 127 83.39 -1.94 -21.10
C ASP BB 127 84.09 -2.98 -21.98
N ASN BB 128 83.32 -3.67 -22.81
CA ASN BB 128 83.88 -4.53 -23.85
C ASN BB 128 83.15 -4.16 -25.13
N PHE BB 129 83.71 -3.21 -25.84
CA PHE BB 129 83.20 -2.71 -27.09
C PHE BB 129 83.76 -3.50 -28.25
N VAL BB 130 83.09 -3.40 -29.39
CA VAL BB 130 83.69 -3.85 -30.63
C VAL BB 130 84.95 -3.03 -30.86
N THR BB 131 85.99 -3.70 -31.36
CA THR BB 131 87.27 -3.05 -31.54
C THR BB 131 87.16 -1.85 -32.46
N LYS BB 132 87.87 -0.79 -32.12
CA LYS BB 132 87.87 0.41 -32.93
C LYS BB 132 88.43 0.11 -34.32
N ALA BB 133 87.68 0.50 -35.33
CA ALA BB 133 88.01 0.21 -36.72
C ALA BB 133 87.79 1.45 -37.55
N THR BB 134 88.59 1.58 -38.61
CA THR BB 134 88.48 2.69 -39.55
C THR BB 134 87.51 2.37 -40.68
N ALA BB 135 87.67 1.21 -41.31
CA ALA BB 135 86.81 0.79 -42.41
C ALA BB 135 86.55 -0.71 -42.24
N LEU BB 136 85.51 -1.03 -41.49
CA LEU BB 136 85.06 -2.40 -41.30
C LEU BB 136 83.96 -2.72 -42.30
N THR BB 137 83.97 -3.95 -42.81
CA THR BB 137 83.11 -4.36 -43.91
C THR BB 137 81.67 -4.60 -43.51
N TYR BB 138 81.27 -4.28 -42.28
CA TYR BB 138 79.91 -4.49 -41.84
C TYR BB 138 79.64 -3.61 -40.64
N ASP BB 139 78.37 -3.49 -40.30
CA ASP BB 139 77.93 -2.74 -39.13
C ASP BB 139 77.78 -3.71 -37.97
N PRO BB 140 78.68 -3.71 -36.99
CA PRO BB 140 78.55 -4.70 -35.92
C PRO BB 140 77.37 -4.47 -35.01
N TYR BB 141 77.00 -3.22 -34.80
CA TYR BB 141 75.95 -2.86 -33.86
C TYR BB 141 74.56 -2.90 -34.48
N VAL BB 142 74.41 -3.55 -35.63
CA VAL BB 142 73.14 -3.47 -36.35
C VAL BB 142 72.12 -4.43 -35.76
N ASN BB 143 72.54 -5.62 -35.38
CA ASN BB 143 71.63 -6.61 -34.84
C ASN BB 143 71.47 -6.53 -33.34
N TYR BB 144 72.07 -5.53 -32.71
CA TYR BB 144 71.91 -5.35 -31.28
C TYR BB 144 70.49 -4.93 -30.94
N SER BB 145 70.00 -5.43 -29.82
CA SER BB 145 68.66 -5.11 -29.37
C SER BB 145 68.49 -3.64 -29.03
N SER BB 146 69.58 -2.95 -28.73
CA SER BB 146 69.55 -1.53 -28.42
C SER BB 146 70.00 -0.66 -29.57
N ARG BB 147 69.91 -1.16 -30.79
CA ARG BB 147 70.35 -0.41 -31.96
C ARG BB 147 69.30 0.62 -32.33
N HIS BB 148 69.76 1.84 -32.54
CA HIS BB 148 69.00 2.89 -33.19
C HIS BB 148 69.75 3.27 -34.45
N THR BB 149 69.01 3.49 -35.52
CA THR BB 149 69.61 3.86 -36.79
C THR BB 149 70.12 5.29 -36.75
N ILE BB 150 71.33 5.47 -37.27
CA ILE BB 150 71.93 6.78 -37.45
C ILE BB 150 71.83 7.09 -38.93
N THR BB 151 70.97 8.05 -39.27
CA THR BB 151 71.02 8.67 -40.57
C THR BB 151 72.16 9.66 -40.61
N GLN BB 152 72.92 9.64 -41.70
CA GLN BB 152 74.11 10.45 -41.87
C GLN BB 152 73.98 11.28 -43.13
N PRO BB 153 74.72 12.39 -43.23
CA PRO BB 153 75.60 13.06 -42.29
C PRO BB 153 74.97 14.23 -41.55
N PHE BB 154 73.84 14.71 -42.04
CA PHE BB 154 73.26 15.98 -41.62
C PHE BB 154 72.05 15.80 -40.73
N SER BB 155 71.98 14.71 -39.98
CA SER BB 155 70.81 14.37 -39.20
C SER BB 155 71.20 14.22 -37.74
N TYR BB 156 70.28 14.62 -36.89
CA TYR BB 156 70.46 14.59 -35.45
C TYR BB 156 70.12 13.21 -34.90
N HIS BB 157 70.92 12.78 -33.93
CA HIS BB 157 70.78 11.47 -33.30
C HIS BB 157 70.92 11.65 -31.81
N SER BB 158 69.90 11.25 -31.06
CA SER BB 158 69.91 11.27 -29.61
C SER BB 158 69.78 9.86 -29.06
N ARG BB 159 70.39 9.63 -27.91
CA ARG BB 159 70.26 8.39 -27.16
C ARG BB 159 70.15 8.74 -25.70
N TYR BB 160 69.11 8.24 -25.06
CA TYR BB 160 68.79 8.53 -23.66
C TYR BB 160 68.67 7.21 -22.93
N PHE BB 161 69.57 6.98 -21.99
CA PHE BB 161 69.69 5.69 -21.34
C PHE BB 161 70.32 5.87 -19.97
N THR BB 162 70.39 4.77 -19.24
CA THR BB 162 70.93 4.72 -17.89
C THR BB 162 72.27 4.00 -17.92
N PRO BB 163 73.39 4.67 -17.69
CA PRO BB 163 74.68 3.96 -17.74
C PRO BB 163 74.92 3.13 -16.52
N LYS BB 164 76.04 2.43 -16.50
CA LYS BB 164 76.44 1.58 -15.39
C LYS BB 164 77.92 1.81 -15.12
N PRO BB 165 78.34 1.76 -13.86
CA PRO BB 165 79.74 1.95 -13.55
C PRO BB 165 80.56 0.68 -13.70
N VAL BB 166 81.86 0.90 -13.91
CA VAL BB 166 82.81 -0.18 -14.09
C VAL BB 166 83.38 -0.49 -12.71
N LEU BB 167 82.70 -1.41 -12.01
CA LEU BB 167 83.12 -1.81 -10.68
C LEU BB 167 84.22 -2.86 -10.75
N ASP BB 168 84.08 -3.85 -11.62
CA ASP BB 168 85.11 -4.86 -11.85
C ASP BB 168 85.15 -5.13 -13.35
N SER BB 169 86.23 -4.68 -13.99
CA SER BB 169 86.39 -4.90 -15.42
C SER BB 169 86.71 -6.36 -15.75
N THR BB 170 87.14 -7.15 -14.78
CA THR BB 170 87.43 -8.55 -15.02
C THR BB 170 86.17 -9.37 -15.16
N ILE BB 171 85.17 -9.08 -14.34
CA ILE BB 171 83.92 -9.84 -14.30
C ILE BB 171 82.84 -9.10 -15.07
N ASP BB 172 82.89 -7.77 -15.00
CA ASP BB 172 81.98 -6.90 -15.72
C ASP BB 172 80.53 -7.19 -15.35
N TYR BB 173 80.21 -6.92 -14.09
CA TYR BB 173 78.87 -7.07 -13.55
C TYR BB 173 78.22 -5.71 -13.37
N PHE BB 174 76.90 -5.67 -13.56
CA PHE BB 174 76.15 -4.44 -13.40
C PHE BB 174 74.75 -4.76 -12.93
N GLN BB 175 74.11 -3.78 -12.46
CA GLN BB 175 72.78 -3.85 -11.89
C GLN BB 175 71.72 -3.57 -12.96
N PRO BB 176 70.54 -4.16 -12.84
CA PRO BB 176 69.44 -3.71 -13.68
C PRO BB 176 68.89 -2.38 -13.24
N ASN BB 177 67.98 -1.83 -14.03
CA ASN BB 177 67.47 -0.50 -13.78
C ASN BB 177 66.50 -0.53 -12.60
N ASN BB 178 66.86 0.17 -11.54
CA ASN BB 178 66.01 0.29 -10.36
C ASN BB 178 66.41 1.58 -9.68
N LYS BB 179 65.51 2.56 -9.67
CA LYS BB 179 65.84 3.84 -9.08
C LYS BB 179 66.06 3.74 -7.59
N ARG BB 180 65.40 2.80 -6.92
CA ARG BB 180 65.46 2.71 -5.48
C ARG BB 180 66.68 1.94 -4.99
N ASN BB 181 67.20 1.03 -5.82
CA ASN BB 181 68.31 0.16 -5.44
C ASN BB 181 69.62 0.52 -6.09
N GLN BB 182 69.67 1.59 -6.87
CA GLN BB 182 70.90 1.97 -7.55
C GLN BB 182 71.96 2.36 -6.54
N LEU BB 183 73.17 1.87 -6.77
CA LEU BB 183 74.27 2.10 -5.86
C LEU BB 183 74.66 3.57 -5.84
N TRP BB 184 75.05 4.03 -4.66
CA TRP BB 184 75.67 5.33 -4.49
C TRP BB 184 77.18 5.14 -4.53
N LEU BB 185 77.83 5.88 -5.41
CA LEU BB 185 79.27 5.96 -5.46
C LEU BB 185 79.73 7.20 -4.72
N ARG BB 186 81.02 7.25 -4.42
CA ARG BB 186 81.63 8.40 -3.81
C ARG BB 186 82.16 9.34 -4.88
N LEU BB 187 81.94 10.62 -4.66
CA LEU BB 187 82.50 11.66 -5.50
C LEU BB 187 83.94 11.89 -5.06
N GLN BB 188 84.85 11.18 -5.72
CA GLN BB 188 86.26 11.26 -5.41
C GLN BB 188 86.80 12.62 -5.82
N THR BB 189 88.06 12.84 -5.44
CA THR BB 189 88.71 14.12 -5.74
C THR BB 189 89.23 14.16 -7.17
N ALA BB 190 90.03 13.16 -7.57
CA ALA BB 190 90.56 13.11 -8.93
C ALA BB 190 90.62 11.70 -9.50
N GLY BB 191 89.78 10.78 -9.03
CA GLY BB 191 89.88 9.39 -9.42
C GLY BB 191 88.58 8.67 -9.61
N ASN BB 192 87.56 9.38 -10.07
CA ASN BB 192 86.24 8.79 -10.22
C ASN BB 192 86.24 7.69 -11.27
N VAL BB 193 85.27 6.82 -11.16
CA VAL BB 193 85.19 5.61 -11.97
C VAL BB 193 84.44 5.91 -13.26
N ASP BB 194 84.84 5.24 -14.33
CA ASP BB 194 84.27 5.47 -15.64
C ASP BB 194 82.94 4.76 -15.77
N HIS BB 195 81.93 5.50 -16.19
CA HIS BB 195 80.68 4.93 -16.61
C HIS BB 195 80.69 4.68 -18.10
N VAL BB 196 79.85 3.75 -18.52
CA VAL BB 196 79.93 3.17 -19.85
C VAL BB 196 78.53 2.95 -20.37
N GLY BB 197 78.40 2.74 -21.68
CA GLY BB 197 77.08 2.63 -22.26
C GLY BB 197 76.79 3.11 -23.66
N LEU BB 198 77.79 3.46 -24.48
CA LEU BB 198 77.47 3.73 -25.87
C LEU BB 198 78.59 3.35 -26.81
N GLY BB 199 78.22 2.67 -27.89
CA GLY BB 199 79.10 2.40 -28.98
C GLY BB 199 78.40 2.67 -30.29
N THR BB 200 79.18 3.12 -31.27
CA THR BB 200 78.66 3.64 -32.52
C THR BB 200 79.33 2.95 -33.71
N ALA BB 201 78.65 3.07 -34.85
CA ALA BB 201 79.19 2.64 -36.13
C ALA BB 201 78.68 3.58 -37.19
N PHE BB 202 79.59 4.36 -37.76
CA PHE BB 202 79.28 5.34 -38.79
C PHE BB 202 79.78 4.85 -40.13
N GLU BB 203 78.93 4.99 -41.16
CA GLU BB 203 79.30 4.61 -42.50
C GLU BB 203 80.18 5.68 -43.11
N ASN BB 204 81.32 5.26 -43.64
CA ASN BB 204 82.29 6.18 -44.18
C ASN BB 204 81.79 6.79 -45.48
N SER BB 205 82.48 7.84 -45.92
CA SER BB 205 82.04 8.65 -47.05
C SER BB 205 83.26 9.27 -47.72
N ILE BB 206 83.03 9.81 -48.91
CA ILE BB 206 84.07 10.52 -49.63
C ILE BB 206 84.39 11.84 -48.93
N TYR BB 207 83.41 12.44 -48.26
CA TYR BB 207 83.58 13.69 -47.55
C TYR BB 207 83.72 13.43 -46.06
N ASP BB 208 84.35 14.38 -45.38
CA ASP BB 208 84.50 14.29 -43.94
C ASP BB 208 83.18 14.59 -43.25
N GLN BB 209 82.83 13.76 -42.27
CA GLN BB 209 81.61 13.90 -41.50
C GLN BB 209 81.98 14.32 -40.08
N GLU BB 210 81.70 15.57 -39.73
CA GLU BB 210 82.00 16.11 -38.42
C GLU BB 210 80.74 16.20 -37.58
N TYR BB 211 80.92 16.08 -36.27
CA TYR BB 211 79.82 16.15 -35.31
C TYR BB 211 80.31 16.89 -34.08
N ASN BB 212 79.38 17.61 -33.45
CA ASN BB 212 79.58 18.21 -32.14
C ASN BB 212 78.72 17.42 -31.15
N ILE BB 213 79.37 16.65 -30.30
CA ILE BB 213 78.67 15.73 -29.42
C ILE BB 213 78.50 16.40 -28.05
N ARG BB 214 77.25 16.50 -27.61
CA ARG BB 214 76.89 17.10 -26.34
C ARG BB 214 76.34 15.99 -25.44
N VAL BB 215 77.09 15.66 -24.40
CA VAL BB 215 76.68 14.68 -23.40
C VAL BB 215 76.13 15.44 -22.22
N THR BB 216 74.95 15.02 -21.76
CA THR BB 216 74.29 15.58 -20.60
C THR BB 216 74.02 14.44 -19.63
N MET BB 217 74.59 14.55 -18.44
CA MET BB 217 74.39 13.58 -17.38
C MET BB 217 73.44 14.11 -16.34
N TYR BB 218 72.41 13.33 -16.03
CA TYR BB 218 71.45 13.65 -15.00
C TYR BB 218 71.82 12.89 -13.74
N VAL BB 219 72.35 13.61 -12.76
CA VAL BB 219 72.98 13.02 -11.59
C VAL BB 219 72.12 13.31 -10.37
N GLN BB 220 72.44 12.60 -9.30
CA GLN BB 220 71.73 12.71 -8.03
C GLN BB 220 72.78 12.60 -6.94
N PHE BB 221 72.96 13.68 -6.19
CA PHE BB 221 73.93 13.76 -5.12
C PHE BB 221 73.29 13.54 -3.77
N ARG BB 222 74.13 13.42 -2.74
CA ARG BB 222 73.67 13.14 -1.40
C ARG BB 222 74.69 13.66 -0.41
N GLU BB 223 74.21 14.04 0.77
CA GLU BB 223 75.03 14.44 1.91
C GLU BB 223 75.89 15.66 1.60
N PHE BB 224 75.20 16.79 1.48
CA PHE BB 224 75.79 18.11 1.48
C PHE BB 224 76.87 18.23 2.54
N ASN BB 225 78.08 18.55 2.14
CA ASN BB 225 79.25 18.48 3.00
C ASN BB 225 80.11 19.71 2.88
N LEU BB 226 79.49 20.87 2.84
CA LEU BB 226 80.25 22.10 2.73
C LEU BB 226 81.06 22.32 4.00
N LYS BB 227 82.26 22.87 3.81
CA LYS BB 227 83.17 23.18 4.90
C LYS BB 227 83.46 24.68 4.88
N ASP BB 228 83.28 25.31 6.04
CA ASP BB 228 83.35 26.76 6.16
C ASP BB 228 84.37 27.12 7.23
N PRO BB 229 85.64 27.18 6.86
CA PRO BB 229 86.64 27.67 7.80
C PRO BB 229 86.56 29.17 7.95
N PRO BB 230 87.21 29.74 8.96
CA PRO BB 230 87.25 31.21 9.06
C PRO BB 230 88.10 31.84 7.98
N LEU BB 231 88.21 33.16 8.02
CA LEU BB 231 88.97 33.91 7.02
C LEU BB 231 89.74 35.06 7.66
N GLY CB 43 60.86 -24.91 -29.06
CA GLY CB 43 61.69 -23.83 -28.54
C GLY CB 43 61.77 -22.65 -29.47
N ILE CB 44 60.77 -21.81 -29.43
CA ILE CB 44 60.63 -20.71 -30.37
C ILE CB 44 61.54 -19.56 -29.96
N PHE CB 45 62.09 -18.89 -30.97
CA PHE CB 45 62.89 -17.69 -30.77
C PHE CB 45 62.70 -16.80 -31.98
N ASN CB 46 61.88 -15.78 -31.83
CA ASN CB 46 61.71 -14.78 -32.86
C ASN CB 46 62.80 -13.72 -32.72
N THR CB 47 63.51 -13.46 -33.81
CA THR CB 47 64.55 -12.45 -33.83
C THR CB 47 64.50 -11.70 -35.16
N ARG CB 48 65.57 -10.94 -35.41
CA ARG CB 48 65.66 -10.02 -36.53
C ARG CB 48 67.08 -10.03 -37.05
N LEU CB 49 67.22 -10.27 -38.35
CA LEU CB 49 68.52 -10.35 -39.01
C LEU CB 49 68.53 -9.36 -40.16
N SER CB 50 69.64 -8.66 -40.32
CA SER CB 50 69.78 -7.60 -41.30
C SER CB 50 71.02 -7.81 -42.15
N ARG CB 51 71.09 -7.01 -43.21
CA ARG CB 51 72.10 -7.13 -44.25
C ARG CB 51 71.97 -5.89 -45.12
N THR CB 52 73.10 -5.35 -45.56
CA THR CB 52 73.14 -4.10 -46.31
C THR CB 52 74.01 -4.27 -47.54
N PHE CB 53 73.55 -3.72 -48.65
CA PHE CB 53 74.27 -3.81 -49.91
C PHE CB 53 73.81 -2.67 -50.82
N GLY CB 54 74.54 -2.50 -51.92
CA GLY CB 54 74.29 -1.41 -52.84
C GLY CB 54 73.60 -1.78 -54.12
N TYR CB 55 72.96 -0.79 -54.73
CA TYR CB 55 72.30 -0.92 -56.02
C TYR CB 55 72.38 0.42 -56.72
N THR CB 56 72.82 0.42 -57.97
CA THR CB 56 72.97 1.63 -58.77
C THR CB 56 72.23 1.48 -60.08
N ILE CB 57 71.56 2.56 -60.48
CA ILE CB 57 70.93 2.69 -61.77
C ILE CB 57 71.80 3.64 -62.57
N LYS CB 58 72.57 3.10 -63.51
CA LYS CB 58 73.49 3.91 -64.29
C LYS CB 58 72.75 4.89 -65.19
N ARG CB 59 73.47 5.93 -65.58
CA ARG CB 59 72.92 6.97 -66.42
C ARG CB 59 72.70 6.48 -67.85
N THR CB 60 71.84 7.20 -68.56
CA THR CB 60 71.54 6.91 -69.96
C THR CB 60 71.35 8.21 -70.72
N THR CB 61 71.90 8.26 -71.92
CA THR CB 61 71.69 9.39 -72.84
C THR CB 61 70.32 9.34 -73.51
N VAL CB 62 69.56 8.26 -73.32
CA VAL CB 62 68.23 8.15 -73.93
C VAL CB 62 67.34 9.28 -73.45
N LYS CB 63 66.60 9.86 -74.39
CA LYS CB 63 65.75 11.00 -74.09
C LYS CB 63 64.41 10.58 -73.51
N THR CB 64 63.86 9.48 -74.00
CA THR CB 64 62.55 9.04 -73.60
C THR CB 64 62.52 8.65 -72.13
N PRO CB 65 61.33 8.52 -71.54
CA PRO CB 65 61.24 7.91 -70.22
C PRO CB 65 61.32 6.40 -70.34
N SER CB 66 62.45 5.84 -69.93
CA SER CB 66 62.66 4.42 -69.89
C SER CB 66 62.89 3.99 -68.45
N TRP CB 67 62.63 2.72 -68.18
CA TRP CB 67 62.75 2.15 -66.85
C TRP CB 67 63.77 1.02 -66.83
N ALA CB 68 64.43 0.88 -65.69
CA ALA CB 68 65.40 -0.16 -65.44
C ALA CB 68 64.79 -1.17 -64.50
N VAL CB 69 64.72 -2.41 -64.95
CA VAL CB 69 64.05 -3.48 -64.24
C VAL CB 69 65.10 -4.38 -63.61
N ASP CB 70 64.81 -4.85 -62.41
CA ASP CB 70 65.70 -5.76 -61.70
C ASP CB 70 64.88 -6.54 -60.69
N MET CB 71 65.49 -7.59 -60.16
CA MET CB 71 64.85 -8.52 -59.25
C MET CB 71 65.58 -8.53 -57.92
N MET CB 72 64.95 -9.16 -56.93
CA MET CB 72 65.49 -9.22 -55.59
C MET CB 72 64.98 -10.48 -54.90
N ARG CB 73 65.88 -11.40 -54.61
CA ARG CB 73 65.62 -12.61 -53.84
C ARG CB 73 66.21 -12.47 -52.45
N PHE CB 74 65.81 -13.37 -51.57
CA PHE CB 74 66.26 -13.37 -50.18
C PHE CB 74 66.63 -14.79 -49.77
N ASN CB 75 67.86 -14.96 -49.30
CA ASN CB 75 68.33 -16.23 -48.76
C ASN CB 75 68.91 -15.99 -47.38
N ILE CB 76 68.80 -17.01 -46.53
CA ILE CB 76 69.23 -16.90 -45.15
C ILE CB 76 70.73 -17.09 -44.97
N ASN CB 77 71.42 -17.60 -46.00
CA ASN CB 77 72.87 -17.70 -45.90
C ASN CB 77 73.52 -16.32 -45.86
N ASP CB 78 72.90 -15.35 -46.51
CA ASP CB 78 73.43 -14.00 -46.55
C ASP CB 78 73.20 -13.24 -45.25
N PHE CB 79 72.34 -13.74 -44.37
CA PHE CB 79 72.06 -13.11 -43.09
C PHE CB 79 72.64 -13.88 -41.92
N LEU CB 80 72.73 -15.20 -42.04
CA LEU CB 80 73.20 -16.08 -40.98
C LEU CB 80 74.51 -16.73 -41.37
N PRO CB 81 75.64 -16.39 -40.77
CA PRO CB 81 76.90 -16.98 -41.21
C PRO CB 81 77.03 -18.41 -40.73
N PRO CB 82 78.05 -19.12 -41.21
CA PRO CB 82 78.33 -20.44 -40.66
C PRO CB 82 78.92 -20.34 -39.27
N GLY CB 83 78.61 -21.34 -38.46
CA GLY CB 83 79.08 -21.35 -37.09
C GLY CB 83 80.47 -21.90 -36.96
N GLY CB 84 80.70 -22.69 -35.91
CA GLY CB 84 81.99 -23.27 -35.67
C GLY CB 84 81.91 -24.50 -34.80
N GLY CB 85 82.59 -25.56 -35.22
CA GLY CB 85 82.60 -26.79 -34.46
C GLY CB 85 81.42 -27.68 -34.76
N SER CB 86 80.90 -28.31 -33.71
CA SER CB 86 79.77 -29.22 -33.87
C SER CB 86 78.48 -28.48 -34.22
N ASN CB 87 78.44 -27.17 -34.02
CA ASN CB 87 77.28 -26.37 -34.41
C ASN CB 87 77.53 -25.79 -35.80
N PRO CB 88 76.83 -26.26 -36.84
CA PRO CB 88 77.17 -25.80 -38.18
C PRO CB 88 76.80 -24.35 -38.45
N ARG CB 89 75.86 -23.79 -37.70
CA ARG CB 89 75.40 -22.42 -37.89
C ARG CB 89 75.60 -21.64 -36.60
N SER CB 90 75.56 -20.32 -36.74
CA SER CB 90 75.86 -19.43 -35.62
C SER CB 90 74.68 -19.25 -34.68
N VAL CB 91 73.47 -19.46 -35.19
CA VAL CB 91 72.25 -19.47 -34.37
C VAL CB 91 71.87 -20.92 -34.13
N PRO CB 92 72.00 -21.45 -32.91
CA PRO CB 92 71.84 -22.90 -32.74
C PRO CB 92 70.39 -23.37 -32.69
N PHE CB 93 69.81 -23.47 -33.88
CA PHE CB 93 68.46 -23.96 -34.03
C PHE CB 93 68.40 -24.85 -35.27
N GLU CB 94 67.37 -25.69 -35.33
CA GLU CB 94 67.19 -26.66 -36.40
C GLU CB 94 66.32 -26.13 -37.53
N TYR CB 95 65.15 -25.60 -37.19
CA TYR CB 95 64.14 -25.21 -38.15
C TYR CB 95 64.00 -23.69 -38.16
N TYR CB 96 63.41 -23.19 -39.24
CA TYR CB 96 63.15 -21.77 -39.37
C TYR CB 96 61.99 -21.56 -40.32
N ARG CB 97 61.44 -20.36 -40.26
CA ARG CB 97 60.46 -19.91 -41.23
C ARG CB 97 60.45 -18.40 -41.21
N ILE CB 98 60.57 -17.79 -42.38
CA ILE CB 98 60.65 -16.34 -42.48
C ILE CB 98 59.25 -15.77 -42.42
N ARG CB 99 59.03 -14.89 -41.46
CA ARG CB 99 57.73 -14.29 -41.22
C ARG CB 99 57.51 -13.04 -42.06
N LYS CB 100 58.48 -12.15 -42.08
CA LYS CB 100 58.37 -10.88 -42.79
C LYS CB 100 59.75 -10.48 -43.28
N VAL CB 101 59.76 -9.59 -44.27
CA VAL CB 101 60.97 -8.94 -44.74
C VAL CB 101 60.66 -7.46 -44.91
N LYS CB 102 61.65 -6.63 -44.57
CA LYS CB 102 61.58 -5.19 -44.75
C LYS CB 102 62.75 -4.79 -45.64
N VAL CB 103 62.43 -4.42 -46.86
CA VAL CB 103 63.41 -3.89 -47.79
C VAL CB 103 63.34 -2.38 -47.74
N GLU CB 104 64.48 -1.75 -47.46
CA GLU CB 104 64.59 -0.30 -47.32
C GLU CB 104 65.58 0.19 -48.37
N PHE CB 105 65.09 1.03 -49.27
CA PHE CB 105 65.95 1.73 -50.23
C PHE CB 105 66.35 3.05 -49.61
N TRP CB 106 67.54 3.08 -49.04
CA TRP CB 106 68.08 4.30 -48.48
C TRP CB 106 68.83 5.05 -49.56
N PRO CB 107 68.43 6.27 -49.92
CA PRO CB 107 69.10 6.94 -51.03
C PRO CB 107 70.52 7.36 -50.69
N CYS CB 108 71.30 7.51 -51.75
CA CYS CB 108 72.66 7.99 -51.69
C CYS CB 108 72.84 9.34 -52.37
N SER CB 109 71.77 9.91 -52.90
CA SER CB 109 71.81 11.05 -53.77
C SER CB 109 71.33 12.29 -53.04
N PRO CB 110 71.83 13.47 -53.37
CA PRO CB 110 71.42 14.67 -52.67
C PRO CB 110 70.01 15.09 -53.04
N ILE CB 111 69.43 15.91 -52.16
CA ILE CB 111 68.09 16.42 -52.42
C ILE CB 111 68.05 17.50 -53.50
N THR CB 112 69.21 17.95 -53.98
CA THR CB 112 69.30 18.90 -55.07
C THR CB 112 69.39 18.25 -56.43
N GLN CB 113 69.37 16.92 -56.50
CA GLN CB 113 69.54 16.24 -57.78
C GLN CB 113 68.27 16.35 -58.59
N GLY CB 114 68.42 16.70 -59.87
CA GLY CB 114 67.32 16.85 -60.77
C GLY CB 114 67.08 15.63 -61.63
N ASP CB 115 66.31 15.82 -62.68
CA ASP CB 115 65.90 14.74 -63.58
C ASP CB 115 65.20 13.65 -62.78
N ARG CB 116 64.33 14.07 -61.87
CA ARG CB 116 63.62 13.14 -61.03
C ARG CB 116 62.70 12.25 -61.85
N GLY CB 117 62.23 11.19 -61.20
CA GLY CB 117 61.45 10.18 -61.87
C GLY CB 117 60.46 9.49 -60.96
N VAL CB 118 59.81 8.48 -61.48
CA VAL CB 118 58.78 7.76 -60.74
C VAL CB 118 58.80 6.31 -61.19
N GLY CB 119 58.87 5.41 -60.22
CA GLY CB 119 58.97 3.99 -60.46
C GLY CB 119 57.96 3.19 -59.69
N SER CB 120 58.21 1.88 -59.57
CA SER CB 120 57.26 0.99 -58.96
C SER CB 120 57.98 -0.21 -58.39
N SER CB 121 57.54 -0.66 -57.22
CA SER CB 121 58.00 -1.87 -56.58
C SER CB 121 56.82 -2.78 -56.33
N ALA CB 122 56.95 -4.04 -56.76
CA ALA CB 122 55.89 -5.02 -56.63
C ALA CB 122 56.41 -6.28 -55.97
N VAL CB 123 55.48 -7.07 -55.45
CA VAL CB 123 55.77 -8.28 -54.69
C VAL CB 123 55.50 -9.48 -55.59
N ILE CB 124 56.54 -10.29 -55.80
CA ILE CB 124 56.53 -11.37 -56.77
C ILE CB 124 56.95 -12.64 -56.05
N LEU CB 125 55.96 -13.45 -55.68
CA LEU CB 125 56.17 -14.58 -54.78
C LEU CB 125 56.40 -15.90 -55.50
N ASP CB 126 56.95 -15.90 -56.73
CA ASP CB 126 56.98 -17.12 -57.53
C ASP CB 126 58.22 -17.33 -58.39
N ASP CB 127 59.21 -16.45 -58.32
CA ASP CB 127 60.49 -16.67 -59.02
C ASP CB 127 60.35 -16.57 -60.53
N ASN CB 128 59.36 -15.82 -61.00
CA ASN CB 128 59.24 -15.48 -62.41
C ASN CB 128 59.02 -13.98 -62.46
N PHE CB 129 60.12 -13.27 -62.55
CA PHE CB 129 60.16 -11.82 -62.62
C PHE CB 129 60.09 -11.37 -64.06
N VAL CB 130 59.74 -10.09 -64.24
CA VAL CB 130 59.95 -9.46 -65.53
C VAL CB 130 61.43 -9.48 -65.83
N THR CB 131 61.76 -9.71 -67.09
CA THR CB 131 63.15 -9.86 -67.49
C THR CB 131 63.93 -8.60 -67.15
N LYS CB 132 65.16 -8.78 -66.69
CA LYS CB 132 66.02 -7.66 -66.37
C LYS CB 132 66.30 -6.84 -67.62
N ALA CB 133 66.08 -5.54 -67.51
CA ALA CB 133 66.21 -4.61 -68.62
C ALA CB 133 66.93 -3.37 -68.15
N THR CB 134 67.66 -2.76 -69.09
CA THR CB 134 68.39 -1.53 -68.83
C THR CB 134 67.53 -0.30 -69.10
N ALA CB 135 66.90 -0.25 -70.27
CA ALA CB 135 66.03 0.86 -70.65
C ALA CB 135 64.81 0.28 -71.36
N LEU CB 136 63.79 -0.04 -70.59
CA LEU CB 136 62.52 -0.51 -71.11
C LEU CB 136 61.55 0.66 -71.24
N THR CB 137 60.75 0.62 -72.31
CA THR CB 137 59.91 1.75 -72.69
C THR CB 137 58.67 1.91 -71.82
N TYR CB 138 58.54 1.15 -70.74
CA TYR CB 138 57.36 1.25 -69.88
C TYR CB 138 57.71 0.67 -68.53
N ASP CB 139 56.85 0.94 -67.56
CA ASP CB 139 56.98 0.41 -66.21
C ASP CB 139 56.13 -0.85 -66.12
N PRO CB 140 56.73 -2.04 -66.08
CA PRO CB 140 55.90 -3.25 -66.08
C PRO CB 140 55.16 -3.46 -64.79
N TYR CB 141 55.72 -3.04 -63.67
CA TYR CB 141 55.14 -3.27 -62.36
C TYR CB 141 54.15 -2.21 -61.95
N VAL CB 142 53.64 -1.40 -62.89
CA VAL CB 142 52.82 -0.26 -62.53
C VAL CB 142 51.39 -0.69 -62.26
N ASN CB 143 50.86 -1.62 -63.04
CA ASN CB 143 49.49 -2.07 -62.89
C ASN CB 143 49.35 -3.23 -61.93
N TYR CB 144 50.44 -3.64 -61.29
CA TYR CB 144 50.37 -4.71 -60.31
C TYR CB 144 49.60 -4.27 -59.08
N SER CB 145 48.83 -5.20 -58.52
CA SER CB 145 48.05 -4.93 -57.33
C SER CB 145 48.90 -4.61 -56.12
N SER CB 146 50.16 -5.04 -56.11
CA SER CB 146 51.09 -4.78 -55.03
C SER CB 146 52.08 -3.68 -55.36
N ARG CB 147 51.73 -2.79 -56.29
CA ARG CB 147 52.62 -1.73 -56.68
C ARG CB 147 52.59 -0.62 -55.65
N HIS CB 148 53.77 -0.19 -55.24
CA HIS CB 148 53.97 1.04 -54.50
C HIS CB 148 54.84 1.94 -55.35
N THR CB 149 54.51 3.23 -55.38
CA THR CB 149 55.27 4.18 -56.16
C THR CB 149 56.61 4.45 -55.51
N ILE CB 150 57.65 4.48 -56.34
CA ILE CB 150 58.99 4.86 -55.94
C ILE CB 150 59.21 6.25 -56.48
N THR CB 151 59.26 7.23 -55.58
CA THR CB 151 59.79 8.54 -55.92
C THR CB 151 61.31 8.47 -55.93
N GLN CB 152 61.90 9.07 -56.96
CA GLN CB 152 63.33 9.02 -57.20
C GLN CB 152 63.86 10.43 -57.27
N PRO CB 153 65.17 10.63 -57.05
CA PRO CB 153 66.23 9.72 -56.58
C PRO CB 153 66.52 9.78 -55.10
N PHE CB 154 66.04 10.83 -54.43
CA PHE CB 154 66.47 11.16 -53.08
C PHE CB 154 65.41 10.84 -52.04
N SER CB 155 64.58 9.84 -52.30
CA SER CB 155 63.45 9.52 -51.45
C SER CB 155 63.54 8.09 -50.97
N TYR CB 156 63.10 7.89 -49.73
CA TYR CB 156 63.14 6.59 -49.08
C TYR CB 156 61.92 5.77 -49.47
N HIS CB 157 62.15 4.48 -49.68
CA HIS CB 157 61.12 3.54 -50.08
C HIS CB 157 61.27 2.28 -49.24
N SER CB 158 60.20 1.92 -48.54
CA SER CB 158 60.15 0.71 -47.75
C SER CB 158 59.05 -0.21 -48.28
N ARG CB 159 59.28 -1.51 -48.14
CA ARG CB 159 58.30 -2.53 -48.45
C ARG CB 159 58.38 -3.59 -47.38
N TYR CB 160 57.24 -3.89 -46.77
CA TYR CB 160 57.12 -4.83 -45.67
C TYR CB 160 56.10 -5.88 -46.04
N PHE CB 161 56.55 -7.12 -46.18
CA PHE CB 161 55.72 -8.18 -46.72
C PHE CB 161 56.23 -9.51 -46.21
N THR CB 162 55.48 -10.56 -46.55
CA THR CB 162 55.77 -11.93 -46.16
C THR CB 162 56.25 -12.70 -47.37
N PRO CB 163 57.52 -13.10 -47.45
CA PRO CB 163 57.98 -13.83 -48.63
C PRO CB 163 57.52 -15.27 -48.63
N LYS CB 164 57.86 -15.98 -49.69
CA LYS CB 164 57.50 -17.38 -49.86
C LYS CB 164 58.72 -18.12 -50.38
N PRO CB 165 58.92 -19.37 -49.96
CA PRO CB 165 60.07 -20.12 -50.45
C PRO CB 165 59.82 -20.79 -51.80
N VAL CB 166 60.91 -21.05 -52.49
CA VAL CB 166 60.89 -21.69 -53.80
C VAL CB 166 61.01 -23.18 -53.56
N LEU CB 167 59.86 -23.82 -53.39
CA LEU CB 167 59.80 -25.26 -53.17
C LEU CB 167 59.90 -26.03 -54.48
N ASP CB 168 59.17 -25.59 -55.50
CA ASP CB 168 59.25 -26.18 -56.83
C ASP CB 168 59.17 -25.05 -57.83
N SER CB 169 60.30 -24.77 -58.50
CA SER CB 169 60.34 -23.72 -59.49
C SER CB 169 59.61 -24.09 -60.77
N THR CB 170 59.33 -25.37 -60.99
CA THR CB 170 58.60 -25.78 -62.17
C THR CB 170 57.12 -25.47 -62.07
N ILE CB 171 56.53 -25.65 -60.89
CA ILE CB 171 55.11 -25.45 -60.67
C ILE CB 171 54.88 -24.11 -60.00
N ASP CB 172 55.81 -23.70 -59.15
CA ASP CB 172 55.78 -22.40 -58.48
C ASP CB 172 54.50 -22.24 -57.67
N TYR CB 173 54.39 -23.07 -56.64
CA TYR CB 173 53.27 -23.04 -55.71
C TYR CB 173 53.72 -22.45 -54.38
N PHE CB 174 52.80 -21.74 -53.73
CA PHE CB 174 53.08 -21.12 -52.44
C PHE CB 174 51.82 -21.07 -51.61
N GLN CB 175 52.00 -20.84 -50.39
CA GLN CB 175 50.94 -20.81 -49.39
C GLN CB 175 50.41 -19.39 -49.21
N PRO CB 176 49.14 -19.23 -48.87
CA PRO CB 176 48.69 -17.92 -48.43
C PRO CB 176 49.18 -17.58 -47.03
N ASN CB 177 48.93 -16.35 -46.60
CA ASN CB 177 49.46 -15.88 -45.34
C ASN CB 177 48.66 -16.49 -44.19
N ASN CB 178 49.34 -17.27 -43.37
CA ASN CB 178 48.74 -17.88 -42.19
C ASN CB 178 49.88 -18.13 -41.22
N LYS CB 179 49.88 -17.43 -40.10
CA LYS CB 179 50.97 -17.60 -39.16
C LYS CB 179 50.98 -18.98 -38.55
N ARG CB 180 49.81 -19.60 -38.41
CA ARG CB 180 49.71 -20.88 -37.72
C ARG CB 180 50.05 -22.05 -38.62
N ASN CB 181 49.87 -21.90 -39.93
CA ASN CB 181 50.05 -22.98 -40.89
C ASN CB 181 51.29 -22.83 -41.75
N GLN CB 182 52.12 -21.81 -41.51
CA GLN CB 182 53.30 -21.60 -42.32
C GLN CB 182 54.29 -22.73 -42.11
N LEU CB 183 54.83 -23.21 -43.22
CA LEU CB 183 55.75 -24.33 -43.18
C LEU CB 183 57.03 -23.97 -42.46
N TRP CB 184 57.57 -24.96 -41.75
CA TRP CB 184 58.90 -24.88 -41.17
C TRP CB 184 59.88 -25.51 -42.14
N LEU CB 185 60.90 -24.77 -42.51
CA LEU CB 185 62.01 -25.28 -43.28
C LEU CB 185 63.15 -25.64 -42.35
N ARG CB 186 64.10 -26.40 -42.87
CA ARG CB 186 65.31 -26.74 -42.15
C ARG CB 186 66.38 -25.71 -42.43
N LEU CB 187 67.08 -25.34 -41.37
CA LEU CB 187 68.25 -24.49 -41.47
C LEU CB 187 69.43 -25.36 -41.89
N GLN CB 188 69.65 -25.42 -43.20
CA GLN CB 188 70.70 -26.22 -43.76
C GLN CB 188 72.06 -25.61 -43.41
N THR CB 189 73.11 -26.34 -43.76
CA THR CB 189 74.47 -25.89 -43.47
C THR CB 189 74.95 -24.88 -44.50
N ALA CB 190 74.88 -25.24 -45.79
CA ALA CB 190 75.31 -24.33 -46.85
C ALA CB 190 74.42 -24.38 -48.09
N GLY CB 191 73.17 -24.77 -47.96
CA GLY CB 191 72.31 -25.00 -49.11
C GLY CB 191 70.87 -24.56 -48.94
N ASN CB 192 70.64 -23.51 -48.17
CA ASN CB 192 69.29 -23.07 -47.90
C ASN CB 192 68.60 -22.57 -49.17
N VAL CB 193 67.28 -22.60 -49.13
CA VAL CB 193 66.45 -22.32 -50.29
C VAL CB 193 66.18 -20.83 -50.38
N ASP CB 194 66.06 -20.34 -51.60
CA ASP CB 194 65.89 -18.92 -51.85
C ASP CB 194 64.43 -18.53 -51.63
N HIS CB 195 64.23 -17.50 -50.83
CA HIS CB 195 62.95 -16.85 -50.72
C HIS CB 195 62.87 -15.69 -51.69
N VAL CB 196 61.65 -15.33 -52.06
CA VAL CB 196 61.40 -14.47 -53.19
C VAL CB 196 60.24 -13.54 -52.82
N GLY CB 197 60.08 -12.47 -53.60
CA GLY CB 197 59.08 -11.49 -53.24
C GLY CB 197 59.27 -10.02 -53.53
N LEU CB 198 60.28 -9.61 -54.30
CA LEU CB 198 60.30 -8.21 -54.71
C LEU CB 198 60.92 -8.00 -56.08
N GLY CB 199 60.23 -7.20 -56.87
CA GLY CB 199 60.76 -6.73 -58.14
C GLY CB 199 60.52 -5.25 -58.28
N THR CB 200 61.44 -4.58 -58.96
CA THR CB 200 61.49 -3.13 -59.01
C THR CB 200 61.57 -2.65 -60.44
N ALA CB 201 61.23 -1.38 -60.61
CA ALA CB 201 61.38 -0.68 -61.88
C ALA CB 201 61.72 0.76 -61.56
N PHE CB 202 62.94 1.15 -61.88
CA PHE CB 202 63.44 2.50 -61.65
C PHE CB 202 63.55 3.26 -62.96
N GLU CB 203 63.09 4.51 -62.95
CA GLU CB 203 63.17 5.36 -64.11
C GLU CB 203 64.58 5.89 -64.25
N ASN CB 204 65.15 5.73 -65.44
CA ASN CB 204 66.52 6.13 -65.68
C ASN CB 204 66.64 7.65 -65.71
N SER CB 205 67.88 8.12 -65.66
CA SER CB 205 68.18 9.53 -65.52
C SER CB 205 69.52 9.83 -66.15
N ILE CB 206 69.79 11.12 -66.32
CA ILE CB 206 71.08 11.56 -66.84
C ILE CB 206 72.17 11.32 -65.81
N TYR CB 207 71.82 11.36 -64.53
CA TYR CB 207 72.76 11.16 -63.43
C TYR CB 207 72.61 9.75 -62.88
N ASP CB 208 73.68 9.28 -62.26
CA ASP CB 208 73.64 7.97 -61.62
C ASP CB 208 72.85 8.04 -60.32
N GLN CB 209 71.97 7.06 -60.13
CA GLN CB 209 71.13 6.95 -58.95
C GLN CB 209 71.61 5.76 -58.13
N GLU CB 210 72.23 6.03 -56.99
CA GLU CB 210 72.75 5.00 -56.10
C GLU CB 210 71.85 4.84 -54.89
N TYR CB 211 71.82 3.63 -54.37
CA TYR CB 211 71.03 3.28 -53.20
C TYR CB 211 71.81 2.31 -52.33
N ASN CB 212 71.58 2.42 -51.03
CA ASN CB 212 72.06 1.45 -50.05
C ASN CB 212 70.85 0.69 -49.54
N ILE CB 213 70.74 -0.57 -49.93
CA ILE CB 213 69.56 -1.37 -49.65
C ILE CB 213 69.81 -2.19 -48.40
N ARG CB 214 68.95 -2.03 -47.41
CA ARG CB 214 69.03 -2.75 -46.14
C ARG CB 214 67.83 -3.68 -46.05
N VAL CB 215 68.08 -4.97 -46.12
CA VAL CB 215 67.06 -6.00 -45.98
C VAL CB 215 67.11 -6.51 -44.56
N THR CB 216 65.94 -6.56 -43.93
CA THR CB 216 65.77 -7.06 -42.58
C THR CB 216 64.76 -8.18 -42.63
N MET CB 217 65.18 -9.38 -42.23
CA MET CB 217 64.31 -10.54 -42.16
C MET CB 217 63.92 -10.84 -40.73
N TYR CB 218 62.63 -10.96 -40.51
CA TYR CB 218 62.07 -11.32 -39.21
C TYR CB 218 61.76 -12.81 -39.23
N VAL CB 219 62.58 -13.59 -38.54
CA VAL CB 219 62.57 -15.04 -38.63
C VAL CB 219 62.08 -15.62 -37.31
N GLN CB 220 61.77 -16.90 -37.35
CA GLN CB 220 61.25 -17.65 -36.21
C GLN CB 220 61.88 -19.02 -36.27
N PHE CB 221 62.71 -19.33 -35.28
CA PHE CB 221 63.41 -20.60 -35.20
C PHE CB 221 62.71 -21.56 -34.25
N ARG CB 222 63.19 -22.80 -34.23
CA ARG CB 222 62.59 -23.85 -33.44
C ARG CB 222 63.64 -24.91 -33.15
N GLU CB 223 63.47 -25.55 -31.99
CA GLU CB 223 64.28 -26.69 -31.58
C GLU CB 223 65.77 -26.34 -31.45
N PHE CB 224 66.03 -25.55 -30.41
CA PHE CB 224 67.37 -25.31 -29.90
C PHE CB 224 68.17 -26.60 -29.84
N ASN CB 225 69.30 -26.63 -30.54
CA ASN CB 225 70.05 -27.86 -30.76
C ASN CB 225 71.53 -27.66 -30.51
N LEU CB 226 71.87 -26.95 -29.45
CA LEU CB 226 73.27 -26.72 -29.15
C LEU CB 226 73.95 -28.03 -28.78
N LYS CB 227 75.20 -28.16 -29.20
CA LYS CB 227 76.02 -29.32 -28.92
C LYS CB 227 77.25 -28.89 -28.14
N ASP CB 228 77.48 -29.55 -27.01
CA ASP CB 228 78.52 -29.16 -26.06
C ASP CB 228 79.45 -30.34 -25.83
N PRO CB 229 80.45 -30.52 -26.68
CA PRO CB 229 81.45 -31.54 -26.42
C PRO CB 229 82.41 -31.09 -25.34
N PRO CB 230 83.22 -31.99 -24.79
CA PRO CB 230 84.23 -31.56 -23.83
C PRO CB 230 85.35 -30.77 -24.49
N LEU CB 231 86.33 -30.37 -23.69
CA LEU CB 231 87.44 -29.55 -24.16
C LEU CB 231 88.76 -29.98 -23.51
N GLY DB 43 44.17 -9.24 -56.02
CA GLY DB 43 43.17 -8.93 -57.02
C GLY DB 43 42.40 -10.13 -57.49
N ILE DB 44 41.40 -10.51 -56.71
CA ILE DB 44 40.68 -11.75 -56.94
C ILE DB 44 39.66 -11.55 -58.04
N PHE DB 45 39.47 -12.61 -58.84
CA PHE DB 45 38.45 -12.62 -59.88
C PHE DB 45 37.99 -14.07 -60.04
N ASN DB 46 36.84 -14.37 -59.47
CA ASN DB 46 36.21 -15.66 -59.66
C ASN DB 46 35.40 -15.65 -60.95
N THR DB 47 35.65 -16.62 -61.80
CA THR DB 47 34.93 -16.76 -63.05
C THR DB 47 34.66 -18.24 -63.33
N ARG DB 48 34.25 -18.51 -64.57
CA ARG DB 48 33.78 -19.82 -64.99
C ARG DB 48 34.22 -20.06 -66.42
N LEU DB 49 34.90 -21.17 -66.64
CA LEU DB 49 35.44 -21.55 -67.94
C LEU DB 49 34.92 -22.92 -68.30
N SER DB 50 34.52 -23.08 -69.56
CA SER DB 50 33.90 -24.29 -70.05
C SER DB 50 34.62 -24.81 -71.28
N ARG DB 51 34.24 -26.03 -71.66
CA ARG DB 51 34.88 -26.80 -72.71
C ARG DB 51 33.99 -28.01 -72.96
N THR DB 52 33.86 -28.38 -74.23
CA THR DB 52 32.96 -29.44 -74.66
C THR DB 52 33.69 -30.39 -75.58
N PHE DB 53 33.45 -31.68 -75.40
CA PHE DB 53 34.09 -32.71 -76.20
C PHE DB 53 33.25 -33.98 -76.12
N GLY DB 54 33.58 -34.94 -76.98
CA GLY DB 54 32.83 -36.16 -77.11
C GLY DB 54 33.46 -37.39 -76.47
N TYR DB 55 32.62 -38.36 -76.16
CA TYR DB 55 33.04 -39.65 -75.64
C TYR DB 55 32.04 -40.69 -76.11
N THR DB 56 32.55 -41.79 -76.65
CA THR DB 56 31.71 -42.87 -77.17
C THR DB 56 32.14 -44.19 -76.56
N ILE DB 57 31.15 -45.00 -76.22
CA ILE DB 57 31.33 -46.37 -75.78
C ILE DB 57 30.87 -47.23 -76.93
N LYS DB 58 31.82 -47.83 -77.63
CA LYS DB 58 31.53 -48.63 -78.80
C LYS DB 58 30.77 -49.90 -78.42
N ARG DB 59 30.07 -50.45 -79.40
CA ARG DB 59 29.27 -51.65 -79.20
C ARG DB 59 30.16 -52.88 -79.03
N THR DB 60 29.56 -53.91 -78.44
CA THR DB 60 30.23 -55.19 -78.23
C THR DB 60 29.24 -56.32 -78.44
N THR DB 61 29.69 -57.37 -79.11
CA THR DB 61 28.92 -58.60 -79.26
C THR DB 61 28.92 -59.46 -78.00
N VAL DB 62 29.70 -59.09 -76.99
CA VAL DB 62 29.75 -59.86 -75.76
C VAL DB 62 28.38 -59.90 -75.12
N LYS DB 63 28.01 -61.09 -74.63
CA LYS DB 63 26.70 -61.30 -74.05
C LYS DB 63 26.64 -60.87 -72.59
N THR DB 64 27.71 -61.09 -71.86
CA THR DB 64 27.75 -60.82 -70.44
C THR DB 64 27.61 -59.33 -70.17
N PRO DB 65 27.30 -58.96 -68.92
CA PRO DB 65 27.43 -57.55 -68.55
C PRO DB 65 28.87 -57.20 -68.29
N SER DB 66 29.46 -56.45 -69.20
CA SER DB 66 30.82 -55.95 -69.06
C SER DB 66 30.78 -54.43 -69.03
N TRP DB 67 31.82 -53.84 -68.44
CA TRP DB 67 31.92 -52.41 -68.29
C TRP DB 67 33.17 -51.88 -68.99
N ALA DB 68 33.03 -50.65 -69.47
CA ALA DB 68 34.11 -49.93 -70.15
C ALA DB 68 34.63 -48.86 -69.21
N VAL DB 69 35.90 -48.93 -68.89
CA VAL DB 69 36.53 -48.05 -67.92
C VAL DB 69 37.36 -47.01 -68.65
N ASP DB 70 37.34 -45.79 -68.15
CA ASP DB 70 38.12 -44.71 -68.70
C ASP DB 70 38.35 -43.66 -67.62
N MET DB 71 39.26 -42.75 -67.90
CA MET DB 71 39.70 -41.74 -66.97
C MET DB 71 39.41 -40.35 -67.53
N MET DB 72 39.55 -39.36 -66.67
CA MET DB 72 39.27 -37.97 -67.04
C MET DB 72 40.12 -37.05 -66.16
N ARG DB 73 41.03 -36.34 -66.79
CA ARG DB 73 41.84 -35.31 -66.17
C ARG DB 73 41.38 -33.94 -66.63
N PHE DB 74 41.85 -32.91 -65.93
CA PHE DB 74 41.48 -31.53 -66.21
C PHE DB 74 42.72 -30.67 -66.20
N ASN DB 75 42.97 -29.95 -67.29
CA ASN DB 75 44.05 -28.99 -67.38
C ASN DB 75 43.49 -27.66 -67.86
N ILE DB 76 44.13 -26.58 -67.41
CA ILE DB 76 43.65 -25.23 -67.71
C ILE DB 76 44.06 -24.76 -69.09
N ASN DB 77 45.01 -25.43 -69.75
CA ASN DB 77 45.34 -25.06 -71.11
C ASN DB 77 44.19 -25.33 -72.06
N ASP DB 78 43.37 -26.33 -71.77
CA ASP DB 78 42.24 -26.68 -72.60
C ASP DB 78 41.07 -25.73 -72.43
N PHE DB 79 41.08 -24.90 -71.39
CA PHE DB 79 40.03 -23.94 -71.13
C PHE DB 79 40.46 -22.51 -71.38
N LEU DB 80 41.74 -22.21 -71.17
CA LEU DB 80 42.29 -20.86 -71.30
C LEU DB 80 43.27 -20.82 -72.46
N PRO DB 81 42.98 -20.15 -73.57
CA PRO DB 81 43.91 -20.18 -74.68
C PRO DB 81 45.10 -19.28 -74.42
N PRO DB 82 46.11 -19.33 -75.28
CA PRO DB 82 47.21 -18.38 -75.19
C PRO DB 82 46.77 -17.00 -75.62
N GLY DB 83 47.37 -16.00 -75.00
CA GLY DB 83 47.03 -14.62 -75.31
C GLY DB 83 47.76 -14.09 -76.51
N GLY DB 84 48.17 -12.83 -76.44
CA GLY DB 84 48.88 -12.21 -77.52
C GLY DB 84 49.72 -11.04 -77.05
N GLY DB 85 50.97 -11.01 -77.50
CA GLY DB 85 51.86 -9.93 -77.14
C GLY DB 85 52.55 -10.14 -75.82
N SER DB 86 52.69 -9.07 -75.04
CA SER DB 86 53.35 -9.15 -73.76
C SER DB 86 52.55 -9.92 -72.73
N ASN DB 87 51.26 -10.13 -72.97
CA ASN DB 87 50.43 -10.93 -72.10
C ASN DB 87 50.40 -12.36 -72.62
N PRO DB 88 51.03 -13.32 -71.94
CA PRO DB 88 51.12 -14.66 -72.52
C PRO DB 88 49.80 -15.41 -72.54
N ARG DB 89 48.86 -15.04 -71.69
CA ARG DB 89 47.56 -15.69 -71.59
C ARG DB 89 46.45 -14.69 -71.83
N SER DB 90 45.27 -15.21 -72.13
CA SER DB 90 44.13 -14.38 -72.51
C SER DB 90 43.43 -13.76 -71.31
N VAL DB 91 43.56 -14.38 -70.15
CA VAL DB 91 43.07 -13.83 -68.88
C VAL DB 91 44.26 -13.24 -68.15
N PRO DB 92 44.38 -11.91 -68.00
CA PRO DB 92 45.63 -11.35 -67.50
C PRO DB 92 45.77 -11.42 -65.98
N PHE DB 93 46.14 -12.61 -65.51
CA PHE DB 93 46.39 -12.84 -64.11
C PHE DB 93 47.61 -13.75 -63.98
N GLU DB 94 48.20 -13.75 -62.78
CA GLU DB 94 49.41 -14.49 -62.50
C GLU DB 94 49.13 -15.85 -61.90
N TYR DB 95 48.30 -15.90 -60.86
CA TYR DB 95 48.06 -17.10 -60.09
C TYR DB 95 46.64 -17.58 -60.30
N TYR DB 96 46.41 -18.85 -59.97
CA TYR DB 96 45.10 -19.44 -60.07
C TYR DB 96 44.99 -20.60 -59.11
N ARG DB 97 43.75 -20.99 -58.85
CA ARG DB 97 43.48 -22.22 -58.12
C ARG DB 97 42.06 -22.64 -58.46
N ILE DB 98 41.91 -23.90 -58.85
CA ILE DB 98 40.62 -24.41 -59.28
C ILE DB 98 39.81 -24.77 -58.06
N ARG DB 99 38.62 -24.17 -57.95
CA ARG DB 99 37.75 -24.36 -56.82
C ARG DB 99 36.83 -25.56 -56.98
N LYS DB 100 36.19 -25.67 -58.15
CA LYS DB 100 35.24 -26.72 -58.42
C LYS DB 100 35.29 -27.06 -59.89
N VAL DB 101 34.79 -28.25 -60.22
CA VAL DB 101 34.57 -28.67 -61.59
C VAL DB 101 33.21 -29.32 -61.66
N LYS DB 102 32.52 -29.09 -62.77
CA LYS DB 102 31.22 -29.69 -63.08
C LYS DB 102 31.37 -30.44 -64.39
N VAL DB 103 31.38 -31.75 -64.31
CA VAL DB 103 31.38 -32.61 -65.47
C VAL DB 103 29.95 -33.02 -65.76
N GLU DB 104 29.50 -32.75 -66.98
CA GLU DB 104 28.13 -33.03 -67.41
C GLU DB 104 28.21 -33.98 -68.59
N PHE DB 105 27.64 -35.16 -68.43
CA PHE DB 105 27.47 -36.12 -69.51
C PHE DB 105 26.12 -35.86 -70.15
N TRP DB 106 26.14 -35.12 -71.24
CA TRP DB 106 24.93 -34.86 -71.99
C TRP DB 106 24.73 -35.97 -73.02
N PRO DB 107 23.66 -36.74 -72.96
CA PRO DB 107 23.52 -37.86 -73.89
C PRO DB 107 23.28 -37.42 -75.32
N CYS DB 108 23.66 -38.32 -76.21
CA CYS DB 108 23.44 -38.16 -77.64
C CYS DB 108 22.46 -39.18 -78.20
N SER DB 109 21.90 -40.03 -77.36
CA SER DB 109 21.13 -41.18 -77.77
C SER DB 109 19.65 -40.93 -77.51
N PRO DB 110 18.78 -41.52 -78.32
CA PRO DB 110 17.34 -41.29 -78.14
C PRO DB 110 16.81 -42.00 -76.91
N ILE DB 111 15.66 -41.53 -76.45
CA ILE DB 111 15.01 -42.16 -75.31
C ILE DB 111 14.35 -43.49 -75.64
N THR DB 112 14.33 -43.87 -76.92
CA THR DB 112 13.82 -45.17 -77.34
C THR DB 112 14.90 -46.24 -77.42
N GLN DB 113 16.14 -45.92 -77.09
CA GLN DB 113 17.22 -46.88 -77.23
C GLN DB 113 17.13 -47.91 -76.12
N GLY DB 114 17.26 -49.17 -76.48
CA GLY DB 114 17.22 -50.26 -75.54
C GLY DB 114 18.58 -50.74 -75.12
N ASP DB 115 18.59 -51.93 -74.53
CA ASP DB 115 19.81 -52.52 -73.97
C ASP DB 115 20.43 -51.57 -72.96
N ARG DB 116 19.58 -50.99 -72.12
CA ARG DB 116 20.01 -50.05 -71.12
C ARG DB 116 20.93 -50.71 -70.11
N GLY DB 117 21.60 -49.88 -69.34
CA GLY DB 117 22.61 -50.34 -68.42
C GLY DB 117 22.75 -49.46 -67.20
N VAL DB 118 23.75 -49.77 -66.38
CA VAL DB 118 23.97 -49.03 -65.14
C VAL DB 118 25.46 -49.03 -64.85
N GLY DB 119 26.00 -47.84 -64.61
CA GLY DB 119 27.40 -47.63 -64.39
C GLY DB 119 27.70 -46.84 -63.15
N SER DB 120 28.90 -46.30 -63.07
CA SER DB 120 29.35 -45.63 -61.87
C SER DB 120 30.42 -44.60 -62.23
N SER DB 121 30.36 -43.46 -61.56
CA SER DB 121 31.37 -42.41 -61.66
C SER DB 121 31.90 -42.11 -60.28
N ALA DB 122 33.22 -42.11 -60.14
CA ALA DB 122 33.89 -41.89 -58.87
C ALA DB 122 34.93 -40.80 -59.01
N VAL DB 123 35.31 -40.25 -57.87
CA VAL DB 123 36.24 -39.13 -57.78
C VAL DB 123 37.60 -39.65 -57.33
N ILE DB 124 38.61 -39.43 -58.16
CA ILE DB 124 39.93 -40.03 -58.00
C ILE DB 124 40.94 -38.90 -58.02
N LEU DB 125 41.39 -38.49 -56.85
CA LEU DB 125 42.18 -37.27 -56.68
C LEU DB 125 43.68 -37.51 -56.65
N ASP DB 126 44.18 -38.57 -57.31
CA ASP DB 126 45.58 -38.96 -57.14
C ASP DB 126 46.29 -39.48 -58.38
N ASP DB 127 45.65 -39.50 -59.54
CA ASP DB 127 46.32 -39.86 -60.79
C ASP DB 127 46.70 -41.33 -60.83
N ASN DB 128 45.97 -42.17 -60.12
CA ASN DB 128 46.10 -43.63 -60.24
C ASN DB 128 44.68 -44.15 -60.38
N PHE DB 129 44.27 -44.26 -61.63
CA PHE DB 129 42.97 -44.75 -62.01
C PHE DB 129 43.00 -46.25 -62.21
N VAL DB 130 41.82 -46.85 -62.20
CA VAL DB 130 41.69 -48.21 -62.67
C VAL DB 130 42.09 -48.23 -64.14
N THR DB 131 42.78 -49.28 -64.54
CA THR DB 131 43.31 -49.36 -65.88
C THR DB 131 42.19 -49.30 -66.90
N LYS DB 132 42.45 -48.58 -67.99
CA LYS DB 132 41.47 -48.47 -69.06
C LYS DB 132 41.17 -49.84 -69.65
N ALA DB 133 39.89 -50.15 -69.74
CA ALA DB 133 39.42 -51.45 -70.20
C ALA DB 133 38.26 -51.26 -71.15
N THR DB 134 38.14 -52.18 -72.09
CA THR DB 134 37.05 -52.17 -73.06
C THR DB 134 35.85 -52.95 -72.56
N ALA DB 135 36.07 -54.17 -72.08
CA ALA DB 135 34.99 -55.01 -71.54
C ALA DB 135 35.53 -55.73 -70.30
N LEU DB 136 35.38 -55.08 -69.17
CA LEU DB 136 35.75 -55.65 -67.88
C LEU DB 136 34.52 -56.30 -67.24
N THR DB 137 34.75 -57.42 -66.58
CA THR DB 137 33.67 -58.26 -66.06
C THR DB 137 33.00 -57.72 -64.82
N TYR DB 138 33.31 -56.51 -64.39
CA TYR DB 138 32.72 -55.94 -63.20
C TYR DB 138 32.88 -54.43 -63.25
N ASP DB 139 32.15 -53.76 -62.37
CA ASP DB 139 32.21 -52.31 -62.22
C ASP DB 139 33.20 -51.99 -61.10
N PRO DB 140 34.40 -51.50 -61.40
CA PRO DB 140 35.36 -51.28 -60.31
C PRO DB 140 34.98 -50.14 -59.39
N TYR DB 141 34.32 -49.12 -59.92
CA TYR DB 141 34.00 -47.92 -59.18
C TYR DB 141 32.69 -48.03 -58.42
N VAL DB 142 32.17 -49.23 -58.23
CA VAL DB 142 30.84 -49.39 -57.67
C VAL DB 142 30.86 -49.25 -56.16
N ASN DB 143 31.88 -49.81 -55.51
CA ASN DB 143 31.98 -49.77 -54.07
C ASN DB 143 32.72 -48.55 -53.55
N TYR DB 144 33.10 -47.63 -54.43
CA TYR DB 144 33.75 -46.41 -54.00
C TYR DB 144 32.79 -45.52 -53.24
N SER DB 145 33.32 -44.86 -52.21
CA SER DB 145 32.52 -43.96 -51.39
C SER DB 145 31.99 -42.77 -52.17
N SER DB 146 32.64 -42.41 -53.29
CA SER DB 146 32.22 -41.31 -54.13
C SER DB 146 31.50 -41.77 -55.37
N ARG DB 147 30.92 -42.96 -55.35
CA ARG DB 147 30.22 -43.49 -56.51
C ARG DB 147 28.86 -42.86 -56.63
N HIS DB 148 28.55 -42.40 -57.83
CA HIS DB 148 27.20 -42.03 -58.24
C HIS DB 148 26.83 -42.94 -59.38
N THR DB 149 25.59 -43.41 -59.37
CA THR DB 149 25.10 -44.29 -60.41
C THR DB 149 24.89 -43.53 -61.71
N ILE DB 150 25.34 -44.13 -62.80
CA ILE DB 150 25.12 -43.63 -64.15
C ILE DB 150 24.04 -44.52 -64.75
N THR DB 151 22.86 -43.95 -64.92
CA THR DB 151 21.86 -44.57 -65.78
C THR DB 151 22.23 -44.29 -67.24
N GLN DB 152 22.12 -45.33 -68.06
CA GLN DB 152 22.52 -45.29 -69.45
C GLN DB 152 21.34 -45.69 -70.32
N PRO DB 153 21.33 -45.29 -71.61
CA PRO DB 153 22.22 -44.41 -72.35
C PRO DB 153 21.74 -42.98 -72.49
N PHE DB 154 20.45 -42.75 -72.22
CA PHE DB 154 19.78 -41.50 -72.56
C PHE DB 154 19.53 -40.61 -71.35
N SER DB 155 20.38 -40.71 -70.34
CA SER DB 155 20.18 -40.01 -69.08
C SER DB 155 21.36 -39.13 -68.78
N TYR DB 156 21.06 -37.99 -68.18
CA TYR DB 156 22.05 -36.98 -67.83
C TYR DB 156 22.71 -37.32 -66.50
N HIS DB 157 24.01 -37.08 -66.44
CA HIS DB 157 24.82 -37.37 -65.27
C HIS DB 157 25.73 -36.18 -65.02
N SER DB 158 25.63 -35.60 -63.84
CA SER DB 158 26.49 -34.51 -63.40
C SER DB 158 27.30 -34.93 -62.19
N ARG DB 159 28.50 -34.36 -62.09
CA ARG DB 159 29.36 -34.54 -60.93
C ARG DB 159 30.00 -33.19 -60.64
N TYR DB 160 29.86 -32.74 -59.40
CA TYR DB 160 30.34 -31.43 -58.95
C TYR DB 160 31.24 -31.66 -57.75
N PHE DB 161 32.52 -31.34 -57.90
CA PHE DB 161 33.51 -31.68 -56.91
C PHE DB 161 34.69 -30.72 -57.03
N THR DB 162 35.61 -30.86 -56.10
CA THR DB 162 36.81 -30.04 -56.01
C THR DB 162 38.02 -30.86 -56.42
N PRO DB 163 38.66 -30.59 -57.56
CA PRO DB 163 39.80 -31.40 -57.95
C PRO DB 163 41.04 -31.06 -57.16
N LYS DB 164 42.12 -31.78 -57.44
CA LYS DB 164 43.40 -31.58 -56.78
C LYS DB 164 44.49 -31.64 -57.83
N PRO DB 165 45.55 -30.84 -57.68
CA PRO DB 165 46.63 -30.87 -58.66
C PRO DB 165 47.63 -31.98 -58.40
N VAL DB 166 48.32 -32.35 -59.47
CA VAL DB 166 49.32 -33.41 -59.43
C VAL DB 166 50.66 -32.72 -59.16
N LEU DB 167 50.96 -32.57 -57.88
CA LEU DB 167 52.21 -31.95 -57.47
C LEU DB 167 53.37 -32.93 -57.52
N ASP DB 168 53.17 -34.14 -57.02
CA ASP DB 168 54.16 -35.21 -57.09
C ASP DB 168 53.43 -36.50 -57.41
N SER DB 169 53.61 -37.00 -58.62
CA SER DB 169 52.98 -38.24 -59.03
C SER DB 169 53.59 -39.46 -58.37
N THR DB 170 54.79 -39.34 -57.82
CA THR DB 170 55.44 -40.45 -57.13
C THR DB 170 54.82 -40.72 -55.77
N ILE DB 171 54.49 -39.66 -55.05
CA ILE DB 171 53.96 -39.75 -53.69
C ILE DB 171 52.45 -39.57 -53.72
N ASP DB 172 51.97 -38.73 -54.62
CA ASP DB 172 50.55 -38.49 -54.83
C ASP DB 172 49.89 -37.99 -53.54
N TYR DB 173 50.30 -36.80 -53.13
CA TYR DB 173 49.74 -36.13 -51.96
C TYR DB 173 48.83 -34.99 -52.40
N PHE DB 174 47.80 -34.75 -51.61
CA PHE DB 174 46.86 -33.68 -51.89
C PHE DB 174 46.30 -33.14 -50.59
N GLN DB 175 45.72 -32.02 -50.68
CA GLN DB 175 45.16 -31.29 -49.57
C GLN DB 175 43.69 -31.62 -49.38
N PRO DB 176 43.18 -31.57 -48.16
CA PRO DB 176 41.73 -31.62 -47.98
C PRO DB 176 41.06 -30.34 -48.40
N ASN DB 177 39.74 -30.35 -48.40
CA ASN DB 177 38.98 -29.20 -48.89
C ASN DB 177 39.02 -28.09 -47.86
N ASN DB 178 39.61 -26.97 -48.24
CA ASN DB 178 39.66 -25.79 -47.39
C ASN DB 178 39.80 -24.60 -48.32
N LYS DB 179 38.78 -23.75 -48.37
CA LYS DB 179 38.83 -22.63 -49.28
C LYS DB 179 39.91 -21.63 -48.89
N ARG DB 180 40.22 -21.53 -47.60
CA ARG DB 180 41.16 -20.52 -47.14
C ARG DB 180 42.61 -20.96 -47.27
N ASN DB 181 42.85 -22.27 -47.28
CA ASN DB 181 44.20 -22.82 -47.30
C ASN DB 181 44.58 -23.44 -48.63
N GLN DB 182 43.72 -23.38 -49.64
CA GLN DB 182 44.02 -23.99 -50.91
C GLN DB 182 45.19 -23.28 -51.58
N LEU DB 183 46.10 -24.08 -52.11
CA LEU DB 183 47.30 -23.56 -52.73
C LEU DB 183 46.98 -22.76 -53.97
N TRP DB 184 47.76 -21.71 -54.18
CA TRP DB 184 47.75 -20.96 -55.42
C TRP DB 184 48.84 -21.51 -56.31
N LEU DB 185 48.47 -21.90 -57.52
CA LEU DB 185 49.41 -22.26 -58.55
C LEU DB 185 49.66 -21.08 -59.47
N ARG DB 186 50.71 -21.18 -60.25
CA ARG DB 186 51.02 -20.19 -61.26
C ARG DB 186 50.36 -20.57 -62.58
N LEU DB 187 49.81 -19.56 -63.23
CA LEU DB 187 49.28 -19.70 -64.58
C LEU DB 187 50.45 -19.64 -65.55
N GLN DB 188 50.97 -20.80 -65.88
CA GLN DB 188 52.10 -20.90 -66.77
C GLN DB 188 51.68 -20.53 -68.19
N THR DB 189 52.68 -20.45 -69.07
CA THR DB 189 52.43 -20.07 -70.45
C THR DB 189 51.93 -21.25 -71.27
N ALA DB 190 52.66 -22.38 -71.26
CA ALA DB 190 52.25 -23.56 -71.99
C ALA DB 190 52.53 -24.87 -71.26
N GLY DB 191 52.61 -24.85 -69.94
CA GLY DB 191 53.04 -26.02 -69.17
C GLY DB 191 52.31 -26.24 -67.87
N ASN DB 192 51.04 -25.87 -67.82
CA ASN DB 192 50.27 -25.98 -66.59
C ASN DB 192 50.10 -27.44 -66.18
N VAL DB 193 49.86 -27.63 -64.90
CA VAL DB 193 49.83 -28.94 -64.28
C VAL DB 193 48.42 -29.52 -64.39
N ASP DB 194 48.35 -30.84 -64.53
CA ASP DB 194 47.08 -31.52 -64.71
C ASP DB 194 46.37 -31.68 -63.38
N HIS DB 195 45.12 -31.28 -63.34
CA HIS DB 195 44.23 -31.60 -62.24
C HIS DB 195 43.47 -32.86 -62.56
N VAL DB 196 43.02 -33.52 -61.50
CA VAL DB 196 42.54 -34.89 -61.57
C VAL DB 196 41.35 -35.02 -60.64
N GLY DB 197 40.57 -36.09 -60.83
CA GLY DB 197 39.37 -36.23 -60.06
C GLY DB 197 38.14 -36.91 -60.62
N LEU DB 198 38.20 -37.56 -61.77
CA LEU DB 198 37.05 -38.36 -62.17
C LEU DB 198 37.43 -39.60 -62.97
N GLY DB 199 36.82 -40.71 -62.57
CA GLY DB 199 36.90 -41.94 -63.33
C GLY DB 199 35.52 -42.55 -63.46
N THR DB 200 35.31 -43.22 -64.59
CA THR DB 200 33.99 -43.69 -64.98
C THR DB 200 34.03 -45.18 -65.32
N ALA DB 201 32.86 -45.77 -65.31
CA ALA DB 201 32.65 -47.14 -65.77
C ALA DB 201 31.27 -47.22 -66.40
N PHE DB 202 31.25 -47.41 -67.72
CA PHE DB 202 30.03 -47.50 -68.48
C PHE DB 202 29.78 -48.94 -68.91
N GLU DB 203 28.54 -49.38 -68.76
CA GLU DB 203 28.14 -50.72 -69.17
C GLU DB 203 27.96 -50.76 -70.67
N ASN DB 204 28.61 -51.72 -71.30
CA ASN DB 204 28.59 -51.83 -72.74
C ASN DB 204 27.22 -52.28 -73.23
N SER DB 205 27.00 -52.16 -74.52
CA SER DB 205 25.71 -52.40 -75.13
C SER DB 205 25.90 -52.83 -76.58
N ILE DB 206 24.81 -53.34 -77.17
CA ILE DB 206 24.81 -53.71 -78.56
C ILE DB 206 24.90 -52.49 -79.45
N TYR DB 207 24.38 -51.37 -78.99
CA TYR DB 207 24.39 -50.12 -79.73
C TYR DB 207 25.48 -49.20 -79.18
N ASP DB 208 25.92 -48.28 -80.04
CA ASP DB 208 26.92 -47.30 -79.63
C ASP DB 208 26.27 -46.25 -78.74
N GLN DB 209 26.95 -45.93 -77.64
CA GLN DB 209 26.51 -44.94 -76.67
C GLN DB 209 27.43 -43.73 -76.78
N GLU DB 210 26.92 -42.63 -77.32
CA GLU DB 210 27.68 -41.41 -77.48
C GLU DB 210 27.25 -40.39 -76.45
N TYR DB 211 28.20 -39.53 -76.07
CA TYR DB 211 27.98 -38.48 -75.09
C TYR DB 211 28.74 -37.23 -75.53
N ASN DB 212 28.18 -36.08 -75.21
CA ASN DB 212 28.85 -34.79 -75.33
C ASN DB 212 29.15 -34.31 -73.93
N ILE DB 213 30.42 -34.31 -73.56
CA ILE DB 213 30.83 -34.02 -72.20
C ILE DB 213 31.24 -32.56 -72.12
N ARG DB 214 30.60 -31.82 -71.22
CA ARG DB 214 30.86 -30.42 -70.98
C ARG DB 214 31.45 -30.27 -69.60
N VAL DB 215 32.73 -29.90 -69.54
CA VAL DB 215 33.43 -29.64 -68.30
C VAL DB 215 33.44 -28.14 -68.07
N THR DB 216 33.06 -27.74 -66.87
CA THR DB 216 33.05 -26.35 -66.44
C THR DB 216 33.92 -26.24 -65.20
N MET DB 217 34.97 -25.45 -65.28
CA MET DB 217 35.86 -25.20 -64.16
C MET DB 217 35.58 -23.83 -63.56
N TYR DB 218 35.38 -23.80 -62.26
CA TYR DB 218 35.18 -22.58 -61.51
C TYR DB 218 36.50 -22.21 -60.85
N VAL DB 219 37.15 -21.18 -61.39
CA VAL DB 219 38.51 -20.84 -61.03
C VAL DB 219 38.53 -19.53 -60.28
N GLN DB 220 39.67 -19.24 -59.69
CA GLN DB 220 39.88 -18.03 -58.89
C GLN DB 220 41.30 -17.57 -59.18
N PHE DB 221 41.41 -16.40 -59.79
CA PHE DB 221 42.69 -15.83 -60.16
C PHE DB 221 43.13 -14.78 -59.15
N ARG DB 222 44.36 -14.30 -59.33
CA ARG DB 222 44.96 -13.35 -58.41
C ARG DB 222 46.04 -12.58 -59.14
N GLU DB 223 46.24 -11.34 -58.71
CA GLU DB 223 47.31 -10.47 -59.17
C GLU DB 223 47.22 -10.20 -60.68
N PHE DB 224 46.20 -9.41 -61.01
CA PHE DB 224 46.07 -8.76 -62.30
C PHE DB 224 47.40 -8.19 -62.76
N ASN DB 225 47.87 -8.63 -63.93
CA ASN DB 225 49.23 -8.34 -64.38
C ASN DB 225 49.24 -7.90 -65.83
N LEU DB 226 48.30 -7.06 -66.21
CA LEU DB 226 48.26 -6.60 -67.58
C LEU DB 226 49.48 -5.75 -67.89
N LYS DB 227 49.98 -5.88 -69.11
CA LYS DB 227 51.12 -5.13 -69.60
C LYS DB 227 50.69 -4.31 -70.81
N ASP DB 228 50.98 -3.01 -70.76
CA ASP DB 228 50.51 -2.05 -71.74
C ASP DB 228 51.69 -1.32 -72.34
N PRO DB 229 52.34 -1.89 -73.34
CA PRO DB 229 53.39 -1.17 -74.05
C PRO DB 229 52.80 -0.11 -74.97
N PRO DB 230 53.61 0.81 -75.46
CA PRO DB 230 53.09 1.76 -76.45
C PRO DB 230 52.78 1.10 -77.79
N LEU DB 231 52.34 1.92 -78.75
CA LEU DB 231 51.95 1.42 -80.07
C LEU DB 231 52.39 2.39 -81.16
N GLY EB 43 35.43 -53.47 -32.45
CA GLY EB 43 35.87 -52.67 -33.57
C GLY EB 43 34.91 -52.67 -34.73
N ILE EB 44 33.91 -51.82 -34.62
CA ILE EB 44 32.80 -51.82 -35.57
C ILE EB 44 33.21 -51.09 -36.83
N PHE EB 45 32.71 -51.58 -37.96
CA PHE EB 45 32.91 -50.93 -39.25
C PHE EB 45 31.69 -51.24 -40.11
N ASN EB 46 30.81 -50.26 -40.22
CA ASN EB 46 29.67 -50.36 -41.11
C ASN EB 46 30.08 -49.94 -42.51
N THR EB 47 29.81 -50.79 -43.49
CA THR EB 47 30.11 -50.49 -44.87
C THR EB 47 28.98 -51.01 -45.76
N ARG EB 48 29.26 -51.05 -47.06
CA ARG EB 48 28.28 -51.34 -48.09
C ARG EB 48 28.95 -52.14 -49.19
N LEU EB 49 28.37 -53.29 -49.51
CA LEU EB 49 28.90 -54.19 -50.51
C LEU EB 49 27.81 -54.46 -51.55
N SER EB 50 28.20 -54.47 -52.81
CA SER EB 50 27.29 -54.59 -53.92
C SER EB 50 27.72 -55.71 -54.86
N ARG EB 51 26.81 -56.03 -55.78
CA ARG EB 51 26.92 -57.16 -56.69
C ARG EB 51 25.82 -57.01 -57.71
N THR EB 52 26.12 -57.34 -58.96
CA THR EB 52 25.20 -57.15 -60.07
C THR EB 52 25.13 -58.41 -60.90
N PHE EB 53 23.92 -58.77 -61.32
CA PHE EB 53 23.69 -59.96 -62.12
C PHE EB 53 22.38 -59.81 -62.86
N GLY EB 54 22.15 -60.72 -63.79
CA GLY EB 54 21.00 -60.68 -64.66
C GLY EB 54 19.89 -61.65 -64.34
N TYR EB 55 18.68 -61.31 -64.79
CA TYR EB 55 17.51 -62.15 -64.66
C TYR EB 55 16.60 -61.87 -65.83
N THR EB 56 16.15 -62.93 -66.49
CA THR EB 56 15.30 -62.82 -67.67
C THR EB 56 14.05 -63.67 -67.48
N ILE EB 57 12.92 -63.11 -67.89
CA ILE EB 57 11.65 -63.81 -67.96
C ILE EB 57 11.39 -64.07 -69.43
N LYS EB 58 11.57 -65.32 -69.85
CA LYS EB 58 11.43 -65.67 -71.24
C LYS EB 58 9.97 -65.53 -71.70
N ARG EB 59 9.82 -65.39 -73.01
CA ARG EB 59 8.52 -65.22 -73.62
C ARG EB 59 7.70 -66.51 -73.58
N THR EB 60 6.39 -66.35 -73.71
CA THR EB 60 5.46 -67.46 -73.74
C THR EB 60 4.35 -67.19 -74.74
N THR EB 61 3.98 -68.21 -75.51
CA THR EB 61 2.83 -68.14 -76.40
C THR EB 61 1.50 -68.27 -75.67
N VAL EB 62 1.53 -68.55 -74.37
CA VAL EB 62 0.29 -68.70 -73.61
C VAL EB 62 -0.49 -67.40 -73.65
N LYS EB 63 -1.80 -67.52 -73.84
CA LYS EB 63 -2.67 -66.36 -73.97
C LYS EB 63 -3.09 -65.80 -72.61
N THR EB 64 -3.30 -66.68 -71.65
CA THR EB 64 -3.80 -66.26 -70.35
C THR EB 64 -2.77 -65.40 -69.62
N PRO EB 65 -3.20 -64.71 -68.57
CA PRO EB 65 -2.22 -64.07 -67.68
C PRO EB 65 -1.63 -65.10 -66.74
N SER EB 66 -0.38 -65.46 -66.99
CA SER EB 66 0.37 -66.36 -66.13
C SER EB 66 1.57 -65.62 -65.56
N TRP EB 67 2.05 -66.12 -64.43
CA TRP EB 67 3.16 -65.52 -63.72
C TRP EB 67 4.32 -66.49 -63.61
N ALA EB 68 5.52 -65.92 -63.61
CA ALA EB 68 6.77 -66.64 -63.46
C ALA EB 68 7.31 -66.39 -62.07
N VAL EB 69 7.49 -67.46 -61.31
CA VAL EB 69 7.89 -67.39 -59.91
C VAL EB 69 9.35 -67.77 -59.80
N ASP EB 70 10.06 -67.08 -58.94
CA ASP EB 70 11.46 -67.37 -58.68
C ASP EB 70 11.82 -66.85 -57.29
N MET EB 71 12.98 -67.28 -56.82
CA MET EB 71 13.46 -66.99 -55.49
C MET EB 71 14.78 -66.22 -55.55
N MET EB 72 15.17 -65.70 -54.40
CA MET EB 72 16.39 -64.90 -54.32
C MET EB 72 16.95 -65.00 -52.91
N ARG EB 73 18.12 -65.61 -52.78
CA ARG EB 73 18.88 -65.70 -51.55
C ARG EB 73 20.07 -64.76 -51.61
N PHE EB 74 20.70 -64.54 -50.46
CA PHE EB 74 21.84 -63.64 -50.33
C PHE EB 74 22.90 -64.31 -49.49
N ASN EB 75 24.11 -64.42 -50.04
CA ASN EB 75 25.26 -64.93 -49.32
C ASN EB 75 26.40 -63.94 -49.45
N ILE EB 76 27.24 -63.89 -48.41
CA ILE EB 76 28.33 -62.92 -48.36
C ILE EB 76 29.55 -63.35 -49.17
N ASN EB 77 29.62 -64.61 -49.58
CA ASN EB 77 30.72 -65.03 -50.44
C ASN EB 77 30.63 -64.36 -51.81
N ASP EB 78 29.42 -64.06 -52.26
CA ASP EB 78 29.23 -63.42 -53.54
C ASP EB 78 29.53 -61.94 -53.53
N PHE EB 79 29.68 -61.34 -52.35
CA PHE EB 79 30.00 -59.93 -52.20
C PHE EB 79 31.41 -59.69 -51.70
N LEU EB 80 31.94 -60.61 -50.90
CA LEU EB 80 33.25 -60.50 -50.28
C LEU EB 80 34.17 -61.56 -50.83
N PRO EB 81 35.20 -61.25 -51.62
CA PRO EB 81 36.02 -62.29 -52.18
C PRO EB 81 36.98 -62.85 -51.15
N PRO EB 82 37.68 -63.93 -51.47
CA PRO EB 82 38.74 -64.40 -50.59
C PRO EB 82 39.94 -63.49 -50.63
N GLY EB 83 40.61 -63.41 -49.49
CA GLY EB 83 41.76 -62.54 -49.38
C GLY EB 83 43.03 -63.19 -49.88
N GLY EB 84 44.12 -62.94 -49.18
CA GLY EB 84 45.40 -63.50 -49.57
C GLY EB 84 46.36 -63.58 -48.40
N GLY EB 85 47.00 -64.73 -48.24
CA GLY EB 85 47.96 -64.93 -47.18
C GLY EB 85 47.33 -65.34 -45.88
N SER EB 86 47.83 -64.79 -44.78
CA SER EB 86 47.33 -65.14 -43.47
C SER EB 86 45.93 -64.57 -43.22
N ASN EB 87 45.50 -63.61 -44.03
CA ASN EB 87 44.15 -63.08 -43.94
C ASN EB 87 43.25 -63.82 -44.91
N PRO EB 88 42.33 -64.67 -44.45
CA PRO EB 88 41.57 -65.49 -45.40
C PRO EB 88 40.58 -64.71 -46.23
N ARG EB 89 40.14 -63.53 -45.76
CA ARG EB 89 39.18 -62.70 -46.45
C ARG EB 89 39.77 -61.33 -46.72
N SER EB 90 39.14 -60.62 -47.65
CA SER EB 90 39.66 -59.35 -48.12
C SER EB 90 39.33 -58.20 -47.18
N VAL EB 91 38.27 -58.35 -46.38
CA VAL EB 91 37.93 -57.39 -45.33
C VAL EB 91 38.39 -58.00 -44.01
N PRO EB 92 39.42 -57.45 -43.36
CA PRO EB 92 40.00 -58.15 -42.21
C PRO EB 92 39.22 -57.99 -40.91
N PHE EB 93 38.14 -58.75 -40.81
CA PHE EB 93 37.31 -58.78 -39.62
C PHE EB 93 36.88 -60.22 -39.37
N GLU EB 94 36.47 -60.46 -38.12
CA GLU EB 94 36.09 -61.79 -37.66
C GLU EB 94 34.59 -62.06 -37.79
N TYR EB 95 33.78 -61.15 -37.28
CA TYR EB 95 32.35 -61.32 -37.18
C TYR EB 95 31.64 -60.37 -38.11
N TYR EB 96 30.38 -60.70 -38.41
CA TYR EB 96 29.55 -59.85 -39.24
C TYR EB 96 28.10 -60.09 -38.91
N ARG EB 97 27.27 -59.16 -39.34
CA ARG EB 97 25.83 -59.33 -39.30
C ARG EB 97 25.22 -58.37 -40.32
N ILE EB 98 24.36 -58.91 -41.17
CA ILE EB 98 23.78 -58.13 -42.26
C ILE EB 98 22.62 -57.32 -41.70
N ARG EB 99 22.68 -56.01 -41.87
CA ARG EB 99 21.69 -55.09 -41.34
C ARG EB 99 20.54 -54.91 -42.31
N LYS EB 100 20.84 -54.65 -43.58
CA LYS EB 100 19.83 -54.38 -44.59
C LYS EB 100 20.32 -54.89 -45.92
N VAL EB 101 19.39 -55.09 -46.84
CA VAL EB 101 19.67 -55.39 -48.23
C VAL EB 101 18.76 -54.54 -49.09
N LYS EB 102 19.31 -54.06 -50.20
CA LYS EB 102 18.59 -53.30 -51.21
C LYS EB 102 18.69 -54.05 -52.52
N VAL EB 103 17.59 -54.64 -52.93
CA VAL EB 103 17.50 -55.29 -54.23
C VAL EB 103 16.88 -54.31 -55.20
N GLU EB 104 17.58 -54.06 -56.30
CA GLU EB 104 17.15 -53.11 -57.32
C GLU EB 104 17.01 -53.87 -58.63
N PHE EB 105 15.80 -53.88 -59.16
CA PHE EB 105 15.52 -54.42 -60.50
C PHE EB 105 15.65 -53.27 -61.48
N TRP EB 106 16.80 -53.18 -62.12
CA TRP EB 106 17.03 -52.17 -63.14
C TRP EB 106 16.59 -52.74 -64.48
N PRO EB 107 15.62 -52.15 -65.16
CA PRO EB 107 15.14 -52.75 -66.40
C PRO EB 107 16.15 -52.66 -67.52
N CYS EB 108 16.00 -53.57 -68.46
CA CYS EB 108 16.79 -53.63 -69.68
C CYS EB 108 15.95 -53.37 -70.92
N SER EB 109 14.67 -53.11 -70.77
CA SER EB 109 13.72 -53.07 -71.85
C SER EB 109 13.33 -51.63 -72.15
N PRO EB 110 13.00 -51.32 -73.39
CA PRO EB 110 12.66 -49.94 -73.74
C PRO EB 110 11.30 -49.54 -73.20
N ILE EB 111 11.08 -48.23 -73.11
CA ILE EB 111 9.80 -47.73 -72.66
C ILE EB 111 8.70 -47.85 -73.70
N THR EB 112 9.03 -48.28 -74.91
CA THR EB 112 8.05 -48.52 -75.95
C THR EB 112 7.56 -49.96 -75.98
N GLN EB 113 8.03 -50.82 -75.08
CA GLN EB 113 7.66 -52.21 -75.12
C GLN EB 113 6.24 -52.39 -74.60
N GLY EB 114 5.45 -53.17 -75.32
CA GLY EB 114 4.08 -53.42 -74.97
C GLY EB 114 3.89 -54.73 -74.23
N ASP EB 115 2.64 -55.16 -74.17
CA ASP EB 115 2.26 -56.36 -73.43
C ASP EB 115 2.68 -56.24 -71.99
N ARG EB 116 2.47 -55.06 -71.43
CA ARG EB 116 2.86 -54.79 -70.06
C ARG EB 116 2.08 -55.66 -69.08
N GLY EB 117 2.57 -55.69 -67.86
CA GLY EB 117 2.03 -56.57 -66.86
C GLY EB 117 2.18 -56.03 -65.45
N VAL EB 118 1.82 -56.85 -64.47
CA VAL EB 118 1.84 -56.44 -63.08
C VAL EB 118 2.16 -57.66 -62.23
N GLY EB 119 3.16 -57.51 -61.37
CA GLY EB 119 3.65 -58.58 -60.53
C GLY EB 119 3.74 -58.19 -59.08
N SER EB 120 4.50 -58.97 -58.32
CA SER EB 120 4.57 -58.80 -56.88
C SER EB 120 5.90 -59.32 -56.37
N SER EB 121 6.47 -58.59 -55.41
CA SER EB 121 7.67 -59.00 -54.70
C SER EB 121 7.37 -59.02 -53.21
N ALA EB 122 7.70 -60.13 -52.57
CA ALA EB 122 7.44 -60.32 -51.16
C ALA EB 122 8.70 -60.76 -50.44
N VAL EB 123 8.69 -60.59 -49.12
CA VAL EB 123 9.83 -60.84 -48.26
C VAL EB 123 9.60 -62.15 -47.53
N ILE EB 124 10.49 -63.10 -47.73
CA ILE EB 124 10.35 -64.47 -47.28
C ILE EB 124 11.58 -64.83 -46.46
N LEU EB 125 11.45 -64.77 -45.14
CA LEU EB 125 12.58 -64.85 -44.24
C LEU EB 125 12.84 -66.25 -43.69
N ASP EB 126 12.48 -67.32 -44.43
CA ASP EB 126 12.50 -68.66 -43.85
C ASP EB 126 12.92 -69.77 -44.80
N ASP EB 127 13.31 -69.49 -46.03
CA ASP EB 127 13.86 -70.50 -46.94
C ASP EB 127 12.81 -71.52 -47.37
N ASN EB 128 11.54 -71.13 -47.38
CA ASN EB 128 10.47 -71.93 -47.96
C ASN EB 128 9.69 -70.99 -48.85
N PHE EB 129 10.12 -70.95 -50.11
CA PHE EB 129 9.52 -70.13 -51.13
C PHE EB 129 8.42 -70.89 -51.84
N VAL EB 130 7.56 -70.15 -52.54
CA VAL EB 130 6.67 -70.77 -53.50
C VAL EB 130 7.53 -71.43 -54.56
N THR EB 131 7.09 -72.61 -55.00
CA THR EB 131 7.87 -73.39 -55.94
C THR EB 131 8.10 -72.61 -57.23
N LYS EB 132 9.31 -72.75 -57.76
CA LYS EB 132 9.65 -72.08 -59.01
C LYS EB 132 8.76 -72.57 -60.13
N ALA EB 133 8.15 -71.64 -60.85
CA ALA EB 133 7.20 -71.93 -61.89
C ALA EB 133 7.48 -71.05 -63.09
N THR EB 134 7.18 -71.57 -64.28
CA THR EB 134 7.34 -70.85 -65.52
C THR EB 134 6.09 -70.06 -65.88
N ALA EB 135 4.94 -70.71 -65.85
CA ALA EB 135 3.66 -70.06 -66.16
C ALA EB 135 2.62 -70.58 -65.17
N LEU EB 136 2.51 -69.91 -64.04
CA LEU EB 136 1.51 -70.21 -63.03
C LEU EB 136 0.29 -69.33 -63.23
N THR EB 137 -0.88 -69.90 -63.00
CA THR EB 137 -2.15 -69.25 -63.33
C THR EB 137 -2.55 -68.15 -62.35
N TYR EB 138 -1.69 -67.77 -61.42
CA TYR EB 138 -2.03 -66.74 -60.46
C TYR EB 138 -0.74 -66.19 -59.88
N ASP EB 139 -0.86 -65.06 -59.19
CA ASP EB 139 0.24 -64.43 -58.50
C ASP EB 139 0.24 -64.88 -57.05
N PRO EB 140 1.14 -65.75 -56.62
CA PRO EB 140 1.06 -66.24 -55.25
C PRO EB 140 1.40 -65.19 -54.21
N TYR EB 141 2.29 -64.26 -54.54
CA TYR EB 141 2.78 -63.28 -53.61
C TYR EB 141 1.90 -62.04 -53.54
N VAL EB 142 0.69 -62.10 -54.05
CA VAL EB 142 -0.14 -60.91 -54.18
C VAL EB 142 -0.79 -60.55 -52.86
N ASN EB 143 -1.25 -61.54 -52.10
CA ASN EB 143 -1.92 -61.30 -50.85
C ASN EB 143 -0.98 -61.26 -49.67
N TYR EB 144 0.31 -61.34 -49.90
CA TYR EB 144 1.29 -61.25 -48.82
C TYR EB 144 1.31 -59.85 -48.25
N SER EB 145 1.50 -59.78 -46.93
CA SER EB 145 1.56 -58.51 -46.24
C SER EB 145 2.75 -57.67 -46.67
N SER EB 146 3.80 -58.29 -47.19
CA SER EB 146 4.99 -57.60 -47.66
C SER EB 146 5.03 -57.47 -49.17
N ARG EB 147 3.88 -57.51 -49.83
CA ARG EB 147 3.83 -57.42 -51.27
C ARG EB 147 3.99 -55.96 -51.69
N HIS EB 148 4.87 -55.74 -52.65
CA HIS EB 148 4.96 -54.50 -53.40
C HIS EB 148 4.69 -54.85 -54.85
N THR EB 149 3.93 -53.99 -55.52
CA THR EB 149 3.60 -54.21 -56.91
C THR EB 149 4.82 -53.95 -57.79
N ILE EB 150 5.02 -54.85 -58.75
CA ILE EB 150 6.04 -54.71 -59.78
C ILE EB 150 5.30 -54.32 -61.04
N THR EB 151 5.48 -53.08 -61.46
CA THR EB 151 5.12 -52.69 -62.82
C THR EB 151 6.18 -53.19 -63.78
N GLN EB 152 5.74 -53.76 -64.89
CA GLN EB 152 6.60 -54.38 -65.87
C GLN EB 152 6.37 -53.72 -67.23
N PRO EB 153 7.33 -53.82 -68.15
CA PRO EB 153 8.69 -54.34 -68.09
C PRO EB 153 9.77 -53.29 -67.88
N PHE EB 154 9.42 -52.02 -68.07
CA PHE EB 154 10.39 -50.95 -68.17
C PHE EB 154 10.42 -50.06 -66.94
N SER EB 155 10.09 -50.61 -65.78
CA SER EB 155 9.95 -49.85 -64.56
C SER EB 155 10.88 -50.39 -63.50
N TYR EB 156 11.39 -49.48 -62.69
CA TYR EB 156 12.33 -49.79 -61.62
C TYR EB 156 11.58 -50.22 -60.37
N HIS EB 157 12.13 -51.23 -59.71
CA HIS EB 157 11.56 -51.80 -58.50
C HIS EB 157 12.67 -51.99 -57.48
N SER EB 158 12.50 -51.38 -56.32
CA SER EB 158 13.42 -51.51 -55.20
C SER EB 158 12.72 -52.15 -54.02
N ARG EB 159 13.48 -52.90 -53.24
CA ARG EB 159 13.02 -53.46 -51.98
C ARG EB 159 14.15 -53.33 -50.98
N TYR EB 160 13.84 -52.74 -49.83
CA TYR EB 160 14.81 -52.46 -48.77
C TYR EB 160 14.29 -53.08 -47.49
N PHE EB 161 15.02 -54.06 -46.99
CA PHE EB 161 14.54 -54.86 -45.87
C PHE EB 161 15.73 -55.45 -45.14
N THR EB 162 15.44 -56.12 -44.03
CA THR EB 162 16.42 -56.74 -43.17
C THR EB 162 16.35 -58.25 -43.32
N PRO EB 163 17.33 -58.92 -43.91
CA PRO EB 163 17.22 -60.37 -44.07
C PRO EB 163 17.48 -61.10 -42.78
N LYS EB 164 17.37 -62.43 -42.85
CA LYS EB 164 17.58 -63.29 -41.70
C LYS EB 164 18.41 -64.49 -42.15
N PRO EB 165 19.30 -64.99 -41.30
CA PRO EB 165 20.10 -66.16 -41.70
C PRO EB 165 19.37 -67.47 -41.48
N VAL EB 166 19.84 -68.46 -42.23
CA VAL EB 166 19.28 -69.80 -42.18
C VAL EB 166 20.10 -70.58 -41.16
N LEU EB 167 19.66 -70.51 -39.91
CA LEU EB 167 20.34 -71.20 -38.82
C LEU EB 167 19.93 -72.66 -38.76
N ASP EB 168 18.64 -72.94 -38.88
CA ASP EB 168 18.13 -74.30 -38.93
C ASP EB 168 17.02 -74.34 -39.96
N SER EB 169 17.29 -74.98 -41.10
CA SER EB 169 16.30 -75.09 -42.15
C SER EB 169 15.17 -76.05 -41.80
N THR EB 170 15.35 -76.91 -40.81
CA THR EB 170 14.31 -77.83 -40.39
C THR EB 170 13.22 -77.13 -39.61
N ILE EB 171 13.60 -76.19 -38.74
CA ILE EB 171 12.67 -75.50 -37.86
C ILE EB 171 12.37 -74.12 -38.42
N ASP EB 172 13.36 -73.51 -39.06
CA ASP EB 172 13.22 -72.22 -39.73
C ASP EB 172 12.77 -71.15 -38.74
N TYR EB 173 13.64 -70.86 -37.78
CA TYR EB 173 13.42 -69.83 -36.79
C TYR EB 173 14.28 -68.61 -37.09
N PHE EB 174 13.75 -67.44 -36.77
CA PHE EB 174 14.47 -66.20 -36.99
C PHE EB 174 14.07 -65.19 -35.93
N GLN EB 175 14.85 -64.20 -35.84
CA GLN EB 175 14.70 -63.14 -34.87
C GLN EB 175 13.89 -61.98 -35.42
N PRO EB 176 13.15 -61.26 -34.59
CA PRO EB 176 12.57 -60.00 -35.07
C PRO EB 176 13.61 -58.91 -35.20
N ASN EB 177 13.21 -57.78 -35.74
CA ASN EB 177 14.14 -56.71 -36.03
C ASN EB 177 14.52 -56.00 -34.74
N ASN EB 178 15.81 -56.07 -34.41
CA ASN EB 178 16.33 -55.39 -33.23
C ASN EB 178 17.81 -55.16 -33.51
N LYS EB 179 18.20 -53.90 -33.66
CA LYS EB 179 19.59 -53.63 -33.98
C LYS EB 179 20.52 -54.01 -32.85
N ARG EB 180 20.04 -53.95 -31.60
CA ARG EB 180 20.90 -54.19 -30.45
C ARG EB 180 21.06 -55.67 -30.14
N ASN EB 181 20.09 -56.49 -30.53
CA ASN EB 181 20.06 -57.90 -30.20
C ASN EB 181 20.35 -58.81 -31.40
N GLN EB 182 20.65 -58.26 -32.56
CA GLN EB 182 20.90 -59.06 -33.73
C GLN EB 182 22.17 -59.89 -33.54
N LEU EB 183 22.07 -61.16 -33.92
CA LEU EB 183 23.17 -62.08 -33.75
C LEU EB 183 24.35 -61.69 -34.62
N TRP EB 184 25.55 -61.93 -34.08
CA TRP EB 184 26.77 -61.85 -34.84
C TRP EB 184 27.12 -63.23 -35.35
N LEU EB 185 27.31 -63.34 -36.65
CA LEU EB 185 27.83 -64.55 -37.27
C LEU EB 185 29.32 -64.41 -37.49
N ARG EB 186 29.96 -65.53 -37.76
CA ARG EB 186 31.36 -65.56 -38.10
C ARG EB 186 31.53 -65.44 -39.60
N LEU EB 187 32.50 -64.65 -40.00
CA LEU EB 187 32.91 -64.53 -41.40
C LEU EB 187 33.82 -65.71 -41.71
N GLN EB 188 33.21 -66.78 -42.20
CA GLN EB 188 33.92 -67.99 -42.52
C GLN EB 188 34.82 -67.76 -43.74
N THR EB 189 35.64 -68.77 -44.03
CA THR EB 189 36.57 -68.67 -45.15
C THR EB 189 35.88 -68.97 -46.47
N ALA EB 190 35.19 -70.12 -46.58
CA ALA EB 190 34.48 -70.47 -47.80
C ALA EB 190 33.14 -71.16 -47.56
N GLY EB 191 32.51 -70.93 -46.41
CA GLY EB 191 31.32 -71.67 -46.05
C GLY EB 191 30.26 -70.87 -45.34
N ASN EB 192 30.14 -69.60 -45.68
CA ASN EB 192 29.19 -68.73 -45.00
C ASN EB 192 27.75 -69.17 -45.27
N VAL EB 193 26.88 -68.77 -44.37
CA VAL EB 193 25.49 -69.21 -44.36
C VAL EB 193 24.65 -68.30 -45.23
N ASP EB 194 23.63 -68.87 -45.86
CA ASP EB 194 22.80 -68.14 -46.79
C ASP EB 194 21.78 -67.31 -46.04
N HIS EB 195 21.70 -66.04 -46.36
CA HIS EB 195 20.61 -65.19 -45.92
C HIS EB 195 19.52 -65.19 -46.96
N VAL EB 196 18.31 -64.88 -46.51
CA VAL EB 196 17.10 -65.12 -47.28
C VAL EB 196 16.15 -63.95 -47.04
N GLY EB 197 15.15 -63.82 -47.90
CA GLY EB 197 14.28 -62.68 -47.81
C GLY EB 197 13.65 -62.05 -49.03
N LEU EB 198 13.71 -62.66 -50.21
CA LEU EB 198 12.93 -62.12 -51.31
C LEU EB 198 12.45 -63.19 -52.27
N GLY EB 199 11.18 -63.09 -52.61
CA GLY EB 199 10.59 -63.89 -53.66
C GLY EB 199 9.74 -63.03 -54.56
N THR EB 200 9.71 -63.39 -55.83
CA THR EB 200 9.13 -62.56 -56.88
C THR EB 200 8.12 -63.35 -57.70
N ALA EB 201 7.28 -62.60 -58.39
CA ALA EB 201 6.34 -63.17 -59.36
C ALA EB 201 6.18 -62.16 -60.48
N PHE EB 202 6.69 -62.50 -61.66
CA PHE EB 202 6.63 -61.66 -62.83
C PHE EB 202 5.60 -62.19 -63.83
N GLU EB 203 4.79 -61.30 -64.36
CA GLU EB 203 3.80 -61.66 -65.36
C GLU EB 203 4.49 -61.85 -66.71
N ASN EB 204 4.23 -63.00 -67.33
CA ASN EB 204 4.87 -63.33 -68.57
C ASN EB 204 4.34 -62.46 -69.71
N SER EB 205 5.03 -62.50 -70.83
CA SER EB 205 4.75 -61.62 -71.95
C SER EB 205 5.18 -62.30 -73.25
N ILE EB 206 4.74 -61.72 -74.36
CA ILE EB 206 5.16 -62.20 -75.67
C ILE EB 206 6.62 -61.90 -75.92
N TYR EB 207 7.13 -60.83 -75.33
CA TYR EB 207 8.51 -60.42 -75.48
C TYR EB 207 9.31 -60.82 -74.24
N ASP EB 208 10.62 -60.96 -74.43
CA ASP EB 208 11.50 -61.27 -73.33
C ASP EB 208 11.70 -60.05 -72.46
N GLN EB 209 11.61 -60.24 -71.14
CA GLN EB 209 11.79 -59.19 -70.15
C GLN EB 209 13.09 -59.45 -69.40
N GLU EB 210 14.09 -58.62 -69.66
CA GLU EB 210 15.39 -58.75 -69.03
C GLU EB 210 15.55 -57.69 -67.95
N TYR EB 211 16.35 -58.02 -66.94
CA TYR EB 211 16.63 -57.14 -65.83
C TYR EB 211 18.08 -57.31 -65.41
N ASN EB 212 18.67 -56.23 -64.94
CA ASN EB 212 19.98 -56.23 -64.30
C ASN EB 212 19.74 -55.97 -62.82
N ILE EB 213 19.96 -56.98 -62.00
CA ILE EB 213 19.62 -56.91 -60.59
C ILE EB 213 20.88 -56.57 -59.82
N ARG EB 214 20.82 -55.48 -59.05
CA ARG EB 214 21.92 -55.01 -58.22
C ARG EB 214 21.51 -55.15 -56.77
N VAL EB 215 22.16 -56.07 -56.08
CA VAL EB 215 21.96 -56.29 -54.65
C VAL EB 215 23.05 -55.55 -53.90
N THR EB 216 22.64 -54.79 -52.89
CA THR EB 216 23.54 -54.04 -52.03
C THR EB 216 23.26 -54.48 -50.61
N MET EB 217 24.27 -55.03 -49.94
CA MET EB 217 24.17 -55.43 -48.55
C MET EB 217 24.87 -54.44 -47.66
N TYR EB 218 24.17 -53.97 -46.64
CA TYR EB 218 24.71 -53.07 -45.64
C TYR EB 218 25.09 -53.90 -44.42
N VAL EB 219 26.39 -54.09 -44.22
CA VAL EB 219 26.89 -55.04 -43.25
C VAL EB 219 27.58 -54.27 -42.12
N GLN EB 220 27.86 -55.00 -41.05
CA GLN EB 220 28.49 -54.45 -39.86
C GLN EB 220 29.43 -55.52 -39.35
N PHE EB 221 30.73 -55.21 -39.37
CA PHE EB 221 31.77 -56.13 -38.96
C PHE EB 221 32.24 -55.81 -37.54
N ARG EB 222 33.08 -56.68 -37.01
CA ARG EB 222 33.56 -56.57 -35.65
C ARG EB 222 34.89 -57.29 -35.53
N GLU EB 223 35.74 -56.79 -34.63
CA GLU EB 223 36.99 -57.42 -34.25
C GLU EB 223 37.96 -57.53 -35.44
N PHE EB 224 38.44 -56.37 -35.84
CA PHE EB 224 39.58 -56.22 -36.73
C PHE EB 224 40.68 -57.20 -36.36
N ASN EB 225 41.06 -58.05 -37.30
CA ASN EB 225 41.94 -59.19 -37.02
C ASN EB 225 43.03 -59.31 -38.07
N LEU EB 226 43.62 -58.20 -38.46
CA LEU EB 226 44.68 -58.24 -39.44
C LEU EB 226 45.89 -58.96 -38.89
N LYS EB 227 46.56 -59.72 -39.76
CA LYS EB 227 47.76 -60.45 -39.41
C LYS EB 227 48.90 -59.96 -40.28
N ASP EB 228 50.01 -59.60 -39.65
CA ASP EB 228 51.15 -58.96 -40.31
C ASP EB 228 52.40 -59.77 -40.05
N PRO EB 229 52.64 -60.81 -40.83
CA PRO EB 229 53.90 -61.53 -40.73
C PRO EB 229 55.03 -60.73 -41.34
N PRO EB 230 56.28 -61.10 -41.09
CA PRO EB 230 57.39 -60.43 -41.77
C PRO EB 230 57.45 -60.76 -43.25
N LEU EB 231 58.45 -60.21 -43.93
CA LEU EB 231 58.61 -60.39 -45.36
C LEU EB 231 60.08 -60.56 -45.74
N GLY FB 43 -14.92 -61.94 -33.05
CA GLY FB 43 -13.56 -62.16 -33.49
C GLY FB 43 -13.27 -61.58 -34.85
N ILE FB 44 -12.99 -60.29 -34.86
CA ILE FB 44 -12.84 -59.54 -36.10
C ILE FB 44 -11.48 -59.79 -36.70
N PHE FB 45 -11.43 -59.84 -38.03
CA PHE FB 45 -10.18 -59.96 -38.77
C PHE FB 45 -10.37 -59.23 -40.09
N ASN FB 46 -9.84 -58.03 -40.18
CA ASN FB 46 -9.82 -57.30 -41.43
C ASN FB 46 -8.62 -57.73 -42.26
N THR FB 47 -8.87 -58.11 -43.50
CA THR FB 47 -7.80 -58.50 -44.41
C THR FB 47 -8.11 -57.98 -45.81
N ARG FB 48 -7.36 -58.50 -46.78
CA ARG FB 48 -7.37 -58.02 -48.15
C ARG FB 48 -7.21 -59.20 -49.08
N LEU FB 49 -8.13 -59.33 -50.03
CA LEU FB 49 -8.15 -60.42 -50.99
C LEU FB 49 -8.17 -59.84 -52.38
N SER FB 50 -7.39 -60.44 -53.27
CA SER FB 50 -7.20 -59.95 -54.62
C SER FB 50 -7.46 -61.05 -55.64
N ARG FB 51 -7.51 -60.63 -56.89
CA ARG FB 51 -7.89 -61.44 -58.02
C ARG FB 51 -7.60 -60.64 -59.28
N THR FB 52 -7.11 -61.31 -60.30
CA THR FB 52 -6.66 -60.66 -61.54
C THR FB 52 -7.25 -61.39 -62.73
N PHE FB 53 -7.71 -60.62 -63.72
CA PHE FB 53 -8.30 -61.18 -64.92
C PHE FB 53 -8.22 -60.14 -66.02
N GLY FB 54 -8.52 -60.57 -67.24
CA GLY FB 54 -8.40 -59.75 -68.42
C GLY FB 54 -9.71 -59.21 -68.98
N TYR FB 55 -9.60 -58.11 -69.72
CA TYR FB 55 -10.72 -57.50 -70.42
C TYR FB 55 -10.17 -56.83 -71.66
N THR FB 56 -10.81 -57.10 -72.80
CA THR FB 56 -10.38 -56.56 -74.08
C THR FB 56 -11.55 -55.88 -74.76
N ILE FB 57 -11.26 -54.74 -75.37
CA ILE FB 57 -12.19 -54.00 -76.21
C ILE FB 57 -11.71 -54.22 -77.64
N LYS FB 58 -12.41 -55.06 -78.38
CA LYS FB 58 -12.01 -55.39 -79.73
C LYS FB 58 -12.12 -54.19 -80.66
N ARG FB 59 -11.39 -54.25 -81.76
CA ARG FB 59 -11.36 -53.19 -82.74
C ARG FB 59 -12.66 -53.11 -83.52
N THR FB 60 -12.90 -51.95 -84.12
CA THR FB 60 -14.06 -51.71 -84.96
C THR FB 60 -13.68 -50.84 -86.13
N THR FB 61 -14.20 -51.17 -87.31
CA THR FB 61 -14.05 -50.35 -88.50
C THR FB 61 -14.98 -49.14 -88.50
N VAL FB 62 -15.87 -49.03 -87.52
CA VAL FB 62 -16.78 -47.90 -87.45
C VAL FB 62 -16.00 -46.61 -87.32
N LYS FB 63 -16.42 -45.59 -88.07
CA LYS FB 63 -15.72 -44.31 -88.09
C LYS FB 63 -16.13 -43.42 -86.94
N THR FB 64 -17.40 -43.45 -86.56
CA THR FB 64 -17.91 -42.58 -85.54
C THR FB 64 -17.28 -42.88 -84.19
N PRO FB 65 -17.42 -41.96 -83.22
CA PRO FB 65 -17.07 -42.30 -81.85
C PRO FB 65 -18.18 -43.12 -81.21
N SER FB 66 -17.94 -44.40 -81.03
CA SER FB 66 -18.84 -45.30 -80.36
C SER FB 66 -18.16 -45.84 -79.10
N TRP FB 67 -18.99 -46.27 -78.16
CA TRP FB 67 -18.53 -46.77 -76.88
C TRP FB 67 -18.97 -48.22 -76.67
N ALA FB 68 -18.13 -48.94 -75.96
CA ALA FB 68 -18.37 -50.33 -75.59
C ALA FB 68 -18.73 -50.39 -74.12
N VAL FB 69 -19.91 -50.90 -73.83
CA VAL FB 69 -20.45 -50.93 -72.48
C VAL FB 69 -20.33 -52.34 -71.93
N ASP FB 70 -20.01 -52.43 -70.65
CA ASP FB 70 -19.92 -53.71 -69.96
C ASP FB 70 -20.12 -53.47 -68.48
N MET FB 71 -20.33 -54.57 -67.76
CA MET FB 71 -20.65 -54.57 -66.35
C MET FB 71 -19.57 -55.32 -65.57
N MET FB 72 -19.63 -55.17 -64.25
CA MET FB 72 -18.66 -55.79 -63.36
C MET FB 72 -19.30 -56.03 -62.01
N ARG FB 73 -19.46 -57.30 -61.66
CA ARG FB 73 -19.92 -57.74 -60.36
C ARG FB 73 -18.76 -58.31 -59.56
N PHE FB 74 -18.99 -58.48 -58.26
CA PHE FB 74 -17.97 -59.00 -57.34
C PHE FB 74 -18.61 -60.06 -56.45
N ASN FB 75 -18.00 -61.25 -56.45
CA ASN FB 75 -18.40 -62.33 -55.57
C ASN FB 75 -17.18 -62.84 -54.82
N ILE FB 76 -17.42 -63.31 -53.60
CA ILE FB 76 -16.33 -63.75 -52.74
C ILE FB 76 -15.85 -65.16 -53.07
N ASN FB 77 -16.59 -65.93 -53.86
CA ASN FB 77 -16.12 -67.23 -54.27
C ASN FB 77 -14.91 -67.11 -55.17
N ASP FB 78 -14.82 -66.04 -55.94
CA ASP FB 78 -13.71 -65.82 -56.85
C ASP FB 78 -12.45 -65.35 -56.14
N PHE FB 79 -12.55 -64.93 -54.88
CA PHE FB 79 -11.41 -64.50 -54.09
C PHE FB 79 -11.03 -65.48 -53.00
N LEU FB 80 -12.00 -66.21 -52.46
CA LEU FB 80 -11.81 -67.14 -51.36
C LEU FB 80 -12.06 -68.56 -51.84
N PRO FB 81 -11.06 -69.43 -51.95
CA PRO FB 81 -11.32 -70.76 -52.46
C PRO FB 81 -11.99 -71.63 -51.42
N PRO FB 82 -12.44 -72.81 -51.81
CA PRO FB 82 -12.94 -73.77 -50.83
C PRO FB 82 -11.80 -74.35 -50.01
N GLY FB 83 -12.11 -74.66 -48.75
CA GLY FB 83 -11.11 -75.19 -47.85
C GLY FB 83 -10.94 -76.68 -47.99
N GLY FB 84 -10.75 -77.35 -46.87
CA GLY FB 84 -10.59 -78.77 -46.86
C GLY FB 84 -10.94 -79.40 -45.53
N GLY FB 85 -11.73 -80.47 -45.58
CA GLY FB 85 -12.11 -81.17 -44.37
C GLY FB 85 -13.34 -80.56 -43.72
N SER FB 86 -13.31 -80.51 -42.39
CA SER FB 86 -14.44 -79.97 -41.64
C SER FB 86 -14.58 -78.47 -41.79
N ASN FB 87 -13.54 -77.79 -42.29
CA ASN FB 87 -13.61 -76.37 -42.57
C ASN FB 87 -13.98 -76.17 -44.03
N PRO FB 88 -15.19 -75.71 -44.36
CA PRO FB 88 -15.58 -75.65 -45.77
C PRO FB 88 -14.85 -74.59 -46.57
N ARG FB 89 -14.32 -73.57 -45.92
CA ARG FB 89 -13.62 -72.48 -46.58
C ARG FB 89 -12.20 -72.37 -46.04
N SER FB 90 -11.37 -71.66 -46.80
CA SER FB 90 -9.95 -71.58 -46.49
C SER FB 90 -9.65 -70.55 -45.41
N VAL FB 91 -10.53 -69.57 -45.25
CA VAL FB 91 -10.44 -68.60 -44.16
C VAL FB 91 -11.45 -69.01 -43.10
N PRO FB 92 -11.03 -69.50 -41.91
CA PRO FB 92 -12.00 -70.09 -41.00
C PRO FB 92 -12.80 -69.08 -40.19
N PHE FB 93 -13.81 -68.52 -40.85
CA PHE FB 93 -14.72 -67.59 -40.22
C PHE FB 93 -16.13 -67.88 -40.72
N GLU FB 94 -17.11 -67.39 -39.96
CA GLU FB 94 -18.52 -67.62 -40.25
C GLU FB 94 -19.15 -66.51 -41.06
N TYR FB 95 -18.96 -65.28 -40.63
CA TYR FB 95 -19.62 -64.12 -41.21
C TYR FB 95 -18.61 -63.24 -41.93
N TYR FB 96 -19.12 -62.39 -42.80
CA TYR FB 96 -18.29 -61.45 -43.53
C TYR FB 96 -19.13 -60.26 -43.94
N ARG FB 97 -18.43 -59.18 -44.30
CA ARG FB 97 -19.06 -58.04 -44.92
C ARG FB 97 -17.98 -57.27 -45.66
N ILE FB 98 -18.23 -56.97 -46.93
CA ILE FB 98 -17.25 -56.31 -47.76
C ILE FB 98 -17.28 -54.82 -47.48
N ARG FB 99 -16.15 -54.28 -47.10
CA ARG FB 99 -16.01 -52.88 -46.72
C ARG FB 99 -15.73 -51.99 -47.94
N LYS FB 100 -14.78 -52.39 -48.76
CA LYS FB 100 -14.36 -51.61 -49.91
C LYS FB 100 -13.91 -52.55 -51.00
N VAL FB 101 -13.88 -52.03 -52.23
CA VAL FB 101 -13.29 -52.71 -53.37
C VAL FB 101 -12.47 -51.69 -54.14
N LYS FB 102 -11.34 -52.15 -54.65
CA LYS FB 102 -10.45 -51.37 -55.49
C LYS FB 102 -10.31 -52.10 -56.82
N VAL FB 103 -10.92 -51.54 -57.85
CA VAL FB 103 -10.78 -52.03 -59.20
C VAL FB 103 -9.70 -51.22 -59.89
N GLU FB 104 -8.70 -51.91 -60.42
CA GLU FB 104 -7.56 -51.31 -61.07
C GLU FB 104 -7.51 -51.81 -62.50
N PHE FB 105 -7.64 -50.90 -63.46
CA PHE FB 105 -7.45 -51.21 -64.87
C PHE FB 105 -5.99 -50.95 -65.20
N TRP FB 106 -5.21 -52.02 -65.21
CA TRP FB 106 -3.82 -51.93 -65.58
C TRP FB 106 -3.69 -52.10 -67.09
N PRO FB 107 -3.20 -51.13 -67.83
CA PRO FB 107 -3.17 -51.27 -69.29
C PRO FB 107 -2.18 -52.32 -69.76
N CYS FB 108 -2.46 -52.82 -70.95
CA CYS FB 108 -1.61 -53.76 -71.65
C CYS FB 108 -1.03 -53.18 -72.92
N SER FB 109 -1.32 -51.93 -73.23
CA SER FB 109 -1.04 -51.32 -74.51
C SER FB 109 0.13 -50.35 -74.37
N PRO FB 110 0.93 -50.17 -75.42
CA PRO FB 110 2.07 -49.27 -75.32
C PRO FB 110 1.66 -47.82 -75.29
N ILE FB 111 2.57 -46.98 -74.81
CA ILE FB 111 2.32 -45.55 -74.77
C ILE FB 111 2.40 -44.89 -76.14
N THR FB 112 2.81 -45.63 -77.17
CA THR FB 112 2.85 -45.12 -78.53
C THR FB 112 1.56 -45.41 -79.30
N GLN FB 113 0.57 -46.05 -78.68
CA GLN FB 113 -0.62 -46.42 -79.40
C GLN FB 113 -1.49 -45.19 -79.62
N GLY FB 114 -1.98 -45.04 -80.85
CA GLY FB 114 -2.81 -43.94 -81.22
C GLY FB 114 -4.29 -44.27 -81.18
N ASP FB 115 -5.08 -43.41 -81.82
CA ASP FB 115 -6.52 -43.51 -81.83
C ASP FB 115 -7.05 -43.53 -80.40
N ARG FB 116 -6.49 -42.65 -79.58
CA ARG FB 116 -6.86 -42.57 -78.18
C ARG FB 116 -8.32 -42.14 -78.03
N GLY FB 117 -8.82 -42.31 -76.83
CA GLY FB 117 -10.22 -42.09 -76.55
C GLY FB 117 -10.48 -41.67 -75.13
N VAL FB 118 -11.75 -41.56 -74.78
CA VAL FB 118 -12.15 -41.10 -73.46
C VAL FB 118 -13.45 -41.78 -73.09
N GLY FB 119 -13.46 -42.39 -71.91
CA GLY FB 119 -14.59 -43.15 -71.42
C GLY FB 119 -15.01 -42.75 -70.03
N SER FB 120 -15.77 -43.62 -69.38
CA SER FB 120 -16.36 -43.31 -68.10
C SER FB 120 -16.61 -44.58 -67.32
N SER FB 121 -16.36 -44.52 -66.02
CA SER FB 121 -16.66 -45.59 -65.08
C SER FB 121 -17.56 -45.04 -63.99
N ALA FB 122 -18.66 -45.74 -63.73
CA ALA FB 122 -19.63 -45.32 -62.75
C ALA FB 122 -19.93 -46.46 -61.79
N VAL FB 123 -20.50 -46.09 -60.64
CA VAL FB 123 -20.78 -47.01 -59.55
C VAL FB 123 -22.27 -47.30 -59.54
N ILE FB 124 -22.62 -48.58 -59.69
CA ILE FB 124 -23.99 -49.03 -59.90
C ILE FB 124 -24.29 -50.07 -58.85
N LEU FB 125 -24.98 -49.67 -57.79
CA LEU FB 125 -25.15 -50.49 -56.60
C LEU FB 125 -26.45 -51.27 -56.58
N ASP FB 126 -27.03 -51.64 -57.74
CA ASP FB 126 -28.36 -52.20 -57.77
C ASP FB 126 -28.62 -53.29 -58.79
N ASP FB 127 -27.61 -53.73 -59.54
CA ASP FB 127 -27.75 -54.87 -60.44
C ASP FB 127 -28.66 -54.57 -61.62
N ASN FB 128 -28.77 -53.31 -62.01
CA ASN FB 128 -29.45 -52.90 -63.24
C ASN FB 128 -28.49 -51.97 -63.95
N PHE FB 129 -27.66 -52.56 -64.79
CA PHE FB 129 -26.68 -51.86 -65.58
C PHE FB 129 -27.27 -51.45 -66.92
N VAL FB 130 -26.60 -50.50 -67.57
CA VAL FB 130 -26.88 -50.24 -68.96
C VAL FB 130 -26.56 -51.50 -69.73
N THR FB 131 -27.40 -51.80 -70.73
CA THR FB 131 -27.27 -53.03 -71.47
C THR FB 131 -25.91 -53.11 -72.14
N LYS FB 132 -25.33 -54.30 -72.14
CA LYS FB 132 -24.05 -54.52 -72.77
C LYS FB 132 -24.14 -54.24 -74.27
N ALA FB 133 -23.22 -53.41 -74.75
CA ALA FB 133 -23.21 -52.95 -76.13
C ALA FB 133 -21.80 -53.01 -76.66
N THR FB 134 -21.69 -53.25 -77.96
CA THR FB 134 -20.40 -53.29 -78.65
C THR FB 134 -20.01 -51.92 -79.17
N ALA FB 135 -20.92 -51.24 -79.88
CA ALA FB 135 -20.66 -49.90 -80.41
C ALA FB 135 -21.94 -49.08 -80.23
N LEU FB 136 -22.03 -48.43 -79.08
CA LEU FB 136 -23.13 -47.52 -78.78
C LEU FB 136 -22.72 -46.09 -79.12
N THR FB 137 -23.67 -45.32 -79.63
CA THR FB 137 -23.40 -44.00 -80.17
C THR FB 137 -23.18 -42.93 -79.12
N TYR FB 138 -23.08 -43.29 -77.84
CA TYR FB 138 -22.89 -42.30 -76.80
C TYR FB 138 -22.34 -43.01 -75.57
N ASP FB 139 -21.85 -42.21 -74.64
CA ASP FB 139 -21.36 -42.70 -73.36
C ASP FB 139 -22.48 -42.62 -72.34
N PRO FB 140 -23.09 -43.74 -71.94
CA PRO FB 140 -24.22 -43.62 -71.02
C PRO FB 140 -23.83 -43.19 -69.63
N TYR FB 141 -22.65 -43.56 -69.18
CA TYR FB 141 -22.20 -43.30 -67.82
C TYR FB 141 -21.54 -41.94 -67.67
N VAL FB 142 -21.72 -41.04 -68.62
CA VAL FB 142 -20.98 -39.79 -68.62
C VAL FB 142 -21.60 -38.79 -67.66
N ASN FB 143 -22.93 -38.73 -67.61
CA ASN FB 143 -23.62 -37.77 -66.75
C ASN FB 143 -23.90 -38.33 -65.37
N TYR FB 144 -23.41 -39.52 -65.06
CA TYR FB 144 -23.60 -40.07 -63.73
C TYR FB 144 -22.79 -39.30 -62.71
N SER FB 145 -23.36 -39.15 -61.52
CA SER FB 145 -22.70 -38.44 -60.44
C SER FB 145 -21.44 -39.13 -59.98
N SER FB 146 -21.31 -40.43 -60.21
CA SER FB 146 -20.12 -41.20 -59.84
C SER FB 146 -19.22 -41.48 -61.02
N ARG FB 147 -19.29 -40.66 -62.06
CA ARG FB 147 -18.46 -40.86 -63.23
C ARG FB 147 -17.05 -40.37 -62.97
N HIS FB 148 -16.08 -41.21 -63.31
CA HIS FB 148 -14.69 -40.83 -63.42
C HIS FB 148 -14.28 -41.07 -64.86
N THR FB 149 -13.51 -40.15 -65.41
CA THR FB 149 -13.05 -40.25 -66.78
C THR FB 149 -12.00 -41.33 -66.91
N ILE FB 150 -12.14 -42.13 -67.95
CA ILE FB 150 -11.16 -43.14 -68.33
C ILE FB 150 -10.43 -42.59 -69.54
N THR FB 151 -9.17 -42.22 -69.34
CA THR FB 151 -8.28 -42.00 -70.46
C THR FB 151 -7.81 -43.34 -71.00
N GLN FB 152 -7.82 -43.47 -72.31
CA GLN FB 152 -7.51 -44.70 -73.02
C GLN FB 152 -6.37 -44.45 -73.99
N PRO FB 153 -5.65 -45.51 -74.38
CA PRO FB 153 -5.63 -46.90 -73.96
C PRO FB 153 -4.57 -47.27 -72.94
N PHE FB 154 -3.59 -46.40 -72.76
CA PHE FB 154 -2.37 -46.71 -72.03
C PHE FB 154 -2.31 -46.05 -70.66
N SER FB 155 -3.47 -45.81 -70.06
CA SER FB 155 -3.55 -45.07 -68.82
C SER FB 155 -4.24 -45.90 -67.76
N TYR FB 156 -3.77 -45.74 -66.53
CA TYR FB 156 -4.26 -46.46 -65.39
C TYR FB 156 -5.50 -45.78 -64.82
N HIS FB 157 -6.47 -46.62 -64.42
CA HIS FB 157 -7.74 -46.16 -63.88
C HIS FB 157 -8.05 -46.98 -62.64
N SER FB 158 -8.25 -46.31 -61.52
CA SER FB 158 -8.63 -46.93 -60.28
C SER FB 158 -9.98 -46.40 -59.82
N ARG FB 159 -10.73 -47.25 -59.14
CA ARG FB 159 -11.99 -46.88 -58.51
C ARG FB 159 -12.04 -47.57 -57.17
N TYR FB 160 -12.27 -46.79 -56.12
CA TYR FB 160 -12.29 -47.26 -54.73
C TYR FB 160 -13.62 -46.87 -54.12
N PHE FB 161 -14.42 -47.86 -53.78
CA PHE FB 161 -15.80 -47.62 -53.36
C PHE FB 161 -16.25 -48.77 -52.48
N THR FB 162 -17.45 -48.62 -51.94
CA THR FB 162 -18.07 -49.58 -51.05
C THR FB 162 -19.21 -50.28 -51.79
N PRO FB 163 -19.11 -51.56 -52.12
CA PRO FB 163 -20.18 -52.21 -52.84
C PRO FB 163 -21.36 -52.53 -51.95
N LYS FB 164 -22.41 -53.10 -52.55
CA LYS FB 164 -23.62 -53.46 -51.84
C LYS FB 164 -24.05 -54.84 -52.32
N PRO FB 165 -24.61 -55.67 -51.44
CA PRO FB 165 -25.06 -56.99 -51.87
C PRO FB 165 -26.44 -56.98 -52.49
N VAL FB 166 -26.67 -58.00 -53.30
CA VAL FB 166 -27.94 -58.17 -54.00
C VAL FB 166 -28.81 -59.04 -53.11
N LEU FB 167 -29.55 -58.39 -52.22
CA LEU FB 167 -30.45 -59.07 -51.31
C LEU FB 167 -31.77 -59.42 -51.98
N ASP FB 168 -32.34 -58.49 -52.72
CA ASP FB 168 -33.56 -58.73 -53.49
C ASP FB 168 -33.40 -58.02 -54.82
N SER FB 169 -33.23 -58.78 -55.89
CA SER FB 169 -33.08 -58.22 -57.22
C SER FB 169 -34.38 -57.65 -57.75
N THR FB 170 -35.52 -58.02 -57.18
CA THR FB 170 -36.81 -57.50 -57.63
C THR FB 170 -37.02 -56.07 -57.16
N ILE FB 171 -36.62 -55.77 -55.93
CA ILE FB 171 -36.83 -54.47 -55.32
C ILE FB 171 -35.55 -53.65 -55.40
N ASP FB 172 -34.41 -54.33 -55.28
CA ASP FB 172 -33.10 -53.71 -55.41
C ASP FB 172 -32.92 -52.60 -54.38
N TYR FB 173 -32.91 -53.01 -53.11
CA TYR FB 173 -32.69 -52.11 -51.98
C TYR FB 173 -31.30 -52.31 -51.41
N PHE FB 174 -30.72 -51.23 -50.92
CA PHE FB 174 -29.39 -51.28 -50.33
C PHE FB 174 -29.28 -50.23 -49.25
N GLN FB 175 -28.29 -50.38 -48.47
CA GLN FB 175 -28.02 -49.55 -47.33
C GLN FB 175 -27.08 -48.41 -47.69
N PRO FB 176 -27.19 -47.26 -47.04
CA PRO FB 176 -26.14 -46.25 -47.19
C PRO FB 176 -24.88 -46.63 -46.46
N ASN FB 177 -23.83 -45.85 -46.64
CA ASN FB 177 -22.54 -46.17 -46.09
C ASN FB 177 -22.53 -45.89 -44.59
N ASN FB 178 -22.34 -46.94 -43.81
CA ASN FB 178 -22.24 -46.82 -42.36
C ASN FB 178 -21.44 -48.02 -41.88
N LYS FB 179 -20.25 -47.77 -41.36
CA LYS FB 179 -19.41 -48.89 -40.96
C LYS FB 179 -20.00 -49.63 -39.78
N ARG FB 180 -20.76 -48.95 -38.93
CA ARG FB 180 -21.28 -49.55 -37.71
C ARG FB 180 -22.54 -50.35 -37.95
N ASN FB 181 -23.30 -50.00 -38.99
CA ASN FB 181 -24.59 -50.61 -39.26
C ASN FB 181 -24.59 -51.53 -40.47
N GLN FB 182 -23.45 -51.75 -41.09
CA GLN FB 182 -23.39 -52.61 -42.26
C GLN FB 182 -23.72 -54.04 -41.91
N LEU FB 183 -24.55 -54.65 -42.72
CA LEU FB 183 -25.00 -56.00 -42.48
C LEU FB 183 -23.86 -56.99 -42.56
N TRP FB 184 -23.93 -58.01 -41.72
CA TRP FB 184 -23.07 -59.17 -41.80
C TRP FB 184 -23.79 -60.24 -42.60
N LEU FB 185 -23.14 -60.72 -43.64
CA LEU FB 185 -23.58 -61.86 -44.39
C LEU FB 185 -22.87 -63.11 -43.90
N ARG FB 186 -23.41 -64.26 -44.29
CA ARG FB 186 -22.79 -65.53 -43.99
C ARG FB 186 -21.86 -65.93 -45.13
N LEU FB 187 -20.70 -66.44 -44.76
CA LEU FB 187 -19.75 -67.01 -45.69
C LEU FB 187 -20.23 -68.42 -46.02
N GLN FB 188 -21.00 -68.52 -47.08
CA GLN FB 188 -21.56 -69.80 -47.51
C GLN FB 188 -20.44 -70.69 -48.05
N THR FB 189 -20.81 -71.93 -48.34
CA THR FB 189 -19.85 -72.91 -48.84
C THR FB 189 -19.61 -72.73 -50.34
N ALA FB 190 -20.69 -72.73 -51.14
CA ALA FB 190 -20.55 -72.55 -52.59
C ALA FB 190 -21.65 -71.70 -53.20
N GLY FB 191 -22.28 -70.82 -52.43
CA GLY FB 191 -23.45 -70.10 -52.90
C GLY FB 191 -23.54 -68.65 -52.46
N ASN FB 192 -22.39 -68.00 -52.29
CA ASN FB 192 -22.38 -66.64 -51.81
C ASN FB 192 -23.05 -65.69 -52.79
N VAL FB 193 -23.50 -64.56 -52.26
CA VAL FB 193 -24.30 -63.60 -53.00
C VAL FB 193 -23.40 -62.62 -53.72
N ASP FB 194 -23.85 -62.17 -54.88
CA ASP FB 194 -23.06 -61.29 -55.72
C ASP FB 194 -23.14 -59.86 -55.21
N HIS FB 195 -21.99 -59.24 -55.02
CA HIS FB 195 -21.90 -57.81 -54.79
C HIS FB 195 -21.71 -57.10 -56.11
N VAL FB 196 -22.11 -55.83 -56.11
CA VAL FB 196 -22.29 -55.07 -57.34
C VAL FB 196 -21.80 -53.65 -57.10
N GLY FB 197 -21.58 -52.91 -58.18
CA GLY FB 197 -21.02 -51.59 -58.02
C GLY FB 197 -20.09 -51.01 -59.06
N LEU FB 198 -19.93 -51.59 -60.24
CA LEU FB 198 -19.18 -50.89 -61.27
C LEU FB 198 -19.67 -51.20 -62.67
N GLY FB 199 -19.83 -50.14 -63.45
CA GLY FB 199 -20.10 -50.25 -64.87
C GLY FB 199 -19.23 -49.28 -65.63
N THR FB 200 -18.85 -49.69 -66.83
CA THR FB 200 -17.84 -49.01 -67.62
C THR FB 200 -18.37 -48.71 -69.02
N ALA FB 201 -17.69 -47.76 -69.66
CA ALA FB 201 -17.93 -47.44 -71.06
C ALA FB 201 -16.60 -47.04 -71.68
N PHE FB 202 -16.09 -47.87 -72.57
CA PHE FB 202 -14.83 -47.65 -73.24
C PHE FB 202 -15.07 -47.25 -74.69
N GLU FB 203 -14.34 -46.24 -75.14
CA GLU FB 203 -14.43 -45.77 -76.51
C GLU FB 203 -13.66 -46.71 -77.41
N ASN FB 204 -14.30 -47.19 -78.47
CA ASN FB 204 -13.70 -48.15 -79.36
C ASN FB 204 -12.60 -47.49 -80.19
N SER FB 205 -11.81 -48.34 -80.84
CA SER FB 205 -10.63 -47.90 -81.55
C SER FB 205 -10.34 -48.85 -82.70
N ILE FB 206 -9.45 -48.43 -83.59
CA ILE FB 206 -9.00 -49.28 -84.68
C ILE FB 206 -8.16 -50.43 -84.17
N TYR FB 207 -7.46 -50.23 -83.06
CA TYR FB 207 -6.62 -51.22 -82.45
C TYR FB 207 -7.31 -51.84 -81.25
N ASP FB 208 -6.90 -53.06 -80.92
CA ASP FB 208 -7.44 -53.73 -79.75
C ASP FB 208 -6.86 -53.13 -78.47
N GLN FB 209 -7.73 -52.88 -77.51
CA GLN FB 209 -7.37 -52.31 -76.22
C GLN FB 209 -7.54 -53.40 -75.16
N GLU FB 210 -6.43 -53.90 -74.64
CA GLU FB 210 -6.43 -54.93 -73.62
C GLU FB 210 -6.10 -54.33 -72.26
N TYR FB 211 -6.65 -54.96 -71.23
CA TYR FB 211 -6.44 -54.56 -69.85
C TYR FB 211 -6.32 -55.79 -68.98
N ASN FB 212 -5.51 -55.66 -67.93
CA ASN FB 212 -5.42 -56.64 -66.85
C ASN FB 212 -6.07 -56.01 -65.63
N ILE FB 213 -7.24 -56.52 -65.25
CA ILE FB 213 -8.03 -55.92 -64.20
C ILE FB 213 -7.76 -56.67 -62.90
N ARG FB 214 -7.33 -55.92 -61.89
CA ARG FB 214 -7.03 -56.46 -60.56
C ARG FB 214 -8.04 -55.89 -59.58
N VAL FB 215 -8.91 -56.75 -59.08
CA VAL FB 215 -9.89 -56.39 -58.08
C VAL FB 215 -9.35 -56.80 -56.73
N THR FB 216 -9.41 -55.88 -55.77
CA THR FB 216 -8.98 -56.10 -54.40
C THR FB 216 -10.16 -55.78 -53.50
N MET FB 217 -10.61 -56.78 -52.75
CA MET FB 217 -11.69 -56.61 -51.79
C MET FB 217 -11.15 -56.55 -50.38
N TYR FB 218 -11.55 -55.51 -49.65
CA TYR FB 218 -11.18 -55.33 -48.27
C TYR FB 218 -12.35 -55.80 -47.41
N VAL FB 219 -12.19 -56.96 -46.79
CA VAL FB 219 -13.28 -57.66 -46.12
C VAL FB 219 -13.04 -57.64 -44.62
N GLN FB 220 -14.09 -58.01 -43.89
CA GLN FB 220 -14.07 -58.03 -42.44
C GLN FB 220 -14.87 -59.27 -42.02
N PHE FB 221 -14.20 -60.21 -41.40
CA PHE FB 221 -14.79 -61.45 -40.96
C PHE FB 221 -15.13 -61.41 -39.48
N ARG FB 222 -15.83 -62.45 -39.02
CA ARG FB 222 -16.29 -62.51 -37.64
C ARG FB 222 -16.49 -63.97 -37.27
N GLU FB 223 -16.29 -64.27 -35.99
CA GLU FB 223 -16.57 -65.56 -35.39
C GLU FB 223 -15.72 -66.68 -36.02
N PHE FB 224 -14.44 -66.61 -35.70
CA PHE FB 224 -13.48 -67.69 -35.91
C PHE FB 224 -14.09 -69.02 -35.52
N ASN FB 225 -14.15 -69.95 -36.46
CA ASN FB 225 -14.89 -71.19 -36.30
C ASN FB 225 -14.10 -72.39 -36.75
N LEU FB 226 -12.82 -72.43 -36.40
CA LEU FB 226 -11.99 -73.55 -36.81
C LEU FB 226 -12.45 -74.82 -36.11
N LYS FB 227 -12.38 -75.92 -36.83
CA LYS FB 227 -12.74 -77.24 -36.33
C LYS FB 227 -11.53 -78.14 -36.40
N ASP FB 228 -11.21 -78.78 -35.27
CA ASP FB 228 -9.99 -79.56 -35.11
C ASP FB 228 -10.36 -80.97 -34.68
N PRO FB 229 -10.68 -81.85 -35.62
CA PRO FB 229 -10.89 -83.25 -35.28
C PRO FB 229 -9.57 -83.94 -35.01
N PRO FB 230 -9.60 -85.13 -34.43
CA PRO FB 230 -8.35 -85.89 -34.27
C PRO FB 230 -7.81 -86.39 -35.59
N LEU FB 231 -6.69 -87.12 -35.54
CA LEU FB 231 -6.03 -87.63 -36.72
C LEU FB 231 -5.48 -89.03 -36.49
N GLY GB 43 -37.24 -22.97 -57.14
CA GLY GB 43 -36.76 -24.33 -57.03
C GLY GB 43 -35.50 -24.58 -57.81
N ILE GB 44 -34.38 -24.21 -57.22
CA ILE GB 44 -33.09 -24.23 -57.90
C ILE GB 44 -32.55 -25.64 -57.94
N PHE GB 45 -31.88 -25.97 -59.04
CA PHE GB 45 -31.20 -27.25 -59.19
C PHE GB 45 -30.00 -27.01 -60.09
N ASN GB 46 -28.82 -26.92 -59.50
CA ASN GB 46 -27.58 -26.84 -60.23
C ASN GB 46 -27.12 -28.24 -60.59
N THR GB 47 -26.86 -28.46 -61.88
CA THR GB 47 -26.35 -29.75 -62.35
C THR GB 47 -25.31 -29.52 -63.43
N ARG GB 48 -24.98 -30.60 -64.14
CA ARG GB 48 -23.90 -30.63 -65.09
C ARG GB 48 -24.30 -31.54 -66.25
N LEU GB 49 -24.21 -31.00 -67.45
CA LEU GB 49 -24.58 -31.70 -68.68
C LEU GB 49 -23.40 -31.68 -69.63
N SER GB 50 -23.16 -32.81 -70.27
CA SER GB 50 -22.01 -33.02 -71.12
C SER GB 50 -22.44 -33.53 -72.49
N ARG GB 51 -21.47 -33.54 -73.40
CA ARG GB 51 -21.66 -33.83 -74.81
C ARG GB 51 -20.27 -33.96 -75.42
N THR GB 52 -20.12 -34.91 -76.33
CA THR GB 52 -18.82 -35.22 -76.93
C THR GB 52 -18.96 -35.31 -78.43
N PHE GB 53 -17.99 -34.76 -79.15
CA PHE GB 53 -17.99 -34.76 -80.59
C PHE GB 53 -16.57 -34.55 -81.08
N GLY GB 54 -16.38 -34.76 -82.38
CA GLY GB 54 -15.08 -34.71 -82.99
C GLY GB 54 -14.77 -33.46 -83.79
N TYR GB 55 -13.48 -33.18 -83.94
CA TYR GB 55 -12.98 -32.07 -84.75
C TYR GB 55 -11.63 -32.47 -85.30
N THR GB 56 -11.46 -32.29 -86.60
CA THR GB 56 -10.23 -32.65 -87.29
C THR GB 56 -9.70 -31.46 -88.07
N ILE GB 57 -8.39 -31.29 -88.03
CA ILE GB 57 -7.67 -30.32 -88.83
C ILE GB 57 -6.94 -31.13 -89.89
N LYS GB 58 -7.44 -31.07 -91.12
CA LYS GB 58 -6.89 -31.86 -92.20
C LYS GB 58 -5.49 -31.37 -92.55
N ARG GB 59 -4.73 -32.25 -93.19
CA ARG GB 59 -3.36 -31.97 -93.59
C ARG GB 59 -3.31 -30.99 -94.74
N THR GB 60 -2.15 -30.36 -94.90
CA THR GB 60 -1.90 -29.41 -95.97
C THR GB 60 -0.47 -29.57 -96.46
N THR GB 61 -0.30 -29.51 -97.78
CA THR GB 61 1.03 -29.50 -98.39
C THR GB 61 1.69 -28.14 -98.30
N VAL GB 62 0.99 -27.10 -97.82
CA VAL GB 62 1.57 -25.78 -97.70
C VAL GB 62 2.77 -25.82 -96.78
N LYS GB 63 3.83 -25.12 -97.20
CA LYS GB 63 5.07 -25.12 -96.44
C LYS GB 63 5.06 -24.12 -95.31
N THR GB 64 4.44 -22.96 -95.53
CA THR GB 64 4.43 -21.89 -94.55
C THR GB 64 3.70 -22.30 -93.29
N PRO GB 65 3.88 -21.56 -92.20
CA PRO GB 65 3.00 -21.73 -91.05
C PRO GB 65 1.68 -21.04 -91.28
N SER GB 66 0.64 -21.83 -91.52
CA SER GB 66 -0.71 -21.34 -91.66
C SER GB 66 -1.57 -21.92 -90.57
N TRP GB 67 -2.66 -21.22 -90.28
CA TRP GB 67 -3.58 -21.60 -89.22
C TRP GB 67 -4.98 -21.86 -89.77
N ALA GB 68 -5.66 -22.78 -89.11
CA ALA GB 68 -7.03 -23.15 -89.44
C ALA GB 68 -7.95 -22.58 -88.39
N VAL GB 69 -8.89 -21.76 -88.81
CA VAL GB 69 -9.78 -21.04 -87.93
C VAL GB 69 -11.14 -21.68 -87.96
N ASP GB 70 -11.78 -21.75 -86.80
CA ASP GB 70 -13.12 -22.29 -86.68
C ASP GB 70 -13.77 -21.71 -85.44
N MET GB 71 -15.08 -21.90 -85.35
CA MET GB 71 -15.91 -21.34 -84.30
C MET GB 71 -16.57 -22.46 -83.51
N MET GB 72 -17.15 -22.07 -82.37
CA MET GB 72 -17.80 -23.02 -81.48
C MET GB 72 -18.90 -22.31 -80.71
N ARG GB 73 -20.14 -22.71 -80.96
CA ARG GB 73 -21.31 -22.25 -80.23
C ARG GB 73 -21.81 -23.35 -79.32
N PHE GB 74 -22.70 -22.98 -78.40
CA PHE GB 74 -23.26 -23.89 -77.42
C PHE GB 74 -24.76 -23.69 -77.34
N ASN GB 75 -25.52 -24.76 -77.55
CA ASN GB 75 -26.96 -24.76 -77.39
C ASN GB 75 -27.36 -25.89 -76.46
N ILE GB 76 -28.45 -25.66 -75.73
CA ILE GB 76 -28.91 -26.63 -74.73
C ILE GB 76 -29.70 -27.77 -75.35
N ASN GB 77 -30.14 -27.66 -76.60
CA ASN GB 77 -30.80 -28.77 -77.25
C ASN GB 77 -29.85 -29.94 -77.45
N ASP GB 78 -28.58 -29.66 -77.65
CA ASP GB 78 -27.58 -30.69 -77.86
C ASP GB 78 -27.18 -31.40 -76.58
N PHE GB 79 -27.53 -30.86 -75.43
CA PHE GB 79 -27.24 -31.46 -74.14
C PHE GB 79 -28.46 -32.03 -73.45
N LEU GB 80 -29.63 -31.44 -73.68
CA LEU GB 80 -30.87 -31.83 -73.04
C LEU GB 80 -31.84 -32.38 -74.08
N PRO GB 81 -32.15 -33.68 -74.09
CA PRO GB 81 -33.02 -34.19 -75.13
C PRO GB 81 -34.47 -33.82 -74.87
N PRO GB 82 -35.35 -34.08 -75.83
CA PRO GB 82 -36.77 -33.90 -75.57
C PRO GB 82 -37.30 -34.98 -74.65
N GLY GB 83 -38.29 -34.60 -73.86
CA GLY GB 83 -38.87 -35.52 -72.90
C GLY GB 83 -39.92 -36.41 -73.51
N GLY GB 84 -40.98 -36.65 -72.76
CA GLY GB 84 -42.06 -37.48 -73.23
C GLY GB 84 -43.36 -37.21 -72.50
N GLY GB 85 -44.44 -37.05 -73.27
CA GLY GB 85 -45.74 -36.79 -72.70
C GLY GB 85 -45.99 -35.33 -72.42
N SER GB 86 -46.63 -35.06 -71.28
CA SER GB 86 -46.94 -33.68 -70.92
C SER GB 86 -45.71 -32.88 -70.54
N ASN GB 87 -44.59 -33.55 -70.27
CA ASN GB 87 -43.34 -32.88 -69.98
C ASN GB 87 -42.54 -32.77 -71.27
N PRO GB 88 -42.38 -31.57 -71.85
CA PRO GB 88 -41.73 -31.50 -73.17
C PRO GB 88 -40.25 -31.78 -73.13
N ARG GB 89 -39.60 -31.62 -71.99
CA ARG GB 89 -38.17 -31.84 -71.83
C ARG GB 89 -37.91 -32.88 -70.76
N SER GB 90 -36.70 -33.42 -70.79
CA SER GB 90 -36.34 -34.54 -69.92
C SER GB 90 -35.99 -34.09 -68.51
N VAL GB 91 -35.58 -32.84 -68.36
CA VAL GB 91 -35.35 -32.23 -67.04
C VAL GB 91 -36.54 -31.34 -66.74
N PRO GB 92 -37.39 -31.69 -65.78
CA PRO GB 92 -38.66 -30.96 -65.64
C PRO GB 92 -38.53 -29.62 -64.91
N PHE GB 93 -38.06 -28.63 -65.64
CA PHE GB 93 -37.94 -27.28 -65.15
C PHE GB 93 -38.35 -26.31 -66.24
N GLU GB 94 -38.67 -25.09 -65.84
CA GLU GB 94 -39.16 -24.05 -66.73
C GLU GB 94 -38.04 -23.14 -67.24
N TYR GB 95 -37.23 -22.64 -66.34
CA TYR GB 95 -36.22 -21.63 -66.65
C TYR GB 95 -34.83 -22.23 -66.50
N TYR GB 96 -33.86 -21.57 -67.12
CA TYR GB 96 -32.48 -21.98 -67.01
C TYR GB 96 -31.58 -20.78 -67.25
N ARG GB 97 -30.33 -20.94 -66.86
CA ARG GB 97 -29.29 -19.99 -67.19
C ARG GB 97 -27.95 -20.69 -67.07
N ILE GB 98 -27.14 -20.60 -68.12
CA ILE GB 98 -25.87 -21.31 -68.15
C ILE GB 98 -24.85 -20.50 -67.37
N ARG GB 99 -24.26 -21.15 -66.37
CA ARG GB 99 -23.29 -20.52 -65.49
C ARG GB 99 -21.88 -20.58 -66.03
N LYS GB 100 -21.46 -21.76 -66.48
CA LYS GB 100 -20.11 -21.98 -66.97
C LYS GB 100 -20.15 -23.04 -68.05
N VAL GB 101 -19.09 -23.05 -68.86
CA VAL GB 101 -18.85 -24.11 -69.83
C VAL GB 101 -17.38 -24.50 -69.74
N LYS GB 102 -17.12 -25.79 -69.88
CA LYS GB 102 -15.78 -26.35 -69.92
C LYS GB 102 -15.63 -27.08 -71.24
N VAL GB 103 -14.84 -26.51 -72.12
CA VAL GB 103 -14.49 -27.13 -73.39
C VAL GB 103 -13.15 -27.81 -73.21
N GLU GB 104 -13.11 -29.11 -73.51
CA GLU GB 104 -11.91 -29.93 -73.34
C GLU GB 104 -11.57 -30.49 -74.71
N PHE GB 105 -10.38 -30.15 -75.21
CA PHE GB 105 -9.83 -30.75 -76.42
C PHE GB 105 -9.00 -31.94 -76.00
N TRP GB 106 -9.59 -33.11 -76.09
CA TRP GB 106 -8.88 -34.34 -75.79
C TRP GB 106 -8.21 -34.85 -77.07
N PRO GB 107 -6.89 -34.96 -77.10
CA PRO GB 107 -6.25 -35.34 -78.36
C PRO GB 107 -6.50 -36.77 -78.74
N CYS GB 108 -6.38 -37.02 -80.04
CA CYS GB 108 -6.49 -38.34 -80.62
C CYS GB 108 -5.18 -38.82 -81.22
N SER GB 109 -4.13 -38.04 -81.13
CA SER GB 109 -2.89 -38.25 -81.82
C SER GB 109 -1.82 -38.76 -80.87
N PRO GB 110 -0.88 -39.57 -81.35
CA PRO GB 110 0.14 -40.12 -80.47
C PRO GB 110 1.15 -39.06 -80.06
N ILE GB 111 1.86 -39.35 -78.97
CA ILE GB 111 2.89 -38.44 -78.50
C ILE GB 111 4.15 -38.48 -79.35
N THR GB 112 4.23 -39.39 -80.31
CA THR GB 112 5.34 -39.46 -81.23
C THR GB 112 5.12 -38.66 -82.50
N GLN GB 113 3.98 -37.99 -82.64
CA GLN GB 113 3.67 -37.27 -83.87
C GLN GB 113 4.49 -36.00 -83.94
N GLY GB 114 5.08 -35.76 -85.10
CA GLY GB 114 5.89 -34.59 -85.33
C GLY GB 114 5.14 -33.49 -86.03
N ASP GB 115 5.92 -32.53 -86.55
CA ASP GB 115 5.37 -31.33 -87.18
C ASP GB 115 4.45 -30.60 -86.22
N ARG GB 116 4.90 -30.50 -84.98
CA ARG GB 116 4.12 -29.86 -83.94
C ARG GB 116 3.92 -28.39 -84.24
N GLY GB 117 2.99 -27.78 -83.52
CA GLY GB 117 2.59 -26.43 -83.77
C GLY GB 117 2.11 -25.71 -82.54
N VAL GB 118 1.61 -24.50 -82.73
CA VAL GB 118 1.16 -23.67 -81.62
C VAL GB 118 0.01 -22.81 -82.10
N GLY GB 119 -1.09 -22.85 -81.35
CA GLY GB 119 -2.31 -22.15 -81.69
C GLY GB 119 -2.83 -21.31 -80.57
N SER GB 120 -4.10 -20.94 -80.67
CA SER GB 120 -4.71 -20.02 -79.73
C SER GB 120 -6.21 -20.26 -79.66
N SER GB 121 -6.74 -20.18 -78.45
CA SER GB 121 -8.18 -20.23 -78.20
C SER GB 121 -8.60 -18.99 -77.46
N ALA GB 122 -9.63 -18.32 -77.97
CA ALA GB 122 -10.12 -17.08 -77.39
C ALA GB 122 -11.62 -17.17 -77.15
N VAL GB 123 -12.10 -16.29 -76.28
CA VAL GB 123 -13.48 -16.25 -75.84
C VAL GB 123 -14.19 -15.11 -76.55
N ILE GB 124 -15.23 -15.45 -77.31
CA ILE GB 124 -15.92 -14.54 -78.21
C ILE GB 124 -17.40 -14.56 -77.86
N LEU GB 125 -17.83 -13.57 -77.10
CA LEU GB 125 -19.16 -13.57 -76.50
C LEU GB 125 -20.21 -12.82 -77.31
N ASP GB 126 -20.08 -12.74 -78.65
CA ASP GB 126 -20.93 -11.86 -79.43
C ASP GB 126 -21.35 -12.38 -80.80
N ASP GB 127 -20.99 -13.60 -81.19
CA ASP GB 127 -21.47 -14.20 -82.42
C ASP GB 127 -20.91 -13.51 -83.66
N ASN GB 128 -19.73 -12.90 -83.53
CA ASN GB 128 -18.99 -12.38 -84.68
C ASN GB 128 -17.58 -12.90 -84.52
N PHE GB 129 -17.34 -14.06 -85.11
CA PHE GB 129 -16.07 -14.74 -85.10
C PHE GB 129 -15.24 -14.31 -86.29
N VAL GB 130 -13.93 -14.56 -86.20
CA VAL GB 130 -13.09 -14.49 -87.37
C VAL GB 130 -13.59 -15.51 -88.36
N THR GB 131 -13.58 -15.13 -89.64
CA THR GB 131 -14.12 -15.99 -90.68
C THR GB 131 -13.41 -17.32 -90.70
N LYS GB 132 -14.18 -18.38 -90.92
CA LYS GB 132 -13.61 -19.71 -91.00
C LYS GB 132 -12.65 -19.81 -92.18
N ALA GB 133 -11.45 -20.30 -91.89
CA ALA GB 133 -10.37 -20.37 -92.85
C ALA GB 133 -9.68 -21.72 -92.74
N THR GB 134 -9.17 -22.19 -93.87
CA THR GB 134 -8.43 -23.45 -93.93
C THR GB 134 -6.95 -23.24 -93.68
N ALA GB 135 -6.33 -22.28 -94.38
CA ALA GB 135 -4.92 -21.98 -94.21
C ALA GB 135 -4.76 -20.47 -94.26
N LEU GB 136 -4.87 -19.83 -93.10
CA LEU GB 136 -4.65 -18.40 -92.95
C LEU GB 136 -3.22 -18.14 -92.52
N THR GB 137 -2.64 -17.07 -93.05
CA THR GB 137 -1.22 -16.78 -92.89
C THR GB 137 -0.84 -16.25 -91.52
N TYR GB 138 -1.76 -16.24 -90.55
CA TYR GB 138 -1.46 -15.72 -89.23
C TYR GB 138 -2.48 -16.28 -88.26
N ASP GB 139 -2.19 -16.13 -86.98
CA ASP GB 139 -3.07 -16.53 -85.90
C ASP GB 139 -3.90 -15.32 -85.48
N PRO GB 140 -5.18 -15.25 -85.82
CA PRO GB 140 -5.93 -14.04 -85.48
C PRO GB 140 -6.18 -13.88 -84.01
N TYR GB 141 -6.33 -14.99 -83.28
CA TYR GB 141 -6.69 -14.97 -81.87
C TYR GB 141 -5.49 -14.86 -80.96
N VAL GB 142 -4.33 -14.47 -81.49
CA VAL GB 142 -3.10 -14.50 -80.70
C VAL GB 142 -3.01 -13.30 -79.78
N ASN GB 143 -3.40 -12.13 -80.25
CA ASN GB 143 -3.32 -10.91 -79.47
C ASN GB 143 -4.55 -10.65 -78.64
N TYR GB 144 -5.51 -11.57 -78.64
CA TYR GB 144 -6.70 -11.40 -77.83
C TYR GB 144 -6.36 -11.52 -76.35
N SER GB 145 -7.05 -10.72 -75.54
CA SER GB 145 -6.83 -10.72 -74.10
C SER GB 145 -7.21 -12.05 -73.46
N SER GB 146 -8.09 -12.83 -74.10
CA SER GB 146 -8.52 -14.12 -73.61
C SER GB 146 -7.84 -15.27 -74.32
N ARG GB 147 -6.66 -15.04 -74.90
CA ARG GB 147 -5.96 -16.08 -75.61
C ARG GB 147 -5.25 -17.00 -74.64
N HIS GB 148 -5.44 -18.29 -74.84
CA HIS GB 148 -4.64 -19.33 -74.22
C HIS GB 148 -3.95 -20.08 -75.34
N THR GB 149 -2.69 -20.41 -75.13
CA THR GB 149 -1.92 -21.14 -76.12
C THR GB 149 -2.37 -22.58 -76.21
N ILE GB 150 -2.52 -23.05 -77.44
CA ILE GB 150 -2.81 -24.44 -77.73
C ILE GB 150 -1.51 -25.05 -78.23
N THR GB 151 -0.93 -25.93 -77.41
CA THR GB 151 0.12 -26.80 -77.89
C THR GB 151 -0.52 -27.95 -78.66
N GLN GB 152 0.07 -28.27 -79.80
CA GLN GB 152 -0.46 -29.27 -80.72
C GLN GB 152 0.60 -30.33 -80.98
N PRO GB 153 0.20 -31.53 -81.41
CA PRO GB 153 -1.13 -32.11 -81.58
C PRO GB 153 -1.61 -32.98 -80.44
N PHE GB 154 -0.69 -33.38 -79.56
CA PHE GB 154 -0.93 -34.42 -78.58
C PHE GB 154 -1.10 -33.87 -77.18
N SER GB 155 -1.59 -32.65 -77.04
CA SER GB 155 -1.68 -31.98 -75.76
C SER GB 155 -3.11 -31.57 -75.48
N TYR GB 156 -3.46 -31.64 -74.22
CA TYR GB 156 -4.80 -31.32 -73.74
C TYR GB 156 -4.94 -29.84 -73.52
N HIS GB 157 -6.11 -29.32 -73.89
CA HIS GB 157 -6.43 -27.90 -73.79
C HIS GB 157 -7.82 -27.78 -73.21
N SER GB 158 -7.93 -27.06 -72.09
CA SER GB 158 -9.21 -26.77 -71.45
C SER GB 158 -9.44 -25.27 -71.43
N ARG GB 159 -10.71 -24.90 -71.50
CA ARG GB 159 -11.15 -23.51 -71.35
C ARG GB 159 -12.40 -23.52 -70.51
N TYR GB 160 -12.40 -22.74 -69.44
CA TYR GB 160 -13.49 -22.67 -68.48
C TYR GB 160 -13.92 -21.21 -68.36
N PHE GB 161 -15.14 -20.93 -68.77
CA PHE GB 161 -15.61 -19.56 -68.90
C PHE GB 161 -17.12 -19.54 -68.78
N THR GB 162 -17.66 -18.33 -68.77
CA THR GB 162 -19.08 -18.07 -68.67
C THR GB 162 -19.62 -17.57 -70.00
N PRO GB 163 -20.43 -18.34 -70.71
CA PRO GB 163 -20.91 -17.87 -72.00
C PRO GB 163 -22.00 -16.83 -71.87
N LYS GB 164 -22.47 -16.32 -73.01
CA LYS GB 164 -23.50 -15.32 -73.05
C LYS GB 164 -24.49 -15.69 -74.15
N PRO GB 165 -25.78 -15.44 -73.96
CA PRO GB 165 -26.75 -15.78 -75.01
C PRO GB 165 -26.85 -14.70 -76.08
N VAL GB 166 -27.32 -15.15 -77.24
CA VAL GB 166 -27.50 -14.30 -78.40
C VAL GB 166 -28.92 -13.78 -78.34
N LEU GB 167 -29.10 -12.65 -77.66
CA LEU GB 167 -30.40 -12.03 -77.53
C LEU GB 167 -30.75 -11.20 -78.75
N ASP GB 168 -29.80 -10.41 -79.25
CA ASP GB 168 -29.98 -9.64 -80.48
C ASP GB 168 -28.67 -9.71 -81.25
N SER GB 169 -28.67 -10.45 -82.36
CA SER GB 169 -27.48 -10.57 -83.18
C SER GB 169 -27.17 -9.29 -83.95
N THR GB 170 -28.13 -8.38 -84.08
CA THR GB 170 -27.89 -7.12 -84.77
C THR GB 170 -27.06 -6.16 -83.93
N ILE GB 171 -27.33 -6.11 -82.63
CA ILE GB 171 -26.68 -5.19 -81.72
C ILE GB 171 -25.58 -5.91 -80.95
N ASP GB 172 -25.83 -7.18 -80.64
CA ASP GB 172 -24.85 -8.04 -79.98
C ASP GB 172 -24.46 -7.46 -78.62
N TYR GB 173 -25.43 -7.41 -77.72
CA TYR GB 173 -25.23 -6.94 -76.36
C TYR GB 173 -25.25 -8.11 -75.39
N PHE GB 174 -24.45 -8.00 -74.34
CA PHE GB 174 -24.38 -9.03 -73.32
C PHE GB 174 -24.08 -8.42 -71.98
N GLN GB 175 -24.30 -9.17 -70.99
CA GLN GB 175 -24.14 -8.78 -69.61
C GLN GB 175 -22.74 -9.11 -69.10
N PRO GB 176 -22.21 -8.33 -68.16
CA PRO GB 176 -21.00 -8.79 -67.48
C PRO GB 176 -21.29 -9.90 -66.49
N ASN GB 177 -20.23 -10.46 -65.93
CA ASN GB 177 -20.37 -11.61 -65.06
C ASN GB 177 -20.91 -11.18 -63.71
N ASN GB 178 -22.10 -11.68 -63.38
CA ASN GB 178 -22.73 -11.41 -62.10
C ASN GB 178 -23.67 -12.58 -61.83
N LYS GB 179 -23.36 -13.37 -60.82
CA LYS GB 179 -24.18 -14.54 -60.56
C LYS GB 179 -25.58 -14.14 -60.10
N ARG GB 180 -25.72 -13.00 -59.45
CA ARG GB 180 -26.99 -12.60 -58.89
C ARG GB 180 -27.91 -11.94 -59.90
N ASN GB 181 -27.34 -11.33 -60.94
CA ASN GB 181 -28.09 -10.57 -61.92
C ASN GB 181 -28.19 -11.26 -63.27
N GLN GB 182 -27.68 -12.47 -63.41
CA GLN GB 182 -27.73 -13.17 -64.68
C GLN GB 182 -29.16 -13.48 -65.06
N LEU GB 183 -29.48 -13.23 -66.32
CA LEU GB 183 -30.82 -13.43 -66.81
C LEU GB 183 -31.20 -14.90 -66.80
N TRP GB 184 -32.47 -15.14 -66.51
CA TRP GB 184 -33.08 -16.45 -66.66
C TRP GB 184 -33.74 -16.51 -68.02
N LEU GB 185 -33.37 -17.51 -68.81
CA LEU GB 185 -34.04 -17.81 -70.05
C LEU GB 185 -35.06 -18.93 -69.82
N ARG GB 186 -35.94 -19.09 -70.80
CA ARG GB 186 -36.90 -20.17 -70.78
C ARG GB 186 -36.33 -21.38 -71.50
N LEU GB 187 -36.57 -22.53 -70.91
CA LEU GB 187 -36.24 -23.81 -71.53
C LEU GB 187 -37.33 -24.15 -72.52
N GLN GB 188 -37.11 -23.74 -73.77
CA GLN GB 188 -38.07 -23.96 -74.82
C GLN GB 188 -38.15 -25.45 -75.16
N THR GB 189 -39.10 -25.77 -76.03
CA THR GB 189 -39.30 -27.17 -76.42
C THR GB 189 -38.31 -27.59 -77.50
N ALA GB 190 -38.23 -26.83 -78.60
CA ALA GB 190 -37.30 -27.15 -79.68
C ALA GB 190 -36.67 -25.93 -80.32
N GLY GB 191 -36.56 -24.82 -79.60
CA GLY GB 191 -36.11 -23.58 -80.18
C GLY GB 191 -35.22 -22.72 -79.30
N ASN GB 192 -34.42 -23.36 -78.46
CA ASN GB 192 -33.59 -22.63 -77.53
C ASN GB 192 -32.53 -21.80 -78.26
N VAL GB 193 -32.06 -20.77 -77.57
CA VAL GB 193 -31.17 -19.78 -78.14
C VAL GB 193 -29.73 -20.23 -78.00
N ASP GB 194 -28.91 -19.87 -78.98
CA ASP GB 194 -27.52 -20.31 -79.02
C ASP GB 194 -26.69 -19.45 -78.09
N HIS GB 195 -25.93 -20.11 -77.22
CA HIS GB 195 -24.89 -19.45 -76.45
C HIS GB 195 -23.58 -19.54 -77.20
N VAL GB 196 -22.68 -18.61 -76.88
CA VAL GB 196 -21.51 -18.35 -77.68
C VAL GB 196 -20.36 -18.03 -76.75
N GLY GB 197 -19.13 -18.10 -77.28
CA GLY GB 197 -17.99 -17.92 -76.42
C GLY GB 197 -16.68 -18.65 -76.66
N LEU GB 198 -16.50 -19.30 -77.81
CA LEU GB 198 -15.17 -19.82 -78.09
C LEU GB 198 -14.83 -19.84 -79.57
N GLY GB 199 -13.64 -19.35 -79.87
CA GLY GB 199 -13.08 -19.47 -81.21
C GLY GB 199 -11.64 -19.90 -81.11
N THR GB 200 -11.22 -20.67 -82.12
CA THR GB 200 -9.95 -21.37 -82.10
C THR GB 200 -9.16 -21.06 -83.35
N ALA GB 201 -7.85 -21.32 -83.26
CA ALA GB 201 -6.95 -21.25 -84.40
C ALA GB 201 -5.89 -22.33 -84.21
N PHE GB 202 -5.93 -23.34 -85.06
CA PHE GB 202 -4.99 -24.44 -85.02
C PHE GB 202 -4.00 -24.35 -86.16
N GLU GB 203 -2.74 -24.58 -85.86
CA GLU GB 203 -1.69 -24.56 -86.86
C GLU GB 203 -1.72 -25.86 -87.65
N ASN GB 204 -1.75 -25.73 -88.96
CA ASN GB 204 -1.86 -26.89 -89.83
C ASN GB 204 -0.56 -27.69 -89.82
N SER GB 205 -0.64 -28.90 -90.37
CA SER GB 205 0.46 -29.85 -90.30
C SER GB 205 0.38 -30.79 -91.50
N ILE GB 206 1.46 -31.53 -91.70
CA ILE GB 206 1.49 -32.53 -92.76
C ILE GB 206 0.58 -33.69 -92.42
N TYR GB 207 0.40 -33.97 -91.14
CA TYR GB 207 -0.45 -35.05 -90.67
C TYR GB 207 -1.79 -34.51 -90.19
N ASP GB 208 -2.80 -35.37 -90.21
CA ASP GB 208 -4.11 -34.99 -89.72
C ASP GB 208 -4.11 -34.94 -88.20
N GLN GB 209 -4.69 -33.87 -87.66
CA GLN GB 209 -4.80 -33.65 -86.22
C GLN GB 209 -6.25 -33.80 -85.82
N GLU GB 210 -6.57 -34.89 -85.13
CA GLU GB 210 -7.92 -35.17 -84.68
C GLU GB 210 -8.06 -34.89 -83.19
N TYR GB 211 -9.26 -34.51 -82.80
CA TYR GB 211 -9.58 -34.21 -81.41
C TYR GB 211 -10.98 -34.72 -81.10
N ASN GB 212 -11.17 -35.14 -79.86
CA ASN GB 212 -12.48 -35.47 -79.30
C ASN GB 212 -12.82 -34.37 -78.32
N ILE GB 213 -13.79 -33.53 -78.66
CA ILE GB 213 -14.11 -32.34 -77.88
C ILE GB 213 -15.29 -32.67 -76.99
N ARG GB 214 -15.09 -32.48 -75.68
CA ARG GB 214 -16.10 -32.72 -74.66
C ARG GB 214 -16.47 -31.39 -74.05
N VAL GB 215 -17.70 -30.95 -74.31
CA VAL GB 215 -18.25 -29.74 -73.74
C VAL GB 215 -19.11 -30.11 -72.55
N THR GB 216 -18.89 -29.44 -71.44
CA THR GB 216 -19.64 -29.63 -70.22
C THR GB 216 -20.23 -28.29 -69.82
N MET GB 217 -21.55 -28.21 -69.75
CA MET GB 217 -22.26 -27.02 -69.35
C MET GB 217 -22.77 -27.17 -67.93
N TYR GB 218 -22.45 -26.19 -67.10
CA TYR GB 218 -22.92 -26.13 -65.72
C TYR GB 218 -24.10 -25.18 -65.68
N VAL GB 219 -25.29 -25.74 -65.52
CA VAL GB 219 -26.54 -25.01 -65.68
C VAL GB 219 -27.22 -24.89 -64.34
N GLN GB 220 -28.23 -24.02 -64.30
CA GLN GB 220 -29.00 -23.75 -63.09
C GLN GB 220 -30.44 -23.56 -63.54
N PHE GB 221 -31.31 -24.47 -63.10
CA PHE GB 221 -32.71 -24.46 -63.46
C PHE GB 221 -33.55 -23.84 -62.35
N ARG GB 222 -34.83 -23.65 -62.64
CA ARG GB 222 -35.74 -23.00 -61.72
C ARG GB 222 -37.16 -23.45 -62.05
N GLU GB 223 -37.99 -23.50 -61.01
CA GLU GB 223 -39.43 -23.75 -61.13
C GLU GB 223 -39.71 -25.13 -61.72
N PHE GB 224 -39.41 -26.14 -60.91
CA PHE GB 224 -39.86 -27.51 -61.11
C PHE GB 224 -41.32 -27.54 -61.53
N ASN GB 225 -41.59 -28.13 -62.69
CA ASN GB 225 -42.89 -28.04 -63.34
C ASN GB 225 -43.35 -29.39 -63.85
N LEU GB 226 -43.15 -30.43 -63.05
CA LEU GB 226 -43.58 -31.75 -63.47
C LEU GB 226 -45.09 -31.81 -63.56
N LYS GB 227 -45.57 -32.56 -64.55
CA LYS GB 227 -47.00 -32.76 -64.79
C LYS GB 227 -47.30 -34.24 -64.69
N ASP GB 228 -48.29 -34.59 -63.86
CA ASP GB 228 -48.60 -35.97 -63.52
C ASP GB 228 -50.07 -36.24 -63.85
N PRO GB 229 -50.37 -36.57 -65.10
CA PRO GB 229 -51.72 -36.98 -65.43
C PRO GB 229 -51.99 -38.38 -64.94
N PRO GB 230 -53.25 -38.82 -64.92
CA PRO GB 230 -53.53 -40.21 -64.57
C PRO GB 230 -53.08 -41.18 -65.63
N LEU GB 231 -53.33 -42.47 -65.40
CA LEU GB 231 -52.91 -43.53 -66.32
C LEU GB 231 -53.97 -44.61 -66.44
N GLY HB 43 -0.34 9.54 -70.94
CA GLY HB 43 -1.33 8.51 -71.21
C GLY HB 43 -0.71 7.15 -71.45
N ILE HB 44 -0.38 6.47 -70.37
CA ILE HB 44 0.36 5.23 -70.44
C ILE HB 44 -0.58 4.09 -70.81
N PHE HB 45 -0.03 3.15 -71.59
CA PHE HB 45 -0.75 1.93 -71.94
C PHE HB 45 0.28 0.83 -72.13
N ASN HB 46 0.41 -0.03 -71.13
CA ASN HB 46 1.25 -1.19 -71.23
C ASN HB 46 0.48 -2.32 -71.89
N THR HB 47 1.06 -2.89 -72.94
CA THR HB 47 0.45 -4.01 -73.64
C THR HB 47 1.53 -5.01 -74.03
N ARG HB 48 1.15 -5.93 -74.92
CA ARG HB 48 1.97 -7.07 -75.29
C ARG HB 48 1.74 -7.36 -76.76
N LEU HB 49 2.83 -7.42 -77.52
CA LEU HB 49 2.81 -7.65 -78.95
C LEU HB 49 3.69 -8.85 -79.27
N SER HB 50 3.21 -9.70 -80.15
CA SER HB 50 3.86 -10.95 -80.49
C SER HB 50 4.03 -11.08 -81.99
N ARG HB 51 4.81 -12.09 -82.35
CA ARG HB 51 5.26 -12.34 -83.72
C ARG HB 51 5.92 -13.71 -83.72
N THR HB 52 5.70 -14.46 -84.79
CA THR HB 52 6.16 -15.84 -84.90
C THR HB 52 6.84 -16.04 -86.24
N PHE HB 53 7.96 -16.76 -86.22
CA PHE HB 53 8.73 -17.04 -87.43
C PHE HB 53 9.59 -18.26 -87.18
N GLY HB 54 10.18 -18.76 -88.26
CA GLY HB 54 10.95 -19.98 -88.23
C GLY HB 54 12.46 -19.81 -88.27
N TYR HB 55 13.15 -20.82 -87.78
CA TYR HB 55 14.61 -20.88 -87.81
C TYR HB 55 15.01 -22.34 -87.90
N THR HB 56 15.90 -22.65 -88.84
CA THR HB 56 16.35 -24.01 -89.06
C THR HB 56 17.88 -24.06 -89.03
N ILE HB 57 18.39 -25.10 -88.40
CA ILE HB 57 19.80 -25.43 -88.40
C ILE HB 57 19.96 -26.63 -89.31
N LYS HB 58 20.49 -26.40 -90.50
CA LYS HB 58 20.62 -27.46 -91.48
C LYS HB 58 21.63 -28.51 -91.03
N ARG HB 59 21.50 -29.70 -91.61
CA ARG HB 59 22.35 -30.82 -91.28
C ARG HB 59 23.76 -30.61 -91.83
N THR HB 60 24.71 -31.35 -91.25
CA THR HB 60 26.10 -31.33 -91.66
C THR HB 60 26.68 -32.73 -91.56
N THR HB 61 27.46 -33.11 -92.57
CA THR HB 61 28.22 -34.36 -92.54
C THR HB 61 29.47 -34.28 -91.67
N VAL HB 62 29.79 -33.10 -91.14
CA VAL HB 62 30.97 -32.95 -90.29
C VAL HB 62 30.82 -33.84 -89.06
N LYS HB 63 31.92 -34.50 -88.70
CA LYS HB 63 31.92 -35.44 -87.59
C LYS HB 63 32.11 -34.74 -86.26
N THR HB 64 32.93 -33.70 -86.23
CA THR HB 64 33.26 -33.02 -85.01
C THR HB 64 32.04 -32.34 -84.41
N PRO HB 65 32.11 -31.94 -83.13
CA PRO HB 65 31.09 -31.04 -82.60
C PRO HB 65 31.35 -29.62 -83.04
N SER HB 66 30.53 -29.14 -83.97
CA SER HB 66 30.58 -27.77 -84.43
C SER HB 66 29.26 -27.08 -84.09
N TRP HB 67 29.32 -25.76 -84.01
CA TRP HB 67 28.18 -24.94 -83.64
C TRP HB 67 27.83 -23.97 -84.75
N ALA HB 68 26.53 -23.68 -84.84
CA ALA HB 68 25.98 -22.74 -85.81
C ALA HB 68 25.59 -21.48 -85.07
N VAL HB 69 26.18 -20.37 -85.48
CA VAL HB 69 26.01 -19.09 -84.80
C VAL HB 69 25.09 -18.22 -85.64
N ASP HB 70 24.23 -17.48 -84.95
CA ASP HB 70 23.31 -16.56 -85.60
C ASP HB 70 22.92 -15.48 -84.59
N MET HB 71 22.31 -14.44 -85.11
CA MET HB 71 21.94 -13.25 -84.35
C MET HB 71 20.43 -13.05 -84.39
N MET HB 72 19.96 -12.16 -83.54
CA MET HB 72 18.53 -11.88 -83.43
C MET HB 72 18.35 -10.45 -82.94
N ARG HB 73 17.78 -9.61 -83.80
CA ARG HB 73 17.39 -8.24 -83.48
C ARG HB 73 15.87 -8.16 -83.35
N PHE HB 74 15.41 -7.04 -82.80
CA PHE HB 74 14.00 -6.80 -82.58
C PHE HB 74 13.65 -5.40 -83.02
N ASN HB 75 12.67 -5.28 -83.91
CA ASN HB 75 12.14 -4.00 -84.36
C ASN HB 75 10.64 -4.00 -84.21
N ILE HB 76 10.08 -2.83 -83.93
CA ILE HB 76 8.66 -2.70 -83.68
C ILE HB 76 7.82 -2.67 -84.95
N ASN HB 77 8.44 -2.47 -86.11
CA ASN HB 77 7.69 -2.54 -87.35
C ASN HB 77 7.17 -3.94 -87.61
N ASP HB 78 7.90 -4.95 -87.15
CA ASP HB 78 7.51 -6.33 -87.35
C ASP HB 78 6.40 -6.77 -86.41
N PHE HB 79 6.10 -5.99 -85.38
CA PHE HB 79 5.04 -6.28 -84.43
C PHE HB 79 3.84 -5.36 -84.58
N LEU HB 80 4.07 -4.13 -84.99
CA LEU HB 80 3.03 -3.10 -85.11
C LEU HB 80 2.84 -2.73 -86.57
N PRO HB 81 1.73 -3.07 -87.22
CA PRO HB 81 1.60 -2.75 -88.63
C PRO HB 81 1.31 -1.28 -88.84
N PRO HB 82 1.33 -0.82 -90.08
CA PRO HB 82 0.89 0.54 -90.37
C PRO HB 82 -0.61 0.66 -90.24
N GLY HB 83 -1.05 1.84 -89.82
CA GLY HB 83 -2.46 2.09 -89.62
C GLY HB 83 -3.16 2.47 -90.90
N GLY HB 84 -4.08 3.41 -90.80
CA GLY HB 84 -4.82 3.88 -91.94
C GLY HB 84 -5.39 5.26 -91.73
N GLY HB 85 -5.20 6.11 -92.74
CA GLY HB 85 -5.71 7.46 -92.67
C GLY HB 85 -4.79 8.41 -91.97
N SER HB 86 -5.35 9.31 -91.18
CA SER HB 86 -4.57 10.30 -90.46
C SER HB 86 -3.75 9.68 -89.33
N ASN HB 87 -4.08 8.45 -88.93
CA ASN HB 87 -3.30 7.74 -87.93
C ASN HB 87 -2.28 6.86 -88.64
N PRO HB 88 -0.97 7.18 -88.59
CA PRO HB 88 -0.03 6.40 -89.39
C PRO HB 88 0.20 4.99 -88.88
N ARG HB 89 -0.07 4.72 -87.61
CA ARG HB 89 0.11 3.42 -87.00
C ARG HB 89 -1.19 2.91 -86.43
N SER HB 90 -1.23 1.60 -86.19
CA SER HB 90 -2.46 0.93 -85.77
C SER HB 90 -2.73 1.12 -84.28
N VAL HB 91 -1.69 1.37 -83.49
CA VAL HB 91 -1.84 1.70 -82.08
C VAL HB 91 -1.67 3.21 -81.95
N PRO HB 92 -2.72 3.97 -81.61
CA PRO HB 92 -2.61 5.42 -81.71
C PRO HB 92 -1.90 6.08 -80.54
N PHE HB 93 -0.58 6.00 -80.57
CA PHE HB 93 0.26 6.62 -79.57
C PHE HB 93 1.48 7.21 -80.26
N GLU HB 94 2.13 8.13 -79.56
CA GLU HB 94 3.27 8.88 -80.08
C GLU HB 94 4.60 8.23 -79.71
N TYR HB 95 4.79 7.95 -78.43
CA TYR HB 95 6.05 7.49 -77.90
C TYR HB 95 5.94 6.03 -77.45
N TYR HB 96 7.09 5.40 -77.33
CA TYR HB 96 7.13 4.02 -76.85
C TYR HB 96 8.49 3.76 -76.22
N ARG HB 97 8.54 2.69 -75.45
CA ARG HB 97 9.80 2.16 -74.95
C ARG HB 97 9.59 0.71 -74.59
N ILE HB 98 10.48 -0.15 -75.09
CA ILE HB 98 10.34 -1.59 -74.91
C ILE HB 98 10.87 -1.94 -73.54
N ARG HB 99 10.03 -2.57 -72.73
CA ARG HB 99 10.36 -2.93 -71.37
C ARG HB 99 11.04 -4.29 -71.28
N LYS HB 100 10.48 -5.28 -71.96
CA LYS HB 100 10.98 -6.65 -71.91
C LYS HB 100 10.70 -7.32 -73.24
N VAL HB 101 11.44 -8.39 -73.50
CA VAL HB 101 11.20 -9.27 -74.63
C VAL HB 101 11.31 -10.71 -74.12
N LYS HB 102 10.43 -11.56 -74.65
CA LYS HB 102 10.43 -12.99 -74.37
C LYS HB 102 10.60 -13.71 -75.70
N VAL HB 103 11.77 -14.28 -75.88
CA VAL HB 103 12.05 -15.13 -77.04
C VAL HB 103 11.84 -16.57 -76.64
N GLU HB 104 10.98 -17.27 -77.37
CA GLU HB 104 10.62 -18.65 -77.10
C GLU HB 104 10.99 -19.47 -78.31
N PHE HB 105 11.90 -20.42 -78.12
CA PHE HB 105 12.24 -21.40 -79.14
C PHE HB 105 11.34 -22.61 -78.93
N TRP HB 106 10.27 -22.66 -79.72
CA TRP HB 106 9.37 -23.79 -79.68
C TRP HB 106 9.86 -24.85 -80.65
N PRO HB 107 10.20 -26.05 -80.22
CA PRO HB 107 10.77 -27.02 -81.15
C PRO HB 107 9.74 -27.54 -82.14
N CYS HB 108 10.28 -28.01 -83.25
CA CYS HB 108 9.51 -28.64 -84.31
C CYS HB 108 9.86 -30.11 -84.48
N SER HB 109 10.75 -30.64 -83.67
CA SER HB 109 11.34 -31.94 -83.85
C SER HB 109 10.77 -32.92 -82.83
N PRO HB 110 10.67 -34.20 -83.18
CA PRO HB 110 10.10 -35.16 -82.25
C PRO HB 110 11.03 -35.47 -81.10
N ILE HB 111 10.44 -36.00 -80.03
CA ILE HB 111 11.24 -36.38 -78.88
C ILE HB 111 12.05 -37.65 -79.09
N THR HB 112 11.87 -38.33 -80.22
CA THR HB 112 12.64 -39.50 -80.58
C THR HB 112 13.88 -39.17 -81.39
N GLN HB 113 14.13 -37.89 -81.70
CA GLN HB 113 15.24 -37.53 -82.55
C GLN HB 113 16.54 -37.65 -81.78
N GLY HB 114 17.53 -38.27 -82.41
CA GLY HB 114 18.82 -38.47 -81.81
C GLY HB 114 19.84 -37.44 -82.25
N ASP HB 115 21.10 -37.75 -82.01
CA ASP HB 115 22.21 -36.85 -82.26
C ASP HB 115 21.99 -35.53 -81.54
N ARG HB 116 21.56 -35.63 -80.29
CA ARG HB 116 21.27 -34.46 -79.49
C ARG HB 116 22.54 -33.66 -79.24
N GLY HB 117 22.34 -32.44 -78.77
CA GLY HB 117 23.42 -31.50 -78.60
C GLY HB 117 23.18 -30.53 -77.48
N VAL HB 118 24.08 -29.56 -77.35
CA VAL HB 118 24.01 -28.58 -76.28
C VAL HB 118 24.59 -27.27 -76.80
N GLY HB 119 23.83 -26.20 -76.63
CA GLY HB 119 24.18 -24.89 -77.12
C GLY HB 119 24.08 -23.81 -76.06
N SER HB 120 24.02 -22.57 -76.51
CA SER HB 120 24.06 -21.44 -75.60
C SER HB 120 23.37 -20.25 -76.24
N SER HB 121 22.64 -19.52 -75.42
CA SER HB 121 22.01 -18.26 -75.80
C SER HB 121 22.47 -17.17 -74.85
N ALA HB 122 22.94 -16.07 -75.41
CA ALA HB 122 23.47 -14.95 -74.64
C ALA HB 122 22.80 -13.66 -75.07
N VAL HB 123 22.90 -12.67 -74.20
CA VAL HB 123 22.25 -11.37 -74.36
C VAL HB 123 23.31 -10.36 -74.79
N ILE HB 124 23.11 -9.76 -75.95
CA ILE HB 124 24.10 -8.91 -76.61
C ILE HB 124 23.43 -7.58 -76.91
N LEU HB 125 23.68 -6.59 -76.07
CA LEU HB 125 22.95 -5.33 -76.10
C LEU HB 125 23.64 -4.24 -76.89
N ASP HB 126 24.45 -4.56 -77.90
CA ASP HB 126 25.28 -3.56 -78.55
C ASP HB 126 25.47 -3.70 -80.05
N ASP HB 127 24.82 -4.66 -80.71
CA ASP HB 127 24.85 -4.76 -82.17
C ASP HB 127 26.22 -5.15 -82.69
N ASN HB 128 27.01 -5.86 -81.89
CA ASN HB 128 28.25 -6.47 -82.34
C ASN HB 128 28.19 -7.91 -81.85
N PHE HB 129 27.66 -8.76 -82.71
CA PHE HB 129 27.52 -10.17 -82.46
C PHE HB 129 28.76 -10.91 -82.94
N VAL HB 130 28.91 -12.14 -82.44
CA VAL HB 130 29.85 -13.07 -83.06
C VAL HB 130 29.41 -13.30 -84.49
N THR HB 131 30.38 -13.38 -85.38
CA THR HB 131 30.09 -13.49 -86.80
C THR HB 131 29.27 -14.75 -87.07
N LYS HB 132 28.31 -14.62 -87.98
CA LYS HB 132 27.47 -15.75 -88.34
C LYS HB 132 28.31 -16.85 -88.97
N ALA HB 133 28.16 -18.05 -88.45
CA ALA HB 133 28.94 -19.20 -88.85
C ALA HB 133 28.04 -20.41 -89.03
N THR HB 134 28.43 -21.28 -89.94
CA THR HB 134 27.70 -22.52 -90.20
C THR HB 134 28.18 -23.65 -89.32
N ALA HB 135 29.50 -23.87 -89.27
CA ALA HB 135 30.10 -24.92 -88.46
C ALA HB 135 31.37 -24.36 -87.83
N LEU HB 136 31.22 -23.75 -86.67
CA LEU HB 136 32.33 -23.24 -85.89
C LEU HB 136 32.76 -24.27 -84.86
N THR HB 137 34.07 -24.37 -84.64
CA THR HB 137 34.66 -25.43 -83.83
C THR HB 137 34.47 -25.25 -82.34
N TYR HB 138 33.69 -24.27 -81.90
CA TYR HB 138 33.49 -24.04 -80.48
C TYR HB 138 32.22 -23.23 -80.30
N ASP HB 139 31.75 -23.18 -79.06
CA ASP HB 139 30.59 -22.39 -78.69
C ASP HB 139 31.07 -21.03 -78.19
N PRO HB 140 30.90 -19.95 -78.95
CA PRO HB 140 31.45 -18.68 -78.47
C PRO HB 140 30.72 -18.10 -77.29
N TYR HB 141 29.41 -18.36 -77.19
CA TYR HB 141 28.57 -17.78 -76.17
C TYR HB 141 28.55 -18.59 -74.88
N VAL HB 142 29.51 -19.51 -74.70
CA VAL HB 142 29.45 -20.43 -73.58
C VAL HB 142 29.94 -19.78 -72.31
N ASN HB 143 30.99 -18.97 -72.39
CA ASN HB 143 31.56 -18.33 -71.22
C ASN HB 143 30.95 -16.99 -70.93
N TYR HB 144 29.92 -16.59 -71.66
CA TYR HB 144 29.25 -15.34 -71.40
C TYR HB 144 28.48 -15.40 -70.09
N SER HB 145 28.48 -14.29 -69.37
CA SER HB 145 27.78 -14.20 -68.10
C SER HB 145 26.28 -14.37 -68.25
N SER HB 146 25.74 -14.10 -69.42
CA SER HB 146 24.31 -14.24 -69.70
C SER HB 146 23.99 -15.50 -70.48
N ARG HB 147 24.85 -16.51 -70.40
CA ARG HB 147 24.62 -17.74 -71.13
C ARG HB 147 23.60 -18.59 -70.40
N HIS HB 148 22.63 -19.08 -71.16
CA HIS HB 148 21.73 -20.14 -70.74
C HIS HB 148 21.95 -21.29 -71.69
N THR HB 149 21.96 -22.50 -71.15
CA THR HB 149 22.16 -23.68 -71.96
C THR HB 149 20.92 -23.99 -72.78
N ILE HB 150 21.15 -24.32 -74.04
CA ILE HB 150 20.11 -24.78 -74.95
C ILE HB 150 20.29 -26.28 -75.09
N THR HB 151 19.37 -27.03 -74.53
CA THR HB 151 19.24 -28.43 -74.86
C THR HB 151 18.55 -28.56 -76.21
N GLN HB 152 19.07 -29.44 -77.05
CA GLN HB 152 18.62 -29.63 -78.41
C GLN HB 152 18.24 -31.08 -78.62
N PRO HB 153 17.40 -31.38 -79.61
CA PRO HB 153 16.62 -30.53 -80.51
C PRO HB 153 15.17 -30.32 -80.10
N PHE HB 154 14.68 -31.13 -79.17
CA PHE HB 154 13.26 -31.22 -78.86
C PHE HB 154 12.90 -30.55 -77.54
N SER HB 155 13.65 -29.53 -77.15
CA SER HB 155 13.48 -28.91 -75.85
C SER HB 155 13.20 -27.42 -76.03
N TYR HB 156 12.37 -26.91 -75.15
CA TYR HB 156 11.95 -25.53 -75.15
C TYR HB 156 12.98 -24.65 -74.44
N HIS HB 157 13.20 -23.48 -75.00
CA HIS HB 157 14.17 -22.52 -74.49
C HIS HB 157 13.53 -21.14 -74.50
N SER HB 158 13.47 -20.50 -73.34
CA SER HB 158 12.97 -19.15 -73.20
C SER HB 158 14.07 -18.24 -72.68
N ARG HB 159 14.00 -16.99 -73.09
CA ARG HB 159 14.88 -15.94 -72.60
C ARG HB 159 14.03 -14.69 -72.40
N TYR HB 160 14.09 -14.12 -71.21
CA TYR HB 160 13.31 -12.97 -70.82
C TYR HB 160 14.25 -11.90 -70.31
N PHE HB 161 14.32 -10.79 -71.02
CA PHE HB 161 15.31 -9.77 -70.76
C PHE HB 161 14.81 -8.43 -71.26
N THR HB 162 15.59 -7.40 -70.99
CA THR HB 162 15.29 -6.02 -71.36
C THR HB 162 16.21 -5.58 -72.48
N PRO HB 163 15.73 -5.38 -73.71
CA PRO HB 163 16.64 -4.99 -74.77
C PRO HB 163 17.04 -3.54 -74.68
N LYS HB 164 17.89 -3.10 -75.60
CA LYS HB 164 18.39 -1.75 -75.66
C LYS HB 164 18.36 -1.29 -77.10
N PRO HB 165 18.06 -0.02 -77.35
CA PRO HB 165 18.04 0.46 -78.73
C PRO HB 165 19.42 0.85 -79.25
N VAL HB 166 19.53 0.83 -80.57
CA VAL HB 166 20.77 1.16 -81.26
C VAL HB 166 20.70 2.64 -81.57
N LEU HB 167 21.18 3.45 -80.63
CA LEU HB 167 21.20 4.89 -80.79
C LEU HB 167 22.40 5.35 -81.62
N ASP HB 168 23.57 4.80 -81.34
CA ASP HB 168 24.77 5.09 -82.12
C ASP HB 168 25.53 3.78 -82.28
N SER HB 169 25.54 3.23 -83.48
CA SER HB 169 26.24 2.00 -83.74
C SER HB 169 27.75 2.17 -83.74
N THR HB 170 28.25 3.40 -83.87
CA THR HB 170 29.68 3.65 -83.85
C THR HB 170 30.24 3.54 -82.45
N ILE HB 171 29.51 4.04 -81.45
CA ILE HB 171 29.97 4.09 -80.07
C ILE HB 171 29.34 2.95 -79.29
N ASP HB 172 28.09 2.62 -79.64
CA ASP HB 172 27.36 1.51 -79.04
C ASP HB 172 27.24 1.69 -77.53
N TYR HB 173 26.51 2.73 -77.15
CA TYR HB 173 26.22 3.04 -75.77
C TYR HB 173 24.78 2.68 -75.43
N PHE HB 174 24.55 2.26 -74.20
CA PHE HB 174 23.22 1.90 -73.74
C PHE HB 174 23.09 2.18 -72.26
N GLN HB 175 21.91 2.20 -71.82
CA GLN HB 175 21.55 2.51 -70.45
C GLN HB 175 21.44 1.24 -69.62
N PRO HB 176 21.73 1.31 -68.33
CA PRO HB 176 21.39 0.19 -67.45
C PRO HB 176 19.91 0.10 -67.19
N ASN HB 177 19.49 -0.96 -66.53
CA ASN HB 177 18.08 -1.22 -66.32
C ASN HB 177 17.54 -0.29 -65.26
N ASN HB 178 16.60 0.56 -65.66
CA ASN HB 178 15.94 1.47 -64.73
C ASN HB 178 14.59 1.79 -65.34
N LYS HB 179 13.52 1.35 -64.70
CA LYS HB 179 12.21 1.57 -65.27
C LYS HB 179 11.84 3.04 -65.29
N ARG HB 180 12.35 3.82 -64.35
CA ARG HB 180 11.97 5.21 -64.22
C ARG HB 180 12.74 6.12 -65.17
N ASN HB 181 13.95 5.71 -65.56
CA ASN HB 181 14.84 6.53 -66.37
C ASN HB 181 14.97 6.05 -67.81
N GLN HB 182 14.25 5.01 -68.19
CA GLN HB 182 14.37 4.48 -69.54
C GLN HB 182 13.86 5.50 -70.55
N LEU HB 183 14.62 5.66 -71.61
CA LEU HB 183 14.31 6.64 -72.65
C LEU HB 183 13.01 6.28 -73.35
N TRP HB 184 12.27 7.31 -73.72
CA TRP HB 184 11.13 7.20 -74.61
C TRP HB 184 11.60 7.48 -76.02
N LEU HB 185 11.33 6.54 -76.92
CA LEU HB 185 11.54 6.74 -78.34
C LEU HB 185 10.23 7.14 -78.99
N ARG HB 186 10.34 7.64 -80.21
CA ARG HB 186 9.18 7.97 -81.00
C ARG HB 186 8.78 6.78 -81.85
N LEU HB 187 7.48 6.56 -81.92
CA LEU HB 187 6.90 5.56 -82.80
C LEU HB 187 6.81 6.16 -84.19
N GLN HB 188 7.86 5.92 -84.97
CA GLN HB 188 7.95 6.44 -86.32
C GLN HB 188 6.93 5.76 -87.21
N THR HB 189 6.82 6.25 -88.44
CA THR HB 189 5.87 5.71 -89.39
C THR HB 189 6.41 4.45 -90.07
N ALA HB 190 7.61 4.53 -90.65
CA ALA HB 190 8.22 3.37 -91.30
C ALA HB 190 9.72 3.27 -91.10
N GLY HB 191 10.26 3.84 -90.02
CA GLY HB 191 11.69 3.92 -89.83
C GLY HB 191 12.17 3.72 -88.41
N ASN HB 192 11.47 2.89 -87.65
CA ASN HB 192 11.83 2.69 -86.25
C ASN HB 192 13.19 2.03 -86.11
N VAL HB 193 13.79 2.23 -84.95
CA VAL HB 193 15.16 1.82 -84.68
C VAL HB 193 15.17 0.39 -84.17
N ASP HB 194 16.24 -0.34 -84.51
CA ASP HB 194 16.34 -1.74 -84.17
C ASP HB 194 16.78 -1.89 -82.73
N HIS HB 195 16.05 -2.69 -81.97
CA HIS HB 195 16.49 -3.14 -80.66
C HIS HB 195 17.22 -4.45 -80.79
N VAL HB 196 18.07 -4.72 -79.81
CA VAL HB 196 19.06 -5.77 -79.90
C VAL HB 196 19.17 -6.43 -78.54
N GLY HB 197 19.79 -7.62 -78.53
CA GLY HB 197 19.83 -8.36 -77.28
C GLY HB 197 19.80 -9.88 -77.27
N LEU HB 198 19.94 -10.57 -78.40
CA LEU HB 198 20.10 -12.01 -78.31
C LEU HB 198 20.97 -12.59 -79.41
N GLY HB 199 21.89 -13.44 -79.00
CA GLY HB 199 22.67 -14.23 -79.92
C GLY HB 199 22.73 -15.66 -79.45
N THR HB 200 22.79 -16.58 -80.42
CA THR HB 200 22.62 -18.00 -80.18
C THR HB 200 23.78 -18.78 -80.77
N ALA HB 201 23.92 -20.01 -80.29
CA ALA HB 201 24.86 -20.97 -80.84
C ALA HB 201 24.25 -22.35 -80.69
N PHE HB 202 23.89 -22.96 -81.81
CA PHE HB 202 23.27 -24.27 -81.85
C PHE HB 202 24.27 -25.29 -82.37
N GLU HB 203 24.31 -26.44 -81.71
CA GLU HB 203 25.18 -27.53 -82.11
C GLU HB 203 24.57 -28.25 -83.29
N ASN HB 204 25.35 -28.42 -84.35
CA ASN HB 204 24.86 -29.03 -85.56
C ASN HB 204 24.63 -30.52 -85.36
N SER HB 205 23.94 -31.12 -86.31
CA SER HB 205 23.50 -32.49 -86.21
C SER HB 205 23.36 -33.09 -87.60
N ILE HB 206 23.22 -34.41 -87.64
CA ILE HB 206 23.00 -35.12 -88.90
C ILE HB 206 21.61 -34.80 -89.44
N TYR HB 207 20.66 -34.53 -88.56
CA TYR HB 207 19.30 -34.21 -88.93
C TYR HB 207 19.06 -32.72 -88.85
N ASP HB 208 18.07 -32.26 -89.61
CA ASP HB 208 17.70 -30.85 -89.58
C ASP HB 208 16.94 -30.54 -88.29
N GLN HB 209 17.32 -29.44 -87.65
CA GLN HB 209 16.69 -28.97 -86.42
C GLN HB 209 15.91 -27.71 -86.73
N GLU HB 210 14.59 -27.81 -86.70
CA GLU HB 210 13.71 -26.69 -86.98
C GLU HB 210 13.11 -26.17 -85.69
N TYR HB 211 12.81 -24.87 -85.69
CA TYR HB 211 12.22 -24.19 -84.55
C TYR HB 211 11.22 -23.16 -85.05
N ASN HB 212 10.17 -22.96 -84.26
CA ASN HB 212 9.22 -21.87 -84.44
C ASN HB 212 9.45 -20.88 -83.33
N ILE HB 213 10.00 -19.72 -83.67
CA ILE HB 213 10.42 -18.74 -82.68
C ILE HB 213 9.32 -17.71 -82.53
N ARG HB 214 8.84 -17.54 -81.30
CA ARG HB 214 7.79 -16.59 -80.95
C ARG HB 214 8.41 -15.53 -80.06
N VAL HB 215 8.52 -14.31 -80.60
CA VAL HB 215 9.01 -13.16 -79.85
C VAL HB 215 7.81 -12.37 -79.37
N THR HB 216 7.83 -12.04 -78.08
CA THR HB 216 6.79 -11.24 -77.45
C THR HB 216 7.47 -10.04 -76.82
N MET HB 217 7.07 -8.85 -77.27
CA MET HB 217 7.59 -7.59 -76.73
C MET HB 217 6.55 -6.95 -75.81
N TYR HB 218 6.99 -6.63 -74.62
CA TYR HB 218 6.17 -5.93 -73.64
C TYR HB 218 6.52 -4.45 -73.69
N VAL HB 219 5.63 -3.66 -74.26
CA VAL HB 219 5.90 -2.27 -74.59
C VAL HB 219 5.06 -1.36 -73.70
N GLN HB 220 5.41 -0.09 -73.72
CA GLN HB 220 4.76 0.94 -72.93
C GLN HB 220 4.69 2.18 -73.79
N PHE HB 221 3.48 2.59 -74.13
CA PHE HB 221 3.23 3.73 -74.98
C PHE HB 221 2.87 4.96 -74.15
N ARG HB 222 2.78 6.10 -74.82
CA ARG HB 222 2.52 7.37 -74.17
C ARG HB 222 1.89 8.32 -75.17
N GLU HB 223 1.05 9.21 -74.66
CA GLU HB 223 0.46 10.30 -75.42
C GLU HB 223 -0.40 9.79 -76.58
N PHE HB 224 -1.53 9.23 -76.19
CA PHE HB 224 -2.65 8.93 -77.07
C PHE HB 224 -2.91 10.09 -78.01
N ASN HB 225 -2.84 9.83 -79.32
CA ASN HB 225 -2.84 10.88 -80.33
C ASN HB 225 -3.79 10.56 -81.47
N LEU HB 226 -4.96 10.04 -81.14
CA LEU HB 226 -5.92 9.71 -82.18
C LEU HB 226 -6.40 10.96 -82.88
N LYS HB 227 -6.61 10.85 -84.19
CA LYS HB 227 -7.09 11.94 -85.02
C LYS HB 227 -8.41 11.53 -85.65
N ASP HB 228 -9.42 12.37 -85.50
CA ASP HB 228 -10.79 12.06 -85.90
C ASP HB 228 -11.29 13.14 -86.85
N PRO HB 229 -10.98 13.01 -88.14
CA PRO HB 229 -11.56 13.91 -89.12
C PRO HB 229 -13.01 13.59 -89.36
N PRO HB 230 -13.75 14.48 -90.01
CA PRO HB 230 -15.13 14.14 -90.39
C PRO HB 230 -15.20 13.08 -91.48
N LEU HB 231 -16.41 12.75 -91.90
CA LEU HB 231 -16.63 11.72 -92.91
C LEU HB 231 -17.76 12.11 -93.86
C1 SGN IB . 69.37 -44.93 40.64
C2 SGN IB . 68.83 -46.14 39.84
C3 SGN IB . 69.93 -47.16 39.49
C4 SGN IB . 71.08 -46.41 38.76
C5 SGN IB . 71.59 -45.34 39.78
C6 SGN IB . 72.79 -44.57 39.18
N2 SGN IB . 67.79 -46.83 40.58
O1 SGN IB . 69.91 -45.39 41.92
O3 SGN IB . 69.35 -48.22 38.73
O4 SGN IB . 72.14 -47.25 38.23
O5 SGN IB . 70.56 -44.37 40.04
O6 SGN IB . 72.42 -43.99 37.93
S1 SGN IB . 66.55 -47.84 39.78
O1S SGN IB . 66.68 -47.60 38.35
O2S SGN IB . 65.32 -47.41 40.40
O3S SGN IB . 66.89 -49.18 40.21
S2 SGN IB . 73.40 -43.06 37.26
O4S SGN IB . 73.34 -41.84 38.05
O5S SGN IB . 72.84 -42.93 35.92
O6S SGN IB . 74.69 -43.72 37.30
C1 IDS IB . 71.76 -48.00 37.04
C2 IDS IB . 72.99 -48.28 36.12
C3 IDS IB . 73.83 -49.49 36.63
C4 IDS IB . 72.91 -50.70 36.96
C5 IDS IB . 71.85 -50.22 37.97
C6 IDS IB . 70.96 -51.37 38.36
O2 IDS IB . 72.55 -48.58 34.78
O3 IDS IB . 74.55 -49.14 37.82
O4 IDS IB . 72.25 -51.21 35.78
O5 IDS IB . 71.04 -49.22 37.32
O6A IDS IB . 69.70 -51.20 38.36
O6B IDS IB . 71.50 -52.47 38.68
S IDS IB . 72.38 -47.45 33.79
O1S IDS IB . 71.79 -46.33 34.50
O2S IDS IB . 71.51 -48.02 32.78
O3S IDS IB . 73.74 -47.19 33.32
C1 SGN IB . 72.96 -52.29 35.11
C2 SGN IB . 72.68 -52.28 33.59
C3 SGN IB . 71.32 -52.90 33.23
C4 SGN IB . 71.22 -54.31 33.89
C5 SGN IB . 71.32 -54.06 35.43
C6 SGN IB . 71.04 -55.37 36.21
N2 SGN IB . 72.73 -50.92 33.08
O3 SGN IB . 71.18 -52.94 31.80
O4 SGN IB . 70.04 -55.03 33.45
O5 SGN IB . 72.64 -53.56 35.73
O6 SGN IB . 71.84 -56.47 35.75
S1 SGN IB . 73.19 -50.52 31.40
O1S SGN IB . 71.94 -50.06 30.82
O2S SGN IB . 74.15 -49.44 31.53
O3S SGN IB . 73.66 -51.76 30.81
S2 SGN IB . 73.14 -56.79 36.46
O4S SGN IB . 73.84 -57.63 35.51
O5S SGN IB . 73.80 -55.53 36.72
O6S SGN IB . 72.71 -57.49 37.65
#